data_8WA2
#
_entry.id   8WA2
#
_cell.length_a   1.00
_cell.length_b   1.00
_cell.length_c   1.00
_cell.angle_alpha   90.00
_cell.angle_beta   90.00
_cell.angle_gamma   90.00
#
_symmetry.space_group_name_H-M   'P 1'
#
loop_
_entity.id
_entity.type
_entity.pdbx_description
1 polymer Mst1
2 polymer Mstax
3 branched beta-L-arabinofuranose-(1-2)-beta-L-arabinofuranose-(1-2)-beta-L-arabinofuranose
4 branched alpha-L-arabinofuranose-(1-3)-beta-L-arabinofuranose-(1-2)-beta-L-arabinofuranose-(1-2)-beta-L-arabinofuranose
5 branched alpha-L-arabinofuranose-(1-3)-beta-L-arabinofuranose-(1-2)-beta-L-arabinofuranose-(1-2)-[alpha-L-arabinofuranose-(1-5)]beta-L-arabinofuranose
6 branched beta-D-galactofuranose-(1-2)-beta-L-arabinofuranose-(1-2)-beta-L-arabinofuranose
7 branched beta-L-arabinofuranose-(1-2)-beta-L-arabinofuranose-(1-2)-[alpha-L-arabinofuranose-(1-3)]beta-L-arabinofuranose
8 branched alpha-L-arabinofuranose-(1-2)-alpha-L-arabinofuranose-(1-3)-beta-L-arabinofuranose-(1-2)-beta-L-arabinofuranose-(1-2)-beta-L-arabinofuranose
9 branched beta-L-arabinofuranose-(1-2)-beta-L-arabinofuranose
10 branched alpha-L-arabinofuranose-(1-3)-beta-L-arabinofuranose-(1-2)-beta-L-arabinofuranose-(1-2)-[alpha-L-arabinofuranose-(1-3)]beta-L-arabinofuranose
11 branched alpha-L-arabinofuranose-(1-3)-[alpha-L-arabinofuranose-(1-5)]beta-L-arabinofuranose
12 branched alpha-L-arabinofuranose-(1-3)-beta-D-galactofuranose-(1-2)-beta-L-arabinofuranose-(1-2)-[alpha-L-arabinofuranose-(1-3)]beta-L-arabinofuranose
13 branched alpha-L-arabinofuranose-(1-3)-beta-D-galactofuranose-(1-2)-beta-L-arabinofuranose-(1-2)-beta-L-arabinofuranose
14 branched beta-L-arabinofuranose-(1-5)-beta-D-galactofuranose-(1-2)-beta-L-arabinofuranose-(1-2)-beta-L-arabinofuranose
15 branched alpha-L-arabinofuranose-(1-2)-alpha-L-arabinofuranose-(1-3)-beta-D-galactofuranose-(1-2)-beta-L-arabinofuranose-(1-2)-beta-L-arabinofuranose
16 branched 2-acetamido-2-deoxy-beta-D-glucopyranose-(1-4)-2-acetamido-2-deoxy-beta-D-glucopyranose
17 branched alpha-D-mannopyranose-(1-6)-alpha-D-mannopyranose-(1-6)-[alpha-D-mannopyranose-(1-3)]beta-D-mannopyranose-(1-4)-2-acetamido-2-deoxy-beta-D-glucopyranose-(1-4)-2-acetamido-2-deoxy-beta-D-glucopyranose
18 branched beta-D-galactofuranose-(1-2)-[alpha-L-arabinofuranose-(1-5)]beta-L-arabinofuranose-(1-2)-[alpha-L-arabinofuranose-(1-3)]beta-L-arabinofuranose
19 branched beta-D-galactofuranose-(1-2)-beta-L-arabinofuranose-(1-2)-[alpha-L-arabinofuranose-(1-3)]beta-L-arabinofuranose
20 branched beta-D-galactofuranose-(1-2)-[alpha-L-arabinofuranose-(1-5)]beta-L-arabinofuranose-(1-2)-beta-L-arabinofuranose
21 branched beta-D-galactofuranose-(1-2)-beta-L-arabinofuranose-(1-2)-[alpha-L-arabinofuranose-(1-3)][alpha-L-arabinofuranose-(1-5)]beta-L-arabinofuranose
22 branched beta-D-galactofuranose-(1-2)-[alpha-L-arabinofuranose-(1-5)]beta-L-arabinofuranose-(1-2)-[alpha-L-arabinofuranose-(1-2)-alpha-L-arabinofuranose-(1-3)]beta-L-arabinofuranose
23 branched beta-D-galactofuranose-(1-2)-[alpha-L-arabinofuranose-(1-5)]beta-L-arabinofuranose-(1-2)-[alpha-L-arabinofuranose-(1-3)][alpha-L-arabinofuranose-(1-5)]beta-L-arabinofuranose
24 branched beta-D-galactofuranose-(1-2)-beta-L-arabinofuranose-(1-2)-[alpha-L-arabinofuranose-(1-2)-alpha-L-arabinofuranose-(1-3)][alpha-L-arabinofuranose-(1-5)]beta-L-arabinofuranose
25 non-polymer 'CALCIUM ION'
26 non-polymer alpha-L-arabinofuranose
27 non-polymer alpha-D-galactopyranose
28 non-polymer 2-acetamido-2-deoxy-beta-D-glucopyranose
#
loop_
_entity_poly.entity_id
_entity_poly.type
_entity_poly.pdbx_seq_one_letter_code
_entity_poly.pdbx_strand_id
1 'polypeptide(L)'
;MAMPRHGRRPARCSSNRASQWLLLVLGVALAASPRFLLLVEAATYTLTLDKLGPTVNPTTSDAVTFTATVASPDSTTAVF
FTLDYGDGVTAETTRTTTGALSTTPTANLVSAGTYTVTYASIGTKFVTLRLYDSAVAPGVLLASKTVPIYVEDSTLTATL
LQSGVPRLNLAFSGFKGRVSSSTANRADMWATIQLDTAPGVFESSRIFIGIAPTASTNYDFVIPDQVYNLEGAKTTVLRI
YDAPVGGTLLRTFTPAAANAVYVVDPSKYVLTLTVGPTSVTTADQVTFTQTTTEVSYSASATSPILQWRFNWDDPSVVET
PLAYPDALTAASNFPTTATAVSSAAASTFRYTSTGSKNARLRLYDGANNVIAEKIVVITVSNAGYTLALAKTTADPVTTD
DTIAFSAGAKHLSSTSQVWWTIDYGAGESSPRTALTMTNVGAAAPNAIASLSNQYTSGGTKLATLRIYDRDGVGANTGLL
LASTTVTFTVTPVLYALESAVEPFSPIATVAAKWSFRIQRSKATPAGVTESIKCAFFGADTGTAPADLAAWLTAANGAGG
LTATILPSSIPSDIISFTRTYAAAAASLQGKLQCFIGSTPLWDPYYPTPVFQVLAAAPTYTLSASVTPAVVPVDTATLWT
YNIIRSVPVPAGGPSLPILCSFWDGKTGAAPTTDAGWAALAGSANGKGTSMAPGSTTATCSFTPSYSTTGTATPTLQLIQ
NSFALDAATTVGFLSPVYTAPAFATVTAASYTISSYLNPVTPVAGGAAAVWRIVITRNAAVTASAKTLTCQMPDNGQGGS
PADVTADIAVGGTTTVCVFSIAGYTTATPGPYFATVNVVDGAVTTSHITKNFTVLASGTTAPTYAVTSVVSPATPVKVST
PVTYTFTITRTTAVPAGGIPQPIICEFFNGEGTAPASAAAYWRVSTTIPDADTVVAVMAPGETTTTCTFTTYYTTVSAGG
FTAKLMVFGESATAAPLLTSLSVTPSQLLAAVHSFATPMVVAAAVVAVESTTISPNYNPTTPYTNIPTYFTFTLLRDPPV
PPSASSGVQFACALYTGQNVNPASAPSAITDAVYKTFTDVTTAVATDANYFADQQLRVVTMAPGTGRVSCTFPTLYAAAG
PFSPKFFVFEYASSTVGANALAVADTVTSLTSFTTQAAPTFITGPTNVPQRVPLPKGFRTTCFDGYELIFSNDNYTNGVR
VAVDAYPYPVGQCRKCPGGTATMDGYRCIPCPSGYWSNEGARECTACPAGTIAKPAALTARAKYSIDPTTYHFVTHLAMG
PESCKKCPKGYFQPNIAGTVCLPCPSGFVSTSGATGCTACSEGTYHTDGVGTTTPGEATSLDTTDTFGSIYPIIPNTCRQ
CPANTYLPLRGQAAIASMNLAAVSSATPCRPCEDGTWSKAGAAGCQKCPPGTYRNTWFSGQLGSPFITADGVPVATTLTE
LGSGCSQCPPGTYAPTFGMSVCLPCPAGTFASAPGATACQQCKPGTNSLMGDRTQQMALVVTNAANDFPALRAYTISGMV
AGPAYAKPIVTGPDTNFFMAGKSETCSTNLPGYYTDVDGLPIQLPCKPGTFMPFDTATANLLDTGLTVDGTQCYTCQTGT
FNDEFSQPVCKACWSGSFASKRGLPTCEIAQPGTFTNVAAAANATFNTATLIPTGLVKGAQAPTPCGMGYFQSSAETTTC
TACAVGTYADQAGLAACKPCQPGRYQNSIGQRVCKPCDMGTYSRYGGELCTKCPAGTVASKTGSSQCTPCAAGFYANAPD
SATSCRACPRGYYGPYSGAYADNLGDEFEGPRGCYKCPYDFFADRPGVRQCTACPPLDLGGGNLVEQCTEDLGSQRCKPC
SLLSKPKTARTEQS(HYP)(HYP)(HYP)(HYP)S(HYP)S(HYP)(HYP)(HYP)(HYP)(HYP)(HYP)(HYP)S
(HYP)R(HYP)(HYP)S(HYP)N(HYP)(HYP)S(HYP)R(HYP)(HYP)S(HYP)A(HYP)(HYP)S(HYP)N(HYP)
(HYP)(HYP)TS(HYP)(HYP)(HYP)S(HYP)(HYP)(HYP)S(HYP)(HYP)(HYP)(HYP)R(HYP)(HYP)(HYP)
(HYP)(HYP)(HYP)(HYP)(HYP)(HYP)S(HYP)(HYP)(HYP)(HYP)NRS(HYP)(HYP)(HYP)(HYP)(HYP)
(HYP)ASSAINPGGGVNQNGDPVGHRRAILSLMEDEDAEAAQEEQAIVDVDAEMQPQDDE
;
A,B,C,D,E,F
2 'polypeptide(L)'
;(HYP)(HYP)(HYP)(HYP)(HYP)(HYP)(HYP)(HYP)(HYP)(HYP)(HYP)GT(HYP)DQ(HYP)AA(HYP)AA
(HYP)AA(HYP)AA(HYP)AA(HYP)(HYP)(HYP)AL(HYP)GA(HYP)(HYP)(HYP)(HYP)(HYP)(HYP)(HYP)
(HYP)(HYP)(HYP)(HYP)(HYP)(HYP)GV(HYP)(HYP)AAAAAAAA
;
G,H,I
#
loop_
_chem_comp.id
_chem_comp.type
_chem_comp.name
_chem_comp.formula
AHR L-saccharide, alpha linking alpha-L-arabinofuranose 'C5 H10 O5'
BMA D-saccharide, beta linking beta-D-mannopyranose 'C6 H12 O6'
CA non-polymer 'CALCIUM ION' 'Ca 2'
FUB L-saccharide, beta linking beta-L-arabinofuranose 'C5 H10 O5'
GLA D-saccharide, alpha linking alpha-D-galactopyranose 'C6 H12 O6'
GZL D-saccharide, beta linking beta-D-galactofuranose 'C6 H12 O6'
MAN D-saccharide, alpha linking alpha-D-mannopyranose 'C6 H12 O6'
NAG D-saccharide, beta linking 2-acetamido-2-deoxy-beta-D-glucopyranose 'C8 H15 N O6'
#
# COMPACT_ATOMS: atom_id res chain seq x y z
N THR A 44 -49.35 144.18 -115.73
CA THR A 44 -50.09 143.57 -114.63
C THR A 44 -49.45 143.92 -113.29
N TYR A 45 -50.21 143.73 -112.21
CA TYR A 45 -49.78 144.15 -110.88
C TYR A 45 -49.97 143.02 -109.88
N THR A 46 -49.07 142.93 -108.92
CA THR A 46 -49.16 141.98 -107.82
C THR A 46 -49.51 142.71 -106.55
N LEU A 47 -50.42 142.14 -105.76
CA LEU A 47 -50.89 142.74 -104.53
C LEU A 47 -50.51 141.87 -103.35
N THR A 48 -49.98 142.49 -102.30
CA THR A 48 -49.60 141.80 -101.06
C THR A 48 -50.30 142.51 -99.91
N LEU A 49 -51.54 142.12 -99.64
CA LEU A 49 -52.31 142.66 -98.53
C LEU A 49 -52.22 141.71 -97.35
N ASP A 50 -51.54 142.13 -96.30
CA ASP A 50 -51.40 141.33 -95.09
C ASP A 50 -51.74 142.18 -93.88
N LYS A 51 -52.47 141.61 -92.94
CA LYS A 51 -52.84 142.31 -91.73
C LYS A 51 -51.75 142.18 -90.68
N LEU A 52 -51.61 143.23 -89.87
CA LEU A 52 -50.79 143.16 -88.67
C LEU A 52 -51.63 143.28 -87.41
N GLY A 53 -52.39 144.37 -87.27
CA GLY A 53 -53.39 144.55 -86.24
C GLY A 53 -52.99 143.96 -84.90
N PRO A 54 -53.88 143.17 -84.31
CA PRO A 54 -53.47 142.31 -83.20
C PRO A 54 -52.77 141.08 -83.74
N THR A 55 -51.65 140.72 -83.10
CA THR A 55 -50.90 139.54 -83.52
C THR A 55 -51.73 138.28 -83.36
N VAL A 56 -52.47 138.17 -82.26
CA VAL A 56 -53.44 137.10 -82.08
C VAL A 56 -54.66 137.42 -82.93
N ASN A 57 -55.54 136.46 -83.13
CA ASN A 57 -56.73 136.69 -83.92
C ASN A 57 -57.59 137.76 -83.24
N PRO A 58 -58.11 138.73 -83.98
CA PRO A 58 -58.82 139.85 -83.36
C PRO A 58 -60.18 139.42 -82.80
N THR A 59 -60.76 140.31 -82.00
CA THR A 59 -62.08 140.09 -81.43
C THR A 59 -62.96 141.30 -81.68
N THR A 60 -64.14 141.33 -81.05
CA THR A 60 -65.07 142.44 -81.26
C THR A 60 -64.57 143.73 -80.65
N SER A 61 -63.60 143.68 -79.75
CA SER A 61 -63.11 144.87 -79.05
C SER A 61 -61.64 145.16 -79.35
N ASP A 62 -61.11 144.63 -80.44
CA ASP A 62 -59.73 144.86 -80.84
C ASP A 62 -59.70 145.56 -82.19
N ALA A 63 -58.97 146.67 -82.27
CA ALA A 63 -58.82 147.39 -83.51
C ALA A 63 -57.80 146.69 -84.42
N VAL A 64 -58.08 146.67 -85.72
CA VAL A 64 -57.29 145.93 -86.69
C VAL A 64 -56.71 146.90 -87.70
N THR A 65 -55.41 146.78 -87.96
CA THR A 65 -54.71 147.58 -88.95
C THR A 65 -54.04 146.65 -89.95
N PHE A 66 -53.88 147.14 -91.18
CA PHE A 66 -53.48 146.29 -92.30
C PHE A 66 -52.21 146.83 -92.95
N THR A 67 -51.68 146.05 -93.90
CA THR A 67 -50.48 146.43 -94.64
C THR A 67 -50.60 145.86 -96.05
N ALA A 68 -50.56 146.74 -97.05
CA ALA A 68 -50.67 146.33 -98.44
C ALA A 68 -49.60 147.01 -99.26
N THR A 69 -48.97 146.25 -100.16
CA THR A 69 -47.96 146.76 -101.08
C THR A 69 -48.29 146.28 -102.49
N VAL A 70 -47.88 147.07 -103.48
CA VAL A 70 -48.10 146.76 -104.88
C VAL A 70 -46.81 146.94 -105.65
N ALA A 71 -46.53 146.01 -106.55
CA ALA A 71 -45.34 146.07 -107.39
C ALA A 71 -45.74 145.87 -108.84
N SER A 72 -45.15 146.67 -109.72
CA SER A 72 -45.42 146.60 -111.15
C SER A 72 -44.13 146.30 -111.90
N PRO A 73 -44.01 145.13 -112.55
CA PRO A 73 -42.76 144.80 -113.24
C PRO A 73 -42.65 145.39 -114.63
N ASP A 74 -43.70 145.98 -115.17
CA ASP A 74 -43.70 146.49 -116.54
C ASP A 74 -44.02 147.97 -116.66
N SER A 75 -44.99 148.46 -115.90
CA SER A 75 -45.46 149.83 -116.04
C SER A 75 -45.02 150.66 -114.84
N THR A 76 -44.44 151.83 -115.12
CA THR A 76 -43.97 152.72 -114.06
C THR A 76 -45.06 153.65 -113.54
N THR A 77 -46.04 154.00 -114.37
CA THR A 77 -47.03 154.98 -113.98
C THR A 77 -47.83 154.51 -112.77
N ALA A 78 -48.11 155.44 -111.87
CA ALA A 78 -48.85 155.13 -110.65
C ALA A 78 -50.30 154.79 -110.98
N VAL A 79 -50.90 153.98 -110.12
CA VAL A 79 -52.31 153.61 -110.23
C VAL A 79 -52.95 153.80 -108.86
N PHE A 80 -54.25 154.08 -108.86
CA PHE A 80 -54.94 154.52 -107.64
C PHE A 80 -55.50 153.33 -106.88
N PHE A 81 -55.09 153.20 -105.63
CA PHE A 81 -55.53 152.10 -104.79
C PHE A 81 -56.80 152.48 -104.04
N THR A 82 -57.56 151.46 -103.66
CA THR A 82 -58.74 151.67 -102.84
C THR A 82 -58.94 150.40 -102.01
N LEU A 83 -59.56 150.55 -100.84
CA LEU A 83 -59.70 149.44 -99.91
C LEU A 83 -61.13 149.33 -99.43
N ASP A 84 -61.55 148.11 -99.09
CA ASP A 84 -62.84 147.86 -98.49
C ASP A 84 -62.69 146.76 -97.45
N TYR A 85 -63.46 146.85 -96.38
CA TYR A 85 -63.43 145.86 -95.31
C TYR A 85 -64.67 144.97 -95.39
N GLY A 86 -64.69 143.96 -94.54
CA GLY A 86 -65.75 142.98 -94.52
C GLY A 86 -66.95 143.31 -93.65
N ASP A 87 -67.02 144.54 -93.12
CA ASP A 87 -68.12 144.89 -92.24
C ASP A 87 -69.46 144.83 -92.97
N GLY A 88 -69.50 145.36 -94.18
CA GLY A 88 -70.75 145.51 -94.91
C GLY A 88 -71.56 146.71 -94.53
N VAL A 89 -71.18 147.42 -93.46
CA VAL A 89 -71.88 148.63 -93.04
C VAL A 89 -71.05 149.89 -93.28
N THR A 90 -69.73 149.79 -93.30
CA THR A 90 -68.89 150.92 -93.65
C THR A 90 -68.72 150.97 -95.16
N ALA A 91 -68.81 152.17 -95.71
CA ALA A 91 -68.74 152.32 -97.16
C ALA A 91 -67.32 152.01 -97.65
N GLU A 92 -67.24 151.65 -98.93
CA GLU A 92 -65.94 151.43 -99.56
C GLU A 92 -65.14 152.72 -99.45
N THR A 93 -63.85 152.59 -99.11
CA THR A 93 -63.05 153.75 -98.74
C THR A 93 -62.91 154.72 -99.92
N THR A 94 -62.57 155.95 -99.59
CA THR A 94 -62.36 156.96 -100.61
C THR A 94 -61.15 156.63 -101.46
N ARG A 95 -61.29 156.80 -102.77
CA ARG A 95 -60.21 156.47 -103.69
C ARG A 95 -59.02 157.40 -103.47
N THR A 96 -57.86 156.82 -103.23
CA THR A 96 -56.63 157.58 -103.00
C THR A 96 -55.52 157.02 -103.87
N THR A 97 -54.78 157.90 -104.51
CA THR A 97 -53.72 157.49 -105.41
C THR A 97 -52.53 156.92 -104.64
N THR A 98 -51.59 156.35 -105.38
CA THR A 98 -50.35 155.81 -104.85
C THR A 98 -49.18 156.55 -105.48
N GLY A 99 -47.97 156.13 -105.10
CA GLY A 99 -46.77 156.61 -105.74
C GLY A 99 -46.45 155.83 -106.99
N ALA A 100 -45.42 156.31 -107.70
CA ALA A 100 -44.96 155.61 -108.88
C ALA A 100 -44.42 154.24 -108.50
N LEU A 101 -44.83 153.22 -109.25
CA LEU A 101 -44.48 151.84 -108.94
C LEU A 101 -43.27 151.42 -109.76
N SER A 102 -42.39 150.64 -109.14
CA SER A 102 -41.22 150.07 -109.79
C SER A 102 -41.27 148.55 -109.62
N THR A 103 -40.17 147.90 -110.02
CA THR A 103 -40.10 146.45 -109.87
C THR A 103 -40.18 146.03 -108.41
N THR A 104 -39.50 146.75 -107.52
CA THR A 104 -39.56 146.44 -106.10
C THR A 104 -40.91 146.87 -105.53
N PRO A 105 -41.45 146.11 -104.57
CA PRO A 105 -42.75 146.48 -103.99
C PRO A 105 -42.66 147.80 -103.23
N THR A 106 -43.77 148.53 -103.20
CA THR A 106 -43.85 149.78 -102.48
C THR A 106 -43.99 149.52 -100.98
N ALA A 107 -44.05 150.61 -100.22
CA ALA A 107 -44.17 150.52 -98.76
C ALA A 107 -45.62 150.28 -98.37
N ASN A 108 -45.91 150.41 -97.07
CA ASN A 108 -47.26 150.18 -96.56
C ASN A 108 -48.17 151.30 -97.03
N LEU A 109 -49.09 150.98 -97.95
CA LEU A 109 -50.03 151.97 -98.44
C LEU A 109 -51.15 152.26 -97.44
N VAL A 110 -51.36 151.38 -96.46
CA VAL A 110 -52.53 151.44 -95.60
C VAL A 110 -52.10 151.81 -94.18
N SER A 111 -51.01 152.57 -94.07
CA SER A 111 -50.42 152.89 -92.77
C SER A 111 -51.17 153.99 -92.01
N ALA A 112 -52.07 154.72 -92.68
CA ALA A 112 -52.71 155.86 -92.05
C ALA A 112 -53.62 155.41 -90.91
N GLY A 113 -53.81 156.31 -89.93
CA GLY A 113 -54.63 156.01 -88.78
C GLY A 113 -56.11 155.85 -89.10
N THR A 114 -56.56 156.38 -90.24
CA THR A 114 -57.95 156.20 -90.65
C THR A 114 -58.24 154.76 -91.04
N TYR A 115 -57.22 153.98 -91.43
CA TYR A 115 -57.42 152.61 -91.87
C TYR A 115 -57.48 151.64 -90.69
N THR A 116 -58.37 151.90 -89.74
CA THR A 116 -58.57 151.04 -88.58
C THR A 116 -60.03 150.66 -88.49
N VAL A 117 -60.30 149.37 -88.28
CA VAL A 117 -61.65 148.85 -88.25
C VAL A 117 -61.80 147.92 -87.05
N THR A 118 -62.91 148.06 -86.32
CA THR A 118 -63.26 147.17 -85.23
C THR A 118 -64.61 146.53 -85.56
N TYR A 119 -64.61 145.22 -85.79
CA TYR A 119 -65.79 144.52 -86.26
C TYR A 119 -66.77 144.30 -85.12
N ALA A 120 -67.92 143.69 -85.44
CA ALA A 120 -68.98 143.52 -84.46
C ALA A 120 -69.53 142.09 -84.45
N SER A 121 -69.36 141.37 -85.54
CA SER A 121 -69.89 140.03 -85.68
C SER A 121 -68.76 139.02 -85.78
N ILE A 122 -68.88 137.92 -85.03
CA ILE A 122 -67.87 136.88 -85.07
C ILE A 122 -67.94 136.12 -86.38
N GLY A 123 -66.79 135.76 -86.93
CA GLY A 123 -66.74 135.07 -88.20
C GLY A 123 -65.56 135.47 -89.06
N THR A 124 -65.73 135.44 -90.37
CA THR A 124 -64.67 135.78 -91.32
C THR A 124 -65.06 137.03 -92.09
N LYS A 125 -64.15 137.98 -92.15
CA LYS A 125 -64.33 139.21 -92.91
C LYS A 125 -63.34 139.21 -94.07
N PHE A 126 -63.86 139.43 -95.28
CA PHE A 126 -63.09 139.32 -96.51
C PHE A 126 -62.66 140.72 -96.93
N VAL A 127 -61.53 141.17 -96.38
CA VAL A 127 -61.02 142.50 -96.69
C VAL A 127 -60.46 142.50 -98.11
N THR A 128 -60.92 143.44 -98.93
CA THR A 128 -60.51 143.50 -100.32
C THR A 128 -59.73 144.78 -100.59
N LEU A 129 -58.73 144.69 -101.45
CA LEU A 129 -57.97 145.83 -101.93
C LEU A 129 -58.04 145.82 -103.45
N ARG A 130 -58.56 146.90 -104.02
CA ARG A 130 -58.73 147.03 -105.45
C ARG A 130 -57.85 148.16 -105.96
N LEU A 131 -57.54 148.10 -107.25
CA LEU A 131 -56.68 149.08 -107.90
C LEU A 131 -57.31 149.49 -109.22
N TYR A 132 -57.48 150.80 -109.41
CA TYR A 132 -57.95 151.42 -110.63
C TYR A 132 -56.83 152.26 -111.24
N ASP A 133 -57.12 152.86 -112.39
CA ASP A 133 -56.19 153.78 -113.02
C ASP A 133 -56.58 155.24 -112.89
N SER A 134 -57.85 155.52 -112.61
CA SER A 134 -58.36 156.88 -112.54
C SER A 134 -59.16 157.07 -111.26
N ALA A 135 -59.21 158.32 -110.80
CA ALA A 135 -59.93 158.66 -109.58
C ALA A 135 -61.44 158.73 -109.78
N VAL A 136 -61.92 158.62 -111.01
CA VAL A 136 -63.34 158.73 -111.29
C VAL A 136 -64.04 157.41 -111.01
N ALA A 137 -65.30 157.50 -110.61
CA ALA A 137 -66.11 156.30 -110.40
C ALA A 137 -66.23 155.42 -111.63
N PRO A 138 -66.46 155.96 -112.86
CA PRO A 138 -66.58 155.07 -114.02
C PRO A 138 -65.25 154.51 -114.49
N GLY A 139 -64.22 154.62 -113.66
CA GLY A 139 -62.94 154.04 -114.00
C GLY A 139 -63.00 152.52 -114.07
N VAL A 140 -61.97 151.95 -114.69
CA VAL A 140 -61.94 150.52 -115.00
C VAL A 140 -61.21 149.78 -113.89
N LEU A 141 -61.77 148.63 -113.49
CA LEU A 141 -61.08 147.73 -112.58
C LEU A 141 -59.75 147.30 -113.19
N LEU A 142 -58.68 147.39 -112.41
CA LEU A 142 -57.37 146.94 -112.85
C LEU A 142 -56.83 145.77 -112.05
N ALA A 143 -57.03 145.79 -110.73
CA ALA A 143 -56.51 144.72 -109.89
C ALA A 143 -57.39 144.56 -108.66
N SER A 144 -57.31 143.38 -108.05
CA SER A 144 -58.05 143.11 -106.82
C SER A 144 -57.37 141.97 -106.06
N LYS A 145 -57.51 142.01 -104.75
CA LYS A 145 -57.00 140.94 -103.89
C LYS A 145 -57.83 140.88 -102.60
N THR A 146 -58.22 139.66 -102.21
CA THR A 146 -59.04 139.44 -101.04
C THR A 146 -58.25 138.68 -99.98
N VAL A 147 -58.48 139.02 -98.73
CA VAL A 147 -57.79 138.39 -97.60
C VAL A 147 -58.80 138.14 -96.47
N PRO A 148 -58.82 136.94 -95.90
CA PRO A 148 -59.74 136.67 -94.79
C PRO A 148 -59.15 137.04 -93.44
N ILE A 149 -60.03 137.50 -92.56
CA ILE A 149 -59.68 137.81 -91.18
C ILE A 149 -60.71 137.16 -90.28
N TYR A 150 -60.26 136.29 -89.38
CA TYR A 150 -61.16 135.60 -88.46
C TYR A 150 -61.20 136.37 -87.14
N VAL A 151 -62.41 136.67 -86.67
CA VAL A 151 -62.62 137.35 -85.40
C VAL A 151 -63.19 136.35 -84.42
N GLU A 152 -62.62 136.30 -83.22
CA GLU A 152 -62.89 135.25 -82.26
C GLU A 152 -63.88 135.72 -81.19
N ASP A 153 -64.72 134.80 -80.74
CA ASP A 153 -65.62 135.06 -79.63
C ASP A 153 -64.81 135.32 -78.37
N SER A 154 -65.15 136.40 -77.66
CA SER A 154 -64.50 136.73 -76.40
C SER A 154 -65.31 136.29 -75.19
N THR A 155 -66.44 135.62 -75.40
CA THR A 155 -67.28 135.19 -74.29
C THR A 155 -66.83 133.85 -73.71
N LEU A 156 -65.78 133.24 -74.26
CA LEU A 156 -65.22 132.02 -73.71
C LEU A 156 -63.71 132.16 -73.63
N THR A 157 -63.12 131.41 -72.70
CA THR A 157 -61.67 131.31 -72.57
C THR A 157 -61.28 129.84 -72.66
N ALA A 158 -60.28 129.54 -73.48
CA ALA A 158 -59.85 128.17 -73.72
C ALA A 158 -58.38 128.05 -73.40
N THR A 159 -58.04 127.08 -72.54
CA THR A 159 -56.65 126.85 -72.16
C THR A 159 -56.32 125.37 -72.33
N LEU A 160 -55.15 125.10 -72.89
CA LEU A 160 -54.64 123.74 -73.02
C LEU A 160 -53.66 123.51 -71.88
N LEU A 161 -54.02 122.60 -70.96
CA LEU A 161 -53.20 122.29 -69.81
C LEU A 161 -52.64 120.89 -69.95
N GLN A 162 -51.34 120.75 -69.72
CA GLN A 162 -50.64 119.48 -69.78
C GLN A 162 -50.30 119.02 -68.37
N SER A 163 -50.09 117.71 -68.23
CA SER A 163 -49.83 117.10 -66.93
C SER A 163 -48.44 116.49 -66.82
N GLY A 164 -47.68 116.41 -67.91
CA GLY A 164 -46.34 115.85 -67.85
C GLY A 164 -45.55 116.27 -69.06
N VAL A 165 -44.27 115.93 -69.03
CA VAL A 165 -43.35 116.28 -70.11
C VAL A 165 -43.55 115.30 -71.26
N PRO A 166 -43.88 115.76 -72.47
CA PRO A 166 -44.00 114.84 -73.61
C PRO A 166 -42.61 114.41 -74.08
N ARG A 167 -42.41 113.11 -74.20
CA ARG A 167 -41.14 112.55 -74.63
C ARG A 167 -41.08 112.51 -76.15
N LEU A 168 -40.12 111.77 -76.68
CA LEU A 168 -39.96 111.59 -78.12
C LEU A 168 -41.04 110.63 -78.61
N ASN A 169 -40.82 109.97 -79.75
CA ASN A 169 -41.87 109.35 -80.55
C ASN A 169 -42.87 108.51 -79.75
N LEU A 170 -42.54 108.20 -78.50
CA LEU A 170 -43.53 107.64 -77.58
C LEU A 170 -44.76 108.55 -77.51
N ALA A 171 -45.90 107.94 -77.17
CA ALA A 171 -47.15 108.68 -77.11
C ALA A 171 -47.26 109.48 -75.81
N PHE A 172 -47.92 110.63 -75.91
CA PHE A 172 -48.16 111.51 -74.78
C PHE A 172 -49.65 111.65 -74.55
N SER A 173 -50.08 111.51 -73.29
CA SER A 173 -51.50 111.52 -72.98
C SER A 173 -51.82 112.43 -71.80
N GLY A 174 -50.99 113.45 -71.57
CA GLY A 174 -51.26 114.40 -70.51
C GLY A 174 -52.02 115.64 -70.92
N PHE A 175 -52.14 115.89 -72.22
CA PHE A 175 -52.85 117.07 -72.69
C PHE A 175 -54.34 116.98 -72.39
N LYS A 176 -54.91 118.09 -71.96
CA LYS A 176 -56.36 118.22 -71.84
C LYS A 176 -56.73 119.68 -71.99
N GLY A 177 -58.00 119.93 -72.27
CA GLY A 177 -58.48 121.27 -72.58
C GLY A 177 -59.54 121.73 -71.60
N ARG A 178 -59.48 123.00 -71.22
CA ARG A 178 -60.45 123.62 -70.34
C ARG A 178 -61.08 124.79 -71.06
N VAL A 179 -62.42 124.80 -71.13
CA VAL A 179 -63.18 125.87 -71.76
C VAL A 179 -64.12 126.45 -70.71
N SER A 180 -64.14 127.77 -70.61
CA SER A 180 -64.99 128.47 -69.64
C SER A 180 -65.69 129.60 -70.36
N SER A 181 -67.00 129.48 -70.55
CA SER A 181 -67.76 130.53 -71.19
C SER A 181 -68.04 131.66 -70.20
N SER A 182 -68.56 132.78 -70.72
CA SER A 182 -68.99 133.89 -69.90
C SER A 182 -70.48 134.20 -70.01
N THR A 183 -71.12 133.81 -71.10
CA THR A 183 -72.55 133.99 -71.27
C THR A 183 -73.28 132.74 -70.81
N ALA A 184 -74.55 132.61 -71.19
CA ALA A 184 -75.37 131.46 -70.82
C ALA A 184 -75.02 130.26 -71.70
N ASN A 185 -75.88 129.25 -71.68
CA ASN A 185 -75.61 127.98 -72.36
C ASN A 185 -75.18 128.21 -73.81
N ARG A 186 -74.07 127.57 -74.17
CA ARG A 186 -73.50 127.64 -75.51
C ARG A 186 -74.00 126.49 -76.37
N ALA A 187 -73.50 126.42 -77.59
CA ALA A 187 -73.83 125.35 -78.50
C ALA A 187 -72.73 124.28 -78.47
N ASP A 188 -72.89 123.26 -79.31
CA ASP A 188 -71.90 122.19 -79.37
C ASP A 188 -70.57 122.74 -79.90
N MET A 189 -69.47 122.13 -79.45
CA MET A 189 -68.15 122.65 -79.72
C MET A 189 -67.21 121.53 -80.13
N TRP A 190 -66.24 121.87 -80.99
CA TRP A 190 -65.27 120.91 -81.49
C TRP A 190 -63.88 121.53 -81.39
N ALA A 191 -62.97 120.85 -80.72
CA ALA A 191 -61.64 121.37 -80.45
C ALA A 191 -60.58 120.53 -81.16
N THR A 192 -59.63 121.22 -81.78
CA THR A 192 -58.49 120.59 -82.44
C THR A 192 -57.20 121.09 -81.83
N ILE A 193 -56.16 120.27 -81.97
CA ILE A 193 -54.83 120.57 -81.43
C ILE A 193 -53.81 120.43 -82.54
N GLN A 194 -52.87 121.37 -82.60
CA GLN A 194 -51.81 121.36 -83.60
C GLN A 194 -50.47 121.36 -82.88
N LEU A 195 -49.63 120.37 -83.18
CA LEU A 195 -48.43 120.16 -82.39
C LEU A 195 -47.38 121.23 -82.65
N ASP A 196 -47.32 121.76 -83.86
CA ASP A 196 -46.33 122.78 -84.20
C ASP A 196 -46.78 123.49 -85.47
N THR A 197 -46.05 124.54 -85.82
CA THR A 197 -46.34 125.33 -87.02
C THR A 197 -45.32 125.11 -88.12
N ALA A 198 -44.43 124.13 -87.98
CA ALA A 198 -43.46 123.83 -89.01
C ALA A 198 -44.16 123.23 -90.24
N PRO A 199 -43.55 123.34 -91.41
CA PRO A 199 -44.16 122.75 -92.61
C PRO A 199 -44.33 121.25 -92.46
N GLY A 200 -45.47 120.75 -92.95
CA GLY A 200 -45.79 119.35 -92.86
C GLY A 200 -46.66 118.97 -91.68
N VAL A 201 -46.73 119.80 -90.66
CA VAL A 201 -47.55 119.53 -89.49
C VAL A 201 -48.97 119.97 -89.77
N PHE A 202 -49.94 119.09 -89.53
CA PHE A 202 -51.33 119.34 -89.87
C PHE A 202 -52.19 119.42 -88.63
N GLU A 203 -53.27 120.20 -88.73
CA GLU A 203 -54.25 120.30 -87.66
C GLU A 203 -54.90 118.94 -87.42
N SER A 204 -55.14 118.62 -86.15
CA SER A 204 -55.74 117.36 -85.80
C SER A 204 -57.20 117.30 -86.25
N SER A 205 -57.81 116.13 -86.03
CA SER A 205 -59.24 115.99 -86.27
C SER A 205 -60.02 116.66 -85.14
N ARG A 206 -61.25 117.03 -85.44
CA ARG A 206 -62.06 117.75 -84.46
C ARG A 206 -62.55 116.80 -83.37
N ILE A 207 -62.34 117.20 -82.11
CA ILE A 207 -62.75 116.41 -80.96
C ILE A 207 -64.03 117.04 -80.41
N PHE A 208 -65.07 116.23 -80.28
CA PHE A 208 -66.34 116.71 -79.75
C PHE A 208 -66.19 117.07 -78.28
N ILE A 209 -66.89 118.13 -77.85
CA ILE A 209 -66.92 118.48 -76.44
C ILE A 209 -68.35 118.42 -75.92
N GLY A 210 -69.24 119.18 -76.56
CA GLY A 210 -70.61 119.32 -76.11
C GLY A 210 -70.94 120.77 -75.82
N ILE A 211 -71.74 120.99 -74.77
CA ILE A 211 -72.23 122.32 -74.44
C ILE A 211 -71.71 122.72 -73.05
N ALA A 212 -71.71 124.02 -72.80
CA ALA A 212 -71.18 124.61 -71.57
C ALA A 212 -72.25 125.51 -70.96
N PRO A 213 -73.25 124.93 -70.31
CA PRO A 213 -74.43 125.72 -69.89
C PRO A 213 -74.18 126.71 -68.76
N THR A 214 -73.59 126.24 -67.66
CA THR A 214 -73.64 126.96 -66.39
C THR A 214 -72.60 128.07 -66.37
N ALA A 215 -72.92 129.17 -67.05
CA ALA A 215 -72.22 130.44 -66.93
C ALA A 215 -70.71 130.32 -67.06
N SER A 216 -69.99 130.67 -66.00
CA SER A 216 -68.53 130.74 -66.00
C SER A 216 -67.88 129.53 -65.36
N THR A 217 -68.48 128.34 -65.52
CA THR A 217 -67.88 127.13 -65.00
C THR A 217 -66.89 126.54 -66.00
N ASN A 218 -65.91 125.82 -65.47
CA ASN A 218 -64.88 125.19 -66.29
C ASN A 218 -65.34 123.81 -66.74
N TYR A 219 -65.30 123.58 -68.05
CA TYR A 219 -65.60 122.28 -68.63
C TYR A 219 -64.34 121.74 -69.30
N ASP A 220 -64.00 120.50 -68.96
CA ASP A 220 -62.74 119.90 -69.39
C ASP A 220 -63.02 118.77 -70.38
N PHE A 221 -62.25 118.75 -71.47
CA PHE A 221 -62.30 117.67 -72.44
C PHE A 221 -60.93 117.01 -72.53
N VAL A 222 -60.94 115.70 -72.74
CA VAL A 222 -59.72 114.94 -72.92
C VAL A 222 -59.28 115.03 -74.38
N ILE A 223 -57.98 115.01 -74.60
CA ILE A 223 -57.40 115.07 -75.93
C ILE A 223 -56.74 113.73 -76.23
N PRO A 224 -57.02 113.10 -77.37
CA PRO A 224 -56.39 111.82 -77.68
C PRO A 224 -54.88 111.91 -77.65
N ASP A 225 -54.24 110.76 -77.42
CA ASP A 225 -52.80 110.70 -77.24
C ASP A 225 -52.08 111.24 -78.48
N GLN A 226 -51.20 112.21 -78.27
CA GLN A 226 -50.45 112.84 -79.33
C GLN A 226 -48.99 112.35 -79.30
N VAL A 227 -48.37 112.32 -80.47
CA VAL A 227 -47.01 111.85 -80.64
C VAL A 227 -46.19 112.96 -81.28
N TYR A 228 -45.06 113.29 -80.66
CA TYR A 228 -44.16 114.30 -81.18
C TYR A 228 -42.99 113.61 -81.88
N ASN A 229 -42.58 114.18 -83.03
CA ASN A 229 -41.60 113.53 -83.89
C ASN A 229 -40.19 114.07 -83.73
N LEU A 230 -40.02 115.25 -83.13
CA LEU A 230 -38.71 115.83 -82.91
C LEU A 230 -38.64 116.41 -81.52
N GLU A 231 -37.43 116.50 -80.99
CA GLU A 231 -37.20 117.07 -79.66
C GLU A 231 -36.90 118.56 -79.79
N GLY A 232 -37.36 119.32 -78.81
CA GLY A 232 -37.15 120.75 -78.84
C GLY A 232 -38.32 121.55 -78.31
N ALA A 233 -38.46 122.80 -78.76
CA ALA A 233 -39.52 123.68 -78.33
C ALA A 233 -40.60 123.71 -79.40
N LYS A 234 -41.84 123.41 -78.99
CA LYS A 234 -42.99 123.37 -79.87
C LYS A 234 -44.07 124.31 -79.34
N THR A 235 -44.68 125.05 -80.26
CA THR A 235 -45.79 125.95 -79.96
C THR A 235 -47.09 125.22 -80.29
N THR A 236 -47.47 124.30 -79.41
CA THR A 236 -48.68 123.52 -79.61
C THR A 236 -49.91 124.40 -79.39
N VAL A 237 -50.69 124.61 -80.45
CA VAL A 237 -51.78 125.58 -80.45
C VAL A 237 -53.11 124.83 -80.43
N LEU A 238 -54.03 125.30 -79.59
CA LEU A 238 -55.35 124.71 -79.49
C LEU A 238 -56.37 125.63 -80.14
N ARG A 239 -57.34 125.05 -80.85
CA ARG A 239 -58.39 125.83 -81.50
C ARG A 239 -59.74 125.19 -81.19
N ILE A 240 -60.77 126.04 -81.13
CA ILE A 240 -62.13 125.62 -80.83
C ILE A 240 -63.05 126.24 -81.87
N TYR A 241 -63.79 125.41 -82.58
CA TYR A 241 -64.81 125.79 -83.56
C TYR A 241 -66.17 125.31 -83.05
N ASP A 242 -67.23 125.65 -83.79
CA ASP A 242 -68.58 125.30 -83.41
C ASP A 242 -69.30 124.45 -84.46
N ALA A 243 -68.57 123.83 -85.38
CA ALA A 243 -69.18 122.99 -86.40
C ALA A 243 -68.35 121.74 -86.59
N PRO A 244 -69.00 120.61 -86.91
CA PRO A 244 -68.24 119.37 -87.15
C PRO A 244 -67.30 119.45 -88.33
N VAL A 245 -67.65 120.18 -89.39
CA VAL A 245 -66.88 120.21 -90.62
C VAL A 245 -66.41 121.62 -90.99
N GLY A 246 -67.30 122.61 -90.90
CA GLY A 246 -66.93 123.96 -91.26
C GLY A 246 -67.04 124.92 -90.08
N GLY A 247 -67.93 125.91 -90.21
CA GLY A 247 -68.22 126.79 -89.10
C GLY A 247 -67.17 127.85 -88.85
N THR A 248 -67.32 128.50 -87.71
CA THR A 248 -66.49 129.64 -87.33
C THR A 248 -65.53 129.24 -86.22
N LEU A 249 -64.28 129.67 -86.36
CA LEU A 249 -63.26 129.43 -85.34
C LEU A 249 -63.59 130.27 -84.12
N LEU A 250 -64.17 129.65 -83.09
CA LEU A 250 -64.58 130.39 -81.90
C LEU A 250 -63.38 130.97 -81.17
N ARG A 251 -62.35 130.16 -80.92
CA ARG A 251 -61.22 130.64 -80.13
C ARG A 251 -59.96 129.88 -80.47
N THR A 252 -58.82 130.46 -80.09
CA THR A 252 -57.52 129.80 -80.17
C THR A 252 -56.75 130.08 -78.88
N PHE A 253 -55.65 129.35 -78.71
CA PHE A 253 -54.78 129.53 -77.58
C PHE A 253 -53.38 129.02 -77.91
N THR A 254 -52.37 129.83 -77.60
CA THR A 254 -50.97 129.46 -77.70
C THR A 254 -50.35 129.60 -76.32
N PRO A 255 -49.75 128.56 -75.76
CA PRO A 255 -49.21 128.67 -74.39
C PRO A 255 -48.09 129.71 -74.32
N ALA A 256 -47.97 130.34 -73.16
CA ALA A 256 -46.98 131.38 -72.95
C ALA A 256 -45.58 130.82 -73.11
N ALA A 257 -44.61 131.73 -73.25
CA ALA A 257 -43.23 131.32 -73.51
C ALA A 257 -42.69 130.42 -72.41
N ALA A 258 -43.02 130.73 -71.15
CA ALA A 258 -42.59 129.87 -70.05
C ALA A 258 -43.31 128.52 -70.07
N ASN A 259 -44.43 128.41 -70.78
CA ASN A 259 -45.19 127.18 -70.85
C ASN A 259 -45.18 126.55 -72.24
N ALA A 260 -44.30 127.02 -73.13
CA ALA A 260 -44.19 126.40 -74.45
C ALA A 260 -43.78 124.95 -74.32
N VAL A 261 -44.37 124.09 -75.15
CA VAL A 261 -44.19 122.66 -74.97
C VAL A 261 -42.75 122.29 -75.29
N TYR A 262 -42.16 121.43 -74.46
CA TYR A 262 -40.82 120.91 -74.73
C TYR A 262 -40.87 119.40 -74.88
N VAL A 263 -40.31 118.91 -75.98
CA VAL A 263 -40.18 117.49 -76.24
C VAL A 263 -38.75 117.08 -75.92
N VAL A 264 -38.60 116.09 -75.05
CA VAL A 264 -37.31 115.70 -74.51
C VAL A 264 -37.01 114.27 -74.95
N ASP A 265 -35.82 114.07 -75.50
CA ASP A 265 -35.38 112.74 -75.87
C ASP A 265 -34.92 112.01 -74.60
N PRO A 266 -35.57 110.91 -74.22
CA PRO A 266 -35.20 110.24 -72.96
C PRO A 266 -33.92 109.43 -73.05
N SER A 267 -33.35 109.27 -74.24
CA SER A 267 -32.06 108.60 -74.38
C SER A 267 -30.89 109.57 -74.26
N LYS A 268 -31.15 110.87 -74.16
CA LYS A 268 -30.10 111.88 -74.06
C LYS A 268 -29.73 112.21 -72.63
N TYR A 269 -30.44 111.67 -71.64
CA TYR A 269 -30.09 111.91 -70.24
C TYR A 269 -28.85 111.10 -69.86
N VAL A 270 -27.94 111.73 -69.13
CA VAL A 270 -26.75 111.08 -68.60
C VAL A 270 -26.92 110.96 -67.09
N LEU A 271 -26.95 109.72 -66.62
CA LEU A 271 -27.12 109.42 -65.20
C LEU A 271 -25.89 108.67 -64.72
N THR A 272 -25.34 109.09 -63.58
CA THR A 272 -24.20 108.45 -62.96
C THR A 272 -24.56 108.13 -61.51
N LEU A 273 -24.77 106.85 -61.23
CA LEU A 273 -25.19 106.39 -59.92
C LEU A 273 -24.02 105.66 -59.27
N THR A 274 -23.62 106.11 -58.09
CA THR A 274 -22.51 105.54 -57.35
C THR A 274 -23.02 105.05 -56.00
N VAL A 275 -23.54 103.82 -55.98
CA VAL A 275 -23.82 103.12 -54.74
C VAL A 275 -22.52 102.53 -54.24
N GLY A 276 -22.53 101.98 -53.04
CA GLY A 276 -21.32 101.50 -52.41
C GLY A 276 -20.77 100.25 -53.06
N PRO A 277 -20.16 99.39 -52.26
CA PRO A 277 -19.48 98.22 -52.83
C PRO A 277 -20.45 97.26 -53.49
N THR A 278 -19.92 96.47 -54.40
CA THR A 278 -20.68 95.44 -55.09
C THR A 278 -20.83 94.27 -54.13
N SER A 279 -21.19 93.09 -54.64
CA SER A 279 -21.70 91.96 -53.86
C SER A 279 -21.08 91.84 -52.47
N VAL A 280 -21.94 91.79 -51.45
CA VAL A 280 -21.54 91.79 -50.06
C VAL A 280 -22.44 90.84 -49.30
N THR A 281 -22.24 90.77 -47.99
CA THR A 281 -23.09 89.96 -47.11
C THR A 281 -24.13 90.85 -46.44
N THR A 282 -25.05 90.20 -45.70
CA THR A 282 -26.13 90.94 -45.05
C THR A 282 -25.59 91.86 -43.97
N ALA A 283 -24.59 91.42 -43.23
CA ALA A 283 -24.02 92.25 -42.17
C ALA A 283 -23.25 93.45 -42.70
N ASP A 284 -22.96 93.48 -44.01
CA ASP A 284 -22.19 94.56 -44.59
C ASP A 284 -23.07 95.79 -44.83
N GLN A 285 -22.42 96.95 -44.85
CA GLN A 285 -23.08 98.23 -45.08
C GLN A 285 -22.78 98.71 -46.49
N VAL A 286 -23.84 99.08 -47.22
CA VAL A 286 -23.70 99.65 -48.55
C VAL A 286 -24.10 101.12 -48.48
N THR A 287 -23.26 101.97 -49.06
CA THR A 287 -23.41 103.42 -48.93
C THR A 287 -23.71 104.04 -50.28
N PHE A 288 -24.74 104.88 -50.33
CA PHE A 288 -25.13 105.62 -51.51
C PHE A 288 -24.62 107.05 -51.33
N THR A 289 -23.59 107.41 -52.09
CA THR A 289 -22.96 108.72 -51.99
C THR A 289 -23.70 109.69 -52.90
N GLN A 290 -24.20 110.77 -52.32
CA GLN A 290 -25.06 111.71 -53.04
C GLN A 290 -24.29 112.83 -53.73
N THR A 291 -22.98 112.96 -53.46
CA THR A 291 -22.18 113.99 -54.10
C THR A 291 -21.44 113.49 -55.33
N THR A 292 -21.50 112.19 -55.61
CA THR A 292 -20.86 111.62 -56.79
C THR A 292 -21.85 111.12 -57.83
N THR A 293 -23.13 111.04 -57.49
CA THR A 293 -24.16 110.74 -58.48
C THR A 293 -24.46 112.01 -59.27
N GLU A 294 -24.32 111.94 -60.59
CA GLU A 294 -24.37 113.12 -61.44
C GLU A 294 -25.43 112.94 -62.52
N VAL A 295 -26.30 113.93 -62.66
CA VAL A 295 -27.44 113.87 -63.58
C VAL A 295 -27.36 115.07 -64.52
N SER A 296 -27.49 114.81 -65.82
CA SER A 296 -27.39 115.90 -66.79
C SER A 296 -28.15 115.54 -68.05
N TYR A 297 -28.32 116.53 -68.92
CA TYR A 297 -28.99 116.38 -70.20
C TYR A 297 -28.00 116.72 -71.30
N SER A 298 -27.83 115.80 -72.26
CA SER A 298 -26.76 115.91 -73.25
C SER A 298 -27.18 116.59 -74.53
N ALA A 299 -28.42 117.07 -74.63
CA ALA A 299 -28.90 117.68 -75.88
C ALA A 299 -28.89 119.20 -75.82
N SER A 300 -29.56 119.79 -74.83
CA SER A 300 -29.77 121.23 -74.80
C SER A 300 -29.53 121.72 -73.37
N ALA A 301 -29.89 122.99 -73.14
CA ALA A 301 -29.76 123.60 -71.82
C ALA A 301 -31.04 124.26 -71.36
N THR A 302 -32.17 124.01 -72.02
CA THR A 302 -33.43 124.66 -71.69
C THR A 302 -34.55 123.64 -71.44
N SER A 303 -34.19 122.39 -71.19
CA SER A 303 -35.19 121.36 -70.92
C SER A 303 -35.86 121.62 -69.57
N PRO A 304 -37.10 121.15 -69.39
CA PRO A 304 -37.78 121.36 -68.11
C PRO A 304 -37.11 120.59 -66.99
N ILE A 305 -37.43 120.98 -65.76
CA ILE A 305 -36.86 120.36 -64.58
C ILE A 305 -37.61 119.08 -64.26
N LEU A 306 -36.89 118.09 -63.73
CA LEU A 306 -37.45 116.80 -63.39
C LEU A 306 -36.99 116.41 -61.99
N GLN A 307 -37.86 115.70 -61.28
CA GLN A 307 -37.52 115.25 -59.93
C GLN A 307 -36.77 113.92 -59.99
N TRP A 308 -36.21 113.51 -58.85
CA TRP A 308 -35.47 112.26 -58.79
C TRP A 308 -35.89 111.46 -57.56
N ARG A 309 -35.75 110.15 -57.66
CA ARG A 309 -36.07 109.24 -56.56
C ARG A 309 -35.08 108.08 -56.57
N PHE A 310 -34.77 107.57 -55.38
CA PHE A 310 -33.83 106.48 -55.22
C PHE A 310 -34.51 105.33 -54.49
N ASN A 311 -34.21 104.10 -54.94
CA ASN A 311 -34.81 102.90 -54.37
C ASN A 311 -33.72 101.91 -54.02
N TRP A 312 -33.78 101.38 -52.80
CA TRP A 312 -32.85 100.37 -52.32
C TRP A 312 -33.25 98.95 -52.72
N ASP A 313 -34.47 98.77 -53.26
CA ASP A 313 -34.97 97.46 -53.66
C ASP A 313 -35.12 96.53 -52.45
N ASP A 314 -35.55 97.09 -51.33
CA ASP A 314 -35.75 96.32 -50.11
C ASP A 314 -37.13 96.60 -49.54
N PRO A 315 -37.83 95.57 -49.06
CA PRO A 315 -39.20 95.78 -48.55
C PRO A 315 -39.27 96.49 -47.22
N SER A 316 -38.16 96.60 -46.49
CA SER A 316 -38.17 97.29 -45.21
C SER A 316 -37.90 98.78 -45.32
N VAL A 317 -37.52 99.26 -46.50
CA VAL A 317 -37.20 100.67 -46.71
C VAL A 317 -38.01 101.17 -47.91
N VAL A 318 -38.70 102.28 -47.72
CA VAL A 318 -39.49 102.91 -48.76
C VAL A 318 -38.58 103.85 -49.56
N GLU A 319 -38.79 103.89 -50.87
CA GLU A 319 -37.94 104.70 -51.74
C GLU A 319 -38.12 106.19 -51.41
N THR A 320 -37.11 106.97 -51.78
CA THR A 320 -36.99 108.33 -51.29
C THR A 320 -38.15 109.19 -51.79
N PRO A 321 -38.52 110.23 -51.05
CA PRO A 321 -39.50 111.18 -51.55
C PRO A 321 -38.92 112.04 -52.67
N LEU A 322 -39.82 112.58 -53.49
CA LEU A 322 -39.40 113.33 -54.67
C LEU A 322 -38.59 114.56 -54.27
N ALA A 323 -37.54 114.83 -55.04
CA ALA A 323 -36.65 115.95 -54.77
C ALA A 323 -36.04 116.43 -56.07
N TYR A 324 -35.50 117.64 -56.04
CA TYR A 324 -34.85 118.28 -57.17
C TYR A 324 -33.34 118.06 -57.12
N PRO A 325 -32.62 118.40 -58.18
CA PRO A 325 -31.15 118.30 -58.14
C PRO A 325 -30.52 119.30 -57.18
N ASP A 326 -29.19 119.36 -57.20
CA ASP A 326 -28.39 120.01 -56.15
C ASP A 326 -28.98 121.32 -55.64
N ALA A 327 -29.10 122.31 -56.52
CA ALA A 327 -29.61 123.62 -56.14
C ALA A 327 -30.82 124.06 -56.94
N LEU A 328 -31.20 123.33 -57.97
CA LEU A 328 -32.29 123.74 -58.85
C LEU A 328 -33.64 123.58 -58.15
N THR A 329 -34.59 124.41 -58.55
CA THR A 329 -35.96 124.33 -58.05
C THR A 329 -36.94 124.45 -59.20
N ALA A 330 -38.22 124.62 -58.90
CA ALA A 330 -39.26 124.60 -59.92
C ALA A 330 -39.10 125.69 -60.97
N ALA A 331 -38.36 126.74 -60.67
CA ALA A 331 -38.15 127.84 -61.61
C ALA A 331 -36.88 127.69 -62.42
N SER A 332 -36.16 126.59 -62.26
CA SER A 332 -34.90 126.36 -62.96
C SER A 332 -35.11 125.43 -64.14
N ASN A 333 -34.00 125.12 -64.83
CA ASN A 333 -34.00 124.22 -65.97
C ASN A 333 -32.99 123.11 -65.73
N PHE A 334 -33.19 122.01 -66.44
CA PHE A 334 -32.30 120.86 -66.30
C PHE A 334 -30.90 121.22 -66.78
N PRO A 335 -29.86 120.84 -66.05
CA PRO A 335 -28.50 121.20 -66.45
C PRO A 335 -28.01 120.36 -67.60
N THR A 336 -27.01 120.91 -68.31
CA THR A 336 -26.32 120.21 -69.38
C THR A 336 -25.03 119.56 -68.91
N THR A 337 -24.31 120.21 -68.01
CA THR A 337 -23.16 119.60 -67.37
C THR A 337 -23.61 118.81 -66.15
N ALA A 338 -22.88 117.74 -65.86
CA ALA A 338 -23.26 116.82 -64.79
C ALA A 338 -23.25 117.54 -63.44
N THR A 339 -24.39 117.52 -62.76
CA THR A 339 -24.53 118.15 -61.46
C THR A 339 -24.90 117.10 -60.42
N ALA A 340 -24.44 117.31 -59.19
CA ALA A 340 -24.75 116.40 -58.11
C ALA A 340 -26.25 116.38 -57.86
N VAL A 341 -26.77 115.19 -57.55
CA VAL A 341 -28.20 115.04 -57.35
C VAL A 341 -28.64 115.72 -56.05
N SER A 342 -27.81 115.61 -55.01
CA SER A 342 -28.09 116.29 -53.75
C SER A 342 -26.77 116.53 -53.04
N SER A 343 -26.81 117.42 -52.04
CA SER A 343 -25.62 117.81 -51.30
C SER A 343 -25.56 117.23 -49.90
N ALA A 344 -26.53 116.40 -49.52
CA ALA A 344 -26.54 115.85 -48.17
C ALA A 344 -25.47 114.76 -48.03
N ALA A 345 -25.45 114.13 -46.86
CA ALA A 345 -24.48 113.09 -46.57
C ALA A 345 -24.90 111.78 -47.23
N ALA A 346 -23.95 110.85 -47.32
CA ALA A 346 -24.21 109.56 -47.95
C ALA A 346 -25.19 108.76 -47.10
N SER A 347 -26.14 108.12 -47.78
CA SER A 347 -27.16 107.32 -47.10
C SER A 347 -26.70 105.87 -47.06
N THR A 348 -26.57 105.32 -45.86
CA THR A 348 -26.04 103.99 -45.66
C THR A 348 -27.16 103.03 -45.29
N PHE A 349 -27.03 101.77 -45.71
CA PHE A 349 -28.09 100.80 -45.49
C PHE A 349 -27.51 99.40 -45.39
N ARG A 350 -28.23 98.53 -44.69
CA ARG A 350 -27.88 97.11 -44.54
C ARG A 350 -29.06 96.29 -45.00
N TYR A 351 -28.83 95.42 -45.99
CA TYR A 351 -29.93 94.71 -46.63
C TYR A 351 -30.54 93.68 -45.70
N THR A 352 -31.86 93.56 -45.75
CA THR A 352 -32.59 92.72 -44.81
C THR A 352 -32.53 91.24 -45.16
N SER A 353 -32.23 90.89 -46.41
CA SER A 353 -32.27 89.50 -46.85
C SER A 353 -31.09 89.24 -47.78
N THR A 354 -31.15 88.11 -48.48
CA THR A 354 -30.16 87.73 -49.48
C THR A 354 -30.84 87.58 -50.83
N GLY A 355 -30.05 87.73 -51.88
CA GLY A 355 -30.54 87.62 -53.24
C GLY A 355 -29.83 88.61 -54.13
N SER A 356 -30.55 89.07 -55.15
CA SER A 356 -30.06 90.09 -56.07
C SER A 356 -31.00 91.28 -56.02
N LYS A 357 -30.47 92.45 -55.71
CA LYS A 357 -31.24 93.66 -55.56
C LYS A 357 -30.84 94.67 -56.61
N ASN A 358 -31.78 95.52 -57.00
CA ASN A 358 -31.56 96.54 -58.03
C ASN A 358 -31.66 97.92 -57.37
N ALA A 359 -30.52 98.44 -56.94
CA ALA A 359 -30.49 99.80 -56.42
C ALA A 359 -30.66 100.76 -57.59
N ARG A 360 -31.77 101.50 -57.60
CA ARG A 360 -32.15 102.24 -58.79
C ARG A 360 -32.33 103.72 -58.47
N LEU A 361 -32.16 104.53 -59.52
CA LEU A 361 -32.41 105.97 -59.47
C LEU A 361 -33.26 106.33 -60.69
N ARG A 362 -34.33 107.08 -60.44
CA ARG A 362 -35.34 107.38 -61.46
C ARG A 362 -35.59 108.87 -61.53
N LEU A 363 -35.82 109.37 -62.74
CA LEU A 363 -36.20 110.76 -62.97
C LEU A 363 -37.68 110.81 -63.33
N TYR A 364 -38.43 111.65 -62.62
CA TYR A 364 -39.87 111.77 -62.77
C TYR A 364 -40.26 113.15 -63.26
N ASP A 365 -41.49 113.23 -63.76
CA ASP A 365 -42.10 114.47 -64.24
C ASP A 365 -43.40 114.72 -63.47
N GLY A 366 -44.19 115.67 -63.97
CA GLY A 366 -45.38 116.08 -63.23
C GLY A 366 -46.37 114.96 -62.99
N ALA A 367 -46.62 114.14 -64.02
CA ALA A 367 -47.60 113.08 -63.94
C ALA A 367 -47.01 111.76 -63.43
N ASN A 368 -45.83 111.80 -62.83
CA ASN A 368 -45.14 110.61 -62.34
C ASN A 368 -44.94 109.59 -63.46
N ASN A 369 -44.45 110.07 -64.59
CA ASN A 369 -44.07 109.22 -65.72
C ASN A 369 -42.56 109.04 -65.70
N VAL A 370 -42.12 107.79 -65.62
CA VAL A 370 -40.69 107.51 -65.56
C VAL A 370 -40.03 107.96 -66.86
N ILE A 371 -39.06 108.85 -66.75
CA ILE A 371 -38.38 109.39 -67.92
C ILE A 371 -37.09 108.61 -68.15
N ALA A 372 -36.18 108.66 -67.18
CA ALA A 372 -34.92 107.95 -67.25
C ALA A 372 -34.70 107.19 -65.95
N GLU A 373 -33.88 106.15 -66.02
CA GLU A 373 -33.65 105.31 -64.86
C GLU A 373 -32.31 104.60 -65.02
N LYS A 374 -31.57 104.50 -63.92
CA LYS A 374 -30.32 103.78 -63.85
C LYS A 374 -30.39 102.75 -62.74
N ILE A 375 -29.82 101.57 -62.96
CA ILE A 375 -29.87 100.47 -62.01
C ILE A 375 -28.47 99.93 -61.81
N VAL A 376 -28.07 99.77 -60.55
CA VAL A 376 -26.86 99.03 -60.18
C VAL A 376 -27.29 97.82 -59.38
N VAL A 377 -26.78 96.65 -59.76
CA VAL A 377 -27.22 95.39 -59.21
C VAL A 377 -26.26 94.96 -58.11
N ILE A 378 -26.81 94.65 -56.93
CA ILE A 378 -26.03 94.28 -55.75
C ILE A 378 -26.45 92.89 -55.33
N THR A 379 -25.48 91.99 -55.16
CA THR A 379 -25.74 90.60 -54.81
C THR A 379 -25.39 90.39 -53.35
N VAL A 380 -26.38 90.06 -52.52
CA VAL A 380 -26.19 89.85 -51.10
C VAL A 380 -26.29 88.36 -50.81
N SER A 381 -25.31 87.83 -50.08
CA SER A 381 -25.28 86.41 -49.76
C SER A 381 -24.31 86.17 -48.61
N ASN A 382 -24.77 85.45 -47.59
CA ASN A 382 -23.92 85.07 -46.45
C ASN A 382 -23.33 83.68 -46.69
N ALA A 383 -22.57 83.57 -47.77
CA ALA A 383 -22.09 82.27 -48.23
C ALA A 383 -20.90 81.79 -47.41
N GLY A 384 -19.79 82.53 -47.46
CA GLY A 384 -18.57 82.06 -46.83
C GLY A 384 -18.43 82.47 -45.38
N TYR A 385 -18.82 81.58 -44.47
CA TYR A 385 -18.69 81.83 -43.03
C TYR A 385 -18.21 80.55 -42.38
N THR A 386 -17.06 80.61 -41.72
CA THR A 386 -16.51 79.47 -40.99
C THR A 386 -16.63 79.73 -39.50
N LEU A 387 -17.18 78.76 -38.78
CA LEU A 387 -17.36 78.82 -37.34
C LEU A 387 -16.72 77.58 -36.72
N ALA A 388 -15.90 77.79 -35.70
CA ALA A 388 -15.19 76.71 -35.03
C ALA A 388 -15.50 76.74 -33.54
N LEU A 389 -15.92 75.61 -33.00
CA LEU A 389 -16.18 75.46 -31.57
C LEU A 389 -15.61 74.13 -31.12
N ALA A 390 -14.73 74.16 -30.12
CA ALA A 390 -14.06 72.96 -29.66
C ALA A 390 -14.03 72.95 -28.13
N LYS A 391 -13.88 71.75 -27.58
CA LYS A 391 -13.80 71.55 -26.14
C LYS A 391 -12.35 71.36 -25.74
N THR A 392 -11.82 72.29 -24.95
CA THR A 392 -10.42 72.26 -24.54
C THR A 392 -10.28 71.64 -23.14
N THR A 393 -10.65 70.37 -23.05
CA THR A 393 -10.48 69.61 -21.81
C THR A 393 -10.35 68.13 -22.17
N ALA A 394 -9.78 67.37 -21.24
CA ALA A 394 -9.47 65.97 -21.49
C ALA A 394 -10.74 65.13 -21.42
N ASP A 395 -10.56 63.82 -21.59
CA ASP A 395 -11.69 62.88 -21.61
C ASP A 395 -12.49 62.82 -20.30
N PRO A 396 -11.86 62.71 -19.11
CA PRO A 396 -12.62 62.28 -17.93
C PRO A 396 -13.55 63.34 -17.32
N VAL A 397 -13.87 64.39 -18.08
CA VAL A 397 -14.69 65.47 -17.55
C VAL A 397 -15.96 64.93 -16.92
N THR A 398 -16.22 65.35 -15.69
CA THR A 398 -17.39 64.97 -14.92
C THR A 398 -18.19 66.23 -14.57
N THR A 399 -19.19 66.07 -13.71
CA THR A 399 -19.96 67.20 -13.22
C THR A 399 -19.27 67.91 -12.06
N ASP A 400 -17.97 67.68 -11.89
CA ASP A 400 -17.20 68.27 -10.81
C ASP A 400 -16.38 69.47 -11.23
N ASP A 401 -15.99 69.55 -12.50
CA ASP A 401 -15.09 70.59 -12.98
C ASP A 401 -15.80 71.46 -14.03
N THR A 402 -15.40 72.72 -14.09
CA THR A 402 -15.95 73.64 -15.08
C THR A 402 -15.26 73.43 -16.41
N ILE A 403 -16.06 73.23 -17.46
CA ILE A 403 -15.56 72.89 -18.79
C ILE A 403 -15.39 74.16 -19.60
N ALA A 404 -14.28 74.24 -20.33
CA ALA A 404 -13.91 75.41 -21.12
C ALA A 404 -13.88 75.08 -22.60
N PHE A 405 -14.36 76.01 -23.42
CA PHE A 405 -14.42 75.85 -24.87
C PHE A 405 -13.56 76.91 -25.56
N SER A 406 -13.24 76.63 -26.81
CA SER A 406 -12.57 77.59 -27.69
C SER A 406 -13.44 77.85 -28.90
N ALA A 407 -13.55 79.11 -29.30
CA ALA A 407 -14.46 79.51 -30.36
C ALA A 407 -13.75 80.44 -31.35
N GLY A 408 -14.23 80.42 -32.58
CA GLY A 408 -13.69 81.25 -33.64
C GLY A 408 -14.69 81.48 -34.75
N ALA A 409 -14.74 82.70 -35.29
CA ALA A 409 -15.65 83.04 -36.37
C ALA A 409 -14.92 83.83 -37.44
N LYS A 410 -15.19 83.54 -38.70
CA LYS A 410 -14.55 84.29 -39.77
C LYS A 410 -15.40 84.22 -41.04
N HIS A 411 -15.18 85.20 -41.91
CA HIS A 411 -15.78 85.26 -43.23
C HIS A 411 -14.69 85.13 -44.30
N LEU A 412 -15.09 84.68 -45.48
CA LEU A 412 -14.13 84.53 -46.58
C LEU A 412 -13.44 85.85 -46.89
N SER A 413 -14.22 86.91 -47.11
CA SER A 413 -13.66 88.24 -47.30
C SER A 413 -14.71 89.25 -46.84
N SER A 414 -14.58 89.71 -45.59
CA SER A 414 -15.50 90.68 -45.02
C SER A 414 -14.90 91.19 -43.71
N THR A 415 -15.44 92.28 -43.22
CA THR A 415 -14.93 92.90 -42.00
C THR A 415 -16.07 93.37 -41.10
N SER A 416 -17.32 93.22 -41.53
CA SER A 416 -18.43 93.81 -40.81
C SER A 416 -18.59 93.17 -39.43
N GLN A 417 -19.34 93.86 -38.57
CA GLN A 417 -19.53 93.45 -37.19
C GLN A 417 -20.59 92.36 -37.12
N VAL A 418 -20.22 91.21 -36.56
CA VAL A 418 -21.08 90.03 -36.48
C VAL A 418 -21.13 89.62 -35.02
N TRP A 419 -22.30 89.14 -34.57
CA TRP A 419 -22.53 88.88 -33.15
C TRP A 419 -22.76 87.38 -32.92
N TRP A 420 -22.66 86.96 -31.65
CA TRP A 420 -22.73 85.55 -31.30
C TRP A 420 -23.54 85.31 -30.02
N THR A 421 -24.06 84.08 -29.91
CA THR A 421 -24.68 83.57 -28.69
C THR A 421 -24.26 82.11 -28.50
N ILE A 422 -24.32 81.64 -27.26
CA ILE A 422 -23.97 80.27 -26.93
C ILE A 422 -25.08 79.64 -26.12
N ASP A 423 -25.39 78.38 -26.41
CA ASP A 423 -26.45 77.65 -25.74
C ASP A 423 -25.88 76.33 -25.24
N TYR A 424 -26.08 76.06 -23.95
CA TYR A 424 -25.59 74.85 -23.33
C TYR A 424 -26.67 73.80 -23.12
N GLY A 425 -27.92 74.12 -23.41
CA GLY A 425 -29.01 73.18 -23.24
C GLY A 425 -30.22 73.81 -22.58
N ALA A 426 -29.97 74.76 -21.68
CA ALA A 426 -31.08 75.47 -21.04
C ALA A 426 -31.69 76.51 -21.97
N GLY A 427 -30.88 77.17 -22.78
CA GLY A 427 -31.37 78.16 -23.70
C GLY A 427 -30.26 79.08 -24.15
N GLU A 428 -30.60 79.87 -25.16
CA GLU A 428 -29.64 80.82 -25.71
C GLU A 428 -29.44 82.00 -24.76
N SER A 429 -28.20 82.47 -24.66
CA SER A 429 -27.92 83.67 -23.87
C SER A 429 -28.69 84.84 -24.44
N SER A 430 -29.36 85.59 -23.56
CA SER A 430 -30.29 86.62 -24.03
C SER A 430 -29.55 87.85 -24.58
N PRO A 431 -28.57 88.46 -23.88
CA PRO A 431 -27.90 89.62 -24.46
C PRO A 431 -26.82 89.18 -25.44
N ARG A 432 -27.10 89.36 -26.73
CA ARG A 432 -26.10 89.03 -27.74
C ARG A 432 -24.93 89.99 -27.62
N THR A 433 -23.72 89.45 -27.57
CA THR A 433 -22.52 90.27 -27.51
C THR A 433 -22.24 90.82 -28.90
N ALA A 434 -21.04 91.35 -29.12
CA ALA A 434 -20.64 91.86 -30.43
C ALA A 434 -19.21 91.45 -30.70
N LEU A 435 -19.03 90.54 -31.64
CA LEU A 435 -17.70 90.09 -32.04
C LEU A 435 -17.14 91.01 -33.12
N THR A 436 -15.96 91.54 -32.88
CA THR A 436 -15.30 92.44 -33.83
C THR A 436 -14.48 91.60 -34.80
N MET A 437 -14.90 91.57 -36.06
CA MET A 437 -14.27 90.75 -37.09
C MET A 437 -13.15 91.55 -37.73
N THR A 438 -11.91 91.12 -37.52
CA THR A 438 -10.75 91.75 -38.13
C THR A 438 -9.88 90.78 -38.92
N ASN A 439 -9.67 89.58 -38.41
CA ASN A 439 -8.93 88.56 -39.15
C ASN A 439 -9.83 87.96 -40.20
N VAL A 440 -9.33 87.89 -41.44
CA VAL A 440 -10.14 87.52 -42.60
C VAL A 440 -9.40 86.46 -43.40
N GLY A 441 -10.17 85.56 -44.00
CA GLY A 441 -9.63 84.60 -44.95
C GLY A 441 -8.72 83.58 -44.27
N ALA A 442 -7.50 83.44 -44.79
CA ALA A 442 -6.56 82.44 -44.26
C ALA A 442 -6.13 82.74 -42.83
N ALA A 443 -6.38 83.94 -42.33
CA ALA A 443 -6.02 84.27 -40.95
C ALA A 443 -6.84 83.45 -39.97
N ALA A 444 -6.27 83.23 -38.79
CA ALA A 444 -6.96 82.47 -37.77
C ALA A 444 -8.22 83.22 -37.32
N PRO A 445 -9.31 82.52 -37.01
CA PRO A 445 -10.55 83.20 -36.64
C PRO A 445 -10.37 84.08 -35.40
N ASN A 446 -11.34 84.96 -35.20
CA ASN A 446 -11.31 85.86 -34.06
C ASN A 446 -11.50 85.08 -32.76
N ALA A 447 -11.42 85.80 -31.65
CA ALA A 447 -11.45 85.20 -30.32
C ALA A 447 -12.79 85.45 -29.66
N ILE A 448 -13.49 84.37 -29.32
CA ILE A 448 -14.70 84.41 -28.50
C ILE A 448 -14.42 83.61 -27.24
N ALA A 449 -13.19 83.70 -26.74
CA ALA A 449 -12.77 82.94 -25.56
C ALA A 449 -13.56 83.33 -24.32
N SER A 450 -13.25 82.68 -23.20
CA SER A 450 -13.98 82.81 -21.94
C SER A 450 -15.36 82.17 -22.01
N LEU A 451 -15.50 81.14 -22.83
CA LEU A 451 -16.71 80.32 -22.86
C LEU A 451 -16.50 79.11 -21.95
N SER A 452 -17.32 79.01 -20.90
CA SER A 452 -17.15 77.94 -19.93
C SER A 452 -18.46 77.72 -19.21
N ASN A 453 -18.62 76.50 -18.70
CA ASN A 453 -19.81 76.13 -17.94
C ASN A 453 -19.58 74.81 -17.23
N GLN A 454 -20.20 74.69 -16.06
CA GLN A 454 -20.19 73.45 -15.27
C GLN A 454 -21.59 72.86 -15.26
N TYR A 455 -21.69 71.58 -15.58
CA TYR A 455 -22.98 70.93 -15.78
C TYR A 455 -23.48 70.28 -14.50
N THR A 456 -24.80 70.37 -14.28
CA THR A 456 -25.40 69.88 -13.06
C THR A 456 -25.53 68.36 -13.04
N SER A 457 -25.92 67.76 -14.16
CA SER A 457 -26.21 66.33 -14.21
C SER A 457 -25.45 65.70 -15.37
N GLY A 458 -25.10 64.42 -15.20
CA GLY A 458 -24.37 63.69 -16.21
C GLY A 458 -25.24 63.28 -17.38
N GLY A 459 -24.59 62.77 -18.41
CA GLY A 459 -25.29 62.34 -19.61
C GLY A 459 -24.58 62.71 -20.89
N THR A 460 -25.33 62.85 -21.98
CA THR A 460 -24.77 63.24 -23.28
C THR A 460 -25.12 64.71 -23.50
N LYS A 461 -24.26 65.58 -22.99
CA LYS A 461 -24.50 67.02 -23.08
C LYS A 461 -23.94 67.57 -24.40
N LEU A 462 -24.38 68.78 -24.74
CA LEU A 462 -24.00 69.42 -25.98
C LEU A 462 -23.81 70.91 -25.75
N ALA A 463 -23.29 71.58 -26.77
CA ALA A 463 -23.09 73.02 -26.74
C ALA A 463 -23.12 73.55 -28.17
N THR A 464 -23.94 74.58 -28.40
CA THR A 464 -24.09 75.16 -29.73
C THR A 464 -23.71 76.64 -29.68
N LEU A 465 -22.90 77.06 -30.66
CA LEU A 465 -22.54 78.45 -30.86
C LEU A 465 -23.24 78.94 -32.11
N ARG A 466 -24.07 79.97 -31.97
CA ARG A 466 -24.83 80.53 -33.07
C ARG A 466 -24.34 81.94 -33.35
N ILE A 467 -24.30 82.32 -34.62
CA ILE A 467 -23.77 83.62 -35.02
C ILE A 467 -24.85 84.37 -35.78
N TYR A 468 -25.14 85.59 -35.32
CA TYR A 468 -26.20 86.41 -35.85
C TYR A 468 -25.62 87.67 -36.49
N ASP A 469 -26.42 88.30 -37.34
CA ASP A 469 -26.00 89.47 -38.09
C ASP A 469 -26.74 90.75 -37.70
N ARG A 470 -27.47 90.75 -36.58
CA ARG A 470 -28.26 91.92 -36.19
C ARG A 470 -28.44 91.90 -34.67
N ASP A 471 -28.71 93.09 -34.11
CA ASP A 471 -29.00 93.17 -32.68
C ASP A 471 -30.27 92.41 -32.36
N GLY A 472 -30.36 91.82 -31.16
CA GLY A 472 -31.56 91.16 -30.69
C GLY A 472 -32.56 92.13 -30.08
N VAL A 473 -32.01 93.04 -29.27
CA VAL A 473 -32.66 94.17 -28.59
C VAL A 473 -34.12 93.89 -28.27
N GLY A 474 -35.00 94.80 -28.66
CA GLY A 474 -36.42 94.60 -28.45
C GLY A 474 -37.08 93.67 -29.44
N ALA A 475 -37.10 94.05 -30.73
CA ALA A 475 -37.92 93.33 -31.70
C ALA A 475 -37.12 92.72 -32.83
N ASN A 476 -36.27 93.49 -33.51
CA ASN A 476 -35.63 93.01 -34.73
C ASN A 476 -34.63 91.89 -34.41
N THR A 477 -34.53 90.94 -35.33
CA THR A 477 -33.47 89.94 -35.35
C THR A 477 -33.02 89.77 -36.79
N GLY A 478 -31.78 89.31 -36.96
CA GLY A 478 -31.24 89.16 -38.30
C GLY A 478 -31.44 87.78 -38.87
N LEU A 479 -30.35 87.05 -39.07
CA LEU A 479 -30.39 85.72 -39.65
C LEU A 479 -29.38 84.83 -38.96
N LEU A 480 -29.65 83.53 -38.98
CA LEU A 480 -28.66 82.55 -38.53
C LEU A 480 -27.55 82.45 -39.58
N LEU A 481 -26.48 83.22 -39.40
CA LEU A 481 -25.38 83.15 -40.34
C LEU A 481 -24.72 81.77 -40.32
N ALA A 482 -24.54 81.21 -39.12
CA ALA A 482 -23.96 79.88 -38.97
C ALA A 482 -24.21 79.39 -37.55
N SER A 483 -24.05 78.09 -37.36
CA SER A 483 -24.21 77.46 -36.07
C SER A 483 -23.30 76.24 -36.01
N THR A 484 -22.67 76.03 -34.85
CA THR A 484 -21.78 74.90 -34.62
C THR A 484 -22.24 74.17 -33.38
N THR A 485 -22.16 72.84 -33.40
CA THR A 485 -22.61 72.02 -32.29
C THR A 485 -21.55 71.00 -31.92
N VAL A 486 -21.26 70.87 -30.63
CA VAL A 486 -20.38 69.84 -30.11
C VAL A 486 -21.13 69.03 -29.07
N THR A 487 -20.76 67.76 -28.95
CA THR A 487 -21.39 66.84 -28.01
C THR A 487 -20.31 66.10 -27.23
N PHE A 488 -20.57 65.87 -25.95
CA PHE A 488 -19.64 65.14 -25.10
C PHE A 488 -20.39 64.55 -23.92
N THR A 489 -19.80 63.51 -23.33
CA THR A 489 -20.40 62.82 -22.20
C THR A 489 -19.84 63.36 -20.89
N VAL A 490 -20.73 63.61 -19.94
CA VAL A 490 -20.37 64.09 -18.62
C VAL A 490 -20.69 63.00 -17.61
N THR A 491 -19.66 62.46 -16.97
CA THR A 491 -19.86 61.43 -15.96
C THR A 491 -20.47 62.04 -14.70
N PRO A 492 -21.44 61.37 -14.08
CA PRO A 492 -22.05 61.90 -12.87
C PRO A 492 -21.35 61.40 -11.61
N VAL A 493 -21.59 62.14 -10.53
CA VAL A 493 -21.07 61.78 -9.21
C VAL A 493 -22.17 61.09 -8.44
N LEU A 494 -21.93 59.86 -8.04
CA LEU A 494 -22.92 59.04 -7.35
C LEU A 494 -22.59 58.92 -5.88
N TYR A 495 -23.61 58.66 -5.06
CA TYR A 495 -23.47 58.62 -3.62
C TYR A 495 -24.00 57.31 -3.07
N ALA A 496 -23.22 56.67 -2.22
CA ALA A 496 -23.64 55.48 -1.49
C ALA A 496 -23.90 55.86 -0.03
N LEU A 497 -24.51 54.93 0.71
CA LEU A 497 -24.91 55.20 2.07
C LEU A 497 -24.60 54.01 2.97
N GLU A 498 -24.07 54.29 4.15
CA GLU A 498 -23.82 53.30 5.18
C GLU A 498 -24.74 53.59 6.37
N SER A 499 -25.37 52.55 6.91
CA SER A 499 -26.41 52.73 7.91
C SER A 499 -26.21 51.75 9.06
N ALA A 500 -26.72 52.13 10.23
CA ALA A 500 -26.67 51.27 11.40
C ALA A 500 -27.73 51.70 12.40
N VAL A 501 -28.10 50.77 13.27
CA VAL A 501 -28.99 51.04 14.40
C VAL A 501 -28.25 50.64 15.67
N GLU A 502 -28.24 51.53 16.66
CA GLU A 502 -27.46 51.27 17.86
C GLU A 502 -27.93 50.05 18.65
N PRO A 503 -29.23 49.81 18.88
CA PRO A 503 -29.64 48.53 19.49
C PRO A 503 -29.84 47.41 18.50
N PHE A 504 -29.86 47.70 17.19
CA PHE A 504 -29.93 46.72 16.11
C PHE A 504 -31.29 46.05 16.04
N SER A 505 -32.12 46.28 17.05
CA SER A 505 -33.47 45.74 17.10
C SER A 505 -34.24 46.53 18.14
N PRO A 506 -34.83 47.66 17.76
CA PRO A 506 -35.48 48.53 18.75
C PRO A 506 -36.49 47.77 19.59
N ILE A 507 -36.35 47.88 20.91
CA ILE A 507 -37.31 47.25 21.81
C ILE A 507 -38.65 47.94 21.68
N ALA A 508 -39.72 47.18 21.89
CA ALA A 508 -41.07 47.58 21.50
C ALA A 508 -41.53 48.92 22.08
N THR A 509 -40.80 49.50 23.02
CA THR A 509 -41.20 50.81 23.53
C THR A 509 -40.07 51.82 23.70
N VAL A 510 -38.81 51.40 23.78
CA VAL A 510 -37.72 52.30 24.10
C VAL A 510 -37.24 52.99 22.83
N ALA A 511 -36.56 54.11 23.00
CA ALA A 511 -36.05 54.89 21.87
C ALA A 511 -34.92 54.15 21.17
N ALA A 512 -34.81 54.36 19.87
CA ALA A 512 -33.76 53.79 19.04
C ALA A 512 -33.10 54.89 18.22
N LYS A 513 -31.85 54.65 17.85
CA LYS A 513 -31.03 55.63 17.15
C LYS A 513 -30.53 55.04 15.83
N TRP A 514 -30.72 55.80 14.76
CA TRP A 514 -30.22 55.46 13.43
C TRP A 514 -29.02 56.34 13.11
N SER A 515 -27.97 55.73 12.58
CA SER A 515 -26.77 56.46 12.19
C SER A 515 -26.49 56.20 10.71
N PHE A 516 -26.18 57.26 9.98
CA PHE A 516 -25.94 57.19 8.55
C PHE A 516 -24.66 57.91 8.22
N ARG A 517 -24.04 57.51 7.10
CA ARG A 517 -22.86 58.18 6.58
C ARG A 517 -22.87 58.09 5.07
N ILE A 518 -22.70 59.22 4.41
CA ILE A 518 -22.82 59.34 2.96
C ILE A 518 -21.43 59.29 2.35
N GLN A 519 -21.25 58.46 1.32
CA GLN A 519 -19.96 58.23 0.70
C GLN A 519 -20.01 58.66 -0.76
N ARG A 520 -19.03 59.45 -1.17
CA ARG A 520 -19.00 60.03 -2.50
C ARG A 520 -18.20 59.15 -3.47
N SER A 521 -18.63 59.16 -4.74
CA SER A 521 -17.95 58.34 -5.75
C SER A 521 -16.51 58.81 -5.97
N LYS A 522 -16.30 60.12 -6.03
CA LYS A 522 -14.97 60.69 -6.20
C LYS A 522 -14.78 61.81 -5.21
N ALA A 523 -13.51 62.14 -4.95
CA ALA A 523 -13.20 63.16 -3.97
C ALA A 523 -13.74 64.52 -4.41
N THR A 524 -14.16 65.32 -3.43
CA THR A 524 -14.62 66.66 -3.72
C THR A 524 -13.46 67.49 -4.27
N PRO A 525 -13.74 68.45 -5.14
CA PRO A 525 -12.66 69.29 -5.69
C PRO A 525 -11.99 70.10 -4.58
N ALA A 526 -10.76 70.51 -4.85
CA ALA A 526 -9.94 71.13 -3.82
C ALA A 526 -10.44 72.54 -3.51
N GLY A 527 -11.40 72.65 -2.60
CA GLY A 527 -11.90 73.94 -2.17
C GLY A 527 -13.40 74.04 -2.07
N VAL A 528 -14.11 72.93 -2.32
CA VAL A 528 -15.56 72.91 -2.30
C VAL A 528 -16.02 72.03 -1.15
N THR A 529 -16.89 72.57 -0.30
CA THR A 529 -17.49 71.84 0.80
C THR A 529 -18.94 71.56 0.45
N GLU A 530 -19.31 70.28 0.46
CA GLU A 530 -20.66 69.88 0.10
C GLU A 530 -21.51 69.78 1.36
N SER A 531 -22.63 70.51 1.38
CA SER A 531 -23.56 70.47 2.49
C SER A 531 -24.86 69.87 1.98
N ILE A 532 -25.31 68.79 2.62
CA ILE A 532 -26.47 68.02 2.18
C ILE A 532 -27.50 68.03 3.28
N LYS A 533 -28.72 68.44 2.95
CA LYS A 533 -29.83 68.27 3.88
C LYS A 533 -30.37 66.85 3.76
N CYS A 534 -30.82 66.29 4.87
CA CYS A 534 -31.28 64.91 4.87
C CYS A 534 -32.52 64.77 5.72
N ALA A 535 -33.44 63.93 5.27
CA ALA A 535 -34.66 63.60 6.00
C ALA A 535 -34.82 62.09 6.02
N PHE A 536 -35.43 61.59 7.09
CA PHE A 536 -35.56 60.15 7.30
C PHE A 536 -36.94 59.84 7.86
N PHE A 537 -37.47 58.69 7.48
CA PHE A 537 -38.74 58.19 8.01
C PHE A 537 -38.60 56.67 8.13
N GLY A 538 -38.27 56.20 9.33
CA GLY A 538 -38.25 54.77 9.51
C GLY A 538 -39.48 54.20 10.19
N ALA A 539 -40.47 53.80 9.38
CA ALA A 539 -41.51 52.85 9.74
C ALA A 539 -42.06 52.98 11.16
N ASP A 540 -42.13 54.20 11.70
CA ASP A 540 -42.53 54.36 13.09
C ASP A 540 -43.98 54.82 13.23
N THR A 541 -44.31 55.98 12.66
CA THR A 541 -45.65 56.55 12.81
C THR A 541 -46.09 57.13 11.47
N GLY A 542 -47.41 57.27 11.34
CA GLY A 542 -47.98 57.96 10.19
C GLY A 542 -47.67 57.24 8.89
N THR A 543 -47.12 57.99 7.93
CA THR A 543 -46.81 57.45 6.62
C THR A 543 -45.64 58.23 6.03
N ALA A 544 -45.18 57.80 4.87
CA ALA A 544 -44.04 58.42 4.21
C ALA A 544 -44.43 59.72 3.52
N PRO A 545 -43.47 60.62 3.32
CA PRO A 545 -43.71 61.80 2.49
C PRO A 545 -43.80 61.42 1.03
N ALA A 546 -45.00 61.02 0.58
CA ALA A 546 -45.19 60.30 -0.67
C ALA A 546 -44.86 61.12 -1.92
N ASP A 547 -44.37 62.35 -1.80
CA ASP A 547 -43.98 63.14 -2.95
C ASP A 547 -42.63 63.79 -2.70
N LEU A 548 -41.90 64.07 -3.77
CA LEU A 548 -40.58 64.66 -3.64
C LEU A 548 -40.62 66.04 -3.00
N ALA A 549 -41.70 66.80 -3.23
CA ALA A 549 -41.83 68.10 -2.59
C ALA A 549 -41.92 67.95 -1.08
N ALA A 550 -42.67 66.95 -0.61
CA ALA A 550 -42.72 66.68 0.83
C ALA A 550 -41.35 66.26 1.34
N TRP A 551 -40.60 65.49 0.55
CA TRP A 551 -39.24 65.13 0.95
C TRP A 551 -38.37 66.36 1.10
N LEU A 552 -38.48 67.30 0.17
CA LEU A 552 -37.71 68.55 0.26
C LEU A 552 -38.10 69.34 1.50
N THR A 553 -39.40 69.46 1.76
CA THR A 553 -39.85 70.23 2.91
C THR A 553 -39.37 69.59 4.21
N ALA A 554 -39.42 68.25 4.29
CA ALA A 554 -38.91 67.57 5.48
C ALA A 554 -37.40 67.75 5.61
N ALA A 555 -36.67 67.66 4.51
CA ALA A 555 -35.22 67.78 4.56
C ALA A 555 -34.79 69.19 4.95
N ASN A 556 -35.63 70.19 4.68
CA ASN A 556 -35.36 71.55 5.13
C ASN A 556 -36.10 71.89 6.43
N GLY A 557 -36.94 70.99 6.92
CA GLY A 557 -37.72 71.25 8.10
C GLY A 557 -36.92 71.08 9.39
N ALA A 558 -37.65 71.09 10.50
CA ALA A 558 -37.02 70.93 11.81
C ALA A 558 -36.42 69.54 11.98
N GLY A 559 -37.05 68.52 11.40
CA GLY A 559 -36.54 67.17 11.51
C GLY A 559 -35.36 66.85 10.62
N GLY A 560 -35.06 67.70 9.65
CA GLY A 560 -33.92 67.46 8.78
C GLY A 560 -32.60 67.69 9.49
N LEU A 561 -31.56 67.09 8.93
CA LEU A 561 -30.22 67.20 9.48
C LEU A 561 -29.23 67.52 8.36
N THR A 562 -28.01 67.87 8.74
CA THR A 562 -27.01 68.36 7.79
C THR A 562 -25.80 67.44 7.78
N ALA A 563 -25.42 66.99 6.58
CA ALA A 563 -24.24 66.15 6.37
C ALA A 563 -23.23 66.93 5.55
N THR A 564 -21.99 66.99 6.05
CA THR A 564 -20.95 67.82 5.46
C THR A 564 -19.83 66.94 4.92
N ILE A 565 -19.44 67.20 3.67
CA ILE A 565 -18.27 66.61 3.07
C ILE A 565 -17.26 67.74 2.85
N LEU A 566 -16.17 67.71 3.62
CA LEU A 566 -15.15 68.73 3.51
C LEU A 566 -14.32 68.50 2.25
N PRO A 567 -13.58 69.52 1.80
CA PRO A 567 -12.89 69.41 0.51
C PRO A 567 -11.89 68.26 0.49
N SER A 568 -11.76 67.65 -0.69
CA SER A 568 -10.81 66.57 -0.94
C SER A 568 -11.07 65.37 -0.04
N SER A 569 -12.33 65.12 0.29
CA SER A 569 -12.71 63.99 1.13
C SER A 569 -13.85 63.22 0.48
N ILE A 570 -13.78 61.90 0.54
CA ILE A 570 -14.83 61.03 0.03
C ILE A 570 -15.98 60.91 1.02
N PRO A 571 -15.76 60.60 2.30
CA PRO A 571 -16.90 60.37 3.19
C PRO A 571 -17.34 61.62 3.94
N SER A 572 -18.62 61.62 4.31
CA SER A 572 -19.22 62.69 5.09
C SER A 572 -19.07 62.39 6.58
N ASP A 573 -19.78 63.16 7.41
CA ASP A 573 -19.81 62.92 8.84
C ASP A 573 -21.08 62.14 9.21
N ILE A 574 -21.07 61.60 10.43
CA ILE A 574 -22.16 60.74 10.88
C ILE A 574 -23.40 61.58 11.17
N ILE A 575 -24.55 61.11 10.69
CA ILE A 575 -25.83 61.77 10.89
C ILE A 575 -26.71 60.84 11.71
N SER A 576 -27.19 61.33 12.85
CA SER A 576 -27.92 60.50 13.81
C SER A 576 -29.35 61.00 13.93
N PHE A 577 -30.30 60.17 13.55
CA PHE A 577 -31.72 60.38 13.80
C PHE A 577 -32.14 59.53 14.99
N THR A 578 -33.17 59.99 15.70
CA THR A 578 -33.70 59.26 16.85
C THR A 578 -35.19 59.04 16.65
N ARG A 579 -35.62 57.78 16.71
CA ARG A 579 -37.02 57.45 16.49
C ARG A 579 -37.46 56.42 17.53
N THR A 580 -38.76 56.36 17.76
CA THR A 580 -39.33 55.44 18.74
C THR A 580 -40.37 54.56 18.05
N TYR A 581 -40.34 53.27 18.37
CA TYR A 581 -41.22 52.27 17.76
C TYR A 581 -42.12 51.70 18.86
N ALA A 582 -43.24 52.37 19.11
CA ALA A 582 -44.15 51.94 20.17
C ALA A 582 -44.79 50.60 19.87
N ALA A 583 -44.82 50.18 18.61
CA ALA A 583 -45.41 48.90 18.23
C ALA A 583 -44.37 47.79 18.33
N ALA A 584 -44.68 46.63 17.76
CA ALA A 584 -43.79 45.47 17.81
C ALA A 584 -43.86 44.79 16.44
N ALA A 585 -43.39 43.54 16.39
CA ALA A 585 -43.58 42.61 15.28
C ALA A 585 -42.42 42.63 14.29
N ALA A 586 -42.68 42.11 13.09
CA ALA A 586 -41.64 41.69 12.16
C ALA A 586 -41.00 42.83 11.38
N SER A 587 -40.31 42.46 10.30
CA SER A 587 -39.45 43.35 9.54
C SER A 587 -40.13 44.66 9.19
N LEU A 588 -39.31 45.72 9.11
CA LEU A 588 -39.73 47.03 8.63
C LEU A 588 -38.64 47.57 7.73
N GLN A 589 -38.85 48.77 7.19
CA GLN A 589 -37.86 49.38 6.31
C GLN A 589 -38.10 50.88 6.25
N GLY A 590 -37.10 51.66 6.65
CA GLY A 590 -37.21 53.10 6.57
C GLY A 590 -36.83 53.64 5.19
N LYS A 591 -37.02 54.95 5.03
CA LYS A 591 -36.71 55.63 3.79
C LYS A 591 -35.95 56.91 4.11
N LEU A 592 -34.82 57.11 3.42
CA LEU A 592 -33.99 58.29 3.59
C LEU A 592 -33.91 59.04 2.28
N GLN A 593 -33.97 60.37 2.35
CA GLN A 593 -33.80 61.21 1.17
C GLN A 593 -32.93 62.40 1.52
N CYS A 594 -31.91 62.65 0.72
CA CYS A 594 -31.00 63.77 0.92
C CYS A 594 -30.94 64.63 -0.33
N PHE A 595 -30.88 65.94 -0.10
CA PHE A 595 -30.87 66.95 -1.14
C PHE A 595 -29.61 67.80 -1.01
N ILE A 596 -28.90 67.97 -2.11
CA ILE A 596 -27.81 68.94 -2.22
C ILE A 596 -28.26 69.99 -3.22
N GLY A 597 -28.48 71.21 -2.74
CA GLY A 597 -28.98 72.27 -3.61
C GLY A 597 -30.30 71.92 -4.27
N SER A 598 -31.22 71.34 -3.51
CA SER A 598 -32.51 70.85 -4.01
C SER A 598 -32.37 69.75 -5.05
N THR A 599 -31.16 69.24 -5.26
CA THR A 599 -30.95 68.09 -6.14
C THR A 599 -31.01 66.82 -5.32
N PRO A 600 -31.87 65.86 -5.65
CA PRO A 600 -32.03 64.68 -4.79
C PRO A 600 -31.05 63.58 -5.09
N LEU A 601 -30.30 63.14 -4.09
CA LEU A 601 -29.56 61.89 -4.23
C LEU A 601 -30.56 60.73 -4.24
N TRP A 602 -30.38 59.79 -5.16
CA TRP A 602 -31.26 58.64 -5.32
C TRP A 602 -32.63 59.09 -5.83
N ASP A 603 -33.19 58.38 -6.82
CA ASP A 603 -34.33 58.97 -7.52
C ASP A 603 -35.58 59.07 -6.64
N PRO A 604 -36.25 57.97 -6.24
CA PRO A 604 -37.41 58.15 -5.35
C PRO A 604 -37.00 58.41 -3.91
N TYR A 605 -36.10 57.57 -3.39
CA TYR A 605 -35.57 57.63 -2.04
C TYR A 605 -34.59 56.47 -1.87
N TYR A 606 -33.93 56.39 -0.72
CA TYR A 606 -33.00 55.30 -0.44
C TYR A 606 -33.59 54.40 0.63
N PRO A 607 -34.12 53.22 0.28
CA PRO A 607 -34.72 52.34 1.30
C PRO A 607 -33.64 51.71 2.16
N THR A 608 -33.65 52.07 3.44
CA THR A 608 -32.64 51.64 4.38
C THR A 608 -32.79 50.15 4.69
N PRO A 609 -31.74 49.51 5.23
CA PRO A 609 -31.80 48.07 5.47
C PRO A 609 -32.91 47.68 6.42
N VAL A 610 -33.42 46.47 6.23
CA VAL A 610 -34.57 45.98 6.98
C VAL A 610 -34.18 45.65 8.41
N PHE A 611 -35.08 45.95 9.34
CA PHE A 611 -34.84 45.74 10.77
C PHE A 611 -36.10 45.18 11.41
N GLN A 612 -35.93 44.59 12.59
CA GLN A 612 -37.04 44.00 13.33
C GLN A 612 -37.11 44.61 14.72
N VAL A 613 -38.33 44.90 15.17
CA VAL A 613 -38.58 45.48 16.49
C VAL A 613 -39.02 44.37 17.43
N LEU A 614 -38.29 44.20 18.53
CA LEU A 614 -38.54 43.12 19.46
C LEU A 614 -39.46 43.55 20.59
N ALA A 615 -40.23 42.59 21.10
CA ALA A 615 -41.05 42.85 22.28
C ALA A 615 -40.18 43.10 23.51
N ALA A 616 -39.08 42.36 23.65
CA ALA A 616 -38.17 42.52 24.76
C ALA A 616 -36.74 42.31 24.27
N ALA A 617 -35.79 42.84 25.04
CA ALA A 617 -34.39 42.77 24.63
C ALA A 617 -33.91 41.32 24.64
N PRO A 618 -33.07 40.94 23.69
CA PRO A 618 -32.59 39.56 23.64
C PRO A 618 -31.56 39.28 24.72
N THR A 619 -31.39 38.01 25.03
CA THR A 619 -30.43 37.54 26.01
C THR A 619 -29.40 36.66 25.31
N TYR A 620 -28.13 36.90 25.62
CA TYR A 620 -27.02 36.15 25.01
C TYR A 620 -26.45 35.16 26.03
N THR A 621 -26.41 33.89 25.64
CA THR A 621 -25.89 32.82 26.48
C THR A 621 -24.55 32.36 25.93
N LEU A 622 -23.56 32.24 26.80
CA LEU A 622 -22.19 32.04 26.37
C LEU A 622 -21.61 30.73 26.90
N SER A 623 -20.53 30.31 26.25
CA SER A 623 -19.75 29.16 26.71
C SER A 623 -18.28 29.39 26.36
N ALA A 624 -17.39 28.91 27.22
CA ALA A 624 -15.97 29.14 27.05
C ALA A 624 -15.21 27.82 27.11
N SER A 625 -14.04 27.80 26.48
CA SER A 625 -13.20 26.62 26.47
C SER A 625 -11.73 27.00 26.27
N VAL A 626 -10.84 26.26 26.93
CA VAL A 626 -9.40 26.45 26.83
C VAL A 626 -8.77 25.13 26.38
N THR A 627 -7.99 25.18 25.31
CA THR A 627 -7.42 23.93 24.84
C THR A 627 -6.17 23.54 25.64
N PRO A 628 -5.20 24.44 25.90
CA PRO A 628 -4.11 24.04 26.81
C PRO A 628 -4.43 24.45 28.24
N ALA A 629 -5.30 23.66 28.89
CA ALA A 629 -5.82 24.05 30.19
C ALA A 629 -4.73 24.18 31.25
N VAL A 630 -3.57 23.58 31.03
CA VAL A 630 -2.40 23.76 31.89
C VAL A 630 -1.25 24.22 31.02
N VAL A 631 -0.77 25.43 31.26
CA VAL A 631 0.25 26.03 30.40
C VAL A 631 1.42 26.50 31.23
N PRO A 632 2.64 26.49 30.69
CA PRO A 632 3.75 27.19 31.35
C PRO A 632 3.66 28.68 31.08
N VAL A 633 4.43 29.44 31.86
CA VAL A 633 4.39 30.89 31.72
C VAL A 633 4.93 31.30 30.37
N ASP A 634 4.45 32.44 29.87
CA ASP A 634 4.94 33.06 28.64
C ASP A 634 4.70 32.19 27.41
N THR A 635 3.64 31.40 27.42
CA THR A 635 3.22 30.64 26.25
C THR A 635 1.75 30.93 25.97
N ALA A 636 1.38 30.81 24.69
CA ALA A 636 0.05 31.18 24.26
C ALA A 636 -0.99 30.15 24.68
N THR A 637 -2.18 30.63 25.03
CA THR A 637 -3.31 29.80 25.39
C THR A 637 -4.51 30.22 24.57
N LEU A 638 -5.35 29.26 24.18
CA LEU A 638 -6.47 29.53 23.29
C LEU A 638 -7.78 29.50 24.07
N TRP A 639 -8.40 30.67 24.20
CA TRP A 639 -9.74 30.80 24.77
C TRP A 639 -10.73 30.93 23.63
N THR A 640 -11.74 30.06 23.61
CA THR A 640 -12.79 30.10 22.60
C THR A 640 -14.13 30.33 23.27
N TYR A 641 -14.88 31.31 22.77
CA TYR A 641 -16.21 31.62 23.29
C TYR A 641 -17.24 31.39 22.20
N ASN A 642 -18.30 30.68 22.56
CA ASN A 642 -19.49 30.51 21.72
C ASN A 642 -20.61 31.35 22.30
N ILE A 643 -21.28 32.12 21.45
CA ILE A 643 -22.34 33.03 21.83
C ILE A 643 -23.61 32.61 21.11
N ILE A 644 -24.70 32.48 21.87
CA ILE A 644 -26.00 32.11 21.33
C ILE A 644 -27.01 33.18 21.69
N ARG A 645 -27.71 33.70 20.68
CA ARG A 645 -28.69 34.74 20.87
C ARG A 645 -30.07 34.12 21.05
N SER A 646 -30.89 34.74 21.91
CA SER A 646 -32.20 34.18 22.20
C SER A 646 -33.09 34.13 20.96
N VAL A 647 -33.07 35.20 20.17
CA VAL A 647 -33.85 35.24 18.93
C VAL A 647 -32.88 35.33 17.76
N PRO A 648 -33.22 34.84 16.57
CA PRO A 648 -32.31 34.95 15.44
C PRO A 648 -32.30 36.35 14.86
N VAL A 649 -31.19 36.66 14.18
CA VAL A 649 -31.04 37.92 13.45
C VAL A 649 -32.09 37.93 12.34
N PRO A 650 -32.66 39.09 11.99
CA PRO A 650 -33.62 39.13 10.88
C PRO A 650 -33.03 38.50 9.61
N ALA A 651 -33.84 37.67 8.97
CA ALA A 651 -33.35 36.85 7.86
C ALA A 651 -32.90 37.70 6.68
N GLY A 652 -33.65 38.75 6.36
CA GLY A 652 -33.33 39.57 5.20
C GLY A 652 -32.46 40.76 5.46
N GLY A 653 -31.94 40.92 6.69
CA GLY A 653 -31.22 42.11 7.04
C GLY A 653 -29.71 41.94 7.02
N PRO A 654 -29.01 42.87 7.66
CA PRO A 654 -27.54 42.81 7.71
C PRO A 654 -27.04 41.95 8.85
N SER A 655 -25.79 41.54 8.73
CA SER A 655 -25.16 40.76 9.78
C SER A 655 -24.94 41.62 11.01
N LEU A 656 -25.16 41.04 12.19
CA LEU A 656 -24.99 41.78 13.43
C LEU A 656 -23.52 41.76 13.83
N PRO A 657 -22.84 42.91 13.83
CA PRO A 657 -21.41 42.92 14.17
C PRO A 657 -21.16 43.10 15.65
N ILE A 658 -20.34 42.24 16.25
CA ILE A 658 -20.11 42.23 17.68
C ILE A 658 -18.62 42.33 17.96
N LEU A 659 -18.23 43.25 18.83
CA LEU A 659 -16.89 43.34 19.36
C LEU A 659 -16.85 42.66 20.72
N CYS A 660 -16.02 41.64 20.85
CA CYS A 660 -15.81 40.94 22.11
C CYS A 660 -14.54 41.48 22.76
N SER A 661 -14.67 42.03 23.96
CA SER A 661 -13.55 42.57 24.72
C SER A 661 -13.28 41.65 25.90
N PHE A 662 -12.01 41.25 26.06
CA PHE A 662 -11.65 40.11 26.88
C PHE A 662 -10.49 40.46 27.79
N TRP A 663 -10.65 40.18 29.07
CA TRP A 663 -9.60 40.33 30.07
C TRP A 663 -9.14 38.94 30.49
N ASP A 664 -7.82 38.72 30.45
CA ASP A 664 -7.25 37.40 30.58
C ASP A 664 -7.21 36.87 32.00
N GLY A 665 -7.51 37.70 33.01
CA GLY A 665 -7.58 37.23 34.37
C GLY A 665 -6.29 37.29 35.17
N LYS A 666 -5.18 37.69 34.54
CA LYS A 666 -3.92 37.83 35.26
C LYS A 666 -3.22 39.16 35.03
N THR A 667 -3.51 39.86 33.94
CA THR A 667 -2.95 41.16 33.64
C THR A 667 -3.77 42.19 34.44
N GLY A 668 -3.71 43.47 34.08
CA GLY A 668 -4.37 44.53 34.83
C GLY A 668 -5.84 44.29 35.15
N ALA A 669 -6.39 45.12 36.04
CA ALA A 669 -7.60 44.80 36.79
C ALA A 669 -8.88 44.84 35.97
N ALA A 670 -8.78 44.89 34.64
CA ALA A 670 -9.91 44.81 33.72
C ALA A 670 -10.77 46.07 33.77
N PRO A 671 -11.37 46.45 32.65
CA PRO A 671 -12.23 47.65 32.66
C PRO A 671 -13.57 47.37 33.32
N THR A 672 -14.07 48.38 34.03
CA THR A 672 -15.34 48.28 34.73
C THR A 672 -16.49 48.95 33.98
N THR A 673 -16.21 50.04 33.26
CA THR A 673 -17.22 50.74 32.50
C THR A 673 -17.20 50.28 31.05
N ASP A 674 -18.36 50.35 30.40
CA ASP A 674 -18.46 49.95 29.00
C ASP A 674 -17.58 50.79 28.10
N ALA A 675 -17.25 52.02 28.50
CA ALA A 675 -16.27 52.80 27.75
C ALA A 675 -14.92 52.12 27.77
N GLY A 676 -14.53 51.56 28.92
CA GLY A 676 -13.29 50.80 28.97
C GLY A 676 -13.32 49.54 28.13
N TRP A 677 -14.46 48.83 28.15
CA TRP A 677 -14.59 47.62 27.34
C TRP A 677 -14.50 47.94 25.86
N ALA A 678 -15.16 49.02 25.43
CA ALA A 678 -15.11 49.39 24.01
C ALA A 678 -13.77 50.00 23.64
N ALA A 679 -13.04 50.55 24.61
CA ALA A 679 -11.73 51.10 24.34
C ALA A 679 -10.74 50.03 23.91
N LEU A 680 -11.02 48.77 24.20
CA LEU A 680 -10.21 47.68 23.71
C LEU A 680 -10.44 47.50 22.22
N ALA A 681 -9.57 48.08 21.40
CA ALA A 681 -9.65 47.98 19.95
C ALA A 681 -9.11 46.63 19.52
N GLY A 682 -8.80 46.48 18.23
CA GLY A 682 -8.30 45.24 17.70
C GLY A 682 -7.00 44.75 18.31
N SER A 683 -6.50 45.47 19.33
CA SER A 683 -5.22 45.18 19.94
C SER A 683 -5.23 43.93 20.79
N ALA A 684 -5.43 42.76 20.17
CA ALA A 684 -5.20 41.46 20.78
C ALA A 684 -6.10 41.18 21.99
N ASN A 685 -6.96 42.13 22.33
CA ASN A 685 -7.90 41.95 23.43
C ASN A 685 -9.32 42.32 23.04
N GLY A 686 -9.55 42.86 21.85
CA GLY A 686 -10.87 43.06 21.32
C GLY A 686 -10.96 42.52 19.91
N LYS A 687 -11.90 41.62 19.66
CA LYS A 687 -11.99 40.94 18.37
C LYS A 687 -13.40 41.07 17.82
N GLY A 688 -13.50 41.28 16.51
CA GLY A 688 -14.77 41.50 15.87
C GLY A 688 -15.26 40.25 15.15
N THR A 689 -16.48 39.85 15.47
CA THR A 689 -17.15 38.75 14.79
C THR A 689 -18.54 39.22 14.35
N SER A 690 -19.34 38.32 13.79
CA SER A 690 -20.65 38.72 13.29
C SER A 690 -21.62 37.55 13.34
N MET A 691 -22.85 37.85 13.75
CA MET A 691 -23.97 36.93 13.63
C MET A 691 -24.54 37.07 12.23
N ALA A 692 -24.56 35.96 11.48
CA ALA A 692 -25.08 36.00 10.12
C ALA A 692 -26.60 36.15 10.15
N PRO A 693 -27.19 36.68 9.08
CA PRO A 693 -28.66 36.74 9.01
C PRO A 693 -29.27 35.36 9.12
N GLY A 694 -30.31 35.26 9.95
CA GLY A 694 -31.01 34.00 10.14
C GLY A 694 -30.34 33.03 11.08
N SER A 695 -29.19 33.37 11.64
CA SER A 695 -28.45 32.48 12.53
C SER A 695 -28.35 33.09 13.93
N THR A 696 -28.26 32.22 14.92
CA THR A 696 -28.25 32.64 16.32
C THR A 696 -26.98 32.18 17.04
N THR A 697 -25.84 32.20 16.35
CA THR A 697 -24.59 31.77 16.96
C THR A 697 -23.42 32.57 16.39
N ALA A 698 -22.42 32.78 17.25
CA ALA A 698 -21.17 33.40 16.85
C ALA A 698 -20.05 32.84 17.70
N THR A 699 -18.82 33.04 17.25
CA THR A 699 -17.66 32.49 17.93
C THR A 699 -16.52 33.49 17.92
N CYS A 700 -15.84 33.63 19.05
CA CYS A 700 -14.67 34.49 19.14
C CYS A 700 -13.53 33.73 19.81
N SER A 701 -12.31 34.19 19.55
CA SER A 701 -11.13 33.49 20.03
C SER A 701 -10.08 34.50 20.48
N PHE A 702 -9.41 34.18 21.58
CA PHE A 702 -8.35 35.01 22.14
C PHE A 702 -7.16 34.12 22.47
N THR A 703 -5.96 34.69 22.35
CA THR A 703 -4.72 33.94 22.54
C THR A 703 -3.76 34.72 23.43
N PRO A 704 -3.99 34.73 24.74
CA PRO A 704 -3.11 35.45 25.65
C PRO A 704 -1.95 34.60 26.15
N SER A 705 -0.95 35.29 26.70
CA SER A 705 0.22 34.68 27.28
C SER A 705 0.46 35.27 28.66
N TYR A 706 0.26 34.47 29.70
CA TYR A 706 0.39 34.92 31.07
C TYR A 706 1.86 34.93 31.50
N SER A 707 2.19 35.83 32.41
CA SER A 707 3.56 36.02 32.85
C SER A 707 3.70 35.86 34.36
N THR A 708 2.84 35.04 34.96
CA THR A 708 2.90 34.78 36.39
C THR A 708 2.10 33.51 36.68
N THR A 709 2.65 32.68 37.57
CA THR A 709 2.02 31.40 37.87
C THR A 709 0.71 31.60 38.63
N GLY A 710 -0.10 30.55 38.65
CA GLY A 710 -1.36 30.59 39.38
C GLY A 710 -2.55 30.11 38.60
N THR A 711 -3.72 30.70 38.84
CA THR A 711 -4.95 30.35 38.15
C THR A 711 -5.53 31.60 37.51
N ALA A 712 -5.99 31.47 36.27
CA ALA A 712 -6.49 32.61 35.50
C ALA A 712 -7.89 32.29 35.00
N THR A 713 -8.89 33.02 35.53
CA THR A 713 -10.25 32.96 35.02
C THR A 713 -10.58 34.27 34.35
N PRO A 714 -10.91 34.27 33.06
CA PRO A 714 -11.04 35.51 32.32
C PRO A 714 -12.46 36.06 32.35
N THR A 715 -12.61 37.27 31.81
CA THR A 715 -13.87 37.99 31.79
C THR A 715 -14.10 38.55 30.38
N LEU A 716 -15.35 38.62 29.95
CA LEU A 716 -15.64 39.04 28.58
C LEU A 716 -16.92 39.87 28.53
N GLN A 717 -16.92 40.87 27.64
CA GLN A 717 -18.10 41.69 27.38
C GLN A 717 -18.28 41.86 25.88
N LEU A 718 -19.53 41.73 25.43
CA LEU A 718 -19.87 41.95 24.03
C LEU A 718 -20.46 43.34 23.85
N ILE A 719 -20.12 43.98 22.74
CA ILE A 719 -20.59 45.32 22.42
C ILE A 719 -20.96 45.36 20.94
N GLN A 720 -22.08 45.99 20.64
CA GLN A 720 -22.46 46.13 19.23
C GLN A 720 -21.46 47.03 18.52
N ASN A 721 -20.75 46.47 17.56
CA ASN A 721 -19.65 47.17 16.89
C ASN A 721 -20.08 47.49 15.46
N SER A 722 -20.77 48.62 15.30
CA SER A 722 -21.12 49.12 13.99
C SER A 722 -20.05 50.10 13.52
N PHE A 723 -20.25 50.68 12.34
CA PHE A 723 -19.35 51.74 11.90
C PHE A 723 -19.51 52.99 12.76
N ALA A 724 -20.65 53.14 13.44
CA ALA A 724 -20.97 54.31 14.25
C ALA A 724 -20.80 54.06 15.73
N LEU A 725 -19.83 53.22 16.11
CA LEU A 725 -19.60 52.93 17.51
C LEU A 725 -19.07 54.18 18.21
N ASP A 726 -19.82 54.66 19.20
CA ASP A 726 -19.40 55.75 20.07
C ASP A 726 -19.06 55.13 21.42
N ALA A 727 -17.76 55.12 21.75
CA ALA A 727 -17.31 54.45 22.96
C ALA A 727 -17.90 55.07 24.22
N ALA A 728 -18.11 56.38 24.22
CA ALA A 728 -18.59 57.06 25.42
C ALA A 728 -19.99 56.60 25.82
N THR A 729 -20.88 56.42 24.83
CA THR A 729 -22.29 56.17 25.12
C THR A 729 -22.73 54.74 24.86
N THR A 730 -21.85 53.88 24.35
CA THR A 730 -22.25 52.53 23.99
C THR A 730 -22.63 51.72 25.23
N VAL A 731 -23.54 50.77 25.04
CA VAL A 731 -24.06 49.93 26.12
C VAL A 731 -23.71 48.48 25.81
N GLY A 732 -23.10 47.81 26.79
CA GLY A 732 -22.70 46.43 26.59
C GLY A 732 -23.89 45.49 26.56
N PHE A 733 -23.71 44.36 25.89
CA PHE A 733 -24.79 43.38 25.76
C PHE A 733 -25.10 42.70 27.09
N LEU A 734 -24.07 42.24 27.78
CA LEU A 734 -24.25 41.44 29.00
C LEU A 734 -24.25 42.37 30.20
N SER A 735 -25.38 42.42 30.92
CA SER A 735 -25.44 43.29 32.10
C SER A 735 -24.48 42.86 33.20
N PRO A 736 -24.35 41.56 33.56
CA PRO A 736 -23.13 41.15 34.24
C PRO A 736 -22.12 40.59 33.24
N VAL A 737 -20.86 41.01 33.36
CA VAL A 737 -19.84 40.53 32.44
C VAL A 737 -19.61 39.04 32.65
N TYR A 738 -19.49 38.30 31.55
CA TYR A 738 -19.40 36.85 31.63
C TYR A 738 -18.07 36.42 32.22
N THR A 739 -18.14 35.60 33.27
CA THR A 739 -16.96 35.01 33.89
C THR A 739 -17.01 33.50 33.65
N ALA A 740 -15.96 32.96 33.05
CA ALA A 740 -15.94 31.54 32.73
C ALA A 740 -15.91 30.72 34.02
N PRO A 741 -16.72 29.65 34.10
CA PRO A 741 -16.64 28.78 35.28
C PRO A 741 -15.30 28.11 35.45
N ALA A 742 -14.57 27.87 34.36
CA ALA A 742 -13.28 27.19 34.41
C ALA A 742 -12.16 28.22 34.48
N PHE A 743 -10.92 27.75 34.35
CA PHE A 743 -9.76 28.62 34.41
C PHE A 743 -8.58 27.89 33.79
N ALA A 744 -7.47 28.61 33.67
CA ALA A 744 -6.22 28.05 33.17
C ALA A 744 -5.19 28.05 34.29
N THR A 745 -4.48 26.94 34.42
CA THR A 745 -3.46 26.78 35.46
C THR A 745 -2.10 27.09 34.84
N VAL A 746 -1.52 28.21 35.24
CA VAL A 746 -0.24 28.66 34.72
C VAL A 746 0.86 28.14 35.64
N THR A 747 1.73 27.28 35.09
CA THR A 747 2.77 26.62 35.85
C THR A 747 4.13 27.26 35.60
N ALA A 748 5.04 27.02 36.53
CA ALA A 748 6.39 27.57 36.43
C ALA A 748 7.18 26.86 35.33
N ALA A 749 8.11 27.58 34.73
CA ALA A 749 8.91 27.06 33.64
C ALA A 749 9.97 26.09 34.15
N SER A 750 10.40 25.21 33.26
CA SER A 750 11.46 24.24 33.53
C SER A 750 12.70 24.60 32.73
N TYR A 751 13.79 23.88 33.00
CA TYR A 751 15.06 24.15 32.36
C TYR A 751 15.76 22.85 31.99
N THR A 752 16.52 22.90 30.90
CA THR A 752 17.34 21.80 30.44
C THR A 752 18.80 22.23 30.44
N ILE A 753 19.67 21.42 31.04
CA ILE A 753 21.06 21.81 31.26
C ILE A 753 21.98 20.83 30.55
N SER A 754 23.01 21.38 29.88
CA SER A 754 24.04 20.57 29.24
C SER A 754 25.39 21.23 29.44
N SER A 755 26.41 20.45 29.79
CA SER A 755 27.70 21.00 30.18
C SER A 755 28.82 20.35 29.39
N TYR A 756 29.91 21.09 29.24
CA TYR A 756 31.12 20.53 28.63
C TYR A 756 32.34 21.30 29.09
N LEU A 757 33.49 20.65 29.00
CA LEU A 757 34.77 21.21 29.43
C LEU A 757 35.62 21.54 28.21
N ASN A 758 36.34 22.67 28.26
CA ASN A 758 37.07 23.11 27.08
C ASN A 758 38.32 22.27 26.83
N PRO A 759 39.29 22.18 27.76
CA PRO A 759 40.26 21.10 27.64
C PRO A 759 39.67 19.82 28.21
N VAL A 760 39.28 18.88 27.36
CA VAL A 760 38.57 17.71 27.83
C VAL A 760 39.45 16.84 28.72
N THR A 761 40.76 17.00 28.65
CA THR A 761 41.71 16.30 29.51
C THR A 761 42.64 17.34 30.11
N PRO A 762 42.20 18.04 31.15
CA PRO A 762 43.05 19.07 31.75
C PRO A 762 44.28 18.47 32.40
N VAL A 763 45.34 19.28 32.48
CA VAL A 763 46.62 18.86 33.05
C VAL A 763 46.82 19.63 34.34
N ALA A 764 47.18 18.92 35.41
CA ALA A 764 47.38 19.52 36.72
C ALA A 764 48.48 20.57 36.68
N GLY A 765 48.11 21.84 36.87
CA GLY A 765 49.08 22.92 36.86
C GLY A 765 49.37 23.51 35.50
N GLY A 766 48.86 22.91 34.42
CA GLY A 766 49.11 23.40 33.09
C GLY A 766 48.26 24.60 32.74
N ALA A 767 46.94 24.41 32.73
CA ALA A 767 46.01 25.48 32.41
C ALA A 767 44.81 25.36 33.32
N ALA A 768 43.91 26.34 33.23
CA ALA A 768 42.70 26.37 34.03
C ALA A 768 41.54 25.85 33.20
N ALA A 769 40.96 24.73 33.64
CA ALA A 769 39.79 24.18 32.99
C ALA A 769 38.60 25.11 33.15
N VAL A 770 37.90 25.38 32.05
CA VAL A 770 36.76 26.29 32.06
C VAL A 770 35.52 25.49 31.67
N TRP A 771 34.67 25.20 32.65
CA TRP A 771 33.41 24.54 32.39
C TRP A 771 32.43 25.51 31.74
N ARG A 772 31.67 25.00 30.77
CA ARG A 772 30.61 25.76 30.12
C ARG A 772 29.31 25.03 30.31
N ILE A 773 28.30 25.74 30.82
CA ILE A 773 27.01 25.17 31.17
C ILE A 773 25.95 25.93 30.40
N VAL A 774 25.14 25.21 29.63
CA VAL A 774 24.12 25.78 28.77
C VAL A 774 22.76 25.46 29.38
N ILE A 775 21.95 26.49 29.60
CA ILE A 775 20.64 26.38 30.21
C ILE A 775 19.61 26.82 29.19
N THR A 776 18.65 25.94 28.91
CA THR A 776 17.56 26.20 27.97
C THR A 776 16.26 26.30 28.76
N ARG A 777 15.59 27.45 28.64
CA ARG A 777 14.34 27.67 29.35
C ARG A 777 13.18 26.99 28.62
N ASN A 778 12.13 26.68 29.38
CA ASN A 778 10.94 26.08 28.79
C ASN A 778 10.30 27.02 27.77
N ALA A 779 10.22 28.31 28.09
CA ALA A 779 9.59 29.28 27.21
C ALA A 779 10.44 30.54 27.17
N ALA A 780 10.14 31.40 26.20
CA ALA A 780 10.92 32.61 26.02
C ALA A 780 10.65 33.61 27.15
N VAL A 781 11.58 34.54 27.33
CA VAL A 781 11.50 35.56 28.36
C VAL A 781 10.65 36.70 27.83
N THR A 782 10.01 37.45 28.72
CA THR A 782 9.10 38.52 28.35
C THR A 782 9.50 39.82 29.03
N ALA A 783 9.80 40.84 28.22
CA ALA A 783 9.97 42.22 28.67
C ALA A 783 10.98 42.35 29.80
N SER A 784 11.98 41.47 29.83
CA SER A 784 12.97 41.50 30.89
C SER A 784 14.13 40.60 30.49
N ALA A 785 15.23 40.73 31.23
CA ALA A 785 16.35 39.82 31.14
C ALA A 785 16.34 38.92 32.37
N LYS A 786 16.32 37.61 32.15
CA LYS A 786 16.14 36.66 33.23
C LYS A 786 17.49 36.30 33.85
N THR A 787 17.65 36.58 35.14
CA THR A 787 18.88 36.29 35.85
C THR A 787 18.82 34.89 36.45
N LEU A 788 19.80 34.05 36.10
CA LEU A 788 19.93 32.71 36.65
C LEU A 788 21.23 32.62 37.42
N THR A 789 21.23 31.83 38.50
CA THR A 789 22.43 31.63 39.29
C THR A 789 22.86 30.17 39.20
N CYS A 790 24.10 29.95 38.80
CA CYS A 790 24.69 28.62 38.67
C CYS A 790 25.63 28.38 39.84
N GLN A 791 25.47 27.25 40.52
CA GLN A 791 26.29 26.89 41.66
C GLN A 791 26.92 25.54 41.41
N MET A 792 28.21 25.41 41.69
CA MET A 792 28.89 24.13 41.62
C MET A 792 29.20 23.65 43.02
N PRO A 793 28.41 22.72 43.58
CA PRO A 793 28.73 22.17 44.89
C PRO A 793 29.81 21.10 44.86
N ASP A 794 30.38 20.80 43.70
CA ASP A 794 31.43 19.80 43.60
C ASP A 794 32.15 19.94 42.26
N ASN A 795 33.48 20.10 42.31
CA ASN A 795 34.27 20.10 41.09
C ASN A 795 34.32 18.74 40.41
N GLY A 796 33.82 17.71 41.07
CA GLY A 796 33.99 16.34 40.65
C GLY A 796 35.01 15.57 41.47
N GLN A 797 35.85 16.28 42.23
CA GLN A 797 36.83 15.64 43.09
C GLN A 797 36.91 16.31 44.46
N GLY A 798 35.85 16.99 44.89
CA GLY A 798 35.89 17.74 46.12
C GLY A 798 36.35 19.17 45.88
N GLY A 799 35.57 20.13 46.36
CA GLY A 799 35.87 21.53 46.14
C GLY A 799 34.72 22.26 45.49
N SER A 800 34.69 23.59 45.61
CA SER A 800 33.57 24.34 45.07
C SER A 800 33.97 25.78 44.76
N PRO A 801 33.83 26.23 43.52
CA PRO A 801 34.03 27.63 43.20
C PRO A 801 32.79 28.45 43.52
N ALA A 802 32.96 29.77 43.54
CA ALA A 802 31.86 30.66 43.83
C ALA A 802 30.81 30.60 42.72
N ASP A 803 29.57 30.89 43.10
CA ASP A 803 28.47 30.84 42.15
C ASP A 803 28.62 31.93 41.09
N VAL A 804 28.08 31.66 39.91
CA VAL A 804 28.21 32.55 38.76
C VAL A 804 26.82 32.92 38.27
N THR A 805 26.60 34.21 38.00
CA THR A 805 25.31 34.69 37.53
C THR A 805 25.35 34.90 36.03
N ALA A 806 24.27 34.48 35.36
CA ALA A 806 24.12 34.63 33.93
C ALA A 806 22.76 35.24 33.62
N ASP A 807 22.63 35.76 32.40
CA ASP A 807 21.43 36.47 31.99
C ASP A 807 20.93 35.93 30.67
N ILE A 808 19.61 35.78 30.56
CA ILE A 808 18.94 35.38 29.33
C ILE A 808 18.24 36.61 28.77
N ALA A 809 18.43 36.86 27.48
CA ALA A 809 17.88 38.04 26.83
C ALA A 809 16.38 37.90 26.66
N VAL A 810 15.74 39.02 26.31
CA VAL A 810 14.29 39.05 26.17
C VAL A 810 13.84 38.10 25.08
N GLY A 811 14.51 38.13 23.93
CA GLY A 811 14.15 37.23 22.85
C GLY A 811 14.52 35.79 23.13
N GLY A 812 15.65 35.58 23.80
CA GLY A 812 16.23 34.26 23.89
C GLY A 812 15.58 33.34 24.91
N THR A 813 15.97 32.07 24.84
CA THR A 813 15.55 31.05 25.79
C THR A 813 16.74 30.31 26.38
N THR A 814 17.96 30.75 26.10
CA THR A 814 19.16 30.01 26.44
C THR A 814 20.21 30.94 27.00
N THR A 815 21.05 30.40 27.89
CA THR A 815 22.15 31.17 28.47
C THR A 815 23.28 30.21 28.81
N VAL A 816 24.45 30.78 29.12
CA VAL A 816 25.64 30.00 29.42
C VAL A 816 26.30 30.55 30.67
N CYS A 817 26.47 29.70 31.67
CA CYS A 817 27.34 29.97 32.79
C CYS A 817 28.73 29.41 32.50
N VAL A 818 29.75 30.05 33.07
CA VAL A 818 31.14 29.65 32.88
C VAL A 818 31.80 29.53 34.25
N PHE A 819 32.54 28.44 34.44
CA PHE A 819 33.23 28.16 35.71
C PHE A 819 34.71 27.99 35.40
N SER A 820 35.50 29.02 35.71
CA SER A 820 36.93 29.00 35.42
C SER A 820 37.66 28.48 36.67
N ILE A 821 38.01 27.20 36.65
CA ILE A 821 38.62 26.52 37.78
C ILE A 821 40.02 26.05 37.40
N ALA A 822 40.89 25.96 38.40
CA ALA A 822 42.29 25.61 38.19
C ALA A 822 42.78 24.48 39.09
N GLY A 823 42.31 24.41 40.32
CA GLY A 823 42.88 23.51 41.33
C GLY A 823 42.59 22.05 41.10
N TYR A 824 43.03 21.51 39.97
CA TYR A 824 42.76 20.12 39.61
C TYR A 824 43.99 19.26 39.78
N THR A 825 43.82 18.13 40.47
CA THR A 825 44.88 17.18 40.76
C THR A 825 44.39 15.77 40.48
N THR A 826 45.34 14.87 40.23
CA THR A 826 45.04 13.47 39.96
C THR A 826 45.25 12.58 41.17
N ALA A 827 45.26 13.16 42.38
CA ALA A 827 45.49 12.37 43.58
C ALA A 827 44.42 11.31 43.76
N THR A 828 43.15 11.70 43.62
CA THR A 828 42.07 10.73 43.60
C THR A 828 42.16 9.91 42.32
N PRO A 829 41.77 8.61 42.36
CA PRO A 829 41.87 7.77 41.16
C PRO A 829 41.23 8.36 39.91
N GLY A 830 39.94 8.71 39.98
CA GLY A 830 39.23 9.17 38.81
C GLY A 830 38.67 8.02 38.01
N PRO A 831 37.88 8.33 36.97
CA PRO A 831 37.51 9.64 36.45
C PRO A 831 36.47 10.33 37.31
N TYR A 832 36.28 11.64 37.12
CA TYR A 832 35.45 12.46 38.00
C TYR A 832 34.27 13.02 37.22
N PHE A 833 33.25 13.46 37.97
CA PHE A 833 32.07 14.07 37.38
C PHE A 833 31.52 15.11 38.34
N ALA A 834 31.27 16.31 37.83
CA ALA A 834 30.79 17.42 38.64
C ALA A 834 29.27 17.51 38.61
N THR A 835 28.73 18.20 39.61
CA THR A 835 27.30 18.46 39.71
C THR A 835 27.06 19.95 39.83
N VAL A 836 26.03 20.44 39.15
CA VAL A 836 25.71 21.85 39.09
C VAL A 836 24.23 22.05 39.36
N ASN A 837 23.90 23.13 40.06
CA ASN A 837 22.52 23.51 40.35
C ASN A 837 22.23 24.87 39.75
N VAL A 838 21.09 24.99 39.07
CA VAL A 838 20.63 26.25 38.50
C VAL A 838 19.43 26.70 39.30
N VAL A 839 19.50 27.92 39.84
CA VAL A 839 18.42 28.48 40.65
C VAL A 839 17.95 29.77 39.97
N ASP A 840 16.63 29.90 39.84
CA ASP A 840 16.02 31.08 39.25
C ASP A 840 15.11 31.82 40.23
N GLY A 841 14.07 31.16 40.74
CA GLY A 841 13.09 31.80 41.58
C GLY A 841 12.67 30.93 42.74
N ALA A 842 13.63 30.17 43.28
CA ALA A 842 13.39 29.02 44.15
C ALA A 842 12.83 27.83 43.38
N VAL A 843 13.10 27.78 42.07
CA VAL A 843 12.82 26.62 41.24
C VAL A 843 14.17 26.05 40.81
N THR A 844 14.68 25.09 41.57
CA THR A 844 16.05 24.62 41.44
C THR A 844 16.11 23.38 40.55
N THR A 845 17.08 23.36 39.64
CA THR A 845 17.32 22.21 38.77
C THR A 845 18.74 21.72 38.96
N SER A 846 18.87 20.42 39.24
CA SER A 846 20.17 19.79 39.41
C SER A 846 20.63 19.14 38.12
N HIS A 847 21.93 18.92 38.01
CA HIS A 847 22.49 18.35 36.79
C HIS A 847 23.82 17.69 37.11
N ILE A 848 23.93 16.39 36.81
CA ILE A 848 25.16 15.64 36.97
C ILE A 848 25.86 15.58 35.62
N THR A 849 27.14 15.95 35.60
CA THR A 849 27.91 16.00 34.36
C THR A 849 28.37 14.59 33.99
N LYS A 850 29.27 14.49 33.01
CA LYS A 850 29.81 13.23 32.55
C LYS A 850 31.28 13.12 32.92
N ASN A 851 31.80 11.89 32.86
CA ASN A 851 33.16 11.64 33.32
C ASN A 851 34.18 12.43 32.52
N PHE A 852 35.16 12.98 33.22
CA PHE A 852 36.35 13.57 32.64
C PHE A 852 37.56 13.11 33.43
N THR A 853 38.69 12.98 32.76
CA THR A 853 39.91 12.52 33.40
C THR A 853 40.96 13.62 33.38
N VAL A 854 41.87 13.57 34.36
CA VAL A 854 42.90 14.57 34.54
C VAL A 854 44.25 13.89 34.34
N LEU A 855 45.08 14.47 33.49
CA LEU A 855 46.40 13.92 33.23
C LEU A 855 47.36 14.29 34.36
N ALA A 856 48.44 13.51 34.47
CA ALA A 856 49.44 13.74 35.49
C ALA A 856 50.15 15.07 35.27
N SER A 857 50.71 15.61 36.34
CA SER A 857 51.38 16.90 36.27
C SER A 857 52.59 16.82 35.37
N GLY A 858 52.84 17.91 34.63
CA GLY A 858 54.01 18.04 33.80
C GLY A 858 53.91 17.46 32.41
N THR A 859 52.79 16.81 32.07
CA THR A 859 52.65 16.24 30.74
C THR A 859 52.22 17.30 29.74
N THR A 860 52.56 17.05 28.47
CA THR A 860 52.18 17.95 27.39
C THR A 860 50.74 17.70 26.99
N ALA A 861 49.99 18.79 26.82
CA ALA A 861 48.57 18.67 26.52
C ALA A 861 48.37 18.08 25.14
N PRO A 862 47.32 17.27 24.95
CA PRO A 862 47.04 16.71 23.61
C PRO A 862 46.52 17.78 22.66
N THR A 863 47.36 18.18 21.72
CA THR A 863 47.03 19.27 20.81
C THR A 863 46.12 18.77 19.69
N TYR A 864 45.75 19.68 18.79
CA TYR A 864 44.95 19.37 17.63
C TYR A 864 45.67 19.84 16.37
N ALA A 865 45.66 19.01 15.35
CA ALA A 865 46.26 19.36 14.07
C ALA A 865 45.31 18.97 12.95
N VAL A 866 45.20 19.83 11.93
CA VAL A 866 44.26 19.62 10.85
C VAL A 866 45.02 19.56 9.53
N THR A 867 44.59 18.66 8.66
CA THR A 867 45.05 18.54 7.29
C THR A 867 43.88 18.84 6.36
N SER A 868 44.19 19.07 5.09
CA SER A 868 43.19 19.59 4.17
C SER A 868 43.33 18.95 2.80
N VAL A 869 42.24 19.00 2.03
CA VAL A 869 42.23 18.52 0.65
C VAL A 869 41.12 19.24 -0.11
N VAL A 870 41.43 19.68 -1.31
CA VAL A 870 40.44 20.32 -2.20
C VAL A 870 40.16 19.35 -3.35
N SER A 871 38.88 19.07 -3.58
CA SER A 871 38.51 18.04 -4.54
C SER A 871 38.53 18.52 -5.98
N PRO A 872 37.96 19.69 -6.33
CA PRO A 872 38.08 20.16 -7.71
C PRO A 872 39.52 20.25 -8.21
N ALA A 873 40.46 20.62 -7.34
CA ALA A 873 41.88 20.69 -7.64
C ALA A 873 42.22 21.88 -8.54
N THR A 874 43.30 22.57 -8.21
CA THR A 874 43.74 23.71 -9.01
C THR A 874 44.20 23.24 -10.39
N PRO A 875 43.96 24.04 -11.44
CA PRO A 875 43.26 25.33 -11.45
C PRO A 875 41.75 25.16 -11.68
N VAL A 876 40.97 26.19 -11.34
CA VAL A 876 39.52 26.17 -11.52
C VAL A 876 39.11 27.46 -12.24
N LYS A 877 37.83 27.54 -12.57
CA LYS A 877 37.24 28.71 -13.21
C LYS A 877 36.41 29.50 -12.21
N VAL A 878 36.07 30.72 -12.60
CA VAL A 878 35.21 31.55 -11.76
C VAL A 878 33.85 30.89 -11.62
N SER A 879 33.34 30.87 -10.38
CA SER A 879 32.05 30.28 -10.06
C SER A 879 32.00 28.78 -10.34
N THR A 880 33.13 28.11 -10.18
CA THR A 880 33.18 26.65 -10.18
C THR A 880 32.99 26.15 -8.75
N PRO A 881 32.06 25.23 -8.50
CA PRO A 881 31.86 24.73 -7.13
C PRO A 881 33.13 24.04 -6.62
N VAL A 882 33.74 24.64 -5.60
CA VAL A 882 34.98 24.14 -5.04
C VAL A 882 34.72 23.72 -3.60
N THR A 883 35.04 22.47 -3.28
CA THR A 883 34.82 21.94 -1.94
C THR A 883 36.16 21.72 -1.24
N TYR A 884 36.16 21.95 0.07
CA TYR A 884 37.30 21.73 0.92
C TYR A 884 36.93 20.73 2.00
N THR A 885 37.78 19.73 2.22
CA THR A 885 37.62 18.78 3.30
C THR A 885 38.78 18.97 4.27
N PHE A 886 38.47 19.25 5.52
CA PHE A 886 39.46 19.44 6.57
C PHE A 886 39.31 18.33 7.61
N THR A 887 40.39 17.61 7.87
CA THR A 887 40.40 16.56 8.88
C THR A 887 41.14 17.08 10.10
N ILE A 888 40.48 17.01 11.26
CA ILE A 888 41.02 17.46 12.52
C ILE A 888 41.35 16.24 13.37
N THR A 889 42.58 16.19 13.87
CA THR A 889 43.11 15.01 14.57
C THR A 889 43.67 15.45 15.91
N ARG A 890 43.32 14.69 16.95
CA ARG A 890 43.82 14.90 18.30
C ARG A 890 44.92 13.88 18.59
N THR A 891 45.98 14.33 19.26
CA THR A 891 47.10 13.44 19.53
C THR A 891 46.69 12.23 20.37
N THR A 892 45.91 12.48 21.42
CA THR A 892 45.38 11.42 22.28
C THR A 892 43.87 11.39 22.16
N ALA A 893 43.32 10.20 21.98
CA ALA A 893 41.88 10.08 21.78
C ALA A 893 41.13 10.58 23.01
N VAL A 894 39.91 11.08 22.78
CA VAL A 894 39.07 11.52 23.89
C VAL A 894 38.81 10.34 24.81
N PRO A 895 38.77 10.52 26.12
CA PRO A 895 38.51 9.39 27.02
C PRO A 895 37.21 8.69 26.67
N ALA A 896 37.26 7.35 26.66
CA ALA A 896 36.12 6.54 26.27
C ALA A 896 34.99 6.58 27.29
N GLY A 897 35.23 7.12 28.49
CA GLY A 897 34.16 7.23 29.47
C GLY A 897 33.00 8.07 28.96
N GLY A 898 33.30 9.14 28.24
CA GLY A 898 32.28 9.88 27.53
C GLY A 898 32.03 11.30 28.00
N ILE A 899 32.63 12.25 27.29
CA ILE A 899 32.24 13.65 27.34
C ILE A 899 32.69 14.24 26.01
N PRO A 900 31.79 14.41 25.05
CA PRO A 900 32.23 14.71 23.68
C PRO A 900 32.89 16.07 23.58
N GLN A 901 33.69 16.23 22.53
CA GLN A 901 34.31 17.53 22.30
C GLN A 901 33.54 18.24 21.20
N PRO A 902 32.75 19.26 21.50
CA PRO A 902 32.03 19.98 20.45
C PRO A 902 32.95 21.02 19.82
N ILE A 903 33.03 20.99 18.49
CA ILE A 903 33.91 21.88 17.75
C ILE A 903 33.10 22.61 16.69
N ILE A 904 33.58 23.81 16.34
CA ILE A 904 32.97 24.65 15.32
C ILE A 904 34.07 25.12 14.40
N CYS A 905 34.00 24.73 13.13
CA CYS A 905 34.99 25.12 12.13
C CYS A 905 34.51 26.40 11.45
N GLU A 906 35.28 27.48 11.60
CA GLU A 906 35.05 28.71 10.88
C GLU A 906 36.06 28.78 9.74
N PHE A 907 35.56 28.88 8.51
CA PHE A 907 36.37 28.72 7.31
C PHE A 907 36.33 30.00 6.49
N PHE A 908 37.49 30.36 5.94
CA PHE A 908 37.64 31.56 5.13
C PHE A 908 38.05 31.17 3.72
N ASN A 909 37.37 31.77 2.73
CA ASN A 909 37.58 31.42 1.33
C ASN A 909 38.98 31.74 0.87
N GLY A 910 39.60 32.78 1.42
CA GLY A 910 40.88 33.24 0.94
C GLY A 910 40.81 34.27 -0.16
N GLU A 911 39.64 34.87 -0.37
CA GLU A 911 39.43 35.85 -1.44
C GLU A 911 39.13 37.25 -0.93
N GLY A 912 38.32 37.38 0.12
CA GLY A 912 37.89 38.68 0.58
C GLY A 912 38.93 39.48 1.33
N THR A 913 38.49 40.29 2.28
CA THR A 913 39.41 41.19 2.98
C THR A 913 40.32 40.44 3.95
N ALA A 914 39.98 39.19 4.30
CA ALA A 914 40.71 38.36 5.24
C ALA A 914 40.60 38.91 6.66
N PRO A 915 40.21 38.10 7.63
CA PRO A 915 39.98 38.62 8.98
C PRO A 915 41.27 38.92 9.73
N ALA A 916 41.12 39.40 10.95
CA ALA A 916 42.23 39.69 11.85
C ALA A 916 42.73 38.41 12.50
N SER A 917 43.45 38.54 13.61
CA SER A 917 44.02 37.41 14.34
C SER A 917 42.98 36.33 14.61
N ALA A 918 43.44 35.13 14.97
CA ALA A 918 42.59 33.94 14.97
C ALA A 918 41.30 34.15 15.75
N ALA A 919 41.36 34.91 16.85
CA ALA A 919 40.15 35.18 17.63
C ALA A 919 39.10 35.94 16.82
N ALA A 920 39.50 36.61 15.75
CA ALA A 920 38.56 37.33 14.89
C ALA A 920 37.93 36.43 13.85
N TYR A 921 38.27 35.15 13.81
CA TYR A 921 37.56 34.22 12.94
C TYR A 921 36.19 33.86 13.47
N TRP A 922 35.86 34.25 14.70
CA TRP A 922 34.54 34.03 15.30
C TRP A 922 33.59 35.12 14.80
N ARG A 923 33.18 34.97 13.54
CA ARG A 923 32.26 35.91 12.93
C ARG A 923 30.85 35.69 13.45
N VAL A 924 29.92 36.53 13.00
CA VAL A 924 28.52 36.45 13.40
C VAL A 924 27.72 35.84 12.25
N SER A 925 26.94 34.81 12.57
CA SER A 925 26.16 34.09 11.58
C SER A 925 24.72 33.96 12.07
N THR A 926 23.79 33.94 11.11
CA THR A 926 22.38 33.80 11.46
C THR A 926 22.06 32.37 11.90
N THR A 927 22.24 31.41 11.00
CA THR A 927 22.07 30.00 11.30
C THR A 927 23.43 29.32 11.27
N ILE A 928 23.71 28.50 12.29
CA ILE A 928 25.08 28.03 12.51
C ILE A 928 25.61 27.21 11.34
N PRO A 929 24.87 26.24 10.77
CA PRO A 929 25.42 25.53 9.61
C PRO A 929 25.28 26.32 8.31
N ASP A 930 25.95 27.47 8.25
CA ASP A 930 25.95 28.29 7.05
C ASP A 930 27.03 27.78 6.10
N ALA A 931 27.37 28.57 5.08
CA ALA A 931 28.34 28.16 4.07
C ALA A 931 29.79 28.27 4.55
N ASP A 932 30.06 28.94 5.67
CA ASP A 932 31.43 29.08 6.14
C ASP A 932 31.58 28.78 7.63
N THR A 933 30.61 28.13 8.26
CA THR A 933 30.72 27.68 9.63
C THR A 933 30.04 26.33 9.76
N VAL A 934 30.76 25.35 10.29
CA VAL A 934 30.28 23.98 10.36
C VAL A 934 30.39 23.47 11.79
N VAL A 935 29.34 22.82 12.26
CA VAL A 935 29.33 22.21 13.59
C VAL A 935 29.76 20.75 13.47
N ALA A 936 30.70 20.33 14.32
CA ALA A 936 31.09 18.94 14.40
C ALA A 936 31.25 18.57 15.87
N VAL A 937 31.23 17.27 16.14
CA VAL A 937 31.38 16.77 17.50
C VAL A 937 32.35 15.60 17.46
N MET A 938 33.54 15.77 18.03
CA MET A 938 34.47 14.66 18.17
C MET A 938 33.95 13.73 19.26
N ALA A 939 33.71 12.48 18.87
CA ALA A 939 33.00 11.53 19.70
C ALA A 939 33.84 11.15 20.92
N PRO A 940 33.21 10.60 21.96
CA PRO A 940 33.97 10.26 23.17
C PRO A 940 35.14 9.32 22.94
N GLY A 941 35.06 8.43 21.96
CA GLY A 941 36.08 7.43 21.76
C GLY A 941 37.08 7.66 20.64
N GLU A 942 36.97 8.76 19.90
CA GLU A 942 37.72 8.95 18.67
C GLU A 942 38.83 9.98 18.86
N THR A 943 39.60 10.19 17.79
CA THR A 943 40.61 11.23 17.74
C THR A 943 40.52 12.09 16.48
N THR A 944 39.65 11.74 15.53
CA THR A 944 39.57 12.42 14.26
C THR A 944 38.13 12.83 13.95
N THR A 945 37.99 13.89 13.17
CA THR A 945 36.70 14.36 12.72
C THR A 945 36.91 15.16 11.44
N THR A 946 35.80 15.50 10.78
CA THR A 946 35.85 16.15 9.47
C THR A 946 34.96 17.38 9.44
N CYS A 947 35.37 18.36 8.64
CA CYS A 947 34.61 19.57 8.36
C CYS A 947 34.66 19.83 6.87
N THR A 948 33.51 19.88 6.22
CA THR A 948 33.41 20.05 4.78
C THR A 948 32.77 21.39 4.45
N PHE A 949 33.36 22.08 3.47
CA PHE A 949 32.86 23.38 3.03
C PHE A 949 32.74 23.41 1.52
N THR A 950 31.80 24.20 1.02
CA THR A 950 31.64 24.46 -0.40
C THR A 950 31.68 25.96 -0.64
N THR A 951 32.32 26.37 -1.72
CA THR A 951 32.51 27.78 -1.98
C THR A 951 32.65 28.02 -3.48
N TYR A 952 32.39 29.27 -3.88
CA TYR A 952 32.53 29.72 -5.25
C TYR A 952 33.41 30.95 -5.25
N TYR A 953 34.45 30.94 -6.08
CA TYR A 953 35.28 32.12 -6.30
C TYR A 953 34.67 32.95 -7.42
N THR A 954 34.50 34.25 -7.16
CA THR A 954 33.86 35.14 -8.11
C THR A 954 34.82 36.14 -8.73
N THR A 955 36.13 35.94 -8.57
CA THR A 955 37.14 36.82 -9.14
C THR A 955 38.33 36.00 -9.56
N VAL A 956 39.10 36.53 -10.50
CA VAL A 956 40.26 35.85 -11.05
C VAL A 956 41.48 36.19 -10.19
N SER A 957 42.40 35.23 -10.11
CA SER A 957 43.67 35.45 -9.41
C SER A 957 44.64 34.36 -9.84
N ALA A 958 45.81 34.77 -10.31
CA ALA A 958 46.88 33.85 -10.66
C ALA A 958 47.84 33.75 -9.48
N GLY A 959 48.01 32.54 -8.95
CA GLY A 959 48.84 32.33 -7.79
C GLY A 959 48.28 32.98 -6.55
N GLY A 960 47.16 32.48 -6.06
CA GLY A 960 46.54 33.07 -4.90
C GLY A 960 45.40 32.22 -4.37
N PHE A 961 44.55 32.85 -3.56
CA PHE A 961 43.38 32.21 -2.95
C PHE A 961 43.80 31.02 -2.09
N THR A 962 44.54 31.34 -1.04
CA THR A 962 44.93 30.35 -0.03
C THR A 962 43.84 30.31 1.04
N ALA A 963 42.93 29.34 0.90
CA ALA A 963 41.82 29.22 1.83
C ALA A 963 42.33 28.86 3.22
N LYS A 964 41.66 29.39 4.25
CA LYS A 964 42.08 29.21 5.62
C LYS A 964 40.96 28.62 6.46
N LEU A 965 41.33 28.07 7.61
CA LEU A 965 40.37 27.48 8.54
C LEU A 965 40.82 27.75 9.96
N MET A 966 39.86 27.75 10.88
CA MET A 966 40.23 27.76 12.29
C MET A 966 39.05 27.20 13.08
N VAL A 967 39.34 26.31 14.04
CA VAL A 967 38.31 25.58 14.76
C VAL A 967 38.33 26.00 16.22
N PHE A 968 37.16 26.32 16.75
CA PHE A 968 36.97 26.65 18.15
C PHE A 968 36.26 25.49 18.85
N GLY A 969 36.48 25.37 20.16
CA GLY A 969 35.77 24.35 20.91
C GLY A 969 34.52 24.90 21.56
N GLU A 970 33.38 24.72 20.89
CA GLU A 970 32.11 25.25 21.36
C GLU A 970 30.98 24.39 20.80
N SER A 971 29.85 24.41 21.49
CA SER A 971 28.70 23.62 21.08
C SER A 971 27.82 24.43 20.13
N ALA A 972 26.98 23.69 19.38
CA ALA A 972 26.08 24.35 18.44
C ALA A 972 25.04 25.19 19.17
N THR A 973 24.57 24.72 20.32
CA THR A 973 23.54 25.46 21.06
C THR A 973 24.06 26.79 21.57
N ALA A 974 25.29 26.81 22.06
CA ALA A 974 25.85 28.02 22.67
C ALA A 974 26.54 28.93 21.67
N ALA A 975 26.67 28.51 20.41
CA ALA A 975 27.41 29.30 19.43
C ALA A 975 26.86 30.70 19.23
N PRO A 976 25.54 30.93 19.08
CA PRO A 976 25.07 32.30 18.82
C PRO A 976 24.94 33.16 20.06
N LEU A 977 25.53 32.74 21.18
CA LEU A 977 25.41 33.49 22.42
C LEU A 977 26.75 33.88 23.04
N LEU A 978 27.87 33.34 22.56
CA LEU A 978 29.17 33.60 23.20
C LEU A 978 29.50 35.09 23.20
N THR A 979 29.38 35.74 22.04
CA THR A 979 29.71 37.16 22.00
C THR A 979 28.59 38.00 22.61
N SER A 980 27.35 37.55 22.51
CA SER A 980 26.24 38.28 23.12
C SER A 980 26.36 38.31 24.64
N LEU A 981 26.85 37.24 25.24
CA LEU A 981 27.05 37.17 26.68
C LEU A 981 28.42 37.66 27.11
N SER A 982 29.27 38.07 26.17
CA SER A 982 30.61 38.58 26.44
C SER A 982 31.46 37.54 27.16
N VAL A 983 31.57 36.37 26.54
CA VAL A 983 32.44 35.30 27.00
C VAL A 983 33.28 34.85 25.81
N THR A 984 34.59 34.75 26.01
CA THR A 984 35.50 34.54 24.88
C THR A 984 35.44 33.09 24.41
N PRO A 985 35.19 32.84 23.13
CA PRO A 985 35.25 31.47 22.62
C PRO A 985 36.68 30.93 22.74
N SER A 986 36.77 29.62 22.96
CA SER A 986 38.05 28.99 23.25
C SER A 986 38.66 28.44 21.96
N GLN A 987 39.88 28.87 21.67
CA GLN A 987 40.60 28.38 20.50
C GLN A 987 41.07 26.94 20.74
N LEU A 988 41.24 26.21 19.63
CA LEU A 988 41.77 24.85 19.68
C LEU A 988 43.17 24.75 19.10
N LEU A 989 43.39 25.29 17.91
CA LEU A 989 44.72 25.29 17.31
C LEU A 989 45.52 26.49 17.79
N ALA A 990 46.85 26.35 17.72
CA ALA A 990 47.72 27.46 18.11
C ALA A 990 47.54 28.64 17.18
N ALA A 991 47.52 28.38 15.88
CA ALA A 991 47.34 29.43 14.87
C ALA A 991 46.51 28.86 13.73
N VAL A 992 45.92 29.78 12.95
CA VAL A 992 45.02 29.36 11.88
C VAL A 992 45.77 28.51 10.87
N HIS A 993 45.06 27.53 10.31
CA HIS A 993 45.63 26.61 9.34
C HIS A 993 45.31 27.09 7.93
N SER A 994 46.34 27.28 7.13
CA SER A 994 46.19 27.68 5.74
C SER A 994 46.40 26.47 4.83
N PHE A 995 45.73 26.49 3.68
CA PHE A 995 45.83 25.38 2.75
C PHE A 995 47.25 25.27 2.21
N ALA A 996 47.64 24.04 1.85
CA ALA A 996 49.00 23.78 1.41
C ALA A 996 49.34 24.56 0.15
N THR A 997 48.49 24.47 -0.87
CA THR A 997 48.79 25.13 -2.13
C THR A 997 47.72 26.14 -2.50
N PRO A 998 48.09 27.26 -3.11
CA PRO A 998 47.09 28.22 -3.57
C PRO A 998 46.33 27.69 -4.78
N MET A 999 45.17 28.29 -5.02
CA MET A 999 44.27 27.87 -6.09
C MET A 999 44.21 28.96 -7.16
N VAL A 1000 44.50 28.57 -8.40
CA VAL A 1000 44.47 29.50 -9.52
C VAL A 1000 43.06 29.48 -10.11
N VAL A 1001 42.42 30.65 -10.13
CA VAL A 1001 41.07 30.80 -10.66
C VAL A 1001 41.15 31.60 -11.95
N ALA A 1002 40.78 30.96 -13.05
CA ALA A 1002 40.71 31.64 -14.34
C ALA A 1002 39.28 32.11 -14.60
N ALA A 1003 39.16 33.04 -15.54
CA ALA A 1003 37.85 33.60 -15.86
C ALA A 1003 36.97 32.56 -16.54
N ALA A 1004 35.67 32.71 -16.34
CA ALA A 1004 34.72 31.85 -17.03
C ALA A 1004 34.73 32.15 -18.53
N VAL A 1005 34.40 31.15 -19.32
CA VAL A 1005 34.39 31.27 -20.77
C VAL A 1005 32.98 31.66 -21.22
N VAL A 1006 32.89 32.59 -22.16
CA VAL A 1006 31.63 33.10 -22.67
C VAL A 1006 31.64 32.96 -24.18
N ALA A 1007 30.56 32.43 -24.74
CA ALA A 1007 30.47 32.18 -26.17
C ALA A 1007 29.19 32.79 -26.73
N VAL A 1008 29.32 33.42 -27.89
CA VAL A 1008 28.17 33.90 -28.63
C VAL A 1008 27.65 32.74 -29.47
N GLU A 1009 26.77 31.93 -28.88
CA GLU A 1009 26.44 30.63 -29.47
C GLU A 1009 25.44 30.73 -30.61
N SER A 1010 24.59 31.75 -30.66
CA SER A 1010 23.58 31.80 -31.70
C SER A 1010 23.14 33.24 -31.94
N THR A 1011 22.76 33.51 -33.18
CA THR A 1011 22.17 34.78 -33.58
C THR A 1011 20.98 34.52 -34.48
N THR A 1012 19.89 35.25 -34.25
CA THR A 1012 18.65 35.06 -35.00
C THR A 1012 18.14 36.40 -35.51
N ILE A 1013 17.40 36.33 -36.62
CA ILE A 1013 16.80 37.48 -37.28
C ILE A 1013 15.29 37.32 -37.19
N SER A 1014 14.60 38.37 -36.73
CA SER A 1014 13.20 38.18 -36.42
C SER A 1014 12.37 37.95 -37.69
N PRO A 1015 12.20 38.94 -38.62
CA PRO A 1015 11.77 38.55 -39.96
C PRO A 1015 12.96 38.38 -40.89
N ASN A 1016 13.08 37.25 -41.56
CA ASN A 1016 14.25 36.99 -42.39
C ASN A 1016 13.85 36.38 -43.71
N TYR A 1017 14.54 36.80 -44.78
CA TYR A 1017 14.40 36.14 -46.07
C TYR A 1017 14.89 34.69 -45.98
N ASN A 1018 16.10 34.51 -45.47
CA ASN A 1018 16.66 33.23 -45.08
C ASN A 1018 17.48 33.49 -43.82
N PRO A 1019 17.80 32.43 -43.05
CA PRO A 1019 18.30 32.64 -41.68
C PRO A 1019 19.41 33.68 -41.50
N THR A 1020 20.05 34.12 -42.58
CA THR A 1020 21.15 35.07 -42.46
C THR A 1020 20.87 36.46 -43.04
N THR A 1021 19.82 36.61 -43.84
CA THR A 1021 19.57 37.89 -44.51
C THR A 1021 18.20 38.44 -44.13
N PRO A 1022 18.12 39.69 -43.68
CA PRO A 1022 16.82 40.31 -43.39
C PRO A 1022 16.16 40.90 -44.63
N TYR A 1023 15.04 41.59 -44.43
CA TYR A 1023 14.34 42.27 -45.51
C TYR A 1023 14.86 43.69 -45.63
N THR A 1024 14.19 44.52 -46.44
CA THR A 1024 14.55 45.92 -46.62
C THR A 1024 13.43 46.80 -46.11
N ASN A 1025 13.81 47.87 -45.39
CA ASN A 1025 12.86 48.85 -44.87
C ASN A 1025 11.81 48.20 -43.96
N ILE A 1026 12.23 47.20 -43.21
CA ILE A 1026 11.38 46.55 -42.21
C ILE A 1026 12.16 46.45 -40.91
N PRO A 1027 11.58 46.85 -39.77
CA PRO A 1027 12.31 46.76 -38.51
C PRO A 1027 12.68 45.34 -38.17
N THR A 1028 13.98 45.04 -38.21
CA THR A 1028 14.51 43.70 -38.04
C THR A 1028 15.21 43.60 -36.69
N TYR A 1029 14.92 42.55 -35.94
CA TYR A 1029 15.38 42.44 -34.56
C TYR A 1029 16.44 41.34 -34.48
N PHE A 1030 17.70 41.75 -34.36
CA PHE A 1030 18.80 40.81 -34.16
C PHE A 1030 18.80 40.34 -32.71
N THR A 1031 18.87 39.03 -32.51
CA THR A 1031 18.94 38.47 -31.16
C THR A 1031 20.20 37.63 -31.04
N PHE A 1032 21.07 37.99 -30.09
CA PHE A 1032 22.30 37.26 -29.83
C PHE A 1032 22.20 36.59 -28.48
N THR A 1033 22.47 35.28 -28.45
CA THR A 1033 22.40 34.49 -27.22
C THR A 1033 23.81 34.18 -26.75
N LEU A 1034 24.11 34.54 -25.51
CA LEU A 1034 25.39 34.27 -24.88
C LEU A 1034 25.26 33.12 -23.90
N LEU A 1035 26.27 32.24 -23.90
CA LEU A 1035 26.33 31.06 -23.05
C LEU A 1035 27.63 31.07 -22.26
N ARG A 1036 27.54 30.71 -20.99
CA ARG A 1036 28.68 30.73 -20.07
C ARG A 1036 28.84 29.35 -19.47
N ASP A 1037 30.03 28.76 -19.59
CA ASP A 1037 30.21 27.37 -19.22
C ASP A 1037 29.94 27.09 -17.75
N PRO A 1038 30.56 27.79 -16.78
CA PRO A 1038 30.09 27.66 -15.41
C PRO A 1038 28.92 28.59 -15.17
N PRO A 1039 27.72 28.07 -15.04
CA PRO A 1039 26.55 28.94 -14.87
C PRO A 1039 26.61 29.69 -13.56
N VAL A 1040 25.97 30.85 -13.54
CA VAL A 1040 25.99 31.68 -12.33
C VAL A 1040 25.42 30.88 -11.16
N PRO A 1041 26.12 30.76 -10.04
CA PRO A 1041 25.64 29.93 -8.94
C PRO A 1041 24.30 30.43 -8.43
N PRO A 1042 23.40 29.52 -8.07
CA PRO A 1042 22.09 29.96 -7.55
C PRO A 1042 22.20 30.79 -6.29
N SER A 1043 23.24 30.60 -5.50
CA SER A 1043 23.45 31.34 -4.27
C SER A 1043 24.24 32.62 -4.48
N ALA A 1044 24.40 33.07 -5.72
CA ALA A 1044 25.11 34.30 -5.99
C ALA A 1044 24.34 35.50 -5.45
N SER A 1045 25.10 36.54 -5.07
CA SER A 1045 24.47 37.77 -4.59
C SER A 1045 23.64 38.43 -5.69
N SER A 1046 24.18 38.45 -6.91
CA SER A 1046 23.48 39.04 -8.04
C SER A 1046 24.00 38.39 -9.32
N GLY A 1047 23.24 38.55 -10.39
CA GLY A 1047 23.66 38.02 -11.68
C GLY A 1047 24.85 38.75 -12.23
N VAL A 1048 25.39 38.19 -13.31
CA VAL A 1048 26.59 38.74 -13.97
C VAL A 1048 26.13 39.60 -15.14
N GLN A 1049 26.53 40.87 -15.13
CA GLN A 1049 26.07 41.79 -16.14
C GLN A 1049 27.03 41.81 -17.33
N PHE A 1050 26.47 42.09 -18.50
CA PHE A 1050 27.21 42.13 -19.75
C PHE A 1050 26.73 43.32 -20.58
N ALA A 1051 27.58 43.73 -21.52
CA ALA A 1051 27.24 44.78 -22.48
C ALA A 1051 27.54 44.28 -23.88
N CYS A 1052 26.50 44.12 -24.69
CA CYS A 1052 26.66 43.75 -26.09
C CYS A 1052 26.63 45.02 -26.93
N ALA A 1053 27.63 45.20 -27.78
CA ALA A 1053 27.75 46.34 -28.66
C ALA A 1053 27.62 45.87 -30.10
N LEU A 1054 26.81 46.58 -30.89
CA LEU A 1054 26.52 46.19 -32.26
C LEU A 1054 26.68 47.36 -33.20
N TYR A 1055 27.26 47.10 -34.36
CA TYR A 1055 27.31 48.03 -35.48
C TYR A 1055 26.72 47.31 -36.68
N THR A 1056 25.56 47.77 -37.14
CA THR A 1056 24.79 47.00 -38.12
C THR A 1056 25.43 46.96 -39.50
N GLY A 1057 26.44 47.78 -39.77
CA GLY A 1057 27.00 47.86 -41.09
C GLY A 1057 26.38 48.93 -41.97
N GLN A 1058 25.54 49.79 -41.41
CA GLN A 1058 24.89 50.89 -42.12
C GLN A 1058 25.45 52.21 -41.60
N ASN A 1059 25.19 53.27 -42.35
CA ASN A 1059 25.73 54.59 -42.03
C ASN A 1059 24.66 55.66 -42.16
N VAL A 1060 23.50 55.43 -41.56
CA VAL A 1060 22.40 56.38 -41.67
C VAL A 1060 22.34 57.29 -40.45
N ASN A 1061 22.13 56.73 -39.27
CA ASN A 1061 21.91 57.57 -38.10
C ASN A 1061 23.21 58.21 -37.63
N PRO A 1062 24.29 57.45 -37.37
CA PRO A 1062 25.58 58.12 -37.11
C PRO A 1062 26.16 58.79 -38.35
N ALA A 1063 25.68 58.42 -39.55
CA ALA A 1063 26.09 59.03 -40.81
C ALA A 1063 27.57 58.80 -41.11
N SER A 1064 28.25 58.01 -40.28
CA SER A 1064 29.66 57.74 -40.48
C SER A 1064 30.00 56.40 -39.84
N ALA A 1065 30.90 55.66 -40.50
CA ALA A 1065 31.39 54.42 -39.92
C ALA A 1065 32.23 54.73 -38.69
N PRO A 1066 32.35 53.78 -37.76
CA PRO A 1066 33.19 54.01 -36.59
C PRO A 1066 34.67 53.96 -36.95
N SER A 1067 35.54 54.00 -35.96
CA SER A 1067 36.96 53.83 -36.21
C SER A 1067 37.24 52.34 -36.42
N ALA A 1068 38.52 51.96 -36.40
CA ALA A 1068 38.88 50.57 -36.61
C ALA A 1068 38.18 49.67 -35.58
N ILE A 1069 38.17 48.38 -35.87
CA ILE A 1069 37.49 47.41 -35.02
C ILE A 1069 38.28 47.30 -33.71
N THR A 1070 37.81 47.99 -32.67
CA THR A 1070 38.58 48.11 -31.44
C THR A 1070 37.63 48.30 -30.26
N ASP A 1071 37.94 47.64 -29.14
CA ASP A 1071 37.12 47.82 -27.94
C ASP A 1071 37.13 49.27 -27.48
N ALA A 1072 38.26 49.96 -27.63
CA ALA A 1072 38.34 51.37 -27.23
C ALA A 1072 37.34 52.23 -27.98
N VAL A 1073 36.90 51.80 -29.16
CA VAL A 1073 35.90 52.54 -29.91
C VAL A 1073 34.53 51.87 -29.88
N TYR A 1074 34.46 50.58 -29.54
CA TYR A 1074 33.17 49.90 -29.41
C TYR A 1074 32.59 49.99 -28.00
N LYS A 1075 33.37 50.47 -27.03
CA LYS A 1075 32.81 50.78 -25.72
C LYS A 1075 32.11 52.12 -25.69
N THR A 1076 32.30 52.95 -26.72
CA THR A 1076 31.80 54.32 -26.74
C THR A 1076 30.36 54.44 -27.21
N PHE A 1077 29.78 53.38 -27.76
CA PHE A 1077 28.43 53.46 -28.30
C PHE A 1077 27.43 53.83 -27.21
N THR A 1078 26.46 54.67 -27.59
CA THR A 1078 25.47 55.14 -26.63
C THR A 1078 24.63 53.99 -26.09
N ASP A 1079 24.27 54.08 -24.81
CA ASP A 1079 23.46 53.05 -24.18
C ASP A 1079 21.99 53.27 -24.54
N VAL A 1080 21.41 52.32 -25.26
CA VAL A 1080 20.02 52.42 -25.68
C VAL A 1080 19.25 51.22 -25.15
N THR A 1081 19.65 50.71 -23.99
CA THR A 1081 18.93 49.61 -23.37
C THR A 1081 17.52 50.03 -22.97
N THR A 1082 17.31 51.32 -22.75
CA THR A 1082 16.03 51.86 -22.32
C THR A 1082 15.40 52.74 -23.40
N ALA A 1083 15.53 52.35 -24.66
CA ALA A 1083 15.07 53.14 -25.78
C ALA A 1083 13.72 52.65 -26.26
N VAL A 1084 12.86 53.59 -26.64
CA VAL A 1084 11.53 53.29 -27.16
C VAL A 1084 11.49 53.68 -28.64
N ALA A 1085 10.43 53.24 -29.32
CA ALA A 1085 10.33 53.45 -30.76
C ALA A 1085 10.17 54.91 -31.14
N THR A 1086 9.72 55.77 -30.22
CA THR A 1086 9.46 57.16 -30.57
C THR A 1086 10.75 57.94 -30.77
N ASP A 1087 11.73 57.77 -29.89
CA ASP A 1087 12.94 58.59 -29.95
C ASP A 1087 13.81 58.18 -31.13
N ALA A 1088 14.64 59.13 -31.57
CA ALA A 1088 15.43 58.96 -32.79
C ALA A 1088 16.56 57.96 -32.63
N ASN A 1089 16.92 57.57 -31.42
CA ASN A 1089 18.02 56.64 -31.19
C ASN A 1089 17.60 55.18 -31.27
N TYR A 1090 16.31 54.90 -31.48
CA TYR A 1090 15.83 53.52 -31.44
C TYR A 1090 16.47 52.68 -32.54
N PHE A 1091 16.56 53.21 -33.75
CA PHE A 1091 17.15 52.50 -34.88
C PHE A 1091 18.58 52.95 -35.17
N ALA A 1092 19.31 53.38 -34.15
CA ALA A 1092 20.69 53.81 -34.34
C ALA A 1092 21.54 52.65 -34.82
N ASP A 1093 22.50 52.97 -35.69
CA ASP A 1093 23.35 51.95 -36.29
C ASP A 1093 24.50 51.51 -35.40
N GLN A 1094 24.67 52.16 -34.25
CA GLN A 1094 25.74 51.82 -33.31
C GLN A 1094 25.11 51.80 -31.91
N GLN A 1095 24.89 50.61 -31.38
CA GLN A 1095 24.13 50.46 -30.14
C GLN A 1095 24.94 49.66 -29.12
N LEU A 1096 24.64 49.91 -27.84
CA LEU A 1096 25.21 49.14 -26.74
C LEU A 1096 24.09 48.86 -25.74
N ARG A 1097 23.84 47.58 -25.47
CA ARG A 1097 22.75 47.17 -24.59
C ARG A 1097 23.31 46.30 -23.48
N VAL A 1098 22.90 46.59 -22.24
CA VAL A 1098 23.40 45.89 -21.06
C VAL A 1098 22.35 44.89 -20.60
N VAL A 1099 22.76 43.64 -20.46
CA VAL A 1099 21.87 42.58 -19.99
C VAL A 1099 22.47 41.96 -18.73
N THR A 1100 21.74 41.04 -18.11
CA THR A 1100 22.17 40.44 -16.86
C THR A 1100 21.83 38.96 -16.85
N MET A 1101 22.72 38.17 -16.26
CA MET A 1101 22.55 36.73 -16.09
C MET A 1101 22.12 36.47 -14.66
N ALA A 1102 20.91 35.93 -14.49
CA ALA A 1102 20.37 35.67 -13.17
C ALA A 1102 21.00 34.42 -12.57
N PRO A 1103 21.11 34.36 -11.24
CA PRO A 1103 21.62 33.14 -10.60
C PRO A 1103 20.74 31.94 -10.95
N GLY A 1104 21.40 30.84 -11.28
CA GLY A 1104 20.73 29.65 -11.77
C GLY A 1104 20.64 29.57 -13.28
N THR A 1105 20.76 30.69 -13.97
CA THR A 1105 20.83 30.75 -15.42
C THR A 1105 22.30 30.66 -15.84
N GLY A 1106 22.62 31.12 -17.04
CA GLY A 1106 23.85 30.77 -17.70
C GLY A 1106 23.69 30.84 -19.20
N ARG A 1107 22.46 31.10 -19.63
CA ARG A 1107 22.18 31.51 -21.00
C ARG A 1107 21.36 32.79 -20.97
N VAL A 1108 21.83 33.83 -21.66
CA VAL A 1108 21.14 35.11 -21.71
C VAL A 1108 21.13 35.57 -23.17
N SER A 1109 20.39 36.65 -23.44
CA SER A 1109 20.31 37.14 -24.81
C SER A 1109 20.08 38.65 -24.82
N CYS A 1110 20.66 39.31 -25.82
CA CYS A 1110 20.41 40.73 -26.06
C CYS A 1110 19.88 40.92 -27.47
N THR A 1111 18.90 41.83 -27.59
CA THR A 1111 18.18 42.05 -28.85
C THR A 1111 18.31 43.50 -29.27
N PHE A 1112 18.69 43.70 -30.53
CA PHE A 1112 18.90 45.02 -31.13
C PHE A 1112 17.89 45.24 -32.25
N PRO A 1113 17.10 46.31 -32.22
CA PRO A 1113 16.34 46.68 -33.41
C PRO A 1113 17.21 47.38 -34.44
N THR A 1114 16.98 47.09 -35.71
CA THR A 1114 17.71 47.67 -36.81
C THR A 1114 16.73 47.96 -37.94
N LEU A 1115 17.15 48.80 -38.87
CA LEU A 1115 16.34 49.12 -40.05
C LEU A 1115 17.26 49.51 -41.18
N TYR A 1116 17.19 48.78 -42.29
CA TYR A 1116 18.02 49.02 -43.45
C TYR A 1116 17.21 49.70 -44.54
N ALA A 1117 17.71 50.84 -45.03
CA ALA A 1117 17.03 51.61 -46.06
C ALA A 1117 17.63 51.39 -47.44
N ALA A 1118 18.45 50.36 -47.60
CA ALA A 1118 19.07 50.08 -48.89
C ALA A 1118 19.32 48.58 -48.97
N ALA A 1119 20.01 48.15 -50.02
CA ALA A 1119 20.29 46.74 -50.24
C ALA A 1119 21.75 46.40 -50.41
N GLY A 1120 22.64 47.39 -50.53
CA GLY A 1120 24.05 47.14 -50.71
C GLY A 1120 24.61 46.28 -49.60
N PRO A 1121 25.53 45.38 -49.94
CA PRO A 1121 25.95 44.34 -48.99
C PRO A 1121 26.47 44.94 -47.69
N PHE A 1122 26.07 44.34 -46.58
CA PHE A 1122 26.38 44.83 -45.25
C PHE A 1122 27.27 43.84 -44.53
N SER A 1123 27.77 44.25 -43.36
CA SER A 1123 28.62 43.37 -42.57
C SER A 1123 28.63 43.83 -41.11
N PRO A 1124 27.60 43.47 -40.34
CA PRO A 1124 27.54 43.93 -38.95
C PRO A 1124 28.63 43.31 -38.09
N LYS A 1125 29.04 44.07 -37.07
CA LYS A 1125 30.07 43.65 -36.13
C LYS A 1125 29.51 43.67 -34.71
N PHE A 1126 30.00 42.74 -33.89
CA PHE A 1126 29.44 42.47 -32.58
C PHE A 1126 30.56 42.33 -31.56
N PHE A 1127 30.37 42.92 -30.39
CA PHE A 1127 31.33 42.85 -29.30
C PHE A 1127 30.60 42.54 -28.01
N VAL A 1128 31.26 41.80 -27.12
CA VAL A 1128 30.73 41.48 -25.80
C VAL A 1128 31.73 41.97 -24.75
N PHE A 1129 31.25 42.70 -23.76
CA PHE A 1129 32.08 43.17 -22.67
C PHE A 1129 31.46 42.75 -21.34
N GLU A 1130 32.30 42.48 -20.35
CA GLU A 1130 31.81 42.31 -18.99
C GLU A 1130 31.43 43.67 -18.44
N TYR A 1131 30.30 43.75 -17.75
CA TYR A 1131 29.78 45.01 -17.23
C TYR A 1131 30.05 45.12 -15.75
N ALA A 1132 30.86 46.12 -15.37
CA ALA A 1132 31.09 46.44 -13.97
C ALA A 1132 29.96 47.30 -13.44
N SER A 1133 30.15 47.90 -12.27
CA SER A 1133 29.13 48.76 -11.69
C SER A 1133 28.98 50.03 -12.53
N SER A 1134 28.05 49.99 -13.49
CA SER A 1134 27.68 51.11 -14.35
C SER A 1134 28.80 51.56 -15.27
N THR A 1135 29.89 50.80 -15.37
CA THR A 1135 30.96 51.10 -16.30
C THR A 1135 31.33 49.84 -17.08
N VAL A 1136 31.55 50.00 -18.38
CA VAL A 1136 31.92 48.87 -19.22
C VAL A 1136 33.29 48.35 -18.81
N GLY A 1137 33.51 47.06 -19.09
CA GLY A 1137 34.76 46.42 -18.72
C GLY A 1137 35.60 46.01 -19.89
N ALA A 1138 36.12 44.78 -19.87
CA ALA A 1138 36.97 44.26 -20.92
C ALA A 1138 36.22 43.23 -21.75
N ASN A 1139 36.83 42.84 -22.86
CA ASN A 1139 36.20 41.91 -23.78
C ASN A 1139 35.87 40.60 -23.07
N ALA A 1140 34.66 40.09 -23.31
CA ALA A 1140 34.16 38.94 -22.57
C ALA A 1140 34.67 37.61 -23.11
N LEU A 1141 35.42 37.61 -24.21
CA LEU A 1141 36.02 36.39 -24.73
C LEU A 1141 37.44 36.18 -24.23
N ALA A 1142 37.87 36.95 -23.24
CA ALA A 1142 39.15 36.82 -22.55
C ALA A 1142 40.35 36.94 -23.48
N VAL A 1143 40.19 37.49 -24.67
CA VAL A 1143 41.24 37.58 -25.65
C VAL A 1143 41.35 39.05 -26.07
N ALA A 1144 42.43 39.39 -26.77
CA ALA A 1144 42.58 40.71 -27.34
C ALA A 1144 41.50 40.88 -28.42
N ASP A 1145 41.58 41.97 -29.17
CA ASP A 1145 40.37 42.55 -29.75
C ASP A 1145 39.73 41.62 -30.78
N THR A 1146 38.77 40.82 -30.32
CA THR A 1146 38.07 39.86 -31.15
C THR A 1146 36.63 40.29 -31.34
N VAL A 1147 36.11 40.07 -32.54
CA VAL A 1147 34.79 40.54 -32.93
C VAL A 1147 34.02 39.40 -33.58
N THR A 1148 32.74 39.28 -33.23
CA THR A 1148 31.86 38.29 -33.85
C THR A 1148 31.33 38.87 -35.16
N SER A 1149 31.82 38.34 -36.27
CA SER A 1149 31.45 38.86 -37.59
C SER A 1149 30.33 38.01 -38.16
N LEU A 1150 29.16 38.61 -38.34
CA LEU A 1150 28.05 37.91 -38.98
C LEU A 1150 28.29 37.80 -40.48
N THR A 1151 27.62 36.84 -41.11
CA THR A 1151 27.74 36.67 -42.54
C THR A 1151 27.15 37.87 -43.26
N SER A 1152 27.83 38.31 -44.32
CA SER A 1152 27.35 39.45 -45.09
C SER A 1152 26.07 39.11 -45.83
N PHE A 1153 25.15 40.07 -45.90
CA PHE A 1153 23.86 39.84 -46.51
C PHE A 1153 23.49 41.00 -47.41
N THR A 1154 22.65 40.71 -48.40
CA THR A 1154 22.01 41.72 -49.23
C THR A 1154 20.51 41.65 -48.99
N THR A 1155 19.94 42.73 -48.47
CA THR A 1155 18.56 42.70 -48.00
C THR A 1155 17.59 42.67 -49.18
N GLN A 1156 16.65 41.73 -49.13
CA GLN A 1156 15.60 41.61 -50.12
C GLN A 1156 14.41 42.50 -49.77
N ALA A 1157 13.44 42.56 -50.67
CA ALA A 1157 12.24 43.35 -50.46
C ALA A 1157 11.22 42.57 -49.65
N ALA A 1158 10.45 43.31 -48.85
CA ALA A 1158 9.51 42.67 -47.95
C ALA A 1158 8.30 42.12 -48.71
N PRO A 1159 7.75 40.98 -48.30
CA PRO A 1159 6.48 40.53 -48.85
C PRO A 1159 5.31 41.18 -48.12
N THR A 1160 4.18 41.23 -48.80
CA THR A 1160 3.01 41.93 -48.31
C THR A 1160 1.79 41.01 -48.22
N PHE A 1161 2.00 39.77 -47.81
CA PHE A 1161 0.92 38.84 -47.58
C PHE A 1161 0.45 38.92 -46.13
N ILE A 1162 -0.88 38.92 -45.95
CA ILE A 1162 -1.48 38.99 -44.63
C ILE A 1162 -1.81 37.58 -44.16
N THR A 1163 -1.41 37.25 -42.94
CA THR A 1163 -1.71 35.96 -42.35
C THR A 1163 -3.03 36.05 -41.59
N GLY A 1164 -4.02 35.27 -42.02
CA GLY A 1164 -5.30 35.28 -41.37
C GLY A 1164 -6.32 34.39 -42.06
N PRO A 1165 -7.52 34.33 -41.50
CA PRO A 1165 -8.58 33.51 -42.11
C PRO A 1165 -9.33 34.23 -43.22
N THR A 1166 -10.39 33.61 -43.71
CA THR A 1166 -11.17 34.16 -44.81
C THR A 1166 -11.85 35.47 -44.40
N ASN A 1167 -11.96 36.38 -45.36
CA ASN A 1167 -12.75 37.60 -45.20
C ASN A 1167 -14.12 37.36 -45.79
N VAL A 1168 -15.15 37.39 -44.95
CA VAL A 1168 -16.52 37.28 -45.45
C VAL A 1168 -16.82 38.57 -46.22
N PRO A 1169 -17.17 38.49 -47.50
CA PRO A 1169 -17.37 39.71 -48.28
C PRO A 1169 -18.58 40.49 -47.81
N GLN A 1170 -18.51 41.82 -47.99
CA GLN A 1170 -19.65 42.66 -47.69
C GLN A 1170 -20.76 42.44 -48.70
N ARG A 1171 -21.86 43.17 -48.55
CA ARG A 1171 -23.01 42.96 -49.41
C ARG A 1171 -22.72 43.47 -50.82
N VAL A 1172 -22.78 42.57 -51.79
CA VAL A 1172 -22.53 42.90 -53.19
C VAL A 1172 -23.70 42.34 -54.00
N PRO A 1173 -24.14 43.02 -55.07
CA PRO A 1173 -25.14 42.40 -55.95
C PRO A 1173 -24.62 41.10 -56.54
N LEU A 1174 -25.48 40.09 -56.53
CA LEU A 1174 -25.11 38.75 -56.96
C LEU A 1174 -26.20 38.19 -57.85
N PRO A 1175 -25.85 37.29 -58.77
CA PRO A 1175 -26.89 36.62 -59.56
C PRO A 1175 -27.69 35.66 -58.70
N LYS A 1176 -28.87 35.30 -59.20
CA LYS A 1176 -29.76 34.42 -58.45
C LYS A 1176 -29.15 33.03 -58.41
N GLY A 1177 -28.63 32.64 -57.24
CA GLY A 1177 -28.00 31.35 -57.04
C GLY A 1177 -26.59 31.43 -56.52
N PHE A 1178 -25.90 32.56 -56.73
CA PHE A 1178 -24.55 32.72 -56.23
C PHE A 1178 -24.55 32.66 -54.70
N ARG A 1179 -23.63 31.89 -54.14
CA ARG A 1179 -23.50 31.73 -52.69
C ARG A 1179 -22.08 32.11 -52.28
N THR A 1180 -21.97 33.09 -51.38
CA THR A 1180 -20.70 33.42 -50.77
C THR A 1180 -20.49 32.71 -49.44
N THR A 1181 -21.48 31.98 -48.95
CA THR A 1181 -21.38 31.24 -47.70
C THR A 1181 -22.07 29.90 -47.88
N CYS A 1182 -21.74 28.96 -46.99
CA CYS A 1182 -22.32 27.63 -47.00
C CYS A 1182 -22.77 27.26 -45.59
N PHE A 1183 -23.60 26.23 -45.51
CA PHE A 1183 -24.09 25.71 -44.23
C PHE A 1183 -23.03 24.83 -43.59
N ASP A 1184 -23.35 24.30 -42.41
CA ASP A 1184 -22.48 23.35 -41.75
C ASP A 1184 -22.57 22.00 -42.45
N GLY A 1185 -21.42 21.44 -42.79
CA GLY A 1185 -21.36 20.20 -43.53
C GLY A 1185 -21.12 20.36 -45.01
N TYR A 1186 -21.16 21.58 -45.52
CA TYR A 1186 -21.00 21.85 -46.95
C TYR A 1186 -19.82 22.80 -47.15
N GLU A 1187 -19.13 22.62 -48.27
CA GLU A 1187 -18.00 23.48 -48.62
C GLU A 1187 -18.33 24.24 -49.90
N LEU A 1188 -17.70 25.40 -50.04
CA LEU A 1188 -17.96 26.28 -51.18
C LEU A 1188 -17.14 25.83 -52.38
N ILE A 1189 -17.82 25.68 -53.53
CA ILE A 1189 -17.18 25.30 -54.78
C ILE A 1189 -17.58 26.30 -55.85
N PHE A 1190 -16.82 26.31 -56.94
CA PHE A 1190 -16.95 27.29 -58.01
C PHE A 1190 -17.31 26.56 -59.29
N SER A 1191 -18.61 26.49 -59.61
CA SER A 1191 -19.05 25.74 -60.77
C SER A 1191 -20.36 26.34 -61.29
N ASN A 1192 -20.69 25.98 -62.53
CA ASN A 1192 -21.90 26.47 -63.17
C ASN A 1192 -22.98 25.40 -63.25
N ASP A 1193 -22.77 24.23 -62.67
CA ASP A 1193 -23.77 23.17 -62.67
C ASP A 1193 -24.83 23.48 -61.62
N ASN A 1194 -25.77 22.57 -61.42
CA ASN A 1194 -26.84 22.75 -60.46
C ASN A 1194 -26.57 21.86 -59.25
N TYR A 1195 -26.28 22.48 -58.11
CA TYR A 1195 -25.95 21.77 -56.88
C TYR A 1195 -27.03 22.10 -55.84
N THR A 1196 -28.02 21.23 -55.70
CA THR A 1196 -29.03 21.35 -54.66
C THR A 1196 -28.87 20.21 -53.67
N ASN A 1197 -28.94 20.54 -52.38
CA ASN A 1197 -28.75 19.58 -51.29
C ASN A 1197 -27.36 18.95 -51.33
N GLY A 1198 -26.39 19.67 -51.88
CA GLY A 1198 -25.00 19.22 -51.87
C GLY A 1198 -24.65 18.19 -52.90
N VAL A 1199 -25.56 17.81 -53.78
CA VAL A 1199 -25.29 16.85 -54.84
C VAL A 1199 -25.64 17.48 -56.17
N ARG A 1200 -24.90 17.09 -57.20
CA ARG A 1200 -25.18 17.58 -58.55
C ARG A 1200 -26.46 16.93 -59.07
N VAL A 1201 -27.40 17.76 -59.52
CA VAL A 1201 -28.66 17.27 -60.06
C VAL A 1201 -28.86 17.65 -61.52
N ALA A 1202 -28.06 18.54 -62.07
CA ALA A 1202 -28.15 18.91 -63.48
C ALA A 1202 -26.85 19.59 -63.88
N VAL A 1203 -26.52 19.49 -65.16
CA VAL A 1203 -25.26 20.00 -65.71
C VAL A 1203 -25.55 21.27 -66.48
N ASP A 1204 -24.72 22.29 -66.24
CA ASP A 1204 -24.78 23.56 -66.98
C ASP A 1204 -26.12 24.26 -66.79
N ALA A 1205 -26.41 24.59 -65.53
CA ALA A 1205 -27.62 25.31 -65.20
C ALA A 1205 -27.45 26.81 -65.25
N TYR A 1206 -26.22 27.31 -65.13
CA TYR A 1206 -25.97 28.74 -65.13
C TYR A 1206 -25.12 29.13 -66.34
N PRO A 1207 -25.35 30.30 -66.93
CA PRO A 1207 -24.53 30.71 -68.07
C PRO A 1207 -23.07 30.93 -67.72
N TYR A 1208 -22.75 31.15 -66.46
CA TYR A 1208 -21.39 31.39 -66.00
C TYR A 1208 -21.20 30.67 -64.68
N PRO A 1209 -19.96 30.33 -64.32
CA PRO A 1209 -19.73 29.67 -63.04
C PRO A 1209 -20.14 30.57 -61.88
N VAL A 1210 -20.71 29.95 -60.84
CA VAL A 1210 -21.14 30.63 -59.64
C VAL A 1210 -20.66 29.84 -58.43
N GLY A 1211 -20.91 30.38 -57.24
CA GLY A 1211 -20.55 29.70 -56.02
C GLY A 1211 -21.67 28.82 -55.49
N GLN A 1212 -21.39 27.54 -55.33
CA GLN A 1212 -22.37 26.57 -54.87
C GLN A 1212 -21.83 25.87 -53.63
N CYS A 1213 -22.71 25.11 -52.98
CA CYS A 1213 -22.34 24.35 -51.78
C CYS A 1213 -22.37 22.87 -52.11
N ARG A 1214 -21.27 22.18 -51.79
CA ARG A 1214 -21.12 20.76 -52.05
C ARG A 1214 -20.90 20.02 -50.75
N LYS A 1215 -21.58 18.89 -50.58
CA LYS A 1215 -21.50 18.14 -49.33
C LYS A 1215 -20.06 17.71 -49.03
N CYS A 1216 -19.65 17.88 -47.78
CA CYS A 1216 -18.40 17.29 -47.35
C CYS A 1216 -18.49 15.77 -47.46
N PRO A 1217 -17.45 15.10 -47.92
CA PRO A 1217 -17.51 13.63 -48.02
C PRO A 1217 -17.42 12.98 -46.65
N GLY A 1218 -17.81 11.71 -46.61
CA GLY A 1218 -17.69 10.93 -45.39
C GLY A 1218 -16.25 10.85 -44.93
N GLY A 1219 -16.01 11.07 -43.65
CA GLY A 1219 -14.68 11.15 -43.10
C GLY A 1219 -14.20 12.55 -42.80
N THR A 1220 -14.94 13.56 -43.25
CA THR A 1220 -14.58 14.96 -43.03
C THR A 1220 -15.74 15.67 -42.37
N ALA A 1221 -15.46 16.87 -41.87
CA ALA A 1221 -16.48 17.68 -41.20
C ALA A 1221 -16.12 19.14 -41.38
N THR A 1222 -17.10 20.00 -41.18
CA THR A 1222 -16.88 21.43 -41.35
C THR A 1222 -17.90 22.21 -40.54
N MET A 1223 -17.50 23.41 -40.13
CA MET A 1223 -18.36 24.33 -39.41
C MET A 1223 -18.49 25.68 -40.11
N ASP A 1224 -17.39 26.22 -40.63
CA ASP A 1224 -17.46 27.50 -41.33
C ASP A 1224 -18.09 27.35 -42.70
N GLY A 1225 -17.81 26.25 -43.38
CA GLY A 1225 -18.30 26.03 -44.72
C GLY A 1225 -17.34 26.38 -45.83
N TYR A 1226 -16.08 26.67 -45.51
CA TYR A 1226 -15.08 27.04 -46.51
C TYR A 1226 -14.09 25.93 -46.80
N ARG A 1227 -14.18 24.80 -46.10
CA ARG A 1227 -13.26 23.69 -46.29
C ARG A 1227 -13.91 22.44 -45.70
N CYS A 1228 -13.37 21.29 -46.07
CA CYS A 1228 -13.82 20.01 -45.51
C CYS A 1228 -12.65 19.40 -44.74
N ILE A 1229 -12.57 19.72 -43.46
CA ILE A 1229 -11.46 19.29 -42.62
C ILE A 1229 -11.56 17.81 -42.34
N PRO A 1230 -10.51 17.03 -42.65
CA PRO A 1230 -10.53 15.61 -42.28
C PRO A 1230 -10.61 15.42 -40.77
N CYS A 1231 -11.31 14.37 -40.37
CA CYS A 1231 -11.46 14.08 -38.95
C CYS A 1231 -10.10 13.72 -38.35
N PRO A 1232 -9.85 14.12 -37.10
CA PRO A 1232 -8.56 13.76 -36.47
C PRO A 1232 -8.48 12.28 -36.16
N SER A 1233 -7.34 11.83 -35.66
CA SER A 1233 -7.20 10.42 -35.31
C SER A 1233 -8.11 10.08 -34.13
N GLY A 1234 -8.77 8.93 -34.21
CA GLY A 1234 -9.69 8.52 -33.19
C GLY A 1234 -11.13 8.94 -33.42
N TYR A 1235 -11.40 9.70 -34.48
CA TYR A 1235 -12.75 10.17 -34.79
C TYR A 1235 -13.21 9.60 -36.13
N TRP A 1236 -14.51 9.74 -36.37
CA TRP A 1236 -15.13 9.33 -37.62
C TRP A 1236 -16.33 10.22 -37.86
N SER A 1237 -16.85 10.19 -39.09
CA SER A 1237 -17.99 11.02 -39.42
C SER A 1237 -18.64 10.51 -40.71
N ASN A 1238 -19.94 10.71 -40.81
CA ASN A 1238 -20.69 10.39 -42.01
C ASN A 1238 -20.65 11.59 -42.96
N GLU A 1239 -21.48 11.56 -44.00
CA GLU A 1239 -21.33 12.49 -45.12
C GLU A 1239 -21.47 13.96 -44.75
N GLY A 1240 -22.67 14.38 -44.36
CA GLY A 1240 -22.92 15.81 -44.18
C GLY A 1240 -22.61 16.30 -42.79
N ALA A 1241 -21.53 15.82 -42.22
CA ALA A 1241 -21.24 16.05 -40.81
C ALA A 1241 -20.81 17.49 -40.56
N ARG A 1242 -21.29 18.05 -39.45
CA ARG A 1242 -20.78 19.32 -38.94
C ARG A 1242 -19.56 19.14 -38.06
N GLU A 1243 -19.52 18.06 -37.29
CA GLU A 1243 -18.34 17.72 -36.50
C GLU A 1243 -18.26 16.22 -36.35
N CYS A 1244 -17.05 15.72 -36.20
CA CYS A 1244 -16.81 14.28 -36.11
C CYS A 1244 -17.21 13.76 -34.73
N THR A 1245 -17.46 12.46 -34.67
CA THR A 1245 -17.75 11.76 -33.43
C THR A 1245 -16.64 10.78 -33.11
N ALA A 1246 -16.49 10.48 -31.83
CA ALA A 1246 -15.36 9.71 -31.33
C ALA A 1246 -15.67 8.21 -31.33
N CYS A 1247 -14.68 7.40 -31.72
CA CYS A 1247 -14.84 5.96 -31.65
C CYS A 1247 -14.87 5.53 -30.18
N PRO A 1248 -15.67 4.51 -29.84
CA PRO A 1248 -15.85 4.18 -28.42
C PRO A 1248 -14.60 3.60 -27.80
N ALA A 1249 -14.57 3.61 -26.48
CA ALA A 1249 -13.42 3.10 -25.73
C ALA A 1249 -13.22 1.61 -26.00
N GLY A 1250 -11.96 1.23 -26.18
CA GLY A 1250 -11.60 -0.12 -26.53
C GLY A 1250 -11.40 -0.35 -28.02
N THR A 1251 -11.84 0.59 -28.86
CA THR A 1251 -11.68 0.49 -30.30
C THR A 1251 -10.97 1.74 -30.80
N ILE A 1252 -10.25 1.59 -31.91
CA ILE A 1252 -9.52 2.70 -32.52
C ILE A 1252 -10.02 2.90 -33.94
N ALA A 1253 -9.91 4.13 -34.42
CA ALA A 1253 -10.39 4.48 -35.74
C ALA A 1253 -9.29 4.26 -36.77
N LYS A 1254 -9.55 3.41 -37.75
CA LYS A 1254 -8.60 3.19 -38.83
C LYS A 1254 -9.16 3.78 -40.12
N PRO A 1255 -8.61 4.87 -40.63
CA PRO A 1255 -9.11 5.44 -41.88
C PRO A 1255 -8.90 4.50 -43.05
N ALA A 1256 -9.85 4.51 -43.98
CA ALA A 1256 -9.76 3.67 -45.17
C ALA A 1256 -8.85 4.32 -46.19
N ALA A 1257 -8.04 3.50 -46.86
CA ALA A 1257 -7.14 4.01 -47.88
C ALA A 1257 -7.95 4.51 -49.08
N LEU A 1258 -7.55 5.66 -49.60
CA LEU A 1258 -8.25 6.32 -50.70
C LEU A 1258 -7.48 6.12 -51.99
N THR A 1259 -8.18 5.73 -53.04
CA THR A 1259 -7.59 5.68 -54.37
C THR A 1259 -7.68 7.06 -55.01
N ALA A 1260 -6.59 7.46 -55.66
CA ALA A 1260 -6.56 8.74 -56.35
C ALA A 1260 -7.30 8.63 -57.67
N ARG A 1261 -7.93 9.73 -58.08
CA ARG A 1261 -8.69 9.71 -59.32
C ARG A 1261 -7.76 9.50 -60.51
N ALA A 1262 -8.20 8.67 -61.45
CA ALA A 1262 -7.34 8.30 -62.56
C ALA A 1262 -7.04 9.49 -63.46
N LYS A 1263 -8.03 10.31 -63.76
CA LYS A 1263 -7.90 11.40 -64.70
C LYS A 1263 -8.38 12.70 -64.06
N TYR A 1264 -8.20 13.79 -64.78
CA TYR A 1264 -8.65 15.10 -64.32
C TYR A 1264 -10.06 15.43 -64.81
N SER A 1265 -10.71 14.51 -65.50
CA SER A 1265 -12.10 14.68 -65.92
C SER A 1265 -13.05 13.90 -65.04
N ILE A 1266 -12.60 13.44 -63.88
CA ILE A 1266 -13.39 12.59 -62.98
C ILE A 1266 -13.62 13.35 -61.68
N ASP A 1267 -14.82 13.21 -61.15
CA ASP A 1267 -15.18 13.88 -59.91
C ASP A 1267 -14.31 13.41 -58.75
N PRO A 1268 -13.74 14.31 -57.96
CA PRO A 1268 -12.97 13.90 -56.80
C PRO A 1268 -13.84 13.86 -55.55
N THR A 1269 -13.24 13.39 -54.46
CA THR A 1269 -13.88 13.41 -53.15
C THR A 1269 -13.29 14.48 -52.23
N THR A 1270 -11.96 14.56 -52.18
CA THR A 1270 -11.28 15.57 -51.37
C THR A 1270 -10.11 16.10 -52.17
N TYR A 1271 -9.23 16.80 -51.47
CA TYR A 1271 -8.06 17.42 -52.07
C TYR A 1271 -7.00 16.37 -52.36
N HIS A 1272 -6.01 16.77 -53.17
CA HIS A 1272 -4.99 15.82 -53.62
C HIS A 1272 -4.14 15.31 -52.46
N PHE A 1273 -3.84 16.16 -51.49
CA PHE A 1273 -2.97 15.77 -50.39
C PHE A 1273 -3.64 14.89 -49.35
N VAL A 1274 -4.94 14.66 -49.45
CA VAL A 1274 -5.64 13.77 -48.54
C VAL A 1274 -5.57 12.36 -49.11
N THR A 1275 -5.08 11.42 -48.32
CA THR A 1275 -4.87 10.06 -48.79
C THR A 1275 -5.57 8.99 -47.97
N HIS A 1276 -6.03 9.30 -46.76
CA HIS A 1276 -6.77 8.35 -45.94
C HIS A 1276 -7.93 9.08 -45.29
N LEU A 1277 -9.11 8.45 -45.31
CA LEU A 1277 -10.31 9.03 -44.71
C LEU A 1277 -10.99 7.97 -43.87
N ALA A 1278 -11.65 8.43 -42.80
CA ALA A 1278 -12.31 7.56 -41.84
C ALA A 1278 -13.82 7.71 -42.03
N MET A 1279 -14.43 6.76 -42.72
CA MET A 1279 -15.84 6.83 -43.07
C MET A 1279 -16.68 6.49 -41.83
N GLY A 1280 -17.95 6.16 -42.04
CA GLY A 1280 -18.89 6.03 -40.94
C GLY A 1280 -18.54 4.97 -39.92
N PRO A 1281 -19.51 4.62 -39.07
CA PRO A 1281 -19.17 3.90 -37.82
C PRO A 1281 -18.39 2.62 -38.02
N GLU A 1282 -18.28 2.10 -39.23
CA GLU A 1282 -17.50 0.90 -39.48
C GLU A 1282 -16.01 1.11 -39.28
N SER A 1283 -15.55 2.36 -39.17
CA SER A 1283 -14.13 2.64 -39.10
C SER A 1283 -13.53 2.39 -37.72
N CYS A 1284 -14.36 2.11 -36.71
CA CYS A 1284 -13.86 1.76 -35.38
C CYS A 1284 -13.61 0.26 -35.33
N LYS A 1285 -12.35 -0.13 -35.27
CA LYS A 1285 -11.95 -1.52 -35.17
C LYS A 1285 -11.54 -1.82 -33.74
N LYS A 1286 -11.94 -3.00 -33.26
CA LYS A 1286 -11.61 -3.42 -31.90
C LYS A 1286 -10.13 -3.71 -31.76
N CYS A 1287 -9.59 -3.41 -30.58
CA CYS A 1287 -8.21 -3.79 -30.29
C CYS A 1287 -8.10 -5.30 -30.22
N PRO A 1288 -6.97 -5.87 -30.65
CA PRO A 1288 -6.81 -7.33 -30.60
C PRO A 1288 -6.68 -7.84 -29.18
N LYS A 1289 -6.80 -9.16 -29.05
CA LYS A 1289 -6.60 -9.79 -27.75
C LYS A 1289 -5.17 -9.59 -27.28
N GLY A 1290 -5.02 -9.22 -26.01
CA GLY A 1290 -3.71 -8.92 -25.45
C GLY A 1290 -3.38 -7.45 -25.44
N TYR A 1291 -4.11 -6.62 -26.17
CA TYR A 1291 -4.00 -5.18 -26.13
C TYR A 1291 -5.16 -4.60 -25.34
N PHE A 1292 -5.10 -3.30 -25.09
CA PHE A 1292 -6.22 -2.60 -24.48
C PHE A 1292 -6.12 -1.12 -24.80
N GLN A 1293 -7.24 -0.42 -24.69
CA GLN A 1293 -7.28 1.01 -24.95
C GLN A 1293 -8.42 1.65 -24.14
N PRO A 1294 -8.10 2.43 -23.11
CA PRO A 1294 -9.14 2.90 -22.18
C PRO A 1294 -9.85 4.19 -22.61
N ASN A 1295 -9.18 5.04 -23.38
CA ASN A 1295 -9.71 6.37 -23.64
C ASN A 1295 -10.88 6.33 -24.61
N ILE A 1296 -11.64 7.44 -24.60
CA ILE A 1296 -12.88 7.53 -25.39
C ILE A 1296 -12.64 8.04 -26.80
N ALA A 1297 -11.42 8.48 -27.13
CA ALA A 1297 -11.04 8.80 -28.51
C ALA A 1297 -9.77 7.99 -28.76
N GLY A 1298 -9.96 6.74 -29.17
CA GLY A 1298 -8.85 5.80 -29.23
C GLY A 1298 -7.87 6.15 -30.34
N THR A 1299 -6.63 6.42 -29.96
CA THR A 1299 -5.58 6.74 -30.92
C THR A 1299 -4.69 5.56 -31.24
N VAL A 1300 -4.32 4.77 -30.23
CA VAL A 1300 -3.47 3.60 -30.43
C VAL A 1300 -3.89 2.54 -29.42
N CYS A 1301 -3.84 1.27 -29.85
CA CYS A 1301 -4.06 0.16 -28.93
C CYS A 1301 -2.80 -0.08 -28.11
N LEU A 1302 -2.95 -0.06 -26.78
CA LEU A 1302 -1.76 -0.28 -25.97
C LEU A 1302 -1.64 -1.75 -25.59
N PRO A 1303 -0.43 -2.30 -25.56
CA PRO A 1303 -0.27 -3.68 -25.09
C PRO A 1303 -0.50 -3.77 -23.59
N CYS A 1304 -0.94 -4.94 -23.16
CA CYS A 1304 -1.23 -5.14 -21.75
C CYS A 1304 0.05 -5.02 -20.92
N PRO A 1305 -0.02 -4.46 -19.72
CA PRO A 1305 1.15 -4.46 -18.85
C PRO A 1305 1.57 -5.89 -18.53
N SER A 1306 2.86 -6.06 -18.29
CA SER A 1306 3.42 -7.40 -18.09
C SER A 1306 2.72 -8.11 -16.93
N GLY A 1307 2.31 -9.35 -17.17
CA GLY A 1307 1.58 -10.11 -16.17
C GLY A 1307 0.08 -9.93 -16.22
N PHE A 1308 -0.47 -9.37 -17.28
CA PHE A 1308 -1.90 -9.09 -17.39
C PHE A 1308 -2.44 -9.68 -18.68
N VAL A 1309 -3.75 -9.95 -18.69
CA VAL A 1309 -4.44 -10.51 -19.84
C VAL A 1309 -5.68 -9.67 -20.12
N SER A 1310 -6.22 -9.84 -21.32
CA SER A 1310 -7.37 -9.04 -21.74
C SER A 1310 -8.16 -9.78 -22.80
N THR A 1311 -9.39 -9.30 -23.02
CA THR A 1311 -10.30 -9.80 -24.05
C THR A 1311 -10.21 -8.92 -25.30
N SER A 1312 -11.14 -9.13 -26.23
CA SER A 1312 -11.13 -8.36 -27.47
C SER A 1312 -11.53 -6.90 -27.23
N GLY A 1313 -12.61 -6.67 -26.48
CA GLY A 1313 -13.04 -5.30 -26.23
C GLY A 1313 -11.99 -4.49 -25.52
N ALA A 1314 -11.51 -5.00 -24.38
CA ALA A 1314 -10.27 -4.57 -23.76
C ALA A 1314 -10.26 -3.07 -23.43
N THR A 1315 -11.16 -2.70 -22.52
CA THR A 1315 -11.04 -1.41 -21.86
C THR A 1315 -10.03 -1.46 -20.73
N GLY A 1316 -9.71 -2.65 -20.22
CA GLY A 1316 -8.76 -2.81 -19.14
C GLY A 1316 -8.21 -4.22 -19.15
N CYS A 1317 -7.34 -4.50 -18.19
CA CYS A 1317 -6.66 -5.78 -18.10
C CYS A 1317 -6.83 -6.38 -16.72
N THR A 1318 -6.79 -7.70 -16.65
CA THR A 1318 -6.88 -8.43 -15.39
C THR A 1318 -5.56 -9.16 -15.16
N ALA A 1319 -5.03 -9.03 -13.94
CA ALA A 1319 -3.75 -9.65 -13.61
C ALA A 1319 -3.90 -11.16 -13.46
N CYS A 1320 -2.87 -11.89 -13.87
CA CYS A 1320 -2.84 -13.33 -13.63
C CYS A 1320 -2.83 -13.59 -12.13
N SER A 1321 -3.68 -14.52 -11.68
CA SER A 1321 -3.84 -14.75 -10.25
C SER A 1321 -2.62 -15.46 -9.68
N GLU A 1322 -2.65 -15.66 -8.36
CA GLU A 1322 -1.55 -16.33 -7.68
C GLU A 1322 -1.42 -17.77 -8.17
N GLY A 1323 -0.19 -18.23 -8.30
CA GLY A 1323 0.07 -19.55 -8.84
C GLY A 1323 0.07 -19.62 -10.36
N THR A 1324 -0.07 -18.48 -11.04
CA THR A 1324 -0.08 -18.44 -12.50
C THR A 1324 0.81 -17.30 -12.97
N TYR A 1325 1.36 -17.47 -14.17
CA TYR A 1325 2.22 -16.46 -14.77
C TYR A 1325 1.82 -16.25 -16.23
N HIS A 1326 2.24 -15.11 -16.76
CA HIS A 1326 1.78 -14.64 -18.06
C HIS A 1326 2.72 -15.13 -19.16
N THR A 1327 2.19 -15.93 -20.07
CA THR A 1327 2.97 -16.50 -21.17
C THR A 1327 2.02 -16.89 -22.29
N ASP A 1328 2.51 -17.67 -23.25
CA ASP A 1328 1.73 -18.08 -24.41
C ASP A 1328 1.14 -19.47 -24.18
N GLY A 1329 -0.17 -19.58 -24.38
CA GLY A 1329 -0.86 -20.85 -24.21
C GLY A 1329 -1.07 -21.64 -25.48
N VAL A 1330 0.02 -21.99 -26.18
CA VAL A 1330 -0.10 -22.67 -27.46
C VAL A 1330 -0.73 -24.05 -27.27
N GLY A 1331 -0.26 -24.80 -26.28
CA GLY A 1331 -0.73 -26.15 -26.05
C GLY A 1331 -1.76 -26.31 -24.95
N THR A 1332 -2.37 -25.22 -24.48
CA THR A 1332 -3.33 -25.30 -23.39
C THR A 1332 -4.73 -25.58 -23.95
N THR A 1333 -5.69 -25.69 -23.03
CA THR A 1333 -7.07 -25.98 -23.44
C THR A 1333 -7.73 -24.75 -24.07
N THR A 1334 -7.46 -23.56 -23.52
CA THR A 1334 -8.08 -22.32 -24.00
C THR A 1334 -6.98 -21.32 -24.30
N PRO A 1335 -6.40 -21.37 -25.50
CA PRO A 1335 -5.41 -20.36 -25.88
C PRO A 1335 -6.06 -19.00 -26.04
N GLY A 1336 -5.38 -17.97 -25.59
CA GLY A 1336 -5.89 -16.62 -25.61
C GLY A 1336 -5.33 -15.69 -26.66
N GLU A 1337 -4.36 -16.15 -27.47
CA GLU A 1337 -3.73 -15.28 -28.44
C GLU A 1337 -4.70 -14.89 -29.54
N ALA A 1338 -4.54 -13.67 -30.04
CA ALA A 1338 -5.40 -13.19 -31.11
C ALA A 1338 -5.10 -13.92 -32.41
N THR A 1339 -6.14 -14.18 -33.19
CA THR A 1339 -5.97 -14.89 -34.44
C THR A 1339 -5.37 -13.97 -35.50
N SER A 1340 -5.03 -14.56 -36.64
CA SER A 1340 -4.45 -13.79 -37.73
C SER A 1340 -5.45 -12.79 -38.28
N LEU A 1341 -6.73 -13.18 -38.37
CA LEU A 1341 -7.74 -12.29 -38.93
C LEU A 1341 -7.92 -11.04 -38.07
N ASP A 1342 -7.75 -11.17 -36.76
CA ASP A 1342 -7.94 -10.03 -35.87
C ASP A 1342 -6.81 -9.02 -35.99
N THR A 1343 -5.56 -9.50 -36.13
CA THR A 1343 -4.41 -8.61 -36.13
C THR A 1343 -3.96 -8.24 -37.55
N THR A 1344 -3.55 -9.22 -38.34
CA THR A 1344 -2.91 -8.93 -39.62
C THR A 1344 -3.93 -8.51 -40.68
N ASP A 1345 -5.13 -9.08 -40.66
CA ASP A 1345 -6.14 -8.77 -41.63
C ASP A 1345 -7.01 -7.58 -41.24
N THR A 1346 -6.73 -6.95 -40.10
CA THR A 1346 -7.47 -5.77 -39.67
C THR A 1346 -6.58 -4.55 -39.51
N PHE A 1347 -5.41 -4.69 -38.87
CA PHE A 1347 -4.54 -3.56 -38.58
C PHE A 1347 -3.26 -3.59 -39.39
N GLY A 1348 -3.19 -4.41 -40.45
CA GLY A 1348 -1.95 -4.52 -41.19
C GLY A 1348 -0.86 -5.20 -40.39
N SER A 1349 0.28 -4.53 -40.23
CA SER A 1349 1.43 -5.11 -39.53
C SER A 1349 1.88 -4.24 -38.36
N ILE A 1350 0.97 -3.45 -37.80
CA ILE A 1350 1.34 -2.55 -36.70
C ILE A 1350 0.96 -3.10 -35.32
N TYR A 1351 0.07 -4.09 -35.25
CA TYR A 1351 -0.32 -4.71 -33.99
C TYR A 1351 -0.19 -6.22 -34.14
N PRO A 1352 0.98 -6.77 -33.89
CA PRO A 1352 1.20 -8.21 -34.06
C PRO A 1352 0.57 -9.00 -32.91
N ILE A 1353 0.66 -10.32 -33.02
CA ILE A 1353 0.14 -11.23 -32.00
C ILE A 1353 1.09 -11.25 -30.81
N ILE A 1354 0.55 -11.08 -29.61
CA ILE A 1354 1.35 -11.09 -28.39
C ILE A 1354 0.74 -12.10 -27.42
N PRO A 1355 1.52 -12.70 -26.52
CA PRO A 1355 0.97 -13.74 -25.64
C PRO A 1355 0.23 -13.14 -24.46
N ASN A 1356 -0.98 -13.62 -24.23
CA ASN A 1356 -1.81 -13.14 -23.12
C ASN A 1356 -2.57 -14.30 -22.45
N THR A 1357 -1.86 -15.40 -22.17
CA THR A 1357 -2.44 -16.49 -21.39
C THR A 1357 -1.82 -16.56 -20.01
N CYS A 1358 -2.60 -17.05 -19.05
CA CYS A 1358 -2.10 -17.33 -17.70
C CYS A 1358 -1.89 -18.84 -17.59
N ARG A 1359 -0.68 -19.25 -17.23
CA ARG A 1359 -0.31 -20.65 -17.14
C ARG A 1359 0.08 -20.99 -15.71
N GLN A 1360 -0.07 -22.27 -15.36
CA GLN A 1360 0.19 -22.75 -14.02
C GLN A 1360 1.66 -23.09 -13.83
N CYS A 1361 2.14 -22.94 -12.60
CA CYS A 1361 3.49 -23.31 -12.27
C CYS A 1361 3.65 -24.84 -12.31
N PRO A 1362 4.86 -25.34 -12.55
CA PRO A 1362 5.07 -26.79 -12.52
C PRO A 1362 5.03 -27.33 -11.10
N ALA A 1363 5.12 -28.65 -10.95
CA ALA A 1363 5.12 -29.26 -9.63
C ALA A 1363 6.38 -28.86 -8.87
N ASN A 1364 6.23 -28.75 -7.55
CA ASN A 1364 7.29 -28.44 -6.59
C ASN A 1364 7.79 -27.00 -6.70
N THR A 1365 7.09 -26.15 -7.46
CA THR A 1365 7.40 -24.73 -7.54
C THR A 1365 6.13 -23.93 -7.32
N TYR A 1366 6.25 -22.82 -6.60
CA TYR A 1366 5.10 -22.01 -6.24
C TYR A 1366 5.33 -20.56 -6.67
N LEU A 1367 4.22 -19.85 -6.88
CA LEU A 1367 4.24 -18.44 -7.26
C LEU A 1367 3.29 -17.67 -6.34
N PRO A 1368 3.81 -16.97 -5.34
CA PRO A 1368 2.94 -16.28 -4.37
C PRO A 1368 2.57 -14.85 -4.76
N LEU A 1369 2.75 -14.45 -6.01
CA LEU A 1369 2.50 -13.08 -6.43
C LEU A 1369 1.48 -13.05 -7.56
N ARG A 1370 0.79 -11.92 -7.66
CA ARG A 1370 -0.23 -11.70 -8.67
C ARG A 1370 0.35 -10.86 -9.81
N GLY A 1371 0.08 -11.28 -11.04
CA GLY A 1371 0.55 -10.54 -12.19
C GLY A 1371 2.05 -10.67 -12.40
N GLN A 1372 2.49 -11.89 -12.73
CA GLN A 1372 3.88 -12.17 -13.02
C GLN A 1372 3.99 -12.74 -14.43
N ALA A 1373 5.11 -12.48 -15.08
CA ALA A 1373 5.28 -12.84 -16.48
C ALA A 1373 6.59 -13.60 -16.66
N ALA A 1374 6.61 -14.49 -17.65
CA ALA A 1374 7.84 -15.16 -18.03
C ALA A 1374 8.75 -14.16 -18.75
N ILE A 1375 9.93 -13.92 -18.19
CA ILE A 1375 10.85 -12.94 -18.75
C ILE A 1375 11.47 -13.49 -20.01
N ALA A 1376 11.51 -12.68 -21.06
CA ALA A 1376 11.95 -13.11 -22.37
C ALA A 1376 13.38 -12.66 -22.63
N SER A 1377 14.11 -13.50 -23.37
CA SER A 1377 15.44 -13.16 -23.87
C SER A 1377 15.36 -13.12 -25.39
N MET A 1378 15.75 -11.99 -25.98
CA MET A 1378 15.73 -11.85 -27.43
C MET A 1378 16.95 -12.48 -28.10
N ASN A 1379 17.96 -12.85 -27.33
CA ASN A 1379 19.16 -13.51 -27.82
C ASN A 1379 19.20 -14.89 -27.18
N LEU A 1380 18.53 -15.86 -27.81
CA LEU A 1380 18.34 -17.17 -27.21
C LEU A 1380 19.58 -18.03 -27.22
N ALA A 1381 20.60 -17.68 -28.01
CA ALA A 1381 21.81 -18.48 -28.03
C ALA A 1381 22.61 -18.31 -26.74
N ALA A 1382 22.55 -17.14 -26.12
CA ALA A 1382 23.31 -16.86 -24.91
C ALA A 1382 22.49 -17.15 -23.65
N VAL A 1383 21.34 -16.50 -23.51
CA VAL A 1383 20.50 -16.62 -22.34
C VAL A 1383 19.13 -17.13 -22.77
N SER A 1384 18.64 -18.16 -22.09
CA SER A 1384 17.34 -18.71 -22.39
C SER A 1384 16.26 -18.01 -21.58
N SER A 1385 15.02 -18.11 -22.06
CA SER A 1385 13.89 -17.51 -21.37
C SER A 1385 13.65 -18.19 -20.03
N ALA A 1386 13.12 -17.43 -19.08
CA ALA A 1386 12.92 -17.90 -17.72
C ALA A 1386 11.52 -17.58 -17.25
N THR A 1387 11.02 -18.40 -16.34
CA THR A 1387 9.75 -18.20 -15.65
C THR A 1387 10.00 -17.90 -14.18
N PRO A 1388 9.28 -16.95 -13.60
CA PRO A 1388 9.55 -16.52 -12.22
C PRO A 1388 8.90 -17.40 -11.16
N CYS A 1389 9.01 -18.71 -11.33
CA CYS A 1389 8.39 -19.67 -10.42
C CYS A 1389 9.42 -20.05 -9.36
N ARG A 1390 9.17 -19.64 -8.12
CA ARG A 1390 10.09 -19.94 -7.04
C ARG A 1390 9.99 -21.41 -6.66
N PRO A 1391 11.11 -22.06 -6.36
CA PRO A 1391 11.06 -23.45 -5.93
C PRO A 1391 10.72 -23.56 -4.45
N CYS A 1392 10.06 -24.66 -4.11
CA CYS A 1392 9.75 -24.92 -2.70
C CYS A 1392 11.03 -25.20 -1.93
N GLU A 1393 11.03 -24.82 -0.65
CA GLU A 1393 12.19 -25.07 0.19
C GLU A 1393 12.37 -26.57 0.41
N ASP A 1394 13.45 -26.92 1.10
CA ASP A 1394 13.66 -28.32 1.47
C ASP A 1394 12.71 -28.70 2.59
N GLY A 1395 11.97 -29.78 2.38
CA GLY A 1395 10.94 -30.20 3.31
C GLY A 1395 9.53 -29.83 2.90
N THR A 1396 9.35 -29.17 1.76
CA THR A 1396 8.03 -28.77 1.29
C THR A 1396 7.88 -29.16 -0.18
N TRP A 1397 6.68 -29.57 -0.58
CA TRP A 1397 6.48 -30.14 -1.91
C TRP A 1397 5.57 -29.31 -2.81
N SER A 1398 4.32 -29.05 -2.41
CA SER A 1398 3.32 -28.39 -3.25
C SER A 1398 2.96 -29.22 -4.48
N LYS A 1399 1.74 -29.06 -5.00
CA LYS A 1399 1.27 -29.93 -6.07
C LYS A 1399 1.48 -29.38 -7.47
N ALA A 1400 0.77 -28.31 -7.82
CA ALA A 1400 0.88 -27.69 -9.13
C ALA A 1400 0.13 -26.37 -9.18
N GLY A 1401 0.78 -25.31 -9.63
CA GLY A 1401 0.14 -24.01 -9.72
C GLY A 1401 -0.35 -23.53 -8.37
N ALA A 1402 0.51 -23.63 -7.36
CA ALA A 1402 0.14 -23.34 -5.99
C ALA A 1402 0.73 -22.01 -5.55
N ALA A 1403 0.04 -21.35 -4.63
CA ALA A 1403 0.51 -20.11 -4.05
C ALA A 1403 1.43 -20.33 -2.85
N GLY A 1404 1.57 -21.57 -2.39
CA GLY A 1404 2.44 -21.87 -1.28
C GLY A 1404 2.68 -23.35 -1.18
N CYS A 1405 3.74 -23.71 -0.48
CA CYS A 1405 4.15 -25.10 -0.33
C CYS A 1405 3.64 -25.70 0.97
N GLN A 1406 3.55 -27.02 0.99
CA GLN A 1406 3.10 -27.77 2.16
C GLN A 1406 4.22 -28.66 2.67
N LYS A 1407 4.26 -28.84 3.98
CA LYS A 1407 5.33 -29.61 4.60
C LYS A 1407 5.18 -31.09 4.31
N CYS A 1408 6.32 -31.79 4.29
CA CYS A 1408 6.32 -33.22 4.10
C CYS A 1408 5.72 -33.93 5.32
N PRO A 1409 5.16 -35.12 5.15
CA PRO A 1409 4.61 -35.86 6.28
C PRO A 1409 5.73 -36.34 7.20
N PRO A 1410 5.42 -36.66 8.46
CA PRO A 1410 6.46 -37.03 9.43
C PRO A 1410 6.96 -38.45 9.30
N GLY A 1411 7.31 -38.85 8.07
CA GLY A 1411 8.06 -40.06 7.85
C GLY A 1411 8.98 -39.90 6.64
N THR A 1412 9.04 -38.68 6.12
CA THR A 1412 9.69 -38.43 4.84
C THR A 1412 10.49 -37.14 4.91
N TYR A 1413 11.39 -36.97 3.94
CA TYR A 1413 12.20 -35.77 3.83
C TYR A 1413 12.31 -35.39 2.37
N ARG A 1414 12.61 -34.11 2.13
CA ARG A 1414 12.86 -33.60 0.78
C ARG A 1414 14.00 -32.62 0.84
N ASN A 1415 15.09 -32.91 0.12
CA ASN A 1415 16.28 -32.08 0.11
C ASN A 1415 16.69 -31.81 -1.32
N THR A 1416 17.28 -30.63 -1.53
CA THR A 1416 17.67 -30.22 -2.87
C THR A 1416 18.81 -31.06 -3.43
N TRP A 1417 19.73 -31.49 -2.57
CA TRP A 1417 21.00 -32.04 -3.02
C TRP A 1417 21.05 -33.56 -3.03
N PHE A 1418 20.13 -34.23 -2.32
CA PHE A 1418 20.11 -35.69 -2.35
C PHE A 1418 18.69 -36.17 -2.08
N SER A 1419 18.44 -37.42 -2.41
CA SER A 1419 17.14 -38.03 -2.23
C SER A 1419 17.32 -39.55 -2.20
N GLY A 1420 16.21 -40.27 -2.10
CA GLY A 1420 16.32 -41.71 -2.05
C GLY A 1420 16.84 -42.17 -0.69
N GLN A 1421 17.35 -43.40 -0.68
CA GLN A 1421 17.87 -43.97 0.55
C GLN A 1421 18.86 -45.07 0.20
N LEU A 1422 19.73 -45.37 1.18
CA LEU A 1422 20.69 -46.47 1.07
C LEU A 1422 20.40 -47.47 2.17
N GLY A 1423 20.17 -48.72 1.78
CA GLY A 1423 19.86 -49.76 2.74
C GLY A 1423 21.08 -50.18 3.54
N SER A 1424 20.84 -51.09 4.48
CA SER A 1424 21.91 -51.57 5.32
C SER A 1424 22.82 -52.51 4.52
N PRO A 1425 24.14 -52.38 4.65
CA PRO A 1425 25.04 -53.33 4.00
C PRO A 1425 25.27 -54.60 4.79
N PHE A 1426 24.79 -54.66 6.02
CA PHE A 1426 25.01 -55.82 6.90
C PHE A 1426 23.92 -56.87 6.77
N ILE A 1427 22.96 -56.68 5.87
CA ILE A 1427 21.98 -57.70 5.54
C ILE A 1427 22.15 -58.21 4.11
N THR A 1428 23.16 -57.74 3.39
CA THR A 1428 23.47 -58.19 2.04
C THR A 1428 24.60 -59.21 2.09
N ALA A 1429 24.99 -59.68 0.91
CA ALA A 1429 26.04 -60.67 0.80
C ALA A 1429 27.42 -60.04 0.63
N ASP A 1430 27.53 -59.05 -0.26
CA ASP A 1430 28.79 -58.40 -0.54
C ASP A 1430 29.03 -57.15 0.29
N GLY A 1431 28.11 -56.82 1.20
CA GLY A 1431 28.28 -55.65 2.05
C GLY A 1431 28.27 -54.33 1.32
N VAL A 1432 27.36 -54.15 0.37
CA VAL A 1432 27.23 -52.92 -0.39
C VAL A 1432 25.81 -52.40 -0.17
N PRO A 1433 25.63 -51.18 0.35
CA PRO A 1433 24.27 -50.66 0.52
C PRO A 1433 23.54 -50.58 -0.81
N VAL A 1434 22.27 -50.99 -0.80
CA VAL A 1434 21.44 -51.04 -1.99
C VAL A 1434 20.58 -49.79 -2.01
N ALA A 1435 20.76 -48.97 -3.05
CA ALA A 1435 20.07 -47.69 -3.16
C ALA A 1435 18.72 -47.87 -3.81
N THR A 1436 17.67 -47.40 -3.15
CA THR A 1436 16.32 -47.41 -3.68
C THR A 1436 15.73 -46.01 -3.57
N THR A 1437 14.57 -45.81 -4.20
CA THR A 1437 13.87 -44.53 -4.18
C THR A 1437 12.41 -44.81 -3.89
N LEU A 1438 12.05 -44.83 -2.61
CA LEU A 1438 10.66 -44.97 -2.18
C LEU A 1438 10.14 -43.61 -1.79
N THR A 1439 8.95 -43.27 -2.31
CA THR A 1439 8.32 -41.98 -2.05
C THR A 1439 6.94 -42.19 -1.46
N GLU A 1440 6.52 -41.26 -0.62
CA GLU A 1440 5.16 -41.31 -0.09
C GLU A 1440 4.18 -40.98 -1.20
N LEU A 1441 3.06 -41.71 -1.25
CA LEU A 1441 2.18 -41.65 -2.40
C LEU A 1441 1.58 -40.26 -2.59
N GLY A 1442 1.02 -39.70 -1.52
CA GLY A 1442 0.33 -38.42 -1.62
C GLY A 1442 1.22 -37.21 -1.84
N SER A 1443 2.53 -37.40 -1.84
CA SER A 1443 3.47 -36.31 -2.00
C SER A 1443 4.63 -36.82 -2.85
N GLY A 1444 5.74 -36.09 -2.86
CA GLY A 1444 6.92 -36.52 -3.56
C GLY A 1444 8.09 -36.79 -2.63
N CYS A 1445 7.91 -36.45 -1.35
CA CYS A 1445 9.00 -36.57 -0.39
C CYS A 1445 9.43 -38.03 -0.25
N SER A 1446 10.74 -38.25 -0.20
CA SER A 1446 11.27 -39.60 -0.10
C SER A 1446 11.27 -40.07 1.35
N GLN A 1447 10.98 -41.35 1.54
CA GLN A 1447 10.98 -41.92 2.87
C GLN A 1447 12.39 -41.99 3.42
N CYS A 1448 12.50 -41.94 4.75
CA CYS A 1448 13.80 -41.95 5.40
C CYS A 1448 14.51 -43.28 5.19
N PRO A 1449 15.83 -43.29 5.13
CA PRO A 1449 16.57 -44.55 4.97
C PRO A 1449 16.49 -45.39 6.22
N PRO A 1450 16.73 -46.69 6.11
CA PRO A 1450 16.87 -47.51 7.32
C PRO A 1450 18.00 -47.02 8.18
N GLY A 1451 17.81 -47.05 9.50
CA GLY A 1451 18.76 -46.50 10.42
C GLY A 1451 18.50 -45.06 10.82
N THR A 1452 17.53 -44.40 10.19
CA THR A 1452 17.17 -43.03 10.50
C THR A 1452 15.67 -42.94 10.72
N TYR A 1453 15.23 -41.76 11.20
CA TYR A 1453 13.82 -41.54 11.43
C TYR A 1453 13.52 -40.04 11.29
N ALA A 1454 12.25 -39.74 11.05
CA ALA A 1454 11.78 -38.37 10.90
C ALA A 1454 10.51 -38.18 11.72
N PRO A 1455 10.59 -37.55 12.89
CA PRO A 1455 9.42 -37.46 13.76
C PRO A 1455 8.47 -36.31 13.44
N THR A 1456 8.99 -35.21 12.89
CA THR A 1456 8.18 -34.03 12.64
C THR A 1456 8.01 -33.82 11.14
N PHE A 1457 7.28 -32.76 10.79
CA PHE A 1457 6.74 -32.65 9.44
C PHE A 1457 7.77 -32.13 8.45
N GLY A 1458 8.23 -30.89 8.62
CA GLY A 1458 9.13 -30.32 7.65
C GLY A 1458 10.58 -30.59 7.96
N MET A 1459 11.16 -31.62 7.34
CA MET A 1459 12.52 -32.03 7.62
C MET A 1459 13.28 -32.18 6.32
N SER A 1460 14.48 -31.62 6.27
CA SER A 1460 15.34 -31.73 5.09
C SER A 1460 16.28 -32.92 5.16
N VAL A 1461 16.62 -33.37 6.37
CA VAL A 1461 17.44 -34.55 6.57
C VAL A 1461 16.78 -35.44 7.61
N CYS A 1462 17.07 -36.73 7.54
CA CYS A 1462 16.56 -37.69 8.52
C CYS A 1462 17.57 -37.86 9.64
N LEU A 1463 17.13 -37.65 10.87
CA LEU A 1463 18.02 -37.81 12.01
C LEU A 1463 18.40 -39.27 12.16
N PRO A 1464 19.68 -39.58 12.37
CA PRO A 1464 20.05 -40.96 12.68
C PRO A 1464 19.59 -41.30 14.09
N CYS A 1465 19.33 -42.58 14.29
CA CYS A 1465 18.83 -43.01 15.59
C CYS A 1465 19.96 -42.92 16.62
N PRO A 1466 19.63 -42.68 17.89
CA PRO A 1466 20.67 -42.58 18.92
C PRO A 1466 21.24 -43.96 19.24
N ALA A 1467 22.27 -43.96 20.07
CA ALA A 1467 22.85 -45.22 20.52
C ALA A 1467 21.86 -45.95 21.42
N GLY A 1468 21.63 -47.23 21.13
CA GLY A 1468 20.70 -48.03 21.89
C GLY A 1468 19.36 -48.26 21.22
N THR A 1469 19.06 -47.55 20.14
CA THR A 1469 17.82 -47.70 19.41
C THR A 1469 18.12 -48.16 17.99
N PHE A 1470 17.06 -48.48 17.24
CA PHE A 1470 17.25 -49.01 15.90
C PHE A 1470 15.98 -48.80 15.08
N ALA A 1471 16.17 -48.57 13.78
CA ALA A 1471 15.07 -48.52 12.81
C ALA A 1471 15.53 -49.27 11.58
N SER A 1472 14.90 -50.41 11.29
CA SER A 1472 15.37 -51.32 10.25
C SER A 1472 14.51 -51.29 8.99
N ALA A 1473 13.56 -50.37 8.90
CA ALA A 1473 12.67 -50.26 7.76
C ALA A 1473 12.73 -48.82 7.23
N PRO A 1474 12.37 -48.61 5.96
CA PRO A 1474 12.34 -47.24 5.44
C PRO A 1474 11.37 -46.36 6.21
N GLY A 1475 11.29 -45.08 5.82
CA GLY A 1475 10.96 -44.00 6.73
C GLY A 1475 9.99 -44.28 7.86
N ALA A 1476 10.45 -44.03 9.07
CA ALA A 1476 9.72 -44.32 10.29
C ALA A 1476 9.65 -43.08 11.15
N THR A 1477 8.56 -42.95 11.91
CA THR A 1477 8.38 -41.76 12.73
C THR A 1477 9.31 -41.75 13.94
N ALA A 1478 9.64 -42.92 14.47
CA ALA A 1478 10.57 -43.04 15.58
C ALA A 1478 11.12 -44.46 15.58
N CYS A 1479 12.23 -44.64 16.27
CA CYS A 1479 12.88 -45.95 16.33
C CYS A 1479 12.83 -46.53 17.73
N GLN A 1480 12.65 -47.84 17.79
CA GLN A 1480 12.43 -48.58 19.03
C GLN A 1480 13.74 -48.89 19.72
N GLN A 1481 13.64 -49.28 20.99
CA GLN A 1481 14.80 -49.58 21.81
C GLN A 1481 15.17 -51.04 21.71
N CYS A 1482 16.47 -51.33 21.71
CA CYS A 1482 16.94 -52.70 21.64
C CYS A 1482 16.57 -53.45 22.92
N LYS A 1483 16.02 -54.65 22.75
CA LYS A 1483 15.59 -55.46 23.89
C LYS A 1483 16.79 -55.89 24.73
N PRO A 1484 16.56 -56.22 25.99
CA PRO A 1484 17.66 -56.74 26.82
C PRO A 1484 18.23 -58.01 26.22
N GLY A 1485 19.55 -58.13 26.30
CA GLY A 1485 20.25 -59.22 25.65
C GLY A 1485 20.73 -58.90 24.25
N THR A 1486 20.35 -57.75 23.69
CA THR A 1486 20.82 -57.29 22.40
C THR A 1486 21.16 -55.81 22.49
N ASN A 1487 22.07 -55.35 21.65
CA ASN A 1487 22.50 -53.97 21.64
C ASN A 1487 22.54 -53.46 20.20
N SER A 1488 23.01 -52.21 20.03
CA SER A 1488 22.93 -51.51 18.77
C SER A 1488 24.29 -51.24 18.14
N LEU A 1489 25.28 -52.09 18.42
CA LEU A 1489 26.56 -51.96 17.76
C LEU A 1489 26.42 -52.30 16.28
N MET A 1490 27.14 -51.57 15.44
CA MET A 1490 27.02 -51.72 14.00
C MET A 1490 27.39 -53.14 13.56
N GLY A 1491 26.53 -53.74 12.74
CA GLY A 1491 26.74 -55.09 12.28
C GLY A 1491 25.96 -56.11 13.10
N ASP A 1492 26.29 -57.38 12.85
CA ASP A 1492 25.76 -58.52 13.58
C ASP A 1492 26.88 -59.17 14.39
N ARG A 1493 26.50 -60.04 15.33
CA ARG A 1493 27.51 -60.61 16.22
C ARG A 1493 28.47 -61.52 15.48
N THR A 1494 27.96 -62.36 14.58
CA THR A 1494 28.85 -63.22 13.80
C THR A 1494 29.75 -62.43 12.88
N GLN A 1495 29.43 -61.17 12.63
CA GLN A 1495 30.28 -60.27 11.86
C GLN A 1495 31.16 -59.40 12.74
N GLN A 1496 30.66 -58.96 13.90
CA GLN A 1496 31.49 -58.21 14.84
C GLN A 1496 32.67 -59.04 15.33
N MET A 1497 32.57 -60.37 15.26
CA MET A 1497 33.58 -61.26 15.79
C MET A 1497 34.48 -61.88 14.72
N ALA A 1498 34.14 -61.68 13.45
CA ALA A 1498 34.76 -62.45 12.37
C ALA A 1498 36.06 -61.82 11.90
N LEU A 1499 36.90 -62.65 11.29
CA LEU A 1499 38.19 -62.22 10.76
C LEU A 1499 38.47 -62.71 9.35
N VAL A 1500 37.59 -63.52 8.77
CA VAL A 1500 37.79 -64.11 7.44
C VAL A 1500 36.86 -63.39 6.48
N VAL A 1501 37.43 -62.80 5.43
CA VAL A 1501 36.68 -62.04 4.45
C VAL A 1501 36.17 -62.98 3.36
N THR A 1502 35.06 -62.58 2.74
CA THR A 1502 34.53 -63.27 1.58
C THR A 1502 34.47 -62.41 0.34
N ASN A 1503 34.28 -61.10 0.48
CA ASN A 1503 34.34 -60.16 -0.63
C ASN A 1503 35.73 -59.52 -0.59
N ALA A 1504 36.60 -59.95 -1.50
CA ALA A 1504 38.00 -59.52 -1.45
C ALA A 1504 38.13 -58.02 -1.67
N ALA A 1505 37.32 -57.46 -2.58
CA ALA A 1505 37.40 -56.03 -2.85
C ALA A 1505 36.80 -55.19 -1.74
N ASN A 1506 36.19 -55.80 -0.74
CA ASN A 1506 35.49 -55.09 0.32
C ASN A 1506 35.97 -55.41 1.72
N ASP A 1507 36.55 -56.59 1.95
CA ASP A 1507 36.86 -57.07 3.29
C ASP A 1507 35.61 -57.09 4.15
N PHE A 1508 34.48 -57.49 3.55
CA PHE A 1508 33.19 -57.21 4.17
C PHE A 1508 32.95 -57.99 5.45
N PRO A 1509 32.81 -59.32 5.42
CA PRO A 1509 32.30 -60.00 6.62
C PRO A 1509 33.38 -60.19 7.66
N ALA A 1510 34.18 -59.15 7.86
CA ALA A 1510 35.22 -59.12 8.88
C ALA A 1510 35.24 -57.71 9.46
N LEU A 1511 34.46 -57.51 10.50
CA LEU A 1511 34.46 -56.27 11.26
C LEU A 1511 35.15 -56.61 12.57
N ARG A 1512 36.46 -56.40 12.63
CA ARG A 1512 37.22 -56.84 13.78
C ARG A 1512 36.92 -55.93 14.97
N ALA A 1513 35.67 -55.98 15.43
CA ALA A 1513 35.19 -55.11 16.50
C ALA A 1513 35.17 -55.78 17.86
N TYR A 1514 35.64 -57.01 17.96
CA TYR A 1514 35.71 -57.71 19.23
C TYR A 1514 37.14 -58.21 19.43
N THR A 1515 37.70 -57.92 20.61
CA THR A 1515 39.04 -58.35 20.94
C THR A 1515 39.10 -58.66 22.43
N ILE A 1516 40.08 -59.48 22.81
CA ILE A 1516 40.21 -59.91 24.18
C ILE A 1516 41.63 -60.41 24.40
N SER A 1517 42.09 -60.30 25.64
CA SER A 1517 43.40 -60.81 26.03
C SER A 1517 43.25 -62.18 26.68
N GLY A 1518 44.26 -63.02 26.52
CA GLY A 1518 44.19 -64.33 27.14
C GLY A 1518 45.28 -65.24 26.64
N MET A 1519 45.28 -66.45 27.19
CA MET A 1519 46.28 -67.46 26.84
C MET A 1519 45.91 -68.13 25.52
N VAL A 1520 46.91 -68.32 24.66
CA VAL A 1520 46.72 -68.92 23.35
C VAL A 1520 47.72 -70.07 23.19
N ALA A 1521 47.45 -70.88 22.16
CA ALA A 1521 47.97 -72.24 21.97
C ALA A 1521 49.47 -72.32 21.78
N GLY A 1522 50.20 -71.21 21.82
CA GLY A 1522 51.64 -71.27 21.89
C GLY A 1522 52.12 -71.17 23.33
N PRO A 1523 51.52 -72.00 24.22
CA PRO A 1523 51.37 -71.62 25.63
C PRO A 1523 51.78 -70.19 25.96
N ALA A 1524 51.16 -69.22 25.32
CA ALA A 1524 51.63 -67.83 25.41
C ALA A 1524 50.48 -66.91 25.75
N TYR A 1525 50.71 -65.99 26.68
CA TYR A 1525 49.73 -64.95 26.94
C TYR A 1525 49.72 -63.98 25.77
N ALA A 1526 48.54 -63.45 25.46
CA ALA A 1526 48.37 -62.55 24.32
C ALA A 1526 47.54 -61.36 24.76
N LYS A 1527 48.19 -60.20 24.86
CA LYS A 1527 47.48 -58.95 24.78
C LYS A 1527 46.80 -58.88 23.40
N PRO A 1528 45.81 -57.99 23.22
CA PRO A 1528 44.61 -58.36 22.45
C PRO A 1528 44.84 -59.32 21.30
N ILE A 1529 44.07 -60.42 21.31
CA ILE A 1529 44.22 -61.46 20.30
C ILE A 1529 43.96 -60.90 18.91
N VAL A 1530 42.98 -60.02 18.79
CA VAL A 1530 42.70 -59.31 17.55
C VAL A 1530 43.27 -57.91 17.70
N THR A 1531 44.40 -57.66 17.06
CA THR A 1531 45.09 -56.39 17.17
C THR A 1531 44.70 -55.47 16.01
N GLY A 1532 45.38 -54.33 15.90
CA GLY A 1532 45.13 -53.41 14.82
C GLY A 1532 44.22 -52.27 15.22
N PRO A 1533 44.06 -51.28 14.34
CA PRO A 1533 43.21 -50.14 14.63
C PRO A 1533 41.75 -50.48 14.37
N ASP A 1534 40.93 -50.42 15.42
CA ASP A 1534 39.51 -50.67 15.27
C ASP A 1534 38.89 -49.65 14.33
N THR A 1535 38.03 -50.10 13.43
CA THR A 1535 37.45 -49.24 12.42
C THR A 1535 35.95 -49.44 12.23
N ASN A 1536 35.30 -50.25 13.05
CA ASN A 1536 33.84 -50.42 13.03
C ASN A 1536 33.35 -50.23 14.45
N PHE A 1537 33.15 -48.98 14.84
CA PHE A 1537 32.78 -48.61 16.20
C PHE A 1537 31.59 -47.66 16.14
N PHE A 1538 30.39 -48.21 15.95
CA PHE A 1538 29.25 -47.34 15.70
C PHE A 1538 28.01 -47.90 16.37
N MET A 1539 27.34 -47.05 17.13
CA MET A 1539 26.16 -47.44 17.87
C MET A 1539 24.94 -46.61 17.52
N ALA A 1540 25.10 -45.52 16.75
CA ALA A 1540 23.98 -44.61 16.49
C ALA A 1540 23.10 -45.12 15.37
N GLY A 1541 23.64 -45.21 14.15
CA GLY A 1541 22.81 -45.61 13.03
C GLY A 1541 22.72 -47.11 12.92
N LYS A 1542 21.65 -47.69 13.45
CA LYS A 1542 21.45 -49.13 13.44
C LYS A 1542 20.35 -49.44 12.44
N SER A 1543 20.73 -50.01 11.30
CA SER A 1543 19.81 -50.20 10.18
C SER A 1543 19.33 -51.64 10.06
N GLU A 1544 19.38 -52.41 11.15
CA GLU A 1544 18.91 -53.78 11.13
C GLU A 1544 18.52 -54.17 12.54
N THR A 1545 18.18 -55.45 12.72
CA THR A 1545 17.81 -55.94 14.04
C THR A 1545 19.02 -55.88 14.97
N CYS A 1546 18.73 -55.66 16.26
CA CYS A 1546 19.80 -55.53 17.23
C CYS A 1546 20.60 -56.81 17.34
N SER A 1547 21.90 -56.67 17.53
CA SER A 1547 22.82 -57.81 17.59
C SER A 1547 22.96 -58.30 19.02
N THR A 1548 23.13 -59.62 19.15
CA THR A 1548 23.36 -60.21 20.46
C THR A 1548 24.67 -59.72 21.05
N ASN A 1549 24.73 -59.68 22.37
CA ASN A 1549 25.90 -59.14 23.05
C ASN A 1549 27.12 -60.02 22.82
N LEU A 1550 28.28 -59.37 22.73
CA LEU A 1550 29.53 -60.10 22.66
C LEU A 1550 29.81 -60.77 24.00
N PRO A 1551 30.63 -61.83 24.00
CA PRO A 1551 30.97 -62.49 25.26
C PRO A 1551 31.62 -61.52 26.24
N GLY A 1552 31.16 -61.57 27.49
CA GLY A 1552 31.68 -60.70 28.52
C GLY A 1552 30.87 -59.44 28.78
N TYR A 1553 29.80 -59.20 28.02
CA TYR A 1553 29.01 -57.98 28.14
C TYR A 1553 27.54 -58.34 28.31
N TYR A 1554 26.78 -57.42 28.90
CA TYR A 1554 25.37 -57.66 29.17
C TYR A 1554 24.59 -56.36 29.08
N THR A 1555 23.29 -56.49 28.78
CA THR A 1555 22.35 -55.38 28.85
C THR A 1555 21.07 -55.89 29.49
N ASP A 1556 20.68 -55.28 30.61
CA ASP A 1556 19.55 -55.78 31.39
C ASP A 1556 18.27 -54.97 31.19
N VAL A 1557 18.35 -53.75 30.68
CA VAL A 1557 17.18 -52.92 30.47
C VAL A 1557 17.09 -52.55 29.00
N ASP A 1558 15.92 -52.06 28.60
CA ASP A 1558 15.69 -51.71 27.21
C ASP A 1558 16.49 -50.47 26.82
N GLY A 1559 17.11 -50.53 25.66
CA GLY A 1559 17.72 -49.36 25.05
C GLY A 1559 18.93 -48.79 25.75
N LEU A 1560 19.80 -49.64 26.28
CA LEU A 1560 21.07 -49.14 26.78
C LEU A 1560 21.95 -48.70 25.61
N PRO A 1561 22.70 -47.62 25.77
CA PRO A 1561 23.54 -47.17 24.64
C PRO A 1561 24.64 -48.15 24.29
N ILE A 1562 25.33 -48.71 25.28
CA ILE A 1562 26.47 -49.57 25.05
C ILE A 1562 26.33 -50.82 25.92
N GLN A 1563 26.95 -51.90 25.49
CA GLN A 1563 26.99 -53.10 26.32
C GLN A 1563 27.79 -52.85 27.59
N LEU A 1564 27.29 -53.33 28.71
CA LEU A 1564 28.11 -53.09 29.88
C LEU A 1564 28.94 -54.32 30.21
N PRO A 1565 30.14 -54.15 30.77
CA PRO A 1565 31.00 -55.29 31.03
C PRO A 1565 30.71 -55.95 32.37
N CYS A 1566 30.90 -57.26 32.41
CA CYS A 1566 30.70 -58.00 33.64
C CYS A 1566 31.76 -57.59 34.67
N LYS A 1567 31.33 -57.44 35.92
CA LYS A 1567 32.20 -56.98 36.99
C LYS A 1567 33.20 -58.09 37.33
N PRO A 1568 34.30 -57.76 38.02
CA PRO A 1568 35.42 -58.71 38.16
C PRO A 1568 35.04 -60.08 38.67
N GLY A 1569 34.13 -60.18 39.65
CA GLY A 1569 33.83 -61.48 40.22
C GLY A 1569 32.98 -62.37 39.34
N THR A 1570 32.44 -61.86 38.25
CA THR A 1570 31.47 -62.58 37.42
C THR A 1570 32.05 -62.84 36.02
N PHE A 1571 31.25 -63.50 35.20
CA PHE A 1571 31.65 -63.78 33.82
C PHE A 1571 30.40 -63.98 32.97
N MET A 1572 30.59 -63.94 31.66
CA MET A 1572 29.53 -64.16 30.67
C MET A 1572 30.05 -64.97 29.50
N PRO A 1573 29.62 -66.23 29.36
CA PRO A 1573 30.12 -67.06 28.26
C PRO A 1573 29.54 -66.68 26.91
N PHE A 1574 30.00 -67.35 25.85
CA PHE A 1574 29.44 -67.12 24.52
C PHE A 1574 27.99 -67.59 24.45
N ASP A 1575 27.73 -68.82 24.88
CA ASP A 1575 26.38 -69.35 24.98
C ASP A 1575 26.42 -70.55 25.93
N THR A 1576 25.27 -71.18 26.12
CA THR A 1576 25.16 -72.24 27.11
C THR A 1576 26.01 -73.45 26.72
N ALA A 1577 25.97 -73.86 25.45
CA ALA A 1577 26.67 -75.07 25.03
C ALA A 1577 28.17 -74.91 25.15
N THR A 1578 28.71 -73.75 24.76
CA THR A 1578 30.14 -73.50 24.79
C THR A 1578 30.59 -72.89 26.11
N ALA A 1579 29.69 -72.78 27.09
CA ALA A 1579 30.06 -72.22 28.38
C ALA A 1579 31.00 -73.16 29.12
N ASN A 1580 31.97 -72.57 29.80
CA ASN A 1580 32.82 -73.31 30.73
C ASN A 1580 32.04 -73.50 32.02
N LEU A 1581 32.73 -73.83 33.13
CA LEU A 1581 32.05 -74.30 34.33
C LEU A 1581 30.81 -73.47 34.66
N LEU A 1582 29.66 -74.12 34.57
CA LEU A 1582 28.34 -73.49 34.66
C LEU A 1582 27.34 -74.63 34.84
N ASP A 1583 26.53 -74.57 35.89
CA ASP A 1583 25.79 -75.73 36.34
C ASP A 1583 24.64 -76.08 35.39
N THR A 1584 23.85 -77.07 35.82
CA THR A 1584 22.93 -77.78 34.94
C THR A 1584 21.77 -76.90 34.50
N GLY A 1585 21.12 -76.22 35.46
CA GLY A 1585 19.91 -75.48 35.13
C GLY A 1585 20.16 -74.11 34.53
N LEU A 1586 21.35 -73.55 34.71
CA LEU A 1586 21.60 -72.17 34.32
C LEU A 1586 21.70 -72.04 32.81
N THR A 1587 21.02 -71.04 32.25
CA THR A 1587 21.11 -70.68 30.85
C THR A 1587 21.59 -69.24 30.75
N VAL A 1588 22.31 -68.94 29.66
CA VAL A 1588 22.86 -67.62 29.43
C VAL A 1588 22.17 -67.02 28.21
N ASP A 1589 21.63 -65.81 28.39
CA ASP A 1589 20.93 -65.11 27.32
C ASP A 1589 21.45 -63.72 27.06
N GLY A 1590 22.45 -63.26 27.81
CA GLY A 1590 23.02 -61.95 27.60
C GLY A 1590 22.57 -60.87 28.57
N THR A 1591 21.78 -61.23 29.59
CA THR A 1591 21.30 -60.25 30.55
C THR A 1591 21.85 -60.43 31.95
N GLN A 1592 22.45 -61.58 32.25
CA GLN A 1592 22.92 -61.88 33.60
C GLN A 1592 24.37 -62.34 33.56
N CYS A 1593 25.22 -61.68 34.35
CA CYS A 1593 26.56 -62.17 34.59
C CYS A 1593 26.51 -63.19 35.72
N TYR A 1594 27.14 -64.34 35.51
CA TYR A 1594 27.15 -65.41 36.50
C TYR A 1594 28.43 -65.35 37.32
N THR A 1595 28.32 -65.73 38.59
CA THR A 1595 29.47 -65.74 39.47
C THR A 1595 30.45 -66.82 39.05
N CYS A 1596 31.65 -66.76 39.62
CA CYS A 1596 32.65 -67.79 39.40
C CYS A 1596 32.48 -68.89 40.44
N GLN A 1597 32.55 -70.14 40.00
CA GLN A 1597 32.40 -71.25 40.92
C GLN A 1597 33.49 -71.24 41.98
N THR A 1598 33.29 -72.05 43.01
CA THR A 1598 34.35 -72.26 43.99
C THR A 1598 35.52 -72.96 43.32
N GLY A 1599 36.73 -72.55 43.69
CA GLY A 1599 37.92 -73.02 43.03
C GLY A 1599 38.30 -72.25 41.79
N THR A 1600 37.50 -71.27 41.38
CA THR A 1600 37.82 -70.39 40.27
C THR A 1600 37.65 -68.95 40.72
N PHE A 1601 38.42 -68.06 40.10
CA PHE A 1601 38.37 -66.65 40.43
C PHE A 1601 38.46 -65.85 39.15
N ASN A 1602 38.18 -64.55 39.27
CA ASN A 1602 38.27 -63.65 38.13
C ASN A 1602 38.49 -62.23 38.67
N ASP A 1603 39.48 -61.54 38.11
CA ASP A 1603 39.84 -60.22 38.58
C ASP A 1603 39.74 -59.13 37.53
N GLU A 1604 39.29 -59.47 36.32
CA GLU A 1604 39.23 -58.52 35.22
C GLU A 1604 37.79 -58.26 34.83
N PHE A 1605 37.59 -57.19 34.07
CA PHE A 1605 36.27 -56.83 33.58
C PHE A 1605 36.01 -57.51 32.24
N SER A 1606 34.74 -57.84 32.00
CA SER A 1606 34.26 -58.36 30.73
C SER A 1606 35.04 -59.61 30.31
N GLN A 1607 34.93 -60.66 31.12
CA GLN A 1607 35.59 -61.90 30.78
C GLN A 1607 34.57 -62.94 30.35
N PRO A 1608 34.92 -63.81 29.39
CA PRO A 1608 34.02 -64.90 29.02
C PRO A 1608 34.22 -66.17 29.82
N VAL A 1609 35.28 -66.27 30.62
CA VAL A 1609 35.54 -67.43 31.45
C VAL A 1609 36.22 -66.98 32.72
N CYS A 1610 36.04 -67.75 33.79
CA CYS A 1610 36.79 -67.52 35.02
C CYS A 1610 38.20 -68.07 34.88
N LYS A 1611 39.02 -67.81 35.90
CA LYS A 1611 40.40 -68.29 35.93
C LYS A 1611 40.56 -69.31 37.04
N ALA A 1612 41.40 -70.31 36.78
CA ALA A 1612 41.59 -71.40 37.73
C ALA A 1612 42.58 -70.99 38.80
N CYS A 1613 42.23 -71.25 40.05
CA CYS A 1613 43.14 -70.95 41.16
C CYS A 1613 44.37 -71.85 41.07
N TRP A 1614 45.54 -71.25 41.24
CA TRP A 1614 46.78 -71.99 41.05
C TRP A 1614 47.11 -72.84 42.27
N SER A 1615 48.16 -73.66 42.15
CA SER A 1615 48.59 -74.49 43.25
C SER A 1615 49.23 -73.63 44.34
N GLY A 1616 48.82 -73.84 45.58
CA GLY A 1616 49.18 -72.98 46.67
C GLY A 1616 48.12 -71.98 47.06
N SER A 1617 46.96 -72.01 46.41
CA SER A 1617 45.89 -71.07 46.69
C SER A 1617 44.56 -71.77 46.50
N PHE A 1618 43.51 -71.17 47.07
CA PHE A 1618 42.18 -71.76 47.00
C PHE A 1618 41.15 -70.64 46.93
N ALA A 1619 39.96 -71.00 46.46
CA ALA A 1619 38.83 -70.09 46.36
C ALA A 1619 37.64 -70.76 47.02
N SER A 1620 37.40 -70.42 48.30
CA SER A 1620 36.36 -71.09 49.07
C SER A 1620 34.97 -70.53 48.79
N LYS A 1621 34.87 -69.23 48.51
CA LYS A 1621 33.58 -68.59 48.31
C LYS A 1621 33.22 -68.57 46.83
N ARG A 1622 32.17 -67.83 46.49
CA ARG A 1622 31.66 -67.75 45.13
C ARG A 1622 31.86 -66.32 44.61
N GLY A 1623 32.32 -66.21 43.37
CA GLY A 1623 32.55 -64.91 42.78
C GLY A 1623 33.66 -64.10 43.43
N LEU A 1624 34.77 -64.75 43.74
CA LEU A 1624 35.89 -64.06 44.38
C LEU A 1624 36.65 -63.24 43.34
N PRO A 1625 36.98 -61.97 43.63
CA PRO A 1625 37.86 -61.23 42.73
C PRO A 1625 39.32 -61.64 42.84
N THR A 1626 39.70 -62.34 43.91
CA THR A 1626 41.08 -62.76 44.11
C THR A 1626 41.08 -64.14 44.76
N CYS A 1627 42.17 -64.87 44.57
CA CYS A 1627 42.33 -66.18 45.17
C CYS A 1627 42.95 -66.06 46.55
N GLU A 1628 42.46 -66.87 47.49
CA GLU A 1628 43.00 -66.87 48.84
C GLU A 1628 44.27 -67.69 48.89
N ILE A 1629 45.24 -67.20 49.65
CA ILE A 1629 46.56 -67.83 49.73
C ILE A 1629 46.58 -68.78 50.92
N ALA A 1630 47.08 -69.99 50.69
CA ALA A 1630 47.16 -70.98 51.76
C ALA A 1630 48.08 -70.47 52.87
N GLN A 1631 47.75 -70.82 54.10
CA GLN A 1631 48.47 -70.32 55.25
C GLN A 1631 49.45 -71.37 55.77
N PRO A 1632 50.44 -70.96 56.56
CA PRO A 1632 51.39 -71.93 57.11
C PRO A 1632 50.68 -73.04 57.86
N GLY A 1633 51.15 -74.27 57.65
CA GLY A 1633 50.48 -75.44 58.15
C GLY A 1633 49.49 -76.06 57.18
N THR A 1634 49.34 -75.49 55.99
CA THR A 1634 48.41 -76.00 54.99
C THR A 1634 49.05 -75.89 53.62
N PHE A 1635 48.41 -76.52 52.64
CA PHE A 1635 48.89 -76.50 51.27
C PHE A 1635 47.77 -76.95 50.34
N THR A 1636 47.85 -76.50 49.09
CA THR A 1636 46.96 -76.98 48.04
C THR A 1636 47.79 -77.40 46.85
N ASN A 1637 47.53 -78.60 46.34
CA ASN A 1637 48.25 -79.14 45.19
C ASN A 1637 47.24 -79.81 44.27
N VAL A 1638 46.70 -79.04 43.34
CA VAL A 1638 45.82 -79.55 42.29
C VAL A 1638 46.62 -79.48 41.00
N ALA A 1639 46.99 -80.64 40.47
CA ALA A 1639 47.86 -80.69 39.31
C ALA A 1639 47.10 -80.61 37.99
N ALA A 1640 45.79 -80.83 37.99
CA ALA A 1640 45.01 -80.75 36.77
C ALA A 1640 44.40 -79.38 36.53
N ALA A 1641 44.52 -78.46 37.48
CA ALA A 1641 43.97 -77.12 37.30
C ALA A 1641 44.68 -76.40 36.17
N ALA A 1642 43.90 -75.81 35.28
CA ALA A 1642 44.45 -75.15 34.10
C ALA A 1642 43.51 -74.03 33.68
N ASN A 1643 44.06 -73.10 32.90
CA ASN A 1643 43.33 -71.96 32.40
C ASN A 1643 42.77 -72.25 31.01
N ALA A 1644 41.72 -71.52 30.66
CA ALA A 1644 41.11 -71.67 29.35
C ALA A 1644 42.03 -71.13 28.26
N THR A 1645 42.08 -71.83 27.15
CA THR A 1645 42.89 -71.44 26.01
C THR A 1645 41.98 -70.92 24.90
N PHE A 1646 42.30 -69.73 24.39
CA PHE A 1646 41.42 -69.06 23.44
C PHE A 1646 41.67 -69.59 22.04
N ASN A 1647 40.61 -70.08 21.39
CA ASN A 1647 40.68 -70.48 19.99
C ASN A 1647 40.84 -69.24 19.14
N THR A 1648 42.04 -69.04 18.60
CA THR A 1648 42.36 -67.78 17.91
C THR A 1648 41.54 -67.59 16.64
N ALA A 1649 40.87 -68.63 16.14
CA ALA A 1649 40.04 -68.49 14.95
C ALA A 1649 38.59 -68.14 15.29
N THR A 1650 38.07 -68.69 16.39
CA THR A 1650 36.69 -68.44 16.79
C THR A 1650 36.57 -67.61 18.06
N LEU A 1651 37.70 -67.29 18.72
CA LEU A 1651 37.71 -66.41 19.88
C LEU A 1651 36.83 -66.94 21.02
N ILE A 1652 36.87 -68.26 21.22
CA ILE A 1652 36.10 -68.88 22.29
C ILE A 1652 37.01 -69.78 23.12
N PRO A 1653 37.07 -69.61 24.44
CA PRO A 1653 37.94 -70.44 25.27
C PRO A 1653 37.26 -71.72 25.71
N THR A 1654 38.05 -72.80 25.79
CA THR A 1654 37.51 -74.13 25.99
C THR A 1654 37.92 -74.77 27.31
N GLY A 1655 39.22 -74.91 27.56
CA GLY A 1655 39.65 -75.81 28.64
C GLY A 1655 39.92 -75.18 29.99
N LEU A 1656 38.94 -75.25 30.89
CA LEU A 1656 39.09 -74.73 32.24
C LEU A 1656 38.85 -75.84 33.25
N VAL A 1657 39.80 -76.02 34.18
CA VAL A 1657 39.67 -76.97 35.28
C VAL A 1657 39.87 -76.20 36.58
N LYS A 1658 38.89 -76.29 37.48
CA LYS A 1658 38.92 -75.48 38.68
C LYS A 1658 40.00 -75.96 39.65
N GLY A 1659 40.45 -75.04 40.50
CA GLY A 1659 41.47 -75.35 41.48
C GLY A 1659 40.91 -75.98 42.74
N ALA A 1660 41.43 -75.58 43.89
CA ALA A 1660 41.03 -76.16 45.16
C ALA A 1660 40.05 -75.23 45.88
N GLN A 1661 39.13 -75.85 46.63
CA GLN A 1661 38.17 -75.09 47.42
C GLN A 1661 38.66 -74.86 48.85
N ALA A 1662 39.35 -75.82 49.43
CA ALA A 1662 39.85 -75.73 50.79
C ALA A 1662 41.28 -76.22 50.83
N PRO A 1663 42.11 -75.67 51.73
CA PRO A 1663 43.49 -76.14 51.83
C PRO A 1663 43.58 -77.42 52.63
N THR A 1664 44.56 -78.24 52.25
CA THR A 1664 44.81 -79.50 52.95
C THR A 1664 45.78 -79.26 54.10
N PRO A 1665 45.42 -79.61 55.33
CA PRO A 1665 46.37 -79.49 56.43
C PRO A 1665 47.46 -80.54 56.32
N CYS A 1666 48.65 -80.18 56.79
CA CYS A 1666 49.75 -81.14 56.81
C CYS A 1666 49.41 -82.31 57.72
N GLY A 1667 49.81 -83.50 57.31
CA GLY A 1667 49.52 -84.68 58.11
C GLY A 1667 50.34 -84.72 59.38
N MET A 1668 50.03 -85.72 60.21
CA MET A 1668 50.79 -85.93 61.43
C MET A 1668 52.23 -86.33 61.09
N GLY A 1669 53.18 -85.72 61.79
CA GLY A 1669 54.58 -85.93 61.50
C GLY A 1669 55.16 -85.00 60.46
N TYR A 1670 54.33 -84.21 59.80
CA TYR A 1670 54.76 -83.24 58.79
C TYR A 1670 54.36 -81.84 59.22
N PHE A 1671 55.00 -80.84 58.63
CA PHE A 1671 54.71 -79.45 58.96
C PHE A 1671 55.03 -78.58 57.77
N GLN A 1672 54.46 -77.38 57.76
CA GLN A 1672 54.73 -76.40 56.73
C GLN A 1672 54.84 -75.02 57.35
N SER A 1673 55.86 -74.26 56.95
CA SER A 1673 56.11 -72.94 57.51
C SER A 1673 55.84 -71.80 56.54
N SER A 1674 56.06 -72.01 55.25
CA SER A 1674 55.77 -70.98 54.27
C SER A 1674 54.29 -70.99 53.90
N ALA A 1675 53.81 -69.85 53.40
CA ALA A 1675 52.38 -69.71 53.15
C ALA A 1675 51.97 -70.36 51.84
N GLU A 1676 52.50 -69.86 50.72
CA GLU A 1676 52.07 -70.32 49.40
C GLU A 1676 52.96 -71.48 48.99
N THR A 1677 52.45 -72.70 49.13
CA THR A 1677 53.25 -73.89 48.90
C THR A 1677 52.33 -75.04 48.48
N THR A 1678 52.95 -76.11 47.99
CA THR A 1678 52.21 -77.26 47.47
C THR A 1678 52.61 -78.58 48.14
N THR A 1679 53.33 -78.53 49.25
CA THR A 1679 53.85 -79.76 49.85
C THR A 1679 54.04 -79.57 51.34
N CYS A 1680 54.18 -80.69 52.04
CA CYS A 1680 54.54 -80.71 53.45
C CYS A 1680 55.91 -81.33 53.60
N THR A 1681 56.70 -80.81 54.53
CA THR A 1681 58.07 -81.27 54.78
C THR A 1681 58.12 -81.95 56.14
N ALA A 1682 58.54 -83.21 56.15
CA ALA A 1682 58.78 -83.89 57.41
C ALA A 1682 59.95 -83.24 58.14
N CYS A 1683 59.78 -82.96 59.42
CA CYS A 1683 60.85 -82.27 60.14
C CYS A 1683 61.84 -83.27 60.71
N ALA A 1684 63.06 -82.77 60.93
CA ALA A 1684 64.22 -83.63 61.12
C ALA A 1684 64.25 -84.21 62.53
N VAL A 1685 65.40 -84.78 62.89
CA VAL A 1685 65.54 -85.45 64.16
C VAL A 1685 65.37 -84.48 65.32
N GLY A 1686 64.92 -85.00 66.46
CA GLY A 1686 64.73 -84.21 67.66
C GLY A 1686 63.44 -83.44 67.74
N THR A 1687 62.60 -83.50 66.70
CA THR A 1687 61.34 -82.78 66.69
C THR A 1687 60.24 -83.71 66.19
N TYR A 1688 59.00 -83.40 66.58
CA TYR A 1688 57.85 -84.22 66.24
C TYR A 1688 56.64 -83.33 66.00
N ALA A 1689 55.65 -83.87 65.31
CA ALA A 1689 54.41 -83.17 65.00
C ALA A 1689 53.26 -84.16 65.16
N ASP A 1690 52.53 -84.07 66.28
CA ASP A 1690 51.46 -85.00 66.59
C ASP A 1690 50.08 -84.45 66.27
N GLN A 1691 49.99 -83.34 65.54
CA GLN A 1691 48.72 -82.79 65.12
C GLN A 1691 48.77 -82.47 63.64
N ALA A 1692 47.59 -82.45 63.02
CA ALA A 1692 47.47 -82.16 61.60
C ALA A 1692 47.34 -80.65 61.40
N GLY A 1693 48.23 -80.08 60.60
CA GLY A 1693 48.17 -78.66 60.32
C GLY A 1693 49.01 -77.82 61.26
N LEU A 1694 50.29 -78.15 61.38
CA LEU A 1694 51.19 -77.44 62.28
C LEU A 1694 52.11 -76.52 61.47
N ALA A 1695 52.17 -75.25 61.88
CA ALA A 1695 53.04 -74.30 61.20
C ALA A 1695 54.50 -74.52 61.52
N ALA A 1696 54.81 -75.20 62.63
CA ALA A 1696 56.18 -75.54 62.98
C ALA A 1696 56.11 -76.65 64.02
N CYS A 1697 56.77 -77.77 63.76
CA CYS A 1697 56.68 -78.91 64.65
C CYS A 1697 57.57 -78.70 65.87
N LYS A 1698 57.07 -79.14 67.02
CA LYS A 1698 57.65 -78.87 68.32
C LYS A 1698 58.87 -79.75 68.59
N PRO A 1699 59.81 -79.29 69.42
CA PRO A 1699 60.95 -80.13 69.78
C PRO A 1699 60.61 -81.02 70.96
N CYS A 1700 61.33 -82.14 71.04
CA CYS A 1700 61.08 -83.11 72.11
C CYS A 1700 61.34 -82.47 73.47
N GLN A 1701 60.50 -82.81 74.44
CA GLN A 1701 60.67 -82.30 75.79
C GLN A 1701 61.86 -82.95 76.46
N PRO A 1702 62.39 -82.34 77.53
CA PRO A 1702 63.52 -82.95 78.25
C PRO A 1702 63.15 -84.34 78.74
N GLY A 1703 64.13 -85.25 78.66
CA GLY A 1703 63.89 -86.64 78.96
C GLY A 1703 63.44 -87.47 77.79
N ARG A 1704 63.30 -86.89 76.61
CA ARG A 1704 62.85 -87.60 75.42
C ARG A 1704 63.79 -87.31 74.27
N TYR A 1705 63.86 -88.26 73.33
CA TYR A 1705 64.70 -88.12 72.14
C TYR A 1705 63.94 -88.65 70.94
N GLN A 1706 64.40 -88.26 69.75
CA GLN A 1706 63.80 -88.72 68.51
C GLN A 1706 64.86 -88.64 67.42
N ASN A 1707 65.29 -89.79 66.92
CA ASN A 1707 66.38 -89.87 65.96
C ASN A 1707 65.90 -90.20 64.55
N SER A 1708 64.62 -89.96 64.26
CA SER A 1708 64.08 -90.19 62.93
C SER A 1708 63.37 -88.92 62.46
N ILE A 1709 63.22 -88.81 61.14
CA ILE A 1709 62.55 -87.68 60.54
C ILE A 1709 61.08 -88.04 60.30
N GLY A 1710 60.22 -87.06 60.44
CA GLY A 1710 58.81 -87.24 60.16
C GLY A 1710 58.08 -88.19 61.08
N GLN A 1711 58.32 -88.10 62.38
CA GLN A 1711 57.60 -88.89 63.36
C GLN A 1711 56.74 -87.98 64.23
N ARG A 1712 55.73 -88.58 64.87
CA ARG A 1712 54.79 -87.83 65.70
C ARG A 1712 54.89 -88.21 67.17
N VAL A 1713 55.97 -88.88 67.57
CA VAL A 1713 56.16 -89.30 68.95
C VAL A 1713 57.63 -89.14 69.32
N CYS A 1714 57.88 -88.72 70.55
CA CYS A 1714 59.23 -88.71 71.12
C CYS A 1714 59.39 -89.91 72.04
N LYS A 1715 60.57 -90.53 72.02
CA LYS A 1715 60.73 -91.71 72.84
C LYS A 1715 61.47 -91.37 74.12
N PRO A 1716 61.20 -92.07 75.22
CA PRO A 1716 61.88 -91.77 76.48
C PRO A 1716 63.25 -92.41 76.55
N CYS A 1717 64.14 -91.75 77.29
CA CYS A 1717 65.52 -92.19 77.41
C CYS A 1717 65.64 -93.21 78.55
N ASP A 1718 66.37 -94.29 78.30
CA ASP A 1718 66.53 -95.31 79.32
C ASP A 1718 67.41 -94.80 80.46
N MET A 1719 67.42 -95.57 81.56
CA MET A 1719 68.11 -95.14 82.76
C MET A 1719 69.61 -94.99 82.51
N GLY A 1720 70.21 -94.00 83.17
CA GLY A 1720 71.60 -93.68 82.98
C GLY A 1720 71.86 -92.58 81.97
N THR A 1721 70.86 -92.17 81.21
CA THR A 1721 71.00 -91.14 80.20
C THR A 1721 70.03 -90.00 80.47
N TYR A 1722 70.45 -88.78 80.13
CA TYR A 1722 69.61 -87.61 80.25
C TYR A 1722 69.50 -86.94 78.88
N SER A 1723 68.63 -85.94 78.81
CA SER A 1723 68.42 -85.21 77.57
C SER A 1723 67.71 -83.90 77.88
N ARG A 1724 68.27 -82.80 77.35
CA ARG A 1724 67.62 -81.49 77.45
C ARG A 1724 66.57 -81.37 76.35
N TYR A 1725 66.11 -80.14 76.10
CA TYR A 1725 65.12 -79.91 75.06
C TYR A 1725 65.62 -80.46 73.71
N GLY A 1726 64.69 -80.58 72.77
CA GLY A 1726 64.77 -81.54 71.68
C GLY A 1726 66.14 -81.87 71.13
N GLY A 1727 66.48 -83.16 71.18
CA GLY A 1727 67.79 -83.61 70.77
C GLY A 1727 67.68 -84.92 70.02
N GLU A 1728 68.65 -85.14 69.12
CA GLU A 1728 68.62 -86.33 68.28
C GLU A 1728 68.79 -87.60 69.09
N LEU A 1729 69.64 -87.57 70.12
CA LEU A 1729 69.91 -88.76 70.92
C LEU A 1729 70.12 -88.36 72.37
N CYS A 1730 69.85 -89.31 73.26
CA CYS A 1730 70.14 -89.11 74.67
C CYS A 1730 71.64 -89.29 74.91
N THR A 1731 72.20 -88.45 75.77
CA THR A 1731 73.63 -88.46 76.05
C THR A 1731 73.85 -89.05 77.44
N LYS A 1732 74.81 -89.98 77.53
CA LYS A 1732 75.09 -90.65 78.79
C LYS A 1732 75.52 -89.66 79.86
N CYS A 1733 75.14 -89.94 81.10
CA CYS A 1733 75.57 -89.11 82.20
C CYS A 1733 77.10 -89.12 82.28
N PRO A 1734 77.72 -87.96 82.47
CA PRO A 1734 79.19 -87.92 82.59
C PRO A 1734 79.68 -88.77 83.74
N ALA A 1735 81.00 -88.93 83.81
CA ALA A 1735 81.61 -89.70 84.89
C ALA A 1735 81.45 -88.95 86.20
N GLY A 1736 80.89 -89.62 87.20
CA GLY A 1736 80.69 -89.04 88.50
C GLY A 1736 79.30 -88.53 88.79
N THR A 1737 78.36 -88.68 87.87
CA THR A 1737 76.99 -88.23 88.07
C THR A 1737 76.03 -89.35 87.67
N VAL A 1738 74.79 -89.23 88.15
CA VAL A 1738 73.83 -90.32 88.12
C VAL A 1738 72.49 -89.83 87.59
N ALA A 1739 71.71 -90.78 87.06
CA ALA A 1739 70.34 -90.53 86.63
C ALA A 1739 69.56 -91.83 86.78
N SER A 1740 68.54 -91.82 87.65
CA SER A 1740 67.88 -93.06 88.07
C SER A 1740 66.73 -93.46 87.15
N LYS A 1741 65.77 -92.57 86.93
CA LYS A 1741 64.54 -92.92 86.24
C LYS A 1741 64.74 -92.95 84.73
N THR A 1742 63.65 -93.07 83.98
CA THR A 1742 63.67 -93.03 82.53
C THR A 1742 63.16 -91.72 81.97
N GLY A 1743 62.63 -90.83 82.81
CA GLY A 1743 62.23 -89.52 82.36
C GLY A 1743 63.27 -88.48 82.74
N SER A 1744 64.50 -88.94 82.95
CA SER A 1744 65.56 -88.07 83.45
C SER A 1744 65.85 -86.95 82.47
N SER A 1745 65.92 -85.72 83.00
CA SER A 1745 66.19 -84.55 82.19
C SER A 1745 67.56 -83.95 82.43
N GLN A 1746 68.23 -84.32 83.51
CA GLN A 1746 69.56 -83.81 83.80
C GLN A 1746 70.28 -84.78 84.73
N CYS A 1747 71.60 -84.70 84.72
CA CYS A 1747 72.44 -85.56 85.55
C CYS A 1747 72.76 -84.86 86.87
N THR A 1748 72.70 -85.61 87.95
CA THR A 1748 73.04 -85.10 89.27
C THR A 1748 74.27 -85.84 89.82
N PRO A 1749 75.22 -85.11 90.42
CA PRO A 1749 76.45 -85.75 90.89
C PRO A 1749 76.27 -86.37 92.28
N CYS A 1750 76.90 -87.53 92.46
CA CYS A 1750 76.85 -88.20 93.76
C CYS A 1750 77.50 -87.32 94.82
N ALA A 1751 76.84 -87.20 95.97
CA ALA A 1751 77.34 -86.37 97.05
C ALA A 1751 78.58 -87.00 97.68
N ALA A 1752 79.27 -86.19 98.50
CA ALA A 1752 80.46 -86.67 99.19
C ALA A 1752 80.12 -87.83 100.11
N GLY A 1753 80.97 -88.86 100.09
CA GLY A 1753 80.70 -90.08 100.79
C GLY A 1753 79.95 -91.11 99.99
N PHE A 1754 79.40 -90.73 98.85
CA PHE A 1754 78.71 -91.64 97.95
C PHE A 1754 79.42 -91.67 96.60
N TYR A 1755 79.33 -92.81 95.93
CA TYR A 1755 79.96 -93.00 94.63
C TYR A 1755 78.95 -93.57 93.65
N ALA A 1756 79.11 -93.20 92.38
CA ALA A 1756 78.28 -93.74 91.32
C ALA A 1756 78.72 -95.15 90.97
N ASN A 1757 77.75 -96.04 90.78
CA ASN A 1757 78.05 -97.45 90.57
C ASN A 1757 78.28 -97.78 89.10
N ALA A 1758 79.09 -96.96 88.43
CA ALA A 1758 79.43 -97.11 87.03
C ALA A 1758 80.44 -96.05 86.64
N PRO A 1759 81.24 -96.27 85.60
CA PRO A 1759 82.12 -95.19 85.12
C PRO A 1759 81.34 -94.00 84.60
N ASP A 1760 80.48 -94.23 83.60
CA ASP A 1760 79.71 -93.14 82.99
C ASP A 1760 78.21 -93.29 83.19
N SER A 1761 77.61 -94.40 82.74
CA SER A 1761 76.16 -94.55 82.72
C SER A 1761 75.69 -95.06 84.09
N ALA A 1762 75.85 -94.21 85.10
CA ALA A 1762 75.48 -94.58 86.45
C ALA A 1762 73.97 -94.65 86.61
N THR A 1763 73.53 -95.50 87.54
CA THR A 1763 72.11 -95.65 87.83
C THR A 1763 71.75 -95.43 89.29
N SER A 1764 72.69 -95.54 90.22
CA SER A 1764 72.38 -95.33 91.63
C SER A 1764 73.64 -94.97 92.40
N CYS A 1765 73.58 -93.86 93.14
CA CYS A 1765 74.66 -93.53 94.06
C CYS A 1765 74.60 -94.47 95.26
N ARG A 1766 75.74 -95.07 95.60
CA ARG A 1766 75.84 -95.97 96.74
C ARG A 1766 76.85 -95.41 97.74
N ALA A 1767 76.56 -95.58 99.03
CA ALA A 1767 77.48 -95.10 100.06
C ALA A 1767 78.72 -95.97 100.11
N CYS A 1768 79.84 -95.35 100.49
CA CYS A 1768 81.08 -96.10 100.63
C CYS A 1768 80.95 -97.10 101.77
N PRO A 1769 81.68 -98.21 101.70
CA PRO A 1769 81.59 -99.21 102.77
C PRO A 1769 82.17 -98.72 104.09
N ARG A 1770 82.17 -99.58 105.11
CA ARG A 1770 82.65 -99.17 106.43
C ARG A 1770 84.13 -98.80 106.40
N GLY A 1771 84.94 -99.56 105.68
CA GLY A 1771 86.38 -99.38 105.72
C GLY A 1771 86.92 -98.43 104.69
N TYR A 1772 86.07 -97.59 104.12
CA TYR A 1772 86.47 -96.63 103.09
C TYR A 1772 85.97 -95.24 103.48
N TYR A 1773 86.41 -94.25 102.70
CA TYR A 1773 85.94 -92.88 102.89
C TYR A 1773 86.07 -92.13 101.57
N GLY A 1774 85.17 -91.18 101.36
CA GLY A 1774 85.18 -90.36 100.18
C GLY A 1774 85.16 -88.88 100.51
N PRO A 1775 86.24 -88.18 100.18
CA PRO A 1775 86.32 -86.75 100.52
C PRO A 1775 85.71 -85.84 99.48
N TYR A 1776 85.62 -86.31 98.24
CA TYR A 1776 85.16 -85.50 97.12
C TYR A 1776 83.68 -85.72 96.86
N SER A 1777 83.10 -84.78 96.10
CA SER A 1777 81.75 -84.90 95.59
C SER A 1777 81.84 -85.16 94.09
N GLY A 1778 81.16 -86.20 93.64
CA GLY A 1778 81.28 -86.69 92.29
C GLY A 1778 82.10 -87.96 92.14
N ALA A 1779 82.22 -88.75 93.20
CA ALA A 1779 82.98 -89.99 93.13
C ALA A 1779 82.32 -90.98 92.18
N TYR A 1780 83.15 -91.74 91.47
CA TYR A 1780 82.66 -92.80 90.60
C TYR A 1780 83.58 -94.01 90.73
N ALA A 1781 83.02 -95.19 90.47
CA ALA A 1781 83.75 -96.44 90.61
C ALA A 1781 83.98 -97.03 89.23
N ASP A 1782 85.24 -97.29 88.90
CA ASP A 1782 85.59 -98.00 87.67
C ASP A 1782 85.62 -99.50 87.97
N ASN A 1783 86.14 -100.28 87.03
CA ASN A 1783 86.20 -101.74 87.20
C ASN A 1783 87.60 -102.30 87.16
N LEU A 1784 88.60 -101.54 86.70
CA LEU A 1784 89.96 -102.06 86.69
C LEU A 1784 90.54 -102.14 88.10
N GLY A 1785 90.20 -101.18 88.95
CA GLY A 1785 90.64 -101.18 90.34
C GLY A 1785 89.71 -101.94 91.25
N ASP A 1786 89.81 -101.65 92.54
CA ASP A 1786 88.88 -102.22 93.51
C ASP A 1786 87.46 -101.75 93.21
N GLU A 1787 86.49 -102.62 93.51
CA GLU A 1787 85.11 -102.32 93.19
C GLU A 1787 84.65 -101.01 93.84
N PHE A 1788 84.89 -100.87 95.14
CA PHE A 1788 84.52 -99.65 95.86
C PHE A 1788 85.68 -98.66 95.91
N GLU A 1789 86.25 -98.35 94.75
CA GLU A 1789 87.44 -97.52 94.69
C GLU A 1789 87.53 -96.87 93.31
N GLY A 1790 87.58 -95.54 93.30
CA GLY A 1790 87.70 -94.81 92.06
C GLY A 1790 88.80 -93.77 92.12
N PRO A 1791 89.13 -93.16 90.97
CA PRO A 1791 90.12 -92.07 90.98
C PRO A 1791 89.73 -90.94 91.91
N ARG A 1792 88.45 -90.60 91.97
CA ARG A 1792 87.91 -89.74 93.02
C ARG A 1792 87.03 -90.51 93.98
N GLY A 1793 86.96 -91.83 93.85
CA GLY A 1793 86.01 -92.63 94.59
C GLY A 1793 86.34 -92.84 96.05
N CYS A 1794 85.79 -93.91 96.63
CA CYS A 1794 86.00 -94.20 98.04
C CYS A 1794 87.41 -94.73 98.26
N TYR A 1795 88.19 -94.02 99.07
CA TYR A 1795 89.54 -94.42 99.38
C TYR A 1795 89.57 -95.22 100.68
N LYS A 1796 90.49 -96.17 100.76
CA LYS A 1796 90.68 -96.91 102.01
C LYS A 1796 91.23 -96.00 103.08
N CYS A 1797 90.78 -96.22 104.32
CA CYS A 1797 91.34 -95.48 105.44
C CYS A 1797 92.81 -95.82 105.60
N PRO A 1798 93.66 -94.83 105.91
CA PRO A 1798 95.08 -95.10 106.08
C PRO A 1798 95.37 -96.00 107.27
N TYR A 1799 96.66 -96.31 107.49
CA TYR A 1799 97.03 -97.38 108.41
C TYR A 1799 96.61 -97.08 109.85
N ASP A 1800 96.98 -95.91 110.36
CA ASP A 1800 96.64 -95.56 111.73
C ASP A 1800 95.29 -94.85 111.84
N PHE A 1801 94.59 -94.66 110.73
CA PHE A 1801 93.28 -94.04 110.73
C PHE A 1801 92.20 -95.09 110.51
N PHE A 1802 90.97 -94.73 110.87
CA PHE A 1802 89.85 -95.66 110.77
C PHE A 1802 88.55 -94.87 110.66
N ALA A 1803 87.50 -95.58 110.23
CA ALA A 1803 86.16 -95.02 110.13
C ALA A 1803 85.17 -96.17 110.21
N ASP A 1804 84.02 -95.90 110.84
CA ASP A 1804 83.01 -96.93 111.07
C ASP A 1804 81.68 -96.65 110.41
N ARG A 1805 81.30 -95.39 110.24
CA ARG A 1805 80.08 -95.07 109.52
C ARG A 1805 80.28 -95.29 108.02
N PRO A 1806 79.28 -95.83 107.32
CA PRO A 1806 79.47 -96.14 105.89
C PRO A 1806 79.61 -94.90 105.03
N GLY A 1807 78.64 -93.99 105.12
CA GLY A 1807 78.76 -92.75 104.40
C GLY A 1807 79.51 -91.72 105.23
N VAL A 1808 80.81 -91.61 105.00
CA VAL A 1808 81.67 -90.72 105.76
C VAL A 1808 82.62 -90.03 104.79
N ARG A 1809 83.14 -88.88 105.23
CA ARG A 1809 83.93 -88.02 104.37
C ARG A 1809 85.41 -87.96 104.72
N GLN A 1810 85.77 -88.21 105.97
CA GLN A 1810 87.18 -88.21 106.38
C GLN A 1810 87.43 -89.36 107.34
N CYS A 1811 88.61 -89.97 107.21
CA CYS A 1811 89.03 -90.99 108.15
C CYS A 1811 89.42 -90.35 109.47
N THR A 1812 89.35 -91.15 110.53
CA THR A 1812 89.63 -90.68 111.89
C THR A 1812 90.80 -91.45 112.47
N ALA A 1813 91.72 -90.72 113.10
CA ALA A 1813 92.86 -91.35 113.77
C ALA A 1813 92.39 -92.11 115.00
N CYS A 1814 93.00 -93.26 115.23
CA CYS A 1814 92.64 -94.06 116.40
C CYS A 1814 93.02 -93.32 117.68
N PRO A 1815 92.12 -93.25 118.66
CA PRO A 1815 92.42 -92.51 119.89
C PRO A 1815 93.22 -93.36 120.86
N PRO A 1816 93.99 -92.74 121.75
CA PRO A 1816 94.77 -93.52 122.73
C PRO A 1816 93.86 -94.12 123.80
N LEU A 1817 93.92 -95.43 123.93
CA LEU A 1817 93.08 -96.13 124.90
C LEU A 1817 93.59 -95.89 126.33
N ASP A 1818 92.64 -95.79 127.26
CA ASP A 1818 92.92 -95.62 128.68
C ASP A 1818 92.54 -96.91 129.40
N LEU A 1819 93.54 -97.70 129.77
CA LEU A 1819 93.34 -98.95 130.49
C LEU A 1819 93.16 -98.74 131.99
N GLY A 1820 92.88 -97.51 132.42
CA GLY A 1820 92.76 -97.22 133.83
C GLY A 1820 93.27 -95.82 134.15
N GLY A 1821 94.21 -95.72 135.08
CA GLY A 1821 94.77 -94.44 135.46
C GLY A 1821 96.17 -94.19 134.92
N GLY A 1822 96.33 -93.11 134.16
CA GLY A 1822 97.65 -92.73 133.68
C GLY A 1822 98.32 -93.73 132.76
N ASN A 1823 97.56 -94.33 131.84
CA ASN A 1823 98.11 -95.26 130.86
C ASN A 1823 97.47 -94.96 129.51
N LEU A 1824 98.10 -94.06 128.75
CA LEU A 1824 97.64 -93.69 127.41
C LEU A 1824 98.42 -94.51 126.40
N VAL A 1825 97.78 -95.54 125.85
CA VAL A 1825 98.39 -96.41 124.86
C VAL A 1825 97.84 -96.02 123.49
N GLU A 1826 98.72 -95.51 122.63
CA GLU A 1826 98.30 -95.13 121.29
C GLU A 1826 97.86 -96.35 120.50
N GLN A 1827 96.78 -96.20 119.75
CA GLN A 1827 96.13 -97.31 119.08
C GLN A 1827 96.39 -97.24 117.57
N CYS A 1828 96.70 -98.39 116.99
CA CYS A 1828 97.04 -98.51 115.58
C CYS A 1828 96.36 -99.75 115.02
N THR A 1829 96.09 -99.74 113.72
CA THR A 1829 95.34 -100.82 113.09
C THR A 1829 96.29 -101.80 112.41
N GLU A 1830 95.86 -103.06 112.36
CA GLU A 1830 96.68 -104.11 111.76
C GLU A 1830 96.82 -103.91 110.25
N ASP A 1831 95.72 -104.00 109.52
CA ASP A 1831 95.73 -103.90 108.08
C ASP A 1831 95.52 -102.45 107.66
N LEU A 1832 95.32 -102.23 106.36
CA LEU A 1832 95.29 -100.87 105.84
C LEU A 1832 93.98 -100.16 106.20
N GLY A 1833 92.86 -100.68 105.73
CA GLY A 1833 91.58 -100.04 106.00
C GLY A 1833 90.68 -100.87 106.89
N SER A 1834 90.45 -100.41 108.11
CA SER A 1834 89.63 -101.13 109.08
C SER A 1834 88.78 -100.16 109.87
N GLN A 1835 87.72 -100.69 110.47
CA GLN A 1835 86.80 -99.91 111.29
C GLN A 1835 87.03 -100.08 112.78
N ARG A 1836 88.07 -100.82 113.18
CA ARG A 1836 88.34 -101.08 114.59
C ARG A 1836 89.79 -100.73 114.90
N CYS A 1837 90.00 -100.19 116.09
CA CYS A 1837 91.33 -99.84 116.58
C CYS A 1837 91.75 -100.82 117.66
N LYS A 1838 92.92 -101.40 117.49
CA LYS A 1838 93.59 -102.28 118.44
C LYS A 1838 94.70 -101.53 119.16
N PRO A 1839 95.22 -102.08 120.32
CA PRO A 1839 96.31 -101.38 120.99
C PRO A 1839 97.66 -101.81 120.46
N CYS A 1840 98.22 -100.98 119.58
CA CYS A 1840 99.23 -101.39 118.60
C CYS A 1840 100.58 -101.71 119.21
N SER A 1841 100.61 -101.96 120.53
CA SER A 1841 101.73 -102.66 121.15
C SER A 1841 101.63 -104.16 120.92
N LEU A 1842 100.48 -104.65 120.44
CA LEU A 1842 100.28 -106.08 120.27
C LEU A 1842 99.57 -106.43 118.97
N LEU A 1843 99.62 -105.54 117.96
CA LEU A 1843 99.24 -106.00 116.64
C LEU A 1843 100.32 -106.91 116.06
N SER A 1844 99.92 -107.78 115.14
CA SER A 1844 100.80 -108.86 114.70
C SER A 1844 102.03 -108.32 113.98
N LYS A 1845 101.84 -107.43 113.01
CA LYS A 1845 102.97 -106.92 112.24
C LYS A 1845 103.20 -105.43 112.49
N PRO A 1846 104.20 -105.04 113.30
CA PRO A 1846 104.42 -103.63 113.57
C PRO A 1846 104.71 -102.78 112.33
N LYS A 1847 104.91 -101.48 112.54
CA LYS A 1847 105.08 -100.55 111.43
C LYS A 1847 106.28 -100.89 110.55
N THR A 1848 107.21 -101.70 111.07
CA THR A 1848 108.33 -102.15 110.24
C THR A 1848 107.85 -103.04 109.09
N ALA A 1849 106.76 -103.78 109.28
CA ALA A 1849 106.29 -104.73 108.29
C ALA A 1849 105.30 -104.14 107.30
N ARG A 1850 105.01 -102.84 107.38
CA ARG A 1850 104.11 -102.20 106.43
C ARG A 1850 104.88 -101.92 105.15
N THR A 1851 104.71 -102.78 104.15
CA THR A 1851 105.42 -102.68 102.89
C THR A 1851 104.63 -101.92 101.82
N GLU A 1852 103.42 -101.46 102.14
CA GLU A 1852 102.61 -100.76 101.16
C GLU A 1852 103.22 -99.41 100.83
N GLN A 1853 103.53 -99.21 99.55
CA GLN A 1853 104.06 -97.92 99.12
C GLN A 1853 103.02 -96.84 99.30
N SER A 1854 103.44 -95.69 99.82
CA SER A 1854 102.51 -94.60 100.11
C SER A 1854 101.91 -94.07 98.82
N HYP A 1855 100.60 -93.81 98.86
CA HYP A 1855 99.90 -93.32 97.67
C HYP A 1855 100.25 -91.84 97.37
O HYP A 1855 100.78 -91.19 98.24
CB HYP A 1855 98.41 -93.53 98.00
CG HYP A 1855 98.40 -93.92 99.47
CD HYP A 1855 99.73 -93.41 99.97
OD1 HYP A 1855 98.37 -95.33 99.57
N HYP A 1856 99.99 -91.36 96.16
CA HYP A 1856 100.45 -90.02 95.77
C HYP A 1856 99.75 -88.88 96.52
O HYP A 1856 98.78 -89.15 97.19
CB HYP A 1856 100.20 -89.92 94.26
CG HYP A 1856 99.65 -91.29 93.90
CD HYP A 1856 98.94 -91.68 95.17
OD1 HYP A 1856 100.74 -92.18 93.69
N HYP A 1857 100.27 -87.67 96.43
CA HYP A 1857 99.56 -86.51 96.99
C HYP A 1857 98.45 -86.03 96.03
O HYP A 1857 98.56 -86.29 94.85
CB HYP A 1857 100.63 -85.43 97.22
CG HYP A 1857 101.93 -86.14 96.87
CD HYP A 1857 101.48 -87.11 95.81
OD1 HYP A 1857 102.37 -86.86 98.02
N HYP A 1858 97.42 -85.37 96.55
CA HYP A 1858 96.32 -84.89 95.70
C HYP A 1858 96.71 -83.88 94.62
O HYP A 1858 97.35 -82.89 94.95
CB HYP A 1858 95.32 -84.31 96.69
CG HYP A 1858 95.53 -85.17 97.94
CD HYP A 1858 96.66 -86.11 97.56
OD1 HYP A 1858 94.34 -85.89 98.23
N SER A 1859 96.33 -84.13 93.38
CA SER A 1859 96.56 -83.20 92.29
C SER A 1859 95.87 -81.87 92.61
N HYP A 1860 96.37 -80.79 92.01
CA HYP A 1860 95.85 -79.44 92.34
C HYP A 1860 94.36 -79.21 92.03
O HYP A 1860 93.73 -80.09 91.50
CB HYP A 1860 96.77 -78.49 91.58
CG HYP A 1860 98.07 -79.26 91.58
CD HYP A 1860 97.57 -80.63 91.18
OD1 HYP A 1860 98.57 -79.30 92.91
N SER A 1861 93.85 -78.04 92.39
CA SER A 1861 92.43 -77.76 92.27
C SER A 1861 92.16 -76.94 91.01
N HYP A 1862 91.05 -77.21 90.34
CA HYP A 1862 90.75 -76.56 89.04
C HYP A 1862 90.60 -75.03 89.13
O HYP A 1862 90.18 -74.55 90.17
CB HYP A 1862 89.46 -77.22 88.54
CG HYP A 1862 89.26 -78.36 89.52
CD HYP A 1862 89.76 -77.75 90.79
OD1 HYP A 1862 90.09 -79.44 89.15
N HYP A 1863 90.91 -74.31 88.05
CA HYP A 1863 90.76 -72.84 88.04
C HYP A 1863 89.35 -72.32 88.34
O HYP A 1863 88.43 -73.12 88.33
CB HYP A 1863 91.19 -72.40 86.63
CG HYP A 1863 91.96 -73.60 86.12
CD HYP A 1863 91.14 -74.74 86.67
OD1 HYP A 1863 93.26 -73.60 86.69
N HYP A 1864 89.19 -71.03 88.62
CA HYP A 1864 87.86 -70.44 88.78
C HYP A 1864 87.09 -70.33 87.46
O HYP A 1864 87.66 -70.65 86.44
CB HYP A 1864 88.08 -69.05 89.40
CG HYP A 1864 89.49 -69.16 89.95
CD HYP A 1864 90.17 -69.95 88.86
OD1 HYP A 1864 89.46 -69.94 91.14
N HYP A 1865 85.83 -69.92 87.49
CA HYP A 1865 85.11 -69.60 86.24
C HYP A 1865 85.43 -68.18 85.75
O HYP A 1865 85.94 -67.41 86.54
CB HYP A 1865 83.62 -69.80 86.56
CG HYP A 1865 83.67 -70.62 87.83
CD HYP A 1865 84.82 -69.97 88.56
OD1 HYP A 1865 84.03 -71.95 87.50
N HYP A 1866 85.17 -67.87 84.48
CA HYP A 1866 85.43 -66.51 83.98
C HYP A 1866 84.40 -65.48 84.47
O HYP A 1866 83.43 -65.88 85.07
CB HYP A 1866 85.42 -66.64 82.45
CG HYP A 1866 85.43 -68.14 82.22
CD HYP A 1866 84.56 -68.61 83.37
OD1 HYP A 1866 86.76 -68.61 82.42
N HYP A 1867 84.65 -64.19 84.24
CA HYP A 1867 83.64 -63.18 84.55
C HYP A 1867 82.36 -63.30 83.70
O HYP A 1867 82.33 -64.11 82.80
CB HYP A 1867 84.32 -61.83 84.33
CG HYP A 1867 85.77 -62.18 84.65
CD HYP A 1867 85.91 -63.50 83.94
OD1 HYP A 1867 85.88 -62.34 86.06
N HYP A 1868 81.33 -62.51 84.01
CA HYP A 1868 80.21 -62.34 83.07
C HYP A 1868 80.63 -61.44 81.90
O HYP A 1868 81.13 -60.37 82.17
CB HYP A 1868 79.06 -61.78 83.91
CG HYP A 1868 79.39 -62.36 85.27
CD HYP A 1868 80.87 -62.09 85.35
OD1 HYP A 1868 79.17 -63.76 85.21
N SER A 1869 80.43 -61.88 80.67
CA SER A 1869 80.85 -61.12 79.49
C SER A 1869 80.20 -59.74 79.46
N HYP A 1870 80.68 -58.86 78.57
CA HYP A 1870 80.09 -57.51 78.44
C HYP A 1870 78.63 -57.48 77.99
O HYP A 1870 77.79 -58.05 78.67
CB HYP A 1870 81.01 -56.79 77.44
CG HYP A 1870 82.35 -57.42 77.76
CD HYP A 1870 81.98 -58.87 77.87
OD1 HYP A 1870 82.79 -56.94 79.02
N ARG A 1871 78.35 -56.81 76.87
CA ARG A 1871 76.99 -56.72 76.34
C ARG A 1871 77.03 -56.07 74.98
N HYP A 1872 76.21 -56.57 74.06
CA HYP A 1872 76.15 -56.01 72.70
C HYP A 1872 75.73 -54.53 72.66
O HYP A 1872 74.75 -54.20 73.30
CB HYP A 1872 75.17 -56.89 71.92
CG HYP A 1872 74.82 -57.99 72.91
CD HYP A 1872 74.93 -57.27 74.23
OD1 HYP A 1872 75.80 -59.03 72.85
N HYP A 1873 76.47 -53.70 71.93
CA HYP A 1873 76.15 -52.26 71.83
C HYP A 1873 74.67 -51.98 71.51
O HYP A 1873 74.17 -52.50 70.52
CB HYP A 1873 77.04 -51.72 70.70
CG HYP A 1873 77.91 -52.92 70.34
CD HYP A 1873 76.99 -54.08 70.62
OD1 HYP A 1873 79.04 -52.98 71.20
N SER A 1874 74.00 -51.18 72.33
CA SER A 1874 72.58 -50.91 72.16
C SER A 1874 72.31 -50.14 70.88
N HYP A 1875 71.04 -50.01 70.53
CA HYP A 1875 70.65 -49.42 69.24
C HYP A 1875 70.72 -47.88 69.19
O HYP A 1875 70.02 -47.26 69.98
CB HYP A 1875 69.24 -49.96 68.98
CG HYP A 1875 69.14 -51.16 69.91
CD HYP A 1875 70.57 -51.39 70.36
OD1 HYP A 1875 68.63 -52.29 69.23
N ASN A 1876 71.54 -47.33 68.31
CA ASN A 1876 71.62 -45.88 68.12
C ASN A 1876 70.23 -45.31 67.83
N HYP A 1877 69.96 -44.10 68.30
CA HYP A 1877 68.60 -43.53 68.19
C HYP A 1877 68.08 -43.42 66.75
O HYP A 1877 68.88 -43.57 65.85
CB HYP A 1877 68.67 -42.16 68.88
CG HYP A 1877 70.11 -42.07 69.36
CD HYP A 1877 70.83 -42.92 68.34
OD1 HYP A 1877 70.26 -42.68 70.65
N HYP A 1878 66.80 -43.17 66.56
CA HYP A 1878 66.21 -43.15 65.21
C HYP A 1878 66.79 -42.11 64.23
O HYP A 1878 67.61 -41.31 64.65
CB HYP A 1878 64.71 -42.94 65.43
CG HYP A 1878 64.51 -43.67 66.74
CD HYP A 1878 65.68 -43.15 67.54
OD1 HYP A 1878 64.66 -45.07 66.52
N SER A 1879 66.37 -42.16 62.98
CA SER A 1879 66.85 -41.23 61.97
C SER A 1879 66.06 -39.93 62.02
N HYP A 1880 66.68 -38.86 61.52
CA HYP A 1880 65.99 -37.56 61.42
C HYP A 1880 65.15 -37.47 60.15
O HYP A 1880 65.70 -37.73 59.08
CB HYP A 1880 67.11 -36.51 61.49
CG HYP A 1880 68.35 -37.33 61.84
CD HYP A 1880 67.77 -38.58 62.47
OD1 HYP A 1880 69.23 -36.63 62.72
N ARG A 1881 63.88 -37.11 60.26
CA ARG A 1881 63.02 -36.99 59.09
C ARG A 1881 63.58 -35.98 58.09
N HYP A 1882 63.25 -36.16 56.82
CA HYP A 1882 63.72 -35.21 55.79
C HYP A 1882 63.08 -33.82 55.86
O HYP A 1882 62.18 -33.64 56.66
CB HYP A 1882 63.40 -35.93 54.46
CG HYP A 1882 63.31 -37.40 54.87
CD HYP A 1882 63.80 -37.41 56.30
OD1 HYP A 1882 64.15 -38.18 54.02
N HYP A 1883 63.54 -32.89 55.04
CA HYP A 1883 62.86 -31.59 54.96
C HYP A 1883 61.47 -31.68 54.33
O HYP A 1883 61.15 -32.71 53.78
CB HYP A 1883 63.84 -30.70 54.20
CG HYP A 1883 65.15 -31.19 54.80
CD HYP A 1883 64.96 -32.69 54.70
OD1 HYP A 1883 65.16 -30.82 56.17
N SER A 1884 60.67 -30.62 54.42
CA SER A 1884 59.26 -30.73 54.06
C SER A 1884 58.93 -29.98 52.78
N HYP A 1885 57.82 -30.35 52.16
CA HYP A 1885 57.41 -29.76 50.89
C HYP A 1885 56.96 -28.29 50.98
O HYP A 1885 55.93 -28.03 51.58
CB HYP A 1885 56.28 -30.68 50.41
CG HYP A 1885 56.62 -32.01 51.04
CD HYP A 1885 57.92 -31.76 51.77
OD1 HYP A 1885 56.77 -33.00 50.03
N ALA A 1886 57.73 -27.37 50.41
CA ALA A 1886 57.39 -25.96 50.45
C ALA A 1886 56.08 -25.72 49.71
N HYP A 1887 55.29 -24.78 50.22
CA HYP A 1887 53.95 -24.51 49.68
C HYP A 1887 53.91 -24.10 48.20
O HYP A 1887 54.73 -23.30 47.80
CB HYP A 1887 53.40 -23.44 50.61
CG HYP A 1887 54.13 -23.71 51.92
CD HYP A 1887 54.97 -24.94 51.64
OD1 HYP A 1887 53.20 -23.96 52.96
N HYP A 1888 52.96 -24.66 47.44
CA HYP A 1888 52.82 -24.37 46.01
C HYP A 1888 52.93 -22.88 45.67
O HYP A 1888 52.15 -22.11 46.20
CB HYP A 1888 51.45 -24.93 45.60
CG HYP A 1888 51.06 -25.75 46.82
CD HYP A 1888 51.60 -24.88 47.93
OD1 HYP A 1888 51.78 -26.97 46.79
N SER A 1889 53.88 -22.49 44.81
CA SER A 1889 54.12 -21.09 44.51
C SER A 1889 52.89 -20.38 43.96
N HYP A 1890 52.95 -19.06 43.98
CA HYP A 1890 51.84 -18.21 43.54
C HYP A 1890 51.59 -18.29 42.03
O HYP A 1890 52.34 -18.98 41.36
CB HYP A 1890 52.21 -16.80 44.04
CG HYP A 1890 53.40 -17.06 44.97
CD HYP A 1890 53.26 -18.53 45.30
OD1 HYP A 1890 53.33 -16.25 46.13
N ASN A 1891 50.58 -17.60 41.52
CA ASN A 1891 50.28 -17.65 40.10
C ASN A 1891 50.61 -16.33 39.42
N HYP A 1892 50.68 -16.33 38.10
CA HYP A 1892 50.88 -15.09 37.37
C HYP A 1892 49.70 -14.12 37.43
O HYP A 1892 48.61 -14.58 37.75
CB HYP A 1892 51.21 -15.52 35.93
CG HYP A 1892 51.68 -16.97 36.09
CD HYP A 1892 51.81 -17.13 37.60
OD1 HYP A 1892 52.90 -17.15 35.39
N HYP A 1893 49.91 -12.85 37.15
CA HYP A 1893 48.79 -11.93 36.97
C HYP A 1893 47.94 -12.25 35.73
O HYP A 1893 48.37 -13.06 34.93
CB HYP A 1893 49.46 -10.55 36.91
CG HYP A 1893 50.69 -10.73 37.78
CD HYP A 1893 50.60 -12.18 38.25
OD1 HYP A 1893 50.63 -9.84 38.88
N HYP A 1894 46.76 -11.65 35.60
CA HYP A 1894 45.96 -11.85 34.39
C HYP A 1894 46.69 -11.44 33.10
O HYP A 1894 47.17 -10.33 33.05
CB HYP A 1894 44.68 -11.04 34.64
CG HYP A 1894 44.54 -11.19 36.14
CD HYP A 1894 45.94 -10.93 36.60
OD1 HYP A 1894 44.20 -12.55 36.41
N THR A 1895 46.77 -12.33 32.12
CA THR A 1895 47.42 -12.00 30.85
C THR A 1895 46.75 -10.80 30.21
N SER A 1896 47.51 -10.07 29.39
CA SER A 1896 47.00 -8.85 28.80
C SER A 1896 45.95 -9.13 27.73
N HYP A 1897 45.36 -8.07 27.19
CA HYP A 1897 44.34 -8.21 26.15
C HYP A 1897 44.91 -8.27 24.72
O HYP A 1897 46.11 -8.14 24.57
CB HYP A 1897 43.40 -7.00 26.34
CG HYP A 1897 43.78 -6.48 27.72
CD HYP A 1897 44.54 -7.64 28.33
OD1 HYP A 1897 42.61 -6.14 28.44
N HYP A 1898 44.06 -8.48 23.73
CA HYP A 1898 44.53 -8.47 22.34
C HYP A 1898 44.57 -7.06 21.73
O HYP A 1898 43.96 -6.17 22.30
CB HYP A 1898 43.57 -9.42 21.61
CG HYP A 1898 43.06 -10.33 22.73
CD HYP A 1898 43.90 -9.92 23.93
OD1 HYP A 1898 43.28 -11.68 22.39
N HYP A 1899 45.28 -6.89 20.63
CA HYP A 1899 45.37 -5.57 20.00
C HYP A 1899 44.02 -5.02 19.51
O HYP A 1899 43.34 -5.73 18.81
CB HYP A 1899 46.39 -5.81 18.90
CG HYP A 1899 47.38 -6.75 19.56
CD HYP A 1899 46.69 -7.22 20.83
OD1 HYP A 1899 48.56 -6.04 19.90
N SER A 1900 43.66 -3.80 19.90
CA SER A 1900 42.37 -3.24 19.50
C SER A 1900 42.28 -3.10 17.99
N HYP A 1901 41.06 -3.19 17.47
CA HYP A 1901 40.85 -3.14 16.02
C HYP A 1901 41.15 -1.78 15.36
O HYP A 1901 41.31 -0.81 16.06
CB HYP A 1901 39.39 -3.55 15.86
CG HYP A 1901 39.16 -4.47 17.05
CD HYP A 1901 40.50 -4.52 17.76
OD1 HYP A 1901 38.79 -5.77 16.58
N HYP A 1902 41.23 -1.76 14.03
CA HYP A 1902 41.31 -0.48 13.31
C HYP A 1902 39.93 0.17 13.20
O HYP A 1902 38.95 -0.54 13.37
CB HYP A 1902 41.92 -0.82 11.94
CG HYP A 1902 42.44 -2.22 12.15
CD HYP A 1902 41.35 -2.81 13.02
OD1 HYP A 1902 43.64 -2.15 12.92
N HYP A 1903 39.86 1.47 12.95
CA HYP A 1903 38.55 2.14 12.85
C HYP A 1903 37.68 1.59 11.71
O HYP A 1903 38.21 1.35 10.65
CB HYP A 1903 38.88 3.63 12.67
CG HYP A 1903 40.27 3.71 13.26
CD HYP A 1903 40.90 2.48 12.66
OD1 HYP A 1903 40.19 3.54 14.66
N SER A 1904 36.39 1.39 11.95
CA SER A 1904 35.52 0.80 10.94
C SER A 1904 35.40 1.69 9.71
N HYP A 1905 34.78 1.16 8.65
CA HYP A 1905 34.64 1.92 7.41
C HYP A 1905 33.51 2.96 7.41
O HYP A 1905 32.72 2.96 8.33
CB HYP A 1905 34.45 0.82 6.37
CG HYP A 1905 35.31 -0.32 6.91
CD HYP A 1905 35.81 0.19 8.25
OD1 HYP A 1905 36.40 -0.55 6.03
N HYP A 1906 33.48 3.82 6.40
CA HYP A 1906 32.44 4.84 6.31
C HYP A 1906 31.08 4.31 5.81
O HYP A 1906 31.00 3.15 5.48
CB HYP A 1906 33.06 5.86 5.36
CG HYP A 1906 34.50 5.92 5.84
CD HYP A 1906 34.75 4.55 6.45
OD1 HYP A 1906 34.62 6.92 6.83
N HYP A 1907 30.05 5.16 5.80
CA HYP A 1907 28.80 4.80 5.13
C HYP A 1907 28.92 4.82 3.59
O HYP A 1907 29.99 5.20 3.12
CB HYP A 1907 27.81 5.82 5.70
CG HYP A 1907 28.21 5.78 7.17
CD HYP A 1907 29.72 5.81 7.08
OD1 HYP A 1907 27.78 4.55 7.72
N HYP A 1908 27.89 4.42 2.86
CA HYP A 1908 28.04 4.29 1.39
C HYP A 1908 27.87 5.56 0.54
O HYP A 1908 27.84 5.43 -0.66
CB HYP A 1908 27.02 3.21 1.03
CG HYP A 1908 27.20 2.28 2.23
CD HYP A 1908 27.11 3.27 3.36
OD1 HYP A 1908 28.51 1.74 2.18
N ARG A 1909 27.78 6.73 1.17
CA ARG A 1909 27.67 8.03 0.48
C ARG A 1909 26.36 8.16 -0.32
N HYP A 1910 25.81 9.37 -0.34
CA HYP A 1910 24.50 9.58 -0.96
C HYP A 1910 24.47 9.53 -2.50
O HYP A 1910 25.52 9.38 -3.08
CB HYP A 1910 24.07 10.95 -0.41
CG HYP A 1910 24.80 11.04 0.92
CD HYP A 1910 25.50 9.71 1.05
OD1 HYP A 1910 23.87 11.24 1.98
N HYP A 1911 23.29 9.63 -3.09
CA HYP A 1911 23.17 9.68 -4.55
C HYP A 1911 23.30 11.09 -5.15
O HYP A 1911 23.49 12.02 -4.40
CB HYP A 1911 21.80 9.04 -4.83
CG HYP A 1911 21.60 8.11 -3.65
CD HYP A 1911 22.89 8.24 -2.86
OD1 HYP A 1911 21.40 6.79 -4.12
N HYP A 1912 23.17 11.21 -6.47
CA HYP A 1912 23.19 12.53 -7.10
C HYP A 1912 21.83 13.26 -7.11
O HYP A 1912 20.82 12.59 -6.96
CB HYP A 1912 23.72 12.24 -8.51
CG HYP A 1912 24.59 11.02 -8.31
CD HYP A 1912 24.51 10.75 -6.82
OD1 HYP A 1912 25.93 11.32 -8.72
N HYP A 1913 21.84 14.58 -7.26
CA HYP A 1913 20.59 15.32 -7.38
C HYP A 1913 19.80 15.10 -8.67
O HYP A 1913 20.42 14.97 -9.71
CB HYP A 1913 21.06 16.77 -7.21
CG HYP A 1913 22.17 16.65 -6.19
CD HYP A 1913 22.39 15.15 -6.04
OD1 HYP A 1913 21.73 17.21 -4.97
N HYP A 1914 18.48 15.03 -8.60
CA HYP A 1914 17.66 15.02 -9.81
C HYP A 1914 17.85 16.30 -10.64
O HYP A 1914 18.15 17.32 -10.06
CB HYP A 1914 16.20 14.88 -9.34
CG HYP A 1914 16.36 14.59 -7.86
CD HYP A 1914 17.57 15.41 -7.50
OD1 HYP A 1914 16.65 13.21 -7.69
N HYP A 1915 17.69 16.23 -11.96
CA HYP A 1915 17.85 17.42 -12.79
C HYP A 1915 16.81 18.52 -12.53
O HYP A 1915 15.84 18.26 -11.84
CB HYP A 1915 17.78 16.87 -14.22
CG HYP A 1915 18.28 15.44 -14.07
CD HYP A 1915 18.66 15.33 -12.60
OD1 HYP A 1915 19.40 15.23 -14.91
N HYP A 1916 17.04 19.74 -13.03
CA HYP A 1916 16.02 20.79 -12.95
C HYP A 1916 14.92 20.61 -13.99
O HYP A 1916 15.12 19.83 -14.90
CB HYP A 1916 16.78 22.11 -13.15
CG HYP A 1916 18.23 21.69 -13.02
CD HYP A 1916 18.21 20.33 -13.68
OD1 HYP A 1916 18.54 21.54 -11.65
N HYP A 1917 13.78 21.29 -13.84
CA HYP A 1917 12.75 21.25 -14.89
C HYP A 1917 13.14 22.13 -16.09
O HYP A 1917 13.95 23.01 -15.90
CB HYP A 1917 11.46 21.73 -14.24
CG HYP A 1917 11.80 21.63 -12.75
CD HYP A 1917 13.22 22.10 -12.75
OD1 HYP A 1917 11.73 20.27 -12.38
N HYP A 1918 12.61 21.86 -17.27
CA HYP A 1918 12.83 22.74 -18.43
C HYP A 1918 12.50 24.21 -18.12
O HYP A 1918 11.41 24.46 -17.62
CB HYP A 1918 11.98 22.17 -19.54
CG HYP A 1918 11.97 20.69 -19.21
CD HYP A 1918 11.78 20.72 -17.70
OD1 HYP A 1918 13.26 20.18 -19.50
N SER A 1919 13.41 25.13 -18.42
CA SER A 1919 13.22 26.54 -18.10
C SER A 1919 11.96 27.10 -18.74
N HYP A 1920 11.43 28.19 -18.17
CA HYP A 1920 10.23 28.84 -18.73
C HYP A 1920 10.38 29.31 -20.18
O HYP A 1920 11.47 29.19 -20.73
CB HYP A 1920 9.93 30.01 -17.80
CG HYP A 1920 10.59 29.57 -16.51
CD HYP A 1920 11.89 29.01 -17.03
OD1 HYP A 1920 9.81 28.55 -15.93
N HYP A 1921 9.32 29.84 -20.77
CA HYP A 1921 9.43 30.45 -22.09
C HYP A 1921 9.88 31.91 -22.06
O HYP A 1921 9.92 32.48 -20.99
CB HYP A 1921 8.02 30.25 -22.66
CG HYP A 1921 7.65 28.86 -22.14
CD HYP A 1921 8.70 28.55 -21.09
OD1 HYP A 1921 7.76 27.93 -23.20
N HYP A 1922 10.24 32.48 -23.21
CA HYP A 1922 10.53 33.93 -23.25
C HYP A 1922 9.24 34.75 -23.33
O HYP A 1922 8.30 34.26 -23.94
CB HYP A 1922 11.43 34.12 -24.48
CG HYP A 1922 11.86 32.70 -24.79
CD HYP A 1922 10.58 31.95 -24.52
OD1 HYP A 1922 12.82 32.31 -23.83
N HYP A 1923 9.19 35.93 -22.71
CA HYP A 1923 8.00 36.77 -22.79
C HYP A 1923 7.51 37.02 -24.23
O HYP A 1923 8.29 37.52 -25.02
CB HYP A 1923 8.39 38.07 -22.08
CG HYP A 1923 9.44 37.57 -21.11
CD HYP A 1923 10.25 36.67 -22.01
OD1 HYP A 1923 8.79 36.79 -20.13
N ASN A 1924 6.28 36.63 -24.53
CA ASN A 1924 5.73 36.81 -25.87
C ASN A 1924 5.89 38.25 -26.32
N ARG A 1925 6.40 38.42 -27.54
CA ARG A 1925 6.59 39.75 -28.06
C ARG A 1925 5.24 40.36 -28.46
N SER A 1926 5.26 41.67 -28.73
CA SER A 1926 4.02 42.38 -29.03
C SER A 1926 3.90 42.64 -30.53
N HYP A 1927 2.67 42.71 -31.03
CA HYP A 1927 2.45 43.06 -32.44
C HYP A 1927 2.97 44.46 -32.80
O HYP A 1927 3.36 45.17 -31.91
CB HYP A 1927 0.94 42.95 -32.66
CG HYP A 1927 0.48 42.15 -31.44
CD HYP A 1927 1.36 42.73 -30.36
OD1 HYP A 1927 0.78 40.79 -31.63
N HYP A 1928 2.96 44.82 -34.08
CA HYP A 1928 3.44 46.14 -34.49
C HYP A 1928 2.36 47.24 -34.56
O HYP A 1928 1.20 46.92 -34.42
CB HYP A 1928 4.11 45.90 -35.84
CG HYP A 1928 4.51 44.43 -35.78
CD HYP A 1928 4.16 44.02 -34.36
OD1 HYP A 1928 5.90 44.30 -36.02
N HYP A 1929 2.78 48.49 -34.73
CA HYP A 1929 1.84 49.59 -34.88
C HYP A 1929 1.06 49.62 -36.21
O HYP A 1929 1.66 49.40 -37.23
CB HYP A 1929 2.73 50.83 -34.70
CG HYP A 1929 3.76 50.34 -33.68
CD HYP A 1929 3.41 48.87 -33.47
OD1 HYP A 1929 3.60 51.06 -32.47
N HYP A 1930 -0.24 49.90 -36.15
CA HYP A 1930 -1.03 50.11 -37.37
C HYP A 1930 -0.42 51.19 -38.28
O HYP A 1930 0.08 52.16 -37.74
CB HYP A 1930 -2.43 50.49 -36.90
CG HYP A 1930 -2.41 50.07 -35.44
CD HYP A 1930 -1.02 50.49 -35.05
OD1 HYP A 1930 -2.48 48.65 -35.39
N HYP A 1931 -0.47 51.02 -39.59
CA HYP A 1931 0.07 52.03 -40.51
C HYP A 1931 -0.74 53.33 -40.49
O HYP A 1931 -1.82 53.31 -39.94
CB HYP A 1931 0.08 51.34 -41.88
CG HYP A 1931 -0.29 49.89 -41.55
CD HYP A 1931 0.10 49.77 -40.10
OD1 HYP A 1931 0.38 48.95 -42.37
N HYP A 1932 -0.21 54.42 -41.02
CA HYP A 1932 -0.96 55.69 -41.01
C HYP A 1932 -2.23 55.66 -41.87
O HYP A 1932 -2.38 54.74 -42.66
CB HYP A 1932 0.05 56.75 -41.50
CG HYP A 1932 1.36 56.13 -41.07
CD HYP A 1932 1.16 54.70 -41.50
OD1 HYP A 1932 1.42 56.19 -39.65
N ALA A 1933 -3.13 56.62 -41.68
CA ALA A 1933 -4.32 56.70 -42.50
C ALA A 1933 -3.90 57.06 -43.92
N SER A 1934 -4.38 56.28 -44.89
CA SER A 1934 -4.03 56.55 -46.28
C SER A 1934 -4.90 57.69 -46.81
N SER A 1935 -4.47 58.25 -47.93
CA SER A 1935 -5.19 59.32 -48.58
C SER A 1935 -6.25 58.74 -49.53
N ALA A 1936 -7.09 59.63 -50.06
CA ALA A 1936 -8.12 59.20 -50.99
C ALA A 1936 -7.48 58.70 -52.28
N ILE A 1937 -8.09 57.67 -52.87
CA ILE A 1937 -7.58 57.09 -54.10
C ILE A 1937 -7.79 58.08 -55.25
N ASN A 1938 -7.16 57.81 -56.39
CA ASN A 1938 -7.24 58.74 -57.51
C ASN A 1938 -8.68 58.87 -57.99
N PRO A 1939 -9.10 60.07 -58.38
CA PRO A 1939 -10.48 60.24 -58.84
C PRO A 1939 -10.69 59.64 -60.22
N GLY A 1940 -11.96 59.43 -60.55
CA GLY A 1940 -12.31 58.84 -61.82
C GLY A 1940 -11.82 57.42 -61.99
N GLY A 1941 -11.92 56.62 -60.93
CA GLY A 1941 -11.51 55.23 -60.99
C GLY A 1941 -12.67 54.35 -61.38
N GLY A 1942 -12.41 53.44 -62.32
CA GLY A 1942 -13.42 52.52 -62.79
C GLY A 1942 -14.40 53.11 -63.79
N VAL A 1943 -14.21 54.35 -64.19
CA VAL A 1943 -15.11 55.01 -65.13
C VAL A 1943 -14.52 54.86 -66.53
N ASN A 1944 -15.24 54.14 -67.39
CA ASN A 1944 -14.79 53.93 -68.75
C ASN A 1944 -15.26 55.07 -69.64
N GLN A 1945 -14.67 55.16 -70.83
CA GLN A 1945 -14.83 56.26 -71.75
C GLN A 1945 -14.31 57.57 -71.17
N ASN A 1946 -13.53 57.50 -70.10
CA ASN A 1946 -13.01 58.69 -69.42
C ASN A 1946 -14.14 59.65 -69.05
N GLY A 1947 -13.80 60.88 -68.71
CA GLY A 1947 -14.82 61.83 -68.33
C GLY A 1947 -14.21 63.19 -68.05
N ASP A 1948 -15.09 64.13 -67.72
CA ASP A 1948 -14.65 65.48 -67.42
C ASP A 1948 -13.79 65.47 -66.16
N PRO A 1949 -12.70 66.25 -66.13
CA PRO A 1949 -11.89 66.31 -64.91
C PRO A 1949 -12.70 66.82 -63.73
N VAL A 1950 -12.45 66.24 -62.56
CA VAL A 1950 -13.20 66.56 -61.36
C VAL A 1950 -12.97 68.01 -60.94
N THR B 44 40.84 -132.97 124.64
CA THR B 44 40.64 -131.57 124.28
C THR B 44 39.36 -131.02 124.90
N TYR B 45 39.42 -129.77 125.36
CA TYR B 45 38.32 -129.12 126.05
C TYR B 45 37.95 -127.84 125.33
N THR B 46 36.68 -127.45 125.43
CA THR B 46 36.14 -126.27 124.76
C THR B 46 35.55 -125.33 125.80
N LEU B 47 35.89 -124.05 125.69
CA LEU B 47 35.49 -123.04 126.67
C LEU B 47 34.93 -121.81 125.96
N THR B 48 33.85 -121.26 126.51
CA THR B 48 33.31 -119.98 126.04
C THR B 48 32.94 -119.14 127.25
N LEU B 49 33.67 -118.06 127.49
CA LEU B 49 33.38 -117.13 128.58
C LEU B 49 33.19 -115.75 127.98
N ASP B 50 31.99 -115.19 128.11
CA ASP B 50 31.68 -113.89 127.56
C ASP B 50 30.79 -113.11 128.52
N LYS B 51 31.09 -111.82 128.69
CA LYS B 51 30.25 -110.99 129.54
C LYS B 51 28.86 -110.82 128.93
N LEU B 52 27.84 -110.92 129.77
CA LEU B 52 26.51 -110.45 129.38
C LEU B 52 26.15 -109.15 130.09
N GLY B 53 26.23 -109.12 131.43
CA GLY B 53 26.16 -107.92 132.21
C GLY B 53 25.19 -106.87 131.69
N PRO B 54 25.70 -105.66 131.48
CA PRO B 54 24.99 -104.69 130.65
C PRO B 54 25.38 -104.85 129.18
N THR B 55 24.47 -104.44 128.30
CA THR B 55 24.76 -104.52 126.88
C THR B 55 25.96 -103.65 126.51
N VAL B 56 26.03 -102.45 127.07
CA VAL B 56 27.18 -101.58 126.88
C VAL B 56 28.29 -102.03 127.82
N ASN B 57 29.50 -101.50 127.62
CA ASN B 57 30.58 -101.79 128.54
C ASN B 57 30.25 -101.23 129.92
N PRO B 58 30.41 -102.01 130.98
CA PRO B 58 30.09 -101.50 132.31
C PRO B 58 31.12 -100.52 132.81
N THR B 59 30.67 -99.60 133.65
CA THR B 59 31.53 -98.60 134.26
C THR B 59 31.88 -98.99 135.69
N THR B 60 32.57 -98.08 136.38
CA THR B 60 32.99 -98.36 137.76
C THR B 60 31.80 -98.50 138.69
N SER B 61 30.71 -97.80 138.42
CA SER B 61 29.53 -97.80 139.27
C SER B 61 28.40 -98.65 138.70
N ASP B 62 28.74 -99.80 138.11
CA ASP B 62 27.74 -100.64 137.48
C ASP B 62 28.17 -102.10 137.59
N ALA B 63 27.21 -102.98 137.83
CA ALA B 63 27.51 -104.38 138.06
C ALA B 63 27.83 -105.10 136.75
N VAL B 64 28.51 -106.23 136.88
CA VAL B 64 28.90 -107.06 135.74
C VAL B 64 28.49 -108.51 136.02
N THR B 65 27.89 -109.15 135.03
CA THR B 65 27.59 -110.57 135.09
C THR B 65 28.10 -111.23 133.82
N PHE B 66 28.39 -112.54 133.90
CA PHE B 66 29.09 -113.24 132.85
C PHE B 66 28.32 -114.49 132.45
N THR B 67 28.68 -115.05 131.29
CA THR B 67 28.18 -116.32 130.79
C THR B 67 29.35 -117.23 130.52
N ALA B 68 29.24 -118.49 130.97
CA ALA B 68 30.29 -119.47 130.78
C ALA B 68 29.68 -120.78 130.34
N THR B 69 30.15 -121.30 129.21
CA THR B 69 29.74 -122.61 128.72
C THR B 69 30.98 -123.45 128.44
N VAL B 70 31.06 -124.60 129.09
CA VAL B 70 32.21 -125.49 128.98
C VAL B 70 31.73 -126.82 128.40
N ALA B 71 32.44 -127.32 127.40
CA ALA B 71 32.11 -128.56 126.75
C ALA B 71 33.39 -129.35 126.50
N SER B 72 33.22 -130.58 126.01
CA SER B 72 34.33 -131.47 125.69
C SER B 72 33.82 -132.52 124.72
N PRO B 73 34.53 -132.78 123.63
CA PRO B 73 34.05 -133.77 122.65
C PRO B 73 34.38 -135.21 123.01
N ASP B 74 35.25 -135.45 123.98
CA ASP B 74 35.62 -136.82 124.31
C ASP B 74 35.45 -137.16 125.78
N SER B 75 35.76 -136.22 126.69
CA SER B 75 35.75 -136.51 128.12
C SER B 75 34.35 -136.22 128.67
N THR B 76 33.60 -137.29 128.96
CA THR B 76 32.25 -137.14 129.47
C THR B 76 32.21 -136.84 130.97
N THR B 77 33.29 -137.10 131.69
CA THR B 77 33.28 -136.93 133.14
C THR B 77 33.24 -135.45 133.51
N ALA B 78 32.46 -135.13 134.54
CA ALA B 78 32.37 -133.77 135.04
C ALA B 78 33.65 -133.38 135.77
N VAL B 79 34.01 -132.11 135.66
CA VAL B 79 35.23 -131.58 136.26
C VAL B 79 34.87 -130.36 137.09
N PHE B 80 35.88 -129.72 137.66
CA PHE B 80 35.71 -128.61 138.58
C PHE B 80 36.22 -127.32 137.96
N PHE B 81 35.56 -126.21 138.25
CA PHE B 81 35.91 -124.94 137.62
C PHE B 81 36.03 -123.84 138.66
N THR B 82 36.68 -122.76 138.24
CA THR B 82 36.94 -121.60 139.08
C THR B 82 36.90 -120.36 138.20
N LEU B 83 36.50 -119.24 138.79
CA LEU B 83 36.40 -117.97 138.06
C LEU B 83 37.17 -116.91 138.82
N ASP B 84 38.08 -116.21 138.13
CA ASP B 84 38.86 -115.14 138.71
C ASP B 84 38.56 -113.83 137.98
N TYR B 85 38.63 -112.74 138.73
CA TYR B 85 38.24 -111.41 138.30
C TYR B 85 39.46 -110.51 138.13
N GLY B 86 39.27 -109.42 137.42
CA GLY B 86 40.29 -108.41 137.26
C GLY B 86 40.33 -107.40 138.40
N ASP B 87 39.48 -107.59 139.41
CA ASP B 87 39.40 -106.64 140.52
C ASP B 87 40.71 -106.57 141.29
N GLY B 88 41.35 -107.72 141.52
CA GLY B 88 42.60 -107.77 142.24
C GLY B 88 42.46 -107.85 143.75
N VAL B 89 41.50 -107.14 144.33
CA VAL B 89 41.25 -107.23 145.76
C VAL B 89 40.36 -108.42 146.11
N THR B 90 39.71 -109.04 145.13
CA THR B 90 38.94 -110.25 145.33
C THR B 90 39.71 -111.43 144.77
N ALA B 91 39.84 -112.49 145.58
CA ALA B 91 40.62 -113.64 145.21
C ALA B 91 39.79 -114.60 144.37
N GLU B 92 40.35 -115.76 144.07
CA GLU B 92 39.65 -116.76 143.26
C GLU B 92 38.41 -117.25 143.99
N THR B 93 37.37 -117.56 143.21
CA THR B 93 36.15 -118.11 143.78
C THR B 93 36.38 -119.54 144.27
N THR B 94 35.44 -120.03 145.06
CA THR B 94 35.53 -121.40 145.54
C THR B 94 35.27 -122.39 144.41
N ARG B 95 36.11 -123.42 144.36
CA ARG B 95 35.98 -124.45 143.33
C ARG B 95 34.65 -125.17 143.48
N THR B 96 34.01 -125.47 142.34
CA THR B 96 32.74 -126.17 142.36
C THR B 96 32.62 -127.02 141.10
N THR B 97 31.69 -127.97 141.16
CA THR B 97 31.55 -128.97 140.11
C THR B 97 30.80 -128.40 138.90
N THR B 98 30.66 -129.23 137.87
CA THR B 98 29.94 -128.86 136.67
C THR B 98 28.87 -129.89 136.37
N GLY B 99 28.25 -129.81 135.19
CA GLY B 99 27.34 -130.83 134.72
C GLY B 99 28.07 -131.92 133.96
N ALA B 100 27.28 -132.84 133.41
CA ALA B 100 27.83 -133.91 132.58
C ALA B 100 28.23 -133.34 131.23
N LEU B 101 29.54 -133.25 130.98
CA LEU B 101 30.07 -132.59 129.81
C LEU B 101 29.97 -133.51 128.59
N SER B 102 29.55 -132.95 127.47
CA SER B 102 29.48 -133.69 126.21
C SER B 102 29.77 -132.72 125.08
N THR B 103 29.50 -133.15 123.84
CA THR B 103 29.81 -132.32 122.68
C THR B 103 29.02 -131.02 122.71
N THR B 104 27.74 -131.08 123.03
CA THR B 104 26.95 -129.87 123.15
C THR B 104 27.36 -129.11 124.41
N PRO B 105 27.56 -127.79 124.33
CA PRO B 105 27.97 -127.03 125.50
C PRO B 105 26.91 -127.07 126.59
N THR B 106 27.38 -126.99 127.84
CA THR B 106 26.46 -126.99 128.97
C THR B 106 25.85 -125.60 129.14
N ALA B 107 24.86 -125.52 130.03
CA ALA B 107 24.18 -124.27 130.27
C ALA B 107 25.07 -123.29 131.04
N ASN B 108 24.48 -122.17 131.43
CA ASN B 108 25.24 -121.11 132.09
C ASN B 108 25.69 -121.56 133.48
N LEU B 109 26.99 -121.60 133.70
CA LEU B 109 27.55 -121.94 135.00
C LEU B 109 27.73 -120.73 135.91
N VAL B 110 27.41 -119.54 135.41
CA VAL B 110 27.66 -118.29 136.14
C VAL B 110 26.36 -117.55 136.45
N SER B 111 25.23 -118.01 135.91
CA SER B 111 23.93 -117.36 136.10
C SER B 111 23.54 -117.20 137.56
N ALA B 112 24.27 -117.82 138.48
CA ALA B 112 24.02 -117.59 139.91
C ALA B 112 24.18 -116.12 140.25
N GLY B 113 23.27 -115.61 141.08
CA GLY B 113 23.29 -114.21 141.45
C GLY B 113 24.50 -113.80 142.26
N THR B 114 25.19 -114.77 142.88
CA THR B 114 26.39 -114.46 143.64
C THR B 114 27.50 -113.93 142.74
N TYR B 115 27.63 -114.48 141.53
CA TYR B 115 28.73 -114.16 140.62
C TYR B 115 28.48 -112.79 140.00
N THR B 116 28.82 -111.74 140.76
CA THR B 116 28.66 -110.36 140.32
C THR B 116 29.82 -109.54 140.86
N VAL B 117 30.40 -108.69 140.03
CA VAL B 117 31.51 -107.84 140.43
C VAL B 117 31.31 -106.43 139.88
N THR B 118 31.50 -105.44 140.75
CA THR B 118 31.55 -104.03 140.37
C THR B 118 32.97 -103.53 140.60
N TYR B 119 33.68 -103.21 139.52
CA TYR B 119 35.07 -102.81 139.65
C TYR B 119 35.16 -101.39 140.20
N ALA B 120 36.39 -100.99 140.55
CA ALA B 120 36.61 -99.71 141.22
C ALA B 120 37.39 -98.70 140.40
N SER B 121 38.06 -99.12 139.32
CA SER B 121 38.86 -98.21 138.51
C SER B 121 38.62 -98.49 137.04
N ILE B 122 38.91 -97.48 136.21
CA ILE B 122 38.71 -97.61 134.78
C ILE B 122 39.91 -98.32 134.14
N GLY B 123 39.72 -98.80 132.92
CA GLY B 123 40.78 -99.47 132.21
C GLY B 123 40.39 -100.81 131.64
N THR B 124 41.32 -101.75 131.62
CA THR B 124 41.07 -103.11 131.17
C THR B 124 41.25 -104.06 132.35
N LYS B 125 40.30 -104.99 132.49
CA LYS B 125 40.34 -106.00 133.53
C LYS B 125 40.28 -107.37 132.88
N PHE B 126 41.01 -108.33 133.45
CA PHE B 126 41.19 -109.64 132.83
C PHE B 126 40.41 -110.68 133.63
N VAL B 127 39.24 -111.05 133.13
CA VAL B 127 38.45 -112.09 133.77
C VAL B 127 38.87 -113.43 133.18
N THR B 128 39.21 -114.37 134.06
CA THR B 128 39.71 -115.66 133.62
C THR B 128 38.86 -116.77 134.20
N LEU B 129 38.78 -117.87 133.45
CA LEU B 129 38.07 -119.06 133.87
C LEU B 129 39.05 -120.23 133.83
N ARG B 130 39.23 -120.87 134.97
CA ARG B 130 40.17 -121.97 135.12
C ARG B 130 39.41 -123.26 135.38
N LEU B 131 40.02 -124.39 135.00
CA LEU B 131 39.38 -125.70 135.07
C LEU B 131 40.37 -126.70 135.62
N TYR B 132 40.07 -127.27 136.78
CA TYR B 132 40.75 -128.42 137.35
C TYR B 132 39.81 -129.63 137.34
N ASP B 133 40.29 -130.74 137.93
CA ASP B 133 39.50 -131.96 137.99
C ASP B 133 39.08 -132.36 139.39
N SER B 134 39.77 -131.88 140.43
CA SER B 134 39.45 -132.30 141.79
C SER B 134 39.45 -131.07 142.71
N ALA B 135 38.71 -131.18 143.81
CA ALA B 135 38.56 -130.08 144.75
C ALA B 135 39.83 -129.76 145.53
N VAL B 136 40.82 -130.65 145.51
CA VAL B 136 42.04 -130.45 146.29
C VAL B 136 42.84 -129.30 145.71
N ALA B 137 43.57 -128.61 146.58
CA ALA B 137 44.49 -127.56 146.13
C ALA B 137 45.53 -128.06 145.14
N PRO B 138 46.16 -129.23 145.31
CA PRO B 138 47.07 -129.74 144.29
C PRO B 138 46.38 -130.32 143.06
N GLY B 139 45.09 -130.07 142.88
CA GLY B 139 44.41 -130.57 141.70
C GLY B 139 45.08 -130.07 140.43
N VAL B 140 45.27 -130.99 139.48
CA VAL B 140 46.00 -130.67 138.26
C VAL B 140 45.15 -129.75 137.39
N LEU B 141 45.74 -128.63 136.98
CA LEU B 141 45.09 -127.74 136.04
C LEU B 141 44.87 -128.46 134.71
N LEU B 142 43.67 -128.35 134.15
CA LEU B 142 43.42 -128.96 132.86
C LEU B 142 42.90 -127.99 131.81
N ALA B 143 42.44 -126.80 132.18
CA ALA B 143 42.07 -125.83 131.15
C ALA B 143 42.08 -124.41 131.72
N SER B 144 42.15 -123.43 130.81
CA SER B 144 42.14 -122.02 131.18
C SER B 144 41.62 -121.17 130.03
N LYS B 145 41.14 -119.99 130.36
CA LYS B 145 40.67 -119.02 129.37
C LYS B 145 40.72 -117.62 129.97
N THR B 146 41.00 -116.62 129.13
CA THR B 146 41.10 -115.23 129.56
C THR B 146 40.27 -114.34 128.65
N VAL B 147 39.69 -113.29 129.23
CA VAL B 147 38.77 -112.41 128.51
C VAL B 147 38.94 -110.97 129.00
N PRO B 148 39.00 -109.98 128.12
CA PRO B 148 39.13 -108.58 128.55
C PRO B 148 37.78 -107.88 128.70
N ILE B 149 37.67 -107.11 129.79
CA ILE B 149 36.54 -106.25 130.07
C ILE B 149 37.04 -104.81 130.10
N TYR B 150 36.36 -103.91 129.39
CA TYR B 150 36.75 -102.51 129.34
C TYR B 150 35.80 -101.70 130.22
N VAL B 151 36.35 -101.09 131.26
CA VAL B 151 35.59 -100.21 132.14
C VAL B 151 35.90 -98.77 131.75
N GLU B 152 34.87 -98.04 131.33
CA GLU B 152 35.01 -96.68 130.85
C GLU B 152 34.80 -95.68 131.98
N ASP B 153 35.20 -94.45 131.72
CA ASP B 153 35.01 -93.36 132.68
C ASP B 153 33.52 -93.03 132.80
N SER B 154 33.15 -92.53 133.98
CA SER B 154 31.78 -92.15 134.26
C SER B 154 31.57 -90.65 134.36
N THR B 155 32.59 -89.89 134.74
CA THR B 155 32.48 -88.44 134.77
C THR B 155 32.42 -87.84 133.37
N LEU B 156 32.91 -88.55 132.37
CA LEU B 156 33.07 -88.04 131.02
C LEU B 156 31.86 -88.41 130.16
N THR B 157 31.31 -87.42 129.47
CA THR B 157 30.24 -87.64 128.52
C THR B 157 30.70 -87.22 127.13
N ALA B 158 30.48 -88.09 126.15
CA ALA B 158 30.81 -87.82 124.76
C ALA B 158 29.57 -88.10 123.92
N THR B 159 29.23 -87.15 123.06
CA THR B 159 28.12 -87.28 122.13
C THR B 159 28.60 -86.99 120.72
N LEU B 160 27.95 -87.60 119.74
CA LEU B 160 28.26 -87.39 118.33
C LEU B 160 27.03 -86.79 117.67
N LEU B 161 27.09 -85.50 117.38
CA LEU B 161 25.97 -84.79 116.78
C LEU B 161 26.21 -84.60 115.28
N GLN B 162 25.21 -84.94 114.49
CA GLN B 162 25.28 -84.85 113.04
C GLN B 162 24.46 -83.66 112.55
N SER B 163 24.93 -83.04 111.48
CA SER B 163 24.31 -81.83 110.97
C SER B 163 23.34 -82.07 109.82
N GLY B 164 23.70 -82.94 108.87
CA GLY B 164 22.84 -83.20 107.73
C GLY B 164 22.75 -84.69 107.48
N VAL B 165 21.88 -85.05 106.54
CA VAL B 165 21.70 -86.44 106.15
C VAL B 165 22.87 -86.87 105.28
N PRO B 166 23.60 -87.92 105.65
CA PRO B 166 24.69 -88.39 104.79
C PRO B 166 24.15 -89.13 103.58
N ARG B 167 24.67 -88.80 102.41
CA ARG B 167 24.27 -89.43 101.16
C ARG B 167 25.14 -90.66 100.91
N LEU B 168 25.13 -91.15 99.67
CA LEU B 168 25.96 -92.28 99.26
C LEU B 168 27.39 -91.79 99.08
N ASN B 169 28.18 -92.50 98.28
CA ASN B 169 29.64 -92.45 98.30
C ASN B 169 30.20 -91.03 98.30
N LEU B 170 29.37 -90.03 98.01
CA LEU B 170 29.74 -88.64 98.23
C LEU B 170 30.24 -88.45 99.66
N ALA B 171 31.08 -87.44 99.85
CA ALA B 171 31.67 -87.18 101.16
C ALA B 171 30.65 -86.54 102.09
N PHE B 172 30.83 -86.78 103.39
CA PHE B 172 29.94 -86.27 104.43
C PHE B 172 30.75 -85.52 105.48
N SER B 173 30.31 -84.31 105.83
CA SER B 173 31.01 -83.46 106.78
C SER B 173 30.06 -82.95 107.86
N GLY B 174 29.07 -83.74 108.25
CA GLY B 174 28.09 -83.28 109.22
C GLY B 174 28.33 -83.75 110.64
N PHE B 175 29.32 -84.61 110.84
CA PHE B 175 29.61 -85.18 112.16
C PHE B 175 30.52 -84.25 112.95
N LYS B 176 30.17 -84.05 114.22
CA LYS B 176 31.07 -83.40 115.15
C LYS B 176 30.86 -84.00 116.54
N GLY B 177 31.86 -83.86 117.39
CA GLY B 177 31.86 -84.50 118.70
C GLY B 177 31.81 -83.47 119.81
N ARG B 178 31.01 -83.76 120.84
CA ARG B 178 30.90 -82.94 122.04
C ARG B 178 31.39 -83.75 123.22
N VAL B 179 32.32 -83.17 123.98
CA VAL B 179 32.92 -83.82 125.14
C VAL B 179 32.78 -82.90 126.34
N SER B 180 32.34 -83.46 127.47
CA SER B 180 32.16 -82.69 128.69
C SER B 180 32.53 -83.56 129.89
N SER B 181 33.41 -83.04 130.74
CA SER B 181 33.88 -83.76 131.92
C SER B 181 33.44 -83.02 133.18
N SER B 182 32.92 -83.77 134.15
CA SER B 182 32.47 -83.16 135.38
C SER B 182 33.64 -82.68 136.23
N THR B 183 34.77 -83.35 136.15
CA THR B 183 35.90 -83.08 137.03
C THR B 183 36.68 -81.86 136.54
N ALA B 184 37.86 -81.66 137.10
CA ALA B 184 38.75 -80.57 136.74
C ALA B 184 39.50 -80.93 135.45
N ASN B 185 40.59 -80.19 135.20
CA ASN B 185 41.41 -80.35 134.00
C ASN B 185 41.65 -81.82 133.68
N ARG B 186 41.33 -82.20 132.44
CA ARG B 186 41.61 -83.52 131.90
C ARG B 186 42.77 -83.45 130.92
N ALA B 187 43.47 -84.57 130.77
CA ALA B 187 44.65 -84.62 129.91
C ALA B 187 44.22 -84.75 128.45
N ASP B 188 45.19 -85.06 127.59
CA ASP B 188 44.93 -85.15 126.15
C ASP B 188 43.97 -86.30 125.84
N MET B 189 43.26 -86.15 124.73
CA MET B 189 42.21 -87.09 124.36
C MET B 189 42.22 -87.34 122.86
N TRP B 190 41.82 -88.55 122.47
CA TRP B 190 41.88 -89.00 121.08
C TRP B 190 40.58 -89.70 120.71
N ALA B 191 39.96 -89.25 119.62
CA ALA B 191 38.64 -89.73 119.23
C ALA B 191 38.71 -90.51 117.93
N THR B 192 37.93 -91.59 117.87
CA THR B 192 37.78 -92.38 116.66
C THR B 192 36.29 -92.53 116.37
N ILE B 193 35.97 -92.74 115.09
CA ILE B 193 34.60 -92.94 114.64
C ILE B 193 34.56 -94.17 113.75
N GLN B 194 33.62 -95.07 114.03
CA GLN B 194 33.41 -96.27 113.22
C GLN B 194 32.01 -96.21 112.65
N LEU B 195 31.90 -96.24 111.33
CA LEU B 195 30.64 -95.96 110.67
C LEU B 195 29.60 -97.06 110.92
N ASP B 196 30.01 -98.32 110.88
CA ASP B 196 29.06 -99.41 110.97
C ASP B 196 29.72 -100.60 111.66
N THR B 197 28.89 -101.59 112.01
CA THR B 197 29.34 -102.80 112.66
C THR B 197 29.35 -104.01 111.73
N ALA B 198 29.18 -103.79 110.42
CA ALA B 198 29.20 -104.89 109.49
C ALA B 198 30.60 -105.50 109.42
N PRO B 199 30.71 -106.77 109.06
CA PRO B 199 32.04 -107.40 108.94
C PRO B 199 32.90 -106.70 107.91
N GLY B 200 34.14 -106.42 108.28
CA GLY B 200 35.08 -105.75 107.41
C GLY B 200 35.06 -104.24 107.46
N VAL B 201 34.23 -103.63 108.31
CA VAL B 201 34.23 -102.19 108.50
C VAL B 201 35.08 -101.87 109.71
N PHE B 202 36.02 -100.94 109.56
CA PHE B 202 37.07 -100.71 110.53
C PHE B 202 36.95 -99.34 111.17
N GLU B 203 37.43 -99.26 112.40
CA GLU B 203 37.46 -98.00 113.13
C GLU B 203 38.48 -97.05 112.51
N SER B 204 38.17 -95.76 112.49
CA SER B 204 39.04 -94.77 111.88
C SER B 204 40.27 -94.53 112.76
N SER B 205 41.22 -93.79 112.20
CA SER B 205 42.40 -93.40 112.95
C SER B 205 42.03 -92.37 114.03
N ARG B 206 42.87 -92.30 115.06
CA ARG B 206 42.59 -91.44 116.18
C ARG B 206 42.86 -89.97 115.83
N ILE B 207 42.06 -89.09 116.42
CA ILE B 207 42.12 -87.65 116.17
C ILE B 207 42.40 -86.96 117.50
N PHE B 208 43.34 -86.01 117.47
CA PHE B 208 43.75 -85.28 118.66
C PHE B 208 42.73 -84.20 118.99
N ILE B 209 42.02 -84.35 120.10
CA ILE B 209 41.11 -83.31 120.57
C ILE B 209 41.84 -82.33 121.47
N GLY B 210 42.61 -82.84 122.43
CA GLY B 210 43.33 -82.03 123.37
C GLY B 210 42.81 -82.20 124.78
N ILE B 211 42.97 -81.14 125.57
CA ILE B 211 42.57 -81.16 126.97
C ILE B 211 41.17 -80.60 127.09
N ALA B 212 40.52 -80.90 128.21
CA ALA B 212 39.19 -80.38 128.55
C ALA B 212 39.26 -79.76 129.94
N PRO B 213 39.92 -78.60 130.06
CA PRO B 213 40.27 -78.08 131.39
C PRO B 213 39.12 -77.60 132.24
N THR B 214 38.27 -76.72 131.70
CA THR B 214 37.37 -75.91 132.53
C THR B 214 36.06 -76.64 132.75
N ALA B 215 35.99 -77.36 133.88
CA ALA B 215 34.75 -77.88 134.43
C ALA B 215 33.90 -78.64 133.43
N SER B 216 32.57 -78.54 133.55
CA SER B 216 31.63 -79.33 132.78
C SER B 216 30.97 -78.54 131.66
N THR B 217 31.70 -77.65 131.01
CA THR B 217 31.20 -77.02 129.80
C THR B 217 31.52 -77.91 128.59
N ASN B 218 30.79 -77.68 127.51
CA ASN B 218 30.83 -78.56 126.35
C ASN B 218 31.92 -78.12 125.37
N TYR B 219 32.76 -79.06 124.96
CA TYR B 219 33.83 -78.78 124.00
C TYR B 219 33.54 -79.56 122.72
N ASP B 220 33.52 -78.85 121.59
CA ASP B 220 33.16 -79.44 120.31
C ASP B 220 34.38 -79.53 119.41
N PHE B 221 34.53 -80.68 118.75
CA PHE B 221 35.61 -80.92 117.80
C PHE B 221 35.04 -81.49 116.52
N VAL B 222 35.82 -81.41 115.45
CA VAL B 222 35.38 -81.71 114.09
C VAL B 222 35.95 -83.05 113.66
N ILE B 223 35.08 -83.91 113.13
CA ILE B 223 35.46 -85.20 112.59
C ILE B 223 35.71 -85.05 111.09
N PRO B 224 36.79 -85.63 110.55
CA PRO B 224 37.06 -85.52 109.11
C PRO B 224 35.94 -86.13 108.28
N ASP B 225 36.05 -85.91 106.97
CA ASP B 225 35.03 -86.38 106.04
C ASP B 225 34.89 -87.89 106.08
N GLN B 226 33.65 -88.37 106.10
CA GLN B 226 33.35 -89.79 106.12
C GLN B 226 32.51 -90.14 104.90
N VAL B 227 32.73 -91.35 104.38
CA VAL B 227 32.04 -91.84 103.20
C VAL B 227 31.41 -93.19 103.52
N TYR B 228 30.13 -93.34 103.22
CA TYR B 228 29.43 -94.60 103.37
C TYR B 228 29.34 -95.29 102.02
N ASN B 229 29.39 -96.63 102.05
CA ASN B 229 29.37 -97.41 100.83
C ASN B 229 28.00 -97.99 100.50
N LEU B 230 27.14 -98.19 101.50
CA LEU B 230 25.83 -98.77 101.30
C LEU B 230 24.77 -97.85 101.89
N GLU B 231 23.54 -97.98 101.39
CA GLU B 231 22.43 -97.19 101.86
C GLU B 231 21.58 -97.99 102.84
N GLY B 232 20.98 -97.28 103.79
CA GLY B 232 20.16 -97.87 104.82
C GLY B 232 20.52 -97.31 106.17
N ALA B 233 20.18 -98.06 107.21
CA ALA B 233 20.42 -97.65 108.59
C ALA B 233 21.78 -98.15 109.05
N LYS B 234 22.59 -97.23 109.57
CA LYS B 234 23.91 -97.53 110.11
C LYS B 234 24.00 -97.07 111.56
N THR B 235 24.65 -97.88 112.38
CA THR B 235 24.85 -97.60 113.80
C THR B 235 26.29 -97.11 114.00
N THR B 236 26.46 -95.81 113.77
CA THR B 236 27.78 -95.19 113.94
C THR B 236 28.15 -95.12 115.41
N VAL B 237 29.38 -95.51 115.73
CA VAL B 237 29.88 -95.54 117.11
C VAL B 237 31.09 -94.63 117.21
N LEU B 238 31.04 -93.70 118.17
CA LEU B 238 32.16 -92.79 118.43
C LEU B 238 32.82 -93.21 119.73
N ARG B 239 34.15 -93.27 119.73
CA ARG B 239 34.89 -93.63 120.94
C ARG B 239 35.94 -92.58 121.25
N ILE B 240 36.13 -92.36 122.55
CA ILE B 240 37.14 -91.46 123.08
C ILE B 240 38.08 -92.27 123.96
N TYR B 241 39.38 -92.18 123.67
CA TYR B 241 40.47 -92.78 124.41
C TYR B 241 41.38 -91.68 124.96
N ASP B 242 42.32 -92.10 125.81
CA ASP B 242 43.29 -91.19 126.41
C ASP B 242 44.69 -91.34 125.84
N ALA B 243 44.91 -92.28 124.92
CA ALA B 243 46.26 -92.53 124.42
C ALA B 243 46.28 -92.50 122.90
N PRO B 244 47.35 -92.00 122.30
CA PRO B 244 47.40 -91.93 120.82
C PRO B 244 47.42 -93.29 120.15
N VAL B 245 48.05 -94.29 120.76
CA VAL B 245 48.23 -95.59 120.12
C VAL B 245 47.65 -96.75 120.90
N GLY B 246 47.51 -96.64 122.23
CA GLY B 246 46.92 -97.70 123.02
C GLY B 246 46.01 -97.15 124.10
N GLY B 247 46.26 -97.53 125.34
CA GLY B 247 45.64 -96.87 126.47
C GLY B 247 44.24 -97.33 126.79
N THR B 248 43.50 -96.44 127.45
CA THR B 248 42.21 -96.75 128.04
C THR B 248 41.08 -96.19 127.18
N LEU B 249 40.08 -97.02 126.91
CA LEU B 249 38.86 -96.58 126.25
C LEU B 249 38.08 -95.74 127.24
N LEU B 250 38.13 -94.41 127.07
CA LEU B 250 37.52 -93.52 128.05
C LEU B 250 36.00 -93.58 127.98
N ARG B 251 35.43 -93.55 126.77
CA ARG B 251 33.98 -93.62 126.65
C ARG B 251 33.60 -94.03 125.23
N THR B 252 32.38 -94.57 125.11
CA THR B 252 31.79 -94.87 123.81
C THR B 252 30.37 -94.32 123.74
N PHE B 253 30.04 -93.73 122.60
CA PHE B 253 28.72 -93.17 122.34
C PHE B 253 28.14 -93.79 121.09
N THR B 254 26.83 -94.01 121.11
CA THR B 254 26.09 -94.58 120.02
C THR B 254 24.71 -93.93 120.06
N PRO B 255 24.19 -93.45 118.94
CA PRO B 255 22.85 -92.87 118.94
C PRO B 255 21.78 -93.93 119.11
N ALA B 256 20.64 -93.51 119.63
CA ALA B 256 19.51 -94.40 119.82
C ALA B 256 18.74 -94.55 118.50
N ALA B 257 17.57 -95.17 118.55
CA ALA B 257 16.76 -95.33 117.34
C ALA B 257 16.27 -94.00 116.79
N ALA B 258 16.16 -92.96 117.62
CA ALA B 258 15.74 -91.65 117.17
C ALA B 258 16.86 -90.86 116.50
N ASN B 259 18.10 -91.33 116.58
CA ASN B 259 19.23 -90.65 115.97
C ASN B 259 20.16 -91.59 115.23
N ALA B 260 19.73 -92.83 114.97
CA ALA B 260 20.56 -93.76 114.21
C ALA B 260 20.80 -93.21 112.81
N VAL B 261 22.02 -93.41 112.30
CA VAL B 261 22.40 -92.79 111.04
C VAL B 261 21.63 -93.44 109.90
N TYR B 262 21.15 -92.63 108.97
CA TYR B 262 20.53 -93.14 107.75
C TYR B 262 21.26 -92.57 106.55
N VAL B 263 21.69 -93.45 105.64
CA VAL B 263 22.37 -93.08 104.42
C VAL B 263 21.41 -93.34 103.27
N VAL B 264 21.19 -92.33 102.44
CA VAL B 264 20.11 -92.33 101.46
C VAL B 264 20.71 -92.23 100.06
N ASP B 265 20.27 -93.11 99.17
CA ASP B 265 20.68 -93.05 97.77
C ASP B 265 19.97 -91.89 97.11
N PRO B 266 20.70 -90.86 96.65
CA PRO B 266 20.04 -89.64 96.17
C PRO B 266 19.45 -89.75 94.78
N SER B 267 19.76 -90.80 94.03
CA SER B 267 19.12 -90.99 92.73
C SER B 267 17.79 -91.71 92.85
N LYS B 268 17.50 -92.30 94.01
CA LYS B 268 16.24 -93.01 94.21
C LYS B 268 15.07 -92.07 94.47
N TYR B 269 15.33 -90.80 94.74
CA TYR B 269 14.26 -89.84 94.95
C TYR B 269 13.49 -89.62 93.65
N VAL B 270 12.17 -89.52 93.76
CA VAL B 270 11.30 -89.27 92.62
C VAL B 270 10.65 -87.91 92.83
N LEU B 271 10.95 -86.98 91.93
CA LEU B 271 10.40 -85.63 91.97
C LEU B 271 9.59 -85.38 90.71
N THR B 272 8.35 -84.94 90.88
CA THR B 272 7.46 -84.57 89.78
C THR B 272 7.10 -83.10 89.96
N LEU B 273 7.51 -82.27 89.01
CA LEU B 273 7.23 -80.84 89.02
C LEU B 273 6.28 -80.50 87.90
N THR B 274 5.22 -79.76 88.22
CA THR B 274 4.21 -79.33 87.26
C THR B 274 4.04 -77.83 87.39
N VAL B 275 4.90 -77.08 86.71
CA VAL B 275 4.75 -75.64 86.56
C VAL B 275 3.79 -75.38 85.42
N GLY B 276 3.40 -74.12 85.24
CA GLY B 276 2.43 -73.77 84.24
C GLY B 276 2.94 -73.93 82.82
N PRO B 277 2.39 -73.16 81.89
CA PRO B 277 2.70 -73.37 80.48
C PRO B 277 4.17 -73.09 80.18
N THR B 278 4.67 -73.79 79.16
CA THR B 278 6.02 -73.61 78.65
C THR B 278 5.92 -72.36 77.76
N SER B 279 6.89 -72.10 76.88
CA SER B 279 7.25 -70.77 76.39
C SER B 279 6.10 -69.78 76.28
N VAL B 280 6.28 -68.62 76.91
CA VAL B 280 5.27 -67.59 77.06
C VAL B 280 5.91 -66.23 76.78
N THR B 281 5.13 -65.17 77.00
CA THR B 281 5.63 -63.80 76.97
C THR B 281 5.64 -63.24 78.39
N THR B 282 6.20 -62.03 78.52
CA THR B 282 6.24 -61.39 79.82
C THR B 282 4.87 -60.97 80.33
N ALA B 283 3.85 -60.96 79.46
CA ALA B 283 2.50 -60.67 79.88
C ALA B 283 1.71 -61.92 80.22
N ASP B 284 2.12 -63.08 79.73
CA ASP B 284 1.44 -64.32 80.04
C ASP B 284 1.69 -64.72 81.49
N GLN B 285 0.90 -65.67 81.97
CA GLN B 285 0.92 -66.11 83.35
C GLN B 285 1.47 -67.52 83.45
N VAL B 286 2.25 -67.79 84.49
CA VAL B 286 2.76 -69.12 84.79
C VAL B 286 2.27 -69.52 86.17
N THR B 287 1.66 -70.70 86.27
CA THR B 287 1.04 -71.15 87.50
C THR B 287 1.74 -72.40 88.01
N PHE B 288 2.11 -72.39 89.29
CA PHE B 288 2.75 -73.50 89.97
C PHE B 288 1.69 -74.19 90.81
N THR B 289 1.17 -75.30 90.31
CA THR B 289 0.17 -76.08 91.02
C THR B 289 0.87 -77.06 91.95
N GLN B 290 0.71 -76.87 93.26
CA GLN B 290 1.46 -77.63 94.24
C GLN B 290 0.82 -78.97 94.57
N THR B 291 -0.44 -79.19 94.19
CA THR B 291 -1.11 -80.44 94.50
C THR B 291 -0.71 -81.57 93.56
N THR B 292 -0.20 -81.26 92.37
CA THR B 292 0.21 -82.29 91.42
C THR B 292 1.69 -82.59 91.50
N THR B 293 2.53 -81.60 91.84
CA THR B 293 3.92 -81.86 92.13
C THR B 293 4.03 -82.85 93.28
N GLU B 294 4.86 -83.87 93.11
CA GLU B 294 4.89 -84.98 94.06
C GLU B 294 6.33 -85.43 94.30
N VAL B 295 6.71 -85.52 95.57
CA VAL B 295 8.03 -86.01 95.96
C VAL B 295 7.85 -87.36 96.65
N SER B 296 8.82 -88.24 96.46
CA SER B 296 8.75 -89.56 97.08
C SER B 296 10.15 -90.18 97.08
N TYR B 297 10.26 -91.29 97.81
CA TYR B 297 11.52 -92.02 97.95
C TYR B 297 11.23 -93.50 97.71
N SER B 298 11.76 -94.05 96.62
CA SER B 298 11.40 -95.38 96.16
C SER B 298 12.22 -96.49 96.79
N ALA B 299 13.15 -96.18 97.68
CA ALA B 299 13.99 -97.22 98.26
C ALA B 299 13.37 -97.82 99.51
N SER B 300 13.07 -96.99 100.51
CA SER B 300 12.54 -97.47 101.77
C SER B 300 11.59 -96.42 102.34
N ALA B 301 10.81 -96.84 103.33
CA ALA B 301 9.83 -95.97 103.97
C ALA B 301 10.30 -95.44 105.32
N THR B 302 11.58 -95.59 105.65
CA THR B 302 12.12 -95.14 106.92
C THR B 302 13.16 -94.04 106.76
N SER B 303 13.21 -93.41 105.58
CA SER B 303 14.19 -92.37 105.33
C SER B 303 13.86 -91.11 106.14
N PRO B 304 14.86 -90.30 106.48
CA PRO B 304 14.59 -89.09 107.24
C PRO B 304 13.85 -88.05 106.41
N ILE B 305 13.17 -87.16 107.12
CA ILE B 305 12.35 -86.13 106.49
C ILE B 305 13.26 -85.07 105.87
N LEU B 306 12.76 -84.44 104.80
CA LEU B 306 13.50 -83.39 104.11
C LEU B 306 12.55 -82.25 103.77
N GLN B 307 13.06 -81.03 103.85
CA GLN B 307 12.29 -79.84 103.46
C GLN B 307 12.44 -79.58 101.97
N TRP B 308 11.51 -78.79 101.43
CA TRP B 308 11.47 -78.52 100.00
C TRP B 308 11.42 -77.02 99.75
N ARG B 309 11.93 -76.61 98.59
CA ARG B 309 11.94 -75.22 98.18
C ARG B 309 11.65 -75.13 96.68
N PHE B 310 11.09 -73.99 96.25
CA PHE B 310 10.84 -73.72 94.85
C PHE B 310 11.36 -72.35 94.49
N ASN B 311 11.99 -72.25 93.32
CA ASN B 311 12.52 -70.98 92.82
C ASN B 311 12.02 -70.75 91.40
N TRP B 312 11.44 -69.57 91.18
CA TRP B 312 10.92 -69.17 89.88
C TRP B 312 12.00 -68.75 88.89
N ASP B 313 13.26 -68.63 89.36
CA ASP B 313 14.37 -68.14 88.53
C ASP B 313 14.13 -66.70 88.09
N ASP B 314 13.83 -65.84 89.05
CA ASP B 314 13.59 -64.42 88.81
C ASP B 314 14.14 -63.62 89.97
N PRO B 315 14.60 -62.38 89.71
CA PRO B 315 15.10 -61.54 90.80
C PRO B 315 14.03 -60.73 91.52
N SER B 316 12.80 -60.71 91.01
CA SER B 316 11.74 -59.95 91.67
C SER B 316 11.06 -60.73 92.78
N VAL B 317 11.41 -62.01 92.96
CA VAL B 317 10.86 -62.83 94.03
C VAL B 317 11.98 -63.68 94.62
N VAL B 318 11.92 -63.88 95.92
CA VAL B 318 12.83 -64.80 96.59
C VAL B 318 12.15 -66.16 96.66
N GLU B 319 12.95 -67.23 96.63
CA GLU B 319 12.38 -68.57 96.62
C GLU B 319 11.67 -68.86 97.94
N THR B 320 10.68 -69.75 97.87
CA THR B 320 9.82 -70.00 99.01
C THR B 320 10.63 -70.56 100.17
N PRO B 321 10.21 -70.27 101.41
CA PRO B 321 10.93 -70.81 102.57
C PRO B 321 10.73 -72.31 102.68
N LEU B 322 11.65 -72.94 103.42
CA LEU B 322 11.60 -74.39 103.59
C LEU B 322 10.28 -74.81 104.21
N ALA B 323 9.69 -75.86 103.66
CA ALA B 323 8.44 -76.41 104.15
C ALA B 323 8.50 -77.93 104.08
N TYR B 324 7.57 -78.57 104.74
CA TYR B 324 7.49 -80.02 104.71
C TYR B 324 6.51 -80.49 103.66
N PRO B 325 6.54 -81.78 103.30
CA PRO B 325 5.55 -82.31 102.35
C PRO B 325 4.14 -82.28 102.91
N ASP B 326 3.20 -82.87 102.16
CA ASP B 326 1.77 -82.61 102.28
C ASP B 326 1.29 -82.40 103.72
N ALA B 327 1.49 -83.42 104.58
CA ALA B 327 0.94 -83.34 105.92
C ALA B 327 1.89 -83.93 106.96
N LEU B 328 3.19 -83.76 106.76
CA LEU B 328 4.20 -84.39 107.60
C LEU B 328 4.89 -83.37 108.49
N THR B 329 5.33 -83.84 109.65
CA THR B 329 6.06 -83.03 110.61
C THR B 329 7.50 -83.51 110.70
N ALA B 330 8.28 -82.85 111.56
CA ALA B 330 9.71 -83.17 111.66
C ALA B 330 9.94 -84.60 112.13
N ALA B 331 9.06 -85.14 112.97
CA ALA B 331 9.24 -86.49 113.50
C ALA B 331 8.92 -87.58 112.49
N SER B 332 8.16 -87.26 111.44
CA SER B 332 7.76 -88.28 110.47
C SER B 332 8.92 -88.63 109.54
N ASN B 333 8.73 -89.71 108.79
CA ASN B 333 9.70 -90.17 107.82
C ASN B 333 9.26 -89.79 106.41
N PHE B 334 10.23 -89.65 105.52
CA PHE B 334 9.94 -89.33 104.13
C PHE B 334 9.05 -90.42 103.53
N PRO B 335 8.06 -90.06 102.72
CA PRO B 335 7.14 -91.06 102.17
C PRO B 335 7.82 -91.92 101.13
N THR B 336 7.05 -92.87 100.60
CA THR B 336 7.45 -93.72 99.49
C THR B 336 6.53 -93.59 98.29
N THR B 337 5.22 -93.55 98.52
CA THR B 337 4.29 -93.21 97.45
C THR B 337 4.39 -91.73 97.13
N ALA B 338 4.03 -91.37 95.90
CA ALA B 338 4.10 -89.99 95.45
C ALA B 338 3.09 -89.15 96.21
N THR B 339 3.58 -88.29 97.10
CA THR B 339 2.72 -87.41 97.88
C THR B 339 2.86 -85.98 97.38
N ALA B 340 1.74 -85.27 97.35
CA ALA B 340 1.75 -83.88 96.93
C ALA B 340 2.62 -83.06 97.86
N VAL B 341 3.31 -82.06 97.29
CA VAL B 341 4.21 -81.25 98.10
C VAL B 341 3.43 -80.38 99.08
N SER B 342 2.28 -79.87 98.65
CA SER B 342 1.38 -79.15 99.55
C SER B 342 -0.02 -79.17 98.96
N SER B 343 -1.00 -78.89 99.81
CA SER B 343 -2.40 -78.88 99.41
C SER B 343 -2.92 -77.48 99.10
N ALA B 344 -2.07 -76.46 99.13
CA ALA B 344 -2.52 -75.09 98.92
C ALA B 344 -2.87 -74.87 97.45
N ALA B 345 -3.40 -73.68 97.17
CA ALA B 345 -3.77 -73.33 95.81
C ALA B 345 -2.53 -72.96 94.99
N ALA B 346 -2.68 -73.06 93.68
CA ALA B 346 -1.56 -72.81 92.77
C ALA B 346 -1.09 -71.37 92.89
N SER B 347 0.23 -71.19 92.99
CA SER B 347 0.82 -69.86 93.10
C SER B 347 1.23 -69.38 91.71
N THR B 348 0.84 -68.15 91.38
CA THR B 348 0.98 -67.66 90.01
C THR B 348 2.03 -66.54 89.95
N PHE B 349 2.68 -66.43 88.79
CA PHE B 349 3.76 -65.49 88.61
C PHE B 349 3.82 -65.03 87.15
N ARG B 350 4.37 -63.84 86.96
CA ARG B 350 4.59 -63.27 85.64
C ARG B 350 6.02 -62.74 85.58
N TYR B 351 6.82 -63.27 84.65
CA TYR B 351 8.24 -62.96 84.60
C TYR B 351 8.46 -61.50 84.24
N THR B 352 9.45 -60.88 84.90
CA THR B 352 9.74 -59.48 84.67
C THR B 352 10.50 -59.26 83.37
N SER B 353 11.43 -60.14 83.03
CA SER B 353 12.28 -59.97 81.86
C SER B 353 12.14 -61.16 80.92
N THR B 354 12.95 -61.17 79.87
CA THR B 354 12.93 -62.22 78.86
C THR B 354 14.14 -63.12 79.00
N GLY B 355 14.06 -64.28 78.36
CA GLY B 355 15.15 -65.23 78.37
C GLY B 355 14.70 -66.67 78.55
N SER B 356 15.58 -67.49 79.14
CA SER B 356 15.27 -68.88 79.47
C SER B 356 15.47 -69.06 80.97
N LYS B 357 14.47 -69.65 81.63
CA LYS B 357 14.42 -69.73 83.07
C LYS B 357 14.27 -71.17 83.52
N ASN B 358 14.80 -71.46 84.69
CA ASN B 358 14.82 -72.82 85.24
C ASN B 358 13.93 -72.85 86.48
N ALA B 359 12.64 -73.13 86.28
CA ALA B 359 11.76 -73.37 87.41
C ALA B 359 12.27 -74.57 88.20
N ARG B 360 12.69 -74.32 89.44
CA ARG B 360 13.50 -75.27 90.19
C ARG B 360 12.76 -75.72 91.44
N LEU B 361 12.72 -77.04 91.67
CA LEU B 361 12.21 -77.61 92.90
C LEU B 361 13.33 -78.42 93.55
N ARG B 362 13.64 -78.09 94.81
CA ARG B 362 14.80 -78.66 95.47
C ARG B 362 14.40 -79.28 96.79
N LEU B 363 15.12 -80.33 97.18
CA LEU B 363 15.00 -80.94 98.50
C LEU B 363 16.27 -80.65 99.29
N TYR B 364 16.11 -80.04 100.46
CA TYR B 364 17.21 -79.67 101.33
C TYR B 364 17.24 -80.58 102.54
N ASP B 365 18.13 -80.29 103.48
CA ASP B 365 18.18 -81.01 104.74
C ASP B 365 18.64 -80.03 105.83
N GLY B 366 18.98 -80.58 106.99
CA GLY B 366 19.38 -79.72 108.11
C GLY B 366 20.62 -78.91 107.82
N ALA B 367 21.55 -79.46 107.04
CA ALA B 367 22.80 -78.79 106.71
C ALA B 367 22.69 -77.92 105.46
N ASN B 368 21.47 -77.74 104.94
CA ASN B 368 21.26 -76.98 103.70
C ASN B 368 22.04 -77.58 102.54
N ASN B 369 22.09 -78.91 102.49
CA ASN B 369 22.71 -79.62 101.38
C ASN B 369 21.61 -80.05 100.41
N VAL B 370 21.80 -79.73 99.13
CA VAL B 370 20.80 -80.09 98.13
C VAL B 370 20.87 -81.59 97.90
N ILE B 371 19.81 -82.30 98.25
CA ILE B 371 19.77 -83.74 98.12
C ILE B 371 19.26 -84.15 96.74
N ALA B 372 18.20 -83.52 96.27
CA ALA B 372 17.66 -83.80 94.95
C ALA B 372 17.09 -82.51 94.39
N GLU B 373 16.98 -82.45 93.06
CA GLU B 373 16.58 -81.22 92.40
C GLU B 373 15.98 -81.54 91.04
N LYS B 374 14.89 -80.84 90.71
CA LYS B 374 14.19 -81.02 89.45
C LYS B 374 14.02 -79.66 88.78
N ILE B 375 14.24 -79.63 87.47
CA ILE B 375 14.23 -78.40 86.68
C ILE B 375 13.21 -78.54 85.56
N VAL B 376 12.42 -77.50 85.35
CA VAL B 376 11.63 -77.36 84.14
C VAL B 376 11.96 -76.02 83.50
N VAL B 377 12.26 -76.03 82.21
CA VAL B 377 12.76 -74.86 81.51
C VAL B 377 11.59 -74.13 80.86
N ILE B 378 11.49 -72.83 81.10
CA ILE B 378 10.45 -71.98 80.54
C ILE B 378 11.13 -70.87 79.74
N THR B 379 10.77 -70.73 78.47
CA THR B 379 11.41 -69.78 77.56
C THR B 379 10.46 -68.61 77.34
N VAL B 380 10.74 -67.48 77.97
CA VAL B 380 9.87 -66.30 77.87
C VAL B 380 10.48 -65.34 76.86
N SER B 381 9.65 -64.86 75.93
CA SER B 381 10.09 -63.95 74.88
C SER B 381 8.88 -63.30 74.25
N ASN B 382 8.96 -61.98 74.02
CA ASN B 382 7.87 -61.24 73.40
C ASN B 382 8.16 -61.03 71.91
N ALA B 383 8.07 -62.12 71.16
CA ALA B 383 8.49 -62.10 69.75
C ALA B 383 7.43 -61.55 68.83
N GLY B 384 6.29 -62.23 68.73
CA GLY B 384 5.29 -61.86 67.74
C GLY B 384 4.19 -60.96 68.26
N TYR B 385 4.32 -59.65 68.02
CA TYR B 385 3.36 -58.66 68.49
C TYR B 385 3.12 -57.67 67.38
N THR B 386 2.03 -57.83 66.65
CA THR B 386 1.72 -56.96 65.53
C THR B 386 0.92 -55.75 66.01
N LEU B 387 1.38 -54.57 65.64
CA LEU B 387 0.79 -53.30 66.09
C LEU B 387 0.62 -52.40 64.87
N ALA B 388 -0.62 -52.26 64.41
CA ALA B 388 -0.93 -51.46 63.23
C ALA B 388 -1.57 -50.14 63.64
N LEU B 389 -1.18 -49.07 62.96
CA LEU B 389 -1.73 -47.74 63.22
C LEU B 389 -1.87 -47.00 61.90
N ALA B 390 -3.01 -46.34 61.69
CA ALA B 390 -3.24 -45.61 60.46
C ALA B 390 -4.07 -44.37 60.75
N LYS B 391 -3.99 -43.41 59.83
CA LYS B 391 -4.78 -42.18 59.90
C LYS B 391 -5.94 -42.27 58.92
N THR B 392 -7.16 -42.27 59.45
CA THR B 392 -8.37 -42.42 58.64
C THR B 392 -9.00 -41.06 58.38
N THR B 393 -8.28 -40.23 57.62
CA THR B 393 -8.77 -38.92 57.22
C THR B 393 -8.05 -38.52 55.93
N ALA B 394 -8.79 -37.88 55.03
CA ALA B 394 -8.28 -37.56 53.70
C ALA B 394 -7.04 -36.67 53.77
N ASP B 395 -6.33 -36.62 52.65
CA ASP B 395 -5.07 -35.88 52.58
C ASP B 395 -5.17 -34.39 52.90
N PRO B 396 -6.22 -33.64 52.48
CA PRO B 396 -6.18 -32.18 52.70
C PRO B 396 -6.38 -31.76 54.15
N VAL B 397 -6.23 -32.70 55.08
CA VAL B 397 -6.35 -32.39 56.50
C VAL B 397 -5.51 -31.17 56.86
N THR B 398 -6.01 -30.37 57.80
CA THR B 398 -5.42 -29.08 58.12
C THR B 398 -5.45 -28.90 59.63
N THR B 399 -5.22 -27.68 60.09
CA THR B 399 -5.19 -27.36 61.51
C THR B 399 -6.58 -27.27 62.12
N ASP B 400 -7.61 -27.01 61.32
CA ASP B 400 -8.96 -26.81 61.85
C ASP B 400 -9.63 -28.10 62.29
N ASP B 401 -9.38 -29.21 61.61
CA ASP B 401 -10.15 -30.42 61.82
C ASP B 401 -9.40 -31.40 62.71
N THR B 402 -10.15 -32.13 63.53
CA THR B 402 -9.59 -33.24 64.28
C THR B 402 -9.18 -34.37 63.34
N ILE B 403 -8.10 -35.05 63.68
CA ILE B 403 -7.61 -36.19 62.94
C ILE B 403 -7.85 -37.44 63.76
N ALA B 404 -8.41 -38.47 63.12
CA ALA B 404 -8.78 -39.71 63.78
C ALA B 404 -7.91 -40.84 63.26
N PHE B 405 -7.61 -41.79 64.14
CA PHE B 405 -6.72 -42.89 63.84
C PHE B 405 -7.42 -44.22 64.08
N SER B 406 -7.04 -45.20 63.27
CA SER B 406 -7.47 -46.59 63.43
C SER B 406 -6.26 -47.39 63.92
N ALA B 407 -6.40 -48.03 65.07
CA ALA B 407 -5.31 -48.73 65.72
C ALA B 407 -5.72 -50.16 66.03
N GLY B 408 -4.77 -51.08 65.85
CA GLY B 408 -5.03 -52.48 66.14
C GLY B 408 -3.79 -53.14 66.69
N ALA B 409 -4.02 -54.15 67.54
CA ALA B 409 -2.94 -54.90 68.17
C ALA B 409 -3.32 -56.37 68.25
N LYS B 410 -2.38 -57.25 67.91
CA LYS B 410 -2.62 -58.68 68.02
C LYS B 410 -1.31 -59.40 68.31
N HIS B 411 -1.44 -60.63 68.78
CA HIS B 411 -0.31 -61.49 69.05
C HIS B 411 -0.48 -62.80 68.30
N LEU B 412 0.66 -63.43 67.96
CA LEU B 412 0.62 -64.65 67.16
C LEU B 412 -0.13 -65.76 67.89
N SER B 413 0.21 -65.97 69.18
CA SER B 413 -0.53 -66.94 70.00
C SER B 413 -0.45 -66.44 71.45
N SER B 414 -1.48 -65.70 71.86
CA SER B 414 -1.57 -65.19 73.23
C SER B 414 -2.95 -64.60 73.45
N THR B 415 -3.31 -64.46 74.72
CA THR B 415 -4.56 -63.82 75.11
C THR B 415 -4.41 -62.92 76.32
N SER B 416 -3.19 -62.74 76.84
CA SER B 416 -3.01 -61.99 78.08
C SER B 416 -3.30 -60.51 77.86
N GLN B 417 -3.94 -59.90 78.85
CA GLN B 417 -4.32 -58.49 78.76
C GLN B 417 -3.09 -57.61 78.67
N VAL B 418 -3.15 -56.61 77.79
CA VAL B 418 -2.02 -55.73 77.51
C VAL B 418 -2.50 -54.28 77.59
N TRP B 419 -1.55 -53.37 77.74
CA TRP B 419 -1.86 -51.96 77.96
C TRP B 419 -1.30 -51.14 76.81
N TRP B 420 -1.91 -49.98 76.54
CA TRP B 420 -1.50 -49.16 75.41
C TRP B 420 -1.45 -47.69 75.79
N THR B 421 -0.56 -46.96 75.13
CA THR B 421 -0.45 -45.52 75.26
C THR B 421 -0.29 -44.91 73.87
N ILE B 422 -0.68 -43.64 73.75
CA ILE B 422 -0.56 -42.90 72.49
C ILE B 422 0.13 -41.58 72.76
N ASP B 423 0.98 -41.17 71.81
CA ASP B 423 1.71 -39.92 71.92
C ASP B 423 1.55 -39.15 70.61
N TYR B 424 0.99 -37.94 70.71
CA TYR B 424 0.75 -37.08 69.56
C TYR B 424 1.86 -36.04 69.38
N GLY B 425 2.98 -36.20 70.07
CA GLY B 425 4.06 -35.23 70.07
C GLY B 425 4.14 -34.39 71.32
N ALA B 426 3.06 -34.34 72.12
CA ALA B 426 3.08 -33.60 73.37
C ALA B 426 3.69 -34.43 74.49
N GLY B 427 3.09 -35.58 74.79
CA GLY B 427 3.57 -36.44 75.85
C GLY B 427 2.73 -37.70 75.98
N GLU B 428 3.38 -38.83 76.25
CA GLU B 428 2.68 -40.10 76.36
C GLU B 428 1.65 -40.04 77.49
N SER B 429 0.47 -40.60 77.24
CA SER B 429 -0.64 -40.48 78.17
C SER B 429 -0.29 -41.06 79.52
N SER B 430 -0.71 -40.37 80.59
CA SER B 430 -0.32 -40.80 81.93
C SER B 430 -1.06 -42.05 82.38
N PRO B 431 -2.40 -42.16 82.28
CA PRO B 431 -3.05 -43.43 82.58
C PRO B 431 -3.02 -44.34 81.36
N ARG B 432 -2.20 -45.39 81.41
CA ARG B 432 -2.23 -46.38 80.35
C ARG B 432 -3.49 -47.21 80.49
N THR B 433 -4.28 -47.28 79.42
CA THR B 433 -5.52 -48.04 79.46
C THR B 433 -5.17 -49.53 79.34
N ALA B 434 -6.19 -50.38 79.32
CA ALA B 434 -5.98 -51.83 79.27
C ALA B 434 -6.69 -52.39 78.05
N LEU B 435 -5.96 -53.11 77.22
CA LEU B 435 -6.52 -53.78 76.07
C LEU B 435 -6.79 -55.25 76.39
N THR B 436 -7.91 -55.75 75.86
CA THR B 436 -8.28 -57.16 76.01
C THR B 436 -7.92 -57.86 74.70
N MET B 437 -6.97 -58.78 74.77
CA MET B 437 -6.31 -59.33 73.59
C MET B 437 -7.03 -60.62 73.20
N THR B 438 -8.18 -60.47 72.54
CA THR B 438 -9.02 -61.62 72.20
C THR B 438 -8.66 -62.21 70.84
N ASN B 439 -8.76 -61.42 69.78
CA ASN B 439 -8.39 -61.90 68.46
C ASN B 439 -6.90 -62.23 68.44
N VAL B 440 -6.56 -63.39 67.88
CA VAL B 440 -5.21 -63.93 67.99
C VAL B 440 -4.81 -64.56 66.67
N GLY B 441 -3.56 -64.37 66.29
CA GLY B 441 -2.98 -65.07 65.14
C GLY B 441 -3.30 -64.38 63.82
N ALA B 442 -4.14 -65.03 63.01
CA ALA B 442 -4.52 -64.51 61.71
C ALA B 442 -5.76 -63.63 61.77
N ALA B 443 -6.41 -63.52 62.93
CA ALA B 443 -7.58 -62.67 63.04
C ALA B 443 -7.20 -61.20 62.95
N ALA B 444 -8.20 -60.38 62.63
CA ALA B 444 -7.98 -58.94 62.55
C ALA B 444 -7.60 -58.40 63.93
N PRO B 445 -6.76 -57.37 63.99
CA PRO B 445 -6.31 -56.87 65.30
C PRO B 445 -7.46 -56.30 66.11
N ASN B 446 -7.33 -56.41 67.44
CA ASN B 446 -8.33 -55.87 68.34
C ASN B 446 -8.33 -54.34 68.26
N ALA B 447 -9.49 -53.75 68.51
CA ALA B 447 -9.72 -52.34 68.23
C ALA B 447 -9.30 -51.46 69.40
N ILE B 448 -8.57 -50.39 69.09
CA ILE B 448 -8.23 -49.35 70.05
C ILE B 448 -8.76 -48.04 69.49
N ALA B 449 -9.94 -48.09 68.87
CA ALA B 449 -10.53 -46.92 68.23
C ALA B 449 -10.84 -45.83 69.26
N SER B 450 -11.42 -44.73 68.75
CA SER B 450 -11.66 -43.50 69.50
C SER B 450 -10.34 -42.78 69.80
N LEU B 451 -9.42 -42.81 68.85
CA LEU B 451 -8.18 -42.06 68.91
C LEU B 451 -8.30 -40.85 67.99
N SER B 452 -8.15 -39.66 68.54
CA SER B 452 -8.30 -38.44 67.75
C SER B 452 -7.57 -37.31 68.43
N ASN B 453 -7.05 -36.39 67.62
CA ASN B 453 -6.36 -35.21 68.12
C ASN B 453 -6.43 -34.09 67.10
N GLN B 454 -6.54 -32.86 67.60
CA GLN B 454 -6.57 -31.65 66.78
C GLN B 454 -5.26 -30.91 66.99
N TYR B 455 -4.49 -30.76 65.92
CA TYR B 455 -3.18 -30.12 66.02
C TYR B 455 -3.32 -28.60 66.01
N THR B 456 -2.40 -27.94 66.71
CA THR B 456 -2.46 -26.50 66.88
C THR B 456 -1.50 -25.74 65.97
N SER B 457 -0.63 -26.44 65.25
CA SER B 457 0.33 -25.83 64.33
C SER B 457 0.33 -26.59 63.01
N GLY B 458 1.19 -26.16 62.10
CA GLY B 458 1.36 -26.81 60.82
C GLY B 458 2.64 -27.63 60.76
N GLY B 459 2.91 -28.13 59.57
CA GLY B 459 4.14 -28.87 59.32
C GLY B 459 3.95 -30.37 59.42
N THR B 460 5.08 -31.06 59.53
CA THR B 460 5.10 -32.52 59.55
C THR B 460 4.88 -33.00 60.97
N LYS B 461 3.71 -33.60 61.23
CA LYS B 461 3.37 -34.16 62.52
C LYS B 461 3.38 -35.68 62.45
N LEU B 462 3.30 -36.31 63.62
CA LEU B 462 3.31 -37.76 63.71
C LEU B 462 2.65 -38.20 65.00
N ALA B 463 2.27 -39.47 65.03
CA ALA B 463 1.66 -40.10 66.19
C ALA B 463 2.25 -41.48 66.40
N THR B 464 2.55 -41.81 67.66
CA THR B 464 3.16 -43.07 68.01
C THR B 464 2.28 -43.81 69.02
N LEU B 465 1.94 -45.06 68.70
CA LEU B 465 1.19 -45.92 69.60
C LEU B 465 2.14 -46.97 70.17
N ARG B 466 2.22 -47.03 71.49
CA ARG B 466 3.11 -47.93 72.21
C ARG B 466 2.29 -48.92 73.02
N ILE B 467 2.77 -50.16 73.10
CA ILE B 467 2.08 -51.22 73.83
C ILE B 467 3.00 -51.72 74.94
N TYR B 468 2.52 -51.64 76.17
CA TYR B 468 3.25 -52.05 77.36
C TYR B 468 2.57 -53.28 77.97
N ASP B 469 3.34 -54.06 78.73
CA ASP B 469 2.84 -55.31 79.28
C ASP B 469 2.50 -55.22 80.76
N ARG B 470 2.36 -54.02 81.29
CA ARG B 470 2.07 -53.88 82.71
C ARG B 470 1.40 -52.53 82.96
N ASP B 471 0.74 -52.44 84.10
CA ASP B 471 0.13 -51.19 84.54
C ASP B 471 1.20 -50.12 84.75
N GLY B 472 0.81 -48.87 84.54
CA GLY B 472 1.74 -47.77 84.76
C GLY B 472 1.92 -47.44 86.23
N VAL B 473 0.82 -47.47 87.00
CA VAL B 473 0.73 -47.02 88.39
C VAL B 473 1.75 -45.93 88.72
N GLY B 474 2.41 -46.06 89.87
CA GLY B 474 3.39 -45.08 90.29
C GLY B 474 4.82 -45.45 89.97
N ALA B 475 5.21 -46.70 90.27
CA ALA B 475 6.60 -47.10 90.10
C ALA B 475 6.73 -48.35 89.24
N ASN B 476 5.70 -49.20 89.24
CA ASN B 476 5.76 -50.43 88.46
C ASN B 476 5.59 -50.12 86.99
N THR B 477 6.63 -50.35 86.21
CA THR B 477 6.58 -50.26 84.75
C THR B 477 6.70 -51.66 84.17
N GLY B 478 6.78 -51.73 82.85
CA GLY B 478 6.92 -53.00 82.16
C GLY B 478 8.02 -52.92 81.13
N LEU B 479 7.80 -53.60 80.01
CA LEU B 479 8.73 -53.62 78.89
C LEU B 479 8.01 -53.16 77.63
N LEU B 480 8.70 -52.36 76.83
CA LEU B 480 8.11 -51.86 75.59
C LEU B 480 7.93 -53.04 74.64
N LEU B 481 6.68 -53.48 74.51
CA LEU B 481 6.39 -54.64 73.67
C LEU B 481 6.49 -54.31 72.20
N ALA B 482 5.97 -53.17 71.78
CA ALA B 482 6.04 -52.73 70.40
C ALA B 482 5.61 -51.27 70.34
N SER B 483 5.93 -50.63 69.21
CA SER B 483 5.57 -49.24 68.99
C SER B 483 5.46 -49.00 67.49
N THR B 484 4.36 -48.38 67.06
CA THR B 484 4.15 -48.07 65.66
C THR B 484 3.96 -46.57 65.51
N THR B 485 4.66 -45.99 64.54
CA THR B 485 4.67 -44.55 64.32
C THR B 485 4.15 -44.25 62.92
N VAL B 486 3.24 -43.28 62.84
CA VAL B 486 2.71 -42.81 61.56
C VAL B 486 3.00 -41.32 61.46
N THR B 487 3.34 -40.87 60.25
CA THR B 487 3.77 -39.49 60.02
C THR B 487 3.02 -38.91 58.83
N PHE B 488 2.61 -37.65 58.95
CA PHE B 488 1.84 -36.98 57.92
C PHE B 488 2.14 -35.48 57.99
N THR B 489 1.54 -34.73 57.09
CA THR B 489 1.69 -33.27 57.04
C THR B 489 0.35 -32.61 57.30
N VAL B 490 0.37 -31.56 58.11
CA VAL B 490 -0.81 -30.76 58.41
C VAL B 490 -0.58 -29.37 57.86
N THR B 491 -1.45 -28.96 56.94
CA THR B 491 -1.33 -27.66 56.30
C THR B 491 -1.87 -26.58 57.23
N PRO B 492 -1.09 -25.55 57.54
CA PRO B 492 -1.53 -24.56 58.53
C PRO B 492 -2.46 -23.52 57.91
N VAL B 493 -3.08 -22.76 58.79
CA VAL B 493 -3.92 -21.63 58.41
C VAL B 493 -3.11 -20.35 58.61
N LEU B 494 -3.03 -19.53 57.56
CA LEU B 494 -2.22 -18.33 57.60
C LEU B 494 -3.04 -17.13 57.12
N TYR B 495 -2.63 -15.95 57.56
CA TYR B 495 -3.45 -14.75 57.43
C TYR B 495 -2.72 -13.69 56.62
N ALA B 496 -3.46 -13.04 55.73
CA ALA B 496 -3.01 -11.87 54.99
C ALA B 496 -3.60 -10.61 55.62
N LEU B 497 -3.04 -9.47 55.22
CA LEU B 497 -3.44 -8.19 55.78
C LEU B 497 -3.72 -7.18 54.66
N GLU B 498 -4.69 -6.31 54.89
CA GLU B 498 -4.89 -5.14 54.05
C GLU B 498 -4.92 -3.90 54.93
N SER B 499 -4.28 -2.83 54.46
CA SER B 499 -4.02 -1.67 55.30
C SER B 499 -4.17 -0.40 54.48
N ALA B 500 -4.49 0.69 55.18
CA ALA B 500 -4.64 1.97 54.51
C ALA B 500 -4.43 3.10 55.51
N VAL B 501 -3.86 4.20 55.03
CA VAL B 501 -3.76 5.45 55.78
C VAL B 501 -4.78 6.41 55.21
N GLU B 502 -5.58 7.02 56.09
CA GLU B 502 -6.71 7.82 55.63
C GLU B 502 -6.30 9.02 54.78
N PRO B 503 -5.27 9.80 55.11
CA PRO B 503 -4.80 10.82 54.16
C PRO B 503 -3.72 10.33 53.20
N PHE B 504 -3.18 9.13 53.40
CA PHE B 504 -2.19 8.50 52.52
C PHE B 504 -0.83 9.18 52.63
N SER B 505 -0.78 10.31 53.32
CA SER B 505 0.44 11.07 53.50
C SER B 505 0.21 12.03 54.66
N PRO B 506 0.31 11.55 55.90
CA PRO B 506 -0.14 12.38 57.04
C PRO B 506 0.61 13.69 57.12
N ILE B 507 -0.12 14.74 57.48
CA ILE B 507 0.44 16.08 57.62
C ILE B 507 1.20 16.16 58.94
N ALA B 508 2.23 17.01 58.97
CA ALA B 508 3.17 17.06 60.08
C ALA B 508 2.53 17.36 61.43
N THR B 509 1.27 17.75 61.48
CA THR B 509 0.67 17.98 62.79
C THR B 509 -0.64 17.26 62.99
N VAL B 510 -1.48 17.15 61.96
CA VAL B 510 -2.77 16.49 62.12
C VAL B 510 -2.57 14.99 62.24
N ALA B 511 -3.60 14.32 62.74
CA ALA B 511 -3.51 12.90 63.06
C ALA B 511 -4.11 12.05 61.95
N ALA B 512 -3.34 11.06 61.51
CA ALA B 512 -3.79 10.09 60.52
C ALA B 512 -4.43 8.88 61.21
N LYS B 513 -5.24 8.16 60.44
CA LYS B 513 -5.98 7.01 60.93
C LYS B 513 -5.60 5.79 60.10
N TRP B 514 -4.92 4.85 60.74
CA TRP B 514 -4.51 3.60 60.10
C TRP B 514 -5.64 2.59 60.23
N SER B 515 -6.10 2.07 59.10
CA SER B 515 -7.18 1.10 59.08
C SER B 515 -6.67 -0.22 58.53
N PHE B 516 -6.93 -1.31 59.24
CA PHE B 516 -6.46 -2.64 58.90
C PHE B 516 -7.63 -3.61 58.85
N ARG B 517 -7.49 -4.62 57.99
CA ARG B 517 -8.41 -5.74 57.94
C ARG B 517 -7.61 -7.02 57.76
N ILE B 518 -7.88 -8.00 58.60
CA ILE B 518 -7.23 -9.31 58.57
C ILE B 518 -8.05 -10.25 57.71
N GLN B 519 -7.38 -10.97 56.82
CA GLN B 519 -8.03 -11.91 55.92
C GLN B 519 -7.44 -13.29 56.14
N ARG B 520 -8.30 -14.32 56.17
CA ARG B 520 -7.86 -15.66 56.51
C ARG B 520 -7.68 -16.51 55.25
N SER B 521 -6.77 -17.48 55.33
CA SER B 521 -6.51 -18.35 54.19
C SER B 521 -7.74 -19.17 53.82
N LYS B 522 -8.43 -19.73 54.82
CA LYS B 522 -9.64 -20.48 54.60
C LYS B 522 -10.68 -20.07 55.63
N ALA B 523 -11.95 -20.26 55.28
CA ALA B 523 -13.02 -19.85 56.18
C ALA B 523 -12.95 -20.61 57.49
N THR B 524 -13.29 -19.92 58.58
CA THR B 524 -13.26 -20.55 59.89
C THR B 524 -14.33 -21.65 59.94
N PRO B 525 -14.09 -22.70 60.72
CA PRO B 525 -15.11 -23.74 60.87
C PRO B 525 -16.39 -23.16 61.47
N ALA B 526 -17.51 -23.78 61.11
CA ALA B 526 -18.82 -23.29 61.53
C ALA B 526 -18.97 -23.50 63.02
N GLY B 527 -18.74 -22.45 63.81
CA GLY B 527 -18.97 -22.53 65.24
C GLY B 527 -17.85 -21.96 66.10
N VAL B 528 -16.76 -21.52 65.47
CA VAL B 528 -15.61 -20.97 66.21
C VAL B 528 -15.41 -19.53 65.78
N THR B 529 -15.37 -18.62 66.76
CA THR B 529 -15.11 -17.21 66.53
C THR B 529 -13.66 -16.92 66.89
N GLU B 530 -12.93 -16.32 65.96
CA GLU B 530 -11.51 -16.05 66.15
C GLU B 530 -11.33 -14.60 66.58
N SER B 531 -11.00 -14.39 67.85
CA SER B 531 -10.75 -13.05 68.39
C SER B 531 -9.24 -12.83 68.43
N ILE B 532 -8.78 -11.78 67.76
CA ILE B 532 -7.36 -11.52 67.57
C ILE B 532 -7.03 -10.19 68.23
N LYS B 533 -5.95 -10.16 68.99
CA LYS B 533 -5.50 -8.94 69.68
C LYS B 533 -4.29 -8.40 68.94
N CYS B 534 -4.40 -7.16 68.45
CA CYS B 534 -3.39 -6.58 67.59
C CYS B 534 -2.81 -5.32 68.22
N ALA B 535 -1.52 -5.11 67.99
CA ALA B 535 -0.81 -3.92 68.47
C ALA B 535 -0.01 -3.33 67.32
N PHE B 536 0.03 -2.00 67.29
CA PHE B 536 0.61 -1.26 66.18
C PHE B 536 1.65 -0.27 66.67
N PHE B 537 2.66 -0.04 65.83
CA PHE B 537 3.68 0.97 66.07
C PHE B 537 3.98 1.63 64.74
N GLY B 538 3.37 2.79 64.48
CA GLY B 538 3.79 3.51 63.29
C GLY B 538 4.72 4.67 63.56
N ALA B 539 6.02 4.41 63.52
CA ALA B 539 7.09 5.37 63.25
C ALA B 539 6.86 6.77 63.80
N ASP B 540 6.34 6.93 65.02
CA ASP B 540 6.10 8.27 65.53
C ASP B 540 6.92 8.57 66.79
N THR B 541 6.78 7.79 67.85
CA THR B 541 7.39 8.10 69.14
C THR B 541 8.05 6.86 69.71
N GLY B 542 9.29 7.01 70.18
CA GLY B 542 9.98 5.89 70.76
C GLY B 542 10.35 4.85 69.70
N THR B 543 10.50 3.62 70.15
CA THR B 543 10.88 2.50 69.29
C THR B 543 9.86 1.38 69.43
N ALA B 544 10.05 0.33 68.64
CA ALA B 544 9.14 -0.80 68.61
C ALA B 544 9.39 -1.74 69.78
N PRO B 545 8.39 -2.55 70.14
CA PRO B 545 8.57 -3.52 71.23
C PRO B 545 9.47 -4.68 70.81
N ALA B 546 10.79 -4.49 70.94
CA ALA B 546 11.79 -5.36 70.36
C ALA B 546 11.68 -6.83 70.78
N ASP B 547 10.82 -7.17 71.74
CA ASP B 547 10.64 -8.55 72.16
C ASP B 547 9.19 -8.96 71.93
N LEU B 548 8.99 -10.23 71.54
CA LEU B 548 7.65 -10.73 71.29
C LEU B 548 6.79 -10.68 72.55
N ALA B 549 7.40 -10.85 73.72
CA ALA B 549 6.65 -10.68 74.96
C ALA B 549 6.14 -9.25 75.10
N ALA B 550 6.95 -8.27 74.71
CA ALA B 550 6.49 -6.89 74.73
C ALA B 550 5.36 -6.67 73.73
N TRP B 551 5.45 -7.32 72.56
CA TRP B 551 4.34 -7.28 71.60
C TRP B 551 3.06 -7.80 72.23
N LEU B 552 3.15 -8.93 72.93
CA LEU B 552 1.96 -9.51 73.56
C LEU B 552 1.40 -8.58 74.64
N THR B 553 2.27 -8.04 75.48
CA THR B 553 1.82 -7.16 76.54
C THR B 553 1.14 -5.91 75.98
N ALA B 554 1.71 -5.32 74.93
CA ALA B 554 1.07 -4.17 74.29
C ALA B 554 -0.25 -4.56 73.65
N ALA B 555 -0.31 -5.73 73.01
CA ALA B 555 -1.53 -6.15 72.34
C ALA B 555 -2.66 -6.42 73.33
N ASN B 556 -2.33 -6.80 74.56
CA ASN B 556 -3.35 -7.01 75.57
C ASN B 556 -3.66 -5.75 76.38
N GLY B 557 -2.92 -4.67 76.16
CA GLY B 557 -3.03 -3.48 76.97
C GLY B 557 -3.95 -2.43 76.38
N ALA B 558 -3.65 -1.17 76.67
CA ALA B 558 -4.48 -0.06 76.20
C ALA B 558 -4.27 0.21 74.71
N GLY B 559 -3.03 0.07 74.23
CA GLY B 559 -2.77 0.31 72.82
C GLY B 559 -3.42 -0.70 71.90
N GLY B 560 -3.51 -1.96 72.34
CA GLY B 560 -4.02 -3.00 71.49
C GLY B 560 -5.51 -2.87 71.23
N LEU B 561 -5.93 -3.51 70.14
CA LEU B 561 -7.34 -3.57 69.73
C LEU B 561 -7.68 -5.01 69.38
N THR B 562 -8.97 -5.24 69.08
CA THR B 562 -9.45 -6.59 68.83
C THR B 562 -10.16 -6.66 67.48
N ALA B 563 -9.80 -7.67 66.69
CA ALA B 563 -10.45 -7.96 65.42
C ALA B 563 -11.08 -9.33 65.51
N THR B 564 -12.35 -9.43 65.11
CA THR B 564 -13.12 -10.65 65.27
C THR B 564 -13.46 -11.24 63.90
N ILE B 565 -13.17 -12.52 63.74
CA ILE B 565 -13.61 -13.29 62.58
C ILE B 565 -14.77 -14.17 63.03
N LEU B 566 -15.95 -13.91 62.48
CA LEU B 566 -17.15 -14.65 62.82
C LEU B 566 -17.06 -16.07 62.25
N PRO B 567 -17.84 -17.00 62.81
CA PRO B 567 -17.82 -18.37 62.27
C PRO B 567 -18.24 -18.41 60.81
N SER B 568 -17.56 -19.26 60.05
CA SER B 568 -17.81 -19.43 58.61
C SER B 568 -17.67 -18.11 57.87
N SER B 569 -16.53 -17.44 58.07
CA SER B 569 -16.23 -16.20 57.38
C SER B 569 -14.73 -16.09 57.16
N ILE B 570 -14.34 -15.64 55.96
CA ILE B 570 -12.94 -15.46 55.62
C ILE B 570 -12.39 -14.16 56.22
N PRO B 571 -12.98 -13.00 55.97
CA PRO B 571 -12.34 -11.76 56.43
C PRO B 571 -12.81 -11.31 57.80
N SER B 572 -11.94 -10.57 58.46
CA SER B 572 -12.23 -9.98 59.76
C SER B 572 -12.95 -8.65 59.56
N ASP B 573 -13.12 -7.89 60.64
CA ASP B 573 -13.73 -6.58 60.59
C ASP B 573 -12.67 -5.51 60.76
N ILE B 574 -12.91 -4.35 60.16
CA ILE B 574 -11.91 -3.29 60.17
C ILE B 574 -11.56 -2.85 61.58
N ILE B 575 -10.29 -2.51 61.78
CA ILE B 575 -9.83 -1.89 63.02
C ILE B 575 -9.02 -0.67 62.64
N SER B 576 -8.90 0.26 63.58
CA SER B 576 -8.26 1.53 63.28
C SER B 576 -7.51 2.07 64.49
N PHE B 577 -6.27 2.48 64.25
CA PHE B 577 -5.48 3.24 65.21
C PHE B 577 -5.35 4.66 64.72
N THR B 578 -5.08 5.59 65.64
CA THR B 578 -4.94 7.00 65.30
C THR B 578 -3.59 7.47 65.80
N ARG B 579 -2.77 8.01 64.89
CA ARG B 579 -1.41 8.40 65.22
C ARG B 579 -1.13 9.81 64.73
N THR B 580 -0.25 10.51 65.46
CA THR B 580 0.15 11.87 65.14
C THR B 580 1.65 11.89 64.92
N TYR B 581 2.06 12.41 63.76
CA TYR B 581 3.47 12.46 63.37
C TYR B 581 3.93 13.91 63.42
N ALA B 582 4.38 14.35 64.60
CA ALA B 582 4.89 15.71 64.74
C ALA B 582 6.15 15.93 63.92
N ALA B 583 6.82 14.86 63.50
CA ALA B 583 7.97 14.95 62.61
C ALA B 583 7.53 15.12 61.17
N ALA B 584 8.45 14.95 60.22
CA ALA B 584 8.18 15.16 58.81
C ALA B 584 9.04 14.19 58.01
N ALA B 585 9.23 14.51 56.73
CA ALA B 585 10.20 13.85 55.85
C ALA B 585 9.73 12.51 55.32
N ALA B 586 10.66 11.80 54.67
CA ALA B 586 10.38 10.74 53.72
C ALA B 586 10.04 9.40 54.35
N SER B 587 10.13 8.34 53.55
CA SER B 587 9.60 7.01 53.83
C SER B 587 9.76 6.57 55.28
N LEU B 588 8.65 6.15 55.87
CA LEU B 588 8.63 5.51 57.19
C LEU B 588 7.80 4.24 57.10
N GLN B 589 8.12 3.27 57.94
CA GLN B 589 7.44 1.98 57.93
C GLN B 589 7.03 1.60 59.35
N GLY B 590 5.75 1.26 59.53
CA GLY B 590 5.27 0.80 60.81
C GLY B 590 5.40 -0.71 60.96
N LYS B 591 5.00 -1.18 62.13
CA LYS B 591 5.02 -2.61 62.44
C LYS B 591 3.78 -2.97 63.23
N LEU B 592 3.07 -4.01 62.79
CA LEU B 592 1.85 -4.45 63.46
C LEU B 592 1.98 -5.93 63.77
N GLN B 593 1.69 -6.31 65.02
CA GLN B 593 1.77 -7.68 65.46
C GLN B 593 0.42 -8.10 66.05
N CYS B 594 -0.07 -9.25 65.62
CA CYS B 594 -1.37 -9.75 66.06
C CYS B 594 -1.19 -11.12 66.70
N PHE B 595 -2.02 -11.37 67.71
CA PHE B 595 -1.96 -12.59 68.50
C PHE B 595 -3.33 -13.25 68.55
N ILE B 596 -3.33 -14.57 68.43
CA ILE B 596 -4.50 -15.41 68.71
C ILE B 596 -4.07 -16.40 69.80
N GLY B 597 -4.55 -16.17 71.03
CA GLY B 597 -4.22 -17.02 72.14
C GLY B 597 -2.73 -17.13 72.40
N SER B 598 -2.04 -15.99 72.40
CA SER B 598 -0.59 -15.87 72.54
C SER B 598 0.17 -16.49 71.37
N THR B 599 -0.53 -16.90 70.31
CA THR B 599 0.13 -17.37 69.11
C THR B 599 0.27 -16.22 68.13
N PRO B 600 1.48 -15.80 67.76
CA PRO B 600 1.64 -14.59 66.93
C PRO B 600 1.50 -14.92 65.46
N LEU B 601 0.56 -14.24 64.80
CA LEU B 601 0.52 -14.25 63.34
C LEU B 601 1.74 -13.51 62.82
N TRP B 602 2.42 -14.08 61.81
CA TRP B 602 3.65 -13.54 61.25
C TRP B 602 4.77 -13.58 62.30
N ASP B 603 5.90 -14.22 61.96
CA ASP B 603 6.84 -14.60 63.01
C ASP B 603 7.44 -13.37 63.71
N PRO B 604 8.27 -12.53 63.06
CA PRO B 604 8.79 -11.36 63.80
C PRO B 604 7.72 -10.31 64.03
N TYR B 605 7.09 -9.87 62.93
CA TYR B 605 6.01 -8.90 62.91
C TYR B 605 5.56 -8.73 61.46
N TYR B 606 4.58 -7.89 61.21
CA TYR B 606 4.18 -7.57 59.84
C TYR B 606 4.56 -6.14 59.52
N PRO B 607 5.60 -5.90 58.72
CA PRO B 607 5.94 -4.52 58.34
C PRO B 607 4.90 -3.93 57.39
N THR B 608 4.20 -2.92 57.87
CA THR B 608 3.10 -2.31 57.14
C THR B 608 3.62 -1.52 55.95
N PRO B 609 2.75 -1.16 55.00
CA PRO B 609 3.22 -0.44 53.82
C PRO B 609 3.86 0.90 54.15
N VAL B 610 4.81 1.29 53.30
CA VAL B 610 5.57 2.52 53.49
C VAL B 610 4.67 3.74 53.29
N PHE B 611 5.00 4.83 53.98
CA PHE B 611 4.27 6.08 53.86
C PHE B 611 5.23 7.24 54.09
N GLN B 612 4.81 8.43 53.67
CA GLN B 612 5.61 9.63 53.79
C GLN B 612 4.81 10.72 54.50
N VAL B 613 5.45 11.43 55.41
CA VAL B 613 4.84 12.52 56.15
C VAL B 613 5.26 13.83 55.51
N LEU B 614 4.28 14.63 55.08
CA LEU B 614 4.54 15.90 54.42
C LEU B 614 4.29 17.07 55.37
N ALA B 615 4.91 18.20 55.04
CA ALA B 615 4.69 19.41 55.82
C ALA B 615 3.31 20.00 55.55
N ALA B 616 2.90 20.05 54.29
CA ALA B 616 1.61 20.59 53.90
C ALA B 616 0.96 19.67 52.87
N ALA B 617 -0.37 19.72 52.81
CA ALA B 617 -1.11 18.82 51.94
C ALA B 617 -0.75 19.09 50.47
N PRO B 618 -0.55 18.05 49.67
CA PRO B 618 -0.24 18.25 48.26
C PRO B 618 -1.43 18.77 47.50
N THR B 619 -1.15 19.44 46.39
CA THR B 619 -2.15 20.01 45.52
C THR B 619 -2.26 19.19 44.24
N TYR B 620 -3.43 19.29 43.60
CA TYR B 620 -3.72 18.54 42.38
C TYR B 620 -4.12 19.50 41.28
N THR B 621 -3.52 19.32 40.10
CA THR B 621 -3.83 20.10 38.91
C THR B 621 -4.48 19.18 37.87
N LEU B 622 -5.64 19.59 37.36
CA LEU B 622 -6.43 18.72 36.51
C LEU B 622 -6.64 19.33 35.13
N SER B 623 -6.96 18.47 34.18
CA SER B 623 -7.31 18.89 32.83
C SER B 623 -8.35 17.93 32.28
N ALA B 624 -9.22 18.44 31.41
CA ALA B 624 -10.33 17.67 30.87
C ALA B 624 -10.43 17.86 29.37
N SER B 625 -10.99 16.85 28.69
CA SER B 625 -11.15 16.93 27.24
C SER B 625 -12.32 16.08 26.79
N VAL B 626 -12.84 16.41 25.62
CA VAL B 626 -13.91 15.67 24.95
C VAL B 626 -13.48 15.40 23.52
N THR B 627 -13.56 14.14 23.10
CA THR B 627 -13.27 13.85 21.70
C THR B 627 -14.47 14.14 20.79
N PRO B 628 -15.70 13.64 21.09
CA PRO B 628 -16.85 14.06 20.26
C PRO B 628 -17.49 15.34 20.78
N ALA B 629 -16.92 16.47 20.38
CA ALA B 629 -17.33 17.76 20.95
C ALA B 629 -18.81 18.04 20.72
N VAL B 630 -19.32 17.70 19.54
CA VAL B 630 -20.73 17.90 19.21
C VAL B 630 -21.38 16.54 19.10
N VAL B 631 -22.41 16.30 19.92
CA VAL B 631 -23.13 15.03 19.93
C VAL B 631 -24.62 15.29 19.73
N PRO B 632 -25.37 14.33 19.20
CA PRO B 632 -26.82 14.42 19.22
C PRO B 632 -27.36 13.84 20.53
N VAL B 633 -28.66 14.07 20.75
CA VAL B 633 -29.28 13.59 21.96
C VAL B 633 -29.24 12.06 21.99
N ASP B 634 -28.98 11.50 23.19
CA ASP B 634 -29.00 10.07 23.44
C ASP B 634 -27.83 9.34 22.78
N THR B 635 -26.66 9.96 22.75
CA THR B 635 -25.43 9.30 22.34
C THR B 635 -24.37 9.53 23.40
N ALA B 636 -23.39 8.63 23.44
CA ALA B 636 -22.33 8.72 24.41
C ALA B 636 -21.27 9.73 23.96
N THR B 637 -20.44 10.14 24.91
CA THR B 637 -19.35 11.06 24.65
C THR B 637 -18.27 10.85 25.69
N LEU B 638 -17.02 10.94 25.27
CA LEU B 638 -15.88 10.55 26.09
C LEU B 638 -15.29 11.78 26.76
N TRP B 639 -15.45 11.86 28.09
CA TRP B 639 -14.82 12.87 28.91
C TRP B 639 -13.58 12.27 29.55
N THR B 640 -12.41 12.81 29.21
CA THR B 640 -11.13 12.30 29.70
C THR B 640 -10.49 13.31 30.62
N TYR B 641 -10.11 12.86 31.82
CA TYR B 641 -9.51 13.71 32.84
C TYR B 641 -8.10 13.24 33.13
N ASN B 642 -7.17 14.18 33.19
CA ASN B 642 -5.77 13.92 33.55
C ASN B 642 -5.45 14.71 34.81
N ILE B 643 -4.86 14.03 35.79
CA ILE B 643 -4.64 14.57 37.13
C ILE B 643 -3.15 14.55 37.44
N ILE B 644 -2.66 15.62 38.09
CA ILE B 644 -1.26 15.78 38.41
C ILE B 644 -1.14 16.10 39.90
N ARG B 645 -0.24 15.39 40.58
CA ARG B 645 0.03 15.61 42.00
C ARG B 645 1.30 16.42 42.17
N SER B 646 1.31 17.31 43.17
CA SER B 646 2.45 18.19 43.38
C SER B 646 3.71 17.41 43.75
N VAL B 647 3.57 16.41 44.61
CA VAL B 647 4.71 15.60 45.04
C VAL B 647 4.46 14.16 44.60
N PRO B 648 5.47 13.47 44.09
CA PRO B 648 5.25 12.10 43.61
C PRO B 648 4.89 11.16 44.76
N VAL B 649 4.12 10.13 44.42
CA VAL B 649 3.75 9.10 45.40
C VAL B 649 5.03 8.44 45.90
N PRO B 650 5.15 8.11 47.19
CA PRO B 650 6.38 7.49 47.69
C PRO B 650 6.73 6.24 46.89
N ALA B 651 8.03 6.10 46.59
CA ALA B 651 8.46 5.08 45.63
C ALA B 651 8.22 3.68 46.16
N GLY B 652 8.40 3.47 47.47
CA GLY B 652 8.26 2.15 48.04
C GLY B 652 6.84 1.82 48.48
N GLY B 653 6.00 2.83 48.64
CA GLY B 653 4.66 2.62 49.14
C GLY B 653 3.73 2.10 48.08
N PRO B 654 2.49 1.84 48.50
CA PRO B 654 1.47 1.38 47.57
C PRO B 654 1.04 2.49 46.61
N SER B 655 0.27 2.11 45.60
CA SER B 655 -0.32 3.08 44.70
C SER B 655 -1.35 3.92 45.45
N LEU B 656 -1.47 5.18 45.04
CA LEU B 656 -2.49 6.02 45.65
C LEU B 656 -3.81 5.78 44.94
N PRO B 657 -4.80 5.21 45.62
CA PRO B 657 -6.06 4.89 44.94
C PRO B 657 -7.06 6.03 45.01
N ILE B 658 -7.57 6.43 43.85
CA ILE B 658 -8.48 7.55 43.75
C ILE B 658 -9.81 7.07 43.20
N LEU B 659 -10.88 7.73 43.63
CA LEU B 659 -12.21 7.54 43.08
C LEU B 659 -12.67 8.89 42.54
N CYS B 660 -12.89 8.96 41.25
CA CYS B 660 -13.33 10.18 40.59
C CYS B 660 -14.84 10.13 40.43
N SER B 661 -15.53 11.04 41.10
CA SER B 661 -16.98 11.17 41.02
C SER B 661 -17.32 12.30 40.05
N PHE B 662 -18.26 12.03 39.16
CA PHE B 662 -18.46 12.84 37.96
C PHE B 662 -19.93 13.18 37.80
N TRP B 663 -20.22 14.46 37.58
CA TRP B 663 -21.56 14.94 37.27
C TRP B 663 -21.52 15.57 35.89
N ASP B 664 -22.31 15.02 34.96
CA ASP B 664 -22.16 15.33 33.54
C ASP B 664 -22.53 16.76 33.19
N GLY B 665 -23.17 17.51 34.09
CA GLY B 665 -23.50 18.89 33.82
C GLY B 665 -24.85 19.13 33.20
N LYS B 666 -25.64 18.09 32.97
CA LYS B 666 -26.97 18.23 32.40
C LYS B 666 -28.07 17.59 33.25
N THR B 667 -27.75 16.51 33.96
CA THR B 667 -28.71 15.81 34.80
C THR B 667 -28.84 16.59 36.11
N GLY B 668 -29.40 15.97 37.16
CA GLY B 668 -29.70 16.66 38.40
C GLY B 668 -28.55 17.44 39.02
N ALA B 669 -28.84 18.21 40.04
CA ALA B 669 -28.06 19.35 40.52
C ALA B 669 -26.68 19.00 41.06
N ALA B 670 -26.18 17.76 40.97
CA ALA B 670 -24.85 17.37 41.43
C ALA B 670 -24.78 17.36 42.96
N PRO B 671 -24.04 16.43 43.54
CA PRO B 671 -23.92 16.40 45.00
C PRO B 671 -23.31 17.69 45.53
N THR B 672 -23.81 18.12 46.68
CA THR B 672 -23.35 19.35 47.32
C THR B 672 -22.44 19.09 48.52
N THR B 673 -22.24 17.84 48.90
CA THR B 673 -21.36 17.48 50.00
C THR B 673 -20.48 16.32 49.58
N ASP B 674 -19.40 16.12 50.33
CA ASP B 674 -18.49 15.01 50.04
C ASP B 674 -19.18 13.68 50.22
N ALA B 675 -20.20 13.60 51.08
CA ALA B 675 -20.98 12.38 51.20
C ALA B 675 -21.70 12.04 49.91
N GLY B 676 -22.25 13.05 49.24
CA GLY B 676 -22.90 12.80 47.96
C GLY B 676 -21.92 12.38 46.88
N TRP B 677 -20.74 12.99 46.85
CA TRP B 677 -19.72 12.59 45.90
C TRP B 677 -19.25 11.16 46.15
N ALA B 678 -19.10 10.79 47.43
CA ALA B 678 -18.67 9.44 47.76
C ALA B 678 -19.76 8.40 47.55
N ALA B 679 -21.03 8.80 47.61
CA ALA B 679 -22.11 7.88 47.28
C ALA B 679 -22.12 7.51 45.80
N LEU B 680 -21.48 8.33 44.95
CA LEU B 680 -21.33 8.02 43.54
C LEU B 680 -20.26 6.95 43.38
N ALA B 681 -20.65 5.71 43.72
CA ALA B 681 -19.77 4.55 43.63
C ALA B 681 -19.69 4.10 42.18
N GLY B 682 -19.24 2.87 41.97
CA GLY B 682 -18.93 2.38 40.63
C GLY B 682 -20.07 2.42 39.63
N SER B 683 -21.23 2.94 40.04
CA SER B 683 -22.39 3.00 39.15
C SER B 683 -22.24 4.05 38.06
N ALA B 684 -21.26 3.85 37.17
CA ALA B 684 -21.16 4.55 35.89
C ALA B 684 -20.85 6.04 36.03
N ASN B 685 -20.80 6.55 37.26
CA ASN B 685 -20.46 7.94 37.49
C ASN B 685 -19.24 8.12 38.38
N GLY B 686 -18.89 7.12 39.18
CA GLY B 686 -17.64 7.16 39.92
C GLY B 686 -16.73 6.04 39.48
N LYS B 687 -15.51 6.38 39.07
CA LYS B 687 -14.57 5.39 38.56
C LYS B 687 -13.29 5.41 39.38
N GLY B 688 -12.77 4.22 39.67
CA GLY B 688 -11.55 4.10 40.45
C GLY B 688 -10.33 4.02 39.54
N THR B 689 -9.25 4.61 40.01
CA THR B 689 -7.97 4.58 39.32
C THR B 689 -6.87 4.69 40.37
N SER B 690 -5.62 4.78 39.91
CA SER B 690 -4.51 4.80 40.84
C SER B 690 -3.36 5.62 40.29
N MET B 691 -2.61 6.24 41.19
CA MET B 691 -1.32 6.84 40.89
C MET B 691 -0.23 5.85 41.30
N ALA B 692 0.55 5.42 40.32
CA ALA B 692 1.61 4.45 40.59
C ALA B 692 2.74 5.11 41.38
N PRO B 693 3.44 4.35 42.22
CA PRO B 693 4.54 4.93 43.01
C PRO B 693 5.60 5.53 42.10
N GLY B 694 6.14 6.66 42.54
CA GLY B 694 7.16 7.36 41.78
C GLY B 694 6.66 8.22 40.65
N SER B 695 5.35 8.26 40.43
CA SER B 695 4.76 9.06 39.36
C SER B 695 3.74 10.02 39.96
N THR B 696 3.48 11.10 39.23
CA THR B 696 2.58 12.15 39.70
C THR B 696 1.32 12.29 38.84
N THR B 697 1.09 11.41 37.88
CA THR B 697 0.01 11.56 36.94
C THR B 697 -0.97 10.40 37.05
N ALA B 698 -2.24 10.70 36.77
CA ALA B 698 -3.30 9.71 36.76
C ALA B 698 -4.33 10.11 35.71
N THR B 699 -5.21 9.18 35.36
CA THR B 699 -6.18 9.40 34.30
C THR B 699 -7.51 8.75 34.67
N CYS B 700 -8.58 9.30 34.11
CA CYS B 700 -9.90 8.69 34.25
C CYS B 700 -10.76 9.08 33.05
N SER B 701 -11.82 8.31 32.83
CA SER B 701 -12.69 8.55 31.69
C SER B 701 -14.13 8.22 32.05
N PHE B 702 -15.05 9.05 31.57
CA PHE B 702 -16.48 8.86 31.78
C PHE B 702 -17.20 9.03 30.45
N THR B 703 -18.21 8.20 30.21
CA THR B 703 -18.96 8.19 28.95
C THR B 703 -20.45 8.35 29.23
N PRO B 704 -20.90 9.57 29.54
CA PRO B 704 -22.32 9.80 29.76
C PRO B 704 -23.07 10.10 28.47
N SER B 705 -24.39 10.03 28.56
CA SER B 705 -25.28 10.36 27.45
C SER B 705 -26.28 11.39 27.94
N TYR B 706 -26.48 12.45 27.15
CA TYR B 706 -27.32 13.58 27.53
C TYR B 706 -28.68 13.43 26.86
N SER B 707 -29.74 13.53 27.66
CA SER B 707 -31.10 13.34 27.17
C SER B 707 -31.78 14.64 26.75
N THR B 708 -31.19 15.79 27.05
CA THR B 708 -31.77 17.08 26.70
C THR B 708 -30.76 17.91 25.94
N THR B 709 -31.26 18.80 25.08
CA THR B 709 -30.41 19.61 24.23
C THR B 709 -29.74 20.72 25.02
N GLY B 710 -28.77 21.37 24.38
CA GLY B 710 -28.12 22.51 25.00
C GLY B 710 -26.61 22.36 25.10
N THR B 711 -26.04 22.80 26.21
CA THR B 711 -24.61 22.65 26.45
C THR B 711 -24.40 22.09 27.86
N ALA B 712 -23.39 21.24 28.00
CA ALA B 712 -23.11 20.56 29.26
C ALA B 712 -21.66 20.81 29.64
N THR B 713 -21.46 21.36 30.84
CA THR B 713 -20.13 21.45 31.44
C THR B 713 -20.15 20.67 32.76
N PRO B 714 -19.30 19.66 32.90
CA PRO B 714 -19.41 18.75 34.04
C PRO B 714 -18.49 19.13 35.19
N THR B 715 -18.82 18.59 36.36
CA THR B 715 -18.01 18.78 37.56
C THR B 715 -17.49 17.44 38.05
N LEU B 716 -16.42 17.48 38.85
CA LEU B 716 -15.74 16.27 39.26
C LEU B 716 -15.09 16.48 40.63
N GLN B 717 -15.05 15.41 41.42
CA GLN B 717 -14.37 15.44 42.71
C GLN B 717 -13.64 14.13 42.94
N LEU B 718 -12.42 14.23 43.45
CA LEU B 718 -11.62 13.05 43.78
C LEU B 718 -11.76 12.73 45.26
N ILE B 719 -11.83 11.43 45.57
CA ILE B 719 -11.93 10.95 46.94
C ILE B 719 -11.01 9.75 47.10
N GLN B 720 -10.24 9.72 48.18
CA GLN B 720 -9.34 8.59 48.38
C GLN B 720 -10.14 7.31 48.53
N ASN B 721 -9.89 6.35 47.63
CA ASN B 721 -10.69 5.14 47.51
C ASN B 721 -9.87 3.96 48.00
N SER B 722 -9.93 3.72 49.31
CA SER B 722 -9.33 2.54 49.91
C SER B 722 -10.43 1.59 50.36
N PHE B 723 -10.02 0.43 50.88
CA PHE B 723 -11.00 -0.56 51.30
C PHE B 723 -11.84 -0.09 52.48
N ALA B 724 -11.37 0.91 53.23
CA ALA B 724 -12.06 1.42 54.40
C ALA B 724 -12.70 2.78 54.15
N LEU B 725 -13.18 3.01 52.93
CA LEU B 725 -13.79 4.28 52.57
C LEU B 725 -15.10 4.45 53.33
N ASP B 726 -15.09 5.30 54.35
CA ASP B 726 -16.31 5.66 55.07
C ASP B 726 -16.99 6.81 54.33
N ALA B 727 -18.19 6.54 53.82
CA ALA B 727 -18.85 7.52 52.96
C ALA B 727 -19.17 8.81 53.72
N ALA B 728 -19.56 8.69 54.98
CA ALA B 728 -19.98 9.87 55.74
C ALA B 728 -18.81 10.80 56.03
N THR B 729 -17.69 10.25 56.51
CA THR B 729 -16.60 11.05 57.05
C THR B 729 -15.43 11.22 56.07
N THR B 730 -15.60 10.84 54.81
CA THR B 730 -14.52 11.01 53.85
C THR B 730 -14.37 12.48 53.48
N VAL B 731 -13.17 12.85 53.04
CA VAL B 731 -12.84 14.23 52.66
C VAL B 731 -12.28 14.21 51.24
N GLY B 732 -12.85 15.05 50.38
CA GLY B 732 -12.39 15.12 49.01
C GLY B 732 -11.11 15.92 48.85
N PHE B 733 -10.39 15.66 47.75
CA PHE B 733 -9.12 16.33 47.53
C PHE B 733 -9.32 17.78 47.09
N LEU B 734 -10.34 18.04 46.27
CA LEU B 734 -10.52 19.35 45.67
C LEU B 734 -11.43 20.21 46.54
N SER B 735 -10.98 21.43 46.85
CA SER B 735 -11.76 22.28 47.75
C SER B 735 -12.96 22.90 47.03
N PRO B 736 -12.79 23.51 45.83
CA PRO B 736 -13.95 23.62 44.93
C PRO B 736 -13.93 22.50 43.91
N VAL B 737 -15.10 21.95 43.57
CA VAL B 737 -15.14 20.88 42.59
C VAL B 737 -14.63 21.39 41.25
N TYR B 738 -14.04 20.49 40.47
CA TYR B 738 -13.39 20.88 39.23
C TYR B 738 -14.41 20.99 38.11
N THR B 739 -14.61 22.21 37.59
CA THR B 739 -15.44 22.43 36.42
C THR B 739 -14.57 22.31 35.18
N ALA B 740 -14.97 21.45 34.26
CA ALA B 740 -14.13 21.17 33.10
C ALA B 740 -14.02 22.41 32.21
N PRO B 741 -12.86 22.66 31.62
CA PRO B 741 -12.75 23.82 30.72
C PRO B 741 -13.65 23.72 29.49
N ALA B 742 -13.57 22.62 28.75
CA ALA B 742 -14.37 22.45 27.55
C ALA B 742 -15.84 22.23 27.91
N PHE B 743 -16.67 22.18 26.88
CA PHE B 743 -18.10 21.96 27.03
C PHE B 743 -18.56 21.03 25.91
N ALA B 744 -19.69 20.36 26.15
CA ALA B 744 -20.27 19.46 25.17
C ALA B 744 -21.57 20.05 24.65
N THR B 745 -21.66 20.22 23.34
CA THR B 745 -22.84 20.77 22.70
C THR B 745 -23.74 19.63 22.23
N VAL B 746 -24.95 19.56 22.78
CA VAL B 746 -25.89 18.49 22.52
C VAL B 746 -26.99 19.02 21.62
N THR B 747 -27.06 18.50 20.40
CA THR B 747 -28.02 18.92 19.40
C THR B 747 -29.22 18.00 19.38
N ALA B 748 -30.34 18.51 18.87
CA ALA B 748 -31.58 17.77 18.86
C ALA B 748 -31.54 16.63 17.84
N ALA B 749 -32.48 15.71 18.00
CA ALA B 749 -32.55 14.54 17.13
C ALA B 749 -33.24 14.90 15.82
N SER B 750 -32.62 14.52 14.72
CA SER B 750 -33.18 14.70 13.39
C SER B 750 -33.89 13.43 12.95
N TYR B 751 -34.64 13.54 11.85
CA TYR B 751 -35.43 12.42 11.36
C TYR B 751 -35.31 12.30 9.85
N THR B 752 -35.43 11.06 9.37
CA THR B 752 -35.48 10.76 7.95
C THR B 752 -36.82 10.12 7.64
N ILE B 753 -37.51 10.64 6.63
CA ILE B 753 -38.89 10.27 6.33
C ILE B 753 -38.94 9.64 4.94
N SER B 754 -39.55 8.46 4.85
CA SER B 754 -39.74 7.77 3.58
C SER B 754 -41.17 7.28 3.50
N SER B 755 -41.89 7.71 2.48
CA SER B 755 -43.31 7.40 2.36
C SER B 755 -43.54 6.46 1.17
N TYR B 756 -44.57 5.63 1.29
CA TYR B 756 -45.03 4.88 0.13
C TYR B 756 -46.52 4.61 0.22
N LEU B 757 -47.19 4.66 -0.93
CA LEU B 757 -48.61 4.38 -1.05
C LEU B 757 -48.81 2.91 -1.39
N ASN B 758 -49.78 2.27 -0.74
CA ASN B 758 -49.90 0.82 -0.88
C ASN B 758 -50.34 0.42 -2.29
N PRO B 759 -51.55 0.78 -2.77
CA PRO B 759 -51.82 0.57 -4.20
C PRO B 759 -51.27 1.73 -4.99
N VAL B 760 -50.19 1.49 -5.73
CA VAL B 760 -49.43 2.58 -6.34
C VAL B 760 -50.28 3.40 -7.30
N THR B 761 -51.37 2.82 -7.81
CA THR B 761 -52.34 3.54 -8.65
C THR B 761 -53.73 3.24 -8.12
N PRO B 762 -54.18 3.98 -7.11
CA PRO B 762 -55.52 3.73 -6.56
C PRO B 762 -56.60 4.08 -7.57
N VAL B 763 -57.72 3.36 -7.48
CA VAL B 763 -58.84 3.51 -8.39
C VAL B 763 -59.85 4.46 -7.75
N ALA B 764 -60.26 5.48 -8.51
CA ALA B 764 -61.17 6.50 -7.99
C ALA B 764 -62.51 5.90 -7.57
N GLY B 765 -62.77 5.90 -6.26
CA GLY B 765 -63.99 5.35 -5.72
C GLY B 765 -63.99 3.84 -5.56
N GLY B 766 -62.92 3.16 -5.95
CA GLY B 766 -62.86 1.72 -5.85
C GLY B 766 -62.52 1.22 -4.45
N ALA B 767 -61.33 1.57 -3.98
CA ALA B 767 -60.85 1.07 -2.70
C ALA B 767 -60.27 2.20 -1.85
N ALA B 768 -59.64 1.84 -0.73
CA ALA B 768 -59.05 2.81 0.18
C ALA B 768 -57.53 2.81 -0.01
N ALA B 769 -56.99 3.98 -0.32
CA ALA B 769 -55.53 4.12 -0.44
C ALA B 769 -54.94 4.45 0.92
N VAL B 770 -53.93 3.68 1.32
CA VAL B 770 -53.29 3.85 2.62
C VAL B 770 -51.82 4.18 2.39
N TRP B 771 -51.36 5.21 3.10
CA TRP B 771 -49.96 5.63 3.08
C TRP B 771 -49.24 5.06 4.28
N ARG B 772 -48.01 4.60 4.06
CA ARG B 772 -47.13 4.19 5.15
C ARG B 772 -45.93 5.12 5.14
N ILE B 773 -45.69 5.76 6.29
CA ILE B 773 -44.65 6.79 6.45
C ILE B 773 -43.65 6.24 7.45
N VAL B 774 -42.44 5.95 7.01
CA VAL B 774 -41.39 5.42 7.87
C VAL B 774 -40.53 6.57 8.33
N ILE B 775 -40.46 6.75 9.66
CA ILE B 775 -39.66 7.80 10.28
C ILE B 775 -38.52 7.13 11.02
N THR B 776 -37.30 7.55 10.71
CA THR B 776 -36.08 7.02 11.32
C THR B 776 -35.41 8.12 12.13
N ARG B 777 -35.15 7.83 13.41
CA ARG B 777 -34.54 8.79 14.31
C ARG B 777 -33.03 8.88 14.08
N ASN B 778 -32.46 9.98 14.58
CA ASN B 778 -31.00 10.13 14.52
C ASN B 778 -30.31 9.19 15.50
N ALA B 779 -30.82 9.11 16.72
CA ALA B 779 -30.24 8.26 17.76
C ALA B 779 -31.34 7.51 18.47
N ALA B 780 -31.00 6.34 19.00
CA ALA B 780 -31.98 5.45 19.60
C ALA B 780 -32.63 6.10 20.82
N VAL B 781 -33.92 5.81 21.01
CA VAL B 781 -34.63 6.30 22.18
C VAL B 781 -34.00 5.70 23.44
N THR B 782 -34.20 6.37 24.57
CA THR B 782 -33.71 5.90 25.86
C THR B 782 -34.79 6.08 26.92
N ALA B 783 -35.11 4.98 27.62
CA ALA B 783 -35.89 5.00 28.85
C ALA B 783 -37.29 5.57 28.65
N SER B 784 -37.88 5.38 27.48
CA SER B 784 -39.27 5.77 27.23
C SER B 784 -39.69 5.18 25.90
N ALA B 785 -40.93 5.48 25.50
CA ALA B 785 -41.45 5.13 24.19
C ALA B 785 -41.85 6.45 23.52
N LYS B 786 -40.98 6.94 22.64
CA LYS B 786 -41.15 8.28 22.09
C LYS B 786 -42.39 8.32 21.20
N THR B 787 -43.21 9.36 21.36
CA THR B 787 -44.46 9.48 20.63
C THR B 787 -44.37 10.65 19.65
N LEU B 788 -44.57 10.36 18.37
CA LEU B 788 -44.56 11.36 17.32
C LEU B 788 -45.95 11.51 16.73
N THR B 789 -46.22 12.72 16.22
CA THR B 789 -47.48 13.03 15.55
C THR B 789 -47.19 13.31 14.08
N CYS B 790 -47.88 12.57 13.22
CA CYS B 790 -47.77 12.74 11.77
C CYS B 790 -49.00 13.48 11.26
N GLN B 791 -48.77 14.52 10.47
CA GLN B 791 -49.83 15.36 9.92
C GLN B 791 -49.74 15.35 8.40
N MET B 792 -50.87 15.14 7.75
CA MET B 792 -51.01 15.30 6.30
C MET B 792 -51.82 16.55 6.03
N PRO B 793 -51.19 17.71 5.88
CA PRO B 793 -51.95 18.91 5.52
C PRO B 793 -52.46 18.90 4.09
N ASP B 794 -51.92 18.03 3.22
CA ASP B 794 -52.30 17.98 1.82
C ASP B 794 -52.42 16.52 1.40
N ASN B 795 -53.59 16.14 0.90
CA ASN B 795 -53.78 14.80 0.35
C ASN B 795 -52.96 14.57 -0.90
N GLY B 796 -52.39 15.61 -1.49
CA GLY B 796 -51.86 15.57 -2.82
C GLY B 796 -52.78 16.18 -3.86
N GLN B 797 -54.08 16.24 -3.56
CA GLN B 797 -55.06 16.90 -4.41
C GLN B 797 -55.98 17.81 -3.59
N GLY B 798 -55.53 18.25 -2.42
CA GLY B 798 -56.35 19.06 -1.55
C GLY B 798 -57.15 18.22 -0.59
N GLY B 799 -56.99 18.46 0.70
CA GLY B 799 -57.66 17.68 1.72
C GLY B 799 -56.70 17.32 2.84
N SER B 800 -57.26 17.06 4.01
CA SER B 800 -56.44 16.80 5.19
C SER B 800 -57.12 15.81 6.12
N PRO B 801 -56.60 14.59 6.25
CA PRO B 801 -57.13 13.67 7.27
C PRO B 801 -56.65 14.06 8.65
N ALA B 802 -57.20 13.38 9.66
CA ALA B 802 -56.83 13.66 11.03
C ALA B 802 -55.37 13.29 11.29
N ASP B 803 -54.77 13.99 12.23
CA ASP B 803 -53.39 13.68 12.63
C ASP B 803 -53.34 12.28 13.22
N VAL B 804 -52.25 11.57 12.93
CA VAL B 804 -52.08 10.23 13.46
C VAL B 804 -50.89 10.23 14.42
N THR B 805 -50.83 9.19 15.25
CA THR B 805 -49.81 9.08 16.29
C THR B 805 -49.07 7.76 16.14
N ALA B 806 -47.74 7.83 16.28
CA ALA B 806 -46.90 6.64 16.23
C ALA B 806 -45.90 6.70 17.37
N ASP B 807 -45.27 5.56 17.67
CA ASP B 807 -44.30 5.53 18.75
C ASP B 807 -43.08 4.73 18.34
N ILE B 808 -41.93 5.17 18.84
CA ILE B 808 -40.66 4.46 18.71
C ILE B 808 -40.35 3.83 20.05
N ALA B 809 -40.01 2.54 20.02
CA ALA B 809 -39.81 1.78 21.25
C ALA B 809 -38.53 2.22 21.95
N VAL B 810 -38.25 1.58 23.08
CA VAL B 810 -37.10 1.98 23.91
C VAL B 810 -35.80 1.75 23.16
N GLY B 811 -35.68 0.61 22.48
CA GLY B 811 -34.44 0.28 21.81
C GLY B 811 -34.33 0.79 20.38
N GLY B 812 -35.44 0.78 19.65
CA GLY B 812 -35.41 1.07 18.24
C GLY B 812 -35.34 2.55 17.93
N THR B 813 -35.21 2.84 16.63
CA THR B 813 -35.11 4.22 16.15
C THR B 813 -36.12 4.53 15.05
N THR B 814 -37.04 3.61 14.75
CA THR B 814 -37.88 3.73 13.56
C THR B 814 -39.33 3.45 13.93
N THR B 815 -40.25 4.14 13.25
CA THR B 815 -41.67 3.93 13.44
C THR B 815 -42.40 4.20 12.13
N VAL B 816 -43.69 3.81 12.08
CA VAL B 816 -44.50 3.94 10.89
C VAL B 816 -45.81 4.62 11.23
N CYS B 817 -46.16 5.65 10.46
CA CYS B 817 -47.46 6.30 10.52
C CYS B 817 -48.32 5.84 9.34
N VAL B 818 -49.58 5.52 9.61
CA VAL B 818 -50.51 5.05 8.60
C VAL B 818 -51.55 6.13 8.34
N PHE B 819 -51.84 6.35 7.05
CA PHE B 819 -52.81 7.36 6.61
C PHE B 819 -53.77 6.71 5.63
N SER B 820 -54.94 6.29 6.10
CA SER B 820 -55.93 5.63 5.25
C SER B 820 -56.96 6.64 4.80
N ILE B 821 -57.10 6.82 3.48
CA ILE B 821 -58.08 7.72 2.92
C ILE B 821 -58.80 7.02 1.77
N ALA B 822 -60.04 7.46 1.52
CA ALA B 822 -60.88 6.86 0.51
C ALA B 822 -61.42 7.85 -0.51
N GLY B 823 -61.33 9.15 -0.24
CA GLY B 823 -61.86 10.14 -1.15
C GLY B 823 -60.85 10.63 -2.17
N TYR B 824 -60.48 9.77 -3.13
CA TYR B 824 -59.59 10.15 -4.21
C TYR B 824 -60.37 10.23 -5.52
N THR B 825 -60.13 11.28 -6.28
CA THR B 825 -60.77 11.48 -7.58
C THR B 825 -59.74 11.96 -8.58
N THR B 826 -60.04 11.75 -9.86
CA THR B 826 -59.15 12.13 -10.95
C THR B 826 -59.62 13.40 -11.66
N ALA B 827 -60.37 14.26 -10.97
CA ALA B 827 -60.86 15.49 -11.60
C ALA B 827 -59.71 16.38 -12.05
N THR B 828 -58.73 16.59 -11.18
CA THR B 828 -57.54 17.34 -11.56
C THR B 828 -56.70 16.50 -12.53
N PRO B 829 -55.95 17.16 -13.42
CA PRO B 829 -55.20 16.40 -14.44
C PRO B 829 -54.23 15.37 -13.86
N GLY B 830 -53.54 15.69 -12.77
CA GLY B 830 -52.59 14.78 -12.19
C GLY B 830 -51.28 14.79 -12.96
N PRO B 831 -50.26 14.11 -12.42
CA PRO B 831 -50.22 13.34 -11.17
C PRO B 831 -50.11 14.23 -9.94
N TYR B 832 -50.25 13.65 -8.75
CA TYR B 832 -50.31 14.39 -7.50
C TYR B 832 -49.16 14.00 -6.58
N PHE B 833 -48.77 14.93 -5.73
CA PHE B 833 -47.79 14.66 -4.67
C PHE B 833 -48.30 15.23 -3.37
N ALA B 834 -48.15 14.46 -2.29
CA ALA B 834 -48.61 14.86 -0.98
C ALA B 834 -47.42 15.33 -0.14
N THR B 835 -47.73 15.89 1.03
CA THR B 835 -46.73 16.36 1.97
C THR B 835 -47.08 15.87 3.36
N VAL B 836 -46.06 15.56 4.16
CA VAL B 836 -46.24 15.14 5.53
C VAL B 836 -45.35 15.98 6.44
N ASN B 837 -45.81 16.17 7.67
CA ASN B 837 -45.04 16.83 8.71
C ASN B 837 -44.99 15.92 9.93
N VAL B 838 -43.81 15.80 10.52
CA VAL B 838 -43.60 14.98 11.71
C VAL B 838 -43.20 15.92 12.84
N VAL B 839 -43.97 15.89 13.93
CA VAL B 839 -43.72 16.73 15.09
C VAL B 839 -43.57 15.84 16.31
N ASP B 840 -42.50 16.08 17.08
CA ASP B 840 -42.24 15.29 18.28
C ASP B 840 -42.18 16.17 19.52
N GLY B 841 -41.34 17.20 19.52
CA GLY B 841 -41.15 18.06 20.67
C GLY B 841 -41.22 19.53 20.29
N ALA B 842 -42.19 19.88 19.45
CA ALA B 842 -42.26 21.18 18.79
C ALA B 842 -41.07 21.40 17.86
N VAL B 843 -40.56 20.33 17.28
CA VAL B 843 -39.56 20.38 16.21
C VAL B 843 -40.14 19.61 15.03
N THR B 844 -40.41 20.32 13.94
CA THR B 844 -41.17 19.77 12.82
C THR B 844 -40.25 19.49 11.64
N THR B 845 -40.34 18.28 11.10
CA THR B 845 -39.64 17.92 9.88
C THR B 845 -40.64 17.59 8.79
N SER B 846 -40.45 18.18 7.63
CA SER B 846 -41.37 18.03 6.51
C SER B 846 -40.80 17.07 5.47
N HIS B 847 -41.71 16.50 4.68
CA HIS B 847 -41.32 15.51 3.67
C HIS B 847 -42.34 15.57 2.54
N ILE B 848 -41.86 15.83 1.32
CA ILE B 848 -42.70 15.86 0.14
C ILE B 848 -42.54 14.54 -0.59
N THR B 849 -43.64 13.81 -0.75
CA THR B 849 -43.59 12.52 -1.40
C THR B 849 -43.40 12.69 -2.91
N LYS B 850 -43.40 11.56 -3.61
CA LYS B 850 -43.27 11.57 -5.06
C LYS B 850 -44.64 11.45 -5.71
N ASN B 851 -44.68 11.68 -7.02
CA ASN B 851 -45.96 11.69 -7.73
C ASN B 851 -46.64 10.33 -7.64
N PHE B 852 -47.95 10.35 -7.43
CA PHE B 852 -48.77 9.15 -7.52
C PHE B 852 -49.94 9.44 -8.45
N THR B 853 -50.29 8.46 -9.28
CA THR B 853 -51.28 8.64 -10.32
C THR B 853 -52.55 7.88 -9.96
N VAL B 854 -53.65 8.63 -9.80
CA VAL B 854 -54.94 8.05 -9.49
C VAL B 854 -55.60 7.62 -10.80
N LEU B 855 -56.07 6.38 -10.83
CA LEU B 855 -56.68 5.84 -12.04
C LEU B 855 -58.09 6.37 -12.22
N ALA B 856 -58.56 6.33 -13.46
CA ALA B 856 -59.94 6.72 -13.76
C ALA B 856 -60.91 5.76 -13.10
N SER B 857 -62.04 6.30 -12.67
CA SER B 857 -63.01 5.49 -11.94
C SER B 857 -63.64 4.42 -12.83
N GLY B 858 -63.78 3.22 -12.27
CA GLY B 858 -64.38 2.11 -12.96
C GLY B 858 -63.40 1.14 -13.59
N THR B 859 -62.17 1.58 -13.84
CA THR B 859 -61.18 0.68 -14.43
C THR B 859 -60.78 -0.39 -13.43
N THR B 860 -60.52 -1.59 -13.93
CA THR B 860 -60.10 -2.69 -13.08
C THR B 860 -58.71 -2.41 -12.51
N ALA B 861 -58.56 -2.67 -11.23
CA ALA B 861 -57.27 -2.41 -10.57
C ALA B 861 -56.21 -3.37 -11.11
N PRO B 862 -54.99 -2.89 -11.35
CA PRO B 862 -53.93 -3.79 -11.82
C PRO B 862 -53.61 -4.84 -10.78
N THR B 863 -53.40 -6.06 -11.24
CA THR B 863 -53.15 -7.20 -10.38
C THR B 863 -51.77 -7.77 -10.65
N TYR B 864 -51.25 -8.49 -9.66
CA TYR B 864 -49.92 -9.07 -9.73
C TYR B 864 -50.05 -10.59 -9.87
N ALA B 865 -49.32 -11.15 -10.83
CA ALA B 865 -49.32 -12.58 -11.07
C ALA B 865 -47.88 -13.06 -11.07
N VAL B 866 -47.66 -14.26 -10.52
CA VAL B 866 -46.30 -14.76 -10.36
C VAL B 866 -46.15 -16.10 -11.08
N THR B 867 -44.95 -16.31 -11.60
CA THR B 867 -44.53 -17.56 -12.22
C THR B 867 -43.32 -18.08 -11.45
N SER B 868 -43.03 -19.37 -11.61
CA SER B 868 -41.98 -19.99 -10.80
C SER B 868 -41.14 -20.91 -11.66
N VAL B 869 -39.88 -21.06 -11.26
CA VAL B 869 -38.96 -21.99 -11.92
C VAL B 869 -37.96 -22.49 -10.89
N VAL B 870 -37.81 -23.81 -10.78
CA VAL B 870 -36.89 -24.43 -9.85
C VAL B 870 -35.65 -24.90 -10.60
N SER B 871 -34.48 -24.59 -10.07
CA SER B 871 -33.22 -24.79 -10.79
C SER B 871 -32.76 -26.24 -10.82
N PRO B 872 -32.52 -26.91 -9.67
CA PRO B 872 -31.91 -28.24 -9.74
C PRO B 872 -32.78 -29.29 -10.40
N ALA B 873 -34.10 -29.07 -10.51
CA ALA B 873 -35.03 -29.93 -11.22
C ALA B 873 -35.27 -31.26 -10.51
N THR B 874 -36.51 -31.73 -10.54
CA THR B 874 -36.85 -33.00 -9.92
C THR B 874 -36.21 -34.15 -10.68
N PRO B 875 -35.76 -35.21 -9.99
CA PRO B 875 -35.76 -35.41 -8.54
C PRO B 875 -34.47 -34.89 -7.89
N VAL B 876 -34.46 -34.73 -6.57
CA VAL B 876 -33.30 -34.29 -5.83
C VAL B 876 -33.10 -35.20 -4.63
N LYS B 877 -32.02 -34.98 -3.91
CA LYS B 877 -31.70 -35.73 -2.71
C LYS B 877 -31.88 -34.84 -1.48
N VAL B 878 -31.92 -35.49 -0.31
CA VAL B 878 -31.99 -34.75 0.94
C VAL B 878 -30.73 -33.90 1.09
N SER B 879 -30.90 -32.67 1.54
CA SER B 879 -29.83 -31.69 1.76
C SER B 879 -29.17 -31.26 0.46
N THR B 880 -29.87 -31.35 -0.66
CA THR B 880 -29.39 -30.79 -1.92
C THR B 880 -29.88 -29.35 -2.05
N PRO B 881 -28.99 -28.39 -2.32
CA PRO B 881 -29.43 -26.99 -2.45
C PRO B 881 -30.39 -26.83 -3.62
N VAL B 882 -31.62 -26.45 -3.31
CA VAL B 882 -32.68 -26.28 -4.31
C VAL B 882 -33.03 -24.81 -4.37
N THR B 883 -33.04 -24.26 -5.59
CA THR B 883 -33.23 -22.83 -5.81
C THR B 883 -34.54 -22.59 -6.55
N TYR B 884 -35.37 -21.71 -6.00
CA TYR B 884 -36.61 -21.29 -6.62
C TYR B 884 -36.48 -19.84 -7.08
N THR B 885 -36.95 -19.56 -8.29
CA THR B 885 -37.01 -18.20 -8.80
C THR B 885 -38.47 -17.88 -9.11
N PHE B 886 -39.00 -16.86 -8.44
CA PHE B 886 -40.37 -16.42 -8.62
C PHE B 886 -40.37 -15.06 -9.31
N THR B 887 -41.01 -14.99 -10.47
CA THR B 887 -41.15 -13.76 -11.22
C THR B 887 -42.53 -13.17 -10.98
N ILE B 888 -42.56 -11.91 -10.52
CA ILE B 888 -43.80 -11.20 -10.27
C ILE B 888 -43.99 -10.16 -11.37
N THR B 889 -45.15 -10.21 -12.02
CA THR B 889 -45.49 -9.34 -13.14
C THR B 889 -46.78 -8.60 -12.84
N ARG B 890 -46.80 -7.31 -13.19
CA ARG B 890 -47.96 -6.46 -13.02
C ARG B 890 -48.67 -6.33 -14.37
N THR B 891 -50.00 -6.22 -14.34
CA THR B 891 -50.75 -6.09 -15.58
C THR B 891 -50.39 -4.80 -16.31
N THR B 892 -50.28 -3.70 -15.57
CA THR B 892 -49.84 -2.42 -16.12
C THR B 892 -48.62 -1.95 -15.35
N ALA B 893 -47.67 -1.37 -16.07
CA ALA B 893 -46.41 -0.97 -15.44
C ALA B 893 -46.65 0.09 -14.38
N VAL B 894 -45.72 0.15 -13.43
CA VAL B 894 -45.73 1.26 -12.47
C VAL B 894 -45.54 2.56 -13.24
N PRO B 895 -46.26 3.63 -12.91
CA PRO B 895 -46.06 4.89 -13.64
C PRO B 895 -44.62 5.38 -13.54
N ALA B 896 -44.07 5.79 -14.67
CA ALA B 896 -42.67 6.17 -14.75
C ALA B 896 -42.36 7.50 -14.08
N GLY B 897 -43.37 8.25 -13.65
CA GLY B 897 -43.12 9.48 -12.91
C GLY B 897 -42.33 9.24 -11.65
N GLY B 898 -42.55 8.10 -10.99
CA GLY B 898 -41.70 7.68 -9.91
C GLY B 898 -42.35 7.61 -8.55
N ILE B 899 -42.74 6.41 -8.14
CA ILE B 899 -42.99 6.08 -6.75
C ILE B 899 -42.84 4.56 -6.65
N PRO B 900 -41.70 4.06 -6.19
CA PRO B 900 -41.42 2.63 -6.30
C PRO B 900 -42.36 1.80 -5.44
N GLN B 901 -42.51 0.54 -5.83
CA GLN B 901 -43.32 -0.36 -5.02
C GLN B 901 -42.41 -1.32 -4.28
N PRO B 902 -42.26 -1.19 -2.96
CA PRO B 902 -41.46 -2.17 -2.21
C PRO B 902 -42.29 -3.41 -1.90
N ILE B 903 -41.73 -4.58 -2.18
CA ILE B 903 -42.44 -5.84 -1.94
C ILE B 903 -41.51 -6.78 -1.17
N ILE B 904 -42.14 -7.70 -0.45
CA ILE B 904 -41.47 -8.66 0.39
C ILE B 904 -42.06 -10.03 0.10
N CYS B 905 -41.23 -10.94 -0.38
CA CYS B 905 -41.65 -12.29 -0.70
C CYS B 905 -41.41 -13.18 0.51
N GLU B 906 -42.49 -13.73 1.07
CA GLU B 906 -42.41 -14.73 2.11
C GLU B 906 -42.64 -16.09 1.47
N PHE B 907 -41.65 -16.97 1.60
CA PHE B 907 -41.60 -18.23 0.87
C PHE B 907 -41.63 -19.39 1.85
N PHE B 908 -42.40 -20.42 1.51
CA PHE B 908 -42.51 -21.62 2.32
C PHE B 908 -42.04 -22.82 1.50
N ASN B 909 -41.16 -23.62 2.12
CA ASN B 909 -40.50 -24.71 1.41
C ASN B 909 -41.48 -25.77 0.94
N GLY B 910 -42.59 -25.96 1.64
CA GLY B 910 -43.52 -27.02 1.34
C GLY B 910 -43.32 -28.28 2.15
N GLU B 911 -42.27 -28.36 2.95
CA GLU B 911 -41.98 -29.55 3.74
C GLU B 911 -42.65 -29.53 5.11
N GLY B 912 -42.57 -28.40 5.81
CA GLY B 912 -43.02 -28.33 7.19
C GLY B 912 -44.52 -28.38 7.39
N THR B 913 -44.98 -27.83 8.52
CA THR B 913 -46.39 -27.91 8.89
C THR B 913 -47.27 -26.98 8.08
N ALA B 914 -46.69 -26.05 7.30
CA ALA B 914 -47.38 -25.07 6.47
C ALA B 914 -48.13 -24.06 7.33
N PRO B 915 -48.02 -22.78 7.03
CA PRO B 915 -48.69 -21.77 7.86
C PRO B 915 -50.20 -21.81 7.73
N ALA B 916 -50.86 -20.90 8.44
CA ALA B 916 -52.31 -20.75 8.38
C ALA B 916 -52.70 -19.98 7.12
N SER B 917 -53.91 -19.44 7.10
CA SER B 917 -54.41 -18.70 5.95
C SER B 917 -53.43 -17.61 5.51
N ALA B 918 -53.62 -17.09 4.29
CA ALA B 918 -52.56 -16.38 3.58
C ALA B 918 -51.89 -15.31 4.44
N ALA B 919 -52.67 -14.54 5.19
CA ALA B 919 -52.10 -13.46 6.00
C ALA B 919 -51.10 -13.98 7.03
N ALA B 920 -51.16 -15.26 7.39
CA ALA B 920 -50.23 -15.83 8.35
C ALA B 920 -48.85 -16.09 7.77
N TYR B 921 -48.62 -15.78 6.48
CA TYR B 921 -47.28 -15.89 5.93
C TYR B 921 -46.36 -14.78 6.42
N TRP B 922 -46.90 -13.75 7.08
CA TRP B 922 -46.10 -12.67 7.64
C TRP B 922 -45.43 -13.15 8.92
N ARG B 923 -44.47 -14.06 8.73
CA ARG B 923 -43.78 -14.66 9.86
C ARG B 923 -42.81 -13.67 10.49
N VAL B 924 -42.18 -14.09 11.58
CA VAL B 924 -41.23 -13.26 12.32
C VAL B 924 -39.82 -13.66 11.93
N SER B 925 -39.02 -12.68 11.52
CA SER B 925 -37.63 -12.89 11.14
C SER B 925 -36.74 -12.00 11.99
N THR B 926 -35.57 -12.54 12.35
CA THR B 926 -34.59 -11.73 13.07
C THR B 926 -33.97 -10.68 12.15
N THR B 927 -33.60 -11.08 10.94
CA THR B 927 -33.19 -10.17 9.89
C THR B 927 -34.07 -10.40 8.68
N ILE B 928 -34.54 -9.31 8.06
CA ILE B 928 -35.52 -9.42 6.99
C ILE B 928 -34.98 -10.20 5.80
N PRO B 929 -33.76 -9.96 5.30
CA PRO B 929 -33.24 -10.83 4.23
C PRO B 929 -32.71 -12.15 4.78
N ASP B 930 -33.60 -12.95 5.36
CA ASP B 930 -33.25 -14.27 5.85
C ASP B 930 -33.48 -15.31 4.76
N ALA B 931 -33.46 -16.59 5.15
CA ALA B 931 -33.51 -17.66 4.16
C ALA B 931 -34.89 -17.83 3.51
N ASP B 932 -35.94 -17.29 4.11
CA ASP B 932 -37.29 -17.49 3.59
C ASP B 932 -38.07 -16.19 3.43
N THR B 933 -37.39 -15.05 3.45
CA THR B 933 -38.03 -13.75 3.20
C THR B 933 -37.06 -12.88 2.42
N VAL B 934 -37.52 -12.34 1.29
CA VAL B 934 -36.66 -11.63 0.36
C VAL B 934 -37.26 -10.28 0.04
N VAL B 935 -36.40 -9.25 -0.02
CA VAL B 935 -36.82 -7.89 -0.31
C VAL B 935 -36.61 -7.60 -1.78
N ALA B 936 -37.61 -7.03 -2.44
CA ALA B 936 -37.49 -6.61 -3.83
C ALA B 936 -38.21 -5.28 -3.99
N VAL B 937 -37.85 -4.56 -5.05
CA VAL B 937 -38.46 -3.27 -5.35
C VAL B 937 -38.85 -3.25 -6.81
N MET B 938 -40.14 -3.05 -7.08
CA MET B 938 -40.61 -2.78 -8.44
C MET B 938 -40.31 -1.33 -8.76
N ALA B 939 -39.51 -1.12 -9.79
CA ALA B 939 -38.98 0.19 -10.12
C ALA B 939 -40.09 1.11 -10.63
N PRO B 940 -39.85 2.42 -10.64
CA PRO B 940 -40.89 3.34 -11.14
C PRO B 940 -41.37 3.02 -12.55
N GLY B 941 -40.49 2.60 -13.45
CA GLY B 941 -40.86 2.40 -14.83
C GLY B 941 -41.06 0.98 -15.30
N GLU B 942 -41.14 0.01 -14.40
CA GLU B 942 -41.16 -1.40 -14.77
C GLU B 942 -42.46 -2.06 -14.32
N THR B 943 -42.61 -3.34 -14.69
CA THR B 943 -43.72 -4.15 -14.21
C THR B 943 -43.30 -5.57 -13.86
N THR B 944 -41.99 -5.85 -13.78
CA THR B 944 -41.50 -7.20 -13.52
C THR B 944 -40.41 -7.15 -12.47
N THR B 945 -40.37 -8.19 -11.63
CA THR B 945 -39.32 -8.32 -10.63
C THR B 945 -39.18 -9.79 -10.26
N THR B 946 -38.10 -10.12 -9.54
CA THR B 946 -37.79 -11.50 -9.21
C THR B 946 -37.47 -11.63 -7.72
N CYS B 947 -37.84 -12.79 -7.17
CA CYS B 947 -37.48 -13.19 -5.81
C CYS B 947 -36.83 -14.56 -5.89
N THR B 948 -35.61 -14.69 -5.37
CA THR B 948 -34.83 -15.91 -5.49
C THR B 948 -34.57 -16.50 -4.10
N PHE B 949 -34.94 -17.75 -3.91
CA PHE B 949 -34.80 -18.45 -2.63
C PHE B 949 -33.98 -19.72 -2.79
N THR B 950 -33.20 -20.05 -1.77
CA THR B 950 -32.45 -21.29 -1.72
C THR B 950 -32.83 -22.05 -0.46
N THR B 951 -33.03 -23.35 -0.59
CA THR B 951 -33.51 -24.14 0.54
C THR B 951 -32.97 -25.55 0.44
N TYR B 952 -33.04 -26.26 1.56
CA TYR B 952 -32.64 -27.66 1.65
C TYR B 952 -33.79 -28.47 2.25
N TYR B 953 -33.87 -29.73 1.85
CA TYR B 953 -34.91 -30.63 2.32
C TYR B 953 -34.31 -31.66 3.28
N THR B 954 -35.03 -31.92 4.38
CA THR B 954 -34.52 -32.76 5.46
C THR B 954 -35.28 -34.07 5.61
N THR B 955 -36.27 -34.33 4.76
CA THR B 955 -37.04 -35.57 4.86
C THR B 955 -37.45 -35.99 3.45
N VAL B 956 -37.26 -37.28 3.14
CA VAL B 956 -37.58 -37.77 1.80
C VAL B 956 -39.08 -37.79 1.60
N SER B 957 -39.50 -37.71 0.34
CA SER B 957 -40.91 -37.79 -0.01
C SER B 957 -41.02 -38.03 -1.51
N ALA B 958 -41.84 -39.01 -1.88
CA ALA B 958 -42.07 -39.32 -3.29
C ALA B 958 -43.35 -38.59 -3.74
N GLY B 959 -43.19 -37.71 -4.72
CA GLY B 959 -44.31 -36.93 -5.21
C GLY B 959 -44.91 -36.00 -4.17
N GLY B 960 -44.17 -34.98 -3.77
CA GLY B 960 -44.65 -34.05 -2.78
C GLY B 960 -43.86 -32.77 -2.79
N PHE B 961 -43.95 -32.04 -1.67
CA PHE B 961 -43.20 -30.80 -1.44
C PHE B 961 -43.51 -29.75 -2.52
N THR B 962 -44.77 -29.32 -2.52
CA THR B 962 -45.20 -28.21 -3.36
C THR B 962 -44.97 -26.92 -2.61
N ALA B 963 -43.91 -26.20 -2.97
CA ALA B 963 -43.55 -24.97 -2.27
C ALA B 963 -44.56 -23.86 -2.57
N LYS B 964 -44.65 -22.91 -1.63
CA LYS B 964 -45.60 -21.82 -1.74
C LYS B 964 -44.90 -20.49 -1.53
N LEU B 965 -45.56 -19.41 -1.95
CA LEU B 965 -44.98 -18.08 -1.81
C LEU B 965 -46.10 -17.05 -1.81
N MET B 966 -45.95 -16.01 -0.99
CA MET B 966 -46.83 -14.85 -1.08
C MET B 966 -46.02 -13.58 -0.91
N VAL B 967 -46.32 -12.58 -1.74
CA VAL B 967 -45.63 -11.30 -1.73
C VAL B 967 -46.56 -10.26 -1.13
N PHE B 968 -46.06 -9.53 -0.14
CA PHE B 968 -46.77 -8.41 0.46
C PHE B 968 -46.13 -7.10 0.01
N GLY B 969 -46.91 -6.03 0.00
CA GLY B 969 -46.35 -4.75 -0.38
C GLY B 969 -45.88 -3.96 0.82
N GLU B 970 -44.60 -4.08 1.16
CA GLU B 970 -44.02 -3.41 2.31
C GLU B 970 -42.54 -3.22 2.05
N SER B 971 -41.95 -2.25 2.76
CA SER B 971 -40.54 -1.94 2.57
C SER B 971 -39.67 -2.79 3.50
N ALA B 972 -38.37 -2.81 3.20
CA ALA B 972 -37.44 -3.54 4.04
C ALA B 972 -37.26 -2.89 5.40
N THR B 973 -37.25 -1.55 5.43
CA THR B 973 -37.02 -0.84 6.69
C THR B 973 -38.22 -0.95 7.62
N ALA B 974 -39.43 -0.86 7.06
CA ALA B 974 -40.64 -0.90 7.87
C ALA B 974 -41.10 -2.31 8.21
N ALA B 975 -40.50 -3.33 7.59
CA ALA B 975 -41.00 -4.69 7.75
C ALA B 975 -41.05 -5.18 9.20
N PRO B 976 -40.00 -5.03 10.02
CA PRO B 976 -40.05 -5.66 11.35
C PRO B 976 -40.94 -4.96 12.36
N LEU B 977 -41.35 -3.72 12.10
CA LEU B 977 -42.20 -2.98 13.02
C LEU B 977 -43.69 -3.10 12.71
N LEU B 978 -44.05 -3.80 11.64
CA LEU B 978 -45.45 -3.89 11.25
C LEU B 978 -46.28 -4.61 12.31
N THR B 979 -45.76 -5.70 12.87
CA THR B 979 -46.50 -6.43 13.89
C THR B 979 -46.45 -5.71 15.23
N SER B 980 -45.30 -5.13 15.58
CA SER B 980 -45.17 -4.45 16.87
C SER B 980 -46.06 -3.22 16.94
N LEU B 981 -46.26 -2.53 15.81
CA LEU B 981 -47.09 -1.34 15.77
C LEU B 981 -48.57 -1.66 15.55
N SER B 982 -48.92 -2.94 15.47
CA SER B 982 -50.31 -3.38 15.31
C SER B 982 -50.93 -2.82 14.03
N VAL B 983 -50.13 -2.75 12.97
CA VAL B 983 -50.60 -2.36 11.65
C VAL B 983 -50.48 -3.57 10.75
N THR B 984 -51.54 -3.89 10.02
CA THR B 984 -51.59 -5.12 9.24
C THR B 984 -50.80 -4.96 7.95
N PRO B 985 -49.92 -5.90 7.61
CA PRO B 985 -49.26 -5.87 6.30
C PRO B 985 -50.28 -6.02 5.18
N SER B 986 -49.99 -5.40 4.05
CA SER B 986 -50.92 -5.36 2.93
C SER B 986 -50.49 -6.35 1.86
N GLN B 987 -51.39 -7.25 1.50
CA GLN B 987 -51.13 -8.28 0.51
C GLN B 987 -51.16 -7.72 -0.90
N LEU B 988 -50.59 -8.48 -1.83
CA LEU B 988 -50.61 -8.13 -3.24
C LEU B 988 -51.31 -9.15 -4.11
N LEU B 989 -51.15 -10.44 -3.79
CA LEU B 989 -51.85 -11.49 -4.52
C LEU B 989 -53.18 -11.82 -3.85
N ALA B 990 -54.10 -12.37 -4.64
CA ALA B 990 -55.40 -12.77 -4.10
C ALA B 990 -55.25 -13.94 -3.13
N ALA B 991 -54.35 -14.88 -3.44
CA ALA B 991 -54.12 -16.04 -2.60
C ALA B 991 -52.69 -16.51 -2.81
N VAL B 992 -52.23 -17.37 -1.89
CA VAL B 992 -50.88 -17.90 -1.98
C VAL B 992 -50.70 -18.64 -3.29
N HIS B 993 -49.51 -18.50 -3.87
CA HIS B 993 -49.19 -19.18 -5.12
C HIS B 993 -48.38 -20.44 -4.81
N SER B 994 -48.91 -21.59 -5.20
CA SER B 994 -48.21 -22.85 -5.03
C SER B 994 -47.40 -23.16 -6.28
N PHE B 995 -46.30 -23.87 -6.09
CA PHE B 995 -45.44 -24.22 -7.21
C PHE B 995 -46.20 -25.14 -8.17
N ALA B 996 -45.85 -25.03 -9.46
CA ALA B 996 -46.58 -25.76 -10.49
C ALA B 996 -46.50 -27.28 -10.28
N THR B 997 -45.29 -27.78 -10.05
CA THR B 997 -45.09 -29.22 -9.95
C THR B 997 -44.46 -29.58 -8.62
N PRO B 998 -44.94 -30.64 -7.97
CA PRO B 998 -44.31 -31.11 -6.74
C PRO B 998 -42.88 -31.57 -7.00
N MET B 999 -42.03 -31.40 -5.99
CA MET B 999 -40.62 -31.75 -6.07
C MET B 999 -40.38 -32.96 -5.18
N VAL B 1000 -40.04 -34.09 -5.78
CA VAL B 1000 -39.81 -35.32 -5.03
C VAL B 1000 -38.37 -35.34 -4.54
N VAL B 1001 -38.15 -36.01 -3.41
CA VAL B 1001 -36.85 -36.04 -2.75
C VAL B 1001 -36.50 -37.48 -2.44
N ALA B 1002 -35.27 -37.87 -2.74
CA ALA B 1002 -34.76 -39.19 -2.39
C ALA B 1002 -33.75 -39.07 -1.26
N ALA B 1003 -33.49 -40.20 -0.60
CA ALA B 1003 -32.54 -40.21 0.50
C ALA B 1003 -31.12 -40.03 -0.01
N ALA B 1004 -30.31 -39.31 0.77
CA ALA B 1004 -28.91 -39.14 0.43
C ALA B 1004 -28.16 -40.46 0.58
N VAL B 1005 -27.24 -40.72 -0.33
CA VAL B 1005 -26.52 -41.99 -0.35
C VAL B 1005 -25.34 -41.92 0.60
N VAL B 1006 -25.08 -43.04 1.27
CA VAL B 1006 -24.03 -43.13 2.28
C VAL B 1006 -23.18 -44.36 1.96
N ALA B 1007 -21.86 -44.20 2.06
CA ALA B 1007 -20.93 -45.29 1.78
C ALA B 1007 -19.90 -45.40 2.88
N VAL B 1008 -19.63 -46.63 3.31
CA VAL B 1008 -18.57 -46.92 4.29
C VAL B 1008 -17.25 -46.93 3.52
N GLU B 1009 -16.55 -45.80 3.54
CA GLU B 1009 -15.42 -45.61 2.64
C GLU B 1009 -14.07 -45.97 3.24
N SER B 1010 -14.00 -46.29 4.53
CA SER B 1010 -12.70 -46.55 5.13
C SER B 1010 -12.85 -47.34 6.43
N THR B 1011 -11.93 -48.27 6.65
CA THR B 1011 -11.81 -49.02 7.89
C THR B 1011 -10.36 -49.01 8.32
N THR B 1012 -10.11 -48.69 9.59
CA THR B 1012 -8.75 -48.55 10.10
C THR B 1012 -8.59 -49.38 11.38
N ILE B 1013 -7.44 -50.05 11.48
CA ILE B 1013 -7.08 -50.84 12.65
C ILE B 1013 -5.97 -50.10 13.39
N SER B 1014 -6.17 -49.83 14.67
CA SER B 1014 -5.22 -48.93 15.34
C SER B 1014 -3.85 -49.60 15.52
N PRO B 1015 -3.68 -50.66 16.38
CA PRO B 1015 -2.46 -51.46 16.24
C PRO B 1015 -2.68 -52.62 15.31
N ASN B 1016 -1.98 -52.68 14.18
CA ASN B 1016 -2.24 -53.72 13.20
C ASN B 1016 -0.94 -54.34 12.71
N TYR B 1017 -0.95 -55.67 12.55
CA TYR B 1017 0.18 -56.36 11.96
C TYR B 1017 0.39 -55.93 10.52
N ASN B 1018 -0.69 -55.81 9.76
CA ASN B 1018 -0.71 -55.27 8.41
C ASN B 1018 -2.02 -54.48 8.28
N PRO B 1019 -2.24 -53.74 7.19
CA PRO B 1019 -3.48 -52.95 7.06
C PRO B 1019 -4.78 -53.69 7.36
N THR B 1020 -4.76 -55.03 7.42
CA THR B 1020 -5.98 -55.79 7.60
C THR B 1020 -6.05 -56.61 8.89
N THR B 1021 -4.91 -57.03 9.46
CA THR B 1021 -5.03 -57.94 10.59
C THR B 1021 -4.57 -57.30 11.89
N PRO B 1022 -5.27 -57.55 12.99
CA PRO B 1022 -4.84 -57.04 14.29
C PRO B 1022 -3.95 -58.02 15.05
N TYR B 1023 -3.52 -57.64 16.25
CA TYR B 1023 -2.70 -58.50 17.08
C TYR B 1023 -3.59 -59.35 17.98
N THR B 1024 -2.96 -60.14 18.86
CA THR B 1024 -3.67 -61.03 19.77
C THR B 1024 -3.51 -60.56 21.20
N ASN B 1025 -4.61 -60.58 21.96
CA ASN B 1025 -4.63 -60.13 23.35
C ASN B 1025 -4.11 -58.71 23.48
N ILE B 1026 -4.48 -57.86 22.53
CA ILE B 1026 -4.11 -56.44 22.53
C ILE B 1026 -5.35 -55.65 22.16
N PRO B 1027 -5.75 -54.65 22.97
CA PRO B 1027 -6.97 -53.89 22.66
C PRO B 1027 -6.85 -53.17 21.32
N THR B 1028 -7.66 -53.61 20.36
CA THR B 1028 -7.56 -53.18 18.98
C THR B 1028 -8.79 -52.36 18.61
N TYR B 1029 -8.57 -51.20 17.99
CA TYR B 1029 -9.65 -50.25 17.76
C TYR B 1029 -9.96 -50.18 16.28
N PHE B 1030 -11.21 -50.44 15.93
CA PHE B 1030 -11.70 -50.40 14.56
C PHE B 1030 -12.39 -49.07 14.31
N THR B 1031 -11.87 -48.27 13.39
CA THR B 1031 -12.45 -46.98 13.07
C THR B 1031 -13.09 -47.06 11.68
N PHE B 1032 -14.39 -46.81 11.61
CA PHE B 1032 -15.14 -46.85 10.37
C PHE B 1032 -15.53 -45.44 9.97
N THR B 1033 -15.25 -45.09 8.71
CA THR B 1033 -15.50 -43.75 8.18
C THR B 1033 -16.65 -43.79 7.19
N LEU B 1034 -17.64 -42.93 7.42
CA LEU B 1034 -18.84 -42.86 6.61
C LEU B 1034 -18.85 -41.55 5.83
N LEU B 1035 -19.19 -41.64 4.55
CA LEU B 1035 -19.25 -40.49 3.66
C LEU B 1035 -20.66 -40.36 3.09
N ARG B 1036 -21.21 -39.15 3.10
CA ARG B 1036 -22.54 -38.87 2.60
C ARG B 1036 -22.42 -37.87 1.46
N ASP B 1037 -23.04 -38.20 0.32
CA ASP B 1037 -22.73 -37.46 -0.91
C ASP B 1037 -23.14 -36.00 -0.84
N PRO B 1038 -24.40 -35.65 -0.57
CA PRO B 1038 -24.71 -34.26 -0.26
C PRO B 1038 -24.46 -33.99 1.20
N PRO B 1039 -23.43 -33.21 1.54
CA PRO B 1039 -23.11 -33.00 2.94
C PRO B 1039 -24.22 -32.22 3.64
N VAL B 1040 -24.30 -32.41 4.95
CA VAL B 1040 -25.35 -31.73 5.72
C VAL B 1040 -25.16 -30.23 5.59
N PRO B 1041 -26.20 -29.47 5.30
CA PRO B 1041 -26.05 -28.03 5.05
C PRO B 1041 -25.56 -27.34 6.30
N PRO B 1042 -24.69 -26.33 6.15
CA PRO B 1042 -24.23 -25.58 7.33
C PRO B 1042 -25.35 -24.86 8.06
N SER B 1043 -26.48 -24.61 7.40
CA SER B 1043 -27.62 -23.96 8.03
C SER B 1043 -28.60 -24.96 8.63
N ALA B 1044 -28.17 -26.20 8.83
CA ALA B 1044 -29.04 -27.20 9.45
C ALA B 1044 -29.19 -26.92 10.94
N SER B 1045 -30.37 -27.23 11.46
CA SER B 1045 -30.60 -27.02 12.89
C SER B 1045 -29.86 -28.06 13.73
N SER B 1046 -29.51 -29.20 13.14
CA SER B 1046 -28.76 -30.22 13.85
C SER B 1046 -28.13 -31.15 12.82
N GLY B 1047 -27.14 -31.91 13.26
CA GLY B 1047 -26.50 -32.90 12.41
C GLY B 1047 -27.37 -34.11 12.23
N VAL B 1048 -26.88 -35.04 11.40
CA VAL B 1048 -27.58 -36.27 11.10
C VAL B 1048 -26.96 -37.40 11.89
N GLN B 1049 -27.77 -38.13 12.63
CA GLN B 1049 -27.27 -39.19 13.50
C GLN B 1049 -27.31 -40.54 12.80
N PHE B 1050 -26.24 -41.31 12.98
CA PHE B 1050 -26.15 -42.66 12.48
C PHE B 1050 -25.82 -43.61 13.62
N ALA B 1051 -26.13 -44.89 13.41
CA ALA B 1051 -25.81 -45.94 14.36
C ALA B 1051 -24.99 -46.99 13.65
N CYS B 1052 -23.79 -47.26 14.17
CA CYS B 1052 -22.91 -48.30 13.64
C CYS B 1052 -22.99 -49.52 14.55
N ALA B 1053 -23.30 -50.67 13.96
CA ALA B 1053 -23.37 -51.93 14.69
C ALA B 1053 -22.27 -52.85 14.18
N LEU B 1054 -21.49 -53.41 15.10
CA LEU B 1054 -20.37 -54.27 14.74
C LEU B 1054 -20.45 -55.57 15.53
N TYR B 1055 -20.29 -56.68 14.82
CA TYR B 1055 -20.10 -58.00 15.40
C TYR B 1055 -18.68 -58.44 15.06
N THR B 1056 -17.83 -58.55 16.08
CA THR B 1056 -16.40 -58.72 15.87
C THR B 1056 -16.02 -60.06 15.24
N GLY B 1057 -16.92 -61.05 15.28
CA GLY B 1057 -16.63 -62.36 14.76
C GLY B 1057 -16.18 -63.37 15.79
N GLN B 1058 -15.68 -62.89 16.93
CA GLN B 1058 -15.36 -63.74 18.08
C GLN B 1058 -16.64 -64.05 18.85
N ASN B 1059 -16.55 -65.02 19.75
CA ASN B 1059 -17.70 -65.48 20.51
C ASN B 1059 -17.36 -65.60 21.99
N VAL B 1060 -16.80 -64.53 22.56
CA VAL B 1060 -16.36 -64.58 23.95
C VAL B 1060 -17.43 -64.01 24.89
N ASN B 1061 -17.75 -62.74 24.73
CA ASN B 1061 -18.60 -62.07 25.72
C ASN B 1061 -20.08 -62.47 25.59
N PRO B 1062 -20.70 -62.32 24.41
CA PRO B 1062 -22.11 -62.75 24.30
C PRO B 1062 -22.28 -64.26 24.30
N ALA B 1063 -21.18 -65.02 24.19
CA ALA B 1063 -21.11 -66.47 24.32
C ALA B 1063 -21.82 -67.20 23.18
N SER B 1064 -22.44 -66.49 22.25
CA SER B 1064 -23.16 -67.12 21.16
C SER B 1064 -23.20 -66.18 19.96
N ALA B 1065 -22.81 -66.68 18.80
CA ALA B 1065 -22.89 -65.88 17.59
C ALA B 1065 -24.34 -65.49 17.32
N PRO B 1066 -24.57 -64.33 16.69
CA PRO B 1066 -25.96 -63.87 16.53
C PRO B 1066 -26.75 -64.72 15.56
N SER B 1067 -27.99 -64.33 15.30
CA SER B 1067 -28.84 -65.05 14.37
C SER B 1067 -28.43 -64.68 12.94
N ALA B 1068 -29.28 -65.02 11.97
CA ALA B 1068 -28.98 -64.74 10.58
C ALA B 1068 -28.65 -63.27 10.37
N ILE B 1069 -27.89 -62.98 9.31
CA ILE B 1069 -27.38 -61.64 9.07
C ILE B 1069 -28.50 -60.79 8.50
N THR B 1070 -29.20 -60.07 9.38
CA THR B 1070 -30.30 -59.20 8.98
C THR B 1070 -30.23 -57.92 9.79
N ASP B 1071 -31.07 -56.96 9.40
CA ASP B 1071 -31.23 -55.75 10.21
C ASP B 1071 -31.95 -56.05 11.51
N ALA B 1072 -32.87 -57.02 11.50
CA ALA B 1072 -33.73 -57.26 12.64
C ALA B 1072 -32.96 -57.72 13.88
N VAL B 1073 -31.77 -58.30 13.69
CA VAL B 1073 -31.00 -58.81 14.82
C VAL B 1073 -29.87 -57.85 15.18
N TYR B 1074 -29.38 -57.11 14.19
CA TYR B 1074 -28.27 -56.19 14.45
C TYR B 1074 -28.74 -54.91 15.13
N LYS B 1075 -29.99 -54.51 14.93
CA LYS B 1075 -30.53 -53.38 15.67
C LYS B 1075 -30.58 -53.65 17.17
N THR B 1076 -30.58 -54.93 17.56
CA THR B 1076 -30.72 -55.30 18.97
C THR B 1076 -29.46 -55.01 19.78
N PHE B 1077 -28.30 -54.98 19.13
CA PHE B 1077 -27.03 -54.81 19.84
C PHE B 1077 -27.09 -53.62 20.79
N THR B 1078 -26.47 -53.78 21.96
CA THR B 1078 -26.58 -52.80 23.02
C THR B 1078 -25.86 -51.51 22.66
N ASP B 1079 -26.32 -50.41 23.27
CA ASP B 1079 -25.70 -49.11 23.06
C ASP B 1079 -24.56 -48.95 24.06
N VAL B 1080 -23.34 -48.83 23.55
CA VAL B 1080 -22.15 -48.75 24.39
C VAL B 1080 -21.42 -47.45 24.10
N THR B 1081 -22.17 -46.39 23.76
CA THR B 1081 -21.56 -45.14 23.31
C THR B 1081 -20.68 -44.53 24.38
N THR B 1082 -21.17 -44.47 25.62
CA THR B 1082 -20.47 -43.81 26.72
C THR B 1082 -19.86 -44.80 27.70
N ALA B 1083 -19.42 -45.96 27.20
CA ALA B 1083 -18.76 -46.94 28.05
C ALA B 1083 -17.33 -46.53 28.35
N VAL B 1084 -16.83 -46.99 29.50
CA VAL B 1084 -15.46 -46.71 29.92
C VAL B 1084 -14.68 -48.01 29.90
N ALA B 1085 -13.40 -47.96 30.25
CA ALA B 1085 -12.59 -49.17 30.23
C ALA B 1085 -12.92 -50.12 31.38
N THR B 1086 -13.62 -49.65 32.41
CA THR B 1086 -13.82 -50.48 33.60
C THR B 1086 -14.97 -51.46 33.44
N ASP B 1087 -16.12 -51.02 32.93
CA ASP B 1087 -17.28 -51.89 32.88
C ASP B 1087 -17.08 -53.01 31.87
N ALA B 1088 -17.79 -54.12 32.09
CA ALA B 1088 -17.53 -55.36 31.36
C ALA B 1088 -17.87 -55.28 29.88
N ASN B 1089 -18.67 -54.31 29.47
CA ASN B 1089 -19.13 -54.23 28.09
C ASN B 1089 -18.20 -53.43 27.18
N TYR B 1090 -17.05 -52.98 27.68
CA TYR B 1090 -16.15 -52.21 26.84
C TYR B 1090 -15.63 -53.02 25.66
N PHE B 1091 -15.20 -54.25 25.90
CA PHE B 1091 -14.73 -55.14 24.85
C PHE B 1091 -15.79 -56.13 24.43
N ALA B 1092 -17.07 -55.79 24.62
CA ALA B 1092 -18.15 -56.66 24.21
C ALA B 1092 -18.11 -56.88 22.71
N ASP B 1093 -18.56 -58.06 22.29
CA ASP B 1093 -18.35 -58.51 20.92
C ASP B 1093 -19.47 -58.11 19.97
N GLN B 1094 -20.55 -57.54 20.48
CA GLN B 1094 -21.68 -57.10 19.66
C GLN B 1094 -22.04 -55.70 20.14
N GLN B 1095 -21.54 -54.68 19.45
CA GLN B 1095 -21.68 -53.31 19.93
C GLN B 1095 -22.46 -52.46 18.94
N LEU B 1096 -23.14 -51.45 19.48
CA LEU B 1096 -23.81 -50.42 18.69
C LEU B 1096 -23.44 -49.07 19.25
N ARG B 1097 -22.91 -48.19 18.39
CA ARG B 1097 -22.46 -46.87 18.80
C ARG B 1097 -23.13 -45.82 17.92
N VAL B 1098 -23.56 -44.73 18.55
CA VAL B 1098 -24.28 -43.65 17.86
C VAL B 1098 -23.31 -42.50 17.63
N VAL B 1099 -23.25 -42.02 16.38
CA VAL B 1099 -22.41 -40.89 16.02
C VAL B 1099 -23.26 -39.85 15.31
N THR B 1100 -22.78 -38.62 15.30
CA THR B 1100 -23.52 -37.50 14.72
C THR B 1100 -22.65 -36.75 13.72
N MET B 1101 -23.27 -36.33 12.62
CA MET B 1101 -22.65 -35.51 11.60
C MET B 1101 -23.06 -34.07 11.84
N ALA B 1102 -22.08 -33.21 12.14
CA ALA B 1102 -22.38 -31.82 12.44
C ALA B 1102 -22.57 -31.03 11.14
N PRO B 1103 -23.35 -29.95 11.18
CA PRO B 1103 -23.56 -29.15 9.97
C PRO B 1103 -22.24 -28.63 9.41
N GLY B 1104 -22.12 -28.67 8.08
CA GLY B 1104 -20.91 -28.34 7.38
C GLY B 1104 -20.03 -29.55 7.10
N THR B 1105 -20.13 -30.57 7.94
CA THR B 1105 -19.43 -31.85 7.76
C THR B 1105 -20.17 -32.71 6.76
N GLY B 1106 -19.93 -34.01 6.78
CA GLY B 1106 -20.29 -34.88 5.69
C GLY B 1106 -19.39 -36.09 5.62
N ARG B 1107 -18.37 -36.12 6.48
CA ARG B 1107 -17.62 -37.33 6.78
C ARG B 1107 -17.63 -37.53 8.28
N VAL B 1108 -17.95 -38.75 8.72
CA VAL B 1108 -18.03 -39.08 10.13
C VAL B 1108 -17.29 -40.40 10.36
N SER B 1109 -17.09 -40.74 11.63
CA SER B 1109 -16.42 -41.99 11.95
C SER B 1109 -16.87 -42.51 13.31
N CYS B 1110 -16.99 -43.84 13.43
CA CYS B 1110 -17.29 -44.49 14.68
C CYS B 1110 -16.18 -45.49 15.02
N THR B 1111 -15.81 -45.54 16.31
CA THR B 1111 -14.69 -46.35 16.77
C THR B 1111 -15.17 -47.42 17.74
N PHE B 1112 -14.77 -48.67 17.48
CA PHE B 1112 -15.12 -49.82 18.28
C PHE B 1112 -13.88 -50.40 18.94
N PRO B 1113 -13.80 -50.46 20.26
CA PRO B 1113 -12.72 -51.22 20.90
C PRO B 1113 -13.04 -52.69 20.93
N THR B 1114 -12.01 -53.50 20.68
CA THR B 1114 -12.15 -54.95 20.63
C THR B 1114 -10.94 -55.57 21.32
N LEU B 1115 -11.01 -56.88 21.57
CA LEU B 1115 -9.91 -57.60 22.18
C LEU B 1115 -10.05 -59.06 21.79
N TYR B 1116 -9.17 -59.53 20.90
CA TYR B 1116 -9.26 -60.86 20.33
C TYR B 1116 -8.37 -61.81 21.13
N ALA B 1117 -9.00 -62.78 21.82
CA ALA B 1117 -8.29 -63.62 22.77
C ALA B 1117 -7.58 -64.80 22.12
N ALA B 1118 -7.87 -65.12 20.86
CA ALA B 1118 -7.31 -66.30 20.23
C ALA B 1118 -6.75 -65.90 18.87
N ALA B 1119 -6.30 -66.90 18.11
CA ALA B 1119 -5.68 -66.67 16.81
C ALA B 1119 -6.47 -67.28 15.66
N GLY B 1120 -7.66 -67.81 15.92
CA GLY B 1120 -8.48 -68.39 14.89
C GLY B 1120 -8.94 -67.35 13.89
N PRO B 1121 -9.38 -67.79 12.72
CA PRO B 1121 -9.87 -66.83 11.72
C PRO B 1121 -11.18 -66.20 12.18
N PHE B 1122 -11.37 -64.94 11.80
CA PHE B 1122 -12.53 -64.17 12.22
C PHE B 1122 -13.12 -63.43 11.03
N SER B 1123 -14.43 -63.21 11.08
CA SER B 1123 -15.18 -62.53 10.02
C SER B 1123 -16.09 -61.48 10.65
N PRO B 1124 -15.57 -60.29 10.92
CA PRO B 1124 -16.40 -59.24 11.51
C PRO B 1124 -17.42 -58.71 10.50
N LYS B 1125 -18.57 -58.29 11.02
CA LYS B 1125 -19.65 -57.77 10.21
C LYS B 1125 -20.07 -56.40 10.73
N PHE B 1126 -20.46 -55.53 9.79
CA PHE B 1126 -20.73 -54.12 10.08
C PHE B 1126 -22.06 -53.73 9.49
N PHE B 1127 -22.72 -52.79 10.16
CA PHE B 1127 -24.04 -52.31 9.75
C PHE B 1127 -24.16 -50.82 10.06
N VAL B 1128 -24.78 -50.07 9.16
CA VAL B 1128 -25.05 -48.65 9.35
C VAL B 1128 -26.55 -48.44 9.28
N PHE B 1129 -27.10 -47.70 10.24
CA PHE B 1129 -28.51 -47.37 10.25
C PHE B 1129 -28.70 -45.89 10.48
N GLU B 1130 -29.77 -45.34 9.90
CA GLU B 1130 -30.15 -43.97 10.24
C GLU B 1130 -30.70 -43.94 11.66
N TYR B 1131 -30.41 -42.87 12.38
CA TYR B 1131 -30.79 -42.74 13.78
C TYR B 1131 -31.81 -41.63 13.93
N ALA B 1132 -33.04 -42.01 14.27
CA ALA B 1132 -34.08 -41.06 14.63
C ALA B 1132 -33.90 -40.64 16.07
N SER B 1133 -34.91 -40.01 16.66
CA SER B 1133 -34.81 -39.59 18.05
C SER B 1133 -34.76 -40.82 18.96
N SER B 1134 -33.56 -41.27 19.27
CA SER B 1134 -33.34 -42.42 20.15
C SER B 1134 -34.02 -43.68 19.62
N THR B 1135 -33.95 -43.88 18.31
CA THR B 1135 -34.53 -45.08 17.71
C THR B 1135 -33.78 -45.39 16.42
N VAL B 1136 -33.40 -46.65 16.25
CA VAL B 1136 -32.61 -47.07 15.10
C VAL B 1136 -33.54 -47.27 13.90
N GLY B 1137 -33.28 -46.55 12.82
CA GLY B 1137 -34.13 -46.60 11.65
C GLY B 1137 -33.78 -47.71 10.68
N ALA B 1138 -33.87 -47.42 9.39
CA ALA B 1138 -33.60 -48.41 8.36
C ALA B 1138 -32.10 -48.45 8.03
N ASN B 1139 -31.72 -49.41 7.21
CA ASN B 1139 -30.33 -49.55 6.81
C ASN B 1139 -29.88 -48.30 6.06
N ALA B 1140 -28.73 -47.75 6.47
CA ALA B 1140 -28.28 -46.47 5.93
C ALA B 1140 -27.79 -46.55 4.49
N LEU B 1141 -27.62 -47.75 3.94
CA LEU B 1141 -27.25 -47.90 2.54
C LEU B 1141 -28.47 -48.00 1.64
N ALA B 1142 -29.68 -47.96 2.21
CA ALA B 1142 -30.95 -47.70 1.53
C ALA B 1142 -31.42 -48.88 0.67
N VAL B 1143 -30.55 -49.87 0.46
CA VAL B 1143 -30.95 -51.15 -0.11
C VAL B 1143 -31.33 -52.07 1.04
N ALA B 1144 -31.84 -53.26 0.73
CA ALA B 1144 -32.24 -54.22 1.75
C ALA B 1144 -30.99 -54.68 2.51
N ASP B 1145 -31.14 -55.69 3.37
CA ASP B 1145 -30.22 -55.86 4.50
C ASP B 1145 -28.79 -56.16 4.03
N THR B 1146 -28.00 -55.11 3.92
CA THR B 1146 -26.63 -55.18 3.42
C THR B 1146 -25.65 -55.11 4.56
N VAL B 1147 -24.77 -56.09 4.62
CA VAL B 1147 -23.68 -56.09 5.59
C VAL B 1147 -22.43 -55.59 4.88
N THR B 1148 -21.45 -55.18 5.67
CA THR B 1148 -20.15 -54.74 5.17
C THR B 1148 -19.12 -55.74 5.69
N SER B 1149 -18.83 -56.76 4.89
CA SER B 1149 -17.98 -57.85 5.32
C SER B 1149 -16.52 -57.43 5.21
N LEU B 1150 -15.85 -57.32 6.36
CA LEU B 1150 -14.43 -57.04 6.36
C LEU B 1150 -13.65 -58.29 5.94
N THR B 1151 -12.40 -58.09 5.55
CA THR B 1151 -11.55 -59.20 5.15
C THR B 1151 -11.25 -60.08 6.36
N SER B 1152 -11.44 -61.39 6.20
CA SER B 1152 -11.13 -62.32 7.28
C SER B 1152 -9.63 -62.34 7.55
N PHE B 1153 -9.29 -62.53 8.82
CA PHE B 1153 -7.90 -62.39 9.24
C PHE B 1153 -7.57 -63.40 10.33
N THR B 1154 -6.28 -63.60 10.54
CA THR B 1154 -5.75 -64.38 11.65
C THR B 1154 -4.84 -63.48 12.46
N THR B 1155 -5.15 -63.33 13.75
CA THR B 1155 -4.37 -62.45 14.61
C THR B 1155 -2.98 -63.02 14.85
N GLN B 1156 -1.99 -62.13 14.89
CA GLN B 1156 -0.61 -62.51 15.09
C GLN B 1156 -0.19 -62.22 16.53
N ALA B 1157 1.09 -62.39 16.83
CA ALA B 1157 1.61 -62.17 18.17
C ALA B 1157 2.05 -60.72 18.32
N ALA B 1158 1.79 -60.16 19.49
CA ALA B 1158 2.10 -58.76 19.75
C ALA B 1158 3.60 -58.58 19.97
N PRO B 1159 4.24 -57.67 19.24
CA PRO B 1159 5.65 -57.36 19.53
C PRO B 1159 5.77 -56.56 20.81
N THR B 1160 6.97 -56.62 21.40
CA THR B 1160 7.21 -56.03 22.71
C THR B 1160 8.30 -54.95 22.66
N PHE B 1161 8.58 -54.40 21.49
CA PHE B 1161 9.56 -53.32 21.40
C PHE B 1161 8.98 -52.03 21.97
N ILE B 1162 9.87 -51.19 22.50
CA ILE B 1162 9.49 -49.95 23.16
C ILE B 1162 10.01 -48.78 22.34
N THR B 1163 9.13 -47.85 22.01
CA THR B 1163 9.50 -46.65 21.24
C THR B 1163 9.91 -45.55 22.20
N GLY B 1164 11.17 -45.13 22.10
CA GLY B 1164 11.68 -44.07 22.95
C GLY B 1164 13.15 -43.80 22.72
N PRO B 1165 13.70 -42.85 23.47
CA PRO B 1165 15.14 -42.56 23.35
C PRO B 1165 15.99 -43.52 24.15
N THR B 1166 17.30 -43.26 24.19
CA THR B 1166 18.20 -44.12 24.95
C THR B 1166 18.03 -43.90 26.44
N ASN B 1167 18.27 -44.97 27.21
CA ASN B 1167 18.27 -44.91 28.66
C ASN B 1167 19.70 -44.78 29.15
N VAL B 1168 20.00 -43.72 29.88
CA VAL B 1168 21.32 -43.55 30.46
C VAL B 1168 21.48 -44.62 31.54
N PRO B 1169 22.48 -45.50 31.42
CA PRO B 1169 22.60 -46.60 32.39
C PRO B 1169 22.84 -46.09 33.80
N GLN B 1170 22.26 -46.82 34.77
CA GLN B 1170 22.49 -46.51 36.16
C GLN B 1170 23.94 -46.84 36.53
N ARG B 1171 24.31 -46.57 37.78
CA ARG B 1171 25.69 -46.71 38.20
C ARG B 1171 26.09 -48.18 38.28
N VAL B 1172 27.15 -48.54 37.58
CA VAL B 1172 27.72 -49.88 37.62
C VAL B 1172 29.23 -49.76 37.72
N PRO B 1173 29.89 -50.78 38.24
CA PRO B 1173 31.36 -50.79 38.23
C PRO B 1173 31.87 -50.90 36.80
N LEU B 1174 32.81 -50.04 36.45
CA LEU B 1174 33.35 -49.96 35.10
C LEU B 1174 34.86 -49.88 35.16
N PRO B 1175 35.56 -50.38 34.14
CA PRO B 1175 37.01 -50.22 34.10
C PRO B 1175 37.39 -48.77 33.91
N LYS B 1176 38.57 -48.41 34.40
CA LYS B 1176 39.02 -47.03 34.30
C LYS B 1176 39.22 -46.64 32.85
N GLY B 1177 38.40 -45.71 32.37
CA GLY B 1177 38.39 -45.29 30.99
C GLY B 1177 37.10 -45.58 30.27
N PHE B 1178 36.29 -46.51 30.78
CA PHE B 1178 35.00 -46.80 30.17
C PHE B 1178 34.07 -45.60 30.34
N ARG B 1179 33.44 -45.19 29.25
CA ARG B 1179 32.51 -44.07 29.23
C ARG B 1179 31.12 -44.55 28.84
N THR B 1180 30.12 -44.02 29.53
CA THR B 1180 28.73 -44.27 29.17
C THR B 1180 28.00 -43.02 28.73
N THR B 1181 28.62 -41.84 28.84
CA THR B 1181 28.06 -40.59 28.37
C THR B 1181 29.18 -39.76 27.77
N CYS B 1182 28.88 -39.10 26.66
CA CYS B 1182 29.83 -38.21 26.00
C CYS B 1182 29.39 -36.76 26.17
N PHE B 1183 30.30 -35.84 25.87
CA PHE B 1183 30.02 -34.42 25.99
C PHE B 1183 29.32 -33.95 24.72
N ASP B 1184 29.20 -32.63 24.55
CA ASP B 1184 28.61 -32.08 23.35
C ASP B 1184 29.65 -31.98 22.25
N GLY B 1185 29.26 -32.37 21.04
CA GLY B 1185 30.19 -32.46 19.94
C GLY B 1185 30.92 -33.78 19.84
N TYR B 1186 30.61 -34.74 20.71
CA TYR B 1186 31.25 -36.04 20.72
C TYR B 1186 30.18 -37.13 20.64
N GLU B 1187 30.60 -38.33 20.25
CA GLU B 1187 29.69 -39.46 20.17
C GLU B 1187 30.34 -40.68 20.80
N LEU B 1188 29.51 -41.61 21.27
CA LEU B 1188 29.98 -42.81 21.94
C LEU B 1188 30.29 -43.89 20.91
N ILE B 1189 31.50 -44.45 21.00
CA ILE B 1189 31.94 -45.53 20.14
C ILE B 1189 32.45 -46.67 21.02
N PHE B 1190 32.57 -47.84 20.40
CA PHE B 1190 32.93 -49.08 21.10
C PHE B 1190 34.26 -49.59 20.53
N SER B 1191 35.35 -49.33 21.24
CA SER B 1191 36.65 -49.71 20.71
C SER B 1191 37.63 -49.89 21.86
N ASN B 1192 38.73 -50.58 21.56
CA ASN B 1192 39.77 -50.85 22.55
C ASN B 1192 41.04 -50.06 22.29
N ASP B 1193 41.03 -49.14 21.34
CA ASP B 1193 42.16 -48.26 21.12
C ASP B 1193 42.08 -47.09 22.09
N ASN B 1194 43.02 -46.15 21.97
CA ASN B 1194 43.06 -45.00 22.84
C ASN B 1194 42.47 -43.80 22.12
N TYR B 1195 41.50 -43.14 22.75
CA TYR B 1195 40.75 -42.03 22.16
C TYR B 1195 40.74 -40.88 23.17
N THR B 1196 41.69 -39.96 23.04
CA THR B 1196 41.77 -38.78 23.89
C THR B 1196 41.39 -37.55 23.07
N ASN B 1197 40.47 -36.74 23.62
CA ASN B 1197 39.98 -35.53 22.96
C ASN B 1197 39.33 -35.84 21.62
N GLY B 1198 38.77 -37.03 21.48
CA GLY B 1198 38.09 -37.43 20.27
C GLY B 1198 38.98 -37.82 19.12
N VAL B 1199 40.30 -37.84 19.33
CA VAL B 1199 41.25 -38.20 18.28
C VAL B 1199 42.04 -39.41 18.75
N ARG B 1200 42.14 -40.42 17.90
CA ARG B 1200 42.89 -41.61 18.24
C ARG B 1200 44.38 -41.27 18.36
N VAL B 1201 44.97 -41.63 19.49
CA VAL B 1201 46.39 -41.39 19.72
C VAL B 1201 47.20 -42.66 19.84
N ALA B 1202 46.57 -43.81 20.07
CA ALA B 1202 47.28 -45.07 20.17
C ALA B 1202 46.32 -46.21 19.85
N VAL B 1203 46.89 -47.35 19.50
CA VAL B 1203 46.13 -48.54 19.14
C VAL B 1203 46.31 -49.58 20.24
N ASP B 1204 45.20 -50.23 20.61
CA ASP B 1204 45.19 -51.31 21.59
C ASP B 1204 45.73 -50.86 22.94
N ALA B 1205 45.05 -49.87 23.52
CA ALA B 1205 45.38 -49.40 24.85
C ALA B 1205 44.63 -50.13 25.95
N TYR B 1206 43.65 -50.96 25.60
CA TYR B 1206 42.87 -51.72 26.57
C TYR B 1206 42.83 -53.18 26.17
N PRO B 1207 42.78 -54.09 27.15
CA PRO B 1207 42.64 -55.51 26.80
C PRO B 1207 41.35 -55.84 26.09
N TYR B 1208 40.28 -55.12 26.37
CA TYR B 1208 38.96 -55.39 25.82
C TYR B 1208 38.35 -54.09 25.35
N PRO B 1209 37.42 -54.15 24.40
CA PRO B 1209 36.78 -52.92 23.92
C PRO B 1209 36.01 -52.23 25.04
N VAL B 1210 36.12 -50.90 25.06
CA VAL B 1210 35.45 -50.06 26.03
C VAL B 1210 34.70 -48.96 25.28
N GLY B 1211 33.96 -48.15 26.05
CA GLY B 1211 33.25 -47.03 25.47
C GLY B 1211 34.12 -45.79 25.46
N GLN B 1212 34.25 -45.19 24.28
CA GLN B 1212 35.09 -44.02 24.10
C GLN B 1212 34.26 -42.90 23.49
N CYS B 1213 34.77 -41.68 23.61
CA CYS B 1213 34.13 -40.50 23.03
C CYS B 1213 34.96 -40.03 21.86
N ARG B 1214 34.35 -39.98 20.68
CA ARG B 1214 35.03 -39.59 19.45
C ARG B 1214 34.37 -38.33 18.89
N LYS B 1215 35.18 -37.41 18.37
CA LYS B 1215 34.69 -36.14 17.88
C LYS B 1215 33.68 -36.33 16.75
N CYS B 1216 32.65 -35.50 16.73
CA CYS B 1216 31.75 -35.47 15.59
C CYS B 1216 32.50 -34.94 14.37
N PRO B 1217 32.18 -35.45 13.18
CA PRO B 1217 32.85 -34.93 11.98
C PRO B 1217 32.33 -33.55 11.61
N GLY B 1218 33.12 -32.84 10.82
CA GLY B 1218 32.69 -31.57 10.29
C GLY B 1218 31.45 -31.72 9.43
N GLY B 1219 30.46 -30.86 9.65
CA GLY B 1219 29.18 -30.99 8.99
C GLY B 1219 28.07 -31.54 9.86
N THR B 1220 28.40 -32.10 11.01
CA THR B 1220 27.43 -32.64 11.94
C THR B 1220 27.62 -31.99 13.31
N ALA B 1221 26.59 -32.13 14.14
CA ALA B 1221 26.64 -31.56 15.48
C ALA B 1221 25.76 -32.42 16.38
N THR B 1222 26.00 -32.29 17.69
CA THR B 1222 25.25 -33.08 18.65
C THR B 1222 25.24 -32.38 20.00
N MET B 1223 24.24 -32.73 20.81
CA MET B 1223 24.13 -32.23 22.16
C MET B 1223 23.93 -33.33 23.19
N ASP B 1224 23.52 -34.53 22.77
CA ASP B 1224 23.33 -35.65 23.68
C ASP B 1224 24.55 -36.55 23.80
N GLY B 1225 25.38 -36.62 22.75
CA GLY B 1225 26.57 -37.42 22.78
C GLY B 1225 26.39 -38.86 22.35
N TYR B 1226 25.20 -39.24 21.89
CA TYR B 1226 24.94 -40.62 21.48
C TYR B 1226 24.86 -40.78 19.97
N ARG B 1227 24.91 -39.69 19.22
CA ARG B 1227 24.91 -39.74 17.76
C ARG B 1227 25.48 -38.43 17.25
N CYS B 1228 25.92 -38.44 15.99
CA CYS B 1228 26.37 -37.24 15.30
C CYS B 1228 25.33 -36.89 14.26
N ILE B 1229 24.47 -35.92 14.57
CA ILE B 1229 23.36 -35.53 13.70
C ILE B 1229 23.85 -34.59 12.62
N PRO B 1230 23.64 -34.90 11.34
CA PRO B 1230 24.04 -33.97 10.29
C PRO B 1230 23.19 -32.71 10.33
N CYS B 1231 23.80 -31.61 9.92
CA CYS B 1231 23.13 -30.32 10.00
C CYS B 1231 21.97 -30.26 9.00
N PRO B 1232 20.89 -29.56 9.36
CA PRO B 1232 19.80 -29.35 8.41
C PRO B 1232 20.25 -28.41 7.29
N SER B 1233 19.49 -28.42 6.20
CA SER B 1233 19.82 -27.58 5.06
C SER B 1233 19.76 -26.11 5.46
N GLY B 1234 20.73 -25.34 5.00
CA GLY B 1234 20.88 -23.96 5.42
C GLY B 1234 21.83 -23.76 6.57
N TYR B 1235 22.50 -24.81 7.05
CA TYR B 1235 23.40 -24.72 8.18
C TYR B 1235 24.73 -25.37 7.82
N TRP B 1236 25.74 -25.07 8.62
CA TRP B 1236 27.07 -25.67 8.49
C TRP B 1236 27.71 -25.72 9.86
N SER B 1237 28.76 -26.53 9.99
CA SER B 1237 29.48 -26.62 11.25
C SER B 1237 30.86 -27.22 11.00
N ASN B 1238 31.77 -26.95 11.94
CA ASN B 1238 33.09 -27.55 11.93
C ASN B 1238 33.07 -28.83 12.75
N GLU B 1239 34.25 -29.38 13.06
CA GLU B 1239 34.32 -30.74 13.58
C GLU B 1239 33.63 -30.91 14.93
N GLY B 1240 34.16 -30.29 15.99
CA GLY B 1240 33.65 -30.56 17.32
C GLY B 1240 32.47 -29.71 17.71
N ALA B 1241 31.65 -29.32 16.74
CA ALA B 1241 30.56 -28.40 16.99
C ALA B 1241 29.44 -29.08 17.76
N ARG B 1242 28.84 -28.35 18.70
CA ARG B 1242 27.68 -28.82 19.43
C ARG B 1242 26.37 -28.25 18.90
N GLU B 1243 26.44 -27.37 17.90
CA GLU B 1243 25.25 -26.90 17.19
C GLU B 1243 25.70 -26.23 15.91
N CYS B 1244 24.91 -26.40 14.86
CA CYS B 1244 25.24 -25.82 13.56
C CYS B 1244 24.96 -24.33 13.54
N THR B 1245 25.62 -23.64 12.62
CA THR B 1245 25.43 -22.21 12.41
C THR B 1245 24.83 -21.98 11.03
N ALA B 1246 24.11 -20.87 10.89
CA ALA B 1246 23.31 -20.60 9.70
C ALA B 1246 24.10 -19.76 8.70
N CYS B 1247 24.05 -20.16 7.43
CA CYS B 1247 24.67 -19.37 6.38
C CYS B 1247 23.94 -18.03 6.25
N PRO B 1248 24.66 -16.93 6.08
CA PRO B 1248 24.01 -15.61 6.12
C PRO B 1248 23.12 -15.40 4.91
N ALA B 1249 22.27 -14.38 5.01
CA ALA B 1249 21.33 -14.07 3.95
C ALA B 1249 22.06 -13.72 2.66
N GLY B 1250 21.55 -14.21 1.55
CA GLY B 1250 22.19 -14.06 0.26
C GLY B 1250 22.99 -15.27 -0.19
N THR B 1251 23.26 -16.20 0.72
CA THR B 1251 24.02 -17.41 0.40
C THR B 1251 23.26 -18.63 0.90
N ILE B 1252 23.39 -19.73 0.16
CA ILE B 1252 22.78 -20.99 0.55
C ILE B 1252 23.88 -22.01 0.79
N ALA B 1253 23.61 -22.96 1.67
CA ALA B 1253 24.60 -23.95 2.08
C ALA B 1253 24.51 -25.15 1.17
N LYS B 1254 25.59 -25.40 0.41
CA LYS B 1254 25.66 -26.57 -0.45
C LYS B 1254 26.56 -27.59 0.20
N PRO B 1255 26.04 -28.72 0.69
CA PRO B 1255 26.91 -29.72 1.31
C PRO B 1255 27.85 -30.34 0.29
N ALA B 1256 29.04 -30.71 0.75
CA ALA B 1256 30.03 -31.33 -0.10
C ALA B 1256 29.75 -32.82 -0.24
N ALA B 1257 30.02 -33.36 -1.41
CA ALA B 1257 29.73 -34.76 -1.70
C ALA B 1257 30.79 -35.67 -1.09
N LEU B 1258 30.34 -36.66 -0.33
CA LEU B 1258 31.25 -37.63 0.28
C LEU B 1258 31.47 -38.81 -0.65
N THR B 1259 32.62 -39.45 -0.50
CA THR B 1259 32.90 -40.73 -1.13
C THR B 1259 32.98 -41.80 -0.05
N ALA B 1260 32.15 -42.83 -0.18
CA ALA B 1260 32.11 -43.88 0.83
C ALA B 1260 33.44 -44.63 0.85
N ARG B 1261 33.75 -45.18 2.02
CA ARG B 1261 35.04 -45.84 2.19
C ARG B 1261 35.15 -47.06 1.28
N ALA B 1262 36.36 -47.29 0.77
CA ALA B 1262 36.56 -48.33 -0.22
C ALA B 1262 36.42 -49.72 0.39
N LYS B 1263 37.05 -49.95 1.54
CA LYS B 1263 37.02 -51.23 2.20
C LYS B 1263 36.52 -51.07 3.63
N TYR B 1264 36.26 -52.20 4.27
CA TYR B 1264 35.78 -52.23 5.65
C TYR B 1264 36.92 -52.25 6.65
N SER B 1265 38.17 -52.12 6.19
CA SER B 1265 39.33 -51.98 7.05
C SER B 1265 39.87 -50.56 7.03
N ILE B 1266 38.99 -49.58 6.82
CA ILE B 1266 39.35 -48.18 6.71
C ILE B 1266 38.46 -47.37 7.63
N ASP B 1267 39.04 -46.41 8.33
CA ASP B 1267 38.29 -45.56 9.25
C ASP B 1267 37.22 -44.79 8.49
N PRO B 1268 35.94 -44.87 8.90
CA PRO B 1268 34.90 -44.12 8.23
C PRO B 1268 34.74 -42.72 8.79
N THR B 1269 34.04 -41.88 8.03
CA THR B 1269 33.74 -40.52 8.45
C THR B 1269 32.42 -40.44 9.22
N THR B 1270 31.36 -41.02 8.65
CA THR B 1270 30.06 -41.04 9.29
C THR B 1270 29.36 -42.34 8.91
N TYR B 1271 28.05 -42.40 9.15
CA TYR B 1271 27.28 -43.58 8.88
C TYR B 1271 27.09 -43.79 7.38
N HIS B 1272 26.72 -45.01 7.01
CA HIS B 1272 26.71 -45.40 5.61
C HIS B 1272 25.62 -44.70 4.80
N PHE B 1273 24.56 -44.21 5.45
CA PHE B 1273 23.49 -43.56 4.73
C PHE B 1273 23.73 -42.08 4.51
N VAL B 1274 24.78 -41.52 5.08
CA VAL B 1274 25.09 -40.09 4.91
C VAL B 1274 26.05 -39.95 3.75
N THR B 1275 25.64 -39.19 2.73
CA THR B 1275 26.44 -39.04 1.53
C THR B 1275 26.83 -37.61 1.22
N HIS B 1276 26.22 -36.61 1.87
CA HIS B 1276 26.61 -35.22 1.71
C HIS B 1276 26.73 -34.57 3.07
N LEU B 1277 27.78 -33.77 3.25
CA LEU B 1277 28.02 -33.07 4.50
C LEU B 1277 28.36 -31.62 4.20
N ALA B 1278 27.90 -30.72 5.07
CA ALA B 1278 28.11 -29.29 4.91
C ALA B 1278 29.23 -28.89 5.86
N MET B 1279 30.44 -28.75 5.32
CA MET B 1279 31.63 -28.48 6.12
C MET B 1279 31.67 -27.01 6.51
N GLY B 1280 32.83 -26.51 6.93
CA GLY B 1280 32.93 -25.17 7.48
C GLY B 1280 32.48 -24.08 6.54
N PRO B 1281 32.67 -22.82 6.95
CA PRO B 1281 31.97 -21.70 6.28
C PRO B 1281 32.16 -21.63 4.77
N GLU B 1282 33.02 -22.46 4.18
CA GLU B 1282 33.18 -22.48 2.74
C GLU B 1282 31.99 -23.09 2.02
N SER B 1283 31.03 -23.67 2.74
CA SER B 1283 29.89 -24.30 2.11
C SER B 1283 28.75 -23.33 1.82
N CYS B 1284 28.86 -22.08 2.27
CA CYS B 1284 27.89 -21.05 1.92
C CYS B 1284 28.29 -20.45 0.58
N LYS B 1285 27.47 -20.69 -0.45
CA LYS B 1285 27.71 -20.16 -1.78
C LYS B 1285 26.70 -19.07 -2.10
N LYS B 1286 27.18 -18.01 -2.74
CA LYS B 1286 26.33 -16.89 -3.10
C LYS B 1286 25.34 -17.30 -4.19
N CYS B 1287 24.13 -16.76 -4.10
CA CYS B 1287 23.17 -16.96 -5.18
C CYS B 1287 23.66 -16.22 -6.43
N PRO B 1288 23.32 -16.71 -7.62
CA PRO B 1288 23.77 -16.04 -8.84
C PRO B 1288 23.07 -14.72 -9.08
N LYS B 1289 23.42 -14.04 -10.18
CA LYS B 1289 22.71 -12.83 -10.58
C LYS B 1289 21.33 -13.19 -11.11
N GLY B 1290 20.31 -12.46 -10.66
CA GLY B 1290 18.95 -12.75 -11.02
C GLY B 1290 18.19 -13.57 -10.00
N TYR B 1291 18.89 -14.19 -9.06
CA TYR B 1291 18.28 -14.89 -7.93
C TYR B 1291 18.55 -14.09 -6.67
N PHE B 1292 17.73 -14.34 -5.64
CA PHE B 1292 17.91 -13.69 -4.36
C PHE B 1292 17.44 -14.61 -3.26
N GLN B 1293 17.94 -14.36 -2.05
CA GLN B 1293 17.53 -15.13 -0.88
C GLN B 1293 17.59 -14.29 0.37
N PRO B 1294 16.46 -13.89 0.95
CA PRO B 1294 16.47 -12.96 2.08
C PRO B 1294 16.64 -13.59 3.45
N ASN B 1295 16.23 -14.85 3.61
CA ASN B 1295 16.19 -15.45 4.93
C ASN B 1295 17.58 -15.75 5.46
N ILE B 1296 17.69 -15.83 6.80
CA ILE B 1296 18.98 -15.99 7.46
C ILE B 1296 19.43 -17.44 7.54
N ALA B 1297 18.54 -18.41 7.31
CA ALA B 1297 18.92 -19.79 7.12
C ALA B 1297 18.22 -20.23 5.84
N GLY B 1298 18.86 -19.95 4.71
CA GLY B 1298 18.23 -20.13 3.43
C GLY B 1298 18.54 -21.48 2.83
N THR B 1299 17.63 -21.95 2.00
CA THR B 1299 17.75 -23.28 1.41
C THR B 1299 17.80 -23.26 -0.11
N VAL B 1300 17.04 -22.37 -0.74
CA VAL B 1300 17.03 -22.28 -2.20
C VAL B 1300 17.14 -20.81 -2.58
N CYS B 1301 17.67 -20.57 -3.77
CA CYS B 1301 17.74 -19.22 -4.34
C CYS B 1301 16.46 -18.97 -5.14
N LEU B 1302 15.77 -17.91 -4.80
CA LEU B 1302 14.53 -17.60 -5.51
C LEU B 1302 14.81 -16.71 -6.70
N PRO B 1303 14.31 -17.03 -7.89
CA PRO B 1303 14.48 -16.12 -9.03
C PRO B 1303 13.80 -14.79 -8.76
N CYS B 1304 14.37 -13.74 -9.33
CA CYS B 1304 13.84 -12.41 -9.12
C CYS B 1304 12.41 -12.32 -9.67
N PRO B 1305 11.54 -11.55 -9.02
CA PRO B 1305 10.19 -11.38 -9.54
C PRO B 1305 10.23 -10.70 -10.91
N SER B 1306 9.15 -10.93 -11.67
CA SER B 1306 9.10 -10.44 -13.05
C SER B 1306 9.23 -8.92 -13.09
N GLY B 1307 10.35 -8.44 -13.61
CA GLY B 1307 10.61 -7.02 -13.70
C GLY B 1307 11.60 -6.48 -12.69
N PHE B 1308 12.34 -7.33 -12.00
CA PHE B 1308 13.29 -6.91 -10.98
C PHE B 1308 14.66 -7.50 -11.28
N VAL B 1309 15.70 -6.83 -10.77
CA VAL B 1309 17.08 -7.21 -11.01
C VAL B 1309 17.81 -7.27 -9.67
N SER B 1310 18.96 -7.94 -9.67
CA SER B 1310 19.72 -8.13 -8.45
C SER B 1310 21.20 -8.34 -8.77
N THR B 1311 22.03 -8.14 -7.75
CA THR B 1311 23.47 -8.35 -7.84
C THR B 1311 23.81 -9.78 -7.41
N SER B 1312 25.10 -10.05 -7.18
CA SER B 1312 25.53 -11.38 -6.78
C SER B 1312 25.04 -11.72 -5.37
N GLY B 1313 25.24 -10.82 -4.41
CA GLY B 1313 24.80 -11.07 -3.05
C GLY B 1313 23.30 -11.29 -2.97
N ALA B 1314 22.54 -10.26 -3.31
CA ALA B 1314 21.11 -10.36 -3.58
C ALA B 1314 20.33 -10.89 -2.38
N THR B 1315 20.33 -10.08 -1.32
CA THR B 1315 19.34 -10.24 -0.27
C THR B 1315 18.01 -9.59 -0.63
N GLY B 1316 17.93 -8.95 -1.80
CA GLY B 1316 16.72 -8.29 -2.26
C GLY B 1316 16.88 -7.90 -3.70
N CYS B 1317 15.79 -7.39 -4.27
CA CYS B 1317 15.74 -7.04 -5.67
C CYS B 1317 15.43 -5.56 -5.84
N THR B 1318 15.66 -5.05 -7.05
CA THR B 1318 15.31 -3.69 -7.43
C THR B 1318 14.58 -3.71 -8.76
N ALA B 1319 13.65 -2.76 -8.92
CA ALA B 1319 12.78 -2.74 -10.08
C ALA B 1319 13.38 -1.89 -11.20
N CYS B 1320 13.17 -2.35 -12.43
CA CYS B 1320 13.58 -1.57 -13.59
C CYS B 1320 12.83 -0.24 -13.62
N SER B 1321 13.55 0.85 -13.86
CA SER B 1321 12.95 2.18 -13.78
C SER B 1321 12.07 2.45 -15.00
N GLU B 1322 11.42 3.61 -14.99
CA GLU B 1322 10.56 4.01 -16.09
C GLU B 1322 11.37 4.17 -17.37
N GLY B 1323 10.77 3.80 -18.49
CA GLY B 1323 11.46 3.82 -19.76
C GLY B 1323 12.36 2.63 -20.00
N THR B 1324 12.41 1.69 -19.07
CA THR B 1324 13.22 0.48 -19.20
C THR B 1324 12.39 -0.73 -18.84
N TYR B 1325 12.64 -1.83 -19.53
CA TYR B 1325 11.94 -3.08 -19.31
C TYR B 1325 12.95 -4.19 -19.05
N HIS B 1326 12.53 -5.18 -18.27
CA HIS B 1326 13.44 -6.23 -17.81
C HIS B 1326 13.57 -7.30 -18.88
N THR B 1327 14.81 -7.53 -19.32
CA THR B 1327 15.12 -8.55 -20.32
C THR B 1327 16.62 -8.82 -20.25
N ASP B 1328 17.14 -9.53 -21.26
CA ASP B 1328 18.55 -9.88 -21.28
C ASP B 1328 19.35 -8.81 -22.03
N GLY B 1329 20.40 -8.32 -21.39
CA GLY B 1329 21.31 -7.36 -22.00
C GLY B 1329 22.54 -8.00 -22.59
N VAL B 1330 22.38 -8.84 -23.60
CA VAL B 1330 23.52 -9.56 -24.15
C VAL B 1330 24.46 -8.61 -24.88
N GLY B 1331 23.90 -7.72 -25.70
CA GLY B 1331 24.69 -6.78 -26.47
C GLY B 1331 24.87 -5.41 -25.86
N THR B 1332 24.43 -5.20 -24.61
CA THR B 1332 24.48 -3.89 -24.01
C THR B 1332 25.88 -3.60 -23.46
N THR B 1333 26.03 -2.43 -22.82
CA THR B 1333 27.33 -2.02 -22.32
C THR B 1333 27.73 -2.81 -21.07
N THR B 1334 26.78 -3.04 -20.16
CA THR B 1334 27.04 -3.74 -18.91
C THR B 1334 26.04 -4.88 -18.76
N PRO B 1335 26.30 -6.02 -19.39
CA PRO B 1335 25.44 -7.18 -19.18
C PRO B 1335 25.40 -7.58 -17.72
N GLY B 1336 24.22 -7.95 -17.25
CA GLY B 1336 24.03 -8.26 -15.84
C GLY B 1336 23.77 -9.72 -15.54
N GLU B 1337 23.81 -10.57 -16.56
CA GLU B 1337 23.54 -11.98 -16.37
C GLU B 1337 24.69 -12.66 -15.64
N ALA B 1338 24.36 -13.75 -14.94
CA ALA B 1338 25.38 -14.53 -14.26
C ALA B 1338 26.24 -15.27 -15.26
N THR B 1339 27.46 -15.57 -14.86
CA THR B 1339 28.41 -16.26 -15.73
C THR B 1339 28.27 -17.77 -15.57
N SER B 1340 29.04 -18.52 -16.37
CA SER B 1340 29.05 -19.97 -16.24
C SER B 1340 29.65 -20.39 -14.91
N LEU B 1341 30.67 -19.66 -14.44
CA LEU B 1341 31.31 -19.99 -13.18
C LEU B 1341 30.34 -19.88 -12.01
N ASP B 1342 29.52 -18.83 -11.99
CA ASP B 1342 28.67 -18.59 -10.84
C ASP B 1342 27.54 -19.61 -10.73
N THR B 1343 27.06 -20.13 -11.86
CA THR B 1343 25.92 -21.04 -11.85
C THR B 1343 26.34 -22.50 -12.01
N THR B 1344 26.98 -22.84 -13.13
CA THR B 1344 27.17 -24.25 -13.46
C THR B 1344 28.33 -24.86 -12.70
N ASP B 1345 29.41 -24.11 -12.50
CA ASP B 1345 30.56 -24.62 -11.76
C ASP B 1345 30.35 -24.62 -10.26
N THR B 1346 29.31 -23.95 -9.76
CA THR B 1346 29.04 -23.85 -8.34
C THR B 1346 27.86 -24.70 -7.90
N PHE B 1347 26.70 -24.56 -8.56
CA PHE B 1347 25.49 -25.24 -8.14
C PHE B 1347 25.12 -26.43 -9.02
N GLY B 1348 25.69 -26.55 -10.21
CA GLY B 1348 25.28 -27.59 -11.14
C GLY B 1348 24.19 -27.10 -12.07
N SER B 1349 23.26 -27.99 -12.41
CA SER B 1349 22.17 -27.66 -13.31
C SER B 1349 20.93 -27.14 -12.57
N ILE B 1350 21.02 -26.97 -11.26
CA ILE B 1350 19.85 -26.57 -10.49
C ILE B 1350 19.47 -25.12 -10.78
N TYR B 1351 20.44 -24.22 -10.82
CA TYR B 1351 20.19 -22.80 -11.06
C TYR B 1351 20.83 -22.37 -12.36
N PRO B 1352 20.07 -22.22 -13.43
CA PRO B 1352 20.64 -21.79 -14.71
C PRO B 1352 20.73 -20.28 -14.79
N ILE B 1353 21.25 -19.79 -15.91
CA ILE B 1353 21.44 -18.36 -16.12
C ILE B 1353 20.15 -17.74 -16.61
N ILE B 1354 19.74 -16.65 -15.97
CA ILE B 1354 18.46 -16.01 -16.27
C ILE B 1354 18.69 -14.52 -16.54
N PRO B 1355 17.83 -13.87 -17.33
CA PRO B 1355 18.06 -12.45 -17.68
C PRO B 1355 17.65 -11.52 -16.55
N ASN B 1356 18.55 -10.61 -16.17
CA ASN B 1356 18.27 -9.61 -15.16
C ASN B 1356 18.86 -8.26 -15.53
N THR B 1357 18.66 -7.84 -16.79
CA THR B 1357 19.07 -6.51 -17.21
C THR B 1357 17.84 -5.64 -17.47
N CYS B 1358 18.04 -4.33 -17.41
CA CYS B 1358 17.02 -3.36 -17.77
C CYS B 1358 17.43 -2.70 -19.08
N ARG B 1359 16.60 -2.83 -20.11
CA ARG B 1359 16.87 -2.30 -21.43
C ARG B 1359 15.95 -1.12 -21.73
N GLN B 1360 16.47 -0.17 -22.51
CA GLN B 1360 15.73 1.05 -22.82
C GLN B 1360 14.66 0.79 -23.88
N CYS B 1361 13.56 1.55 -23.78
CA CYS B 1361 12.52 1.48 -24.78
C CYS B 1361 13.01 2.08 -26.10
N PRO B 1362 12.51 1.57 -27.23
CA PRO B 1362 12.93 2.12 -28.52
C PRO B 1362 12.34 3.51 -28.76
N ALA B 1363 12.74 4.13 -29.86
CA ALA B 1363 12.23 5.47 -30.18
C ALA B 1363 10.74 5.41 -30.48
N ASN B 1364 10.05 6.50 -30.13
CA ASN B 1364 8.61 6.66 -30.34
C ASN B 1364 7.79 5.65 -29.56
N THR B 1365 8.34 5.11 -28.47
CA THR B 1365 7.60 4.28 -27.54
C THR B 1365 7.97 4.69 -26.13
N TYR B 1366 6.99 4.61 -25.23
CA TYR B 1366 7.17 5.05 -23.85
C TYR B 1366 6.68 3.98 -22.89
N LEU B 1367 7.24 3.99 -21.69
CA LEU B 1367 6.87 3.05 -20.63
C LEU B 1367 6.74 3.80 -19.32
N PRO B 1368 5.53 4.01 -18.81
CA PRO B 1368 5.33 4.85 -17.63
C PRO B 1368 5.41 4.13 -16.29
N LEU B 1369 5.46 2.81 -16.25
CA LEU B 1369 5.46 2.06 -15.00
C LEU B 1369 6.84 1.49 -14.72
N ARG B 1370 7.05 1.11 -13.46
CA ARG B 1370 8.28 0.48 -13.02
C ARG B 1370 8.11 -1.03 -12.95
N GLY B 1371 9.19 -1.75 -13.23
CA GLY B 1371 9.17 -3.20 -13.12
C GLY B 1371 8.33 -3.88 -14.17
N GLN B 1372 8.74 -3.77 -15.43
CA GLN B 1372 8.06 -4.43 -16.53
C GLN B 1372 9.06 -5.32 -17.26
N ALA B 1373 8.56 -6.43 -17.80
CA ALA B 1373 9.41 -7.44 -18.41
C ALA B 1373 8.89 -7.80 -19.79
N ALA B 1374 9.82 -8.15 -20.68
CA ALA B 1374 9.43 -8.69 -21.97
C ALA B 1374 8.78 -10.05 -21.78
N ILE B 1375 7.52 -10.17 -22.16
CA ILE B 1375 6.77 -11.39 -21.91
C ILE B 1375 7.27 -12.48 -22.87
N ALA B 1376 7.61 -13.63 -22.32
CA ALA B 1376 8.28 -14.65 -23.09
C ALA B 1376 7.29 -15.53 -23.84
N SER B 1377 7.80 -16.22 -24.85
CA SER B 1377 7.06 -17.24 -25.58
C SER B 1377 7.92 -18.47 -25.67
N MET B 1378 7.37 -19.62 -25.25
CA MET B 1378 8.13 -20.87 -25.28
C MET B 1378 8.00 -21.59 -26.61
N ASN B 1379 6.91 -21.40 -27.32
CA ASN B 1379 6.69 -21.99 -28.63
C ASN B 1379 6.83 -20.87 -29.65
N LEU B 1380 8.07 -20.64 -30.10
CA LEU B 1380 8.39 -19.44 -30.85
C LEU B 1380 7.78 -19.44 -32.26
N ALA B 1381 7.33 -20.59 -32.75
CA ALA B 1381 6.78 -20.63 -34.11
C ALA B 1381 5.44 -19.91 -34.18
N ALA B 1382 4.55 -20.18 -33.23
CA ALA B 1382 3.21 -19.60 -33.28
C ALA B 1382 3.19 -18.17 -32.74
N VAL B 1383 3.74 -17.96 -31.55
CA VAL B 1383 3.73 -16.66 -30.90
C VAL B 1383 5.17 -16.24 -30.60
N SER B 1384 5.48 -14.98 -30.87
CA SER B 1384 6.80 -14.43 -30.62
C SER B 1384 6.80 -13.63 -29.32
N SER B 1385 7.96 -13.53 -28.69
CA SER B 1385 8.09 -12.79 -27.45
C SER B 1385 7.79 -11.31 -27.69
N ALA B 1386 7.17 -10.68 -26.70
CA ALA B 1386 6.69 -9.31 -26.84
C ALA B 1386 7.19 -8.47 -25.67
N THR B 1387 7.59 -7.24 -25.98
CA THR B 1387 7.98 -6.28 -24.97
C THR B 1387 6.82 -5.33 -24.67
N PRO B 1388 6.62 -4.94 -23.41
CA PRO B 1388 5.47 -4.11 -23.04
C PRO B 1388 5.73 -2.62 -23.20
N CYS B 1389 6.23 -2.23 -24.38
CA CYS B 1389 6.55 -0.84 -24.66
C CYS B 1389 5.37 -0.23 -25.43
N ARG B 1390 4.65 0.67 -24.77
CA ARG B 1390 3.48 1.27 -25.38
C ARG B 1390 3.89 2.27 -26.45
N PRO B 1391 3.17 2.34 -27.57
CA PRO B 1391 3.50 3.33 -28.59
C PRO B 1391 2.92 4.69 -28.25
N CYS B 1392 3.59 5.73 -28.74
CA CYS B 1392 3.12 7.08 -28.50
C CYS B 1392 1.90 7.37 -29.36
N GLU B 1393 0.96 8.13 -28.82
CA GLU B 1393 -0.25 8.47 -29.55
C GLU B 1393 0.08 9.38 -30.73
N ASP B 1394 -0.87 9.51 -31.64
CA ASP B 1394 -0.67 10.38 -32.79
C ASP B 1394 -0.56 11.82 -32.33
N GLY B 1395 0.45 12.52 -32.84
CA GLY B 1395 0.78 13.84 -32.36
C GLY B 1395 1.84 13.90 -31.29
N THR B 1396 2.53 12.79 -31.01
CA THR B 1396 3.53 12.73 -29.97
C THR B 1396 4.67 11.83 -30.42
N TRP B 1397 5.91 12.21 -30.08
CA TRP B 1397 7.07 11.53 -30.64
C TRP B 1397 7.91 10.78 -29.61
N SER B 1398 8.43 11.44 -28.57
CA SER B 1398 9.30 10.81 -27.57
C SER B 1398 10.63 10.35 -28.16
N LYS B 1399 11.70 10.36 -27.36
CA LYS B 1399 13.06 10.15 -27.90
C LYS B 1399 13.53 8.70 -27.84
N ALA B 1400 13.79 8.20 -26.64
CA ALA B 1400 14.23 6.82 -26.43
C ALA B 1400 14.27 6.50 -24.95
N GLY B 1401 13.65 5.40 -24.53
CA GLY B 1401 13.63 5.04 -23.13
C GLY B 1401 13.04 6.14 -22.27
N ALA B 1402 11.91 6.68 -22.70
CA ALA B 1402 11.27 7.81 -22.04
C ALA B 1402 10.02 7.33 -21.31
N ALA B 1403 9.67 8.07 -20.26
CA ALA B 1403 8.50 7.75 -19.45
C ALA B 1403 7.23 8.39 -19.97
N GLY B 1404 7.32 9.22 -21.01
CA GLY B 1404 6.14 9.88 -21.55
C GLY B 1404 6.46 10.54 -22.87
N CYS B 1405 5.41 10.82 -23.63
CA CYS B 1405 5.56 11.39 -24.96
C CYS B 1405 5.49 12.91 -24.89
N GLN B 1406 5.93 13.55 -25.98
CA GLN B 1406 5.92 15.00 -26.11
C GLN B 1406 5.18 15.38 -27.39
N LYS B 1407 4.46 16.50 -27.34
CA LYS B 1407 3.70 16.95 -28.50
C LYS B 1407 4.62 17.34 -29.64
N CYS B 1408 4.11 17.19 -30.86
CA CYS B 1408 4.84 17.60 -32.05
C CYS B 1408 4.96 19.12 -32.11
N PRO B 1409 5.97 19.63 -32.81
CA PRO B 1409 6.10 21.08 -32.97
C PRO B 1409 4.94 21.63 -33.78
N PRO B 1410 4.62 22.93 -33.64
CA PRO B 1410 3.45 23.51 -34.31
C PRO B 1410 3.67 23.82 -35.78
N GLY B 1411 4.28 22.88 -36.49
CA GLY B 1411 4.37 22.95 -37.93
C GLY B 1411 4.33 21.55 -38.54
N THR B 1412 4.04 20.55 -37.72
CA THR B 1412 4.21 19.16 -38.12
C THR B 1412 3.09 18.30 -37.55
N TYR B 1413 2.94 17.11 -38.12
CA TYR B 1413 1.96 16.14 -37.67
C TYR B 1413 2.60 14.76 -37.59
N ARG B 1414 1.96 13.87 -36.84
CA ARG B 1414 2.39 12.48 -36.75
C ARG B 1414 1.17 11.59 -36.65
N ASN B 1415 0.95 10.75 -37.66
CA ASN B 1415 -0.21 9.87 -37.70
C ASN B 1415 0.26 8.45 -37.96
N THR B 1416 -0.43 7.49 -37.33
CA THR B 1416 -0.03 6.09 -37.44
C THR B 1416 -0.19 5.55 -38.84
N TRP B 1417 -1.19 6.04 -39.59
CA TRP B 1417 -1.59 5.40 -40.83
C TRP B 1417 -0.99 6.04 -42.07
N PHE B 1418 -0.51 7.27 -41.98
CA PHE B 1418 0.14 7.91 -43.11
C PHE B 1418 1.18 8.90 -42.61
N SER B 1419 2.07 9.29 -43.51
CA SER B 1419 3.15 10.22 -43.18
C SER B 1419 3.60 10.88 -44.48
N GLY B 1420 4.67 11.66 -44.40
CA GLY B 1420 5.15 12.33 -45.59
C GLY B 1420 4.19 13.42 -46.04
N GLN B 1421 4.36 13.84 -47.29
CA GLN B 1421 3.48 14.84 -47.87
C GLN B 1421 3.45 14.69 -49.38
N LEU B 1422 2.39 15.18 -49.98
CA LEU B 1422 2.21 15.17 -51.43
C LEU B 1422 2.19 16.62 -51.93
N GLY B 1423 3.04 16.92 -52.91
CA GLY B 1423 3.12 18.26 -53.44
C GLY B 1423 1.95 18.59 -54.34
N SER B 1424 1.90 19.85 -54.74
CA SER B 1424 0.85 20.30 -55.63
C SER B 1424 1.06 19.70 -57.02
N PRO B 1425 0.01 19.17 -57.65
CA PRO B 1425 0.16 18.62 -59.01
C PRO B 1425 0.10 19.67 -60.10
N PHE B 1426 -0.12 20.94 -59.75
CA PHE B 1426 -0.31 22.00 -60.73
C PHE B 1426 0.96 22.80 -60.99
N ILE B 1427 2.09 22.42 -60.38
CA ILE B 1427 3.37 23.05 -60.66
C ILE B 1427 4.30 22.11 -61.40
N THR B 1428 3.83 20.93 -61.77
CA THR B 1428 4.63 19.93 -62.46
C THR B 1428 4.32 19.95 -63.95
N ALA B 1429 4.88 19.00 -64.69
CA ALA B 1429 4.65 18.89 -66.12
C ALA B 1429 3.64 17.81 -66.50
N ASP B 1430 3.43 16.82 -65.63
CA ASP B 1430 2.51 15.73 -65.91
C ASP B 1430 1.28 15.73 -65.01
N GLY B 1431 1.23 16.60 -64.00
CA GLY B 1431 0.08 16.67 -63.13
C GLY B 1431 -0.02 15.57 -62.09
N VAL B 1432 1.09 14.91 -61.78
CA VAL B 1432 1.13 13.88 -60.74
C VAL B 1432 1.77 14.49 -59.51
N PRO B 1433 1.08 14.53 -58.37
CA PRO B 1433 1.71 15.07 -57.16
C PRO B 1433 2.97 14.30 -56.79
N VAL B 1434 3.98 15.04 -56.34
CA VAL B 1434 5.27 14.45 -56.00
C VAL B 1434 5.27 14.09 -54.52
N ALA B 1435 5.52 12.82 -54.23
CA ALA B 1435 5.54 12.32 -52.85
C ALA B 1435 6.93 12.51 -52.27
N THR B 1436 7.02 13.22 -51.15
CA THR B 1436 8.28 13.45 -50.47
C THR B 1436 8.09 13.18 -48.97
N THR B 1437 9.16 13.38 -48.21
CA THR B 1437 9.11 13.15 -46.77
C THR B 1437 10.11 14.10 -46.10
N LEU B 1438 9.61 15.20 -45.56
CA LEU B 1438 10.42 16.15 -44.81
C LEU B 1438 9.99 16.13 -43.35
N THR B 1439 10.96 16.22 -42.45
CA THR B 1439 10.70 16.06 -41.03
C THR B 1439 11.37 17.19 -40.25
N GLU B 1440 10.81 17.47 -39.08
CA GLU B 1440 11.47 18.35 -38.12
C GLU B 1440 12.70 17.64 -37.56
N LEU B 1441 13.83 18.33 -37.53
CA LEU B 1441 15.09 17.67 -37.19
C LEU B 1441 15.09 17.21 -35.74
N GLY B 1442 14.71 18.08 -34.81
CA GLY B 1442 14.70 17.74 -33.40
C GLY B 1442 13.65 16.72 -33.01
N SER B 1443 12.77 16.36 -33.93
CA SER B 1443 11.69 15.41 -33.68
C SER B 1443 11.59 14.44 -34.84
N GLY B 1444 10.49 13.71 -34.92
CA GLY B 1444 10.27 12.86 -36.07
C GLY B 1444 9.06 13.29 -36.89
N CYS B 1445 8.26 14.19 -36.32
CA CYS B 1445 6.99 14.55 -36.92
C CYS B 1445 7.19 15.14 -38.31
N SER B 1446 6.37 14.68 -39.26
CA SER B 1446 6.50 15.09 -40.65
C SER B 1446 5.88 16.47 -40.87
N GLN B 1447 6.52 17.27 -41.71
CA GLN B 1447 6.02 18.61 -42.01
C GLN B 1447 4.72 18.52 -42.81
N CYS B 1448 3.85 19.49 -42.60
CA CYS B 1448 2.56 19.50 -43.26
C CYS B 1448 2.72 19.68 -44.77
N PRO B 1449 1.86 19.04 -45.57
CA PRO B 1449 1.96 19.16 -47.02
C PRO B 1449 1.60 20.56 -47.48
N PRO B 1450 2.03 20.97 -48.68
CA PRO B 1450 1.57 22.25 -49.22
C PRO B 1450 0.05 22.25 -49.36
N GLY B 1451 -0.55 23.39 -49.06
CA GLY B 1451 -1.99 23.47 -48.99
C GLY B 1451 -2.58 23.20 -47.63
N THR B 1452 -1.74 23.05 -46.60
CA THR B 1452 -2.20 22.76 -45.25
C THR B 1452 -1.35 23.53 -44.26
N TYR B 1453 -1.81 23.55 -43.01
CA TYR B 1453 -1.11 24.25 -41.94
C TYR B 1453 -1.49 23.60 -40.61
N ALA B 1454 -0.52 23.56 -39.69
CA ALA B 1454 -0.73 23.04 -38.34
C ALA B 1454 -0.48 24.15 -37.33
N PRO B 1455 -1.53 24.75 -36.77
CA PRO B 1455 -1.32 25.90 -35.88
C PRO B 1455 -0.92 25.52 -34.47
N THR B 1456 -1.44 24.40 -33.96
CA THR B 1456 -1.19 24.02 -32.57
C THR B 1456 -0.14 22.92 -32.50
N PHE B 1457 0.12 22.46 -31.28
CA PHE B 1457 1.28 21.59 -31.05
C PHE B 1457 1.01 20.14 -31.43
N GLY B 1458 0.07 19.50 -30.74
CA GLY B 1458 -0.16 18.09 -30.97
C GLY B 1458 -1.23 17.84 -32.02
N MET B 1459 -0.80 17.60 -33.25
CA MET B 1459 -1.71 17.44 -34.37
C MET B 1459 -1.51 16.08 -35.03
N SER B 1460 -2.61 15.43 -35.37
CA SER B 1460 -2.55 14.17 -36.10
C SER B 1460 -2.85 14.33 -37.59
N VAL B 1461 -3.59 15.36 -37.97
CA VAL B 1461 -3.84 15.68 -39.37
C VAL B 1461 -3.71 17.18 -39.53
N CYS B 1462 -3.04 17.61 -40.60
CA CYS B 1462 -2.95 19.02 -40.92
C CYS B 1462 -4.28 19.54 -41.44
N LEU B 1463 -4.63 20.75 -41.04
CA LEU B 1463 -5.89 21.34 -41.49
C LEU B 1463 -5.71 21.91 -42.90
N PRO B 1464 -6.63 21.64 -43.82
CA PRO B 1464 -6.58 22.33 -45.11
C PRO B 1464 -6.87 23.81 -44.93
N CYS B 1465 -6.26 24.61 -45.78
CA CYS B 1465 -6.43 26.05 -45.67
C CYS B 1465 -7.85 26.44 -46.08
N PRO B 1466 -8.40 27.48 -45.47
CA PRO B 1466 -9.75 27.93 -45.86
C PRO B 1466 -9.74 28.54 -47.24
N ALA B 1467 -10.94 28.73 -47.78
CA ALA B 1467 -11.08 29.42 -49.06
C ALA B 1467 -10.60 30.85 -48.94
N GLY B 1468 -9.83 31.30 -49.94
CA GLY B 1468 -9.27 32.63 -49.94
C GLY B 1468 -7.85 32.72 -49.43
N THR B 1469 -7.37 31.70 -48.74
CA THR B 1469 -6.01 31.65 -48.23
C THR B 1469 -5.24 30.54 -48.95
N PHE B 1470 -3.92 30.52 -48.73
CA PHE B 1470 -3.09 29.58 -49.44
C PHE B 1470 -1.79 29.33 -48.66
N ALA B 1471 -1.30 28.11 -48.77
CA ALA B 1471 0.02 27.74 -48.23
C ALA B 1471 0.72 26.93 -49.31
N SER B 1472 1.81 27.47 -49.85
CA SER B 1472 2.49 26.87 -50.99
C SER B 1472 3.82 26.22 -50.63
N ALA B 1473 4.14 26.13 -49.35
CA ALA B 1473 5.38 25.53 -48.88
C ALA B 1473 5.07 24.44 -47.86
N PRO B 1474 5.99 23.51 -47.64
CA PRO B 1474 5.77 22.48 -46.61
C PRO B 1474 5.60 23.10 -45.22
N GLY B 1475 5.36 22.26 -44.22
CA GLY B 1475 4.63 22.63 -43.02
C GLY B 1475 4.79 24.04 -42.48
N ALA B 1476 3.65 24.73 -42.34
CA ALA B 1476 3.59 26.11 -41.91
C ALA B 1476 2.60 26.23 -40.77
N THR B 1477 2.78 27.27 -39.95
CA THR B 1477 1.91 27.47 -38.81
C THR B 1477 0.54 28.00 -39.23
N ALA B 1478 0.51 28.88 -40.22
CA ALA B 1478 -0.74 29.41 -40.75
C ALA B 1478 -0.50 29.83 -42.19
N CYS B 1479 -1.58 29.98 -42.95
CA CYS B 1479 -1.48 30.34 -44.35
C CYS B 1479 -2.02 31.74 -44.61
N GLN B 1480 -1.47 32.37 -45.64
CA GLN B 1480 -1.68 33.77 -45.93
C GLN B 1480 -2.86 33.97 -46.87
N GLN B 1481 -3.40 35.18 -46.85
CA GLN B 1481 -4.58 35.51 -47.63
C GLN B 1481 -4.19 35.92 -49.04
N CYS B 1482 -4.98 35.45 -50.02
CA CYS B 1482 -4.71 35.78 -51.42
C CYS B 1482 -4.84 37.28 -51.63
N LYS B 1483 -3.89 37.85 -52.37
CA LYS B 1483 -3.85 39.28 -52.58
C LYS B 1483 -5.03 39.74 -53.43
N PRO B 1484 -5.40 41.02 -53.36
CA PRO B 1484 -6.44 41.53 -54.25
C PRO B 1484 -6.02 41.37 -55.70
N GLY B 1485 -6.99 41.04 -56.55
CA GLY B 1485 -6.69 40.73 -57.93
C GLY B 1485 -6.38 39.28 -58.21
N THR B 1486 -6.58 38.40 -57.23
CA THR B 1486 -6.40 36.97 -57.44
C THR B 1486 -7.14 36.22 -56.34
N ASN B 1487 -7.37 34.93 -56.58
CA ASN B 1487 -8.18 34.13 -55.68
C ASN B 1487 -7.51 32.78 -55.46
N SER B 1488 -8.23 31.85 -54.83
CA SER B 1488 -7.68 30.58 -54.40
C SER B 1488 -8.29 29.38 -55.11
N LEU B 1489 -8.88 29.58 -56.28
CA LEU B 1489 -9.39 28.47 -57.06
C LEU B 1489 -8.24 27.58 -57.50
N MET B 1490 -8.46 26.26 -57.48
CA MET B 1490 -7.39 25.32 -57.73
C MET B 1490 -6.81 25.48 -59.14
N GLY B 1491 -5.49 25.42 -59.22
CA GLY B 1491 -4.80 25.54 -60.49
C GLY B 1491 -4.45 26.98 -60.85
N ASP B 1492 -3.73 27.11 -61.96
CA ASP B 1492 -3.36 28.39 -62.52
C ASP B 1492 -4.41 28.83 -63.53
N ARG B 1493 -4.47 30.15 -63.78
CA ARG B 1493 -5.50 30.67 -64.67
C ARG B 1493 -5.36 30.10 -66.08
N THR B 1494 -4.13 30.03 -66.60
CA THR B 1494 -3.92 29.44 -67.91
C THR B 1494 -4.34 27.98 -67.93
N GLN B 1495 -4.37 27.32 -66.78
CA GLN B 1495 -4.90 25.97 -66.68
C GLN B 1495 -6.39 25.95 -66.36
N GLN B 1496 -6.92 27.01 -65.75
CA GLN B 1496 -8.33 27.06 -65.42
C GLN B 1496 -9.22 27.27 -66.63
N MET B 1497 -8.71 27.86 -67.69
CA MET B 1497 -9.47 28.07 -68.92
C MET B 1497 -9.02 27.15 -70.05
N ALA B 1498 -8.15 26.19 -69.77
CA ALA B 1498 -7.55 25.39 -70.82
C ALA B 1498 -8.49 24.27 -71.26
N LEU B 1499 -8.44 23.96 -72.55
CA LEU B 1499 -9.22 22.87 -73.12
C LEU B 1499 -8.36 21.85 -73.84
N VAL B 1500 -7.04 22.05 -73.90
CA VAL B 1500 -6.13 21.16 -74.59
C VAL B 1500 -5.43 20.29 -73.55
N VAL B 1501 -5.42 18.98 -73.80
CA VAL B 1501 -4.73 18.04 -72.93
C VAL B 1501 -3.36 17.75 -73.53
N THR B 1502 -2.37 17.62 -72.66
CA THR B 1502 -1.03 17.25 -73.09
C THR B 1502 -0.55 15.93 -72.51
N ASN B 1503 -1.09 15.51 -71.37
CA ASN B 1503 -0.81 14.20 -70.80
C ASN B 1503 -2.04 13.34 -71.08
N ALA B 1504 -1.92 12.43 -72.06
CA ALA B 1504 -3.07 11.67 -72.50
C ALA B 1504 -3.63 10.79 -71.40
N ALA B 1505 -2.76 10.12 -70.64
CA ALA B 1505 -3.23 9.23 -69.59
C ALA B 1505 -3.83 10.00 -68.42
N ASN B 1506 -3.32 11.19 -68.15
CA ASN B 1506 -3.76 11.96 -66.99
C ASN B 1506 -4.79 13.04 -67.34
N ASP B 1507 -4.88 13.44 -68.61
CA ASP B 1507 -5.80 14.49 -69.03
C ASP B 1507 -5.50 15.79 -68.30
N PHE B 1508 -4.21 16.04 -68.04
CA PHE B 1508 -3.81 16.97 -66.97
C PHE B 1508 -4.15 18.43 -67.26
N PRO B 1509 -3.52 19.10 -68.23
CA PRO B 1509 -3.61 20.57 -68.24
C PRO B 1509 -4.89 21.05 -68.89
N ALA B 1510 -6.00 20.40 -68.56
CA ALA B 1510 -7.32 20.80 -69.06
C ALA B 1510 -8.28 20.75 -67.88
N LEU B 1511 -8.35 21.85 -67.15
CA LEU B 1511 -9.32 22.01 -66.06
C LEU B 1511 -10.38 22.95 -66.59
N ARG B 1512 -11.43 22.38 -67.19
CA ARG B 1512 -12.43 23.23 -67.84
C ARG B 1512 -13.26 23.93 -66.78
N ALA B 1513 -12.63 24.82 -66.02
CA ALA B 1513 -13.27 25.52 -64.92
C ALA B 1513 -13.85 26.87 -65.32
N TYR B 1514 -13.66 27.31 -66.56
CA TYR B 1514 -14.19 28.58 -67.02
C TYR B 1514 -15.15 28.32 -68.17
N THR B 1515 -16.36 28.86 -68.07
CA THR B 1515 -17.36 28.76 -69.12
C THR B 1515 -18.09 30.09 -69.21
N ILE B 1516 -18.65 30.35 -70.39
CA ILE B 1516 -19.33 31.62 -70.64
C ILE B 1516 -20.23 31.43 -71.85
N SER B 1517 -21.35 32.15 -71.86
CA SER B 1517 -22.29 32.15 -72.97
C SER B 1517 -22.04 33.37 -73.86
N GLY B 1518 -22.20 33.19 -75.16
CA GLY B 1518 -22.01 34.32 -76.05
C GLY B 1518 -22.13 33.89 -77.50
N MET B 1519 -21.95 34.86 -78.39
CA MET B 1519 -21.98 34.58 -79.82
C MET B 1519 -20.69 33.92 -80.24
N VAL B 1520 -20.78 32.84 -81.02
CA VAL B 1520 -19.59 32.15 -81.50
C VAL B 1520 -19.49 32.29 -83.01
N ALA B 1521 -18.41 31.73 -83.58
CA ALA B 1521 -18.01 32.05 -84.94
C ALA B 1521 -18.98 31.55 -86.01
N GLY B 1522 -19.93 30.70 -85.66
CA GLY B 1522 -20.95 30.27 -86.59
C GLY B 1522 -22.24 31.04 -86.48
N PRO B 1523 -22.20 32.38 -86.69
CA PRO B 1523 -23.23 33.29 -86.18
C PRO B 1523 -24.33 32.68 -85.32
N ALA B 1524 -23.94 32.00 -84.24
CA ALA B 1524 -24.88 31.31 -83.37
C ALA B 1524 -24.61 31.69 -81.92
N TYR B 1525 -25.68 31.87 -81.16
CA TYR B 1525 -25.56 32.08 -79.73
C TYR B 1525 -25.36 30.75 -79.03
N ALA B 1526 -24.25 30.62 -78.31
CA ALA B 1526 -23.93 29.41 -77.57
C ALA B 1526 -24.14 29.67 -76.09
N LYS B 1527 -25.11 28.97 -75.51
CA LYS B 1527 -25.15 28.75 -74.08
C LYS B 1527 -23.94 27.87 -73.78
N PRO B 1528 -23.58 27.63 -72.50
CA PRO B 1528 -22.15 27.65 -72.13
C PRO B 1528 -21.21 27.09 -73.20
N ILE B 1529 -20.26 27.91 -73.62
CA ILE B 1529 -19.35 27.52 -74.70
C ILE B 1529 -18.60 26.25 -74.32
N VAL B 1530 -18.24 26.12 -73.04
CA VAL B 1530 -17.62 24.90 -72.52
C VAL B 1530 -18.70 24.16 -71.74
N THR B 1531 -19.27 23.13 -72.36
CA THR B 1531 -20.29 22.32 -71.70
C THR B 1531 -19.63 21.17 -70.94
N GLY B 1532 -20.47 20.37 -70.30
CA GLY B 1532 -20.00 19.20 -69.59
C GLY B 1532 -20.05 19.39 -68.09
N PRO B 1533 -19.86 18.30 -67.34
CA PRO B 1533 -19.90 18.38 -65.88
C PRO B 1533 -18.57 18.89 -65.34
N ASP B 1534 -18.63 20.01 -64.62
CA ASP B 1534 -17.43 20.57 -64.03
C ASP B 1534 -16.86 19.61 -62.98
N THR B 1535 -15.53 19.51 -62.95
CA THR B 1535 -14.88 18.56 -62.05
C THR B 1535 -13.68 19.15 -61.32
N ASN B 1536 -13.31 20.40 -61.56
CA ASN B 1536 -12.23 21.07 -60.83
C ASN B 1536 -12.84 22.33 -60.21
N PHE B 1537 -13.46 22.15 -59.04
CA PHE B 1537 -14.17 23.22 -58.35
C PHE B 1537 -13.73 23.25 -56.89
N PHE B 1538 -12.58 23.85 -56.62
CA PHE B 1538 -12.04 23.75 -55.28
C PHE B 1538 -11.34 25.05 -54.92
N MET B 1539 -11.64 25.55 -53.73
CA MET B 1539 -11.07 26.80 -53.25
C MET B 1539 -10.38 26.66 -51.90
N ALA B 1540 -10.50 25.50 -51.24
CA ALA B 1540 -9.96 25.36 -49.90
C ALA B 1540 -8.47 25.03 -49.91
N GLY B 1541 -8.09 23.89 -50.45
CA GLY B 1541 -6.70 23.50 -50.40
C GLY B 1541 -5.90 24.06 -51.56
N LYS B 1542 -5.22 25.18 -51.34
CA LYS B 1542 -4.47 25.86 -52.38
C LYS B 1542 -2.99 25.69 -52.07
N SER B 1543 -2.31 24.88 -52.88
CA SER B 1543 -0.93 24.51 -52.63
C SER B 1543 0.05 25.20 -53.57
N GLU B 1544 -0.32 26.37 -54.10
CA GLU B 1544 0.58 27.14 -54.93
C GLU B 1544 0.18 28.60 -54.82
N THR B 1545 0.87 29.44 -55.58
CA THR B 1545 0.56 30.86 -55.56
C THR B 1545 -0.83 31.10 -56.13
N CYS B 1546 -1.52 32.10 -55.58
CA CYS B 1546 -2.91 32.36 -55.94
C CYS B 1546 -3.03 32.68 -57.42
N SER B 1547 -4.13 32.26 -58.02
CA SER B 1547 -4.35 32.38 -59.45
C SER B 1547 -5.08 33.67 -59.80
N THR B 1548 -4.66 34.29 -60.90
CA THR B 1548 -5.30 35.51 -61.35
C THR B 1548 -6.77 35.26 -61.69
N ASN B 1549 -7.59 36.29 -61.48
CA ASN B 1549 -9.02 36.14 -61.67
C ASN B 1549 -9.38 35.82 -63.11
N LEU B 1550 -10.42 35.01 -63.28
CA LEU B 1550 -10.96 34.77 -64.60
C LEU B 1550 -11.63 36.05 -65.12
N PRO B 1551 -11.72 36.22 -66.44
CA PRO B 1551 -12.41 37.39 -66.97
C PRO B 1551 -13.84 37.45 -66.48
N GLY B 1552 -14.27 38.65 -66.09
CA GLY B 1552 -15.59 38.85 -65.56
C GLY B 1552 -15.71 38.82 -64.06
N TYR B 1553 -14.62 38.52 -63.34
CA TYR B 1553 -14.64 38.41 -61.89
C TYR B 1553 -13.57 39.30 -61.29
N TYR B 1554 -13.81 39.74 -60.05
CA TYR B 1554 -12.92 40.67 -59.39
C TYR B 1554 -12.81 40.33 -57.90
N THR B 1555 -11.74 40.81 -57.29
CA THR B 1555 -11.53 40.69 -55.85
C THR B 1555 -10.75 41.92 -55.39
N ASP B 1556 -11.35 42.73 -54.53
CA ASP B 1556 -10.76 44.01 -54.15
C ASP B 1556 -10.11 44.00 -52.78
N VAL B 1557 -10.29 42.94 -51.99
CA VAL B 1557 -9.69 42.85 -50.67
C VAL B 1557 -8.99 41.51 -50.52
N ASP B 1558 -8.12 41.44 -49.51
CA ASP B 1558 -7.34 40.23 -49.28
C ASP B 1558 -8.22 39.10 -48.77
N GLY B 1559 -7.99 37.91 -49.30
CA GLY B 1559 -8.60 36.70 -48.77
C GLY B 1559 -10.10 36.57 -48.92
N LEU B 1560 -10.64 36.98 -50.06
CA LEU B 1560 -12.05 36.72 -50.31
C LEU B 1560 -12.25 35.24 -50.62
N PRO B 1561 -13.33 34.63 -50.12
CA PRO B 1561 -13.50 33.18 -50.33
C PRO B 1561 -13.74 32.79 -51.77
N ILE B 1562 -14.16 33.73 -52.62
CA ILE B 1562 -14.54 33.41 -53.99
C ILE B 1562 -14.44 34.68 -54.81
N GLN B 1563 -14.20 34.52 -56.11
CA GLN B 1563 -14.24 35.66 -57.02
C GLN B 1563 -15.63 36.26 -57.07
N LEU B 1564 -15.71 37.57 -56.98
CA LEU B 1564 -17.06 38.08 -57.12
C LEU B 1564 -17.33 38.49 -58.56
N PRO B 1565 -18.57 38.42 -59.02
CA PRO B 1565 -18.87 38.76 -60.42
C PRO B 1565 -19.13 40.24 -60.60
N CYS B 1566 -18.80 40.72 -61.79
CA CYS B 1566 -19.04 42.12 -62.12
C CYS B 1566 -20.53 42.35 -62.32
N LYS B 1567 -21.05 43.43 -61.73
CA LYS B 1567 -22.47 43.71 -61.74
C LYS B 1567 -22.93 44.10 -63.15
N PRO B 1568 -24.24 44.04 -63.42
CA PRO B 1568 -24.72 44.17 -64.80
C PRO B 1568 -24.15 45.34 -65.60
N GLY B 1569 -24.14 46.55 -65.05
CA GLY B 1569 -23.69 47.70 -65.83
C GLY B 1569 -22.21 47.70 -66.17
N THR B 1570 -21.42 46.84 -65.55
CA THR B 1570 -19.97 46.89 -65.68
C THR B 1570 -19.45 45.63 -66.39
N PHE B 1571 -18.12 45.59 -66.58
CA PHE B 1571 -17.47 44.45 -67.21
C PHE B 1571 -16.02 44.39 -66.76
N MET B 1572 -15.40 43.23 -67.00
CA MET B 1572 -14.02 42.96 -66.61
C MET B 1572 -13.31 42.17 -67.71
N PRO B 1573 -12.39 42.77 -68.44
CA PRO B 1573 -11.76 42.09 -69.56
C PRO B 1573 -10.63 41.17 -69.10
N PHE B 1574 -10.10 40.41 -70.07
CA PHE B 1574 -8.98 39.53 -69.79
C PHE B 1574 -7.76 40.31 -69.32
N ASP B 1575 -7.36 41.30 -70.09
CA ASP B 1575 -6.29 42.23 -69.73
C ASP B 1575 -6.38 43.42 -70.68
N THR B 1576 -5.45 44.36 -70.52
CA THR B 1576 -5.51 45.60 -71.28
C THR B 1576 -5.26 45.36 -72.77
N ALA B 1577 -4.42 44.39 -73.10
CA ALA B 1577 -4.09 44.15 -74.51
C ALA B 1577 -5.30 43.61 -75.27
N THR B 1578 -6.01 42.65 -74.70
CA THR B 1578 -7.14 42.02 -75.36
C THR B 1578 -8.48 42.66 -74.99
N ALA B 1579 -8.46 43.75 -74.23
CA ALA B 1579 -9.70 44.38 -73.83
C ALA B 1579 -10.39 45.04 -75.01
N ASN B 1580 -11.72 44.96 -75.03
CA ASN B 1580 -12.52 45.71 -75.99
C ASN B 1580 -12.64 47.14 -75.49
N LEU B 1581 -13.59 47.91 -76.00
CA LEU B 1581 -13.60 49.36 -75.83
C LEU B 1581 -13.26 49.78 -74.41
N LEU B 1582 -12.12 50.45 -74.28
CA LEU B 1582 -11.52 50.82 -72.99
C LEU B 1582 -10.50 51.89 -73.29
N ASP B 1583 -10.66 53.09 -72.71
CA ASP B 1583 -9.83 54.21 -73.12
C ASP B 1583 -8.38 54.02 -72.66
N THR B 1584 -7.56 55.00 -73.02
CA THR B 1584 -6.11 54.84 -73.00
C THR B 1584 -5.57 54.73 -71.59
N GLY B 1585 -5.98 55.64 -70.71
CA GLY B 1585 -5.38 55.70 -69.38
C GLY B 1585 -5.79 54.59 -68.45
N LEU B 1586 -6.81 53.82 -68.80
CA LEU B 1586 -7.32 52.77 -67.93
C LEU B 1586 -6.59 51.47 -68.17
N THR B 1587 -6.20 50.81 -67.09
CA THR B 1587 -5.56 49.50 -67.15
C THR B 1587 -6.27 48.57 -66.18
N VAL B 1588 -6.34 47.29 -66.54
CA VAL B 1588 -7.09 46.29 -65.79
C VAL B 1588 -6.10 45.38 -65.08
N ASP B 1589 -6.30 45.21 -63.77
CA ASP B 1589 -5.47 44.34 -62.96
C ASP B 1589 -6.24 43.25 -62.24
N GLY B 1590 -7.56 43.34 -62.16
CA GLY B 1590 -8.37 42.32 -61.52
C GLY B 1590 -9.14 42.79 -60.30
N THR B 1591 -9.08 44.07 -59.93
CA THR B 1591 -9.75 44.57 -58.74
C THR B 1591 -10.83 45.60 -59.03
N GLN B 1592 -11.12 45.90 -60.30
CA GLN B 1592 -12.05 46.97 -60.63
C GLN B 1592 -12.84 46.58 -61.88
N CYS B 1593 -14.16 46.47 -61.73
CA CYS B 1593 -15.03 46.40 -62.89
C CYS B 1593 -15.13 47.79 -63.52
N TYR B 1594 -15.21 47.82 -64.84
CA TYR B 1594 -15.32 49.08 -65.57
C TYR B 1594 -16.70 49.21 -66.18
N THR B 1595 -17.22 50.44 -66.18
CA THR B 1595 -18.53 50.70 -66.76
C THR B 1595 -18.51 50.48 -68.26
N CYS B 1596 -19.70 50.30 -68.83
CA CYS B 1596 -19.83 50.18 -70.27
C CYS B 1596 -19.84 51.57 -70.91
N GLN B 1597 -19.13 51.70 -72.02
CA GLN B 1597 -19.07 52.98 -72.72
C GLN B 1597 -20.45 53.39 -73.21
N THR B 1598 -20.55 54.65 -73.62
CA THR B 1598 -21.78 55.12 -74.25
C THR B 1598 -21.94 54.44 -75.61
N GLY B 1599 -23.17 54.02 -75.91
CA GLY B 1599 -23.42 53.21 -77.07
C GLY B 1599 -23.36 51.72 -76.83
N THR B 1600 -22.93 51.29 -75.65
CA THR B 1600 -22.89 49.88 -75.28
C THR B 1600 -23.59 49.70 -73.95
N PHE B 1601 -24.07 48.49 -73.71
CA PHE B 1601 -24.80 48.17 -72.49
C PHE B 1601 -24.42 46.75 -72.06
N ASN B 1602 -24.95 46.35 -70.91
CA ASN B 1602 -24.74 45.00 -70.39
C ASN B 1602 -25.75 44.71 -69.28
N ASP B 1603 -26.49 43.61 -69.40
CA ASP B 1603 -27.51 43.27 -68.42
C ASP B 1603 -27.21 41.95 -67.70
N GLU B 1604 -26.04 41.37 -67.90
CA GLU B 1604 -25.65 40.13 -67.27
C GLU B 1604 -24.51 40.36 -66.27
N PHE B 1605 -24.36 39.42 -65.36
CA PHE B 1605 -23.24 39.42 -64.43
C PHE B 1605 -22.01 38.77 -65.08
N SER B 1606 -20.84 39.12 -64.55
CA SER B 1606 -19.58 38.48 -64.89
C SER B 1606 -19.34 38.45 -66.39
N GLN B 1607 -19.46 39.61 -67.02
CA GLN B 1607 -19.22 39.54 -68.46
C GLN B 1607 -17.85 40.12 -68.81
N PRO B 1608 -17.15 39.53 -69.77
CA PRO B 1608 -15.85 40.09 -70.16
C PRO B 1608 -15.93 41.24 -71.14
N VAL B 1609 -17.09 41.45 -71.79
CA VAL B 1609 -17.29 42.53 -72.73
C VAL B 1609 -18.69 43.08 -72.58
N CYS B 1610 -18.85 44.33 -72.96
CA CYS B 1610 -20.18 44.92 -73.06
C CYS B 1610 -20.83 44.53 -74.39
N LYS B 1611 -22.13 44.81 -74.50
CA LYS B 1611 -22.89 44.48 -75.69
C LYS B 1611 -23.25 45.75 -76.44
N ALA B 1612 -23.19 45.68 -77.76
CA ALA B 1612 -23.40 46.84 -78.62
C ALA B 1612 -24.89 47.05 -78.84
N CYS B 1613 -25.35 48.28 -78.61
CA CYS B 1613 -26.76 48.60 -78.80
C CYS B 1613 -27.16 48.44 -80.26
N TRP B 1614 -28.37 47.94 -80.48
CA TRP B 1614 -28.82 47.64 -81.83
C TRP B 1614 -29.41 48.89 -82.48
N SER B 1615 -29.86 48.73 -83.72
CA SER B 1615 -30.46 49.84 -84.46
C SER B 1615 -31.91 50.00 -84.03
N GLY B 1616 -32.24 51.20 -83.54
CA GLY B 1616 -33.53 51.46 -82.93
C GLY B 1616 -33.45 51.81 -81.46
N SER B 1617 -32.26 51.70 -80.85
CA SER B 1617 -32.05 52.01 -79.45
C SER B 1617 -30.70 52.68 -79.30
N PHE B 1618 -30.47 53.28 -78.15
CA PHE B 1618 -29.24 54.02 -77.90
C PHE B 1618 -28.92 53.97 -76.42
N ALA B 1619 -27.66 54.22 -76.10
CA ALA B 1619 -27.16 54.27 -74.73
C ALA B 1619 -26.50 55.64 -74.54
N SER B 1620 -27.21 56.56 -73.90
CA SER B 1620 -26.71 57.92 -73.73
C SER B 1620 -25.89 58.10 -72.47
N LYS B 1621 -26.03 57.22 -71.48
CA LYS B 1621 -25.29 57.32 -70.24
C LYS B 1621 -24.22 56.23 -70.18
N ARG B 1622 -23.55 56.13 -69.04
CA ARG B 1622 -22.43 55.23 -68.85
C ARG B 1622 -22.83 54.11 -67.91
N GLY B 1623 -22.40 52.89 -68.24
CA GLY B 1623 -22.72 51.74 -67.41
C GLY B 1623 -24.19 51.40 -67.39
N LEU B 1624 -24.85 51.46 -68.54
CA LEU B 1624 -26.28 51.19 -68.59
C LEU B 1624 -26.53 49.68 -68.53
N PRO B 1625 -27.55 49.26 -67.78
CA PRO B 1625 -27.93 47.84 -67.80
C PRO B 1625 -28.89 47.51 -68.92
N THR B 1626 -29.57 48.53 -69.45
CA THR B 1626 -30.51 48.37 -70.54
C THR B 1626 -30.30 49.48 -71.57
N CYS B 1627 -30.68 49.20 -72.80
CA CYS B 1627 -30.58 50.19 -73.87
C CYS B 1627 -31.88 50.98 -73.96
N GLU B 1628 -31.75 52.28 -74.12
CA GLU B 1628 -32.92 53.15 -74.19
C GLU B 1628 -33.53 53.10 -75.59
N ILE B 1629 -34.85 52.93 -75.65
CA ILE B 1629 -35.55 52.78 -76.92
C ILE B 1629 -35.81 54.15 -77.52
N ALA B 1630 -35.55 54.28 -78.82
CA ALA B 1630 -35.82 55.53 -79.51
C ALA B 1630 -37.32 55.84 -79.49
N GLN B 1631 -37.64 57.11 -79.46
CA GLN B 1631 -39.02 57.56 -79.35
C GLN B 1631 -39.55 58.00 -80.70
N PRO B 1632 -40.88 58.03 -80.87
CA PRO B 1632 -41.44 58.47 -82.16
C PRO B 1632 -40.95 59.88 -82.51
N GLY B 1633 -40.68 60.08 -83.80
CA GLY B 1633 -40.02 61.27 -84.27
C GLY B 1633 -38.52 61.17 -84.31
N THR B 1634 -37.93 60.06 -83.85
CA THR B 1634 -36.50 59.87 -83.83
C THR B 1634 -36.19 58.46 -84.32
N PHE B 1635 -34.91 58.21 -84.59
CA PHE B 1635 -34.46 56.89 -85.01
C PHE B 1635 -32.96 56.80 -84.84
N THR B 1636 -32.46 55.57 -84.82
CA THR B 1636 -31.03 55.29 -84.84
C THR B 1636 -30.78 54.16 -85.81
N ASN B 1637 -29.71 54.29 -86.61
CA ASN B 1637 -29.38 53.27 -87.61
C ASN B 1637 -27.85 53.25 -87.76
N VAL B 1638 -27.21 52.37 -87.03
CA VAL B 1638 -25.76 52.20 -87.07
C VAL B 1638 -25.49 50.81 -87.62
N ALA B 1639 -25.14 50.73 -88.91
CA ALA B 1639 -24.92 49.43 -89.53
C ALA B 1639 -23.63 48.76 -89.07
N ALA B 1640 -22.68 49.53 -88.56
CA ALA B 1640 -21.41 48.96 -88.13
C ALA B 1640 -21.45 48.38 -86.72
N ALA B 1641 -22.54 48.60 -85.98
CA ALA B 1641 -22.64 48.07 -84.63
C ALA B 1641 -22.69 46.55 -84.65
N ALA B 1642 -21.89 45.91 -83.81
CA ALA B 1642 -21.82 44.47 -83.79
C ALA B 1642 -21.39 44.00 -82.41
N ASN B 1643 -21.81 42.79 -82.05
CA ASN B 1643 -21.45 42.19 -80.78
C ASN B 1643 -20.11 41.47 -80.89
N ALA B 1644 -19.49 41.23 -79.75
CA ALA B 1644 -18.22 40.53 -79.70
C ALA B 1644 -18.44 39.03 -79.93
N THR B 1645 -17.63 38.46 -80.82
CA THR B 1645 -17.72 37.04 -81.13
C THR B 1645 -16.59 36.31 -80.40
N PHE B 1646 -16.95 35.31 -79.61
CA PHE B 1646 -15.99 34.62 -78.77
C PHE B 1646 -15.15 33.65 -79.60
N ASN B 1647 -13.89 33.50 -79.20
CA ASN B 1647 -13.03 32.48 -79.77
C ASN B 1647 -13.23 31.16 -79.04
N THR B 1648 -13.51 30.10 -79.78
CA THR B 1648 -13.80 28.82 -79.15
C THR B 1648 -12.56 28.13 -78.60
N ALA B 1649 -11.37 28.66 -78.88
CA ALA B 1649 -10.13 28.08 -78.36
C ALA B 1649 -9.57 28.85 -77.18
N THR B 1650 -9.39 30.16 -77.31
CA THR B 1650 -8.86 30.99 -76.24
C THR B 1650 -9.94 31.56 -75.33
N LEU B 1651 -11.22 31.39 -75.68
CA LEU B 1651 -12.33 31.90 -74.89
C LEU B 1651 -12.22 33.41 -74.66
N ILE B 1652 -11.84 34.13 -75.70
CA ILE B 1652 -11.63 35.57 -75.62
C ILE B 1652 -12.41 36.27 -76.73
N PRO B 1653 -13.27 37.24 -76.41
CA PRO B 1653 -13.98 37.97 -77.46
C PRO B 1653 -13.13 39.10 -78.03
N THR B 1654 -13.31 39.34 -79.33
CA THR B 1654 -12.43 40.24 -80.07
C THR B 1654 -13.12 41.47 -80.61
N GLY B 1655 -14.19 41.33 -81.40
CA GLY B 1655 -14.70 42.45 -82.16
C GLY B 1655 -16.00 43.06 -81.68
N LEU B 1656 -15.92 44.25 -81.06
CA LEU B 1656 -17.10 44.96 -80.59
C LEU B 1656 -17.07 46.38 -81.15
N VAL B 1657 -18.13 46.77 -81.83
CA VAL B 1657 -18.28 48.13 -82.36
C VAL B 1657 -19.56 48.70 -81.75
N LYS B 1658 -19.44 49.86 -81.11
CA LYS B 1658 -20.53 50.39 -80.31
C LYS B 1658 -21.67 50.90 -81.19
N GLY B 1659 -22.83 51.08 -80.57
CA GLY B 1659 -24.00 51.59 -81.25
C GLY B 1659 -24.08 53.10 -81.28
N ALA B 1660 -25.24 53.65 -80.96
CA ALA B 1660 -25.47 55.08 -81.02
C ALA B 1660 -25.62 55.65 -79.62
N GLN B 1661 -25.14 56.88 -79.43
CA GLN B 1661 -25.27 57.57 -78.15
C GLN B 1661 -26.55 58.38 -78.08
N ALA B 1662 -26.96 59.00 -79.17
CA ALA B 1662 -28.14 59.84 -79.19
C ALA B 1662 -29.00 59.53 -80.40
N PRO B 1663 -30.31 59.69 -80.29
CA PRO B 1663 -31.18 59.44 -81.45
C PRO B 1663 -31.13 60.59 -82.44
N THR B 1664 -31.36 60.24 -83.71
CA THR B 1664 -31.37 61.23 -84.78
C THR B 1664 -32.80 61.66 -85.07
N PRO B 1665 -33.12 62.94 -84.99
CA PRO B 1665 -34.48 63.38 -85.34
C PRO B 1665 -34.74 63.20 -86.82
N CYS B 1666 -36.01 62.99 -87.15
CA CYS B 1666 -36.41 62.92 -88.55
C CYS B 1666 -36.23 64.28 -89.20
N GLY B 1667 -35.78 64.28 -90.45
CA GLY B 1667 -35.53 65.51 -91.16
C GLY B 1667 -36.82 66.22 -91.53
N MET B 1668 -36.66 67.41 -92.10
CA MET B 1668 -37.81 68.17 -92.57
C MET B 1668 -38.51 67.40 -93.69
N GLY B 1669 -39.84 67.41 -93.66
CA GLY B 1669 -40.62 66.68 -94.63
C GLY B 1669 -40.87 65.22 -94.30
N TYR B 1670 -40.14 64.67 -93.34
CA TYR B 1670 -40.29 63.29 -92.92
C TYR B 1670 -40.84 63.24 -91.50
N PHE B 1671 -41.26 62.05 -91.07
CA PHE B 1671 -41.82 61.88 -89.74
C PHE B 1671 -41.69 60.42 -89.35
N GLN B 1672 -41.99 60.14 -88.09
CA GLN B 1672 -41.94 58.78 -87.57
C GLN B 1672 -42.91 58.63 -86.41
N SER B 1673 -43.82 57.67 -86.51
CA SER B 1673 -44.84 57.45 -85.49
C SER B 1673 -44.55 56.26 -84.58
N SER B 1674 -43.80 55.27 -85.06
CA SER B 1674 -43.44 54.14 -84.22
C SER B 1674 -42.20 54.48 -83.38
N ALA B 1675 -42.03 53.72 -82.30
CA ALA B 1675 -40.97 54.05 -81.34
C ALA B 1675 -39.62 53.50 -81.77
N GLU B 1676 -39.48 52.18 -81.85
CA GLU B 1676 -38.19 51.54 -82.08
C GLU B 1676 -38.06 51.21 -83.55
N THR B 1677 -37.36 52.06 -84.28
CA THR B 1677 -37.27 51.94 -85.73
C THR B 1677 -35.93 52.50 -86.19
N THR B 1678 -35.64 52.30 -87.49
CA THR B 1678 -34.33 52.64 -88.04
C THR B 1678 -34.40 53.61 -89.21
N THR B 1679 -35.56 54.22 -89.48
CA THR B 1679 -35.66 55.12 -90.62
C THR B 1679 -36.88 56.02 -90.44
N CYS B 1680 -36.94 57.05 -91.27
CA CYS B 1680 -38.08 57.96 -91.34
C CYS B 1680 -38.87 57.70 -92.61
N THR B 1681 -40.12 58.16 -92.62
CA THR B 1681 -41.01 57.97 -93.76
C THR B 1681 -41.55 59.31 -94.20
N ALA B 1682 -41.35 59.66 -95.47
CA ALA B 1682 -41.98 60.83 -96.03
C ALA B 1682 -43.49 60.64 -96.06
N CYS B 1683 -44.23 61.60 -95.51
CA CYS B 1683 -45.67 61.39 -95.43
C CYS B 1683 -46.35 61.83 -96.73
N ALA B 1684 -47.57 61.32 -96.91
CA ALA B 1684 -48.25 61.36 -98.19
C ALA B 1684 -48.83 62.75 -98.47
N VAL B 1685 -49.51 62.85 -99.60
CA VAL B 1685 -50.06 64.12 -100.04
C VAL B 1685 -51.06 64.66 -99.03
N GLY B 1686 -51.18 65.99 -98.99
CA GLY B 1686 -52.04 66.65 -98.03
C GLY B 1686 -51.42 66.89 -96.68
N THR B 1687 -50.18 66.46 -96.45
CA THR B 1687 -49.51 66.60 -95.18
C THR B 1687 -48.11 67.15 -95.38
N TYR B 1688 -47.64 67.91 -94.40
CA TYR B 1688 -46.31 68.49 -94.43
C TYR B 1688 -45.68 68.42 -93.05
N ALA B 1689 -44.35 68.42 -93.02
CA ALA B 1689 -43.58 68.38 -91.78
C ALA B 1689 -42.48 69.43 -91.88
N ASP B 1690 -42.71 70.60 -91.29
CA ASP B 1690 -41.77 71.71 -91.35
C ASP B 1690 -40.88 71.79 -90.12
N GLN B 1691 -40.79 70.71 -89.35
CA GLN B 1691 -39.93 70.67 -88.18
C GLN B 1691 -39.18 69.34 -88.15
N ALA B 1692 -38.03 69.35 -87.49
CA ALA B 1692 -37.22 68.16 -87.35
C ALA B 1692 -37.61 67.41 -86.09
N GLY B 1693 -37.91 66.12 -86.23
CA GLY B 1693 -38.30 65.31 -85.10
C GLY B 1693 -39.79 65.35 -84.83
N LEU B 1694 -40.59 65.11 -85.86
CA LEU B 1694 -42.04 65.14 -85.74
C LEU B 1694 -42.58 63.72 -85.60
N ALA B 1695 -43.40 63.51 -84.56
CA ALA B 1695 -44.05 62.22 -84.39
C ALA B 1695 -45.07 61.98 -85.49
N ALA B 1696 -45.80 63.02 -85.87
CA ALA B 1696 -46.77 62.93 -86.96
C ALA B 1696 -46.87 64.28 -87.65
N CYS B 1697 -46.67 64.28 -88.96
CA CYS B 1697 -46.76 65.52 -89.72
C CYS B 1697 -48.21 65.98 -89.83
N LYS B 1698 -48.41 67.28 -89.74
CA LYS B 1698 -49.71 67.91 -89.67
C LYS B 1698 -50.34 68.03 -91.05
N PRO B 1699 -51.67 68.01 -91.14
CA PRO B 1699 -52.32 68.20 -92.43
C PRO B 1699 -52.35 69.67 -92.82
N CYS B 1700 -52.35 69.90 -94.14
CA CYS B 1700 -52.37 71.27 -94.65
C CYS B 1700 -53.63 71.98 -94.19
N GLN B 1701 -53.47 73.25 -93.85
CA GLN B 1701 -54.58 74.04 -93.33
C GLN B 1701 -55.59 74.34 -94.43
N PRO B 1702 -56.83 74.67 -94.05
CA PRO B 1702 -57.81 75.10 -95.06
C PRO B 1702 -57.29 76.30 -95.83
N GLY B 1703 -57.53 76.29 -97.14
CA GLY B 1703 -56.96 77.27 -98.02
C GLY B 1703 -55.59 76.91 -98.54
N ARG B 1704 -55.06 75.74 -98.21
CA ARG B 1704 -53.76 75.30 -98.70
C ARG B 1704 -53.87 73.85 -99.12
N TYR B 1705 -52.94 73.43 -99.99
CA TYR B 1705 -52.91 72.06 -100.48
C TYR B 1705 -51.47 71.63 -100.67
N GLN B 1706 -51.26 70.32 -100.71
CA GLN B 1706 -49.95 69.76 -101.02
C GLN B 1706 -50.19 68.45 -101.77
N ASN B 1707 -49.79 68.42 -103.05
CA ASN B 1707 -50.01 67.26 -103.90
C ASN B 1707 -48.79 66.37 -104.02
N SER B 1708 -47.70 66.68 -103.31
CA SER B 1708 -46.48 65.89 -103.36
C SER B 1708 -46.19 65.28 -102.00
N ILE B 1709 -45.47 64.18 -102.01
CA ILE B 1709 -45.11 63.48 -100.78
C ILE B 1709 -43.78 64.02 -100.28
N GLY B 1710 -43.62 64.01 -98.96
CA GLY B 1710 -42.35 64.40 -98.35
C GLY B 1710 -41.97 65.84 -98.57
N GLN B 1711 -42.92 66.76 -98.40
CA GLN B 1711 -42.66 68.18 -98.55
C GLN B 1711 -42.89 68.89 -97.22
N ARG B 1712 -42.14 69.96 -96.99
CA ARG B 1712 -42.21 70.71 -95.75
C ARG B 1712 -42.99 72.00 -95.88
N VAL B 1713 -43.65 72.23 -97.02
CA VAL B 1713 -44.44 73.43 -97.23
C VAL B 1713 -45.72 73.05 -97.96
N CYS B 1714 -46.84 73.64 -97.54
CA CYS B 1714 -48.08 73.56 -98.31
C CYS B 1714 -48.15 74.71 -99.31
N LYS B 1715 -48.96 74.52 -100.33
CA LYS B 1715 -49.14 75.54 -101.35
C LYS B 1715 -50.52 76.16 -101.24
N PRO B 1716 -50.67 77.45 -101.56
CA PRO B 1716 -51.98 78.09 -101.42
C PRO B 1716 -52.89 77.80 -102.60
N CYS B 1717 -54.18 77.69 -102.31
CA CYS B 1717 -55.17 77.51 -103.36
C CYS B 1717 -55.25 78.76 -104.24
N ASP B 1718 -55.97 78.64 -105.35
CA ASP B 1718 -56.10 79.73 -106.28
C ASP B 1718 -57.52 80.29 -106.27
N MET B 1719 -57.70 81.41 -106.96
CA MET B 1719 -58.97 82.12 -106.95
C MET B 1719 -60.09 81.27 -107.52
N GLY B 1720 -61.26 81.36 -106.92
CA GLY B 1720 -62.38 80.54 -107.32
C GLY B 1720 -62.31 79.11 -106.83
N THR B 1721 -61.42 78.80 -105.92
CA THR B 1721 -61.16 77.43 -105.50
C THR B 1721 -60.77 77.41 -104.03
N TYR B 1722 -61.43 76.55 -103.26
CA TYR B 1722 -61.26 76.48 -101.82
C TYR B 1722 -60.73 75.13 -101.41
N SER B 1723 -60.50 74.97 -100.11
CA SER B 1723 -60.01 73.72 -99.56
C SER B 1723 -60.31 73.67 -98.07
N ARG B 1724 -60.71 72.50 -97.60
CA ARG B 1724 -60.88 72.24 -96.18
C ARG B 1724 -59.55 71.70 -95.63
N TYR B 1725 -59.57 71.12 -94.43
CA TYR B 1725 -58.36 70.57 -93.85
C TYR B 1725 -57.76 69.50 -94.77
N GLY B 1726 -56.55 69.07 -94.40
CA GLY B 1726 -55.58 68.53 -95.35
C GLY B 1726 -56.10 67.72 -96.51
N GLY B 1727 -55.76 68.16 -97.72
CA GLY B 1727 -56.22 67.52 -98.93
C GLY B 1727 -55.18 67.64 -100.02
N GLU B 1728 -55.17 66.64 -100.91
CA GLU B 1728 -54.15 66.59 -101.95
C GLU B 1728 -54.27 67.75 -102.92
N LEU B 1729 -55.48 68.05 -103.37
CA LEU B 1729 -55.72 69.11 -104.34
C LEU B 1729 -56.78 70.06 -103.81
N CYS B 1730 -56.82 71.25 -104.39
CA CYS B 1730 -57.83 72.23 -104.07
C CYS B 1730 -59.05 72.03 -104.97
N THR B 1731 -60.23 72.08 -104.36
CA THR B 1731 -61.47 71.71 -105.05
C THR B 1731 -62.15 72.95 -105.60
N LYS B 1732 -62.57 72.87 -106.87
CA LYS B 1732 -63.28 73.97 -107.51
C LYS B 1732 -64.59 74.25 -106.78
N CYS B 1733 -64.96 75.52 -106.74
CA CYS B 1733 -66.19 75.91 -106.05
C CYS B 1733 -67.39 75.27 -106.73
N PRO B 1734 -68.47 75.01 -105.99
CA PRO B 1734 -69.69 74.51 -106.62
C PRO B 1734 -70.30 75.55 -107.55
N ALA B 1735 -71.34 75.13 -108.24
CA ALA B 1735 -72.00 76.01 -109.21
C ALA B 1735 -72.82 77.06 -108.47
N GLY B 1736 -72.50 78.33 -108.71
CA GLY B 1736 -73.22 79.43 -108.12
C GLY B 1736 -72.57 80.06 -106.90
N THR B 1737 -71.45 79.52 -106.44
CA THR B 1737 -70.73 80.06 -105.29
C THR B 1737 -69.38 80.60 -105.75
N VAL B 1738 -68.86 81.56 -105.00
CA VAL B 1738 -67.68 82.31 -105.41
C VAL B 1738 -66.64 82.29 -104.30
N ALA B 1739 -65.38 82.47 -104.70
CA ALA B 1739 -64.28 82.58 -103.75
C ALA B 1739 -63.21 83.45 -104.43
N SER B 1740 -63.19 84.74 -104.07
CA SER B 1740 -62.35 85.69 -104.80
C SER B 1740 -60.89 85.60 -104.38
N LYS B 1741 -60.61 85.59 -103.09
CA LYS B 1741 -59.24 85.66 -102.60
C LYS B 1741 -58.48 84.37 -102.94
N THR B 1742 -57.17 84.42 -102.73
CA THR B 1742 -56.30 83.33 -103.15
C THR B 1742 -56.34 82.16 -102.16
N GLY B 1743 -56.03 82.42 -100.89
CA GLY B 1743 -56.03 81.37 -99.90
C GLY B 1743 -57.40 81.13 -99.30
N SER B 1744 -58.41 80.98 -100.14
CA SER B 1744 -59.78 80.87 -99.66
C SER B 1744 -59.99 79.52 -98.98
N SER B 1745 -60.76 79.54 -97.88
CA SER B 1745 -61.06 78.32 -97.14
C SER B 1745 -62.50 77.88 -97.31
N GLN B 1746 -63.32 78.61 -98.05
CA GLN B 1746 -64.70 78.24 -98.32
C GLN B 1746 -65.24 79.12 -99.43
N CYS B 1747 -66.28 78.63 -100.09
CA CYS B 1747 -66.95 79.39 -101.15
C CYS B 1747 -68.20 80.06 -100.58
N THR B 1748 -68.49 81.26 -101.07
CA THR B 1748 -69.69 81.96 -100.68
C THR B 1748 -70.66 82.04 -101.85
N PRO B 1749 -71.96 81.83 -101.62
CA PRO B 1749 -72.92 81.89 -102.72
C PRO B 1749 -73.26 83.34 -103.07
N CYS B 1750 -73.35 83.60 -104.38
CA CYS B 1750 -73.71 84.93 -104.84
C CYS B 1750 -75.09 85.30 -104.30
N ALA B 1751 -75.21 86.51 -103.76
CA ALA B 1751 -76.45 86.94 -103.15
C ALA B 1751 -77.50 87.22 -104.22
N ALA B 1752 -78.69 87.59 -103.78
CA ALA B 1752 -79.78 87.92 -104.71
C ALA B 1752 -79.41 89.13 -105.53
N GLY B 1753 -79.83 89.13 -106.80
CA GLY B 1753 -79.52 90.22 -107.69
C GLY B 1753 -78.11 90.20 -108.24
N PHE B 1754 -77.35 89.14 -108.01
CA PHE B 1754 -75.99 89.00 -108.51
C PHE B 1754 -75.79 87.61 -109.09
N TYR B 1755 -74.84 87.52 -110.03
CA TYR B 1755 -74.56 86.26 -110.69
C TYR B 1755 -73.06 86.03 -110.75
N ALA B 1756 -72.68 84.76 -110.67
CA ALA B 1756 -71.28 84.36 -110.76
C ALA B 1756 -70.86 84.24 -112.23
N ASN B 1757 -69.69 84.79 -112.55
CA ASN B 1757 -69.25 84.86 -113.94
C ASN B 1757 -68.48 83.61 -114.36
N ALA B 1758 -69.03 82.45 -114.05
CA ALA B 1758 -68.48 81.15 -114.42
C ALA B 1758 -69.44 80.06 -113.97
N PRO B 1759 -69.45 78.90 -114.61
CA PRO B 1759 -70.34 77.83 -114.15
C PRO B 1759 -69.82 77.14 -112.89
N ASP B 1760 -68.51 76.95 -112.78
CA ASP B 1760 -67.94 76.17 -111.68
C ASP B 1760 -67.09 76.99 -110.73
N SER B 1761 -66.02 77.63 -111.22
CA SER B 1761 -65.06 78.30 -110.35
C SER B 1761 -65.13 79.80 -110.63
N ALA B 1762 -66.04 80.47 -109.95
CA ALA B 1762 -66.24 81.90 -110.13
C ALA B 1762 -65.24 82.70 -109.30
N THR B 1763 -64.84 83.84 -109.84
CA THR B 1763 -63.88 84.71 -109.16
C THR B 1763 -64.52 85.92 -108.50
N SER B 1764 -65.67 86.38 -108.99
CA SER B 1764 -66.36 87.51 -108.37
C SER B 1764 -67.79 87.57 -108.88
N CYS B 1765 -68.74 87.70 -107.96
CA CYS B 1765 -70.12 87.96 -108.35
C CYS B 1765 -70.23 89.33 -109.00
N ARG B 1766 -71.16 89.47 -109.93
CA ARG B 1766 -71.41 90.75 -110.58
C ARG B 1766 -72.90 91.04 -110.63
N ALA B 1767 -73.22 92.32 -110.73
CA ALA B 1767 -74.60 92.78 -110.74
C ALA B 1767 -75.25 92.49 -112.08
N CYS B 1768 -76.53 92.11 -112.04
CA CYS B 1768 -77.28 91.87 -113.26
C CYS B 1768 -77.46 93.17 -114.03
N PRO B 1769 -77.60 93.11 -115.35
CA PRO B 1769 -77.77 94.34 -116.13
C PRO B 1769 -79.07 95.07 -115.84
N ARG B 1770 -79.26 96.22 -116.48
CA ARG B 1770 -80.43 97.06 -116.18
C ARG B 1770 -81.73 96.36 -116.57
N GLY B 1771 -81.74 95.69 -117.71
CA GLY B 1771 -82.96 95.06 -118.20
C GLY B 1771 -83.29 93.72 -117.62
N TYR B 1772 -82.46 93.20 -116.70
CA TYR B 1772 -82.65 91.87 -116.15
C TYR B 1772 -82.95 91.96 -114.66
N TYR B 1773 -83.20 90.80 -114.05
CA TYR B 1773 -83.46 90.72 -112.62
C TYR B 1773 -83.12 89.32 -112.13
N GLY B 1774 -82.56 89.25 -110.92
CA GLY B 1774 -82.20 87.98 -110.32
C GLY B 1774 -83.02 87.68 -109.08
N PRO B 1775 -83.90 86.70 -109.17
CA PRO B 1775 -84.80 86.40 -108.04
C PRO B 1775 -84.17 85.52 -106.98
N TYR B 1776 -83.23 84.67 -107.38
CA TYR B 1776 -82.70 83.62 -106.51
C TYR B 1776 -81.40 84.05 -105.84
N SER B 1777 -80.92 83.19 -104.95
CA SER B 1777 -79.61 83.32 -104.35
C SER B 1777 -78.73 82.18 -104.87
N GLY B 1778 -77.56 82.54 -105.39
CA GLY B 1778 -76.68 81.58 -106.02
C GLY B 1778 -76.78 81.52 -107.52
N ALA B 1779 -77.11 82.63 -108.18
CA ALA B 1779 -77.19 82.65 -109.62
C ALA B 1779 -75.81 82.49 -110.24
N TYR B 1780 -75.73 81.70 -111.30
CA TYR B 1780 -74.50 81.51 -112.05
C TYR B 1780 -74.79 81.66 -113.53
N ALA B 1781 -73.83 82.24 -114.26
CA ALA B 1781 -74.02 82.54 -115.68
C ALA B 1781 -73.12 81.63 -116.50
N ASP B 1782 -73.69 80.56 -117.03
CA ASP B 1782 -73.02 79.78 -118.07
C ASP B 1782 -72.84 80.62 -119.33
N ASN B 1783 -72.01 80.13 -120.23
CA ASN B 1783 -71.64 80.88 -121.43
C ASN B 1783 -72.29 80.34 -122.70
N LEU B 1784 -73.28 79.46 -122.58
CA LEU B 1784 -73.81 78.77 -123.75
C LEU B 1784 -74.60 79.71 -124.66
N GLY B 1785 -75.48 80.54 -124.08
CA GLY B 1785 -76.33 81.39 -124.89
C GLY B 1785 -76.14 82.86 -124.59
N ASP B 1786 -77.16 83.51 -124.05
CA ASP B 1786 -77.03 84.89 -123.63
C ASP B 1786 -76.01 84.98 -122.50
N GLU B 1787 -75.14 86.00 -122.57
CA GLU B 1787 -74.05 86.12 -121.62
C GLU B 1787 -74.58 86.27 -120.20
N PHE B 1788 -75.52 87.19 -119.99
CA PHE B 1788 -76.05 87.45 -118.65
C PHE B 1788 -77.33 86.64 -118.39
N GLU B 1789 -77.27 85.33 -118.64
CA GLU B 1789 -78.44 84.48 -118.46
C GLU B 1789 -78.00 83.09 -118.04
N GLY B 1790 -78.75 82.51 -117.10
CA GLY B 1790 -78.46 81.18 -116.61
C GLY B 1790 -79.72 80.47 -116.15
N PRO B 1791 -79.61 79.19 -115.82
CA PRO B 1791 -80.79 78.45 -115.33
C PRO B 1791 -81.40 79.08 -114.09
N ARG B 1792 -80.56 79.59 -113.18
CA ARG B 1792 -81.02 80.34 -112.02
C ARG B 1792 -80.61 81.80 -112.10
N GLY B 1793 -79.99 82.22 -113.18
CA GLY B 1793 -79.36 83.52 -113.28
C GLY B 1793 -80.36 84.66 -113.41
N CYS B 1794 -79.81 85.84 -113.67
CA CYS B 1794 -80.61 87.03 -113.84
C CYS B 1794 -81.43 86.93 -115.12
N TYR B 1795 -82.73 86.69 -114.97
CA TYR B 1795 -83.62 86.63 -116.11
C TYR B 1795 -83.96 88.04 -116.59
N LYS B 1796 -84.26 88.15 -117.88
CA LYS B 1796 -84.77 89.43 -118.40
C LYS B 1796 -86.21 89.63 -117.95
N CYS B 1797 -86.57 90.88 -117.70
CA CYS B 1797 -87.90 91.19 -117.21
C CYS B 1797 -88.95 90.79 -118.26
N PRO B 1798 -90.14 90.38 -117.83
CA PRO B 1798 -91.18 89.97 -118.79
C PRO B 1798 -91.65 91.13 -119.66
N TYR B 1799 -92.58 90.84 -120.57
CA TYR B 1799 -93.02 91.84 -121.53
C TYR B 1799 -93.64 93.05 -120.83
N ASP B 1800 -94.58 92.81 -119.91
CA ASP B 1800 -95.23 93.93 -119.24
C ASP B 1800 -94.32 94.55 -118.19
N PHE B 1801 -93.61 93.74 -117.42
CA PHE B 1801 -92.85 94.22 -116.28
C PHE B 1801 -91.55 94.88 -116.72
N PHE B 1802 -91.06 95.79 -115.88
CA PHE B 1802 -89.84 96.54 -116.16
C PHE B 1802 -89.04 96.71 -114.88
N ALA B 1803 -87.73 96.92 -115.05
CA ALA B 1803 -86.82 97.22 -113.96
C ALA B 1803 -85.62 97.95 -114.53
N ASP B 1804 -85.03 98.82 -113.71
CA ASP B 1804 -83.92 99.64 -114.18
C ASP B 1804 -82.71 99.54 -113.26
N ARG B 1805 -82.94 99.24 -111.99
CA ARG B 1805 -81.82 99.10 -111.06
C ARG B 1805 -81.06 97.81 -111.35
N PRO B 1806 -79.72 97.87 -111.44
CA PRO B 1806 -78.96 96.70 -111.90
C PRO B 1806 -79.10 95.49 -110.99
N GLY B 1807 -78.76 95.66 -109.71
CA GLY B 1807 -78.93 94.56 -108.78
C GLY B 1807 -80.27 94.64 -108.09
N VAL B 1808 -81.25 93.90 -108.61
CA VAL B 1808 -82.60 93.90 -108.07
C VAL B 1808 -83.11 92.46 -108.01
N ARG B 1809 -84.07 92.24 -107.11
CA ARG B 1809 -84.66 90.92 -106.94
C ARG B 1809 -85.77 90.66 -107.96
N GLN B 1810 -86.64 91.66 -108.19
CA GLN B 1810 -87.76 91.48 -109.10
C GLN B 1810 -88.05 92.78 -109.82
N CYS B 1811 -88.68 92.67 -110.99
CA CYS B 1811 -89.12 93.84 -111.73
C CYS B 1811 -90.44 94.34 -111.16
N THR B 1812 -90.98 95.40 -111.79
CA THR B 1812 -92.27 95.94 -111.42
C THR B 1812 -93.07 96.23 -112.68
N ALA B 1813 -94.40 96.21 -112.54
CA ALA B 1813 -95.28 96.51 -113.66
C ALA B 1813 -95.25 97.99 -113.99
N CYS B 1814 -95.59 98.31 -115.24
CA CYS B 1814 -95.66 99.69 -115.66
C CYS B 1814 -96.68 100.42 -114.81
N PRO B 1815 -96.37 101.62 -114.31
CA PRO B 1815 -97.35 102.35 -113.52
C PRO B 1815 -98.43 102.92 -114.42
N PRO B 1816 -99.64 103.14 -113.89
CA PRO B 1816 -100.68 103.78 -114.70
C PRO B 1816 -100.41 105.27 -114.88
N LEU B 1817 -100.17 105.68 -116.11
CA LEU B 1817 -99.86 107.08 -116.38
C LEU B 1817 -101.09 107.94 -116.11
N ASP B 1818 -100.87 109.07 -115.42
CA ASP B 1818 -101.93 109.97 -115.02
C ASP B 1818 -101.62 111.35 -115.59
N LEU B 1819 -102.25 111.69 -116.71
CA LEU B 1819 -102.01 112.95 -117.41
C LEU B 1819 -102.82 114.10 -116.83
N GLY B 1820 -103.66 113.86 -115.83
CA GLY B 1820 -104.50 114.89 -115.29
C GLY B 1820 -105.70 114.34 -114.54
N GLY B 1821 -106.90 114.81 -114.88
CA GLY B 1821 -108.10 114.35 -114.21
C GLY B 1821 -108.75 113.16 -114.87
N GLY B 1822 -108.78 112.04 -114.16
CA GLY B 1822 -109.46 110.85 -114.65
C GLY B 1822 -108.90 110.26 -115.93
N ASN B 1823 -107.58 110.27 -116.08
CA ASN B 1823 -106.90 109.69 -117.24
C ASN B 1823 -105.84 108.72 -116.73
N LEU B 1824 -106.26 107.48 -116.47
CA LEU B 1824 -105.35 106.41 -116.04
C LEU B 1824 -105.15 105.48 -117.22
N VAL B 1825 -104.08 105.70 -117.97
CA VAL B 1825 -103.77 104.95 -119.17
C VAL B 1825 -102.65 103.96 -118.86
N GLU B 1826 -102.92 102.68 -119.09
CA GLU B 1826 -101.92 101.65 -118.84
C GLU B 1826 -100.78 101.74 -119.84
N GLN B 1827 -99.63 101.20 -119.45
CA GLN B 1827 -98.42 101.26 -120.25
C GLN B 1827 -97.83 99.86 -120.40
N CYS B 1828 -97.08 99.69 -121.48
CA CYS B 1828 -96.44 98.41 -121.77
C CYS B 1828 -95.03 98.69 -122.30
N THR B 1829 -94.36 97.65 -122.79
CA THR B 1829 -93.00 97.74 -123.29
C THR B 1829 -92.92 97.24 -124.72
N GLU B 1830 -92.08 97.89 -125.53
CA GLU B 1830 -91.93 97.49 -126.92
C GLU B 1830 -91.25 96.14 -127.05
N ASP B 1831 -90.15 95.93 -126.34
CA ASP B 1831 -89.35 94.72 -126.45
C ASP B 1831 -89.51 93.86 -125.21
N LEU B 1832 -88.77 92.76 -125.18
CA LEU B 1832 -88.92 91.78 -124.10
C LEU B 1832 -88.44 92.35 -122.78
N GLY B 1833 -87.24 92.94 -122.77
CA GLY B 1833 -86.70 93.50 -121.55
C GLY B 1833 -86.27 94.95 -121.69
N SER B 1834 -86.91 95.86 -120.95
CA SER B 1834 -86.61 97.27 -121.03
C SER B 1834 -86.74 97.90 -119.66
N GLN B 1835 -85.97 98.98 -119.44
CA GLN B 1835 -85.98 99.71 -118.19
C GLN B 1835 -86.92 100.91 -118.21
N ARG B 1836 -87.58 101.16 -119.34
CA ARG B 1836 -88.55 102.25 -119.46
C ARG B 1836 -89.86 101.71 -119.99
N CYS B 1837 -90.97 102.16 -119.41
CA CYS B 1837 -92.30 101.71 -119.78
C CYS B 1837 -92.98 102.82 -120.56
N LYS B 1838 -93.34 102.54 -121.81
CA LYS B 1838 -93.95 103.53 -122.68
C LYS B 1838 -95.45 103.30 -122.82
N PRO B 1839 -96.19 104.31 -123.28
CA PRO B 1839 -97.64 104.12 -123.49
C PRO B 1839 -97.94 102.93 -124.37
N CYS B 1840 -98.91 102.12 -123.93
CA CYS B 1840 -99.28 100.94 -124.69
C CYS B 1840 -100.02 101.29 -125.98
N SER B 1841 -100.64 102.46 -126.05
CA SER B 1841 -101.33 102.86 -127.28
C SER B 1841 -100.34 103.13 -128.41
N LEU B 1842 -99.21 103.77 -128.11
CA LEU B 1842 -98.31 104.30 -129.12
C LEU B 1842 -97.16 103.38 -129.48
N LEU B 1843 -97.05 102.20 -128.86
CA LEU B 1843 -95.99 101.27 -129.22
C LEU B 1843 -96.25 100.68 -130.60
N SER B 1844 -95.17 100.53 -131.36
CA SER B 1844 -95.30 100.10 -132.76
C SER B 1844 -95.69 98.64 -132.84
N LYS B 1845 -94.83 97.76 -132.36
CA LYS B 1845 -95.16 96.33 -132.36
C LYS B 1845 -96.08 96.05 -131.17
N PRO B 1846 -97.35 95.60 -131.38
CA PRO B 1846 -98.27 95.48 -130.28
C PRO B 1846 -98.32 94.09 -129.66
N LYS B 1847 -99.29 93.89 -128.76
CA LYS B 1847 -99.45 92.58 -128.16
C LYS B 1847 -99.76 91.54 -129.20
N THR B 1848 -100.27 91.97 -130.35
CA THR B 1848 -100.63 91.04 -131.41
C THR B 1848 -99.40 90.33 -131.97
N ALA B 1849 -98.30 91.04 -132.16
CA ALA B 1849 -97.15 90.51 -132.90
C ALA B 1849 -96.05 89.95 -132.02
N ARG B 1850 -96.24 89.93 -130.70
CA ARG B 1850 -95.24 89.34 -129.80
C ARG B 1850 -95.33 87.82 -129.91
N THR B 1851 -94.44 87.25 -130.71
CA THR B 1851 -94.44 85.82 -131.02
C THR B 1851 -93.60 84.98 -130.07
N GLU B 1852 -92.98 85.60 -129.06
CA GLU B 1852 -92.24 84.84 -128.07
C GLU B 1852 -93.18 83.92 -127.30
N GLN B 1853 -92.68 82.75 -126.91
CA GLN B 1853 -93.48 81.78 -126.18
C GLN B 1853 -93.08 81.87 -124.72
N SER B 1854 -94.07 81.89 -123.83
CA SER B 1854 -93.82 82.18 -122.42
C SER B 1854 -93.17 81.01 -121.67
N HYP B 1855 -92.03 81.28 -121.05
CA HYP B 1855 -91.19 80.25 -120.41
C HYP B 1855 -91.92 79.41 -119.34
O HYP B 1855 -92.98 79.81 -118.91
CB HYP B 1855 -90.03 81.05 -119.82
CG HYP B 1855 -90.46 82.50 -119.94
CD HYP B 1855 -91.96 82.39 -120.11
OD1 HYP B 1855 -89.89 83.05 -121.11
N HYP B 1856 -91.35 78.25 -118.95
CA HYP B 1856 -92.04 77.35 -118.02
C HYP B 1856 -92.23 77.91 -116.61
O HYP B 1856 -91.74 78.99 -116.35
CB HYP B 1856 -91.20 76.06 -117.99
CG HYP B 1856 -90.06 76.34 -118.96
CD HYP B 1856 -89.94 77.84 -118.86
OD1 HYP B 1856 -90.46 75.96 -120.27
N HYP B 1857 -92.94 77.20 -115.73
CA HYP B 1857 -93.02 77.62 -114.33
C HYP B 1857 -91.74 77.35 -113.53
O HYP B 1857 -90.83 76.75 -114.09
CB HYP B 1857 -94.22 76.87 -113.73
CG HYP B 1857 -94.98 76.44 -114.97
CD HYP B 1857 -93.84 76.05 -115.88
OD1 HYP B 1857 -95.63 77.58 -115.51
N HYP B 1858 -91.67 77.78 -112.27
CA HYP B 1858 -90.50 77.51 -111.44
C HYP B 1858 -90.40 76.09 -110.87
O HYP B 1858 -91.33 75.68 -110.20
CB HYP B 1858 -90.61 78.58 -110.35
CG HYP B 1858 -91.20 79.77 -111.09
CD HYP B 1858 -91.56 79.23 -112.47
OD1 HYP B 1858 -90.21 80.78 -111.21
N SER B 1859 -89.32 75.38 -111.14
CA SER B 1859 -89.14 74.04 -110.59
C SER B 1859 -89.26 74.08 -109.08
N HYP B 1860 -89.76 72.99 -108.49
CA HYP B 1860 -90.10 72.97 -107.06
C HYP B 1860 -88.95 73.30 -106.08
O HYP B 1860 -87.84 73.45 -106.52
CB HYP B 1860 -90.68 71.57 -106.83
CG HYP B 1860 -91.32 71.30 -108.17
CD HYP B 1860 -90.21 71.73 -109.11
OD1 HYP B 1860 -92.43 72.16 -108.33
N SER B 1861 -89.27 73.40 -104.80
CA SER B 1861 -88.28 73.83 -103.81
C SER B 1861 -87.69 72.62 -103.09
N HYP B 1862 -86.39 72.68 -102.78
CA HYP B 1862 -85.67 71.54 -102.19
C HYP B 1862 -86.25 71.03 -100.86
O HYP B 1862 -86.88 71.81 -100.16
CB HYP B 1862 -84.22 72.02 -102.00
CG HYP B 1862 -84.18 73.27 -102.84
CD HYP B 1862 -85.53 73.85 -102.57
OD1 HYP B 1862 -84.07 72.92 -104.21
N HYP B 1863 -86.04 69.76 -100.52
CA HYP B 1863 -86.49 69.21 -99.23
C HYP B 1863 -85.76 69.84 -98.03
O HYP B 1863 -84.82 70.58 -98.26
CB HYP B 1863 -86.24 67.70 -99.32
CG HYP B 1863 -85.98 67.48 -100.80
CD HYP B 1863 -85.20 68.73 -101.15
OD1 HYP B 1863 -87.21 67.48 -101.49
N HYP B 1864 -86.18 69.55 -96.81
CA HYP B 1864 -85.49 70.09 -95.63
C HYP B 1864 -84.23 69.32 -95.23
O HYP B 1864 -83.98 68.27 -95.80
CB HYP B 1864 -86.54 70.08 -94.50
CG HYP B 1864 -87.84 69.97 -95.26
CD HYP B 1864 -87.47 68.99 -96.34
OD1 HYP B 1864 -88.14 71.24 -95.83
N HYP B 1865 -83.47 69.85 -94.28
CA HYP B 1865 -82.35 69.11 -93.67
C HYP B 1865 -82.80 68.00 -92.70
O HYP B 1865 -83.70 68.27 -91.93
CB HYP B 1865 -81.49 70.17 -92.99
CG HYP B 1865 -81.74 71.37 -93.87
CD HYP B 1865 -83.23 71.29 -94.06
OD1 HYP B 1865 -81.07 71.17 -95.11
N HYP B 1866 -82.19 66.83 -92.75
CA HYP B 1866 -82.55 65.74 -91.82
C HYP B 1866 -82.33 66.08 -90.34
O HYP B 1866 -81.75 67.12 -90.07
CB HYP B 1866 -81.69 64.54 -92.24
CG HYP B 1866 -81.04 65.00 -93.54
CD HYP B 1866 -80.86 66.48 -93.28
OD1 HYP B 1866 -81.97 64.80 -94.60
N HYP B 1867 -82.80 65.24 -89.43
CA HYP B 1867 -82.52 65.46 -88.00
C HYP B 1867 -81.07 65.12 -87.60
O HYP B 1867 -80.35 64.60 -88.44
CB HYP B 1867 -83.54 64.58 -87.25
CG HYP B 1867 -84.69 64.54 -88.25
CD HYP B 1867 -83.93 64.31 -89.54
OD1 HYP B 1867 -85.32 65.81 -88.26
N HYP B 1868 -80.68 65.41 -86.37
CA HYP B 1868 -79.35 65.00 -85.88
C HYP B 1868 -79.28 63.50 -85.56
O HYP B 1868 -80.15 63.01 -84.87
CB HYP B 1868 -79.09 65.91 -84.68
CG HYP B 1868 -79.76 67.18 -85.14
CD HYP B 1868 -81.07 66.64 -85.65
OD1 HYP B 1868 -79.01 67.69 -86.25
N SER B 1869 -78.25 62.81 -86.06
CA SER B 1869 -78.16 61.36 -85.92
C SER B 1869 -78.05 60.90 -84.47
N HYP B 1870 -78.59 59.72 -84.19
CA HYP B 1870 -78.50 59.12 -82.85
C HYP B 1870 -77.06 58.79 -82.43
O HYP B 1870 -76.40 58.05 -83.14
CB HYP B 1870 -79.38 57.87 -82.91
CG HYP B 1870 -80.26 58.13 -84.12
CD HYP B 1870 -79.26 58.75 -85.07
OD1 HYP B 1870 -81.23 59.12 -83.76
N ARG B 1871 -76.63 59.30 -81.28
CA ARG B 1871 -75.30 59.04 -80.76
C ARG B 1871 -75.09 57.53 -80.56
N HYP B 1872 -73.88 57.04 -80.80
CA HYP B 1872 -73.58 55.62 -80.52
C HYP B 1872 -73.81 55.28 -79.04
O HYP B 1872 -73.79 56.19 -78.23
CB HYP B 1872 -72.13 55.40 -80.95
CG HYP B 1872 -71.72 56.74 -81.55
CD HYP B 1872 -72.58 57.71 -80.75
OD1 HYP B 1872 -72.06 56.81 -82.93
N HYP B 1873 -74.03 54.01 -78.70
CA HYP B 1873 -74.35 53.65 -77.29
C HYP B 1873 -73.30 54.06 -76.26
O HYP B 1873 -72.23 54.49 -76.65
CB HYP B 1873 -74.55 52.13 -77.30
CG HYP B 1873 -74.77 51.82 -78.77
CD HYP B 1873 -73.76 52.76 -79.41
OD1 HYP B 1873 -76.08 52.16 -79.16
N SER B 1874 -73.62 53.92 -74.98
CA SER B 1874 -72.70 54.31 -73.92
C SER B 1874 -71.89 53.13 -73.41
N HYP B 1875 -70.67 53.40 -72.98
CA HYP B 1875 -69.78 52.34 -72.47
C HYP B 1875 -70.25 51.62 -71.21
O HYP B 1875 -70.52 52.29 -70.21
CB HYP B 1875 -68.44 53.06 -72.28
CG HYP B 1875 -68.53 54.25 -73.21
CD HYP B 1875 -69.81 54.00 -74.00
OD1 HYP B 1875 -67.39 54.30 -74.06
N ASN B 1876 -70.34 50.30 -71.26
CA ASN B 1876 -70.66 49.48 -70.09
C ASN B 1876 -69.71 49.78 -68.93
N HYP B 1877 -70.20 49.62 -67.71
CA HYP B 1877 -69.42 49.98 -66.51
C HYP B 1877 -68.22 49.05 -66.28
O HYP B 1877 -68.05 48.12 -67.05
CB HYP B 1877 -70.43 49.90 -65.35
CG HYP B 1877 -71.47 48.93 -65.91
CD HYP B 1877 -71.61 49.46 -67.32
OD1 HYP B 1877 -72.67 49.03 -65.18
N HYP B 1878 -67.41 49.31 -65.25
CA HYP B 1878 -66.39 48.32 -64.84
C HYP B 1878 -66.96 46.96 -64.49
O HYP B 1878 -67.83 46.90 -63.63
CB HYP B 1878 -65.67 48.99 -63.66
CG HYP B 1878 -65.74 50.45 -64.05
CD HYP B 1878 -67.18 50.56 -64.51
OD1 HYP B 1878 -64.88 50.64 -65.16
N SER B 1879 -66.49 45.88 -65.14
CA SER B 1879 -66.91 44.54 -64.78
C SER B 1879 -66.53 44.25 -63.33
N HYP B 1880 -67.23 43.32 -62.70
CA HYP B 1880 -66.99 43.03 -61.29
C HYP B 1880 -65.67 42.29 -61.04
O HYP B 1880 -65.04 41.93 -62.02
CB HYP B 1880 -68.23 42.24 -60.82
CG HYP B 1880 -69.21 42.40 -61.97
CD HYP B 1880 -68.67 43.59 -62.73
OD1 HYP B 1880 -70.55 42.59 -61.52
N ARG B 1881 -65.26 42.11 -59.79
CA ARG B 1881 -64.01 41.42 -59.49
C ARG B 1881 -64.25 39.93 -59.32
N HYP B 1882 -63.18 39.18 -59.10
CA HYP B 1882 -63.31 37.75 -58.78
C HYP B 1882 -63.42 37.44 -57.28
O HYP B 1882 -63.30 38.36 -56.49
CB HYP B 1882 -62.07 37.11 -59.41
CG HYP B 1882 -61.67 38.10 -60.50
CD HYP B 1882 -62.82 39.09 -60.52
OD1 HYP B 1882 -61.54 37.42 -61.73
N HYP B 1883 -63.65 36.18 -56.92
CA HYP B 1883 -63.58 35.79 -55.51
C HYP B 1883 -62.18 35.96 -54.88
O HYP B 1883 -61.25 36.20 -55.63
CB HYP B 1883 -64.08 34.34 -55.52
CG HYP B 1883 -65.24 34.48 -56.49
CD HYP B 1883 -64.60 35.28 -57.61
OD1 HYP B 1883 -66.24 35.26 -55.85
N SER B 1884 -62.07 35.85 -53.57
CA SER B 1884 -60.80 36.11 -52.91
C SER B 1884 -60.25 34.86 -52.25
N HYP B 1885 -58.93 34.72 -52.28
CA HYP B 1885 -58.26 33.56 -51.71
C HYP B 1885 -58.49 33.33 -50.21
O HYP B 1885 -58.12 34.20 -49.43
CB HYP B 1885 -56.80 33.78 -52.06
CG HYP B 1885 -56.85 34.66 -53.29
CD HYP B 1885 -58.33 34.75 -53.61
OD1 HYP B 1885 -56.14 34.06 -54.36
N ALA B 1886 -59.10 32.21 -49.83
CA ALA B 1886 -59.37 31.92 -48.43
C ALA B 1886 -58.06 31.82 -47.65
N HYP B 1887 -58.14 32.08 -46.35
CA HYP B 1887 -56.96 31.99 -45.48
C HYP B 1887 -56.45 30.55 -45.30
O HYP B 1887 -57.27 29.68 -45.08
CB HYP B 1887 -57.42 32.65 -44.19
CG HYP B 1887 -58.49 33.63 -44.65
CD HYP B 1887 -58.48 33.50 -46.16
OD1 HYP B 1887 -58.17 34.95 -44.23
N HYP B 1888 -55.14 30.35 -45.38
CA HYP B 1888 -54.52 29.01 -45.31
C HYP B 1888 -55.16 28.04 -44.30
O HYP B 1888 -55.24 28.39 -43.15
CB HYP B 1888 -53.05 29.28 -44.97
CG HYP B 1888 -52.87 30.72 -45.42
CD HYP B 1888 -54.15 31.34 -44.91
OD1 HYP B 1888 -52.89 30.74 -46.84
N SER B 1889 -55.59 26.88 -44.78
CA SER B 1889 -56.13 25.86 -43.89
C SER B 1889 -55.11 25.53 -42.82
N HYP B 1890 -55.62 25.18 -41.63
CA HYP B 1890 -54.77 24.89 -40.49
C HYP B 1890 -53.84 23.68 -40.70
O HYP B 1890 -53.96 23.04 -41.72
CB HYP B 1890 -55.75 24.72 -39.32
CG HYP B 1890 -57.05 25.27 -39.87
CD HYP B 1890 -56.61 26.09 -41.06
OD1 HYP B 1890 -57.72 26.07 -38.90
N ASN B 1891 -52.94 23.41 -39.76
CA ASN B 1891 -51.98 22.34 -39.92
C ASN B 1891 -52.27 21.18 -38.99
N HYP B 1892 -51.76 19.99 -39.34
CA HYP B 1892 -51.94 18.81 -38.49
C HYP B 1892 -51.45 18.94 -37.04
O HYP B 1892 -50.76 19.89 -36.75
CB HYP B 1892 -51.20 17.70 -39.25
CG HYP B 1892 -51.27 18.16 -40.70
CD HYP B 1892 -52.12 19.42 -40.64
OD1 HYP B 1892 -51.85 17.14 -41.50
N HYP B 1893 -51.84 18.00 -36.18
CA HYP B 1893 -51.34 17.99 -34.81
C HYP B 1893 -49.90 17.51 -34.64
O HYP B 1893 -49.30 17.15 -35.64
CB HYP B 1893 -52.34 17.09 -34.07
CG HYP B 1893 -53.60 17.19 -34.91
CD HYP B 1893 -53.26 18.25 -35.94
OD1 HYP B 1893 -54.71 17.57 -34.10
N HYP B 1894 -49.36 17.51 -33.43
CA HYP B 1894 -48.05 16.89 -33.19
C HYP B 1894 -48.04 15.38 -33.45
O HYP B 1894 -48.78 14.68 -32.80
CB HYP B 1894 -47.72 17.28 -31.76
CG HYP B 1894 -48.26 18.70 -31.72
CD HYP B 1894 -49.63 18.50 -32.37
OD1 HYP B 1894 -47.46 19.50 -32.56
N THR B 1895 -47.21 14.92 -34.39
CA THR B 1895 -47.19 13.53 -34.80
C THR B 1895 -46.90 12.59 -33.63
N SER B 1896 -47.41 11.37 -33.74
CA SER B 1896 -47.25 10.37 -32.68
C SER B 1896 -45.80 9.95 -32.53
N HYP B 1897 -45.43 9.51 -31.34
CA HYP B 1897 -44.05 9.10 -31.06
C HYP B 1897 -43.62 7.78 -31.70
O HYP B 1897 -44.43 7.17 -32.38
CB HYP B 1897 -43.98 9.06 -29.53
CG HYP B 1897 -45.12 9.96 -29.09
CD HYP B 1897 -45.58 10.61 -30.38
OD1 HYP B 1897 -44.65 10.91 -28.16
N HYP B 1898 -42.38 7.36 -31.47
CA HYP B 1898 -41.93 6.06 -31.95
C HYP B 1898 -42.27 4.90 -31.00
O HYP B 1898 -42.83 5.16 -29.95
CB HYP B 1898 -40.43 6.26 -32.15
CG HYP B 1898 -40.32 7.72 -32.53
CD HYP B 1898 -41.75 8.23 -32.46
OD1 HYP B 1898 -39.82 7.85 -33.85
N HYP B 1899 -41.93 3.67 -31.37
CA HYP B 1899 -42.17 2.54 -30.48
C HYP B 1899 -41.11 2.40 -29.38
O HYP B 1899 -39.95 2.35 -29.70
CB HYP B 1899 -42.22 1.37 -31.45
CG HYP B 1899 -42.97 1.95 -32.64
CD HYP B 1899 -42.94 3.46 -32.41
OD1 HYP B 1899 -44.32 1.51 -32.63
N SER B 1900 -41.52 2.35 -28.11
CA SER B 1900 -40.56 2.24 -27.02
C SER B 1900 -39.76 0.95 -27.13
N HYP B 1901 -38.51 0.99 -26.69
CA HYP B 1901 -37.61 -0.16 -26.80
C HYP B 1901 -37.99 -1.40 -25.98
O HYP B 1901 -38.92 -1.30 -25.18
CB HYP B 1901 -36.25 0.40 -26.39
CG HYP B 1901 -36.37 1.89 -26.69
CD HYP B 1901 -37.72 2.01 -27.37
OD1 HYP B 1901 -35.31 2.29 -27.54
N HYP B 1902 -37.31 -2.51 -26.18
CA HYP B 1902 -37.45 -3.65 -25.26
C HYP B 1902 -36.68 -3.40 -23.95
O HYP B 1902 -35.91 -2.46 -23.91
CB HYP B 1902 -36.91 -4.86 -26.02
CG HYP B 1902 -36.99 -4.40 -27.46
CD HYP B 1902 -36.52 -2.97 -27.33
OD1 HYP B 1902 -38.34 -4.42 -27.88
N HYP B 1903 -36.94 -4.19 -22.91
CA HYP B 1903 -36.20 -4.02 -21.65
C HYP B 1903 -34.70 -4.33 -21.78
O HYP B 1903 -34.37 -5.26 -22.48
CB HYP B 1903 -36.92 -4.92 -20.64
CG HYP B 1903 -38.31 -4.94 -21.22
CD HYP B 1903 -38.01 -5.16 -22.68
OD1 HYP B 1903 -38.87 -3.64 -21.07
N SER B 1904 -33.84 -3.57 -21.11
CA SER B 1904 -32.40 -3.79 -21.25
C SER B 1904 -31.99 -5.14 -20.67
N HYP B 1905 -30.77 -5.57 -20.97
CA HYP B 1905 -30.28 -6.84 -20.46
C HYP B 1905 -29.71 -6.79 -19.03
O HYP B 1905 -29.50 -5.69 -18.54
CB HYP B 1905 -29.22 -7.25 -21.50
CG HYP B 1905 -29.76 -6.64 -22.79
CD HYP B 1905 -31.03 -5.93 -22.36
OD1 HYP B 1905 -30.04 -7.68 -23.72
N HYP B 1906 -29.51 -7.94 -18.40
CA HYP B 1906 -28.93 -7.97 -17.06
C HYP B 1906 -27.42 -7.72 -17.00
O HYP B 1906 -26.80 -7.64 -18.04
CB HYP B 1906 -29.31 -9.36 -16.54
CG HYP B 1906 -30.61 -9.66 -17.28
CD HYP B 1906 -30.86 -8.41 -18.10
OD1 HYP B 1906 -31.64 -9.90 -16.34
N HYP B 1907 -26.87 -7.58 -15.80
CA HYP B 1907 -25.41 -7.54 -15.63
C HYP B 1907 -24.79 -8.95 -15.74
O HYP B 1907 -25.55 -9.88 -15.87
CB HYP B 1907 -25.18 -6.86 -14.28
CG HYP B 1907 -26.44 -6.05 -14.12
CD HYP B 1907 -27.49 -7.03 -14.59
OD1 HYP B 1907 -26.40 -4.93 -15.00
N HYP B 1908 -23.46 -9.08 -15.70
CA HYP B 1908 -22.85 -10.40 -16.00
C HYP B 1908 -22.78 -11.41 -14.85
O HYP B 1908 -21.95 -12.29 -14.92
CB HYP B 1908 -21.46 -10.04 -16.54
CG HYP B 1908 -21.75 -8.73 -17.23
CD HYP B 1908 -22.54 -8.03 -16.16
OD1 HYP B 1908 -22.61 -9.00 -18.33
N ARG B 1909 -23.66 -11.30 -13.84
CA ARG B 1909 -23.68 -12.22 -12.70
C ARG B 1909 -22.37 -12.19 -11.91
N HYP B 1910 -22.35 -12.80 -10.73
CA HYP B 1910 -21.15 -12.79 -9.90
C HYP B 1910 -20.26 -14.04 -10.02
O HYP B 1910 -20.66 -14.98 -10.68
CB HYP B 1910 -21.65 -12.59 -8.47
CG HYP B 1910 -23.05 -12.02 -8.67
CD HYP B 1910 -23.08 -11.67 -10.15
OD1 HYP B 1910 -23.24 -10.88 -7.85
N HYP B 1911 -19.08 -14.02 -9.40
CA HYP B 1911 -18.21 -15.19 -9.39
C HYP B 1911 -18.57 -16.28 -8.36
O HYP B 1911 -19.53 -16.08 -7.63
CB HYP B 1911 -16.82 -14.60 -9.13
CG HYP B 1911 -16.92 -13.20 -9.72
CD HYP B 1911 -18.33 -13.16 -10.30
OD1 HYP B 1911 -15.94 -13.03 -10.73
N HYP B 1912 -17.83 -17.38 -8.33
CA HYP B 1912 -18.09 -18.43 -7.34
C HYP B 1912 -17.52 -18.15 -5.94
O HYP B 1912 -16.89 -17.13 -5.77
CB HYP B 1912 -17.48 -19.67 -8.01
CG HYP B 1912 -17.76 -19.43 -9.49
CD HYP B 1912 -18.32 -18.02 -9.55
OD1 HYP B 1912 -18.72 -20.36 -9.96
N HYP B 1913 -17.75 -19.05 -5.00
CA HYP B 1913 -17.17 -18.92 -3.66
C HYP B 1913 -15.79 -19.57 -3.48
O HYP B 1913 -15.63 -20.70 -3.93
CB HYP B 1913 -18.24 -19.54 -2.76
CG HYP B 1913 -19.53 -19.12 -3.44
CD HYP B 1913 -19.09 -18.48 -4.74
OD1 HYP B 1913 -20.19 -18.17 -2.62
N HYP B 1914 -14.86 -18.88 -2.84
CA HYP B 1914 -13.63 -19.54 -2.35
C HYP B 1914 -13.92 -20.84 -1.61
O HYP B 1914 -14.87 -20.87 -0.85
CB HYP B 1914 -12.97 -18.51 -1.41
CG HYP B 1914 -13.59 -17.20 -1.87
CD HYP B 1914 -15.02 -17.62 -2.12
OD1 HYP B 1914 -12.97 -16.80 -3.09
N HYP B 1915 -13.12 -21.88 -1.82
CA HYP B 1915 -13.29 -23.12 -1.04
C HYP B 1915 -13.06 -22.92 0.46
O HYP B 1915 -12.51 -21.90 0.82
CB HYP B 1915 -12.30 -24.11 -1.69
CG HYP B 1915 -12.04 -23.50 -3.06
CD HYP B 1915 -13.08 -22.41 -3.19
OD1 HYP B 1915 -12.17 -24.50 -4.06
N HYP B 1916 -13.47 -23.86 1.29
CA HYP B 1916 -13.20 -23.73 2.73
C HYP B 1916 -11.74 -24.04 3.07
O HYP B 1916 -11.03 -24.48 2.18
CB HYP B 1916 -14.16 -24.71 3.42
CG HYP B 1916 -15.10 -25.11 2.31
CD HYP B 1916 -14.16 -25.15 1.12
OD1 HYP B 1916 -16.05 -24.08 2.12
N HYP B 1917 -11.30 -23.78 4.29
CA HYP B 1917 -9.97 -24.23 4.72
C HYP B 1917 -9.97 -25.73 5.04
O HYP B 1917 -11.05 -26.28 5.15
CB HYP B 1917 -9.60 -23.36 5.92
CG HYP B 1917 -10.60 -22.21 5.81
CD HYP B 1917 -11.83 -22.96 5.39
OD1 HYP B 1917 -10.19 -21.36 4.75
N HYP B 1918 -8.81 -26.37 5.16
CA HYP B 1918 -8.80 -27.80 5.48
C HYP B 1918 -9.17 -28.08 6.95
O HYP B 1918 -8.55 -27.50 7.81
CB HYP B 1918 -7.38 -28.28 5.13
CG HYP B 1918 -6.82 -27.11 4.36
CD HYP B 1918 -7.41 -25.95 5.11
OD1 HYP B 1918 -7.38 -27.12 3.06
N SER B 1919 -10.15 -28.94 7.17
CA SER B 1919 -10.66 -29.23 8.50
C SER B 1919 -9.56 -29.57 9.51
N HYP B 1920 -9.80 -29.26 10.79
CA HYP B 1920 -8.81 -29.55 11.83
C HYP B 1920 -8.56 -31.06 12.01
O HYP B 1920 -9.25 -31.85 11.39
CB HYP B 1920 -9.36 -28.94 13.12
CG HYP B 1920 -10.56 -28.15 12.64
CD HYP B 1920 -11.05 -29.01 11.51
OD1 HYP B 1920 -10.10 -26.91 12.11
N HYP B 1921 -7.59 -31.43 12.84
CA HYP B 1921 -7.32 -32.84 13.10
C HYP B 1921 -8.23 -33.45 14.18
O HYP B 1921 -8.91 -32.70 14.84
CB HYP B 1921 -5.84 -32.85 13.49
CG HYP B 1921 -5.28 -31.64 12.78
CD HYP B 1921 -6.46 -31.11 11.98
OD1 HYP B 1921 -4.20 -32.01 11.94
N HYP B 1922 -8.26 -34.76 14.32
CA HYP B 1922 -9.02 -35.38 15.41
C HYP B 1922 -8.36 -35.14 16.77
O HYP B 1922 -7.21 -34.76 16.78
CB HYP B 1922 -9.11 -36.87 15.06
CG HYP B 1922 -8.70 -36.89 13.60
CD HYP B 1922 -7.60 -35.86 13.60
OD1 HYP B 1922 -9.78 -36.40 12.83
N HYP B 1923 -9.10 -35.31 17.86
CA HYP B 1923 -8.49 -35.14 19.19
C HYP B 1923 -7.36 -36.13 19.47
O HYP B 1923 -7.60 -37.31 19.31
CB HYP B 1923 -9.65 -35.25 20.18
CG HYP B 1923 -10.80 -34.75 19.31
CD HYP B 1923 -10.55 -35.51 18.03
OD1 HYP B 1923 -10.61 -33.37 19.08
N ASN B 1924 -6.18 -35.66 19.85
CA ASN B 1924 -5.06 -36.53 20.14
C ASN B 1924 -5.47 -37.61 21.15
N ARG B 1925 -5.33 -38.86 20.76
CA ARG B 1925 -5.79 -39.95 21.58
C ARG B 1925 -4.89 -40.11 22.82
N SER B 1926 -5.46 -40.67 23.87
CA SER B 1926 -4.73 -40.83 25.11
C SER B 1926 -3.95 -42.14 25.14
N HYP B 1927 -3.03 -42.26 26.09
CA HYP B 1927 -2.21 -43.47 26.19
C HYP B 1927 -2.86 -44.64 26.96
O HYP B 1927 -3.77 -44.38 27.72
CB HYP B 1927 -0.92 -42.97 26.84
CG HYP B 1927 -0.86 -41.51 26.42
CD HYP B 1927 -2.06 -41.34 25.51
OD1 HYP B 1927 0.35 -41.25 25.72
N HYP B 1928 -2.40 -45.86 26.73
CA HYP B 1928 -2.94 -47.02 27.46
C HYP B 1928 -2.64 -46.97 28.97
O HYP B 1928 -1.89 -46.10 29.38
CB HYP B 1928 -2.31 -48.25 26.80
CG HYP B 1928 -1.85 -47.71 25.47
CD HYP B 1928 -1.31 -46.36 25.88
OD1 HYP B 1928 -2.98 -47.53 24.63
N HYP B 1929 -3.24 -47.86 29.75
CA HYP B 1929 -2.92 -47.92 31.18
C HYP B 1929 -1.55 -48.56 31.47
O HYP B 1929 -0.98 -49.16 30.58
CB HYP B 1929 -4.09 -48.70 31.74
CG HYP B 1929 -5.27 -48.14 30.95
CD HYP B 1929 -4.63 -47.40 29.79
OD1 HYP B 1929 -5.96 -47.22 31.78
N HYP B 1930 -1.05 -48.41 32.69
CA HYP B 1930 0.17 -49.13 33.08
C HYP B 1930 -0.11 -50.62 33.34
O HYP B 1930 -1.27 -50.99 33.33
CB HYP B 1930 0.69 -48.41 34.32
CG HYP B 1930 0.05 -47.05 34.19
CD HYP B 1930 -1.35 -47.43 33.75
OD1 HYP B 1930 0.69 -46.33 33.15
N HYP B 1931 0.91 -51.43 33.54
CA HYP B 1931 0.73 -52.85 33.84
C HYP B 1931 0.78 -53.17 35.34
O HYP B 1931 1.66 -52.64 35.99
CB HYP B 1931 1.82 -53.57 33.04
CG HYP B 1931 2.36 -52.48 32.13
CD HYP B 1931 1.25 -51.46 32.11
OD1 HYP B 1931 2.67 -52.96 30.82
N HYP B 1932 -0.14 -53.98 35.85
CA HYP B 1932 -0.10 -54.39 37.27
C HYP B 1932 1.29 -54.85 37.72
O HYP B 1932 1.84 -55.71 37.05
CB HYP B 1932 -1.14 -55.52 37.39
CG HYP B 1932 -1.87 -55.44 36.07
CD HYP B 1932 -0.75 -55.10 35.13
OD1 HYP B 1932 -2.79 -54.37 36.11
N ALA B 1933 1.81 -54.27 38.80
CA ALA B 1933 3.16 -54.55 39.27
C ALA B 1933 3.50 -56.04 39.25
N SER B 1934 4.66 -56.37 38.71
CA SER B 1934 5.06 -57.76 38.57
C SER B 1934 5.52 -58.31 39.92
N SER B 1935 5.63 -59.63 39.99
CA SER B 1935 6.03 -60.31 41.20
C SER B 1935 7.56 -60.37 41.28
N ALA B 1936 8.05 -61.01 42.34
CA ALA B 1936 9.49 -61.14 42.51
C ALA B 1936 10.04 -62.19 41.55
N ILE B 1937 11.22 -61.90 41.00
CA ILE B 1937 11.85 -62.85 40.09
C ILE B 1937 12.29 -64.09 40.85
N ASN B 1938 12.52 -65.17 40.11
CA ASN B 1938 12.84 -66.45 40.72
C ASN B 1938 14.16 -66.34 41.49
N PRO B 1939 14.27 -66.99 42.64
CA PRO B 1939 15.47 -66.84 43.46
C PRO B 1939 16.68 -67.56 42.86
N GLY B 1940 17.84 -67.18 43.35
CA GLY B 1940 19.09 -67.77 42.87
C GLY B 1940 19.44 -67.41 41.45
N GLY B 1941 19.18 -66.17 41.04
CA GLY B 1941 19.49 -65.72 39.70
C GLY B 1941 20.92 -65.22 39.63
N GLY B 1942 21.66 -65.73 38.64
CA GLY B 1942 23.04 -65.33 38.48
C GLY B 1942 23.98 -65.88 39.51
N VAL B 1943 23.62 -66.96 40.18
CA VAL B 1943 24.45 -67.62 41.17
C VAL B 1943 24.94 -68.93 40.55
N ASN B 1944 26.24 -69.05 40.35
CA ASN B 1944 26.80 -70.24 39.74
C ASN B 1944 27.07 -71.30 40.79
N GLN B 1945 27.36 -72.50 40.33
CA GLN B 1945 27.61 -73.68 41.17
C GLN B 1945 26.36 -74.03 41.98
N ASN B 1946 25.26 -73.32 41.74
CA ASN B 1946 24.00 -73.54 42.44
C ASN B 1946 24.17 -73.34 43.95
N GLY B 1947 23.13 -73.62 44.72
CA GLY B 1947 23.24 -73.41 46.15
C GLY B 1947 22.06 -73.99 46.90
N ASP B 1948 22.07 -73.77 48.20
CA ASP B 1948 21.01 -74.28 49.06
C ASP B 1948 19.70 -73.59 48.73
N PRO B 1949 18.61 -74.34 48.54
CA PRO B 1949 17.31 -73.69 48.27
C PRO B 1949 16.90 -72.80 49.43
N VAL B 1950 16.28 -71.67 49.09
CA VAL B 1950 15.94 -70.66 50.08
C VAL B 1950 14.97 -71.19 51.14
N THR C 44 10.15 -20.27 -42.19
CA THR C 44 8.86 -19.60 -42.18
C THR C 44 7.92 -20.20 -43.22
N TYR C 45 6.66 -19.75 -43.23
CA TYR C 45 5.65 -20.31 -44.10
C TYR C 45 4.69 -19.21 -44.54
N THR C 46 4.07 -19.43 -45.70
CA THR C 46 2.98 -18.59 -46.19
C THR C 46 1.78 -19.49 -46.48
N LEU C 47 0.62 -19.11 -45.95
CA LEU C 47 -0.60 -19.88 -46.10
C LEU C 47 -1.63 -19.07 -46.86
N THR C 48 -2.48 -19.78 -47.63
CA THR C 48 -3.58 -19.14 -48.33
C THR C 48 -4.80 -20.05 -48.21
N LEU C 49 -5.84 -19.56 -47.53
CA LEU C 49 -7.07 -20.32 -47.31
C LEU C 49 -8.26 -19.44 -47.65
N ASP C 50 -9.16 -19.96 -48.48
CA ASP C 50 -10.37 -19.24 -48.83
C ASP C 50 -11.37 -20.21 -49.45
N LYS C 51 -12.65 -19.98 -49.18
CA LYS C 51 -13.69 -20.85 -49.71
C LYS C 51 -13.81 -20.71 -51.22
N LEU C 52 -14.10 -21.83 -51.88
CA LEU C 52 -14.68 -21.78 -53.21
C LEU C 52 -16.14 -22.16 -53.19
N GLY C 53 -16.48 -23.29 -52.57
CA GLY C 53 -17.82 -23.63 -52.15
C GLY C 53 -18.90 -23.17 -53.10
N PRO C 54 -19.84 -22.36 -52.59
CA PRO C 54 -20.69 -21.56 -53.46
C PRO C 54 -20.01 -20.24 -53.77
N THR C 55 -20.22 -19.75 -55.00
CA THR C 55 -19.63 -18.49 -55.39
C THR C 55 -20.14 -17.35 -54.52
N VAL C 56 -21.45 -17.31 -54.28
CA VAL C 56 -22.05 -16.34 -53.38
C VAL C 56 -21.93 -16.87 -51.95
N ASN C 57 -22.25 -16.03 -50.98
CA ASN C 57 -22.20 -16.44 -49.59
C ASN C 57 -23.14 -17.62 -49.35
N PRO C 58 -22.68 -18.69 -48.71
CA PRO C 58 -23.56 -19.83 -48.46
C PRO C 58 -24.61 -19.51 -47.41
N THR C 59 -25.67 -20.31 -47.41
CA THR C 59 -26.70 -20.26 -46.39
C THR C 59 -26.60 -21.52 -45.52
N THR C 60 -27.55 -21.67 -44.61
CA THR C 60 -27.54 -22.83 -43.74
C THR C 60 -27.86 -24.12 -44.47
N SER C 61 -28.30 -24.05 -45.73
CA SER C 61 -28.65 -25.22 -46.51
C SER C 61 -27.65 -25.49 -47.64
N ASP C 62 -26.47 -24.88 -47.57
CA ASP C 62 -25.46 -24.99 -48.62
C ASP C 62 -24.19 -25.62 -48.07
N ALA C 63 -23.58 -26.49 -48.87
CA ALA C 63 -22.35 -27.16 -48.48
C ALA C 63 -21.15 -26.35 -48.98
N VAL C 64 -20.19 -26.13 -48.10
CA VAL C 64 -19.06 -25.25 -48.34
C VAL C 64 -17.81 -26.08 -48.55
N THR C 65 -17.01 -25.70 -49.54
CA THR C 65 -15.71 -26.30 -49.81
C THR C 65 -14.67 -25.20 -49.94
N PHE C 66 -13.42 -25.54 -49.66
CA PHE C 66 -12.37 -24.55 -49.49
C PHE C 66 -11.18 -24.84 -50.40
N THR C 67 -10.26 -23.88 -50.44
CA THR C 67 -8.94 -24.05 -51.02
C THR C 67 -7.93 -23.60 -49.98
N ALA C 68 -6.92 -24.43 -49.72
CA ALA C 68 -5.85 -24.03 -48.83
C ALA C 68 -4.54 -24.56 -49.38
N THR C 69 -3.57 -23.66 -49.53
CA THR C 69 -2.25 -23.99 -50.04
C THR C 69 -1.20 -23.41 -49.11
N VAL C 70 -0.06 -24.09 -49.04
CA VAL C 70 1.04 -23.69 -48.18
C VAL C 70 2.32 -23.62 -49.01
N ALA C 71 3.15 -22.63 -48.74
CA ALA C 71 4.44 -22.49 -49.40
C ALA C 71 5.47 -22.12 -48.35
N SER C 72 6.73 -22.47 -48.63
CA SER C 72 7.82 -22.19 -47.73
C SER C 72 8.95 -21.53 -48.50
N PRO C 73 9.44 -20.37 -48.06
CA PRO C 73 10.54 -19.70 -48.77
C PRO C 73 11.93 -20.16 -48.35
N ASP C 74 12.05 -21.02 -47.35
CA ASP C 74 13.36 -21.47 -46.91
C ASP C 74 13.52 -22.97 -46.86
N SER C 75 12.48 -23.71 -46.47
CA SER C 75 12.57 -25.14 -46.23
C SER C 75 11.92 -25.93 -47.37
N THR C 76 12.02 -27.25 -47.25
CA THR C 76 11.47 -28.16 -48.27
C THR C 76 10.65 -29.27 -47.63
N THR C 77 10.95 -29.60 -46.38
CA THR C 77 10.36 -30.77 -45.74
C THR C 77 8.84 -30.62 -45.62
N ALA C 78 8.15 -31.75 -45.72
CA ALA C 78 6.70 -31.75 -45.66
C ALA C 78 6.21 -31.52 -44.23
N VAL C 79 5.04 -30.91 -44.12
CA VAL C 79 4.39 -30.65 -42.84
C VAL C 79 2.97 -31.20 -42.92
N PHE C 80 2.38 -31.43 -41.75
CA PHE C 80 1.06 -32.05 -41.68
C PHE C 80 0.03 -30.98 -41.37
N PHE C 81 -0.94 -30.82 -42.27
CA PHE C 81 -1.94 -29.77 -42.12
C PHE C 81 -3.20 -30.32 -41.46
N THR C 82 -3.98 -29.39 -40.90
CA THR C 82 -5.28 -29.73 -40.34
C THR C 82 -6.22 -28.55 -40.53
N LEU C 83 -7.50 -28.84 -40.65
CA LEU C 83 -8.52 -27.83 -40.95
C LEU C 83 -9.62 -27.92 -39.92
N ASP C 84 -10.06 -26.77 -39.41
CA ASP C 84 -11.09 -26.71 -38.39
C ASP C 84 -12.13 -25.67 -38.80
N TYR C 85 -13.40 -26.00 -38.64
CA TYR C 85 -14.49 -25.10 -38.98
C TYR C 85 -14.96 -24.36 -37.74
N GLY C 86 -15.83 -23.37 -37.96
CA GLY C 86 -16.41 -22.61 -36.87
C GLY C 86 -17.73 -23.21 -36.43
N ASP C 87 -17.94 -24.48 -36.79
CA ASP C 87 -19.22 -25.13 -36.52
C ASP C 87 -19.52 -25.19 -35.03
N GLY C 88 -18.54 -25.57 -34.21
CA GLY C 88 -18.71 -25.69 -32.79
C GLY C 88 -19.24 -27.01 -32.31
N VAL C 89 -19.65 -27.90 -33.23
CA VAL C 89 -20.11 -29.25 -32.88
C VAL C 89 -19.20 -30.32 -33.47
N THR C 90 -18.69 -30.11 -34.67
CA THR C 90 -17.76 -31.06 -35.25
C THR C 90 -16.36 -30.87 -34.66
N ALA C 91 -15.47 -31.79 -34.96
CA ALA C 91 -14.14 -31.83 -34.39
C ALA C 91 -13.09 -31.52 -35.45
N GLU C 92 -11.88 -31.21 -34.97
CA GLU C 92 -10.76 -30.94 -35.85
C GLU C 92 -10.46 -32.15 -36.72
N THR C 93 -10.08 -31.90 -37.98
CA THR C 93 -9.85 -32.99 -38.91
C THR C 93 -8.55 -33.72 -38.57
N THR C 94 -8.34 -34.84 -39.26
CA THR C 94 -7.15 -35.66 -39.01
C THR C 94 -5.91 -34.98 -39.54
N ARG C 95 -4.79 -35.19 -38.85
CA ARG C 95 -3.53 -34.56 -39.20
C ARG C 95 -2.94 -35.26 -40.42
N THR C 96 -3.33 -34.79 -41.60
CA THR C 96 -2.88 -35.39 -42.85
C THR C 96 -1.71 -34.61 -43.43
N THR C 97 -0.90 -35.29 -44.22
CA THR C 97 0.34 -34.73 -44.72
C THR C 97 0.09 -33.80 -45.90
N THR C 98 1.09 -32.99 -46.20
CA THR C 98 1.19 -32.23 -47.43
C THR C 98 2.24 -32.87 -48.33
N GLY C 99 2.50 -32.23 -49.46
CA GLY C 99 3.61 -32.61 -50.31
C GLY C 99 4.89 -31.95 -49.86
N ALA C 100 5.92 -32.08 -50.69
CA ALA C 100 7.16 -31.36 -50.46
C ALA C 100 6.97 -29.89 -50.82
N LEU C 101 7.28 -28.99 -49.89
CA LEU C 101 7.01 -27.59 -50.07
C LEU C 101 8.16 -26.90 -50.79
N SER C 102 7.80 -25.91 -51.62
CA SER C 102 8.78 -25.07 -52.31
C SER C 102 8.32 -23.62 -52.27
N THR C 103 9.01 -22.74 -53.00
CA THR C 103 8.57 -21.35 -53.08
C THR C 103 7.21 -21.26 -53.74
N THR C 104 6.99 -22.01 -54.81
CA THR C 104 5.68 -22.06 -55.46
C THR C 104 4.68 -22.73 -54.54
N PRO C 105 3.50 -22.14 -54.34
CA PRO C 105 2.51 -22.78 -53.46
C PRO C 105 2.00 -24.08 -54.04
N THR C 106 1.69 -25.02 -53.15
CA THR C 106 1.20 -26.31 -53.57
C THR C 106 -0.24 -26.21 -54.07
N ALA C 107 -0.74 -27.32 -54.60
CA ALA C 107 -2.11 -27.37 -55.07
C ALA C 107 -3.07 -27.35 -53.88
N ASN C 108 -4.36 -27.35 -54.17
CA ASN C 108 -5.37 -27.29 -53.12
C ASN C 108 -5.33 -28.58 -52.31
N LEU C 109 -4.80 -28.49 -51.08
CA LEU C 109 -4.73 -29.65 -50.21
C LEU C 109 -6.09 -30.06 -49.67
N VAL C 110 -7.10 -29.20 -49.81
CA VAL C 110 -8.42 -29.43 -49.24
C VAL C 110 -9.43 -29.78 -50.33
N SER C 111 -8.95 -30.15 -51.52
CA SER C 111 -9.82 -30.41 -52.66
C SER C 111 -10.52 -31.77 -52.58
N ALA C 112 -10.19 -32.60 -51.59
CA ALA C 112 -10.85 -33.89 -51.47
C ALA C 112 -12.32 -33.70 -51.12
N GLY C 113 -13.11 -34.74 -51.40
CA GLY C 113 -14.53 -34.66 -51.17
C GLY C 113 -14.95 -34.75 -49.72
N THR C 114 -14.02 -35.10 -48.82
CA THR C 114 -14.36 -35.24 -47.41
C THR C 114 -14.30 -33.91 -46.65
N TYR C 115 -13.87 -32.83 -47.29
CA TYR C 115 -13.78 -31.52 -46.65
C TYR C 115 -14.99 -30.69 -47.07
N THR C 116 -16.08 -30.86 -46.33
CA THR C 116 -17.33 -30.17 -46.63
C THR C 116 -18.07 -29.89 -45.32
N VAL C 117 -18.63 -28.69 -45.22
CA VAL C 117 -19.38 -28.27 -44.03
C VAL C 117 -20.79 -27.87 -44.45
N THR C 118 -21.67 -27.80 -43.45
CA THR C 118 -23.03 -27.29 -43.65
C THR C 118 -23.45 -26.67 -42.31
N TYR C 119 -23.32 -25.35 -42.22
CA TYR C 119 -23.53 -24.68 -40.95
C TYR C 119 -25.00 -24.65 -40.59
N ALA C 120 -25.28 -24.49 -39.29
CA ALA C 120 -26.63 -24.61 -38.77
C ALA C 120 -27.26 -23.29 -38.35
N SER C 121 -26.47 -22.24 -38.20
CA SER C 121 -26.99 -20.94 -37.81
C SER C 121 -26.35 -19.85 -38.65
N ILE C 122 -27.10 -18.78 -38.87
CA ILE C 122 -26.58 -17.64 -39.62
C ILE C 122 -25.49 -16.95 -38.81
N GLY C 123 -24.59 -16.28 -39.51
CA GLY C 123 -23.58 -15.50 -38.83
C GLY C 123 -22.22 -15.69 -39.47
N THR C 124 -21.18 -15.35 -38.70
CA THR C 124 -19.81 -15.45 -39.15
C THR C 124 -19.13 -16.65 -38.48
N LYS C 125 -18.53 -17.51 -39.29
CA LYS C 125 -17.84 -18.70 -38.80
C LYS C 125 -16.38 -18.59 -39.21
N PHE C 126 -15.47 -18.87 -38.27
CA PHE C 126 -14.05 -18.70 -38.48
C PHE C 126 -13.41 -20.05 -38.78
N VAL C 127 -12.87 -20.20 -39.98
CA VAL C 127 -12.24 -21.44 -40.42
C VAL C 127 -10.73 -21.28 -40.27
N THR C 128 -10.10 -22.25 -39.60
CA THR C 128 -8.69 -22.17 -39.28
C THR C 128 -7.93 -23.33 -39.90
N LEU C 129 -6.83 -23.00 -40.58
CA LEU C 129 -5.91 -23.99 -41.11
C LEU C 129 -4.62 -23.93 -40.29
N ARG C 130 -4.18 -25.08 -39.78
CA ARG C 130 -3.02 -25.16 -38.91
C ARG C 130 -2.01 -26.16 -39.47
N LEU C 131 -0.75 -25.95 -39.11
CA LEU C 131 0.36 -26.77 -39.60
C LEU C 131 1.15 -27.33 -38.42
N TYR C 132 1.51 -28.61 -38.49
CA TYR C 132 2.36 -29.26 -37.52
C TYR C 132 3.47 -29.99 -38.27
N ASP C 133 4.38 -30.63 -37.54
CA ASP C 133 5.45 -31.38 -38.16
C ASP C 133 5.41 -32.88 -37.88
N SER C 134 4.46 -33.35 -37.09
CA SER C 134 4.32 -34.77 -36.81
C SER C 134 2.85 -35.10 -36.59
N ALA C 135 2.47 -36.33 -36.93
CA ALA C 135 1.08 -36.73 -36.88
C ALA C 135 0.61 -37.10 -35.48
N VAL C 136 1.48 -37.06 -34.48
CA VAL C 136 1.10 -37.27 -33.10
C VAL C 136 0.54 -35.97 -32.54
N ALA C 137 -0.47 -36.07 -31.68
CA ALA C 137 -1.20 -34.89 -31.25
C ALA C 137 -0.34 -33.86 -30.50
N PRO C 138 0.50 -34.24 -29.50
CA PRO C 138 1.27 -33.21 -28.79
C PRO C 138 2.31 -32.50 -29.64
N GLY C 139 2.37 -32.79 -30.94
CA GLY C 139 3.38 -32.20 -31.79
C GLY C 139 3.33 -30.69 -31.79
N VAL C 140 4.45 -30.08 -32.19
CA VAL C 140 4.59 -28.63 -32.17
C VAL C 140 3.78 -28.02 -33.30
N LEU C 141 3.35 -26.79 -33.09
CA LEU C 141 2.53 -26.06 -34.06
C LEU C 141 3.43 -25.09 -34.81
N LEU C 142 3.32 -25.09 -36.14
CA LEU C 142 4.20 -24.31 -36.99
C LEU C 142 3.57 -23.00 -37.46
N ALA C 143 2.34 -23.06 -37.98
CA ALA C 143 1.68 -21.87 -38.49
C ALA C 143 0.18 -22.06 -38.44
N SER C 144 -0.54 -20.95 -38.51
CA SER C 144 -1.99 -20.97 -38.46
C SER C 144 -2.55 -19.82 -39.29
N LYS C 145 -3.80 -19.97 -39.72
CA LYS C 145 -4.47 -18.94 -40.49
C LYS C 145 -5.97 -19.05 -40.29
N THR C 146 -6.62 -17.91 -40.02
CA THR C 146 -8.05 -17.86 -39.78
C THR C 146 -8.73 -17.02 -40.84
N VAL C 147 -9.87 -17.50 -41.34
CA VAL C 147 -10.60 -16.83 -42.41
C VAL C 147 -12.09 -16.82 -42.06
N PRO C 148 -12.78 -15.70 -42.25
CA PRO C 148 -14.22 -15.66 -41.95
C PRO C 148 -15.07 -16.12 -43.12
N ILE C 149 -16.22 -16.69 -42.77
CA ILE C 149 -17.22 -17.12 -43.74
C ILE C 149 -18.59 -16.69 -43.23
N TYR C 150 -19.37 -16.06 -44.10
CA TYR C 150 -20.67 -15.51 -43.73
C TYR C 150 -21.76 -16.43 -44.25
N VAL C 151 -22.63 -16.90 -43.35
CA VAL C 151 -23.79 -17.69 -43.71
C VAL C 151 -25.04 -16.85 -43.49
N GLU C 152 -25.87 -16.74 -44.51
CA GLU C 152 -26.97 -15.79 -44.57
C GLU C 152 -28.29 -16.45 -44.16
N ASP C 153 -29.31 -15.61 -44.02
CA ASP C 153 -30.65 -16.06 -43.64
C ASP C 153 -31.42 -16.39 -44.91
N SER C 154 -31.77 -17.67 -45.08
CA SER C 154 -32.52 -18.07 -46.27
C SER C 154 -33.96 -17.61 -46.23
N THR C 155 -34.52 -17.42 -45.03
CA THR C 155 -35.91 -17.01 -44.92
C THR C 155 -36.13 -15.61 -45.48
N LEU C 156 -35.23 -14.68 -45.18
CA LEU C 156 -35.32 -13.33 -45.71
C LEU C 156 -35.01 -13.33 -47.20
N THR C 157 -35.70 -12.46 -47.94
CA THR C 157 -35.42 -12.23 -49.34
C THR C 157 -35.33 -10.73 -49.58
N ALA C 158 -34.24 -10.29 -50.19
CA ALA C 158 -33.97 -8.89 -50.47
C ALA C 158 -33.84 -8.69 -51.96
N THR C 159 -34.55 -7.71 -52.50
CA THR C 159 -34.49 -7.39 -53.92
C THR C 159 -34.32 -5.89 -54.11
N LEU C 160 -33.35 -5.49 -54.92
CA LEU C 160 -33.12 -4.10 -55.23
C LEU C 160 -33.78 -3.79 -56.57
N LEU C 161 -34.82 -2.97 -56.54
CA LEU C 161 -35.55 -2.63 -57.75
C LEU C 161 -35.27 -1.19 -58.14
N GLN C 162 -34.92 -0.98 -59.39
CA GLN C 162 -34.59 0.32 -59.94
C GLN C 162 -35.61 0.70 -60.99
N SER C 163 -35.80 2.00 -61.17
CA SER C 163 -36.85 2.53 -62.03
C SER C 163 -36.31 3.62 -62.94
N GLY C 164 -35.20 3.34 -63.60
CA GLY C 164 -34.65 4.29 -64.55
C GLY C 164 -33.27 3.90 -65.01
N VAL C 165 -32.58 4.87 -65.60
CA VAL C 165 -31.20 4.69 -66.06
C VAL C 165 -30.33 5.71 -65.36
N PRO C 166 -29.41 5.28 -64.48
CA PRO C 166 -28.51 6.25 -63.84
C PRO C 166 -27.61 6.90 -64.87
N ARG C 167 -27.57 8.23 -64.85
CA ARG C 167 -26.71 8.98 -65.76
C ARG C 167 -25.34 9.12 -65.13
N LEU C 168 -24.51 10.01 -65.69
CA LEU C 168 -23.19 10.31 -65.15
C LEU C 168 -23.37 11.19 -63.92
N ASN C 169 -22.35 11.96 -63.56
CA ASN C 169 -22.20 12.55 -62.23
C ASN C 169 -23.49 13.14 -61.64
N LEU C 170 -24.50 13.36 -62.46
CA LEU C 170 -25.82 13.71 -61.95
C LEU C 170 -26.31 12.67 -60.94
N ALA C 171 -27.14 13.10 -60.01
CA ALA C 171 -27.62 12.24 -58.95
C ALA C 171 -28.83 11.41 -59.41
N PHE C 172 -28.82 10.13 -59.04
CA PHE C 172 -29.85 9.17 -59.46
C PHE C 172 -30.66 8.76 -58.24
N SER C 173 -31.99 8.88 -58.36
CA SER C 173 -32.90 8.62 -57.25
C SER C 173 -33.98 7.63 -57.67
N GLY C 174 -33.59 6.52 -58.29
CA GLY C 174 -34.54 5.54 -58.76
C GLY C 174 -34.44 4.21 -58.07
N PHE C 175 -33.40 4.02 -57.26
CA PHE C 175 -33.23 2.78 -56.51
C PHE C 175 -34.22 2.72 -55.35
N LYS C 176 -34.66 1.48 -55.05
CA LYS C 176 -35.32 1.23 -53.77
C LYS C 176 -35.21 -0.26 -53.47
N GLY C 177 -35.43 -0.60 -52.21
CA GLY C 177 -35.22 -1.96 -51.73
C GLY C 177 -36.53 -2.59 -51.29
N ARG C 178 -36.59 -3.92 -51.40
CA ARG C 178 -37.77 -4.68 -51.03
C ARG C 178 -37.34 -5.86 -50.17
N VAL C 179 -38.06 -6.07 -49.07
CA VAL C 179 -37.76 -7.10 -48.09
C VAL C 179 -38.99 -7.96 -47.90
N SER C 180 -38.82 -9.28 -47.96
CA SER C 180 -39.90 -10.20 -47.66
C SER C 180 -39.38 -11.33 -46.80
N SER C 181 -39.98 -11.52 -45.63
CA SER C 181 -39.55 -12.55 -44.70
C SER C 181 -40.47 -13.75 -44.81
N SER C 182 -39.89 -14.94 -45.00
CA SER C 182 -40.70 -16.15 -45.08
C SER C 182 -41.35 -16.46 -43.74
N THR C 183 -40.71 -16.07 -42.63
CA THR C 183 -41.22 -16.34 -41.30
C THR C 183 -42.06 -15.15 -40.82
N ALA C 184 -42.37 -15.16 -39.53
CA ALA C 184 -43.13 -14.09 -38.89
C ALA C 184 -42.23 -12.91 -38.57
N ASN C 185 -42.72 -12.02 -37.69
CA ASN C 185 -42.07 -10.76 -37.37
C ASN C 185 -40.56 -10.88 -37.24
N ARG C 186 -39.85 -9.99 -37.93
CA ARG C 186 -38.40 -9.85 -37.79
C ARG C 186 -38.08 -8.68 -36.87
N ALA C 187 -36.81 -8.60 -36.48
CA ALA C 187 -36.32 -7.46 -35.72
C ALA C 187 -36.03 -6.31 -36.68
N ASP C 188 -35.39 -5.26 -36.19
CA ASP C 188 -35.01 -4.16 -37.06
C ASP C 188 -33.92 -4.60 -38.02
N MET C 189 -33.91 -3.98 -39.21
CA MET C 189 -32.92 -4.28 -40.23
C MET C 189 -32.32 -2.99 -40.77
N TRP C 190 -31.10 -3.11 -41.26
CA TRP C 190 -30.38 -1.99 -41.85
C TRP C 190 -29.87 -2.41 -43.21
N ALA C 191 -29.85 -1.49 -44.16
CA ALA C 191 -29.48 -1.81 -45.54
C ALA C 191 -28.43 -0.85 -46.04
N THR C 192 -27.41 -1.40 -46.69
CA THR C 192 -26.36 -0.62 -47.32
C THR C 192 -26.29 -0.96 -48.80
N ILE C 193 -25.79 -0.02 -49.59
CA ILE C 193 -25.71 -0.17 -51.03
C ILE C 193 -24.30 0.21 -51.48
N GLN C 194 -23.70 -0.62 -52.33
CA GLN C 194 -22.38 -0.37 -52.88
C GLN C 194 -22.50 -0.25 -54.38
N LEU C 195 -22.00 0.85 -54.94
CA LEU C 195 -22.25 1.16 -56.34
C LEU C 195 -21.43 0.29 -57.29
N ASP C 196 -20.24 -0.13 -56.89
CA ASP C 196 -19.37 -0.88 -57.78
C ASP C 196 -18.39 -1.69 -56.94
N THR C 197 -17.76 -2.67 -57.59
CA THR C 197 -16.74 -3.50 -56.95
C THR C 197 -15.34 -3.13 -57.37
N ALA C 198 -15.16 -1.98 -58.02
CA ALA C 198 -13.82 -1.52 -58.36
C ALA C 198 -13.08 -1.08 -57.09
N PRO C 199 -11.75 -1.11 -57.11
CA PRO C 199 -10.99 -0.64 -55.95
C PRO C 199 -11.22 0.83 -55.69
N GLY C 200 -11.48 1.16 -54.42
CA GLY C 200 -11.76 2.52 -54.02
C GLY C 200 -13.23 2.86 -53.88
N VAL C 201 -14.13 2.02 -54.36
CA VAL C 201 -15.56 2.25 -54.23
C VAL C 201 -16.02 1.64 -52.91
N PHE C 202 -16.48 2.49 -52.01
CA PHE C 202 -16.79 2.08 -50.64
C PHE C 202 -18.29 1.91 -50.46
N GLU C 203 -18.64 0.97 -49.58
CA GLU C 203 -20.03 0.67 -49.28
C GLU C 203 -20.66 1.81 -48.49
N SER C 204 -21.91 2.13 -48.82
CA SER C 204 -22.57 3.27 -48.22
C SER C 204 -22.89 3.02 -46.75
N SER C 205 -23.32 4.07 -46.06
CA SER C 205 -23.70 3.96 -44.66
C SER C 205 -25.05 3.27 -44.54
N ARG C 206 -25.29 2.69 -43.36
CA ARG C 206 -26.46 1.87 -43.15
C ARG C 206 -27.73 2.72 -43.09
N ILE C 207 -28.81 2.19 -43.67
CA ILE C 207 -30.09 2.86 -43.75
C ILE C 207 -31.11 2.03 -42.97
N PHE C 208 -31.80 2.67 -42.03
CA PHE C 208 -32.76 1.97 -41.20
C PHE C 208 -33.99 1.58 -42.01
N ILE C 209 -34.30 0.29 -42.07
CA ILE C 209 -35.49 -0.19 -42.76
C ILE C 209 -36.67 -0.16 -41.80
N GLY C 210 -36.56 -0.91 -40.72
CA GLY C 210 -37.68 -1.10 -39.81
C GLY C 210 -37.94 -2.57 -39.56
N ILE C 211 -39.17 -2.91 -39.21
CA ILE C 211 -39.53 -4.28 -38.95
C ILE C 211 -40.33 -4.83 -40.12
N ALA C 212 -40.49 -6.16 -40.16
CA ALA C 212 -41.29 -6.84 -41.17
C ALA C 212 -42.21 -7.82 -40.47
N PRO C 213 -43.25 -7.31 -39.80
CA PRO C 213 -44.06 -8.17 -38.92
C PRO C 213 -44.87 -9.25 -39.64
N THR C 214 -45.64 -8.86 -40.65
CA THR C 214 -46.66 -9.74 -41.21
C THR C 214 -46.06 -10.68 -42.24
N ALA C 215 -46.07 -11.98 -41.92
CA ALA C 215 -45.89 -13.08 -42.87
C ALA C 215 -44.90 -12.80 -43.99
N SER C 216 -45.31 -13.09 -45.22
CA SER C 216 -44.46 -12.99 -46.40
C SER C 216 -44.90 -11.85 -47.32
N THR C 217 -45.32 -10.73 -46.75
CA THR C 217 -45.64 -9.55 -47.53
C THR C 217 -44.38 -8.73 -47.76
N ASN C 218 -44.46 -7.82 -48.72
CA ASN C 218 -43.30 -7.05 -49.16
C ASN C 218 -43.27 -5.69 -48.46
N TYR C 219 -42.08 -5.32 -47.99
CA TYR C 219 -41.85 -4.02 -47.38
C TYR C 219 -40.81 -3.28 -48.21
N ASP C 220 -41.17 -2.10 -48.71
CA ASP C 220 -40.29 -1.32 -49.57
C ASP C 220 -39.70 -0.16 -48.78
N PHE C 221 -38.46 0.18 -49.09
CA PHE C 221 -37.78 1.31 -48.47
C PHE C 221 -37.00 2.08 -49.53
N VAL C 222 -36.92 3.39 -49.33
CA VAL C 222 -36.27 4.27 -50.28
C VAL C 222 -34.78 4.30 -49.99
N ILE C 223 -34.00 4.66 -51.01
CA ILE C 223 -32.55 4.71 -50.91
C ILE C 223 -32.08 6.13 -51.23
N PRO C 224 -31.17 6.70 -50.45
CA PRO C 224 -30.69 8.05 -50.75
C PRO C 224 -30.05 8.13 -52.13
N ASP C 225 -30.05 9.34 -52.68
CA ASP C 225 -29.58 9.56 -54.04
C ASP C 225 -28.12 9.16 -54.19
N GLN C 226 -27.83 8.40 -55.24
CA GLN C 226 -26.50 7.88 -55.50
C GLN C 226 -25.92 8.50 -56.77
N VAL C 227 -24.63 8.82 -56.72
CA VAL C 227 -23.94 9.45 -57.83
C VAL C 227 -22.91 8.47 -58.38
N TYR C 228 -22.98 8.19 -59.67
CA TYR C 228 -22.05 7.30 -60.34
C TYR C 228 -21.00 8.12 -61.07
N ASN C 229 -19.74 7.69 -60.96
CA ASN C 229 -18.63 8.44 -61.52
C ASN C 229 -18.37 8.10 -62.99
N LEU C 230 -18.08 6.84 -63.27
CA LEU C 230 -17.73 6.40 -64.62
C LEU C 230 -18.93 5.79 -65.29
N GLU C 231 -18.97 5.90 -66.62
CA GLU C 231 -20.06 5.31 -67.39
C GLU C 231 -19.72 3.87 -67.76
N GLY C 232 -20.76 3.06 -67.92
CA GLY C 232 -20.58 1.67 -68.24
C GLY C 232 -21.40 0.79 -67.32
N ALA C 233 -21.15 -0.52 -67.42
CA ALA C 233 -21.89 -1.48 -66.62
C ALA C 233 -21.24 -1.64 -65.26
N LYS C 234 -22.05 -1.55 -64.21
CA LYS C 234 -21.60 -1.69 -62.83
C LYS C 234 -22.25 -2.92 -62.21
N THR C 235 -21.83 -3.22 -60.98
CA THR C 235 -22.40 -4.31 -60.19
C THR C 235 -22.76 -3.73 -58.83
N THR C 236 -23.96 -3.16 -58.74
CA THR C 236 -24.43 -2.57 -57.49
C THR C 236 -24.93 -3.67 -56.56
N VAL C 237 -24.41 -3.71 -55.35
CA VAL C 237 -24.71 -4.78 -54.40
C VAL C 237 -25.44 -4.17 -53.20
N LEU C 238 -26.58 -4.76 -52.85
CA LEU C 238 -27.35 -4.30 -51.71
C LEU C 238 -27.26 -5.36 -50.61
N ARG C 239 -26.80 -4.96 -49.43
CA ARG C 239 -26.67 -5.87 -48.31
C ARG C 239 -27.57 -5.43 -47.17
N ILE C 240 -28.06 -6.41 -46.42
CA ILE C 240 -28.99 -6.17 -45.31
C ILE C 240 -28.44 -6.87 -44.08
N TYR C 241 -28.17 -6.08 -43.03
CA TYR C 241 -27.69 -6.51 -41.74
C TYR C 241 -28.79 -6.27 -40.71
N ASP C 242 -28.51 -6.63 -39.45
CA ASP C 242 -29.47 -6.48 -38.38
C ASP C 242 -28.87 -5.75 -37.19
N ALA C 243 -28.04 -4.74 -37.45
CA ALA C 243 -27.42 -3.95 -36.39
C ALA C 243 -26.89 -2.66 -36.99
N PRO C 244 -26.93 -1.55 -36.25
CA PRO C 244 -26.46 -0.29 -36.82
C PRO C 244 -24.98 -0.26 -37.12
N VAL C 245 -24.15 -0.94 -36.32
CA VAL C 245 -22.70 -0.87 -36.49
C VAL C 245 -22.05 -2.23 -36.64
N GLY C 246 -22.65 -3.32 -36.16
CA GLY C 246 -22.05 -4.62 -36.30
C GLY C 246 -23.05 -5.66 -36.77
N GLY C 247 -23.20 -6.73 -36.00
CA GLY C 247 -24.25 -7.69 -36.25
C GLY C 247 -23.96 -8.63 -37.40
N THR C 248 -25.00 -9.33 -37.81
CA THR C 248 -24.93 -10.36 -38.83
C THR C 248 -25.34 -9.82 -40.18
N LEU C 249 -24.64 -10.24 -41.22
CA LEU C 249 -25.03 -9.96 -42.60
C LEU C 249 -26.20 -10.87 -42.94
N LEU C 250 -27.42 -10.35 -42.81
CA LEU C 250 -28.60 -11.17 -43.04
C LEU C 250 -28.67 -11.65 -44.48
N ARG C 251 -28.56 -10.73 -45.44
CA ARG C 251 -28.62 -11.12 -46.85
C ARG C 251 -27.80 -10.17 -47.71
N THR C 252 -27.47 -10.65 -48.91
CA THR C 252 -26.89 -9.81 -49.97
C THR C 252 -27.66 -10.06 -51.26
N PHE C 253 -27.65 -9.06 -52.13
CA PHE C 253 -28.35 -9.16 -53.41
C PHE C 253 -27.57 -8.40 -54.47
N THR C 254 -27.46 -9.02 -55.64
CA THR C 254 -26.87 -8.42 -56.82
C THR C 254 -27.82 -8.63 -57.99
N PRO C 255 -28.09 -7.61 -58.79
CA PRO C 255 -28.96 -7.80 -59.96
C PRO C 255 -28.36 -8.82 -60.92
N ALA C 256 -29.25 -9.57 -61.57
CA ALA C 256 -28.83 -10.58 -62.52
C ALA C 256 -28.11 -9.91 -63.71
N ALA C 257 -27.54 -10.77 -64.57
CA ALA C 257 -26.72 -10.26 -65.67
C ALA C 257 -27.54 -9.40 -66.62
N ALA C 258 -28.78 -9.80 -66.90
CA ALA C 258 -29.62 -9.02 -67.80
C ALA C 258 -30.10 -7.72 -67.18
N ASN C 259 -30.11 -7.62 -65.85
CA ASN C 259 -30.59 -6.44 -65.16
C ASN C 259 -29.46 -5.60 -64.58
N ALA C 260 -28.24 -5.77 -65.08
CA ALA C 260 -27.11 -5.05 -64.54
C ALA C 260 -27.28 -3.54 -64.74
N VAL C 261 -26.88 -2.78 -63.72
CA VAL C 261 -26.95 -1.32 -63.79
C VAL C 261 -26.00 -0.83 -64.87
N TYR C 262 -26.49 0.04 -65.75
CA TYR C 262 -25.67 0.63 -66.79
C TYR C 262 -25.74 2.15 -66.67
N VAL C 263 -24.64 2.75 -66.26
CA VAL C 263 -24.52 4.20 -66.16
C VAL C 263 -24.31 4.76 -67.55
N VAL C 264 -25.20 5.64 -67.98
CA VAL C 264 -25.21 6.15 -69.34
C VAL C 264 -24.72 7.59 -69.33
N ASP C 265 -23.95 7.94 -70.36
CA ASP C 265 -23.43 9.30 -70.50
C ASP C 265 -24.39 10.11 -71.35
N PRO C 266 -24.97 11.20 -70.82
CA PRO C 266 -26.03 11.89 -71.57
C PRO C 266 -25.51 12.82 -72.66
N SER C 267 -24.21 13.06 -72.73
CA SER C 267 -23.66 13.91 -73.78
C SER C 267 -23.23 13.12 -75.01
N LYS C 268 -23.07 11.80 -74.90
CA LYS C 268 -22.70 10.99 -76.04
C LYS C 268 -23.87 10.67 -76.95
N TYR C 269 -25.09 10.90 -76.49
CA TYR C 269 -26.26 10.67 -77.33
C TYR C 269 -26.24 11.60 -78.54
N VAL C 270 -26.54 11.05 -79.72
CA VAL C 270 -26.60 11.81 -80.95
C VAL C 270 -28.03 11.78 -81.45
N LEU C 271 -28.63 12.96 -81.57
CA LEU C 271 -29.99 13.13 -82.07
C LEU C 271 -29.94 14.02 -83.31
N THR C 272 -30.72 13.67 -84.31
CA THR C 272 -30.82 14.45 -85.54
C THR C 272 -32.30 14.61 -85.87
N LEU C 273 -32.81 15.83 -85.69
CA LEU C 273 -34.22 16.14 -85.92
C LEU C 273 -34.35 16.90 -87.22
N THR C 274 -35.18 16.38 -88.13
CA THR C 274 -35.46 17.01 -89.42
C THR C 274 -36.95 17.31 -89.47
N VAL C 275 -37.34 18.45 -88.91
CA VAL C 275 -38.68 19.00 -89.08
C VAL C 275 -38.72 19.72 -90.41
N GLY C 276 -39.90 20.13 -90.83
CA GLY C 276 -40.06 20.75 -92.13
C GLY C 276 -39.47 22.13 -92.19
N PRO C 277 -40.09 23.01 -92.98
CA PRO C 277 -39.48 24.31 -93.24
C PRO C 277 -39.38 25.15 -91.98
N THR C 278 -38.35 25.99 -91.93
CA THR C 278 -38.22 27.01 -90.90
C THR C 278 -39.17 28.15 -91.29
N SER C 279 -38.98 29.34 -90.74
CA SER C 279 -40.06 30.31 -90.54
C SER C 279 -41.14 30.31 -91.62
N VAL C 280 -42.38 30.17 -91.17
CA VAL C 280 -43.56 30.01 -92.01
C VAL C 280 -44.67 30.88 -91.44
N THR C 281 -45.87 30.75 -92.00
CA THR C 281 -47.04 31.43 -91.49
C THR C 281 -48.08 30.41 -91.02
N THR C 282 -49.16 30.91 -90.43
CA THR C 282 -50.17 30.06 -89.85
C THR C 282 -50.92 29.21 -90.88
N ALA C 283 -50.80 29.52 -92.16
CA ALA C 283 -51.42 28.72 -93.20
C ALA C 283 -50.46 27.72 -93.84
N ASP C 284 -49.16 27.90 -93.63
CA ASP C 284 -48.18 26.96 -94.18
C ASP C 284 -48.18 25.66 -93.38
N GLN C 285 -47.60 24.63 -94.00
CA GLN C 285 -47.57 23.29 -93.44
C GLN C 285 -46.14 22.95 -93.03
N VAL C 286 -45.95 22.54 -91.78
CA VAL C 286 -44.66 22.08 -91.30
C VAL C 286 -44.70 20.57 -91.17
N THR C 287 -43.72 19.90 -91.74
CA THR C 287 -43.68 18.45 -91.77
C THR C 287 -42.59 17.93 -90.85
N PHE C 288 -42.76 16.69 -90.39
CA PHE C 288 -41.82 16.02 -89.51
C PHE C 288 -41.56 14.66 -90.16
N THR C 289 -40.41 14.53 -90.81
CA THR C 289 -40.04 13.32 -91.54
C THR C 289 -39.42 12.35 -90.55
N GLN C 290 -40.22 11.39 -90.10
CA GLN C 290 -39.74 10.41 -89.13
C GLN C 290 -38.63 9.54 -89.68
N THR C 291 -38.51 9.43 -91.01
CA THR C 291 -37.51 8.56 -91.60
C THR C 291 -36.11 9.16 -91.54
N THR C 292 -36.00 10.49 -91.49
CA THR C 292 -34.69 11.13 -91.46
C THR C 292 -34.20 11.40 -90.05
N THR C 293 -35.09 11.66 -89.11
CA THR C 293 -34.69 11.84 -87.72
C THR C 293 -34.03 10.58 -87.20
N GLU C 294 -32.88 10.73 -86.55
CA GLU C 294 -32.08 9.58 -86.18
C GLU C 294 -31.58 9.72 -84.75
N VAL C 295 -31.41 8.59 -84.08
CA VAL C 295 -30.98 8.51 -82.69
C VAL C 295 -29.87 7.48 -82.57
N SER C 296 -28.87 7.78 -81.73
CA SER C 296 -27.80 6.81 -81.51
C SER C 296 -27.09 7.15 -80.20
N TYR C 297 -26.33 6.17 -79.70
CA TYR C 297 -25.49 6.36 -78.52
C TYR C 297 -24.08 5.93 -78.91
N SER C 298 -23.15 6.88 -78.92
CA SER C 298 -21.84 6.64 -79.50
C SER C 298 -20.85 6.01 -78.52
N ALA C 299 -21.17 5.95 -77.23
CA ALA C 299 -20.20 5.43 -76.27
C ALA C 299 -20.02 3.93 -76.41
N SER C 300 -21.12 3.18 -76.48
CA SER C 300 -21.05 1.73 -76.54
C SER C 300 -22.35 1.21 -77.13
N ALA C 301 -22.43 -0.12 -77.28
CA ALA C 301 -23.56 -0.76 -77.93
C ALA C 301 -24.36 -1.64 -76.98
N THR C 302 -24.18 -1.48 -75.66
CA THR C 302 -24.93 -2.26 -74.68
C THR C 302 -25.79 -1.39 -73.78
N SER C 303 -25.94 -0.11 -74.10
CA SER C 303 -26.71 0.79 -73.27
C SER C 303 -28.19 0.41 -73.29
N PRO C 304 -28.91 0.69 -72.21
CA PRO C 304 -30.34 0.33 -72.16
C PRO C 304 -31.16 1.15 -73.14
N ILE C 305 -32.27 0.55 -73.55
CA ILE C 305 -33.15 1.18 -74.52
C ILE C 305 -33.93 2.31 -73.86
N LEU C 306 -34.18 3.37 -74.63
CA LEU C 306 -34.95 4.51 -74.18
C LEU C 306 -36.01 4.84 -75.21
N GLN C 307 -37.16 5.31 -74.75
CA GLN C 307 -38.23 5.69 -75.65
C GLN C 307 -38.05 7.12 -76.13
N TRP C 308 -38.71 7.45 -77.24
CA TRP C 308 -38.61 8.79 -77.81
C TRP C 308 -40.00 9.42 -77.86
N ARG C 309 -40.00 10.76 -77.86
CA ARG C 309 -41.25 11.50 -77.93
C ARG C 309 -41.02 12.82 -78.66
N PHE C 310 -42.02 13.24 -79.41
CA PHE C 310 -41.94 14.46 -80.21
C PHE C 310 -43.01 15.45 -79.76
N ASN C 311 -42.65 16.72 -79.71
CA ASN C 311 -43.60 17.78 -79.35
C ASN C 311 -43.51 18.90 -80.38
N TRP C 312 -44.67 19.27 -80.93
CA TRP C 312 -44.80 20.39 -81.85
C TRP C 312 -44.78 21.75 -81.15
N ASP C 313 -44.96 21.77 -79.83
CA ASP C 313 -45.08 23.01 -79.06
C ASP C 313 -46.29 23.82 -79.50
N ASP C 314 -47.46 23.18 -79.44
CA ASP C 314 -48.71 23.82 -79.76
C ASP C 314 -49.80 23.21 -78.88
N PRO C 315 -50.63 24.02 -78.22
CA PRO C 315 -51.66 23.45 -77.33
C PRO C 315 -52.72 22.65 -78.06
N SER C 316 -52.86 22.82 -79.38
CA SER C 316 -53.90 22.10 -80.11
C SER C 316 -53.61 20.60 -80.20
N VAL C 317 -52.34 20.22 -80.26
CA VAL C 317 -51.94 18.83 -80.49
C VAL C 317 -51.11 18.36 -79.31
N VAL C 318 -51.44 17.18 -78.81
CA VAL C 318 -50.64 16.58 -77.74
C VAL C 318 -49.35 16.01 -78.31
N GLU C 319 -48.35 15.87 -77.46
CA GLU C 319 -47.09 15.28 -77.90
C GLU C 319 -47.24 13.77 -78.01
N THR C 320 -46.51 13.20 -78.96
CA THR C 320 -46.77 11.84 -79.39
C THR C 320 -46.55 10.84 -78.26
N PRO C 321 -47.29 9.73 -78.24
CA PRO C 321 -47.07 8.71 -77.21
C PRO C 321 -45.69 8.09 -77.33
N LEU C 322 -45.22 7.53 -76.22
CA LEU C 322 -43.89 6.93 -76.17
C LEU C 322 -43.75 5.85 -77.23
N ALA C 323 -42.59 5.81 -77.89
CA ALA C 323 -42.34 4.85 -78.94
C ALA C 323 -40.87 4.46 -78.93
N TYR C 324 -40.58 3.33 -79.56
CA TYR C 324 -39.23 2.82 -79.69
C TYR C 324 -38.61 3.28 -80.99
N PRO C 325 -37.29 3.15 -81.12
CA PRO C 325 -36.65 3.45 -82.40
C PRO C 325 -37.05 2.48 -83.50
N ASP C 326 -36.39 2.58 -84.66
CA ASP C 326 -36.84 1.98 -85.91
C ASP C 326 -37.44 0.58 -85.77
N ALA C 327 -36.67 -0.37 -85.24
CA ALA C 327 -37.15 -1.74 -85.16
C ALA C 327 -36.81 -2.42 -83.83
N LEU C 328 -36.46 -1.66 -82.81
CA LEU C 328 -36.04 -2.23 -81.53
C LEU C 328 -37.23 -2.39 -80.59
N THR C 329 -37.11 -3.35 -79.67
CA THR C 329 -38.10 -3.59 -78.64
C THR C 329 -37.42 -3.55 -77.28
N ALA C 330 -38.18 -3.90 -76.24
CA ALA C 330 -37.67 -3.77 -74.87
C ALA C 330 -36.45 -4.64 -74.61
N ALA C 331 -36.30 -5.73 -75.35
CA ALA C 331 -35.17 -6.64 -75.12
C ALA C 331 -33.88 -6.16 -75.78
N SER C 332 -33.95 -5.18 -76.68
CA SER C 332 -32.78 -4.77 -77.44
C SER C 332 -31.95 -3.78 -76.64
N ASN C 333 -30.95 -3.19 -77.28
CA ASN C 333 -30.07 -2.20 -76.67
C ASN C 333 -29.99 -1.00 -77.61
N PHE C 334 -29.75 0.17 -77.03
CA PHE C 334 -29.71 1.39 -77.81
C PHE C 334 -28.60 1.30 -78.86
N PRO C 335 -28.89 1.61 -80.12
CA PRO C 335 -27.91 1.36 -81.19
C PRO C 335 -26.73 2.32 -81.14
N THR C 336 -25.60 1.84 -81.65
CA THR C 336 -24.43 2.70 -81.85
C THR C 336 -24.47 3.38 -83.21
N THR C 337 -24.75 2.62 -84.27
CA THR C 337 -24.99 3.21 -85.57
C THR C 337 -26.30 3.98 -85.55
N ALA C 338 -26.30 5.13 -86.23
CA ALA C 338 -27.48 6.00 -86.23
C ALA C 338 -28.62 5.32 -86.98
N THR C 339 -29.75 5.14 -86.30
CA THR C 339 -30.93 4.53 -86.89
C THR C 339 -32.07 5.53 -86.91
N ALA C 340 -32.95 5.38 -87.90
CA ALA C 340 -34.10 6.27 -88.03
C ALA C 340 -35.04 6.09 -86.85
N VAL C 341 -35.77 7.14 -86.52
CA VAL C 341 -36.68 7.11 -85.37
C VAL C 341 -37.82 6.12 -85.64
N SER C 342 -38.44 6.21 -86.80
CA SER C 342 -39.48 5.26 -87.18
C SER C 342 -39.57 5.20 -88.69
N SER C 343 -40.17 4.12 -89.19
CA SER C 343 -40.32 3.88 -90.61
C SER C 343 -41.65 4.36 -91.16
N ALA C 344 -42.49 4.99 -90.35
CA ALA C 344 -43.78 5.44 -90.80
C ALA C 344 -43.65 6.66 -91.70
N ALA C 345 -44.79 7.16 -92.17
CA ALA C 345 -44.81 8.30 -93.07
C ALA C 345 -44.61 9.60 -92.29
N ALA C 346 -44.25 10.65 -93.01
CA ALA C 346 -44.04 11.95 -92.40
C ALA C 346 -45.34 12.49 -91.83
N SER C 347 -45.24 13.21 -90.72
CA SER C 347 -46.41 13.75 -90.03
C SER C 347 -46.45 15.26 -90.22
N THR C 348 -47.60 15.77 -90.65
CA THR C 348 -47.74 17.16 -91.06
C THR C 348 -48.65 17.91 -90.08
N PHE C 349 -48.29 19.15 -89.76
CA PHE C 349 -49.05 19.96 -88.82
C PHE C 349 -49.07 21.40 -89.30
N ARG C 350 -50.09 22.15 -88.86
CA ARG C 350 -50.22 23.56 -89.13
C ARG C 350 -50.41 24.30 -87.82
N TYR C 351 -49.54 25.27 -87.56
CA TYR C 351 -49.56 26.00 -86.30
C TYR C 351 -50.81 26.87 -86.20
N THR C 352 -51.30 27.04 -84.97
CA THR C 352 -52.54 27.78 -84.74
C THR C 352 -52.27 29.26 -84.51
N SER C 353 -51.47 29.58 -83.50
CA SER C 353 -51.10 30.95 -83.19
C SER C 353 -49.77 31.30 -83.85
N THR C 354 -49.30 32.51 -83.60
CA THR C 354 -48.02 32.98 -84.13
C THR C 354 -47.01 33.10 -83.00
N GLY C 355 -45.75 33.28 -83.40
CA GLY C 355 -44.67 33.39 -82.44
C GLY C 355 -43.46 32.59 -82.85
N SER C 356 -42.72 32.07 -81.86
CA SER C 356 -41.59 31.19 -82.10
C SER C 356 -41.78 29.93 -81.27
N LYS C 357 -41.79 28.77 -81.93
CA LYS C 357 -42.09 27.50 -81.30
C LYS C 357 -40.86 26.60 -81.34
N ASN C 358 -40.79 25.68 -80.39
CA ASN C 358 -39.67 24.75 -80.25
C ASN C 358 -40.17 23.35 -80.54
N ALA C 359 -39.97 22.89 -81.77
CA ALA C 359 -40.29 21.52 -82.11
C ALA C 359 -39.18 20.63 -81.58
N ARG C 360 -39.51 19.75 -80.63
CA ARG C 360 -38.48 19.04 -79.89
C ARG C 360 -38.66 17.53 -79.98
N LEU C 361 -37.52 16.83 -79.93
CA LEU C 361 -37.44 15.39 -79.83
C LEU C 361 -36.70 15.04 -78.55
N ARG C 362 -37.29 14.17 -77.73
CA ARG C 362 -36.79 13.87 -76.40
C ARG C 362 -36.66 12.37 -76.23
N LEU C 363 -35.71 11.97 -75.38
CA LEU C 363 -35.51 10.58 -75.01
C LEU C 363 -35.84 10.41 -73.53
N TYR C 364 -36.70 9.46 -73.23
CA TYR C 364 -37.16 9.17 -71.89
C TYR C 364 -36.78 7.76 -71.48
N ASP C 365 -36.68 7.54 -70.17
CA ASP C 365 -36.45 6.23 -69.59
C ASP C 365 -37.65 5.84 -68.73
N GLY C 366 -37.49 4.76 -67.98
CA GLY C 366 -38.60 4.20 -67.22
C GLY C 366 -39.22 5.16 -66.22
N ALA C 367 -38.45 6.14 -65.72
CA ALA C 367 -38.95 7.12 -64.77
C ALA C 367 -39.47 8.38 -65.45
N ASN C 368 -39.55 8.38 -66.77
CA ASN C 368 -39.96 9.56 -67.54
C ASN C 368 -38.99 10.72 -67.31
N ASN C 369 -37.72 10.40 -67.15
CA ASN C 369 -36.67 11.40 -67.06
C ASN C 369 -36.13 11.73 -68.43
N VAL C 370 -35.90 13.01 -68.70
CA VAL C 370 -35.43 13.44 -70.00
C VAL C 370 -33.93 13.19 -70.07
N ILE C 371 -33.53 12.18 -70.83
CA ILE C 371 -32.11 11.85 -70.96
C ILE C 371 -31.43 12.79 -71.95
N ALA C 372 -31.95 12.86 -73.17
CA ALA C 372 -31.41 13.73 -74.20
C ALA C 372 -32.54 14.45 -74.91
N GLU C 373 -32.21 15.58 -75.53
CA GLU C 373 -33.23 16.43 -76.13
C GLU C 373 -32.61 17.24 -77.25
N LYS C 374 -33.35 17.39 -78.34
CA LYS C 374 -32.94 18.19 -79.49
C LYS C 374 -34.10 19.07 -79.92
N ILE C 375 -33.84 20.37 -80.07
CA ILE C 375 -34.87 21.36 -80.34
C ILE C 375 -34.55 22.08 -81.64
N VAL C 376 -35.58 22.28 -82.46
CA VAL C 376 -35.49 23.10 -83.66
C VAL C 376 -36.51 24.22 -83.56
N VAL C 377 -36.09 25.44 -83.85
CA VAL C 377 -36.91 26.63 -83.64
C VAL C 377 -37.59 27.00 -84.95
N ILE C 378 -38.90 27.23 -84.88
CA ILE C 378 -39.71 27.59 -86.04
C ILE C 378 -40.44 28.89 -85.73
N THR C 379 -40.33 29.87 -86.64
CA THR C 379 -40.93 31.18 -86.45
C THR C 379 -42.17 31.29 -87.33
N VAL C 380 -43.34 31.34 -86.71
CA VAL C 380 -44.61 31.47 -87.43
C VAL C 380 -45.07 32.91 -87.33
N SER C 381 -45.28 33.54 -88.49
CA SER C 381 -45.70 34.93 -88.53
C SER C 381 -46.39 35.20 -89.85
N ASN C 382 -47.47 35.99 -89.81
CA ASN C 382 -48.18 36.41 -91.00
C ASN C 382 -47.72 37.81 -91.41
N ALA C 383 -46.53 37.86 -91.99
CA ALA C 383 -45.87 39.14 -92.22
C ALA C 383 -46.39 39.82 -93.49
N GLY C 384 -46.14 39.21 -94.65
CA GLY C 384 -46.54 39.82 -95.90
C GLY C 384 -47.80 39.22 -96.49
N TYR C 385 -48.92 39.92 -96.34
CA TYR C 385 -50.22 39.49 -96.88
C TYR C 385 -50.89 40.74 -97.46
N THR C 386 -50.66 40.98 -98.75
CA THR C 386 -51.17 42.18 -99.38
C THR C 386 -52.53 41.88 -100.00
N LEU C 387 -53.49 42.75 -99.73
CA LEU C 387 -54.89 42.59 -100.13
C LEU C 387 -55.36 43.90 -100.75
N ALA C 388 -55.52 43.91 -102.07
CA ALA C 388 -55.96 45.09 -102.81
C ALA C 388 -57.41 44.93 -103.21
N LEU C 389 -58.21 45.96 -102.95
CA LEU C 389 -59.61 45.99 -103.36
C LEU C 389 -59.90 47.33 -104.04
N ALA C 390 -60.52 47.28 -105.20
CA ALA C 390 -60.86 48.48 -105.95
C ALA C 390 -62.25 48.33 -106.54
N LYS C 391 -62.89 49.47 -106.79
CA LYS C 391 -64.23 49.51 -107.38
C LYS C 391 -64.08 49.87 -108.86
N THR C 392 -64.41 48.92 -109.72
CA THR C 392 -64.23 49.08 -111.17
C THR C 392 -65.52 49.58 -111.81
N THR C 393 -66.01 50.71 -111.33
CA THR C 393 -67.16 51.38 -111.91
C THR C 393 -66.89 52.89 -111.93
N ALA C 394 -67.69 53.60 -112.72
CA ALA C 394 -67.55 55.04 -112.81
C ALA C 394 -68.22 55.71 -111.62
N ASP C 395 -67.96 57.02 -111.50
CA ASP C 395 -68.50 57.79 -110.38
C ASP C 395 -70.03 57.83 -110.32
N PRO C 396 -70.77 58.07 -111.43
CA PRO C 396 -72.20 58.38 -111.26
C PRO C 396 -73.10 57.16 -111.04
N VAL C 397 -72.51 56.03 -110.63
CA VAL C 397 -73.32 54.85 -110.32
C VAL C 397 -74.36 55.19 -109.26
N THR C 398 -75.56 54.65 -109.43
CA THR C 398 -76.65 54.85 -108.49
C THR C 398 -77.19 53.51 -108.02
N THR C 399 -78.34 53.52 -107.34
CA THR C 399 -78.93 52.30 -106.80
C THR C 399 -79.60 51.42 -107.84
N ASP C 400 -79.40 51.72 -109.13
CA ASP C 400 -80.05 50.97 -110.20
C ASP C 400 -79.13 50.01 -110.94
N ASP C 401 -77.83 50.27 -110.95
CA ASP C 401 -76.88 49.45 -111.69
C ASP C 401 -75.95 48.71 -110.72
N THR C 402 -75.52 47.53 -111.14
CA THR C 402 -74.61 46.73 -110.33
C THR C 402 -73.25 47.41 -110.24
N ILE C 403 -72.57 47.17 -109.11
CA ILE C 403 -71.23 47.67 -108.89
C ILE C 403 -70.30 46.47 -108.83
N ALA C 404 -69.29 46.47 -109.69
CA ALA C 404 -68.30 45.41 -109.75
C ALA C 404 -67.02 45.83 -109.06
N PHE C 405 -66.24 44.83 -108.64
CA PHE C 405 -65.01 45.08 -107.90
C PHE C 405 -63.87 44.28 -108.50
N SER C 406 -62.66 44.75 -108.22
CA SER C 406 -61.43 44.04 -108.58
C SER C 406 -60.66 43.76 -107.30
N ALA C 407 -60.29 42.50 -107.09
CA ALA C 407 -59.66 42.07 -105.85
C ALA C 407 -58.36 41.34 -106.15
N GLY C 408 -57.44 41.43 -105.19
CA GLY C 408 -56.16 40.75 -105.30
C GLY C 408 -55.61 40.36 -103.95
N ALA C 409 -55.20 39.11 -103.79
CA ALA C 409 -54.65 38.60 -102.54
C ALA C 409 -53.35 37.88 -102.82
N LYS C 410 -52.25 38.40 -102.28
CA LYS C 410 -50.95 37.77 -102.51
C LYS C 410 -50.12 37.81 -101.23
N HIS C 411 -49.10 36.97 -101.21
CA HIS C 411 -48.17 36.88 -100.09
C HIS C 411 -46.77 37.25 -100.57
N LEU C 412 -45.98 37.80 -99.65
CA LEU C 412 -44.59 38.14 -99.98
C LEU C 412 -43.81 36.90 -100.42
N SER C 413 -43.86 35.84 -99.61
CA SER C 413 -43.18 34.59 -99.96
C SER C 413 -43.99 33.45 -99.36
N SER C 414 -44.89 32.88 -100.15
CA SER C 414 -45.71 31.76 -99.73
C SER C 414 -46.51 31.25 -100.93
N THR C 415 -46.79 29.96 -100.92
CA THR C 415 -47.67 29.31 -101.90
C THR C 415 -48.74 28.52 -101.17
N SER C 416 -49.16 29.03 -100.02
CA SER C 416 -50.17 28.35 -99.21
C SER C 416 -51.56 28.56 -99.82
N GLN C 417 -52.56 27.94 -99.20
CA GLN C 417 -53.94 28.10 -99.60
C GLN C 417 -54.67 28.90 -98.53
N VAL C 418 -55.41 29.92 -98.96
CA VAL C 418 -56.05 30.84 -98.04
C VAL C 418 -57.51 31.00 -98.47
N TRP C 419 -58.31 31.56 -97.56
CA TRP C 419 -59.75 31.65 -97.76
C TRP C 419 -60.20 33.09 -97.58
N TRP C 420 -61.30 33.47 -98.24
CA TRP C 420 -61.70 34.87 -98.26
C TRP C 420 -63.21 35.00 -98.07
N THR C 421 -63.61 36.14 -97.50
CA THR C 421 -65.01 36.53 -97.39
C THR C 421 -65.14 38.00 -97.76
N ILE C 422 -66.34 38.39 -98.14
CA ILE C 422 -66.66 39.78 -98.43
C ILE C 422 -67.92 40.18 -97.69
N ASP C 423 -68.02 41.47 -97.37
CA ASP C 423 -69.13 42.04 -96.63
C ASP C 423 -69.47 43.38 -97.23
N TYR C 424 -70.67 43.49 -97.79
CA TYR C 424 -71.12 44.72 -98.44
C TYR C 424 -71.88 45.64 -97.52
N GLY C 425 -72.15 45.23 -96.28
CA GLY C 425 -72.84 46.09 -95.34
C GLY C 425 -73.82 45.37 -94.44
N ALA C 426 -74.25 44.18 -94.86
CA ALA C 426 -75.19 43.39 -94.07
C ALA C 426 -74.47 42.38 -93.18
N GLY C 427 -73.71 41.48 -93.79
CA GLY C 427 -72.98 40.47 -93.04
C GLY C 427 -72.03 39.72 -93.94
N GLU C 428 -71.01 39.13 -93.31
CA GLU C 428 -70.01 38.39 -94.04
C GLU C 428 -70.60 37.16 -94.71
N SER C 429 -70.10 36.83 -95.89
CA SER C 429 -70.49 35.59 -96.56
C SER C 429 -70.15 34.40 -95.69
N SER C 430 -71.09 33.48 -95.55
CA SER C 430 -70.91 32.38 -94.60
C SER C 430 -69.92 31.33 -95.11
N PRO C 431 -70.08 30.78 -96.35
CA PRO C 431 -69.12 29.78 -96.81
C PRO C 431 -67.88 30.44 -97.40
N ARG C 432 -66.76 30.35 -96.69
CA ARG C 432 -65.52 30.91 -97.17
C ARG C 432 -65.08 30.18 -98.44
N THR C 433 -64.75 30.93 -99.48
CA THR C 433 -64.34 30.32 -100.73
C THR C 433 -62.83 30.11 -100.74
N ALA C 434 -62.37 29.26 -101.65
CA ALA C 434 -60.99 28.79 -101.65
C ALA C 434 -60.19 29.56 -102.68
N LEU C 435 -59.04 30.08 -102.27
CA LEU C 435 -58.07 30.69 -103.16
C LEU C 435 -56.93 29.72 -103.43
N THR C 436 -56.21 29.96 -104.52
CA THR C 436 -55.04 29.17 -104.90
C THR C 436 -53.90 30.17 -105.15
N MET C 437 -53.21 30.54 -104.08
CA MET C 437 -52.15 31.54 -104.17
C MET C 437 -50.96 30.97 -104.94
N THR C 438 -50.72 31.49 -106.13
CA THR C 438 -49.60 31.07 -106.96
C THR C 438 -48.66 32.19 -107.33
N ASN C 439 -49.19 33.39 -107.62
CA ASN C 439 -48.35 34.53 -107.91
C ASN C 439 -47.86 35.13 -106.59
N VAL C 440 -46.55 35.13 -106.41
CA VAL C 440 -45.93 35.50 -105.14
C VAL C 440 -45.01 36.69 -105.36
N GLY C 441 -45.16 37.73 -104.55
CA GLY C 441 -44.27 38.86 -104.60
C GLY C 441 -44.52 39.81 -105.76
N ALA C 442 -43.49 40.01 -106.58
CA ALA C 442 -43.58 41.00 -107.66
C ALA C 442 -44.72 40.73 -108.64
N ALA C 443 -45.15 39.48 -108.75
CA ALA C 443 -46.24 39.16 -109.66
C ALA C 443 -47.55 39.76 -109.16
N ALA C 444 -48.51 39.85 -110.08
CA ALA C 444 -49.79 40.46 -109.76
C ALA C 444 -50.53 39.65 -108.70
N PRO C 445 -51.29 40.30 -107.84
CA PRO C 445 -52.05 39.56 -106.82
C PRO C 445 -53.04 38.60 -107.45
N ASN C 446 -53.24 37.46 -106.78
CA ASN C 446 -54.08 36.41 -107.32
C ASN C 446 -55.53 36.87 -107.43
N ALA C 447 -56.27 36.23 -108.33
CA ALA C 447 -57.58 36.73 -108.76
C ALA C 447 -58.68 36.26 -107.82
N ILE C 448 -59.50 37.22 -107.37
CA ILE C 448 -60.72 36.96 -106.63
C ILE C 448 -61.88 37.57 -107.42
N ALA C 449 -61.78 37.52 -108.75
CA ALA C 449 -62.76 38.14 -109.64
C ALA C 449 -64.15 37.54 -109.47
N SER C 450 -65.12 38.06 -110.24
CA SER C 450 -66.54 37.73 -110.10
C SER C 450 -67.10 38.28 -108.80
N LEU C 451 -66.73 39.50 -108.47
CA LEU C 451 -67.20 40.19 -107.27
C LEU C 451 -68.09 41.36 -107.73
N SER C 452 -69.38 41.27 -107.40
CA SER C 452 -70.33 42.27 -107.85
C SER C 452 -71.53 42.30 -106.91
N ASN C 453 -72.02 43.50 -106.64
CA ASN C 453 -73.21 43.66 -105.81
C ASN C 453 -74.01 44.86 -106.29
N GLN C 454 -75.34 44.72 -106.25
CA GLN C 454 -76.25 45.80 -106.59
C GLN C 454 -76.89 46.30 -105.30
N TYR C 455 -76.75 47.59 -105.03
CA TYR C 455 -77.21 48.15 -103.77
C TYR C 455 -78.70 48.47 -103.83
N THR C 456 -79.27 48.69 -102.65
CA THR C 456 -80.70 48.96 -102.50
C THR C 456 -81.00 50.38 -102.06
N SER C 457 -80.28 50.91 -101.08
CA SER C 457 -80.45 52.26 -100.60
C SER C 457 -79.38 53.16 -101.19
N GLY C 458 -79.36 54.41 -100.74
CA GLY C 458 -78.41 55.38 -101.23
C GLY C 458 -77.68 56.08 -100.10
N GLY C 459 -76.49 56.57 -100.41
CA GLY C 459 -75.68 57.27 -99.43
C GLY C 459 -74.23 56.82 -99.45
N THR C 460 -73.58 56.85 -98.28
CA THR C 460 -72.20 56.41 -98.14
C THR C 460 -72.20 54.96 -97.67
N LYS C 461 -71.61 54.07 -98.47
CA LYS C 461 -71.56 52.65 -98.17
C LYS C 461 -70.11 52.17 -98.17
N LEU C 462 -69.91 51.00 -97.60
CA LEU C 462 -68.58 50.41 -97.49
C LEU C 462 -68.61 48.96 -97.98
N ALA C 463 -67.47 48.51 -98.50
CA ALA C 463 -67.27 47.13 -98.90
C ALA C 463 -65.96 46.64 -98.30
N THR C 464 -66.00 45.51 -97.58
CA THR C 464 -64.84 44.98 -96.88
C THR C 464 -64.54 43.57 -97.37
N LEU C 465 -63.26 43.31 -97.64
CA LEU C 465 -62.79 42.00 -98.04
C LEU C 465 -61.81 41.51 -96.99
N ARG C 466 -62.09 40.34 -96.42
CA ARG C 466 -61.29 39.79 -95.33
C ARG C 466 -60.72 38.45 -95.76
N ILE C 467 -59.49 38.17 -95.34
CA ILE C 467 -58.79 36.95 -95.73
C ILE C 467 -58.39 36.20 -94.47
N TYR C 468 -58.82 34.94 -94.39
CA TYR C 468 -58.62 34.08 -93.24
C TYR C 468 -57.77 32.88 -93.62
N ASP C 469 -56.97 32.41 -92.66
CA ASP C 469 -56.05 31.30 -92.86
C ASP C 469 -56.69 29.94 -92.69
N ARG C 470 -57.93 29.87 -92.19
CA ARG C 470 -58.57 28.59 -91.92
C ARG C 470 -60.00 28.62 -92.44
N ASP C 471 -60.50 27.43 -92.78
CA ASP C 471 -61.85 27.30 -93.30
C ASP C 471 -62.88 27.64 -92.23
N GLY C 472 -64.02 28.16 -92.69
CA GLY C 472 -65.10 28.49 -91.78
C GLY C 472 -65.71 27.26 -91.12
N VAL C 473 -66.04 26.26 -91.95
CA VAL C 473 -66.68 24.99 -91.57
C VAL C 473 -67.59 25.15 -90.35
N GLY C 474 -67.53 24.19 -89.42
CA GLY C 474 -68.38 24.22 -88.25
C GLY C 474 -67.82 25.01 -87.08
N ALA C 475 -66.65 24.60 -86.59
CA ALA C 475 -66.01 25.25 -85.45
C ALA C 475 -64.55 25.61 -85.67
N ASN C 476 -63.87 24.97 -86.60
CA ASN C 476 -62.52 25.38 -86.95
C ASN C 476 -62.53 26.81 -87.50
N THR C 477 -61.65 27.65 -86.96
CA THR C 477 -61.56 29.05 -87.34
C THR C 477 -60.10 29.46 -87.29
N GLY C 478 -59.77 30.53 -88.02
CA GLY C 478 -58.39 30.98 -88.08
C GLY C 478 -58.19 32.38 -87.54
N LEU C 479 -57.38 33.17 -88.23
CA LEU C 479 -57.02 34.51 -87.79
C LEU C 479 -57.22 35.49 -88.93
N LEU C 480 -57.42 36.76 -88.57
CA LEU C 480 -57.55 37.80 -89.59
C LEU C 480 -56.20 38.09 -90.22
N LEU C 481 -55.90 37.43 -91.34
CA LEU C 481 -54.64 37.67 -92.03
C LEU C 481 -54.58 39.09 -92.58
N ALA C 482 -55.68 39.57 -93.17
CA ALA C 482 -55.76 40.95 -93.64
C ALA C 482 -57.22 41.28 -93.93
N SER C 483 -57.48 42.57 -94.10
CA SER C 483 -58.82 43.05 -94.41
C SER C 483 -58.70 44.44 -95.02
N THR C 484 -59.32 44.62 -96.19
CA THR C 484 -59.27 45.89 -96.92
C THR C 484 -60.68 46.41 -97.16
N THR C 485 -60.86 47.72 -96.98
CA THR C 485 -62.17 48.34 -97.06
C THR C 485 -62.14 49.51 -98.03
N VAL C 486 -63.21 49.64 -98.83
CA VAL C 486 -63.38 50.77 -99.74
C VAL C 486 -64.77 51.35 -99.52
N THR C 487 -64.84 52.68 -99.40
CA THR C 487 -66.09 53.39 -99.17
C THR C 487 -66.44 54.21 -100.41
N PHE C 488 -67.71 54.15 -100.81
CA PHE C 488 -68.16 54.88 -101.98
C PHE C 488 -69.53 55.51 -101.70
N THR C 489 -69.82 56.58 -102.46
CA THR C 489 -71.11 57.24 -102.40
C THR C 489 -71.96 56.82 -103.59
N VAL C 490 -73.23 56.57 -103.33
CA VAL C 490 -74.18 56.12 -104.35
C VAL C 490 -75.40 57.03 -104.27
N THR C 491 -75.81 57.56 -105.42
CA THR C 491 -76.89 58.53 -105.46
C THR C 491 -78.24 57.85 -105.24
N PRO C 492 -79.05 58.33 -104.30
CA PRO C 492 -80.39 57.75 -104.11
C PRO C 492 -81.36 58.25 -105.18
N VAL C 493 -82.46 57.51 -105.31
CA VAL C 493 -83.51 57.81 -106.28
C VAL C 493 -84.69 58.41 -105.51
N LEU C 494 -85.13 59.58 -105.94
CA LEU C 494 -86.19 60.32 -105.27
C LEU C 494 -87.37 60.52 -106.21
N TYR C 495 -88.56 60.61 -105.63
CA TYR C 495 -89.79 60.69 -106.39
C TYR C 495 -90.55 61.97 -106.05
N ALA C 496 -90.93 62.72 -107.09
CA ALA C 496 -91.76 63.90 -106.92
C ALA C 496 -93.23 63.53 -107.14
N LEU C 497 -94.12 64.35 -106.61
CA LEU C 497 -95.55 64.07 -106.65
C LEU C 497 -96.31 65.26 -107.22
N GLU C 498 -97.21 65.00 -108.16
CA GLU C 498 -98.13 65.99 -108.69
C GLU C 498 -99.54 65.61 -108.25
N SER C 499 -100.22 66.54 -107.60
CA SER C 499 -101.54 66.28 -107.04
C SER C 499 -102.50 67.39 -107.43
N ALA C 500 -103.77 67.03 -107.56
CA ALA C 500 -104.81 67.98 -107.94
C ALA C 500 -106.14 67.54 -107.34
N VAL C 501 -107.06 68.50 -107.26
CA VAL C 501 -108.43 68.28 -106.80
C VAL C 501 -109.38 68.67 -107.92
N GLU C 502 -110.38 67.83 -108.17
CA GLU C 502 -111.22 67.99 -109.36
C GLU C 502 -111.93 69.34 -109.44
N PRO C 503 -112.59 69.84 -108.41
CA PRO C 503 -113.20 71.17 -108.51
C PRO C 503 -112.35 72.32 -107.99
N PHE C 504 -111.17 72.01 -107.45
CA PHE C 504 -110.24 72.96 -106.83
C PHE C 504 -110.83 73.52 -105.53
N SER C 505 -112.06 73.15 -105.23
CA SER C 505 -112.75 73.60 -104.04
C SER C 505 -113.91 72.67 -103.78
N PRO C 506 -113.66 71.49 -103.19
CA PRO C 506 -114.76 70.52 -102.98
C PRO C 506 -115.87 71.15 -102.17
N ILE C 507 -117.10 70.89 -102.60
CA ILE C 507 -118.26 71.46 -101.92
C ILE C 507 -118.51 70.69 -100.62
N ALA C 508 -119.08 71.39 -99.64
CA ALA C 508 -119.20 70.87 -98.28
C ALA C 508 -120.14 69.68 -98.16
N THR C 509 -120.71 69.16 -99.26
CA THR C 509 -121.55 67.98 -99.17
C THR C 509 -121.30 66.93 -100.24
N VAL C 510 -120.72 67.26 -101.39
CA VAL C 510 -120.57 66.32 -102.49
C VAL C 510 -119.10 65.93 -102.63
N ALA C 511 -118.87 64.64 -102.87
CA ALA C 511 -117.52 64.11 -102.91
C ALA C 511 -116.72 64.69 -104.07
N ALA C 512 -115.41 64.80 -103.86
CA ALA C 512 -114.45 65.23 -104.86
C ALA C 512 -113.44 64.12 -105.12
N LYS C 513 -112.54 64.38 -106.06
CA LYS C 513 -111.56 63.40 -106.51
C LYS C 513 -110.16 64.00 -106.39
N TRP C 514 -109.28 63.31 -105.68
CA TRP C 514 -107.88 63.68 -105.55
C TRP C 514 -107.05 62.85 -106.51
N SER C 515 -106.29 63.52 -107.36
CA SER C 515 -105.50 62.88 -108.40
C SER C 515 -104.03 63.03 -108.07
N PHE C 516 -103.31 61.90 -108.05
CA PHE C 516 -101.90 61.86 -107.69
C PHE C 516 -101.13 61.10 -108.77
N ARG C 517 -99.95 61.63 -109.11
CA ARG C 517 -99.07 60.97 -110.07
C ARG C 517 -97.63 61.26 -109.71
N ILE C 518 -96.79 60.24 -109.69
CA ILE C 518 -95.40 60.37 -109.24
C ILE C 518 -94.47 60.43 -110.44
N GLN C 519 -93.38 61.15 -110.28
CA GLN C 519 -92.32 61.28 -111.28
C GLN C 519 -91.01 60.82 -110.69
N ARG C 520 -90.28 59.99 -111.43
CA ARG C 520 -89.05 59.38 -110.94
C ARG C 520 -87.86 60.29 -111.21
N SER C 521 -86.83 60.17 -110.36
CA SER C 521 -85.62 60.97 -110.52
C SER C 521 -84.91 60.61 -111.82
N LYS C 522 -84.82 59.32 -112.14
CA LYS C 522 -84.09 58.87 -113.31
C LYS C 522 -84.89 57.79 -114.02
N ALA C 523 -84.60 57.61 -115.30
CA ALA C 523 -85.28 56.58 -116.07
C ALA C 523 -84.98 55.20 -115.50
N THR C 524 -86.01 54.36 -115.43
CA THR C 524 -85.82 53.01 -114.93
C THR C 524 -84.90 52.23 -115.87
N PRO C 525 -84.10 51.30 -115.33
CA PRO C 525 -83.26 50.49 -116.20
C PRO C 525 -84.08 49.63 -117.14
N ALA C 526 -83.51 49.33 -118.29
CA ALA C 526 -84.22 48.62 -119.35
C ALA C 526 -84.49 47.18 -118.91
N GLY C 527 -85.75 46.89 -118.57
CA GLY C 527 -86.15 45.52 -118.30
C GLY C 527 -86.84 45.28 -116.96
N VAL C 528 -87.29 46.34 -116.30
CA VAL C 528 -87.94 46.20 -114.99
C VAL C 528 -89.22 47.04 -114.98
N THR C 529 -90.05 46.77 -113.97
CA THR C 529 -91.27 47.52 -113.72
C THR C 529 -91.37 47.82 -112.24
N GLU C 530 -91.82 49.02 -111.88
CA GLU C 530 -91.92 49.43 -110.49
C GLU C 530 -93.38 49.42 -110.06
N SER C 531 -93.69 48.64 -109.04
CA SER C 531 -95.05 48.52 -108.51
C SER C 531 -95.09 49.16 -107.13
N ILE C 532 -95.99 50.12 -106.93
CA ILE C 532 -96.03 50.92 -105.72
C ILE C 532 -97.45 50.93 -105.18
N LYS C 533 -97.63 50.52 -103.94
CA LYS C 533 -98.93 50.67 -103.29
C LYS C 533 -98.99 52.03 -102.60
N CYS C 534 -100.20 52.57 -102.47
CA CYS C 534 -100.36 53.91 -101.93
C CYS C 534 -101.57 53.97 -101.02
N ALA C 535 -101.49 54.87 -100.04
CA ALA C 535 -102.57 55.12 -99.10
C ALA C 535 -102.71 56.62 -98.90
N PHE C 536 -103.95 57.09 -98.85
CA PHE C 536 -104.24 58.51 -98.75
C PHE C 536 -105.29 58.74 -97.67
N PHE C 537 -105.20 59.89 -97.00
CA PHE C 537 -106.18 60.26 -95.98
C PHE C 537 -106.27 61.78 -95.97
N GLY C 538 -107.27 62.32 -96.67
CA GLY C 538 -107.45 63.76 -96.60
C GLY C 538 -108.56 64.19 -95.66
N ALA C 539 -108.19 64.49 -94.42
CA ALA C 539 -108.97 65.29 -93.47
C ALA C 539 -110.46 64.99 -93.46
N ASP C 540 -110.86 63.75 -93.76
CA ASP C 540 -112.27 63.44 -93.91
C ASP C 540 -112.86 62.75 -92.67
N THR C 541 -112.33 61.59 -92.30
CA THR C 541 -112.88 60.82 -91.19
C THR C 541 -111.74 60.08 -90.48
N GLY C 542 -111.77 60.12 -89.16
CA GLY C 542 -110.73 59.47 -88.38
C GLY C 542 -109.46 60.29 -88.33
N THR C 543 -108.43 59.68 -87.76
CA THR C 543 -107.12 60.30 -87.63
C THR C 543 -106.16 59.68 -88.64
N ALA C 544 -105.01 60.34 -88.80
CA ALA C 544 -104.02 59.88 -89.75
C ALA C 544 -103.41 58.56 -89.29
N PRO C 545 -102.98 57.73 -90.23
CA PRO C 545 -102.29 56.48 -89.85
C PRO C 545 -100.89 56.79 -89.34
N ALA C 546 -100.80 57.12 -88.04
CA ALA C 546 -99.59 57.73 -87.50
C ALA C 546 -98.37 56.84 -87.68
N ASP C 547 -98.49 55.55 -87.36
CA ASP C 547 -97.35 54.66 -87.41
C ASP C 547 -97.06 54.23 -88.84
N LEU C 548 -95.81 53.85 -89.10
CA LEU C 548 -95.45 53.30 -90.39
C LEU C 548 -96.20 52.00 -90.66
N ALA C 549 -96.44 51.20 -89.62
CA ALA C 549 -97.27 50.01 -89.77
C ALA C 549 -98.70 50.40 -90.15
N ALA C 550 -99.21 51.49 -89.58
CA ALA C 550 -100.55 51.94 -89.94
C ALA C 550 -100.61 52.35 -91.41
N TRP C 551 -99.60 53.08 -91.89
CA TRP C 551 -99.56 53.44 -93.31
C TRP C 551 -99.46 52.20 -94.18
N LEU C 552 -98.64 51.23 -93.77
CA LEU C 552 -98.50 50.00 -94.55
C LEU C 552 -99.82 49.24 -94.64
N THR C 553 -100.53 49.13 -93.51
CA THR C 553 -101.82 48.43 -93.52
C THR C 553 -102.85 49.19 -94.34
N ALA C 554 -102.83 50.53 -94.28
CA ALA C 554 -103.75 51.32 -95.09
C ALA C 554 -103.46 51.12 -96.58
N ALA C 555 -102.18 51.09 -96.95
CA ALA C 555 -101.83 50.87 -98.36
C ALA C 555 -102.23 49.47 -98.81
N ASN C 556 -101.96 48.46 -98.00
CA ASN C 556 -102.31 47.09 -98.37
C ASN C 556 -103.81 46.87 -98.47
N GLY C 557 -104.61 47.67 -97.77
CA GLY C 557 -106.05 47.53 -97.81
C GLY C 557 -106.63 48.07 -99.11
N ALA C 558 -107.94 47.88 -99.24
CA ALA C 558 -108.65 48.35 -100.43
C ALA C 558 -108.67 49.86 -100.53
N GLY C 559 -108.39 50.57 -99.43
CA GLY C 559 -108.35 52.02 -99.49
C GLY C 559 -107.24 52.54 -100.39
N GLY C 560 -106.06 51.95 -100.29
CA GLY C 560 -104.95 52.35 -101.13
C GLY C 560 -105.11 51.82 -102.55
N LEU C 561 -104.23 52.31 -103.42
CA LEU C 561 -104.27 51.96 -104.84
C LEU C 561 -102.88 51.57 -105.32
N THR C 562 -102.86 50.86 -106.44
CA THR C 562 -101.62 50.43 -107.07
C THR C 562 -101.22 51.40 -108.18
N ALA C 563 -99.93 51.69 -108.25
CA ALA C 563 -99.35 52.54 -109.28
C ALA C 563 -98.21 51.78 -109.96
N THR C 564 -98.09 51.96 -111.27
CA THR C 564 -97.18 51.18 -112.09
C THR C 564 -96.25 52.10 -112.86
N ILE C 565 -94.96 51.81 -112.82
CA ILE C 565 -93.96 52.47 -113.64
C ILE C 565 -93.44 51.46 -114.65
N LEU C 566 -93.64 51.76 -115.93
CA LEU C 566 -93.23 50.87 -117.01
C LEU C 566 -91.70 50.93 -117.19
N PRO C 567 -91.13 49.93 -117.86
CA PRO C 567 -89.68 49.97 -118.12
C PRO C 567 -89.29 51.20 -118.93
N SER C 568 -88.12 51.76 -118.58
CA SER C 568 -87.55 52.91 -119.27
C SER C 568 -88.52 54.09 -119.29
N SER C 569 -89.20 54.32 -118.17
CA SER C 569 -90.19 55.37 -118.08
C SER C 569 -89.99 56.16 -116.79
N ILE C 570 -89.94 57.48 -116.91
CA ILE C 570 -89.92 58.38 -115.76
C ILE C 570 -91.33 58.52 -115.17
N PRO C 571 -92.37 58.82 -115.94
CA PRO C 571 -93.69 59.00 -115.34
C PRO C 571 -94.46 57.69 -115.22
N SER C 572 -95.52 57.75 -114.42
CA SER C 572 -96.35 56.60 -114.11
C SER C 572 -97.79 56.87 -114.50
N ASP C 573 -98.66 55.90 -114.21
CA ASP C 573 -100.09 56.04 -114.44
C ASP C 573 -100.70 56.97 -113.40
N ILE C 574 -102.01 57.17 -113.47
CA ILE C 574 -102.71 58.13 -112.63
C ILE C 574 -103.41 57.41 -111.49
N ILE C 575 -103.36 58.01 -110.31
CA ILE C 575 -104.00 57.47 -109.11
C ILE C 575 -105.13 58.41 -108.71
N SER C 576 -106.29 57.85 -108.39
CA SER C 576 -107.46 58.65 -108.06
C SER C 576 -108.08 58.16 -106.76
N PHE C 577 -108.44 59.11 -105.89
CA PHE C 577 -109.10 58.82 -104.63
C PHE C 577 -110.38 59.63 -104.57
N THR C 578 -111.52 58.94 -104.43
CA THR C 578 -112.82 59.59 -104.38
C THR C 578 -113.21 59.74 -102.90
N ARG C 579 -113.20 60.97 -102.41
CA ARG C 579 -113.46 61.22 -101.00
C ARG C 579 -114.56 62.26 -100.84
N THR C 580 -115.45 62.03 -99.88
CA THR C 580 -116.55 62.94 -99.59
C THR C 580 -116.15 63.86 -98.43
N TYR C 581 -116.32 65.16 -98.63
CA TYR C 581 -115.99 66.17 -97.63
C TYR C 581 -117.28 66.82 -97.17
N ALA C 582 -117.78 66.39 -96.02
CA ALA C 582 -118.96 66.97 -95.41
C ALA C 582 -118.63 68.11 -94.44
N ALA C 583 -117.35 68.45 -94.30
CA ALA C 583 -116.91 69.46 -93.34
C ALA C 583 -117.02 70.85 -93.94
N ALA C 584 -116.52 71.85 -93.21
CA ALA C 584 -116.61 73.24 -93.61
C ALA C 584 -115.36 73.97 -93.09
N ALA C 585 -115.45 75.29 -93.00
CA ALA C 585 -114.44 76.14 -92.36
C ALA C 585 -113.14 76.26 -93.16
N ALA C 586 -112.03 76.42 -92.45
CA ALA C 586 -110.78 76.89 -93.04
C ALA C 586 -110.07 75.77 -93.80
N SER C 587 -108.81 76.01 -94.15
CA SER C 587 -108.06 75.11 -95.00
C SER C 587 -107.77 73.78 -94.30
N LEU C 588 -107.50 72.76 -95.11
CA LEU C 588 -107.20 71.43 -94.62
C LEU C 588 -106.02 70.87 -95.41
N GLN C 589 -105.37 69.85 -94.85
CA GLN C 589 -104.24 69.21 -95.52
C GLN C 589 -104.33 67.71 -95.33
N GLY C 590 -104.30 66.96 -96.44
CA GLY C 590 -104.31 65.52 -96.39
C GLY C 590 -102.92 64.91 -96.42
N LYS C 591 -102.83 63.66 -95.96
CA LYS C 591 -101.57 62.96 -95.84
C LYS C 591 -101.57 61.73 -96.75
N LEU C 592 -100.50 61.58 -97.54
CA LEU C 592 -100.36 60.46 -98.46
C LEU C 592 -99.03 59.77 -98.22
N GLN C 593 -99.04 58.43 -98.28
CA GLN C 593 -97.81 57.67 -98.16
C GLN C 593 -97.86 56.46 -99.09
N CYS C 594 -96.72 56.14 -99.70
CA CYS C 594 -96.64 55.05 -100.66
C CYS C 594 -95.44 54.17 -100.32
N PHE C 595 -95.55 52.90 -100.70
CA PHE C 595 -94.53 51.90 -100.42
C PHE C 595 -94.25 51.09 -101.67
N ILE C 596 -92.97 50.86 -101.93
CA ILE C 596 -92.52 49.94 -102.98
C ILE C 596 -91.67 48.87 -102.31
N GLY C 597 -92.16 47.62 -102.36
CA GLY C 597 -91.46 46.52 -101.70
C GLY C 597 -91.24 46.74 -100.23
N SER C 598 -92.25 47.24 -99.53
CA SER C 598 -92.16 47.61 -98.12
C SER C 598 -91.13 48.71 -97.87
N THR C 599 -90.84 49.52 -98.89
CA THR C 599 -89.95 50.66 -98.75
C THR C 599 -90.76 51.94 -98.84
N PRO C 600 -90.79 52.77 -97.81
CA PRO C 600 -91.61 53.99 -97.85
C PRO C 600 -90.96 55.07 -98.70
N LEU C 601 -91.74 55.65 -99.61
CA LEU C 601 -91.34 56.88 -100.26
C LEU C 601 -91.70 58.05 -99.34
N TRP C 602 -90.74 58.97 -99.15
CA TRP C 602 -90.89 60.09 -98.22
C TRP C 602 -90.94 59.56 -96.78
N ASP C 603 -90.09 60.09 -95.89
CA ASP C 603 -89.92 59.44 -94.60
C ASP C 603 -91.16 59.53 -93.72
N PRO C 604 -91.59 60.72 -93.23
CA PRO C 604 -92.77 60.73 -92.36
C PRO C 604 -94.06 60.46 -93.14
N TYR C 605 -94.29 61.27 -94.17
CA TYR C 605 -95.40 61.15 -95.10
C TYR C 605 -95.27 62.25 -96.15
N TYR C 606 -96.16 62.26 -97.14
CA TYR C 606 -96.18 63.37 -98.08
C TYR C 606 -97.33 64.29 -97.75
N PRO C 607 -97.08 65.50 -97.25
CA PRO C 607 -98.18 66.46 -97.05
C PRO C 607 -98.68 66.98 -98.38
N THR C 608 -99.99 66.92 -98.58
CA THR C 608 -100.60 67.40 -99.81
C THR C 608 -100.64 68.92 -99.82
N PRO C 609 -100.80 69.52 -101.00
CA PRO C 609 -101.00 70.97 -101.06
C PRO C 609 -102.26 71.39 -100.30
N VAL C 610 -102.19 72.57 -99.68
CA VAL C 610 -103.28 73.07 -98.86
C VAL C 610 -104.50 73.33 -99.74
N PHE C 611 -105.68 72.94 -99.25
CA PHE C 611 -106.92 73.15 -99.97
C PHE C 611 -107.99 73.66 -99.01
N GLN C 612 -109.01 74.28 -99.57
CA GLN C 612 -110.13 74.80 -98.81
C GLN C 612 -111.42 74.11 -99.24
N VAL C 613 -112.44 74.23 -98.40
CA VAL C 613 -113.74 73.62 -98.63
C VAL C 613 -114.80 74.71 -98.53
N LEU C 614 -115.81 74.62 -99.39
CA LEU C 614 -116.87 75.62 -99.47
C LEU C 614 -118.24 74.98 -99.38
N ALA C 615 -119.20 75.73 -98.85
CA ALA C 615 -120.58 75.28 -98.81
C ALA C 615 -121.27 75.42 -100.16
N ALA C 616 -120.85 76.37 -100.98
CA ALA C 616 -121.49 76.64 -102.26
C ALA C 616 -120.42 76.73 -103.35
N ALA C 617 -120.86 76.47 -104.58
CA ALA C 617 -119.95 76.53 -105.72
C ALA C 617 -119.50 77.96 -105.95
N PRO C 618 -118.20 78.20 -106.15
CA PRO C 618 -117.73 79.57 -106.35
C PRO C 618 -118.24 80.17 -107.65
N THR C 619 -118.39 81.49 -107.66
CA THR C 619 -118.89 82.22 -108.81
C THR C 619 -117.72 82.82 -109.58
N TYR C 620 -117.89 82.90 -110.90
CA TYR C 620 -116.89 83.48 -111.79
C TYR C 620 -117.55 84.57 -112.63
N THR C 621 -117.13 85.82 -112.41
CA THR C 621 -117.61 86.97 -113.17
C THR C 621 -116.63 87.28 -114.27
N LEU C 622 -117.14 87.53 -115.47
CA LEU C 622 -116.31 87.69 -116.67
C LEU C 622 -116.57 89.04 -117.30
N SER C 623 -115.50 89.72 -117.70
CA SER C 623 -115.58 90.96 -118.45
C SER C 623 -114.71 90.85 -119.70
N ALA C 624 -115.10 91.58 -120.74
CA ALA C 624 -114.41 91.51 -122.02
C ALA C 624 -114.16 92.89 -122.58
N SER C 625 -113.16 92.98 -123.45
CA SER C 625 -112.81 94.25 -124.09
C SER C 625 -112.12 93.99 -125.42
N VAL C 626 -112.29 94.93 -126.34
CA VAL C 626 -111.68 94.88 -127.67
C VAL C 626 -110.96 96.21 -127.87
N THR C 627 -109.64 96.19 -127.91
CA THR C 627 -108.91 97.42 -128.20
C THR C 627 -108.94 97.73 -129.70
N PRO C 628 -108.86 96.74 -130.63
CA PRO C 628 -109.11 97.11 -132.04
C PRO C 628 -110.60 97.05 -132.39
N ALA C 629 -111.30 98.13 -132.05
CA ALA C 629 -112.76 98.13 -132.18
C ALA C 629 -113.20 97.89 -133.62
N VAL C 630 -112.54 98.53 -134.58
CA VAL C 630 -112.87 98.39 -135.99
C VAL C 630 -111.67 97.77 -136.70
N VAL C 631 -111.90 96.63 -137.35
CA VAL C 631 -110.83 95.91 -138.05
C VAL C 631 -111.27 95.57 -139.47
N PRO C 632 -110.34 95.42 -140.42
CA PRO C 632 -110.70 94.88 -141.74
C PRO C 632 -110.59 93.36 -141.78
N VAL C 633 -110.86 92.76 -142.95
CA VAL C 633 -110.78 91.31 -143.07
C VAL C 633 -109.32 90.87 -143.21
N ASP C 634 -109.11 89.57 -142.97
CA ASP C 634 -107.77 88.97 -143.02
C ASP C 634 -106.80 89.70 -142.09
N THR C 635 -107.29 90.08 -140.91
CA THR C 635 -106.51 90.78 -139.92
C THR C 635 -106.58 90.06 -138.59
N ALA C 636 -105.78 90.53 -137.64
CA ALA C 636 -105.75 89.97 -136.30
C ALA C 636 -106.43 90.93 -135.33
N THR C 637 -107.32 90.40 -134.49
CA THR C 637 -108.06 91.18 -133.53
C THR C 637 -107.65 90.77 -132.12
N LEU C 638 -107.72 91.71 -131.18
CA LEU C 638 -107.30 91.49 -129.81
C LEU C 638 -108.53 91.44 -128.92
N TRP C 639 -108.68 90.35 -128.18
CA TRP C 639 -109.75 90.19 -127.21
C TRP C 639 -109.15 90.02 -125.82
N THR C 640 -109.50 90.91 -124.90
CA THR C 640 -109.03 90.84 -123.52
C THR C 640 -110.17 90.37 -122.64
N TYR C 641 -109.90 89.35 -121.81
CA TYR C 641 -110.91 88.80 -120.92
C TYR C 641 -110.39 88.79 -119.50
N ASN C 642 -111.21 89.27 -118.57
CA ASN C 642 -110.87 89.35 -117.16
C ASN C 642 -111.83 88.49 -116.35
N ILE C 643 -111.28 87.63 -115.50
CA ILE C 643 -112.05 86.69 -114.68
C ILE C 643 -111.88 87.09 -113.22
N ILE C 644 -112.98 87.11 -112.48
CA ILE C 644 -112.97 87.40 -111.06
C ILE C 644 -113.70 86.28 -110.33
N ARG C 645 -113.07 85.74 -109.29
CA ARG C 645 -113.69 84.72 -108.44
C ARG C 645 -114.34 85.38 -107.23
N SER C 646 -115.38 84.73 -106.71
CA SER C 646 -116.05 85.25 -105.52
C SER C 646 -115.14 85.27 -104.31
N VAL C 647 -114.35 84.22 -104.13
CA VAL C 647 -113.46 84.10 -102.98
C VAL C 647 -112.07 83.72 -103.45
N PRO C 648 -111.02 84.16 -102.74
CA PRO C 648 -109.66 83.82 -103.16
C PRO C 648 -109.28 82.39 -102.81
N VAL C 649 -108.20 81.93 -103.43
CA VAL C 649 -107.56 80.67 -103.06
C VAL C 649 -106.94 80.85 -101.69
N PRO C 650 -106.91 79.82 -100.85
CA PRO C 650 -106.13 79.92 -99.60
C PRO C 650 -104.67 80.23 -99.90
N ALA C 651 -104.07 81.05 -99.02
CA ALA C 651 -102.72 81.53 -99.27
C ALA C 651 -101.72 80.38 -99.38
N GLY C 652 -101.84 79.39 -98.50
CA GLY C 652 -100.95 78.24 -98.56
C GLY C 652 -101.24 77.27 -99.68
N GLY C 653 -102.40 77.40 -100.34
CA GLY C 653 -102.76 76.50 -101.40
C GLY C 653 -102.05 76.84 -102.71
N PRO C 654 -102.25 75.99 -103.70
CA PRO C 654 -101.64 76.21 -105.01
C PRO C 654 -102.48 77.18 -105.85
N SER C 655 -101.87 77.64 -106.93
CA SER C 655 -102.57 78.51 -107.87
C SER C 655 -103.61 77.73 -108.65
N LEU C 656 -104.75 78.37 -108.94
CA LEU C 656 -105.79 77.70 -109.68
C LEU C 656 -105.50 77.80 -111.17
N PRO C 657 -105.22 76.67 -111.84
CA PRO C 657 -104.94 76.73 -113.28
C PRO C 657 -106.22 76.68 -114.11
N ILE C 658 -106.48 77.72 -114.88
CA ILE C 658 -107.73 77.88 -115.63
C ILE C 658 -107.40 77.93 -117.11
N LEU C 659 -108.08 77.08 -117.88
CA LEU C 659 -107.97 77.06 -119.33
C LEU C 659 -109.22 77.70 -119.93
N CYS C 660 -109.02 78.64 -120.85
CA CYS C 660 -110.10 79.36 -121.49
C CYS C 660 -110.19 78.91 -122.94
N SER C 661 -111.36 78.44 -123.34
CA SER C 661 -111.66 78.09 -124.72
C SER C 661 -112.43 79.23 -125.36
N PHE C 662 -112.00 79.63 -126.55
CA PHE C 662 -112.47 80.85 -127.21
C PHE C 662 -112.99 80.52 -128.60
N TRP C 663 -114.18 81.02 -128.92
CA TRP C 663 -114.76 80.87 -130.26
C TRP C 663 -115.02 82.27 -130.81
N ASP C 664 -114.39 82.55 -131.95
CA ASP C 664 -114.25 83.92 -132.47
C ASP C 664 -115.56 84.55 -132.92
N GLY C 665 -116.61 83.76 -133.12
CA GLY C 665 -117.88 84.31 -133.56
C GLY C 665 -118.03 84.52 -135.05
N LYS C 666 -117.13 83.97 -135.87
CA LYS C 666 -117.28 84.05 -137.31
C LYS C 666 -117.13 82.67 -137.94
N THR C 667 -116.33 81.82 -137.32
CA THR C 667 -116.15 80.44 -137.78
C THR C 667 -117.32 79.59 -137.28
N GLY C 668 -117.18 78.27 -137.37
CA GLY C 668 -118.23 77.34 -137.00
C GLY C 668 -118.88 77.61 -135.66
N ALA C 669 -120.06 77.03 -135.45
CA ALA C 669 -121.01 77.36 -134.39
C ALA C 669 -120.48 77.10 -132.97
N ALA C 670 -119.21 76.74 -132.79
CA ALA C 670 -118.58 76.51 -131.49
C ALA C 670 -119.06 75.20 -130.88
N PRO C 671 -118.26 74.56 -130.03
CA PRO C 671 -118.72 73.33 -129.37
C PRO C 671 -119.93 73.59 -128.48
N THR C 672 -120.78 72.57 -128.37
CA THR C 672 -121.98 72.65 -127.55
C THR C 672 -121.81 72.04 -126.16
N THR C 673 -120.88 71.11 -126.00
CA THR C 673 -120.67 70.40 -124.76
C THR C 673 -119.29 70.75 -124.19
N ASP C 674 -119.17 70.68 -122.86
CA ASP C 674 -117.89 70.94 -122.21
C ASP C 674 -116.79 70.02 -122.74
N ALA C 675 -117.15 68.81 -123.18
CA ALA C 675 -116.17 67.95 -123.84
C ALA C 675 -115.65 68.60 -125.13
N GLY C 676 -116.55 69.17 -125.91
CA GLY C 676 -116.13 69.87 -127.11
C GLY C 676 -115.26 71.09 -126.80
N TRP C 677 -115.63 71.83 -125.77
CA TRP C 677 -114.83 72.99 -125.36
C TRP C 677 -113.43 72.55 -124.94
N ALA C 678 -113.34 71.46 -124.18
CA ALA C 678 -112.03 70.95 -123.77
C ALA C 678 -111.25 70.38 -124.95
N ALA C 679 -111.96 69.95 -126.00
CA ALA C 679 -111.28 69.43 -127.18
C ALA C 679 -110.43 70.50 -127.85
N LEU C 680 -110.79 71.77 -127.70
CA LEU C 680 -110.02 72.86 -128.28
C LEU C 680 -108.66 72.92 -127.58
N ALA C 681 -107.61 72.55 -128.30
CA ALA C 681 -106.27 72.51 -127.74
C ALA C 681 -105.67 73.92 -127.75
N GLY C 682 -104.37 74.02 -127.52
CA GLY C 682 -103.69 75.29 -127.53
C GLY C 682 -103.46 75.85 -128.92
N SER C 683 -104.23 75.35 -129.89
CA SER C 683 -104.10 75.79 -131.28
C SER C 683 -104.86 77.10 -131.48
N ALA C 684 -104.34 78.15 -130.85
CA ALA C 684 -104.79 79.52 -130.99
C ALA C 684 -106.23 79.75 -130.53
N ASN C 685 -106.83 78.77 -129.84
CA ASN C 685 -108.19 78.95 -129.36
C ASN C 685 -108.30 78.65 -127.86
N GLY C 686 -107.46 77.74 -127.38
CA GLY C 686 -107.42 77.43 -125.96
C GLY C 686 -106.17 77.96 -125.30
N LYS C 687 -106.34 78.85 -124.31
CA LYS C 687 -105.22 79.49 -123.65
C LYS C 687 -105.26 79.22 -122.15
N GLY C 688 -104.10 78.86 -121.59
CA GLY C 688 -104.01 78.58 -120.17
C GLY C 688 -103.47 79.75 -119.39
N THR C 689 -104.01 79.93 -118.18
CA THR C 689 -103.58 80.97 -117.26
C THR C 689 -103.79 80.45 -115.85
N SER C 690 -103.55 81.31 -114.87
CA SER C 690 -103.69 80.93 -113.47
C SER C 690 -104.30 82.07 -112.68
N MET C 691 -105.02 81.71 -111.62
CA MET C 691 -105.58 82.66 -110.67
C MET C 691 -104.99 82.26 -109.31
N ALA C 692 -104.03 83.06 -108.85
CA ALA C 692 -103.14 82.70 -107.77
C ALA C 692 -103.75 82.97 -106.40
N PRO C 693 -103.23 82.31 -105.36
CA PRO C 693 -103.66 82.64 -103.99
C PRO C 693 -103.34 84.09 -103.65
N GLY C 694 -104.20 84.67 -102.82
CA GLY C 694 -104.08 86.07 -102.45
C GLY C 694 -104.69 87.04 -103.43
N SER C 695 -105.09 86.58 -104.61
CA SER C 695 -105.75 87.40 -105.61
C SER C 695 -106.94 86.65 -106.17
N THR C 696 -107.90 87.41 -106.69
CA THR C 696 -109.10 86.83 -107.27
C THR C 696 -109.25 87.13 -108.75
N THR C 697 -108.20 87.63 -109.39
CA THR C 697 -108.28 88.10 -110.77
C THR C 697 -107.38 87.26 -111.68
N ALA C 698 -107.89 87.00 -112.88
CA ALA C 698 -107.14 86.35 -113.94
C ALA C 698 -107.37 87.10 -115.24
N THR C 699 -106.42 87.00 -116.16
CA THR C 699 -106.48 87.74 -117.40
C THR C 699 -106.02 86.86 -118.55
N CYS C 700 -106.75 86.93 -119.67
CA CYS C 700 -106.37 86.22 -120.87
C CYS C 700 -106.48 87.14 -122.08
N SER C 701 -105.61 86.89 -123.06
CA SER C 701 -105.51 87.71 -124.25
C SER C 701 -105.53 86.81 -125.48
N PHE C 702 -106.42 87.10 -126.43
CA PHE C 702 -106.65 86.24 -127.58
C PHE C 702 -106.49 87.03 -128.87
N THR C 703 -106.02 86.34 -129.91
CA THR C 703 -105.75 86.93 -131.22
C THR C 703 -106.46 86.13 -132.30
N PRO C 704 -107.77 86.31 -132.46
CA PRO C 704 -108.47 85.67 -133.58
C PRO C 704 -108.18 86.38 -134.91
N SER C 705 -108.46 85.64 -135.98
CA SER C 705 -108.33 86.15 -137.35
C SER C 705 -109.66 85.97 -138.05
N TYR C 706 -110.12 87.02 -138.73
CA TYR C 706 -111.43 87.02 -139.35
C TYR C 706 -111.29 87.17 -140.86
N SER C 707 -111.92 86.27 -141.60
CA SER C 707 -111.81 86.23 -143.06
C SER C 707 -113.07 86.68 -143.78
N THR C 708 -114.05 87.21 -143.05
CA THR C 708 -115.29 87.66 -143.66
C THR C 708 -115.74 88.96 -142.99
N THR C 709 -116.53 89.74 -143.72
CA THR C 709 -117.02 91.02 -143.23
C THR C 709 -118.20 90.81 -142.28
N GLY C 710 -118.57 91.89 -141.59
CA GLY C 710 -119.80 91.93 -140.83
C GLY C 710 -119.56 92.09 -139.34
N THR C 711 -120.44 91.50 -138.56
CA THR C 711 -120.42 91.60 -137.10
C THR C 711 -120.15 90.24 -136.48
N ALA C 712 -119.32 90.21 -135.45
CA ALA C 712 -118.96 88.96 -134.80
C ALA C 712 -118.97 89.14 -133.29
N THR C 713 -119.60 88.20 -132.59
CA THR C 713 -119.57 88.13 -131.16
C THR C 713 -119.01 86.77 -130.72
N PRO C 714 -117.98 86.76 -129.87
CA PRO C 714 -117.33 85.50 -129.50
C PRO C 714 -117.94 84.92 -128.23
N THR C 715 -117.48 83.71 -127.89
CA THR C 715 -117.92 83.05 -126.67
C THR C 715 -116.74 82.33 -126.01
N LEU C 716 -116.73 82.35 -124.68
CA LEU C 716 -115.66 81.73 -123.91
C LEU C 716 -116.21 80.67 -122.96
N GLN C 717 -115.33 79.75 -122.59
CA GLN C 717 -115.64 78.69 -121.62
C GLN C 717 -114.44 78.47 -120.72
N LEU C 718 -114.69 78.26 -119.44
CA LEU C 718 -113.63 78.10 -118.45
C LEU C 718 -113.58 76.65 -117.96
N ILE C 719 -112.36 76.11 -117.88
CA ILE C 719 -112.14 74.74 -117.42
C ILE C 719 -110.99 74.76 -116.41
N GLN C 720 -111.03 73.82 -115.48
CA GLN C 720 -109.92 73.66 -114.53
C GLN C 720 -108.77 72.95 -115.23
N ASN C 721 -107.65 73.66 -115.40
CA ASN C 721 -106.55 73.17 -116.21
C ASN C 721 -105.54 72.43 -115.33
N SER C 722 -106.00 71.30 -114.80
CA SER C 722 -105.15 70.45 -113.97
C SER C 722 -104.44 69.41 -114.84
N PHE C 723 -103.49 68.71 -114.24
CA PHE C 723 -102.86 67.59 -114.93
C PHE C 723 -103.81 66.41 -115.10
N ALA C 724 -104.95 66.42 -114.42
CA ALA C 724 -105.98 65.42 -114.56
C ALA C 724 -107.14 65.96 -115.40
N LEU C 725 -106.80 66.73 -116.43
CA LEU C 725 -107.80 67.34 -117.31
C LEU C 725 -108.42 66.27 -118.18
N ASP C 726 -109.53 65.71 -117.73
CA ASP C 726 -110.25 64.66 -118.45
C ASP C 726 -111.36 65.31 -119.28
N ALA C 727 -111.15 65.37 -120.59
CA ALA C 727 -112.11 66.03 -121.46
C ALA C 727 -113.47 65.33 -121.49
N ALA C 728 -113.51 64.04 -121.16
CA ALA C 728 -114.77 63.32 -121.21
C ALA C 728 -115.73 63.78 -120.12
N THR C 729 -115.24 63.88 -118.88
CA THR C 729 -116.09 64.19 -117.73
C THR C 729 -115.87 65.59 -117.17
N THR C 730 -115.14 66.45 -117.88
CA THR C 730 -114.90 67.80 -117.38
C THR C 730 -116.18 68.61 -117.38
N VAL C 731 -116.28 69.52 -116.41
CA VAL C 731 -117.43 70.40 -116.25
C VAL C 731 -116.94 71.83 -116.13
N GLY C 732 -117.50 72.73 -116.94
CA GLY C 732 -117.15 74.12 -116.83
C GLY C 732 -117.71 74.76 -115.58
N PHE C 733 -117.02 75.80 -115.11
CA PHE C 733 -117.46 76.50 -113.90
C PHE C 733 -118.76 77.27 -114.16
N LEU C 734 -118.84 77.95 -115.30
CA LEU C 734 -120.01 78.76 -115.63
C LEU C 734 -120.98 77.92 -116.45
N SER C 735 -122.22 77.79 -115.95
CA SER C 735 -123.24 77.07 -116.71
C SER C 735 -123.60 77.74 -118.02
N PRO C 736 -123.82 79.08 -118.10
CA PRO C 736 -124.07 79.67 -119.41
C PRO C 736 -122.78 80.10 -120.09
N VAL C 737 -122.60 79.68 -121.34
CA VAL C 737 -121.40 80.03 -122.10
C VAL C 737 -121.39 81.54 -122.28
N TYR C 738 -120.43 82.21 -121.65
CA TYR C 738 -120.47 83.67 -121.52
C TYR C 738 -120.29 84.33 -122.88
N THR C 739 -121.23 85.20 -123.24
CA THR C 739 -121.16 85.97 -124.47
C THR C 739 -120.61 87.36 -124.13
N ALA C 740 -119.53 87.74 -124.81
CA ALA C 740 -118.85 88.99 -124.51
C ALA C 740 -119.77 90.18 -124.83
N PRO C 741 -119.68 91.26 -124.05
CA PRO C 741 -120.52 92.43 -124.32
C PRO C 741 -120.11 93.16 -125.59
N ALA C 742 -118.81 93.40 -125.74
CA ALA C 742 -118.31 94.05 -126.93
C ALA C 742 -118.22 93.05 -128.08
N PHE C 743 -118.03 93.56 -129.29
CA PHE C 743 -118.02 92.72 -130.48
C PHE C 743 -116.92 93.22 -131.42
N ALA C 744 -116.78 92.52 -132.55
CA ALA C 744 -115.80 92.87 -133.57
C ALA C 744 -116.54 93.15 -134.87
N THR C 745 -116.32 94.35 -135.43
CA THR C 745 -116.85 94.72 -136.73
C THR C 745 -115.73 94.60 -137.75
N VAL C 746 -115.85 93.60 -138.62
CA VAL C 746 -114.83 93.31 -139.62
C VAL C 746 -115.26 94.00 -140.91
N THR C 747 -114.64 95.14 -141.20
CA THR C 747 -114.97 95.90 -142.40
C THR C 747 -114.36 95.26 -143.63
N ALA C 748 -114.93 95.59 -144.79
CA ALA C 748 -114.56 94.95 -146.04
C ALA C 748 -113.13 95.30 -146.45
N ALA C 749 -112.54 94.42 -147.23
CA ALA C 749 -111.21 94.65 -147.77
C ALA C 749 -111.26 95.69 -148.89
N SER C 750 -110.18 96.46 -148.99
CA SER C 750 -110.07 97.52 -149.99
C SER C 750 -108.93 97.18 -150.94
N TYR C 751 -108.79 98.00 -151.98
CA TYR C 751 -107.76 97.82 -152.99
C TYR C 751 -107.19 99.17 -153.42
N THR C 752 -105.93 99.13 -153.83
CA THR C 752 -105.25 100.28 -154.43
C THR C 752 -104.81 99.91 -155.83
N ILE C 753 -105.19 100.74 -156.81
CA ILE C 753 -104.97 100.44 -158.22
C ILE C 753 -103.98 101.46 -158.78
N SER C 754 -102.95 100.98 -159.48
CA SER C 754 -102.02 101.85 -160.19
C SER C 754 -101.74 101.25 -161.56
N SER C 755 -102.03 102.01 -162.62
CA SER C 755 -101.98 101.50 -163.98
C SER C 755 -100.77 102.05 -164.73
N TYR C 756 -100.32 101.29 -165.73
CA TYR C 756 -99.20 101.67 -166.58
C TYR C 756 -99.41 101.14 -167.99
N LEU C 757 -98.93 101.92 -168.97
CA LEU C 757 -98.69 101.46 -170.33
C LEU C 757 -97.19 101.59 -170.60
N ASN C 758 -96.56 100.49 -171.05
CA ASN C 758 -95.10 100.43 -171.04
C ASN C 758 -94.44 101.44 -171.98
N PRO C 759 -94.63 101.38 -173.31
CA PRO C 759 -93.98 102.36 -174.19
C PRO C 759 -94.76 103.67 -174.15
N VAL C 760 -94.20 104.68 -173.45
CA VAL C 760 -94.97 105.85 -173.05
C VAL C 760 -95.48 106.65 -174.24
N THR C 761 -94.94 106.40 -175.44
CA THR C 761 -95.42 107.03 -176.66
C THR C 761 -95.71 105.93 -177.68
N PRO C 762 -96.84 105.23 -177.53
CA PRO C 762 -97.17 104.15 -178.46
C PRO C 762 -97.36 104.69 -179.87
N VAL C 763 -96.94 103.89 -180.84
CA VAL C 763 -97.04 104.24 -182.25
C VAL C 763 -98.15 103.42 -182.88
N ALA C 764 -99.04 104.08 -183.62
CA ALA C 764 -100.12 103.38 -184.29
C ALA C 764 -99.56 102.48 -185.38
N GLY C 765 -99.97 101.22 -185.38
CA GLY C 765 -99.53 100.27 -186.38
C GLY C 765 -98.11 99.77 -186.21
N GLY C 766 -97.38 100.27 -185.21
CA GLY C 766 -96.02 99.83 -184.97
C GLY C 766 -95.95 98.56 -184.13
N ALA C 767 -96.61 98.58 -182.98
CA ALA C 767 -96.66 97.43 -182.09
C ALA C 767 -97.98 97.47 -181.32
N ALA C 768 -98.10 96.62 -180.31
CA ALA C 768 -99.30 96.52 -179.49
C ALA C 768 -99.06 97.19 -178.16
N ALA C 769 -99.95 98.11 -177.78
CA ALA C 769 -99.82 98.78 -176.50
C ALA C 769 -100.12 97.81 -175.37
N VAL C 770 -99.24 97.75 -174.39
CA VAL C 770 -99.35 96.81 -173.27
C VAL C 770 -99.65 97.59 -172.00
N TRP C 771 -100.67 97.14 -171.28
CA TRP C 771 -101.11 97.74 -170.03
C TRP C 771 -100.86 96.76 -168.89
N ARG C 772 -100.17 97.23 -167.86
CA ARG C 772 -99.96 96.49 -166.62
C ARG C 772 -100.55 97.30 -165.48
N ILE C 773 -101.51 96.73 -164.76
CA ILE C 773 -102.20 97.44 -163.69
C ILE C 773 -102.01 96.65 -162.40
N VAL C 774 -101.39 97.26 -161.41
CA VAL C 774 -101.15 96.63 -160.13
C VAL C 774 -102.32 96.93 -159.20
N ILE C 775 -102.77 95.90 -158.50
CA ILE C 775 -103.85 95.99 -157.52
C ILE C 775 -103.33 95.42 -156.20
N THR C 776 -103.32 96.25 -155.16
CA THR C 776 -102.82 95.86 -153.86
C THR C 776 -103.97 95.78 -152.86
N ARG C 777 -104.06 94.66 -152.16
CA ARG C 777 -105.13 94.44 -151.20
C ARG C 777 -104.83 95.14 -149.87
N ASN C 778 -105.86 95.22 -149.03
CA ASN C 778 -105.68 95.72 -147.66
C ASN C 778 -104.76 94.81 -146.87
N ALA C 779 -104.95 93.49 -146.99
CA ALA C 779 -104.14 92.52 -146.29
C ALA C 779 -103.91 91.32 -147.22
N ALA C 780 -103.20 90.32 -146.72
CA ALA C 780 -102.90 89.12 -147.48
C ALA C 780 -104.10 88.17 -147.47
N VAL C 781 -104.09 87.22 -148.39
CA VAL C 781 -105.10 86.17 -148.46
C VAL C 781 -104.78 85.12 -147.42
N THR C 782 -105.82 84.53 -146.82
CA THR C 782 -105.67 83.54 -145.76
C THR C 782 -106.13 82.19 -146.28
N ALA C 783 -105.17 81.28 -146.49
CA ALA C 783 -105.43 79.89 -146.85
C ALA C 783 -106.30 79.78 -148.10
N SER C 784 -106.08 80.67 -149.07
CA SER C 784 -106.85 80.67 -150.30
C SER C 784 -106.12 81.50 -151.34
N ALA C 785 -106.54 81.34 -152.59
CA ALA C 785 -106.01 82.10 -153.72
C ALA C 785 -107.09 83.05 -154.20
N LYS C 786 -106.83 84.35 -154.06
CA LYS C 786 -107.82 85.36 -154.42
C LYS C 786 -107.91 85.51 -155.94
N THR C 787 -109.12 85.75 -156.43
CA THR C 787 -109.37 85.95 -157.86
C THR C 787 -110.05 87.29 -158.08
N LEU C 788 -109.54 88.06 -159.04
CA LEU C 788 -110.09 89.34 -159.42
C LEU C 788 -110.35 89.36 -160.92
N THR C 789 -111.35 90.14 -161.34
CA THR C 789 -111.65 90.37 -162.73
C THR C 789 -111.44 91.84 -163.05
N CYS C 790 -110.62 92.10 -164.07
CA CYS C 790 -110.30 93.45 -164.53
C CYS C 790 -111.02 93.71 -165.85
N GLN C 791 -111.72 94.84 -165.90
CA GLN C 791 -112.49 95.26 -167.06
C GLN C 791 -112.07 96.67 -167.46
N MET C 792 -111.94 96.89 -168.77
CA MET C 792 -111.66 98.20 -169.33
C MET C 792 -112.92 98.78 -169.98
N PRO C 793 -113.70 99.57 -169.25
CA PRO C 793 -114.87 100.21 -169.87
C PRO C 793 -114.50 101.22 -170.95
N ASP C 794 -113.26 101.70 -170.98
CA ASP C 794 -112.82 102.63 -172.01
C ASP C 794 -111.31 102.52 -172.16
N ASN C 795 -110.84 102.49 -173.40
CA ASN C 795 -109.42 102.37 -173.70
C ASN C 795 -108.70 103.71 -173.73
N GLY C 796 -109.41 104.81 -173.46
CA GLY C 796 -108.89 106.15 -173.58
C GLY C 796 -109.24 106.83 -174.88
N GLN C 797 -109.49 106.05 -175.94
CA GLN C 797 -109.93 106.57 -177.21
C GLN C 797 -111.07 105.75 -177.79
N GLY C 798 -111.49 104.69 -177.11
CA GLY C 798 -112.56 103.84 -177.58
C GLY C 798 -112.18 102.38 -177.60
N GLY C 799 -113.16 101.51 -177.41
CA GLY C 799 -112.94 100.08 -177.45
C GLY C 799 -112.87 99.46 -176.06
N SER C 800 -112.99 98.14 -176.03
CA SER C 800 -112.89 97.38 -174.79
C SER C 800 -112.49 95.94 -175.09
N PRO C 801 -111.36 95.46 -174.57
CA PRO C 801 -110.97 94.06 -174.82
C PRO C 801 -111.61 93.10 -173.83
N ALA C 802 -111.25 91.82 -173.93
CA ALA C 802 -111.83 90.81 -173.05
C ALA C 802 -111.32 90.99 -171.61
N ASP C 803 -112.19 90.67 -170.65
CA ASP C 803 -111.85 90.82 -169.24
C ASP C 803 -110.69 89.90 -168.88
N VAL C 804 -109.89 90.32 -167.91
CA VAL C 804 -108.70 89.56 -167.51
C VAL C 804 -108.84 89.14 -166.05
N THR C 805 -108.64 87.85 -165.79
CA THR C 805 -108.72 87.32 -164.44
C THR C 805 -107.31 87.22 -163.86
N ALA C 806 -107.10 87.89 -162.73
CA ALA C 806 -105.83 87.90 -162.03
C ALA C 806 -105.96 87.12 -160.72
N ASP C 807 -104.88 86.44 -160.35
CA ASP C 807 -104.88 85.57 -159.18
C ASP C 807 -103.77 85.96 -158.22
N ILE C 808 -104.12 86.09 -156.95
CA ILE C 808 -103.15 86.31 -155.87
C ILE C 808 -103.00 85.02 -155.08
N ALA C 809 -101.76 84.63 -154.82
CA ALA C 809 -101.51 83.48 -153.97
C ALA C 809 -101.78 83.85 -152.52
N VAL C 810 -101.62 82.88 -151.62
CA VAL C 810 -101.90 83.10 -150.20
C VAL C 810 -100.96 84.16 -149.64
N GLY C 811 -99.67 84.03 -149.93
CA GLY C 811 -98.69 84.95 -149.34
C GLY C 811 -98.83 86.38 -149.84
N GLY C 812 -99.03 86.54 -151.14
CA GLY C 812 -99.03 87.88 -151.72
C GLY C 812 -100.26 88.68 -151.37
N THR C 813 -100.10 90.00 -151.47
CA THR C 813 -101.20 90.94 -151.26
C THR C 813 -101.49 91.78 -152.50
N THR C 814 -100.62 91.74 -153.51
CA THR C 814 -100.80 92.53 -154.72
C THR C 814 -100.68 91.62 -155.93
N THR C 815 -101.30 92.03 -157.03
CA THR C 815 -101.30 91.28 -158.27
C THR C 815 -101.34 92.26 -159.44
N VAL C 816 -101.34 91.71 -160.65
CA VAL C 816 -101.28 92.52 -161.87
C VAL C 816 -102.31 92.02 -162.88
N CYS C 817 -102.93 92.95 -163.57
CA CYS C 817 -103.79 92.68 -164.72
C CYS C 817 -103.07 93.18 -165.97
N VAL C 818 -103.04 92.35 -167.01
CA VAL C 818 -102.29 92.62 -168.23
C VAL C 818 -103.27 92.73 -169.40
N PHE C 819 -103.01 93.69 -170.28
CA PHE C 819 -103.90 93.94 -171.43
C PHE C 819 -103.05 94.37 -172.61
N SER C 820 -102.91 93.48 -173.59
CA SER C 820 -102.16 93.77 -174.81
C SER C 820 -103.14 94.09 -175.93
N ILE C 821 -103.34 95.39 -176.19
CA ILE C 821 -104.29 95.86 -177.19
C ILE C 821 -103.54 96.71 -178.21
N ALA C 822 -103.72 96.39 -179.49
CA ALA C 822 -103.09 97.12 -180.58
C ALA C 822 -104.07 98.00 -181.36
N GLY C 823 -105.33 98.08 -180.91
CA GLY C 823 -106.31 98.87 -181.61
C GLY C 823 -106.34 100.32 -181.15
N TYR C 824 -105.27 101.06 -181.47
CA TYR C 824 -105.13 102.46 -181.06
C TYR C 824 -104.93 103.33 -182.29
N THR C 825 -105.65 104.45 -182.33
CA THR C 825 -105.55 105.41 -183.42
C THR C 825 -105.30 106.80 -182.85
N THR C 826 -105.01 107.75 -183.73
CA THR C 826 -104.76 109.13 -183.35
C THR C 826 -105.83 110.08 -183.89
N ALA C 827 -107.01 109.56 -184.27
CA ALA C 827 -108.05 110.41 -184.81
C ALA C 827 -108.55 111.42 -183.77
N THR C 828 -108.78 110.95 -182.55
CA THR C 828 -109.16 111.85 -181.47
C THR C 828 -107.98 112.75 -181.11
N PRO C 829 -108.21 114.05 -180.90
CA PRO C 829 -107.08 114.96 -180.65
C PRO C 829 -106.20 114.56 -179.49
N GLY C 830 -106.79 114.05 -178.41
CA GLY C 830 -106.02 113.63 -177.25
C GLY C 830 -105.61 114.80 -176.38
N PRO C 831 -104.87 114.52 -175.29
CA PRO C 831 -104.41 113.20 -174.81
C PRO C 831 -105.54 112.33 -174.29
N TYR C 832 -105.26 111.05 -174.06
CA TYR C 832 -106.28 110.06 -173.74
C TYR C 832 -106.05 109.49 -172.34
N PHE C 833 -107.06 108.82 -171.82
CA PHE C 833 -106.98 108.20 -170.51
C PHE C 833 -108.00 107.08 -170.42
N ALA C 834 -107.53 105.88 -170.05
CA ALA C 834 -108.39 104.72 -169.94
C ALA C 834 -109.10 104.70 -168.58
N THR C 835 -109.92 103.68 -168.37
CA THR C 835 -110.61 103.47 -167.10
C THR C 835 -110.50 102.01 -166.71
N VAL C 836 -110.35 101.76 -165.41
CA VAL C 836 -110.16 100.41 -164.88
C VAL C 836 -111.27 100.10 -163.90
N ASN C 837 -111.85 98.91 -164.01
CA ASN C 837 -112.81 98.42 -163.04
C ASN C 837 -112.36 97.05 -162.57
N VAL C 838 -112.30 96.86 -161.25
CA VAL C 838 -111.84 95.61 -160.67
C VAL C 838 -112.91 95.06 -159.74
N VAL C 839 -113.24 93.78 -159.91
CA VAL C 839 -114.23 93.12 -159.07
C VAL C 839 -113.62 91.86 -158.46
N ASP C 840 -113.86 91.66 -157.17
CA ASP C 840 -113.37 90.48 -156.46
C ASP C 840 -114.51 89.56 -156.03
N GLY C 841 -115.45 90.08 -155.26
CA GLY C 841 -116.66 89.37 -154.90
C GLY C 841 -117.86 90.17 -155.34
N ALA C 842 -117.76 90.75 -156.54
CA ALA C 842 -118.65 91.77 -157.12
C ALA C 842 -118.41 93.13 -156.46
N VAL C 843 -117.28 93.30 -155.78
CA VAL C 843 -116.92 94.60 -155.19
C VAL C 843 -116.19 95.39 -156.27
N THR C 844 -116.84 96.42 -156.78
CA THR C 844 -116.34 97.18 -157.93
C THR C 844 -115.48 98.35 -157.44
N THR C 845 -114.23 98.36 -157.85
CA THR C 845 -113.33 99.49 -157.65
C THR C 845 -113.06 100.14 -158.99
N SER C 846 -113.19 101.47 -159.03
CA SER C 846 -113.03 102.26 -160.23
C SER C 846 -111.74 103.06 -160.16
N HIS C 847 -111.07 103.19 -161.30
CA HIS C 847 -109.81 103.92 -161.38
C HIS C 847 -109.73 104.67 -162.69
N ILE C 848 -109.27 105.91 -162.61
CA ILE C 848 -109.04 106.77 -163.76
C ILE C 848 -107.54 106.96 -163.90
N THR C 849 -106.96 106.42 -164.96
CA THR C 849 -105.52 106.54 -165.17
C THR C 849 -105.18 107.92 -165.75
N LYS C 850 -103.89 108.20 -165.80
CA LYS C 850 -103.41 109.51 -166.21
C LYS C 850 -103.40 109.62 -167.74
N ASN C 851 -103.03 110.81 -168.22
CA ASN C 851 -103.09 111.10 -169.65
C ASN C 851 -101.98 110.38 -170.40
N PHE C 852 -102.21 110.15 -171.69
CA PHE C 852 -101.21 109.60 -172.58
C PHE C 852 -101.57 110.01 -174.00
N THR C 853 -100.59 109.88 -174.90
CA THR C 853 -100.76 110.22 -176.30
C THR C 853 -100.38 109.04 -177.18
N VAL C 854 -100.81 109.11 -178.44
CA VAL C 854 -100.48 108.11 -179.44
C VAL C 854 -99.81 108.82 -180.61
N LEU C 855 -98.55 108.47 -180.87
CA LEU C 855 -97.87 109.01 -182.04
C LEU C 855 -98.50 108.45 -183.32
N ALA C 856 -98.55 109.29 -184.35
CA ALA C 856 -99.18 108.88 -185.60
C ALA C 856 -98.39 107.75 -186.25
N SER C 857 -99.10 106.96 -187.06
CA SER C 857 -98.46 105.82 -187.72
C SER C 857 -97.37 106.30 -188.67
N GLY C 858 -96.29 105.52 -188.74
CA GLY C 858 -95.16 105.84 -189.60
C GLY C 858 -94.05 106.63 -188.94
N THR C 859 -94.22 107.06 -187.69
CA THR C 859 -93.17 107.75 -186.96
C THR C 859 -92.31 106.74 -186.21
N THR C 860 -91.00 106.94 -186.26
CA THR C 860 -90.07 106.05 -185.59
C THR C 860 -90.26 106.12 -184.08
N ALA C 861 -90.41 104.97 -183.45
CA ALA C 861 -90.63 104.93 -182.01
C ALA C 861 -89.38 105.41 -181.28
N PRO C 862 -89.53 106.21 -180.22
CA PRO C 862 -88.35 106.64 -179.45
C PRO C 862 -87.65 105.46 -178.81
N THR C 863 -86.32 105.55 -178.73
CA THR C 863 -85.50 104.52 -178.14
C THR C 863 -84.91 105.00 -176.82
N TYR C 864 -84.04 104.19 -176.22
CA TYR C 864 -83.39 104.52 -174.97
C TYR C 864 -81.89 104.37 -175.13
N ALA C 865 -81.14 105.39 -174.75
CA ALA C 865 -79.69 105.37 -174.83
C ALA C 865 -79.10 105.55 -173.44
N VAL C 866 -78.30 104.58 -173.00
CA VAL C 866 -77.72 104.59 -171.66
C VAL C 866 -76.21 104.72 -171.79
N THR C 867 -75.63 105.58 -170.95
CA THR C 867 -74.21 105.90 -170.98
C THR C 867 -73.61 105.64 -169.59
N SER C 868 -72.38 105.12 -169.58
CA SER C 868 -71.77 104.60 -168.36
C SER C 868 -70.56 105.43 -167.94
N VAL C 869 -70.35 105.51 -166.62
CA VAL C 869 -69.19 106.17 -166.04
C VAL C 869 -68.80 105.42 -164.77
N VAL C 870 -67.49 105.24 -164.56
CA VAL C 870 -66.97 104.57 -163.37
C VAL C 870 -66.29 105.62 -162.49
N SER C 871 -66.65 105.63 -161.21
CA SER C 871 -66.15 106.65 -160.29
C SER C 871 -64.69 106.40 -159.88
N PRO C 872 -64.35 105.26 -159.27
CA PRO C 872 -62.96 105.08 -158.82
C PRO C 872 -61.96 105.02 -159.96
N ALA C 873 -62.39 104.60 -161.15
CA ALA C 873 -61.59 104.56 -162.37
C ALA C 873 -60.45 103.54 -162.31
N THR C 874 -60.09 103.03 -163.47
CA THR C 874 -58.94 102.13 -163.57
C THR C 874 -57.67 102.87 -163.18
N PRO C 875 -56.77 102.26 -162.40
CA PRO C 875 -56.81 100.90 -161.85
C PRO C 875 -57.34 100.82 -160.41
N VAL C 876 -57.90 99.66 -160.05
CA VAL C 876 -58.37 99.40 -158.69
C VAL C 876 -57.87 98.04 -158.27
N LYS C 877 -57.83 97.83 -156.96
CA LYS C 877 -57.39 96.57 -156.38
C LYS C 877 -58.59 95.69 -156.03
N VAL C 878 -58.30 94.46 -155.61
CA VAL C 878 -59.37 93.55 -155.20
C VAL C 878 -60.07 94.11 -153.97
N SER C 879 -61.40 94.00 -153.96
CA SER C 879 -62.24 94.52 -152.88
C SER C 879 -62.09 96.03 -152.72
N THR C 880 -61.80 96.73 -153.81
CA THR C 880 -61.85 98.19 -153.81
C THR C 880 -63.25 98.63 -154.23
N PRO C 881 -63.93 99.45 -153.42
CA PRO C 881 -65.29 99.88 -153.79
C PRO C 881 -65.33 100.53 -155.16
N VAL C 882 -66.32 100.15 -155.96
CA VAL C 882 -66.49 100.68 -157.31
C VAL C 882 -67.94 101.12 -157.46
N THR C 883 -68.14 102.38 -157.82
CA THR C 883 -69.46 102.94 -158.03
C THR C 883 -69.65 103.27 -159.51
N TYR C 884 -70.67 102.69 -160.11
CA TYR C 884 -71.02 102.93 -161.51
C TYR C 884 -72.21 103.86 -161.59
N THR C 885 -72.15 104.82 -162.50
CA THR C 885 -73.25 105.74 -162.76
C THR C 885 -73.64 105.61 -164.23
N PHE C 886 -74.91 105.26 -164.47
CA PHE C 886 -75.44 105.15 -165.81
C PHE C 886 -76.55 106.17 -165.99
N THR C 887 -76.58 106.80 -167.15
CA THR C 887 -77.57 107.82 -167.47
C THR C 887 -78.40 107.35 -168.66
N ILE C 888 -79.71 107.39 -168.51
CA ILE C 888 -80.65 106.89 -169.51
C ILE C 888 -81.36 108.09 -170.13
N THR C 889 -81.22 108.25 -171.44
CA THR C 889 -81.80 109.33 -172.21
C THR C 889 -82.84 108.78 -173.17
N ARG C 890 -83.94 109.52 -173.33
CA ARG C 890 -84.98 109.18 -174.27
C ARG C 890 -84.97 110.18 -175.42
N THR C 891 -85.09 109.66 -176.65
CA THR C 891 -85.07 110.54 -177.82
C THR C 891 -86.24 111.52 -177.79
N THR C 892 -87.43 111.04 -177.44
CA THR C 892 -88.62 111.87 -177.36
C THR C 892 -88.96 112.12 -175.90
N ALA C 893 -89.23 113.38 -175.57
CA ALA C 893 -89.59 113.73 -174.21
C ALA C 893 -90.88 113.03 -173.80
N VAL C 894 -90.93 112.57 -172.55
CA VAL C 894 -92.17 111.99 -172.04
C VAL C 894 -93.25 113.08 -172.06
N PRO C 895 -94.49 112.77 -172.44
CA PRO C 895 -95.52 113.82 -172.50
C PRO C 895 -95.69 114.51 -171.16
N ALA C 896 -95.85 115.83 -171.21
CA ALA C 896 -96.00 116.64 -170.00
C ALA C 896 -97.36 116.46 -169.34
N GLY C 897 -98.30 115.78 -170.00
CA GLY C 897 -99.61 115.56 -169.41
C GLY C 897 -99.54 114.80 -168.10
N GLY C 898 -98.52 113.96 -167.93
CA GLY C 898 -98.31 113.29 -166.67
C GLY C 898 -98.48 111.78 -166.72
N ILE C 899 -97.38 111.06 -166.77
CA ILE C 899 -97.38 109.60 -166.63
C ILE C 899 -95.97 109.20 -166.20
N PRO C 900 -95.72 109.05 -164.89
CA PRO C 900 -94.38 108.71 -164.42
C PRO C 900 -93.92 107.36 -164.97
N GLN C 901 -92.60 107.24 -165.14
CA GLN C 901 -92.01 106.06 -165.79
C GLN C 901 -91.12 105.33 -164.80
N PRO C 902 -91.64 104.37 -164.04
CA PRO C 902 -90.76 103.54 -163.23
C PRO C 902 -90.07 102.49 -164.10
N ILE C 903 -88.76 102.33 -163.89
CA ILE C 903 -87.95 101.37 -164.62
C ILE C 903 -87.02 100.67 -163.63
N ILE C 904 -86.51 99.52 -164.06
CA ILE C 904 -85.57 98.73 -163.27
C ILE C 904 -84.28 98.61 -164.06
N CYS C 905 -83.18 99.03 -163.46
CA CYS C 905 -81.84 98.81 -164.01
C CYS C 905 -81.28 97.55 -163.37
N GLU C 906 -80.94 96.56 -164.20
CA GLU C 906 -80.28 95.33 -163.73
C GLU C 906 -78.84 95.37 -164.22
N PHE C 907 -77.91 95.45 -163.27
CA PHE C 907 -76.50 95.61 -163.55
C PHE C 907 -75.75 94.35 -163.18
N PHE C 908 -74.94 93.86 -164.11
CA PHE C 908 -74.09 92.70 -163.89
C PHE C 908 -72.64 93.14 -163.81
N ASN C 909 -71.91 92.55 -162.86
CA ASN C 909 -70.55 92.97 -162.54
C ASN C 909 -69.57 92.70 -163.67
N GLY C 910 -69.90 91.80 -164.59
CA GLY C 910 -68.95 91.41 -165.61
C GLY C 910 -67.84 90.52 -165.09
N GLU C 911 -68.06 89.84 -163.97
CA GLU C 911 -67.04 89.00 -163.34
C GLU C 911 -67.36 87.52 -163.41
N GLY C 912 -68.59 87.13 -163.14
CA GLY C 912 -68.96 85.72 -163.10
C GLY C 912 -69.07 85.08 -164.46
N THR C 913 -69.92 84.04 -164.56
CA THR C 913 -70.09 83.31 -165.81
C THR C 913 -70.83 84.11 -166.86
N ALA C 914 -71.40 85.27 -166.51
CA ALA C 914 -72.19 86.15 -167.36
C ALA C 914 -73.55 85.50 -167.66
N PRO C 915 -74.63 86.25 -167.53
CA PRO C 915 -75.96 85.68 -167.74
C PRO C 915 -76.28 85.56 -169.23
N ALA C 916 -77.47 85.04 -169.52
CA ALA C 916 -77.94 84.85 -170.88
C ALA C 916 -78.47 86.17 -171.45
N SER C 917 -79.22 86.09 -172.55
CA SER C 917 -79.78 87.26 -173.21
C SER C 917 -80.60 88.11 -172.25
N ALA C 918 -80.88 89.36 -172.65
CA ALA C 918 -81.46 90.33 -171.74
C ALA C 918 -82.75 89.85 -171.10
N ALA C 919 -83.52 89.01 -171.81
CA ALA C 919 -84.74 88.45 -171.22
C ALA C 919 -84.43 87.63 -169.98
N ALA C 920 -83.30 86.93 -169.98
CA ALA C 920 -82.87 86.18 -168.81
C ALA C 920 -82.10 87.03 -167.80
N TYR C 921 -81.88 88.32 -168.10
CA TYR C 921 -81.24 89.21 -167.14
C TYR C 921 -82.10 89.46 -165.91
N TRP C 922 -83.38 89.12 -165.95
CA TRP C 922 -84.29 89.37 -164.83
C TRP C 922 -84.00 88.34 -163.73
N ARG C 923 -83.08 88.69 -162.86
CA ARG C 923 -82.79 87.84 -161.71
C ARG C 923 -83.84 88.04 -160.63
N VAL C 924 -83.98 87.03 -159.77
CA VAL C 924 -84.90 87.10 -158.64
C VAL C 924 -84.19 87.79 -157.48
N SER C 925 -84.83 88.82 -156.93
CA SER C 925 -84.23 89.65 -155.89
C SER C 925 -85.08 89.60 -154.63
N THR C 926 -84.41 89.37 -153.49
CA THR C 926 -85.12 89.40 -152.21
C THR C 926 -85.58 90.82 -151.87
N THR C 927 -84.69 91.79 -152.01
CA THR C 927 -85.03 93.20 -151.85
C THR C 927 -84.91 93.89 -153.20
N ILE C 928 -85.95 94.62 -153.59
CA ILE C 928 -85.99 95.21 -154.92
C ILE C 928 -84.85 96.19 -155.15
N PRO C 929 -84.55 97.14 -154.25
CA PRO C 929 -83.39 98.01 -154.46
C PRO C 929 -82.12 97.44 -153.83
N ASP C 930 -81.70 96.28 -154.33
CA ASP C 930 -80.50 95.62 -153.81
C ASP C 930 -79.28 96.10 -154.59
N ALA C 931 -78.15 95.39 -154.41
CA ALA C 931 -76.87 95.81 -154.99
C ALA C 931 -76.78 95.58 -156.48
N ASP C 932 -77.70 94.83 -157.09
CA ASP C 932 -77.66 94.59 -158.52
C ASP C 932 -78.91 95.03 -159.27
N THR C 933 -79.98 95.37 -158.58
CA THR C 933 -81.20 95.87 -159.20
C THR C 933 -81.58 97.20 -158.56
N VAL C 934 -81.72 98.23 -159.37
CA VAL C 934 -82.03 99.57 -158.90
C VAL C 934 -83.31 100.06 -159.56
N VAL C 935 -84.26 100.52 -158.75
CA VAL C 935 -85.52 101.04 -159.26
C VAL C 935 -85.39 102.55 -159.44
N ALA C 936 -85.52 103.01 -160.68
CA ALA C 936 -85.45 104.42 -161.01
C ALA C 936 -86.82 104.91 -161.46
N VAL C 937 -87.04 106.22 -161.31
CA VAL C 937 -88.30 106.85 -161.67
C VAL C 937 -87.99 108.01 -162.60
N MET C 938 -88.67 108.03 -163.75
CA MET C 938 -88.53 109.09 -164.74
C MET C 938 -89.73 110.02 -164.66
N ALA C 939 -89.46 111.31 -164.45
CA ALA C 939 -90.52 112.28 -164.35
C ALA C 939 -91.23 112.44 -165.69
N PRO C 940 -92.55 112.69 -165.67
CA PRO C 940 -93.28 112.86 -166.93
C PRO C 940 -92.79 114.02 -167.77
N GLY C 941 -92.19 115.04 -167.16
CA GLY C 941 -91.70 116.18 -167.88
C GLY C 941 -90.24 116.15 -168.27
N GLU C 942 -89.60 114.99 -168.17
CA GLU C 942 -88.16 114.88 -168.41
C GLU C 942 -87.89 113.76 -169.41
N THR C 943 -86.66 113.78 -169.95
CA THR C 943 -86.20 112.77 -170.89
C THR C 943 -85.02 111.97 -170.36
N THR C 944 -84.48 112.31 -169.19
CA THR C 944 -83.27 111.70 -168.67
C THR C 944 -83.47 111.23 -167.23
N THR C 945 -82.91 110.07 -166.92
CA THR C 945 -82.89 109.53 -165.57
C THR C 945 -81.52 108.91 -165.30
N THR C 946 -81.28 108.51 -164.06
CA THR C 946 -79.98 108.02 -163.65
C THR C 946 -80.12 106.80 -162.75
N CYS C 947 -79.20 105.85 -162.92
CA CYS C 947 -79.11 104.66 -162.10
C CYS C 947 -77.69 104.55 -161.55
N THR C 948 -77.57 104.22 -160.27
CA THR C 948 -76.27 104.11 -159.62
C THR C 948 -76.13 102.74 -158.95
N PHE C 949 -74.95 102.15 -159.10
CA PHE C 949 -74.68 100.82 -158.56
C PHE C 949 -73.34 100.83 -157.82
N THR C 950 -73.21 99.93 -156.84
CA THR C 950 -71.97 99.74 -156.11
C THR C 950 -71.58 98.28 -156.16
N THR C 951 -70.28 98.01 -156.25
CA THR C 951 -69.81 96.63 -156.35
C THR C 951 -68.37 96.55 -155.85
N TYR C 952 -67.99 95.33 -155.45
CA TYR C 952 -66.63 95.01 -155.04
C TYR C 952 -66.20 93.75 -155.78
N TYR C 953 -65.02 93.80 -156.40
CA TYR C 953 -64.52 92.71 -157.21
C TYR C 953 -63.72 91.74 -156.35
N THR C 954 -63.96 90.44 -156.53
CA THR C 954 -63.37 89.42 -155.68
C THR C 954 -62.30 88.60 -156.38
N THR C 955 -61.90 88.97 -157.59
CA THR C 955 -60.88 88.23 -158.33
C THR C 955 -60.01 89.21 -159.10
N VAL C 956 -58.86 88.72 -159.55
CA VAL C 956 -57.90 89.52 -160.30
C VAL C 956 -58.08 89.25 -161.79
N SER C 957 -58.28 90.31 -162.56
CA SER C 957 -58.34 90.22 -164.01
C SER C 957 -57.43 91.28 -164.60
N ALA C 958 -56.53 90.87 -165.49
CA ALA C 958 -55.57 91.79 -166.12
C ALA C 958 -56.20 92.31 -167.41
N GLY C 959 -56.99 93.37 -167.28
CA GLY C 959 -57.64 93.97 -168.42
C GLY C 959 -58.95 93.27 -168.79
N GLY C 960 -59.88 93.21 -167.85
CA GLY C 960 -61.17 92.61 -168.10
C GLY C 960 -62.26 93.17 -167.22
N PHE C 961 -63.28 92.37 -166.95
CA PHE C 961 -64.38 92.73 -166.04
C PHE C 961 -65.07 94.01 -166.49
N THR C 962 -65.69 93.94 -167.67
CA THR C 962 -66.48 95.03 -168.20
C THR C 962 -67.90 94.93 -167.66
N ALA C 963 -68.37 95.99 -167.02
CA ALA C 963 -69.68 95.99 -166.42
C ALA C 963 -70.78 96.02 -167.49
N LYS C 964 -71.95 95.50 -167.12
CA LYS C 964 -73.10 95.49 -168.02
C LYS C 964 -74.33 96.01 -167.28
N LEU C 965 -75.25 96.61 -168.03
CA LEU C 965 -76.49 97.10 -167.44
C LEU C 965 -77.58 97.03 -168.50
N MET C 966 -78.70 96.41 -168.16
CA MET C 966 -79.87 96.39 -169.03
C MET C 966 -81.06 96.92 -168.26
N VAL C 967 -81.87 97.75 -168.92
CA VAL C 967 -82.97 98.45 -168.27
C VAL C 967 -84.29 97.94 -168.81
N PHE C 968 -85.19 97.58 -167.91
CA PHE C 968 -86.54 97.14 -168.24
C PHE C 968 -87.54 98.18 -167.74
N GLY C 969 -88.68 98.28 -168.43
CA GLY C 969 -89.70 99.21 -168.01
C GLY C 969 -90.76 98.56 -167.13
N GLU C 970 -90.60 98.67 -165.82
CA GLU C 970 -91.53 98.06 -164.88
C GLU C 970 -91.52 98.88 -163.58
N SER C 971 -92.57 98.69 -162.80
CA SER C 971 -92.68 99.35 -161.51
C SER C 971 -92.02 98.51 -160.42
N ALA C 972 -91.61 99.19 -159.34
CA ALA C 972 -90.99 98.49 -158.22
C ALA C 972 -91.96 97.50 -157.58
N THR C 973 -93.26 97.82 -157.59
CA THR C 973 -94.25 96.89 -157.05
C THR C 973 -94.49 95.70 -157.97
N ALA C 974 -94.18 95.83 -159.26
CA ALA C 974 -94.41 94.76 -160.22
C ALA C 974 -93.19 93.87 -160.43
N ALA C 975 -92.01 94.31 -160.01
CA ALA C 975 -90.81 93.48 -160.19
C ALA C 975 -90.85 92.17 -159.41
N PRO C 976 -91.18 92.13 -158.12
CA PRO C 976 -91.13 90.84 -157.39
C PRO C 976 -92.10 89.80 -157.92
N LEU C 977 -93.17 90.20 -158.61
CA LEU C 977 -94.15 89.27 -159.14
C LEU C 977 -94.05 89.13 -160.66
N LEU C 978 -92.90 89.49 -161.24
CA LEU C 978 -92.74 89.40 -162.68
C LEU C 978 -92.83 87.95 -163.16
N THR C 979 -92.05 87.06 -162.55
CA THR C 979 -92.05 85.66 -162.93
C THR C 979 -92.98 84.80 -162.09
N SER C 980 -93.57 85.37 -161.02
CA SER C 980 -94.50 84.60 -160.21
C SER C 980 -95.76 84.26 -160.99
N LEU C 981 -96.32 85.23 -161.70
CA LEU C 981 -97.49 85.01 -162.53
C LEU C 981 -97.13 84.63 -163.97
N SER C 982 -95.83 84.49 -164.27
CA SER C 982 -95.36 84.09 -165.59
C SER C 982 -95.84 85.07 -166.66
N VAL C 983 -95.42 86.32 -166.52
CA VAL C 983 -95.75 87.37 -167.48
C VAL C 983 -94.44 87.99 -167.97
N THR C 984 -94.35 88.18 -169.28
CA THR C 984 -93.11 88.65 -169.89
C THR C 984 -92.85 90.10 -169.54
N PRO C 985 -91.64 90.46 -169.11
CA PRO C 985 -91.33 91.87 -168.85
C PRO C 985 -91.10 92.64 -170.13
N SER C 986 -91.11 93.97 -170.00
CA SER C 986 -90.98 94.86 -171.15
C SER C 986 -89.52 95.18 -171.39
N GLN C 987 -88.97 94.66 -172.48
CA GLN C 987 -87.61 95.00 -172.90
C GLN C 987 -87.59 96.36 -173.57
N LEU C 988 -86.57 97.15 -173.28
CA LEU C 988 -86.44 98.50 -173.83
C LEU C 988 -85.24 98.66 -174.76
N LEU C 989 -84.05 98.31 -174.31
CA LEU C 989 -82.88 98.35 -175.18
C LEU C 989 -82.88 97.18 -176.14
N ALA C 990 -82.38 97.42 -177.35
CA ALA C 990 -82.21 96.33 -178.31
C ALA C 990 -81.20 95.32 -177.81
N ALA C 991 -80.12 95.79 -177.18
CA ALA C 991 -79.09 94.93 -176.63
C ALA C 991 -78.57 95.54 -175.34
N VAL C 992 -77.94 94.71 -174.53
CA VAL C 992 -77.42 95.16 -173.24
C VAL C 992 -76.23 96.09 -173.47
N HIS C 993 -76.12 97.11 -172.61
CA HIS C 993 -74.98 98.03 -172.66
C HIS C 993 -73.78 97.35 -172.02
N SER C 994 -72.68 97.31 -172.75
CA SER C 994 -71.40 96.85 -172.22
C SER C 994 -70.49 98.05 -172.03
N PHE C 995 -69.82 98.10 -170.87
CA PHE C 995 -69.00 99.25 -170.52
C PHE C 995 -67.95 99.50 -171.60
N ALA C 996 -67.65 100.79 -171.82
CA ALA C 996 -66.78 101.17 -172.93
C ALA C 996 -65.40 100.55 -172.81
N THR C 997 -64.84 100.53 -171.60
CA THR C 997 -63.51 99.98 -171.39
C THR C 997 -63.51 99.04 -170.19
N PRO C 998 -62.73 97.98 -170.24
CA PRO C 998 -62.59 97.10 -169.07
C PRO C 998 -61.69 97.73 -168.02
N MET C 999 -61.89 97.30 -166.78
CA MET C 999 -61.13 97.77 -165.63
C MET C 999 -60.18 96.67 -165.18
N VAL C 1000 -58.89 97.00 -165.11
CA VAL C 1000 -57.90 96.04 -164.61
C VAL C 1000 -58.05 95.92 -163.11
N VAL C 1001 -57.90 94.70 -162.60
CA VAL C 1001 -57.94 94.43 -161.17
C VAL C 1001 -56.63 93.77 -160.79
N ALA C 1002 -55.82 94.46 -160.00
CA ALA C 1002 -54.54 93.93 -159.53
C ALA C 1002 -54.70 93.31 -158.16
N ALA C 1003 -53.66 92.59 -157.75
CA ALA C 1003 -53.68 91.94 -156.44
C ALA C 1003 -53.66 92.97 -155.32
N ALA C 1004 -54.43 92.70 -154.27
CA ALA C 1004 -54.40 93.53 -153.08
C ALA C 1004 -53.04 93.41 -152.39
N VAL C 1005 -52.84 94.27 -151.39
CA VAL C 1005 -51.59 94.32 -150.65
C VAL C 1005 -51.86 93.94 -149.20
N VAL C 1006 -51.04 93.03 -148.67
CA VAL C 1006 -51.14 92.56 -147.29
C VAL C 1006 -49.75 92.69 -146.67
N ALA C 1007 -49.69 93.26 -145.46
CA ALA C 1007 -48.43 93.55 -144.82
C ALA C 1007 -48.34 92.84 -143.47
N VAL C 1008 -47.13 92.36 -143.17
CA VAL C 1008 -46.82 91.79 -141.86
C VAL C 1008 -46.30 92.93 -140.99
N GLU C 1009 -47.19 93.54 -140.22
CA GLU C 1009 -46.88 94.79 -139.53
C GLU C 1009 -46.56 94.62 -138.05
N SER C 1010 -46.95 93.51 -137.43
CA SER C 1010 -46.75 93.34 -135.99
C SER C 1010 -46.31 91.92 -135.69
N THR C 1011 -45.32 91.80 -134.80
CA THR C 1011 -44.84 90.51 -134.34
C THR C 1011 -44.59 90.62 -132.84
N THR C 1012 -45.35 89.87 -132.05
CA THR C 1012 -45.28 89.95 -130.61
C THR C 1012 -44.91 88.60 -130.02
N ILE C 1013 -44.24 88.65 -128.86
CA ILE C 1013 -43.81 87.47 -128.12
C ILE C 1013 -44.38 87.60 -126.72
N SER C 1014 -45.14 86.58 -126.28
CA SER C 1014 -45.82 86.69 -124.99
C SER C 1014 -44.85 86.61 -123.81
N PRO C 1015 -44.12 85.49 -123.58
CA PRO C 1015 -43.04 85.55 -122.60
C PRO C 1015 -41.73 85.95 -123.26
N ASN C 1016 -41.16 87.09 -122.87
CA ASN C 1016 -39.95 87.56 -123.52
C ASN C 1016 -39.13 88.41 -122.55
N TYR C 1017 -37.81 88.28 -122.63
CA TYR C 1017 -36.92 89.16 -121.88
C TYR C 1017 -37.10 90.61 -122.35
N ASN C 1018 -36.76 90.87 -123.60
CA ASN C 1018 -36.95 92.17 -124.23
C ASN C 1018 -37.99 92.00 -125.32
N PRO C 1019 -38.43 93.08 -126.00
CA PRO C 1019 -39.41 92.92 -127.08
C PRO C 1019 -39.04 91.88 -128.15
N THR C 1020 -37.80 91.41 -128.16
CA THR C 1020 -37.33 90.54 -129.24
C THR C 1020 -36.91 89.15 -128.79
N THR C 1021 -36.35 88.97 -127.58
CA THR C 1021 -35.78 87.68 -127.24
C THR C 1021 -36.74 86.86 -126.41
N PRO C 1022 -36.92 85.57 -126.70
CA PRO C 1022 -37.77 84.71 -125.87
C PRO C 1022 -36.97 84.01 -124.79
N TYR C 1023 -37.69 83.28 -123.94
CA TYR C 1023 -37.10 82.58 -122.81
C TYR C 1023 -36.78 81.13 -123.17
N THR C 1024 -35.65 80.65 -122.66
CA THR C 1024 -35.24 79.27 -122.87
C THR C 1024 -36.14 78.31 -122.11
N ASN C 1025 -36.44 77.17 -122.74
CA ASN C 1025 -37.21 76.09 -122.12
C ASN C 1025 -38.56 76.58 -121.62
N ILE C 1026 -39.18 77.47 -122.39
CA ILE C 1026 -40.46 78.08 -122.00
C ILE C 1026 -41.37 78.11 -123.21
N PRO C 1027 -42.57 77.51 -123.15
CA PRO C 1027 -43.52 77.63 -124.25
C PRO C 1027 -43.78 79.09 -124.61
N THR C 1028 -43.35 79.49 -125.80
CA THR C 1028 -43.39 80.88 -126.23
C THR C 1028 -44.32 80.99 -127.43
N TYR C 1029 -45.23 81.96 -127.38
CA TYR C 1029 -46.29 82.07 -128.38
C TYR C 1029 -46.02 83.29 -129.25
N PHE C 1030 -45.49 83.05 -130.45
CA PHE C 1030 -45.34 84.12 -131.42
C PHE C 1030 -46.71 84.51 -131.97
N THR C 1031 -46.91 85.81 -132.18
CA THR C 1031 -48.15 86.30 -132.77
C THR C 1031 -47.80 87.26 -133.90
N PHE C 1032 -48.23 86.91 -135.11
CA PHE C 1032 -47.99 87.72 -136.30
C PHE C 1032 -49.31 88.33 -136.76
N THR C 1033 -49.32 89.64 -136.95
CA THR C 1033 -50.51 90.35 -137.41
C THR C 1033 -50.32 90.75 -138.87
N LEU C 1034 -51.32 90.40 -139.69
CA LEU C 1034 -51.35 90.77 -141.10
C LEU C 1034 -52.37 91.87 -141.30
N LEU C 1035 -51.96 92.93 -141.99
CA LEU C 1035 -52.83 94.04 -142.33
C LEU C 1035 -53.11 94.04 -143.83
N ARG C 1036 -54.37 94.02 -144.20
CA ARG C 1036 -54.81 94.08 -145.59
C ARG C 1036 -55.29 95.50 -145.86
N ASP C 1037 -54.51 96.24 -146.65
CA ASP C 1037 -54.79 97.66 -146.88
C ASP C 1037 -56.21 97.93 -147.38
N PRO C 1038 -56.76 97.19 -148.35
CA PRO C 1038 -58.18 97.33 -148.63
C PRO C 1038 -58.99 96.43 -147.72
N PRO C 1039 -59.77 97.01 -146.81
CA PRO C 1039 -60.56 96.18 -145.90
C PRO C 1039 -61.58 95.34 -146.65
N VAL C 1040 -61.80 94.13 -146.16
CA VAL C 1040 -62.79 93.27 -146.81
C VAL C 1040 -64.17 93.90 -146.67
N PRO C 1041 -65.00 93.87 -147.71
CA PRO C 1041 -66.29 94.54 -147.63
C PRO C 1041 -67.19 93.89 -146.61
N PRO C 1042 -68.04 94.67 -145.93
CA PRO C 1042 -68.97 94.06 -144.95
C PRO C 1042 -69.99 93.13 -145.58
N SER C 1043 -70.23 93.24 -146.89
CA SER C 1043 -71.23 92.43 -147.57
C SER C 1043 -70.63 91.24 -148.31
N ALA C 1044 -69.32 91.01 -148.20
CA ALA C 1044 -68.71 89.87 -148.86
C ALA C 1044 -69.26 88.57 -148.29
N SER C 1045 -69.45 87.58 -149.16
CA SER C 1045 -70.05 86.32 -148.74
C SER C 1045 -69.18 85.59 -147.72
N SER C 1046 -67.88 85.53 -147.97
CA SER C 1046 -66.96 84.85 -147.07
C SER C 1046 -65.67 85.65 -146.96
N GLY C 1047 -64.99 85.49 -145.84
CA GLY C 1047 -63.74 86.20 -145.61
C GLY C 1047 -62.61 85.62 -146.43
N VAL C 1048 -61.47 86.32 -146.35
CA VAL C 1048 -60.28 85.93 -147.12
C VAL C 1048 -59.44 85.01 -146.26
N GLN C 1049 -59.07 83.86 -146.81
CA GLN C 1049 -58.30 82.86 -146.07
C GLN C 1049 -56.81 83.04 -146.37
N PHE C 1050 -55.99 82.95 -145.33
CA PHE C 1050 -54.55 83.07 -145.45
C PHE C 1050 -53.87 81.88 -144.77
N ALA C 1051 -52.61 81.65 -145.13
CA ALA C 1051 -51.79 80.63 -144.50
C ALA C 1051 -50.50 81.27 -144.02
N CYS C 1052 -50.17 81.05 -142.76
CA CYS C 1052 -48.93 81.53 -142.17
C CYS C 1052 -47.98 80.35 -142.00
N ALA C 1053 -46.76 80.49 -142.53
CA ALA C 1053 -45.74 79.47 -142.43
C ALA C 1053 -44.57 80.01 -141.62
N LEU C 1054 -44.12 79.24 -140.64
CA LEU C 1054 -43.09 79.69 -139.70
C LEU C 1054 -42.01 78.64 -139.58
N TYR C 1055 -40.75 79.10 -139.57
CA TYR C 1055 -39.60 78.26 -139.27
C TYR C 1055 -38.82 78.93 -138.16
N THR C 1056 -38.73 78.28 -137.00
CA THR C 1056 -38.16 78.92 -135.82
C THR C 1056 -36.67 79.18 -135.96
N GLY C 1057 -35.94 78.32 -136.67
CA GLY C 1057 -34.50 78.34 -136.68
C GLY C 1057 -33.87 77.25 -135.84
N GLN C 1058 -34.65 76.64 -134.96
CA GLN C 1058 -34.25 75.44 -134.24
C GLN C 1058 -34.52 74.21 -135.11
N ASN C 1059 -33.81 73.13 -134.81
CA ASN C 1059 -33.90 71.90 -135.60
C ASN C 1059 -34.04 70.69 -134.70
N VAL C 1060 -34.95 70.75 -133.75
CA VAL C 1060 -35.17 69.66 -132.81
C VAL C 1060 -36.28 68.71 -133.29
N ASN C 1061 -37.42 69.25 -133.73
CA ASN C 1061 -38.49 68.38 -134.20
C ASN C 1061 -38.27 67.94 -135.64
N PRO C 1062 -37.97 68.83 -136.59
CA PRO C 1062 -37.66 68.36 -137.95
C PRO C 1062 -36.29 67.71 -138.05
N ALA C 1063 -35.39 67.97 -137.10
CA ALA C 1063 -34.06 67.38 -136.99
C ALA C 1063 -33.12 67.85 -138.10
N SER C 1064 -33.60 68.64 -139.05
CA SER C 1064 -32.78 69.10 -140.16
C SER C 1064 -33.35 70.40 -140.69
N ALA C 1065 -32.46 71.30 -141.10
CA ALA C 1065 -32.89 72.58 -141.61
C ALA C 1065 -33.66 72.40 -142.92
N PRO C 1066 -34.63 73.27 -143.20
CA PRO C 1066 -35.37 73.15 -144.45
C PRO C 1066 -34.50 73.49 -145.65
N SER C 1067 -35.07 73.31 -146.83
CA SER C 1067 -34.34 73.57 -148.06
C SER C 1067 -34.17 75.07 -148.23
N ALA C 1068 -33.64 75.48 -149.40
CA ALA C 1068 -33.43 76.88 -149.67
C ALA C 1068 -34.73 77.67 -149.49
N ILE C 1069 -34.58 78.95 -149.14
CA ILE C 1069 -35.74 79.76 -148.78
C ILE C 1069 -36.60 79.95 -150.03
N THR C 1070 -37.72 79.25 -150.08
CA THR C 1070 -38.58 79.20 -151.25
C THR C 1070 -40.00 78.90 -150.81
N ASP C 1071 -40.97 79.48 -151.50
CA ASP C 1071 -42.37 79.12 -151.23
C ASP C 1071 -42.64 77.66 -151.57
N ALA C 1072 -41.85 77.08 -152.48
CA ALA C 1072 -42.04 75.68 -152.84
C ALA C 1072 -41.73 74.76 -151.66
N VAL C 1073 -40.82 75.16 -150.79
CA VAL C 1073 -40.49 74.36 -149.60
C VAL C 1073 -41.29 74.78 -148.38
N TYR C 1074 -41.83 76.00 -148.36
CA TYR C 1074 -42.66 76.45 -147.25
C TYR C 1074 -44.13 76.10 -147.44
N LYS C 1075 -44.50 75.54 -148.59
CA LYS C 1075 -45.85 75.02 -148.80
C LYS C 1075 -46.00 73.58 -148.32
N THR C 1076 -44.90 72.94 -147.90
CA THR C 1076 -44.93 71.54 -147.49
C THR C 1076 -45.12 71.36 -145.99
N PHE C 1077 -45.10 72.44 -145.21
CA PHE C 1077 -45.22 72.31 -143.76
C PHE C 1077 -46.61 71.83 -143.39
N THR C 1078 -46.67 71.00 -142.35
CA THR C 1078 -47.94 70.42 -141.91
C THR C 1078 -48.86 71.49 -141.33
N ASP C 1079 -50.16 71.30 -141.53
CA ASP C 1079 -51.15 72.17 -140.93
C ASP C 1079 -51.40 71.75 -139.49
N VAL C 1080 -51.30 72.71 -138.57
CA VAL C 1080 -51.40 72.42 -137.14
C VAL C 1080 -52.53 73.23 -136.52
N THR C 1081 -53.59 73.45 -137.30
CA THR C 1081 -54.68 74.33 -136.84
C THR C 1081 -55.36 73.78 -135.60
N THR C 1082 -55.67 72.48 -135.60
CA THR C 1082 -56.38 71.85 -134.49
C THR C 1082 -55.45 71.11 -133.55
N ALA C 1083 -54.14 71.24 -133.71
CA ALA C 1083 -53.20 70.55 -132.84
C ALA C 1083 -53.31 71.08 -131.41
N VAL C 1084 -53.27 70.17 -130.45
CA VAL C 1084 -53.33 70.52 -129.04
C VAL C 1084 -51.97 70.22 -128.41
N ALA C 1085 -51.79 70.73 -127.18
CA ALA C 1085 -50.52 70.57 -126.48
C ALA C 1085 -50.21 69.11 -126.16
N THR C 1086 -51.23 68.24 -126.14
CA THR C 1086 -51.00 66.84 -125.80
C THR C 1086 -50.16 66.13 -126.86
N ASP C 1087 -50.42 66.40 -128.14
CA ASP C 1087 -49.76 65.68 -129.22
C ASP C 1087 -48.34 66.22 -129.43
N ALA C 1088 -47.57 65.46 -130.22
CA ALA C 1088 -46.15 65.74 -130.41
C ALA C 1088 -45.87 66.80 -131.45
N ASN C 1089 -46.87 67.22 -132.23
CA ASN C 1089 -46.69 68.20 -133.29
C ASN C 1089 -46.84 69.64 -132.80
N TYR C 1090 -47.06 69.84 -131.50
CA TYR C 1090 -47.44 71.16 -131.01
C TYR C 1090 -46.28 72.16 -131.14
N PHE C 1091 -45.09 71.79 -130.67
CA PHE C 1091 -43.96 72.70 -130.62
C PHE C 1091 -43.00 72.51 -131.79
N ALA C 1092 -43.52 72.10 -132.95
CA ALA C 1092 -42.68 71.85 -134.11
C ALA C 1092 -42.00 73.12 -134.58
N ASP C 1093 -40.74 72.99 -135.02
CA ASP C 1093 -39.99 74.15 -135.48
C ASP C 1093 -40.47 74.67 -136.82
N GLN C 1094 -41.18 73.85 -137.59
CA GLN C 1094 -41.73 74.25 -138.88
C GLN C 1094 -43.24 74.03 -138.81
N GLN C 1095 -44.00 75.12 -138.89
CA GLN C 1095 -45.45 75.05 -138.74
C GLN C 1095 -46.14 75.82 -139.86
N LEU C 1096 -47.38 75.44 -140.12
CA LEU C 1096 -48.23 76.11 -141.09
C LEU C 1096 -49.65 76.14 -140.53
N ARG C 1097 -50.24 77.33 -140.47
CA ARG C 1097 -51.58 77.49 -139.92
C ARG C 1097 -52.46 78.26 -140.90
N VAL C 1098 -53.75 77.99 -140.84
CA VAL C 1098 -54.74 78.65 -141.69
C VAL C 1098 -55.55 79.60 -140.85
N VAL C 1099 -55.80 80.79 -141.38
CA VAL C 1099 -56.61 81.79 -140.70
C VAL C 1099 -57.65 82.34 -141.67
N THR C 1100 -58.76 82.79 -141.12
CA THR C 1100 -59.83 83.40 -141.89
C THR C 1100 -59.84 84.91 -141.65
N MET C 1101 -60.44 85.63 -142.58
CA MET C 1101 -60.53 87.09 -142.52
C MET C 1101 -61.99 87.46 -142.73
N ALA C 1102 -62.71 87.66 -141.63
CA ALA C 1102 -64.13 87.88 -141.67
C ALA C 1102 -64.46 89.25 -142.28
N PRO C 1103 -65.66 89.41 -142.85
CA PRO C 1103 -66.04 90.72 -143.38
C PRO C 1103 -66.01 91.81 -142.32
N GLY C 1104 -65.60 93.01 -142.73
CA GLY C 1104 -65.42 94.12 -141.81
C GLY C 1104 -64.05 94.18 -141.16
N THR C 1105 -63.22 93.17 -141.35
CA THR C 1105 -61.86 93.11 -140.83
C THR C 1105 -60.91 93.86 -141.74
N GLY C 1106 -59.62 93.52 -141.65
CA GLY C 1106 -58.54 94.32 -142.21
C GLY C 1106 -57.29 94.11 -141.41
N ARG C 1107 -57.41 93.38 -140.31
CA ARG C 1107 -56.26 92.88 -139.56
C ARG C 1107 -56.57 91.48 -139.06
N VAL C 1108 -55.62 90.56 -139.23
CA VAL C 1108 -55.77 89.17 -138.82
C VAL C 1108 -54.54 88.76 -138.02
N SER C 1109 -54.68 87.70 -137.24
CA SER C 1109 -53.62 87.27 -136.33
C SER C 1109 -53.37 85.78 -136.44
N CYS C 1110 -52.10 85.41 -136.60
CA CYS C 1110 -51.66 84.03 -136.57
C CYS C 1110 -50.87 83.79 -135.28
N THR C 1111 -51.21 82.74 -134.56
CA THR C 1111 -50.56 82.41 -133.28
C THR C 1111 -49.81 81.09 -133.43
N PHE C 1112 -48.51 81.11 -133.12
CA PHE C 1112 -47.64 79.95 -133.28
C PHE C 1112 -46.99 79.61 -131.94
N PRO C 1113 -47.31 78.47 -131.33
CA PRO C 1113 -46.59 78.05 -130.12
C PRO C 1113 -45.29 77.35 -130.48
N THR C 1114 -44.23 77.70 -129.73
CA THR C 1114 -42.90 77.16 -129.94
C THR C 1114 -42.27 76.88 -128.59
N LEU C 1115 -41.09 76.28 -128.60
CA LEU C 1115 -40.37 75.96 -127.37
C LEU C 1115 -38.90 75.79 -127.72
N TYR C 1116 -38.07 76.68 -127.20
CA TYR C 1116 -36.65 76.72 -127.53
C TYR C 1116 -35.85 76.12 -126.38
N ALA C 1117 -35.02 75.12 -126.69
CA ALA C 1117 -34.30 74.36 -125.69
C ALA C 1117 -32.81 74.68 -125.65
N ALA C 1118 -32.41 75.83 -126.19
CA ALA C 1118 -31.01 76.22 -126.16
C ALA C 1118 -30.90 77.72 -126.31
N ALA C 1119 -29.74 78.25 -125.94
CA ALA C 1119 -29.47 79.68 -126.04
C ALA C 1119 -28.77 80.05 -127.34
N GLY C 1120 -28.53 79.10 -128.23
CA GLY C 1120 -27.91 79.36 -129.50
C GLY C 1120 -28.70 80.36 -130.33
N PRO C 1121 -28.02 81.27 -131.01
CA PRO C 1121 -28.72 82.26 -131.84
C PRO C 1121 -29.59 81.58 -132.89
N PHE C 1122 -30.78 82.14 -133.09
CA PHE C 1122 -31.74 81.65 -134.07
C PHE C 1122 -32.24 82.82 -134.90
N SER C 1123 -32.61 82.51 -136.15
CA SER C 1123 -33.16 83.50 -137.09
C SER C 1123 -34.44 82.95 -137.68
N PRO C 1124 -35.57 83.10 -136.98
CA PRO C 1124 -36.83 82.58 -137.51
C PRO C 1124 -37.24 83.29 -138.79
N LYS C 1125 -37.90 82.55 -139.68
CA LYS C 1125 -38.36 83.06 -140.95
C LYS C 1125 -39.87 82.85 -141.07
N PHE C 1126 -40.55 83.86 -141.61
CA PHE C 1126 -42.00 83.90 -141.71
C PHE C 1126 -42.41 84.08 -143.16
N PHE C 1127 -43.46 83.37 -143.56
CA PHE C 1127 -44.01 83.46 -144.90
C PHE C 1127 -45.53 83.51 -144.82
N VAL C 1128 -46.13 84.20 -145.79
CA VAL C 1128 -47.58 84.32 -145.90
C VAL C 1128 -48.00 83.90 -147.29
N PHE C 1129 -48.97 83.00 -147.37
CA PHE C 1129 -49.45 82.49 -148.64
C PHE C 1129 -50.97 82.63 -148.71
N GLU C 1130 -51.48 82.76 -149.93
CA GLU C 1130 -52.91 82.83 -150.17
C GLU C 1130 -53.49 81.42 -150.12
N TYR C 1131 -54.39 81.19 -149.17
CA TYR C 1131 -55.01 79.87 -148.97
C TYR C 1131 -56.33 79.83 -149.73
N ALA C 1132 -56.35 79.11 -150.84
CA ALA C 1132 -57.58 78.87 -151.59
C ALA C 1132 -58.38 77.80 -150.86
N SER C 1133 -59.41 77.27 -151.52
CA SER C 1133 -60.27 76.26 -150.88
C SER C 1133 -59.46 74.99 -150.68
N SER C 1134 -59.02 74.76 -149.44
CA SER C 1134 -58.25 73.58 -149.06
C SER C 1134 -56.99 73.44 -149.89
N THR C 1135 -56.35 74.56 -150.21
CA THR C 1135 -55.07 74.54 -150.91
C THR C 1135 -54.41 75.91 -150.76
N VAL C 1136 -53.09 75.90 -150.60
CA VAL C 1136 -52.32 77.14 -150.58
C VAL C 1136 -52.09 77.59 -152.01
N GLY C 1137 -51.88 78.90 -152.17
CA GLY C 1137 -51.63 79.46 -153.49
C GLY C 1137 -50.21 79.96 -153.64
N ALA C 1138 -50.07 81.20 -154.08
CA ALA C 1138 -48.77 81.83 -154.25
C ALA C 1138 -48.48 82.72 -153.05
N ASN C 1139 -47.38 83.48 -153.13
CA ASN C 1139 -47.01 84.36 -152.03
C ASN C 1139 -48.07 85.43 -151.83
N ALA C 1140 -48.50 85.61 -150.58
CA ALA C 1140 -49.53 86.58 -150.27
C ALA C 1140 -49.05 88.02 -150.42
N LEU C 1141 -47.75 88.23 -150.57
CA LEU C 1141 -47.20 89.56 -150.82
C LEU C 1141 -47.18 89.90 -152.31
N ALA C 1142 -47.50 88.93 -153.17
CA ALA C 1142 -47.65 89.10 -154.62
C ALA C 1142 -46.30 89.32 -155.31
N VAL C 1143 -45.24 89.49 -154.52
CA VAL C 1143 -43.88 89.56 -155.03
C VAL C 1143 -43.33 88.15 -155.17
N ALA C 1144 -42.14 88.03 -155.76
CA ALA C 1144 -41.44 86.76 -155.80
C ALA C 1144 -41.04 86.36 -154.38
N ASP C 1145 -40.31 85.25 -154.26
CA ASP C 1145 -40.01 84.70 -152.94
C ASP C 1145 -39.34 85.73 -152.04
N THR C 1146 -40.06 86.18 -151.03
CA THR C 1146 -39.57 87.16 -150.06
C THR C 1146 -40.04 86.74 -148.68
N VAL C 1147 -39.14 86.86 -147.70
CA VAL C 1147 -39.40 86.40 -146.35
C VAL C 1147 -39.41 87.59 -145.40
N THR C 1148 -40.29 87.53 -144.41
CA THR C 1148 -40.30 88.50 -143.31
C THR C 1148 -39.25 88.04 -142.31
N SER C 1149 -38.07 88.65 -142.37
CA SER C 1149 -36.95 88.23 -141.54
C SER C 1149 -37.08 88.85 -140.15
N LEU C 1150 -37.29 88.00 -139.15
CA LEU C 1150 -37.31 88.47 -137.77
C LEU C 1150 -35.88 88.69 -137.28
N THR C 1151 -35.75 89.52 -136.25
CA THR C 1151 -34.44 89.77 -135.66
C THR C 1151 -33.94 88.54 -134.95
N SER C 1152 -32.66 88.23 -135.14
CA SER C 1152 -32.04 87.14 -134.40
C SER C 1152 -31.92 87.50 -132.93
N PHE C 1153 -31.96 86.47 -132.08
CA PHE C 1153 -31.91 86.68 -130.64
C PHE C 1153 -31.05 85.61 -130.00
N THR C 1154 -30.98 85.66 -128.67
CA THR C 1154 -30.35 84.63 -127.85
C THR C 1154 -31.26 84.37 -126.67
N THR C 1155 -31.87 83.19 -126.62
CA THR C 1155 -32.84 82.88 -125.58
C THR C 1155 -32.16 82.89 -124.21
N GLN C 1156 -32.82 83.51 -123.25
CA GLN C 1156 -32.29 83.68 -121.90
C GLN C 1156 -33.06 82.80 -120.92
N ALA C 1157 -32.52 82.71 -119.71
CA ALA C 1157 -33.10 81.84 -118.68
C ALA C 1157 -34.40 82.42 -118.15
N ALA C 1158 -35.35 81.53 -117.88
CA ALA C 1158 -36.66 81.94 -117.41
C ALA C 1158 -36.59 82.46 -115.98
N PRO C 1159 -37.50 83.35 -115.59
CA PRO C 1159 -37.59 83.77 -114.19
C PRO C 1159 -38.37 82.76 -113.37
N THR C 1160 -38.43 83.00 -112.07
CA THR C 1160 -39.08 82.11 -111.11
C THR C 1160 -39.91 82.90 -110.11
N PHE C 1161 -40.46 84.03 -110.54
CA PHE C 1161 -41.28 84.89 -109.67
C PHE C 1161 -42.75 84.62 -109.91
N ILE C 1162 -43.50 84.51 -108.82
CA ILE C 1162 -44.93 84.25 -108.86
C ILE C 1162 -45.68 85.53 -108.54
N THR C 1163 -46.60 85.91 -109.41
CA THR C 1163 -47.37 87.13 -109.25
C THR C 1163 -48.68 86.81 -108.54
N GLY C 1164 -48.91 87.43 -107.39
CA GLY C 1164 -50.11 87.20 -106.64
C GLY C 1164 -50.08 87.95 -105.31
N PRO C 1165 -51.15 87.79 -104.53
CA PRO C 1165 -51.21 88.49 -103.24
C PRO C 1165 -50.37 87.84 -102.15
N THR C 1166 -50.51 88.33 -100.93
CA THR C 1166 -49.77 87.79 -99.80
C THR C 1166 -50.17 86.35 -99.50
N ASN C 1167 -49.19 85.55 -99.10
CA ASN C 1167 -49.40 84.20 -98.61
C ASN C 1167 -49.42 84.23 -97.10
N VAL C 1168 -50.62 84.15 -96.52
CA VAL C 1168 -50.75 84.17 -95.07
C VAL C 1168 -50.07 82.94 -94.49
N PRO C 1169 -49.13 83.08 -93.56
CA PRO C 1169 -48.39 81.91 -93.06
C PRO C 1169 -49.29 80.96 -92.29
N GLN C 1170 -48.88 79.70 -92.28
CA GLN C 1170 -49.59 78.65 -91.56
C GLN C 1170 -49.25 78.75 -90.07
N ARG C 1171 -49.65 77.73 -89.31
CA ARG C 1171 -49.30 77.70 -87.89
C ARG C 1171 -47.80 77.61 -87.69
N VAL C 1172 -47.28 78.45 -86.81
CA VAL C 1172 -45.88 78.39 -86.41
C VAL C 1172 -45.79 78.77 -84.94
N PRO C 1173 -44.78 78.32 -84.20
CA PRO C 1173 -44.58 78.83 -82.85
C PRO C 1173 -44.02 80.24 -82.91
N LEU C 1174 -44.69 81.16 -82.23
CA LEU C 1174 -44.33 82.57 -82.25
C LEU C 1174 -44.16 83.09 -80.83
N PRO C 1175 -43.30 84.09 -80.64
CA PRO C 1175 -43.18 84.69 -79.31
C PRO C 1175 -44.47 85.41 -78.93
N LYS C 1176 -44.70 85.50 -77.62
CA LYS C 1176 -45.86 86.22 -77.11
C LYS C 1176 -45.80 87.68 -77.52
N GLY C 1177 -46.65 88.09 -78.44
CA GLY C 1177 -46.67 89.44 -78.97
C GLY C 1177 -46.43 89.52 -80.47
N PHE C 1178 -45.91 88.47 -81.09
CA PHE C 1178 -45.72 88.46 -82.52
C PHE C 1178 -47.06 88.44 -83.23
N ARG C 1179 -47.19 89.23 -84.29
CA ARG C 1179 -48.41 89.32 -85.08
C ARG C 1179 -48.11 89.03 -86.54
N THR C 1180 -48.93 88.18 -87.15
CA THR C 1180 -48.84 87.88 -88.57
C THR C 1180 -50.01 88.42 -89.36
N THR C 1181 -51.10 88.84 -88.69
CA THR C 1181 -52.25 89.43 -89.36
C THR C 1181 -52.68 90.64 -88.55
N CYS C 1182 -52.87 91.77 -89.24
CA CYS C 1182 -53.34 92.99 -88.60
C CYS C 1182 -54.86 93.12 -88.78
N PHE C 1183 -55.42 94.16 -88.20
CA PHE C 1183 -56.84 94.42 -88.28
C PHE C 1183 -57.12 95.45 -89.38
N ASP C 1184 -58.35 95.92 -89.44
CA ASP C 1184 -58.73 96.92 -90.44
C ASP C 1184 -58.27 98.30 -90.00
N GLY C 1185 -57.68 99.04 -90.92
CA GLY C 1185 -57.09 100.32 -90.60
C GLY C 1185 -55.69 100.24 -90.03
N TYR C 1186 -55.16 99.03 -89.86
CA TYR C 1186 -53.82 98.82 -89.33
C TYR C 1186 -52.96 98.16 -90.41
N GLU C 1187 -51.65 98.23 -90.23
CA GLU C 1187 -50.72 97.61 -91.15
C GLU C 1187 -49.59 96.96 -90.37
N LEU C 1188 -48.97 95.95 -90.98
CA LEU C 1188 -47.90 95.20 -90.34
C LEU C 1188 -46.59 95.95 -90.42
N ILE C 1189 -45.89 96.04 -89.29
CA ILE C 1189 -44.56 96.63 -89.21
C ILE C 1189 -43.64 95.66 -88.48
N PHE C 1190 -42.34 95.82 -88.70
CA PHE C 1190 -41.33 94.92 -88.16
C PHE C 1190 -40.44 95.72 -87.22
N SER C 1191 -40.75 95.66 -85.93
CA SER C 1191 -40.03 96.47 -84.96
C SER C 1191 -40.03 95.78 -83.61
N ASN C 1192 -39.11 96.21 -82.75
CA ASN C 1192 -38.96 95.64 -81.41
C ASN C 1192 -39.49 96.56 -80.32
N ASP C 1193 -40.09 97.68 -80.69
CA ASP C 1193 -40.70 98.59 -79.71
C ASP C 1193 -42.12 98.12 -79.40
N ASN C 1194 -42.72 98.74 -78.39
CA ASN C 1194 -44.07 98.40 -77.97
C ASN C 1194 -45.06 99.24 -78.77
N TYR C 1195 -45.98 98.56 -79.46
CA TYR C 1195 -46.93 99.21 -80.36
C TYR C 1195 -48.32 98.69 -79.99
N THR C 1196 -48.97 99.33 -79.03
CA THR C 1196 -50.34 98.97 -78.64
C THR C 1196 -51.32 99.94 -79.27
N ASN C 1197 -52.44 99.40 -79.76
CA ASN C 1197 -53.50 100.18 -80.39
C ASN C 1197 -53.02 100.97 -81.60
N GLY C 1198 -51.90 100.57 -82.19
CA GLY C 1198 -51.36 101.24 -83.34
C GLY C 1198 -50.53 102.47 -83.03
N VAL C 1199 -50.35 102.83 -81.77
CA VAL C 1199 -49.57 103.99 -81.37
C VAL C 1199 -48.42 103.51 -80.50
N ARG C 1200 -47.21 103.98 -80.81
CA ARG C 1200 -46.05 103.59 -80.02
C ARG C 1200 -46.14 104.18 -78.62
N VAL C 1201 -45.96 103.33 -77.61
CA VAL C 1201 -46.02 103.77 -76.21
C VAL C 1201 -44.72 103.51 -75.46
N ALA C 1202 -43.81 102.69 -76.00
CA ALA C 1202 -42.59 102.37 -75.29
C ALA C 1202 -41.54 101.90 -76.29
N VAL C 1203 -40.28 102.17 -75.96
CA VAL C 1203 -39.15 101.87 -76.82
C VAL C 1203 -38.43 100.65 -76.26
N ASP C 1204 -38.09 99.70 -77.13
CA ASP C 1204 -37.32 98.50 -76.79
C ASP C 1204 -38.04 97.67 -75.73
N ALA C 1205 -39.20 97.15 -76.12
CA ALA C 1205 -39.97 96.27 -75.27
C ALA C 1205 -39.67 94.80 -75.51
N TYR C 1206 -39.02 94.45 -76.62
CA TYR C 1206 -38.69 93.07 -76.93
C TYR C 1206 -37.20 92.94 -77.19
N PRO C 1207 -36.61 91.78 -76.91
CA PRO C 1207 -35.18 91.59 -77.17
C PRO C 1207 -34.86 91.48 -78.66
N TYR C 1208 -35.84 91.20 -79.50
CA TYR C 1208 -35.65 91.06 -80.93
C TYR C 1208 -36.85 91.67 -81.64
N PRO C 1209 -36.66 92.13 -82.89
CA PRO C 1209 -37.80 92.71 -83.62
C PRO C 1209 -38.88 91.67 -83.85
N VAL C 1210 -40.13 92.12 -83.73
CA VAL C 1210 -41.30 91.28 -83.93
C VAL C 1210 -42.25 92.00 -84.89
N GLY C 1211 -43.40 91.37 -85.12
CA GLY C 1211 -44.43 91.93 -85.98
C GLY C 1211 -45.47 92.65 -85.14
N GLN C 1212 -45.70 93.92 -85.49
CA GLN C 1212 -46.62 94.78 -84.76
C GLN C 1212 -47.64 95.36 -85.72
N CYS C 1213 -48.73 95.88 -85.16
CA CYS C 1213 -49.77 96.53 -85.94
C CYS C 1213 -49.71 98.03 -85.68
N ARG C 1214 -49.54 98.81 -86.74
CA ARG C 1214 -49.49 100.26 -86.66
C ARG C 1214 -50.71 100.83 -87.36
N LYS C 1215 -51.38 101.77 -86.69
CA LYS C 1215 -52.53 102.44 -87.29
C LYS C 1215 -52.13 103.14 -88.59
N CYS C 1216 -52.94 102.97 -89.63
CA CYS C 1216 -52.71 103.71 -90.86
C CYS C 1216 -52.82 105.21 -90.57
N PRO C 1217 -52.07 106.03 -91.28
CA PRO C 1217 -52.17 107.49 -91.08
C PRO C 1217 -53.44 108.03 -91.73
N GLY C 1218 -53.77 109.26 -91.35
CA GLY C 1218 -54.92 109.93 -91.92
C GLY C 1218 -54.79 110.13 -93.41
N GLY C 1219 -55.80 109.70 -94.17
CA GLY C 1219 -55.79 109.80 -95.61
C GLY C 1219 -55.64 108.48 -96.33
N THR C 1220 -55.41 107.38 -95.61
CA THR C 1220 -55.27 106.07 -96.22
C THR C 1220 -56.24 105.10 -95.57
N ALA C 1221 -56.64 104.10 -96.33
CA ALA C 1221 -57.54 103.06 -95.87
C ALA C 1221 -56.88 101.70 -96.06
N THR C 1222 -57.39 100.70 -95.35
CA THR C 1222 -56.83 99.36 -95.41
C THR C 1222 -57.88 98.35 -94.97
N MET C 1223 -58.08 97.33 -95.80
CA MET C 1223 -58.99 96.24 -95.46
C MET C 1223 -58.25 94.95 -95.11
N ASP C 1224 -57.09 94.69 -95.71
CA ASP C 1224 -56.35 93.46 -95.45
C ASP C 1224 -55.48 93.58 -94.20
N GLY C 1225 -54.56 94.54 -94.20
CA GLY C 1225 -53.72 94.75 -93.04
C GLY C 1225 -52.24 94.69 -93.36
N TYR C 1226 -51.90 94.62 -94.63
CA TYR C 1226 -50.51 94.51 -95.07
C TYR C 1226 -50.03 95.74 -95.83
N ARG C 1227 -50.86 96.76 -95.98
CA ARG C 1227 -50.45 98.00 -96.60
C ARG C 1227 -51.47 99.08 -96.26
N CYS C 1228 -51.02 100.34 -96.29
CA CYS C 1228 -51.89 101.49 -96.14
C CYS C 1228 -52.15 102.03 -97.54
N ILE C 1229 -53.37 101.83 -98.03
CA ILE C 1229 -53.75 102.22 -99.38
C ILE C 1229 -54.26 103.66 -99.33
N PRO C 1230 -53.60 104.60 -99.99
CA PRO C 1230 -54.13 105.98 -100.03
C PRO C 1230 -55.47 106.02 -100.72
N CYS C 1231 -56.32 106.94 -100.27
CA CYS C 1231 -57.64 107.08 -100.85
C CYS C 1231 -57.54 107.60 -102.28
N PRO C 1232 -58.44 107.18 -103.17
CA PRO C 1232 -58.46 107.72 -104.52
C PRO C 1232 -59.05 109.12 -104.53
N SER C 1233 -59.03 109.74 -105.71
CA SER C 1233 -59.53 111.10 -105.85
C SER C 1233 -61.01 111.17 -105.49
N GLY C 1234 -61.39 112.28 -104.85
CA GLY C 1234 -62.75 112.43 -104.38
C GLY C 1234 -63.07 111.75 -103.08
N TYR C 1235 -62.05 111.33 -102.32
CA TYR C 1235 -62.24 110.61 -101.08
C TYR C 1235 -61.32 111.18 -100.00
N TRP C 1236 -61.70 110.93 -98.75
CA TRP C 1236 -60.93 111.35 -97.60
C TRP C 1236 -61.19 110.37 -96.47
N SER C 1237 -60.31 110.39 -95.47
CA SER C 1237 -60.46 109.49 -94.33
C SER C 1237 -59.70 110.06 -93.15
N ASN C 1238 -60.05 109.56 -91.96
CA ASN C 1238 -59.36 109.90 -90.73
C ASN C 1238 -58.20 108.92 -90.50
N GLU C 1239 -57.63 108.94 -89.30
CA GLU C 1239 -56.41 108.18 -89.04
C GLU C 1239 -56.60 106.68 -89.24
N GLY C 1240 -57.38 106.04 -88.37
CA GLY C 1240 -57.52 104.61 -88.41
C GLY C 1240 -58.72 104.15 -89.20
N ALA C 1241 -58.83 104.60 -90.45
CA ALA C 1241 -60.02 104.34 -91.26
C ALA C 1241 -59.82 103.10 -92.12
N ARG C 1242 -60.80 102.20 -92.07
CA ARG C 1242 -60.77 100.99 -92.89
C ARG C 1242 -61.37 101.20 -94.28
N GLU C 1243 -62.02 102.34 -94.52
CA GLU C 1243 -62.52 102.65 -95.85
C GLU C 1243 -62.69 104.16 -95.96
N CYS C 1244 -62.48 104.67 -97.17
CA CYS C 1244 -62.58 106.10 -97.42
C CYS C 1244 -64.05 106.52 -97.53
N THR C 1245 -64.29 107.79 -97.24
CA THR C 1245 -65.59 108.41 -97.43
C THR C 1245 -65.47 109.52 -98.47
N ALA C 1246 -66.52 109.68 -99.27
CA ALA C 1246 -66.50 110.59 -100.40
C ALA C 1246 -66.93 111.99 -100.00
N CYS C 1247 -66.28 112.99 -100.58
CA CYS C 1247 -66.69 114.37 -100.37
C CYS C 1247 -68.08 114.58 -100.95
N PRO C 1248 -68.89 115.44 -100.34
CA PRO C 1248 -70.25 115.64 -100.85
C PRO C 1248 -70.24 116.33 -102.22
N ALA C 1249 -71.38 116.21 -102.90
CA ALA C 1249 -71.50 116.79 -104.24
C ALA C 1249 -71.30 118.30 -104.19
N GLY C 1250 -70.60 118.82 -105.19
CA GLY C 1250 -70.24 120.22 -105.24
C GLY C 1250 -68.88 120.54 -104.64
N THR C 1251 -68.29 119.61 -103.90
CA THR C 1251 -66.97 119.78 -103.31
C THR C 1251 -66.03 118.70 -103.82
N ILE C 1252 -64.78 119.07 -104.02
CA ILE C 1252 -63.77 118.14 -104.50
C ILE C 1252 -62.67 118.01 -103.45
N ALA C 1253 -62.02 116.85 -103.43
CA ALA C 1253 -61.02 116.54 -102.43
C ALA C 1253 -59.64 116.98 -102.94
N LYS C 1254 -59.00 117.88 -102.19
CA LYS C 1254 -57.65 118.32 -102.52
C LYS C 1254 -56.68 117.78 -101.47
N PRO C 1255 -55.84 116.81 -101.79
CA PRO C 1255 -54.88 116.31 -100.81
C PRO C 1255 -53.88 117.36 -100.40
N ALA C 1256 -53.48 117.30 -99.13
CA ALA C 1256 -52.50 118.23 -98.58
C ALA C 1256 -51.09 117.87 -99.03
N ALA C 1257 -50.26 118.88 -99.19
CA ALA C 1257 -48.87 118.67 -99.57
C ALA C 1257 -48.10 118.03 -98.43
N LEU C 1258 -47.37 116.96 -98.73
CA LEU C 1258 -46.59 116.23 -97.74
C LEU C 1258 -45.11 116.52 -97.94
N THR C 1259 -44.42 116.80 -96.84
CA THR C 1259 -42.99 117.04 -96.85
C THR C 1259 -42.27 115.78 -96.39
N ALA C 1260 -41.36 115.27 -97.22
CA ALA C 1260 -40.62 114.07 -96.89
C ALA C 1260 -39.73 114.32 -95.68
N ARG C 1261 -39.53 113.26 -94.89
CA ARG C 1261 -38.74 113.39 -93.67
C ARG C 1261 -37.31 113.77 -93.98
N ALA C 1262 -36.71 114.58 -93.10
CA ALA C 1262 -35.38 115.11 -93.35
C ALA C 1262 -34.33 114.01 -93.35
N LYS C 1263 -34.38 113.11 -92.38
CA LYS C 1263 -33.35 112.09 -92.22
C LYS C 1263 -34.00 110.75 -91.92
N TYR C 1264 -33.21 109.69 -92.08
CA TYR C 1264 -33.67 108.33 -91.84
C TYR C 1264 -33.70 107.96 -90.37
N SER C 1265 -33.61 108.93 -89.46
CA SER C 1265 -33.76 108.70 -88.04
C SER C 1265 -35.04 109.35 -87.50
N ILE C 1266 -35.96 109.72 -88.39
CA ILE C 1266 -37.19 110.40 -88.03
C ILE C 1266 -38.36 109.54 -88.46
N ASP C 1267 -39.36 109.45 -87.59
CA ASP C 1267 -40.52 108.60 -87.84
C ASP C 1267 -41.29 109.11 -89.06
N PRO C 1268 -41.46 108.30 -90.11
CA PRO C 1268 -42.19 108.74 -91.29
C PRO C 1268 -43.69 108.50 -91.14
N THR C 1269 -44.45 109.10 -92.05
CA THR C 1269 -45.90 108.95 -92.10
C THR C 1269 -46.33 107.87 -93.09
N THR C 1270 -45.80 107.90 -94.30
CA THR C 1270 -46.12 106.91 -95.32
C THR C 1270 -44.85 106.54 -96.06
N TYR C 1271 -45.00 105.79 -97.15
CA TYR C 1271 -43.89 105.39 -97.97
C TYR C 1271 -43.33 106.57 -98.76
N HIS C 1272 -42.11 106.40 -99.27
CA HIS C 1272 -41.39 107.52 -99.88
C HIS C 1272 -42.06 108.00 -101.16
N PHE C 1273 -42.74 107.13 -101.89
CA PHE C 1273 -43.34 107.54 -103.15
C PHE C 1273 -44.64 108.31 -102.97
N VAL C 1274 -45.24 108.29 -101.79
CA VAL C 1274 -46.43 109.07 -101.52
C VAL C 1274 -46.03 110.49 -101.18
N THR C 1275 -46.61 111.46 -101.87
CA THR C 1275 -46.27 112.86 -101.66
C THR C 1275 -47.49 113.74 -101.48
N HIS C 1276 -48.68 113.16 -101.37
CA HIS C 1276 -49.89 113.91 -101.10
C HIS C 1276 -50.88 112.99 -100.40
N LEU C 1277 -51.60 113.54 -99.43
CA LEU C 1277 -52.61 112.78 -98.71
C LEU C 1277 -53.81 113.66 -98.43
N ALA C 1278 -55.00 113.06 -98.53
CA ALA C 1278 -56.25 113.76 -98.25
C ALA C 1278 -56.63 113.47 -96.81
N MET C 1279 -56.44 114.45 -95.94
CA MET C 1279 -56.71 114.30 -94.52
C MET C 1279 -58.21 114.36 -94.28
N GLY C 1280 -58.63 114.60 -93.04
CA GLY C 1280 -60.03 114.55 -92.68
C GLY C 1280 -60.89 115.55 -93.44
N PRO C 1281 -62.13 115.75 -92.97
CA PRO C 1281 -63.15 116.41 -93.79
C PRO C 1281 -62.75 117.77 -94.35
N GLU C 1282 -61.69 118.37 -93.81
CA GLU C 1282 -61.24 119.67 -94.30
C GLU C 1282 -60.65 119.62 -95.70
N SER C 1283 -60.39 118.44 -96.24
CA SER C 1283 -59.83 118.33 -97.58
C SER C 1283 -60.89 118.47 -98.67
N CYS C 1284 -62.16 118.56 -98.31
CA CYS C 1284 -63.24 118.78 -99.28
C CYS C 1284 -63.41 120.29 -99.47
N LYS C 1285 -62.85 120.81 -100.55
CA LYS C 1285 -62.97 122.23 -100.86
C LYS C 1285 -64.12 122.45 -101.84
N LYS C 1286 -64.88 123.51 -101.60
CA LYS C 1286 -65.99 123.85 -102.47
C LYS C 1286 -65.48 124.38 -103.81
N CYS C 1287 -66.19 124.04 -104.89
CA CYS C 1287 -65.86 124.58 -106.19
C CYS C 1287 -66.13 126.08 -106.21
N PRO C 1288 -65.32 126.84 -106.95
CA PRO C 1288 -65.49 128.30 -106.96
C PRO C 1288 -66.72 128.71 -107.76
N LYS C 1289 -67.07 129.99 -107.63
CA LYS C 1289 -68.20 130.53 -108.37
C LYS C 1289 -67.91 130.46 -109.86
N GLY C 1290 -68.90 130.01 -110.62
CA GLY C 1290 -68.73 129.77 -112.04
C GLY C 1290 -68.46 128.33 -112.40
N TYR C 1291 -68.19 127.48 -111.43
CA TYR C 1291 -67.99 126.05 -111.64
C TYR C 1291 -69.10 125.27 -110.94
N PHE C 1292 -69.17 123.97 -111.24
CA PHE C 1292 -70.12 123.08 -110.59
C PHE C 1292 -69.62 121.65 -110.72
N GLN C 1293 -70.15 120.79 -109.85
CA GLN C 1293 -69.83 119.37 -109.88
C GLN C 1293 -70.97 118.56 -109.29
N PRO C 1294 -71.71 117.81 -110.09
CA PRO C 1294 -72.90 117.11 -109.58
C PRO C 1294 -72.61 115.74 -108.99
N ASN C 1295 -71.49 115.14 -109.36
CA ASN C 1295 -71.19 113.78 -108.93
C ASN C 1295 -71.02 113.71 -107.41
N ILE C 1296 -71.49 112.61 -106.83
CA ILE C 1296 -71.32 112.41 -105.39
C ILE C 1296 -69.84 112.18 -105.07
N ALA C 1297 -69.14 111.43 -105.91
CA ALA C 1297 -67.70 111.23 -105.75
C ALA C 1297 -67.01 112.23 -106.69
N GLY C 1298 -66.91 113.47 -106.24
CA GLY C 1298 -66.43 114.54 -107.09
C GLY C 1298 -64.91 114.54 -107.19
N THR C 1299 -64.43 114.60 -108.43
CA THR C 1299 -63.00 114.58 -108.71
C THR C 1299 -62.46 115.94 -109.14
N VAL C 1300 -63.11 116.58 -110.10
CA VAL C 1300 -62.67 117.88 -110.61
C VAL C 1300 -63.88 118.78 -110.79
N CYS C 1301 -63.71 120.06 -110.53
CA CYS C 1301 -64.79 121.02 -110.74
C CYS C 1301 -64.98 121.27 -112.23
N LEU C 1302 -66.24 121.40 -112.65
CA LEU C 1302 -66.56 121.60 -114.06
C LEU C 1302 -67.01 123.03 -114.30
N PRO C 1303 -66.45 123.72 -115.30
CA PRO C 1303 -66.91 125.07 -115.58
C PRO C 1303 -68.35 125.09 -116.05
N CYS C 1304 -69.02 126.20 -115.77
CA CYS C 1304 -70.42 126.34 -116.17
C CYS C 1304 -70.53 126.36 -117.69
N PRO C 1305 -71.58 125.76 -118.25
CA PRO C 1305 -71.80 125.85 -119.70
C PRO C 1305 -72.10 127.28 -120.12
N SER C 1306 -72.10 127.49 -121.43
CA SER C 1306 -72.29 128.83 -121.97
C SER C 1306 -73.65 129.39 -121.55
N GLY C 1307 -73.64 130.63 -121.09
CA GLY C 1307 -74.87 131.29 -120.66
C GLY C 1307 -75.49 130.74 -119.40
N PHE C 1308 -74.68 130.39 -118.40
CA PHE C 1308 -75.19 129.83 -117.15
C PHE C 1308 -74.47 130.47 -115.98
N VAL C 1309 -74.94 130.12 -114.78
CA VAL C 1309 -74.46 130.72 -113.53
C VAL C 1309 -74.69 129.73 -112.40
N SER C 1310 -73.84 129.79 -111.38
CA SER C 1310 -73.98 128.97 -110.20
C SER C 1310 -73.44 129.71 -108.99
N THR C 1311 -73.89 129.31 -107.81
CA THR C 1311 -73.38 129.85 -106.55
C THR C 1311 -72.09 129.13 -106.18
N SER C 1312 -71.62 129.34 -104.95
CA SER C 1312 -70.41 128.65 -104.49
C SER C 1312 -70.67 127.19 -104.21
N GLY C 1313 -71.91 126.83 -103.84
CA GLY C 1313 -72.23 125.43 -103.59
C GLY C 1313 -71.97 124.55 -104.79
N ALA C 1314 -72.35 125.02 -105.98
CA ALA C 1314 -71.91 124.44 -107.24
C ALA C 1314 -72.39 123.00 -107.42
N THR C 1315 -73.67 122.77 -107.14
CA THR C 1315 -74.26 121.46 -107.42
C THR C 1315 -74.83 121.37 -108.82
N GLY C 1316 -75.34 122.47 -109.35
CA GLY C 1316 -75.87 122.50 -110.70
C GLY C 1316 -75.66 123.85 -111.37
N CYS C 1317 -76.47 124.17 -112.37
CA CYS C 1317 -76.37 125.43 -113.08
C CYS C 1317 -77.75 125.96 -113.40
N THR C 1318 -77.85 127.29 -113.49
CA THR C 1318 -79.08 127.96 -113.91
C THR C 1318 -78.74 128.91 -115.05
N ALA C 1319 -79.65 128.99 -116.02
CA ALA C 1319 -79.42 129.79 -117.22
C ALA C 1319 -79.85 131.24 -117.00
N CYS C 1320 -79.10 132.15 -117.62
CA CYS C 1320 -79.46 133.56 -117.58
C CYS C 1320 -80.85 133.76 -118.18
N SER C 1321 -81.68 134.53 -117.47
CA SER C 1321 -83.05 134.73 -117.90
C SER C 1321 -83.13 135.55 -119.18
N GLU C 1322 -84.28 135.48 -119.84
CA GLU C 1322 -84.49 136.23 -121.07
C GLU C 1322 -84.35 137.73 -120.81
N GLY C 1323 -83.71 138.42 -121.75
CA GLY C 1323 -83.39 139.82 -121.59
C GLY C 1323 -82.05 140.10 -120.94
N THR C 1324 -81.29 139.06 -120.61
CA THR C 1324 -79.96 139.23 -120.03
C THR C 1324 -79.02 138.20 -120.67
N TYR C 1325 -77.75 138.58 -120.78
CA TYR C 1325 -76.76 137.73 -121.43
C TYR C 1325 -75.54 137.55 -120.51
N HIS C 1326 -74.88 136.41 -120.66
CA HIS C 1326 -73.88 135.97 -119.69
C HIS C 1326 -72.50 136.49 -120.08
N THR C 1327 -71.93 137.30 -119.19
CA THR C 1327 -70.54 137.74 -119.26
C THR C 1327 -70.13 138.19 -117.86
N ASP C 1328 -69.02 138.92 -117.76
CA ASP C 1328 -68.57 139.42 -116.47
C ASP C 1328 -69.37 140.65 -116.06
N GLY C 1329 -69.95 140.60 -114.86
CA GLY C 1329 -70.66 141.73 -114.31
C GLY C 1329 -69.78 142.61 -113.45
N VAL C 1330 -68.72 143.17 -114.04
CA VAL C 1330 -67.74 143.92 -113.28
C VAL C 1330 -68.36 145.21 -112.75
N GLY C 1331 -69.05 145.96 -113.60
CA GLY C 1331 -69.58 147.26 -113.25
C GLY C 1331 -70.94 147.27 -112.62
N THR C 1332 -71.53 146.12 -112.34
CA THR C 1332 -72.87 146.07 -111.77
C THR C 1332 -72.82 146.29 -110.26
N THR C 1333 -74.01 146.40 -109.65
CA THR C 1333 -74.09 146.56 -108.21
C THR C 1333 -73.56 145.33 -107.48
N THR C 1334 -73.90 144.14 -107.96
CA THR C 1334 -73.47 142.89 -107.33
C THR C 1334 -72.69 142.05 -108.33
N PRO C 1335 -71.36 142.07 -108.29
CA PRO C 1335 -70.57 141.21 -109.19
C PRO C 1335 -70.50 139.79 -108.65
N GLY C 1336 -70.77 138.82 -109.52
CA GLY C 1336 -70.88 137.44 -109.11
C GLY C 1336 -69.66 136.59 -109.38
N GLU C 1337 -68.51 137.20 -109.59
CA GLU C 1337 -67.28 136.46 -109.85
C GLU C 1337 -66.69 135.93 -108.55
N ALA C 1338 -65.97 134.81 -108.66
CA ALA C 1338 -65.32 134.21 -107.50
C ALA C 1338 -64.11 135.03 -107.07
N THR C 1339 -63.94 135.18 -105.77
CA THR C 1339 -62.82 135.94 -105.24
C THR C 1339 -61.50 135.18 -105.42
N SER C 1340 -60.40 135.93 -105.31
CA SER C 1340 -59.07 135.33 -105.48
C SER C 1340 -58.75 134.35 -104.36
N LEU C 1341 -59.30 134.58 -103.16
CA LEU C 1341 -59.09 133.64 -102.06
C LEU C 1341 -59.66 132.27 -102.39
N ASP C 1342 -60.78 132.23 -103.12
CA ASP C 1342 -61.39 130.96 -103.45
C ASP C 1342 -60.62 130.20 -104.52
N THR C 1343 -59.89 130.92 -105.39
CA THR C 1343 -59.22 130.29 -106.52
C THR C 1343 -57.74 130.05 -106.26
N THR C 1344 -56.96 131.12 -106.04
CA THR C 1344 -55.52 130.97 -105.94
C THR C 1344 -55.08 130.56 -104.54
N ASP C 1345 -55.67 131.14 -103.50
CA ASP C 1345 -55.31 130.78 -102.14
C ASP C 1345 -55.75 129.36 -101.79
N THR C 1346 -56.67 128.77 -102.56
CA THR C 1346 -57.23 127.47 -102.23
C THR C 1346 -56.86 126.39 -103.26
N PHE C 1347 -57.19 126.59 -104.53
CA PHE C 1347 -56.98 125.58 -105.56
C PHE C 1347 -55.72 125.82 -106.38
N GLY C 1348 -54.95 126.86 -106.09
CA GLY C 1348 -53.82 127.15 -106.96
C GLY C 1348 -54.27 127.73 -108.29
N SER C 1349 -53.47 127.48 -109.32
CA SER C 1349 -53.68 128.07 -110.63
C SER C 1349 -54.50 127.20 -111.57
N ILE C 1350 -55.03 126.07 -111.08
CA ILE C 1350 -55.79 125.19 -111.97
C ILE C 1350 -57.20 125.71 -112.22
N TYR C 1351 -57.71 126.59 -111.37
CA TYR C 1351 -59.09 127.09 -111.46
C TYR C 1351 -59.07 128.61 -111.46
N PRO C 1352 -58.89 129.23 -112.63
CA PRO C 1352 -58.91 130.69 -112.70
C PRO C 1352 -60.34 131.23 -112.65
N ILE C 1353 -60.43 132.53 -112.44
CA ILE C 1353 -61.73 133.20 -112.31
C ILE C 1353 -62.35 133.36 -113.70
N ILE C 1354 -63.64 133.03 -113.79
CA ILE C 1354 -64.36 133.07 -115.07
C ILE C 1354 -65.66 133.84 -114.89
N PRO C 1355 -66.18 134.43 -115.96
CA PRO C 1355 -67.41 135.23 -115.85
C PRO C 1355 -68.65 134.37 -115.77
N ASN C 1356 -69.51 134.65 -114.79
CA ASN C 1356 -70.78 133.95 -114.63
C ASN C 1356 -71.88 134.91 -114.21
N THR C 1357 -71.97 136.08 -114.86
CA THR C 1357 -72.99 137.05 -114.51
C THR C 1357 -73.92 137.31 -115.69
N CYS C 1358 -75.13 137.76 -115.40
CA CYS C 1358 -76.13 138.08 -116.42
C CYS C 1358 -76.28 139.60 -116.48
N ARG C 1359 -75.73 140.20 -117.54
CA ARG C 1359 -75.83 141.64 -117.77
C ARG C 1359 -77.08 141.96 -118.59
N GLN C 1360 -77.66 143.11 -118.30
CA GLN C 1360 -78.87 143.55 -118.99
C GLN C 1360 -78.57 143.93 -120.44
N CYS C 1361 -79.56 143.70 -121.30
CA CYS C 1361 -79.43 144.12 -122.69
C CYS C 1361 -79.64 145.62 -122.82
N PRO C 1362 -78.94 146.27 -123.75
CA PRO C 1362 -79.00 147.74 -123.83
C PRO C 1362 -80.30 148.26 -124.42
N ALA C 1363 -80.36 149.58 -124.61
CA ALA C 1363 -81.54 150.20 -125.20
C ALA C 1363 -81.69 149.80 -126.66
N ASN C 1364 -82.94 149.74 -127.11
CA ASN C 1364 -83.32 149.41 -128.48
C ASN C 1364 -82.91 147.99 -128.88
N THR C 1365 -82.49 147.16 -127.92
CA THR C 1365 -82.08 145.80 -128.20
C THR C 1365 -82.88 144.84 -127.33
N TYR C 1366 -83.04 143.61 -127.82
CA TYR C 1366 -83.86 142.61 -127.15
C TYR C 1366 -83.14 141.26 -127.18
N LEU C 1367 -83.53 140.39 -126.24
CA LEU C 1367 -82.95 139.06 -126.13
C LEU C 1367 -84.07 138.05 -125.89
N PRO C 1368 -84.47 137.31 -126.92
CA PRO C 1368 -85.52 136.30 -126.75
C PRO C 1368 -85.01 134.90 -126.45
N LEU C 1369 -83.69 134.71 -126.30
CA LEU C 1369 -83.09 133.39 -126.12
C LEU C 1369 -82.45 133.33 -124.75
N ARG C 1370 -82.97 132.46 -123.90
CA ARG C 1370 -82.39 132.26 -122.58
C ARG C 1370 -81.15 131.36 -122.67
N GLY C 1371 -80.29 131.47 -121.67
CA GLY C 1371 -79.07 130.69 -121.65
C GLY C 1371 -78.12 131.04 -122.78
N GLN C 1372 -77.97 132.34 -123.04
CA GLN C 1372 -77.06 132.84 -124.07
C GLN C 1372 -75.97 133.67 -123.41
N ALA C 1373 -74.83 133.76 -124.09
CA ALA C 1373 -73.67 134.43 -123.53
C ALA C 1373 -72.92 135.17 -124.65
N ALA C 1374 -72.14 136.16 -124.24
CA ALA C 1374 -71.35 136.93 -125.19
C ALA C 1374 -70.20 136.09 -125.75
N ILE C 1375 -70.02 136.15 -127.06
CA ILE C 1375 -69.01 135.34 -127.73
C ILE C 1375 -67.66 136.02 -127.58
N ALA C 1376 -66.66 135.26 -127.10
CA ALA C 1376 -65.33 135.79 -126.90
C ALA C 1376 -64.51 135.70 -128.18
N SER C 1377 -63.42 136.45 -128.21
CA SER C 1377 -62.45 136.40 -129.30
C SER C 1377 -61.06 136.51 -128.69
N MET C 1378 -60.35 135.37 -128.64
CA MET C 1378 -59.07 135.33 -127.93
C MET C 1378 -58.02 136.21 -128.57
N ASN C 1379 -58.23 136.64 -129.82
CA ASN C 1379 -57.31 137.52 -130.53
C ASN C 1379 -58.08 138.80 -130.84
N LEU C 1380 -58.07 139.73 -129.88
CA LEU C 1380 -58.88 140.94 -129.98
C LEU C 1380 -58.30 141.97 -130.94
N ALA C 1381 -57.07 141.78 -131.41
CA ALA C 1381 -56.49 142.71 -132.37
C ALA C 1381 -57.26 142.71 -133.68
N ALA C 1382 -57.66 141.53 -134.15
CA ALA C 1382 -58.35 141.42 -135.44
C ALA C 1382 -59.87 141.42 -135.27
N VAL C 1383 -60.40 140.45 -134.51
CA VAL C 1383 -61.82 140.29 -134.31
C VAL C 1383 -62.14 140.53 -132.84
N SER C 1384 -63.16 141.34 -132.59
CA SER C 1384 -63.53 141.70 -131.23
C SER C 1384 -64.64 140.79 -130.70
N SER C 1385 -64.79 140.80 -129.38
CA SER C 1385 -65.85 140.03 -128.74
C SER C 1385 -67.21 140.64 -129.07
N ALA C 1386 -68.20 139.78 -129.28
CA ALA C 1386 -69.53 140.19 -129.67
C ALA C 1386 -70.56 139.65 -128.68
N THR C 1387 -71.66 140.38 -128.55
CA THR C 1387 -72.73 140.02 -127.62
C THR C 1387 -73.94 139.49 -128.39
N PRO C 1388 -74.72 138.57 -127.80
CA PRO C 1388 -75.90 138.02 -128.46
C PRO C 1388 -77.15 138.87 -128.23
N CYS C 1389 -77.04 140.17 -128.45
CA CYS C 1389 -78.17 141.09 -128.31
C CYS C 1389 -78.67 141.41 -129.71
N ARG C 1390 -79.77 140.79 -130.10
CA ARG C 1390 -80.34 141.02 -131.42
C ARG C 1390 -80.90 142.44 -131.50
N PRO C 1391 -80.87 143.06 -132.68
CA PRO C 1391 -81.43 144.40 -132.84
C PRO C 1391 -82.92 144.38 -133.11
N CYS C 1392 -83.63 145.31 -132.48
CA CYS C 1392 -85.08 145.40 -132.65
C CYS C 1392 -85.43 145.83 -134.07
N GLU C 1393 -86.60 145.41 -134.53
CA GLU C 1393 -87.03 145.74 -135.87
C GLU C 1393 -87.39 147.22 -135.98
N ASP C 1394 -87.37 147.73 -137.21
CA ASP C 1394 -87.78 149.10 -137.45
C ASP C 1394 -89.26 149.27 -137.13
N GLY C 1395 -89.59 150.41 -136.53
CA GLY C 1395 -90.92 150.62 -135.99
C GLY C 1395 -91.13 150.06 -134.60
N THR C 1396 -90.11 149.41 -134.02
CA THR C 1396 -90.17 148.85 -132.68
C THR C 1396 -88.92 149.25 -131.92
N TRP C 1397 -89.08 149.63 -130.66
CA TRP C 1397 -87.98 150.20 -129.89
C TRP C 1397 -87.53 149.30 -128.73
N SER C 1398 -88.44 148.98 -127.80
CA SER C 1398 -88.09 148.35 -126.51
C SER C 1398 -87.25 149.30 -125.66
N LYS C 1399 -87.31 149.15 -124.34
CA LYS C 1399 -86.64 150.11 -123.46
C LYS C 1399 -85.20 149.70 -123.17
N ALA C 1400 -85.03 148.58 -122.47
CA ALA C 1400 -83.71 148.02 -122.16
C ALA C 1400 -83.87 146.64 -121.55
N GLY C 1401 -83.15 145.66 -122.08
CA GLY C 1401 -83.23 144.31 -121.56
C GLY C 1401 -84.62 143.72 -121.64
N ALA C 1402 -85.29 143.88 -122.78
CA ALA C 1402 -86.65 143.41 -122.98
C ALA C 1402 -86.64 142.11 -123.76
N ALA C 1403 -87.57 141.21 -123.43
CA ALA C 1403 -87.68 139.95 -124.15
C ALA C 1403 -88.12 140.15 -125.59
N GLY C 1404 -88.83 141.25 -125.86
CA GLY C 1404 -89.31 141.55 -127.20
C GLY C 1404 -89.35 143.04 -127.42
N CYS C 1405 -89.75 143.44 -128.62
CA CYS C 1405 -89.80 144.83 -129.01
C CYS C 1405 -91.24 145.27 -129.22
N GLN C 1406 -91.59 146.39 -128.61
CA GLN C 1406 -92.91 146.99 -128.76
C GLN C 1406 -92.86 148.15 -129.74
N LYS C 1407 -94.03 148.61 -130.17
CA LYS C 1407 -94.14 149.56 -131.27
C LYS C 1407 -94.08 151.01 -130.79
N CYS C 1408 -93.61 151.89 -131.67
CA CYS C 1408 -93.63 153.32 -131.42
C CYS C 1408 -95.04 153.85 -131.55
N PRO C 1409 -95.35 154.98 -130.92
CA PRO C 1409 -96.70 155.53 -131.00
C PRO C 1409 -97.02 156.00 -132.41
N PRO C 1410 -98.31 156.06 -132.78
CA PRO C 1410 -98.67 156.48 -134.14
C PRO C 1410 -98.49 157.97 -134.38
N GLY C 1411 -97.33 158.50 -134.01
CA GLY C 1411 -96.97 159.87 -134.32
C GLY C 1411 -95.48 159.93 -134.62
N THR C 1412 -94.86 158.76 -134.72
CA THR C 1412 -93.42 158.64 -134.86
C THR C 1412 -93.10 157.47 -135.78
N TYR C 1413 -91.83 157.40 -136.17
CA TYR C 1413 -91.29 156.31 -136.95
C TYR C 1413 -89.96 155.90 -136.36
N ARG C 1414 -89.60 154.64 -136.55
CA ARG C 1414 -88.28 154.14 -136.18
C ARG C 1414 -87.67 153.45 -137.39
N ASN C 1415 -86.64 154.06 -137.96
CA ASN C 1415 -85.93 153.50 -139.11
C ASN C 1415 -84.43 153.53 -138.83
N THR C 1416 -83.74 152.50 -139.32
CA THR C 1416 -82.32 152.36 -139.08
C THR C 1416 -81.45 153.08 -140.09
N TRP C 1417 -82.05 153.69 -141.12
CA TRP C 1417 -81.28 154.30 -142.19
C TRP C 1417 -81.23 155.82 -142.11
N PHE C 1418 -82.08 156.45 -141.32
CA PHE C 1418 -82.05 157.90 -141.19
C PHE C 1418 -82.71 158.29 -139.88
N SER C 1419 -82.37 159.50 -139.42
CA SER C 1419 -82.95 160.05 -138.20
C SER C 1419 -83.10 161.55 -138.36
N GLY C 1420 -84.00 162.13 -137.58
CA GLY C 1420 -84.31 163.54 -137.70
C GLY C 1420 -85.26 163.82 -138.84
N GLN C 1421 -85.64 165.09 -138.94
CA GLN C 1421 -86.61 165.55 -139.93
C GLN C 1421 -86.04 166.75 -140.68
N LEU C 1422 -86.48 166.90 -141.92
CA LEU C 1422 -86.05 167.99 -142.78
C LEU C 1422 -87.13 169.07 -142.80
N GLY C 1423 -86.81 170.23 -142.25
CA GLY C 1423 -87.77 171.30 -142.14
C GLY C 1423 -88.12 171.92 -143.47
N SER C 1424 -89.21 172.68 -143.47
CA SER C 1424 -89.68 173.33 -144.68
C SER C 1424 -88.74 174.48 -145.05
N PRO C 1425 -88.17 174.49 -146.26
CA PRO C 1425 -87.32 175.63 -146.66
C PRO C 1425 -88.11 176.84 -147.12
N PHE C 1426 -89.36 176.65 -147.55
CA PHE C 1426 -90.16 177.75 -148.07
C PHE C 1426 -90.66 178.69 -146.99
N ILE C 1427 -90.51 178.34 -145.71
CA ILE C 1427 -90.83 179.26 -144.63
C ILE C 1427 -89.60 180.02 -144.13
N THR C 1428 -88.40 179.50 -144.38
CA THR C 1428 -87.17 180.23 -144.08
C THR C 1428 -86.82 181.16 -145.22
N ALA C 1429 -86.27 182.33 -144.86
CA ALA C 1429 -85.93 183.33 -145.88
C ALA C 1429 -84.86 182.80 -146.83
N ASP C 1430 -83.85 182.11 -146.29
CA ASP C 1430 -82.76 181.60 -147.11
C ASP C 1430 -83.18 180.41 -147.97
N GLY C 1431 -84.26 179.73 -147.63
CA GLY C 1431 -84.70 178.59 -148.40
C GLY C 1431 -83.87 177.33 -148.21
N VAL C 1432 -83.14 177.22 -147.12
CA VAL C 1432 -82.35 176.04 -146.80
C VAL C 1432 -83.13 175.22 -145.78
N PRO C 1433 -83.49 173.97 -146.09
CA PRO C 1433 -84.19 173.15 -145.09
C PRO C 1433 -83.36 172.96 -143.84
N VAL C 1434 -84.03 172.92 -142.69
CA VAL C 1434 -83.38 172.84 -141.40
C VAL C 1434 -83.37 171.39 -140.95
N ALA C 1435 -82.22 170.92 -140.46
CA ALA C 1435 -82.07 169.57 -139.96
C ALA C 1435 -82.43 169.56 -138.48
N THR C 1436 -83.63 169.10 -138.16
CA THR C 1436 -84.12 169.05 -136.79
C THR C 1436 -84.33 167.60 -136.38
N THR C 1437 -84.09 167.32 -135.10
CA THR C 1437 -84.22 165.98 -134.54
C THR C 1437 -85.19 166.06 -133.36
N LEU C 1438 -86.48 165.92 -133.64
CA LEU C 1438 -87.51 165.99 -132.62
C LEU C 1438 -87.86 164.59 -132.15
N THR C 1439 -87.77 164.38 -130.84
CA THR C 1439 -88.07 163.09 -130.23
C THR C 1439 -89.09 163.28 -129.11
N GLU C 1440 -89.97 162.28 -128.96
CA GLU C 1440 -90.92 162.30 -127.85
C GLU C 1440 -90.21 162.10 -126.53
N LEU C 1441 -90.78 162.67 -125.47
CA LEU C 1441 -90.16 162.60 -124.15
C LEU C 1441 -90.13 161.16 -123.63
N GLY C 1442 -91.22 160.42 -123.81
CA GLY C 1442 -91.34 159.09 -123.25
C GLY C 1442 -90.73 157.97 -124.05
N SER C 1443 -90.11 158.27 -125.18
CA SER C 1443 -89.51 157.24 -126.02
C SER C 1443 -88.32 157.85 -126.77
N GLY C 1444 -87.85 157.14 -127.79
CA GLY C 1444 -86.75 157.62 -128.60
C GLY C 1444 -87.09 157.71 -130.07
N CYS C 1445 -88.26 157.22 -130.46
CA CYS C 1445 -88.69 157.27 -131.84
C CYS C 1445 -88.84 158.73 -132.29
N SER C 1446 -88.27 159.05 -133.45
CA SER C 1446 -88.32 160.41 -133.95
C SER C 1446 -89.71 160.74 -134.48
N GLN C 1447 -90.16 161.96 -134.22
CA GLN C 1447 -91.46 162.41 -134.72
C GLN C 1447 -91.44 162.44 -136.25
N CYS C 1448 -92.60 162.17 -136.84
CA CYS C 1448 -92.69 162.12 -138.29
C CYS C 1448 -92.40 163.50 -138.88
N PRO C 1449 -91.82 163.55 -140.08
CA PRO C 1449 -91.52 164.84 -140.69
C PRO C 1449 -92.78 165.62 -140.96
N PRO C 1450 -92.72 166.96 -140.96
CA PRO C 1450 -93.89 167.75 -141.35
C PRO C 1450 -94.31 167.42 -142.78
N GLY C 1451 -95.62 167.42 -143.00
CA GLY C 1451 -96.17 166.94 -144.25
C GLY C 1451 -96.36 165.44 -144.31
N THR C 1452 -95.97 164.71 -143.27
CA THR C 1452 -96.11 163.28 -143.19
C THR C 1452 -96.85 162.92 -141.91
N TYR C 1453 -97.33 161.69 -141.84
CA TYR C 1453 -98.12 161.25 -140.70
C TYR C 1453 -97.94 159.75 -140.50
N ALA C 1454 -98.30 159.29 -139.30
CA ALA C 1454 -98.16 157.89 -138.90
C ALA C 1454 -99.54 157.33 -138.59
N PRO C 1455 -100.22 156.72 -139.57
CA PRO C 1455 -101.56 156.17 -139.31
C PRO C 1455 -101.61 155.19 -138.15
N THR C 1456 -100.61 154.33 -138.01
CA THR C 1456 -100.61 153.28 -137.00
C THR C 1456 -99.34 153.34 -136.17
N PHE C 1457 -99.22 152.41 -135.22
CA PHE C 1457 -98.11 152.42 -134.28
C PHE C 1457 -96.78 152.15 -134.98
N GLY C 1458 -96.64 150.97 -135.59
CA GLY C 1458 -95.38 150.57 -136.16
C GLY C 1458 -95.17 150.99 -137.60
N MET C 1459 -94.40 152.05 -137.81
CA MET C 1459 -94.05 152.52 -139.15
C MET C 1459 -92.56 152.78 -139.23
N SER C 1460 -91.99 152.52 -140.40
CA SER C 1460 -90.59 152.83 -140.66
C SER C 1460 -90.43 154.09 -141.50
N VAL C 1461 -91.35 154.36 -142.42
CA VAL C 1461 -91.35 155.58 -143.21
C VAL C 1461 -92.72 156.24 -143.10
N CYS C 1462 -92.74 157.50 -142.70
CA CYS C 1462 -94.00 158.22 -142.55
C CYS C 1462 -94.57 158.58 -143.92
N LEU C 1463 -95.83 158.23 -144.14
CA LEU C 1463 -96.44 158.43 -145.45
C LEU C 1463 -96.69 159.91 -145.69
N PRO C 1464 -96.28 160.46 -146.84
CA PRO C 1464 -96.61 161.85 -147.16
C PRO C 1464 -98.12 162.05 -147.24
N CYS C 1465 -98.56 163.23 -146.80
CA CYS C 1465 -99.98 163.57 -146.87
C CYS C 1465 -100.42 163.65 -148.34
N PRO C 1466 -101.63 163.20 -148.66
CA PRO C 1466 -102.07 163.19 -150.07
C PRO C 1466 -102.30 164.59 -150.63
N ALA C 1467 -102.71 164.65 -151.89
CA ALA C 1467 -102.98 165.93 -152.53
C ALA C 1467 -104.21 166.60 -151.91
N GLY C 1468 -104.17 167.92 -151.85
CA GLY C 1468 -105.25 168.70 -151.28
C GLY C 1468 -105.23 168.85 -149.78
N THR C 1469 -104.49 168.01 -149.08
CA THR C 1469 -104.39 168.06 -147.62
C THR C 1469 -102.96 168.42 -147.23
N PHE C 1470 -102.83 169.21 -146.18
CA PHE C 1470 -101.55 169.76 -145.78
C PHE C 1470 -101.22 169.35 -144.35
N ALA C 1471 -99.95 169.49 -143.99
CA ALA C 1471 -99.50 169.29 -142.62
C ALA C 1471 -98.30 170.22 -142.39
N SER C 1472 -98.59 171.41 -141.87
CA SER C 1472 -97.56 172.39 -141.58
C SER C 1472 -96.83 172.11 -140.28
N ALA C 1473 -97.31 171.17 -139.48
CA ALA C 1473 -96.75 170.82 -138.19
C ALA C 1473 -95.99 169.50 -138.28
N PRO C 1474 -95.08 169.23 -137.34
CA PRO C 1474 -94.40 167.93 -137.32
C PRO C 1474 -95.37 166.77 -137.11
N GLY C 1475 -94.83 165.55 -137.11
CA GLY C 1475 -95.61 164.32 -137.12
C GLY C 1475 -96.86 164.25 -136.28
N ALA C 1476 -97.97 163.88 -136.91
CA ALA C 1476 -99.23 163.65 -136.24
C ALA C 1476 -99.83 162.36 -136.79
N THR C 1477 -100.95 161.95 -136.22
CA THR C 1477 -101.59 160.71 -136.67
C THR C 1477 -102.39 160.91 -137.95
N ALA C 1478 -102.76 162.14 -138.29
CA ALA C 1478 -103.55 162.39 -139.48
C ALA C 1478 -103.47 163.88 -139.81
N CYS C 1479 -103.31 164.17 -141.10
CA CYS C 1479 -103.24 165.53 -141.58
C CYS C 1479 -104.60 165.98 -142.11
N GLN C 1480 -104.81 167.29 -142.14
CA GLN C 1480 -106.11 167.87 -142.41
C GLN C 1480 -106.21 168.40 -143.84
N GLN C 1481 -107.44 168.40 -144.37
CA GLN C 1481 -107.71 168.97 -145.67
C GLN C 1481 -107.60 170.50 -145.62
N THR C 1895 -99.02 135.24 -181.49
CA THR C 1895 -97.57 135.21 -181.51
C THR C 1895 -97.04 133.98 -180.79
N SER C 1896 -95.91 133.47 -181.25
CA SER C 1896 -95.31 132.28 -180.66
C SER C 1896 -94.74 132.58 -179.28
N HYP C 1897 -94.73 131.55 -178.43
CA HYP C 1897 -94.22 131.68 -177.06
C HYP C 1897 -92.69 131.76 -176.99
O HYP C 1897 -92.07 131.71 -178.04
CB HYP C 1897 -94.80 130.48 -176.29
CG HYP C 1897 -95.72 129.83 -177.32
CD HYP C 1897 -96.07 130.99 -178.23
OD1 HYP C 1897 -96.87 129.27 -176.70
N HYP C 1898 -92.13 131.88 -175.79
CA HYP C 1898 -90.67 131.97 -175.66
C HYP C 1898 -89.98 130.61 -175.43
O HYP C 1898 -90.68 129.64 -175.21
CB HYP C 1898 -90.43 132.96 -174.51
CG HYP C 1898 -91.81 133.53 -174.25
CD HYP C 1898 -92.54 133.26 -175.55
OD1 HYP C 1898 -91.73 134.93 -173.97
N HYP C 1899 -88.66 130.58 -175.48
CA HYP C 1899 -87.91 129.33 -175.29
C HYP C 1899 -88.01 128.71 -173.89
O HYP C 1899 -87.65 129.38 -172.94
CB HYP C 1899 -86.50 129.74 -175.67
CG HYP C 1899 -86.71 130.71 -176.82
CD HYP C 1899 -88.21 130.97 -176.83
OD1 HYP C 1899 -86.32 130.12 -178.04
N SER C 1900 -88.49 127.47 -173.79
CA SER C 1900 -88.62 126.80 -172.51
C SER C 1900 -87.28 126.74 -171.78
N HYP C 1901 -87.32 126.90 -170.47
CA HYP C 1901 -86.11 126.97 -169.65
C HYP C 1901 -85.15 125.77 -169.72
O HYP C 1901 -85.51 124.76 -170.31
CB HYP C 1901 -86.67 127.19 -168.24
CG HYP C 1901 -87.91 128.04 -168.49
CD HYP C 1901 -88.01 128.11 -170.01
OD1 HYP C 1901 -87.72 129.32 -167.93
N HYP C 1902 -83.97 125.89 -169.13
CA HYP C 1902 -83.04 124.76 -169.01
C HYP C 1902 -83.47 123.75 -167.94
O HYP C 1902 -84.44 124.02 -167.25
CB HYP C 1902 -81.68 125.39 -168.71
CG HYP C 1902 -81.84 126.77 -169.31
CD HYP C 1902 -83.21 127.13 -168.82
OD1 HYP C 1902 -81.87 126.63 -170.72
N HYP C 1903 -82.77 122.63 -167.82
CA HYP C 1903 -83.02 121.71 -166.71
C HYP C 1903 -82.44 122.20 -165.38
O HYP C 1903 -81.24 122.42 -165.33
CB HYP C 1903 -82.44 120.36 -167.17
CG HYP C 1903 -82.62 120.46 -168.67
CD HYP C 1903 -82.12 121.87 -168.92
OD1 HYP C 1903 -84.00 120.38 -168.97
N SER C 1904 -83.27 122.38 -164.36
CA SER C 1904 -82.79 122.89 -163.08
C SER C 1904 -81.76 121.96 -162.46
N HYP C 1905 -81.02 122.46 -161.50
CA HYP C 1905 -79.96 121.66 -160.86
C HYP C 1905 -80.46 120.66 -159.81
O HYP C 1905 -81.64 120.68 -159.50
CB HYP C 1905 -78.99 122.70 -160.30
CG HYP C 1905 -79.24 123.92 -161.18
CD HYP C 1905 -80.20 123.42 -162.24
OD1 HYP C 1905 -78.03 124.38 -161.77
N HYP C 1906 -79.58 119.81 -159.31
CA HYP C 1906 -79.96 118.78 -158.33
C HYP C 1906 -80.03 119.26 -156.87
O HYP C 1906 -79.73 120.41 -156.62
CB HYP C 1906 -78.92 117.68 -158.53
CG HYP C 1906 -78.48 117.87 -159.98
CD HYP C 1906 -79.40 118.97 -160.50
OD1 HYP C 1906 -78.67 116.66 -160.70
N HYP C 1907 -80.44 118.39 -155.96
CA HYP C 1907 -80.35 118.72 -154.51
C HYP C 1907 -78.90 118.81 -154.01
O HYP C 1907 -78.01 118.56 -154.80
CB HYP C 1907 -81.18 117.63 -153.82
CG HYP C 1907 -82.22 117.32 -154.89
CD HYP C 1907 -81.35 117.25 -156.12
OD1 HYP C 1907 -83.11 118.42 -155.00
N HYP C 1908 -78.69 119.14 -152.75
CA HYP C 1908 -77.32 119.30 -152.24
C HYP C 1908 -76.64 118.01 -151.74
O HYP C 1908 -75.56 118.11 -151.18
CB HYP C 1908 -77.44 120.36 -151.15
CG HYP C 1908 -78.55 121.23 -151.72
CD HYP C 1908 -79.55 120.17 -152.11
OD1 HYP C 1908 -78.07 121.88 -152.88
N ARG C 1909 -77.26 116.86 -151.97
CA ARG C 1909 -76.69 115.54 -151.62
C ARG C 1909 -76.48 115.36 -150.11
N HYP C 1910 -76.28 114.10 -149.70
CA HYP C 1910 -76.17 113.76 -148.28
C HYP C 1910 -74.74 113.79 -147.71
O HYP C 1910 -73.82 114.02 -148.46
CB HYP C 1910 -76.81 112.37 -148.17
CG HYP C 1910 -77.57 112.21 -149.49
CD HYP C 1910 -77.63 113.63 -150.01
OD1 HYP C 1910 -78.87 111.67 -149.27
N HYP C 1911 -74.60 113.56 -146.41
CA HYP C 1911 -73.28 113.47 -145.79
C HYP C 1911 -72.72 112.04 -145.67
O HYP C 1911 -73.46 111.11 -145.94
CB HYP C 1911 -73.44 114.16 -144.42
CG HYP C 1911 -74.72 114.98 -144.58
CD HYP C 1911 -74.97 114.94 -146.08
OD1 HYP C 1911 -74.52 116.30 -144.10
N HYP C 1912 -71.46 111.90 -145.27
CA HYP C 1912 -70.86 110.57 -145.14
C HYP C 1912 -71.35 109.78 -143.93
O HYP C 1912 -72.15 110.30 -143.16
CB HYP C 1912 -69.35 110.88 -145.11
CG HYP C 1912 -69.23 112.18 -145.87
CD HYP C 1912 -70.65 112.46 -146.36
OD1 HYP C 1912 -68.33 112.05 -146.97
N HYP C 1913 -70.89 108.53 -143.78
CA HYP C 1913 -71.29 107.71 -142.65
C HYP C 1913 -70.43 107.83 -141.38
O HYP C 1913 -69.22 107.86 -141.50
CB HYP C 1913 -71.27 106.29 -143.24
CG HYP C 1913 -71.71 106.52 -144.68
CD HYP C 1913 -71.81 108.03 -144.80
OD1 HYP C 1913 -72.98 105.92 -144.89
N HYP C 1914 -71.06 107.88 -140.21
CA HYP C 1914 -70.35 107.90 -138.93
C HYP C 1914 -69.34 106.75 -138.75
O HYP C 1914 -69.73 105.61 -138.99
CB HYP C 1914 -71.43 107.84 -137.84
CG HYP C 1914 -72.70 108.15 -138.62
CD HYP C 1914 -72.44 107.43 -139.91
OD1 HYP C 1914 -72.76 109.55 -138.85
N HYP C 1915 -68.12 107.04 -138.31
CA HYP C 1915 -67.16 105.99 -138.02
C HYP C 1915 -67.64 104.96 -136.98
O HYP C 1915 -68.01 105.37 -135.89
CB HYP C 1915 -65.90 106.75 -137.56
CG HYP C 1915 -66.08 108.12 -138.16
CD HYP C 1915 -67.29 107.97 -139.07
OD1 HYP C 1915 -64.92 108.50 -138.90
N HYP C 1916 -67.62 103.68 -137.33
CA HYP C 1916 -68.05 102.61 -136.42
C HYP C 1916 -67.31 102.62 -135.06
O HYP C 1916 -66.32 103.31 -134.95
CB HYP C 1916 -67.77 101.31 -137.18
CG HYP C 1916 -67.10 101.77 -138.46
CD HYP C 1916 -66.49 103.09 -138.04
OD1 HYP C 1916 -68.09 102.01 -139.43
N HYP C 1917 -67.81 101.89 -134.07
CA HYP C 1917 -67.09 101.80 -132.80
C HYP C 1917 -65.74 101.07 -132.93
O HYP C 1917 -65.46 100.58 -134.01
CB HYP C 1917 -68.04 101.05 -131.84
CG HYP C 1917 -69.37 101.14 -132.55
CD HYP C 1917 -68.94 100.95 -133.99
OD1 HYP C 1917 -69.91 102.44 -132.38
N HYP C 1918 -64.94 101.02 -131.87
CA HYP C 1918 -63.72 100.19 -131.91
C HYP C 1918 -64.02 98.69 -131.95
O HYP C 1918 -65.03 98.29 -131.39
CB HYP C 1918 -62.92 100.61 -130.67
CG HYP C 1918 -63.38 102.04 -130.48
CD HYP C 1918 -64.86 101.90 -130.68
OD1 HYP C 1918 -62.83 102.83 -131.52
N SER C 1919 -63.18 97.90 -132.61
CA SER C 1919 -63.38 96.47 -132.67
C SER C 1919 -63.22 95.88 -131.28
N HYP C 1920 -63.91 94.78 -131.00
CA HYP C 1920 -63.86 94.15 -129.67
C HYP C 1920 -62.48 93.55 -129.34
O HYP C 1920 -61.62 93.57 -130.19
CB HYP C 1920 -64.96 93.09 -129.66
CG HYP C 1920 -65.82 93.51 -130.85
CD HYP C 1920 -64.76 93.92 -131.85
OD1 HYP C 1920 -66.59 94.63 -130.47
N HYP C 1921 -62.31 93.05 -128.12
CA HYP C 1921 -61.05 92.41 -127.74
C HYP C 1921 -61.00 90.91 -128.07
O HYP C 1921 -62.02 90.35 -128.41
CB HYP C 1921 -60.95 92.68 -126.23
CG HYP C 1921 -61.77 93.96 -126.06
CD HYP C 1921 -62.14 94.36 -127.47
OD1 HYP C 1921 -61.00 94.96 -125.43
N HYP C 1922 -59.82 90.30 -128.02
CA HYP C 1922 -59.70 88.86 -128.31
C HYP C 1922 -60.28 87.98 -127.21
O HYP C 1922 -60.71 88.52 -126.20
CB HYP C 1922 -58.19 88.60 -128.51
CG HYP C 1922 -57.64 90.00 -128.68
CD HYP C 1922 -58.46 90.77 -127.69
OD1 HYP C 1922 -57.94 90.45 -130.00
N HYP C 1923 -60.31 86.66 -127.40
CA HYP C 1923 -60.71 85.76 -126.31
C HYP C 1923 -59.62 85.65 -125.22
O HYP C 1923 -58.50 85.34 -125.57
CB HYP C 1923 -61.01 84.42 -126.99
CG HYP C 1923 -61.52 84.92 -128.34
CD HYP C 1923 -60.48 85.95 -128.68
OD1 HYP C 1923 -62.77 85.56 -128.13
N ASN C 1924 -59.97 85.91 -123.97
CA ASN C 1924 -59.02 85.84 -122.86
C ASN C 1924 -58.30 84.50 -122.85
N ARG C 1925 -56.99 84.56 -123.09
CA ARG C 1925 -56.19 83.35 -123.18
C ARG C 1925 -56.23 82.58 -121.87
N SER C 1926 -56.23 81.25 -121.98
CA SER C 1926 -56.34 80.40 -120.79
C SER C 1926 -54.98 80.19 -120.14
N HYP C 1927 -55.00 79.87 -118.85
CA HYP C 1927 -53.76 79.66 -118.10
C HYP C 1927 -53.04 78.34 -118.42
O HYP C 1927 -53.63 77.49 -119.05
CB HYP C 1927 -54.19 79.75 -116.63
CG HYP C 1927 -55.44 80.62 -116.69
CD HYP C 1927 -55.52 81.05 -118.15
OD1 HYP C 1927 -55.30 81.75 -115.84
N HYP C 1928 -51.79 78.20 -117.99
CA HYP C 1928 -51.02 76.98 -118.26
C HYP C 1928 -51.45 75.75 -117.45
O HYP C 1928 -52.38 75.86 -116.68
CB HYP C 1928 -49.58 77.41 -117.98
CG HYP C 1928 -49.57 78.87 -118.40
CD HYP C 1928 -51.02 79.17 -118.77
OD1 HYP C 1928 -48.73 79.04 -119.53
N HYP C 1929 -50.76 74.63 -117.63
CA HYP C 1929 -51.00 73.47 -116.79
C HYP C 1929 -50.23 73.53 -115.46
O HYP C 1929 -49.35 74.36 -115.35
CB HYP C 1929 -50.61 72.28 -117.66
CG HYP C 1929 -50.92 72.77 -119.07
CD HYP C 1929 -51.42 74.19 -118.87
OD1 HYP C 1929 -51.92 71.93 -119.63
N HYP C 1930 -50.57 72.69 -114.50
CA HYP C 1930 -49.75 72.58 -113.29
C HYP C 1930 -48.46 71.80 -113.56
O HYP C 1930 -48.34 71.26 -114.65
CB HYP C 1930 -50.64 71.90 -112.24
CG HYP C 1930 -52.03 72.16 -112.81
CD HYP C 1930 -51.79 71.90 -114.28
OD1 HYP C 1930 -52.34 73.52 -112.63
N HYP C 1931 -47.52 71.77 -112.64
CA HYP C 1931 -46.31 70.97 -112.83
C HYP C 1931 -46.45 69.54 -112.27
O HYP C 1931 -47.39 69.30 -111.53
CB HYP C 1931 -45.18 71.77 -112.15
CG HYP C 1931 -45.84 73.12 -111.90
CD HYP C 1931 -47.01 73.12 -112.86
OD1 HYP C 1931 -44.95 74.22 -112.13
N HYP C 1932 -45.58 68.63 -112.66
CA HYP C 1932 -45.60 67.27 -112.09
C HYP C 1932 -45.38 67.23 -110.57
O HYP C 1932 -44.46 67.88 -110.12
CB HYP C 1932 -44.53 66.50 -112.87
CG HYP C 1932 -44.59 67.19 -114.22
CD HYP C 1932 -44.63 68.64 -113.80
OD1 HYP C 1932 -45.83 66.83 -114.84
N ALA C 1933 -46.22 66.51 -109.84
CA ALA C 1933 -46.06 66.37 -108.39
C ALA C 1933 -44.63 65.96 -108.08
N SER C 1934 -43.87 66.90 -107.53
CA SER C 1934 -42.45 66.70 -107.32
C SER C 1934 -42.20 65.61 -106.28
N SER C 1935 -40.95 65.15 -106.23
CA SER C 1935 -40.57 64.07 -105.35
C SER C 1935 -40.22 64.59 -103.96
N ALA C 1936 -39.96 63.66 -103.04
CA ALA C 1936 -39.62 64.03 -101.67
C ALA C 1936 -38.29 64.76 -101.63
N ILE C 1937 -38.14 65.63 -100.63
CA ILE C 1937 -36.92 66.42 -100.47
C ILE C 1937 -35.83 65.55 -99.87
N ASN C 1938 -34.60 66.03 -99.93
CA ASN C 1938 -33.46 65.23 -99.50
C ASN C 1938 -33.54 64.96 -98.00
N PRO C 1939 -33.16 63.77 -97.56
CA PRO C 1939 -33.28 63.43 -96.14
C PRO C 1939 -32.33 64.23 -95.26
N GLY C 1940 -32.70 64.34 -93.99
CA GLY C 1940 -31.85 64.96 -93.00
C GLY C 1940 -31.65 66.45 -93.18
N GLY C 1941 -32.69 67.16 -93.60
CA GLY C 1941 -32.62 68.61 -93.75
C GLY C 1941 -32.99 69.29 -92.45
N GLY C 1942 -32.16 70.25 -92.04
CA GLY C 1942 -32.39 70.96 -90.81
C GLY C 1942 -31.91 70.25 -89.57
N VAL C 1943 -31.24 69.12 -89.70
CA VAL C 1943 -30.74 68.35 -88.58
C VAL C 1943 -29.25 68.64 -88.45
N ASN C 1944 -28.87 69.32 -87.38
CA ASN C 1944 -27.49 69.71 -87.18
C ASN C 1944 -26.68 68.56 -86.61
N GLN C 1945 -25.36 68.69 -86.68
CA GLN C 1945 -24.41 67.70 -86.22
C GLN C 1945 -24.52 66.40 -87.01
N ASN C 1946 -25.35 66.40 -88.06
CA ASN C 1946 -25.59 65.22 -88.88
C ASN C 1946 -26.11 64.06 -88.04
N GLY C 1947 -26.24 62.89 -88.65
CA GLY C 1947 -26.76 61.76 -87.91
C GLY C 1947 -26.63 60.48 -88.69
N ASP C 1948 -27.25 59.44 -88.15
CA ASP C 1948 -27.22 58.13 -88.80
C ASP C 1948 -27.99 58.20 -90.11
N PRO C 1949 -27.44 57.71 -91.22
CA PRO C 1949 -28.17 57.71 -92.48
C PRO C 1949 -29.45 56.88 -92.37
N VAL C 1950 -30.51 57.35 -93.02
CA VAL C 1950 -31.82 56.75 -92.91
C VAL C 1950 -31.82 55.30 -93.37
N THR D 44 24.29 -26.48 -30.63
CA THR D 44 24.91 -26.33 -29.31
C THR D 44 26.44 -26.42 -29.42
N TYR D 45 27.13 -25.86 -28.43
CA TYR D 45 28.58 -25.84 -28.42
C TYR D 45 29.09 -26.17 -27.02
N THR D 46 29.98 -27.14 -26.94
CA THR D 46 30.65 -27.52 -25.70
C THR D 46 32.07 -26.97 -25.74
N LEU D 47 32.41 -26.15 -24.74
CA LEU D 47 33.69 -25.47 -24.69
C LEU D 47 34.46 -25.94 -23.46
N THR D 48 35.77 -26.13 -23.63
CA THR D 48 36.66 -26.33 -22.51
C THR D 48 37.72 -25.23 -22.54
N LEU D 49 38.05 -24.72 -21.36
CA LEU D 49 39.03 -23.64 -21.24
C LEU D 49 39.70 -23.75 -19.89
N ASP D 50 41.03 -23.86 -19.89
CA ASP D 50 41.76 -23.97 -18.64
C ASP D 50 43.18 -23.49 -18.87
N LYS D 51 43.80 -22.96 -17.83
CA LYS D 51 45.19 -22.53 -17.94
C LYS D 51 46.11 -23.74 -18.00
N LEU D 52 47.16 -23.62 -18.81
CA LEU D 52 48.28 -24.55 -18.74
C LEU D 52 49.55 -23.85 -18.29
N GLY D 53 49.92 -22.74 -18.94
CA GLY D 53 50.76 -21.70 -18.37
C GLY D 53 51.84 -22.21 -17.45
N PRO D 54 51.84 -21.72 -16.21
CA PRO D 54 52.56 -22.41 -15.14
C PRO D 54 51.65 -23.43 -14.48
N THR D 55 52.22 -24.61 -14.21
CA THR D 55 51.44 -25.67 -13.58
C THR D 55 50.93 -25.24 -12.21
N VAL D 56 51.79 -24.59 -11.42
CA VAL D 56 51.38 -24.00 -10.15
C VAL D 56 50.68 -22.68 -10.46
N ASN D 57 50.00 -22.12 -9.46
CA ASN D 57 49.34 -20.84 -9.66
C ASN D 57 50.37 -19.76 -9.99
N PRO D 58 50.09 -18.90 -10.96
CA PRO D 58 51.08 -17.89 -11.34
C PRO D 58 51.17 -16.77 -10.30
N THR D 59 52.24 -16.01 -10.40
CA THR D 59 52.43 -14.80 -9.61
C THR D 59 52.31 -13.59 -10.53
N THR D 60 52.52 -12.41 -9.95
CA THR D 60 52.49 -11.19 -10.75
C THR D 60 53.67 -11.10 -11.71
N SER D 61 54.69 -11.95 -11.54
CA SER D 61 55.84 -11.98 -12.43
C SER D 61 55.85 -13.21 -13.32
N ASP D 62 54.70 -13.85 -13.51
CA ASP D 62 54.58 -15.04 -14.34
C ASP D 62 53.60 -14.78 -15.48
N ALA D 63 53.88 -15.34 -16.65
CA ALA D 63 53.03 -15.22 -17.82
C ALA D 63 52.19 -16.48 -17.95
N VAL D 64 50.89 -16.30 -18.17
CA VAL D 64 49.93 -17.39 -18.21
C VAL D 64 49.60 -17.71 -19.66
N THR D 65 49.64 -18.99 -20.01
CA THR D 65 49.22 -19.47 -21.32
C THR D 65 48.12 -20.51 -21.14
N PHE D 66 47.05 -20.38 -21.91
CA PHE D 66 45.84 -21.16 -21.73
C PHE D 66 45.73 -22.26 -22.77
N THR D 67 44.68 -23.06 -22.63
CA THR D 67 44.28 -24.03 -23.63
C THR D 67 42.76 -24.11 -23.63
N ALA D 68 42.17 -23.94 -24.81
CA ALA D 68 40.72 -23.94 -24.97
C ALA D 68 40.36 -24.64 -26.26
N THR D 69 39.36 -25.53 -26.18
CA THR D 69 38.86 -26.25 -27.33
C THR D 69 37.34 -26.15 -27.38
N VAL D 70 36.80 -26.38 -28.57
CA VAL D 70 35.35 -26.35 -28.80
C VAL D 70 34.95 -27.63 -29.54
N ALA D 71 33.69 -28.01 -29.36
CA ALA D 71 33.16 -29.18 -30.06
C ALA D 71 31.65 -29.08 -30.10
N SER D 72 31.07 -29.44 -31.23
CA SER D 72 29.63 -29.42 -31.39
C SER D 72 29.14 -30.78 -31.88
N PRO D 73 28.09 -31.32 -31.27
CA PRO D 73 27.56 -32.63 -31.71
C PRO D 73 26.51 -32.56 -32.81
N ASP D 74 26.11 -31.37 -33.26
CA ASP D 74 25.15 -31.27 -34.34
C ASP D 74 25.66 -30.43 -35.50
N SER D 75 26.37 -29.33 -35.22
CA SER D 75 26.81 -28.41 -36.26
C SER D 75 28.24 -28.72 -36.67
N THR D 76 28.61 -28.22 -37.86
CA THR D 76 29.96 -28.42 -38.40
C THR D 76 30.59 -27.14 -38.93
N THR D 77 29.84 -26.07 -39.12
CA THR D 77 30.40 -24.84 -39.66
C THR D 77 31.36 -24.19 -38.67
N ALA D 78 32.43 -23.60 -39.19
CA ALA D 78 33.41 -22.96 -38.33
C ALA D 78 32.85 -21.68 -37.74
N VAL D 79 33.31 -21.37 -36.52
CA VAL D 79 32.90 -20.16 -35.81
C VAL D 79 34.16 -19.40 -35.42
N PHE D 80 33.97 -18.18 -34.92
CA PHE D 80 35.06 -17.30 -34.57
C PHE D 80 35.10 -17.13 -33.06
N PHE D 81 36.27 -17.38 -32.45
CA PHE D 81 36.40 -17.35 -31.01
C PHE D 81 37.13 -16.10 -30.55
N THR D 82 36.81 -15.66 -29.34
CA THR D 82 37.45 -14.51 -28.71
C THR D 82 37.81 -14.88 -27.28
N LEU D 83 39.00 -14.45 -26.83
CA LEU D 83 39.46 -14.73 -25.48
C LEU D 83 39.77 -13.42 -24.78
N ASP D 84 39.21 -13.23 -23.59
CA ASP D 84 39.37 -12.02 -22.81
C ASP D 84 39.91 -12.38 -21.43
N TYR D 85 40.88 -11.62 -20.96
CA TYR D 85 41.47 -11.81 -19.64
C TYR D 85 40.89 -10.81 -18.65
N GLY D 86 40.99 -11.16 -17.37
CA GLY D 86 40.53 -10.28 -16.31
C GLY D 86 41.53 -9.19 -15.99
N ASP D 87 42.38 -8.87 -16.97
CA ASP D 87 43.41 -7.86 -16.76
C ASP D 87 42.82 -6.51 -16.45
N GLY D 88 41.79 -6.09 -17.18
CA GLY D 88 41.20 -4.79 -17.02
C GLY D 88 41.77 -3.70 -17.91
N VAL D 89 42.91 -3.95 -18.54
CA VAL D 89 43.54 -2.98 -19.42
C VAL D 89 43.59 -3.47 -20.87
N THR D 90 43.86 -4.75 -21.08
CA THR D 90 43.85 -5.30 -22.42
C THR D 90 42.43 -5.56 -22.88
N ALA D 91 42.24 -5.56 -24.19
CA ALA D 91 40.93 -5.74 -24.80
C ALA D 91 40.73 -7.19 -25.25
N GLU D 92 39.52 -7.47 -25.70
CA GLU D 92 39.22 -8.77 -26.27
C GLU D 92 40.10 -9.03 -27.48
N THR D 93 40.57 -10.26 -27.62
CA THR D 93 41.42 -10.61 -28.74
C THR D 93 40.65 -10.47 -30.05
N THR D 94 41.37 -10.15 -31.12
CA THR D 94 40.74 -10.02 -32.43
C THR D 94 40.11 -11.34 -32.84
N ARG D 95 38.89 -11.26 -33.36
CA ARG D 95 38.11 -12.46 -33.65
C ARG D 95 38.81 -13.32 -34.68
N THR D 96 39.02 -14.60 -34.35
CA THR D 96 39.70 -15.53 -35.23
C THR D 96 38.89 -16.81 -35.35
N THR D 97 38.92 -17.39 -36.54
CA THR D 97 38.11 -18.57 -36.82
C THR D 97 38.72 -19.82 -36.21
N THR D 98 37.87 -20.83 -36.04
CA THR D 98 38.28 -22.17 -35.67
C THR D 98 38.23 -23.06 -36.90
N GLY D 99 38.51 -24.34 -36.70
CA GLY D 99 38.36 -25.32 -37.74
C GLY D 99 36.93 -25.82 -37.84
N ALA D 100 36.74 -26.85 -38.65
CA ALA D 100 35.45 -27.51 -38.71
C ALA D 100 35.17 -28.21 -37.38
N LEU D 101 33.95 -28.05 -36.88
CA LEU D 101 33.59 -28.55 -35.57
C LEU D 101 32.97 -29.94 -35.68
N SER D 102 33.53 -30.89 -34.96
CA SER D 102 33.02 -32.25 -34.86
C SER D 102 32.69 -32.56 -33.41
N THR D 103 32.29 -33.81 -33.16
CA THR D 103 32.14 -34.25 -31.78
C THR D 103 33.48 -34.27 -31.06
N THR D 104 34.54 -34.61 -31.79
CA THR D 104 35.89 -34.54 -31.22
C THR D 104 36.27 -33.08 -31.02
N PRO D 105 36.68 -32.69 -29.81
CA PRO D 105 37.09 -31.30 -29.60
C PRO D 105 38.26 -30.92 -30.50
N THR D 106 38.26 -29.67 -30.94
CA THR D 106 39.32 -29.16 -31.79
C THR D 106 40.64 -29.10 -31.01
N ALA D 107 41.73 -28.89 -31.75
CA ALA D 107 43.02 -28.70 -31.11
C ALA D 107 43.04 -27.37 -30.36
N ASN D 108 44.14 -27.14 -29.66
CA ASN D 108 44.25 -25.94 -28.83
C ASN D 108 44.23 -24.70 -29.72
N LEU D 109 43.12 -23.97 -29.69
CA LEU D 109 42.99 -22.76 -30.49
C LEU D 109 43.88 -21.63 -29.99
N VAL D 110 44.24 -21.64 -28.72
CA VAL D 110 44.99 -20.56 -28.10
C VAL D 110 46.47 -20.93 -27.94
N SER D 111 46.94 -21.94 -28.69
CA SER D 111 48.31 -22.42 -28.52
C SER D 111 49.35 -21.47 -29.10
N ALA D 112 48.94 -20.44 -29.84
CA ALA D 112 49.90 -19.53 -30.43
C ALA D 112 50.58 -18.69 -29.35
N GLY D 113 51.70 -18.08 -29.72
CA GLY D 113 52.49 -17.31 -28.78
C GLY D 113 51.96 -15.93 -28.46
N THR D 114 50.98 -15.44 -29.21
CA THR D 114 50.42 -14.12 -28.96
C THR D 114 49.37 -14.13 -27.86
N TYR D 115 48.91 -15.30 -27.43
CA TYR D 115 47.88 -15.43 -26.40
C TYR D 115 48.58 -15.64 -25.06
N THR D 116 49.04 -14.53 -24.47
CA THR D 116 49.74 -14.55 -23.20
C THR D 116 49.37 -13.29 -22.43
N VAL D 117 49.54 -13.34 -21.11
CA VAL D 117 49.16 -12.25 -20.24
C VAL D 117 49.98 -12.31 -18.97
N THR D 118 50.26 -11.13 -18.39
CA THR D 118 50.91 -10.99 -17.11
C THR D 118 50.09 -10.05 -16.24
N TYR D 119 49.75 -10.51 -15.04
CA TYR D 119 48.85 -9.77 -14.16
C TYR D 119 49.65 -8.93 -13.17
N ALA D 120 49.22 -7.69 -12.97
CA ALA D 120 49.93 -6.76 -12.11
C ALA D 120 49.41 -6.75 -10.67
N SER D 121 48.32 -7.45 -10.39
CA SER D 121 47.74 -7.47 -9.05
C SER D 121 47.35 -8.90 -8.69
N ILE D 122 47.47 -9.22 -7.41
CA ILE D 122 47.15 -10.55 -6.91
C ILE D 122 45.65 -10.72 -6.79
N GLY D 123 45.20 -11.97 -6.79
CA GLY D 123 43.79 -12.25 -6.57
C GLY D 123 43.24 -13.21 -7.60
N THR D 124 41.92 -13.19 -7.76
CA THR D 124 41.22 -14.05 -8.70
C THR D 124 40.89 -13.26 -9.96
N LYS D 125 41.35 -13.75 -11.10
CA LYS D 125 41.12 -13.12 -12.40
C LYS D 125 40.26 -14.06 -13.24
N PHE D 126 39.17 -13.53 -13.77
CA PHE D 126 38.21 -14.34 -14.51
C PHE D 126 38.53 -14.25 -16.00
N VAL D 127 39.02 -15.35 -16.57
CA VAL D 127 39.35 -15.43 -17.98
C VAL D 127 38.16 -16.04 -18.71
N THR D 128 37.63 -15.33 -19.70
CA THR D 128 36.43 -15.75 -20.39
C THR D 128 36.71 -15.95 -21.88
N LEU D 129 35.94 -16.84 -22.48
CA LEU D 129 36.07 -17.18 -23.90
C LEU D 129 34.67 -17.24 -24.50
N ARG D 130 34.50 -16.57 -25.64
CA ARG D 130 33.20 -16.43 -26.28
C ARG D 130 33.28 -16.89 -27.72
N LEU D 131 32.14 -17.33 -28.25
CA LEU D 131 32.03 -17.82 -29.62
C LEU D 131 31.00 -17.01 -30.37
N TYR D 132 31.41 -16.38 -31.47
CA TYR D 132 30.53 -15.70 -32.40
C TYR D 132 30.56 -16.43 -33.73
N ASP D 133 29.68 -16.02 -34.65
CA ASP D 133 29.68 -16.60 -35.99
C ASP D 133 30.38 -15.71 -37.00
N SER D 134 30.13 -14.40 -36.97
CA SER D 134 30.73 -13.47 -37.90
C SER D 134 31.78 -12.62 -37.20
N ALA D 135 32.66 -12.02 -38.01
CA ALA D 135 33.77 -11.23 -37.48
C ALA D 135 33.40 -9.77 -37.30
N VAL D 136 32.15 -9.38 -37.55
CA VAL D 136 31.72 -8.01 -37.35
C VAL D 136 31.12 -7.87 -35.96
N ALA D 137 31.05 -6.62 -35.49
CA ALA D 137 30.66 -6.37 -34.10
C ALA D 137 29.27 -6.88 -33.75
N PRO D 138 28.21 -6.64 -34.52
CA PRO D 138 26.88 -7.10 -34.11
C PRO D 138 26.62 -8.58 -34.32
N GLY D 139 27.65 -9.37 -34.60
CA GLY D 139 27.43 -10.81 -34.75
C GLY D 139 26.89 -11.42 -33.47
N VAL D 140 26.03 -12.43 -33.64
CA VAL D 140 25.30 -12.99 -32.52
C VAL D 140 26.24 -13.84 -31.66
N LEU D 141 26.23 -13.59 -30.36
CA LEU D 141 26.94 -14.45 -29.43
C LEU D 141 26.32 -15.85 -29.44
N LEU D 142 27.16 -16.87 -29.32
CA LEU D 142 26.68 -18.24 -29.32
C LEU D 142 26.98 -18.99 -28.03
N ALA D 143 28.15 -18.80 -27.44
CA ALA D 143 28.48 -19.50 -26.21
C ALA D 143 29.57 -18.73 -25.47
N SER D 144 29.66 -18.99 -24.17
CA SER D 144 30.62 -18.31 -23.31
C SER D 144 31.06 -19.26 -22.19
N LYS D 145 32.31 -19.10 -21.77
CA LYS D 145 32.89 -19.94 -20.72
C LYS D 145 33.86 -19.13 -19.90
N THR D 146 33.72 -19.18 -18.57
CA THR D 146 34.57 -18.42 -17.67
C THR D 146 35.33 -19.38 -16.75
N VAL D 147 36.60 -19.07 -16.52
CA VAL D 147 37.45 -19.89 -15.66
C VAL D 147 38.19 -18.96 -14.71
N PRO D 148 38.42 -19.34 -13.46
CA PRO D 148 39.21 -18.48 -12.57
C PRO D 148 40.68 -18.86 -12.57
N ILE D 149 41.53 -17.83 -12.55
CA ILE D 149 42.97 -17.98 -12.40
C ILE D 149 43.36 -17.26 -11.13
N TYR D 150 44.08 -17.95 -10.25
CA TYR D 150 44.49 -17.38 -8.97
C TYR D 150 45.96 -16.97 -9.08
N VAL D 151 46.22 -15.67 -8.96
CA VAL D 151 47.58 -15.15 -8.95
C VAL D 151 47.96 -14.83 -7.52
N GLU D 152 49.07 -15.40 -7.07
CA GLU D 152 49.50 -15.38 -5.68
C GLU D 152 50.55 -14.31 -5.45
N ASP D 153 50.73 -13.95 -4.19
CA ASP D 153 51.73 -12.96 -3.81
C ASP D 153 53.12 -13.53 -3.92
N SER D 154 54.07 -12.69 -4.32
CA SER D 154 55.47 -13.09 -4.41
C SER D 154 56.29 -12.62 -3.22
N THR D 155 55.87 -11.55 -2.55
CA THR D 155 56.62 -11.03 -1.40
C THR D 155 56.47 -11.91 -0.17
N LEU D 156 55.49 -12.80 -0.14
CA LEU D 156 55.28 -13.71 0.99
C LEU D 156 55.75 -15.10 0.62
N THR D 157 56.61 -15.67 1.46
CA THR D 157 57.11 -17.03 1.27
C THR D 157 56.60 -17.89 2.41
N ALA D 158 55.96 -19.00 2.06
CA ALA D 158 55.36 -19.90 3.04
C ALA D 158 55.97 -21.28 2.88
N THR D 159 56.28 -21.91 4.01
CA THR D 159 56.82 -23.26 4.01
C THR D 159 56.13 -24.07 5.09
N LEU D 160 56.10 -25.38 4.90
CA LEU D 160 55.48 -26.31 5.84
C LEU D 160 56.52 -27.35 6.22
N LEU D 161 56.89 -27.37 7.51
CA LEU D 161 57.95 -28.25 7.99
C LEU D 161 57.37 -29.32 8.92
N GLN D 162 57.83 -30.55 8.73
CA GLN D 162 57.37 -31.69 9.50
C GLN D 162 58.53 -32.26 10.31
N SER D 163 58.20 -32.80 11.48
CA SER D 163 59.20 -33.31 12.39
C SER D 163 59.47 -34.79 12.23
N GLY D 164 58.45 -35.64 12.38
CA GLY D 164 58.63 -37.07 12.27
C GLY D 164 57.67 -37.67 11.27
N VAL D 165 57.80 -38.97 11.08
CA VAL D 165 56.98 -39.71 10.13
C VAL D 165 55.57 -39.86 10.69
N PRO D 166 54.53 -39.45 9.95
CA PRO D 166 53.16 -39.67 10.42
C PRO D 166 52.74 -41.11 10.20
N ARG D 167 52.29 -41.77 11.27
CA ARG D 167 51.85 -43.15 11.19
C ARG D 167 50.44 -43.19 10.61
N LEU D 168 49.79 -44.33 10.73
CA LEU D 168 48.41 -44.51 10.26
C LEU D 168 47.47 -43.84 11.25
N ASN D 169 46.20 -44.25 11.28
CA ASN D 169 45.09 -43.50 11.86
C ASN D 169 45.42 -42.76 13.16
N LEU D 170 46.47 -43.20 13.86
CA LEU D 170 46.99 -42.44 14.99
C LEU D 170 47.21 -40.98 14.60
N ALA D 171 47.10 -40.09 15.58
CA ALA D 171 47.24 -38.66 15.32
C ALA D 171 48.70 -38.29 15.08
N PHE D 172 48.90 -37.21 14.31
CA PHE D 172 50.22 -36.70 14.00
C PHE D 172 50.28 -35.22 14.35
N SER D 173 51.28 -34.83 15.12
CA SER D 173 51.42 -33.46 15.60
C SER D 173 52.83 -32.93 15.37
N GLY D 174 53.41 -33.26 14.23
CA GLY D 174 54.75 -32.80 13.92
C GLY D 174 54.79 -31.66 12.92
N PHE D 175 53.62 -31.33 12.36
CA PHE D 175 53.54 -30.27 11.37
C PHE D 175 53.62 -28.90 12.02
N LYS D 176 54.29 -27.96 11.34
CA LYS D 176 54.16 -26.55 11.68
C LYS D 176 54.52 -25.72 10.46
N GLY D 177 53.91 -24.54 10.37
CA GLY D 177 54.05 -23.69 9.21
C GLY D 177 54.91 -22.47 9.52
N ARG D 178 55.53 -21.92 8.47
CA ARG D 178 56.44 -20.81 8.56
C ARG D 178 56.10 -19.78 7.49
N VAL D 179 56.02 -18.51 7.89
CA VAL D 179 55.72 -17.41 6.99
C VAL D 179 56.82 -16.37 7.10
N SER D 180 57.29 -15.88 5.95
CA SER D 180 58.26 -14.79 5.93
C SER D 180 57.84 -13.80 4.85
N SER D 181 57.65 -12.55 5.24
CA SER D 181 57.24 -11.50 4.31
C SER D 181 58.45 -10.70 3.86
N SER D 182 58.59 -10.51 2.55
CA SER D 182 59.69 -9.70 2.04
C SER D 182 59.48 -8.22 2.28
N THR D 183 58.26 -7.79 2.57
CA THR D 183 57.93 -6.41 2.85
C THR D 183 57.66 -6.23 4.34
N ALA D 184 57.18 -5.03 4.69
CA ALA D 184 56.91 -4.69 6.08
C ALA D 184 55.59 -5.29 6.53
N ASN D 185 55.09 -4.80 7.67
CA ASN D 185 53.92 -5.35 8.36
C ASN D 185 52.84 -5.83 7.41
N ARG D 186 52.42 -7.08 7.61
CA ARG D 186 51.31 -7.66 6.89
C ARG D 186 50.05 -7.64 7.77
N ALA D 187 48.90 -7.69 7.10
CA ALA D 187 47.63 -7.82 7.79
C ALA D 187 47.45 -9.27 8.27
N ASP D 188 46.30 -9.53 8.89
CA ASP D 188 46.05 -10.86 9.44
C ASP D 188 46.05 -11.91 8.32
N MET D 189 46.45 -13.13 8.68
CA MET D 189 46.53 -14.22 7.73
C MET D 189 45.92 -15.47 8.33
N TRP D 190 45.41 -16.33 7.46
CA TRP D 190 44.83 -17.60 7.86
C TRP D 190 45.43 -18.71 7.00
N ALA D 191 45.58 -19.89 7.60
CA ALA D 191 46.22 -21.01 6.91
C ALA D 191 45.37 -22.26 6.99
N THR D 192 45.32 -23.00 5.89
CA THR D 192 44.66 -24.29 5.83
C THR D 192 45.63 -25.34 5.30
N ILE D 193 45.35 -26.59 5.63
CA ILE D 193 46.18 -27.72 5.22
C ILE D 193 45.28 -28.79 4.61
N GLN D 194 45.69 -29.31 3.45
CA GLN D 194 44.98 -30.39 2.78
C GLN D 194 45.89 -31.61 2.75
N LEU D 195 45.38 -32.74 3.24
CA LEU D 195 46.23 -33.91 3.43
C LEU D 195 46.58 -34.60 2.12
N ASP D 196 45.64 -34.65 1.18
CA ASP D 196 45.90 -35.33 -0.08
C ASP D 196 44.97 -34.77 -1.15
N THR D 197 45.34 -34.99 -2.41
CA THR D 197 44.58 -34.51 -3.55
C THR D 197 43.58 -35.53 -4.08
N ALA D 198 43.48 -36.71 -3.47
CA ALA D 198 42.54 -37.71 -3.93
C ALA D 198 41.12 -37.24 -3.68
N PRO D 199 40.15 -37.75 -4.47
CA PRO D 199 38.76 -37.36 -4.24
C PRO D 199 38.28 -37.79 -2.86
N GLY D 200 37.46 -36.93 -2.25
CA GLY D 200 36.96 -37.16 -0.92
C GLY D 200 37.84 -36.64 0.20
N VAL D 201 39.05 -36.17 -0.11
CA VAL D 201 39.94 -35.57 0.87
C VAL D 201 39.76 -34.06 0.77
N PHE D 202 39.37 -33.44 1.88
CA PHE D 202 38.94 -32.06 1.88
C PHE D 202 39.92 -31.16 2.62
N GLU D 203 40.00 -29.92 2.17
CA GLU D 203 40.84 -28.91 2.80
C GLU D 203 40.32 -28.63 4.21
N SER D 204 41.25 -28.39 5.14
CA SER D 204 40.89 -28.24 6.54
C SER D 204 40.26 -26.86 6.76
N SER D 205 40.00 -26.54 8.04
CA SER D 205 39.51 -25.22 8.39
C SER D 205 40.66 -24.22 8.38
N ARG D 206 40.34 -22.97 8.65
CA ARG D 206 41.33 -21.90 8.63
C ARG D 206 41.85 -21.62 10.03
N ILE D 207 43.16 -21.62 10.18
CA ILE D 207 43.84 -21.38 11.45
C ILE D 207 44.42 -19.97 11.40
N PHE D 208 44.15 -19.19 12.44
CA PHE D 208 44.68 -17.84 12.52
C PHE D 208 46.20 -17.87 12.72
N ILE D 209 46.93 -17.25 11.79
CA ILE D 209 48.37 -17.13 11.94
C ILE D 209 48.74 -15.92 12.79
N GLY D 210 48.16 -14.76 12.46
CA GLY D 210 48.55 -13.51 13.06
C GLY D 210 49.16 -12.59 12.03
N ILE D 211 50.06 -11.72 12.46
CA ILE D 211 50.71 -10.76 11.57
C ILE D 211 52.19 -11.06 11.51
N ALA D 212 52.84 -10.50 10.50
CA ALA D 212 54.28 -10.66 10.27
C ALA D 212 54.90 -9.29 10.10
N PRO D 213 55.06 -8.54 11.19
CA PRO D 213 55.42 -7.12 11.07
C PRO D 213 56.90 -6.86 10.78
N THR D 214 57.79 -7.69 11.31
CA THR D 214 59.22 -7.37 11.32
C THR D 214 59.91 -7.95 10.09
N ALA D 215 59.46 -7.46 8.93
CA ALA D 215 60.12 -7.66 7.63
C ALA D 215 60.32 -9.16 7.39
N SER D 216 61.53 -9.63 7.09
CA SER D 216 61.77 -10.98 6.60
C SER D 216 62.14 -11.95 7.71
N THR D 217 61.66 -11.74 8.94
CA THR D 217 61.84 -12.73 9.98
C THR D 217 60.81 -13.85 9.83
N ASN D 218 61.20 -15.04 10.27
CA ASN D 218 60.36 -16.22 10.12
C ASN D 218 59.38 -16.31 11.29
N TYR D 219 58.10 -16.43 10.97
CA TYR D 219 57.04 -16.57 11.96
C TYR D 219 56.47 -17.98 11.87
N ASP D 220 56.44 -18.68 12.99
CA ASP D 220 56.05 -20.08 13.05
C ASP D 220 54.68 -20.21 13.70
N PHE D 221 53.86 -21.12 13.17
CA PHE D 221 52.57 -21.43 13.77
C PHE D 221 52.38 -22.94 13.80
N VAL D 222 51.62 -23.41 14.77
CA VAL D 222 51.39 -24.83 14.98
C VAL D 222 50.10 -25.24 14.28
N ILE D 223 50.06 -26.47 13.82
CA ILE D 223 48.95 -27.01 13.05
C ILE D 223 48.31 -28.11 13.88
N PRO D 224 46.98 -28.12 14.03
CA PRO D 224 46.33 -29.16 14.84
C PRO D 224 46.62 -30.56 14.33
N ASP D 225 46.40 -31.53 15.20
CA ASP D 225 46.73 -32.92 14.90
C ASP D 225 45.96 -33.42 13.70
N GLN D 226 46.68 -34.05 12.77
CA GLN D 226 46.09 -34.60 11.56
C GLN D 226 46.14 -36.12 11.58
N VAL D 227 45.14 -36.72 10.94
CA VAL D 227 44.98 -38.18 10.90
C VAL D 227 44.92 -38.61 9.45
N TYR D 228 45.72 -39.62 9.09
CA TYR D 228 45.77 -40.15 7.74
C TYR D 228 45.09 -41.50 7.72
N ASN D 229 44.18 -41.70 6.75
CA ASN D 229 43.39 -42.92 6.70
C ASN D 229 44.11 -44.05 5.98
N LEU D 230 45.02 -43.74 5.07
CA LEU D 230 45.70 -44.74 4.27
C LEU D 230 47.20 -44.51 4.33
N GLU D 231 47.96 -45.61 4.22
CA GLU D 231 49.41 -45.52 4.17
C GLU D 231 49.86 -45.26 2.74
N GLY D 232 51.10 -44.82 2.61
CA GLY D 232 51.69 -44.56 1.32
C GLY D 232 52.07 -43.10 1.16
N ALA D 233 52.42 -42.74 -0.07
CA ALA D 233 52.85 -41.38 -0.36
C ALA D 233 51.66 -40.46 -0.50
N LYS D 234 51.80 -39.25 0.03
CA LYS D 234 50.75 -38.23 -0.05
C LYS D 234 51.35 -36.93 -0.54
N THR D 235 50.49 -36.05 -1.03
CA THR D 235 50.86 -34.70 -1.43
C THR D 235 50.08 -33.70 -0.57
N THR D 236 50.62 -33.41 0.61
CA THR D 236 50.01 -32.46 1.52
C THR D 236 50.33 -31.04 1.10
N VAL D 237 49.30 -30.19 1.05
CA VAL D 237 49.43 -28.82 0.57
C VAL D 237 49.06 -27.86 1.69
N LEU D 238 49.80 -26.77 1.81
CA LEU D 238 49.51 -25.72 2.79
C LEU D 238 49.16 -24.45 2.04
N ARG D 239 47.96 -23.93 2.27
CA ARG D 239 47.52 -22.71 1.63
C ARG D 239 47.33 -21.62 2.66
N ILE D 240 47.59 -20.38 2.24
CA ILE D 240 47.52 -19.22 3.13
C ILE D 240 46.72 -18.13 2.43
N TYR D 241 45.65 -17.69 3.08
CA TYR D 241 44.74 -16.65 2.63
C TYR D 241 44.82 -15.47 3.59
N ASP D 242 44.11 -14.39 3.23
CA ASP D 242 44.09 -13.17 4.01
C ASP D 242 42.69 -12.84 4.52
N ALA D 243 41.87 -13.86 4.73
CA ALA D 243 40.50 -13.65 5.18
C ALA D 243 40.01 -14.91 5.86
N PRO D 244 39.14 -14.81 6.86
CA PRO D 244 38.69 -16.02 7.56
C PRO D 244 37.71 -16.85 6.76
N VAL D 245 36.89 -16.24 5.90
CA VAL D 245 35.85 -16.94 5.17
C VAL D 245 36.09 -16.89 3.66
N GLY D 246 36.51 -15.74 3.13
CA GLY D 246 36.74 -15.62 1.70
C GLY D 246 38.11 -15.07 1.37
N GLY D 247 38.13 -13.97 0.63
CA GLY D 247 39.36 -13.26 0.38
C GLY D 247 40.24 -13.88 -0.69
N THR D 248 41.52 -13.52 -0.63
CA THR D 248 42.51 -13.87 -1.64
C THR D 248 43.34 -15.07 -1.17
N LEU D 249 43.74 -15.90 -2.13
CA LEU D 249 44.70 -16.97 -1.87
C LEU D 249 46.09 -16.38 -1.99
N LEU D 250 46.72 -16.10 -0.85
CA LEU D 250 48.03 -15.45 -0.87
C LEU D 250 49.12 -16.40 -1.35
N ARG D 251 49.14 -17.64 -0.85
CA ARG D 251 50.22 -18.53 -1.26
C ARG D 251 49.80 -19.99 -1.07
N THR D 252 50.48 -20.86 -1.80
CA THR D 252 50.39 -22.30 -1.62
C THR D 252 51.78 -22.91 -1.61
N PHE D 253 51.96 -23.95 -0.81
CA PHE D 253 53.23 -24.66 -0.72
C PHE D 253 52.98 -26.16 -0.71
N THR D 254 53.73 -26.88 -1.53
CA THR D 254 53.69 -28.33 -1.56
C THR D 254 55.13 -28.83 -1.44
N PRO D 255 55.42 -29.74 -0.50
CA PRO D 255 56.80 -30.23 -0.36
C PRO D 255 57.28 -30.89 -1.65
N ALA D 256 58.57 -30.75 -1.91
CA ALA D 256 59.16 -31.29 -3.13
C ALA D 256 59.05 -32.81 -3.15
N ALA D 257 59.41 -33.39 -4.29
CA ALA D 257 59.28 -34.83 -4.47
C ALA D 257 60.13 -35.58 -3.46
N ALA D 258 61.26 -35.02 -3.04
CA ALA D 258 62.12 -35.68 -2.06
C ALA D 258 61.54 -35.59 -0.65
N ASN D 259 60.82 -34.52 -0.34
CA ASN D 259 60.31 -34.30 1.01
C ASN D 259 58.84 -34.63 1.15
N ALA D 260 58.27 -35.36 0.19
CA ALA D 260 56.85 -35.69 0.23
C ALA D 260 56.51 -36.50 1.47
N VAL D 261 55.32 -36.25 2.01
CA VAL D 261 54.86 -36.96 3.20
C VAL D 261 54.62 -38.42 2.85
N TYR D 262 55.10 -39.32 3.69
CA TYR D 262 54.85 -40.75 3.54
C TYR D 262 54.24 -41.27 4.84
N VAL D 263 52.99 -41.68 4.77
CA VAL D 263 52.29 -42.27 5.91
C VAL D 263 52.72 -43.73 6.03
N VAL D 264 53.18 -44.11 7.22
CA VAL D 264 53.74 -45.43 7.44
C VAL D 264 52.80 -46.24 8.30
N ASP D 265 52.77 -47.54 8.05
CA ASP D 265 51.90 -48.47 8.76
C ASP D 265 52.74 -49.24 9.76
N PRO D 266 52.57 -49.03 11.07
CA PRO D 266 53.51 -49.60 12.04
C PRO D 266 53.30 -51.08 12.34
N SER D 267 52.28 -51.71 11.77
CA SER D 267 52.13 -53.15 11.91
C SER D 267 52.86 -53.91 10.82
N LYS D 268 53.39 -53.22 9.81
CA LYS D 268 54.14 -53.83 8.73
C LYS D 268 55.64 -53.84 8.99
N TYR D 269 56.08 -53.34 10.14
CA TYR D 269 57.49 -53.36 10.49
C TYR D 269 57.86 -54.70 11.09
N VAL D 270 58.72 -55.44 10.41
CA VAL D 270 59.20 -56.73 10.90
C VAL D 270 60.49 -56.49 11.66
N LEU D 271 60.50 -56.84 12.94
CA LEU D 271 61.67 -56.76 13.80
C LEU D 271 62.01 -58.16 14.27
N THR D 272 63.29 -58.53 14.17
CA THR D 272 63.77 -59.83 14.60
C THR D 272 64.92 -59.58 15.57
N LEU D 273 64.65 -59.73 16.86
CA LEU D 273 65.63 -59.48 17.90
C LEU D 273 66.16 -60.82 18.41
N THR D 274 67.47 -61.00 18.34
CA THR D 274 68.13 -62.20 18.81
C THR D 274 69.08 -61.83 19.93
N VAL D 275 68.53 -61.74 21.14
CA VAL D 275 69.36 -61.66 22.33
C VAL D 275 69.81 -63.07 22.69
N GLY D 276 70.82 -63.18 23.55
CA GLY D 276 71.44 -64.44 23.83
C GLY D 276 70.58 -65.35 24.68
N PRO D 277 71.20 -66.04 25.63
CA PRO D 277 70.47 -67.08 26.37
C PRO D 277 69.29 -66.51 27.12
N THR D 278 68.26 -67.34 27.28
CA THR D 278 67.09 -67.02 28.08
C THR D 278 67.49 -67.18 29.54
N SER D 279 66.50 -67.30 30.44
CA SER D 279 66.69 -67.14 31.88
C SER D 279 68.05 -67.61 32.37
N VAL D 280 68.77 -66.72 33.06
CA VAL D 280 70.17 -66.93 33.41
C VAL D 280 70.40 -66.48 34.85
N THR D 281 71.66 -66.51 35.27
CA THR D 281 72.07 -65.99 36.57
C THR D 281 72.87 -64.70 36.38
N THR D 282 73.03 -63.96 37.48
CA THR D 282 73.78 -62.71 37.42
C THR D 282 75.25 -62.93 37.09
N ALA D 283 75.76 -64.15 37.19
CA ALA D 283 77.12 -64.45 36.76
C ALA D 283 77.18 -64.90 35.31
N ASP D 284 76.03 -65.11 34.66
CA ASP D 284 75.99 -65.58 33.29
C ASP D 284 75.93 -64.40 32.33
N GLN D 285 76.82 -64.43 31.33
CA GLN D 285 76.91 -63.37 30.35
C GLN D 285 75.80 -63.52 29.31
N VAL D 286 75.10 -62.42 29.04
CA VAL D 286 74.04 -62.39 28.02
C VAL D 286 74.58 -61.64 26.81
N THR D 287 74.38 -62.21 25.63
CA THR D 287 74.95 -61.67 24.39
C THR D 287 73.83 -61.20 23.47
N PHE D 288 74.12 -60.12 22.74
CA PHE D 288 73.20 -59.57 21.75
C PHE D 288 73.95 -59.54 20.43
N THR D 289 73.53 -60.38 19.50
CA THR D 289 74.21 -60.53 18.21
C THR D 289 73.62 -59.53 17.21
N GLN D 290 74.45 -58.61 16.75
CA GLN D 290 74.00 -57.53 15.89
C GLN D 290 73.92 -57.92 14.41
N THR D 291 74.52 -59.05 14.02
CA THR D 291 74.47 -59.47 12.64
C THR D 291 73.27 -60.36 12.32
N THR D 292 72.52 -60.79 13.34
CA THR D 292 71.34 -61.63 13.13
C THR D 292 70.04 -60.89 13.36
N THR D 293 70.04 -59.86 14.21
CA THR D 293 68.87 -59.02 14.36
C THR D 293 68.56 -58.29 13.07
N GLU D 294 67.28 -58.21 12.72
CA GLU D 294 66.85 -57.71 11.43
C GLU D 294 65.72 -56.71 11.59
N VAL D 295 65.68 -55.74 10.68
CA VAL D 295 64.60 -54.76 10.60
C VAL D 295 64.17 -54.63 9.14
N SER D 296 62.86 -54.58 8.92
CA SER D 296 62.38 -54.44 7.54
C SER D 296 60.98 -53.83 7.57
N TYR D 297 60.60 -53.24 6.43
CA TYR D 297 59.25 -52.73 6.22
C TYR D 297 58.61 -53.56 5.12
N SER D 298 57.54 -54.27 5.47
CA SER D 298 56.98 -55.28 4.59
C SER D 298 55.89 -54.76 3.67
N ALA D 299 55.74 -53.44 3.53
CA ALA D 299 54.69 -52.89 2.68
C ALA D 299 55.23 -52.25 1.41
N SER D 300 56.31 -51.47 1.51
CA SER D 300 56.85 -50.81 0.33
C SER D 300 58.34 -50.54 0.56
N ALA D 301 59.03 -50.25 -0.53
CA ALA D 301 60.47 -49.98 -0.48
C ALA D 301 60.79 -48.50 -0.54
N THR D 302 59.80 -47.62 -0.37
CA THR D 302 60.01 -46.18 -0.44
C THR D 302 59.71 -45.49 0.87
N SER D 303 59.60 -46.23 1.96
CA SER D 303 59.32 -45.64 3.26
C SER D 303 60.54 -44.88 3.78
N PRO D 304 60.32 -43.84 4.59
CA PRO D 304 61.45 -43.08 5.12
C PRO D 304 62.28 -43.90 6.10
N ILE D 305 63.54 -43.53 6.21
CA ILE D 305 64.48 -44.24 7.07
C ILE D 305 64.22 -43.89 8.53
N LEU D 306 64.53 -44.83 9.41
CA LEU D 306 64.38 -44.66 10.84
C LEU D 306 65.63 -45.16 11.53
N GLN D 307 65.88 -44.66 12.74
CA GLN D 307 67.01 -45.09 13.53
C GLN D 307 66.58 -46.17 14.52
N TRP D 308 67.55 -46.90 15.06
CA TRP D 308 67.28 -47.98 15.98
C TRP D 308 68.02 -47.77 17.29
N ARG D 309 67.45 -48.30 18.37
CA ARG D 309 68.08 -48.26 19.68
C ARG D 309 67.82 -49.58 20.40
N PHE D 310 68.72 -49.93 21.32
CA PHE D 310 68.64 -51.18 22.05
C PHE D 310 68.82 -50.91 23.53
N ASN D 311 67.92 -51.44 24.35
CA ASN D 311 67.94 -51.23 25.79
C ASN D 311 68.08 -52.57 26.50
N TRP D 312 69.06 -52.65 27.40
CA TRP D 312 69.31 -53.84 28.22
C TRP D 312 68.37 -53.95 29.40
N ASP D 313 67.58 -52.92 29.68
CA ASP D 313 66.69 -52.89 30.84
C ASP D 313 67.47 -52.99 32.15
N ASP D 314 68.63 -52.33 32.20
CA ASP D 314 69.43 -52.26 33.40
C ASP D 314 69.90 -50.83 33.63
N PRO D 315 69.87 -50.35 34.88
CA PRO D 315 70.29 -48.97 35.14
C PRO D 315 71.79 -48.77 35.11
N SER D 316 72.58 -49.84 35.11
CA SER D 316 74.03 -49.70 35.07
C SER D 316 74.53 -49.31 33.69
N VAL D 317 73.75 -49.58 32.64
CA VAL D 317 74.18 -49.35 31.27
C VAL D 317 73.16 -48.45 30.59
N VAL D 318 73.66 -47.48 29.82
CA VAL D 318 72.78 -46.63 29.02
C VAL D 318 72.35 -47.38 27.76
N GLU D 319 71.23 -46.94 27.19
CA GLU D 319 70.80 -47.50 25.92
C GLU D 319 71.62 -46.90 24.78
N THR D 320 71.78 -47.68 23.72
CA THR D 320 72.69 -47.31 22.66
C THR D 320 72.21 -46.03 21.98
N PRO D 321 73.13 -45.21 21.47
CA PRO D 321 72.72 -43.99 20.77
C PRO D 321 72.01 -44.33 19.47
N LEU D 322 71.26 -43.34 18.96
CA LEU D 322 70.52 -43.55 17.73
C LEU D 322 71.47 -43.88 16.59
N ALA D 323 71.14 -44.92 15.84
CA ALA D 323 71.99 -45.39 14.76
C ALA D 323 71.12 -45.88 13.61
N TYR D 324 71.71 -45.91 12.43
CA TYR D 324 71.03 -46.35 11.22
C TYR D 324 71.23 -47.85 11.03
N PRO D 325 70.49 -48.47 10.12
CA PRO D 325 70.71 -49.89 9.81
C PRO D 325 72.06 -50.13 9.16
N ASP D 326 72.29 -51.39 8.73
CA ASP D 326 73.61 -51.89 8.37
C ASP D 326 74.48 -50.88 7.61
N ALA D 327 74.00 -50.42 6.46
CA ALA D 327 74.78 -49.52 5.63
C ALA D 327 74.02 -48.27 5.20
N LEU D 328 72.73 -48.17 5.45
CA LEU D 328 71.94 -47.05 4.99
C LEU D 328 72.30 -45.77 5.76
N THR D 329 72.02 -44.63 5.14
CA THR D 329 72.25 -43.34 5.76
C THR D 329 70.98 -42.50 5.69
N ALA D 330 71.08 -41.21 6.01
CA ALA D 330 69.90 -40.35 6.05
C ALA D 330 69.27 -40.16 4.69
N ALA D 331 69.96 -40.50 3.61
CA ALA D 331 69.43 -40.33 2.26
C ALA D 331 68.82 -41.60 1.68
N SER D 332 68.76 -42.68 2.45
CA SER D 332 68.24 -43.94 1.98
C SER D 332 66.82 -44.14 2.50
N ASN D 333 66.21 -45.24 2.06
CA ASN D 333 64.88 -45.63 2.48
C ASN D 333 64.96 -46.88 3.36
N PHE D 334 63.85 -47.21 4.01
CA PHE D 334 63.83 -48.42 4.83
C PHE D 334 63.71 -49.64 3.93
N PRO D 335 64.57 -50.64 4.10
CA PRO D 335 64.58 -51.77 3.17
C PRO D 335 63.44 -52.73 3.42
N THR D 336 62.84 -53.21 2.33
CA THR D 336 61.79 -54.21 2.44
C THR D 336 62.38 -55.57 2.83
N THR D 337 63.49 -55.96 2.20
CA THR D 337 64.17 -57.18 2.59
C THR D 337 64.85 -57.00 3.94
N ALA D 338 64.80 -58.04 4.75
CA ALA D 338 65.38 -57.97 6.09
C ALA D 338 66.88 -57.73 6.02
N THR D 339 67.34 -56.78 6.82
CA THR D 339 68.75 -56.41 6.84
C THR D 339 69.26 -56.43 8.27
N ALA D 340 70.52 -56.81 8.44
CA ALA D 340 71.14 -56.79 9.75
C ALA D 340 71.21 -55.37 10.29
N VAL D 341 71.04 -55.23 11.60
CA VAL D 341 70.99 -53.90 12.19
C VAL D 341 72.36 -53.23 12.15
N SER D 342 73.42 -53.99 12.39
CA SER D 342 74.76 -53.44 12.27
C SER D 342 75.73 -54.58 12.01
N SER D 343 76.91 -54.22 11.50
CA SER D 343 77.95 -55.18 11.18
C SER D 343 78.99 -55.30 12.29
N ALA D 344 78.77 -54.67 13.43
CA ALA D 344 79.72 -54.73 14.54
C ALA D 344 79.70 -56.12 15.17
N ALA D 345 80.56 -56.31 16.16
CA ALA D 345 80.62 -57.57 16.87
C ALA D 345 79.46 -57.68 17.85
N ALA D 346 79.24 -58.91 18.34
CA ALA D 346 78.21 -59.12 19.34
C ALA D 346 78.56 -58.37 20.62
N SER D 347 77.52 -57.88 21.31
CA SER D 347 77.70 -57.08 22.51
C SER D 347 77.25 -57.89 23.73
N THR D 348 78.12 -58.00 24.72
CA THR D 348 77.87 -58.85 25.88
C THR D 348 77.71 -58.01 27.14
N PHE D 349 76.84 -58.47 28.03
CA PHE D 349 76.53 -57.74 29.25
C PHE D 349 76.14 -58.74 30.33
N ARG D 350 76.58 -58.46 31.56
CA ARG D 350 76.24 -59.26 32.72
C ARG D 350 75.36 -58.41 33.64
N TYR D 351 74.20 -58.96 33.99
CA TYR D 351 73.22 -58.19 34.74
C TYR D 351 73.69 -57.95 36.18
N THR D 352 73.16 -56.89 36.79
CA THR D 352 73.57 -56.46 38.11
C THR D 352 72.48 -56.65 39.16
N SER D 353 71.35 -57.24 38.80
CA SER D 353 70.26 -57.46 39.74
C SER D 353 69.53 -58.73 39.34
N THR D 354 68.40 -59.00 40.00
CA THR D 354 67.60 -60.18 39.74
C THR D 354 66.17 -59.78 39.39
N GLY D 355 65.46 -60.71 38.77
CA GLY D 355 64.08 -60.47 38.39
C GLY D 355 63.80 -60.79 36.94
N SER D 356 62.90 -60.04 36.32
CA SER D 356 62.56 -60.19 34.92
C SER D 356 62.89 -58.89 34.20
N LYS D 357 63.64 -59.00 33.10
CA LYS D 357 64.12 -57.85 32.35
C LYS D 357 63.58 -57.90 30.93
N ASN D 358 63.31 -56.73 30.37
CA ASN D 358 62.75 -56.60 29.03
C ASN D 358 63.82 -55.99 28.13
N ALA D 359 64.67 -56.83 27.55
CA ALA D 359 65.64 -56.34 26.59
C ALA D 359 64.92 -55.98 25.30
N ARG D 360 64.94 -54.70 24.94
CA ARG D 360 64.06 -54.23 23.87
C ARG D 360 64.85 -53.57 22.76
N LEU D 361 64.29 -53.64 21.55
CA LEU D 361 64.82 -52.99 20.37
C LEU D 361 63.73 -52.10 19.79
N ARG D 362 64.04 -50.82 19.58
CA ARG D 362 63.05 -49.83 19.21
C ARG D 362 63.49 -49.11 17.94
N LEU D 363 62.49 -48.70 17.14
CA LEU D 363 62.70 -47.88 15.96
C LEU D 363 62.17 -46.49 16.21
N TYR D 364 63.06 -45.50 16.20
CA TYR D 364 62.71 -44.11 16.38
C TYR D 364 62.75 -43.37 15.05
N ASP D 365 62.06 -42.23 15.02
CA ASP D 365 61.99 -41.37 13.86
C ASP D 365 62.65 -40.02 14.18
N GLY D 366 62.49 -39.06 13.27
CA GLY D 366 63.14 -37.77 13.44
C GLY D 366 62.71 -37.04 14.69
N ALA D 367 61.45 -37.19 15.08
CA ALA D 367 60.89 -36.50 16.24
C ALA D 367 61.02 -37.28 17.53
N ASN D 368 61.78 -38.38 17.51
CA ASN D 368 61.94 -39.26 18.68
C ASN D 368 60.61 -39.86 19.12
N ASN D 369 59.77 -40.20 18.14
CA ASN D 369 58.62 -41.06 18.39
C ASN D 369 59.07 -42.52 18.36
N VAL D 370 58.19 -43.39 18.80
CA VAL D 370 58.44 -44.83 18.76
C VAL D 370 57.51 -45.44 17.74
N ILE D 371 58.08 -45.97 16.66
CA ILE D 371 57.29 -46.53 15.57
C ILE D 371 57.06 -48.02 15.76
N ALA D 372 58.12 -48.75 16.11
CA ALA D 372 58.01 -50.19 16.30
C ALA D 372 58.94 -50.60 17.43
N GLU D 373 58.66 -51.75 18.03
CA GLU D 373 59.40 -52.19 19.20
C GLU D 373 59.23 -53.69 19.38
N LYS D 374 60.34 -54.38 19.65
CA LYS D 374 60.34 -55.81 19.90
C LYS D 374 61.05 -56.09 21.22
N ILE D 375 60.41 -56.89 22.07
CA ILE D 375 60.89 -57.12 23.43
C ILE D 375 61.18 -58.61 23.59
N VAL D 376 62.36 -58.93 24.11
CA VAL D 376 62.72 -60.28 24.54
C VAL D 376 62.94 -60.24 26.04
N VAL D 377 62.29 -61.15 26.76
CA VAL D 377 62.28 -61.15 28.21
C VAL D 377 63.31 -62.15 28.71
N ILE D 378 64.14 -61.71 29.66
CA ILE D 378 65.19 -62.54 30.27
C ILE D 378 64.98 -62.54 31.77
N THR D 379 64.93 -63.73 32.36
CA THR D 379 64.68 -63.87 33.79
C THR D 379 65.98 -64.24 34.50
N VAL D 380 66.54 -63.29 35.23
CA VAL D 380 67.78 -63.50 35.96
C VAL D 380 67.44 -63.91 37.39
N SER D 381 68.07 -64.99 37.86
CA SER D 381 67.80 -65.49 39.20
C SER D 381 68.96 -66.38 39.64
N ASN D 382 69.49 -66.09 40.83
CA ASN D 382 70.52 -66.93 41.44
C ASN D 382 69.85 -67.89 42.43
N ALA D 383 69.07 -68.81 41.87
CA ALA D 383 68.24 -69.69 42.68
C ALA D 383 68.99 -70.96 43.10
N GLY D 384 69.42 -71.76 42.13
CA GLY D 384 70.08 -73.01 42.45
C GLY D 384 71.58 -72.90 42.52
N TYR D 385 72.11 -72.75 43.73
CA TYR D 385 73.55 -72.64 43.97
C TYR D 385 73.87 -73.44 45.23
N THR D 386 74.61 -74.53 45.09
CA THR D 386 74.92 -75.40 46.22
C THR D 386 76.37 -75.19 46.63
N LEU D 387 76.58 -74.97 47.92
CA LEU D 387 77.89 -74.75 48.49
C LEU D 387 78.12 -75.76 49.62
N ALA D 388 79.22 -76.48 49.56
CA ALA D 388 79.55 -77.50 50.55
C ALA D 388 80.85 -77.15 51.24
N LEU D 389 80.84 -77.17 52.57
CA LEU D 389 82.04 -76.96 53.37
C LEU D 389 82.03 -77.95 54.52
N ALA D 390 83.17 -78.60 54.75
CA ALA D 390 83.26 -79.63 55.79
C ALA D 390 84.61 -79.58 56.45
N LYS D 391 84.66 -80.03 57.71
CA LYS D 391 85.89 -80.15 58.47
C LYS D 391 86.36 -81.60 58.40
N THR D 392 87.42 -81.84 57.63
CA THR D 392 87.92 -83.19 57.40
C THR D 392 89.05 -83.52 58.37
N THR D 393 88.75 -83.44 59.65
CA THR D 393 89.73 -83.75 60.68
C THR D 393 89.00 -84.31 61.90
N ALA D 394 89.71 -85.10 62.68
CA ALA D 394 89.10 -85.85 63.78
C ALA D 394 88.72 -84.92 64.92
N ASP D 395 88.01 -85.47 65.90
CA ASP D 395 87.51 -84.70 67.03
C ASP D 395 88.59 -84.01 67.88
N PRO D 396 89.74 -84.64 68.22
CA PRO D 396 90.61 -84.05 69.25
C PRO D 396 91.38 -82.82 68.81
N VAL D 397 90.96 -82.18 67.71
CA VAL D 397 91.58 -80.95 67.26
C VAL D 397 91.73 -79.97 68.41
N THR D 398 92.87 -79.27 68.42
CA THR D 398 93.18 -78.30 69.46
C THR D 398 93.97 -77.16 68.82
N THR D 399 94.52 -76.28 69.66
CA THR D 399 95.31 -75.15 69.18
C THR D 399 96.73 -75.54 68.84
N ASP D 400 97.00 -76.83 68.68
CA ASP D 400 98.29 -77.37 68.31
C ASP D 400 98.42 -77.63 66.82
N ASP D 401 97.50 -78.39 66.25
CA ASP D 401 97.53 -78.78 64.85
C ASP D 401 96.76 -77.80 63.98
N THR D 402 97.00 -77.88 62.68
CA THR D 402 96.35 -77.02 61.70
C THR D 402 95.06 -77.69 61.21
N ILE D 403 93.97 -76.93 61.21
CA ILE D 403 92.66 -77.43 60.83
C ILE D 403 92.51 -77.33 59.32
N ALA D 404 92.11 -78.43 58.69
CA ALA D 404 91.95 -78.51 57.24
C ALA D 404 90.48 -78.73 56.90
N PHE D 405 89.98 -77.94 55.94
CA PHE D 405 88.61 -78.05 55.47
C PHE D 405 88.59 -78.55 54.03
N SER D 406 87.44 -79.06 53.63
CA SER D 406 87.16 -79.43 52.25
C SER D 406 85.96 -78.63 51.75
N ALA D 407 86.07 -78.04 50.58
CA ALA D 407 85.05 -77.14 50.06
C ALA D 407 84.70 -77.48 48.63
N GLY D 408 83.50 -77.07 48.23
CA GLY D 408 83.02 -77.30 46.89
C GLY D 408 81.84 -76.40 46.58
N ALA D 409 81.62 -76.17 45.28
CA ALA D 409 80.54 -75.32 44.83
C ALA D 409 79.99 -75.87 43.52
N LYS D 410 78.71 -75.64 43.27
CA LYS D 410 78.12 -76.04 41.99
C LYS D 410 76.83 -75.29 41.77
N HIS D 411 76.39 -75.27 40.52
CA HIS D 411 75.12 -74.67 40.12
C HIS D 411 74.28 -75.72 39.40
N LEU D 412 72.96 -75.60 39.54
CA LEU D 412 72.06 -76.59 38.97
C LEU D 412 72.26 -76.73 37.46
N SER D 413 72.26 -75.60 36.75
CA SER D 413 72.54 -75.60 35.31
C SER D 413 73.23 -74.28 34.97
N SER D 414 74.56 -74.30 34.99
CA SER D 414 75.39 -73.13 34.71
C SER D 414 76.85 -73.54 34.67
N THR D 415 77.66 -72.74 33.97
CA THR D 415 79.09 -72.98 33.89
C THR D 415 79.85 -71.66 34.03
N SER D 416 79.23 -70.65 34.67
CA SER D 416 79.83 -69.33 34.76
C SER D 416 80.99 -69.34 35.76
N GLN D 417 81.66 -68.20 35.88
CA GLN D 417 82.83 -68.05 36.73
C GLN D 417 82.43 -67.33 38.01
N VAL D 418 82.44 -68.04 39.12
CA VAL D 418 82.15 -67.48 40.43
C VAL D 418 83.45 -67.28 41.17
N TRP D 419 83.39 -66.48 42.24
CA TRP D 419 84.55 -66.21 43.07
C TRP D 419 84.22 -66.62 44.50
N TRP D 420 85.24 -66.95 45.29
CA TRP D 420 85.00 -67.48 46.63
C TRP D 420 85.90 -66.78 47.64
N THR D 421 85.40 -66.73 48.89
CA THR D 421 86.17 -66.20 50.01
C THR D 421 85.85 -67.03 51.25
N ILE D 422 86.79 -67.04 52.19
CA ILE D 422 86.64 -67.77 53.44
C ILE D 422 86.99 -66.83 54.59
N ASP D 423 86.25 -66.96 55.69
CA ASP D 423 86.42 -66.12 56.87
C ASP D 423 86.38 -67.02 58.10
N TYR D 424 87.47 -67.04 58.86
CA TYR D 424 87.60 -67.91 60.02
C TYR D 424 87.13 -67.26 61.31
N GLY D 425 86.69 -66.00 61.26
CA GLY D 425 86.23 -65.32 62.44
C GLY D 425 86.98 -64.02 62.69
N ALA D 426 88.06 -63.81 61.96
CA ALA D 426 88.87 -62.60 62.08
C ALA D 426 88.65 -61.61 60.96
N GLY D 427 88.36 -62.09 59.75
CA GLY D 427 88.13 -61.22 58.62
C GLY D 427 88.15 -61.95 57.29
N GLU D 428 87.34 -61.47 56.36
CA GLU D 428 87.26 -62.12 55.05
C GLU D 428 88.52 -61.82 54.24
N SER D 429 88.96 -62.83 53.47
CA SER D 429 90.14 -62.65 52.62
C SER D 429 89.94 -61.49 51.67
N SER D 430 90.93 -60.58 51.61
CA SER D 430 90.74 -59.36 50.83
C SER D 430 90.71 -59.62 49.34
N PRO D 431 91.67 -60.34 48.73
CA PRO D 431 91.54 -60.65 47.30
C PRO D 431 90.69 -61.90 47.09
N ARG D 432 89.49 -61.71 46.55
CA ARG D 432 88.66 -62.86 46.21
C ARG D 432 89.36 -63.68 45.14
N THR D 433 89.48 -64.98 45.38
CA THR D 433 90.08 -65.86 44.40
C THR D 433 89.03 -66.17 43.33
N ALA D 434 89.41 -66.97 42.34
CA ALA D 434 88.52 -67.32 41.24
C ALA D 434 88.18 -68.79 41.31
N LEU D 435 86.91 -69.12 41.14
CA LEU D 435 86.46 -70.50 41.04
C LEU D 435 85.98 -70.75 39.62
N THR D 436 86.52 -71.79 38.99
CA THR D 436 86.18 -72.15 37.61
C THR D 436 85.22 -73.34 37.68
N MET D 437 83.96 -73.09 37.33
CA MET D 437 82.92 -74.11 37.46
C MET D 437 82.83 -74.93 36.18
N THR D 438 82.94 -76.25 36.31
CA THR D 438 82.80 -77.14 35.17
C THR D 438 81.79 -78.26 35.40
N ASN D 439 81.74 -78.82 36.61
CA ASN D 439 80.75 -79.84 36.91
C ASN D 439 79.44 -79.19 37.32
N VAL D 440 78.33 -79.69 36.78
CA VAL D 440 77.04 -79.04 36.85
C VAL D 440 76.00 -80.02 37.35
N GLY D 441 75.13 -79.55 38.26
CA GLY D 441 73.92 -80.27 38.59
C GLY D 441 74.08 -81.33 39.67
N ALA D 442 74.17 -82.59 39.25
CA ALA D 442 74.33 -83.70 40.18
C ALA D 442 75.79 -84.11 40.36
N ALA D 443 76.69 -83.66 39.49
CA ALA D 443 78.09 -84.03 39.60
C ALA D 443 78.71 -83.42 40.85
N ALA D 444 79.93 -83.86 41.16
CA ALA D 444 80.61 -83.40 42.35
C ALA D 444 80.93 -81.91 42.23
N PRO D 445 80.89 -81.19 43.35
CA PRO D 445 81.25 -79.77 43.33
C PRO D 445 82.72 -79.58 42.94
N ASN D 446 83.00 -78.43 42.31
CA ASN D 446 84.36 -78.12 41.92
C ASN D 446 85.23 -77.94 43.16
N ALA D 447 86.54 -77.89 42.94
CA ALA D 447 87.52 -78.00 44.01
C ALA D 447 87.92 -76.62 44.52
N ILE D 448 87.76 -76.41 45.83
CA ILE D 448 88.27 -75.24 46.52
C ILE D 448 89.25 -75.75 47.58
N ALA D 449 89.97 -76.82 47.24
CA ALA D 449 90.82 -77.51 48.21
C ALA D 449 91.96 -76.63 48.72
N SER D 450 92.75 -77.18 49.65
CA SER D 450 93.84 -76.47 50.31
C SER D 450 93.31 -75.30 51.15
N LEU D 451 92.34 -75.59 52.00
CA LEU D 451 91.86 -74.66 53.01
C LEU D 451 92.38 -75.10 54.36
N SER D 452 93.26 -74.29 54.95
CA SER D 452 93.90 -74.64 56.21
C SER D 452 94.04 -73.41 57.08
N ASN D 453 93.79 -73.58 58.37
CA ASN D 453 94.00 -72.51 59.34
C ASN D 453 94.19 -73.14 60.72
N GLN D 454 95.14 -72.59 61.47
CA GLN D 454 95.46 -73.04 62.82
C GLN D 454 95.11 -71.94 63.79
N TYR D 455 94.07 -72.16 64.60
CA TYR D 455 93.58 -71.12 65.50
C TYR D 455 94.55 -70.91 66.65
N THR D 456 94.78 -69.65 66.99
CA THR D 456 95.75 -69.32 68.04
C THR D 456 95.20 -69.59 69.43
N SER D 457 93.90 -69.38 69.64
CA SER D 457 93.27 -69.56 70.94
C SER D 457 92.22 -70.66 70.87
N GLY D 458 91.79 -71.10 72.04
CA GLY D 458 90.76 -72.12 72.14
C GLY D 458 89.36 -71.52 72.16
N GLY D 459 88.38 -72.41 72.23
CA GLY D 459 86.99 -72.00 72.27
C GLY D 459 86.16 -72.58 71.14
N THR D 460 85.02 -71.96 70.85
CA THR D 460 84.11 -72.44 69.81
C THR D 460 84.25 -71.55 68.58
N LYS D 461 85.18 -71.93 67.71
CA LYS D 461 85.43 -71.20 66.48
C LYS D 461 84.53 -71.68 65.37
N LEU D 462 84.22 -70.76 64.44
CA LEU D 462 83.39 -71.07 63.28
C LEU D 462 84.06 -70.54 62.02
N ALA D 463 83.81 -71.23 60.92
CA ALA D 463 84.38 -70.87 59.62
C ALA D 463 83.27 -70.74 58.60
N THR D 464 83.27 -69.63 57.86
CA THR D 464 82.29 -69.36 56.82
C THR D 464 82.98 -69.33 55.46
N LEU D 465 82.29 -69.84 54.44
CA LEU D 465 82.73 -69.79 53.06
C LEU D 465 81.62 -69.14 52.25
N ARG D 466 81.94 -68.03 51.58
CA ARG D 466 80.96 -67.27 50.82
C ARG D 466 81.35 -67.23 49.35
N ILE D 467 80.34 -67.11 48.49
CA ILE D 467 80.50 -67.17 47.05
C ILE D 467 79.88 -65.92 46.43
N TYR D 468 80.60 -65.32 45.47
CA TYR D 468 80.22 -64.08 44.84
C TYR D 468 80.25 -64.26 43.32
N ASP D 469 79.60 -63.34 42.61
CA ASP D 469 79.51 -63.39 41.16
C ASP D 469 80.25 -62.25 40.48
N ARG D 470 81.04 -61.48 41.22
CA ARG D 470 81.77 -60.36 40.64
C ARG D 470 83.10 -60.22 41.35
N ASP D 471 84.04 -59.57 40.68
CA ASP D 471 85.36 -59.35 41.24
C ASP D 471 85.26 -58.46 42.47
N GLY D 472 86.18 -58.65 43.41
CA GLY D 472 86.23 -57.83 44.59
C GLY D 472 86.62 -56.40 44.29
N VAL D 473 87.84 -56.21 43.79
CA VAL D 473 88.49 -54.94 43.48
C VAL D 473 87.99 -53.80 44.39
N GLY D 474 87.88 -52.59 43.84
CA GLY D 474 87.53 -51.44 44.63
C GLY D 474 86.10 -50.94 44.47
N ALA D 475 85.61 -50.93 43.23
CA ALA D 475 84.33 -50.32 42.93
C ALA D 475 83.18 -51.32 42.87
N ASN D 476 83.34 -52.41 42.12
CA ASN D 476 82.25 -53.33 41.87
C ASN D 476 82.29 -54.49 42.86
N THR D 477 81.12 -54.79 43.44
CA THR D 477 80.91 -55.97 44.26
C THR D 477 79.61 -56.62 43.82
N GLY D 478 79.63 -57.96 43.74
CA GLY D 478 78.45 -58.67 43.31
C GLY D 478 77.49 -58.92 44.47
N LEU D 479 76.69 -59.96 44.37
CA LEU D 479 75.73 -60.31 45.41
C LEU D 479 76.25 -61.52 46.18
N LEU D 480 75.64 -61.74 47.35
CA LEU D 480 75.88 -62.97 48.11
C LEU D 480 75.06 -64.09 47.49
N LEU D 481 75.72 -64.93 46.68
CA LEU D 481 75.03 -66.05 46.06
C LEU D 481 74.74 -67.15 47.06
N ALA D 482 75.69 -67.44 47.94
CA ALA D 482 75.54 -68.45 48.98
C ALA D 482 76.67 -68.29 49.96
N SER D 483 76.47 -68.84 51.16
CA SER D 483 77.51 -68.83 52.20
C SER D 483 77.21 -69.94 53.19
N THR D 484 78.14 -70.88 53.32
CA THR D 484 78.05 -71.97 54.29
C THR D 484 78.86 -71.62 55.53
N THR D 485 78.48 -72.22 56.65
CA THR D 485 79.15 -71.98 57.92
C THR D 485 79.24 -73.28 58.71
N VAL D 486 80.41 -73.56 59.28
CA VAL D 486 80.63 -74.75 60.09
C VAL D 486 81.15 -74.31 61.45
N THR D 487 80.59 -74.91 62.50
CA THR D 487 80.94 -74.60 63.88
C THR D 487 81.60 -75.81 64.53
N PHE D 488 82.62 -75.54 65.35
CA PHE D 488 83.31 -76.59 66.07
C PHE D 488 84.01 -75.96 67.27
N THR D 489 84.47 -76.82 68.18
CA THR D 489 85.20 -76.39 69.36
C THR D 489 86.65 -76.80 69.27
N VAL D 490 87.53 -75.97 69.81
CA VAL D 490 88.96 -76.21 69.82
C VAL D 490 89.44 -76.09 71.27
N THR D 491 90.01 -77.16 71.78
CA THR D 491 90.41 -77.19 73.19
C THR D 491 91.72 -76.43 73.39
N PRO D 492 91.76 -75.47 74.30
CA PRO D 492 92.99 -74.69 74.51
C PRO D 492 94.03 -75.50 75.28
N VAL D 493 95.22 -74.93 75.38
CA VAL D 493 96.35 -75.52 76.08
C VAL D 493 96.65 -74.67 77.31
N LEU D 494 96.71 -75.31 78.46
CA LEU D 494 96.91 -74.63 79.74
C LEU D 494 98.26 -75.00 80.33
N TYR D 495 98.95 -74.02 80.90
CA TYR D 495 100.28 -74.18 81.44
C TYR D 495 100.26 -74.04 82.96
N ALA D 496 100.79 -75.03 83.66
CA ALA D 496 100.95 -74.98 85.10
C ALA D 496 102.38 -74.60 85.45
N LEU D 497 102.57 -74.17 86.70
CA LEU D 497 103.86 -73.67 87.15
C LEU D 497 104.25 -74.35 88.46
N GLU D 498 105.45 -74.92 88.49
CA GLU D 498 106.05 -75.45 89.71
C GLU D 498 107.10 -74.47 90.20
N SER D 499 107.16 -74.27 91.52
CA SER D 499 108.01 -73.25 92.10
C SER D 499 108.80 -73.81 93.27
N ALA D 500 109.96 -73.21 93.52
CA ALA D 500 110.76 -73.51 94.70
C ALA D 500 111.62 -72.30 95.04
N VAL D 501 111.98 -72.20 96.32
CA VAL D 501 112.89 -71.18 96.81
C VAL D 501 114.05 -71.89 97.49
N GLU D 502 115.27 -71.45 97.20
CA GLU D 502 116.46 -72.13 97.73
C GLU D 502 116.45 -72.25 99.24
N PRO D 503 116.19 -71.20 100.03
CA PRO D 503 116.14 -71.37 101.47
C PRO D 503 114.75 -71.61 102.05
N PHE D 504 113.70 -71.46 101.24
CA PHE D 504 112.31 -71.66 101.63
C PHE D 504 111.84 -70.53 102.55
N SER D 505 112.79 -69.71 103.00
CA SER D 505 112.53 -68.54 103.81
C SER D 505 113.75 -67.64 103.70
N PRO D 506 113.76 -66.69 102.77
CA PRO D 506 114.96 -65.86 102.60
C PRO D 506 115.31 -65.11 103.87
N ILE D 507 116.59 -65.06 104.17
CA ILE D 507 117.08 -64.29 105.31
C ILE D 507 116.93 -62.81 105.01
N ALA D 508 116.72 -62.04 106.06
CA ALA D 508 116.24 -60.66 105.97
C ALA D 508 117.21 -59.71 105.28
N THR D 509 118.37 -60.19 104.83
CA THR D 509 119.30 -59.31 104.13
C THR D 509 119.78 -59.92 102.82
N VAL D 510 119.94 -61.23 102.78
CA VAL D 510 120.56 -61.90 101.65
C VAL D 510 119.52 -62.20 100.58
N ALA D 511 119.99 -62.44 99.36
CA ALA D 511 119.10 -62.70 98.24
C ALA D 511 118.82 -64.19 98.09
N ALA D 512 117.57 -64.53 97.88
CA ALA D 512 117.14 -65.90 97.65
C ALA D 512 116.99 -66.17 96.15
N LYS D 513 116.99 -67.45 95.80
CA LYS D 513 116.88 -67.91 94.43
C LYS D 513 115.53 -68.59 94.24
N TRP D 514 114.75 -68.07 93.30
CA TRP D 514 113.42 -68.60 92.97
C TRP D 514 113.50 -69.38 91.67
N SER D 515 113.22 -70.67 91.73
CA SER D 515 113.29 -71.55 90.57
C SER D 515 111.88 -71.97 90.16
N PHE D 516 111.52 -71.70 88.92
CA PHE D 516 110.24 -72.03 88.34
C PHE D 516 110.41 -72.99 87.17
N ARG D 517 109.40 -73.83 86.96
CA ARG D 517 109.37 -74.73 85.82
C ARG D 517 107.95 -74.82 85.28
N ILE D 518 107.83 -74.78 83.95
CA ILE D 518 106.53 -74.73 83.28
C ILE D 518 106.15 -76.13 82.83
N GLN D 519 104.93 -76.54 83.17
CA GLN D 519 104.37 -77.82 82.74
C GLN D 519 103.28 -77.56 81.70
N ARG D 520 103.46 -78.09 80.50
CA ARG D 520 102.53 -77.88 79.40
C ARG D 520 101.40 -78.91 79.45
N SER D 521 100.24 -78.52 78.94
CA SER D 521 99.08 -79.42 78.95
C SER D 521 99.33 -80.66 78.11
N LYS D 522 99.90 -80.50 76.93
CA LYS D 522 100.10 -81.61 76.00
C LYS D 522 101.52 -81.58 75.48
N ALA D 523 101.91 -82.68 74.84
CA ALA D 523 103.24 -82.76 74.23
C ALA D 523 103.35 -81.79 73.06
N THR D 524 104.51 -81.16 72.93
CA THR D 524 104.75 -80.26 71.82
C THR D 524 104.70 -81.04 70.50
N PRO D 525 104.25 -80.42 69.41
CA PRO D 525 104.19 -81.13 68.14
C PRO D 525 105.57 -81.62 67.70
N ALA D 526 105.58 -82.76 67.00
CA ALA D 526 106.82 -83.46 66.74
C ALA D 526 107.68 -82.73 65.72
N GLY D 527 108.55 -81.84 66.21
CA GLY D 527 109.44 -81.08 65.36
C GLY D 527 109.42 -79.60 65.66
N VAL D 528 108.43 -79.17 66.44
CA VAL D 528 108.23 -77.76 66.75
C VAL D 528 108.58 -77.54 68.22
N THR D 529 109.25 -76.42 68.49
CA THR D 529 109.69 -76.06 69.82
C THR D 529 108.72 -75.07 70.46
N GLU D 530 109.10 -74.56 71.63
CA GLU D 530 108.34 -73.51 72.30
C GLU D 530 109.31 -72.63 73.09
N SER D 531 109.36 -71.35 72.75
CA SER D 531 110.25 -70.40 73.43
C SER D 531 109.39 -69.34 74.09
N ILE D 532 109.35 -69.34 75.42
CA ILE D 532 108.46 -68.46 76.18
C ILE D 532 109.31 -67.51 77.00
N LYS D 533 109.03 -66.21 76.88
CA LYS D 533 109.79 -65.16 77.54
C LYS D 533 108.93 -64.58 78.65
N CYS D 534 109.51 -64.41 79.85
CA CYS D 534 108.63 -64.16 80.98
C CYS D 534 109.37 -63.90 82.28
N ALA D 535 108.65 -63.31 83.23
CA ALA D 535 109.27 -62.67 84.39
C ALA D 535 108.39 -62.81 85.62
N PHE D 536 108.86 -62.25 86.73
CA PHE D 536 108.36 -62.51 88.07
C PHE D 536 108.49 -61.25 88.92
N PHE D 537 107.72 -61.21 90.01
CA PHE D 537 107.81 -60.12 90.99
C PHE D 537 107.34 -60.68 92.33
N GLY D 538 108.28 -61.01 93.21
CA GLY D 538 107.89 -61.41 94.55
C GLY D 538 108.23 -60.41 95.63
N ALA D 539 107.26 -59.59 96.03
CA ALA D 539 107.29 -58.76 97.23
C ALA D 539 108.64 -58.08 97.50
N ASP D 540 109.38 -57.73 96.45
CA ASP D 540 110.76 -57.28 96.60
C ASP D 540 110.89 -55.77 96.54
N THR D 541 110.47 -55.15 95.44
CA THR D 541 110.66 -53.72 95.23
C THR D 541 109.49 -53.15 94.46
N GLY D 542 109.04 -51.97 94.88
CA GLY D 542 107.98 -51.28 94.17
C GLY D 542 106.67 -52.03 94.23
N THR D 543 105.89 -51.90 93.15
CA THR D 543 104.58 -52.51 93.05
C THR D 543 104.46 -53.28 91.75
N ALA D 544 103.42 -54.11 91.66
CA ALA D 544 103.22 -54.93 90.49
C ALA D 544 102.87 -54.05 89.29
N PRO D 545 103.24 -54.48 88.09
CA PRO D 545 102.88 -53.73 86.88
C PRO D 545 101.41 -53.92 86.53
N ALA D 546 100.55 -53.07 87.09
CA ALA D 546 99.10 -53.23 87.04
C ALA D 546 98.53 -53.24 85.62
N ASP D 547 99.38 -53.09 84.61
CA ASP D 547 98.97 -53.21 83.23
C ASP D 547 99.58 -54.47 82.63
N LEU D 548 98.81 -55.17 81.80
CA LEU D 548 99.32 -56.40 81.21
C LEU D 548 100.47 -56.12 80.24
N ALA D 549 100.32 -55.08 79.41
CA ALA D 549 101.43 -54.68 78.55
C ALA D 549 102.63 -54.21 79.35
N ALA D 550 102.42 -53.75 80.58
CA ALA D 550 103.56 -53.47 81.46
C ALA D 550 104.31 -54.75 81.81
N TRP D 551 103.58 -55.84 82.09
CA TRP D 551 104.25 -57.13 82.26
C TRP D 551 104.95 -57.54 80.98
N LEU D 552 104.35 -57.25 79.82
CA LEU D 552 104.96 -57.60 78.54
C LEU D 552 106.29 -56.89 78.35
N THR D 553 106.32 -55.58 78.59
CA THR D 553 107.56 -54.82 78.41
C THR D 553 108.59 -55.17 79.47
N ALA D 554 108.15 -55.52 80.69
CA ALA D 554 109.08 -56.00 81.69
C ALA D 554 109.72 -57.31 81.27
N ALA D 555 108.92 -58.23 80.72
CA ALA D 555 109.44 -59.52 80.31
C ALA D 555 110.34 -59.41 79.08
N ASN D 556 110.04 -58.46 78.19
CA ASN D 556 110.84 -58.30 76.99
C ASN D 556 112.20 -57.65 77.28
N GLY D 557 112.40 -57.09 78.45
CA GLY D 557 113.64 -56.42 78.80
C GLY D 557 114.61 -57.33 79.50
N ALA D 558 115.37 -56.75 80.44
CA ALA D 558 116.35 -57.51 81.20
C ALA D 558 115.71 -58.39 82.27
N GLY D 559 114.58 -57.94 82.83
CA GLY D 559 113.92 -58.72 83.87
C GLY D 559 113.30 -60.01 83.39
N GLY D 560 113.12 -60.17 82.08
CA GLY D 560 112.58 -61.39 81.55
C GLY D 560 113.61 -62.49 81.46
N LEU D 561 113.12 -63.69 81.18
CA LEU D 561 113.96 -64.87 81.05
C LEU D 561 113.22 -65.86 80.16
N THR D 562 113.98 -66.60 79.35
CA THR D 562 113.41 -67.47 78.34
C THR D 562 113.46 -68.93 78.79
N ALA D 563 112.40 -69.66 78.45
CA ALA D 563 112.31 -71.10 78.69
C ALA D 563 111.97 -71.80 77.39
N THR D 564 112.62 -72.96 77.16
CA THR D 564 112.45 -73.72 75.94
C THR D 564 111.80 -75.06 76.26
N ILE D 565 110.77 -75.41 75.51
CA ILE D 565 110.13 -76.71 75.53
C ILE D 565 110.45 -77.38 74.20
N LEU D 566 111.19 -78.48 74.25
CA LEU D 566 111.61 -79.18 73.07
C LEU D 566 110.44 -79.94 72.45
N PRO D 567 110.55 -80.30 71.17
CA PRO D 567 109.45 -81.06 70.53
C PRO D 567 109.16 -82.36 71.26
N SER D 568 107.88 -82.70 71.33
CA SER D 568 107.40 -83.96 71.92
C SER D 568 107.74 -84.05 73.41
N SER D 569 107.94 -82.91 74.07
CA SER D 569 108.28 -82.87 75.48
C SER D 569 107.25 -82.04 76.24
N ILE D 570 106.86 -82.54 77.40
CA ILE D 570 105.90 -81.86 78.26
C ILE D 570 106.55 -80.71 79.04
N PRO D 571 107.67 -80.91 79.74
CA PRO D 571 108.17 -79.85 80.63
C PRO D 571 109.12 -78.89 79.93
N SER D 572 109.32 -77.75 80.59
CA SER D 572 110.23 -76.70 80.15
C SER D 572 111.51 -76.73 80.97
N ASP D 573 112.52 -76.01 80.48
CA ASP D 573 113.78 -75.94 81.18
C ASP D 573 113.65 -75.14 82.48
N ILE D 574 114.62 -75.32 83.37
CA ILE D 574 114.56 -74.68 84.68
C ILE D 574 114.83 -73.20 84.54
N ILE D 575 113.95 -72.38 85.11
CA ILE D 575 114.06 -70.94 85.13
C ILE D 575 114.44 -70.50 86.53
N SER D 576 115.37 -69.55 86.64
CA SER D 576 115.83 -69.11 87.95
C SER D 576 115.96 -67.60 88.00
N PHE D 577 115.33 -67.00 89.00
CA PHE D 577 115.46 -65.58 89.33
C PHE D 577 116.15 -65.46 90.69
N THR D 578 116.62 -64.25 90.99
CA THR D 578 117.22 -63.96 92.29
C THR D 578 116.62 -62.67 92.83
N ARG D 579 116.13 -62.72 94.06
CA ARG D 579 115.49 -61.56 94.69
C ARG D 579 116.05 -61.34 96.08
N THR D 580 116.43 -60.11 96.38
CA THR D 580 116.97 -59.73 97.68
C THR D 580 115.89 -59.10 98.53
N TYR D 581 115.91 -59.39 99.83
CA TYR D 581 114.93 -58.86 100.77
C TYR D 581 115.65 -58.07 101.84
N ALA D 582 115.23 -56.82 102.03
CA ALA D 582 115.71 -55.99 103.13
C ALA D 582 114.70 -55.87 104.26
N ALA D 583 113.54 -56.48 104.13
CA ALA D 583 112.47 -56.39 105.10
C ALA D 583 112.41 -57.66 105.96
N ALA D 584 111.37 -57.78 106.76
CA ALA D 584 111.20 -58.91 107.67
C ALA D 584 109.69 -59.17 107.81
N ALA D 585 109.33 -59.87 108.88
CA ALA D 585 107.95 -60.09 109.32
C ALA D 585 107.24 -61.21 108.57
N ALA D 586 105.95 -61.03 108.32
CA ALA D 586 105.03 -62.12 108.00
C ALA D 586 105.17 -62.57 106.55
N SER D 587 104.23 -63.41 106.11
CA SER D 587 104.29 -64.04 104.80
C SER D 587 104.04 -63.05 103.68
N LEU D 588 104.42 -63.46 102.46
CA LEU D 588 104.28 -62.65 101.27
C LEU D 588 103.80 -63.53 100.12
N GLN D 589 103.33 -62.89 99.05
CA GLN D 589 102.82 -63.62 97.88
C GLN D 589 103.17 -62.82 96.63
N GLY D 590 104.04 -63.39 95.79
CA GLY D 590 104.43 -62.74 94.55
C GLY D 590 103.56 -63.16 93.37
N LYS D 591 103.90 -62.63 92.20
CA LYS D 591 103.14 -62.88 90.98
C LYS D 591 104.09 -63.03 89.80
N LEU D 592 103.80 -63.99 88.93
CA LEU D 592 104.56 -64.24 87.72
C LEU D 592 103.69 -63.96 86.50
N GLN D 593 104.32 -63.56 85.39
CA GLN D 593 103.60 -63.47 84.13
C GLN D 593 104.49 -63.97 83.00
N CYS D 594 103.88 -64.69 82.06
CA CYS D 594 104.68 -65.47 81.12
C CYS D 594 104.08 -65.43 79.73
N PHE D 595 104.83 -64.92 78.75
CA PHE D 595 104.32 -64.65 77.42
C PHE D 595 104.94 -65.58 76.39
N ILE D 596 104.07 -66.17 75.56
CA ILE D 596 104.46 -66.90 74.37
C ILE D 596 103.98 -66.12 73.15
N GLY D 597 104.91 -65.46 72.46
CA GLY D 597 104.56 -64.64 71.31
C GLY D 597 103.58 -63.54 71.66
N SER D 598 103.83 -62.85 72.78
CA SER D 598 102.96 -61.85 73.39
C SER D 598 101.67 -62.43 73.95
N THR D 599 101.47 -63.73 73.84
CA THR D 599 100.30 -64.37 74.43
C THR D 599 100.50 -64.51 75.94
N PRO D 600 99.63 -63.93 76.76
CA PRO D 600 99.82 -64.01 78.22
C PRO D 600 99.22 -65.27 78.83
N LEU D 601 100.06 -66.09 79.46
CA LEU D 601 99.54 -67.23 80.21
C LEU D 601 98.95 -66.75 81.53
N TRP D 602 97.79 -67.31 81.89
CA TRP D 602 97.05 -66.95 83.09
C TRP D 602 96.52 -65.52 82.98
N ASP D 603 95.28 -65.29 83.40
CA ASP D 603 94.59 -64.08 82.98
C ASP D 603 95.25 -62.85 83.63
N PRO D 604 95.15 -62.64 84.95
CA PRO D 604 95.82 -61.45 85.52
C PRO D 604 97.33 -61.65 85.69
N TYR D 605 97.69 -62.80 86.26
CA TYR D 605 99.06 -63.17 86.60
C TYR D 605 99.03 -64.57 87.21
N TYR D 606 100.19 -65.14 87.51
CA TYR D 606 100.22 -66.43 88.20
C TYR D 606 100.72 -66.21 89.62
N PRO D 607 99.83 -66.18 90.61
CA PRO D 607 100.28 -65.95 92.00
C PRO D 607 101.10 -67.12 92.51
N THR D 608 102.30 -66.84 92.97
CA THR D 608 103.21 -67.84 93.50
C THR D 608 102.79 -68.24 94.91
N PRO D 609 103.26 -69.40 95.40
CA PRO D 609 102.82 -69.87 96.72
C PRO D 609 103.26 -68.93 97.84
N VAL D 610 102.52 -69.01 98.95
CA VAL D 610 102.79 -68.19 100.11
C VAL D 610 104.17 -68.50 100.66
N PHE D 611 104.93 -67.44 100.94
CA PHE D 611 106.28 -67.56 101.48
C PHE D 611 106.52 -66.43 102.47
N GLN D 612 107.49 -66.62 103.36
CA GLN D 612 107.77 -65.64 104.41
C GLN D 612 109.27 -65.40 104.52
N VAL D 613 109.63 -64.14 104.75
CA VAL D 613 111.01 -63.73 105.02
C VAL D 613 111.19 -63.65 106.53
N LEU D 614 112.38 -64.03 107.00
CA LEU D 614 112.66 -64.12 108.43
C LEU D 614 113.85 -63.25 108.80
N ALA D 615 113.82 -62.74 110.03
CA ALA D 615 114.89 -61.88 110.52
C ALA D 615 116.15 -62.67 110.83
N ALA D 616 116.00 -63.88 111.38
CA ALA D 616 117.13 -64.73 111.73
C ALA D 616 116.96 -66.10 111.10
N ALA D 617 118.08 -66.73 110.80
CA ALA D 617 118.06 -68.02 110.13
C ALA D 617 117.43 -69.07 111.03
N PRO D 618 116.50 -69.87 110.52
CA PRO D 618 115.87 -70.90 111.37
C PRO D 618 116.88 -71.95 111.81
N THR D 619 116.69 -72.44 113.02
CA THR D 619 117.61 -73.39 113.65
C THR D 619 117.01 -74.78 113.62
N TYR D 620 117.82 -75.76 113.20
CA TYR D 620 117.43 -77.16 113.17
C TYR D 620 118.11 -77.90 114.31
N THR D 621 117.31 -78.61 115.10
CA THR D 621 117.80 -79.49 116.16
C THR D 621 117.39 -80.91 115.86
N LEU D 622 118.20 -81.87 116.31
CA LEU D 622 117.99 -83.26 115.96
C LEU D 622 118.13 -84.15 117.19
N SER D 623 117.49 -85.32 117.12
CA SER D 623 117.60 -86.35 118.14
C SER D 623 117.49 -87.70 117.46
N ALA D 624 118.07 -88.73 118.09
CA ALA D 624 118.22 -90.03 117.44
C ALA D 624 117.85 -91.17 118.38
N SER D 625 117.40 -92.27 117.78
CA SER D 625 116.95 -93.44 118.53
C SER D 625 117.28 -94.72 117.77
N VAL D 626 117.49 -95.80 118.52
CA VAL D 626 117.60 -97.15 117.99
C VAL D 626 116.76 -98.07 118.87
N THR D 627 115.79 -98.76 118.26
CA THR D 627 115.07 -99.75 119.05
C THR D 627 115.88 -101.05 119.14
N PRO D 628 116.54 -101.53 118.05
CA PRO D 628 117.50 -102.64 118.27
C PRO D 628 118.89 -102.12 118.63
N ALA D 629 119.07 -101.82 119.92
CA ALA D 629 120.29 -101.15 120.38
C ALA D 629 121.53 -101.99 120.09
N VAL D 630 121.47 -103.29 120.36
CA VAL D 630 122.57 -104.20 120.06
C VAL D 630 122.08 -105.23 119.05
N VAL D 631 122.80 -105.37 117.95
CA VAL D 631 122.43 -106.29 116.89
C VAL D 631 123.67 -107.10 116.50
N PRO D 632 123.48 -108.29 115.95
CA PRO D 632 124.60 -109.06 115.40
C PRO D 632 124.92 -108.59 113.98
N VAL D 633 125.95 -109.19 113.40
CA VAL D 633 126.38 -108.82 112.07
C VAL D 633 125.33 -109.24 111.05
N ASP D 634 125.29 -108.50 109.93
CA ASP D 634 124.38 -108.79 108.82
C ASP D 634 122.92 -108.81 109.26
N THR D 635 122.56 -107.97 110.22
CA THR D 635 121.21 -107.89 110.73
C THR D 635 120.68 -106.47 110.61
N ALA D 636 119.38 -106.36 110.33
CA ALA D 636 118.75 -105.07 110.18
C ALA D 636 118.72 -104.32 111.51
N THR D 637 118.97 -103.01 111.44
CA THR D 637 118.93 -102.13 112.60
C THR D 637 118.15 -100.88 112.24
N LEU D 638 117.29 -100.44 113.15
CA LEU D 638 116.41 -99.30 112.91
C LEU D 638 117.03 -98.05 113.52
N TRP D 639 117.50 -97.15 112.67
CA TRP D 639 118.07 -95.87 113.09
C TRP D 639 117.06 -94.77 112.78
N THR D 640 116.48 -94.17 113.81
CA THR D 640 115.42 -93.18 113.66
C THR D 640 115.92 -91.82 114.11
N TYR D 641 115.46 -90.77 113.42
CA TYR D 641 115.77 -89.40 113.78
C TYR D 641 114.50 -88.58 113.88
N ASN D 642 114.48 -87.66 114.83
CA ASN D 642 113.43 -86.66 114.97
C ASN D 642 114.07 -85.29 114.86
N ILE D 643 113.41 -84.39 114.15
CA ILE D 643 113.93 -83.06 113.83
C ILE D 643 112.95 -82.02 114.34
N ILE D 644 113.49 -80.98 114.99
CA ILE D 644 112.70 -79.88 115.50
C ILE D 644 113.22 -78.58 114.90
N ARG D 645 112.32 -77.81 114.29
CA ARG D 645 112.67 -76.54 113.67
C ARG D 645 112.30 -75.39 114.59
N SER D 646 113.16 -74.37 114.63
CA SER D 646 112.92 -73.22 115.51
C SER D 646 111.65 -72.48 115.11
N VAL D 647 111.52 -72.16 113.82
CA VAL D 647 110.38 -71.40 113.34
C VAL D 647 109.42 -72.35 112.64
N PRO D 648 108.12 -72.11 112.69
CA PRO D 648 107.16 -73.03 112.06
C PRO D 648 107.11 -72.85 110.54
N VAL D 649 106.75 -73.93 109.87
CA VAL D 649 106.53 -73.87 108.42
C VAL D 649 105.36 -72.94 108.14
N PRO D 650 105.45 -72.07 107.13
CA PRO D 650 104.35 -71.13 106.86
C PRO D 650 103.01 -71.83 106.73
N ALA D 651 102.02 -71.32 107.45
CA ALA D 651 100.71 -71.97 107.50
C ALA D 651 100.03 -71.97 106.14
N GLY D 652 100.08 -70.85 105.43
CA GLY D 652 99.44 -70.75 104.13
C GLY D 652 100.27 -71.25 102.98
N GLY D 653 101.55 -71.55 103.20
CA GLY D 653 102.43 -72.02 102.16
C GLY D 653 102.39 -73.52 102.00
N PRO D 654 103.32 -74.06 101.21
CA PRO D 654 103.38 -75.51 101.02
C PRO D 654 104.22 -76.20 102.10
N SER D 655 104.41 -77.51 101.97
CA SER D 655 105.25 -78.24 102.89
C SER D 655 106.72 -77.85 102.67
N LEU D 656 107.58 -78.40 103.52
CA LEU D 656 109.02 -78.18 103.38
C LEU D 656 109.73 -79.50 103.15
N PRO D 657 110.09 -79.85 101.91
CA PRO D 657 110.76 -81.13 101.68
C PRO D 657 112.27 -81.04 101.89
N ILE D 658 112.80 -81.94 102.73
CA ILE D 658 114.23 -81.97 103.02
C ILE D 658 114.74 -83.40 102.85
N LEU D 659 115.86 -83.53 102.13
CA LEU D 659 116.55 -84.80 102.01
C LEU D 659 117.54 -84.96 103.15
N CYS D 660 117.45 -86.10 103.84
CA CYS D 660 118.37 -86.46 104.91
C CYS D 660 119.32 -87.53 104.39
N SER D 661 120.60 -87.32 104.61
CA SER D 661 121.66 -88.25 104.21
C SER D 661 122.29 -88.82 105.47
N PHE D 662 122.40 -90.15 105.52
CA PHE D 662 122.73 -90.87 106.74
C PHE D 662 123.90 -91.81 106.46
N TRP D 663 124.95 -91.69 107.28
CA TRP D 663 126.13 -92.56 107.19
C TRP D 663 126.22 -93.38 108.47
N ASP D 664 126.19 -94.71 108.31
CA ASP D 664 126.12 -95.60 109.47
C ASP D 664 127.36 -95.48 110.35
N GLY D 665 128.52 -95.21 109.76
CA GLY D 665 129.75 -95.09 110.50
C GLY D 665 130.68 -96.27 110.39
N LYS D 666 130.19 -97.43 109.94
CA LYS D 666 131.03 -98.60 109.73
C LYS D 666 131.48 -98.76 108.29
N THR D 667 130.72 -98.21 107.35
CA THR D 667 131.06 -98.29 105.93
C THR D 667 132.05 -97.18 105.56
N GLY D 668 132.16 -96.89 104.27
CA GLY D 668 133.17 -95.97 103.74
C GLY D 668 133.23 -94.60 104.37
N ALA D 669 134.23 -93.82 103.97
CA ALA D 669 134.61 -92.60 104.66
C ALA D 669 133.55 -91.51 104.64
N ALA D 670 132.44 -91.74 103.92
CA ALA D 670 131.28 -90.85 103.90
C ALA D 670 131.59 -89.51 103.22
N PRO D 671 130.58 -88.78 102.76
CA PRO D 671 130.84 -87.46 102.18
C PRO D 671 131.29 -86.46 103.25
N THR D 672 132.05 -85.46 102.78
CA THR D 672 132.52 -84.38 103.63
C THR D 672 131.86 -83.04 103.30
N THR D 673 131.62 -82.77 102.03
CA THR D 673 131.04 -81.50 101.61
C THR D 673 129.55 -81.65 101.34
N ASP D 674 128.86 -80.50 101.29
CA ASP D 674 127.42 -80.51 101.07
C ASP D 674 127.06 -81.11 99.71
N ALA D 675 127.94 -80.97 98.72
CA ALA D 675 127.69 -81.62 97.44
C ALA D 675 127.64 -83.13 97.59
N GLY D 676 128.59 -83.70 98.33
CA GLY D 676 128.55 -85.13 98.60
C GLY D 676 127.37 -85.54 99.45
N TRP D 677 126.98 -84.69 100.40
CA TRP D 677 125.82 -84.99 101.24
C TRP D 677 124.55 -85.05 100.40
N ALA D 678 124.36 -84.09 99.49
CA ALA D 678 123.19 -84.09 98.63
C ALA D 678 123.28 -85.16 97.54
N ALA D 679 124.48 -85.62 97.21
CA ALA D 679 124.63 -86.71 96.25
C ALA D 679 124.12 -88.03 96.79
N LEU D 680 123.84 -88.11 98.09
CA LEU D 680 123.31 -89.32 98.71
C LEU D 680 121.80 -89.33 98.49
N ALA D 681 121.39 -89.90 97.36
CA ALA D 681 119.99 -89.96 96.98
C ALA D 681 119.32 -91.18 97.62
N GLY D 682 118.11 -91.51 97.18
CA GLY D 682 117.34 -92.58 97.77
C GLY D 682 117.88 -93.97 97.53
N SER D 683 119.12 -94.08 97.06
CA SER D 683 119.74 -95.39 96.83
C SER D 683 120.16 -96.01 98.15
N ALA D 684 119.19 -96.33 99.00
CA ALA D 684 119.37 -96.98 100.29
C ALA D 684 120.21 -96.17 101.27
N ASN D 685 120.51 -94.91 100.96
CA ASN D 685 121.33 -94.12 101.86
C ASN D 685 120.71 -92.77 102.20
N GLY D 686 120.06 -92.12 101.24
CA GLY D 686 119.38 -90.87 101.51
C GLY D 686 117.87 -91.04 101.45
N LYS D 687 117.12 -90.10 102.02
CA LYS D 687 115.66 -90.21 101.99
C LYS D 687 115.07 -88.83 102.20
N GLY D 688 113.99 -88.54 101.47
CA GLY D 688 113.33 -87.25 101.55
C GLY D 688 112.12 -87.30 102.46
N THR D 689 112.11 -86.43 103.47
CA THR D 689 111.00 -86.28 104.39
C THR D 689 110.44 -84.87 104.22
N SER D 690 109.34 -84.60 104.93
CA SER D 690 108.62 -83.35 104.71
C SER D 690 108.17 -82.74 106.03
N MET D 691 108.39 -81.44 106.18
CA MET D 691 107.77 -80.65 107.23
C MET D 691 106.35 -80.29 106.80
N ALA D 692 105.38 -80.67 107.61
CA ALA D 692 104.01 -80.28 107.36
C ALA D 692 103.85 -78.77 107.54
N PRO D 693 103.00 -78.13 106.75
CA PRO D 693 102.79 -76.68 106.90
C PRO D 693 102.16 -76.36 108.24
N GLY D 694 102.88 -75.58 109.05
CA GLY D 694 102.43 -75.22 110.38
C GLY D 694 102.92 -76.12 111.49
N SER D 695 103.55 -77.25 111.17
CA SER D 695 104.09 -78.17 112.16
C SER D 695 105.60 -78.12 112.12
N THR D 696 106.22 -78.06 113.30
CA THR D 696 107.67 -77.86 113.43
C THR D 696 108.39 -79.15 113.81
N THR D 697 107.95 -80.29 113.27
CA THR D 697 108.56 -81.57 113.62
C THR D 697 108.74 -82.43 112.37
N ALA D 698 109.74 -83.29 112.42
CA ALA D 698 110.02 -84.24 111.35
C ALA D 698 110.45 -85.58 111.95
N THR D 699 110.15 -86.65 111.23
CA THR D 699 110.59 -87.99 111.59
C THR D 699 111.15 -88.66 110.35
N CYS D 700 112.30 -89.34 110.51
CA CYS D 700 112.91 -90.06 109.41
C CYS D 700 113.55 -91.33 109.95
N SER D 701 113.76 -92.30 109.06
CA SER D 701 114.27 -93.60 109.50
C SER D 701 115.16 -94.20 108.42
N PHE D 702 116.08 -95.05 108.87
CA PHE D 702 116.96 -95.81 108.00
C PHE D 702 117.19 -97.18 108.62
N THR D 703 117.64 -98.12 107.80
CA THR D 703 117.91 -99.49 108.24
C THR D 703 119.31 -99.90 107.80
N PRO D 704 120.34 -99.49 108.53
CA PRO D 704 121.69 -99.98 108.24
C PRO D 704 121.91 -101.37 108.82
N SER D 705 122.37 -102.28 107.96
CA SER D 705 122.69 -103.65 108.35
C SER D 705 124.21 -103.79 108.35
N TYR D 706 124.82 -103.58 109.50
CA TYR D 706 126.28 -103.59 109.60
C TYR D 706 126.84 -104.98 109.32
N SER D 707 128.07 -105.01 108.82
CA SER D 707 128.74 -106.26 108.49
C SER D 707 129.87 -106.62 109.45
N THR D 708 130.55 -105.63 110.04
CA THR D 708 131.69 -105.87 110.90
C THR D 708 131.34 -105.52 112.35
N THR D 709 131.91 -106.30 113.27
CA THR D 709 131.61 -106.13 114.69
C THR D 709 132.20 -104.84 115.23
N GLY D 710 131.72 -104.44 116.40
CA GLY D 710 132.27 -103.28 117.08
C GLY D 710 131.29 -102.12 117.22
N THR D 711 131.83 -100.90 117.13
CA THR D 711 131.06 -99.68 117.32
C THR D 711 130.90 -98.98 115.98
N ALA D 712 129.67 -98.59 115.65
CA ALA D 712 129.39 -97.82 114.45
C ALA D 712 128.52 -96.63 114.84
N THR D 713 129.11 -95.43 114.77
CA THR D 713 128.37 -94.21 115.07
C THR D 713 127.97 -93.51 113.78
N PRO D 714 126.68 -93.22 113.58
CA PRO D 714 126.24 -92.60 112.34
C PRO D 714 126.19 -91.08 112.43
N THR D 715 126.15 -90.46 111.24
CA THR D 715 125.97 -89.02 111.13
C THR D 715 124.89 -88.75 110.09
N LEU D 716 124.29 -87.57 110.18
CA LEU D 716 123.18 -87.24 109.30
C LEU D 716 123.22 -85.78 108.93
N GLN D 717 122.86 -85.48 107.68
CA GLN D 717 122.83 -84.13 107.14
C GLN D 717 121.48 -83.85 106.51
N LEU D 718 120.94 -82.66 106.78
CA LEU D 718 119.65 -82.23 106.25
C LEU D 718 119.87 -81.13 105.21
N ILE D 719 119.29 -81.32 104.02
CA ILE D 719 119.41 -80.31 102.96
C ILE D 719 118.05 -80.19 102.27
N GLN D 720 117.58 -78.95 102.10
CA GLN D 720 116.27 -78.69 101.52
C GLN D 720 116.09 -79.39 100.18
N ASN D 721 115.13 -80.32 100.10
CA ASN D 721 114.93 -81.14 98.91
C ASN D 721 113.82 -80.55 98.06
N SER D 722 114.13 -79.46 97.36
CA SER D 722 113.23 -78.91 96.37
C SER D 722 113.44 -79.60 95.03
N PHE D 723 112.53 -79.35 94.10
CA PHE D 723 112.69 -79.95 92.78
C PHE D 723 113.88 -79.37 92.02
N ALA D 724 114.30 -78.16 92.37
CA ALA D 724 115.50 -77.56 91.80
C ALA D 724 116.73 -77.77 92.67
N LEU D 725 116.77 -78.87 93.42
CA LEU D 725 117.90 -79.17 94.28
C LEU D 725 119.16 -79.41 93.46
N ASP D 726 120.08 -78.46 93.50
CA ASP D 726 121.32 -78.53 92.77
C ASP D 726 122.42 -79.13 93.65
N ALA D 727 123.36 -79.83 93.04
CA ALA D 727 124.47 -80.41 93.79
C ALA D 727 125.68 -79.50 93.82
N ALA D 728 125.87 -78.68 92.80
CA ALA D 728 127.04 -77.80 92.75
C ALA D 728 126.95 -76.70 93.81
N THR D 729 125.76 -76.13 94.00
CA THR D 729 125.58 -74.99 94.89
C THR D 729 124.70 -75.32 96.09
N THR D 730 124.61 -76.59 96.48
CA THR D 730 123.83 -76.94 97.65
C THR D 730 124.50 -76.45 98.92
N VAL D 731 123.69 -76.01 99.87
CA VAL D 731 124.18 -75.53 101.16
C VAL D 731 123.34 -76.18 102.25
N GLY D 732 124.01 -76.86 103.19
CA GLY D 732 123.30 -77.57 104.23
C GLY D 732 122.82 -76.66 105.35
N PHE D 733 121.80 -77.14 106.06
CA PHE D 733 121.29 -76.42 107.22
C PHE D 733 122.16 -76.60 108.44
N LEU D 734 122.86 -77.72 108.56
CA LEU D 734 123.69 -78.04 109.71
C LEU D 734 125.15 -77.90 109.30
N SER D 735 125.75 -76.75 109.64
CA SER D 735 127.19 -76.61 109.41
C SER D 735 128.00 -77.64 110.20
N PRO D 736 127.73 -77.91 111.50
CA PRO D 736 128.29 -79.13 112.09
C PRO D 736 127.37 -80.31 111.81
N VAL D 737 127.83 -81.26 111.00
CA VAL D 737 126.99 -82.38 110.61
C VAL D 737 126.63 -83.19 111.85
N TYR D 738 125.34 -83.20 112.20
CA TYR D 738 124.90 -83.82 113.43
C TYR D 738 125.24 -85.30 113.45
N THR D 739 125.92 -85.73 114.51
CA THR D 739 126.26 -87.12 114.74
C THR D 739 125.52 -87.58 115.99
N ALA D 740 124.86 -88.73 115.90
CA ALA D 740 124.15 -89.26 117.04
C ALA D 740 125.12 -89.48 118.20
N PRO D 741 124.81 -88.96 119.39
CA PRO D 741 125.77 -89.10 120.50
C PRO D 741 126.11 -90.53 120.84
N ALA D 742 125.16 -91.45 120.70
CA ALA D 742 125.39 -92.85 121.01
C ALA D 742 125.95 -93.55 119.76
N PHE D 743 125.99 -94.88 119.80
CA PHE D 743 126.53 -95.70 118.73
C PHE D 743 125.66 -96.91 118.54
N ALA D 744 126.05 -97.76 117.59
CA ALA D 744 125.41 -99.04 117.36
C ALA D 744 126.43 -100.14 117.56
N THR D 745 126.05 -101.16 118.33
CA THR D 745 126.94 -102.27 118.67
C THR D 745 126.66 -103.45 117.75
N VAL D 746 127.72 -103.99 117.16
CA VAL D 746 127.62 -105.14 116.27
C VAL D 746 128.35 -106.30 116.94
N THR D 747 127.64 -107.39 117.20
CA THR D 747 128.17 -108.55 117.89
C THR D 747 128.43 -109.68 116.92
N ALA D 748 129.43 -110.50 117.24
CA ALA D 748 129.79 -111.62 116.37
C ALA D 748 128.63 -112.60 116.26
N ALA D 749 128.48 -113.17 115.06
CA ALA D 749 127.38 -114.08 114.79
C ALA D 749 127.69 -115.46 115.35
N SER D 750 126.83 -115.95 116.24
CA SER D 750 126.98 -117.29 116.77
C SER D 750 126.53 -118.32 115.74
N TYR D 751 126.89 -119.58 116.01
CA TYR D 751 126.52 -120.68 115.14
C TYR D 751 125.84 -121.76 115.97
N THR D 752 124.93 -122.50 115.33
CA THR D 752 124.37 -123.71 115.91
C THR D 752 124.80 -124.89 115.05
N ILE D 753 124.99 -126.05 115.69
CA ILE D 753 125.66 -127.17 115.05
C ILE D 753 124.94 -128.46 115.44
N SER D 754 124.63 -129.30 114.44
CA SER D 754 123.84 -130.52 114.64
C SER D 754 124.48 -131.66 113.89
N SER D 755 124.66 -132.80 114.56
CA SER D 755 125.33 -133.95 113.97
C SER D 755 124.34 -135.04 113.60
N TYR D 756 124.62 -135.74 112.51
CA TYR D 756 123.93 -137.00 112.24
C TYR D 756 124.76 -137.81 111.28
N LEU D 757 124.59 -139.13 111.33
CA LEU D 757 125.42 -140.06 110.60
C LEU D 757 124.54 -141.12 109.93
N ASN D 758 124.96 -141.55 108.72
CA ASN D 758 124.05 -142.32 107.88
C ASN D 758 123.75 -143.70 108.45
N PRO D 759 124.71 -144.64 108.57
CA PRO D 759 124.36 -145.96 109.13
C PRO D 759 124.37 -145.91 110.65
N VAL D 760 123.18 -145.92 111.24
CA VAL D 760 123.07 -145.74 112.69
C VAL D 760 123.65 -146.92 113.45
N THR D 761 123.86 -148.05 112.80
CA THR D 761 124.50 -149.23 113.39
C THR D 761 125.62 -149.69 112.47
N PRO D 762 126.73 -148.95 112.44
CA PRO D 762 127.82 -149.32 111.54
C PRO D 762 128.50 -150.61 111.97
N VAL D 763 129.11 -151.28 111.01
CA VAL D 763 129.89 -152.48 111.26
C VAL D 763 131.37 -152.16 111.08
N ALA D 764 132.21 -152.91 111.79
CA ALA D 764 133.65 -152.66 111.77
C ALA D 764 134.26 -153.27 110.51
N GLY D 765 134.91 -152.42 109.70
CA GLY D 765 135.61 -152.87 108.51
C GLY D 765 134.75 -153.07 107.29
N GLY D 766 133.43 -152.85 107.39
CA GLY D 766 132.56 -153.03 106.25
C GLY D 766 132.09 -151.73 105.64
N ALA D 767 131.79 -150.74 106.48
CA ALA D 767 131.32 -149.44 106.04
C ALA D 767 132.09 -148.35 106.77
N ALA D 768 132.37 -147.27 106.04
CA ALA D 768 133.08 -146.12 106.60
C ALA D 768 132.07 -145.15 107.21
N ALA D 769 132.31 -144.77 108.46
CA ALA D 769 131.41 -143.84 109.14
C ALA D 769 131.45 -142.48 108.46
N VAL D 770 130.27 -141.94 108.16
CA VAL D 770 130.11 -140.65 107.53
C VAL D 770 129.35 -139.76 108.50
N TRP D 771 130.07 -138.88 109.19
CA TRP D 771 129.48 -137.91 110.10
C TRP D 771 129.16 -136.65 109.30
N ARG D 772 127.88 -136.43 109.01
CA ARG D 772 127.44 -135.17 108.42
C ARG D 772 127.12 -134.20 109.55
N ILE D 773 127.90 -133.13 109.63
CA ILE D 773 127.74 -132.08 110.62
C ILE D 773 127.18 -130.86 109.90
N VAL D 774 126.12 -130.26 110.44
CA VAL D 774 125.49 -129.10 109.81
C VAL D 774 125.63 -127.92 110.74
N ILE D 775 126.10 -126.80 110.20
CA ILE D 775 126.34 -125.57 110.94
C ILE D 775 125.47 -124.47 110.34
N THR D 776 124.63 -123.88 111.17
CA THR D 776 123.75 -122.78 110.77
C THR D 776 124.21 -121.50 111.43
N ARG D 777 124.38 -120.46 110.62
CA ARG D 777 124.82 -119.15 111.12
C ARG D 777 123.66 -118.43 111.80
N ASN D 778 124.02 -117.41 112.58
CA ASN D 778 123.00 -116.56 113.19
C ASN D 778 122.21 -115.81 112.13
N ALA D 779 122.89 -115.29 111.11
CA ALA D 779 122.25 -114.51 110.06
C ALA D 779 122.82 -114.95 108.72
N ALA D 780 122.52 -114.19 107.67
CA ALA D 780 123.00 -114.50 106.32
C ALA D 780 124.39 -113.89 106.11
N VAL D 781 124.97 -114.21 104.96
CA VAL D 781 126.30 -113.72 104.58
C VAL D 781 126.13 -112.56 103.62
N THR D 782 126.90 -111.49 103.85
CA THR D 782 126.78 -110.26 103.08
C THR D 782 128.04 -110.07 102.23
N ALA D 783 127.87 -110.11 100.91
CA ALA D 783 128.91 -109.75 99.94
C ALA D 783 130.17 -110.61 100.08
N SER D 784 130.01 -111.87 100.48
CA SER D 784 131.14 -112.77 100.59
C SER D 784 130.65 -114.20 100.68
N ALA D 785 131.57 -115.14 100.46
CA ALA D 785 131.34 -116.56 100.67
C ALA D 785 132.14 -117.00 101.88
N LYS D 786 131.45 -117.41 102.94
CA LYS D 786 132.07 -117.65 104.23
C LYS D 786 132.61 -119.08 104.28
N THR D 787 133.80 -119.24 104.86
CA THR D 787 134.44 -120.54 104.99
C THR D 787 134.54 -120.92 106.46
N LEU D 788 134.11 -122.13 106.78
CA LEU D 788 134.18 -122.68 108.13
C LEU D 788 135.07 -123.91 108.13
N THR D 789 135.91 -124.03 109.15
CA THR D 789 136.75 -125.19 109.35
C THR D 789 136.11 -126.08 110.42
N CYS D 790 135.84 -127.33 110.05
CA CYS D 790 135.26 -128.34 110.93
C CYS D 790 136.36 -129.29 111.35
N GLN D 791 136.55 -129.43 112.66
CA GLN D 791 137.55 -130.31 113.22
C GLN D 791 136.93 -131.15 114.32
N MET D 792 137.55 -132.29 114.61
CA MET D 792 137.14 -133.07 115.76
C MET D 792 138.26 -134.01 116.19
N PRO D 793 138.63 -133.98 117.47
CA PRO D 793 139.80 -134.73 117.92
C PRO D 793 139.50 -136.17 118.33
N ASP D 794 138.27 -136.43 118.76
CA ASP D 794 137.91 -137.72 119.35
C ASP D 794 136.67 -138.27 118.64
N ASN D 795 136.78 -139.50 118.14
CA ASN D 795 135.62 -140.20 117.60
C ASN D 795 134.68 -140.70 118.68
N GLY D 796 135.10 -140.67 119.93
CA GLY D 796 134.47 -141.41 121.01
C GLY D 796 135.12 -142.74 121.28
N GLN D 797 135.94 -143.23 120.34
CA GLN D 797 136.76 -144.42 120.56
C GLN D 797 138.16 -144.25 119.97
N GLY D 798 138.48 -143.09 119.42
CA GLY D 798 139.78 -142.81 118.82
C GLY D 798 139.66 -142.48 117.35
N GLY D 799 140.42 -141.47 116.92
CA GLY D 799 140.42 -141.05 115.53
C GLY D 799 140.48 -139.55 115.36
N SER D 800 141.29 -139.08 114.41
CA SER D 800 141.45 -137.64 114.18
C SER D 800 141.96 -137.40 112.77
N PRO D 801 141.05 -137.30 111.79
CA PRO D 801 141.46 -136.95 110.42
C PRO D 801 141.61 -135.44 110.25
N ALA D 802 141.88 -135.01 109.02
CA ALA D 802 142.11 -133.59 108.75
C ALA D 802 140.82 -132.79 108.84
N ASP D 803 140.97 -131.50 109.14
CA ASP D 803 139.84 -130.60 109.21
C ASP D 803 139.29 -130.33 107.81
N VAL D 804 137.98 -130.12 107.74
CA VAL D 804 137.28 -129.96 106.47
C VAL D 804 136.81 -128.52 106.33
N THR D 805 137.01 -127.95 105.14
CA THR D 805 136.57 -126.59 104.83
C THR D 805 135.22 -126.64 104.12
N ALA D 806 134.24 -125.90 104.65
CA ALA D 806 132.92 -125.83 104.06
C ALA D 806 132.56 -124.38 103.80
N ASP D 807 131.74 -124.16 102.78
CA ASP D 807 131.38 -122.83 102.34
C ASP D 807 129.89 -122.58 102.53
N ILE D 808 129.56 -121.40 103.06
CA ILE D 808 128.20 -120.87 103.03
C ILE D 808 128.20 -119.74 102.00
N ALA D 809 127.33 -119.87 100.99
CA ALA D 809 127.26 -118.86 99.95
C ALA D 809 126.68 -117.57 100.52
N VAL D 810 126.62 -116.54 99.67
CA VAL D 810 126.10 -115.25 100.11
C VAL D 810 124.64 -115.37 100.51
N GLY D 811 123.83 -116.02 99.67
CA GLY D 811 122.43 -116.20 100.00
C GLY D 811 122.20 -117.14 101.17
N GLY D 812 122.97 -118.22 101.24
CA GLY D 812 122.72 -119.25 102.23
C GLY D 812 123.12 -118.83 103.63
N THR D 813 122.62 -119.60 104.60
CA THR D 813 122.97 -119.42 106.00
C THR D 813 123.45 -120.69 106.67
N THR D 814 123.42 -121.83 105.98
CA THR D 814 123.76 -123.12 106.56
C THR D 814 124.73 -123.86 105.65
N THR D 815 125.62 -124.64 106.27
CA THR D 815 126.58 -125.46 105.55
C THR D 815 126.69 -126.82 106.22
N VAL D 816 127.37 -127.74 105.55
CA VAL D 816 127.59 -129.09 106.05
C VAL D 816 129.03 -129.51 105.78
N CYS D 817 129.68 -130.05 106.80
CA CYS D 817 130.94 -130.74 106.65
C CYS D 817 130.69 -132.25 106.77
N VAL D 818 131.60 -133.03 106.19
CA VAL D 818 131.51 -134.48 106.21
C VAL D 818 132.82 -135.05 106.76
N PHE D 819 132.70 -135.97 107.71
CA PHE D 819 133.85 -136.69 108.26
C PHE D 819 133.70 -138.15 107.87
N SER D 820 134.52 -138.61 106.93
CA SER D 820 134.49 -139.99 106.45
C SER D 820 135.69 -140.72 107.02
N ILE D 821 135.45 -141.66 107.93
CA ILE D 821 136.51 -142.38 108.61
C ILE D 821 136.21 -143.87 108.58
N ALA D 822 137.19 -144.68 108.16
CA ALA D 822 137.05 -146.12 108.14
C ALA D 822 137.71 -146.80 109.34
N GLY D 823 138.22 -146.02 110.29
CA GLY D 823 138.86 -146.59 111.48
C GLY D 823 137.93 -146.74 112.65
N TYR D 824 136.91 -147.58 112.52
CA TYR D 824 135.92 -147.79 113.56
C TYR D 824 135.88 -149.27 113.93
N THR D 825 135.89 -149.55 115.23
CA THR D 825 135.91 -150.91 115.76
C THR D 825 134.89 -151.03 116.90
N THR D 826 134.94 -152.17 117.59
CA THR D 826 134.08 -152.44 118.73
C THR D 826 134.88 -152.66 120.01
N ALA D 827 136.08 -152.07 120.12
CA ALA D 827 136.95 -152.34 121.26
C ALA D 827 136.30 -151.90 122.57
N THR D 828 135.77 -150.69 122.61
CA THR D 828 135.12 -150.22 123.82
C THR D 828 133.69 -150.76 123.89
N PRO D 829 133.21 -151.15 125.07
CA PRO D 829 131.81 -151.57 125.19
C PRO D 829 130.83 -150.49 124.76
N GLY D 830 131.14 -149.23 125.01
CA GLY D 830 130.30 -148.14 124.58
C GLY D 830 129.05 -147.99 125.42
N PRO D 831 128.05 -147.26 124.91
CA PRO D 831 128.02 -146.54 123.62
C PRO D 831 128.96 -145.33 123.59
N TYR D 832 129.35 -144.88 122.40
CA TYR D 832 130.33 -143.82 122.24
C TYR D 832 129.66 -142.54 121.74
N PHE D 833 130.30 -141.42 122.03
CA PHE D 833 129.81 -140.11 121.58
C PHE D 833 130.98 -139.27 121.09
N ALA D 834 130.69 -138.34 120.19
CA ALA D 834 131.70 -137.53 119.55
C ALA D 834 131.51 -136.05 119.89
N THR D 835 132.57 -135.28 119.65
CA THR D 835 132.56 -133.84 119.87
C THR D 835 133.26 -133.15 118.70
N VAL D 836 132.64 -132.10 118.18
CA VAL D 836 133.09 -131.42 116.97
C VAL D 836 133.21 -129.92 117.24
N ASN D 837 134.28 -129.32 116.73
CA ASN D 837 134.51 -127.89 116.83
C ASN D 837 134.46 -127.26 115.43
N VAL D 838 133.99 -126.02 115.37
CA VAL D 838 133.88 -125.27 114.13
C VAL D 838 134.47 -123.88 114.36
N VAL D 839 135.33 -123.45 113.45
CA VAL D 839 135.99 -122.14 113.55
C VAL D 839 135.84 -121.41 112.23
N ASP D 840 135.47 -120.13 112.30
CA ASP D 840 135.31 -119.29 111.12
C ASP D 840 136.32 -118.15 111.08
N GLY D 841 136.38 -117.34 112.13
CA GLY D 841 137.32 -116.24 112.23
C GLY D 841 138.11 -116.33 113.51
N ALA D 842 138.50 -117.56 113.87
CA ALA D 842 139.11 -117.98 115.13
C ALA D 842 138.08 -118.09 116.23
N VAL D 843 136.80 -117.83 115.96
CA VAL D 843 135.74 -118.03 116.93
C VAL D 843 135.40 -119.51 116.97
N THR D 844 135.42 -120.08 118.16
CA THR D 844 135.27 -121.52 118.34
C THR D 844 133.84 -121.86 118.78
N THR D 845 133.24 -122.85 118.13
CA THR D 845 131.96 -123.39 118.55
C THR D 845 132.12 -124.89 118.74
N SER D 846 131.81 -125.38 119.93
CA SER D 846 131.99 -126.77 120.30
C SER D 846 130.63 -127.44 120.48
N HIS D 847 130.51 -128.69 120.01
CA HIS D 847 129.27 -129.44 120.06
C HIS D 847 129.54 -130.88 120.48
N ILE D 848 128.60 -131.45 121.24
CA ILE D 848 128.69 -132.81 121.75
C ILE D 848 127.58 -133.64 121.13
N THR D 849 127.94 -134.74 120.46
CA THR D 849 126.98 -135.54 119.70
C THR D 849 126.22 -136.48 120.63
N LYS D 850 125.46 -137.39 120.06
CA LYS D 850 124.68 -138.37 120.81
C LYS D 850 125.38 -139.72 120.79
N ASN D 851 125.02 -140.58 121.73
CA ASN D 851 125.69 -141.86 121.85
C ASN D 851 125.24 -142.82 120.76
N PHE D 852 126.13 -143.76 120.41
CA PHE D 852 125.85 -144.73 119.36
C PHE D 852 126.63 -146.00 119.63
N THR D 853 126.22 -147.08 118.97
CA THR D 853 126.81 -148.39 119.18
C THR D 853 127.21 -149.00 117.83
N VAL D 854 128.38 -149.64 117.81
CA VAL D 854 128.91 -150.30 116.63
C VAL D 854 128.75 -151.80 116.79
N LEU D 855 128.18 -152.45 115.77
CA LEU D 855 127.99 -153.89 115.80
C LEU D 855 129.32 -154.61 115.60
N ALA D 856 129.35 -155.88 116.01
CA ALA D 856 130.55 -156.69 115.87
C ALA D 856 130.91 -156.89 114.40
N SER D 857 132.21 -156.96 114.13
CA SER D 857 132.68 -157.09 112.76
C SER D 857 132.24 -158.41 112.15
N GLY D 858 132.05 -158.40 110.83
CA GLY D 858 131.59 -159.56 110.10
C GLY D 858 130.09 -159.73 110.06
N THR D 859 129.33 -158.88 110.74
CA THR D 859 127.88 -158.96 110.76
C THR D 859 127.29 -158.02 109.74
N THR D 860 126.26 -158.49 109.02
CA THR D 860 125.61 -157.66 108.02
C THR D 860 124.80 -156.56 108.70
N ALA D 861 124.96 -155.33 108.20
CA ALA D 861 124.20 -154.21 108.73
C ALA D 861 122.71 -154.39 108.46
N PRO D 862 121.86 -153.86 109.33
CA PRO D 862 120.41 -154.00 109.12
C PRO D 862 119.97 -153.36 107.81
N THR D 863 118.96 -153.98 107.19
CA THR D 863 118.42 -153.53 105.93
C THR D 863 117.09 -152.83 106.15
N TYR D 864 116.53 -152.31 105.06
CA TYR D 864 115.24 -151.63 105.08
C TYR D 864 114.33 -152.22 104.01
N ALA D 865 113.06 -152.38 104.35
CA ALA D 865 112.07 -152.90 103.41
C ALA D 865 110.82 -152.03 103.49
N VAL D 866 110.38 -151.51 102.36
CA VAL D 866 109.22 -150.63 102.28
C VAL D 866 108.07 -151.37 101.62
N THR D 867 106.88 -151.22 102.21
CA THR D 867 105.67 -151.90 101.77
C THR D 867 104.66 -150.88 101.28
N SER D 868 103.84 -151.30 100.32
CA SER D 868 102.96 -150.42 99.55
C SER D 868 101.51 -150.65 99.92
N VAL D 869 100.74 -149.55 99.96
CA VAL D 869 99.28 -149.66 100.00
C VAL D 869 98.68 -148.40 99.39
N VAL D 870 97.52 -148.55 98.77
CA VAL D 870 96.84 -147.48 98.07
C VAL D 870 95.40 -147.43 98.55
N SER D 871 94.96 -146.24 98.98
CA SER D 871 93.62 -146.10 99.57
C SER D 871 92.50 -145.97 98.52
N PRO D 872 92.67 -145.22 97.43
CA PRO D 872 91.57 -145.13 96.44
C PRO D 872 91.19 -146.48 95.83
N ALA D 873 92.13 -147.42 95.76
CA ALA D 873 91.90 -148.78 95.28
C ALA D 873 91.64 -148.85 93.79
N THR D 874 92.14 -149.90 93.15
CA THR D 874 91.96 -150.09 91.73
C THR D 874 90.48 -150.37 91.42
N PRO D 875 89.92 -149.76 90.36
CA PRO D 875 90.52 -148.75 89.47
C PRO D 875 90.09 -147.33 89.82
N VAL D 876 90.81 -146.33 89.35
CA VAL D 876 90.48 -144.93 89.58
C VAL D 876 90.24 -144.25 88.25
N LYS D 877 89.74 -143.02 88.31
CA LYS D 877 89.47 -142.21 87.14
C LYS D 877 90.45 -141.05 87.06
N VAL D 878 90.39 -140.33 85.93
CA VAL D 878 91.33 -139.23 85.70
C VAL D 878 91.12 -138.15 86.75
N SER D 879 92.22 -137.65 87.29
CA SER D 879 92.22 -136.57 88.29
C SER D 879 91.47 -136.96 89.56
N THR D 880 91.52 -138.24 89.91
CA THR D 880 91.02 -138.70 91.20
C THR D 880 92.12 -138.57 92.24
N PRO D 881 91.83 -138.07 93.45
CA PRO D 881 92.88 -137.96 94.46
C PRO D 881 93.40 -139.34 94.89
N VAL D 882 94.66 -139.61 94.55
CA VAL D 882 95.28 -140.91 94.79
C VAL D 882 96.18 -140.78 96.02
N THR D 883 95.99 -141.67 96.99
CA THR D 883 96.77 -141.67 98.22
C THR D 883 97.62 -142.93 98.29
N TYR D 884 98.91 -142.74 98.56
CA TYR D 884 99.86 -143.84 98.69
C TYR D 884 100.46 -143.82 100.09
N THR D 885 100.42 -144.97 100.76
CA THR D 885 101.05 -145.15 102.06
C THR D 885 102.16 -146.17 101.91
N PHE D 886 103.35 -145.81 102.39
CA PHE D 886 104.57 -146.57 102.18
C PHE D 886 105.22 -146.77 103.54
N THR D 887 105.24 -148.01 104.02
CA THR D 887 105.69 -148.30 105.38
C THR D 887 107.09 -148.91 105.34
N ILE D 888 108.04 -148.26 105.99
CA ILE D 888 109.43 -148.71 106.02
C ILE D 888 109.65 -149.49 107.31
N THR D 889 110.29 -150.65 107.18
CA THR D 889 110.68 -151.49 108.31
C THR D 889 112.18 -151.69 108.29
N ARG D 890 112.81 -151.52 109.45
CA ARG D 890 114.25 -151.72 109.62
C ARG D 890 114.45 -152.95 110.49
N THR D 891 115.32 -153.86 110.03
CA THR D 891 115.44 -155.16 110.68
C THR D 891 115.90 -155.03 112.12
N THR D 892 116.88 -154.17 112.39
CA THR D 892 117.39 -153.94 113.73
C THR D 892 116.89 -152.60 114.24
N ALA D 893 116.33 -152.59 115.44
CA ALA D 893 115.88 -151.35 116.04
C ALA D 893 117.07 -150.44 116.35
N VAL D 894 116.85 -149.14 116.21
CA VAL D 894 117.87 -148.14 116.49
C VAL D 894 118.23 -148.23 117.97
N PRO D 895 119.49 -148.01 118.34
CA PRO D 895 119.84 -148.05 119.77
C PRO D 895 119.01 -147.08 120.59
N ALA D 896 118.67 -147.51 121.80
CA ALA D 896 117.76 -146.76 122.67
C ALA D 896 118.43 -145.60 123.39
N GLY D 897 119.74 -145.43 123.24
CA GLY D 897 120.40 -144.29 123.85
C GLY D 897 119.87 -142.96 123.33
N GLY D 898 119.51 -142.93 122.04
CA GLY D 898 118.83 -141.79 121.47
C GLY D 898 119.61 -141.01 120.44
N ILE D 899 119.37 -141.32 119.17
CA ILE D 899 119.80 -140.50 118.04
C ILE D 899 118.89 -140.85 116.86
N PRO D 900 117.88 -140.04 116.57
CA PRO D 900 116.91 -140.42 115.54
C PRO D 900 117.49 -140.30 114.15
N GLN D 901 116.88 -141.04 113.21
CA GLN D 901 117.31 -141.02 111.83
C GLN D 901 116.36 -140.17 111.00
N PRO D 902 116.79 -139.06 110.42
CA PRO D 902 115.91 -138.31 109.51
C PRO D 902 115.95 -138.93 108.12
N ILE D 903 114.77 -139.30 107.61
CA ILE D 903 114.67 -139.93 106.30
C ILE D 903 113.75 -139.09 105.42
N ILE D 904 113.91 -139.28 104.11
CA ILE D 904 113.19 -138.54 103.09
C ILE D 904 112.63 -139.54 102.08
N CYS D 905 111.32 -139.48 101.87
CA CYS D 905 110.66 -140.30 100.85
C CYS D 905 110.41 -139.42 99.62
N GLU D 906 110.86 -139.88 98.45
CA GLU D 906 110.65 -139.19 97.20
C GLU D 906 109.89 -140.11 96.26
N PHE D 907 108.82 -139.60 95.66
CA PHE D 907 107.83 -140.41 94.97
C PHE D 907 107.74 -140.02 93.51
N PHE D 908 107.52 -141.03 92.65
CA PHE D 908 107.22 -140.82 91.23
C PHE D 908 105.91 -141.54 90.93
N ASN D 909 105.08 -140.90 90.12
CA ASN D 909 103.68 -141.30 89.96
C ASN D 909 103.47 -142.39 88.92
N GLY D 910 104.50 -142.81 88.20
CA GLY D 910 104.29 -143.77 87.13
C GLY D 910 103.66 -143.20 85.89
N GLU D 911 103.51 -141.88 85.80
CA GLU D 911 102.91 -141.21 84.66
C GLU D 911 103.93 -140.47 83.79
N GLY D 912 104.90 -139.80 84.41
CA GLY D 912 105.86 -139.00 83.67
C GLY D 912 106.91 -139.85 82.98
N THR D 913 108.08 -139.24 82.73
CA THR D 913 109.16 -139.89 82.03
C THR D 913 110.03 -140.75 82.94
N ALA D 914 109.89 -140.60 84.26
CA ALA D 914 110.66 -141.30 85.29
C ALA D 914 112.12 -140.88 85.25
N PRO D 915 112.73 -140.53 86.39
CA PRO D 915 114.13 -140.11 86.38
C PRO D 915 115.11 -141.28 86.40
N ALA D 916 116.40 -140.97 86.56
CA ALA D 916 117.45 -141.97 86.53
C ALA D 916 117.41 -142.77 87.84
N SER D 917 118.44 -143.59 88.07
CA SER D 917 118.47 -144.54 89.18
C SER D 917 118.30 -143.86 90.53
N ALA D 918 118.17 -144.68 91.58
CA ALA D 918 117.80 -144.18 92.91
C ALA D 918 118.70 -143.04 93.35
N ALA D 919 120.01 -143.17 93.14
CA ALA D 919 120.94 -142.12 93.52
C ALA D 919 120.62 -140.80 92.81
N ALA D 920 120.07 -140.88 91.60
CA ALA D 920 119.69 -139.69 90.85
C ALA D 920 118.20 -139.34 91.02
N TYR D 921 117.59 -139.82 92.10
CA TYR D 921 116.22 -139.41 92.44
C TYR D 921 116.16 -138.07 93.15
N TRP D 922 117.31 -137.45 93.43
CA TRP D 922 117.36 -136.15 94.10
C TRP D 922 116.97 -135.07 93.11
N ARG D 923 115.67 -134.94 92.89
CA ARG D 923 115.16 -133.90 92.01
C ARG D 923 115.25 -132.54 92.68
N VAL D 924 115.07 -131.49 91.88
CA VAL D 924 115.05 -130.13 92.43
C VAL D 924 113.77 -129.94 93.24
N SER D 925 113.84 -129.08 94.25
CA SER D 925 112.68 -128.80 95.09
C SER D 925 112.94 -127.50 95.84
N THR D 926 112.01 -126.54 95.69
CA THR D 926 112.11 -125.29 96.45
C THR D 926 111.67 -125.48 97.90
N THR D 927 110.69 -126.34 98.15
CA THR D 927 110.20 -126.63 99.49
C THR D 927 110.24 -128.13 99.70
N ILE D 928 110.77 -128.54 100.85
CA ILE D 928 110.97 -129.98 101.11
C ILE D 928 109.64 -130.74 101.17
N PRO D 929 108.62 -130.30 101.93
CA PRO D 929 107.37 -131.07 101.97
C PRO D 929 106.44 -130.73 100.81
N ASP D 930 106.92 -130.92 99.59
CA ASP D 930 106.11 -130.69 98.40
C ASP D 930 105.37 -131.97 98.03
N ALA D 931 104.79 -132.00 96.83
CA ALA D 931 103.95 -133.13 96.43
C ALA D 931 104.74 -134.42 96.25
N ASP D 932 106.02 -134.34 95.88
CA ASP D 932 106.82 -135.52 95.57
C ASP D 932 107.96 -135.73 96.57
N THR D 933 107.88 -135.12 97.75
CA THR D 933 108.90 -135.31 98.77
C THR D 933 108.28 -135.10 100.15
N VAL D 934 108.49 -136.07 101.03
CA VAL D 934 108.05 -135.97 102.42
C VAL D 934 109.20 -136.36 103.33
N VAL D 935 109.14 -135.89 104.57
CA VAL D 935 110.21 -136.08 105.56
C VAL D 935 109.64 -136.83 106.75
N ALA D 936 110.34 -137.89 107.17
CA ALA D 936 109.96 -138.66 108.34
C ALA D 936 111.15 -138.74 109.29
N VAL D 937 110.84 -139.02 110.55
CA VAL D 937 111.86 -139.11 111.59
C VAL D 937 111.72 -140.46 112.27
N MET D 938 112.75 -141.29 112.17
CA MET D 938 112.80 -142.58 112.85
C MET D 938 113.27 -142.35 114.28
N ALA D 939 112.37 -142.43 115.23
CA ALA D 939 112.74 -142.32 116.63
C ALA D 939 113.62 -143.51 117.02
N PRO D 940 114.58 -143.30 117.93
CA PRO D 940 115.50 -144.41 118.27
C PRO D 940 114.80 -145.63 118.84
N GLY D 941 113.68 -145.45 119.53
CA GLY D 941 112.93 -146.60 120.03
C GLY D 941 112.05 -147.28 119.02
N GLU D 942 112.03 -146.79 117.78
CA GLU D 942 111.19 -147.34 116.73
C GLU D 942 112.05 -147.82 115.57
N THR D 943 111.62 -148.91 114.93
CA THR D 943 112.28 -149.43 113.74
C THR D 943 111.37 -149.43 112.52
N THR D 944 110.13 -148.94 112.66
CA THR D 944 109.18 -148.89 111.56
C THR D 944 108.60 -147.48 111.48
N THR D 945 108.44 -146.99 110.25
CA THR D 945 107.95 -145.64 110.01
C THR D 945 106.98 -145.65 108.83
N THR D 946 106.28 -144.54 108.65
CA THR D 946 105.29 -144.40 107.60
C THR D 946 105.59 -143.16 106.75
N CYS D 947 105.27 -143.26 105.46
CA CYS D 947 105.37 -142.14 104.52
C CYS D 947 104.08 -142.04 103.74
N THR D 948 103.51 -140.85 103.64
CA THR D 948 102.23 -140.63 103.00
C THR D 948 102.39 -139.65 101.85
N PHE D 949 101.72 -139.95 100.72
CA PHE D 949 101.75 -139.07 99.57
C PHE D 949 100.36 -139.01 98.92
N THR D 950 100.08 -137.89 98.28
CA THR D 950 98.85 -137.69 97.53
C THR D 950 99.16 -137.08 96.18
N THR D 951 98.54 -137.61 95.14
CA THR D 951 98.81 -137.18 93.78
C THR D 951 97.66 -137.60 92.87
N TYR D 952 97.49 -136.85 91.78
CA TYR D 952 96.40 -137.08 90.84
C TYR D 952 96.95 -137.53 89.49
N TYR D 953 96.10 -138.22 88.74
CA TYR D 953 96.46 -138.77 87.44
C TYR D 953 95.74 -138.00 86.35
N THR D 954 96.51 -137.42 85.43
CA THR D 954 95.97 -136.56 84.38
C THR D 954 95.90 -137.25 83.01
N THR D 955 96.35 -138.49 82.91
CA THR D 955 96.40 -139.20 81.64
C THR D 955 95.87 -140.61 81.83
N VAL D 956 95.24 -141.14 80.79
CA VAL D 956 94.74 -142.51 80.81
C VAL D 956 95.91 -143.48 80.71
N SER D 957 95.72 -144.68 81.23
CA SER D 957 96.75 -145.72 81.18
C SER D 957 96.08 -147.08 81.22
N ALA D 958 96.46 -147.95 80.29
CA ALA D 958 95.92 -149.31 80.20
C ALA D 958 96.96 -150.28 80.75
N GLY D 959 96.70 -150.80 81.94
CA GLY D 959 97.62 -151.71 82.60
C GLY D 959 98.97 -151.08 82.89
N GLY D 960 98.96 -149.86 83.39
CA GLY D 960 100.18 -149.13 83.65
C GLY D 960 100.06 -148.28 84.90
N PHE D 961 100.79 -147.16 84.92
CA PHE D 961 100.85 -146.25 86.06
C PHE D 961 101.30 -146.98 87.32
N THR D 962 102.51 -147.53 87.26
CA THR D 962 103.11 -148.22 88.40
C THR D 962 103.81 -147.19 89.26
N ALA D 963 103.27 -146.96 90.46
CA ALA D 963 103.86 -145.98 91.37
C ALA D 963 105.23 -146.44 91.85
N LYS D 964 106.17 -145.49 91.94
CA LYS D 964 107.52 -145.79 92.39
C LYS D 964 107.88 -144.90 93.57
N LEU D 965 108.65 -145.45 94.51
CA LEU D 965 109.15 -144.68 95.63
C LEU D 965 110.64 -144.94 95.82
N MET D 966 111.32 -143.96 96.41
CA MET D 966 112.71 -144.07 96.79
C MET D 966 112.88 -143.42 98.16
N VAL D 967 113.82 -143.93 98.95
CA VAL D 967 114.00 -143.47 100.32
C VAL D 967 115.48 -143.17 100.56
N PHE D 968 115.76 -142.00 101.13
CA PHE D 968 117.09 -141.58 101.53
C PHE D 968 117.15 -141.30 103.02
N GLY D 969 118.33 -141.45 103.59
CA GLY D 969 118.55 -141.02 104.96
C GLY D 969 119.21 -139.67 105.00
N GLU D 970 118.42 -138.61 105.19
CA GLU D 970 118.94 -137.25 105.14
C GLU D 970 118.11 -136.36 106.05
N SER D 971 118.73 -135.29 106.53
CA SER D 971 118.05 -134.33 107.37
C SER D 971 117.30 -133.31 106.51
N ALA D 972 116.17 -132.84 107.03
CA ALA D 972 115.37 -131.87 106.30
C ALA D 972 116.05 -130.51 106.22
N THR D 973 116.77 -130.13 107.29
CA THR D 973 117.45 -128.83 107.31
C THR D 973 118.56 -128.78 106.26
N ALA D 974 119.31 -129.86 106.10
CA ALA D 974 120.42 -129.92 105.16
C ALA D 974 120.02 -130.43 103.79
N ALA D 975 118.72 -130.62 103.56
CA ALA D 975 118.26 -131.15 102.28
C ALA D 975 118.70 -130.30 101.08
N PRO D 976 118.54 -128.98 101.06
CA PRO D 976 118.91 -128.23 99.85
C PRO D 976 120.40 -127.91 99.75
N LEU D 977 121.20 -128.19 100.78
CA LEU D 977 122.62 -127.89 100.73
C LEU D 977 123.45 -129.04 100.19
N LEU D 978 123.01 -130.29 100.37
CA LEU D 978 123.81 -131.44 99.97
C LEU D 978 124.12 -131.40 98.48
N THR D 979 123.11 -131.16 97.64
CA THR D 979 123.35 -130.97 96.22
C THR D 979 123.96 -129.61 95.94
N SER D 980 123.70 -128.61 96.78
CA SER D 980 124.31 -127.30 96.60
C SER D 980 125.80 -127.35 96.84
N LEU D 981 126.24 -128.12 97.83
CA LEU D 981 127.65 -128.19 98.21
C LEU D 981 128.39 -129.36 97.56
N SER D 982 127.72 -130.10 96.67
CA SER D 982 128.35 -131.13 95.85
C SER D 982 128.97 -132.24 96.70
N VAL D 983 128.17 -132.79 97.60
CA VAL D 983 128.52 -133.98 98.36
C VAL D 983 127.45 -135.03 98.05
N THR D 984 127.89 -136.23 97.69
CA THR D 984 126.98 -137.24 97.12
C THR D 984 125.94 -137.68 98.14
N PRO D 985 124.65 -137.66 97.79
CA PRO D 985 123.63 -138.20 98.68
C PRO D 985 123.94 -139.64 99.08
N SER D 986 123.57 -139.97 100.32
CA SER D 986 123.73 -141.31 100.85
C SER D 986 122.45 -142.10 100.64
N GLN D 987 122.57 -143.26 100.01
CA GLN D 987 121.41 -144.12 99.76
C GLN D 987 120.93 -144.76 101.06
N LEU D 988 119.72 -145.31 101.00
CA LEU D 988 119.13 -146.02 102.12
C LEU D 988 118.67 -147.43 101.78
N LEU D 989 118.31 -147.70 100.52
CA LEU D 989 117.94 -149.04 100.11
C LEU D 989 118.44 -149.24 98.69
N ALA D 990 118.73 -150.49 98.33
CA ALA D 990 119.52 -150.82 97.14
C ALA D 990 118.93 -150.30 95.83
N ALA D 991 117.76 -150.79 95.45
CA ALA D 991 117.20 -150.50 94.13
C ALA D 991 115.86 -149.81 94.27
N VAL D 992 115.42 -149.18 93.18
CA VAL D 992 114.17 -148.41 93.20
C VAL D 992 113.02 -149.35 93.54
N HIS D 993 112.17 -148.91 94.47
CA HIS D 993 111.04 -149.72 94.89
C HIS D 993 109.83 -149.41 94.02
N SER D 994 109.26 -150.45 93.41
CA SER D 994 108.07 -150.32 92.59
C SER D 994 106.84 -150.77 93.36
N PHE D 995 105.69 -150.19 93.01
CA PHE D 995 104.44 -150.63 93.62
C PHE D 995 104.15 -152.07 93.21
N ALA D 996 103.44 -152.78 94.08
CA ALA D 996 103.15 -154.19 93.82
C ALA D 996 102.33 -154.37 92.56
N THR D 997 101.33 -153.52 92.34
CA THR D 997 100.45 -153.64 91.19
C THR D 997 100.26 -152.30 90.51
N PRO D 998 100.16 -152.29 89.18
CA PRO D 998 99.88 -151.05 88.47
C PRO D 998 98.43 -150.60 88.66
N MET D 999 98.22 -149.31 88.39
CA MET D 999 96.92 -148.67 88.60
C MET D 999 96.33 -148.26 87.25
N VAL D 1000 95.16 -148.79 86.94
CA VAL D 1000 94.47 -148.45 85.70
C VAL D 1000 93.60 -147.23 85.96
N VAL D 1001 93.75 -146.22 85.12
CA VAL D 1001 93.07 -144.93 85.29
C VAL D 1001 92.04 -144.78 84.19
N ALA D 1002 90.81 -144.45 84.59
CA ALA D 1002 89.72 -144.25 83.64
C ALA D 1002 89.59 -142.78 83.26
N ALA D 1003 89.14 -142.55 82.04
CA ALA D 1003 88.89 -141.19 81.58
C ALA D 1003 87.68 -140.60 82.30
N ALA D 1004 87.74 -139.29 82.52
CA ALA D 1004 86.63 -138.60 83.18
C ALA D 1004 85.39 -138.60 82.28
N VAL D 1005 84.23 -138.70 82.90
CA VAL D 1005 82.97 -138.73 82.18
C VAL D 1005 82.35 -137.34 82.18
N VAL D 1006 81.92 -136.89 81.00
CA VAL D 1006 81.37 -135.56 80.80
C VAL D 1006 79.93 -135.71 80.34
N ALA D 1007 79.04 -134.93 80.96
CA ALA D 1007 77.61 -135.01 80.68
C ALA D 1007 77.10 -133.65 80.22
N VAL D 1008 76.31 -133.65 79.15
CA VAL D 1008 75.60 -132.44 78.70
C VAL D 1008 74.30 -132.42 79.49
N GLU D 1009 74.38 -131.90 80.71
CA GLU D 1009 73.30 -132.08 81.67
C GLU D 1009 72.14 -131.10 81.48
N SER D 1010 72.37 -129.96 80.84
CA SER D 1010 71.30 -128.98 80.72
C SER D 1010 71.61 -128.00 79.59
N THR D 1011 70.53 -127.48 78.99
CA THR D 1011 70.61 -126.46 77.96
C THR D 1011 69.52 -125.42 78.20
N THR D 1012 69.79 -124.19 77.77
CA THR D 1012 68.87 -123.09 77.96
C THR D 1012 68.87 -122.20 76.73
N ILE D 1013 67.74 -121.52 76.51
CA ILE D 1013 67.59 -120.53 75.46
C ILE D 1013 67.18 -119.23 76.13
N SER D 1014 67.95 -118.16 75.88
CA SER D 1014 67.70 -116.92 76.63
C SER D 1014 66.37 -116.29 76.24
N PRO D 1015 66.14 -115.83 74.99
CA PRO D 1015 64.78 -115.49 74.61
C PRO D 1015 64.05 -116.70 74.04
N ASN D 1016 62.99 -117.17 74.70
CA ASN D 1016 62.34 -118.39 74.26
C ASN D 1016 60.83 -118.28 74.41
N TYR D 1017 60.11 -118.83 73.43
CA TYR D 1017 58.66 -118.90 73.51
C TYR D 1017 58.22 -119.80 74.67
N ASN D 1018 58.87 -120.95 74.81
CA ASN D 1018 58.68 -121.88 75.91
C ASN D 1018 60.06 -122.40 76.28
N PRO D 1019 60.20 -123.23 77.33
CA PRO D 1019 61.54 -123.75 77.67
C PRO D 1019 62.26 -124.44 76.52
N THR D 1020 61.53 -124.89 75.50
CA THR D 1020 62.11 -125.69 74.44
C THR D 1020 62.09 -125.05 73.06
N THR D 1021 61.35 -123.96 72.86
CA THR D 1021 61.29 -123.37 71.53
C THR D 1021 61.75 -121.91 71.53
N PRO D 1022 62.53 -121.50 70.54
CA PRO D 1022 62.93 -120.10 70.42
C PRO D 1022 61.99 -119.32 69.50
N TYR D 1023 62.24 -118.02 69.43
CA TYR D 1023 61.44 -117.12 68.60
C TYR D 1023 61.93 -117.18 67.15
N THR D 1024 61.45 -116.26 66.32
CA THR D 1024 61.82 -116.18 64.92
C THR D 1024 62.48 -114.84 64.63
N ASN D 1025 63.54 -114.88 63.82
CA ASN D 1025 64.28 -113.69 63.40
C ASN D 1025 64.78 -112.87 64.59
N ILE D 1026 65.04 -113.55 65.70
CA ILE D 1026 65.54 -112.91 66.91
C ILE D 1026 66.79 -113.66 67.35
N PRO D 1027 67.92 -112.97 67.60
CA PRO D 1027 69.14 -113.69 68.00
C PRO D 1027 68.94 -114.50 69.26
N THR D 1028 69.02 -115.83 69.11
CA THR D 1028 68.79 -116.75 70.21
C THR D 1028 70.14 -117.30 70.67
N TYR D 1029 70.38 -117.27 71.97
CA TYR D 1029 71.66 -117.69 72.53
C TYR D 1029 71.46 -119.02 73.25
N PHE D 1030 71.85 -120.11 72.58
CA PHE D 1030 71.85 -121.41 73.22
C PHE D 1030 72.97 -121.49 74.25
N THR D 1031 72.69 -122.12 75.39
CA THR D 1031 73.68 -122.28 76.44
C THR D 1031 73.66 -123.71 76.94
N PHE D 1032 74.75 -124.43 76.71
CA PHE D 1032 74.89 -125.80 77.18
C PHE D 1032 75.83 -125.81 78.38
N THR D 1033 75.43 -126.51 79.44
CA THR D 1033 76.28 -126.66 80.62
C THR D 1033 76.72 -128.12 80.71
N LEU D 1034 78.03 -128.30 80.91
CA LEU D 1034 78.65 -129.63 80.96
C LEU D 1034 79.19 -129.87 82.35
N LEU D 1035 79.02 -131.10 82.84
CA LEU D 1035 79.51 -131.50 84.15
C LEU D 1035 80.46 -132.68 83.99
N ARG D 1036 81.59 -132.63 84.70
CA ARG D 1036 82.57 -133.70 84.72
C ARG D 1036 82.56 -134.31 86.12
N ASP D 1037 82.37 -135.63 86.18
CA ASP D 1037 82.22 -136.28 87.48
C ASP D 1037 83.41 -136.05 88.41
N PRO D 1038 84.66 -136.22 87.98
CA PRO D 1038 85.76 -135.76 88.82
C PRO D 1038 86.09 -134.31 88.50
N PRO D 1039 86.00 -133.42 89.50
CA PRO D 1039 86.38 -132.03 89.27
C PRO D 1039 87.87 -131.88 89.04
N VAL D 1040 88.24 -130.85 88.29
CA VAL D 1040 89.66 -130.59 88.03
C VAL D 1040 90.35 -130.23 89.35
N PRO D 1041 91.51 -130.79 89.65
CA PRO D 1041 92.19 -130.47 90.91
C PRO D 1041 92.50 -128.99 91.01
N PRO D 1042 92.35 -128.40 92.19
CA PRO D 1042 92.67 -126.97 92.35
C PRO D 1042 94.13 -126.64 92.09
N SER D 1043 95.04 -127.56 92.36
CA SER D 1043 96.47 -127.32 92.19
C SER D 1043 96.96 -127.64 90.79
N ALA D 1044 96.07 -128.01 89.87
CA ALA D 1044 96.48 -128.36 88.52
C ALA D 1044 97.10 -127.16 87.82
N SER D 1045 98.07 -127.44 86.95
CA SER D 1045 98.75 -126.37 86.22
C SER D 1045 97.79 -125.60 85.33
N SER D 1046 96.86 -126.31 84.69
CA SER D 1046 95.86 -125.68 83.84
C SER D 1046 94.58 -126.49 83.89
N GLY D 1047 93.48 -125.85 83.49
CA GLY D 1047 92.20 -126.53 83.39
C GLY D 1047 92.11 -127.38 82.14
N VAL D 1048 90.93 -127.97 81.96
CA VAL D 1048 90.67 -128.85 80.82
C VAL D 1048 89.96 -128.05 79.75
N GLN D 1049 90.47 -128.10 78.52
CA GLN D 1049 89.90 -127.35 77.41
C GLN D 1049 88.99 -128.26 76.61
N PHE D 1050 87.77 -127.78 76.35
CA PHE D 1050 86.77 -128.51 75.59
C PHE D 1050 86.37 -127.73 74.35
N ALA D 1051 85.86 -128.45 73.36
CA ALA D 1051 85.35 -127.88 72.13
C ALA D 1051 83.90 -128.30 71.95
N CYS D 1052 83.00 -127.32 71.90
CA CYS D 1052 81.59 -127.54 71.65
C CYS D 1052 81.30 -127.23 70.20
N ALA D 1053 80.71 -128.19 69.49
CA ALA D 1053 80.33 -128.02 68.09
C ALA D 1053 78.82 -128.12 67.98
N LEU D 1054 78.19 -127.13 67.36
CA LEU D 1054 76.75 -127.07 67.27
C LEU D 1054 76.32 -126.91 65.82
N TYR D 1055 75.36 -127.73 65.39
CA TYR D 1055 74.67 -127.57 64.13
C TYR D 1055 73.25 -127.09 64.47
N THR D 1056 72.92 -125.86 64.06
CA THR D 1056 71.68 -125.24 64.48
C THR D 1056 70.46 -126.00 63.96
N GLY D 1057 70.50 -126.46 62.71
CA GLY D 1057 69.40 -127.17 62.10
C GLY D 1057 68.87 -126.55 60.83
N GLN D 1058 69.31 -125.35 60.47
CA GLN D 1058 68.95 -124.71 59.22
C GLN D 1058 70.19 -124.53 58.36
N ASN D 1059 70.01 -123.91 57.20
CA ASN D 1059 71.03 -123.89 56.16
C ASN D 1059 71.19 -122.49 55.58
N VAL D 1060 71.35 -121.49 56.44
CA VAL D 1060 71.42 -120.11 55.98
C VAL D 1060 72.84 -119.72 55.57
N ASN D 1061 73.77 -119.72 56.53
CA ASN D 1061 75.12 -119.24 56.24
C ASN D 1061 75.95 -120.30 55.52
N PRO D 1062 76.00 -121.55 55.98
CA PRO D 1062 76.68 -122.58 55.18
C PRO D 1062 75.97 -122.88 53.88
N ALA D 1063 74.71 -122.47 53.74
CA ALA D 1063 73.90 -122.63 52.53
C ALA D 1063 73.64 -124.09 52.18
N SER D 1064 74.03 -125.02 53.04
CA SER D 1064 73.81 -126.43 52.78
C SER D 1064 73.90 -127.19 54.10
N ALA D 1065 73.36 -128.40 54.08
CA ALA D 1065 73.44 -129.28 55.24
C ALA D 1065 74.87 -129.79 55.40
N PRO D 1066 75.26 -130.17 56.61
CA PRO D 1066 76.55 -130.84 56.81
C PRO D 1066 76.44 -132.29 56.32
N SER D 1067 77.54 -133.02 56.50
CA SER D 1067 77.58 -134.42 56.10
C SER D 1067 76.85 -135.25 57.16
N ALA D 1068 76.99 -136.57 57.08
CA ALA D 1068 76.39 -137.44 58.07
C ALA D 1068 76.95 -137.11 59.45
N ILE D 1069 76.22 -137.53 60.48
CA ILE D 1069 76.62 -137.22 61.85
C ILE D 1069 77.83 -138.07 62.19
N THR D 1070 79.02 -137.49 62.05
CA THR D 1070 80.27 -138.24 62.16
C THR D 1070 81.39 -137.27 62.52
N ASP D 1071 82.38 -137.78 63.25
CA ASP D 1071 83.50 -136.95 63.66
C ASP D 1071 84.30 -136.40 62.48
N ALA D 1072 84.18 -137.04 61.31
CA ALA D 1072 84.93 -136.58 60.14
C ALA D 1072 84.46 -135.21 59.65
N VAL D 1073 83.26 -134.78 60.05
CA VAL D 1073 82.73 -133.50 59.59
C VAL D 1073 82.51 -132.51 60.72
N TYR D 1074 82.27 -132.98 61.95
CA TYR D 1074 81.98 -132.07 63.04
C TYR D 1074 83.22 -131.33 63.55
N LYS D 1075 84.41 -131.91 63.39
CA LYS D 1075 85.62 -131.19 63.75
C LYS D 1075 85.98 -130.09 62.75
N THR D 1076 85.46 -130.20 61.52
CA THR D 1076 85.76 -129.21 60.49
C THR D 1076 85.05 -127.88 60.72
N PHE D 1077 84.11 -127.81 61.65
CA PHE D 1077 83.40 -126.57 61.90
C PHE D 1077 84.36 -125.48 62.36
N THR D 1078 84.15 -124.27 61.85
CA THR D 1078 85.07 -123.17 62.12
C THR D 1078 85.04 -122.78 63.59
N ASP D 1079 86.19 -122.39 64.11
CA ASP D 1079 86.31 -121.95 65.50
C ASP D 1079 85.79 -120.51 65.59
N VAL D 1080 84.63 -120.34 66.21
CA VAL D 1080 83.99 -119.03 66.30
C VAL D 1080 84.08 -118.51 67.72
N THR D 1081 85.11 -118.93 68.45
CA THR D 1081 85.33 -118.43 69.81
C THR D 1081 85.57 -116.93 69.80
N THR D 1082 86.34 -116.44 68.82
CA THR D 1082 86.68 -115.03 68.71
C THR D 1082 85.68 -114.26 67.86
N ALA D 1083 84.47 -114.79 67.66
CA ALA D 1083 83.49 -114.14 66.80
C ALA D 1083 82.97 -112.85 67.43
N VAL D 1084 82.60 -111.90 66.57
CA VAL D 1084 81.99 -110.65 66.99
C VAL D 1084 80.75 -110.42 66.14
N ALA D 1085 79.85 -109.56 66.64
CA ALA D 1085 78.55 -109.38 66.00
C ALA D 1085 78.64 -108.69 64.65
N THR D 1086 79.76 -108.06 64.32
CA THR D 1086 79.86 -107.34 63.05
C THR D 1086 80.01 -108.31 61.88
N ASP D 1087 80.83 -109.35 62.03
CA ASP D 1087 81.18 -110.18 60.90
C ASP D 1087 80.01 -111.10 60.52
N ALA D 1088 80.15 -111.74 59.35
CA ALA D 1088 79.07 -112.55 58.80
C ALA D 1088 78.92 -113.86 59.54
N ASN D 1089 80.02 -114.51 59.89
CA ASN D 1089 79.98 -115.84 60.49
C ASN D 1089 79.50 -115.83 61.94
N TYR D 1090 79.03 -114.70 62.48
CA TYR D 1090 78.57 -114.67 63.86
C TYR D 1090 77.34 -115.56 64.06
N PHE D 1091 76.41 -115.53 63.10
CA PHE D 1091 75.19 -116.33 63.16
C PHE D 1091 75.26 -117.57 62.28
N ALA D 1092 76.44 -118.16 62.13
CA ALA D 1092 76.60 -119.32 61.27
C ALA D 1092 75.83 -120.52 61.81
N ASP D 1093 75.43 -121.40 60.89
CA ASP D 1093 74.63 -122.57 61.26
C ASP D 1093 75.48 -123.75 61.70
N GLN D 1094 76.81 -123.64 61.60
CA GLN D 1094 77.72 -124.71 62.01
C GLN D 1094 78.86 -124.03 62.76
N GLN D 1095 78.89 -124.17 64.08
CA GLN D 1095 79.80 -123.39 64.91
C GLN D 1095 80.61 -124.30 65.81
N LEU D 1096 81.81 -123.84 66.15
CA LEU D 1096 82.70 -124.55 67.08
C LEU D 1096 83.34 -123.53 68.00
N ARG D 1097 83.22 -123.74 69.31
CA ARG D 1097 83.79 -122.82 70.30
C ARG D 1097 84.54 -123.63 71.35
N VAL D 1098 85.73 -123.16 71.71
CA VAL D 1098 86.57 -123.84 72.69
C VAL D 1098 86.57 -123.03 73.98
N VAL D 1099 86.37 -123.73 75.10
CA VAL D 1099 86.30 -123.10 76.41
C VAL D 1099 87.25 -123.84 77.35
N THR D 1100 87.61 -123.15 78.42
CA THR D 1100 88.52 -123.70 79.42
C THR D 1100 87.76 -124.12 80.67
N MET D 1101 88.40 -124.98 81.45
CA MET D 1101 87.84 -125.54 82.68
C MET D 1101 88.86 -125.28 83.77
N ALA D 1102 88.63 -124.23 84.57
CA ALA D 1102 89.62 -123.76 85.53
C ALA D 1102 89.78 -124.74 86.69
N PRO D 1103 90.89 -124.66 87.41
CA PRO D 1103 91.02 -125.46 88.63
C PRO D 1103 89.93 -125.11 89.63
N GLY D 1104 89.40 -126.15 90.28
CA GLY D 1104 88.26 -125.99 91.16
C GLY D 1104 86.92 -126.01 90.47
N THR D 1105 86.89 -125.99 89.14
CA THR D 1105 85.67 -126.07 88.36
C THR D 1105 85.39 -127.54 88.03
N GLY D 1106 84.56 -127.78 87.02
CA GLY D 1106 84.04 -129.10 86.74
C GLY D 1106 82.67 -128.99 86.12
N ARG D 1107 82.15 -127.77 86.08
CA ARG D 1107 80.99 -127.42 85.28
C ARG D 1107 81.36 -126.25 84.38
N VAL D 1108 81.08 -126.38 83.09
CA VAL D 1108 81.48 -125.40 82.09
C VAL D 1108 80.27 -125.02 81.26
N SER D 1109 80.37 -123.88 80.58
CA SER D 1109 79.25 -123.32 79.83
C SER D 1109 79.71 -122.92 78.43
N CYS D 1110 79.04 -123.47 77.42
CA CYS D 1110 79.26 -123.09 76.03
C CYS D 1110 78.03 -122.31 75.55
N THR D 1111 78.27 -121.18 74.88
CA THR D 1111 77.21 -120.31 74.41
C THR D 1111 77.32 -120.13 72.90
N PHE D 1112 76.21 -120.32 72.20
CA PHE D 1112 76.15 -120.26 70.74
C PHE D 1112 75.10 -119.25 70.31
N PRO D 1113 75.46 -118.20 69.57
CA PRO D 1113 74.44 -117.30 69.02
C PRO D 1113 73.95 -117.81 67.68
N THR D 1114 72.62 -117.88 67.52
CA THR D 1114 71.99 -118.37 66.31
C THR D 1114 70.88 -117.42 65.90
N LEU D 1115 70.45 -117.53 64.65
CA LEU D 1115 69.38 -116.72 64.10
C LEU D 1115 68.57 -117.56 63.14
N TYR D 1116 67.29 -117.77 63.44
CA TYR D 1116 66.41 -118.57 62.62
C TYR D 1116 65.56 -117.66 61.74
N ALA D 1117 65.64 -117.84 60.43
CA ALA D 1117 64.99 -116.96 59.47
C ALA D 1117 63.68 -117.52 58.92
N ALA D 1118 63.21 -118.64 59.45
CA ALA D 1118 61.99 -119.25 58.95
C ALA D 1118 61.23 -119.84 60.13
N ALA D 1119 60.15 -120.58 59.84
CA ALA D 1119 59.31 -121.16 60.87
C ALA D 1119 59.20 -122.66 60.78
N GLY D 1120 59.92 -123.31 59.86
CA GLY D 1120 59.85 -124.73 59.68
C GLY D 1120 60.47 -125.50 60.82
N PRO D 1121 60.23 -126.81 60.87
CA PRO D 1121 60.82 -127.63 61.94
C PRO D 1121 62.33 -127.63 61.86
N PHE D 1122 62.97 -127.62 63.03
CA PHE D 1122 64.42 -127.60 63.13
C PHE D 1122 64.87 -128.67 64.12
N SER D 1123 66.01 -129.31 63.83
CA SER D 1123 66.56 -130.37 64.66
C SER D 1123 68.03 -130.11 64.92
N PRO D 1124 68.36 -129.30 65.92
CA PRO D 1124 69.77 -129.03 66.22
C PRO D 1124 70.49 -130.25 66.76
N LYS D 1125 71.81 -130.29 66.50
CA LYS D 1125 72.67 -131.36 66.96
C LYS D 1125 73.89 -130.77 67.67
N PHE D 1126 74.38 -131.49 68.67
CA PHE D 1126 75.46 -131.00 69.52
C PHE D 1126 76.53 -132.08 69.69
N PHE D 1127 77.78 -131.66 69.70
CA PHE D 1127 78.93 -132.54 69.88
C PHE D 1127 79.92 -131.90 70.84
N VAL D 1128 80.56 -132.74 71.64
CA VAL D 1128 81.56 -132.31 72.61
C VAL D 1128 82.85 -133.07 72.34
N PHE D 1129 83.97 -132.37 72.33
CA PHE D 1129 85.28 -132.98 72.15
C PHE D 1129 86.26 -132.41 73.17
N GLU D 1130 87.29 -133.19 73.48
CA GLU D 1130 88.37 -132.67 74.30
C GLU D 1130 89.36 -131.93 73.41
N TYR D 1131 89.88 -130.81 73.91
CA TYR D 1131 90.73 -129.94 73.13
C TYR D 1131 92.19 -130.10 73.57
N ALA D 1132 93.05 -130.46 72.62
CA ALA D 1132 94.48 -130.43 72.83
C ALA D 1132 94.98 -129.00 72.59
N SER D 1133 96.29 -128.84 72.48
CA SER D 1133 96.86 -127.52 72.20
C SER D 1133 96.49 -127.12 70.78
N SER D 1134 95.45 -126.30 70.66
CA SER D 1134 95.01 -125.72 69.39
C SER D 1134 94.50 -126.76 68.40
N THR D 1135 94.36 -128.01 68.83
CA THR D 1135 93.81 -129.07 67.99
C THR D 1135 92.70 -129.79 68.72
N VAL D 1136 91.63 -130.10 68.00
CA VAL D 1136 90.49 -130.82 68.56
C VAL D 1136 90.83 -132.31 68.65
N GLY D 1137 90.41 -132.96 69.72
CA GLY D 1137 90.64 -134.39 69.87
C GLY D 1137 89.45 -135.21 69.44
N ALA D 1138 89.26 -136.36 70.08
CA ALA D 1138 88.13 -137.24 69.77
C ALA D 1138 86.92 -136.81 70.58
N ASN D 1139 85.88 -137.65 70.61
CA ASN D 1139 84.66 -137.33 71.32
C ASN D 1139 84.92 -137.21 72.82
N ALA D 1140 84.17 -136.33 73.46
CA ALA D 1140 84.31 -136.09 74.90
C ALA D 1140 83.38 -136.97 75.73
N LEU D 1141 82.52 -137.77 75.10
CA LEU D 1141 81.67 -138.69 75.82
C LEU D 1141 82.32 -140.06 76.02
N ALA D 1142 83.48 -140.28 75.39
CA ALA D 1142 84.31 -141.48 75.53
C ALA D 1142 83.68 -142.70 74.87
N VAL D 1143 82.43 -142.57 74.46
CA VAL D 1143 81.76 -143.53 73.60
C VAL D 1143 82.07 -143.18 72.15
N ALA D 1144 81.66 -144.04 71.22
CA ALA D 1144 81.82 -143.76 69.80
C ALA D 1144 80.92 -142.59 69.41
N ASP D 1145 80.84 -142.29 68.12
CA ASP D 1145 80.29 -141.02 67.68
C ASP D 1145 78.80 -140.93 68.00
N THR D 1146 78.49 -140.35 69.15
CA THR D 1146 77.12 -140.13 69.60
C THR D 1146 76.86 -138.63 69.69
N VAL D 1147 75.65 -138.22 69.30
CA VAL D 1147 75.28 -136.82 69.24
C VAL D 1147 74.16 -136.56 70.25
N THR D 1148 74.35 -135.54 71.08
CA THR D 1148 73.30 -135.09 71.97
C THR D 1148 72.35 -134.20 71.18
N SER D 1149 71.09 -134.62 71.08
CA SER D 1149 70.11 -133.95 70.23
C SER D 1149 69.11 -133.20 71.09
N LEU D 1150 68.92 -131.93 70.76
CA LEU D 1150 67.87 -131.13 71.38
C LEU D 1150 66.52 -131.47 70.78
N THR D 1151 65.46 -131.08 71.49
CA THR D 1151 64.11 -131.32 70.98
C THR D 1151 63.85 -130.47 69.75
N SER D 1152 63.05 -131.02 68.83
CA SER D 1152 62.69 -130.28 67.62
C SER D 1152 61.69 -129.20 67.96
N PHE D 1153 61.93 -127.99 67.46
CA PHE D 1153 61.11 -126.84 67.79
C PHE D 1153 60.61 -126.14 66.54
N THR D 1154 59.46 -125.50 66.67
CA THR D 1154 58.90 -124.63 65.63
C THR D 1154 59.02 -123.20 66.13
N THR D 1155 59.80 -122.38 65.42
CA THR D 1155 60.02 -121.02 65.85
C THR D 1155 58.74 -120.20 65.80
N GLN D 1156 58.54 -119.37 66.80
CA GLN D 1156 57.32 -118.58 66.96
C GLN D 1156 57.60 -117.11 66.69
N ALA D 1157 56.51 -116.36 66.52
CA ALA D 1157 56.62 -114.92 66.28
C ALA D 1157 57.07 -114.21 67.55
N ALA D 1158 58.01 -113.28 67.38
CA ALA D 1158 58.56 -112.57 68.53
C ALA D 1158 57.52 -111.63 69.13
N PRO D 1159 57.50 -111.49 70.45
CA PRO D 1159 56.60 -110.51 71.08
C PRO D 1159 57.13 -109.09 70.89
N THR D 1160 56.22 -108.14 71.11
CA THR D 1160 56.50 -106.72 70.86
C THR D 1160 56.05 -105.87 72.04
N PHE D 1161 56.42 -106.27 73.24
CA PHE D 1161 56.10 -105.54 74.46
C PHE D 1161 57.38 -105.01 75.10
N ILE D 1162 57.42 -103.70 75.35
CA ILE D 1162 58.52 -103.08 76.06
C ILE D 1162 58.32 -103.27 77.56
N THR D 1163 59.41 -103.55 78.28
CA THR D 1163 59.37 -103.71 79.72
C THR D 1163 59.99 -102.48 80.38
N GLY D 1164 59.26 -101.88 81.30
CA GLY D 1164 59.75 -100.71 82.00
C GLY D 1164 58.64 -99.95 82.69
N PRO D 1165 58.98 -98.80 83.27
CA PRO D 1165 57.97 -98.00 83.97
C PRO D 1165 57.08 -97.23 83.01
N THR D 1166 56.20 -96.39 83.55
CA THR D 1166 55.23 -95.69 82.72
C THR D 1166 55.88 -94.52 81.98
N ASN D 1167 55.32 -94.19 80.83
CA ASN D 1167 55.73 -93.02 80.06
C ASN D 1167 54.89 -91.82 80.48
N VAL D 1168 55.52 -90.83 81.08
CA VAL D 1168 54.82 -89.60 81.41
C VAL D 1168 54.49 -88.89 80.09
N PRO D 1169 53.21 -88.62 79.81
CA PRO D 1169 52.86 -88.00 78.52
C PRO D 1169 53.41 -86.60 78.41
N GLN D 1170 53.68 -86.18 77.17
CA GLN D 1170 54.18 -84.84 76.90
C GLN D 1170 53.03 -83.85 77.04
N ARG D 1171 53.29 -82.58 76.71
CA ARG D 1171 52.28 -81.54 76.87
C ARG D 1171 51.21 -81.70 75.79
N VAL D 1172 50.00 -82.02 76.21
CA VAL D 1172 48.87 -82.24 75.30
C VAL D 1172 47.73 -81.33 75.74
N PRO D 1173 46.94 -80.77 74.82
CA PRO D 1173 45.76 -80.01 75.26
C PRO D 1173 44.79 -80.92 75.99
N LEU D 1174 44.40 -80.50 77.19
CA LEU D 1174 43.57 -81.30 78.07
C LEU D 1174 42.41 -80.48 78.59
N PRO D 1175 41.29 -81.11 78.93
CA PRO D 1175 40.17 -80.37 79.51
C PRO D 1175 40.47 -79.93 80.93
N LYS D 1176 39.72 -78.91 81.37
CA LYS D 1176 39.87 -78.41 82.73
C LYS D 1176 39.54 -79.50 83.74
N GLY D 1177 40.55 -79.91 84.51
CA GLY D 1177 40.38 -80.95 85.51
C GLY D 1177 41.06 -82.26 85.18
N PHE D 1178 41.47 -82.47 83.93
CA PHE D 1178 42.16 -83.69 83.56
C PHE D 1178 43.55 -83.70 84.18
N ARG D 1179 43.85 -84.76 84.94
CA ARG D 1179 45.15 -84.93 85.57
C ARG D 1179 45.83 -86.15 84.98
N THR D 1180 47.04 -85.95 84.45
CA THR D 1180 47.89 -87.05 84.04
C THR D 1180 48.94 -87.40 85.09
N THR D 1181 49.02 -86.62 86.16
CA THR D 1181 49.92 -86.89 87.28
C THR D 1181 49.17 -86.71 88.58
N CYS D 1182 49.65 -87.37 89.63
CA CYS D 1182 49.02 -87.31 90.94
C CYS D 1182 50.07 -86.94 91.98
N PHE D 1183 49.60 -86.50 93.13
CA PHE D 1183 50.46 -86.10 94.24
C PHE D 1183 50.94 -87.34 94.98
N ASP D 1184 51.59 -87.13 96.13
CA ASP D 1184 52.03 -88.24 96.96
C ASP D 1184 50.89 -88.72 97.84
N GLY D 1185 50.73 -90.04 97.93
CA GLY D 1185 49.62 -90.63 98.61
C GLY D 1185 48.36 -90.76 97.78
N TYR D 1186 48.37 -90.27 96.55
CA TYR D 1186 47.23 -90.29 95.66
C TYR D 1186 47.55 -91.14 94.45
N GLU D 1187 46.52 -91.74 93.86
CA GLU D 1187 46.68 -92.57 92.67
C GLU D 1187 45.72 -92.10 91.58
N LEU D 1188 46.09 -92.41 90.34
CA LEU D 1188 45.30 -92.01 89.18
C LEU D 1188 44.11 -92.94 89.00
N ILE D 1189 42.93 -92.36 88.82
CA ILE D 1189 41.72 -93.10 88.49
C ILE D 1189 41.06 -92.43 87.30
N PHE D 1190 40.20 -93.18 86.63
CA PHE D 1190 39.55 -92.77 85.40
C PHE D 1190 38.05 -92.66 85.66
N SER D 1191 37.60 -91.46 86.02
CA SER D 1191 36.22 -91.30 86.47
C SER D 1191 35.68 -89.97 86.00
N ASN D 1192 34.35 -89.90 85.93
CA ASN D 1192 33.66 -88.69 85.48
C ASN D 1192 33.07 -87.90 86.64
N ASP D 1193 33.19 -88.40 87.87
CA ASP D 1193 32.69 -87.68 89.04
C ASP D 1193 33.69 -86.61 89.46
N ASN D 1194 33.44 -85.99 90.61
CA ASN D 1194 34.28 -84.92 91.13
C ASN D 1194 35.07 -85.46 92.32
N TYR D 1195 36.38 -85.23 92.30
CA TYR D 1195 37.30 -85.69 93.35
C TYR D 1195 38.15 -84.51 93.79
N THR D 1196 37.83 -83.91 94.93
CA THR D 1196 38.63 -82.85 95.53
C THR D 1196 39.28 -83.40 96.80
N ASN D 1197 40.60 -83.19 96.91
CA ASN D 1197 41.40 -83.67 98.03
C ASN D 1197 41.38 -85.19 98.14
N GLY D 1198 41.09 -85.88 97.05
CA GLY D 1198 41.14 -87.34 97.02
C GLY D 1198 39.90 -88.04 97.51
N VAL D 1199 38.81 -87.32 97.77
CA VAL D 1199 37.55 -87.91 98.21
C VAL D 1199 36.44 -87.44 97.27
N ARG D 1200 35.53 -88.35 96.95
CA ARG D 1200 34.42 -88.00 96.06
C ARG D 1200 33.47 -87.04 96.76
N VAL D 1201 33.15 -85.93 96.08
CA VAL D 1201 32.26 -84.93 96.63
C VAL D 1201 31.03 -84.68 95.78
N ALA D 1202 31.01 -85.16 94.54
CA ALA D 1202 29.86 -84.95 93.66
C ALA D 1202 29.89 -85.98 92.56
N VAL D 1203 28.70 -86.38 92.13
CA VAL D 1203 28.52 -87.43 91.13
C VAL D 1203 28.29 -86.76 89.77
N ASP D 1204 29.03 -87.22 88.76
CA ASP D 1204 28.86 -86.79 87.38
C ASP D 1204 29.05 -85.27 87.23
N ALA D 1205 30.27 -84.83 87.53
CA ALA D 1205 30.64 -83.43 87.34
C ALA D 1205 31.13 -83.13 85.93
N TYR D 1206 31.79 -84.09 85.29
CA TYR D 1206 32.29 -83.89 83.94
C TYR D 1206 31.44 -84.66 82.94
N PRO D 1207 31.22 -84.11 81.74
CA PRO D 1207 30.41 -84.82 80.74
C PRO D 1207 31.01 -86.13 80.28
N TYR D 1208 32.32 -86.30 80.41
CA TYR D 1208 33.04 -87.49 80.00
C TYR D 1208 34.07 -87.84 81.06
N PRO D 1209 34.44 -89.10 81.19
CA PRO D 1209 35.42 -89.48 82.21
C PRO D 1209 36.75 -88.80 81.98
N VAL D 1210 37.36 -88.32 83.08
CA VAL D 1210 38.66 -87.69 83.06
C VAL D 1210 39.55 -88.36 84.11
N GLY D 1211 40.79 -87.91 84.18
CA GLY D 1211 41.72 -88.43 85.15
C GLY D 1211 41.68 -87.69 86.47
N GLN D 1212 41.46 -88.42 87.56
CA GLN D 1212 41.33 -87.83 88.88
C GLN D 1212 42.34 -88.47 89.82
N CYS D 1213 42.61 -87.80 90.92
CA CYS D 1213 43.52 -88.29 91.95
C CYS D 1213 42.70 -88.74 93.15
N ARG D 1214 42.78 -90.02 93.48
CA ARG D 1214 42.06 -90.59 94.61
C ARG D 1214 43.06 -90.98 95.69
N LYS D 1215 42.73 -90.65 96.94
CA LYS D 1215 43.62 -90.97 98.05
C LYS D 1215 43.86 -92.47 98.16
N CYS D 1216 45.10 -92.84 98.42
CA CYS D 1216 45.38 -94.22 98.78
C CYS D 1216 44.68 -94.54 100.10
N PRO D 1217 44.25 -95.78 100.31
CA PRO D 1217 43.63 -96.14 101.58
C PRO D 1217 44.68 -96.45 102.63
N GLY D 1218 44.22 -96.66 103.85
CA GLY D 1218 45.12 -97.03 104.92
C GLY D 1218 45.79 -98.35 104.66
N GLY D 1219 47.05 -98.46 105.11
CA GLY D 1219 47.84 -99.64 104.87
C GLY D 1219 48.66 -99.60 103.59
N THR D 1220 48.49 -98.56 102.77
CA THR D 1220 49.22 -98.42 101.53
C THR D 1220 49.82 -97.03 101.47
N ALA D 1221 50.86 -96.89 100.65
CA ALA D 1221 51.51 -95.61 100.45
C ALA D 1221 52.03 -95.56 99.02
N THR D 1222 52.17 -94.34 98.50
CA THR D 1222 52.65 -94.16 97.15
C THR D 1222 53.49 -92.91 97.06
N MET D 1223 54.42 -92.91 96.13
CA MET D 1223 55.32 -91.79 95.87
C MET D 1223 55.14 -91.22 94.47
N ASP D 1224 55.25 -92.07 93.44
CA ASP D 1224 55.08 -91.60 92.07
C ASP D 1224 53.64 -91.15 91.82
N GLY D 1225 52.67 -91.92 92.28
CA GLY D 1225 51.27 -91.57 92.14
C GLY D 1225 50.50 -92.35 91.10
N TYR D 1226 51.03 -93.47 90.60
CA TYR D 1226 50.34 -94.29 89.62
C TYR D 1226 49.81 -95.59 90.18
N ARG D 1227 50.01 -95.86 91.47
CA ARG D 1227 49.57 -97.10 92.10
C ARG D 1227 49.63 -96.90 93.61
N CYS D 1228 48.78 -97.65 94.32
CA CYS D 1228 48.77 -97.63 95.79
C CYS D 1228 49.46 -98.90 96.27
N ILE D 1229 50.75 -98.80 96.53
CA ILE D 1229 51.56 -99.97 96.90
C ILE D 1229 51.27 -100.33 98.35
N PRO D 1230 50.95 -101.60 98.65
CA PRO D 1230 50.73 -101.98 100.05
C PRO D 1230 52.05 -102.04 100.81
N CYS D 1231 52.00 -101.63 102.07
CA CYS D 1231 53.20 -101.57 102.87
C CYS D 1231 53.72 -102.98 103.14
N PRO D 1232 55.04 -103.17 103.18
CA PRO D 1232 55.59 -104.50 103.45
C PRO D 1232 55.48 -104.85 104.92
N SER D 1233 55.90 -106.07 105.24
CA SER D 1233 55.80 -106.56 106.62
C SER D 1233 56.67 -105.71 107.53
N GLY D 1234 56.17 -105.47 108.75
CA GLY D 1234 56.86 -104.61 109.68
C GLY D 1234 56.56 -103.14 109.54
N TYR D 1235 55.59 -102.78 108.70
CA TYR D 1235 55.28 -101.38 108.43
C TYR D 1235 53.78 -101.15 108.50
N TRP D 1236 53.40 -99.92 108.83
CA TRP D 1236 52.02 -99.48 108.88
C TRP D 1236 51.94 -98.08 108.29
N SER D 1237 50.75 -97.70 107.86
CA SER D 1237 50.56 -96.37 107.29
C SER D 1237 49.10 -95.96 107.40
N ASN D 1238 48.87 -94.66 107.33
CA ASN D 1238 47.54 -94.08 107.37
C ASN D 1238 47.02 -93.92 105.94
N GLU D 1239 45.91 -93.19 105.78
CA GLU D 1239 45.26 -93.05 104.49
C GLU D 1239 46.14 -92.39 103.44
N GLY D 1240 46.45 -91.11 103.64
CA GLY D 1240 47.17 -90.37 102.62
C GLY D 1240 48.68 -90.35 102.83
N ALA D 1241 49.27 -91.53 102.94
CA ALA D 1241 50.68 -91.65 103.29
C ALA D 1241 51.55 -91.69 102.05
N ARG D 1242 52.62 -90.91 102.04
CA ARG D 1242 53.61 -90.99 100.98
C ARG D 1242 54.60 -92.13 101.19
N GLU D 1243 54.78 -92.58 102.43
CA GLU D 1243 55.65 -93.71 102.74
C GLU D 1243 55.24 -94.28 104.08
N CYS D 1244 55.50 -95.57 104.25
CA CYS D 1244 55.12 -96.27 105.47
C CYS D 1244 56.12 -95.98 106.59
N THR D 1245 55.71 -96.31 107.82
CA THR D 1245 56.57 -96.22 108.99
C THR D 1245 56.62 -97.57 109.69
N ALA D 1246 57.68 -97.78 110.45
CA ALA D 1246 57.95 -99.08 111.05
C ALA D 1246 57.29 -99.22 112.42
N CYS D 1247 56.87 -100.44 112.73
CA CYS D 1247 56.31 -100.74 114.04
C CYS D 1247 57.40 -100.63 115.11
N PRO D 1248 57.03 -100.29 116.34
CA PRO D 1248 58.05 -100.12 117.38
C PRO D 1248 58.74 -101.44 117.72
N ALA D 1249 59.87 -101.30 118.41
CA ALA D 1249 60.65 -102.46 118.82
C ALA D 1249 59.85 -103.33 119.78
N GLY D 1250 59.89 -104.65 119.54
CA GLY D 1250 59.17 -105.60 120.35
C GLY D 1250 57.78 -105.95 119.83
N THR D 1251 57.23 -105.13 118.94
CA THR D 1251 55.91 -105.36 118.36
C THR D 1251 56.04 -105.61 116.88
N ILE D 1252 55.08 -106.36 116.33
CA ILE D 1252 55.08 -106.67 114.91
C ILE D 1252 53.75 -106.21 114.31
N ALA D 1253 53.78 -105.94 113.01
CA ALA D 1253 52.61 -105.44 112.30
C ALA D 1253 51.74 -106.63 111.87
N LYS D 1254 50.47 -106.59 112.25
CA LYS D 1254 49.52 -107.61 111.81
C LYS D 1254 48.48 -106.95 110.90
N PRO D 1255 48.51 -107.21 109.60
CA PRO D 1255 47.49 -106.62 108.72
C PRO D 1255 46.11 -107.15 109.04
N ALA D 1256 45.11 -106.29 108.83
CA ALA D 1256 43.72 -106.64 109.10
C ALA D 1256 43.13 -107.36 107.89
N ALA D 1257 42.31 -108.37 108.16
CA ALA D 1257 41.65 -109.10 107.09
C ALA D 1257 40.65 -108.20 106.38
N LEU D 1258 40.67 -108.24 105.05
CA LEU D 1258 39.78 -107.41 104.22
C LEU D 1258 38.69 -108.29 103.63
N THR D 1259 37.46 -107.83 103.70
CA THR D 1259 36.33 -108.53 103.10
C THR D 1259 36.20 -108.12 101.65
N ALA D 1260 36.03 -109.11 100.76
CA ALA D 1260 35.82 -108.81 99.36
C ALA D 1260 34.47 -108.13 99.18
N ARG D 1261 34.44 -107.11 98.33
CA ARG D 1261 33.19 -106.41 98.06
C ARG D 1261 32.22 -107.35 97.35
N ALA D 1262 30.93 -107.24 97.71
CA ALA D 1262 29.96 -108.21 97.24
C ALA D 1262 29.66 -108.04 95.75
N LYS D 1263 29.49 -106.81 95.30
CA LYS D 1263 29.01 -106.55 93.96
C LYS D 1263 29.96 -105.59 93.25
N TYR D 1264 29.91 -105.62 91.91
CA TYR D 1264 30.72 -104.75 91.09
C TYR D 1264 30.14 -103.35 90.97
N SER D 1265 29.14 -103.00 91.79
CA SER D 1265 28.58 -101.67 91.85
C SER D 1265 28.79 -101.02 93.21
N ILE D 1266 29.80 -101.46 93.95
CA ILE D 1266 30.12 -100.96 95.27
C ILE D 1266 31.57 -100.49 95.28
N ASP D 1267 31.81 -99.35 95.91
CA ASP D 1267 33.14 -98.75 95.91
C ASP D 1267 34.17 -99.73 96.47
N PRO D 1268 35.27 -99.97 95.77
CA PRO D 1268 36.32 -100.83 96.31
C PRO D 1268 37.37 -100.04 97.09
N THR D 1269 38.11 -100.77 97.93
CA THR D 1269 39.18 -100.18 98.71
C THR D 1269 40.52 -100.23 97.95
N THR D 1270 40.91 -101.42 97.49
CA THR D 1270 42.09 -101.59 96.67
C THR D 1270 41.78 -102.60 95.57
N TYR D 1271 42.82 -103.07 94.91
CA TYR D 1271 42.68 -104.05 93.85
C TYR D 1271 42.27 -105.41 94.41
N HIS D 1272 41.80 -106.28 93.52
CA HIS D 1272 41.17 -107.52 93.95
C HIS D 1272 42.17 -108.48 94.58
N PHE D 1273 43.41 -108.52 94.08
CA PHE D 1273 44.37 -109.48 94.60
C PHE D 1273 44.81 -109.17 96.02
N VAL D 1274 44.63 -107.93 96.49
CA VAL D 1274 45.02 -107.57 97.84
C VAL D 1274 44.00 -108.12 98.82
N THR D 1275 44.48 -108.84 99.83
CA THR D 1275 43.59 -109.43 100.84
C THR D 1275 43.82 -108.91 102.25
N HIS D 1276 45.01 -108.41 102.58
CA HIS D 1276 45.29 -107.92 103.93
C HIS D 1276 45.98 -106.57 103.83
N LEU D 1277 45.60 -105.65 104.70
CA LEU D 1277 46.20 -104.33 104.76
C LEU D 1277 46.57 -103.99 106.20
N ALA D 1278 47.73 -103.37 106.37
CA ALA D 1278 48.24 -103.02 107.70
C ALA D 1278 47.90 -101.55 107.96
N MET D 1279 46.79 -101.32 108.64
CA MET D 1279 46.29 -99.97 108.90
C MET D 1279 47.10 -99.29 110.00
N GLY D 1280 46.57 -98.21 110.56
CA GLY D 1280 47.31 -97.38 111.48
C GLY D 1280 47.87 -98.12 112.69
N PRO D 1281 48.55 -97.38 113.58
CA PRO D 1281 49.44 -98.01 114.56
C PRO D 1281 48.80 -99.10 115.42
N GLU D 1282 47.48 -99.23 115.34
CA GLU D 1282 46.80 -100.33 116.00
C GLU D 1282 47.30 -101.68 115.50
N SER D 1283 47.71 -101.75 114.23
CA SER D 1283 48.20 -103.00 113.68
C SER D 1283 49.52 -103.45 114.31
N CYS D 1284 50.21 -102.55 115.00
CA CYS D 1284 51.45 -102.92 115.71
C CYS D 1284 51.04 -103.61 117.00
N LYS D 1285 50.99 -104.94 116.98
CA LYS D 1285 50.63 -105.73 118.14
C LYS D 1285 51.88 -106.22 118.86
N LYS D 1286 51.83 -106.17 120.19
CA LYS D 1286 52.97 -106.56 121.01
C LYS D 1286 53.24 -108.05 120.90
N CYS D 1287 54.52 -108.42 120.90
CA CYS D 1287 54.88 -109.83 120.95
C CYS D 1287 54.49 -110.40 122.33
N PRO D 1288 54.04 -111.64 122.38
CA PRO D 1288 53.57 -112.20 123.65
C PRO D 1288 54.72 -112.56 124.58
N LYS D 1289 54.35 -112.96 125.80
CA LYS D 1289 55.34 -113.37 126.79
C LYS D 1289 56.06 -114.62 126.33
N GLY D 1290 57.36 -114.68 126.61
CA GLY D 1290 58.21 -115.76 126.14
C GLY D 1290 58.82 -115.53 124.77
N TYR D 1291 58.38 -114.50 124.06
CA TYR D 1291 58.92 -114.13 122.76
C TYR D 1291 59.65 -112.80 122.86
N PHE D 1292 60.37 -112.46 121.79
CA PHE D 1292 61.04 -111.17 121.71
C PHE D 1292 61.30 -110.85 120.25
N GLN D 1293 61.54 -109.57 119.97
CA GLN D 1293 61.88 -109.12 118.63
C GLN D 1293 62.70 -107.84 118.75
N PRO D 1294 63.99 -107.88 118.45
CA PRO D 1294 64.86 -106.73 118.73
C PRO D 1294 64.87 -105.69 117.61
N ASN D 1295 64.53 -106.09 116.39
CA ASN D 1295 64.67 -105.22 115.25
C ASN D 1295 63.68 -104.05 115.30
N ILE D 1296 64.02 -102.99 114.59
CA ILE D 1296 63.16 -101.81 114.51
C ILE D 1296 61.98 -102.04 113.59
N ALA D 1297 62.06 -103.03 112.70
CA ALA D 1297 60.96 -103.39 111.80
C ALA D 1297 60.72 -104.90 111.96
N GLY D 1298 59.90 -105.26 112.93
CA GLY D 1298 59.71 -106.66 113.24
C GLY D 1298 58.98 -107.41 112.15
N THR D 1299 59.28 -108.70 112.05
CA THR D 1299 58.61 -109.55 111.08
C THR D 1299 58.02 -110.76 111.77
N VAL D 1300 58.69 -111.25 112.81
CA VAL D 1300 58.24 -112.41 113.57
C VAL D 1300 58.47 -112.15 115.05
N CYS D 1301 57.76 -112.90 115.88
CA CYS D 1301 58.01 -112.94 117.32
C CYS D 1301 58.94 -114.11 117.60
N LEU D 1302 60.19 -113.81 117.94
CA LEU D 1302 61.20 -114.84 118.12
C LEU D 1302 61.05 -115.49 119.48
N PRO D 1303 60.97 -116.82 119.57
CA PRO D 1303 60.90 -117.47 120.88
C PRO D 1303 62.18 -117.28 121.66
N CYS D 1304 62.05 -117.22 122.98
CA CYS D 1304 63.21 -117.08 123.84
C CYS D 1304 64.10 -118.32 123.74
N PRO D 1305 65.42 -118.15 123.77
CA PRO D 1305 66.32 -119.31 123.72
C PRO D 1305 66.21 -120.12 125.00
N SER D 1306 66.92 -121.25 125.01
CA SER D 1306 66.92 -122.13 126.17
C SER D 1306 67.51 -121.41 127.37
N GLY D 1307 66.77 -121.41 128.48
CA GLY D 1307 67.26 -120.82 129.71
C GLY D 1307 67.06 -119.32 129.85
N PHE D 1308 66.12 -118.73 129.10
CA PHE D 1308 65.88 -117.30 129.14
C PHE D 1308 64.40 -117.03 129.28
N VAL D 1309 64.07 -115.87 129.87
CA VAL D 1309 62.70 -115.41 130.04
C VAL D 1309 62.60 -113.99 129.50
N SER D 1310 61.36 -113.55 129.30
CA SER D 1310 61.12 -112.22 128.75
C SER D 1310 59.78 -111.69 129.24
N THR D 1311 59.62 -110.37 129.12
CA THR D 1311 58.40 -109.69 129.50
C THR D 1311 57.47 -109.57 128.30
N SER D 1312 56.40 -108.79 128.44
CA SER D 1312 55.50 -108.54 127.33
C SER D 1312 56.08 -107.55 126.32
N GLY D 1313 56.89 -106.60 126.78
CA GLY D 1313 57.53 -105.67 125.85
C GLY D 1313 58.38 -106.39 124.82
N ALA D 1314 59.10 -107.43 125.23
CA ALA D 1314 59.74 -108.38 124.33
C ALA D 1314 60.81 -107.72 123.46
N THR D 1315 61.66 -106.89 124.09
CA THR D 1315 62.82 -106.36 123.37
C THR D 1315 63.99 -107.34 123.41
N GLY D 1316 64.07 -108.16 124.44
CA GLY D 1316 65.17 -109.08 124.59
C GLY D 1316 64.83 -110.18 125.58
N CYS D 1317 65.87 -110.93 125.96
CA CYS D 1317 65.72 -112.07 126.85
C CYS D 1317 66.64 -111.94 128.05
N THR D 1318 66.16 -112.35 129.21
CA THR D 1318 66.95 -112.41 130.43
C THR D 1318 67.05 -113.88 130.85
N ALA D 1319 68.26 -114.31 131.20
CA ALA D 1319 68.50 -115.70 131.52
C ALA D 1319 68.11 -116.03 132.95
N CYS D 1320 67.79 -117.29 133.19
CA CYS D 1320 67.54 -117.76 134.54
C CYS D 1320 68.81 -117.67 135.38
N SER D 1321 68.66 -117.24 136.63
CA SER D 1321 69.81 -117.02 137.48
C SER D 1321 70.30 -118.35 138.06
N GLU D 1322 71.34 -118.27 138.89
CA GLU D 1322 71.96 -119.46 139.45
C GLU D 1322 70.97 -120.20 140.35
N GLY D 1323 70.97 -121.53 140.24
CA GLY D 1323 70.09 -122.36 141.01
C GLY D 1323 68.68 -122.50 140.46
N THR D 1324 68.39 -121.89 139.32
CA THR D 1324 67.07 -121.94 138.69
C THR D 1324 67.18 -122.53 137.30
N TYR D 1325 66.10 -123.14 136.83
CA TYR D 1325 66.07 -123.71 135.50
C TYR D 1325 64.80 -123.26 134.77
N HIS D 1326 64.84 -123.39 133.44
CA HIS D 1326 63.86 -122.79 132.55
C HIS D 1326 62.75 -123.80 132.26
N THR D 1327 61.55 -123.55 132.80
CA THR D 1327 60.39 -124.40 132.56
C THR D 1327 59.15 -123.54 132.80
N ASP D 1328 57.98 -124.19 132.90
CA ASP D 1328 56.72 -123.50 133.09
C ASP D 1328 56.39 -123.40 134.57
N GLY D 1329 56.01 -122.21 135.02
CA GLY D 1329 55.61 -122.00 136.39
C GLY D 1329 54.11 -122.10 136.57
N VAL D 1330 53.54 -123.26 136.24
CA VAL D 1330 52.09 -123.43 136.34
C VAL D 1330 51.64 -123.34 137.78
N GLY D 1331 52.37 -123.99 138.68
CA GLY D 1331 52.06 -123.99 140.09
C GLY D 1331 52.86 -123.03 140.93
N THR D 1332 53.61 -122.11 140.31
CA THR D 1332 54.45 -121.19 141.06
C THR D 1332 53.62 -120.02 141.60
N THR D 1333 54.30 -119.16 142.36
CA THR D 1333 53.65 -117.94 142.86
C THR D 1333 53.24 -117.03 141.70
N THR D 1334 54.09 -116.91 140.69
CA THR D 1334 53.79 -116.10 139.51
C THR D 1334 53.93 -116.96 138.26
N PRO D 1335 52.82 -117.28 137.58
CA PRO D 1335 52.92 -118.00 136.30
C PRO D 1335 53.32 -117.05 135.20
N GLY D 1336 54.57 -117.18 134.73
CA GLY D 1336 55.15 -116.23 133.80
C GLY D 1336 54.73 -116.38 132.36
N GLU D 1337 53.88 -117.36 132.05
CA GLU D 1337 53.46 -117.57 130.67
C GLU D 1337 52.63 -116.39 130.18
N ALA D 1338 52.43 -116.34 128.87
CA ALA D 1338 51.49 -115.39 128.32
C ALA D 1338 50.05 -115.87 128.57
N THR D 1339 49.11 -114.95 128.41
CA THR D 1339 47.71 -115.31 128.56
C THR D 1339 47.17 -115.89 127.26
N SER D 1340 45.98 -116.50 127.35
CA SER D 1340 45.30 -116.97 126.15
C SER D 1340 44.92 -115.80 125.25
N LEU D 1341 44.49 -114.69 125.86
CA LEU D 1341 44.16 -113.50 125.07
C LEU D 1341 45.38 -112.94 124.35
N ASP D 1342 46.52 -112.86 125.04
CA ASP D 1342 47.68 -112.18 124.49
C ASP D 1342 48.31 -112.93 123.32
N THR D 1343 47.97 -114.21 123.12
CA THR D 1343 48.50 -114.96 121.98
C THR D 1343 47.41 -115.39 121.01
N THR D 1344 46.38 -116.11 121.47
CA THR D 1344 45.43 -116.72 120.54
C THR D 1344 44.56 -115.67 119.88
N ASP D 1345 43.99 -114.76 120.67
CA ASP D 1345 43.10 -113.76 120.11
C ASP D 1345 43.85 -112.81 119.19
N THR D 1346 45.06 -112.40 119.58
CA THR D 1346 45.80 -111.41 118.80
C THR D 1346 46.42 -112.04 117.56
N PHE D 1347 47.31 -113.02 117.74
CA PHE D 1347 48.10 -113.57 116.66
C PHE D 1347 47.53 -114.86 116.09
N GLY D 1348 46.24 -115.12 116.29
CA GLY D 1348 45.66 -116.34 115.76
C GLY D 1348 46.29 -117.57 116.37
N SER D 1349 46.69 -118.50 115.50
CA SER D 1349 47.26 -119.78 115.93
C SER D 1349 48.71 -119.94 115.50
N ILE D 1350 49.43 -118.85 115.25
CA ILE D 1350 50.80 -118.96 114.80
C ILE D 1350 51.80 -118.97 115.95
N TYR D 1351 51.52 -118.27 117.04
CA TYR D 1351 52.42 -118.19 118.19
C TYR D 1351 51.75 -118.77 119.42
N PRO D 1352 52.07 -120.00 119.79
CA PRO D 1352 51.40 -120.63 120.94
C PRO D 1352 51.95 -120.16 122.27
N ILE D 1353 51.46 -120.74 123.36
CA ILE D 1353 51.93 -120.43 124.70
C ILE D 1353 53.15 -121.28 124.98
N ILE D 1354 54.23 -120.65 125.42
CA ILE D 1354 55.49 -121.36 125.67
C ILE D 1354 55.96 -121.06 127.09
N PRO D 1355 56.68 -121.99 127.73
CA PRO D 1355 57.14 -121.75 129.11
C PRO D 1355 58.30 -120.76 129.13
N ASN D 1356 58.19 -119.75 129.98
CA ASN D 1356 59.24 -118.75 130.14
C ASN D 1356 59.41 -118.40 131.62
N THR D 1357 59.44 -119.42 132.47
CA THR D 1357 59.59 -119.20 133.90
C THR D 1357 60.88 -119.84 134.41
N CYS D 1358 61.43 -119.24 135.46
CA CYS D 1358 62.57 -119.79 136.17
C CYS D 1358 62.05 -120.45 137.45
N ARG D 1359 62.27 -121.76 137.58
CA ARG D 1359 61.83 -122.52 138.73
C ARG D 1359 63.04 -122.99 139.53
N GLN D 1360 62.89 -123.04 140.85
CA GLN D 1360 63.97 -123.42 141.73
C GLN D 1360 64.12 -124.93 141.79
N CYS D 1361 65.36 -125.37 141.96
CA CYS D 1361 65.69 -126.79 142.04
C CYS D 1361 65.31 -127.35 143.40
N PRO D 1362 65.09 -128.66 143.50
CA PRO D 1362 64.68 -129.25 144.77
C PRO D 1362 65.89 -129.47 145.69
N ALA D 1363 65.62 -130.11 146.82
CA ALA D 1363 66.65 -130.32 147.84
C ALA D 1363 67.72 -131.28 147.33
N ASN D 1364 68.91 -131.14 147.92
CA ASN D 1364 70.07 -131.99 147.63
C ASN D 1364 70.53 -131.87 146.18
N THR D 1365 70.20 -130.77 145.52
CA THR D 1365 70.61 -130.53 144.15
C THR D 1365 71.10 -129.09 144.02
N TYR D 1366 72.13 -128.90 143.20
CA TYR D 1366 72.72 -127.58 142.98
C TYR D 1366 72.85 -127.31 141.49
N LEU D 1367 72.58 -126.06 141.11
CA LEU D 1367 72.75 -125.59 139.73
C LEU D 1367 73.62 -124.35 139.73
N PRO D 1368 74.91 -124.47 139.39
CA PRO D 1368 75.79 -123.30 139.37
C PRO D 1368 75.77 -122.50 138.08
N LEU D 1369 75.35 -123.10 136.97
CA LEU D 1369 75.30 -122.39 135.70
C LEU D 1369 74.15 -121.39 135.68
N ARG D 1370 74.21 -120.47 134.72
CA ARG D 1370 73.17 -119.47 134.51
C ARG D 1370 72.49 -119.73 133.19
N GLY D 1371 71.17 -119.89 133.22
CA GLY D 1371 70.40 -120.12 132.01
C GLY D 1371 70.43 -121.55 131.50
N GLN D 1372 69.92 -122.48 132.29
CA GLN D 1372 69.71 -123.86 131.87
C GLN D 1372 68.22 -124.15 131.80
N ALA D 1373 67.85 -125.15 131.00
CA ALA D 1373 66.46 -125.45 130.72
C ALA D 1373 66.20 -126.95 130.84
N ALA D 1374 64.96 -127.28 131.18
CA ALA D 1374 64.55 -128.68 131.23
C ALA D 1374 64.36 -129.22 129.81
N ILE D 1375 64.94 -130.38 129.55
CA ILE D 1375 64.93 -130.95 128.21
C ILE D 1375 63.58 -131.61 127.96
N ALA D 1376 62.95 -131.27 126.85
CA ALA D 1376 61.64 -131.81 126.50
C ALA D 1376 61.78 -133.16 125.82
N SER D 1377 60.75 -133.99 125.98
CA SER D 1377 60.66 -135.29 125.33
C SER D 1377 59.45 -135.29 124.41
N MET D 1378 59.70 -135.42 123.10
CA MET D 1378 58.62 -135.37 122.13
C MET D 1378 57.72 -136.58 122.23
N ASN D 1379 58.30 -137.77 122.46
CA ASN D 1379 57.54 -139.01 122.62
C ASN D 1379 57.64 -139.43 124.08
N LEU D 1380 56.54 -139.29 124.82
CA LEU D 1380 56.53 -139.67 126.23
C LEU D 1380 56.45 -141.17 126.44
N ALA D 1381 56.20 -141.94 125.38
CA ALA D 1381 56.10 -143.40 125.52
C ALA D 1381 57.43 -144.00 125.98
N ALA D 1382 58.54 -143.53 125.41
CA ALA D 1382 59.86 -144.10 125.69
C ALA D 1382 60.65 -143.24 126.68
N VAL D 1383 60.85 -141.97 126.36
CA VAL D 1383 61.70 -141.07 127.14
C VAL D 1383 60.83 -139.98 127.75
N SER D 1384 61.10 -139.66 129.01
CA SER D 1384 60.39 -138.63 129.73
C SER D 1384 61.29 -137.41 129.94
N SER D 1385 60.66 -136.24 129.96
CA SER D 1385 61.41 -134.99 130.15
C SER D 1385 62.07 -134.99 131.52
N ALA D 1386 63.33 -134.53 131.55
CA ALA D 1386 64.12 -134.52 132.78
C ALA D 1386 64.75 -133.15 132.98
N THR D 1387 64.62 -132.63 134.19
CA THR D 1387 65.23 -131.37 134.56
C THR D 1387 66.75 -131.50 134.62
N PRO D 1388 67.49 -130.43 134.34
CA PRO D 1388 68.95 -130.45 134.42
C PRO D 1388 69.48 -130.25 135.85
N CYS D 1389 68.94 -131.02 136.78
CA CYS D 1389 69.26 -130.86 138.20
C CYS D 1389 70.50 -131.69 138.53
N ARG D 1390 71.57 -131.02 138.95
CA ARG D 1390 72.78 -131.72 139.38
C ARG D 1390 72.71 -131.97 140.87
N PRO D 1391 72.82 -133.22 141.33
CA PRO D 1391 72.78 -133.49 142.77
C PRO D 1391 74.13 -133.33 143.42
N CYS D 1392 74.12 -132.80 144.63
CA CYS D 1392 75.36 -132.63 145.39
C CYS D 1392 75.94 -133.98 145.77
N GLU D 1393 77.27 -134.04 145.83
CA GLU D 1393 77.96 -135.28 146.14
C GLU D 1393 77.89 -135.57 147.63
N ASP D 1394 78.48 -136.71 148.03
CA ASP D 1394 78.52 -137.07 149.44
C ASP D 1394 79.40 -136.10 150.21
N GLY D 1395 79.07 -135.93 151.49
CA GLY D 1395 79.67 -134.89 152.30
C GLY D 1395 78.99 -133.55 152.19
N THR D 1396 77.96 -133.43 151.35
CA THR D 1396 77.24 -132.19 151.14
C THR D 1396 75.74 -132.48 151.08
N TRP D 1397 74.94 -131.53 151.56
CA TRP D 1397 73.50 -131.71 151.63
C TRP D 1397 72.73 -130.71 150.78
N SER D 1398 73.01 -129.40 150.94
CA SER D 1398 72.31 -128.31 150.26
C SER D 1398 70.85 -128.22 150.72
N LYS D 1399 70.26 -127.03 150.63
CA LYS D 1399 68.90 -126.82 151.16
C LYS D 1399 67.86 -127.04 150.07
N ALA D 1400 67.85 -126.16 149.06
CA ALA D 1400 67.02 -126.32 147.86
C ALA D 1400 67.40 -125.27 146.83
N GLY D 1401 67.68 -125.70 145.60
CA GLY D 1401 67.92 -124.77 144.51
C GLY D 1401 69.03 -123.77 144.76
N ALA D 1402 70.17 -124.23 145.26
CA ALA D 1402 71.31 -123.36 145.54
C ALA D 1402 72.38 -123.53 144.48
N ALA D 1403 73.27 -122.54 144.40
CA ALA D 1403 74.37 -122.61 143.45
C ALA D 1403 75.45 -123.59 143.90
N GLY D 1404 75.75 -123.62 145.19
CA GLY D 1404 76.79 -124.49 145.70
C GLY D 1404 76.31 -125.28 146.90
N CYS D 1405 77.06 -126.32 147.22
CA CYS D 1405 76.71 -127.23 148.30
C CYS D 1405 77.49 -126.87 149.57
N GLN D 1406 76.85 -127.08 150.73
CA GLN D 1406 77.48 -126.84 152.02
C GLN D 1406 77.87 -128.17 152.65
N LYS D 1407 78.98 -128.16 153.39
CA LYS D 1407 79.48 -129.36 154.03
C LYS D 1407 78.74 -129.63 155.34
N CYS D 1408 78.54 -130.91 155.63
CA CYS D 1408 77.85 -131.33 156.85
C CYS D 1408 78.79 -131.28 158.05
N PRO D 1409 78.23 -131.09 159.26
CA PRO D 1409 79.08 -131.00 160.44
C PRO D 1409 79.77 -132.33 160.71
N PRO D 1410 80.96 -132.28 161.32
CA PRO D 1410 81.67 -133.53 161.64
C PRO D 1410 80.97 -134.36 162.70
N GLY D 1411 79.71 -134.70 162.47
CA GLY D 1411 78.99 -135.63 163.33
C GLY D 1411 78.04 -136.47 162.54
N THR D 1412 78.12 -136.36 161.21
CA THR D 1412 77.14 -136.95 160.32
C THR D 1412 77.82 -137.51 159.08
N TYR D 1413 77.11 -138.43 158.41
CA TYR D 1413 77.57 -139.01 157.16
C TYR D 1413 76.44 -138.95 156.13
N ARG D 1414 76.82 -138.90 154.86
CA ARG D 1414 75.85 -138.92 153.78
C ARG D 1414 76.38 -139.76 152.63
N ASN D 1415 75.49 -140.52 151.99
CA ASN D 1415 75.86 -141.35 150.86
C ASN D 1415 74.62 -141.61 150.02
N THR D 1416 74.83 -141.80 148.72
CA THR D 1416 73.73 -142.08 147.81
C THR D 1416 73.31 -143.54 147.80
N TRP D 1417 74.16 -144.44 148.30
CA TRP D 1417 73.92 -145.86 148.17
C TRP D 1417 73.38 -146.52 149.44
N PHE D 1418 73.57 -145.91 150.60
CA PHE D 1418 72.95 -146.42 151.82
C PHE D 1418 72.76 -145.26 152.79
N SER D 1419 71.80 -145.43 153.70
CA SER D 1419 71.45 -144.40 154.65
C SER D 1419 70.97 -145.04 155.94
N GLY D 1420 70.80 -144.21 156.97
CA GLY D 1420 70.37 -144.68 158.27
C GLY D 1420 71.53 -145.11 159.15
N GLN D 1421 71.19 -145.46 160.38
CA GLN D 1421 72.16 -145.91 161.37
C GLN D 1421 71.77 -147.28 161.89
N LEU D 1422 72.75 -148.16 162.02
CA LEU D 1422 72.56 -149.49 162.59
C LEU D 1422 73.07 -149.47 164.03
N GLY D 1423 72.20 -149.82 164.97
CA GLY D 1423 72.54 -149.79 166.37
C GLY D 1423 73.29 -151.02 166.82
N SER D 1424 73.51 -151.09 168.13
CA SER D 1424 74.22 -152.22 168.71
C SER D 1424 73.26 -153.39 168.90
N PRO D 1425 73.50 -154.53 168.26
CA PRO D 1425 72.67 -155.72 168.53
C PRO D 1425 73.09 -156.48 169.77
N PHE D 1426 74.23 -156.14 170.36
CA PHE D 1426 74.77 -156.84 171.51
C PHE D 1426 74.20 -156.33 172.83
N ILE D 1427 73.37 -155.30 172.79
CA ILE D 1427 72.60 -154.84 173.95
C ILE D 1427 71.13 -155.15 173.82
N THR D 1428 70.71 -155.75 172.71
CA THR D 1428 69.33 -156.14 172.50
C THR D 1428 69.10 -157.57 172.99
N ALA D 1429 67.82 -157.95 173.06
CA ALA D 1429 67.47 -159.27 173.58
C ALA D 1429 67.84 -160.37 172.59
N ASP D 1430 67.50 -160.21 171.32
CA ASP D 1430 67.68 -161.25 170.33
C ASP D 1430 68.94 -161.11 169.49
N GLY D 1431 69.67 -160.00 169.62
CA GLY D 1431 70.90 -159.83 168.89
C GLY D 1431 70.78 -159.41 167.44
N VAL D 1432 69.77 -158.61 167.12
CA VAL D 1432 69.58 -158.08 165.77
C VAL D 1432 69.74 -156.58 165.83
N PRO D 1433 70.57 -155.98 164.98
CA PRO D 1433 70.79 -154.54 165.04
C PRO D 1433 69.53 -153.75 164.74
N VAL D 1434 69.42 -152.58 165.35
CA VAL D 1434 68.27 -151.70 165.19
C VAL D 1434 68.62 -150.65 164.14
N ALA D 1435 67.81 -150.57 163.09
CA ALA D 1435 68.03 -149.62 161.99
C ALA D 1435 67.32 -148.32 162.34
N THR D 1436 68.07 -147.35 162.85
CA THR D 1436 67.52 -146.08 163.29
C THR D 1436 67.68 -145.04 162.20
N THR D 1437 66.94 -143.94 162.36
CA THR D 1437 67.01 -142.79 161.43
C THR D 1437 66.90 -141.51 162.26
N LEU D 1438 68.04 -140.97 162.65
CA LEU D 1438 68.12 -139.72 163.39
C LEU D 1438 69.12 -138.80 162.69
N THR D 1439 68.63 -137.70 162.14
CA THR D 1439 69.44 -136.77 161.38
C THR D 1439 69.47 -135.41 162.09
N GLU D 1440 70.49 -134.63 161.76
CA GLU D 1440 70.64 -133.32 162.37
C GLU D 1440 69.50 -132.39 161.98
N LEU D 1441 69.17 -131.47 162.90
CA LEU D 1441 68.07 -130.54 162.64
C LEU D 1441 68.41 -129.55 161.55
N GLY D 1442 69.68 -129.14 161.46
CA GLY D 1442 70.10 -128.15 160.49
C GLY D 1442 70.42 -128.65 159.10
N SER D 1443 70.33 -129.95 158.85
CA SER D 1443 70.67 -130.51 157.56
C SER D 1443 69.93 -131.83 157.37
N GLY D 1444 70.32 -132.58 156.35
CA GLY D 1444 69.75 -133.89 156.09
C GLY D 1444 70.77 -135.00 156.23
N CYS D 1445 72.01 -134.63 156.55
CA CYS D 1445 73.06 -135.62 156.77
C CYS D 1445 72.73 -136.46 158.01
N SER D 1446 72.79 -137.78 157.85
CA SER D 1446 72.50 -138.68 158.95
C SER D 1446 73.72 -138.84 159.85
N GLN D 1447 73.48 -138.87 161.16
CA GLN D 1447 74.56 -139.05 162.12
C GLN D 1447 75.14 -140.45 162.01
N CYS D 1448 76.38 -140.61 162.46
CA CYS D 1448 77.05 -141.89 162.38
C CYS D 1448 76.43 -142.89 163.35
N PRO D 1449 76.38 -144.17 162.99
CA PRO D 1449 75.89 -145.19 163.92
C PRO D 1449 76.87 -145.41 165.05
N PRO D 1450 76.44 -146.00 166.16
CA PRO D 1450 77.37 -146.29 167.25
C PRO D 1450 78.50 -147.21 166.79
N GLY D 1451 79.68 -146.99 167.37
CA GLY D 1451 80.88 -147.69 166.96
C GLY D 1451 81.71 -146.94 165.94
N THR D 1452 81.20 -145.85 165.39
CA THR D 1452 81.93 -145.02 164.44
C THR D 1452 81.92 -143.58 164.92
N TYR D 1453 82.65 -142.73 164.21
CA TYR D 1453 82.76 -141.32 164.54
C TYR D 1453 83.05 -140.53 163.28
N ALA D 1454 82.77 -139.23 163.34
CA ALA D 1454 82.98 -138.32 162.22
C ALA D 1454 84.02 -137.28 162.60
N PRO D 1455 85.28 -137.46 162.20
CA PRO D 1455 86.32 -136.49 162.57
C PRO D 1455 86.26 -135.18 161.81
N THR D 1456 86.04 -135.24 160.50
CA THR D 1456 86.18 -134.09 159.63
C THR D 1456 84.86 -133.77 158.93
N PHE D 1457 84.85 -132.59 158.27
CA PHE D 1457 83.65 -132.13 157.58
C PHE D 1457 83.33 -132.99 156.37
N GLY D 1458 84.25 -133.03 155.40
CA GLY D 1458 84.06 -133.86 154.23
C GLY D 1458 84.14 -135.34 154.58
N MET D 1459 83.00 -136.02 154.54
CA MET D 1459 82.94 -137.39 155.06
C MET D 1459 81.73 -138.09 154.46
N SER D 1460 81.94 -139.26 153.88
CA SER D 1460 80.88 -140.04 153.24
C SER D 1460 80.49 -141.27 154.04
N VAL D 1461 81.45 -142.14 154.36
CA VAL D 1461 81.19 -143.39 155.05
C VAL D 1461 81.79 -143.32 156.45
N CYS D 1462 81.01 -143.76 157.44
CA CYS D 1462 81.38 -143.62 158.84
C CYS D 1462 82.63 -144.44 159.13
N LEU D 1463 83.72 -143.76 159.47
CA LEU D 1463 84.97 -144.44 159.79
C LEU D 1463 84.85 -145.16 161.12
N PRO D 1464 85.27 -146.42 161.22
CA PRO D 1464 85.23 -147.10 162.51
C PRO D 1464 86.24 -146.52 163.49
N CYS D 1465 85.94 -146.65 164.77
CA CYS D 1465 86.77 -146.07 165.81
C CYS D 1465 88.12 -146.79 165.88
N PRO D 1466 89.18 -146.07 166.25
CA PRO D 1466 90.52 -146.68 166.29
C PRO D 1466 90.69 -147.64 167.46
N ALA D 1467 91.92 -148.15 167.62
CA ALA D 1467 92.18 -149.16 168.65
C ALA D 1467 92.03 -148.57 170.05
N GLY D 1468 91.36 -149.33 170.92
CA GLY D 1468 91.20 -148.94 172.31
C GLY D 1468 90.07 -147.96 172.57
N THR D 1469 89.36 -147.50 171.54
CA THR D 1469 88.32 -146.51 171.68
C THR D 1469 86.95 -147.15 171.53
N PHE D 1470 85.95 -146.52 172.16
CA PHE D 1470 84.58 -146.99 172.12
C PHE D 1470 83.64 -145.84 171.80
N ALA D 1471 82.56 -146.14 171.08
CA ALA D 1471 81.53 -145.17 170.74
C ALA D 1471 80.18 -145.78 171.13
N SER D 1472 79.78 -145.56 172.38
CA SER D 1472 78.53 -146.10 172.89
C SER D 1472 77.31 -145.31 172.42
N ALA D 1473 77.51 -144.15 171.83
CA ALA D 1473 76.45 -143.28 171.36
C ALA D 1473 76.52 -143.14 169.84
N PRO D 1474 75.43 -142.72 169.20
CA PRO D 1474 75.49 -142.41 167.76
C PRO D 1474 76.47 -141.30 167.44
N GLY D 1475 76.62 -140.99 166.16
CA GLY D 1475 77.65 -140.09 165.65
C GLY D 1475 77.98 -138.86 166.48
N ALA D 1476 79.27 -138.63 166.68
CA ALA D 1476 79.75 -137.48 167.43
C ALA D 1476 81.08 -137.04 166.80
N THR D 1477 81.80 -136.17 167.51
CA THR D 1477 83.09 -135.69 166.99
C THR D 1477 84.11 -136.83 166.95
N ALA D 1478 84.26 -137.55 168.06
CA ALA D 1478 85.23 -138.64 168.14
C ALA D 1478 84.85 -139.52 169.33
N CYS D 1479 85.47 -140.70 169.37
CA CYS D 1479 85.22 -141.66 170.43
C CYS D 1479 86.29 -141.57 171.52
N GLN D 1480 85.94 -142.05 172.70
CA GLN D 1480 86.80 -142.02 173.86
C GLN D 1480 87.50 -143.36 174.04
N GLN D 1481 88.72 -143.31 174.58
CA GLN D 1481 89.48 -144.52 174.85
C GLN D 1481 88.92 -145.25 176.07
N CYS D 1482 89.19 -146.55 176.12
CA CYS D 1482 88.73 -147.37 177.24
C CYS D 1482 89.57 -147.11 178.48
N LYS D 1483 88.90 -147.13 179.63
CA LYS D 1483 89.56 -146.89 180.90
C LYS D 1483 90.45 -148.07 181.27
N PRO D 1484 91.43 -147.86 182.16
CA PRO D 1484 92.18 -149.00 182.70
C PRO D 1484 91.26 -149.96 183.43
N GLY D 1485 91.57 -151.25 183.32
CA GLY D 1485 90.72 -152.29 183.88
C GLY D 1485 89.62 -152.76 182.96
N THR D 1486 89.57 -152.28 181.73
CA THR D 1486 88.55 -152.71 180.77
C THR D 1486 89.14 -152.61 179.36
N ASN D 1487 88.50 -153.33 178.43
CA ASN D 1487 88.99 -153.44 177.06
C ASN D 1487 87.84 -153.24 176.09
N SER D 1488 88.19 -152.83 174.86
CA SER D 1488 87.21 -152.59 173.80
C SER D 1488 86.93 -153.85 172.98
N LEU D 1489 87.08 -155.02 173.58
CA LEU D 1489 86.81 -156.27 172.87
C LEU D 1489 85.33 -156.40 172.56
N MET D 1490 85.02 -157.09 171.47
CA MET D 1490 83.64 -157.32 171.05
C MET D 1490 82.83 -158.00 172.14
N GLY D 1491 81.63 -157.49 172.39
CA GLY D 1491 80.70 -158.11 173.30
C GLY D 1491 81.01 -157.83 174.75
N ASP D 1492 80.16 -158.38 175.61
CA ASP D 1492 80.35 -158.30 177.05
C ASP D 1492 81.06 -159.54 177.55
N ARG D 1493 81.64 -159.42 178.75
CA ARG D 1493 82.39 -160.54 179.32
C ARG D 1493 81.49 -161.74 179.57
N THR D 1494 80.26 -161.50 180.02
CA THR D 1494 79.32 -162.60 180.26
C THR D 1494 79.00 -163.33 178.96
N GLN D 1495 78.79 -162.59 177.87
CA GLN D 1495 78.52 -163.23 176.59
C GLN D 1495 79.78 -163.90 176.02
N GLN D 1496 80.95 -163.32 176.27
CA GLN D 1496 82.19 -163.94 175.80
C GLN D 1496 82.47 -165.26 176.50
N MET D 1497 81.98 -165.43 177.74
CA MET D 1497 82.22 -166.62 178.52
C MET D 1497 81.03 -167.56 178.56
N ALA D 1498 80.04 -167.35 177.71
CA ALA D 1498 78.82 -168.17 177.70
C ALA D 1498 78.83 -169.12 176.51
N LEU D 1499 78.40 -170.35 176.74
CA LEU D 1499 78.29 -171.35 175.69
C LEU D 1499 76.88 -171.91 175.53
N VAL D 1500 75.92 -171.43 176.30
CA VAL D 1500 74.53 -171.88 176.22
C VAL D 1500 73.73 -170.83 175.46
N VAL D 1501 72.93 -171.30 174.50
CA VAL D 1501 72.25 -170.41 173.58
C VAL D 1501 70.78 -170.28 173.98
N THR D 1502 70.16 -169.19 173.53
CA THR D 1502 68.73 -168.95 173.69
C THR D 1502 68.02 -168.76 172.36
N ASN D 1503 68.63 -168.09 171.40
CA ASN D 1503 68.06 -167.86 170.08
C ASN D 1503 68.69 -168.84 169.10
N ALA D 1504 67.90 -169.83 168.65
CA ALA D 1504 68.43 -170.83 167.74
C ALA D 1504 68.71 -170.23 166.37
N ALA D 1505 67.89 -169.28 165.92
CA ALA D 1505 68.07 -168.69 164.60
C ALA D 1505 69.22 -167.69 164.54
N ASN D 1506 69.67 -167.18 165.69
CA ASN D 1506 70.73 -166.18 165.72
C ASN D 1506 72.00 -166.64 166.42
N ASP D 1507 71.88 -167.50 167.44
CA ASP D 1507 73.02 -167.91 168.27
C ASP D 1507 73.71 -166.69 168.87
N PHE D 1508 72.90 -165.68 169.26
CA PHE D 1508 73.46 -164.45 169.79
C PHE D 1508 74.18 -164.64 171.12
N PRO D 1509 73.55 -165.28 172.17
CA PRO D 1509 74.19 -165.36 173.49
C PRO D 1509 75.21 -166.49 173.61
N ALA D 1510 76.10 -166.59 172.62
CA ALA D 1510 77.17 -167.59 172.65
C ALA D 1510 78.31 -167.04 171.79
N LEU D 1511 79.30 -166.44 172.44
CA LEU D 1511 80.47 -165.88 171.76
C LEU D 1511 81.70 -166.66 172.22
N ARG D 1512 82.17 -167.58 171.39
CA ARG D 1512 83.32 -168.42 171.72
C ARG D 1512 84.60 -167.63 171.45
N ALA D 1513 84.96 -166.78 172.42
CA ALA D 1513 86.15 -165.95 172.31
C ALA D 1513 87.14 -166.14 173.46
N TYR D 1514 86.77 -166.87 174.50
CA TYR D 1514 87.63 -167.13 175.64
C TYR D 1514 87.84 -168.63 175.80
N THR D 1515 89.10 -169.04 175.92
CA THR D 1515 89.43 -170.44 176.06
C THR D 1515 90.70 -170.58 176.88
N PRO D 1528 92.65 -176.28 174.92
CA PRO D 1528 91.55 -175.30 175.05
C PRO D 1528 90.16 -175.91 175.03
N ILE D 1529 89.41 -175.69 176.11
CA ILE D 1529 88.10 -176.32 176.28
C ILE D 1529 87.14 -175.88 175.20
N VAL D 1530 87.14 -174.58 174.88
CA VAL D 1530 86.28 -174.05 173.83
C VAL D 1530 86.97 -174.28 172.50
N THR D 1531 86.71 -175.44 171.90
CA THR D 1531 87.36 -175.82 170.65
C THR D 1531 86.59 -175.26 169.45
N GLY D 1532 87.18 -175.43 168.27
CA GLY D 1532 86.58 -174.94 167.05
C GLY D 1532 87.08 -173.57 166.69
N PRO D 1533 86.85 -173.15 165.45
CA PRO D 1533 87.32 -171.82 165.02
C PRO D 1533 86.53 -170.71 165.67
N ASP D 1534 87.21 -169.60 165.96
CA ASP D 1534 86.56 -168.44 166.54
C ASP D 1534 85.98 -167.56 165.45
N THR D 1535 84.72 -167.18 165.62
CA THR D 1535 84.00 -166.39 164.62
C THR D 1535 83.62 -165.00 165.13
N ASN D 1536 83.89 -164.69 166.39
CA ASN D 1536 83.65 -163.35 166.95
C ASN D 1536 84.96 -162.87 167.55
N PHE D 1537 85.81 -162.28 166.71
CA PHE D 1537 87.11 -161.75 167.11
C PHE D 1537 87.24 -160.35 166.51
N PHE D 1538 86.75 -159.35 167.25
CA PHE D 1538 86.79 -157.98 166.77
C PHE D 1538 87.00 -157.05 167.96
N MET D 1539 87.80 -156.01 167.75
CA MET D 1539 88.01 -155.01 168.79
C MET D 1539 88.00 -153.57 168.31
N ALA D 1540 88.11 -153.31 167.00
CA ALA D 1540 88.08 -151.94 166.52
C ALA D 1540 86.68 -151.34 166.56
N GLY D 1541 85.68 -152.12 166.17
CA GLY D 1541 84.30 -151.64 166.17
C GLY D 1541 83.61 -151.86 167.49
N LYS D 1542 83.56 -150.82 168.33
CA LYS D 1542 82.95 -150.89 169.65
C LYS D 1542 81.78 -149.92 169.69
N SER D 1543 80.56 -150.45 169.51
CA SER D 1543 79.35 -149.66 169.52
C SER D 1543 78.76 -149.50 170.92
N GLU D 1544 79.42 -150.02 171.94
CA GLU D 1544 78.94 -149.94 173.32
C GLU D 1544 80.11 -149.59 174.22
N THR D 1545 79.85 -149.57 175.53
CA THR D 1545 80.92 -149.32 176.49
C THR D 1545 81.84 -150.53 176.58
N CYS D 1546 83.07 -150.27 177.05
CA CYS D 1546 84.07 -151.32 177.14
C CYS D 1546 83.68 -152.36 178.19
N SER D 1547 83.88 -153.63 177.86
CA SER D 1547 83.60 -154.72 178.76
C SER D 1547 84.86 -155.11 179.55
N THR D 1548 84.65 -155.78 180.67
CA THR D 1548 85.76 -156.18 181.53
C THR D 1548 86.62 -157.24 180.84
N ASN D 1549 87.91 -157.24 181.18
CA ASN D 1549 88.84 -158.18 180.59
C ASN D 1549 88.57 -159.60 181.07
N LEU D 1550 88.85 -160.56 180.19
CA LEU D 1550 88.73 -161.96 180.55
C LEU D 1550 89.83 -162.33 181.54
N PRO D 1551 89.63 -163.42 182.30
CA PRO D 1551 90.69 -163.85 183.23
C PRO D 1551 91.98 -164.15 182.49
N GLY D 1552 93.09 -163.82 183.13
CA GLY D 1552 94.41 -163.95 182.52
C GLY D 1552 94.87 -162.72 181.75
N TYR D 1553 94.09 -161.65 181.72
CA TYR D 1553 94.42 -160.44 181.00
C TYR D 1553 94.19 -159.23 181.90
N TYR D 1554 94.91 -158.15 181.60
CA TYR D 1554 94.79 -156.92 182.37
C TYR D 1554 95.03 -155.73 181.46
N THR D 1555 94.53 -154.57 181.90
CA THR D 1555 94.76 -153.31 181.22
C THR D 1555 95.14 -152.26 182.26
N ASP D 1556 96.27 -151.59 182.05
CA ASP D 1556 96.80 -150.64 183.01
C ASP D 1556 96.64 -149.19 182.57
N VAL D 1557 96.65 -148.90 181.28
CA VAL D 1557 96.55 -147.54 180.78
C VAL D 1557 95.43 -147.45 179.75
N ASP D 1558 94.97 -146.23 179.50
CA ASP D 1558 93.87 -146.00 178.59
C ASP D 1558 94.28 -146.29 177.15
N GLY D 1559 93.29 -146.67 176.35
CA GLY D 1559 93.51 -146.91 174.93
C GLY D 1559 94.40 -148.07 174.60
N LEU D 1560 94.29 -149.16 175.34
CA LEU D 1560 95.10 -150.36 175.07
C LEU D 1560 94.50 -151.12 173.90
N PRO D 1561 95.26 -151.38 172.83
CA PRO D 1561 94.66 -152.04 171.65
C PRO D 1561 94.22 -153.47 171.93
N ILE D 1562 95.04 -154.27 172.60
CA ILE D 1562 94.76 -155.67 172.84
C ILE D 1562 94.94 -155.97 174.33
N GLN D 1563 94.30 -157.04 174.78
CA GLN D 1563 94.44 -157.48 176.16
C GLN D 1563 95.87 -157.94 176.41
N LEU D 1564 96.45 -157.49 177.53
CA LEU D 1564 97.80 -157.87 177.89
C LEU D 1564 97.76 -159.03 178.86
N PRO D 1565 98.31 -160.19 178.52
CA PRO D 1565 98.37 -161.29 179.48
C PRO D 1565 99.38 -161.00 180.59
N THR D 1895 117.36 -162.62 137.96
CA THR D 1895 116.36 -163.22 137.09
C THR D 1895 116.09 -162.34 135.87
N SER D 1896 115.72 -162.97 134.75
CA SER D 1896 115.51 -162.25 133.51
C SER D 1896 114.22 -161.44 133.54
N HYP D 1897 114.20 -160.35 132.78
CA HYP D 1897 113.01 -159.48 132.72
C HYP D 1897 111.79 -160.12 132.05
O HYP D 1897 111.87 -161.26 131.64
CB HYP D 1897 113.48 -158.22 131.98
CG HYP D 1897 114.99 -158.37 131.94
CD HYP D 1897 115.26 -159.39 133.03
OD1 HYP D 1897 115.61 -157.12 132.18
N HYP D 1898 110.68 -159.37 131.95
CA HYP D 1898 109.49 -159.89 131.28
C HYP D 1898 109.45 -159.62 129.78
O HYP D 1898 110.33 -158.93 129.30
CB HYP D 1898 108.32 -159.23 132.03
CG HYP D 1898 108.95 -158.78 133.34
CD HYP D 1898 110.30 -159.47 133.35
OD1 HYP D 1898 108.14 -159.16 134.44
N HYP D 1899 108.48 -160.18 129.06
CA HYP D 1899 108.30 -159.84 127.64
C HYP D 1899 108.05 -158.35 127.39
O HYP D 1899 107.06 -157.84 127.90
CB HYP D 1899 107.14 -160.73 127.19
CG HYP D 1899 107.45 -162.00 127.96
CD HYP D 1899 107.79 -161.46 129.34
OD1 HYP D 1899 108.59 -162.63 127.38
N SER D 1900 108.91 -157.69 126.64
CA SER D 1900 108.79 -156.25 126.38
C SER D 1900 107.47 -155.93 125.70
N HYP D 1901 106.86 -154.80 126.09
CA HYP D 1901 105.57 -154.39 125.55
C HYP D 1901 105.47 -154.24 124.02
O HYP D 1901 106.49 -154.22 123.36
CB HYP D 1901 105.31 -153.08 126.29
CG HYP D 1901 105.82 -153.39 127.69
CD HYP D 1901 106.63 -154.68 127.54
OD1 HYP D 1901 104.71 -153.62 128.55
N HYP D 1902 104.24 -154.17 123.51
CA HYP D 1902 104.02 -153.93 122.08
C HYP D 1902 104.11 -152.46 121.68
O HYP D 1902 104.36 -151.64 122.55
CB HYP D 1902 102.64 -154.55 121.82
CG HYP D 1902 102.63 -155.69 122.80
CD HYP D 1902 103.17 -155.02 124.05
OD1 HYP D 1902 103.55 -156.69 122.35
N HYP D 1903 103.92 -152.12 120.41
CA HYP D 1903 103.90 -150.71 119.99
C HYP D 1903 102.54 -150.04 120.20
O HYP D 1903 101.57 -150.49 119.62
CB HYP D 1903 104.33 -150.71 118.53
CG HYP D 1903 105.07 -152.02 118.41
CD HYP D 1903 104.15 -152.93 119.19
OD1 HYP D 1903 106.30 -151.91 119.12
N SER D 1904 102.48 -148.99 121.03
CA SER D 1904 101.23 -148.31 121.31
C SER D 1904 100.59 -147.78 120.04
N HYP D 1905 99.27 -147.69 120.03
CA HYP D 1905 98.54 -147.25 118.84
C HYP D 1905 98.73 -145.75 118.50
O HYP D 1905 99.39 -145.06 119.25
CB HYP D 1905 97.09 -147.62 119.13
CG HYP D 1905 97.22 -148.76 120.14
CD HYP D 1905 98.70 -149.03 120.20
OD1 HYP D 1905 96.50 -149.91 119.68
N HYP D 1906 98.16 -145.30 117.38
CA HYP D 1906 98.21 -143.88 117.02
C HYP D 1906 96.97 -143.10 117.48
O HYP D 1906 96.06 -143.74 118.00
CB HYP D 1906 98.39 -143.88 115.49
CG HYP D 1906 98.80 -145.31 115.19
CD HYP D 1906 99.22 -145.85 116.53
OD1 HYP D 1906 99.85 -145.34 114.23
N HYP D 1907 96.93 -141.78 117.33
CA HYP D 1907 95.74 -141.01 117.68
C HYP D 1907 94.50 -141.40 116.85
O HYP D 1907 94.66 -142.14 115.90
CB HYP D 1907 96.13 -139.54 117.51
CG HYP D 1907 97.63 -139.59 117.71
CD HYP D 1907 97.98 -140.82 116.92
OD1 HYP D 1907 97.92 -139.79 119.09
N HYP D 1908 93.31 -140.92 117.21
CA HYP D 1908 92.08 -141.32 116.49
C HYP D 1908 91.86 -140.61 115.15
O HYP D 1908 90.76 -140.70 114.63
CB HYP D 1908 90.94 -141.05 117.48
CG HYP D 1908 91.65 -141.09 118.81
CD HYP D 1908 92.90 -140.30 118.49
OD1 HYP D 1908 92.02 -142.44 119.10
N ARG D 1909 92.90 -139.95 114.62
CA ARG D 1909 92.86 -139.27 113.32
C ARG D 1909 91.93 -138.06 113.32
N HYP D 1910 92.39 -136.96 112.72
CA HYP D 1910 91.62 -135.72 112.67
C HYP D 1910 90.30 -135.76 111.88
O HYP D 1910 89.94 -136.81 111.40
CB HYP D 1910 92.59 -134.68 112.09
CG HYP D 1910 93.95 -135.34 112.22
CD HYP D 1910 93.69 -136.47 113.20
OD1 HYP D 1910 94.90 -134.41 112.70
N HYP D 1911 89.62 -134.63 111.78
CA HYP D 1911 88.38 -134.55 111.00
C HYP D 1911 88.60 -134.12 109.54
O HYP D 1911 89.73 -133.86 109.18
CB HYP D 1911 87.48 -133.57 111.77
CG HYP D 1911 88.20 -133.40 113.11
CD HYP D 1911 89.12 -134.60 113.15
OD1 HYP D 1911 87.26 -133.40 114.18
N HYP D 1912 87.54 -134.04 108.75
CA HYP D 1912 87.66 -133.61 107.35
C HYP D 1912 87.53 -132.08 107.19
O HYP D 1912 87.24 -131.42 108.16
CB HYP D 1912 86.59 -134.38 106.58
CG HYP D 1912 86.01 -135.31 107.64
CD HYP D 1912 87.15 -135.44 108.62
OD1 HYP D 1912 85.62 -136.54 107.06
N HYP D 1913 87.74 -131.57 105.98
CA HYP D 1913 87.52 -130.16 105.71
C HYP D 1913 86.06 -129.79 105.43
O HYP D 1913 85.42 -130.51 104.68
CB HYP D 1913 88.45 -129.86 104.52
CG HYP D 1913 89.55 -130.91 104.66
CD HYP D 1913 89.22 -131.62 105.96
OD1 HYP D 1913 90.82 -130.28 104.71
N HYP D 1914 85.58 -128.69 106.00
CA HYP D 1914 84.23 -128.21 105.68
C HYP D 1914 84.02 -127.93 104.18
O HYP D 1914 84.98 -127.98 103.43
CB HYP D 1914 84.04 -126.92 106.50
CG HYP D 1914 85.34 -126.79 107.27
CD HYP D 1914 86.33 -127.49 106.36
OD1 HYP D 1914 85.23 -127.48 108.49
N HYP D 1915 82.79 -127.64 103.77
CA HYP D 1915 82.51 -127.39 102.35
C HYP D 1915 83.03 -126.03 101.84
O HYP D 1915 83.49 -125.26 102.65
CB HYP D 1915 80.98 -127.52 102.27
CG HYP D 1915 80.65 -128.46 103.42
CD HYP D 1915 82.00 -128.85 103.98
OD1 HYP D 1915 79.94 -129.60 102.92
N HYP D 1916 82.98 -125.79 100.53
CA HYP D 1916 83.40 -124.49 100.00
C HYP D 1916 82.23 -123.50 99.97
O HYP D 1916 81.11 -123.91 100.22
CB HYP D 1916 83.94 -124.77 98.59
CG HYP D 1916 83.91 -126.28 98.51
CD HYP D 1916 82.69 -126.60 99.34
OD1 HYP D 1916 85.06 -126.81 99.14
N HYP D 1917 82.50 -122.23 99.68
CA HYP D 1917 81.40 -121.27 99.50
C HYP D 1917 80.62 -121.50 98.19
O HYP D 1917 81.05 -122.31 97.39
CB HYP D 1917 82.03 -119.89 99.56
CG HYP D 1917 83.34 -120.15 100.28
CD HYP D 1917 83.75 -121.46 99.64
OD1 HYP D 1917 83.06 -120.36 101.65
N HYP D 1918 79.51 -120.80 98.00
CA HYP D 1918 78.83 -120.81 96.70
C HYP D 1918 79.61 -120.04 95.62
O HYP D 1918 79.86 -118.88 95.83
CB HYP D 1918 77.45 -120.22 96.99
CG HYP D 1918 77.19 -120.77 98.38
CD HYP D 1918 78.52 -120.51 99.06
OD1 HYP D 1918 76.96 -122.16 98.28
N SER D 1919 79.96 -120.71 94.52
CA SER D 1919 80.67 -120.04 93.43
C SER D 1919 79.89 -118.82 92.99
N HYP D 1920 80.61 -117.79 92.58
CA HYP D 1920 79.97 -116.53 92.15
C HYP D 1920 79.07 -116.68 90.92
O HYP D 1920 79.02 -117.77 90.37
CB HYP D 1920 81.12 -115.54 91.89
CG HYP D 1920 82.28 -116.21 92.58
CD HYP D 1920 82.04 -117.66 92.23
OD1 HYP D 1920 82.15 -116.04 93.99
N HYP D 1921 78.38 -115.62 90.53
CA HYP D 1921 77.51 -115.68 89.34
C HYP D 1921 78.24 -115.34 88.03
O HYP D 1921 79.30 -114.73 88.10
CB HYP D 1921 76.39 -114.69 89.67
CG HYP D 1921 76.40 -114.63 91.19
CD HYP D 1921 77.37 -115.72 91.59
OD1 HYP D 1921 75.11 -114.88 91.71
N HYP D 1922 77.70 -115.74 86.88
CA HYP D 1922 78.30 -115.36 85.60
C HYP D 1922 78.30 -113.84 85.39
O HYP D 1922 77.52 -113.18 86.03
CB HYP D 1922 77.50 -116.10 84.52
CG HYP D 1922 76.67 -117.07 85.33
CD HYP D 1922 76.36 -116.27 86.57
OD1 HYP D 1922 77.48 -118.20 85.67
N HYP D 1923 79.16 -113.33 84.52
CA HYP D 1923 79.15 -111.89 84.20
C HYP D 1923 77.82 -111.41 83.62
O HYP D 1923 77.28 -112.09 82.77
CB HYP D 1923 80.33 -111.69 83.23
CG HYP D 1923 81.26 -112.81 83.66
CD HYP D 1923 80.28 -113.96 83.78
OD1 HYP D 1923 81.78 -112.49 84.94
N ASN D 1924 77.30 -110.28 84.10
CA ASN D 1924 76.04 -109.76 83.61
C ASN D 1924 76.13 -109.46 82.11
N ARG D 1925 75.26 -110.10 81.35
CA ARG D 1925 75.28 -109.95 79.90
C ARG D 1925 74.93 -108.53 79.51
N SER D 1926 75.41 -108.10 78.35
CA SER D 1926 75.14 -106.76 77.86
C SER D 1926 73.83 -106.71 77.09
N HYP D 1927 73.28 -105.50 76.91
CA HYP D 1927 72.06 -105.34 76.14
C HYP D 1927 72.26 -105.23 74.62
O HYP D 1927 73.39 -105.09 74.21
CB HYP D 1927 71.41 -104.08 76.75
CG HYP D 1927 72.02 -104.02 78.14
CD HYP D 1927 72.78 -105.32 78.27
OD1 HYP D 1927 71.01 -103.90 79.13
N HYP D 1928 71.19 -105.31 73.84
CA HYP D 1928 71.32 -105.34 72.38
C HYP D 1928 71.53 -103.98 71.71
O HYP D 1928 71.60 -102.99 72.40
CB HYP D 1928 70.04 -106.03 71.92
CG HYP D 1928 69.63 -106.86 73.13
CD HYP D 1928 70.78 -106.70 74.09
OD1 HYP D 1928 69.45 -108.22 72.76
N HYP D 1929 71.63 -103.96 70.38
CA HYP D 1929 71.76 -102.73 69.63
C HYP D 1929 70.44 -102.01 69.29
O HYP D 1929 69.50 -102.68 68.93
CB HYP D 1929 72.54 -103.14 68.38
CG HYP D 1929 73.43 -104.25 68.90
CD HYP D 1929 73.02 -104.44 70.35
OD1 HYP D 1929 74.79 -103.84 68.81
N HYP D 1930 70.42 -100.69 69.39
CA HYP D 1930 69.29 -99.91 68.88
C HYP D 1930 68.95 -100.18 67.41
O HYP D 1930 69.86 -100.18 66.61
CB HYP D 1930 69.72 -98.46 69.14
CG HYP D 1930 70.58 -98.57 70.39
CD HYP D 1930 70.58 -100.07 70.71
OD1 HYP D 1930 69.97 -97.84 71.43
N HYP D 1931 67.68 -100.38 67.09
CA HYP D 1931 67.29 -100.59 65.69
C HYP D 1931 67.64 -99.36 64.83
O HYP D 1931 67.89 -98.32 65.40
CB HYP D 1931 65.77 -100.89 65.73
CG HYP D 1931 65.46 -100.85 67.22
CD HYP D 1931 66.78 -101.23 67.85
OD1 HYP D 1931 64.40 -101.73 67.57
N HYP D 1932 67.69 -99.51 63.51
CA HYP D 1932 68.04 -98.36 62.65
C HYP D 1932 67.00 -97.23 62.69
O HYP D 1932 65.89 -97.49 63.12
CB HYP D 1932 68.21 -98.95 61.24
CG HYP D 1932 68.56 -100.38 61.56
CD HYP D 1932 67.54 -100.69 62.63
OD1 HYP D 1932 69.85 -100.42 62.14
N ALA D 1933 67.38 -96.02 62.30
CA ALA D 1933 66.45 -94.91 62.31
C ALA D 1933 65.43 -95.10 61.19
N SER D 1934 64.18 -95.29 61.58
CA SER D 1934 63.14 -95.51 60.60
C SER D 1934 62.88 -94.24 59.79
N SER D 1935 62.22 -94.41 58.65
CA SER D 1935 61.92 -93.29 57.77
C SER D 1935 60.64 -92.61 58.21
N ALA D 1936 60.25 -91.57 57.47
CA ALA D 1936 59.05 -90.82 57.79
C ALA D 1936 57.81 -91.68 57.57
N ILE D 1937 56.77 -91.39 58.35
CA ILE D 1937 55.50 -92.12 58.25
C ILE D 1937 54.76 -91.64 57.01
N ASN D 1938 53.70 -92.36 56.65
CA ASN D 1938 52.97 -92.05 55.43
C ASN D 1938 52.40 -90.64 55.49
N PRO D 1939 52.40 -89.91 54.39
CA PRO D 1939 51.89 -88.53 54.41
C PRO D 1939 50.37 -88.50 54.50
N GLY D 1940 49.87 -87.39 55.02
CA GLY D 1940 48.44 -87.21 55.17
C GLY D 1940 47.80 -88.13 56.19
N GLY D 1941 48.45 -88.31 57.34
CA GLY D 1941 47.89 -89.13 58.39
C GLY D 1941 47.14 -88.29 59.39
N GLY D 1942 45.96 -88.75 59.77
CA GLY D 1942 45.11 -87.98 60.65
C GLY D 1942 44.29 -86.91 59.97
N VAL D 1943 44.30 -86.85 58.64
CA VAL D 1943 43.58 -85.85 57.87
C VAL D 1943 42.31 -86.49 57.33
N ASN D 1944 41.17 -85.97 57.72
CA ASN D 1944 39.89 -86.52 57.29
C ASN D 1944 39.48 -85.89 55.95
N GLN D 1945 38.47 -86.52 55.33
CA GLN D 1945 37.93 -86.08 54.05
C GLN D 1945 38.98 -86.17 52.94
N ASN D 1946 40.16 -86.70 53.25
CA ASN D 1946 41.27 -86.80 52.32
C ASN D 1946 41.68 -85.43 51.79
N GLY D 1947 42.68 -85.38 50.92
CA GLY D 1947 43.16 -84.10 50.47
C GLY D 1947 44.06 -84.22 49.26
N ASP D 1948 44.56 -83.08 48.82
CA ASP D 1948 45.43 -83.04 47.66
C ASP D 1948 46.72 -83.81 47.95
N PRO D 1949 47.17 -84.67 47.04
CA PRO D 1949 48.42 -85.40 47.28
C PRO D 1949 49.59 -84.46 47.43
N VAL D 1950 50.52 -84.82 48.32
CA VAL D 1950 51.68 -84.01 48.61
C VAL D 1950 52.60 -83.93 47.39
N VAL E 493 130.88 -119.22 171.27
CA VAL E 493 131.16 -118.02 170.48
C VAL E 493 131.80 -118.46 169.16
N LEU E 494 131.03 -118.39 168.08
CA LEU E 494 131.49 -118.80 166.76
C LEU E 494 131.53 -117.61 165.83
N TYR E 495 132.52 -117.60 164.94
CA TYR E 495 132.78 -116.48 164.07
C TYR E 495 132.58 -116.86 162.61
N ALA E 496 132.20 -115.88 161.80
CA ALA E 496 132.06 -116.03 160.36
C ALA E 496 132.86 -114.94 159.67
N LEU E 497 133.22 -115.20 158.42
CA LEU E 497 134.04 -114.28 157.63
C LEU E 497 133.27 -113.82 156.40
N GLU E 498 133.16 -112.51 156.23
CA GLU E 498 132.62 -111.91 155.03
C GLU E 498 133.76 -111.37 154.19
N SER E 499 133.82 -111.78 152.92
CA SER E 499 134.96 -111.50 152.06
C SER E 499 134.50 -110.88 150.75
N ALA E 500 135.37 -110.05 150.18
CA ALA E 500 135.09 -109.41 148.90
C ALA E 500 136.40 -109.14 148.17
N VAL E 501 136.30 -108.97 146.86
CA VAL E 501 137.43 -108.64 146.01
C VAL E 501 137.14 -107.31 145.34
N GLU E 502 138.12 -106.39 145.38
CA GLU E 502 137.92 -105.06 144.82
C GLU E 502 137.63 -105.09 143.33
N PRO E 503 138.40 -105.80 142.47
CA PRO E 503 138.02 -105.84 141.05
C PRO E 503 137.16 -107.06 140.71
N PHE E 504 137.02 -107.97 141.67
CA PHE E 504 136.32 -109.25 141.55
C PHE E 504 137.01 -110.19 140.57
N SER E 505 138.10 -109.77 139.95
CA SER E 505 138.83 -110.60 138.99
C SER E 505 140.25 -110.06 138.87
N PRO E 506 141.20 -110.60 139.65
CA PRO E 506 142.58 -110.11 139.55
C PRO E 506 143.15 -110.35 138.16
N ILE E 507 144.04 -109.45 137.75
CA ILE E 507 144.67 -109.53 136.43
C ILE E 507 146.08 -110.08 136.61
N ALA E 508 146.60 -110.69 135.54
CA ALA E 508 147.86 -111.42 135.62
C ALA E 508 149.07 -110.51 135.76
N THR E 509 148.87 -109.19 135.79
CA THR E 509 149.99 -108.26 135.85
C THR E 509 149.88 -107.22 136.95
N VAL E 510 148.76 -107.11 137.67
CA VAL E 510 148.59 -106.12 138.71
C VAL E 510 148.14 -106.81 139.98
N ALA E 511 148.23 -106.09 141.10
CA ALA E 511 147.84 -106.60 142.39
C ALA E 511 146.36 -106.36 142.65
N ALA E 512 145.70 -107.36 143.22
CA ALA E 512 144.31 -107.27 143.66
C ALA E 512 144.26 -107.03 145.17
N LYS E 513 143.08 -106.64 145.62
CA LYS E 513 142.84 -106.32 147.03
C LYS E 513 141.68 -107.14 147.54
N TRP E 514 141.91 -107.85 148.64
CA TRP E 514 140.89 -108.68 149.28
C TRP E 514 140.48 -108.03 150.59
N SER E 515 139.17 -107.79 150.75
CA SER E 515 138.64 -107.17 151.95
C SER E 515 137.91 -108.23 152.77
N PHE E 516 138.15 -108.21 154.08
CA PHE E 516 137.58 -109.17 155.01
C PHE E 516 137.00 -108.46 156.21
N ARG E 517 135.92 -109.02 156.73
CA ARG E 517 135.31 -108.59 157.97
C ARG E 517 134.88 -109.83 158.76
N ILE E 518 134.94 -109.72 160.08
CA ILE E 518 134.65 -110.84 160.98
C ILE E 518 133.35 -110.55 161.72
N GLN E 519 132.42 -111.50 161.67
CA GLN E 519 131.15 -111.41 162.36
C GLN E 519 131.16 -112.36 163.56
N ARG E 520 130.84 -111.83 164.73
CA ARG E 520 130.79 -112.62 165.95
C ARG E 520 129.41 -113.26 166.11
N SER E 521 129.35 -114.27 166.97
CA SER E 521 128.08 -114.94 167.25
C SER E 521 127.07 -113.99 167.88
N LYS E 522 127.52 -113.16 168.81
CA LYS E 522 126.61 -112.27 169.54
C LYS E 522 127.36 -110.98 169.88
N ALA E 523 126.77 -110.19 170.77
CA ALA E 523 127.38 -108.94 171.18
C ALA E 523 128.60 -109.19 172.07
N THR E 524 129.63 -108.37 171.88
CA THR E 524 130.83 -108.45 172.69
C THR E 524 130.53 -108.01 174.12
N PRO E 525 131.30 -108.50 175.10
CA PRO E 525 131.08 -108.07 176.48
C PRO E 525 131.24 -106.56 176.62
N ALA E 526 130.38 -105.96 177.43
CA ALA E 526 130.32 -104.50 177.57
C ALA E 526 131.49 -104.06 178.44
N GLY E 527 132.61 -103.74 177.79
CA GLY E 527 133.79 -103.26 178.48
C GLY E 527 135.07 -103.93 178.02
N VAL E 528 134.97 -104.91 177.13
CA VAL E 528 136.11 -105.68 176.66
C VAL E 528 136.14 -105.62 175.14
N THR E 529 137.30 -105.25 174.59
CA THR E 529 137.49 -105.13 173.15
C THR E 529 138.24 -106.36 172.65
N GLU E 530 137.74 -106.97 171.57
CA GLU E 530 138.37 -108.16 171.01
C GLU E 530 139.43 -107.75 169.99
N SER E 531 140.62 -108.36 170.11
CA SER E 531 141.70 -108.18 169.14
C SER E 531 141.95 -109.50 168.44
N ILE E 532 141.89 -109.47 167.10
CA ILE E 532 142.05 -110.67 166.28
C ILE E 532 143.25 -110.47 165.37
N LYS E 533 144.02 -111.54 165.16
CA LYS E 533 145.20 -111.51 164.31
C LYS E 533 144.98 -112.48 163.15
N CYS E 534 144.88 -111.95 161.94
CA CYS E 534 144.51 -112.76 160.78
C CYS E 534 145.60 -112.71 159.73
N ALA E 535 145.89 -113.88 159.13
CA ALA E 535 146.85 -114.01 158.05
C ALA E 535 146.18 -114.68 156.87
N PHE E 536 146.38 -114.10 155.68
CA PHE E 536 145.74 -114.55 154.46
C PHE E 536 146.79 -114.90 153.42
N PHE E 537 146.52 -115.98 152.67
CA PHE E 537 147.40 -116.43 151.59
C PHE E 537 146.49 -116.93 150.46
N GLY E 538 146.28 -116.09 149.45
CA GLY E 538 145.51 -116.52 148.31
C GLY E 538 146.32 -116.80 147.06
N ALA E 539 146.62 -118.07 146.82
CA ALA E 539 147.16 -118.56 145.56
C ALA E 539 148.26 -117.68 144.96
N ASP E 540 149.05 -117.02 145.81
CA ASP E 540 149.98 -115.99 145.35
C ASP E 540 151.41 -116.51 145.25
N THR E 541 151.97 -116.98 146.35
CA THR E 541 153.37 -117.40 146.41
C THR E 541 153.49 -118.68 147.21
N GLY E 542 154.24 -119.65 146.66
CA GLY E 542 154.58 -120.87 147.37
C GLY E 542 153.36 -121.73 147.67
N THR E 543 153.44 -122.43 148.79
CA THR E 543 152.40 -123.34 149.24
C THR E 543 151.84 -122.88 150.57
N ALA E 544 150.73 -123.50 150.97
CA ALA E 544 150.07 -123.13 152.20
C ALA E 544 150.88 -123.57 153.42
N PRO E 545 150.84 -122.79 154.50
CA PRO E 545 151.47 -123.22 155.78
C PRO E 545 150.57 -124.20 156.53
N ALA E 546 150.69 -125.47 156.17
CA ALA E 546 149.81 -126.52 156.70
C ALA E 546 150.05 -126.77 158.20
N ASP E 547 150.97 -126.02 158.80
CA ASP E 547 151.26 -126.15 160.21
C ASP E 547 150.60 -125.01 160.98
N LEU E 548 149.98 -125.36 162.12
CA LEU E 548 149.31 -124.36 162.93
C LEU E 548 150.31 -123.34 163.50
N ALA E 549 151.49 -123.80 163.90
CA ALA E 549 152.52 -122.89 164.39
C ALA E 549 152.97 -121.93 163.29
N ALA E 550 153.09 -122.44 162.06
CA ALA E 550 153.41 -121.56 160.93
C ALA E 550 152.32 -120.52 160.72
N TRP E 551 151.06 -120.92 160.86
CA TRP E 551 149.97 -119.96 160.77
C TRP E 551 150.06 -118.90 161.86
N LEU E 552 150.39 -119.31 163.08
CA LEU E 552 150.53 -118.37 164.18
C LEU E 552 151.66 -117.37 163.90
N THR E 553 152.80 -117.87 163.40
CA THR E 553 153.92 -116.99 163.09
C THR E 553 153.55 -116.02 161.96
N ALA E 554 152.84 -116.51 160.94
CA ALA E 554 152.42 -115.64 159.84
C ALA E 554 151.45 -114.58 160.32
N ALA E 555 150.50 -114.95 161.20
CA ALA E 555 149.54 -113.99 161.71
C ALA E 555 150.21 -112.93 162.57
N ASN E 556 151.04 -113.36 163.53
CA ASN E 556 151.72 -112.42 164.41
C ASN E 556 152.93 -111.76 163.74
N GLY E 557 153.29 -112.19 162.54
CA GLY E 557 154.40 -111.62 161.81
C GLY E 557 154.00 -110.41 160.99
N ALA E 558 154.83 -110.10 159.98
CA ALA E 558 154.59 -108.93 159.15
C ALA E 558 153.33 -109.08 158.31
N GLY E 559 153.07 -110.29 157.80
CA GLY E 559 151.95 -110.49 156.89
C GLY E 559 150.58 -110.38 157.55
N GLY E 560 150.50 -110.60 158.87
CA GLY E 560 149.22 -110.57 159.53
C GLY E 560 148.69 -109.17 159.76
N LEU E 561 147.39 -109.10 160.05
CA LEU E 561 146.71 -107.85 160.32
C LEU E 561 145.85 -108.00 161.58
N THR E 562 145.67 -106.90 162.29
CA THR E 562 144.91 -106.87 163.53
C THR E 562 143.55 -106.22 163.30
N ALA E 563 142.50 -106.90 163.73
CA ALA E 563 141.15 -106.36 163.69
C ALA E 563 140.65 -106.14 165.11
N THR E 564 140.01 -104.99 165.34
CA THR E 564 139.57 -104.57 166.66
C THR E 564 138.05 -104.48 166.68
N ILE E 565 137.44 -105.15 167.66
CA ILE E 565 136.00 -105.12 167.86
C ILE E 565 135.72 -104.42 169.18
N LEU E 566 134.99 -103.31 169.12
CA LEU E 566 134.63 -102.57 170.31
C LEU E 566 133.58 -103.35 171.11
N PRO E 567 133.46 -103.05 172.41
CA PRO E 567 132.46 -103.75 173.22
C PRO E 567 131.05 -103.53 172.70
N SER E 568 130.23 -104.58 172.82
CA SER E 568 128.82 -104.55 172.40
C SER E 568 128.69 -104.23 170.91
N SER E 569 129.40 -105.00 170.09
CA SER E 569 129.31 -104.88 168.64
C SER E 569 129.38 -106.27 168.01
N ILE E 570 128.52 -106.51 167.03
CA ILE E 570 128.45 -107.81 166.36
C ILE E 570 129.64 -108.00 165.43
N PRO E 571 129.86 -107.13 164.41
CA PRO E 571 130.93 -107.42 163.44
C PRO E 571 132.26 -106.83 163.85
N SER E 572 133.27 -107.00 163.00
CA SER E 572 134.60 -106.44 163.21
C SER E 572 134.79 -105.22 162.31
N ASP E 573 135.96 -104.60 162.43
CA ASP E 573 136.31 -103.48 161.58
C ASP E 573 136.82 -103.99 160.23
N ILE E 574 136.83 -103.09 159.25
CA ILE E 574 137.23 -103.46 157.90
C ILE E 574 138.70 -103.85 157.88
N ILE E 575 139.01 -104.95 157.19
CA ILE E 575 140.37 -105.46 157.07
C ILE E 575 140.71 -105.56 155.60
N SER E 576 141.91 -105.11 155.23
CA SER E 576 142.34 -105.05 153.84
C SER E 576 143.67 -105.80 153.69
N PHE E 577 143.71 -106.73 152.74
CA PHE E 577 144.93 -107.41 152.35
C PHE E 577 145.21 -107.14 150.88
N THR E 578 146.48 -106.93 150.55
CA THR E 578 146.89 -106.66 149.17
C THR E 578 147.76 -107.81 148.68
N ARG E 579 147.39 -108.41 147.55
CA ARG E 579 148.13 -109.54 147.02
C ARG E 579 148.23 -109.42 145.50
N THR E 580 149.43 -109.64 144.98
CA THR E 580 149.68 -109.58 143.55
C THR E 580 149.62 -110.97 142.95
N TYR E 581 149.03 -111.06 141.75
CA TYR E 581 148.79 -112.33 141.08
C TYR E 581 149.42 -112.31 139.70
N ALA E 582 150.39 -113.20 139.48
CA ALA E 582 150.96 -113.43 138.16
C ALA E 582 150.49 -114.74 137.54
N ALA E 583 149.45 -115.35 138.11
CA ALA E 583 148.95 -116.64 137.66
C ALA E 583 147.86 -116.45 136.60
N ALA E 584 147.33 -117.56 136.12
CA ALA E 584 146.30 -117.57 135.10
C ALA E 584 145.45 -118.83 135.28
N ALA E 585 144.72 -119.19 134.23
CA ALA E 585 144.00 -120.47 134.13
C ALA E 585 142.81 -120.57 135.06
N ALA E 586 142.55 -121.77 135.57
CA ALA E 586 141.29 -122.11 136.20
C ALA E 586 141.11 -121.38 137.54
N SER E 587 139.99 -121.62 138.20
CA SER E 587 139.67 -120.96 139.45
C SER E 587 140.63 -121.37 140.55
N LEU E 588 140.92 -120.41 141.43
CA LEU E 588 141.84 -120.61 142.55
C LEU E 588 141.12 -120.30 143.86
N GLN E 589 141.82 -120.53 144.96
CA GLN E 589 141.29 -120.26 146.29
C GLN E 589 142.44 -119.96 147.24
N GLY E 590 142.11 -119.27 148.33
CA GLY E 590 143.08 -118.91 149.34
C GLY E 590 142.68 -119.41 150.73
N LYS E 591 143.58 -119.20 151.68
CA LYS E 591 143.39 -119.63 153.06
C LYS E 591 143.55 -118.44 153.99
N LEU E 592 142.59 -118.27 154.90
CA LEU E 592 142.58 -117.17 155.86
C LEU E 592 142.45 -117.76 157.26
N GLN E 593 143.47 -117.53 158.10
CA GLN E 593 143.50 -118.10 159.43
C GLN E 593 143.67 -117.00 160.48
N CYS E 594 142.88 -117.08 161.55
CA CYS E 594 142.84 -116.04 162.56
C CYS E 594 143.05 -116.62 163.94
N PHE E 595 143.58 -115.78 164.83
CA PHE E 595 143.90 -116.17 166.19
C PHE E 595 143.47 -115.07 167.16
N ILE E 596 143.13 -115.48 168.39
CA ILE E 596 142.88 -114.58 169.50
C ILE E 596 143.68 -115.12 170.68
N GLY E 597 144.83 -114.51 170.96
CA GLY E 597 145.67 -114.95 172.05
C GLY E 597 146.10 -116.40 171.92
N SER E 598 146.52 -116.78 170.72
CA SER E 598 146.89 -118.14 170.31
C SER E 598 145.70 -119.09 170.25
N THR E 599 144.48 -118.61 170.50
CA THR E 599 143.30 -119.43 170.31
C THR E 599 142.90 -119.39 168.84
N PRO E 600 142.87 -120.53 168.15
CA PRO E 600 142.65 -120.49 166.70
C PRO E 600 141.18 -120.50 166.31
N LEU E 601 140.81 -119.62 165.39
CA LEU E 601 139.46 -119.62 164.84
C LEU E 601 139.40 -120.54 163.63
N TRP E 602 138.37 -121.39 163.59
CA TRP E 602 138.20 -122.43 162.57
C TRP E 602 139.26 -123.50 162.75
N ASP E 603 138.88 -124.78 162.62
CA ASP E 603 139.83 -125.82 162.98
C ASP E 603 141.00 -125.87 161.99
N PRO E 604 140.82 -126.24 160.70
CA PRO E 604 141.97 -126.22 159.80
C PRO E 604 142.31 -124.83 159.30
N TYR E 605 141.29 -124.09 158.87
CA TYR E 605 141.42 -122.80 158.23
C TYR E 605 140.03 -122.28 157.86
N TYR E 606 139.93 -121.07 157.32
CA TYR E 606 138.71 -120.64 156.67
C TYR E 606 138.98 -120.42 155.19
N PRO E 607 138.58 -121.34 154.31
CA PRO E 607 138.83 -121.14 152.88
C PRO E 607 138.01 -119.97 152.34
N THR E 608 138.62 -119.25 151.40
CA THR E 608 137.98 -118.09 150.79
C THR E 608 137.10 -118.52 149.62
N PRO E 609 136.17 -117.66 149.19
CA PRO E 609 135.34 -117.98 148.04
C PRO E 609 136.17 -118.13 146.77
N VAL E 610 135.64 -118.95 145.85
CA VAL E 610 136.32 -119.22 144.60
C VAL E 610 136.52 -117.94 143.80
N PHE E 611 137.71 -117.77 143.24
CA PHE E 611 138.04 -116.61 142.43
C PHE E 611 138.81 -117.05 141.20
N GLN E 612 138.80 -116.19 140.18
CA GLN E 612 139.48 -116.46 138.92
C GLN E 612 140.33 -115.26 138.53
N VAL E 613 141.57 -115.52 138.12
CA VAL E 613 142.48 -114.47 137.68
C VAL E 613 142.40 -114.37 136.16
N LEU E 614 142.22 -113.16 135.64
CA LEU E 614 142.00 -112.92 134.22
C LEU E 614 143.27 -112.40 133.55
N ALA E 615 143.35 -112.65 132.24
CA ALA E 615 144.45 -112.14 131.44
C ALA E 615 144.31 -110.65 131.15
N ALA E 616 143.10 -110.19 130.84
CA ALA E 616 142.87 -108.80 130.48
C ALA E 616 141.55 -108.33 131.07
N ALA E 617 141.40 -107.02 131.18
CA ALA E 617 140.24 -106.45 131.83
C ALA E 617 138.99 -106.67 130.97
N PRO E 618 137.95 -107.29 131.50
CA PRO E 618 136.74 -107.51 130.71
C PRO E 618 135.96 -106.22 130.49
N THR E 619 135.18 -106.21 129.41
CA THR E 619 134.35 -105.07 129.05
C THR E 619 132.89 -105.46 129.13
N TYR E 620 132.04 -104.45 129.29
CA TYR E 620 130.59 -104.64 129.46
C TYR E 620 129.85 -103.98 128.32
N THR E 621 129.01 -104.73 127.63
CA THR E 621 128.16 -104.23 126.57
C THR E 621 126.78 -103.93 127.13
N LEU E 622 126.33 -102.70 126.98
CA LEU E 622 125.08 -102.26 127.59
C LEU E 622 124.06 -101.85 126.54
N SER E 623 122.81 -102.22 126.79
CA SER E 623 121.68 -101.78 125.99
C SER E 623 120.67 -101.08 126.88
N ALA E 624 119.96 -100.11 126.30
CA ALA E 624 119.02 -99.29 127.05
C ALA E 624 117.70 -99.22 126.30
N SER E 625 116.61 -99.08 127.05
CA SER E 625 115.28 -98.98 126.45
C SER E 625 114.37 -98.17 127.36
N VAL E 626 113.32 -97.63 126.74
CA VAL E 626 112.23 -96.92 127.42
C VAL E 626 110.92 -97.45 126.86
N THR E 627 110.00 -97.86 127.74
CA THR E 627 108.69 -98.24 127.25
C THR E 627 107.80 -97.02 127.00
N PRO E 628 107.69 -96.05 127.93
CA PRO E 628 106.98 -94.80 127.56
C PRO E 628 107.93 -93.75 126.98
N ALA E 629 108.26 -93.92 125.69
CA ALA E 629 109.24 -93.07 125.05
C ALA E 629 108.81 -91.60 125.01
N VAL E 630 107.52 -91.32 125.16
CA VAL E 630 107.00 -89.95 125.18
C VAL E 630 106.27 -89.74 126.51
N VAL E 631 106.70 -88.73 127.26
CA VAL E 631 106.14 -88.45 128.58
C VAL E 631 105.88 -86.95 128.73
N PRO E 632 104.94 -86.54 129.56
CA PRO E 632 104.80 -85.12 129.89
C PRO E 632 105.69 -84.70 131.04
N VAL E 633 105.54 -83.47 131.51
CA VAL E 633 106.35 -82.98 132.63
C VAL E 633 105.95 -83.70 133.91
N ASP E 634 106.89 -83.78 134.85
CA ASP E 634 106.65 -84.31 136.19
C ASP E 634 106.02 -85.71 136.15
N THR E 635 106.46 -86.52 135.19
CA THR E 635 105.86 -87.83 134.95
C THR E 635 106.95 -88.91 135.00
N ALA E 636 106.60 -90.04 135.61
CA ALA E 636 107.55 -91.14 135.74
C ALA E 636 107.85 -91.75 134.38
N THR E 637 109.11 -92.14 134.18
CA THR E 637 109.54 -92.78 132.95
C THR E 637 110.42 -93.98 133.29
N LEU E 638 110.28 -95.06 132.53
CA LEU E 638 110.98 -96.31 132.81
C LEU E 638 112.21 -96.41 131.93
N TRP E 639 113.38 -96.52 132.56
CA TRP E 639 114.65 -96.72 131.87
C TRP E 639 115.18 -98.09 132.24
N THR E 640 115.38 -98.95 131.24
CA THR E 640 115.87 -100.30 131.50
C THR E 640 117.21 -100.51 130.80
N TYR E 641 118.20 -100.98 131.57
CA TYR E 641 119.53 -101.27 131.05
C TYR E 641 119.83 -102.76 131.25
N ASN E 642 120.35 -103.39 130.20
CA ASN E 642 120.79 -104.78 130.24
C ASN E 642 122.27 -104.85 129.89
N ILE E 643 123.02 -105.64 130.67
CA ILE E 643 124.47 -105.69 130.62
C ILE E 643 124.90 -107.11 130.23
N ILE E 644 125.84 -107.21 129.30
CA ILE E 644 126.47 -108.46 128.92
C ILE E 644 127.96 -108.35 129.19
N ARG E 645 128.53 -109.34 129.86
CA ARG E 645 129.95 -109.38 130.16
C ARG E 645 130.69 -110.16 129.09
N SER E 646 131.92 -109.73 128.81
CA SER E 646 132.76 -110.43 127.83
C SER E 646 133.10 -111.83 128.31
N VAL E 647 133.32 -112.00 129.61
CA VAL E 647 133.66 -113.31 130.17
C VAL E 647 132.65 -113.64 131.28
N PRO E 648 132.32 -114.90 131.48
CA PRO E 648 131.37 -115.25 132.56
C PRO E 648 132.01 -115.20 133.92
N VAL E 649 131.17 -114.97 134.93
CA VAL E 649 131.62 -115.09 136.32
C VAL E 649 131.80 -116.56 136.66
N PRO E 650 132.92 -116.95 137.30
CA PRO E 650 133.12 -118.37 137.62
C PRO E 650 131.99 -118.91 138.48
N ALA E 651 131.60 -120.16 138.20
CA ALA E 651 130.44 -120.75 138.86
C ALA E 651 130.72 -121.00 140.34
N GLY E 652 131.97 -121.31 140.69
CA GLY E 652 132.29 -121.67 142.06
C GLY E 652 132.07 -120.56 143.07
N GLY E 653 132.44 -119.32 142.74
CA GLY E 653 132.33 -118.22 143.66
C GLY E 653 130.91 -117.71 143.76
N PRO E 654 130.74 -116.70 144.63
CA PRO E 654 129.40 -116.10 144.80
C PRO E 654 129.09 -115.06 143.73
N SER E 655 127.89 -114.48 143.80
CA SER E 655 127.47 -113.49 142.82
C SER E 655 128.27 -112.20 142.98
N LEU E 656 128.39 -111.46 141.87
CA LEU E 656 129.10 -110.19 141.87
C LEU E 656 128.10 -109.06 142.10
N PRO E 657 128.24 -108.27 143.15
CA PRO E 657 127.31 -107.15 143.36
C PRO E 657 127.74 -105.90 142.60
N ILE E 658 126.86 -105.38 141.75
CA ILE E 658 127.17 -104.24 140.90
C ILE E 658 126.17 -103.13 141.19
N LEU E 659 126.67 -101.92 141.43
CA LEU E 659 125.84 -100.74 141.61
C LEU E 659 125.87 -99.93 140.32
N CYS E 660 124.69 -99.66 139.77
CA CYS E 660 124.54 -98.81 138.60
C CYS E 660 124.07 -97.44 139.06
N SER E 661 124.90 -96.42 138.81
CA SER E 661 124.55 -95.04 139.12
C SER E 661 123.94 -94.41 137.89
N PHE E 662 122.72 -93.87 138.05
CA PHE E 662 121.91 -93.44 136.92
C PHE E 662 121.45 -92.01 137.12
N TRP E 663 121.75 -91.15 136.15
CA TRP E 663 121.26 -89.79 136.10
C TRP E 663 120.22 -89.69 135.00
N ASP E 664 119.04 -89.16 135.33
CA ASP E 664 117.91 -89.19 134.41
C ASP E 664 118.18 -88.36 133.16
N GLY E 665 118.83 -87.20 133.30
CA GLY E 665 119.17 -86.37 132.16
C GLY E 665 118.55 -84.99 132.15
N LYS E 666 117.74 -84.64 133.15
CA LYS E 666 117.15 -83.30 133.23
C LYS E 666 117.52 -82.55 134.49
N THR E 667 118.05 -83.23 135.51
CA THR E 667 118.55 -82.58 136.71
C THR E 667 119.94 -82.02 136.46
N GLY E 668 120.66 -81.68 137.54
CA GLY E 668 121.99 -81.10 137.43
C GLY E 668 122.96 -81.87 136.57
N ALA E 669 124.13 -81.28 136.32
CA ALA E 669 125.06 -81.74 135.28
C ALA E 669 125.62 -83.14 135.53
N ALA E 670 125.21 -83.78 136.63
CA ALA E 670 125.58 -85.15 137.00
C ALA E 670 127.04 -85.21 137.42
N PRO E 671 127.41 -86.13 138.31
CA PRO E 671 128.81 -86.22 138.74
C PRO E 671 129.70 -86.87 137.68
N THR E 672 130.96 -86.45 137.68
CA THR E 672 131.95 -86.94 136.72
C THR E 672 132.89 -87.96 137.32
N THR E 673 133.47 -87.66 138.49
CA THR E 673 134.43 -88.56 139.11
C THR E 673 133.77 -89.84 139.57
N ASP E 674 134.59 -90.89 139.71
CA ASP E 674 134.09 -92.16 140.23
C ASP E 674 133.57 -92.00 141.66
N ALA E 675 134.23 -91.17 142.47
CA ALA E 675 133.71 -90.86 143.79
C ALA E 675 132.37 -90.14 143.70
N GLY E 676 132.25 -89.21 142.74
CA GLY E 676 130.98 -88.54 142.53
C GLY E 676 129.88 -89.49 142.09
N TRP E 677 130.20 -90.42 141.19
CA TRP E 677 129.23 -91.41 140.76
C TRP E 677 128.79 -92.30 141.91
N ALA E 678 129.76 -92.78 142.71
CA ALA E 678 129.44 -93.64 143.83
C ALA E 678 128.78 -92.88 144.98
N ALA E 679 128.82 -91.55 144.95
CA ALA E 679 128.11 -90.76 145.95
C ALA E 679 126.60 -90.97 145.89
N LEU E 680 126.08 -91.33 144.72
CA LEU E 680 124.65 -91.62 144.57
C LEU E 680 124.30 -92.83 145.42
N ALA E 681 123.46 -92.61 146.42
CA ALA E 681 123.02 -93.68 147.32
C ALA E 681 121.92 -94.49 146.65
N GLY E 682 121.25 -95.34 147.43
CA GLY E 682 120.15 -96.13 146.90
C GLY E 682 118.84 -95.37 146.85
N SER E 683 118.93 -94.04 146.97
CA SER E 683 117.75 -93.18 147.00
C SER E 683 117.18 -92.99 145.59
N ALA E 684 116.75 -94.10 145.00
CA ALA E 684 116.07 -94.14 143.71
C ALA E 684 116.90 -93.56 142.56
N ASN E 685 118.20 -93.42 142.76
CA ASN E 685 119.10 -92.99 141.70
C ASN E 685 120.13 -94.06 141.34
N GLY E 686 120.84 -94.58 142.32
CA GLY E 686 121.70 -95.74 142.13
C GLY E 686 120.99 -97.00 142.59
N LYS E 687 121.16 -98.07 141.82
CA LYS E 687 120.46 -99.31 142.09
C LYS E 687 121.41 -100.49 141.99
N GLY E 688 121.22 -101.47 142.88
CA GLY E 688 122.08 -102.63 142.92
C GLY E 688 121.55 -103.80 142.10
N THR E 689 122.46 -104.69 141.72
CA THR E 689 122.11 -105.88 140.98
C THR E 689 123.14 -106.96 141.28
N SER E 690 122.75 -108.21 141.03
CA SER E 690 123.59 -109.37 141.30
C SER E 690 123.90 -110.09 140.00
N MET E 691 125.19 -110.28 139.73
CA MET E 691 125.65 -111.09 138.60
C MET E 691 125.85 -112.50 139.12
N ALA E 692 124.90 -113.39 138.82
CA ALA E 692 124.94 -114.75 139.32
C ALA E 692 126.17 -115.47 138.76
N PRO E 693 126.74 -116.42 139.51
CA PRO E 693 127.87 -117.19 138.98
C PRO E 693 127.48 -117.93 137.71
N GLY E 694 128.37 -117.87 136.73
CA GLY E 694 128.05 -118.44 135.42
C GLY E 694 127.07 -117.64 134.61
N SER E 695 126.73 -116.42 135.02
CA SER E 695 125.78 -115.58 134.31
C SER E 695 126.49 -114.35 133.78
N THR E 696 126.38 -114.13 132.47
CA THR E 696 126.93 -112.95 131.83
C THR E 696 125.90 -111.83 131.68
N THR E 697 124.70 -112.01 132.22
CA THR E 697 123.61 -111.06 132.07
C THR E 697 123.36 -110.34 133.38
N ALA E 698 123.21 -109.01 133.28
CA ALA E 698 122.86 -108.18 134.42
C ALA E 698 121.74 -107.23 133.99
N THR E 699 120.94 -106.80 134.96
CA THR E 699 119.79 -105.96 134.66
C THR E 699 119.69 -104.82 135.67
N CYS E 700 119.15 -103.69 135.22
CA CYS E 700 118.81 -102.62 136.13
C CYS E 700 117.68 -101.79 135.52
N SER E 701 116.86 -101.21 136.40
CA SER E 701 115.72 -100.40 135.97
C SER E 701 115.63 -99.17 136.86
N PHE E 702 115.10 -98.09 136.29
CA PHE E 702 114.98 -96.83 136.99
C PHE E 702 113.67 -96.15 136.58
N THR E 703 113.09 -95.41 137.53
CA THR E 703 111.83 -94.70 137.31
C THR E 703 111.96 -93.26 137.80
N PRO E 704 112.67 -92.43 137.06
CA PRO E 704 112.77 -91.01 137.41
C PRO E 704 111.71 -90.18 136.69
N SER E 705 111.65 -88.90 137.07
CA SER E 705 110.72 -87.95 136.50
C SER E 705 111.48 -86.73 135.99
N TYR E 706 110.90 -86.05 135.00
CA TYR E 706 111.49 -84.87 134.39
C TYR E 706 110.59 -83.67 134.66
N SER E 707 111.18 -82.58 135.15
CA SER E 707 110.45 -81.40 135.58
C SER E 707 110.53 -80.24 134.59
N THR E 708 111.02 -80.48 133.38
CA THR E 708 111.12 -79.42 132.38
C THR E 708 110.89 -80.04 131.00
N THR E 709 110.35 -79.24 130.10
CA THR E 709 110.04 -79.71 128.75
C THR E 709 111.32 -79.86 127.93
N GLY E 710 111.22 -80.61 126.83
CA GLY E 710 112.32 -80.79 125.92
C GLY E 710 112.67 -82.24 125.64
N THR E 711 113.96 -82.54 125.60
CA THR E 711 114.43 -83.92 125.40
C THR E 711 115.39 -84.28 126.52
N ALA E 712 115.50 -85.59 126.77
CA ALA E 712 116.29 -86.12 127.87
C ALA E 712 117.19 -87.23 127.37
N THR E 713 118.47 -87.14 127.71
CA THR E 713 119.44 -88.20 127.48
C THR E 713 120.08 -88.56 128.81
N PRO E 714 119.91 -89.77 129.31
CA PRO E 714 120.41 -90.12 130.64
C PRO E 714 121.89 -90.49 130.60
N THR E 715 122.44 -90.75 131.78
CA THR E 715 123.81 -91.21 131.91
C THR E 715 123.86 -92.34 132.93
N LEU E 716 124.68 -93.35 132.65
CA LEU E 716 124.81 -94.49 133.55
C LEU E 716 126.27 -94.84 133.74
N GLN E 717 126.61 -95.23 134.97
CA GLN E 717 127.95 -95.68 135.32
C GLN E 717 127.85 -97.00 136.09
N LEU E 718 128.77 -97.91 135.82
CA LEU E 718 128.83 -99.20 136.50
C LEU E 718 129.95 -99.16 137.53
N ILE E 719 129.66 -99.65 138.75
CA ILE E 719 130.62 -99.61 139.84
C ILE E 719 130.51 -100.93 140.60
N GLN E 720 131.63 -101.42 141.12
CA GLN E 720 131.58 -102.57 142.02
C GLN E 720 131.21 -102.11 143.42
N ASN E 721 130.19 -102.75 144.01
CA ASN E 721 129.67 -102.37 145.32
C ASN E 721 129.48 -103.64 146.17
N SER E 722 130.52 -104.02 146.90
CA SER E 722 130.45 -105.06 147.89
C SER E 722 130.24 -104.43 149.27
N PHE E 723 130.35 -105.23 150.32
CA PHE E 723 130.21 -104.70 151.67
C PHE E 723 131.34 -103.74 152.04
N ALA E 724 132.45 -103.76 151.31
CA ALA E 724 133.59 -102.90 151.58
C ALA E 724 133.72 -101.78 150.55
N LEU E 725 132.59 -101.24 150.11
CA LEU E 725 132.60 -100.15 149.14
C LEU E 725 133.12 -98.88 149.79
N ASP E 726 134.38 -98.54 149.52
CA ASP E 726 134.94 -97.28 149.93
C ASP E 726 134.77 -96.28 148.79
N ALA E 727 134.05 -95.19 149.06
CA ALA E 727 133.65 -94.28 147.99
C ALA E 727 134.88 -93.65 147.30
N ALA E 728 135.89 -93.29 148.09
CA ALA E 728 137.08 -92.68 147.51
C ALA E 728 137.87 -93.68 146.67
N THR E 729 138.01 -94.92 147.16
CA THR E 729 138.90 -95.89 146.53
C THR E 729 138.23 -96.76 145.47
N THR E 730 136.92 -96.64 145.28
CA THR E 730 136.27 -97.44 144.25
C THR E 730 136.65 -96.93 142.87
N VAL E 731 136.67 -97.85 141.90
CA VAL E 731 137.10 -97.58 140.54
C VAL E 731 135.95 -97.86 139.59
N GLY E 732 135.69 -96.94 138.67
CA GLY E 732 134.63 -97.14 137.70
C GLY E 732 134.87 -98.35 136.82
N PHE E 733 133.81 -99.13 136.61
CA PHE E 733 133.93 -100.32 135.78
C PHE E 733 134.16 -99.97 134.32
N LEU E 734 133.42 -98.98 133.80
CA LEU E 734 133.51 -98.57 132.40
C LEU E 734 134.02 -97.14 132.32
N SER E 735 135.08 -96.94 131.55
CA SER E 735 135.64 -95.60 131.37
C SER E 735 134.65 -94.63 130.74
N PRO E 736 133.94 -94.96 129.63
CA PRO E 736 133.01 -93.97 129.06
C PRO E 736 131.66 -93.98 129.74
N VAL E 737 131.20 -92.80 130.17
CA VAL E 737 129.86 -92.71 130.75
C VAL E 737 128.84 -93.03 129.68
N TYR E 738 127.91 -93.93 130.01
CA TYR E 738 126.98 -94.43 129.01
C TYR E 738 125.91 -93.40 128.69
N THR E 739 125.46 -93.41 127.43
CA THR E 739 124.31 -92.65 126.99
C THR E 739 123.49 -93.54 126.07
N ALA E 740 122.17 -93.53 126.27
CA ALA E 740 121.29 -94.46 125.58
C ALA E 740 121.30 -94.20 124.08
N PRO E 741 120.97 -95.21 123.27
CA PRO E 741 120.91 -94.99 121.81
C PRO E 741 119.67 -94.22 121.40
N ALA E 742 118.80 -93.91 122.37
CA ALA E 742 117.56 -93.20 122.12
C ALA E 742 117.47 -92.02 123.07
N PHE E 743 116.38 -91.26 122.95
CA PHE E 743 116.13 -90.09 123.78
C PHE E 743 114.76 -90.23 124.42
N ALA E 744 114.41 -89.24 125.25
CA ALA E 744 113.08 -89.17 125.86
C ALA E 744 112.48 -87.82 125.55
N THR E 745 111.21 -87.81 125.14
CA THR E 745 110.51 -86.59 124.73
C THR E 745 109.63 -86.15 125.89
N VAL E 746 110.05 -85.11 126.61
CA VAL E 746 109.25 -84.54 127.69
C VAL E 746 108.40 -83.45 127.08
N THR E 747 107.12 -83.74 126.89
CA THR E 747 106.19 -82.82 126.25
C THR E 747 105.67 -81.79 127.26
N ALA E 748 104.81 -80.90 126.77
CA ALA E 748 104.19 -79.91 127.63
C ALA E 748 103.03 -80.52 128.41
N ALA E 749 102.51 -79.76 129.36
CA ALA E 749 101.37 -80.16 130.16
C ALA E 749 100.15 -79.35 129.72
N SER E 750 99.11 -80.04 129.27
CA SER E 750 97.91 -79.38 128.81
C SER E 750 97.09 -78.88 129.99
N TYR E 751 96.03 -78.14 129.68
CA TYR E 751 95.21 -77.50 130.70
C TYR E 751 93.74 -77.67 130.35
N THR E 752 92.91 -77.93 131.36
CA THR E 752 91.47 -78.07 131.21
C THR E 752 90.78 -76.97 132.01
N ILE E 753 90.09 -76.08 131.29
CA ILE E 753 89.48 -74.89 131.88
C ILE E 753 87.96 -75.08 131.87
N SER E 754 87.34 -74.93 133.04
CA SER E 754 85.89 -74.97 133.14
C SER E 754 85.43 -73.84 134.05
N SER E 755 84.45 -73.05 133.59
CA SER E 755 84.04 -71.86 134.31
C SER E 755 82.53 -71.78 134.42
N TYR E 756 82.06 -71.15 135.49
CA TYR E 756 80.63 -70.94 135.68
C TYR E 756 80.42 -69.66 136.48
N LEU E 757 79.26 -69.03 136.24
CA LEU E 757 78.85 -67.85 136.98
C LEU E 757 77.89 -68.26 138.09
N ASN E 758 78.17 -67.79 139.31
CA ASN E 758 77.34 -68.19 140.46
C ASN E 758 75.88 -67.81 140.30
N PRO E 759 75.51 -66.54 140.01
CA PRO E 759 74.11 -66.25 139.70
C PRO E 759 73.83 -66.55 138.24
N VAL E 760 73.07 -67.62 137.99
CA VAL E 760 72.81 -68.04 136.62
C VAL E 760 72.02 -66.98 135.86
N THR E 761 71.18 -66.21 136.56
CA THR E 761 70.37 -65.16 135.96
C THR E 761 70.57 -63.87 136.72
N PRO E 762 71.72 -63.22 136.54
CA PRO E 762 71.98 -61.97 137.26
C PRO E 762 71.06 -60.85 136.79
N VAL E 763 70.80 -59.91 137.69
CA VAL E 763 69.96 -58.76 137.42
C VAL E 763 70.85 -57.58 137.10
N ALA E 764 70.31 -56.61 136.37
CA ALA E 764 71.06 -55.42 135.98
C ALA E 764 71.25 -54.53 137.21
N GLY E 765 72.37 -54.71 137.90
CA GLY E 765 72.65 -53.98 139.11
C GLY E 765 71.99 -54.53 140.36
N GLY E 766 71.22 -55.61 140.25
CA GLY E 766 70.59 -56.18 141.44
C GLY E 766 71.60 -56.71 142.44
N ALA E 767 72.70 -57.26 141.95
CA ALA E 767 73.77 -57.79 142.80
C ALA E 767 75.03 -57.90 141.96
N ALA E 768 76.10 -58.39 142.56
CA ALA E 768 77.37 -58.57 141.88
C ALA E 768 77.55 -60.04 141.50
N ALA E 769 78.04 -60.27 140.29
CA ALA E 769 78.26 -61.62 139.79
C ALA E 769 79.75 -61.93 139.79
N VAL E 770 80.10 -63.12 140.28
CA VAL E 770 81.48 -63.52 140.50
C VAL E 770 81.72 -64.78 139.68
N TRP E 771 82.31 -64.62 138.50
CA TRP E 771 82.65 -65.77 137.66
C TRP E 771 83.74 -66.59 138.35
N ARG E 772 83.55 -67.90 138.39
CA ARG E 772 84.51 -68.83 138.98
C ARG E 772 85.07 -69.69 137.87
N ILE E 773 86.40 -69.70 137.74
CA ILE E 773 87.09 -70.33 136.63
C ILE E 773 88.06 -71.35 137.21
N VAL E 774 87.68 -72.63 137.18
CA VAL E 774 88.56 -73.69 137.63
C VAL E 774 89.44 -74.13 136.47
N ILE E 775 90.67 -74.50 136.79
CA ILE E 775 91.63 -74.95 135.79
C ILE E 775 92.42 -76.12 136.38
N THR E 776 92.50 -77.21 135.62
CA THR E 776 93.19 -78.43 136.03
C THR E 776 94.37 -78.67 135.10
N ARG E 777 95.54 -78.91 135.69
CA ARG E 777 96.75 -79.17 134.93
C ARG E 777 96.77 -80.62 134.45
N ASN E 778 97.62 -80.87 133.45
CA ASN E 778 97.78 -82.23 132.94
C ASN E 778 98.41 -83.13 133.99
N ALA E 779 99.47 -82.66 134.65
CA ALA E 779 100.20 -83.44 135.65
C ALA E 779 100.28 -82.65 136.95
N ALA E 780 100.96 -83.22 137.93
CA ALA E 780 101.07 -82.61 139.25
C ALA E 780 102.34 -81.76 139.33
N VAL E 781 102.50 -81.10 140.48
CA VAL E 781 103.60 -80.19 140.71
C VAL E 781 104.69 -80.91 141.50
N THR E 782 105.90 -80.35 141.48
CA THR E 782 107.05 -80.92 142.17
C THR E 782 107.72 -79.84 143.01
N ALA E 783 107.38 -79.80 144.30
CA ALA E 783 108.03 -78.93 145.28
C ALA E 783 107.90 -77.45 144.92
N SER E 784 106.68 -77.03 144.63
CA SER E 784 106.37 -75.62 144.36
C SER E 784 104.86 -75.48 144.24
N ALA E 785 104.41 -74.23 144.16
CA ALA E 785 103.00 -73.89 144.00
C ALA E 785 102.86 -73.10 142.71
N LYS E 786 102.29 -73.73 141.68
CA LYS E 786 102.26 -73.11 140.36
C LYS E 786 101.39 -71.86 140.35
N THR E 787 101.91 -70.80 139.74
CA THR E 787 101.18 -69.54 139.61
C THR E 787 100.57 -69.45 138.23
N LEU E 788 99.25 -69.38 138.17
CA LEU E 788 98.52 -69.20 136.92
C LEU E 788 97.91 -67.80 136.88
N THR E 789 97.79 -67.25 135.69
CA THR E 789 97.19 -65.94 135.49
C THR E 789 95.98 -66.08 134.58
N CYS E 790 94.86 -65.48 135.01
CA CYS E 790 93.60 -65.51 134.30
C CYS E 790 93.30 -64.13 133.76
N GLN E 791 93.21 -64.02 132.44
CA GLN E 791 92.77 -62.80 131.75
C GLN E 791 91.32 -62.94 131.35
N MET E 792 90.57 -61.85 131.52
CA MET E 792 89.16 -61.79 131.14
C MET E 792 88.96 -60.52 130.32
N PRO E 793 89.42 -60.52 129.06
CA PRO E 793 89.36 -59.29 128.27
C PRO E 793 87.94 -58.86 127.94
N ASP E 794 87.00 -59.79 127.80
CA ASP E 794 85.66 -59.47 127.37
C ASP E 794 84.64 -59.93 128.39
N ASN E 795 83.64 -59.08 128.67
CA ASN E 795 82.50 -59.48 129.48
C ASN E 795 81.41 -60.14 128.66
N GLY E 796 81.49 -60.05 127.33
CA GLY E 796 80.37 -60.36 126.47
C GLY E 796 79.44 -59.19 126.24
N GLN E 797 79.66 -58.07 126.95
CA GLN E 797 78.85 -56.88 126.78
C GLN E 797 79.69 -55.60 126.80
N GLY E 798 81.01 -55.72 126.89
CA GLY E 798 81.89 -54.56 126.86
C GLY E 798 82.49 -54.21 128.21
N GLY E 799 83.76 -54.58 128.42
CA GLY E 799 84.43 -54.29 129.67
C GLY E 799 85.60 -55.22 129.95
N SER E 800 86.55 -54.76 130.77
CA SER E 800 87.75 -55.54 131.08
C SER E 800 88.20 -55.21 132.50
N PRO E 801 87.96 -56.10 133.44
CA PRO E 801 88.50 -55.91 134.80
C PRO E 801 89.88 -56.54 134.94
N ALA E 802 90.49 -56.29 136.08
CA ALA E 802 91.87 -56.72 136.33
C ALA E 802 91.98 -58.24 136.35
N ASP E 803 93.16 -58.73 135.95
CA ASP E 803 93.43 -60.15 135.88
C ASP E 803 93.40 -60.77 137.27
N VAL E 804 93.46 -62.10 137.30
CA VAL E 804 93.41 -62.85 138.55
C VAL E 804 94.62 -63.78 138.63
N THR E 805 95.31 -63.76 139.78
CA THR E 805 96.44 -64.64 140.02
C THR E 805 96.00 -65.77 140.94
N ALA E 806 96.28 -67.01 140.53
CA ALA E 806 95.88 -68.19 141.29
C ALA E 806 97.09 -69.08 141.51
N ASP E 807 97.00 -69.92 142.55
CA ASP E 807 98.10 -70.79 142.92
C ASP E 807 97.62 -72.23 143.06
N ILE E 808 98.48 -73.16 142.66
CA ILE E 808 98.21 -74.59 142.71
C ILE E 808 99.20 -75.21 143.68
N ALA E 809 98.68 -76.05 144.58
CA ALA E 809 99.46 -76.61 145.68
C ALA E 809 100.56 -77.53 145.15
N VAL E 810 101.41 -77.98 146.08
CA VAL E 810 102.57 -78.79 145.71
C VAL E 810 102.13 -80.12 145.11
N GLY E 811 101.16 -80.77 145.75
CA GLY E 811 100.63 -82.01 145.21
C GLY E 811 99.40 -81.81 144.35
N GLY E 812 98.78 -80.63 144.46
CA GLY E 812 97.56 -80.37 143.74
C GLY E 812 97.77 -80.11 142.26
N THR E 813 96.68 -80.26 141.51
CA THR E 813 96.69 -80.02 140.07
C THR E 813 95.66 -78.99 139.61
N THR E 814 94.74 -78.58 140.47
CA THR E 814 93.66 -77.68 140.09
C THR E 814 93.74 -76.40 140.91
N THR E 815 93.29 -75.30 140.30
CA THR E 815 93.23 -74.01 140.99
C THR E 815 92.08 -73.20 140.42
N VAL E 816 91.73 -72.12 141.12
CA VAL E 816 90.53 -71.34 140.82
C VAL E 816 90.89 -69.87 140.66
N CYS E 817 90.27 -69.23 139.68
CA CYS E 817 90.29 -67.78 139.51
C CYS E 817 88.89 -67.24 139.75
N VAL E 818 88.82 -66.03 140.31
CA VAL E 818 87.53 -65.41 140.64
C VAL E 818 87.49 -64.02 140.04
N PHE E 819 86.43 -63.72 139.30
CA PHE E 819 86.28 -62.45 138.57
C PHE E 819 84.98 -61.77 139.01
N SER E 820 85.10 -60.68 139.76
CA SER E 820 83.95 -60.02 140.36
C SER E 820 83.57 -58.80 139.52
N ILE E 821 82.41 -58.86 138.85
CA ILE E 821 81.87 -57.72 138.13
C ILE E 821 80.38 -57.59 138.47
N ALA E 822 79.90 -56.36 138.56
CA ALA E 822 78.50 -56.11 138.87
C ALA E 822 77.75 -55.34 137.79
N GLY E 823 78.46 -54.62 136.93
CA GLY E 823 77.82 -53.77 135.94
C GLY E 823 77.22 -54.51 134.75
N TYR E 824 76.15 -55.26 134.99
CA TYR E 824 75.46 -55.97 133.93
C TYR E 824 74.35 -55.09 133.34
N THR E 825 74.31 -55.02 132.01
CA THR E 825 73.30 -54.26 131.30
C THR E 825 72.60 -55.15 130.29
N THR E 826 71.31 -54.87 130.06
CA THR E 826 70.52 -55.58 129.07
C THR E 826 70.51 -54.86 127.73
N ALA E 827 71.47 -53.97 127.49
CA ALA E 827 71.49 -53.23 126.23
C ALA E 827 71.74 -54.16 125.05
N THR E 828 72.73 -55.04 125.16
CA THR E 828 72.99 -55.96 124.06
C THR E 828 71.95 -57.08 124.07
N PRO E 829 71.45 -57.48 122.90
CA PRO E 829 70.28 -58.40 122.87
C PRO E 829 70.49 -59.73 123.57
N GLY E 830 71.67 -60.33 123.47
CA GLY E 830 71.89 -61.65 124.02
C GLY E 830 71.49 -62.75 123.06
N PRO E 831 71.82 -64.02 123.38
CA PRO E 831 72.50 -64.50 124.59
C PRO E 831 73.98 -64.12 124.63
N TYR E 832 74.61 -64.20 125.79
CA TYR E 832 75.94 -63.65 126.01
C TYR E 832 76.91 -64.77 126.36
N PHE E 833 78.19 -64.56 126.04
CA PHE E 833 79.24 -65.52 126.37
C PHE E 833 80.55 -64.77 126.55
N ALA E 834 81.49 -65.42 127.22
CA ALA E 834 82.79 -64.83 127.53
C ALA E 834 83.91 -65.75 127.06
N THR E 835 85.12 -65.20 127.06
CA THR E 835 86.33 -65.96 126.77
C THR E 835 87.37 -65.63 127.84
N VAL E 836 87.96 -66.66 128.43
CA VAL E 836 88.90 -66.53 129.53
C VAL E 836 90.24 -67.16 129.13
N ASN E 837 91.31 -66.38 129.25
CA ASN E 837 92.64 -66.86 128.91
C ASN E 837 93.39 -67.25 130.17
N VAL E 838 94.14 -68.35 130.09
CA VAL E 838 94.93 -68.83 131.22
C VAL E 838 96.37 -69.00 130.75
N VAL E 839 97.31 -68.45 131.52
CA VAL E 839 98.74 -68.56 131.21
C VAL E 839 99.49 -69.05 132.43
N ASP E 840 100.40 -70.00 132.22
CA ASP E 840 101.31 -70.45 133.26
C ASP E 840 102.76 -70.14 132.91
N GLY E 841 103.24 -70.61 131.78
CA GLY E 841 104.60 -70.34 131.33
C GLY E 841 104.62 -69.52 130.05
N ALA E 842 103.75 -68.50 130.00
CA ALA E 842 103.50 -67.61 128.87
C ALA E 842 102.70 -68.29 127.77
N VAL E 843 102.37 -69.57 127.90
CA VAL E 843 101.52 -70.25 126.93
C VAL E 843 100.07 -69.90 127.25
N THR E 844 99.37 -69.31 126.29
CA THR E 844 98.03 -68.81 126.51
C THR E 844 97.01 -69.84 126.00
N THR E 845 96.14 -70.30 126.90
CA THR E 845 95.08 -71.24 126.56
C THR E 845 93.75 -70.56 126.82
N SER E 846 92.95 -70.40 125.78
CA SER E 846 91.66 -69.75 125.91
C SER E 846 90.56 -70.77 126.16
N HIS E 847 89.51 -70.31 126.82
CA HIS E 847 88.31 -71.11 127.07
C HIS E 847 87.12 -70.26 126.70
N ILE E 848 86.22 -70.81 125.89
CA ILE E 848 85.02 -70.12 125.44
C ILE E 848 83.88 -70.53 126.36
N THR E 849 83.33 -69.56 127.09
CA THR E 849 82.26 -69.84 128.03
C THR E 849 80.94 -70.08 127.30
N LYS E 850 80.06 -70.85 127.94
CA LYS E 850 78.74 -71.09 127.39
C LYS E 850 77.88 -69.84 127.51
N ASN E 851 76.64 -69.95 127.05
CA ASN E 851 75.76 -68.79 127.05
C ASN E 851 75.13 -68.57 128.42
N PHE E 852 74.66 -67.34 128.64
CA PHE E 852 74.00 -66.95 129.87
C PHE E 852 73.11 -65.76 129.57
N THR E 853 72.16 -65.50 130.48
CA THR E 853 71.18 -64.43 130.31
C THR E 853 71.16 -63.54 131.54
N VAL E 854 70.76 -62.29 131.32
CA VAL E 854 70.69 -61.26 132.37
C VAL E 854 69.31 -60.63 132.34
N LEU E 855 68.69 -60.51 133.51
CA LEU E 855 67.39 -59.87 133.62
C LEU E 855 67.53 -58.35 133.62
N ALA E 856 66.40 -57.68 133.42
CA ALA E 856 66.37 -56.22 133.43
C ALA E 856 66.31 -55.70 134.87
N SER E 857 66.48 -54.39 135.00
CA SER E 857 66.55 -53.77 136.32
C SER E 857 65.18 -53.76 137.00
N GLY E 858 65.18 -53.95 138.31
CA GLY E 858 63.98 -53.92 139.11
C GLY E 858 63.30 -55.25 139.32
N THR E 859 63.59 -56.24 138.48
CA THR E 859 62.98 -57.55 138.63
C THR E 859 63.71 -58.36 139.70
N THR E 860 62.96 -59.26 140.34
CA THR E 860 63.52 -60.06 141.42
C THR E 860 64.48 -61.12 140.89
N ALA E 861 65.45 -61.46 141.71
CA ALA E 861 66.34 -62.57 141.40
C ALA E 861 65.67 -63.88 141.76
N PRO E 862 65.64 -64.86 140.85
CA PRO E 862 64.92 -66.12 141.14
C PRO E 862 65.58 -66.86 142.30
N THR E 863 64.83 -67.02 143.38
CA THR E 863 65.32 -67.67 144.59
C THR E 863 65.18 -69.19 144.45
N TYR E 864 65.36 -69.90 145.56
CA TYR E 864 65.24 -71.35 145.58
C TYR E 864 64.35 -71.76 146.74
N ALA E 865 63.77 -72.96 146.62
CA ALA E 865 62.94 -73.55 147.66
C ALA E 865 63.36 -75.01 147.85
N VAL E 866 63.21 -75.50 149.07
CA VAL E 866 63.60 -76.86 149.42
C VAL E 866 62.53 -77.47 150.32
N THR E 867 62.16 -78.71 150.02
CA THR E 867 61.30 -79.50 150.89
C THR E 867 61.98 -80.81 151.22
N SER E 868 61.54 -81.44 152.32
CA SER E 868 62.17 -82.66 152.81
C SER E 868 61.14 -83.77 152.94
N VAL E 869 61.54 -84.98 152.55
CA VAL E 869 60.72 -86.18 152.74
C VAL E 869 61.61 -87.26 153.33
N VAL E 870 61.13 -87.89 154.41
CA VAL E 870 61.85 -88.98 155.07
C VAL E 870 61.14 -90.28 154.77
N SER E 871 61.91 -91.29 154.35
CA SER E 871 61.33 -92.57 153.94
C SER E 871 60.86 -93.41 155.12
N PRO E 872 61.73 -93.76 156.08
CA PRO E 872 61.27 -94.65 157.17
C PRO E 872 60.19 -94.03 158.04
N ALA E 873 60.16 -92.70 158.15
CA ALA E 873 59.15 -91.95 158.90
C ALA E 873 59.27 -92.15 160.40
N THR E 874 58.91 -91.12 161.16
CA THR E 874 58.92 -91.19 162.61
C THR E 874 57.81 -92.13 163.11
N PRO E 875 58.03 -92.82 164.23
CA PRO E 875 59.21 -92.83 165.09
C PRO E 875 60.22 -93.93 164.72
N VAL E 876 61.52 -93.63 164.83
CA VAL E 876 62.57 -94.60 164.53
C VAL E 876 63.37 -94.86 165.79
N LYS E 877 64.33 -95.77 165.71
CA LYS E 877 65.15 -96.18 166.85
C LYS E 877 66.62 -95.92 166.54
N VAL E 878 67.47 -96.21 167.53
CA VAL E 878 68.91 -96.07 167.34
C VAL E 878 69.40 -97.11 166.33
N SER E 879 70.29 -96.68 165.45
CA SER E 879 70.89 -97.52 164.41
C SER E 879 69.87 -98.03 163.40
N THR E 880 68.69 -97.41 163.35
CA THR E 880 67.71 -97.73 162.34
C THR E 880 67.97 -96.91 161.08
N PRO E 881 67.99 -97.53 159.90
CA PRO E 881 68.22 -96.75 158.67
C PRO E 881 67.24 -95.60 158.50
N VAL E 882 67.73 -94.42 158.21
CA VAL E 882 66.88 -93.24 157.99
C VAL E 882 67.30 -92.57 156.70
N THR E 883 66.35 -92.35 155.81
CA THR E 883 66.60 -91.74 154.51
C THR E 883 65.95 -90.37 154.45
N TYR E 884 66.71 -89.37 154.03
CA TYR E 884 66.22 -88.02 153.80
C TYR E 884 66.35 -87.68 152.33
N THR E 885 65.33 -87.01 151.78
CA THR E 885 65.33 -86.58 150.39
C THR E 885 64.95 -85.11 150.35
N PHE E 886 65.86 -84.28 149.86
CA PHE E 886 65.65 -82.84 149.79
C PHE E 886 65.36 -82.48 148.33
N THR E 887 64.13 -82.06 148.07
CA THR E 887 63.72 -81.61 146.75
C THR E 887 63.96 -80.11 146.65
N ILE E 888 64.76 -79.71 145.66
CA ILE E 888 65.17 -78.32 145.46
C ILE E 888 64.58 -77.83 144.15
N THR E 889 63.90 -76.68 144.20
CA THR E 889 63.31 -76.05 143.03
C THR E 889 63.79 -74.61 142.93
N ARG E 890 63.81 -74.10 141.70
CA ARG E 890 64.13 -72.71 141.42
C ARG E 890 62.89 -72.01 140.88
N THR E 891 62.61 -70.82 141.40
CA THR E 891 61.40 -70.10 141.00
C THR E 891 61.36 -69.81 139.50
N THR E 892 62.51 -69.78 138.84
CA THR E 892 62.58 -69.67 137.39
C THR E 892 63.47 -70.78 136.86
N ALA E 893 63.08 -71.34 135.72
CA ALA E 893 63.85 -72.43 135.14
C ALA E 893 65.24 -71.95 134.74
N VAL E 894 66.22 -72.86 134.81
CA VAL E 894 67.58 -72.53 134.39
C VAL E 894 67.56 -72.16 132.92
N PRO E 895 68.31 -71.13 132.49
CA PRO E 895 68.28 -70.74 131.08
C PRO E 895 68.59 -71.90 130.14
N ALA E 896 67.78 -72.02 129.10
CA ALA E 896 67.90 -73.14 128.16
C ALA E 896 69.09 -73.00 127.22
N GLY E 897 69.69 -71.80 127.15
CA GLY E 897 70.85 -71.62 126.29
C GLY E 897 72.01 -72.54 126.64
N GLY E 898 72.06 -73.00 127.89
CA GLY E 898 73.04 -73.98 128.30
C GLY E 898 74.06 -73.49 129.29
N ILE E 899 73.83 -73.79 130.57
CA ILE E 899 74.81 -73.63 131.63
C ILE E 899 74.28 -74.39 132.84
N PRO E 900 75.07 -75.29 133.44
CA PRO E 900 74.57 -76.06 134.57
C PRO E 900 74.82 -75.33 135.88
N GLN E 901 74.04 -75.69 136.89
CA GLN E 901 74.24 -75.13 138.22
C GLN E 901 74.76 -76.20 139.16
N PRO E 902 76.03 -76.15 139.56
CA PRO E 902 76.54 -77.15 140.52
C PRO E 902 76.17 -76.76 141.94
N ILE E 903 75.30 -77.54 142.56
CA ILE E 903 74.86 -77.31 143.92
C ILE E 903 75.39 -78.43 144.81
N ILE E 904 75.53 -78.13 146.10
CA ILE E 904 76.05 -79.07 147.07
C ILE E 904 75.11 -79.07 148.27
N CYS E 905 74.51 -80.21 148.57
CA CYS E 905 73.70 -80.38 149.77
C CYS E 905 74.59 -80.82 150.92
N GLU E 906 74.61 -80.01 151.97
CA GLU E 906 75.27 -80.32 153.24
C GLU E 906 74.20 -80.45 154.30
N PHE E 907 74.07 -81.64 154.88
CA PHE E 907 72.99 -81.97 155.79
C PHE E 907 73.55 -82.26 157.18
N PHE E 908 72.95 -81.64 158.18
CA PHE E 908 73.34 -81.82 159.58
C PHE E 908 72.23 -82.60 160.28
N ASN E 909 72.64 -83.67 160.98
CA ASN E 909 71.69 -84.70 161.39
C ASN E 909 70.79 -84.27 162.55
N GLY E 910 71.18 -83.23 163.29
CA GLY E 910 70.51 -82.94 164.54
C GLY E 910 71.05 -83.71 165.73
N GLU E 911 72.05 -84.55 165.52
CA GLU E 911 72.70 -85.34 166.56
C GLU E 911 74.02 -84.74 167.01
N GLY E 912 74.76 -84.10 166.10
CA GLY E 912 76.10 -83.63 166.38
C GLY E 912 76.17 -82.44 167.32
N THR E 913 77.24 -81.67 167.20
CA THR E 913 77.51 -80.55 168.10
C THR E 913 76.80 -79.27 167.70
N ALA E 914 75.73 -79.36 166.90
CA ALA E 914 74.93 -78.21 166.48
C ALA E 914 75.80 -77.13 165.85
N PRO E 915 76.27 -77.34 164.60
CA PRO E 915 77.13 -76.33 163.95
C PRO E 915 76.49 -74.95 163.90
N ALA E 916 77.30 -73.94 163.62
CA ALA E 916 76.86 -72.56 163.66
C ALA E 916 76.05 -72.24 162.41
N SER E 917 75.84 -70.95 162.14
CA SER E 917 75.05 -70.50 161.01
C SER E 917 75.64 -71.02 159.70
N ALA E 918 74.89 -70.81 158.62
CA ALA E 918 75.21 -71.41 157.33
C ALA E 918 76.63 -71.08 156.87
N ALA E 919 77.16 -69.92 157.27
CA ALA E 919 78.53 -69.58 156.91
C ALA E 919 79.53 -70.57 157.48
N ALA E 920 79.18 -71.24 158.59
CA ALA E 920 80.03 -72.27 159.18
C ALA E 920 79.65 -73.68 158.73
N TYR E 921 78.54 -73.83 158.00
CA TYR E 921 78.11 -75.15 157.56
C TYR E 921 79.07 -75.79 156.57
N TRP E 922 79.93 -75.01 155.92
CA TRP E 922 80.85 -75.54 154.91
C TRP E 922 82.04 -76.17 155.62
N ARG E 923 81.83 -77.42 156.07
CA ARG E 923 82.90 -78.17 156.71
C ARG E 923 83.87 -78.71 155.67
N VAL E 924 84.91 -79.39 156.16
CA VAL E 924 85.93 -79.97 155.29
C VAL E 924 85.63 -81.46 155.12
N SER E 925 85.54 -81.90 153.87
CA SER E 925 85.20 -83.28 153.56
C SER E 925 86.35 -83.95 152.83
N THR E 926 86.46 -85.26 153.01
CA THR E 926 87.54 -86.02 152.37
C THR E 926 87.19 -86.37 150.93
N THR E 927 86.14 -87.15 150.73
CA THR E 927 85.63 -87.50 149.42
C THR E 927 84.24 -86.88 149.25
N ILE E 928 84.04 -86.16 148.15
CA ILE E 928 82.85 -85.34 148.01
C ILE E 928 81.53 -86.14 147.97
N PRO E 929 81.49 -87.42 147.52
CA PRO E 929 80.22 -88.17 147.64
C PRO E 929 80.15 -88.98 148.94
N ASP E 930 80.18 -88.28 150.07
CA ASP E 930 80.15 -88.92 151.38
C ASP E 930 78.77 -88.75 152.01
N ALA E 931 78.65 -89.21 153.26
CA ALA E 931 77.37 -89.23 153.95
C ALA E 931 76.89 -87.86 154.39
N ASP E 932 77.75 -86.83 154.33
CA ASP E 932 77.36 -85.48 154.75
C ASP E 932 77.32 -84.48 153.61
N THR E 933 78.10 -84.66 152.56
CA THR E 933 78.14 -83.75 151.42
C THR E 933 77.74 -84.53 150.17
N VAL E 934 76.83 -83.95 149.38
CA VAL E 934 76.49 -84.52 148.08
C VAL E 934 76.49 -83.41 147.05
N VAL E 935 76.99 -83.72 145.84
CA VAL E 935 77.07 -82.76 144.75
C VAL E 935 76.04 -83.16 143.69
N ALA E 936 75.20 -82.20 143.31
CA ALA E 936 74.21 -82.39 142.27
C ALA E 936 74.35 -81.27 141.25
N VAL E 937 73.77 -81.48 140.07
CA VAL E 937 73.87 -80.52 138.97
C VAL E 937 72.46 -80.22 138.48
N MET E 938 72.11 -78.94 138.44
CA MET E 938 70.87 -78.49 137.81
C MET E 938 71.11 -78.35 136.31
N ALA E 939 70.37 -79.13 135.53
CA ALA E 939 70.57 -79.20 134.09
C ALA E 939 70.17 -77.88 133.42
N PRO E 940 70.66 -77.63 132.21
CA PRO E 940 70.35 -76.37 131.53
C PRO E 940 68.86 -76.07 131.41
N GLY E 941 68.03 -77.07 131.13
CA GLY E 941 66.63 -76.86 130.88
C GLY E 941 65.69 -77.19 132.02
N GLU E 942 66.20 -77.51 133.21
CA GLU E 942 65.35 -77.95 134.31
C GLU E 942 65.28 -76.89 135.40
N THR E 943 64.36 -77.11 136.34
CA THR E 943 64.19 -76.24 137.50
C THR E 943 64.04 -77.01 138.80
N THR E 944 64.02 -78.34 138.77
CA THR E 944 63.83 -79.15 139.96
C THR E 944 64.85 -80.27 139.98
N THR E 945 65.32 -80.59 141.19
CA THR E 945 66.23 -81.71 141.41
C THR E 945 66.06 -82.17 142.85
N THR E 946 66.84 -83.17 143.25
CA THR E 946 66.80 -83.63 144.63
C THR E 946 68.16 -84.19 145.03
N CYS E 947 68.42 -84.16 146.33
CA CYS E 947 69.61 -84.78 146.90
C CYS E 947 69.19 -85.73 148.02
N THR E 948 69.80 -86.90 148.04
CA THR E 948 69.38 -88.00 148.91
C THR E 948 70.50 -88.38 149.87
N PHE E 949 70.16 -88.47 151.16
CA PHE E 949 71.05 -88.99 152.18
C PHE E 949 70.42 -90.22 152.82
N THR E 950 71.26 -91.16 153.24
CA THR E 950 70.81 -92.31 154.03
C THR E 950 71.81 -92.49 155.16
N THR E 951 71.38 -92.20 156.39
CA THR E 951 72.26 -92.23 157.54
C THR E 951 71.60 -93.00 158.67
N TYR E 952 72.39 -93.25 159.71
CA TYR E 952 71.95 -93.95 160.91
C TYR E 952 71.99 -92.98 162.08
N TYR E 953 71.34 -93.36 163.17
CA TYR E 953 71.31 -92.56 164.38
C TYR E 953 71.94 -93.34 165.53
N THR E 954 72.48 -92.62 166.50
CA THR E 954 73.27 -93.24 167.56
C THR E 954 72.69 -93.11 168.96
N THR E 955 71.95 -92.04 169.25
CA THR E 955 71.48 -91.79 170.60
C THR E 955 69.98 -91.56 170.63
N VAL E 956 69.37 -91.90 171.76
CA VAL E 956 67.93 -91.77 171.93
C VAL E 956 67.58 -90.33 172.20
N SER E 957 66.41 -89.91 171.70
CA SER E 957 65.91 -88.57 171.92
C SER E 957 64.42 -88.50 171.62
N ALA E 958 63.61 -88.19 172.63
CA ALA E 958 62.17 -88.01 172.46
C ALA E 958 61.87 -86.54 172.20
N GLY E 959 61.27 -86.25 171.06
CA GLY E 959 60.94 -84.89 170.70
C GLY E 959 62.14 -84.04 170.34
N GLY E 960 62.79 -84.37 169.23
CA GLY E 960 63.93 -83.60 168.77
C GLY E 960 64.50 -84.16 167.48
N PHE E 961 65.83 -84.07 167.34
CA PHE E 961 66.55 -84.60 166.18
C PHE E 961 66.00 -84.02 164.88
N THR E 962 66.12 -82.69 164.76
CA THR E 962 65.63 -81.95 163.61
C THR E 962 66.72 -81.94 162.55
N ALA E 963 66.45 -82.57 161.41
CA ALA E 963 67.42 -82.61 160.32
C ALA E 963 67.48 -81.27 159.61
N LYS E 964 68.68 -80.71 159.50
CA LYS E 964 68.90 -79.42 158.87
C LYS E 964 69.66 -79.61 157.57
N LEU E 965 69.50 -78.64 156.66
CA LEU E 965 70.09 -78.74 155.33
C LEU E 965 70.53 -77.36 154.86
N MET E 966 71.57 -77.35 154.03
CA MET E 966 72.00 -76.14 153.33
C MET E 966 72.51 -76.53 151.95
N VAL E 967 72.40 -75.61 151.00
CA VAL E 967 72.92 -75.78 149.65
C VAL E 967 73.94 -74.70 149.37
N PHE E 968 75.11 -75.11 148.88
CA PHE E 968 76.17 -74.20 148.48
C PHE E 968 76.43 -74.39 146.99
N GLY E 969 76.47 -73.28 146.25
CA GLY E 969 76.63 -73.40 144.81
C GLY E 969 78.08 -73.43 144.38
N GLU E 970 78.63 -74.64 144.21
CA GLU E 970 80.02 -74.82 143.83
C GLU E 970 80.16 -76.12 143.06
N SER E 971 81.21 -76.21 142.26
CA SER E 971 81.46 -77.40 141.47
C SER E 971 82.14 -78.48 142.31
N ALA E 972 82.06 -79.71 141.82
CA ALA E 972 82.69 -80.83 142.51
C ALA E 972 84.21 -80.68 142.51
N THR E 973 84.78 -80.24 141.39
CA THR E 973 86.24 -80.07 141.32
C THR E 973 86.71 -78.97 142.26
N ALA E 974 85.93 -77.90 142.40
CA ALA E 974 86.28 -76.80 143.29
C ALA E 974 85.92 -77.08 144.74
N ALA E 975 85.25 -78.19 145.03
CA ALA E 975 84.87 -78.50 146.41
C ALA E 975 86.08 -78.69 147.34
N PRO E 976 87.10 -79.49 147.01
CA PRO E 976 88.20 -79.67 147.96
C PRO E 976 89.23 -78.55 147.94
N LEU E 977 89.04 -77.53 147.10
CA LEU E 977 90.00 -76.43 146.97
C LEU E 977 89.36 -75.08 147.27
N LEU E 978 88.13 -75.06 147.79
CA LEU E 978 87.47 -73.79 148.08
C LEU E 978 88.21 -73.03 149.18
N THR E 979 88.47 -73.69 150.30
CA THR E 979 89.18 -73.05 151.41
C THR E 979 90.69 -73.03 151.20
N SER E 980 91.21 -73.86 150.29
CA SER E 980 92.64 -73.88 150.04
C SER E 980 93.13 -72.53 149.53
N LEU E 981 92.38 -71.92 148.62
CA LEU E 981 92.69 -70.59 148.12
C LEU E 981 92.01 -69.50 148.94
N SER E 982 91.31 -69.86 150.01
CA SER E 982 90.60 -68.94 150.89
C SER E 982 89.68 -68.00 150.09
N VAL E 983 88.70 -68.62 149.42
CA VAL E 983 87.71 -67.92 148.64
C VAL E 983 86.34 -68.16 149.26
N THR E 984 85.53 -67.12 149.33
CA THR E 984 84.22 -67.22 149.97
C THR E 984 83.31 -68.14 149.16
N PRO E 985 82.68 -69.13 149.78
CA PRO E 985 81.73 -69.98 149.06
C PRO E 985 80.42 -69.26 148.79
N SER E 986 79.64 -69.82 147.87
CA SER E 986 78.44 -69.19 147.36
C SER E 986 77.20 -69.84 147.95
N GLN E 987 76.30 -69.02 148.49
CA GLN E 987 75.10 -69.49 149.16
C GLN E 987 73.88 -69.34 148.25
N LEU E 988 72.88 -70.20 148.48
CA LEU E 988 71.58 -70.07 147.82
C LEU E 988 70.48 -69.75 148.83
N LEU E 989 70.35 -70.55 149.89
CA LEU E 989 69.35 -70.28 150.91
C LEU E 989 69.93 -69.35 151.97
N ALA E 990 69.28 -68.19 152.13
CA ALA E 990 69.70 -67.26 153.17
C ALA E 990 69.36 -67.79 154.56
N ALA E 991 68.46 -68.75 154.64
CA ALA E 991 68.05 -69.34 155.91
C ALA E 991 68.34 -70.84 155.88
N VAL E 992 68.67 -71.37 157.06
CA VAL E 992 68.91 -72.81 157.20
C VAL E 992 67.58 -73.52 157.28
N HIS E 993 67.35 -74.47 156.36
CA HIS E 993 66.11 -75.23 156.33
C HIS E 993 66.29 -76.47 157.20
N SER E 994 65.64 -76.48 158.36
CA SER E 994 65.53 -77.68 159.16
C SER E 994 64.37 -78.53 158.66
N PHE E 995 64.30 -79.76 159.16
CA PHE E 995 63.18 -80.61 158.80
C PHE E 995 61.88 -80.00 159.30
N ALA E 996 60.83 -80.11 158.48
CA ALA E 996 59.54 -79.54 158.84
C ALA E 996 58.94 -80.19 160.06
N THR E 997 59.41 -81.38 160.44
CA THR E 997 58.93 -82.11 161.59
C THR E 997 60.12 -82.76 162.31
N PRO E 998 60.03 -82.93 163.62
CA PRO E 998 61.11 -83.60 164.36
C PRO E 998 60.91 -85.10 164.48
N MET E 999 62.03 -85.83 164.37
CA MET E 999 62.03 -87.28 164.46
C MET E 999 62.21 -87.73 165.90
N VAL E 1000 61.26 -88.52 166.40
CA VAL E 1000 61.37 -89.16 167.70
C VAL E 1000 62.18 -90.44 167.53
N VAL E 1001 63.38 -90.47 168.10
CA VAL E 1001 64.28 -91.62 168.01
C VAL E 1001 64.19 -92.40 169.31
N ALA E 1002 63.88 -93.70 169.19
CA ALA E 1002 63.78 -94.59 170.33
C ALA E 1002 65.09 -95.33 170.54
N ALA E 1003 65.07 -96.32 171.44
CA ALA E 1003 66.26 -97.07 171.80
C ALA E 1003 66.31 -98.39 171.05
N ALA E 1004 67.52 -98.81 170.68
CA ALA E 1004 67.71 -100.08 170.00
C ALA E 1004 67.46 -101.25 170.95
N VAL E 1005 67.00 -102.35 170.38
CA VAL E 1005 66.64 -103.53 171.15
C VAL E 1005 67.85 -104.46 171.22
N VAL E 1006 68.29 -104.76 172.44
CA VAL E 1006 69.38 -105.69 172.70
C VAL E 1006 68.86 -106.81 173.59
N ALA E 1007 69.09 -108.05 173.18
CA ALA E 1007 68.59 -109.20 173.93
C ALA E 1007 69.55 -110.37 173.78
N VAL E 1008 69.44 -111.30 174.73
CA VAL E 1008 70.26 -112.52 174.74
C VAL E 1008 69.52 -113.60 173.95
N GLU E 1009 70.27 -114.34 173.14
CA GLU E 1009 69.68 -115.34 172.25
C GLU E 1009 70.21 -116.75 172.45
N SER E 1010 71.47 -116.92 172.84
CA SER E 1010 72.05 -118.26 172.95
C SER E 1010 72.89 -118.36 174.21
N THR E 1011 72.71 -119.46 174.94
CA THR E 1011 73.49 -119.76 176.13
C THR E 1011 74.15 -121.12 175.96
N THR E 1012 75.48 -121.17 176.07
CA THR E 1012 76.23 -122.40 175.90
C THR E 1012 77.13 -122.64 177.09
N ILE E 1013 77.25 -123.91 177.47
CA ILE E 1013 78.18 -124.38 178.50
C ILE E 1013 79.11 -125.38 177.85
N SER E 1014 80.44 -125.14 177.96
CA SER E 1014 81.37 -125.98 177.22
C SER E 1014 81.52 -127.36 177.83
N PRO E 1015 81.80 -127.52 179.15
CA PRO E 1015 81.73 -128.86 179.74
C PRO E 1015 80.31 -129.16 180.22
N ASN E 1016 79.60 -130.07 179.56
CA ASN E 1016 78.19 -130.24 179.86
C ASN E 1016 77.77 -131.70 179.68
N TYR E 1017 77.20 -132.28 180.73
CA TYR E 1017 76.51 -133.56 180.59
C TYR E 1017 75.33 -133.44 179.65
N ASN E 1018 74.59 -132.34 179.76
CA ASN E 1018 73.57 -131.95 178.80
C ASN E 1018 73.67 -130.44 178.63
N PRO E 1019 73.13 -129.89 177.52
CA PRO E 1019 73.22 -128.44 177.30
C PRO E 1019 72.81 -127.57 178.48
N THR E 1020 72.02 -128.13 179.40
CA THR E 1020 71.54 -127.37 180.55
C THR E 1020 72.36 -127.57 181.81
N THR E 1021 72.98 -128.74 181.99
CA THR E 1021 73.70 -129.03 183.22
C THR E 1021 75.19 -129.22 182.94
N PRO E 1022 76.06 -128.50 183.65
CA PRO E 1022 77.50 -128.76 183.52
C PRO E 1022 77.98 -129.87 184.45
N TYR E 1023 79.28 -130.10 184.51
CA TYR E 1023 79.85 -131.09 185.41
C TYR E 1023 80.20 -130.42 186.74
N THR E 1024 80.90 -131.14 187.61
CA THR E 1024 81.26 -130.66 188.93
C THR E 1024 82.78 -130.54 189.04
N ASN E 1025 83.24 -129.49 189.71
CA ASN E 1025 84.67 -129.25 189.94
C ASN E 1025 85.43 -129.17 188.63
N ILE E 1026 84.81 -128.53 187.63
CA ILE E 1026 85.39 -128.41 186.30
C ILE E 1026 85.24 -126.97 185.83
N PRO E 1027 86.27 -126.36 185.24
CA PRO E 1027 86.11 -125.00 184.73
C PRO E 1027 85.09 -124.91 183.61
N THR E 1028 83.98 -124.23 183.86
CA THR E 1028 82.88 -124.12 182.91
C THR E 1028 82.89 -122.72 182.32
N TYR E 1029 82.98 -122.63 180.99
CA TYR E 1029 83.04 -121.35 180.30
C TYR E 1029 81.66 -121.06 179.72
N PHE E 1030 80.86 -120.32 180.46
CA PHE E 1030 79.57 -119.85 179.95
C PHE E 1030 79.78 -118.90 178.79
N THR E 1031 79.11 -119.17 177.67
CA THR E 1031 79.17 -118.30 176.50
C THR E 1031 77.75 -117.82 176.21
N PHE E 1032 77.55 -116.51 176.23
CA PHE E 1032 76.25 -115.92 176.00
C PHE E 1032 76.31 -115.02 174.77
N THR E 1033 75.36 -115.22 173.86
CA THR E 1033 75.29 -114.45 172.62
C THR E 1033 74.18 -113.42 172.73
N LEU E 1034 74.54 -112.16 172.54
CA LEU E 1034 73.60 -111.05 172.54
C LEU E 1034 73.32 -110.61 171.12
N LEU E 1035 72.04 -110.45 170.79
CA LEU E 1035 71.58 -110.06 169.47
C LEU E 1035 71.06 -108.63 169.51
N ARG E 1036 71.51 -107.81 168.57
CA ARG E 1036 71.05 -106.44 168.44
C ARG E 1036 70.22 -106.32 167.17
N ASP E 1037 68.96 -105.90 167.32
CA ASP E 1037 68.06 -105.84 166.17
C ASP E 1037 68.56 -104.89 165.09
N PRO E 1038 68.90 -103.64 165.37
CA PRO E 1038 69.56 -102.81 164.35
C PRO E 1038 71.07 -103.00 164.40
N PRO E 1039 71.67 -103.51 163.33
CA PRO E 1039 73.12 -103.73 163.34
C PRO E 1039 73.89 -102.43 163.47
N VAL E 1040 75.11 -102.56 164.00
CA VAL E 1040 75.94 -101.38 164.26
C VAL E 1040 76.33 -100.73 162.93
N PRO E 1041 76.28 -99.40 162.83
CA PRO E 1041 76.69 -98.73 161.58
C PRO E 1041 78.14 -99.06 161.24
N PRO E 1042 78.40 -99.60 160.06
CA PRO E 1042 79.79 -99.90 159.67
C PRO E 1042 80.66 -98.67 159.54
N SER E 1043 80.06 -97.48 159.38
CA SER E 1043 80.81 -96.24 159.19
C SER E 1043 80.95 -95.43 160.47
N ALA E 1044 80.64 -96.03 161.63
CA ALA E 1044 80.72 -95.29 162.89
C ALA E 1044 82.17 -95.11 163.33
N SER E 1045 82.41 -94.05 164.11
CA SER E 1045 83.73 -93.82 164.66
C SER E 1045 84.15 -94.93 165.60
N SER E 1046 83.23 -95.41 166.44
CA SER E 1046 83.50 -96.50 167.36
C SER E 1046 82.20 -97.26 167.61
N GLY E 1047 82.33 -98.50 168.07
CA GLY E 1047 81.20 -99.34 168.36
C GLY E 1047 80.60 -99.05 169.71
N VAL E 1048 79.75 -99.96 170.17
CA VAL E 1048 79.05 -99.84 171.44
C VAL E 1048 79.67 -100.79 172.44
N GLN E 1049 79.74 -100.37 173.70
CA GLN E 1049 80.31 -101.15 174.78
C GLN E 1049 79.19 -101.66 175.68
N PHE E 1050 79.27 -102.94 176.05
CA PHE E 1050 78.30 -103.55 176.94
C PHE E 1050 79.03 -104.18 178.11
N ALA E 1051 78.26 -104.50 179.15
CA ALA E 1051 78.79 -105.12 180.37
C ALA E 1051 77.93 -106.33 180.70
N CYS E 1052 78.49 -107.51 180.53
CA CYS E 1052 77.84 -108.76 180.91
C CYS E 1052 78.12 -109.03 182.38
N ALA E 1053 77.07 -109.28 183.15
CA ALA E 1053 77.19 -109.60 184.57
C ALA E 1053 76.62 -110.98 184.82
N LEU E 1054 77.41 -111.83 185.46
CA LEU E 1054 77.03 -113.20 185.72
C LEU E 1054 77.13 -113.52 187.21
N TYR E 1055 76.10 -114.19 187.72
CA TYR E 1055 76.03 -114.71 189.09
C TYR E 1055 75.89 -116.22 188.98
N THR E 1056 76.96 -116.94 189.33
CA THR E 1056 76.97 -118.40 189.15
C THR E 1056 76.00 -119.11 190.07
N GLY E 1057 75.54 -118.46 191.14
CA GLY E 1057 74.69 -119.10 192.13
C GLY E 1057 75.45 -119.78 193.25
N GLN E 1058 76.77 -119.70 193.27
CA GLN E 1058 77.58 -120.23 194.35
C GLN E 1058 78.05 -119.11 195.26
N ASN E 1059 78.48 -119.49 196.46
CA ASN E 1059 78.96 -118.57 197.49
C ASN E 1059 80.32 -119.02 197.99
N VAL E 1060 81.22 -119.33 197.06
CA VAL E 1060 82.54 -119.84 197.42
C VAL E 1060 83.55 -118.70 197.45
N ASN E 1061 83.75 -118.05 196.31
CA ASN E 1061 84.74 -116.98 196.23
C ASN E 1061 84.22 -115.69 196.86
N PRO E 1062 83.02 -115.21 196.52
CA PRO E 1062 82.47 -114.06 197.26
C PRO E 1062 82.18 -114.38 198.72
N ALA E 1063 81.92 -115.66 199.03
CA ALA E 1063 81.66 -116.13 200.38
C ALA E 1063 80.45 -115.46 201.02
N SER E 1064 79.52 -114.96 200.21
CA SER E 1064 78.31 -114.33 200.72
C SER E 1064 77.31 -114.20 199.58
N ALA E 1065 76.06 -114.54 199.86
CA ALA E 1065 75.02 -114.39 198.86
C ALA E 1065 74.71 -112.90 198.65
N PRO E 1066 74.53 -112.46 197.40
CA PRO E 1066 74.15 -111.07 197.16
C PRO E 1066 72.71 -110.81 197.56
N SER E 1067 72.29 -109.56 197.52
CA SER E 1067 70.92 -109.20 197.88
C SER E 1067 69.98 -109.62 196.74
N ALA E 1068 68.71 -109.24 196.86
CA ALA E 1068 67.76 -109.51 195.79
C ALA E 1068 68.16 -108.77 194.52
N ILE E 1069 67.50 -109.12 193.42
CA ILE E 1069 67.84 -108.56 192.12
C ILE E 1069 67.62 -107.05 192.14
N THR E 1070 68.66 -106.29 191.80
CA THR E 1070 68.62 -104.84 191.82
C THR E 1070 69.84 -104.31 191.07
N ASP E 1071 69.61 -103.41 190.12
CA ASP E 1071 70.72 -102.81 189.39
C ASP E 1071 71.67 -102.06 190.32
N ALA E 1072 71.14 -101.50 191.40
CA ALA E 1072 71.98 -100.77 192.35
C ALA E 1072 73.05 -101.67 192.97
N VAL E 1073 72.71 -102.92 193.27
CA VAL E 1073 73.68 -103.87 193.80
C VAL E 1073 74.38 -104.66 192.70
N TYR E 1074 73.77 -104.78 191.52
CA TYR E 1074 74.42 -105.46 190.41
C TYR E 1074 75.47 -104.59 189.71
N LYS E 1075 75.48 -103.28 190.00
CA LYS E 1075 76.52 -102.42 189.46
C LYS E 1075 77.82 -102.45 190.27
N THR E 1076 77.84 -103.20 191.37
CA THR E 1076 79.02 -103.28 192.23
C THR E 1076 79.92 -104.48 191.91
N PHE E 1077 79.55 -105.30 190.92
CA PHE E 1077 80.38 -106.45 190.59
C PHE E 1077 81.73 -106.02 190.03
N THR E 1078 82.76 -106.79 190.37
CA THR E 1078 84.13 -106.48 189.97
C THR E 1078 84.34 -106.67 188.48
N ASP E 1079 85.21 -105.84 187.91
CA ASP E 1079 85.58 -105.95 186.50
C ASP E 1079 86.74 -106.95 186.41
N VAL E 1080 86.50 -108.09 185.77
CA VAL E 1080 87.47 -109.17 185.74
C VAL E 1080 87.74 -109.58 184.30
N THR E 1081 87.60 -108.64 183.36
CA THR E 1081 87.73 -108.96 181.95
C THR E 1081 89.13 -109.44 181.61
N THR E 1082 90.15 -108.69 182.04
CA THR E 1082 91.53 -108.99 181.70
C THR E 1082 92.24 -109.79 182.78
N ALA E 1083 91.48 -110.61 183.52
CA ALA E 1083 92.07 -111.42 184.58
C ALA E 1083 92.67 -112.71 184.02
N VAL E 1084 93.80 -113.12 184.59
CA VAL E 1084 94.44 -114.36 184.24
C VAL E 1084 93.96 -115.44 185.19
N ALA E 1085 94.09 -116.70 184.77
CA ALA E 1085 93.62 -117.82 185.57
C ALA E 1085 94.38 -117.98 186.89
N THR E 1086 95.54 -117.34 187.03
CA THR E 1086 96.33 -117.50 188.25
C THR E 1086 95.64 -116.84 189.45
N ASP E 1087 95.10 -115.64 189.27
CA ASP E 1087 94.49 -114.94 190.38
C ASP E 1087 93.19 -115.62 190.80
N ALA E 1088 92.91 -115.56 192.11
CA ALA E 1088 91.70 -116.18 192.65
C ALA E 1088 90.43 -115.50 192.16
N ASN E 1089 90.51 -114.24 191.74
CA ASN E 1089 89.36 -113.53 191.20
C ASN E 1089 88.93 -114.08 189.84
N TYR E 1090 89.75 -114.91 189.20
CA TYR E 1090 89.38 -115.48 187.91
C TYR E 1090 88.16 -116.39 188.01
N PHE E 1091 87.98 -117.05 189.15
CA PHE E 1091 86.88 -117.97 189.35
C PHE E 1091 85.84 -117.41 190.33
N ALA E 1092 85.73 -116.09 190.41
CA ALA E 1092 84.75 -115.46 191.27
C ALA E 1092 83.34 -115.75 190.77
N ASP E 1093 82.41 -115.88 191.71
CA ASP E 1093 81.03 -116.25 191.39
C ASP E 1093 80.17 -115.07 190.96
N GLN E 1094 80.68 -113.85 191.08
CA GLN E 1094 79.97 -112.64 190.65
C GLN E 1094 80.93 -111.86 189.76
N GLN E 1095 80.73 -111.93 188.45
CA GLN E 1095 81.67 -111.34 187.50
C GLN E 1095 80.99 -110.31 186.62
N LEU E 1096 81.75 -109.26 186.28
CA LEU E 1096 81.31 -108.21 185.39
C LEU E 1096 82.39 -107.98 184.34
N ARG E 1097 82.06 -108.26 183.07
CA ARG E 1097 83.01 -108.21 181.98
C ARG E 1097 82.52 -107.24 180.90
N VAL E 1098 83.45 -106.41 180.41
CA VAL E 1098 83.13 -105.44 179.36
C VAL E 1098 83.39 -106.09 178.00
N VAL E 1099 82.51 -105.81 177.06
CA VAL E 1099 82.61 -106.32 175.70
C VAL E 1099 82.41 -105.17 174.72
N THR E 1100 83.25 -105.15 173.68
CA THR E 1100 83.23 -104.11 172.66
C THR E 1100 82.59 -104.68 171.40
N MET E 1101 81.79 -103.87 170.71
CA MET E 1101 81.03 -104.34 169.56
C MET E 1101 81.58 -103.68 168.29
N ALA E 1102 81.80 -104.51 167.23
CA ALA E 1102 82.45 -104.01 166.02
C ALA E 1102 81.42 -103.48 165.02
N PRO E 1103 81.81 -102.49 164.21
CA PRO E 1103 80.91 -102.03 163.14
C PRO E 1103 80.64 -103.12 162.13
N GLY E 1104 79.40 -103.14 161.62
CA GLY E 1104 78.95 -104.18 160.72
C GLY E 1104 78.46 -105.44 161.39
N THR E 1105 78.60 -105.54 162.71
CA THR E 1105 78.17 -106.67 163.51
C THR E 1105 76.74 -106.42 164.01
N GLY E 1106 76.37 -107.09 165.10
CA GLY E 1106 74.99 -107.16 165.56
C GLY E 1106 74.76 -108.46 166.29
N ARG E 1107 75.76 -109.33 166.28
CA ARG E 1107 75.82 -110.50 167.15
C ARG E 1107 77.13 -110.44 167.93
N VAL E 1108 77.05 -110.47 169.26
CA VAL E 1108 78.22 -110.40 170.11
C VAL E 1108 78.12 -111.52 171.14
N SER E 1109 79.21 -111.76 171.87
CA SER E 1109 79.20 -112.81 172.89
C SER E 1109 80.11 -112.42 174.05
N CYS E 1110 79.74 -112.88 175.24
CA CYS E 1110 80.54 -112.71 176.44
C CYS E 1110 80.77 -114.07 177.09
N THR E 1111 81.94 -114.24 177.70
CA THR E 1111 82.36 -115.51 178.27
C THR E 1111 82.69 -115.34 179.75
N PHE E 1112 82.30 -116.33 180.55
CA PHE E 1112 82.48 -116.32 182.00
C PHE E 1112 83.04 -117.64 182.50
N PRO E 1113 84.19 -117.65 183.16
CA PRO E 1113 84.67 -118.89 183.79
C PRO E 1113 84.12 -119.09 185.18
N THR E 1114 83.45 -120.21 185.41
CA THR E 1114 82.82 -120.53 186.69
C THR E 1114 83.25 -121.90 187.15
N LEU E 1115 83.46 -122.05 188.45
CA LEU E 1115 83.81 -123.33 189.05
C LEU E 1115 82.79 -123.67 190.13
N TYR E 1116 82.26 -124.88 190.09
CA TYR E 1116 81.26 -125.36 191.04
C TYR E 1116 81.87 -126.48 191.87
N ALA E 1117 81.93 -126.28 193.19
CA ALA E 1117 82.53 -127.23 194.11
C ALA E 1117 81.49 -128.13 194.78
N ALA E 1118 80.22 -128.01 194.45
CA ALA E 1118 79.17 -128.81 195.06
C ALA E 1118 78.20 -129.24 193.97
N ALA E 1119 77.13 -129.95 194.39
CA ALA E 1119 76.12 -130.43 193.45
C ALA E 1119 74.72 -130.00 193.85
N GLY E 1120 74.56 -129.04 194.74
CA GLY E 1120 73.26 -128.55 195.13
C GLY E 1120 72.63 -127.71 194.05
N PRO E 1121 71.34 -127.42 194.20
CA PRO E 1121 70.66 -126.56 193.21
C PRO E 1121 71.28 -125.17 193.17
N PHE E 1122 71.36 -124.61 191.97
CA PHE E 1122 71.93 -123.29 191.76
C PHE E 1122 71.05 -122.51 190.80
N SER E 1123 70.99 -121.19 191.00
CA SER E 1123 70.15 -120.30 190.19
C SER E 1123 71.01 -119.15 189.68
N PRO E 1124 71.73 -119.35 188.58
CA PRO E 1124 72.55 -118.26 188.02
C PRO E 1124 71.69 -117.12 187.52
N LYS E 1125 72.27 -115.92 187.56
CA LYS E 1125 71.60 -114.70 187.11
C LYS E 1125 72.43 -114.03 186.03
N PHE E 1126 71.76 -113.49 185.03
CA PHE E 1126 72.40 -112.84 183.89
C PHE E 1126 71.91 -111.40 183.75
N PHE E 1127 72.84 -110.49 183.49
CA PHE E 1127 72.54 -109.07 183.32
C PHE E 1127 73.37 -108.49 182.19
N VAL E 1128 72.83 -107.48 181.54
CA VAL E 1128 73.54 -106.72 180.52
C VAL E 1128 73.34 -105.24 180.80
N PHE E 1129 74.43 -104.48 180.78
CA PHE E 1129 74.40 -103.03 180.96
C PHE E 1129 75.00 -102.36 179.74
N GLU E 1130 74.53 -101.14 179.44
CA GLU E 1130 75.15 -100.30 178.42
C GLU E 1130 76.29 -99.52 179.08
N TYR E 1131 77.50 -99.67 178.55
CA TYR E 1131 78.70 -99.14 179.18
C TYR E 1131 79.09 -97.83 178.50
N ALA E 1132 79.21 -96.76 179.30
CA ALA E 1132 79.76 -95.51 178.81
C ALA E 1132 81.28 -95.56 178.87
N SER E 1133 81.94 -94.40 178.69
CA SER E 1133 83.39 -94.37 178.74
C SER E 1133 83.88 -94.70 180.14
N SER E 1134 84.15 -95.99 180.38
CA SER E 1134 84.66 -96.52 181.64
C SER E 1134 83.67 -96.37 182.79
N THR E 1135 82.44 -95.94 182.52
CA THR E 1135 81.42 -95.81 183.54
C THR E 1135 80.19 -96.61 183.15
N VAL E 1136 79.63 -97.34 184.12
CA VAL E 1136 78.45 -98.15 183.83
C VAL E 1136 77.23 -97.25 183.63
N GLY E 1137 76.26 -97.76 182.89
CA GLY E 1137 75.05 -97.02 182.60
C GLY E 1137 73.79 -97.75 183.00
N ALA E 1138 72.78 -97.72 182.13
CA ALA E 1138 71.51 -98.36 182.39
C ALA E 1138 71.48 -99.76 181.79
N ASN E 1139 70.33 -100.42 181.93
CA ASN E 1139 70.17 -101.76 181.38
C ASN E 1139 70.37 -101.75 179.87
N ALA E 1140 71.12 -102.71 179.35
CA ALA E 1140 71.33 -102.81 177.92
C ALA E 1140 70.06 -103.19 177.18
N LEU E 1141 69.12 -103.87 177.84
CA LEU E 1141 67.82 -104.12 177.24
C LEU E 1141 66.98 -102.85 177.16
N ALA E 1142 67.31 -101.84 177.96
CA ALA E 1142 66.66 -100.52 177.99
C ALA E 1142 65.28 -100.59 178.62
N VAL E 1143 64.81 -101.79 178.91
CA VAL E 1143 63.59 -102.01 179.69
C VAL E 1143 63.98 -101.97 181.16
N ALA E 1144 62.98 -101.98 182.05
CA ALA E 1144 63.24 -101.98 183.48
C ALA E 1144 63.98 -103.24 183.91
N ASP E 1145 64.31 -103.33 185.20
CA ASP E 1145 65.12 -104.42 185.73
C ASP E 1145 64.61 -105.77 185.26
N THR E 1146 65.43 -106.47 184.47
CA THR E 1146 65.11 -107.80 183.99
C THR E 1146 66.36 -108.66 184.06
N VAL E 1147 66.24 -109.83 184.67
CA VAL E 1147 67.34 -110.77 184.81
C VAL E 1147 67.07 -111.96 183.92
N THR E 1148 68.02 -112.28 183.05
CA THR E 1148 67.93 -113.49 182.23
C THR E 1148 68.26 -114.66 183.13
N SER E 1149 67.30 -114.99 184.00
CA SER E 1149 67.49 -116.05 185.00
C SER E 1149 67.65 -117.39 184.30
N LEU E 1150 68.86 -117.92 184.33
CA LEU E 1150 69.15 -119.17 183.63
C LEU E 1150 68.46 -120.34 184.34
N THR E 1151 68.39 -121.46 183.64
CA THR E 1151 67.75 -122.65 184.19
C THR E 1151 68.52 -123.15 185.41
N SER E 1152 67.77 -123.65 186.40
CA SER E 1152 68.38 -124.25 187.58
C SER E 1152 68.81 -125.67 187.25
N PHE E 1153 70.07 -125.99 187.55
CA PHE E 1153 70.66 -127.27 187.19
C PHE E 1153 71.31 -127.89 188.42
N THR E 1154 71.73 -129.15 188.25
CA THR E 1154 72.49 -129.89 189.25
C THR E 1154 73.75 -130.41 188.60
N THR E 1155 74.91 -130.03 189.15
CA THR E 1155 76.18 -130.43 188.57
C THR E 1155 76.47 -131.89 188.85
N GLN E 1156 76.89 -132.63 187.83
CA GLN E 1156 77.18 -134.05 187.93
C GLN E 1156 78.69 -134.28 187.88
N ALA E 1157 79.08 -135.53 188.15
CA ALA E 1157 80.49 -135.89 188.12
C ALA E 1157 81.01 -135.95 186.70
N ALA E 1158 82.25 -135.49 186.51
CA ALA E 1158 82.87 -135.47 185.19
C ALA E 1158 83.62 -136.78 184.96
N PRO E 1159 83.28 -137.55 183.93
CA PRO E 1159 84.01 -138.79 183.65
C PRO E 1159 85.43 -138.50 183.18
N THR E 1160 86.33 -139.45 183.45
CA THR E 1160 87.73 -139.35 183.08
C THR E 1160 88.03 -140.00 181.74
N PHE E 1161 87.02 -140.13 180.87
CA PHE E 1161 87.24 -140.67 179.55
C PHE E 1161 88.12 -139.74 178.72
N ILE E 1162 89.00 -140.32 177.91
CA ILE E 1162 89.97 -139.57 177.12
C ILE E 1162 89.76 -139.87 175.65
N THR E 1163 89.64 -138.82 174.85
CA THR E 1163 89.55 -138.96 173.39
C THR E 1163 90.96 -138.86 172.81
N GLY E 1164 91.45 -139.97 172.27
CA GLY E 1164 92.79 -140.00 171.73
C GLY E 1164 93.03 -141.18 170.80
N PRO E 1165 94.13 -141.14 170.08
CA PRO E 1165 94.45 -142.20 169.13
C PRO E 1165 95.02 -143.42 169.85
N THR E 1166 95.36 -144.44 169.07
CA THR E 1166 95.81 -145.70 169.63
C THR E 1166 97.11 -145.55 170.41
N ASN E 1167 97.21 -146.27 171.53
CA ASN E 1167 98.38 -146.25 172.37
C ASN E 1167 99.28 -147.43 172.03
N VAL E 1168 100.51 -147.15 171.63
CA VAL E 1168 101.46 -148.19 171.28
C VAL E 1168 101.97 -148.86 172.55
N PRO E 1169 101.84 -150.17 172.69
CA PRO E 1169 102.35 -150.85 173.89
C PRO E 1169 103.88 -150.79 173.95
N GLN E 1170 104.39 -150.79 175.18
CA GLN E 1170 105.83 -150.72 175.41
C GLN E 1170 106.43 -152.13 175.34
N ARG E 1171 107.71 -152.24 175.67
CA ARG E 1171 108.41 -153.53 175.64
C ARG E 1171 107.91 -154.40 176.78
N VAL E 1172 107.08 -155.39 176.45
CA VAL E 1172 106.53 -156.32 177.43
C VAL E 1172 106.84 -157.73 176.97
N PRO E 1173 107.23 -158.64 177.87
CA PRO E 1173 107.41 -160.04 177.45
C PRO E 1173 106.11 -160.61 176.91
N LEU E 1174 106.23 -161.38 175.83
CA LEU E 1174 105.08 -161.92 175.13
C LEU E 1174 105.35 -163.37 174.74
N PRO E 1175 104.32 -164.20 174.65
CA PRO E 1175 104.51 -165.57 174.18
C PRO E 1175 104.80 -165.59 172.69
N LYS E 1176 105.40 -166.70 172.24
CA LYS E 1176 105.73 -166.85 170.83
C LYS E 1176 104.45 -166.86 169.99
N GLY E 1177 104.47 -166.08 168.92
CA GLY E 1177 103.31 -165.93 168.05
C GLY E 1177 102.43 -164.75 168.37
N PHE E 1178 102.59 -164.13 169.53
CA PHE E 1178 101.81 -162.95 169.88
C PHE E 1178 102.30 -161.74 169.09
N ARG E 1179 101.36 -161.00 168.50
CA ARG E 1179 101.68 -159.81 167.71
C ARG E 1179 100.94 -158.61 168.30
N THR E 1180 101.69 -157.58 168.65
CA THR E 1180 101.09 -156.33 169.14
C THR E 1180 100.84 -155.32 168.03
N THR E 1181 101.47 -155.48 166.87
CA THR E 1181 101.28 -154.60 165.74
C THR E 1181 101.13 -155.44 164.47
N CYS E 1182 100.53 -154.84 163.46
CA CYS E 1182 100.28 -155.53 162.19
C CYS E 1182 100.84 -154.70 161.04
N PHE E 1183 101.18 -155.40 159.96
CA PHE E 1183 101.68 -154.74 158.77
C PHE E 1183 100.56 -153.95 158.08
N ASP E 1184 100.95 -153.12 157.12
CA ASP E 1184 99.97 -152.36 156.36
C ASP E 1184 99.08 -153.31 155.55
N GLY E 1185 97.78 -153.04 155.58
CA GLY E 1185 96.80 -153.91 154.97
C GLY E 1185 96.34 -155.06 155.84
N TYR E 1186 96.92 -155.21 157.03
CA TYR E 1186 96.55 -156.26 157.97
C TYR E 1186 96.05 -155.63 159.26
N GLU E 1187 94.94 -156.14 159.79
CA GLU E 1187 94.37 -155.67 161.03
C GLU E 1187 94.66 -156.67 162.15
N LEU E 1188 94.57 -156.18 163.38
CA LEU E 1188 94.82 -157.02 164.54
C LEU E 1188 93.60 -157.84 164.90
N ILE E 1189 93.83 -159.11 165.24
CA ILE E 1189 92.76 -160.02 165.66
C ILE E 1189 93.22 -160.74 166.92
N PHE E 1190 92.24 -161.15 167.73
CA PHE E 1190 92.49 -161.81 169.01
C PHE E 1190 91.87 -163.21 168.95
N SER E 1191 92.70 -164.21 168.66
CA SER E 1191 92.20 -165.57 168.56
C SER E 1191 93.35 -166.55 168.83
N ASN E 1192 92.97 -167.77 169.20
CA ASN E 1192 93.93 -168.84 169.47
C ASN E 1192 94.23 -169.68 168.24
N ASP E 1193 93.53 -169.45 167.13
CA ASP E 1193 93.77 -170.21 165.91
C ASP E 1193 95.05 -169.72 165.23
N ASN E 1194 95.37 -170.32 164.10
CA ASN E 1194 96.56 -169.98 163.34
C ASN E 1194 96.19 -169.11 162.15
N TYR E 1195 96.85 -167.95 162.04
CA TYR E 1195 96.60 -167.00 160.97
C TYR E 1195 97.95 -166.56 160.39
N THR E 1196 98.34 -167.17 159.27
CA THR E 1196 99.55 -166.81 158.55
C THR E 1196 99.17 -166.22 157.20
N ASN E 1197 99.89 -165.17 156.80
CA ASN E 1197 99.66 -164.47 155.53
C ASN E 1197 98.25 -163.91 155.45
N GLY E 1198 97.65 -163.60 156.61
CA GLY E 1198 96.35 -162.98 156.66
C GLY E 1198 95.18 -163.92 156.50
N VAL E 1199 95.41 -165.23 156.43
CA VAL E 1199 94.33 -166.20 156.27
C VAL E 1199 94.48 -167.30 157.31
N ARG E 1200 93.36 -167.94 157.63
CA ARG E 1200 93.36 -169.02 158.61
C ARG E 1200 93.95 -170.28 158.01
N VAL E 1201 94.88 -170.90 158.75
CA VAL E 1201 95.51 -172.14 158.30
C VAL E 1201 95.33 -173.28 159.29
N ALA E 1202 95.03 -173.02 160.55
CA ALA E 1202 94.82 -174.08 161.53
C ALA E 1202 93.89 -173.56 162.61
N VAL E 1203 93.27 -174.50 163.33
CA VAL E 1203 92.28 -174.21 164.36
C VAL E 1203 92.85 -174.59 165.71
N ASP E 1204 92.79 -173.66 166.66
CA ASP E 1204 93.25 -173.88 168.04
C ASP E 1204 94.72 -174.29 168.07
N ALA E 1205 95.55 -173.46 167.44
CA ALA E 1205 96.99 -173.72 167.40
C ALA E 1205 97.71 -173.20 168.65
N TYR E 1206 97.02 -172.52 169.55
CA TYR E 1206 97.62 -172.00 170.76
C TYR E 1206 96.73 -172.31 171.95
N PRO E 1207 97.33 -172.54 173.13
CA PRO E 1207 96.52 -172.78 174.33
C PRO E 1207 95.62 -171.62 174.71
N TYR E 1208 96.03 -170.39 174.42
CA TYR E 1208 95.26 -169.21 174.75
C TYR E 1208 95.16 -168.29 173.54
N PRO E 1209 94.09 -167.52 173.42
CA PRO E 1209 93.99 -166.57 172.32
C PRO E 1209 95.13 -165.55 172.36
N VAL E 1210 95.65 -165.23 171.17
CA VAL E 1210 96.78 -164.32 171.02
C VAL E 1210 96.48 -163.34 169.89
N GLY E 1211 97.36 -162.36 169.74
CA GLY E 1211 97.23 -161.36 168.69
C GLY E 1211 97.84 -161.81 167.37
N GLN E 1212 97.03 -161.77 166.32
CA GLN E 1212 97.46 -162.17 164.98
C GLN E 1212 97.09 -161.08 163.99
N CYS E 1213 97.57 -161.24 162.75
CA CYS E 1213 97.32 -160.30 161.67
C CYS E 1213 96.38 -160.94 160.65
N ARG E 1214 95.30 -160.24 160.33
CA ARG E 1214 94.28 -160.73 159.42
C ARG E 1214 94.15 -159.78 158.24
N LYS E 1215 94.00 -160.36 157.05
CA LYS E 1215 93.86 -159.56 155.84
C LYS E 1215 92.52 -158.85 155.84
N CYS E 1216 92.54 -157.55 155.57
CA CYS E 1216 91.31 -156.79 155.46
C CYS E 1216 90.49 -157.31 154.28
N PRO E 1217 89.17 -157.43 154.43
CA PRO E 1217 88.35 -157.89 153.30
C PRO E 1217 88.41 -156.91 152.14
N GLY E 1218 88.27 -157.45 150.92
CA GLY E 1218 88.42 -156.67 149.73
C GLY E 1218 87.48 -155.49 149.64
N GLY E 1219 88.04 -154.28 149.81
CA GLY E 1219 87.23 -153.08 149.82
C GLY E 1219 87.54 -152.20 151.02
N THR E 1220 88.38 -152.71 151.93
CA THR E 1220 88.76 -152.00 153.13
C THR E 1220 90.25 -151.66 153.08
N ALA E 1221 90.59 -150.49 153.59
CA ALA E 1221 91.96 -150.00 153.60
C ALA E 1221 92.47 -149.91 155.03
N THR E 1222 93.77 -150.15 155.19
CA THR E 1222 94.39 -150.15 156.51
C THR E 1222 95.83 -149.68 156.39
N MET E 1223 96.14 -148.56 157.05
CA MET E 1223 97.50 -148.04 157.08
C MET E 1223 98.18 -148.16 158.43
N ASP E 1224 97.41 -148.35 159.51
CA ASP E 1224 97.96 -148.43 160.85
C ASP E 1224 97.97 -149.83 161.43
N GLY E 1225 97.09 -150.72 160.97
CA GLY E 1225 97.07 -152.09 161.43
C GLY E 1225 96.07 -152.41 162.51
N TYR E 1226 95.18 -151.49 162.87
CA TYR E 1226 94.23 -151.70 163.95
C TYR E 1226 92.78 -151.71 163.49
N ARG E 1227 92.50 -151.32 162.24
CA ARG E 1227 91.12 -151.30 161.76
C ARG E 1227 91.11 -151.46 160.25
N CYS E 1228 90.05 -152.07 159.75
CA CYS E 1228 89.84 -152.22 158.31
C CYS E 1228 88.88 -151.14 157.85
N ILE E 1229 89.43 -149.96 157.59
CA ILE E 1229 88.62 -148.80 157.24
C ILE E 1229 87.95 -149.04 155.89
N PRO E 1230 86.62 -148.91 155.79
CA PRO E 1230 85.98 -149.07 154.48
C PRO E 1230 86.33 -147.91 153.56
N CYS E 1231 86.53 -148.25 152.29
CA CYS E 1231 86.88 -147.22 151.31
C CYS E 1231 85.69 -146.29 151.07
N PRO E 1232 85.94 -144.99 150.93
CA PRO E 1232 84.85 -144.06 150.64
C PRO E 1232 84.37 -144.20 149.21
N SER E 1233 83.25 -143.57 148.93
CA SER E 1233 82.68 -143.59 147.58
C SER E 1233 83.65 -142.94 146.60
N GLY E 1234 83.76 -143.54 145.41
CA GLY E 1234 84.71 -143.09 144.41
C GLY E 1234 86.08 -143.73 144.50
N TYR E 1235 86.31 -144.63 145.45
CA TYR E 1235 87.58 -145.33 145.58
C TYR E 1235 87.33 -146.83 145.68
N TRP E 1236 88.34 -147.62 145.33
CA TRP E 1236 88.24 -149.07 145.38
C TRP E 1236 89.53 -149.64 145.95
N SER E 1237 89.43 -150.84 146.50
CA SER E 1237 90.59 -151.52 147.07
C SER E 1237 90.36 -153.02 147.04
N ASN E 1238 91.45 -153.78 146.91
CA ASN E 1238 91.42 -155.22 146.92
C ASN E 1238 91.63 -155.74 148.35
N GLU E 1239 91.84 -157.05 148.48
CA GLU E 1239 91.94 -157.67 149.80
C GLU E 1239 93.12 -157.09 150.59
N GLY E 1240 94.33 -157.30 150.12
CA GLY E 1240 95.51 -156.84 150.83
C GLY E 1240 95.92 -155.44 150.45
N ALA E 1241 95.02 -154.48 150.63
CA ALA E 1241 95.25 -153.10 150.22
C ALA E 1241 95.50 -152.23 151.44
N ARG E 1242 96.60 -151.47 151.40
CA ARG E 1242 96.91 -150.52 152.46
C ARG E 1242 96.20 -149.18 152.28
N GLU E 1243 95.66 -148.91 151.09
CA GLU E 1243 94.92 -147.68 150.84
C GLU E 1243 94.05 -147.89 149.61
N CYS E 1244 93.07 -147.00 149.45
CA CYS E 1244 92.13 -147.08 148.34
C CYS E 1244 92.64 -146.31 147.13
N THR E 1245 92.20 -146.75 145.95
CA THR E 1245 92.49 -146.06 144.70
C THR E 1245 91.17 -145.77 143.98
N ALA E 1246 91.16 -144.66 143.24
CA ALA E 1246 89.94 -144.18 142.61
C ALA E 1246 89.66 -144.90 141.30
N CYS E 1247 88.37 -144.94 140.94
CA CYS E 1247 87.96 -145.45 139.64
C CYS E 1247 88.36 -144.46 138.55
N PRO E 1248 88.52 -144.94 137.31
CA PRO E 1248 88.87 -144.01 136.22
C PRO E 1248 87.79 -142.97 135.99
N ALA E 1249 88.21 -141.81 135.48
CA ALA E 1249 87.30 -140.70 135.27
C ALA E 1249 86.20 -141.08 134.27
N GLY E 1250 85.00 -140.56 134.50
CA GLY E 1250 83.83 -140.93 133.73
C GLY E 1250 83.06 -142.09 134.29
N THR E 1251 83.65 -142.84 135.22
CA THR E 1251 83.00 -143.96 135.88
C THR E 1251 82.98 -143.72 137.39
N ILE E 1252 82.03 -144.36 138.06
CA ILE E 1252 81.88 -144.19 139.50
C ILE E 1252 82.03 -145.56 140.17
N ALA E 1253 82.40 -145.51 141.45
CA ALA E 1253 82.61 -146.73 142.23
C ALA E 1253 81.27 -147.15 142.84
N LYS E 1254 80.75 -148.29 142.39
CA LYS E 1254 79.49 -148.80 142.92
C LYS E 1254 79.77 -149.73 144.09
N PRO E 1255 79.31 -149.41 145.30
CA PRO E 1255 79.56 -150.30 146.44
C PRO E 1255 78.60 -151.48 146.43
N ALA E 1256 79.15 -152.69 146.46
CA ALA E 1256 78.35 -153.90 146.44
C ALA E 1256 77.59 -154.06 147.75
N ALA E 1257 76.44 -154.72 147.66
CA ALA E 1257 75.63 -155.01 148.84
C ALA E 1257 76.18 -156.22 149.57
N LEU E 1258 76.39 -156.07 150.88
CA LEU E 1258 76.83 -157.17 151.73
C LEU E 1258 75.64 -157.75 152.48
N THR E 1259 75.56 -159.07 152.52
CA THR E 1259 74.53 -159.80 153.24
C THR E 1259 75.09 -160.23 154.60
N ALA E 1260 74.40 -159.84 155.66
CA ALA E 1260 74.85 -160.18 157.01
C ALA E 1260 74.76 -161.69 157.25
N ARG E 1261 75.70 -162.20 158.07
CA ARG E 1261 75.74 -163.62 158.37
C ARG E 1261 74.48 -164.05 159.10
N ALA E 1262 73.95 -165.21 158.72
CA ALA E 1262 72.70 -165.70 159.31
C ALA E 1262 72.86 -166.01 160.79
N LYS E 1263 73.96 -166.65 161.16
CA LYS E 1263 74.19 -167.07 162.54
C LYS E 1263 75.54 -166.54 163.03
N TYR E 1264 75.65 -166.41 164.35
CA TYR E 1264 76.84 -165.84 164.98
C TYR E 1264 78.01 -166.81 165.03
N SER E 1265 77.89 -168.00 164.43
CA SER E 1265 78.96 -168.99 164.43
C SER E 1265 79.69 -169.04 163.09
N ILE E 1266 79.53 -168.02 162.26
CA ILE E 1266 80.17 -167.95 160.95
C ILE E 1266 81.07 -166.71 160.92
N ASP E 1267 82.24 -166.86 160.30
CA ASP E 1267 83.21 -165.78 160.22
C ASP E 1267 82.63 -164.60 159.44
N PRO E 1268 82.59 -163.40 160.00
CA PRO E 1268 82.13 -162.23 159.26
C PRO E 1268 83.29 -161.51 158.58
N THR E 1269 82.93 -160.60 157.68
CA THR E 1269 83.91 -159.83 156.92
C THR E 1269 84.26 -158.51 157.59
N THR E 1270 83.27 -157.67 157.86
CA THR E 1270 83.51 -156.37 158.46
C THR E 1270 82.62 -156.16 159.68
N TYR E 1271 82.61 -154.93 160.20
CA TYR E 1271 81.79 -154.61 161.36
C TYR E 1271 80.31 -154.59 160.97
N HIS E 1272 79.45 -154.52 161.99
CA HIS E 1272 78.02 -154.58 161.75
C HIS E 1272 77.51 -153.35 161.00
N PHE E 1273 78.03 -152.17 161.33
CA PHE E 1273 77.51 -150.94 160.75
C PHE E 1273 77.88 -150.77 159.29
N VAL E 1274 78.76 -151.60 158.75
CA VAL E 1274 79.14 -151.53 157.34
C VAL E 1274 78.21 -152.43 156.54
N THR E 1275 77.57 -151.87 155.52
CA THR E 1275 76.66 -152.61 154.66
C THR E 1275 77.04 -152.60 153.19
N HIS E 1276 77.92 -151.70 152.76
CA HIS E 1276 78.36 -151.63 151.38
C HIS E 1276 79.86 -151.46 151.32
N LEU E 1277 80.49 -152.11 150.33
CA LEU E 1277 81.93 -152.13 150.20
C LEU E 1277 82.31 -152.09 148.72
N ALA E 1278 83.42 -151.43 148.42
CA ALA E 1278 83.86 -151.23 147.05
C ALA E 1278 84.88 -152.32 146.68
N MET E 1279 84.48 -153.23 145.81
CA MET E 1279 85.33 -154.34 145.42
C MET E 1279 86.39 -153.87 144.42
N GLY E 1280 87.06 -154.81 143.75
CA GLY E 1280 88.17 -154.50 142.89
C GLY E 1280 87.78 -153.77 141.62
N PRO E 1281 88.57 -153.95 140.56
CA PRO E 1281 88.34 -153.18 139.33
C PRO E 1281 86.98 -153.39 138.71
N GLU E 1282 86.32 -154.51 138.98
CA GLU E 1282 84.97 -154.74 138.46
C GLU E 1282 83.93 -153.83 139.13
N SER E 1283 84.30 -153.15 140.22
CA SER E 1283 83.36 -152.26 140.91
C SER E 1283 83.24 -150.90 140.24
N CYS E 1284 84.08 -150.59 139.26
CA CYS E 1284 83.97 -149.34 138.52
C CYS E 1284 82.88 -149.49 137.47
N LYS E 1285 81.79 -148.73 137.62
CA LYS E 1285 80.65 -148.81 136.73
C LYS E 1285 80.53 -147.53 135.92
N LYS E 1286 80.09 -147.68 134.67
CA LYS E 1286 80.12 -146.59 133.70
C LYS E 1286 78.86 -145.75 133.79
N CYS E 1287 79.04 -144.42 133.79
CA CYS E 1287 77.90 -143.53 133.73
C CYS E 1287 77.15 -143.74 132.42
N PRO E 1288 75.83 -143.66 132.43
CA PRO E 1288 75.05 -143.94 131.21
C PRO E 1288 75.18 -142.81 130.21
N LYS E 1289 74.66 -143.07 129.00
CA LYS E 1289 74.61 -142.04 127.97
C LYS E 1289 73.75 -140.88 128.43
N GLY E 1290 74.27 -139.67 128.30
CA GLY E 1290 73.60 -138.49 128.79
C GLY E 1290 74.11 -137.97 130.12
N TYR E 1291 74.88 -138.78 130.85
CA TYR E 1291 75.50 -138.36 132.10
C TYR E 1291 77.01 -138.36 131.95
N PHE E 1292 77.68 -137.46 132.66
CA PHE E 1292 79.12 -137.31 132.56
C PHE E 1292 79.70 -137.05 133.94
N GLN E 1293 80.99 -137.40 134.09
CA GLN E 1293 81.74 -137.21 135.32
C GLN E 1293 83.20 -136.92 134.98
N PRO E 1294 83.68 -135.70 135.23
CA PRO E 1294 85.02 -135.33 134.78
C PRO E 1294 86.14 -135.81 135.71
N ASN E 1295 85.87 -135.85 137.01
CA ASN E 1295 86.93 -136.07 138.00
C ASN E 1295 87.50 -137.47 137.91
N ILE E 1296 88.81 -137.57 138.12
CA ILE E 1296 89.44 -138.88 138.25
C ILE E 1296 89.06 -139.54 139.56
N ALA E 1297 88.62 -138.76 140.55
CA ALA E 1297 88.05 -139.28 141.79
C ALA E 1297 86.67 -138.65 141.93
N GLY E 1298 85.68 -139.26 141.29
CA GLY E 1298 84.33 -138.73 141.29
C GLY E 1298 83.35 -139.60 142.04
N THR E 1299 82.17 -139.07 142.33
CA THR E 1299 81.18 -139.79 143.13
C THR E 1299 79.88 -140.04 142.39
N VAL E 1300 79.30 -139.01 141.76
CA VAL E 1300 77.96 -139.09 141.20
C VAL E 1300 78.01 -138.68 139.73
N CYS E 1301 77.27 -139.41 138.90
CA CYS E 1301 77.08 -138.99 137.52
C CYS E 1301 76.28 -137.70 137.48
N LEU E 1302 76.63 -136.82 136.54
CA LEU E 1302 75.91 -135.55 136.44
C LEU E 1302 75.20 -135.45 135.11
N PRO E 1303 73.98 -134.90 135.08
CA PRO E 1303 73.27 -134.75 133.81
C PRO E 1303 73.94 -133.71 132.94
N CYS E 1304 73.93 -133.96 131.63
CA CYS E 1304 74.57 -133.05 130.69
C CYS E 1304 73.84 -131.71 130.68
N PRO E 1305 74.57 -130.60 130.51
CA PRO E 1305 73.92 -129.30 130.47
C PRO E 1305 72.98 -129.18 129.27
N SER E 1306 71.96 -128.34 129.42
CA SER E 1306 70.98 -128.16 128.35
C SER E 1306 71.67 -127.70 127.08
N GLY E 1307 71.50 -128.49 126.01
CA GLY E 1307 72.17 -128.22 124.76
C GLY E 1307 73.42 -129.06 124.53
N PHE E 1308 73.90 -129.77 125.54
CA PHE E 1308 75.12 -130.56 125.45
C PHE E 1308 74.80 -132.04 125.53
N VAL E 1309 75.49 -132.84 124.72
CA VAL E 1309 75.35 -134.29 124.72
C VAL E 1309 76.72 -134.90 124.99
N SER E 1310 76.72 -136.20 125.26
CA SER E 1310 77.96 -136.90 125.57
C SER E 1310 77.84 -138.36 125.17
N THR E 1311 79.00 -139.00 125.01
CA THR E 1311 79.07 -140.42 124.76
C THR E 1311 79.06 -141.16 126.09
N SER E 1312 79.20 -142.50 126.04
CA SER E 1312 79.16 -143.28 127.26
C SER E 1312 80.42 -143.14 128.09
N GLY E 1313 81.50 -142.59 127.50
CA GLY E 1313 82.72 -142.36 128.27
C GLY E 1313 82.52 -141.43 129.44
N ALA E 1314 81.62 -140.45 129.29
CA ALA E 1314 81.20 -139.56 130.38
C ALA E 1314 82.34 -138.70 130.90
N THR E 1315 83.21 -138.22 130.01
CA THR E 1315 84.29 -137.34 130.39
C THR E 1315 84.06 -135.89 129.95
N GLY E 1316 83.60 -135.68 128.72
CA GLY E 1316 83.37 -134.34 128.21
C GLY E 1316 82.00 -134.22 127.57
N CYS E 1317 81.56 -132.99 127.39
CA CYS E 1317 80.26 -132.68 126.81
C CYS E 1317 80.45 -131.95 125.48
N THR E 1318 79.76 -132.43 124.45
CA THR E 1318 79.74 -131.79 123.15
C THR E 1318 78.35 -131.21 122.90
N ALA E 1319 78.29 -129.93 122.56
CA ALA E 1319 77.01 -129.27 122.36
C ALA E 1319 76.38 -129.69 121.04
N CYS E 1320 75.06 -129.53 120.96
CA CYS E 1320 74.36 -129.72 119.70
C CYS E 1320 74.68 -128.57 118.75
N SER E 1321 74.82 -128.89 117.46
CA SER E 1321 75.38 -127.97 116.49
C SER E 1321 74.37 -126.91 116.08
N GLU E 1322 74.81 -126.01 115.20
CA GLU E 1322 73.94 -124.99 114.65
C GLU E 1322 72.86 -125.63 113.79
N GLY E 1323 71.63 -125.13 113.92
CA GLY E 1323 70.51 -125.70 113.21
C GLY E 1323 69.98 -126.98 113.81
N THR E 1324 70.51 -127.40 114.96
CA THR E 1324 70.03 -128.58 115.66
C THR E 1324 69.88 -128.24 117.13
N TYR E 1325 68.89 -128.85 117.77
CA TYR E 1325 68.57 -128.57 119.16
C TYR E 1325 68.54 -129.87 119.97
N HIS E 1326 68.78 -129.72 121.27
CA HIS E 1326 68.94 -130.85 122.17
C HIS E 1326 67.58 -131.34 122.66
N THR E 1327 67.23 -132.56 122.28
CA THR E 1327 65.96 -133.17 122.66
C THR E 1327 66.09 -134.69 122.53
N ASP E 1328 64.96 -135.38 122.52
CA ASP E 1328 64.93 -136.83 122.45
C ASP E 1328 64.89 -137.29 120.99
N GLY E 1329 65.82 -138.17 120.63
CA GLY E 1329 65.84 -138.74 119.30
C GLY E 1329 65.15 -140.09 119.20
N VAL E 1330 63.86 -140.15 119.53
CA VAL E 1330 63.16 -141.42 119.55
C VAL E 1330 63.03 -142.00 118.15
N GLY E 1331 62.56 -141.18 117.20
CA GLY E 1331 62.29 -141.64 115.85
C GLY E 1331 63.40 -141.46 114.85
N THR E 1332 64.59 -141.05 115.28
CA THR E 1332 65.67 -140.76 114.34
C THR E 1332 66.37 -142.06 113.92
N THR E 1333 67.41 -141.91 113.10
CA THR E 1333 68.21 -143.06 112.70
C THR E 1333 69.11 -143.52 113.85
N THR E 1334 69.69 -142.58 114.58
CA THR E 1334 70.62 -142.88 115.67
C THR E 1334 70.07 -142.38 116.99
N PRO E 1335 69.38 -143.21 117.76
CA PRO E 1335 68.86 -142.78 119.06
C PRO E 1335 69.95 -142.82 120.12
N GLY E 1336 70.36 -141.64 120.59
CA GLY E 1336 71.42 -141.54 121.57
C GLY E 1336 71.01 -141.81 123.00
N GLU E 1337 69.75 -142.16 123.23
CA GLU E 1337 69.28 -142.46 124.58
C GLU E 1337 70.01 -143.66 125.16
N ALA E 1338 70.34 -143.57 126.45
CA ALA E 1338 70.91 -144.71 127.15
C ALA E 1338 69.87 -145.81 127.32
N THR E 1339 70.25 -147.03 126.98
CA THR E 1339 69.32 -148.14 127.11
C THR E 1339 69.05 -148.44 128.58
N SER E 1340 67.95 -149.15 128.82
CA SER E 1340 67.55 -149.46 130.19
C SER E 1340 68.57 -150.35 130.89
N LEU E 1341 69.34 -151.13 130.12
CA LEU E 1341 70.35 -151.99 130.73
C LEU E 1341 71.50 -151.18 131.31
N ASP E 1342 71.75 -149.98 130.78
CA ASP E 1342 72.81 -149.15 131.32
C ASP E 1342 72.39 -148.47 132.61
N THR E 1343 71.12 -148.08 132.72
CA THR E 1343 70.65 -147.32 133.89
C THR E 1343 70.05 -148.23 134.96
N THR E 1344 68.97 -148.94 134.63
CA THR E 1344 68.26 -149.72 135.64
C THR E 1344 69.08 -150.89 136.14
N ASP E 1345 69.74 -151.61 135.23
CA ASP E 1345 70.50 -152.79 135.62
C ASP E 1345 71.70 -152.42 136.49
N THR E 1346 72.39 -151.34 136.13
CA THR E 1346 73.65 -151.00 136.80
C THR E 1346 73.43 -150.06 137.99
N PHE E 1347 72.86 -148.89 137.75
CA PHE E 1347 72.75 -147.86 138.78
C PHE E 1347 71.43 -147.91 139.53
N GLY E 1348 70.59 -148.93 139.28
CA GLY E 1348 69.36 -149.09 140.01
C GLY E 1348 68.26 -148.15 139.54
N SER E 1349 67.94 -147.15 140.36
CA SER E 1349 66.89 -146.19 140.02
C SER E 1349 67.30 -144.77 140.39
N ILE E 1350 68.61 -144.50 140.46
CA ILE E 1350 69.08 -143.17 140.84
C ILE E 1350 69.32 -142.29 139.62
N TYR E 1351 69.67 -142.86 138.47
CA TYR E 1351 69.97 -142.11 137.26
C TYR E 1351 69.09 -142.64 136.13
N PRO E 1352 67.94 -142.03 135.90
CA PRO E 1352 67.04 -142.52 134.85
C PRO E 1352 67.51 -142.07 133.47
N ILE E 1353 66.81 -142.59 132.45
CA ILE E 1353 67.14 -142.26 131.07
C ILE E 1353 66.72 -140.84 130.76
N ILE E 1354 67.62 -140.07 130.16
CA ILE E 1354 67.38 -138.65 129.89
C ILE E 1354 67.67 -138.37 128.42
N PRO E 1355 66.98 -137.40 127.81
CA PRO E 1355 67.18 -137.17 126.37
C PRO E 1355 68.50 -136.48 126.08
N ASN E 1356 69.28 -137.07 125.18
CA ASN E 1356 70.63 -136.59 124.88
C ASN E 1356 70.92 -136.67 123.39
N THR E 1357 69.97 -136.22 122.57
CA THR E 1357 70.12 -136.27 121.12
C THR E 1357 70.02 -134.87 120.54
N CYS E 1358 70.57 -134.72 119.33
CA CYS E 1358 70.44 -133.50 118.54
C CYS E 1358 69.45 -133.75 117.41
N ARG E 1359 68.49 -132.84 117.25
CA ARG E 1359 67.45 -132.96 116.25
C ARG E 1359 67.50 -131.74 115.33
N GLN E 1360 67.31 -131.98 114.03
CA GLN E 1360 67.34 -130.89 113.06
C GLN E 1360 66.06 -130.07 113.14
N CYS E 1361 66.19 -128.76 112.94
CA CYS E 1361 65.03 -127.89 112.92
C CYS E 1361 64.16 -128.18 111.70
N PRO E 1362 62.84 -127.95 111.80
CA PRO E 1362 61.97 -128.23 110.64
C PRO E 1362 62.19 -127.25 109.51
N ALA E 1363 61.44 -127.43 108.41
CA ALA E 1363 61.54 -126.54 107.28
C ALA E 1363 61.06 -125.14 107.64
N ASN E 1364 61.63 -124.15 106.97
CA ASN E 1364 61.30 -122.74 107.16
C ASN E 1364 61.63 -122.25 108.56
N THR E 1365 62.50 -122.95 109.27
CA THR E 1365 62.96 -122.53 110.59
C THR E 1365 64.47 -122.63 110.64
N TYR E 1366 65.09 -121.72 111.41
CA TYR E 1366 66.53 -121.63 111.49
C TYR E 1366 66.94 -121.43 112.95
N LEU E 1367 68.15 -121.88 113.27
CA LEU E 1367 68.71 -121.78 114.61
C LEU E 1367 70.07 -121.11 114.54
N PRO E 1368 70.22 -119.88 115.05
CA PRO E 1368 71.50 -119.19 115.00
C PRO E 1368 72.37 -119.33 116.24
N LEU E 1369 71.90 -119.97 117.29
CA LEU E 1369 72.63 -120.09 118.54
C LEU E 1369 73.08 -121.53 118.76
N ARG E 1370 74.29 -121.68 119.28
CA ARG E 1370 74.91 -122.98 119.51
C ARG E 1370 74.60 -123.47 120.93
N GLY E 1371 74.32 -124.76 121.05
CA GLY E 1371 74.02 -125.35 122.34
C GLY E 1371 72.67 -124.96 122.89
N GLN E 1372 71.60 -125.40 122.22
CA GLN E 1372 70.24 -125.06 122.61
C GLN E 1372 69.42 -126.34 122.72
N ALA E 1373 68.40 -126.29 123.59
CA ALA E 1373 67.61 -127.47 123.91
C ALA E 1373 66.13 -127.13 123.90
N ALA E 1374 65.31 -128.15 123.68
CA ALA E 1374 63.86 -127.99 123.72
C ALA E 1374 63.38 -127.86 125.16
N ILE E 1375 62.57 -126.84 125.41
CA ILE E 1375 62.08 -126.58 126.77
C ILE E 1375 61.00 -127.58 127.12
N ALA E 1376 61.11 -128.18 128.30
CA ALA E 1376 60.17 -129.20 128.72
C ALA E 1376 58.93 -128.58 129.34
N SER E 1377 57.89 -129.40 129.50
CA SER E 1377 56.62 -128.97 130.08
C SER E 1377 56.14 -130.06 131.03
N MET E 1378 56.39 -129.88 132.33
CA MET E 1378 55.96 -130.86 133.32
C MET E 1378 54.44 -130.90 133.43
N ASN E 1379 53.80 -129.73 133.43
CA ASN E 1379 52.34 -129.64 133.49
C ASN E 1379 51.80 -129.60 132.06
N LEU E 1380 51.68 -130.79 131.48
CA LEU E 1380 51.43 -130.92 130.05
C LEU E 1380 50.03 -130.44 129.66
N ALA E 1381 49.09 -130.36 130.60
CA ALA E 1381 47.75 -129.90 130.26
C ALA E 1381 47.72 -128.40 130.04
N ALA E 1382 48.53 -127.64 130.79
CA ALA E 1382 48.51 -126.20 130.69
C ALA E 1382 49.38 -125.69 129.54
N VAL E 1383 50.65 -126.09 129.53
CA VAL E 1383 51.61 -125.63 128.54
C VAL E 1383 52.21 -126.85 127.85
N SER E 1384 52.32 -126.78 126.53
CA SER E 1384 52.93 -127.85 125.75
C SER E 1384 54.43 -127.64 125.62
N SER E 1385 55.12 -128.72 125.23
CA SER E 1385 56.56 -128.67 125.08
C SER E 1385 56.95 -127.80 123.90
N ALA E 1386 57.89 -126.89 124.10
CA ALA E 1386 58.28 -125.90 123.10
C ALA E 1386 59.69 -126.17 122.59
N THR E 1387 59.89 -125.90 121.30
CA THR E 1387 61.20 -126.03 120.66
C THR E 1387 61.65 -124.65 120.19
N PRO E 1388 62.89 -124.25 120.48
CA PRO E 1388 63.36 -122.90 120.17
C PRO E 1388 63.83 -122.74 118.72
N CYS E 1389 63.00 -123.16 117.78
CA CYS E 1389 63.29 -123.02 116.35
C CYS E 1389 62.73 -121.69 115.89
N ARG E 1390 63.60 -120.70 115.70
CA ARG E 1390 63.16 -119.41 115.20
C ARG E 1390 62.66 -119.54 113.76
N PRO E 1391 61.56 -118.89 113.41
CA PRO E 1391 61.08 -118.93 112.02
C PRO E 1391 61.76 -117.85 111.17
N CYS E 1392 62.01 -118.20 109.92
CA CYS E 1392 62.63 -117.26 109.00
C CYS E 1392 61.69 -116.09 108.75
N GLU E 1393 62.26 -114.89 108.65
CA GLU E 1393 61.46 -113.69 108.42
C GLU E 1393 60.76 -113.76 107.06
N ASP E 1394 59.84 -112.82 106.85
CA ASP E 1394 59.16 -112.74 105.57
C ASP E 1394 60.16 -112.36 104.48
N GLY E 1395 60.07 -113.05 103.35
CA GLY E 1395 61.04 -112.91 102.29
C GLY E 1395 62.18 -113.91 102.33
N THR E 1396 62.21 -114.77 103.33
CA THR E 1396 63.24 -115.80 103.45
C THR E 1396 62.60 -117.13 103.78
N TRP E 1397 63.19 -118.21 103.26
CA TRP E 1397 62.57 -119.53 103.41
C TRP E 1397 63.41 -120.50 104.24
N SER E 1398 64.65 -120.78 103.83
CA SER E 1398 65.47 -121.86 104.41
C SER E 1398 64.87 -123.23 104.10
N LYS E 1399 65.71 -124.26 103.97
CA LYS E 1399 65.24 -125.56 103.46
C LYS E 1399 64.83 -126.52 104.57
N ALA E 1400 65.80 -126.96 105.37
CA ALA E 1400 65.54 -127.91 106.44
C ALA E 1400 66.74 -128.07 107.36
N GLY E 1401 66.55 -127.84 108.66
CA GLY E 1401 67.64 -128.00 109.61
C GLY E 1401 68.84 -127.15 109.30
N ALA E 1402 68.63 -125.92 108.85
CA ALA E 1402 69.71 -125.03 108.46
C ALA E 1402 69.90 -123.95 109.53
N ALA E 1403 71.09 -123.36 109.51
CA ALA E 1403 71.46 -122.34 110.49
C ALA E 1403 71.20 -120.92 110.01
N GLY E 1404 70.60 -120.75 108.82
CA GLY E 1404 70.34 -119.43 108.30
C GLY E 1404 69.13 -119.45 107.38
N CYS E 1405 68.84 -118.28 106.81
CA CYS E 1405 67.73 -118.11 105.89
C CYS E 1405 68.24 -117.51 104.58
N GLN E 1406 67.65 -117.93 103.47
CA GLN E 1406 67.98 -117.40 102.16
C GLN E 1406 66.77 -116.64 101.60
N LYS E 1407 67.06 -115.59 100.83
CA LYS E 1407 66.01 -114.77 100.26
C LYS E 1407 65.28 -115.53 99.15
N CYS E 1408 64.03 -115.13 98.92
CA CYS E 1408 63.22 -115.75 97.89
C CYS E 1408 63.71 -115.33 96.50
N PRO E 1409 63.43 -116.13 95.48
CA PRO E 1409 63.80 -115.75 94.11
C PRO E 1409 63.04 -114.50 93.68
N PRO E 1410 63.57 -113.73 92.70
CA PRO E 1410 62.91 -112.49 92.27
C PRO E 1410 61.75 -112.72 91.33
N GLY E 1411 60.88 -113.67 91.67
CA GLY E 1411 59.61 -113.84 91.02
C GLY E 1411 58.57 -114.32 92.00
N THR E 1412 58.93 -114.36 93.28
CA THR E 1412 58.11 -114.98 94.31
C THR E 1412 58.19 -114.16 95.59
N TYR E 1413 57.37 -114.55 96.57
CA TYR E 1413 57.35 -113.91 97.88
C TYR E 1413 56.86 -114.92 98.92
N ARG E 1414 57.12 -114.60 100.19
CA ARG E 1414 56.71 -115.46 101.29
C ARG E 1414 56.28 -114.58 102.45
N ASN E 1415 55.03 -114.70 102.88
CA ASN E 1415 54.48 -113.90 103.96
C ASN E 1415 53.85 -114.81 105.00
N THR E 1416 53.89 -114.37 106.25
CA THR E 1416 53.37 -115.14 107.37
C THR E 1416 51.87 -115.04 107.55
N TRP E 1417 51.22 -114.07 106.90
CA TRP E 1417 49.79 -113.83 107.05
C TRP E 1417 48.98 -114.33 105.86
N PHE E 1418 49.40 -113.96 104.64
CA PHE E 1418 48.73 -114.39 103.44
C PHE E 1418 49.73 -115.02 102.49
N SER E 1419 49.25 -115.93 101.65
CA SER E 1419 50.10 -116.60 100.69
C SER E 1419 49.24 -117.11 99.54
N GLY E 1420 49.87 -117.34 98.41
CA GLY E 1420 49.16 -117.74 97.22
C GLY E 1420 48.88 -116.55 96.31
N GLN E 1421 47.86 -116.71 95.48
CA GLN E 1421 47.51 -115.68 94.52
C GLN E 1421 46.03 -115.76 94.16
N LEU E 1422 45.44 -114.60 93.90
CA LEU E 1422 44.07 -114.48 93.44
C LEU E 1422 44.10 -114.01 91.99
N GLY E 1423 43.52 -114.81 91.10
CA GLY E 1423 43.57 -114.51 89.68
C GLY E 1423 42.68 -113.35 89.29
N SER E 1424 42.75 -113.01 88.01
CA SER E 1424 41.94 -111.91 87.50
C SER E 1424 40.47 -112.33 87.45
N PRO E 1425 39.56 -111.44 87.82
CA PRO E 1425 38.14 -111.79 87.77
C PRO E 1425 37.53 -111.49 86.40
N PHE E 1426 38.18 -110.62 85.64
CA PHE E 1426 37.67 -110.17 84.36
C PHE E 1426 37.98 -111.15 83.23
N ILE E 1427 38.48 -112.34 83.55
CA ILE E 1427 38.66 -113.41 82.58
C ILE E 1427 37.73 -114.58 82.83
N THR E 1428 36.97 -114.57 83.92
CA THR E 1428 36.05 -115.64 84.25
C THR E 1428 34.66 -115.34 83.66
N ALA E 1429 33.69 -116.15 84.05
CA ALA E 1429 32.32 -116.00 83.57
C ALA E 1429 31.38 -115.41 84.62
N ASP E 1430 31.54 -115.78 85.89
CA ASP E 1430 30.73 -115.24 86.97
C ASP E 1430 31.45 -114.12 87.73
N GLY E 1431 32.66 -113.76 87.32
CA GLY E 1431 33.35 -112.63 87.90
C GLY E 1431 34.03 -112.87 89.23
N VAL E 1432 33.98 -114.09 89.76
CA VAL E 1432 34.63 -114.40 91.02
C VAL E 1432 36.11 -114.63 90.78
N PRO E 1433 37.01 -113.90 91.43
CA PRO E 1433 38.44 -114.16 91.26
C PRO E 1433 38.79 -115.57 91.72
N VAL E 1434 39.69 -116.20 90.97
CA VAL E 1434 40.09 -117.58 91.22
C VAL E 1434 41.38 -117.60 92.02
N ALA E 1435 41.40 -118.36 93.11
CA ALA E 1435 42.56 -118.47 93.98
C ALA E 1435 43.33 -119.74 93.65
N THR E 1436 44.64 -119.60 93.50
CA THR E 1436 45.53 -120.73 93.29
C THR E 1436 46.75 -120.57 94.21
N THR E 1437 47.46 -121.68 94.41
CA THR E 1437 48.67 -121.70 95.23
C THR E 1437 49.76 -122.39 94.43
N LEU E 1438 50.48 -121.60 93.62
CA LEU E 1438 51.63 -122.08 92.86
C LEU E 1438 52.89 -121.50 93.48
N THR E 1439 53.92 -122.35 93.62
CA THR E 1439 55.17 -121.96 94.23
C THR E 1439 56.32 -122.39 93.35
N GLU E 1440 57.49 -121.80 93.61
CA GLU E 1440 58.71 -122.26 92.98
C GLU E 1440 59.07 -123.65 93.49
N LEU E 1441 59.49 -124.52 92.57
CA LEU E 1441 59.78 -125.90 92.96
C LEU E 1441 60.97 -125.98 93.91
N GLY E 1442 62.02 -125.21 93.66
CA GLY E 1442 63.22 -125.26 94.46
C GLY E 1442 63.15 -124.54 95.79
N SER E 1443 62.04 -123.86 96.07
CA SER E 1443 61.88 -123.13 97.33
C SER E 1443 60.44 -123.34 97.80
N GLY E 1444 60.04 -122.55 98.79
CA GLY E 1444 58.68 -122.61 99.28
C GLY E 1444 57.91 -121.34 98.99
N CYS E 1445 58.59 -120.33 98.47
CA CYS E 1445 57.96 -119.04 98.23
C CYS E 1445 56.88 -119.16 97.17
N SER E 1446 55.78 -118.45 97.39
CA SER E 1446 54.67 -118.42 96.44
C SER E 1446 54.89 -117.34 95.40
N GLN E 1447 54.42 -117.60 94.18
CA GLN E 1447 54.60 -116.65 93.10
C GLN E 1447 53.66 -115.45 93.28
N CYS E 1448 53.96 -114.38 92.56
CA CYS E 1448 53.14 -113.18 92.64
C CYS E 1448 51.83 -113.37 91.90
N PRO E 1449 50.74 -112.78 92.39
CA PRO E 1449 49.46 -112.85 91.68
C PRO E 1449 49.52 -112.11 90.37
N PRO E 1450 48.67 -112.47 89.40
CA PRO E 1450 48.61 -111.69 88.16
C PRO E 1450 48.26 -110.24 88.45
N GLY E 1451 48.92 -109.34 87.74
CA GLY E 1451 48.82 -107.93 88.05
C GLY E 1451 49.88 -107.42 89.00
N THR E 1452 50.79 -108.27 89.45
CA THR E 1452 51.86 -107.88 90.35
C THR E 1452 53.17 -108.47 89.87
N TYR E 1453 54.27 -107.92 90.38
CA TYR E 1453 55.61 -108.34 89.98
C TYR E 1453 56.55 -108.25 91.17
N ALA E 1454 57.64 -109.00 91.10
CA ALA E 1454 58.63 -109.07 92.17
C ALA E 1454 60.03 -108.77 91.64
N PRO E 1455 60.49 -107.53 91.69
CA PRO E 1455 61.80 -107.21 91.12
C PRO E 1455 62.98 -107.68 91.97
N THR E 1456 62.92 -107.48 93.27
CA THR E 1456 64.04 -107.79 94.14
C THR E 1456 63.96 -109.24 94.64
N PHE E 1457 64.90 -109.61 95.50
CA PHE E 1457 65.00 -110.99 95.99
C PHE E 1457 64.16 -111.21 97.24
N GLY E 1458 64.46 -110.49 98.32
CA GLY E 1458 63.71 -110.66 99.54
C GLY E 1458 62.46 -109.82 99.56
N MET E 1459 61.33 -110.42 99.24
CA MET E 1459 60.08 -109.70 99.08
C MET E 1459 59.02 -110.25 100.03
N SER E 1460 58.41 -109.36 100.80
CA SER E 1460 57.29 -109.73 101.66
C SER E 1460 55.94 -109.56 100.98
N VAL E 1461 55.83 -108.58 100.07
CA VAL E 1461 54.61 -108.36 99.30
C VAL E 1461 54.99 -108.19 97.84
N CYS E 1462 54.03 -108.44 96.96
CA CYS E 1462 54.20 -108.27 95.53
C CYS E 1462 53.69 -106.90 95.12
N LEU E 1463 54.55 -106.09 94.53
CA LEU E 1463 54.17 -104.75 94.14
C LEU E 1463 53.18 -104.80 92.97
N PRO E 1464 52.11 -104.03 93.01
CA PRO E 1464 51.22 -103.94 91.85
C PRO E 1464 51.89 -103.12 90.75
N CYS E 1465 51.55 -103.46 89.52
CA CYS E 1465 52.12 -102.74 88.38
C CYS E 1465 51.58 -101.31 88.36
N PRO E 1466 52.33 -100.37 87.79
CA PRO E 1466 51.84 -98.98 87.74
C PRO E 1466 50.76 -98.80 86.69
N ALA E 1467 50.29 -97.57 86.53
CA ALA E 1467 49.22 -97.27 85.58
C ALA E 1467 49.81 -97.13 84.19
N GLY E 1468 49.44 -98.04 83.29
CA GLY E 1468 49.98 -98.09 81.95
C GLY E 1468 50.77 -99.33 81.63
N THR E 1469 51.03 -100.19 82.62
CA THR E 1469 51.69 -101.46 82.42
C THR E 1469 50.76 -102.58 82.88
N PHE E 1470 51.18 -103.82 82.64
CA PHE E 1470 50.35 -104.96 82.99
C PHE E 1470 51.22 -106.19 83.22
N ALA E 1471 50.65 -107.16 83.95
CA ALA E 1471 51.29 -108.44 84.20
C ALA E 1471 50.17 -109.48 84.32
N SER E 1472 49.91 -110.19 83.23
CA SER E 1472 48.75 -111.06 83.15
C SER E 1472 49.03 -112.50 83.57
N ALA E 1473 50.27 -112.85 83.86
CA ALA E 1473 50.67 -114.19 84.23
C ALA E 1473 50.95 -114.27 85.72
N PRO E 1474 51.03 -115.49 86.28
CA PRO E 1474 51.53 -115.64 87.65
C PRO E 1474 52.94 -115.10 87.78
N GLY E 1475 53.48 -115.14 89.01
CA GLY E 1475 54.59 -114.29 89.40
C GLY E 1475 55.66 -113.97 88.37
N ALA E 1476 55.86 -112.67 88.15
CA ALA E 1476 56.79 -112.17 87.15
C ALA E 1476 57.77 -111.21 87.80
N THR E 1477 58.76 -110.80 87.03
CA THR E 1477 59.80 -109.93 87.54
C THR E 1477 59.57 -108.46 87.20
N ALA E 1478 58.83 -108.18 86.13
CA ALA E 1478 58.53 -106.82 85.72
C ALA E 1478 57.27 -106.83 84.88
N CYS E 1479 56.70 -105.64 84.69
CA CYS E 1479 55.51 -105.46 83.86
C CYS E 1479 55.88 -104.88 82.51
N GLN E 1480 55.31 -105.43 81.46
CA GLN E 1480 55.46 -104.87 80.13
C GLN E 1480 54.51 -103.68 79.95
N GLN E 1481 54.87 -102.80 79.03
CA GLN E 1481 54.09 -101.60 78.77
C GLN E 1481 53.01 -101.89 77.75
N CYS E 1482 51.83 -101.32 77.97
CA CYS E 1482 50.71 -101.51 77.05
C CYS E 1482 51.03 -100.91 75.70
N LYS E 1483 50.62 -101.59 74.64
CA LYS E 1483 50.93 -101.17 73.28
C LYS E 1483 50.19 -99.89 72.93
N PRO E 1484 50.63 -99.19 71.88
CA PRO E 1484 49.84 -98.06 71.38
C PRO E 1484 48.46 -98.53 70.93
N GLY E 1485 47.46 -97.71 71.20
CA GLY E 1485 46.09 -98.10 70.90
C GLY E 1485 45.43 -98.92 71.97
N THR E 1486 46.03 -99.03 73.16
CA THR E 1486 45.41 -99.76 74.26
C THR E 1486 45.97 -99.22 75.57
N ASN E 1487 45.20 -99.40 76.64
CA ASN E 1487 45.53 -98.82 77.94
C ASN E 1487 45.24 -99.85 79.03
N SER E 1488 45.61 -99.49 80.26
CA SER E 1488 45.61 -100.42 81.39
C SER E 1488 44.45 -100.19 82.35
N LEU E 1489 43.30 -99.81 81.82
CA LEU E 1489 42.10 -99.73 82.64
C LEU E 1489 41.56 -101.13 82.92
N MET E 1490 40.87 -101.28 84.04
CA MET E 1490 40.42 -102.60 84.47
C MET E 1490 39.36 -103.14 83.51
N GLY E 1491 39.41 -104.46 83.30
CA GLY E 1491 38.41 -105.14 82.51
C GLY E 1491 38.63 -104.98 81.01
N ASP E 1492 37.76 -105.64 80.26
CA ASP E 1492 37.73 -105.55 78.81
C ASP E 1492 37.10 -104.23 78.38
N ARG E 1493 37.17 -103.95 77.07
CA ARG E 1493 36.41 -102.82 76.54
C ARG E 1493 34.93 -103.15 76.44
N THR E 1494 34.62 -104.39 76.04
CA THR E 1494 33.22 -104.79 75.93
C THR E 1494 32.54 -104.85 77.29
N GLN E 1495 33.32 -104.86 78.37
CA GLN E 1495 32.76 -104.82 79.72
C GLN E 1495 32.72 -103.41 80.30
N GLN E 1496 33.61 -102.52 79.85
CA GLN E 1496 33.57 -101.15 80.32
C GLN E 1496 32.37 -100.39 79.77
N MET E 1497 31.98 -100.67 78.53
CA MET E 1497 30.78 -100.06 77.94
C MET E 1497 29.52 -100.85 78.25
N ALA E 1498 29.63 -101.97 78.95
CA ALA E 1498 28.48 -102.83 79.18
C ALA E 1498 27.54 -102.21 80.22
N LEU E 1499 26.25 -102.56 80.10
CA LEU E 1499 25.25 -102.04 81.02
C LEU E 1499 24.25 -103.09 81.49
N VAL E 1500 24.34 -104.33 81.02
CA VAL E 1500 23.41 -105.39 81.39
C VAL E 1500 24.19 -106.46 82.15
N VAL E 1501 23.68 -106.83 83.32
CA VAL E 1501 24.35 -107.80 84.19
C VAL E 1501 23.78 -109.18 83.93
N THR E 1502 24.62 -110.20 84.10
CA THR E 1502 24.20 -111.59 84.04
C THR E 1502 24.29 -112.29 85.38
N ASN E 1503 25.46 -112.23 86.03
CA ASN E 1503 25.60 -112.73 87.39
C ASN E 1503 24.87 -111.77 88.32
N ALA E 1504 23.70 -112.18 88.81
CA ALA E 1504 22.84 -111.27 89.55
C ALA E 1504 23.49 -110.80 90.83
N ALA E 1505 24.11 -111.71 91.59
CA ALA E 1505 24.73 -111.33 92.86
C ALA E 1505 25.99 -110.51 92.68
N ASN E 1506 26.53 -110.44 91.47
CA ASN E 1506 27.80 -109.77 91.23
C ASN E 1506 27.70 -108.51 90.38
N ASP E 1507 26.65 -108.38 89.56
CA ASP E 1507 26.58 -107.34 88.54
C ASP E 1507 27.81 -107.38 87.63
N PHE E 1508 28.34 -108.58 87.38
CA PHE E 1508 29.69 -108.74 86.87
C PHE E 1508 29.88 -108.12 85.49
N PRO E 1509 29.20 -108.59 84.43
CA PRO E 1509 29.56 -108.10 83.09
C PRO E 1509 28.96 -106.73 82.83
N ALA E 1510 29.04 -105.85 83.82
CA ALA E 1510 28.58 -104.47 83.70
C ALA E 1510 29.44 -103.62 84.63
N LEU E 1511 30.50 -103.04 84.07
CA LEU E 1511 31.33 -102.06 84.76
C LEU E 1511 30.99 -100.71 84.14
N ARG E 1512 30.18 -99.91 84.84
CA ARG E 1512 29.71 -98.67 84.23
C ARG E 1512 30.86 -97.66 84.14
N ALA E 1513 31.84 -97.95 83.28
CA ALA E 1513 33.06 -97.14 83.21
C ALA E 1513 33.00 -96.06 82.15
N TYR E 1514 32.27 -96.27 81.06
CA TYR E 1514 32.23 -95.33 79.95
C TYR E 1514 30.94 -94.54 79.99
N THR E 1515 31.06 -93.22 80.00
CA THR E 1515 29.91 -92.32 79.94
C THR E 1515 30.15 -91.30 78.84
N ILE E 1516 29.06 -90.73 78.33
CA ILE E 1516 29.13 -89.78 77.24
C ILE E 1516 27.89 -88.90 77.28
N SER E 1517 28.04 -87.65 76.86
CA SER E 1517 26.95 -86.69 76.82
C SER E 1517 26.58 -86.43 75.37
N GLY E 1518 25.28 -86.48 75.08
CA GLY E 1518 24.86 -86.29 73.71
C GLY E 1518 23.35 -86.38 73.59
N MET E 1519 22.88 -86.20 72.37
CA MET E 1519 21.45 -86.29 72.10
C MET E 1519 21.03 -87.75 71.95
N VAL E 1520 19.85 -88.08 72.46
CA VAL E 1520 19.41 -89.46 72.50
C VAL E 1520 18.11 -89.63 71.72
N ALA E 1521 17.57 -90.85 71.72
CA ALA E 1521 16.49 -91.21 70.82
C ALA E 1521 15.18 -90.49 71.11
N GLY E 1522 15.00 -89.96 72.31
CA GLY E 1522 13.78 -89.25 72.67
C GLY E 1522 13.89 -87.75 72.53
N PRO E 1523 14.05 -87.25 71.28
CA PRO E 1523 14.60 -85.91 71.03
C PRO E 1523 15.01 -85.10 72.25
N ALA E 1524 15.97 -85.61 73.02
CA ALA E 1524 16.41 -84.95 74.25
C ALA E 1524 17.92 -85.03 74.35
N TYR E 1525 18.54 -83.91 74.72
CA TYR E 1525 19.94 -83.92 75.09
C TYR E 1525 20.12 -84.62 76.44
N ALA E 1526 21.31 -85.16 76.66
CA ALA E 1526 21.58 -85.91 77.87
C ALA E 1526 22.99 -85.61 78.35
N LYS E 1527 23.07 -84.91 79.49
CA LYS E 1527 24.25 -84.99 80.31
C LYS E 1527 24.35 -86.42 80.84
N PRO E 1528 25.55 -86.85 81.30
CA PRO E 1528 26.04 -88.19 80.96
C PRO E 1528 24.97 -89.27 80.83
N ILE E 1529 24.97 -89.94 79.69
CA ILE E 1529 23.97 -90.97 79.40
C ILE E 1529 24.05 -92.08 80.43
N VAL E 1530 25.27 -92.50 80.79
CA VAL E 1530 25.47 -93.48 81.85
C VAL E 1530 25.62 -92.67 83.14
N THR E 1531 24.49 -92.39 83.78
CA THR E 1531 24.46 -91.60 84.99
C THR E 1531 24.71 -92.49 86.20
N GLY E 1532 25.44 -91.95 87.18
CA GLY E 1532 25.65 -92.65 88.42
C GLY E 1532 27.06 -92.51 88.96
N PRO E 1533 27.31 -93.08 90.14
CA PRO E 1533 28.64 -93.01 90.74
C PRO E 1533 29.53 -94.11 90.19
N ASP E 1534 30.65 -93.70 89.57
CA ASP E 1534 31.59 -94.67 89.03
C ASP E 1534 32.23 -95.47 90.16
N THR E 1535 32.33 -96.78 89.97
CA THR E 1535 32.89 -97.67 90.97
C THR E 1535 34.00 -98.56 90.45
N ASN E 1536 34.37 -98.43 89.17
CA ASN E 1536 35.43 -99.27 88.58
C ASN E 1536 36.40 -98.33 87.87
N PHE E 1537 37.33 -97.76 88.65
CA PHE E 1537 38.29 -96.77 88.15
C PHE E 1537 39.68 -97.16 88.62
N PHE E 1538 40.33 -98.05 87.88
CA PHE E 1538 41.62 -98.58 88.34
C PHE E 1538 42.52 -98.83 87.14
N MET E 1539 43.46 -97.92 86.93
CA MET E 1539 44.49 -98.08 85.92
C MET E 1539 45.75 -98.75 86.46
N ALA E 1540 45.84 -98.95 87.78
CA ALA E 1540 47.11 -99.38 88.36
C ALA E 1540 47.35 -100.86 88.18
N GLY E 1541 46.51 -101.70 88.77
CA GLY E 1541 46.77 -103.12 88.74
C GLY E 1541 46.01 -103.85 87.65
N LYS E 1542 46.66 -104.14 86.54
CA LYS E 1542 46.03 -104.81 85.41
C LYS E 1542 46.49 -106.26 85.36
N SER E 1543 45.54 -107.18 85.27
CA SER E 1543 45.84 -108.60 85.37
C SER E 1543 45.48 -109.36 84.08
N GLU E 1544 45.31 -108.66 82.97
CA GLU E 1544 45.04 -109.30 81.69
C GLU E 1544 45.55 -108.39 80.58
N THR E 1545 45.26 -108.75 79.35
CA THR E 1545 45.67 -107.95 78.20
C THR E 1545 45.03 -106.57 78.27
N CYS E 1546 45.80 -105.54 77.91
CA CYS E 1546 45.30 -104.18 77.97
C CYS E 1546 44.07 -104.02 77.08
N SER E 1547 43.11 -103.24 77.56
CA SER E 1547 41.85 -103.03 76.85
C SER E 1547 42.00 -101.91 75.83
N THR E 1548 41.39 -102.11 74.67
CA THR E 1548 41.39 -101.07 73.64
C THR E 1548 40.67 -99.83 74.17
N ASN E 1549 41.13 -98.66 73.73
CA ASN E 1549 40.63 -97.42 74.26
C ASN E 1549 39.15 -97.22 73.94
N LEU E 1550 38.45 -96.56 74.86
CA LEU E 1550 37.06 -96.21 74.64
C LEU E 1550 36.96 -95.17 73.54
N PRO E 1551 35.79 -95.04 72.91
CA PRO E 1551 35.64 -94.04 71.85
C PRO E 1551 35.96 -92.64 72.36
N GLY E 1552 36.65 -91.87 71.54
CA GLY E 1552 37.05 -90.53 71.89
C GLY E 1552 38.40 -90.39 72.53
N TYR E 1553 39.10 -91.48 72.80
CA TYR E 1553 40.38 -91.45 73.48
C TYR E 1553 41.44 -92.18 72.64
N TYR E 1554 42.70 -91.84 72.90
CA TYR E 1554 43.79 -92.41 72.13
C TYR E 1554 45.03 -92.56 73.01
N THR E 1555 45.95 -93.43 72.58
CA THR E 1555 47.26 -93.58 73.19
C THR E 1555 48.25 -93.89 72.09
N ASP E 1556 49.25 -93.02 71.91
CA ASP E 1556 50.16 -93.14 70.78
C ASP E 1556 51.51 -93.73 71.13
N VAL E 1557 51.89 -93.79 72.40
CA VAL E 1557 53.15 -94.37 72.81
C VAL E 1557 52.89 -95.47 73.83
N ASP E 1558 53.89 -96.34 73.98
CA ASP E 1558 53.76 -97.47 74.89
C ASP E 1558 53.73 -97.01 76.34
N GLY E 1559 52.94 -97.71 77.15
CA GLY E 1559 52.96 -97.49 78.59
C GLY E 1559 52.44 -96.14 79.03
N LEU E 1560 51.47 -95.58 78.32
CA LEU E 1560 50.87 -94.34 78.77
C LEU E 1560 49.98 -94.61 79.97
N PRO E 1561 50.01 -93.75 80.99
CA PRO E 1561 49.22 -94.04 82.19
C PRO E 1561 47.73 -93.99 81.97
N ILE E 1562 47.23 -92.99 81.25
CA ILE E 1562 45.81 -92.81 81.05
C ILE E 1562 45.54 -92.52 79.58
N GLN E 1563 44.33 -92.85 79.14
CA GLN E 1563 43.91 -92.50 77.78
C GLN E 1563 43.87 -90.99 77.63
N LEU E 1564 44.33 -90.53 76.50
CA LEU E 1564 44.24 -89.08 76.37
C LEU E 1564 43.06 -88.71 75.48
N PRO E 1565 42.39 -87.58 75.75
CA PRO E 1565 41.20 -87.23 74.98
C PRO E 1565 41.55 -86.55 73.67
N CYS E 1566 40.75 -86.82 72.65
CA CYS E 1566 40.93 -86.15 71.37
C CYS E 1566 40.65 -84.66 71.51
N LYS E 1567 41.48 -83.85 70.89
CA LYS E 1567 41.40 -82.41 71.03
C LYS E 1567 40.14 -81.89 70.34
N PRO E 1568 39.70 -80.66 70.67
CA PRO E 1568 38.38 -80.20 70.21
C PRO E 1568 38.14 -80.32 68.72
N GLY E 1569 39.15 -80.06 67.89
CA GLY E 1569 38.93 -80.12 66.47
C GLY E 1569 38.82 -81.51 65.87
N THR E 1570 39.09 -82.55 66.65
CA THR E 1570 39.20 -83.91 66.13
C THR E 1570 38.18 -84.82 66.79
N PHE E 1571 38.17 -86.09 66.34
CA PHE E 1571 37.26 -87.09 66.86
C PHE E 1571 37.88 -88.46 66.68
N MET E 1572 37.37 -89.44 67.44
CA MET E 1572 37.81 -90.82 67.35
C MET E 1572 36.62 -91.76 67.47
N PRO E 1573 36.32 -92.54 66.45
CA PRO E 1573 35.12 -93.37 66.46
C PRO E 1573 35.36 -94.70 67.17
N PHE E 1574 34.28 -95.47 67.31
CA PHE E 1574 34.37 -96.78 67.95
C PHE E 1574 35.23 -97.73 67.11
N ASP E 1575 34.98 -97.81 65.81
CA ASP E 1575 35.81 -98.58 64.90
C ASP E 1575 35.54 -98.08 63.48
N THR E 1576 36.18 -98.73 62.51
CA THR E 1576 36.01 -98.33 61.11
C THR E 1576 34.59 -98.54 60.64
N ALA E 1577 33.96 -99.64 61.04
CA ALA E 1577 32.65 -100.00 60.51
C ALA E 1577 31.57 -99.04 61.01
N THR E 1578 31.55 -98.77 62.31
CA THR E 1578 30.50 -97.93 62.90
C THR E 1578 30.86 -96.46 62.88
N ALA E 1579 31.98 -96.08 62.26
CA ALA E 1579 32.37 -94.69 62.23
C ALA E 1579 31.38 -93.87 61.40
N ASN E 1580 31.19 -92.63 61.83
CA ASN E 1580 30.44 -91.64 61.06
C ASN E 1580 31.35 -91.10 59.97
N LEU E 1581 31.00 -89.96 59.38
CA LEU E 1581 31.71 -89.48 58.20
C LEU E 1581 33.22 -89.61 58.36
N LEU E 1582 33.81 -90.49 57.54
CA LEU E 1582 35.22 -90.86 57.62
C LEU E 1582 35.53 -91.57 56.32
N ASP E 1583 36.55 -91.12 55.61
CA ASP E 1583 36.69 -91.45 54.20
C ASP E 1583 37.17 -92.88 54.02
N THR E 1584 37.45 -93.22 52.75
CA THR E 1584 37.60 -94.62 52.35
C THR E 1584 38.83 -95.26 53.00
N GLY E 1585 40.01 -94.71 52.72
CA GLY E 1585 41.24 -95.35 53.16
C GLY E 1585 41.58 -95.18 54.61
N LEU E 1586 40.83 -94.34 55.34
CA LEU E 1586 41.16 -94.04 56.73
C LEU E 1586 40.64 -95.14 57.65
N THR E 1587 41.53 -95.65 58.50
CA THR E 1587 41.18 -96.65 59.49
C THR E 1587 41.50 -96.13 60.88
N VAL E 1588 40.76 -96.61 61.87
CA VAL E 1588 40.93 -96.20 63.25
C VAL E 1588 41.41 -97.39 64.06
N ASP E 1589 42.51 -97.22 64.78
CA ASP E 1589 43.06 -98.27 65.62
C ASP E 1589 43.36 -97.79 67.03
N GLY E 1590 42.96 -96.56 67.38
CA GLY E 1590 43.15 -96.04 68.72
C GLY E 1590 44.37 -95.17 68.90
N THR E 1591 45.16 -94.94 67.86
CA THR E 1591 46.38 -94.17 67.97
C THR E 1591 46.30 -92.82 67.25
N GLN E 1592 45.17 -92.47 66.65
CA GLN E 1592 45.09 -91.28 65.82
C GLN E 1592 43.71 -90.67 65.90
N CYS E 1593 43.62 -89.44 66.41
CA CYS E 1593 42.41 -88.65 66.28
C CYS E 1593 42.31 -88.11 64.87
N TYR E 1594 41.10 -88.10 64.32
CA TYR E 1594 40.87 -87.63 62.96
C TYR E 1594 40.16 -86.29 62.98
N THR E 1595 40.54 -85.42 62.05
CA THR E 1595 39.92 -84.11 61.95
C THR E 1595 38.44 -84.24 61.57
N CYS E 1596 37.73 -83.13 61.64
CA CYS E 1596 36.31 -83.11 61.31
C CYS E 1596 36.14 -82.68 59.86
N GLN E 1597 35.29 -83.41 59.14
CA GLN E 1597 35.06 -83.11 57.73
C GLN E 1597 34.51 -81.70 57.57
N THR E 1598 34.74 -81.13 56.39
CA THR E 1598 34.19 -79.82 56.07
C THR E 1598 32.67 -79.89 56.09
N GLY E 1599 32.05 -78.90 56.71
CA GLY E 1599 30.63 -78.90 56.97
C GLY E 1599 30.27 -79.38 58.35
N THR E 1600 31.16 -80.09 59.03
CA THR E 1600 31.00 -80.49 60.41
C THR E 1600 32.02 -79.78 61.29
N PHE E 1601 31.77 -79.81 62.59
CA PHE E 1601 32.64 -79.14 63.53
C PHE E 1601 32.59 -79.88 64.87
N ASN E 1602 33.52 -79.54 65.75
CA ASN E 1602 33.56 -80.13 67.08
C ASN E 1602 34.30 -79.16 68.00
N ASP E 1603 33.77 -79.00 69.21
CA ASP E 1603 34.39 -78.12 70.19
C ASP E 1603 34.61 -78.78 71.54
N GLU E 1604 34.21 -80.03 71.71
CA GLU E 1604 34.31 -80.73 72.97
C GLU E 1604 35.42 -81.78 72.89
N PHE E 1605 36.05 -82.04 74.03
CA PHE E 1605 37.08 -83.05 74.13
C PHE E 1605 36.47 -84.45 74.14
N SER E 1606 37.25 -85.41 73.65
CA SER E 1606 36.91 -86.84 73.72
C SER E 1606 35.52 -87.12 73.15
N GLN E 1607 35.39 -86.87 71.85
CA GLN E 1607 34.10 -87.09 71.21
C GLN E 1607 34.19 -88.20 70.17
N PRO E 1608 33.20 -89.10 70.11
CA PRO E 1608 33.22 -90.15 69.10
C PRO E 1608 32.79 -89.69 67.71
N VAL E 1609 32.10 -88.55 67.59
CA VAL E 1609 31.63 -88.05 66.32
C VAL E 1609 31.74 -86.53 66.30
N CYS E 1610 31.87 -85.98 65.09
CA CYS E 1610 31.79 -84.54 64.90
C CYS E 1610 30.34 -84.09 64.84
N LYS E 1611 30.12 -82.81 65.15
CA LYS E 1611 28.79 -82.23 65.13
C LYS E 1611 28.53 -81.53 63.81
N ALA E 1612 27.27 -81.52 63.40
CA ALA E 1612 26.88 -80.98 62.10
C ALA E 1612 26.55 -79.50 62.22
N CYS E 1613 27.10 -78.70 61.31
CA CYS E 1613 26.87 -77.27 61.34
C CYS E 1613 25.41 -76.96 61.01
N TRP E 1614 24.84 -76.01 61.74
CA TRP E 1614 23.43 -75.70 61.61
C TRP E 1614 23.17 -74.74 60.45
N SER E 1615 21.90 -74.62 60.09
CA SER E 1615 21.50 -73.68 59.04
C SER E 1615 21.74 -72.25 59.51
N GLY E 1616 22.35 -71.45 58.63
CA GLY E 1616 22.80 -70.13 58.99
C GLY E 1616 24.28 -70.02 59.23
N SER E 1617 24.99 -71.14 59.25
CA SER E 1617 26.43 -71.16 59.49
C SER E 1617 27.04 -72.25 58.63
N PHE E 1618 28.37 -72.22 58.51
CA PHE E 1618 29.07 -73.16 57.66
C PHE E 1618 30.45 -73.43 58.24
N ALA E 1619 31.04 -74.55 57.81
CA ALA E 1619 32.41 -74.91 58.16
C ALA E 1619 33.14 -75.25 56.87
N SER E 1620 34.12 -74.43 56.50
CA SER E 1620 34.83 -74.58 55.24
C SER E 1620 36.16 -75.29 55.36
N LYS E 1621 36.84 -75.16 56.49
CA LYS E 1621 38.13 -75.79 56.68
C LYS E 1621 37.94 -77.15 57.35
N ARG E 1622 39.04 -77.76 57.78
CA ARG E 1622 39.03 -79.08 58.40
C ARG E 1622 39.42 -78.95 59.87
N GLY E 1623 38.70 -79.66 60.73
CA GLY E 1623 38.98 -79.63 62.16
C GLY E 1623 38.72 -78.29 62.81
N LEU E 1624 37.60 -77.67 62.50
CA LEU E 1624 37.28 -76.37 63.09
C LEU E 1624 36.73 -76.56 64.50
N PRO E 1625 37.29 -75.88 65.50
CA PRO E 1625 36.65 -75.89 66.82
C PRO E 1625 35.28 -75.24 66.83
N THR E 1626 35.03 -74.28 65.95
CA THR E 1626 33.76 -73.56 65.90
C THR E 1626 33.28 -73.44 64.47
N CYS E 1627 31.98 -73.27 64.31
CA CYS E 1627 31.39 -73.03 63.00
C CYS E 1627 31.45 -71.55 62.66
N GLU E 1628 31.56 -71.27 61.36
CA GLU E 1628 31.64 -69.91 60.87
C GLU E 1628 30.24 -69.39 60.55
N ILE E 1629 29.94 -68.17 60.99
CA ILE E 1629 28.61 -67.60 60.81
C ILE E 1629 28.52 -66.99 59.42
N ALA E 1630 27.44 -67.30 58.71
CA ALA E 1630 27.20 -66.71 57.40
C ALA E 1630 27.08 -65.19 57.55
N GLN E 1631 27.60 -64.48 56.57
CA GLN E 1631 27.66 -63.03 56.67
C GLN E 1631 26.51 -62.39 55.91
N PRO E 1632 26.17 -61.14 56.23
CA PRO E 1632 25.11 -60.45 55.49
C PRO E 1632 25.39 -60.45 54.00
N GLY E 1633 24.36 -60.74 53.22
CA GLY E 1633 24.48 -60.96 51.81
C GLY E 1633 24.50 -62.42 51.41
N THR E 1634 24.73 -63.33 52.34
CA THR E 1634 24.75 -64.75 52.07
C THR E 1634 23.91 -65.48 53.10
N PHE E 1635 23.73 -66.79 52.88
CA PHE E 1635 22.95 -67.63 53.77
C PHE E 1635 23.31 -69.08 53.53
N THR E 1636 22.95 -69.94 54.47
CA THR E 1636 23.10 -71.37 54.32
C THR E 1636 21.83 -72.05 54.82
N ASN E 1637 21.27 -72.94 53.99
CA ASN E 1637 20.03 -73.64 54.34
C ASN E 1637 20.17 -75.11 53.89
N VAL E 1638 20.68 -75.95 54.79
CA VAL E 1638 20.74 -77.38 54.56
C VAL E 1638 19.69 -78.01 55.46
N ALA E 1639 18.63 -78.53 54.87
CA ALA E 1639 17.53 -79.10 55.65
C ALA E 1639 17.83 -80.51 56.14
N ALA E 1640 18.81 -81.19 55.56
CA ALA E 1640 19.14 -82.54 55.94
C ALA E 1640 20.19 -82.63 57.04
N ALA E 1641 20.80 -81.49 57.43
CA ALA E 1641 21.82 -81.52 58.46
C ALA E 1641 21.25 -81.97 59.78
N ALA E 1642 21.94 -82.87 60.45
CA ALA E 1642 21.46 -83.42 61.71
C ALA E 1642 22.64 -83.97 62.49
N ASN E 1643 22.57 -83.82 63.82
CA ASN E 1643 23.57 -84.40 64.70
C ASN E 1643 23.37 -85.90 64.82
N ALA E 1644 24.40 -86.59 65.30
CA ALA E 1644 24.32 -88.02 65.50
C ALA E 1644 23.57 -88.34 66.78
N THR E 1645 22.68 -89.33 66.71
CA THR E 1645 21.84 -89.71 67.84
C THR E 1645 22.47 -90.91 68.53
N PHE E 1646 22.47 -90.89 69.86
CA PHE E 1646 23.16 -91.89 70.64
C PHE E 1646 22.23 -93.04 71.02
N ASN E 1647 22.75 -94.26 70.88
CA ASN E 1647 22.02 -95.44 71.34
C ASN E 1647 22.24 -95.62 72.84
N THR E 1648 21.16 -95.92 73.55
CA THR E 1648 21.23 -96.09 75.00
C THR E 1648 21.59 -97.51 75.41
N ALA E 1649 21.79 -98.42 74.47
CA ALA E 1649 22.19 -99.78 74.76
C ALA E 1649 23.63 -100.06 74.39
N THR E 1650 24.05 -99.62 73.20
CA THR E 1650 25.43 -99.79 72.75
C THR E 1650 26.29 -98.55 72.96
N LEU E 1651 25.67 -97.39 73.22
CA LEU E 1651 26.40 -96.13 73.43
C LEU E 1651 27.24 -95.77 72.21
N ILE E 1652 26.62 -95.88 71.04
CA ILE E 1652 27.29 -95.62 69.77
C ILE E 1652 26.37 -94.78 68.89
N PRO E 1653 26.77 -93.58 68.50
CA PRO E 1653 25.93 -92.77 67.60
C PRO E 1653 25.94 -93.30 66.18
N THR E 1654 24.82 -93.11 65.49
CA THR E 1654 24.60 -93.75 64.20
C THR E 1654 24.49 -92.77 63.04
N GLY E 1655 23.56 -91.82 63.09
CA GLY E 1655 23.25 -91.03 61.90
C GLY E 1655 23.62 -89.56 61.94
N LEU E 1656 24.60 -89.17 61.14
CA LEU E 1656 25.08 -87.79 61.08
C LEU E 1656 25.11 -87.32 59.64
N VAL E 1657 24.51 -86.16 59.38
CA VAL E 1657 24.50 -85.55 58.05
C VAL E 1657 25.08 -84.15 58.17
N LYS E 1658 26.05 -83.82 57.31
CA LYS E 1658 26.81 -82.60 57.44
C LYS E 1658 26.05 -81.39 56.89
N GLY E 1659 26.54 -80.21 57.22
CA GLY E 1659 25.99 -78.94 56.79
C GLY E 1659 26.69 -78.40 55.56
N ALA E 1660 26.69 -77.07 55.43
CA ALA E 1660 27.22 -76.42 54.24
C ALA E 1660 28.70 -76.13 54.41
N GLN E 1661 29.45 -76.27 53.31
CA GLN E 1661 30.86 -75.90 53.33
C GLN E 1661 31.05 -74.41 53.04
N ALA E 1662 30.23 -73.84 52.17
CA ALA E 1662 30.36 -72.46 51.76
C ALA E 1662 28.98 -71.82 51.73
N PRO E 1663 28.88 -70.54 52.04
CA PRO E 1663 27.57 -69.87 52.03
C PRO E 1663 27.08 -69.64 50.62
N THR E 1664 25.75 -69.57 50.49
CA THR E 1664 25.12 -69.25 49.21
C THR E 1664 24.83 -67.75 49.15
N PRO E 1665 25.31 -67.04 48.14
CA PRO E 1665 25.01 -65.62 48.03
C PRO E 1665 23.58 -65.39 47.57
N CYS E 1666 22.98 -64.31 48.08
CA CYS E 1666 21.65 -63.94 47.67
C CYS E 1666 21.61 -63.67 46.18
N GLY E 1667 20.61 -64.22 45.50
CA GLY E 1667 20.52 -64.06 44.07
C GLY E 1667 20.17 -62.64 43.67
N MET E 1668 20.19 -62.40 42.36
CA MET E 1668 19.84 -61.09 41.84
C MET E 1668 18.38 -60.78 42.15
N GLY E 1669 18.12 -59.56 42.58
CA GLY E 1669 16.80 -59.15 42.99
C GLY E 1669 16.47 -59.43 44.44
N TYR E 1670 17.40 -60.01 45.20
CA TYR E 1670 17.19 -60.31 46.61
C TYR E 1670 18.39 -59.81 47.40
N PHE E 1671 18.19 -59.62 48.71
CA PHE E 1671 19.24 -59.12 49.57
C PHE E 1671 19.12 -59.78 50.93
N GLN E 1672 20.13 -59.58 51.77
CA GLN E 1672 20.09 -60.07 53.14
C GLN E 1672 20.96 -59.16 54.00
N SER E 1673 20.39 -58.62 55.07
CA SER E 1673 21.10 -57.68 55.93
C SER E 1673 21.53 -58.27 57.26
N SER E 1674 20.85 -59.30 57.74
CA SER E 1674 21.22 -59.95 58.99
C SER E 1674 22.22 -61.06 58.72
N ALA E 1675 22.98 -61.41 59.76
CA ALA E 1675 24.14 -62.29 59.56
C ALA E 1675 23.75 -63.77 59.52
N GLU E 1676 23.26 -64.29 60.64
CA GLU E 1676 23.06 -65.74 60.78
C GLU E 1676 21.63 -66.06 60.42
N THR E 1677 21.39 -66.29 59.13
CA THR E 1677 20.04 -66.49 58.60
C THR E 1677 20.07 -67.58 57.55
N THR E 1678 18.89 -68.02 57.14
CA THR E 1678 18.75 -69.16 56.24
C THR E 1678 18.00 -68.83 54.95
N THR E 1679 17.75 -67.55 54.67
CA THR E 1679 16.95 -67.21 53.50
C THR E 1679 17.28 -65.80 53.04
N CYS E 1680 16.87 -65.49 51.82
CA CYS E 1680 17.01 -64.17 51.24
C CYS E 1680 15.64 -63.50 51.16
N THR E 1681 15.64 -62.17 51.21
CA THR E 1681 14.41 -61.39 51.19
C THR E 1681 14.38 -60.54 49.91
N ALA E 1682 13.29 -60.65 49.16
CA ALA E 1682 13.06 -59.73 48.06
C ALA E 1682 12.86 -58.33 48.60
N CYS E 1683 13.50 -57.35 48.00
CA CYS E 1683 13.48 -56.01 48.57
C CYS E 1683 12.44 -55.13 47.86
N ALA E 1684 11.95 -54.14 48.59
CA ALA E 1684 10.64 -53.56 48.34
C ALA E 1684 10.69 -52.57 47.18
N VAL E 1685 9.59 -51.83 47.01
CA VAL E 1685 9.45 -50.90 45.91
C VAL E 1685 10.44 -49.75 46.06
N GLY E 1686 10.84 -49.18 44.94
CA GLY E 1686 11.82 -48.11 44.93
C GLY E 1686 13.24 -48.56 45.12
N THR E 1687 13.52 -49.86 45.06
CA THR E 1687 14.85 -50.40 45.28
C THR E 1687 15.08 -51.57 44.35
N TYR E 1688 16.34 -51.92 44.13
CA TYR E 1688 16.68 -53.01 43.23
C TYR E 1688 18.03 -53.61 43.65
N ALA E 1689 18.23 -54.87 43.28
CA ALA E 1689 19.48 -55.58 43.56
C ALA E 1689 19.95 -56.23 42.26
N ASP E 1690 20.87 -55.59 41.56
CA ASP E 1690 21.37 -56.07 40.28
C ASP E 1690 22.64 -56.88 40.41
N GLN E 1691 23.08 -57.20 41.63
CA GLN E 1691 24.22 -58.06 41.86
C GLN E 1691 23.83 -59.18 42.81
N ALA E 1692 24.59 -60.25 42.78
CA ALA E 1692 24.35 -61.40 43.65
C ALA E 1692 25.22 -61.28 44.90
N GLY E 1693 24.57 -61.33 46.06
CA GLY E 1693 25.29 -61.27 47.31
C GLY E 1693 25.33 -59.89 47.93
N LEU E 1694 24.22 -59.16 47.84
CA LEU E 1694 24.15 -57.79 48.33
C LEU E 1694 23.69 -57.77 49.79
N ALA E 1695 24.31 -56.89 50.57
CA ALA E 1695 23.91 -56.73 51.97
C ALA E 1695 22.61 -55.93 52.09
N ALA E 1696 22.41 -54.95 51.22
CA ALA E 1696 21.19 -54.16 51.20
C ALA E 1696 21.04 -53.58 49.81
N CYS E 1697 19.93 -53.88 49.15
CA CYS E 1697 19.75 -53.45 47.77
C CYS E 1697 19.57 -51.94 47.68
N LYS E 1698 20.12 -51.37 46.61
CA LYS E 1698 20.27 -49.94 46.43
C LYS E 1698 18.96 -49.30 45.95
N PRO E 1699 18.74 -48.02 46.28
CA PRO E 1699 17.54 -47.34 45.79
C PRO E 1699 17.70 -46.86 44.37
N CYS E 1700 16.57 -46.77 43.67
CA CYS E 1700 16.58 -46.26 42.30
C CYS E 1700 17.10 -44.83 42.28
N GLN E 1701 17.95 -44.54 41.30
CA GLN E 1701 18.54 -43.23 41.17
C GLN E 1701 17.48 -42.22 40.70
N PRO E 1702 17.77 -40.92 40.77
CA PRO E 1702 16.82 -39.94 40.24
C PRO E 1702 16.55 -40.18 38.77
N GLY E 1703 15.30 -39.98 38.38
CA GLY E 1703 14.87 -40.27 37.03
C GLY E 1703 14.43 -41.69 36.79
N ARG E 1704 14.42 -42.54 37.81
CA ARG E 1704 14.01 -43.93 37.68
C ARG E 1704 13.06 -44.29 38.82
N TYR E 1705 12.28 -45.35 38.60
CA TYR E 1705 11.33 -45.82 39.60
C TYR E 1705 11.23 -47.34 39.50
N GLN E 1706 10.59 -47.94 40.49
CA GLN E 1706 10.33 -49.37 40.50
C GLN E 1706 9.15 -49.64 41.42
N ASN E 1707 8.04 -50.07 40.84
CA ASN E 1707 6.80 -50.29 41.58
C ASN E 1707 6.63 -51.73 42.04
N SER E 1708 7.56 -52.61 41.71
CA SER E 1708 7.45 -54.03 42.05
C SER E 1708 8.49 -54.40 43.10
N ILE E 1709 8.31 -55.59 43.68
CA ILE E 1709 9.23 -56.11 44.69
C ILE E 1709 10.07 -57.20 44.06
N GLY E 1710 11.31 -57.30 44.51
CA GLY E 1710 12.18 -58.37 44.06
C GLY E 1710 12.71 -58.23 42.66
N GLN E 1711 12.72 -57.02 42.10
CA GLN E 1711 13.26 -56.80 40.77
C GLN E 1711 14.75 -56.46 40.87
N ARG E 1712 15.41 -56.43 39.70
CA ARG E 1712 16.83 -56.10 39.63
C ARG E 1712 17.12 -54.92 38.72
N VAL E 1713 16.08 -54.22 38.24
CA VAL E 1713 16.25 -53.04 37.40
C VAL E 1713 15.25 -51.98 37.84
N CYS E 1714 15.56 -50.72 37.50
CA CYS E 1714 14.65 -49.61 37.72
C CYS E 1714 14.22 -49.05 36.37
N LYS E 1715 12.91 -48.87 36.20
CA LYS E 1715 12.38 -48.34 34.96
C LYS E 1715 12.52 -46.82 34.91
N PRO E 1716 12.66 -46.24 33.72
CA PRO E 1716 12.82 -44.79 33.61
C PRO E 1716 11.50 -44.05 33.53
N CYS E 1717 11.50 -42.86 34.16
CA CYS E 1717 10.31 -42.03 34.18
C CYS E 1717 10.03 -41.46 32.80
N ASP E 1718 8.75 -41.26 32.50
CA ASP E 1718 8.35 -40.75 31.19
C ASP E 1718 8.41 -39.22 31.18
N MET E 1719 8.11 -38.65 30.01
CA MET E 1719 8.09 -37.19 29.90
C MET E 1719 6.95 -36.62 30.72
N GLY E 1720 7.20 -35.46 31.33
CA GLY E 1720 6.24 -34.84 32.20
C GLY E 1720 6.32 -35.29 33.65
N THR E 1721 7.09 -36.33 33.93
CA THR E 1721 7.29 -36.83 35.28
C THR E 1721 8.77 -36.79 35.64
N TYR E 1722 9.03 -36.70 36.93
CA TYR E 1722 10.39 -36.70 37.45
C TYR E 1722 10.41 -37.54 38.72
N SER E 1723 11.60 -37.90 39.15
CA SER E 1723 11.76 -38.70 40.36
C SER E 1723 13.09 -38.40 41.01
N ARG E 1724 13.08 -38.32 42.34
CA ARG E 1724 14.28 -38.21 43.13
C ARG E 1724 14.75 -39.61 43.50
N TYR E 1725 15.64 -39.73 44.49
CA TYR E 1725 16.16 -41.03 44.89
C TYR E 1725 15.02 -41.95 45.33
N GLY E 1726 15.36 -43.21 45.55
CA GLY E 1726 14.46 -44.33 45.34
C GLY E 1726 13.00 -44.11 45.64
N GLY E 1727 12.16 -44.28 44.64
CA GLY E 1727 10.74 -44.02 44.76
C GLY E 1727 9.93 -45.04 43.99
N GLU E 1728 8.77 -45.37 44.55
CA GLU E 1728 7.91 -46.37 43.93
C GLU E 1728 7.34 -45.89 42.60
N LEU E 1729 7.01 -44.61 42.52
CA LEU E 1729 6.37 -44.06 41.33
C LEU E 1729 7.05 -42.77 40.93
N CYS E 1730 6.79 -42.35 39.70
CA CYS E 1730 7.22 -41.03 39.25
C CYS E 1730 6.17 -40.00 39.61
N THR E 1731 6.61 -38.86 40.14
CA THR E 1731 5.72 -37.79 40.54
C THR E 1731 5.56 -36.81 39.38
N LYS E 1732 4.31 -36.47 39.09
CA LYS E 1732 4.03 -35.52 38.01
C LYS E 1732 4.66 -34.17 38.31
N CYS E 1733 5.10 -33.49 37.27
CA CYS E 1733 5.67 -32.17 37.43
C CYS E 1733 4.63 -31.24 38.07
N PRO E 1734 5.04 -30.31 38.93
CA PRO E 1734 4.08 -29.33 39.45
C PRO E 1734 3.51 -28.47 38.33
N ALA E 1735 2.49 -27.70 38.67
CA ALA E 1735 1.87 -26.81 37.70
C ALA E 1735 2.82 -25.66 37.36
N GLY E 1736 3.03 -25.44 36.06
CA GLY E 1736 3.85 -24.35 35.59
C GLY E 1736 5.28 -24.69 35.28
N THR E 1737 5.70 -25.94 35.50
CA THR E 1737 7.07 -26.35 35.23
C THR E 1737 7.07 -27.56 34.31
N VAL E 1738 8.20 -27.79 33.65
CA VAL E 1738 8.26 -28.67 32.49
C VAL E 1738 9.36 -29.71 32.66
N ALA E 1739 9.18 -30.83 31.96
CA ALA E 1739 10.20 -31.89 31.87
C ALA E 1739 9.96 -32.65 30.58
N SER E 1740 10.93 -32.60 29.67
CA SER E 1740 10.74 -33.14 28.32
C SER E 1740 11.43 -34.47 28.09
N LYS E 1741 12.51 -34.76 28.82
CA LYS E 1741 13.23 -36.00 28.60
C LYS E 1741 12.60 -37.14 29.38
N THR E 1742 13.17 -38.34 29.26
CA THR E 1742 12.66 -39.53 29.93
C THR E 1742 13.59 -40.04 31.00
N GLY E 1743 14.41 -39.17 31.59
CA GLY E 1743 15.23 -39.52 32.73
C GLY E 1743 15.34 -38.36 33.69
N SER E 1744 14.32 -37.50 33.69
CA SER E 1744 14.41 -36.23 34.37
C SER E 1744 14.45 -36.41 35.88
N SER E 1745 15.40 -35.75 36.52
CA SER E 1745 15.52 -35.75 37.98
C SER E 1745 14.83 -34.56 38.63
N GLN E 1746 14.46 -33.56 37.85
CA GLN E 1746 13.75 -32.40 38.40
C GLN E 1746 13.05 -31.69 37.25
N CYS E 1747 12.00 -30.94 37.60
CA CYS E 1747 11.22 -30.18 36.65
C CYS E 1747 11.69 -28.74 36.63
N THR E 1748 11.96 -28.21 35.44
CA THR E 1748 12.38 -26.82 35.35
C THR E 1748 11.20 -25.92 35.03
N PRO E 1749 11.17 -24.70 35.57
CA PRO E 1749 10.00 -23.84 35.34
C PRO E 1749 10.11 -23.09 34.03
N CYS E 1750 8.97 -22.96 33.35
CA CYS E 1750 8.93 -22.20 32.10
C CYS E 1750 9.33 -20.76 32.36
N ALA E 1751 10.19 -20.22 31.51
CA ALA E 1751 10.74 -18.90 31.75
C ALA E 1751 9.69 -17.82 31.50
N ALA E 1752 10.08 -16.58 31.77
CA ALA E 1752 9.19 -15.45 31.56
C ALA E 1752 8.96 -15.24 30.07
N GLY E 1753 7.69 -15.13 29.67
CA GLY E 1753 7.34 -15.04 28.27
C GLY E 1753 6.95 -16.36 27.63
N PHE E 1754 7.02 -17.46 28.37
CA PHE E 1754 6.66 -18.77 27.88
C PHE E 1754 5.63 -19.39 28.81
N TYR E 1755 4.92 -20.40 28.30
CA TYR E 1755 3.90 -21.10 29.08
C TYR E 1755 4.00 -22.59 28.84
N ALA E 1756 3.68 -23.36 29.88
CA ALA E 1756 3.69 -24.81 29.80
C ALA E 1756 2.45 -25.31 29.08
N ASN E 1757 2.62 -26.35 28.27
CA ASN E 1757 1.51 -26.84 27.45
C ASN E 1757 0.71 -27.94 28.16
N ALA E 1758 0.38 -27.69 29.43
CA ALA E 1758 -0.42 -28.60 30.25
C ALA E 1758 -0.63 -27.97 31.61
N PRO E 1759 -1.68 -28.34 32.33
CA PRO E 1759 -1.84 -27.84 33.70
C PRO E 1759 -1.01 -28.64 34.70
N ASP E 1760 -0.81 -29.93 34.44
CA ASP E 1760 -0.12 -30.80 35.39
C ASP E 1760 1.21 -31.32 34.88
N SER E 1761 1.24 -32.04 33.76
CA SER E 1761 2.45 -32.71 33.29
C SER E 1761 2.86 -32.07 31.97
N ALA E 1762 3.62 -30.99 32.05
CA ALA E 1762 4.06 -30.28 30.87
C ALA E 1762 5.27 -30.96 30.25
N THR E 1763 5.32 -30.97 28.92
CA THR E 1763 6.41 -31.57 28.19
C THR E 1763 7.17 -30.59 27.31
N SER E 1764 6.70 -29.35 27.15
CA SER E 1764 7.41 -28.35 26.38
C SER E 1764 6.90 -26.97 26.74
N CYS E 1765 7.82 -26.03 26.96
CA CYS E 1765 7.46 -24.63 27.14
C CYS E 1765 7.30 -23.97 25.77
N ARG E 1766 6.11 -23.45 25.50
CA ARG E 1766 5.83 -22.78 24.23
C ARG E 1766 5.82 -21.28 24.42
N ALA E 1767 6.17 -20.55 23.35
CA ALA E 1767 6.15 -19.11 23.41
C ALA E 1767 4.71 -18.59 23.34
N CYS E 1768 4.49 -17.43 23.96
CA CYS E 1768 3.18 -16.81 23.91
C CYS E 1768 2.90 -16.33 22.48
N PRO E 1769 1.63 -16.21 22.10
CA PRO E 1769 1.32 -15.70 20.76
C PRO E 1769 1.66 -14.23 20.62
N ARG E 1770 1.39 -13.67 19.44
CA ARG E 1770 1.80 -12.30 19.16
C ARG E 1770 0.96 -11.29 19.95
N GLY E 1771 -0.34 -11.51 20.04
CA GLY E 1771 -1.17 -10.58 20.77
C GLY E 1771 -1.10 -10.69 22.27
N TYR E 1772 -0.27 -11.57 22.81
CA TYR E 1772 -0.24 -11.86 24.23
C TYR E 1772 1.13 -11.51 24.83
N TYR E 1773 1.18 -11.52 26.15
CA TYR E 1773 2.43 -11.30 26.87
C TYR E 1773 2.42 -12.08 28.17
N GLY E 1774 3.58 -12.61 28.54
CA GLY E 1774 3.70 -13.33 29.79
C GLY E 1774 4.79 -12.74 30.68
N PRO E 1775 4.38 -12.14 31.79
CA PRO E 1775 5.34 -11.51 32.68
C PRO E 1775 5.89 -12.44 33.75
N TYR E 1776 5.14 -13.49 34.08
CA TYR E 1776 5.47 -14.37 35.19
C TYR E 1776 6.21 -15.60 34.70
N SER E 1777 7.25 -15.97 35.45
CA SER E 1777 7.90 -17.26 35.23
C SER E 1777 7.01 -18.37 35.77
N GLY E 1778 7.16 -19.55 35.21
CA GLY E 1778 6.34 -20.68 35.62
C GLY E 1778 4.87 -20.51 35.25
N ALA E 1779 4.59 -20.03 34.05
CA ALA E 1779 3.22 -19.85 33.59
C ALA E 1779 2.74 -21.13 32.92
N TYR E 1780 1.51 -21.53 33.22
CA TYR E 1780 0.92 -22.72 32.63
C TYR E 1780 -0.39 -22.35 31.96
N ALA E 1781 -0.97 -23.32 31.25
CA ALA E 1781 -2.16 -23.10 30.44
C ALA E 1781 -3.20 -24.16 30.77
N ASP E 1782 -4.05 -23.86 31.74
CA ASP E 1782 -5.24 -24.67 31.95
C ASP E 1782 -6.16 -24.54 30.74
N ASN E 1783 -6.81 -25.64 30.39
CA ASN E 1783 -7.52 -25.73 29.11
C ASN E 1783 -8.95 -25.23 29.16
N LEU E 1784 -9.39 -24.65 30.28
CA LEU E 1784 -10.78 -24.24 30.40
C LEU E 1784 -11.08 -22.98 29.60
N GLY E 1785 -10.16 -22.01 29.60
CA GLY E 1785 -10.41 -20.76 28.90
C GLY E 1785 -9.98 -20.78 27.46
N ASP E 1786 -9.18 -19.81 27.05
CA ASP E 1786 -8.55 -19.87 25.74
C ASP E 1786 -7.45 -20.93 25.76
N GLU E 1787 -6.94 -21.24 24.56
CA GLU E 1787 -5.79 -22.14 24.50
C GLU E 1787 -4.56 -21.50 25.11
N PHE E 1788 -4.29 -20.24 24.76
CA PHE E 1788 -3.12 -19.51 25.25
C PHE E 1788 -3.45 -18.62 26.44
N GLU E 1789 -4.04 -19.15 27.50
CA GLU E 1789 -4.45 -18.30 28.61
C GLU E 1789 -4.62 -19.14 29.86
N GLY E 1790 -4.04 -18.67 30.97
CA GLY E 1790 -4.16 -19.35 32.25
C GLY E 1790 -4.14 -18.36 33.40
N PRO E 1791 -4.22 -18.86 34.63
CA PRO E 1791 -4.16 -17.96 35.79
C PRO E 1791 -2.88 -17.14 35.84
N ARG E 1792 -1.75 -17.74 35.48
CA ARG E 1792 -0.50 -17.01 35.34
C ARG E 1792 0.03 -17.01 33.91
N GLY E 1793 -0.64 -17.70 33.00
CA GLY E 1793 -0.19 -17.83 31.63
C GLY E 1793 -0.23 -16.51 30.89
N CYS E 1794 0.03 -16.60 29.58
CA CYS E 1794 0.06 -15.42 28.75
C CYS E 1794 -1.28 -14.71 28.78
N TYR E 1795 -1.24 -13.39 28.92
CA TYR E 1795 -2.43 -12.55 28.94
C TYR E 1795 -2.53 -11.76 27.65
N LYS E 1796 -3.75 -11.39 27.28
CA LYS E 1796 -3.93 -10.48 26.17
C LYS E 1796 -3.28 -9.14 26.50
N CYS E 1797 -2.76 -8.48 25.47
CA CYS E 1797 -2.25 -7.13 25.68
C CYS E 1797 -3.41 -6.21 26.08
N PRO E 1798 -3.16 -5.21 26.91
CA PRO E 1798 -4.24 -4.32 27.33
C PRO E 1798 -4.82 -3.53 26.15
N TYR E 1799 -5.85 -2.74 26.41
CA TYR E 1799 -6.70 -2.26 25.32
C TYR E 1799 -5.98 -1.26 24.43
N ASP E 1800 -5.06 -0.47 24.99
CA ASP E 1800 -4.32 0.50 24.21
C ASP E 1800 -2.84 0.15 24.06
N PHE E 1801 -2.47 -1.08 24.37
CA PHE E 1801 -1.10 -1.58 24.21
C PHE E 1801 -1.06 -2.62 23.10
N PHE E 1802 0.14 -2.95 22.67
CA PHE E 1802 0.30 -3.92 21.60
C PHE E 1802 1.65 -4.62 21.73
N ALA E 1803 1.74 -5.79 21.10
CA ALA E 1803 2.98 -6.56 21.04
C ALA E 1803 2.95 -7.39 19.78
N ASP E 1804 4.10 -7.53 19.12
CA ASP E 1804 4.21 -8.26 17.87
C ASP E 1804 5.09 -9.49 17.95
N ARG E 1805 6.18 -9.44 18.71
CA ARG E 1805 7.02 -10.61 18.87
C ARG E 1805 6.28 -11.65 19.73
N PRO E 1806 6.47 -12.94 19.46
CA PRO E 1806 5.74 -13.97 20.22
C PRO E 1806 6.08 -13.99 21.71
N GLY E 1807 7.35 -14.16 22.04
CA GLY E 1807 7.74 -14.24 23.44
C GLY E 1807 8.17 -12.90 24.00
N VAL E 1808 7.27 -12.21 24.68
CA VAL E 1808 7.52 -10.88 25.21
C VAL E 1808 7.07 -10.83 26.66
N ARG E 1809 7.85 -10.12 27.49
CA ARG E 1809 7.56 -10.04 28.91
C ARG E 1809 6.67 -8.86 29.28
N GLN E 1810 6.37 -7.97 28.34
CA GLN E 1810 5.44 -6.86 28.61
C GLN E 1810 5.03 -6.23 27.29
N CYS E 1811 3.77 -5.80 27.22
CA CYS E 1811 3.28 -5.10 26.05
C CYS E 1811 3.82 -3.67 26.02
N THR E 1812 3.85 -3.10 24.82
CA THR E 1812 4.35 -1.75 24.61
C THR E 1812 3.21 -0.82 24.23
N ALA E 1813 3.26 0.40 24.77
CA ALA E 1813 2.23 1.39 24.49
C ALA E 1813 2.28 1.84 23.04
N CYS E 1814 1.11 2.13 22.48
CA CYS E 1814 1.04 2.61 21.10
C CYS E 1814 1.74 3.95 20.98
N PRO E 1815 2.62 4.13 20.01
CA PRO E 1815 3.34 5.39 19.86
C PRO E 1815 2.48 6.42 19.16
N PRO E 1816 2.69 7.70 19.43
CA PRO E 1816 1.98 8.74 18.67
C PRO E 1816 2.48 8.80 17.24
N LEU E 1817 1.59 9.20 16.34
CA LEU E 1817 1.91 9.25 14.91
C LEU E 1817 2.35 10.65 14.55
N ASP E 1818 3.53 10.76 13.94
CA ASP E 1818 4.13 12.05 13.64
C ASP E 1818 3.80 12.45 12.20
N LEU E 1819 3.09 13.56 12.04
CA LEU E 1819 2.78 14.10 10.73
C LEU E 1819 3.69 15.26 10.33
N GLY E 1820 4.20 16.01 11.30
CA GLY E 1820 5.06 17.13 11.01
C GLY E 1820 5.70 17.70 12.27
N GLY E 1821 5.94 19.01 12.28
CA GLY E 1821 6.58 19.65 13.41
C GLY E 1821 5.62 20.06 14.51
N GLY E 1822 5.82 19.50 15.70
CA GLY E 1822 5.03 19.89 16.86
C GLY E 1822 3.58 19.47 16.82
N ASN E 1823 3.26 18.42 16.07
CA ASN E 1823 1.92 17.84 16.09
C ASN E 1823 2.03 16.33 16.13
N LEU E 1824 1.34 15.71 17.09
CA LEU E 1824 1.33 14.27 17.25
C LEU E 1824 -0.11 13.80 17.38
N VAL E 1825 -0.46 12.78 16.61
CA VAL E 1825 -1.77 12.14 16.70
C VAL E 1825 -1.62 10.90 17.57
N GLU E 1826 -2.31 10.87 18.69
CA GLU E 1826 -2.28 9.70 19.56
C GLU E 1826 -2.91 8.51 18.86
N GLN E 1827 -2.45 7.32 19.21
CA GLN E 1827 -2.87 6.09 18.55
C GLN E 1827 -3.48 5.14 19.57
N CYS E 1828 -4.59 4.51 19.18
CA CYS E 1828 -5.29 3.55 20.01
C CYS E 1828 -5.33 2.21 19.29
N THR E 1829 -5.90 1.21 19.94
CA THR E 1829 -6.03 -0.12 19.38
C THR E 1829 -7.50 -0.51 19.27
N GLU E 1830 -7.81 -1.29 18.24
CA GLU E 1830 -9.20 -1.60 17.94
C GLU E 1830 -9.76 -2.67 18.86
N ASP E 1831 -9.00 -3.74 19.10
CA ASP E 1831 -9.46 -4.87 19.89
C ASP E 1831 -8.61 -5.00 21.15
N LEU E 1832 -8.83 -6.06 21.91
CA LEU E 1832 -8.10 -6.25 23.16
C LEU E 1832 -6.69 -6.74 22.89
N GLY E 1833 -6.55 -7.93 22.32
CA GLY E 1833 -5.23 -8.45 22.00
C GLY E 1833 -4.88 -8.22 20.55
N SER E 1834 -4.08 -7.19 20.29
CA SER E 1834 -3.75 -6.80 18.92
C SER E 1834 -2.28 -6.44 18.83
N GLN E 1835 -1.72 -6.56 17.63
CA GLN E 1835 -0.29 -6.39 17.41
C GLN E 1835 0.04 -5.17 16.57
N ARG E 1836 -0.91 -4.27 16.33
CA ARG E 1836 -0.64 -3.06 15.56
C ARG E 1836 -1.58 -1.96 16.02
N CYS E 1837 -1.09 -0.72 15.98
CA CYS E 1837 -1.85 0.45 16.41
C CYS E 1837 -2.17 1.34 15.22
N LYS E 1838 -3.34 1.95 15.25
CA LYS E 1838 -3.81 2.86 14.23
C LYS E 1838 -4.13 4.21 14.88
N PRO E 1839 -4.21 5.28 14.09
CA PRO E 1839 -4.57 6.59 14.67
C PRO E 1839 -5.89 6.49 15.43
N CYS E 1840 -5.90 7.07 16.63
CA CYS E 1840 -7.02 6.89 17.55
C CYS E 1840 -8.23 7.72 17.15
N SER E 1841 -8.08 8.65 16.21
CA SER E 1841 -9.21 9.46 15.79
C SER E 1841 -10.16 8.69 14.88
N LEU E 1842 -9.63 7.77 14.07
CA LEU E 1842 -10.41 7.10 13.04
C LEU E 1842 -10.51 5.60 13.27
N LEU E 1843 -10.47 5.17 14.52
CA LEU E 1843 -10.69 3.77 14.81
C LEU E 1843 -12.18 3.43 14.68
N SER E 1844 -12.45 2.18 14.31
CA SER E 1844 -13.81 1.77 13.95
C SER E 1844 -14.78 1.94 15.12
N LYS E 1845 -14.58 1.19 16.20
CA LYS E 1845 -15.39 1.35 17.39
C LYS E 1845 -14.66 2.23 18.38
N PRO E 1846 -15.23 3.36 18.77
CA PRO E 1846 -14.52 4.31 19.63
C PRO E 1846 -14.49 3.81 21.07
N LYS E 1847 -13.79 4.57 21.92
CA LYS E 1847 -13.66 4.19 23.32
C LYS E 1847 -14.99 4.11 24.03
N THR E 1848 -16.02 4.79 23.51
CA THR E 1848 -17.35 4.71 24.12
C THR E 1848 -18.00 3.35 23.90
N ALA E 1849 -17.49 2.55 22.98
CA ALA E 1849 -18.07 1.26 22.66
C ALA E 1849 -17.26 0.08 23.20
N ARG E 1850 -16.35 0.33 24.14
CA ARG E 1850 -15.56 -0.73 24.77
C ARG E 1850 -16.36 -1.26 25.95
N THR E 1851 -17.08 -2.36 25.74
CA THR E 1851 -17.99 -2.90 26.74
C THR E 1851 -17.33 -3.91 27.68
N GLU E 1852 -16.03 -4.15 27.52
CA GLU E 1852 -15.34 -5.08 28.40
C GLU E 1852 -15.21 -4.48 29.79
N GLN E 1853 -14.84 -5.33 30.74
CA GLN E 1853 -14.71 -4.95 32.14
C GLN E 1853 -13.28 -5.22 32.59
N SER E 1854 -12.71 -4.27 33.33
CA SER E 1854 -11.29 -4.33 33.67
C SER E 1854 -10.92 -5.53 34.53
N HYP E 1855 -9.68 -5.96 34.44
CA HYP E 1855 -9.23 -7.16 35.16
C HYP E 1855 -8.56 -6.83 36.51
O HYP E 1855 -7.99 -5.76 36.62
CB HYP E 1855 -8.27 -7.87 34.18
CG HYP E 1855 -8.15 -6.90 33.02
CD HYP E 1855 -8.50 -5.58 33.66
OD1 HYP E 1855 -9.15 -7.22 32.06
N HYP E 1856 -8.64 -7.71 37.49
CA HYP E 1856 -8.19 -7.40 38.86
C HYP E 1856 -6.69 -7.06 38.96
O HYP E 1856 -5.98 -7.29 38.01
CB HYP E 1856 -8.52 -8.64 39.69
CG HYP E 1856 -9.20 -9.56 38.69
CD HYP E 1856 -8.52 -9.18 37.41
OD1 HYP E 1856 -10.58 -9.23 38.62
N HYP E 1857 -6.26 -6.50 40.09
CA HYP E 1857 -4.82 -6.22 40.30
C HYP E 1857 -3.98 -7.49 40.46
O HYP E 1857 -4.57 -8.54 40.64
CB HYP E 1857 -4.75 -5.32 41.53
CG HYP E 1857 -6.17 -4.79 41.64
CD HYP E 1857 -6.96 -6.03 41.29
OD1 HYP E 1857 -6.36 -3.80 40.64
N HYP E 1858 -2.65 -7.41 40.39
CA HYP E 1858 -1.81 -8.57 40.67
C HYP E 1858 -1.95 -9.11 42.10
O HYP E 1858 -1.84 -8.32 43.02
CB HYP E 1858 -0.37 -8.12 40.38
CG HYP E 1858 -0.60 -7.01 39.38
CD HYP E 1858 -1.77 -6.29 40.01
OD1 HYP E 1858 -0.98 -7.57 38.14
N SER E 1859 -2.15 -10.41 42.27
CA SER E 1859 -2.17 -10.99 43.60
C SER E 1859 -0.78 -10.82 44.22
N HYP E 1860 -0.71 -10.81 45.55
CA HYP E 1860 0.55 -10.49 46.22
C HYP E 1860 1.72 -11.47 45.96
O HYP E 1860 1.50 -12.48 45.32
CB HYP E 1860 0.18 -10.42 47.70
CG HYP E 1860 -1.24 -9.88 47.61
CD HYP E 1860 -1.80 -10.79 46.54
OD1 HYP E 1860 -1.19 -8.56 47.12
N SER E 1861 2.90 -11.12 46.41
CA SER E 1861 4.07 -11.95 46.19
C SER E 1861 4.28 -12.87 47.39
N HYP E 1862 4.72 -14.10 47.15
CA HYP E 1862 4.84 -15.10 48.22
C HYP E 1862 5.77 -14.69 49.37
O HYP E 1862 6.55 -13.78 49.18
CB HYP E 1862 5.35 -16.37 47.54
CG HYP E 1862 5.20 -16.05 46.06
CD HYP E 1862 5.58 -14.59 46.05
OD1 HYP E 1862 3.84 -16.20 45.70
N HYP E 1863 5.66 -15.32 50.54
CA HYP E 1863 6.58 -15.05 51.64
C HYP E 1863 8.01 -15.56 51.40
O HYP E 1863 8.18 -16.31 50.46
CB HYP E 1863 5.95 -15.71 52.88
CG HYP E 1863 4.54 -16.02 52.42
CD HYP E 1863 4.78 -16.42 50.98
OD1 HYP E 1863 3.77 -14.84 52.48
N HYP E 1864 8.98 -15.15 52.20
CA HYP E 1864 10.35 -15.67 52.05
C HYP E 1864 10.55 -17.05 52.70
O HYP E 1864 9.67 -17.45 53.43
CB HYP E 1864 11.25 -14.61 52.68
CG HYP E 1864 10.32 -13.43 52.85
CD HYP E 1864 9.04 -14.11 53.24
OD1 HYP E 1864 10.15 -12.81 51.58
N HYP E 1865 11.65 -17.73 52.42
CA HYP E 1865 11.93 -19.01 53.09
C HYP E 1865 12.32 -18.82 54.57
O HYP E 1865 12.54 -17.68 54.96
CB HYP E 1865 13.06 -19.66 52.28
CG HYP E 1865 12.94 -18.95 50.95
CD HYP E 1865 12.70 -17.53 51.41
OD1 HYP E 1865 11.80 -19.42 50.27
N HYP E 1866 12.39 -19.89 55.35
CA HYP E 1866 12.80 -19.75 56.75
C HYP E 1866 14.32 -19.81 56.93
O HYP E 1866 14.99 -20.20 55.99
CB HYP E 1866 12.10 -20.91 57.49
CG HYP E 1866 11.21 -21.52 56.43
CD HYP E 1866 12.03 -21.31 55.20
OD1 HYP E 1866 10.04 -20.73 56.34
N HYP E 1867 14.83 -19.41 58.08
CA HYP E 1867 16.26 -19.62 58.37
C HYP E 1867 16.60 -21.10 58.57
O HYP E 1867 15.75 -21.80 59.09
CB HYP E 1867 16.56 -18.80 59.63
CG HYP E 1867 15.41 -17.81 59.63
CD HYP E 1867 14.26 -18.71 59.24
OD1 HYP E 1867 15.63 -16.87 58.59
N HYP E 1868 17.77 -21.56 58.14
CA HYP E 1868 18.19 -22.94 58.41
C HYP E 1868 18.01 -23.32 59.89
O HYP E 1868 18.41 -22.53 60.72
CB HYP E 1868 19.65 -23.01 57.97
CG HYP E 1868 19.76 -21.83 57.03
CD HYP E 1868 18.98 -20.80 57.81
OD1 HYP E 1868 19.05 -22.14 55.84
N SER E 1869 17.44 -24.48 60.18
CA SER E 1869 17.20 -24.90 61.56
C SER E 1869 18.51 -24.91 62.34
N HYP E 1870 18.42 -25.00 63.67
CA HYP E 1870 19.64 -25.06 64.49
C HYP E 1870 20.53 -26.29 64.24
O HYP E 1870 20.89 -26.53 63.10
CB HYP E 1870 19.13 -25.01 65.93
CG HYP E 1870 17.92 -24.09 65.78
CD HYP E 1870 17.28 -24.66 64.53
OD1 HYP E 1870 18.37 -22.77 65.55
N ARG E 1871 20.87 -27.02 65.28
CA ARG E 1871 21.65 -28.24 65.12
C ARG E 1871 21.63 -29.04 66.41
N HYP E 1872 21.39 -30.34 66.30
CA HYP E 1872 21.21 -31.20 67.48
C HYP E 1872 22.37 -31.13 68.49
O HYP E 1872 23.49 -31.33 68.06
CB HYP E 1872 21.02 -32.62 66.91
CG HYP E 1872 21.18 -32.43 65.41
CD HYP E 1872 22.07 -31.21 65.33
OD1 HYP E 1872 19.93 -32.12 64.81
N HYP E 1873 22.07 -30.87 69.75
CA HYP E 1873 23.10 -30.79 70.81
C HYP E 1873 24.25 -31.80 70.70
O HYP E 1873 23.98 -32.96 70.50
CB HYP E 1873 22.34 -30.99 72.13
CG HYP E 1873 20.89 -30.88 71.73
CD HYP E 1873 20.90 -31.52 70.36
OD1 HYP E 1873 20.51 -29.51 71.63
N SER E 1874 25.49 -31.34 70.85
CA SER E 1874 26.62 -32.23 70.72
C SER E 1874 26.75 -33.14 71.94
N HYP E 1875 27.47 -34.24 71.77
CA HYP E 1875 27.58 -35.28 72.80
C HYP E 1875 28.40 -34.88 74.03
O HYP E 1875 28.97 -33.80 74.01
CB HYP E 1875 28.14 -36.50 72.07
CG HYP E 1875 27.96 -36.16 70.60
CD HYP E 1875 26.97 -35.02 70.62
OD1 HYP E 1875 27.47 -37.28 69.88
N ASN E 1876 28.46 -35.73 75.04
CA ASN E 1876 29.19 -35.41 76.27
C ASN E 1876 30.53 -36.12 76.30
N HYP E 1877 31.47 -35.56 77.05
CA HYP E 1877 32.79 -36.20 77.24
C HYP E 1877 32.74 -37.51 78.03
O HYP E 1877 32.08 -37.54 79.05
CB HYP E 1877 33.63 -35.13 77.94
CG HYP E 1877 33.04 -33.87 77.35
CD HYP E 1877 31.56 -34.15 77.47
OD1 HYP E 1877 33.42 -33.77 75.99
N HYP E 1878 33.43 -38.54 77.54
CA HYP E 1878 33.47 -39.87 78.17
C HYP E 1878 33.35 -39.92 79.71
O HYP E 1878 34.09 -39.22 80.38
CB HYP E 1878 34.81 -40.46 77.69
CG HYP E 1878 34.86 -39.89 76.29
CD HYP E 1878 34.51 -38.44 76.54
OD1 HYP E 1878 33.82 -40.51 75.54
N SER E 1879 32.44 -40.73 80.22
CA SER E 1879 32.27 -40.90 81.66
C SER E 1879 33.59 -41.32 82.30
N HYP E 1880 33.87 -40.73 83.45
CA HYP E 1880 35.13 -40.97 84.18
C HYP E 1880 35.24 -42.38 84.75
O HYP E 1880 34.27 -42.85 85.33
CB HYP E 1880 35.17 -39.88 85.27
CG HYP E 1880 33.83 -39.18 85.11
CD HYP E 1880 33.58 -39.31 83.62
OD1 HYP E 1880 33.85 -37.83 85.54
N ARG E 1881 36.40 -43.03 84.60
CA ARG E 1881 36.60 -44.37 85.14
C ARG E 1881 36.38 -44.43 86.65
N HYP E 1882 36.17 -45.62 87.17
CA HYP E 1882 35.95 -45.80 88.61
C HYP E 1882 37.23 -45.79 89.47
O HYP E 1882 38.30 -45.64 88.90
CB HYP E 1882 35.20 -47.15 88.72
CG HYP E 1882 34.61 -47.32 87.33
CD HYP E 1882 34.85 -45.98 86.66
OD1 HYP E 1882 33.23 -47.63 87.43
N HYP E 1883 37.09 -45.92 90.79
CA HYP E 1883 38.27 -46.04 91.66
C HYP E 1883 39.20 -47.22 91.33
O HYP E 1883 38.84 -48.04 90.51
CB HYP E 1883 37.65 -46.10 93.04
CG HYP E 1883 36.65 -44.96 92.93
CD HYP E 1883 36.05 -45.20 91.56
OD1 HYP E 1883 37.42 -43.76 92.91
N SER E 1884 40.37 -47.27 91.97
CA SER E 1884 41.33 -48.33 91.70
C SER E 1884 41.67 -49.04 93.00
N HYP E 1885 41.31 -50.32 93.08
CA HYP E 1885 41.45 -51.14 94.29
C HYP E 1885 42.84 -51.09 94.93
O HYP E 1885 43.80 -51.46 94.27
CB HYP E 1885 41.07 -52.56 93.85
CG HYP E 1885 40.86 -52.40 92.36
CD HYP E 1885 40.30 -51.00 92.25
OD1 HYP E 1885 39.95 -53.38 91.87
N ALA E 1886 42.93 -50.67 96.19
CA ALA E 1886 44.21 -50.61 96.90
C ALA E 1886 44.87 -51.99 96.96
N HYP E 1887 46.18 -52.00 97.12
CA HYP E 1887 46.94 -53.26 97.08
C HYP E 1887 46.58 -54.27 98.18
O HYP E 1887 45.81 -53.92 99.05
CB HYP E 1887 48.42 -52.82 97.13
CG HYP E 1887 48.35 -51.33 96.83
CD HYP E 1887 46.97 -51.14 96.24
OD1 HYP E 1887 49.38 -50.96 95.91
N HYP E 1888 47.10 -55.49 98.10
CA HYP E 1888 46.87 -56.52 99.12
C HYP E 1888 47.01 -56.06 100.58
O HYP E 1888 48.00 -55.42 100.89
CB HYP E 1888 47.87 -57.60 98.73
CG HYP E 1888 47.64 -57.65 97.24
CD HYP E 1888 47.52 -56.19 96.86
OD1 HYP E 1888 46.40 -58.31 97.04
N SER E 1889 46.04 -56.39 101.43
CA SER E 1889 46.16 -56.14 102.87
C SER E 1889 47.30 -56.98 103.43
N HYP E 1890 48.05 -56.40 104.36
CA HYP E 1890 49.16 -57.14 104.99
C HYP E 1890 48.72 -58.36 105.80
O HYP E 1890 47.53 -58.55 105.98
CB HYP E 1890 49.86 -56.07 105.85
CG HYP E 1890 49.48 -54.77 105.16
CD HYP E 1890 48.76 -55.21 103.91
OD1 HYP E 1890 50.65 -54.01 104.86
N ASN E 1891 49.67 -59.16 106.28
CA ASN E 1891 49.35 -60.42 106.93
C ASN E 1891 49.83 -60.44 108.37
N HYP E 1892 49.11 -61.17 109.22
CA HYP E 1892 49.43 -61.19 110.65
C HYP E 1892 50.84 -61.72 110.99
O HYP E 1892 51.49 -62.25 110.11
CB HYP E 1892 48.33 -62.06 111.28
CG HYP E 1892 47.23 -62.06 110.22
CD HYP E 1892 47.67 -60.97 109.26
OD1 HYP E 1892 45.97 -61.82 110.82
N HYP E 1893 51.28 -61.54 112.23
CA HYP E 1893 52.57 -62.09 112.64
C HYP E 1893 52.53 -63.60 112.90
O HYP E 1893 51.44 -64.15 112.88
CB HYP E 1893 52.96 -61.28 113.89
CG HYP E 1893 52.04 -60.08 113.84
CD HYP E 1893 51.51 -60.11 112.42
OD1 HYP E 1893 52.73 -58.88 114.12
N HYP E 1894 53.67 -64.24 113.10
CA HYP E 1894 53.71 -65.69 113.29
C HYP E 1894 52.92 -66.22 114.49
O HYP E 1894 53.18 -65.78 115.59
CB HYP E 1894 55.22 -65.95 113.38
CG HYP E 1894 55.80 -64.95 112.40
CD HYP E 1894 54.62 -64.07 112.00
OD1 HYP E 1894 56.32 -65.62 111.26
N THR E 1895 51.98 -67.13 114.24
CA THR E 1895 51.16 -67.71 115.30
C THR E 1895 52.02 -68.34 116.38
N SER E 1896 51.62 -68.16 117.64
CA SER E 1896 52.39 -68.63 118.77
C SER E 1896 52.46 -70.14 118.82
N HYP E 1897 53.54 -70.68 119.37
CA HYP E 1897 53.72 -72.13 119.47
C HYP E 1897 52.73 -72.87 120.37
O HYP E 1897 51.87 -72.22 120.95
CB HYP E 1897 55.16 -72.32 119.95
CG HYP E 1897 55.78 -70.94 119.77
CD HYP E 1897 54.83 -70.26 118.83
OD1 HYP E 1897 57.09 -71.06 119.25
N HYP E 1898 52.87 -74.18 120.50
CA HYP E 1898 52.00 -74.96 121.39
C HYP E 1898 52.49 -75.01 122.83
O HYP E 1898 53.54 -74.45 123.11
CB HYP E 1898 51.93 -76.35 120.74
CG HYP E 1898 52.40 -76.10 119.31
CD HYP E 1898 52.38 -74.59 119.18
OD1 HYP E 1898 51.52 -76.73 118.38
N HYP E 1899 51.75 -75.66 123.72
CA HYP E 1899 52.15 -75.77 125.12
C HYP E 1899 53.27 -76.79 125.38
O HYP E 1899 53.16 -77.90 124.92
CB HYP E 1899 50.83 -76.10 125.82
CG HYP E 1899 49.82 -75.29 125.02
CD HYP E 1899 50.59 -74.76 123.83
OD1 HYP E 1899 49.33 -74.20 125.79
N SER E 1900 54.31 -76.39 126.11
CA SER E 1900 55.46 -77.26 126.35
C SER E 1900 55.03 -78.53 127.08
N HYP E 1901 55.65 -79.65 126.70
CA HYP E 1901 55.29 -80.97 127.25
C HYP E 1901 55.46 -81.11 128.78
O HYP E 1901 56.00 -80.22 129.39
CB HYP E 1901 56.19 -81.97 126.51
CG HYP E 1901 56.68 -81.16 125.32
CD HYP E 1901 56.91 -79.81 125.96
OD1 HYP E 1901 55.63 -81.05 124.38
N HYP E 1902 54.98 -82.22 129.35
CA HYP E 1902 55.23 -82.51 130.76
C HYP E 1902 56.64 -83.06 131.02
O HYP E 1902 57.35 -83.29 130.06
CB HYP E 1902 54.15 -83.52 131.17
CG HYP E 1902 53.02 -83.13 130.22
CD HYP E 1902 53.77 -82.96 128.92
OD1 HYP E 1902 52.47 -81.89 130.63
N HYP E 1903 57.04 -83.24 132.28
CA HYP E 1903 58.34 -83.82 132.59
C HYP E 1903 58.40 -85.35 132.41
O HYP E 1903 57.55 -86.03 132.95
CB HYP E 1903 58.64 -83.39 134.03
CG HYP E 1903 57.95 -82.03 134.04
CD HYP E 1903 56.62 -82.38 133.40
OD1 HYP E 1903 58.67 -81.15 133.19
N SER E 1904 59.38 -85.85 131.67
CA SER E 1904 59.50 -87.29 131.44
C SER E 1904 59.74 -88.03 132.75
N HYP E 1905 59.27 -89.27 132.82
CA HYP E 1905 59.42 -90.07 134.03
C HYP E 1905 60.86 -90.50 134.33
O HYP E 1905 61.72 -90.27 133.51
CB HYP E 1905 58.48 -91.26 133.83
CG HYP E 1905 57.53 -90.78 132.73
CD HYP E 1905 57.81 -89.29 132.65
OD1 HYP E 1905 56.18 -91.05 133.09
N HYP E 1906 61.10 -91.09 135.50
CA HYP E 1906 62.46 -91.51 135.87
C HYP E 1906 62.99 -92.79 135.21
O HYP E 1906 62.23 -93.47 134.55
CB HYP E 1906 62.35 -91.67 137.39
CG HYP E 1906 61.43 -90.50 137.77
CD HYP E 1906 60.89 -89.99 136.44
OD1 HYP E 1906 62.22 -89.50 138.40
N HYP E 1907 64.28 -93.08 135.40
CA HYP E 1907 64.81 -94.42 135.09
C HYP E 1907 64.18 -95.51 135.95
O HYP E 1907 63.40 -95.16 136.83
CB HYP E 1907 66.32 -94.26 135.27
CG HYP E 1907 66.54 -92.87 134.69
CD HYP E 1907 65.37 -92.10 135.27
OD1 HYP E 1907 66.45 -92.94 133.28
N HYP E 1908 64.49 -96.77 135.73
CA HYP E 1908 63.84 -97.84 136.50
C HYP E 1908 64.52 -98.22 137.83
O HYP E 1908 64.08 -99.17 138.44
CB HYP E 1908 63.75 -99.01 135.51
CG HYP E 1908 63.56 -98.26 134.21
CD HYP E 1908 64.65 -97.22 134.32
OD1 HYP E 1908 62.31 -97.61 134.26
N ARG E 1909 65.52 -97.44 138.24
CA ARG E 1909 66.20 -97.62 139.53
C ARG E 1909 66.98 -98.94 139.62
N HYP E 1910 68.16 -98.88 140.22
CA HYP E 1910 69.03 -100.06 140.30
C HYP E 1910 68.53 -101.16 141.24
O HYP E 1910 67.52 -100.95 141.91
CB HYP E 1910 70.40 -99.51 140.75
CG HYP E 1910 70.27 -98.00 140.51
CD HYP E 1910 69.06 -97.90 139.61
OD1 HYP E 1910 71.45 -97.50 139.90
N HYP E 1911 69.20 -102.31 141.27
CA HYP E 1911 68.87 -103.36 142.22
C HYP E 1911 69.55 -103.19 143.58
O HYP E 1911 70.33 -102.25 143.72
CB HYP E 1911 69.26 -104.67 141.52
CG HYP E 1911 69.35 -104.27 140.05
CD HYP E 1911 68.70 -102.90 140.02
OD1 HYP E 1911 68.67 -105.20 139.23
N HYP E 1912 69.25 -104.04 144.56
CA HYP E 1912 69.83 -103.91 145.89
C HYP E 1912 71.20 -104.58 146.03
O HYP E 1912 71.57 -105.32 145.14
CB HYP E 1912 68.77 -104.50 146.84
CG HYP E 1912 67.53 -104.61 145.96
CD HYP E 1912 67.85 -103.70 144.80
OD1 HYP E 1912 66.36 -104.22 146.65
N HYP E 1913 71.94 -104.31 147.10
CA HYP E 1913 73.28 -104.87 147.27
C HYP E 1913 73.33 -106.37 147.57
O HYP E 1913 72.69 -106.81 148.51
CB HYP E 1913 73.87 -104.02 148.39
CG HYP E 1913 73.25 -102.65 148.14
CD HYP E 1913 72.28 -102.88 146.99
OD1 HYP E 1913 74.25 -101.72 147.76
N HYP E 1914 74.09 -107.12 146.78
CA HYP E 1914 74.31 -108.56 147.01
C HYP E 1914 74.78 -108.86 148.44
O HYP E 1914 75.68 -108.18 148.91
CB HYP E 1914 75.36 -108.99 145.97
CG HYP E 1914 75.65 -107.71 145.21
CD HYP E 1914 75.38 -106.64 146.25
OD1 HYP E 1914 74.71 -107.57 144.16
N HYP E 1915 74.20 -109.88 149.08
CA HYP E 1915 74.59 -110.24 150.44
C HYP E 1915 76.10 -110.45 150.67
O HYP E 1915 76.82 -110.64 149.71
CB HYP E 1915 73.78 -111.50 150.74
CG HYP E 1915 72.57 -111.37 149.81
CD HYP E 1915 72.75 -110.01 149.19
OD1 HYP E 1915 71.37 -111.47 150.56
N HYP E 1916 76.54 -110.40 151.93
CA HYP E 1916 77.96 -110.58 152.24
C HYP E 1916 78.28 -112.02 152.63
O HYP E 1916 77.35 -112.80 152.73
CB HYP E 1916 78.25 -109.58 153.39
CG HYP E 1916 76.89 -108.90 153.59
CD HYP E 1916 75.93 -109.98 153.19
OD1 HYP E 1916 76.77 -107.81 152.69
N HYP E 1917 79.55 -112.37 152.83
CA HYP E 1917 79.88 -113.76 153.16
C HYP E 1917 79.65 -114.12 154.64
O HYP E 1917 79.38 -113.22 155.42
CB HYP E 1917 81.36 -113.95 152.78
CG HYP E 1917 81.65 -112.69 151.98
CD HYP E 1917 80.84 -111.67 152.73
OD1 HYP E 1917 81.15 -112.84 150.67
N HYP E 1918 79.73 -115.40 154.98
CA HYP E 1918 79.64 -115.83 156.38
C HYP E 1918 80.72 -115.22 157.29
O HYP E 1918 81.89 -115.35 156.96
CB HYP E 1918 79.73 -117.36 156.29
CG HYP E 1918 78.90 -117.62 155.06
CD HYP E 1918 79.38 -116.54 154.11
OD1 HYP E 1918 77.53 -117.40 155.37
N SER E 1919 80.32 -114.57 158.38
CA SER E 1919 81.26 -113.99 159.32
C SER E 1919 82.26 -115.04 159.79
N HYP E 1920 83.52 -114.66 159.88
CA HYP E 1920 84.59 -115.61 160.21
C HYP E 1920 84.42 -116.31 161.57
O HYP E 1920 83.64 -115.82 162.37
CB HYP E 1920 85.89 -114.80 160.16
CG HYP E 1920 85.46 -113.53 159.44
CD HYP E 1920 84.09 -113.32 160.04
OD1 HYP E 1920 85.33 -113.81 158.06
N HYP E 1921 85.12 -117.41 161.79
CA HYP E 1921 85.02 -118.14 163.05
C HYP E 1921 85.61 -117.43 164.27
O HYP E 1921 86.17 -116.36 164.11
CB HYP E 1921 85.71 -119.47 162.71
CG HYP E 1921 85.27 -119.71 161.27
CD HYP E 1921 84.62 -118.40 160.84
OD1 HYP E 1921 84.33 -120.75 161.22
N HYP E 1922 85.47 -118.01 165.46
CA HYP E 1922 86.10 -117.42 166.65
C HYP E 1922 87.50 -118.01 166.88
O HYP E 1922 87.78 -119.06 166.35
CB HYP E 1922 85.15 -117.73 167.82
CG HYP E 1922 83.97 -118.39 167.12
CD HYP E 1922 84.65 -119.10 165.99
OD1 HYP E 1922 83.15 -117.36 166.55
N HYP E 1923 88.35 -117.31 167.63
CA HYP E 1923 89.71 -117.84 167.91
C HYP E 1923 89.71 -119.24 168.53
O HYP E 1923 89.16 -119.40 169.60
CB HYP E 1923 90.33 -116.75 168.79
CG HYP E 1923 89.82 -115.52 168.07
CD HYP E 1923 88.35 -115.85 167.89
OD1 HYP E 1923 90.44 -115.47 166.80
N ASN E 1924 90.29 -120.22 167.84
CA ASN E 1924 90.33 -121.59 168.31
C ASN E 1924 90.90 -121.65 169.72
N ARG E 1925 90.06 -122.04 170.67
CA ARG E 1925 90.44 -122.00 172.07
C ARG E 1925 91.59 -122.94 172.36
N SER E 1926 92.48 -122.51 173.25
CA SER E 1926 93.60 -123.34 173.67
C SER E 1926 93.12 -124.42 174.62
N HYP E 1927 94.02 -125.34 174.99
CA HYP E 1927 93.69 -126.36 175.97
C HYP E 1927 93.99 -125.96 177.43
O HYP E 1927 94.51 -124.87 177.64
CB HYP E 1927 94.49 -127.59 175.53
CG HYP E 1927 94.68 -127.35 174.04
CD HYP E 1927 93.86 -126.11 173.75
OD1 HYP E 1927 94.22 -128.47 173.30
N HYP E 1928 93.67 -126.82 178.39
CA HYP E 1928 93.94 -126.53 179.80
C HYP E 1928 95.34 -126.99 180.26
O HYP E 1928 96.01 -127.64 179.48
CB HYP E 1928 92.81 -127.20 180.59
CG HYP E 1928 91.80 -127.55 179.51
CD HYP E 1928 92.21 -126.68 178.35
OD1 HYP E 1928 90.47 -127.27 179.96
N HYP E 1929 95.73 -126.66 181.49
CA HYP E 1929 97.02 -127.11 182.00
C HYP E 1929 97.07 -128.60 182.36
O HYP E 1929 96.03 -129.23 182.31
CB HYP E 1929 97.25 -126.19 183.21
CG HYP E 1929 96.59 -124.90 182.79
CD HYP E 1929 95.96 -125.21 181.44
OD1 HYP E 1929 97.57 -123.87 182.66
N HYP E 1930 98.24 -129.13 182.66
CA HYP E 1930 98.35 -130.53 183.07
C HYP E 1930 98.15 -130.80 184.57
O HYP E 1930 98.02 -129.84 185.32
CB HYP E 1930 99.74 -130.91 182.57
CG HYP E 1930 99.86 -130.15 181.26
CD HYP E 1930 98.64 -129.24 181.25
OD1 HYP E 1930 99.79 -131.06 180.17
N HYP E 1931 98.12 -132.06 184.97
CA HYP E 1931 98.01 -132.44 186.38
C HYP E 1931 99.38 -132.54 187.08
O HYP E 1931 100.28 -133.10 186.48
CB HYP E 1931 97.23 -133.76 186.38
CG HYP E 1931 96.64 -133.82 184.98
CD HYP E 1931 96.77 -132.38 184.48
OD1 HYP E 1931 95.30 -134.28 184.97
N HYP E 1932 99.48 -132.04 188.30
CA HYP E 1932 100.77 -131.99 189.02
C HYP E 1932 101.45 -133.36 189.23
O HYP E 1932 100.84 -134.37 188.93
CB HYP E 1932 100.45 -131.33 190.36
CG HYP E 1932 99.07 -130.73 190.12
CD HYP E 1932 98.44 -131.82 189.31
OD1 HYP E 1932 99.22 -129.57 189.32
N ALA E 1933 102.69 -133.35 189.71
CA ALA E 1933 103.45 -134.58 189.90
C ALA E 1933 102.76 -135.51 190.90
N SER E 1934 102.11 -136.55 190.39
CA SER E 1934 101.43 -137.51 191.25
C SER E 1934 102.45 -138.26 192.09
N SER E 1935 102.07 -138.55 193.34
CA SER E 1935 102.97 -139.24 194.25
C SER E 1935 103.14 -140.70 193.83
N ALA E 1936 104.17 -141.34 194.40
CA ALA E 1936 104.44 -142.73 194.09
C ALA E 1936 103.31 -143.63 194.58
N ILE E 1937 103.15 -144.76 193.90
CA ILE E 1937 102.08 -145.70 194.21
C ILE E 1937 102.35 -146.36 195.56
N ASN E 1938 101.34 -147.02 196.11
CA ASN E 1938 101.50 -147.66 197.40
C ASN E 1938 102.54 -148.77 197.33
N PRO E 1939 103.39 -148.91 198.34
CA PRO E 1939 104.42 -149.96 198.30
C PRO E 1939 103.80 -151.35 198.38
N GLY E 1940 104.52 -152.32 197.82
CA GLY E 1940 104.06 -153.70 197.82
C GLY E 1940 102.83 -153.94 196.96
N GLY E 1941 102.75 -153.30 195.79
CA GLY E 1941 101.63 -153.49 194.90
C GLY E 1941 101.90 -154.62 193.92
N VAL F 493 -145.89 137.71 -147.41
CA VAL F 493 -145.89 136.68 -146.39
C VAL F 493 -145.48 135.37 -147.05
N LEU F 494 -144.41 134.76 -146.54
CA LEU F 494 -143.86 133.52 -147.11
C LEU F 494 -144.09 132.37 -146.15
N TYR F 495 -144.36 131.19 -146.70
CA TYR F 495 -144.64 130.00 -145.93
C TYR F 495 -143.64 128.90 -146.30
N ALA F 496 -143.39 128.00 -145.35
CA ALA F 496 -142.54 126.84 -145.57
C ALA F 496 -143.31 125.58 -145.22
N LEU F 497 -142.87 124.45 -145.78
CA LEU F 497 -143.54 123.17 -145.59
C LEU F 497 -142.58 122.17 -144.96
N GLU F 498 -143.12 121.33 -144.07
CA GLU F 498 -142.39 120.24 -143.45
C GLU F 498 -143.09 118.93 -143.80
N SER F 499 -142.30 117.94 -144.21
CA SER F 499 -142.82 116.70 -144.76
C SER F 499 -142.24 115.50 -144.02
N ALA F 500 -143.07 114.47 -143.87
CA ALA F 500 -142.66 113.24 -143.22
C ALA F 500 -143.49 112.08 -143.75
N VAL F 501 -142.97 110.88 -143.53
CA VAL F 501 -143.58 109.64 -143.98
C VAL F 501 -143.71 108.71 -142.78
N GLU F 502 -144.77 107.89 -142.76
CA GLU F 502 -144.91 106.92 -141.68
C GLU F 502 -143.81 105.86 -141.70
N PRO F 503 -143.53 105.18 -142.82
CA PRO F 503 -142.34 104.31 -142.86
C PRO F 503 -141.09 104.91 -143.50
N PHE F 504 -141.17 106.15 -144.02
CA PHE F 504 -140.07 106.88 -144.63
C PHE F 504 -139.69 106.31 -145.99
N SER F 505 -140.26 105.15 -146.33
CA SER F 505 -139.98 104.50 -147.60
C SER F 505 -141.11 103.55 -147.94
N PRO F 506 -142.02 103.93 -148.84
CA PRO F 506 -143.17 103.06 -149.14
C PRO F 506 -142.74 101.71 -149.69
N ILE F 507 -143.45 100.68 -149.30
CA ILE F 507 -143.28 99.36 -149.88
C ILE F 507 -144.36 99.12 -150.92
N ALA F 508 -144.14 98.14 -151.80
CA ALA F 508 -144.91 98.02 -153.03
C ALA F 508 -146.28 97.36 -152.86
N THR F 509 -146.75 97.11 -151.65
CA THR F 509 -148.03 96.40 -151.56
C THR F 509 -149.12 97.19 -150.85
N VAL F 510 -148.86 97.69 -149.65
CA VAL F 510 -149.88 98.39 -148.86
C VAL F 510 -149.52 99.86 -148.76
N ALA F 511 -150.52 100.69 -148.56
CA ALA F 511 -150.38 102.14 -148.63
C ALA F 511 -149.60 102.69 -147.44
N ALA F 512 -149.23 103.97 -147.55
CA ALA F 512 -148.51 104.69 -146.52
C ALA F 512 -149.19 106.04 -146.27
N LYS F 513 -148.75 106.73 -145.23
CA LYS F 513 -149.33 108.01 -144.83
C LYS F 513 -148.26 109.09 -144.85
N TRP F 514 -148.61 110.23 -145.43
CA TRP F 514 -147.70 111.35 -145.62
C TRP F 514 -148.19 112.54 -144.78
N SER F 515 -147.31 113.08 -143.95
CA SER F 515 -147.63 114.19 -143.07
C SER F 515 -146.97 115.46 -143.59
N PHE F 516 -147.76 116.53 -143.70
CA PHE F 516 -147.29 117.82 -144.17
C PHE F 516 -147.81 118.91 -143.25
N ARG F 517 -146.94 119.87 -142.94
CA ARG F 517 -147.30 120.99 -142.07
C ARG F 517 -146.79 122.28 -142.70
N ILE F 518 -147.49 123.38 -142.41
CA ILE F 518 -147.19 124.69 -142.96
C ILE F 518 -146.76 125.60 -141.82
N GLN F 519 -145.66 126.34 -142.04
CA GLN F 519 -145.16 127.31 -141.07
C GLN F 519 -145.10 128.68 -141.73
N ARG F 520 -145.74 129.67 -141.10
CA ARG F 520 -145.81 131.02 -141.64
C ARG F 520 -144.60 131.84 -141.21
N SER F 521 -144.24 132.82 -142.03
CA SER F 521 -143.11 133.69 -141.71
C SER F 521 -143.37 134.51 -140.45
N LYS F 522 -144.59 135.04 -140.33
CA LYS F 522 -144.98 135.87 -139.19
C LYS F 522 -146.22 135.28 -138.54
N ALA F 523 -146.67 135.91 -137.47
CA ALA F 523 -147.85 135.46 -136.75
C ALA F 523 -149.12 135.94 -137.45
N THR F 524 -150.18 135.14 -137.33
CA THR F 524 -151.47 135.54 -137.87
C THR F 524 -151.99 136.75 -137.10
N PRO F 525 -152.74 137.63 -137.76
CA PRO F 525 -153.25 138.82 -137.07
C PRO F 525 -154.22 138.44 -135.96
N ALA F 526 -154.27 139.28 -134.94
CA ALA F 526 -155.11 139.00 -133.76
C ALA F 526 -156.58 139.20 -134.11
N GLY F 527 -157.22 138.16 -134.61
CA GLY F 527 -158.63 138.23 -134.96
C GLY F 527 -158.97 137.55 -136.27
N VAL F 528 -157.97 136.96 -136.93
CA VAL F 528 -158.17 136.29 -138.21
C VAL F 528 -157.61 134.87 -138.11
N THR F 529 -158.42 133.89 -138.50
CA THR F 529 -158.01 132.50 -138.61
C THR F 529 -157.85 132.15 -140.08
N GLU F 530 -156.71 131.55 -140.42
CA GLU F 530 -156.37 131.26 -141.81
C GLU F 530 -156.73 129.82 -142.14
N SER F 531 -157.42 129.63 -143.26
CA SER F 531 -157.79 128.30 -143.75
C SER F 531 -157.23 128.11 -145.15
N ILE F 532 -156.54 126.98 -145.35
CA ILE F 532 -155.85 126.69 -146.61
C ILE F 532 -156.36 125.37 -147.14
N LYS F 533 -156.70 125.35 -148.43
CA LYS F 533 -157.11 124.14 -149.13
C LYS F 533 -155.89 123.57 -149.85
N CYS F 534 -155.49 122.36 -149.50
CA CYS F 534 -154.24 121.79 -150.00
C CYS F 534 -154.48 120.46 -150.71
N ALA F 535 -153.68 120.23 -151.75
CA ALA F 535 -153.73 119.00 -152.53
C ALA F 535 -152.31 118.48 -152.74
N PHE F 536 -152.16 117.16 -152.68
CA PHE F 536 -150.86 116.51 -152.78
C PHE F 536 -150.90 115.43 -153.86
N PHE F 537 -149.82 115.34 -154.63
CA PHE F 537 -149.70 114.30 -155.66
C PHE F 537 -148.25 113.83 -155.65
N GLY F 538 -147.98 112.74 -154.93
CA GLY F 538 -146.67 112.14 -155.00
C GLY F 538 -146.61 110.90 -155.86
N ALA F 539 -146.21 111.06 -157.13
CA ALA F 539 -145.78 109.97 -158.01
C ALA F 539 -146.60 108.69 -157.90
N ASP F 540 -147.90 108.80 -157.64
CA ASP F 540 -148.73 107.63 -157.36
C ASP F 540 -149.54 107.18 -158.56
N THR F 541 -150.36 108.06 -159.12
CA THR F 541 -151.27 107.68 -160.20
C THR F 541 -151.29 108.76 -161.27
N GLY F 542 -151.31 108.32 -162.53
CA GLY F 542 -151.47 109.25 -163.64
C GLY F 542 -150.31 110.22 -163.76
N THR F 543 -150.65 111.49 -163.99
CA THR F 543 -149.66 112.54 -164.20
C THR F 543 -150.01 113.74 -163.32
N ALA F 544 -149.10 114.70 -163.28
CA ALA F 544 -149.28 115.88 -162.46
C ALA F 544 -150.32 116.82 -163.08
N PRO F 545 -151.06 117.56 -162.24
CA PRO F 545 -151.98 118.59 -162.76
C PRO F 545 -151.25 119.88 -163.11
N ALA F 546 -150.67 119.90 -164.31
CA ALA F 546 -149.84 121.00 -164.77
C ALA F 546 -150.61 122.30 -164.97
N ASP F 547 -151.92 122.32 -164.72
CA ASP F 547 -152.73 123.52 -164.88
C ASP F 547 -153.21 124.02 -163.53
N LEU F 548 -153.28 125.34 -163.40
CA LEU F 548 -153.68 125.96 -162.14
C LEU F 548 -155.14 125.65 -161.82
N ALA F 549 -155.99 125.61 -162.84
CA ALA F 549 -157.40 125.27 -162.62
C ALA F 549 -157.55 123.85 -162.08
N ALA F 550 -156.80 122.90 -162.64
CA ALA F 550 -156.84 121.54 -162.11
C ALA F 550 -156.35 121.50 -160.67
N TRP F 551 -155.31 122.29 -160.35
CA TRP F 551 -154.80 122.33 -158.99
C TRP F 551 -155.86 122.85 -158.02
N LEU F 552 -156.56 123.92 -158.40
CA LEU F 552 -157.57 124.47 -157.49
C LEU F 552 -158.78 123.55 -157.37
N THR F 553 -159.16 122.86 -158.45
CA THR F 553 -160.24 121.90 -158.34
C THR F 553 -159.86 120.73 -157.44
N ALA F 554 -158.61 120.27 -157.53
CA ALA F 554 -158.16 119.20 -156.64
C ALA F 554 -158.13 119.67 -155.19
N ALA F 555 -157.67 120.90 -154.95
CA ALA F 555 -157.63 121.43 -153.59
C ALA F 555 -159.04 121.58 -153.02
N ASN F 556 -159.98 122.06 -153.83
CA ASN F 556 -161.36 122.22 -153.42
C ASN F 556 -162.19 120.96 -153.61
N GLY F 557 -161.59 119.88 -154.12
CA GLY F 557 -162.28 118.64 -154.33
C GLY F 557 -162.26 117.75 -153.09
N ALA F 558 -162.57 116.47 -153.32
CA ALA F 558 -162.58 115.51 -152.23
C ALA F 558 -161.20 115.31 -151.64
N GLY F 559 -160.17 115.24 -152.48
CA GLY F 559 -158.83 114.96 -152.00
C GLY F 559 -158.18 116.10 -151.22
N GLY F 560 -158.62 117.34 -151.47
CA GLY F 560 -158.03 118.46 -150.77
C GLY F 560 -158.40 118.48 -149.30
N LEU F 561 -157.42 118.83 -148.47
CA LEU F 561 -157.61 118.91 -147.03
C LEU F 561 -157.48 120.35 -146.56
N THR F 562 -157.90 120.58 -145.32
CA THR F 562 -157.95 121.91 -144.74
C THR F 562 -156.88 122.07 -143.68
N ALA F 563 -156.07 123.12 -143.81
CA ALA F 563 -155.06 123.49 -142.83
C ALA F 563 -155.48 124.79 -142.16
N THR F 564 -155.53 124.79 -140.83
CA THR F 564 -156.04 125.91 -140.06
C THR F 564 -154.93 126.51 -139.20
N ILE F 565 -154.76 127.82 -139.28
CA ILE F 565 -153.82 128.57 -138.46
C ILE F 565 -154.64 129.53 -137.61
N LEU F 566 -154.63 129.31 -136.29
CA LEU F 566 -155.35 130.18 -135.38
C LEU F 566 -154.65 131.53 -135.29
N PRO F 567 -155.38 132.58 -134.89
CA PRO F 567 -154.77 133.92 -134.83
C PRO F 567 -153.59 133.96 -133.86
N SER F 568 -152.61 134.80 -134.20
CA SER F 568 -151.42 135.01 -133.38
C SER F 568 -150.64 133.71 -133.17
N SER F 569 -150.56 132.89 -134.22
CA SER F 569 -149.81 131.64 -134.18
C SER F 569 -149.00 131.49 -135.46
N ILE F 570 -147.81 130.93 -135.33
CA ILE F 570 -146.92 130.72 -136.47
C ILE F 570 -147.32 129.50 -137.30
N PRO F 571 -147.46 128.30 -136.73
CA PRO F 571 -147.64 127.11 -137.56
C PRO F 571 -149.10 126.75 -137.78
N SER F 572 -149.31 125.95 -138.83
CA SER F 572 -150.61 125.38 -139.12
C SER F 572 -150.75 124.04 -138.40
N ASP F 573 -151.77 123.26 -138.74
CA ASP F 573 -151.99 121.95 -138.16
C ASP F 573 -151.42 120.86 -139.06
N ILE F 574 -151.36 119.66 -138.52
CA ILE F 574 -150.77 118.52 -139.22
C ILE F 574 -151.77 117.98 -140.23
N ILE F 575 -151.31 117.79 -141.47
CA ILE F 575 -152.13 117.28 -142.56
C ILE F 575 -151.64 115.88 -142.93
N SER F 576 -152.56 114.95 -143.11
CA SER F 576 -152.23 113.56 -143.40
C SER F 576 -152.91 113.13 -144.70
N PHE F 577 -152.12 112.50 -145.59
CA PHE F 577 -152.61 111.97 -146.86
C PHE F 577 -152.21 110.51 -146.96
N THR F 578 -153.18 109.62 -147.12
CA THR F 578 -152.91 108.19 -147.24
C THR F 578 -152.95 107.81 -148.71
N ARG F 579 -151.81 107.33 -149.24
CA ARG F 579 -151.70 106.97 -150.64
C ARG F 579 -151.00 105.62 -150.78
N THR F 580 -151.34 104.91 -151.84
CA THR F 580 -150.73 103.62 -152.14
C THR F 580 -149.66 103.79 -153.22
N TYR F 581 -148.70 102.85 -153.21
CA TYR F 581 -147.59 102.86 -154.16
C TYR F 581 -147.31 101.41 -154.56
N ALA F 582 -147.94 100.97 -155.66
CA ALA F 582 -147.72 99.63 -156.16
C ALA F 582 -146.49 99.52 -157.04
N ALA F 583 -145.84 100.63 -157.36
CA ALA F 583 -144.64 100.63 -158.19
C ALA F 583 -143.44 100.18 -157.35
N ALA F 584 -142.26 100.20 -157.96
CA ALA F 584 -141.05 99.72 -157.30
C ALA F 584 -139.86 100.50 -157.86
N ALA F 585 -138.65 99.96 -157.66
CA ALA F 585 -137.42 100.46 -158.26
C ALA F 585 -136.97 101.79 -157.67
N ALA F 586 -136.46 102.68 -158.52
CA ALA F 586 -135.74 103.86 -158.08
C ALA F 586 -136.66 104.84 -157.36
N SER F 587 -136.05 105.91 -156.86
CA SER F 587 -136.75 106.88 -156.04
C SER F 587 -137.75 107.69 -156.87
N LEU F 588 -138.61 108.42 -156.16
CA LEU F 588 -139.65 109.23 -156.78
C LEU F 588 -139.73 110.57 -156.04
N GLN F 589 -140.55 111.47 -156.57
CA GLN F 589 -140.80 112.76 -155.96
C GLN F 589 -142.26 113.13 -156.13
N GLY F 590 -142.73 114.04 -155.27
CA GLY F 590 -144.11 114.47 -155.28
C GLY F 590 -144.23 115.99 -155.25
N LYS F 591 -145.47 116.45 -155.37
CA LYS F 591 -145.77 117.88 -155.43
C LYS F 591 -146.93 118.20 -154.51
N LEU F 592 -146.95 119.46 -154.04
CA LEU F 592 -148.00 119.95 -153.16
C LEU F 592 -148.43 121.33 -153.61
N GLN F 593 -149.73 121.61 -153.50
CA GLN F 593 -150.26 122.91 -153.91
C GLN F 593 -151.33 123.34 -152.93
N CYS F 594 -151.21 124.55 -152.41
CA CYS F 594 -152.12 125.07 -151.39
C CYS F 594 -152.68 126.41 -151.83
N PHE F 595 -153.93 126.66 -151.44
CA PHE F 595 -154.66 127.86 -151.81
C PHE F 595 -155.29 128.49 -150.59
N ILE F 596 -155.10 129.80 -150.43
CA ILE F 596 -155.77 130.59 -149.40
C ILE F 596 -156.63 131.60 -150.14
N GLY F 597 -157.94 131.34 -150.17
CA GLY F 597 -158.86 132.21 -150.88
C GLY F 597 -158.53 132.33 -152.36
N SER F 598 -158.21 131.20 -152.98
CA SER F 598 -157.75 131.07 -154.36
C SER F 598 -156.38 131.68 -154.57
N THR F 599 -155.75 132.23 -153.53
CA THR F 599 -154.38 132.71 -153.65
C THR F 599 -153.43 131.52 -153.57
N PRO F 600 -152.60 131.27 -154.58
CA PRO F 600 -151.76 130.07 -154.57
C PRO F 600 -150.45 130.28 -153.85
N LEU F 601 -150.12 129.38 -152.93
CA LEU F 601 -148.82 129.39 -152.28
C LEU F 601 -147.80 128.67 -153.15
N TRP F 602 -146.67 129.33 -153.41
CA TRP F 602 -145.63 128.84 -154.32
C TRP F 602 -146.16 128.80 -155.75
N ASP F 603 -145.42 129.37 -156.69
CA ASP F 603 -145.99 129.63 -158.01
C ASP F 603 -146.28 128.35 -158.78
N PRO F 604 -145.27 127.55 -159.21
CA PRO F 604 -145.62 126.34 -159.98
C PRO F 604 -146.24 125.25 -159.12
N TYR F 605 -145.54 124.87 -158.05
CA TYR F 605 -145.96 123.87 -157.07
C TYR F 605 -144.84 123.76 -156.04
N TYR F 606 -145.10 122.98 -155.00
CA TYR F 606 -144.09 122.70 -153.99
C TYR F 606 -143.59 121.28 -154.16
N PRO F 607 -142.36 121.07 -154.64
CA PRO F 607 -141.86 119.69 -154.82
C PRO F 607 -141.45 119.09 -153.49
N THR F 608 -142.05 117.95 -153.14
CA THR F 608 -141.66 117.25 -151.95
C THR F 608 -140.24 116.70 -152.11
N PRO F 609 -139.54 116.46 -150.99
CA PRO F 609 -138.19 115.90 -151.09
C PRO F 609 -138.19 114.53 -151.77
N VAL F 610 -136.99 114.09 -152.14
CA VAL F 610 -136.84 112.83 -152.88
C VAL F 610 -137.08 111.65 -151.95
N PHE F 611 -137.90 110.70 -152.40
CA PHE F 611 -138.19 109.52 -151.60
C PHE F 611 -138.16 108.28 -152.49
N GLN F 612 -137.81 107.15 -151.88
CA GLN F 612 -137.57 105.91 -152.59
C GLN F 612 -138.60 104.87 -152.17
N VAL F 613 -139.18 104.18 -153.15
CA VAL F 613 -140.12 103.09 -152.91
C VAL F 613 -139.36 101.78 -152.87
N LEU F 614 -139.70 100.91 -151.92
CA LEU F 614 -139.02 99.65 -151.73
C LEU F 614 -139.96 98.48 -152.03
N ALA F 615 -139.37 97.29 -152.10
CA ALA F 615 -140.17 96.09 -152.30
C ALA F 615 -140.74 95.58 -150.99
N ALA F 616 -139.90 95.46 -149.95
CA ALA F 616 -140.32 94.95 -148.65
C ALA F 616 -139.62 95.74 -147.56
N ALA F 617 -139.84 95.32 -146.31
CA ALA F 617 -139.29 96.03 -145.16
C ALA F 617 -137.81 95.72 -145.00
N PRO F 618 -136.94 96.73 -144.95
CA PRO F 618 -135.53 96.47 -144.67
C PRO F 618 -135.33 95.96 -143.25
N THR F 619 -134.28 95.16 -143.08
CA THR F 619 -133.94 94.57 -141.78
C THR F 619 -132.77 95.33 -141.16
N TYR F 620 -132.88 95.63 -139.87
CA TYR F 620 -131.86 96.37 -139.15
C TYR F 620 -131.12 95.42 -138.21
N THR F 621 -129.80 95.42 -138.31
CA THR F 621 -128.94 94.66 -137.41
C THR F 621 -128.42 95.59 -136.32
N LEU F 622 -128.24 95.05 -135.11
CA LEU F 622 -127.86 95.86 -133.97
C LEU F 622 -126.72 95.21 -133.19
N SER F 623 -125.90 96.07 -132.58
CA SER F 623 -124.81 95.65 -131.73
C SER F 623 -124.79 96.52 -130.48
N ALA F 624 -124.41 95.91 -129.36
CA ALA F 624 -124.34 96.59 -128.07
C ALA F 624 -122.92 96.50 -127.51
N SER F 625 -122.52 97.56 -126.79
CA SER F 625 -121.18 97.60 -126.21
C SER F 625 -121.23 98.31 -124.87
N VAL F 626 -120.43 97.82 -123.93
CA VAL F 626 -120.33 98.39 -122.59
C VAL F 626 -118.85 98.48 -122.22
N THR F 627 -118.39 99.68 -121.88
CA THR F 627 -117.05 99.82 -121.32
C THR F 627 -117.04 99.52 -119.82
N PRO F 628 -117.97 100.06 -119.00
CA PRO F 628 -117.97 99.66 -117.58
C PRO F 628 -118.85 98.44 -117.31
N ALA F 629 -118.36 97.27 -117.73
CA ALA F 629 -119.17 96.07 -117.64
C ALA F 629 -119.44 95.69 -116.17
N VAL F 630 -118.43 95.81 -115.30
CA VAL F 630 -118.52 95.44 -113.88
C VAL F 630 -118.46 96.72 -113.08
N VAL F 631 -119.58 97.09 -112.45
CA VAL F 631 -119.67 98.37 -111.71
C VAL F 631 -120.49 98.25 -110.46
N PRO F 632 -120.05 98.75 -109.29
CA PRO F 632 -120.97 98.83 -108.10
C PRO F 632 -122.26 99.66 -108.26
N VAL F 633 -123.11 99.51 -107.23
CA VAL F 633 -124.38 100.22 -107.18
C VAL F 633 -124.18 101.74 -107.35
N ASP F 634 -125.07 102.36 -108.13
CA ASP F 634 -125.18 103.81 -108.27
C ASP F 634 -124.00 104.39 -109.05
N THR F 635 -123.57 103.67 -110.08
CA THR F 635 -122.49 104.09 -110.95
C THR F 635 -123.00 104.12 -112.38
N ALA F 636 -122.71 105.21 -113.09
CA ALA F 636 -123.16 105.35 -114.47
C ALA F 636 -122.49 104.31 -115.35
N THR F 637 -123.26 103.79 -116.31
CA THR F 637 -122.76 102.76 -117.21
C THR F 637 -122.99 103.20 -118.65
N LEU F 638 -121.99 102.99 -119.50
CA LEU F 638 -122.07 103.41 -120.90
C LEU F 638 -122.61 102.26 -121.74
N TRP F 639 -123.78 102.45 -122.33
CA TRP F 639 -124.39 101.49 -123.23
C TRP F 639 -124.39 102.09 -124.63
N THR F 640 -123.73 101.42 -125.57
CA THR F 640 -123.61 101.91 -126.94
C THR F 640 -124.35 100.97 -127.87
N TYR F 641 -125.22 101.53 -128.71
CA TYR F 641 -126.01 100.79 -129.67
C TYR F 641 -125.63 101.22 -131.07
N ASN F 642 -125.26 100.26 -131.91
CA ASN F 642 -124.91 100.51 -133.30
C ASN F 642 -125.88 99.77 -134.20
N ILE F 643 -126.44 100.48 -135.18
CA ILE F 643 -127.51 99.97 -136.03
C ILE F 643 -127.05 100.02 -137.48
N ILE F 644 -127.26 98.92 -138.20
CA ILE F 644 -126.94 98.82 -139.63
C ILE F 644 -128.23 98.54 -140.38
N ARG F 645 -128.48 99.31 -141.43
CA ARG F 645 -129.69 99.18 -142.23
C ARG F 645 -129.40 98.41 -143.51
N SER F 646 -130.30 97.49 -143.86
CA SER F 646 -130.08 96.63 -145.02
C SER F 646 -130.07 97.42 -146.32
N VAL F 647 -130.99 98.36 -146.48
CA VAL F 647 -131.05 99.16 -147.70
C VAL F 647 -130.53 100.56 -147.40
N PRO F 648 -129.74 101.15 -148.29
CA PRO F 648 -129.17 102.47 -148.01
C PRO F 648 -130.22 103.57 -148.06
N VAL F 649 -129.95 104.63 -147.31
CA VAL F 649 -130.81 105.83 -147.34
C VAL F 649 -130.69 106.50 -148.70
N PRO F 650 -131.77 107.05 -149.26
CA PRO F 650 -131.64 107.78 -150.52
C PRO F 650 -130.63 108.92 -150.42
N ALA F 651 -129.81 109.05 -151.47
CA ALA F 651 -128.75 110.04 -151.46
C ALA F 651 -129.30 111.47 -151.42
N GLY F 652 -130.36 111.73 -152.19
CA GLY F 652 -130.92 113.07 -152.23
C GLY F 652 -131.95 113.36 -151.16
N GLY F 653 -132.51 112.33 -150.54
CA GLY F 653 -133.54 112.52 -149.54
C GLY F 653 -132.98 113.01 -148.22
N PRO F 654 -133.87 113.46 -147.35
CA PRO F 654 -133.45 113.92 -146.03
C PRO F 654 -133.09 112.76 -145.11
N SER F 655 -132.39 113.10 -144.03
CA SER F 655 -131.98 112.10 -143.05
C SER F 655 -133.20 111.56 -142.30
N LEU F 656 -133.23 110.25 -142.11
CA LEU F 656 -134.34 109.62 -141.41
C LEU F 656 -134.18 109.80 -139.91
N PRO F 657 -135.13 110.41 -139.21
CA PRO F 657 -134.98 110.53 -137.76
C PRO F 657 -135.50 109.31 -137.02
N ILE F 658 -134.63 108.68 -136.22
CA ILE F 658 -134.98 107.47 -135.48
C ILE F 658 -134.83 107.74 -134.00
N LEU F 659 -135.86 107.43 -133.23
CA LEU F 659 -135.79 107.45 -131.78
C LEU F 659 -135.54 106.03 -131.28
N CYS F 660 -134.45 105.85 -130.57
CA CYS F 660 -134.10 104.59 -129.94
C CYS F 660 -134.53 104.63 -128.47
N SER F 661 -135.27 103.62 -128.06
CA SER F 661 -135.73 103.47 -126.68
C SER F 661 -135.03 102.27 -126.08
N PHE F 662 -134.33 102.48 -124.97
CA PHE F 662 -133.44 101.49 -124.36
C PHE F 662 -133.93 101.20 -122.95
N TRP F 663 -134.15 99.93 -122.65
CA TRP F 663 -134.55 99.50 -121.31
C TRP F 663 -133.34 98.83 -120.67
N ASP F 664 -132.94 99.34 -119.50
CA ASP F 664 -131.68 98.94 -118.89
C ASP F 664 -131.71 97.50 -118.43
N GLY F 665 -132.75 97.11 -117.71
CA GLY F 665 -132.87 95.76 -117.18
C GLY F 665 -133.07 95.67 -115.68
N LYS F 666 -132.90 96.77 -114.93
CA LYS F 666 -133.07 96.72 -113.48
C LYS F 666 -134.14 97.66 -112.95
N THR F 667 -134.53 98.67 -113.73
CA THR F 667 -135.64 99.54 -113.37
C THR F 667 -136.93 98.80 -113.75
N GLY F 668 -138.06 99.51 -113.82
CA GLY F 668 -139.33 98.89 -114.08
C GLY F 668 -139.38 98.04 -115.34
N ALA F 669 -140.46 97.26 -115.48
CA ALA F 669 -140.55 96.25 -116.53
C ALA F 669 -140.56 96.86 -117.94
N ALA F 670 -140.76 98.18 -118.06
CA ALA F 670 -140.78 98.92 -119.31
C ALA F 670 -142.02 98.56 -120.13
N PRO F 671 -142.51 99.48 -120.96
CA PRO F 671 -143.68 99.17 -121.77
C PRO F 671 -143.38 98.10 -122.81
N THR F 672 -144.41 97.34 -123.16
CA THR F 672 -144.31 96.28 -124.15
C THR F 672 -144.97 96.65 -125.48
N THR F 673 -146.17 97.22 -125.42
CA THR F 673 -146.81 97.74 -126.62
C THR F 673 -146.03 98.95 -127.12
N ASP F 674 -145.95 99.07 -128.45
CA ASP F 674 -145.09 100.09 -129.07
C ASP F 674 -145.48 101.50 -128.69
N ALA F 675 -146.74 101.73 -128.31
CA ALA F 675 -147.15 103.07 -127.90
C ALA F 675 -146.37 103.53 -126.67
N GLY F 676 -146.23 102.67 -125.67
CA GLY F 676 -145.44 103.01 -124.51
C GLY F 676 -143.97 103.18 -124.84
N TRP F 677 -143.45 102.36 -125.76
CA TRP F 677 -142.06 102.49 -126.17
C TRP F 677 -141.81 103.86 -126.82
N ALA F 678 -142.75 104.32 -127.64
CA ALA F 678 -142.66 105.66 -128.20
C ALA F 678 -142.89 106.74 -127.14
N ALA F 679 -143.62 106.42 -126.06
CA ALA F 679 -143.84 107.39 -125.00
C ALA F 679 -142.55 107.75 -124.27
N LEU F 680 -141.50 106.96 -124.43
CA LEU F 680 -140.21 107.27 -123.82
C LEU F 680 -139.56 108.43 -124.57
N ALA F 681 -139.50 109.60 -123.93
CA ALA F 681 -139.00 110.81 -124.55
C ALA F 681 -137.50 110.96 -124.29
N GLY F 682 -136.95 112.14 -124.55
CA GLY F 682 -135.55 112.40 -124.33
C GLY F 682 -135.18 112.60 -122.87
N SER F 683 -136.02 112.09 -121.97
CA SER F 683 -135.76 112.17 -120.54
C SER F 683 -135.02 110.90 -120.06
N ALA F 684 -133.82 110.72 -120.62
CA ALA F 684 -132.86 109.69 -120.24
C ALA F 684 -133.28 108.28 -120.63
N ASN F 685 -134.28 108.14 -121.51
CA ASN F 685 -134.61 106.81 -122.03
C ASN F 685 -134.80 106.75 -123.54
N GLY F 686 -135.10 107.86 -124.21
CA GLY F 686 -135.22 107.85 -125.66
C GLY F 686 -134.26 108.84 -126.28
N LYS F 687 -133.54 108.44 -127.33
CA LYS F 687 -132.55 109.30 -127.95
C LYS F 687 -132.76 109.35 -129.46
N GLY F 688 -132.53 110.52 -130.04
CA GLY F 688 -132.73 110.74 -131.46
C GLY F 688 -131.43 110.64 -132.23
N THR F 689 -131.50 109.99 -133.40
CA THR F 689 -130.37 109.85 -134.29
C THR F 689 -130.83 110.07 -135.73
N SER F 690 -129.88 110.43 -136.59
CA SER F 690 -130.16 110.80 -137.96
C SER F 690 -129.51 109.81 -138.92
N MET F 691 -130.33 109.07 -139.65
CA MET F 691 -129.87 108.28 -140.78
C MET F 691 -129.52 109.23 -141.90
N ALA F 692 -128.23 109.53 -142.02
CA ALA F 692 -127.76 110.45 -143.05
C ALA F 692 -127.94 109.81 -144.43
N PRO F 693 -128.16 110.63 -145.47
CA PRO F 693 -128.29 110.07 -146.82
C PRO F 693 -127.03 109.31 -147.21
N GLY F 694 -127.23 108.15 -147.82
CA GLY F 694 -126.11 107.30 -148.17
C GLY F 694 -125.41 106.64 -147.01
N SER F 695 -125.94 106.79 -145.79
CA SER F 695 -125.33 106.21 -144.60
C SER F 695 -126.24 105.13 -144.05
N THR F 696 -125.69 103.92 -143.92
CA THR F 696 -126.45 102.77 -143.42
C THR F 696 -126.17 102.48 -141.96
N THR F 697 -125.47 103.36 -141.25
CA THR F 697 -125.05 103.13 -139.87
C THR F 697 -125.56 104.24 -138.97
N ALA F 698 -125.99 103.84 -137.76
CA ALA F 698 -126.46 104.75 -136.74
C ALA F 698 -125.77 104.43 -135.42
N THR F 699 -125.40 105.47 -134.68
CA THR F 699 -124.75 105.33 -133.39
C THR F 699 -125.61 105.99 -132.31
N CYS F 700 -125.73 105.33 -131.17
CA CYS F 700 -126.47 105.90 -130.06
C CYS F 700 -125.81 105.48 -128.75
N SER F 701 -126.01 106.30 -127.73
CA SER F 701 -125.38 106.08 -126.43
C SER F 701 -126.41 106.31 -125.32
N PHE F 702 -126.10 105.74 -124.16
CA PHE F 702 -126.92 105.92 -122.96
C PHE F 702 -126.04 105.75 -121.74
N THR F 703 -126.38 106.47 -120.68
CA THR F 703 -125.65 106.43 -119.41
C THR F 703 -126.61 106.23 -118.26
N PRO F 704 -127.18 105.03 -118.11
CA PRO F 704 -128.05 104.76 -116.97
C PRO F 704 -127.26 104.46 -115.71
N SER F 705 -127.92 104.72 -114.58
CA SER F 705 -127.39 104.41 -113.25
C SER F 705 -128.25 103.32 -112.63
N TYR F 706 -127.62 102.41 -111.90
CA TYR F 706 -128.27 101.20 -111.41
C TYR F 706 -128.20 101.20 -109.89
N SER F 707 -129.32 100.84 -109.24
CA SER F 707 -129.47 101.03 -107.81
C SER F 707 -129.45 99.72 -107.01
N THR F 708 -129.73 98.59 -107.62
CA THR F 708 -129.83 97.31 -106.91
C THR F 708 -128.79 96.35 -107.44
N THR F 709 -128.12 95.63 -106.53
CA THR F 709 -127.11 94.68 -106.93
C THR F 709 -127.72 93.54 -107.75
N GLY F 710 -126.99 93.10 -108.77
CA GLY F 710 -127.44 91.98 -109.56
C GLY F 710 -127.16 92.05 -111.04
N THR F 711 -128.07 91.46 -111.82
CA THR F 711 -127.92 91.27 -113.26
C THR F 711 -128.85 92.22 -114.01
N ALA F 712 -128.30 92.92 -115.00
CA ALA F 712 -129.08 93.86 -115.81
C ALA F 712 -128.77 93.62 -117.27
N THR F 713 -129.82 93.40 -118.07
CA THR F 713 -129.68 93.18 -119.51
C THR F 713 -130.64 94.11 -120.26
N PRO F 714 -130.20 94.70 -121.37
CA PRO F 714 -130.99 95.76 -122.01
C PRO F 714 -131.91 95.24 -123.09
N THR F 715 -132.75 96.14 -123.63
CA THR F 715 -133.57 95.82 -124.79
C THR F 715 -133.95 97.13 -125.47
N LEU F 716 -133.73 97.22 -126.79
CA LEU F 716 -133.82 98.49 -127.51
C LEU F 716 -134.74 98.37 -128.71
N GLN F 717 -135.60 99.37 -128.87
CA GLN F 717 -136.57 99.45 -129.96
C GLN F 717 -136.41 100.76 -130.71
N LEU F 718 -136.50 100.69 -132.05
CA LEU F 718 -136.36 101.85 -132.91
C LEU F 718 -137.72 102.26 -133.44
N ILE F 719 -138.00 103.57 -133.42
CA ILE F 719 -139.26 104.12 -133.90
C ILE F 719 -138.96 105.34 -134.77
N GLN F 720 -139.56 105.41 -135.95
CA GLN F 720 -139.41 106.58 -136.80
C GLN F 720 -139.99 107.81 -136.10
N ASN F 721 -139.12 108.73 -135.69
CA ASN F 721 -139.51 109.89 -134.89
C ASN F 721 -139.47 111.13 -135.75
N SER F 722 -140.57 111.40 -136.45
CA SER F 722 -140.72 112.61 -137.23
C SER F 722 -141.57 113.62 -136.44
N PHE F 723 -141.85 114.76 -137.06
CA PHE F 723 -142.63 115.80 -136.39
C PHE F 723 -144.08 115.41 -136.18
N ALA F 724 -144.55 114.33 -136.81
CA ALA F 724 -145.92 113.85 -136.67
C ALA F 724 -145.95 112.42 -136.15
N LEU F 725 -145.14 112.14 -135.15
CA LEU F 725 -145.08 110.80 -134.56
C LEU F 725 -146.25 110.65 -133.59
N ASP F 726 -147.35 110.10 -134.08
CA ASP F 726 -148.50 109.82 -133.24
C ASP F 726 -148.25 108.54 -132.45
N ALA F 727 -148.24 108.64 -131.12
CA ALA F 727 -147.91 107.50 -130.29
C ALA F 727 -148.96 106.39 -130.37
N ALA F 728 -150.19 106.72 -130.77
CA ALA F 728 -151.25 105.72 -130.80
C ALA F 728 -151.04 104.72 -131.93
N THR F 729 -150.72 105.20 -133.13
CA THR F 729 -150.65 104.35 -134.32
C THR F 729 -149.24 104.21 -134.88
N THR F 730 -148.22 104.57 -134.11
CA THR F 730 -146.85 104.46 -134.61
C THR F 730 -146.47 103.00 -134.78
N VAL F 731 -145.42 102.77 -135.58
CA VAL F 731 -144.97 101.44 -135.95
C VAL F 731 -143.55 101.24 -135.43
N GLY F 732 -143.32 100.11 -134.77
CA GLY F 732 -141.98 99.78 -134.33
C GLY F 732 -141.15 99.19 -135.45
N PHE F 733 -139.91 99.68 -135.58
CA PHE F 733 -139.04 99.22 -136.64
C PHE F 733 -138.72 97.73 -136.52
N LEU F 734 -138.43 97.28 -135.30
CA LEU F 734 -138.19 95.86 -135.02
C LEU F 734 -139.36 95.33 -134.22
N SER F 735 -140.16 94.45 -134.83
CA SER F 735 -141.30 93.89 -134.12
C SER F 735 -140.86 93.10 -132.90
N PRO F 736 -139.88 92.19 -132.98
CA PRO F 736 -139.18 91.76 -131.76
C PRO F 736 -138.17 92.83 -131.37
N VAL F 737 -138.23 93.27 -130.11
CA VAL F 737 -137.41 94.38 -129.67
C VAL F 737 -136.03 93.85 -129.30
N TYR F 738 -134.99 94.44 -129.89
CA TYR F 738 -133.65 93.85 -129.85
C TYR F 738 -133.14 93.70 -128.43
N THR F 739 -132.62 92.51 -128.12
CA THR F 739 -132.06 92.19 -126.81
C THR F 739 -130.57 91.96 -126.93
N ALA F 740 -129.79 92.67 -126.12
CA ALA F 740 -128.35 92.42 -126.08
C ALA F 740 -128.07 91.18 -125.26
N PRO F 741 -127.28 90.23 -125.77
CA PRO F 741 -127.04 88.98 -125.03
C PRO F 741 -126.36 89.18 -123.68
N ALA F 742 -125.49 90.18 -123.55
CA ALA F 742 -124.67 90.32 -122.36
C ALA F 742 -125.42 91.10 -121.28
N PHE F 743 -124.72 91.42 -120.19
CA PHE F 743 -125.33 92.06 -119.04
C PHE F 743 -124.26 92.85 -118.29
N ALA F 744 -124.72 93.81 -117.49
CA ALA F 744 -123.84 94.66 -116.69
C ALA F 744 -124.04 94.33 -115.22
N THR F 745 -122.95 93.95 -114.54
CA THR F 745 -123.01 93.53 -113.15
C THR F 745 -123.20 94.73 -112.23
N VAL F 746 -123.96 94.54 -111.16
CA VAL F 746 -124.13 95.53 -110.11
C VAL F 746 -123.70 94.91 -108.79
N THR F 747 -122.73 95.53 -108.13
CA THR F 747 -122.19 95.05 -106.87
C THR F 747 -122.39 96.08 -105.77
N ALA F 748 -122.01 95.70 -104.55
CA ALA F 748 -122.14 96.59 -103.41
C ALA F 748 -121.09 97.69 -103.44
N ALA F 749 -121.20 98.60 -102.49
CA ALA F 749 -120.29 99.75 -102.41
C ALA F 749 -119.19 99.47 -101.39
N SER F 750 -117.94 99.57 -101.83
CA SER F 750 -116.81 99.43 -100.94
C SER F 750 -116.66 100.67 -100.07
N TYR F 751 -116.36 100.44 -98.79
CA TYR F 751 -116.31 101.50 -97.80
C TYR F 751 -114.87 101.77 -97.37
N THR F 752 -114.54 103.04 -97.21
CA THR F 752 -113.24 103.46 -96.70
C THR F 752 -113.45 104.10 -95.32
N ILE F 753 -112.74 103.59 -94.32
CA ILE F 753 -112.93 104.01 -92.93
C ILE F 753 -111.67 104.73 -92.47
N SER F 754 -111.86 105.89 -91.82
CA SER F 754 -110.76 106.63 -91.22
C SER F 754 -111.25 107.12 -89.86
N SER F 755 -110.69 106.56 -88.80
CA SER F 755 -111.14 106.88 -87.45
C SER F 755 -110.09 107.68 -86.70
N TYR F 756 -110.52 108.26 -85.59
CA TYR F 756 -109.62 109.02 -84.72
C TYR F 756 -110.32 109.24 -83.38
N LEU F 757 -109.56 109.77 -82.42
CA LEU F 757 -110.06 110.15 -81.12
C LEU F 757 -109.79 111.63 -80.93
N ASN F 758 -110.85 112.42 -80.71
CA ASN F 758 -110.68 113.85 -80.56
C ASN F 758 -109.70 114.22 -79.46
N PRO F 759 -109.76 113.64 -78.24
CA PRO F 759 -108.62 113.77 -77.31
C PRO F 759 -107.57 112.72 -77.65
N VAL F 760 -106.45 113.18 -78.23
CA VAL F 760 -105.39 112.26 -78.62
C VAL F 760 -104.74 111.64 -77.40
N THR F 761 -104.74 112.35 -76.28
CA THR F 761 -104.08 111.89 -75.05
C THR F 761 -105.11 111.94 -73.92
N PRO F 762 -106.03 110.98 -73.88
CA PRO F 762 -107.06 111.00 -72.84
C PRO F 762 -106.49 110.72 -71.46
N VAL F 763 -107.18 111.21 -70.45
CA VAL F 763 -106.85 110.98 -69.06
C VAL F 763 -107.88 110.02 -68.47
N ALA F 764 -107.46 109.29 -67.45
CA ALA F 764 -108.30 108.24 -66.87
C ALA F 764 -109.27 108.85 -65.86
N GLY F 765 -110.56 108.81 -66.17
CA GLY F 765 -111.59 109.27 -65.26
C GLY F 765 -111.86 110.76 -65.29
N GLY F 766 -111.11 111.54 -66.07
CA GLY F 766 -111.31 112.97 -66.10
C GLY F 766 -112.33 113.43 -67.13
N ALA F 767 -112.14 113.00 -68.38
CA ALA F 767 -113.02 113.40 -69.48
C ALA F 767 -113.44 112.17 -70.26
N ALA F 768 -114.60 112.28 -70.89
CA ALA F 768 -115.18 111.17 -71.66
C ALA F 768 -114.54 111.14 -73.05
N ALA F 769 -113.96 110.00 -73.40
CA ALA F 769 -113.35 109.84 -74.70
C ALA F 769 -114.43 109.73 -75.78
N VAL F 770 -114.37 110.63 -76.75
CA VAL F 770 -115.34 110.63 -77.85
C VAL F 770 -114.65 110.23 -79.14
N TRP F 771 -114.66 108.93 -79.42
CA TRP F 771 -114.12 108.41 -80.67
C TRP F 771 -114.98 108.90 -81.82
N ARG F 772 -114.35 109.36 -82.90
CA ARG F 772 -115.07 109.74 -84.10
C ARG F 772 -114.55 108.93 -85.28
N ILE F 773 -115.45 108.64 -86.22
CA ILE F 773 -115.15 107.81 -87.37
C ILE F 773 -115.72 108.48 -88.60
N VAL F 774 -114.96 108.51 -89.69
CA VAL F 774 -115.41 109.06 -90.96
C VAL F 774 -115.39 107.94 -92.00
N ILE F 775 -116.55 107.67 -92.59
CA ILE F 775 -116.73 106.54 -93.50
C ILE F 775 -117.18 107.08 -94.85
N THR F 776 -116.47 106.70 -95.90
CA THR F 776 -116.78 107.10 -97.27
C THR F 776 -117.32 105.91 -98.04
N ARG F 777 -118.47 106.12 -98.68
CA ARG F 777 -119.08 105.11 -99.54
C ARG F 777 -118.42 105.11 -100.90
N ASN F 778 -118.48 103.97 -101.59
CA ASN F 778 -117.87 103.86 -102.91
C ASN F 778 -118.57 104.79 -103.91
N ALA F 779 -119.89 104.85 -103.88
CA ALA F 779 -120.66 105.63 -104.83
C ALA F 779 -121.71 106.46 -104.09
N ALA F 780 -122.26 107.43 -104.82
CA ALA F 780 -123.23 108.34 -104.24
C ALA F 780 -124.55 107.63 -103.93
N VAL F 781 -125.32 108.22 -103.03
CA VAL F 781 -126.63 107.71 -102.65
C VAL F 781 -127.68 108.38 -103.52
N THR F 782 -128.67 107.61 -103.96
CA THR F 782 -129.67 108.07 -104.92
C THR F 782 -131.04 108.11 -104.27
N ALA F 783 -131.57 109.33 -104.09
CA ALA F 783 -132.95 109.55 -103.69
C ALA F 783 -133.31 108.85 -102.39
N SER F 784 -132.37 108.76 -101.46
CA SER F 784 -132.61 108.07 -100.19
C SER F 784 -131.55 108.49 -99.19
N ALA F 785 -131.82 108.17 -97.92
CA ALA F 785 -130.85 108.35 -96.86
C ALA F 785 -130.44 106.96 -96.36
N LYS F 786 -129.14 106.66 -96.46
CA LYS F 786 -128.64 105.34 -96.09
C LYS F 786 -128.33 105.28 -94.61
N THR F 787 -128.35 104.06 -94.08
CA THR F 787 -128.10 103.80 -92.67
C THR F 787 -126.79 103.05 -92.51
N LEU F 788 -125.97 103.49 -91.56
CA LEU F 788 -124.69 102.87 -91.26
C LEU F 788 -124.63 102.58 -89.78
N THR F 789 -124.11 101.41 -89.41
CA THR F 789 -123.93 101.04 -88.01
C THR F 789 -122.45 100.83 -87.76
N CYS F 790 -121.92 101.53 -86.76
CA CYS F 790 -120.52 101.47 -86.39
C CYS F 790 -120.40 100.84 -85.01
N GLN F 791 -119.56 99.82 -84.90
CA GLN F 791 -119.43 99.00 -83.70
C GLN F 791 -117.97 98.99 -83.26
N MET F 792 -117.75 98.96 -81.95
CA MET F 792 -116.40 98.90 -81.38
C MET F 792 -116.34 97.71 -80.42
N PRO F 793 -116.03 96.51 -80.90
CA PRO F 793 -115.91 95.35 -80.01
C PRO F 793 -114.66 95.37 -79.13
N ASP F 794 -113.81 96.38 -79.26
CA ASP F 794 -112.63 96.49 -78.40
C ASP F 794 -112.19 97.95 -78.35
N ASN F 795 -112.21 98.53 -77.15
CA ASN F 795 -111.72 99.89 -76.98
C ASN F 795 -110.20 99.97 -77.03
N GLY F 796 -109.51 98.84 -76.85
CA GLY F 796 -108.07 98.80 -76.75
C GLY F 796 -107.58 98.40 -75.38
N GLN F 797 -108.41 98.57 -74.35
CA GLN F 797 -108.04 98.17 -72.99
C GLN F 797 -109.12 97.30 -72.34
N GLY F 798 -110.06 96.79 -73.14
CA GLY F 798 -111.11 95.95 -72.62
C GLY F 798 -112.48 96.60 -72.63
N GLY F 799 -113.44 95.99 -73.31
CA GLY F 799 -114.80 96.49 -73.31
C GLY F 799 -115.46 96.51 -74.67
N SER F 800 -116.79 96.68 -74.68
CA SER F 800 -117.54 96.76 -75.92
C SER F 800 -118.81 97.60 -75.69
N PRO F 801 -118.82 98.85 -76.15
CA PRO F 801 -120.02 99.69 -75.93
C PRO F 801 -121.06 99.51 -77.01
N ALA F 802 -122.19 100.19 -76.87
CA ALA F 802 -123.27 100.06 -77.83
C ALA F 802 -122.90 100.68 -79.17
N ASP F 803 -123.26 100.00 -80.25
CA ASP F 803 -123.00 100.50 -81.59
C ASP F 803 -123.83 101.75 -81.86
N VAL F 804 -123.30 102.63 -82.71
CA VAL F 804 -123.92 103.91 -83.00
C VAL F 804 -124.19 104.01 -84.50
N THR F 805 -125.34 104.57 -84.85
CA THR F 805 -125.80 104.60 -86.23
C THR F 805 -125.67 106.02 -86.80
N ALA F 806 -125.16 106.11 -88.01
CA ALA F 806 -125.08 107.35 -88.77
C ALA F 806 -125.97 107.26 -90.00
N ASP F 807 -126.42 108.43 -90.45
CA ASP F 807 -127.30 108.53 -91.62
C ASP F 807 -126.58 109.30 -92.71
N ILE F 808 -126.77 108.85 -93.95
CA ILE F 808 -126.09 109.41 -95.12
C ILE F 808 -127.15 110.05 -96.02
N ALA F 809 -126.95 111.32 -96.35
CA ALA F 809 -127.87 112.06 -97.19
C ALA F 809 -127.66 111.71 -98.66
N VAL F 810 -128.58 112.20 -99.51
CA VAL F 810 -128.52 111.90 -100.93
C VAL F 810 -127.28 112.51 -101.56
N GLY F 811 -127.06 113.81 -101.33
CA GLY F 811 -125.93 114.48 -101.96
C GLY F 811 -124.60 114.02 -101.42
N GLY F 812 -124.48 113.95 -100.09
CA GLY F 812 -123.23 113.58 -99.48
C GLY F 812 -122.97 112.08 -99.53
N THR F 813 -121.69 111.73 -99.60
CA THR F 813 -121.26 110.33 -99.59
C THR F 813 -120.58 109.94 -98.29
N THR F 814 -119.74 110.81 -97.74
CA THR F 814 -119.06 110.54 -96.48
C THR F 814 -119.96 110.86 -95.30
N THR F 815 -119.78 110.11 -94.22
CA THR F 815 -120.57 110.28 -93.00
C THR F 815 -119.67 110.07 -91.80
N VAL F 816 -120.21 110.28 -90.61
CA VAL F 816 -119.43 110.22 -89.38
C VAL F 816 -120.20 109.44 -88.31
N CYS F 817 -119.53 108.49 -87.69
CA CYS F 817 -120.01 107.79 -86.50
C CYS F 817 -119.29 108.30 -85.26
N VAL F 818 -119.89 108.04 -84.09
CA VAL F 818 -119.33 108.46 -82.81
C VAL F 818 -119.35 107.30 -81.83
N PHE F 819 -118.53 107.42 -80.78
CA PHE F 819 -118.46 106.41 -79.73
C PHE F 819 -117.99 107.13 -78.46
N SER F 820 -118.92 107.42 -77.56
CA SER F 820 -118.63 108.19 -76.35
C SER F 820 -118.52 107.24 -75.17
N ILE F 821 -117.29 106.94 -74.74
CA ILE F 821 -117.04 106.07 -73.61
C ILE F 821 -115.97 106.72 -72.72
N ALA F 822 -116.12 106.55 -71.41
CA ALA F 822 -115.22 107.17 -70.45
C ALA F 822 -114.53 106.14 -69.55
N GLY F 823 -114.73 104.85 -69.79
CA GLY F 823 -114.12 103.82 -68.97
C GLY F 823 -112.70 103.51 -69.36
N TYR F 824 -111.85 104.53 -69.42
CA TYR F 824 -110.45 104.36 -69.81
C TYR F 824 -109.56 104.46 -68.58
N THR F 825 -108.68 103.46 -68.41
CA THR F 825 -107.76 103.41 -67.29
C THR F 825 -106.41 102.91 -67.79
N THR F 826 -105.34 103.41 -67.18
CA THR F 826 -103.98 103.07 -67.57
C THR F 826 -103.45 101.86 -66.79
N ALA F 827 -104.34 100.99 -66.30
CA ALA F 827 -103.89 99.80 -65.59
C ALA F 827 -103.10 98.89 -66.51
N THR F 828 -103.58 98.68 -67.73
CA THR F 828 -102.81 97.92 -68.71
C THR F 828 -101.59 98.74 -69.14
N PRO F 829 -100.42 98.11 -69.28
CA PRO F 829 -99.23 98.87 -69.67
C PRO F 829 -99.37 99.60 -71.00
N GLY F 830 -100.11 99.03 -71.95
CA GLY F 830 -100.33 99.67 -73.22
C GLY F 830 -99.15 99.51 -74.16
N PRO F 831 -99.19 100.18 -75.32
CA PRO F 831 -100.27 101.06 -75.82
C PRO F 831 -101.48 100.27 -76.28
N TYR F 832 -102.59 100.93 -76.58
CA TYR F 832 -103.82 100.27 -76.98
C TYR F 832 -104.18 100.61 -78.42
N PHE F 833 -105.05 99.79 -78.99
CA PHE F 833 -105.59 100.04 -80.32
C PHE F 833 -107.00 99.48 -80.39
N ALA F 834 -107.83 100.10 -81.24
CA ALA F 834 -109.23 99.74 -81.35
C ALA F 834 -109.53 99.12 -82.71
N THR F 835 -110.62 98.35 -82.76
CA THR F 835 -111.14 97.78 -83.99
C THR F 835 -112.58 98.22 -84.14
N VAL F 836 -112.89 98.87 -85.26
CA VAL F 836 -114.23 99.41 -85.50
C VAL F 836 -114.80 98.78 -86.76
N ASN F 837 -115.99 98.20 -86.63
CA ASN F 837 -116.66 97.52 -87.74
C ASN F 837 -117.81 98.36 -88.25
N VAL F 838 -117.88 98.53 -89.57
CA VAL F 838 -118.91 99.33 -90.23
C VAL F 838 -119.79 98.38 -91.03
N VAL F 839 -121.10 98.47 -90.83
CA VAL F 839 -122.06 97.60 -91.52
C VAL F 839 -123.19 98.46 -92.08
N ASP F 840 -123.50 98.25 -93.36
CA ASP F 840 -124.65 98.87 -94.01
C ASP F 840 -125.65 97.85 -94.56
N GLY F 841 -125.18 96.91 -95.36
CA GLY F 841 -126.04 95.95 -96.03
C GLY F 841 -125.57 94.53 -95.82
N ALA F 842 -125.11 94.24 -94.59
CA ALA F 842 -124.45 93.01 -94.19
C ALA F 842 -123.06 92.88 -94.81
N VAL F 843 -122.52 93.97 -95.35
CA VAL F 843 -121.13 94.02 -95.82
C VAL F 843 -120.31 94.59 -94.68
N THR F 844 -119.81 93.71 -93.82
CA THR F 844 -119.08 94.11 -92.62
C THR F 844 -117.65 94.43 -92.99
N THR F 845 -117.26 95.69 -92.85
CA THR F 845 -115.90 96.13 -93.13
C THR F 845 -115.23 96.53 -91.82
N SER F 846 -114.12 95.88 -91.51
CA SER F 846 -113.39 96.19 -90.29
C SER F 846 -112.43 97.36 -90.52
N HIS F 847 -111.98 97.94 -89.42
CA HIS F 847 -111.00 99.02 -89.44
C HIS F 847 -110.11 98.85 -88.21
N ILE F 848 -108.84 98.52 -88.45
CA ILE F 848 -107.84 98.49 -87.40
C ILE F 848 -107.31 99.90 -87.20
N THR F 849 -107.40 100.39 -85.98
CA THR F 849 -107.00 101.76 -85.66
C THR F 849 -105.54 101.81 -85.22
N LYS F 850 -104.97 103.00 -85.32
CA LYS F 850 -103.58 103.23 -84.95
C LYS F 850 -103.42 103.11 -83.42
N ASN F 851 -102.17 103.24 -82.98
CA ASN F 851 -101.89 103.16 -81.55
C ASN F 851 -102.38 104.41 -80.83
N PHE F 852 -102.70 104.25 -79.55
CA PHE F 852 -103.04 105.36 -78.69
C PHE F 852 -102.74 104.95 -77.26
N THR F 853 -102.68 105.96 -76.37
CA THR F 853 -102.32 105.75 -74.98
C THR F 853 -103.23 106.59 -74.09
N VAL F 854 -103.15 106.31 -72.78
CA VAL F 854 -103.92 107.02 -71.78
C VAL F 854 -102.96 107.61 -70.76
N LEU F 855 -103.14 108.89 -70.43
CA LEU F 855 -102.31 109.52 -69.42
C LEU F 855 -102.65 108.98 -68.02
N ALA F 856 -101.78 109.33 -67.07
CA ALA F 856 -102.01 108.94 -65.69
C ALA F 856 -103.21 109.67 -65.12
N SER F 857 -104.06 108.94 -64.40
CA SER F 857 -105.23 109.54 -63.79
C SER F 857 -104.82 110.59 -62.76
N GLY F 858 -105.52 111.72 -62.77
CA GLY F 858 -105.25 112.82 -61.88
C GLY F 858 -104.35 113.89 -62.46
N THR F 859 -103.61 113.58 -63.52
CA THR F 859 -102.79 114.58 -64.18
C THR F 859 -103.63 115.40 -65.16
N THR F 860 -103.17 116.62 -65.43
CA THR F 860 -103.91 117.51 -66.30
C THR F 860 -103.88 117.02 -67.74
N ALA F 861 -104.93 117.39 -68.48
CA ALA F 861 -104.95 117.16 -69.91
C ALA F 861 -104.05 118.20 -70.61
N PRO F 862 -103.46 117.84 -71.75
CA PRO F 862 -102.56 118.79 -72.43
C PRO F 862 -103.35 119.92 -73.07
N THR F 863 -103.07 121.14 -72.64
CA THR F 863 -103.73 122.32 -73.18
C THR F 863 -102.97 122.84 -74.41
N TYR F 864 -103.45 123.95 -74.96
CA TYR F 864 -102.87 124.53 -76.16
C TYR F 864 -102.64 126.02 -75.94
N ALA F 865 -101.45 126.48 -76.30
CA ALA F 865 -101.09 127.90 -76.25
C ALA F 865 -100.87 128.40 -77.66
N VAL F 866 -101.53 129.50 -78.00
CA VAL F 866 -101.53 130.03 -79.36
C VAL F 866 -100.93 131.43 -79.35
N THR F 867 -100.12 131.73 -80.36
CA THR F 867 -99.61 133.08 -80.56
C THR F 867 -99.74 133.45 -82.03
N SER F 868 -99.68 134.76 -82.30
CA SER F 868 -99.88 135.26 -83.65
C SER F 868 -98.87 136.34 -83.97
N VAL F 869 -98.56 136.47 -85.26
CA VAL F 869 -97.74 137.57 -85.76
C VAL F 869 -98.43 138.15 -86.99
N VAL F 870 -98.17 139.43 -87.24
CA VAL F 870 -98.75 140.15 -88.36
C VAL F 870 -97.62 140.52 -89.31
N SER F 871 -97.77 140.11 -90.58
CA SER F 871 -96.68 140.32 -91.54
C SER F 871 -96.54 141.78 -91.96
N PRO F 872 -97.60 142.48 -92.37
CA PRO F 872 -97.41 143.88 -92.76
C PRO F 872 -97.09 144.79 -91.59
N ALA F 873 -97.56 144.46 -90.39
CA ALA F 873 -97.37 145.25 -89.17
C ALA F 873 -98.10 146.58 -89.21
N THR F 874 -98.47 147.09 -88.05
CA THR F 874 -99.24 148.33 -87.99
C THR F 874 -98.40 149.53 -88.41
N PRO F 875 -99.02 150.54 -89.03
CA PRO F 875 -100.42 150.63 -89.46
C PRO F 875 -100.60 150.32 -90.95
N VAL F 876 -101.79 149.89 -91.37
CA VAL F 876 -102.07 149.58 -92.76
C VAL F 876 -103.31 150.35 -93.19
N LYS F 877 -103.45 150.49 -94.51
CA LYS F 877 -104.56 151.23 -95.09
C LYS F 877 -105.73 150.29 -95.37
N VAL F 878 -106.80 150.84 -95.95
CA VAL F 878 -107.96 150.03 -96.30
C VAL F 878 -107.61 149.15 -97.50
N SER F 879 -107.99 147.87 -97.41
CA SER F 879 -107.70 146.87 -98.44
C SER F 879 -106.19 146.73 -98.67
N THR F 880 -105.42 146.91 -97.61
CA THR F 880 -104.01 146.55 -97.62
C THR F 880 -103.88 145.11 -97.12
N PRO F 881 -103.31 144.19 -97.92
CA PRO F 881 -103.30 142.79 -97.51
C PRO F 881 -102.59 142.56 -96.19
N VAL F 882 -103.34 142.16 -95.17
CA VAL F 882 -102.81 141.90 -93.83
C VAL F 882 -102.70 140.40 -93.64
N THR F 883 -101.52 139.92 -93.28
CA THR F 883 -101.27 138.51 -93.08
C THR F 883 -101.06 138.24 -91.60
N TYR F 884 -101.85 137.32 -91.06
CA TYR F 884 -101.73 136.87 -89.68
C TYR F 884 -101.33 135.41 -89.68
N THR F 885 -100.19 135.10 -89.07
CA THR F 885 -99.70 133.74 -88.96
C THR F 885 -99.79 133.31 -87.50
N PHE F 886 -100.48 132.20 -87.25
CA PHE F 886 -100.74 131.72 -85.90
C PHE F 886 -100.01 130.41 -85.68
N THR F 887 -99.40 130.27 -84.50
CA THR F 887 -98.74 129.04 -84.09
C THR F 887 -99.43 128.50 -82.85
N ILE F 888 -99.73 127.21 -82.86
CA ILE F 888 -100.34 126.47 -81.76
C ILE F 888 -99.31 125.50 -81.22
N THR F 889 -99.06 125.56 -79.92
CA THR F 889 -98.14 124.65 -79.24
C THR F 889 -98.85 124.00 -78.06
N ARG F 890 -98.23 122.94 -77.54
CA ARG F 890 -98.78 122.17 -76.44
C ARG F 890 -97.73 122.01 -75.36
N THR F 891 -98.19 121.77 -74.13
CA THR F 891 -97.26 121.52 -73.04
C THR F 891 -96.48 120.22 -73.25
N THR F 892 -96.99 119.33 -74.08
CA THR F 892 -96.33 118.07 -74.39
C THR F 892 -96.51 117.76 -75.86
N ALA F 893 -95.60 116.96 -76.41
CA ALA F 893 -95.67 116.59 -77.80
C ALA F 893 -96.73 115.49 -78.01
N VAL F 894 -97.08 115.30 -79.27
CA VAL F 894 -98.03 114.23 -79.64
C VAL F 894 -97.37 112.88 -79.39
N PRO F 895 -98.11 111.86 -78.93
CA PRO F 895 -97.53 110.51 -78.81
C PRO F 895 -96.93 110.05 -80.13
N ALA F 896 -95.61 109.80 -80.11
CA ALA F 896 -94.87 109.50 -81.32
C ALA F 896 -95.20 108.15 -81.93
N GLY F 897 -95.97 107.30 -81.22
CA GLY F 897 -96.36 106.01 -81.77
C GLY F 897 -97.18 106.13 -83.05
N GLY F 898 -97.84 107.26 -83.25
CA GLY F 898 -98.56 107.54 -84.48
C GLY F 898 -100.06 107.62 -84.32
N ILE F 899 -100.55 108.85 -84.19
CA ILE F 899 -101.98 109.17 -84.27
C ILE F 899 -102.08 110.66 -84.56
N PRO F 900 -102.22 111.06 -85.82
CA PRO F 900 -102.16 112.48 -86.15
C PRO F 900 -103.36 113.23 -85.57
N GLN F 901 -103.12 114.51 -85.28
CA GLN F 901 -104.16 115.35 -84.71
C GLN F 901 -104.71 116.27 -85.80
N PRO F 902 -105.91 116.04 -86.31
CA PRO F 902 -106.47 116.96 -87.32
C PRO F 902 -107.17 118.12 -86.64
N ILE F 903 -106.80 119.35 -87.02
CA ILE F 903 -107.36 120.55 -86.43
C ILE F 903 -107.77 121.50 -87.55
N ILE F 904 -108.60 122.47 -87.17
CA ILE F 904 -109.03 123.52 -88.08
C ILE F 904 -108.97 124.86 -87.35
N CYS F 905 -108.28 125.83 -87.94
CA CYS F 905 -108.27 127.19 -87.41
C CYS F 905 -109.34 128.00 -88.10
N GLU F 906 -110.21 128.64 -87.33
CA GLU F 906 -111.19 129.58 -87.86
C GLU F 906 -110.86 130.98 -87.37
N PHE F 907 -110.91 131.94 -88.28
CA PHE F 907 -110.43 133.29 -88.04
C PHE F 907 -111.58 134.27 -88.23
N PHE F 908 -111.94 134.97 -87.15
CA PHE F 908 -112.86 136.09 -87.25
C PHE F 908 -112.02 137.36 -87.41
N ASN F 909 -112.25 138.08 -88.49
CA ASN F 909 -111.40 139.21 -88.84
C ASN F 909 -111.51 140.36 -87.85
N GLY F 910 -112.57 140.40 -87.06
CA GLY F 910 -112.79 141.54 -86.19
C GLY F 910 -113.35 142.76 -86.88
N GLU F 911 -114.19 142.57 -87.89
CA GLU F 911 -114.75 143.67 -88.67
C GLU F 911 -116.27 143.73 -88.61
N GLY F 912 -116.93 142.58 -88.57
CA GLY F 912 -118.38 142.51 -88.64
C GLY F 912 -119.04 142.44 -87.28
N THR F 913 -120.20 141.78 -87.26
CA THR F 913 -121.05 141.74 -86.08
C THR F 913 -120.50 140.89 -84.95
N ALA F 914 -119.49 140.05 -85.23
CA ALA F 914 -118.78 139.20 -84.26
C ALA F 914 -119.68 138.06 -83.77
N PRO F 915 -119.11 136.88 -83.53
CA PRO F 915 -119.92 135.74 -83.08
C PRO F 915 -119.97 135.61 -81.57
N ALA F 916 -120.74 134.62 -81.11
CA ALA F 916 -120.85 134.25 -79.71
C ALA F 916 -119.69 133.36 -79.29
N SER F 917 -119.84 132.66 -78.16
CA SER F 917 -118.82 131.77 -77.62
C SER F 917 -118.31 130.76 -78.65
N ALA F 918 -117.18 130.11 -78.34
CA ALA F 918 -116.43 129.34 -79.34
C ALA F 918 -117.31 128.35 -80.08
N ALA F 919 -118.31 127.78 -79.41
CA ALA F 919 -119.22 126.85 -80.07
C ALA F 919 -120.02 127.53 -81.18
N ALA F 920 -120.07 128.85 -81.20
CA ALA F 920 -120.73 129.60 -82.27
C ALA F 920 -119.76 130.11 -83.32
N TYR F 921 -118.51 129.66 -83.29
CA TYR F 921 -117.54 130.05 -84.31
C TYR F 921 -117.55 129.14 -85.53
N TRP F 922 -118.34 128.06 -85.50
CA TRP F 922 -118.38 127.09 -86.60
C TRP F 922 -119.28 127.64 -87.70
N ARG F 923 -118.68 128.42 -88.60
CA ARG F 923 -119.38 128.95 -89.76
C ARG F 923 -119.22 127.99 -90.93
N VAL F 924 -120.35 127.58 -91.51
CA VAL F 924 -120.31 126.69 -92.66
C VAL F 924 -119.66 127.40 -93.85
N SER F 925 -119.23 126.60 -94.82
CA SER F 925 -118.49 127.14 -95.95
C SER F 925 -118.70 126.26 -97.17
N THR F 926 -118.44 126.84 -98.35
CA THR F 926 -118.49 126.07 -99.59
C THR F 926 -117.22 125.25 -99.78
N THR F 927 -116.05 125.87 -99.60
CA THR F 927 -114.77 125.19 -99.68
C THR F 927 -114.11 125.17 -98.31
N ILE F 928 -113.44 124.07 -97.98
CA ILE F 928 -112.79 123.94 -96.69
C ILE F 928 -111.66 124.95 -96.50
N PRO F 929 -110.72 125.10 -97.46
CA PRO F 929 -109.65 126.10 -97.26
C PRO F 929 -110.01 127.48 -97.80
N ASP F 930 -110.89 128.19 -97.09
CA ASP F 930 -111.28 129.52 -97.47
C ASP F 930 -110.53 130.54 -96.61
N ALA F 931 -110.89 131.82 -96.75
CA ALA F 931 -110.21 132.91 -96.06
C ALA F 931 -110.61 133.04 -94.59
N ASP F 932 -111.39 132.09 -94.06
CA ASP F 932 -111.77 132.14 -92.66
C ASP F 932 -111.73 130.76 -91.99
N THR F 933 -111.21 129.74 -92.68
CA THR F 933 -111.18 128.39 -92.13
C THR F 933 -110.09 127.61 -92.85
N VAL F 934 -109.15 127.06 -92.09
CA VAL F 934 -107.98 126.38 -92.64
C VAL F 934 -107.78 125.05 -91.92
N VAL F 935 -107.52 124.00 -92.69
CA VAL F 935 -107.29 122.66 -92.15
C VAL F 935 -105.80 122.46 -91.93
N ALA F 936 -105.43 122.00 -90.74
CA ALA F 936 -104.05 121.71 -90.39
C ALA F 936 -103.97 120.35 -89.72
N VAL F 937 -102.77 119.75 -89.76
CA VAL F 937 -102.53 118.44 -89.20
C VAL F 937 -101.29 118.51 -88.32
N MET F 938 -101.42 118.11 -87.06
CA MET F 938 -100.28 117.99 -86.16
C MET F 938 -99.75 116.56 -86.22
N ALA F 939 -98.47 116.43 -86.49
CA ALA F 939 -97.86 115.13 -86.75
C ALA F 939 -97.79 114.31 -85.47
N PRO F 940 -97.59 112.99 -85.60
CA PRO F 940 -97.49 112.13 -84.41
C PRO F 940 -96.40 112.55 -83.42
N GLY F 941 -95.41 113.33 -83.85
CA GLY F 941 -94.32 113.66 -82.97
C GLY F 941 -94.20 115.12 -82.60
N GLU F 942 -94.70 116.00 -83.46
CA GLU F 942 -94.51 117.43 -83.28
C GLU F 942 -95.35 117.96 -82.13
N THR F 943 -95.00 119.16 -81.66
CA THR F 943 -95.77 119.83 -80.63
C THR F 943 -96.28 121.20 -81.04
N THR F 944 -95.84 121.74 -82.18
CA THR F 944 -96.30 123.04 -82.66
C THR F 944 -96.71 122.93 -84.12
N THR F 945 -97.65 123.77 -84.51
CA THR F 945 -98.13 123.82 -85.89
C THR F 945 -98.56 125.25 -86.21
N THR F 946 -98.63 125.56 -87.51
CA THR F 946 -98.89 126.92 -87.96
C THR F 946 -100.03 126.95 -88.97
N CYS F 947 -100.92 127.91 -88.81
CA CYS F 947 -101.92 128.23 -89.84
C CYS F 947 -101.87 129.72 -90.14
N THR F 948 -101.87 130.05 -91.43
CA THR F 948 -101.65 131.41 -91.91
C THR F 948 -102.88 131.89 -92.68
N PHE F 949 -103.31 133.12 -92.40
CA PHE F 949 -104.43 133.74 -93.08
C PHE F 949 -104.00 135.07 -93.68
N THR F 950 -104.60 135.41 -94.82
CA THR F 950 -104.44 136.72 -95.43
C THR F 950 -105.82 137.34 -95.63
N THR F 951 -105.93 138.62 -95.31
CA THR F 951 -107.24 139.28 -95.33
C THR F 951 -107.10 140.69 -95.88
N TYR F 952 -108.20 141.19 -96.44
CA TYR F 952 -108.32 142.55 -96.93
C TYR F 952 -109.43 143.26 -96.17
N TYR F 953 -109.19 144.53 -95.87
CA TYR F 953 -110.06 145.30 -94.98
C TYR F 953 -110.88 146.27 -95.84
N THR F 954 -112.13 146.50 -95.44
CA THR F 954 -113.01 147.37 -96.22
C THR F 954 -113.37 148.68 -95.55
N THR F 955 -113.20 148.79 -94.23
CA THR F 955 -113.59 149.99 -93.50
C THR F 955 -112.41 150.57 -92.74
N VAL F 956 -112.34 151.90 -92.73
CA VAL F 956 -111.34 152.61 -91.94
C VAL F 956 -111.69 152.47 -90.46
N SER F 957 -110.67 152.27 -89.63
CA SER F 957 -110.90 152.05 -88.21
C SER F 957 -109.74 152.61 -87.41
N ALA F 958 -110.06 153.22 -86.27
CA ALA F 958 -109.08 153.86 -85.41
C ALA F 958 -109.12 153.23 -84.02
N GLY F 959 -107.96 152.79 -83.53
CA GLY F 959 -107.82 152.27 -82.18
C GLY F 959 -108.67 151.06 -81.83
N GLY F 960 -108.73 150.08 -82.73
CA GLY F 960 -109.56 148.89 -82.58
C GLY F 960 -109.29 147.78 -83.57
N PHE F 961 -110.33 147.07 -84.01
CA PHE F 961 -110.24 145.99 -85.00
C PHE F 961 -109.30 144.88 -84.52
N THR F 962 -109.76 144.22 -83.46
CA THR F 962 -109.05 143.10 -82.83
C THR F 962 -109.43 141.82 -83.55
N ALA F 963 -108.47 141.24 -84.26
CA ALA F 963 -108.66 139.98 -84.95
C ALA F 963 -108.66 138.83 -83.95
N LYS F 964 -109.32 137.74 -84.31
CA LYS F 964 -109.43 136.60 -83.40
C LYS F 964 -109.31 135.28 -84.15
N LEU F 965 -108.72 134.29 -83.47
CA LEU F 965 -108.65 132.92 -83.94
C LEU F 965 -109.30 132.00 -82.93
N MET F 966 -109.69 130.81 -83.39
CA MET F 966 -110.03 129.76 -82.44
C MET F 966 -109.96 128.44 -83.21
N VAL F 967 -109.43 127.41 -82.55
CA VAL F 967 -109.05 126.16 -83.23
C VAL F 967 -109.93 125.03 -82.71
N PHE F 968 -110.58 124.33 -83.63
CA PHE F 968 -111.37 123.13 -83.34
C PHE F 968 -110.55 121.89 -83.66
N GLY F 969 -110.77 120.83 -82.87
CA GLY F 969 -110.16 119.56 -83.19
C GLY F 969 -111.07 118.72 -84.05
N GLU F 970 -110.87 118.77 -85.37
CA GLU F 970 -111.74 118.09 -86.31
C GLU F 970 -110.94 117.74 -87.56
N SER F 971 -111.43 116.75 -88.28
CA SER F 971 -110.80 116.31 -89.52
C SER F 971 -111.38 117.07 -90.71
N ALA F 972 -110.59 117.16 -91.77
CA ALA F 972 -111.03 117.86 -92.97
C ALA F 972 -112.19 117.13 -93.64
N THR F 973 -112.16 115.80 -93.63
CA THR F 973 -113.19 115.02 -94.32
C THR F 973 -114.57 115.21 -93.71
N ALA F 974 -114.63 115.62 -92.44
CA ALA F 974 -115.90 115.84 -91.76
C ALA F 974 -116.21 117.32 -91.56
N ALA F 975 -115.56 118.20 -92.32
CA ALA F 975 -115.77 119.64 -92.14
C ALA F 975 -117.20 120.08 -92.39
N PRO F 976 -117.86 119.72 -93.49
CA PRO F 976 -119.25 120.18 -93.68
C PRO F 976 -120.27 119.29 -93.00
N LEU F 977 -119.98 118.00 -92.80
CA LEU F 977 -120.92 117.05 -92.23
C LEU F 977 -121.09 117.22 -90.72
N LEU F 978 -120.33 118.11 -90.10
CA LEU F 978 -120.42 118.30 -88.65
C LEU F 978 -121.83 118.75 -88.26
N THR F 979 -122.42 119.66 -89.03
CA THR F 979 -123.77 120.13 -88.75
C THR F 979 -124.84 119.18 -89.26
N SER F 980 -124.54 118.42 -90.31
CA SER F 980 -125.56 117.55 -90.92
C SER F 980 -125.95 116.42 -89.98
N LEU F 981 -124.98 115.83 -89.28
CA LEU F 981 -125.23 114.73 -88.37
C LEU F 981 -125.52 115.18 -86.94
N SER F 982 -125.63 116.50 -86.71
CA SER F 982 -126.02 117.07 -85.43
C SER F 982 -125.10 116.60 -84.30
N VAL F 983 -123.82 116.90 -84.45
CA VAL F 983 -122.82 116.65 -83.42
C VAL F 983 -122.00 117.93 -83.23
N THR F 984 -121.78 118.30 -81.97
CA THR F 984 -121.06 119.53 -81.68
C THR F 984 -119.56 119.35 -81.93
N PRO F 985 -118.87 120.41 -82.35
CA PRO F 985 -117.42 120.33 -82.51
C PRO F 985 -116.70 120.44 -81.18
N SER F 986 -115.43 120.03 -81.19
CA SER F 986 -114.62 119.97 -79.99
C SER F 986 -113.68 121.18 -79.95
N GLN F 987 -113.84 122.01 -78.93
CA GLN F 987 -112.97 123.17 -78.76
C GLN F 987 -111.63 122.73 -78.17
N LEU F 988 -110.55 122.95 -78.93
CA LEU F 988 -109.22 122.65 -78.42
C LEU F 988 -108.71 123.70 -77.45
N LEU F 989 -109.27 124.91 -77.49
CA LEU F 989 -108.86 125.99 -76.61
C LEU F 989 -110.00 126.33 -75.66
N ALA F 990 -109.64 126.67 -74.42
CA ALA F 990 -110.65 127.04 -73.43
C ALA F 990 -111.38 128.31 -73.84
N ALA F 991 -110.65 129.29 -74.38
CA ALA F 991 -111.24 130.54 -74.81
C ALA F 991 -110.65 130.92 -76.17
N VAL F 992 -111.41 131.73 -76.91
CA VAL F 992 -110.94 132.20 -78.21
C VAL F 992 -109.68 133.03 -78.04
N HIS F 993 -108.91 133.14 -79.12
CA HIS F 993 -107.60 133.77 -79.10
C HIS F 993 -107.74 135.19 -79.63
N SER F 994 -107.30 136.16 -78.83
CA SER F 994 -107.34 137.56 -79.21
C SER F 994 -105.93 138.05 -79.52
N PHE F 995 -105.81 138.88 -80.55
CA PHE F 995 -104.52 139.41 -80.95
C PHE F 995 -103.95 140.33 -79.87
N ALA F 996 -102.61 140.39 -79.81
CA ALA F 996 -101.95 141.19 -78.78
C ALA F 996 -102.26 142.67 -78.93
N THR F 997 -102.25 143.18 -80.16
CA THR F 997 -102.47 144.60 -80.36
C THR F 997 -103.61 144.85 -81.35
N PRO F 998 -104.48 145.82 -81.07
CA PRO F 998 -105.51 146.18 -82.05
C PRO F 998 -104.91 146.77 -83.31
N MET F 999 -105.62 146.59 -84.42
CA MET F 999 -105.14 147.00 -85.74
C MET F 999 -105.85 148.29 -86.15
N VAL F 1000 -105.08 149.38 -86.23
CA VAL F 1000 -105.60 150.66 -86.69
C VAL F 1000 -105.46 150.72 -88.21
N VAL F 1001 -106.52 151.16 -88.88
CA VAL F 1001 -106.59 151.17 -90.34
C VAL F 1001 -106.84 152.61 -90.80
N ALA F 1002 -106.06 153.07 -91.75
CA ALA F 1002 -106.25 154.38 -92.36
C ALA F 1002 -106.91 154.23 -93.73
N ALA F 1003 -107.54 155.30 -94.19
CA ALA F 1003 -108.20 155.28 -95.48
C ALA F 1003 -107.18 155.29 -96.61
N ALA F 1004 -107.52 154.62 -97.70
CA ALA F 1004 -106.65 154.60 -98.87
C ALA F 1004 -106.57 155.98 -99.51
N VAL F 1005 -105.43 156.29 -100.08
CA VAL F 1005 -105.18 157.59 -100.70
C VAL F 1005 -105.66 157.55 -102.14
N VAL F 1006 -106.51 158.52 -102.51
CA VAL F 1006 -107.01 158.67 -103.86
C VAL F 1006 -106.41 159.95 -104.43
N ALA F 1007 -105.80 159.84 -105.61
CA ALA F 1007 -105.08 160.95 -106.22
C ALA F 1007 -105.50 161.10 -107.68
N VAL F 1008 -105.77 162.34 -108.09
CA VAL F 1008 -106.00 162.67 -109.49
C VAL F 1008 -104.65 162.98 -110.11
N GLU F 1009 -104.32 162.29 -111.21
CA GLU F 1009 -103.01 162.43 -111.83
C GLU F 1009 -103.05 163.10 -113.19
N SER F 1010 -104.12 162.95 -113.96
CA SER F 1010 -104.17 163.49 -115.31
C SER F 1010 -105.49 164.20 -115.55
N THR F 1011 -105.41 165.35 -116.22
CA THR F 1011 -106.58 166.08 -116.68
C THR F 1011 -106.41 166.31 -118.18
N THR F 1012 -107.39 165.87 -118.97
CA THR F 1012 -107.30 165.93 -120.41
C THR F 1012 -108.57 166.52 -121.01
N ILE F 1013 -108.44 166.99 -122.25
CA ILE F 1013 -109.54 167.58 -122.99
C ILE F 1013 -109.50 167.00 -124.40
N SER F 1014 -110.67 166.63 -124.94
CA SER F 1014 -110.67 165.95 -126.25
C SER F 1014 -110.34 166.90 -127.39
N PRO F 1015 -111.00 168.06 -127.56
CA PRO F 1015 -110.52 169.02 -128.56
C PRO F 1015 -109.59 170.06 -127.94
N ASN F 1016 -108.39 170.22 -128.48
CA ASN F 1016 -107.43 171.15 -127.90
C ASN F 1016 -106.70 171.93 -128.97
N TYR F 1017 -106.70 173.25 -128.84
CA TYR F 1017 -105.68 174.05 -129.51
C TYR F 1017 -104.31 173.75 -128.93
N ASN F 1018 -104.23 173.66 -127.60
CA ASN F 1018 -103.08 173.15 -126.88
C ASN F 1018 -103.60 172.31 -125.74
N PRO F 1019 -102.79 171.36 -125.22
CA PRO F 1019 -103.26 170.47 -124.15
C PRO F 1019 -103.92 171.17 -122.96
N THR F 1020 -103.72 172.49 -122.83
CA THR F 1020 -104.29 173.23 -121.71
C THR F 1020 -105.50 174.08 -122.08
N THR F 1021 -105.71 174.38 -123.35
CA THR F 1021 -106.82 175.23 -123.78
C THR F 1021 -107.66 174.50 -124.82
N PRO F 1022 -108.95 174.28 -124.57
CA PRO F 1022 -109.82 173.71 -125.62
C PRO F 1022 -110.22 174.74 -126.66
N TYR F 1023 -111.11 174.36 -127.57
CA TYR F 1023 -111.59 175.23 -128.63
C TYR F 1023 -112.81 176.00 -128.14
N THR F 1024 -113.48 176.71 -129.05
CA THR F 1024 -114.66 177.50 -128.74
C THR F 1024 -115.87 176.96 -129.48
N ASN F 1025 -117.04 177.08 -128.85
CA ASN F 1025 -118.32 176.56 -129.33
C ASN F 1025 -118.14 175.18 -129.99
N ILE F 1026 -117.42 174.31 -129.31
CA ILE F 1026 -117.16 172.95 -129.77
C ILE F 1026 -117.28 172.01 -128.58
N PRO F 1027 -118.00 170.89 -128.71
CA PRO F 1027 -118.13 169.95 -127.59
C PRO F 1027 -116.78 169.47 -127.07
N THR F 1028 -116.45 169.84 -125.85
CA THR F 1028 -115.18 169.49 -125.21
C THR F 1028 -115.47 168.57 -124.03
N TYR F 1029 -114.76 167.46 -123.95
CA TYR F 1029 -115.04 166.43 -122.95
C TYR F 1029 -113.87 166.38 -121.98
N PHE F 1030 -114.05 167.00 -120.82
CA PHE F 1030 -113.04 166.97 -119.79
C PHE F 1030 -112.90 165.55 -119.23
N THR F 1031 -111.68 165.17 -118.92
CA THR F 1031 -111.42 163.82 -118.42
C THR F 1031 -110.46 163.91 -117.25
N PHE F 1032 -110.90 163.42 -116.09
CA PHE F 1032 -110.08 163.37 -114.89
C PHE F 1032 -109.72 161.92 -114.59
N THR F 1033 -108.43 161.66 -114.38
CA THR F 1033 -107.93 160.32 -114.10
C THR F 1033 -107.80 160.14 -112.60
N LEU F 1034 -108.54 159.19 -112.05
CA LEU F 1034 -108.53 158.90 -110.62
C LEU F 1034 -107.71 157.64 -110.37
N LEU F 1035 -106.82 157.72 -109.38
CA LEU F 1035 -105.91 156.64 -109.02
C LEU F 1035 -105.97 156.40 -107.52
N ARG F 1036 -105.84 155.13 -107.13
CA ARG F 1036 -105.85 154.73 -105.73
C ARG F 1036 -104.66 153.81 -105.48
N ASP F 1037 -103.92 154.08 -104.40
CA ASP F 1037 -102.67 153.35 -104.17
C ASP F 1037 -102.88 151.85 -103.98
N PRO F 1038 -103.77 151.39 -103.10
CA PRO F 1038 -104.14 149.96 -103.12
C PRO F 1038 -105.32 149.73 -104.05
N PRO F 1039 -105.12 149.02 -105.16
CA PRO F 1039 -106.25 148.61 -105.99
C PRO F 1039 -107.30 147.83 -105.22
N VAL F 1040 -108.48 147.72 -105.82
CA VAL F 1040 -109.53 146.87 -105.25
C VAL F 1040 -109.12 145.41 -105.40
N PRO F 1041 -109.26 144.60 -104.36
CA PRO F 1041 -108.90 143.18 -104.45
C PRO F 1041 -109.70 142.46 -105.52
N PRO F 1042 -109.10 141.52 -106.23
CA PRO F 1042 -109.87 140.72 -107.20
C PRO F 1042 -110.97 139.90 -106.56
N SER F 1043 -110.84 139.52 -105.29
CA SER F 1043 -111.82 138.71 -104.59
C SER F 1043 -112.86 139.54 -103.86
N ALA F 1044 -112.84 140.86 -104.02
CA ALA F 1044 -113.79 141.72 -103.33
C ALA F 1044 -115.22 141.41 -103.78
N SER F 1045 -116.15 141.44 -102.82
CA SER F 1045 -117.54 141.15 -103.13
C SER F 1045 -118.13 142.19 -104.08
N SER F 1046 -117.83 143.47 -103.83
CA SER F 1046 -118.33 144.55 -104.67
C SER F 1046 -117.27 145.64 -104.76
N GLY F 1047 -117.37 146.44 -105.81
CA GLY F 1047 -116.40 147.50 -106.03
C GLY F 1047 -116.65 148.72 -105.15
N VAL F 1048 -115.73 149.67 -105.25
CA VAL F 1048 -115.79 150.93 -104.53
C VAL F 1048 -116.05 152.04 -105.53
N GLN F 1049 -116.99 152.93 -105.22
CA GLN F 1049 -117.52 153.89 -106.16
C GLN F 1049 -117.09 155.31 -105.82
N PHE F 1050 -116.75 156.08 -106.85
CA PHE F 1050 -116.35 157.46 -106.71
C PHE F 1050 -117.24 158.35 -107.57
N ALA F 1051 -117.32 159.62 -107.19
CA ALA F 1051 -118.12 160.62 -107.86
C ALA F 1051 -117.23 161.81 -108.23
N CYS F 1052 -117.21 162.13 -109.52
CA CYS F 1052 -116.52 163.29 -110.04
C CYS F 1052 -117.50 164.45 -110.15
N ALA F 1053 -117.03 165.65 -109.78
CA ALA F 1053 -117.85 166.86 -109.83
C ALA F 1053 -117.10 167.92 -110.62
N LEU F 1054 -117.73 168.45 -111.67
CA LEU F 1054 -117.09 169.45 -112.51
C LEU F 1054 -117.96 170.68 -112.65
N TYR F 1055 -117.35 171.86 -112.42
CA TYR F 1055 -117.97 173.15 -112.65
C TYR F 1055 -117.09 173.90 -113.64
N THR F 1056 -117.56 174.04 -114.88
CA THR F 1056 -116.73 174.55 -115.96
C THR F 1056 -116.34 176.01 -115.80
N GLY F 1057 -117.00 176.75 -114.91
CA GLY F 1057 -116.78 178.16 -114.77
C GLY F 1057 -117.73 179.03 -115.56
N GLN F 1058 -118.39 178.46 -116.57
CA GLN F 1058 -119.40 179.18 -117.33
C GLN F 1058 -120.72 179.24 -116.55
N ASN F 1059 -121.64 180.05 -117.03
CA ASN F 1059 -122.94 180.23 -116.40
C ASN F 1059 -124.05 180.18 -117.45
N VAL F 1060 -123.99 179.18 -118.33
CA VAL F 1060 -124.94 179.08 -119.43
C VAL F 1060 -126.16 178.28 -119.01
N ASN F 1061 -125.96 177.01 -118.67
CA ASN F 1061 -127.07 176.16 -118.25
C ASN F 1061 -127.50 176.46 -116.81
N PRO F 1062 -126.58 176.49 -115.83
CA PRO F 1062 -127.01 176.89 -114.48
C PRO F 1062 -127.53 178.32 -114.43
N ALA F 1063 -127.06 179.20 -115.31
CA ALA F 1063 -127.45 180.60 -115.41
C ALA F 1063 -127.14 181.39 -114.16
N SER F 1064 -126.38 180.82 -113.22
CA SER F 1064 -126.01 181.51 -111.99
C SER F 1064 -124.78 180.84 -111.41
N ALA F 1065 -123.86 181.65 -110.91
CA ALA F 1065 -122.64 181.13 -110.32
C ALA F 1065 -122.97 180.36 -109.04
N PRO F 1066 -122.20 179.33 -108.71
CA PRO F 1066 -122.47 178.57 -107.49
C PRO F 1066 -122.04 179.33 -106.24
N SER F 1067 -122.18 178.71 -105.07
CA SER F 1067 -121.73 179.31 -103.83
C SER F 1067 -120.23 179.13 -103.70
N ALA F 1068 -119.70 179.36 -102.50
CA ALA F 1068 -118.27 179.18 -102.27
C ALA F 1068 -117.86 177.73 -102.57
N ILE F 1069 -116.55 177.52 -102.65
CA ILE F 1069 -116.01 176.21 -103.01
C ILE F 1069 -116.16 175.31 -101.79
N THR F 1070 -117.22 174.52 -101.75
CA THR F 1070 -117.57 173.72 -100.58
C THR F 1070 -118.16 172.40 -101.04
N ASP F 1071 -117.80 171.32 -100.33
CA ASP F 1071 -118.40 170.02 -100.61
C ASP F 1071 -119.90 170.04 -100.33
N ALA F 1072 -120.30 170.69 -99.23
CA ALA F 1072 -121.71 170.73 -98.85
C ALA F 1072 -122.57 171.47 -99.85
N VAL F 1073 -121.98 172.25 -100.75
CA VAL F 1073 -122.73 172.92 -101.80
C VAL F 1073 -122.49 172.32 -103.18
N TYR F 1074 -121.34 171.68 -103.39
CA TYR F 1074 -121.09 170.99 -104.66
C TYR F 1074 -121.73 169.61 -104.70
N LYS F 1075 -122.17 169.07 -103.57
CA LYS F 1075 -122.88 167.80 -103.54
C LYS F 1075 -124.31 167.94 -104.04
N THR F 1076 -124.79 169.16 -104.27
CA THR F 1076 -126.17 169.41 -104.66
C THR F 1076 -126.40 169.34 -106.16
N PHE F 1077 -125.35 169.17 -106.96
CA PHE F 1077 -125.52 169.09 -108.40
C PHE F 1077 -126.21 167.80 -108.80
N THR F 1078 -127.05 167.86 -109.82
CA THR F 1078 -127.82 166.71 -110.25
C THR F 1078 -126.96 165.70 -110.98
N ASP F 1079 -127.43 164.46 -111.01
CA ASP F 1079 -126.75 163.40 -111.75
C ASP F 1079 -126.84 163.64 -113.24
N VAL F 1080 -125.74 163.36 -113.94
CA VAL F 1080 -125.73 163.46 -115.41
C VAL F 1080 -125.09 162.21 -115.99
N THR F 1081 -124.86 161.19 -115.14
CA THR F 1081 -124.19 159.98 -115.59
C THR F 1081 -125.00 159.26 -116.67
N THR F 1082 -126.30 159.10 -116.44
CA THR F 1082 -127.16 158.34 -117.32
C THR F 1082 -127.92 159.22 -118.31
N ALA F 1083 -127.30 160.33 -118.72
CA ALA F 1083 -127.93 161.27 -119.64
C ALA F 1083 -127.38 161.07 -121.06
N VAL F 1084 -128.21 161.37 -122.04
CA VAL F 1084 -127.85 161.31 -123.45
C VAL F 1084 -127.86 162.73 -124.01
N ALA F 1085 -127.33 162.87 -125.22
CA ALA F 1085 -127.10 164.20 -125.78
C ALA F 1085 -128.39 164.96 -126.09
N THR F 1086 -129.52 164.26 -126.29
CA THR F 1086 -130.74 164.96 -126.68
C THR F 1086 -131.25 165.88 -125.57
N ASP F 1087 -131.19 165.43 -124.33
CA ASP F 1087 -131.72 166.23 -123.22
C ASP F 1087 -130.87 167.48 -123.01
N ALA F 1088 -131.51 168.52 -122.49
CA ALA F 1088 -130.86 169.82 -122.35
C ALA F 1088 -129.84 169.84 -121.22
N ASN F 1089 -130.01 169.00 -120.20
CA ASN F 1089 -129.09 168.98 -119.06
C ASN F 1089 -127.75 168.33 -119.39
N TYR F 1090 -127.57 167.84 -120.62
CA TYR F 1090 -126.34 167.15 -120.97
C TYR F 1090 -125.13 168.08 -120.93
N PHE F 1091 -125.30 169.33 -121.39
CA PHE F 1091 -124.19 170.26 -121.50
C PHE F 1091 -124.14 171.24 -120.33
N ALA F 1092 -124.61 170.83 -119.16
CA ALA F 1092 -124.64 171.70 -118.00
C ALA F 1092 -123.24 172.05 -117.53
N ASP F 1093 -123.11 173.23 -116.92
CA ASP F 1093 -121.82 173.69 -116.42
C ASP F 1093 -121.49 173.15 -115.03
N GLN F 1094 -122.40 172.39 -114.42
CA GLN F 1094 -122.18 171.84 -113.08
C GLN F 1094 -122.72 170.41 -113.09
N GLN F 1095 -121.81 169.44 -113.17
CA GLN F 1095 -122.19 168.05 -113.39
C GLN F 1095 -121.56 167.14 -112.35
N LEU F 1096 -122.29 166.08 -111.99
CA LEU F 1096 -121.80 164.98 -111.17
C LEU F 1096 -121.89 163.70 -111.97
N ARG F 1097 -120.83 162.89 -111.92
CA ARG F 1097 -120.82 161.58 -112.57
C ARG F 1097 -120.25 160.54 -111.62
N VAL F 1098 -120.63 159.28 -111.86
CA VAL F 1098 -120.32 158.18 -110.97
C VAL F 1098 -119.52 157.12 -111.71
N VAL F 1099 -118.51 156.57 -111.05
CA VAL F 1099 -117.73 155.47 -111.58
C VAL F 1099 -117.54 154.44 -110.46
N THR F 1100 -117.28 153.20 -110.87
CA THR F 1100 -117.09 152.10 -109.94
C THR F 1100 -115.79 151.37 -110.26
N MET F 1101 -115.27 150.67 -109.24
CA MET F 1101 -113.99 149.98 -109.33
C MET F 1101 -114.23 148.50 -109.57
N ALA F 1102 -113.85 148.01 -110.74
CA ALA F 1102 -113.90 146.59 -111.00
C ALA F 1102 -112.78 145.88 -110.24
N PRO F 1103 -112.93 144.59 -109.94
CA PRO F 1103 -111.86 143.87 -109.25
C PRO F 1103 -110.57 143.88 -110.05
N GLY F 1104 -109.45 144.09 -109.35
CA GLY F 1104 -108.15 144.19 -109.98
C GLY F 1104 -107.86 145.53 -110.63
N THR F 1105 -108.85 146.40 -110.73
CA THR F 1105 -108.71 147.74 -111.30
C THR F 1105 -108.40 148.74 -110.18
N GLY F 1106 -108.56 150.03 -110.46
CA GLY F 1106 -108.25 151.06 -109.50
C GLY F 1106 -107.78 152.35 -110.14
N ARG F 1107 -107.55 152.31 -111.46
CA ARG F 1107 -107.30 153.50 -112.24
C ARG F 1107 -108.49 153.72 -113.17
N VAL F 1108 -109.16 154.86 -113.03
CA VAL F 1108 -110.38 155.14 -113.76
C VAL F 1108 -110.29 156.54 -114.37
N SER F 1109 -111.19 156.82 -115.31
CA SER F 1109 -111.29 158.13 -115.93
C SER F 1109 -112.75 158.55 -115.97
N CYS F 1110 -113.05 159.73 -115.44
CA CYS F 1110 -114.38 160.30 -115.51
C CYS F 1110 -114.41 161.40 -116.54
N THR F 1111 -115.35 161.30 -117.49
CA THR F 1111 -115.44 162.21 -118.63
C THR F 1111 -116.74 162.99 -118.55
N PHE F 1112 -116.63 164.31 -118.67
CA PHE F 1112 -117.74 165.24 -118.56
C PHE F 1112 -117.88 166.01 -119.87
N PRO F 1113 -119.03 165.96 -120.54
CA PRO F 1113 -119.24 166.82 -121.71
C PRO F 1113 -119.55 168.25 -121.29
N THR F 1114 -118.88 169.19 -121.97
CA THR F 1114 -119.02 170.61 -121.68
C THR F 1114 -118.98 171.38 -123.00
N LEU F 1115 -119.55 172.57 -123.00
CA LEU F 1115 -119.55 173.45 -124.16
C LEU F 1115 -119.14 174.85 -123.73
N TYR F 1116 -118.19 175.43 -124.45
CA TYR F 1116 -117.71 176.79 -124.18
C TYR F 1116 -118.01 177.65 -125.40
N ALA F 1117 -119.05 178.46 -125.30
CA ALA F 1117 -119.44 179.36 -126.38
C ALA F 1117 -118.85 180.75 -126.23
N ALA F 1118 -117.98 180.96 -125.24
CA ALA F 1118 -117.38 182.26 -124.99
C ALA F 1118 -115.86 182.13 -124.94
N ALA F 1119 -115.18 183.22 -125.27
CA ALA F 1119 -113.72 183.27 -125.25
C ALA F 1119 -113.17 183.80 -123.94
N GLY F 1120 -114.02 184.14 -122.97
CA GLY F 1120 -113.57 184.64 -121.70
C GLY F 1120 -112.85 183.58 -120.89
N PRO F 1121 -111.89 184.02 -120.07
CA PRO F 1121 -111.18 183.06 -119.20
C PRO F 1121 -112.14 182.36 -118.25
N PHE F 1122 -111.93 181.05 -118.09
CA PHE F 1122 -112.73 180.22 -117.20
C PHE F 1122 -111.81 179.46 -116.25
N SER F 1123 -112.32 179.14 -115.08
CA SER F 1123 -111.58 178.41 -114.05
C SER F 1123 -112.39 177.20 -113.63
N PRO F 1124 -112.24 176.07 -114.32
CA PRO F 1124 -112.97 174.86 -113.93
C PRO F 1124 -112.59 174.40 -112.53
N LYS F 1125 -113.58 173.90 -111.81
CA LYS F 1125 -113.42 173.39 -110.45
C LYS F 1125 -113.83 171.93 -110.42
N PHE F 1126 -112.95 171.08 -109.89
CA PHE F 1126 -113.18 169.64 -109.87
C PHE F 1126 -113.14 169.12 -108.44
N PHE F 1127 -114.06 168.21 -108.14
CA PHE F 1127 -114.23 167.64 -106.81
C PHE F 1127 -114.33 166.12 -106.91
N VAL F 1128 -113.86 165.46 -105.86
CA VAL F 1128 -113.90 164.00 -105.76
C VAL F 1128 -114.66 163.62 -104.49
N PHE F 1129 -115.55 162.64 -104.60
CA PHE F 1129 -116.29 162.16 -103.44
C PHE F 1129 -116.38 160.64 -103.47
N GLU F 1130 -116.50 160.05 -102.28
CA GLU F 1130 -116.75 158.61 -102.15
C GLU F 1130 -118.24 158.36 -102.14
N TYR F 1131 -118.68 157.28 -102.77
CA TYR F 1131 -120.08 156.99 -102.98
C TYR F 1131 -120.53 155.85 -102.07
N ALA F 1132 -121.49 156.13 -101.21
CA ALA F 1132 -122.18 155.11 -100.43
C ALA F 1132 -123.24 154.46 -101.31
N SER F 1133 -124.16 153.71 -100.70
CA SER F 1133 -125.21 153.05 -101.47
C SER F 1133 -126.12 154.12 -102.07
N SER F 1134 -125.85 154.46 -103.34
CA SER F 1134 -126.64 155.41 -104.11
C SER F 1134 -126.63 156.83 -103.52
N THR F 1135 -125.84 157.04 -102.47
CA THR F 1135 -125.75 158.35 -101.83
C THR F 1135 -124.29 158.79 -101.73
N VAL F 1136 -124.08 160.10 -101.84
CA VAL F 1136 -122.72 160.64 -101.74
C VAL F 1136 -122.34 160.77 -100.27
N GLY F 1137 -121.03 160.79 -100.03
CA GLY F 1137 -120.50 160.88 -98.68
C GLY F 1137 -119.61 162.08 -98.46
N ALA F 1138 -118.34 161.84 -98.15
CA ALA F 1138 -117.36 162.88 -97.88
C ALA F 1138 -116.32 162.93 -98.99
N ASN F 1139 -115.31 163.76 -98.80
CA ASN F 1139 -114.24 163.90 -99.78
C ASN F 1139 -113.45 162.61 -99.92
N ALA F 1140 -112.93 162.38 -101.12
CA ALA F 1140 -112.12 161.19 -101.38
C ALA F 1140 -110.71 161.30 -100.81
N LEU F 1141 -110.21 162.52 -100.59
CA LEU F 1141 -108.89 162.71 -100.04
C LEU F 1141 -108.86 162.82 -98.52
N ALA F 1142 -110.03 162.79 -97.88
CA ALA F 1142 -110.18 162.86 -96.43
C ALA F 1142 -109.76 164.21 -95.88
N VAL F 1143 -109.25 165.08 -96.74
CA VAL F 1143 -108.90 166.45 -96.41
C VAL F 1143 -110.18 167.29 -96.51
N ALA F 1144 -110.11 168.55 -96.09
CA ALA F 1144 -111.28 169.41 -96.05
C ALA F 1144 -111.63 169.83 -97.49
N ASP F 1145 -112.52 170.82 -97.61
CA ASP F 1145 -113.12 171.14 -98.90
C ASP F 1145 -112.08 171.67 -99.86
N THR F 1146 -111.51 170.79 -100.68
CA THR F 1146 -110.41 171.11 -101.58
C THR F 1146 -110.86 170.86 -103.02
N VAL F 1147 -110.50 171.79 -103.90
CA VAL F 1147 -110.81 171.69 -105.32
C VAL F 1147 -109.51 171.53 -106.09
N THR F 1148 -109.47 170.56 -106.99
CA THR F 1148 -108.35 170.42 -107.92
C THR F 1148 -108.48 171.55 -108.93
N SER F 1149 -107.75 172.64 -108.71
CA SER F 1149 -107.93 173.85 -109.50
C SER F 1149 -107.22 173.69 -110.84
N LEU F 1150 -108.01 173.60 -111.92
CA LEU F 1150 -107.45 173.53 -113.25
C LEU F 1150 -106.86 174.87 -113.66
N THR F 1151 -105.95 174.82 -114.63
CA THR F 1151 -105.29 176.04 -115.10
C THR F 1151 -106.30 176.94 -115.81
N SER F 1152 -106.13 178.25 -115.63
CA SER F 1152 -106.96 179.22 -116.33
C SER F 1152 -106.59 179.23 -117.81
N PHE F 1153 -107.60 179.15 -118.68
CA PHE F 1153 -107.39 179.06 -120.11
C PHE F 1153 -108.31 180.02 -120.85
N THR F 1154 -107.90 180.35 -122.08
CA THR F 1154 -108.69 181.19 -122.97
C THR F 1154 -108.97 180.40 -124.24
N THR F 1155 -110.26 180.14 -124.50
CA THR F 1155 -110.63 179.34 -125.66
C THR F 1155 -110.37 180.12 -126.95
N GLN F 1156 -109.83 179.42 -127.95
CA GLN F 1156 -109.57 179.99 -129.26
C GLN F 1156 -110.53 179.39 -130.28
N ALA F 1157 -110.54 180.00 -131.47
CA ALA F 1157 -111.44 179.56 -132.52
C ALA F 1157 -111.05 178.17 -133.02
N ALA F 1158 -112.06 177.32 -133.19
CA ALA F 1158 -111.83 175.96 -133.69
C ALA F 1158 -111.61 176.01 -135.20
N PRO F 1159 -110.53 175.44 -135.71
CA PRO F 1159 -110.30 175.45 -137.16
C PRO F 1159 -111.32 174.60 -137.89
N THR F 1160 -111.51 174.93 -139.17
CA THR F 1160 -112.48 174.27 -140.02
C THR F 1160 -111.78 173.37 -141.05
N PHE F 1161 -110.74 172.69 -140.60
CA PHE F 1161 -110.01 171.74 -141.42
C PHE F 1161 -110.54 170.34 -141.16
N ILE F 1162 -110.81 169.60 -142.23
CA ILE F 1162 -111.35 168.24 -142.13
C ILE F 1162 -110.23 167.26 -142.42
N THR F 1163 -110.41 166.02 -141.97
CA THR F 1163 -109.45 164.94 -142.19
C THR F 1163 -110.07 163.91 -143.12
N GLY F 1164 -109.31 163.50 -144.13
CA GLY F 1164 -109.77 162.50 -145.06
C GLY F 1164 -108.86 162.35 -146.26
N PRO F 1165 -109.20 161.43 -147.16
CA PRO F 1165 -108.37 161.18 -148.34
C PRO F 1165 -108.64 162.23 -149.42
N THR F 1166 -107.88 162.12 -150.51
CA THR F 1166 -108.06 163.01 -151.64
C THR F 1166 -109.43 162.80 -152.28
N ASN F 1167 -110.11 163.91 -152.57
CA ASN F 1167 -111.43 163.88 -153.18
C ASN F 1167 -111.30 163.68 -154.68
N VAL F 1168 -112.11 162.76 -155.22
CA VAL F 1168 -112.15 162.52 -156.66
C VAL F 1168 -113.07 163.55 -157.31
N PRO F 1169 -112.56 164.36 -158.24
CA PRO F 1169 -113.42 165.36 -158.89
C PRO F 1169 -114.49 164.72 -159.75
N GLN F 1170 -115.62 165.41 -159.87
CA GLN F 1170 -116.74 164.95 -160.68
C GLN F 1170 -116.45 165.25 -162.16
N ARG F 1171 -117.44 165.02 -163.01
CA ARG F 1171 -117.30 165.24 -164.45
C ARG F 1171 -117.33 166.73 -164.73
N VAL F 1172 -116.17 167.30 -165.01
CA VAL F 1172 -116.04 168.73 -165.32
C VAL F 1172 -115.33 168.85 -166.67
N PRO F 1173 -115.80 169.72 -167.57
CA PRO F 1173 -115.13 169.87 -168.86
C PRO F 1173 -113.67 170.28 -168.69
N LEU F 1174 -112.81 169.71 -169.53
CA LEU F 1174 -111.38 169.93 -169.47
C LEU F 1174 -110.82 170.02 -170.89
N PRO F 1175 -109.73 170.76 -171.08
CA PRO F 1175 -109.08 170.79 -172.40
C PRO F 1175 -108.33 169.50 -172.66
N LYS F 1176 -108.02 169.28 -173.94
CA LYS F 1176 -107.29 168.08 -174.34
C LYS F 1176 -105.90 168.07 -173.71
N GLY F 1177 -105.51 166.91 -173.19
CA GLY F 1177 -104.24 166.75 -172.51
C GLY F 1177 -104.32 166.84 -171.00
N PHE F 1178 -105.45 167.27 -170.46
CA PHE F 1178 -105.62 167.36 -169.00
C PHE F 1178 -106.02 166.00 -168.45
N ARG F 1179 -105.31 165.57 -167.40
CA ARG F 1179 -105.56 164.30 -166.76
C ARG F 1179 -105.86 164.52 -165.28
N THR F 1180 -106.98 163.96 -164.82
CA THR F 1180 -107.34 164.03 -163.41
C THR F 1180 -106.92 162.81 -162.61
N THR F 1181 -106.62 161.70 -163.28
CA THR F 1181 -106.18 160.47 -162.62
C THR F 1181 -104.98 159.90 -163.37
N CYS F 1182 -104.19 159.11 -162.68
CA CYS F 1182 -103.00 158.49 -163.24
C CYS F 1182 -103.07 156.98 -163.06
N PHE F 1183 -102.44 156.27 -164.00
CA PHE F 1183 -102.45 154.82 -163.98
C PHE F 1183 -101.55 154.29 -162.87
N ASP F 1184 -101.43 152.97 -162.80
CA ASP F 1184 -100.58 152.34 -161.80
C ASP F 1184 -99.12 152.73 -162.03
N GLY F 1185 -98.47 153.14 -160.95
CA GLY F 1185 -97.09 153.57 -161.02
C GLY F 1185 -96.86 154.97 -161.54
N TYR F 1186 -97.92 155.72 -161.82
CA TYR F 1186 -97.83 157.07 -162.34
C TYR F 1186 -98.38 158.06 -161.32
N GLU F 1187 -97.74 159.23 -161.23
CA GLU F 1187 -98.13 160.26 -160.28
C GLU F 1187 -98.60 161.51 -161.01
N LEU F 1188 -99.49 162.26 -160.36
CA LEU F 1188 -100.05 163.46 -160.96
C LEU F 1188 -99.12 164.65 -160.73
N ILE F 1189 -98.73 165.30 -161.82
CA ILE F 1189 -97.86 166.48 -161.77
C ILE F 1189 -98.50 167.59 -162.59
N PHE F 1190 -98.07 168.81 -162.33
CA PHE F 1190 -98.63 170.01 -162.95
C PHE F 1190 -97.54 170.65 -163.83
N SER F 1191 -97.72 170.54 -165.15
CA SER F 1191 -96.75 171.11 -166.08
C SER F 1191 -97.42 171.30 -167.43
N ASN F 1192 -96.88 172.24 -168.21
CA ASN F 1192 -97.34 172.49 -169.56
C ASN F 1192 -96.52 171.77 -170.61
N ASP F 1193 -95.54 170.97 -170.20
CA ASP F 1193 -94.70 170.25 -171.14
C ASP F 1193 -95.41 169.00 -171.65
N ASN F 1194 -94.77 168.33 -172.61
CA ASN F 1194 -95.31 167.11 -173.20
C ASN F 1194 -94.79 165.92 -172.42
N TYR F 1195 -95.71 165.18 -171.78
CA TYR F 1195 -95.37 164.01 -170.97
C TYR F 1195 -96.05 162.79 -171.59
N THR F 1196 -95.31 162.07 -172.42
CA THR F 1196 -95.80 160.86 -173.07
C THR F 1196 -95.14 159.65 -172.42
N ASN F 1197 -95.97 158.65 -172.07
CA ASN F 1197 -95.51 157.44 -171.39
C ASN F 1197 -94.83 157.76 -170.06
N GLY F 1198 -95.22 158.87 -169.44
CA GLY F 1198 -94.67 159.28 -168.16
C GLY F 1198 -93.33 159.98 -168.22
N VAL F 1199 -92.78 160.19 -169.42
CA VAL F 1199 -91.47 160.81 -169.58
C VAL F 1199 -91.64 162.08 -170.40
N ARG F 1200 -90.67 162.99 -170.26
CA ARG F 1200 -90.72 164.26 -170.96
C ARG F 1200 -90.10 164.13 -172.36
N VAL F 1201 -90.87 164.52 -173.37
CA VAL F 1201 -90.39 164.48 -174.75
C VAL F 1201 -90.38 165.85 -175.40
N ALA F 1202 -91.14 166.83 -174.91
CA ALA F 1202 -91.15 168.17 -175.46
C ALA F 1202 -91.42 169.16 -174.35
N VAL F 1203 -91.04 170.41 -174.58
CA VAL F 1203 -91.13 171.48 -173.59
C VAL F 1203 -92.20 172.47 -174.04
N ASP F 1204 -93.10 172.81 -173.13
CA ASP F 1204 -94.16 173.79 -173.36
C ASP F 1204 -95.04 173.40 -174.54
N ALA F 1205 -95.71 172.25 -174.40
CA ALA F 1205 -96.60 171.74 -175.42
C ALA F 1205 -98.03 172.24 -175.27
N TYR F 1206 -98.35 172.96 -174.21
CA TYR F 1206 -99.69 173.47 -173.98
C TYR F 1206 -99.64 174.94 -173.61
N PRO F 1207 -100.67 175.71 -173.98
CA PRO F 1207 -100.69 177.13 -173.60
C PRO F 1207 -100.78 177.37 -172.10
N TYR F 1208 -101.27 176.40 -171.34
CA TYR F 1208 -101.37 176.52 -169.89
C TYR F 1208 -100.89 175.21 -169.26
N PRO F 1209 -100.33 175.27 -168.06
CA PRO F 1209 -99.94 174.03 -167.37
C PRO F 1209 -101.15 173.15 -167.11
N VAL F 1210 -100.96 171.84 -167.26
CA VAL F 1210 -102.03 170.86 -167.13
C VAL F 1210 -101.55 169.72 -166.26
N GLY F 1211 -102.49 168.86 -165.88
CA GLY F 1211 -102.18 167.69 -165.09
C GLY F 1211 -101.74 166.51 -165.93
N GLN F 1212 -100.49 166.12 -165.78
CA GLN F 1212 -99.91 165.00 -166.51
C GLN F 1212 -99.50 163.90 -165.54
N CYS F 1213 -99.12 162.76 -166.10
CA CYS F 1213 -98.70 161.60 -165.32
C CYS F 1213 -97.20 161.38 -165.53
N ARG F 1214 -96.47 161.29 -164.43
CA ARG F 1214 -95.04 161.07 -164.45
C ARG F 1214 -94.70 159.72 -163.83
N LYS F 1215 -93.64 159.09 -164.35
CA LYS F 1215 -93.21 157.80 -163.84
C LYS F 1215 -92.75 157.92 -162.39
N CYS F 1216 -93.10 156.93 -161.58
CA CYS F 1216 -92.67 156.90 -160.20
C CYS F 1216 -91.15 156.73 -160.15
N PRO F 1217 -90.46 157.44 -159.25
CA PRO F 1217 -89.01 157.28 -159.14
C PRO F 1217 -88.64 155.89 -158.62
N GLY F 1218 -87.41 155.49 -158.93
CA GLY F 1218 -86.93 154.18 -158.55
C GLY F 1218 -87.01 153.89 -157.07
N GLY F 1219 -87.58 152.75 -156.72
CA GLY F 1219 -87.81 152.40 -155.33
C GLY F 1219 -89.13 152.86 -154.76
N THR F 1220 -89.98 153.48 -155.57
CA THR F 1220 -91.29 153.94 -155.13
C THR F 1220 -92.37 153.25 -155.95
N ALA F 1221 -93.50 152.99 -155.31
CA ALA F 1221 -94.64 152.35 -155.95
C ALA F 1221 -95.92 153.02 -155.49
N THR F 1222 -96.96 152.91 -156.31
CA THR F 1222 -98.24 153.52 -155.98
C THR F 1222 -99.37 152.68 -156.58
N MET F 1223 -100.54 152.80 -155.97
CA MET F 1223 -101.75 152.16 -156.46
C MET F 1223 -102.88 153.16 -156.70
N ASP F 1224 -103.02 154.16 -155.83
CA ASP F 1224 -103.99 155.24 -156.07
C ASP F 1224 -103.48 156.26 -157.07
N GLY F 1225 -102.18 156.32 -157.32
CA GLY F 1225 -101.62 157.16 -158.35
C GLY F 1225 -101.42 158.62 -157.99
N TYR F 1226 -101.78 159.02 -156.78
CA TYR F 1226 -101.66 160.43 -156.39
C TYR F 1226 -100.34 160.73 -155.68
N ARG F 1227 -99.53 159.71 -155.38
CA ARG F 1227 -98.24 159.92 -154.74
C ARG F 1227 -97.38 158.68 -154.94
N CYS F 1228 -96.11 158.90 -155.29
CA CYS F 1228 -95.16 157.81 -155.47
C CYS F 1228 -94.52 157.52 -154.13
N ILE F 1229 -95.18 156.69 -153.33
CA ILE F 1229 -94.72 156.37 -151.99
C ILE F 1229 -93.43 155.57 -152.06
N PRO F 1230 -92.36 156.01 -151.40
CA PRO F 1230 -91.13 155.20 -151.37
C PRO F 1230 -91.38 153.91 -150.63
N CYS F 1231 -90.79 152.83 -151.14
CA CYS F 1231 -91.03 151.51 -150.58
C CYS F 1231 -90.48 151.43 -149.16
N PRO F 1232 -91.22 150.86 -148.22
CA PRO F 1232 -90.71 150.76 -146.85
C PRO F 1232 -89.59 149.73 -146.76
N SER F 1233 -88.97 149.68 -145.59
CA SER F 1233 -87.83 148.80 -145.37
C SER F 1233 -88.21 147.35 -145.59
N GLY F 1234 -87.35 146.61 -146.29
CA GLY F 1234 -87.59 145.22 -146.60
C GLY F 1234 -88.05 144.95 -148.02
N TYR F 1235 -88.36 145.99 -148.79
CA TYR F 1235 -88.85 145.83 -150.15
C TYR F 1235 -88.05 146.71 -151.10
N TRP F 1236 -88.05 146.31 -152.38
CA TRP F 1236 -87.41 147.06 -153.44
C TRP F 1236 -88.33 147.09 -154.64
N SER F 1237 -88.14 148.11 -155.49
CA SER F 1237 -88.92 148.22 -156.71
C SER F 1237 -88.13 148.95 -157.77
N ASN F 1238 -88.50 148.70 -159.03
CA ASN F 1238 -87.92 149.39 -160.17
C ASN F 1238 -88.68 150.69 -160.40
N GLU F 1239 -88.46 151.33 -161.55
CA GLU F 1239 -89.07 152.62 -161.85
C GLU F 1239 -90.59 152.53 -161.89
N GLY F 1240 -91.12 151.77 -162.85
CA GLY F 1240 -92.55 151.68 -163.04
C GLY F 1240 -93.22 150.49 -162.38
N ALA F 1241 -93.21 150.44 -161.06
CA ALA F 1241 -93.83 149.35 -160.30
C ALA F 1241 -95.04 149.87 -159.54
N ARG F 1242 -96.16 149.17 -159.64
CA ARG F 1242 -97.35 149.53 -158.89
C ARG F 1242 -97.33 149.04 -157.45
N GLU F 1243 -96.45 148.09 -157.13
CA GLU F 1243 -96.37 147.56 -155.77
C GLU F 1243 -94.92 147.19 -155.47
N CYS F 1244 -94.57 147.26 -154.20
CA CYS F 1244 -93.20 146.96 -153.78
C CYS F 1244 -92.95 145.46 -153.85
N THR F 1245 -91.70 145.10 -154.12
CA THR F 1245 -91.27 143.71 -154.22
C THR F 1245 -90.25 143.41 -153.13
N ALA F 1246 -90.33 142.21 -152.56
CA ALA F 1246 -89.50 141.83 -151.43
C ALA F 1246 -88.18 141.24 -151.90
N CYS F 1247 -87.14 141.45 -151.09
CA CYS F 1247 -85.84 140.87 -151.34
C CYS F 1247 -85.88 139.36 -151.09
N PRO F 1248 -84.95 138.60 -151.66
CA PRO F 1248 -84.87 137.17 -151.36
C PRO F 1248 -84.53 136.92 -149.89
N ALA F 1249 -84.58 135.64 -149.52
CA ALA F 1249 -84.32 135.24 -148.15
C ALA F 1249 -82.84 135.36 -147.81
N GLY F 1250 -82.54 135.74 -146.57
CA GLY F 1250 -81.19 135.85 -146.09
C GLY F 1250 -80.49 137.14 -146.44
N THR F 1251 -81.12 138.02 -147.20
CA THR F 1251 -80.54 139.29 -147.61
C THR F 1251 -81.50 140.42 -147.28
N ILE F 1252 -80.94 141.62 -147.10
CA ILE F 1252 -81.75 142.77 -146.73
C ILE F 1252 -81.57 143.87 -147.77
N ALA F 1253 -82.59 144.72 -147.88
CA ALA F 1253 -82.60 145.81 -148.84
C ALA F 1253 -81.92 147.03 -148.24
N LYS F 1254 -80.89 147.53 -148.91
CA LYS F 1254 -80.19 148.73 -148.46
C LYS F 1254 -80.57 149.89 -149.36
N PRO F 1255 -81.39 150.84 -148.88
CA PRO F 1255 -81.77 151.98 -149.72
C PRO F 1255 -80.55 152.86 -150.01
N ALA F 1256 -80.33 153.12 -151.29
CA ALA F 1256 -79.16 153.88 -151.70
C ALA F 1256 -79.27 155.34 -151.29
N ALA F 1257 -78.12 155.96 -151.05
CA ALA F 1257 -78.07 157.37 -150.69
C ALA F 1257 -78.32 158.23 -151.93
N LEU F 1258 -79.20 159.21 -151.81
CA LEU F 1258 -79.55 160.09 -152.90
C LEU F 1258 -78.97 161.48 -152.64
N THR F 1259 -78.53 162.14 -153.71
CA THR F 1259 -77.97 163.48 -153.63
C THR F 1259 -79.02 164.48 -154.09
N ALA F 1260 -79.36 165.43 -153.20
CA ALA F 1260 -80.39 166.40 -153.51
C ALA F 1260 -79.90 167.40 -154.56
N ARG F 1261 -80.86 168.05 -155.22
CA ARG F 1261 -80.53 169.03 -156.24
C ARG F 1261 -79.84 170.25 -155.63
N ALA F 1262 -78.83 170.76 -156.34
CA ALA F 1262 -78.11 171.93 -155.85
C ALA F 1262 -78.97 173.18 -155.95
N LYS F 1263 -79.71 173.34 -157.04
CA LYS F 1263 -80.56 174.50 -157.27
C LYS F 1263 -81.99 174.04 -157.55
N TYR F 1264 -82.87 175.02 -157.74
CA TYR F 1264 -84.27 174.75 -158.05
C TYR F 1264 -84.54 174.64 -159.54
N SER F 1265 -83.51 174.76 -160.38
CA SER F 1265 -83.67 174.70 -161.83
C SER F 1265 -83.44 173.31 -162.39
N ILE F 1266 -83.10 172.33 -161.56
CA ILE F 1266 -82.88 170.96 -162.01
C ILE F 1266 -84.07 170.12 -161.58
N ASP F 1267 -84.39 169.12 -162.40
CA ASP F 1267 -85.55 168.27 -162.14
C ASP F 1267 -85.33 167.43 -160.90
N PRO F 1268 -86.21 167.50 -159.91
CA PRO F 1268 -86.06 166.65 -158.72
C PRO F 1268 -86.54 165.24 -158.97
N THR F 1269 -86.01 164.31 -158.16
CA THR F 1269 -86.34 162.90 -158.30
C THR F 1269 -87.53 162.50 -157.43
N THR F 1270 -87.58 162.99 -156.19
CA THR F 1270 -88.65 162.68 -155.26
C THR F 1270 -88.87 163.92 -154.39
N TYR F 1271 -89.68 163.79 -153.35
CA TYR F 1271 -89.99 164.91 -152.48
C TYR F 1271 -88.74 165.40 -151.76
N HIS F 1272 -88.89 166.54 -151.08
CA HIS F 1272 -87.76 167.13 -150.35
C HIS F 1272 -87.39 166.33 -149.11
N PHE F 1273 -88.38 165.73 -148.44
CA PHE F 1273 -88.13 165.05 -147.19
C PHE F 1273 -87.61 163.63 -147.36
N VAL F 1274 -87.66 163.08 -148.57
CA VAL F 1274 -87.10 161.76 -148.81
C VAL F 1274 -85.58 161.84 -148.77
N THR F 1275 -84.95 160.74 -148.35
CA THR F 1275 -83.49 160.70 -148.29
C THR F 1275 -82.85 159.42 -148.81
N HIS F 1276 -83.61 158.34 -149.00
CA HIS F 1276 -83.03 157.08 -149.45
C HIS F 1276 -84.05 156.32 -150.27
N LEU F 1277 -83.57 155.64 -151.31
CA LEU F 1277 -84.41 154.89 -152.23
C LEU F 1277 -83.86 153.48 -152.40
N ALA F 1278 -84.75 152.49 -152.37
CA ALA F 1278 -84.38 151.10 -152.56
C ALA F 1278 -84.41 150.79 -154.05
N MET F 1279 -83.22 150.67 -154.66
CA MET F 1279 -83.11 150.53 -156.10
C MET F 1279 -83.48 149.10 -156.49
N GLY F 1280 -83.16 148.72 -157.73
CA GLY F 1280 -83.57 147.44 -158.27
C GLY F 1280 -82.92 146.26 -157.58
N PRO F 1281 -82.91 145.11 -158.26
CA PRO F 1281 -82.40 143.88 -157.62
C PRO F 1281 -80.97 143.97 -157.11
N GLU F 1282 -80.26 145.06 -157.40
CA GLU F 1282 -78.95 145.30 -156.82
C GLU F 1282 -79.02 145.88 -155.40
N SER F 1283 -80.22 146.20 -154.92
CA SER F 1283 -80.40 146.74 -153.57
C SER F 1283 -80.49 145.66 -152.51
N CYS F 1284 -80.63 144.39 -152.90
CA CYS F 1284 -80.68 143.29 -151.94
C CYS F 1284 -79.24 142.83 -151.68
N LYS F 1285 -78.69 143.23 -150.54
CA LYS F 1285 -77.34 142.85 -150.15
C LYS F 1285 -77.41 141.68 -149.16
N LYS F 1286 -76.56 140.69 -149.39
CA LYS F 1286 -76.58 139.48 -148.55
C LYS F 1286 -76.00 139.78 -147.18
N CYS F 1287 -76.58 139.17 -146.16
CA CYS F 1287 -76.06 139.32 -144.82
C CYS F 1287 -74.65 138.71 -144.74
N PRO F 1288 -73.72 139.34 -144.02
CA PRO F 1288 -72.35 138.83 -144.00
C PRO F 1288 -72.25 137.55 -143.17
N LYS F 1289 -71.10 136.89 -143.31
CA LYS F 1289 -70.84 135.69 -142.53
C LYS F 1289 -70.90 136.02 -141.05
N GLY F 1290 -71.68 135.23 -140.29
CA GLY F 1290 -71.93 135.51 -138.90
C GLY F 1290 -73.27 136.14 -138.61
N TYR F 1291 -74.07 136.41 -139.64
CA TYR F 1291 -75.40 136.97 -139.46
C TYR F 1291 -76.42 136.17 -140.26
N PHE F 1292 -77.66 136.16 -139.79
CA PHE F 1292 -78.72 135.40 -140.44
C PHE F 1292 -80.02 136.18 -140.40
N GLN F 1293 -80.88 135.93 -141.39
CA GLN F 1293 -82.20 136.53 -141.48
C GLN F 1293 -83.18 135.49 -142.03
N PRO F 1294 -84.19 135.09 -141.25
CA PRO F 1294 -85.04 133.97 -141.68
C PRO F 1294 -86.20 134.38 -142.58
N ASN F 1295 -86.64 135.62 -142.48
CA ASN F 1295 -87.87 136.04 -143.16
C ASN F 1295 -87.62 136.32 -144.64
N ILE F 1296 -88.71 136.45 -145.38
CA ILE F 1296 -88.63 136.78 -146.80
C ILE F 1296 -88.54 138.28 -147.04
N ALA F 1297 -88.89 139.10 -146.05
CA ALA F 1297 -88.74 140.55 -146.13
C ALA F 1297 -88.02 140.99 -144.85
N GLY F 1298 -86.69 140.93 -144.89
CA GLY F 1298 -85.88 141.20 -143.71
C GLY F 1298 -85.35 142.62 -143.72
N THR F 1299 -85.50 143.28 -142.56
CA THR F 1299 -85.00 144.64 -142.39
C THR F 1299 -83.56 144.65 -141.87
N VAL F 1300 -83.29 143.90 -140.81
CA VAL F 1300 -81.99 143.88 -140.16
C VAL F 1300 -81.53 142.43 -140.05
N CYS F 1301 -80.28 142.17 -140.42
CA CYS F 1301 -79.71 140.84 -140.25
C CYS F 1301 -79.57 140.52 -138.76
N LEU F 1302 -79.86 139.27 -138.39
CA LEU F 1302 -79.71 138.98 -136.97
C LEU F 1302 -78.36 138.30 -136.72
N PRO F 1303 -77.72 138.59 -135.59
CA PRO F 1303 -76.43 137.95 -135.30
C PRO F 1303 -76.60 136.47 -134.97
N CYS F 1304 -75.54 135.71 -135.24
CA CYS F 1304 -75.57 134.29 -134.95
C CYS F 1304 -75.62 134.06 -133.44
N PRO F 1305 -76.57 133.28 -132.93
CA PRO F 1305 -76.64 133.04 -131.49
C PRO F 1305 -75.45 132.23 -130.97
N SER F 1306 -75.41 132.01 -129.67
CA SER F 1306 -74.27 131.33 -129.06
C SER F 1306 -74.15 129.91 -129.56
N GLY F 1307 -73.00 129.57 -130.14
CA GLY F 1307 -72.72 128.24 -130.61
C GLY F 1307 -73.15 127.93 -132.03
N PHE F 1308 -73.62 128.92 -132.78
CA PHE F 1308 -74.09 128.71 -134.13
C PHE F 1308 -73.30 129.57 -135.10
N VAL F 1309 -72.96 129.00 -136.26
CA VAL F 1309 -72.20 129.70 -137.30
C VAL F 1309 -73.01 129.66 -138.58
N SER F 1310 -72.69 130.58 -139.50
CA SER F 1310 -73.44 130.70 -140.74
C SER F 1310 -72.54 131.26 -141.83
N THR F 1311 -72.92 130.96 -143.07
CA THR F 1311 -72.26 131.49 -144.25
C THR F 1311 -72.97 132.76 -144.72
N SER F 1312 -72.64 133.22 -145.94
CA SER F 1312 -73.29 134.40 -146.49
C SER F 1312 -74.76 134.14 -146.84
N GLY F 1313 -75.17 132.87 -146.90
CA GLY F 1313 -76.56 132.59 -147.23
C GLY F 1313 -77.54 133.12 -146.20
N ALA F 1314 -77.17 133.03 -144.92
CA ALA F 1314 -77.90 133.62 -143.80
C ALA F 1314 -79.31 133.06 -143.63
N THR F 1315 -79.67 132.01 -144.37
CA THR F 1315 -80.98 131.40 -144.18
C THR F 1315 -81.09 130.72 -142.82
N GLY F 1316 -80.01 130.10 -142.36
CA GLY F 1316 -79.98 129.44 -141.07
C GLY F 1316 -78.57 129.39 -140.54
N CYS F 1317 -78.43 128.89 -139.31
CA CYS F 1317 -77.15 128.80 -138.65
C CYS F 1317 -76.90 127.36 -138.21
N THR F 1318 -75.64 126.96 -138.22
CA THR F 1318 -75.23 125.60 -137.89
C THR F 1318 -74.56 125.59 -136.52
N ALA F 1319 -75.03 124.71 -135.65
CA ALA F 1319 -74.46 124.59 -134.31
C ALA F 1319 -73.06 123.99 -134.38
N CYS F 1320 -72.21 124.41 -133.45
CA CYS F 1320 -70.87 123.85 -133.34
C CYS F 1320 -70.95 122.38 -132.92
N SER F 1321 -70.01 121.58 -133.44
CA SER F 1321 -70.01 120.16 -133.16
C SER F 1321 -69.51 119.90 -131.73
N GLU F 1322 -69.74 118.67 -131.28
CA GLU F 1322 -69.20 118.24 -129.99
C GLU F 1322 -67.67 118.24 -130.06
N GLY F 1323 -67.04 118.67 -128.98
CA GLY F 1323 -65.59 118.80 -128.98
C GLY F 1323 -65.09 120.08 -129.61
N THR F 1324 -65.98 120.98 -130.00
CA THR F 1324 -65.61 122.28 -130.54
C THR F 1324 -66.45 123.36 -129.87
N TYR F 1325 -65.86 124.54 -129.73
CA TYR F 1325 -66.53 125.68 -129.10
C TYR F 1325 -66.51 126.88 -130.05
N HIS F 1326 -67.55 127.71 -129.94
CA HIS F 1326 -67.78 128.80 -130.88
C HIS F 1326 -66.91 129.99 -130.49
N THR F 1327 -65.96 130.34 -131.34
CA THR F 1327 -65.05 131.46 -131.13
C THR F 1327 -64.47 131.86 -132.49
N ASP F 1328 -63.39 132.64 -132.47
CA ASP F 1328 -62.73 133.12 -133.67
C ASP F 1328 -61.67 132.14 -134.12
N GLY F 1329 -61.74 131.74 -135.40
CA GLY F 1329 -60.74 130.88 -135.99
C GLY F 1329 -59.67 131.61 -136.76
N VAL F 1330 -58.88 132.45 -136.08
CA VAL F 1330 -57.83 133.21 -136.77
C VAL F 1330 -56.73 132.27 -137.25
N GLY F 1331 -56.26 131.39 -136.38
CA GLY F 1331 -55.18 130.49 -136.71
C GLY F 1331 -55.58 129.18 -137.34
N THR F 1332 -56.87 128.95 -137.56
CA THR F 1332 -57.33 127.71 -138.14
C THR F 1332 -57.08 127.70 -139.65
N THR F 1333 -57.15 126.49 -140.23
CA THR F 1333 -56.85 126.34 -141.65
C THR F 1333 -57.94 126.91 -142.54
N THR F 1334 -59.18 126.97 -142.04
CA THR F 1334 -60.32 127.45 -142.82
C THR F 1334 -61.02 128.54 -142.01
N PRO F 1335 -60.47 129.75 -141.99
CA PRO F 1335 -61.09 130.85 -141.23
C PRO F 1335 -62.37 131.32 -141.93
N GLY F 1336 -63.47 131.30 -141.20
CA GLY F 1336 -64.76 131.64 -141.77
C GLY F 1336 -65.23 133.05 -141.45
N GLU F 1337 -64.30 133.92 -141.08
CA GLU F 1337 -64.65 135.29 -140.71
C GLU F 1337 -64.84 136.16 -141.95
N ALA F 1338 -65.89 136.97 -141.94
CA ALA F 1338 -66.17 137.84 -143.07
C ALA F 1338 -65.07 138.88 -143.23
N THR F 1339 -64.68 139.13 -144.48
CA THR F 1339 -63.57 140.01 -144.78
C THR F 1339 -64.01 141.47 -144.70
N SER F 1340 -63.07 142.37 -145.00
CA SER F 1340 -63.34 143.80 -144.94
C SER F 1340 -64.37 144.21 -145.99
N LEU F 1341 -64.27 143.65 -147.20
CA LEU F 1341 -65.12 144.09 -148.30
C LEU F 1341 -66.59 143.76 -148.04
N ASP F 1342 -66.87 142.60 -147.45
CA ASP F 1342 -68.26 142.20 -147.26
C ASP F 1342 -68.99 143.11 -146.29
N THR F 1343 -68.31 143.53 -145.21
CA THR F 1343 -68.96 144.33 -144.17
C THR F 1343 -68.75 145.82 -144.39
N THR F 1344 -67.49 146.27 -144.37
CA THR F 1344 -67.21 147.70 -144.37
C THR F 1344 -67.69 148.37 -145.65
N ASP F 1345 -67.45 147.73 -146.80
CA ASP F 1345 -67.89 148.32 -148.06
C ASP F 1345 -69.41 148.31 -148.17
N THR F 1346 -70.03 147.17 -147.90
CA THR F 1346 -71.46 147.01 -148.16
C THR F 1346 -72.32 147.71 -147.12
N PHE F 1347 -72.23 147.28 -145.87
CA PHE F 1347 -73.09 147.79 -144.80
C PHE F 1347 -72.43 148.88 -143.98
N GLY F 1348 -71.22 149.29 -144.33
CA GLY F 1348 -70.56 150.36 -143.60
C GLY F 1348 -70.07 149.93 -142.24
N SER F 1349 -70.68 150.48 -141.19
CA SER F 1349 -70.31 150.15 -139.82
C SER F 1349 -71.48 149.62 -139.00
N ILE F 1350 -72.64 149.43 -139.61
CA ILE F 1350 -73.80 148.92 -138.87
C ILE F 1350 -73.64 147.45 -138.50
N TYR F 1351 -72.82 146.70 -139.22
CA TYR F 1351 -72.58 145.29 -138.95
C TYR F 1351 -71.09 145.02 -138.94
N PRO F 1352 -70.50 144.74 -137.78
CA PRO F 1352 -69.06 144.48 -137.71
C PRO F 1352 -68.74 143.00 -137.90
N ILE F 1353 -67.45 142.71 -137.97
CA ILE F 1353 -66.97 141.33 -138.09
C ILE F 1353 -67.05 140.66 -136.73
N ILE F 1354 -67.75 139.53 -136.66
CA ILE F 1354 -67.93 138.81 -135.41
C ILE F 1354 -67.52 137.36 -135.60
N PRO F 1355 -67.01 136.69 -134.57
CA PRO F 1355 -66.50 135.32 -134.76
C PRO F 1355 -67.60 134.34 -135.09
N ASN F 1356 -67.32 133.46 -136.06
CA ASN F 1356 -68.26 132.44 -136.50
C ASN F 1356 -67.56 131.13 -136.78
N THR F 1357 -66.61 130.74 -135.92
CA THR F 1357 -65.88 129.51 -136.12
C THR F 1357 -66.05 128.58 -134.92
N CYS F 1358 -65.82 127.29 -135.15
CA CYS F 1358 -65.77 126.30 -134.09
C CYS F 1358 -64.33 125.81 -133.97
N ARG F 1359 -63.74 126.01 -132.80
CA ARG F 1359 -62.36 125.63 -132.52
C ARG F 1359 -62.35 124.34 -131.70
N GLN F 1360 -61.41 123.46 -132.02
CA GLN F 1360 -61.31 122.17 -131.34
C GLN F 1360 -60.81 122.36 -129.91
N CYS F 1361 -61.35 121.55 -129.00
CA CYS F 1361 -60.93 121.61 -127.61
C CYS F 1361 -59.48 121.14 -127.49
N PRO F 1362 -58.74 121.66 -126.51
CA PRO F 1362 -57.35 121.22 -126.31
C PRO F 1362 -57.30 119.80 -125.78
N ALA F 1363 -56.08 119.30 -125.66
CA ALA F 1363 -55.86 117.95 -125.17
C ALA F 1363 -56.31 117.84 -123.71
N ASN F 1364 -56.75 116.64 -123.34
CA ASN F 1364 -57.23 116.29 -122.00
C ASN F 1364 -58.46 117.09 -121.61
N THR F 1365 -59.10 117.77 -122.55
CA THR F 1365 -60.34 118.49 -122.32
C THR F 1365 -61.40 118.00 -123.29
N TYR F 1366 -62.62 117.84 -122.79
CA TYR F 1366 -63.73 117.31 -123.58
C TYR F 1366 -64.93 118.22 -123.43
N LEU F 1367 -65.70 118.33 -124.51
CA LEU F 1367 -66.96 119.07 -124.51
C LEU F 1367 -68.06 118.14 -124.99
N PRO F 1368 -68.94 117.68 -124.11
CA PRO F 1368 -69.97 116.70 -124.51
C PRO F 1368 -71.27 117.32 -125.03
N LEU F 1369 -71.32 118.61 -125.29
CA LEU F 1369 -72.51 119.28 -125.77
C LEU F 1369 -72.31 119.79 -127.19
N ARG F 1370 -73.37 120.36 -127.75
CA ARG F 1370 -73.34 120.92 -129.10
C ARG F 1370 -73.81 122.36 -129.05
N GLY F 1371 -73.13 123.22 -129.81
CA GLY F 1371 -73.47 124.63 -129.83
C GLY F 1371 -73.06 125.35 -128.56
N GLN F 1372 -71.76 125.40 -128.30
CA GLN F 1372 -71.22 126.06 -127.13
C GLN F 1372 -70.16 127.07 -127.57
N ALA F 1373 -70.05 128.16 -126.79
CA ALA F 1373 -69.19 129.27 -127.17
C ALA F 1373 -68.36 129.71 -125.97
N ALA F 1374 -67.21 130.33 -126.26
CA ALA F 1374 -66.38 130.90 -125.22
C ALA F 1374 -67.01 132.17 -124.69
N ILE F 1375 -67.08 132.29 -123.37
CA ILE F 1375 -67.71 133.46 -122.75
C ILE F 1375 -66.79 134.67 -122.90
N ALA F 1376 -67.37 135.79 -123.30
CA ALA F 1376 -66.59 136.99 -123.58
C ALA F 1376 -66.37 137.82 -122.31
N SER F 1377 -65.20 138.41 -122.21
CA SER F 1377 -64.85 139.31 -121.11
C SER F 1377 -64.36 140.62 -121.72
N MET F 1378 -65.26 141.59 -121.84
CA MET F 1378 -64.87 142.90 -122.35
C MET F 1378 -63.93 143.61 -121.38
N ASN F 1379 -64.12 143.42 -120.08
CA ASN F 1379 -63.25 144.00 -119.07
C ASN F 1379 -62.10 143.03 -118.81
N LEU F 1380 -61.16 143.02 -119.76
CA LEU F 1380 -60.05 142.07 -119.70
C LEU F 1380 -59.15 142.31 -118.50
N ALA F 1381 -59.04 143.56 -118.05
CA ALA F 1381 -58.11 143.88 -116.96
C ALA F 1381 -58.47 143.14 -115.68
N ALA F 1382 -59.75 142.81 -115.49
CA ALA F 1382 -60.19 142.09 -114.30
C ALA F 1382 -60.40 140.61 -114.58
N VAL F 1383 -61.25 140.30 -115.57
CA VAL F 1383 -61.59 138.92 -115.90
C VAL F 1383 -61.12 138.62 -117.32
N SER F 1384 -60.54 137.44 -117.50
CA SER F 1384 -60.11 136.98 -118.81
C SER F 1384 -61.13 136.00 -119.39
N SER F 1385 -61.24 136.00 -120.70
CA SER F 1385 -62.18 135.11 -121.38
C SER F 1385 -61.75 133.66 -121.22
N ALA F 1386 -62.74 132.77 -121.22
CA ALA F 1386 -62.48 131.34 -121.02
C ALA F 1386 -63.48 130.54 -121.84
N THR F 1387 -63.10 129.29 -122.10
CA THR F 1387 -63.91 128.38 -122.90
C THR F 1387 -64.52 127.30 -122.01
N PRO F 1388 -65.74 126.84 -122.31
CA PRO F 1388 -66.43 125.86 -121.46
C PRO F 1388 -66.05 124.41 -121.78
N CYS F 1389 -64.75 124.15 -121.89
CA CYS F 1389 -64.24 122.81 -122.12
C CYS F 1389 -63.97 122.15 -120.78
N ARG F 1390 -64.82 121.19 -120.41
CA ARG F 1390 -64.62 120.49 -119.15
C ARG F 1390 -63.33 119.67 -119.22
N PRO F 1391 -62.58 119.57 -118.13
CA PRO F 1391 -61.35 118.78 -118.13
C PRO F 1391 -61.61 117.33 -117.79
N CYS F 1392 -60.82 116.46 -118.41
CA CYS F 1392 -60.93 115.03 -118.14
C CYS F 1392 -60.58 114.75 -116.68
N GLU F 1393 -61.36 113.88 -116.04
CA GLU F 1393 -61.20 113.60 -114.63
C GLU F 1393 -59.91 112.84 -114.38
N ASP F 1394 -59.65 112.54 -113.11
CA ASP F 1394 -58.46 111.79 -112.74
C ASP F 1394 -58.61 110.34 -113.21
N GLY F 1395 -57.67 109.89 -114.03
CA GLY F 1395 -57.72 108.57 -114.62
C GLY F 1395 -58.16 108.53 -116.06
N THR F 1396 -58.74 109.62 -116.57
CA THR F 1396 -59.19 109.71 -117.95
C THR F 1396 -58.39 110.78 -118.67
N TRP F 1397 -58.02 110.50 -119.93
CA TRP F 1397 -57.09 111.36 -120.65
C TRP F 1397 -57.71 112.06 -121.86
N SER F 1398 -58.24 111.31 -122.84
CA SER F 1398 -58.70 111.85 -124.11
C SER F 1398 -57.55 112.46 -124.92
N LYS F 1399 -57.70 112.55 -126.24
CA LYS F 1399 -56.58 112.96 -127.10
C LYS F 1399 -56.58 114.45 -127.39
N ALA F 1400 -57.60 114.92 -128.13
CA ALA F 1400 -57.72 116.33 -128.48
C ALA F 1400 -59.06 116.60 -129.14
N GLY F 1401 -59.80 117.60 -128.66
CA GLY F 1401 -61.08 117.94 -129.25
C GLY F 1401 -62.06 116.79 -129.26
N ALA F 1402 -62.19 116.10 -128.14
CA ALA F 1402 -63.05 114.94 -128.01
C ALA F 1402 -64.32 115.31 -127.24
N ALA F 1403 -65.33 114.46 -127.40
CA ALA F 1403 -66.58 114.60 -126.65
C ALA F 1403 -66.63 113.71 -125.42
N GLY F 1404 -65.58 112.92 -125.19
CA GLY F 1404 -65.53 112.05 -124.02
C GLY F 1404 -64.14 111.51 -123.83
N CYS F 1405 -63.76 111.30 -122.58
CA CYS F 1405 -62.40 110.93 -122.23
C CYS F 1405 -62.28 109.43 -122.07
N GLN F 1406 -61.22 108.87 -122.65
CA GLN F 1406 -60.90 107.46 -122.48
C GLN F 1406 -60.17 107.24 -121.16
N LYS F 1407 -60.28 106.03 -120.63
CA LYS F 1407 -59.57 105.67 -119.40
C LYS F 1407 -58.09 105.45 -119.68
N CYS F 1408 -57.28 105.64 -118.65
CA CYS F 1408 -55.85 105.43 -118.78
C CYS F 1408 -55.55 103.94 -118.96
N PRO F 1409 -54.43 103.61 -119.61
CA PRO F 1409 -54.05 102.21 -119.73
C PRO F 1409 -53.78 101.63 -118.36
N PRO F 1410 -54.02 100.33 -118.18
CA PRO F 1410 -53.89 99.70 -116.86
C PRO F 1410 -52.45 99.43 -116.44
N GLY F 1411 -51.59 100.43 -116.62
CA GLY F 1411 -50.24 100.38 -116.09
C GLY F 1411 -49.79 101.75 -115.66
N THR F 1412 -50.72 102.71 -115.66
CA THR F 1412 -50.41 104.12 -115.46
C THR F 1412 -51.49 104.77 -114.60
N TYR F 1413 -51.31 106.05 -114.31
CA TYR F 1413 -52.28 106.83 -113.57
C TYR F 1413 -52.20 108.28 -114.03
N ARG F 1414 -53.30 109.01 -113.82
CA ARG F 1414 -53.39 110.42 -114.18
C ARG F 1414 -54.13 111.16 -113.09
N ASN F 1415 -53.43 112.04 -112.37
CA ASN F 1415 -54.02 112.81 -111.30
C ASN F 1415 -53.63 114.28 -111.47
N THR F 1416 -54.58 115.17 -111.19
CA THR F 1416 -54.30 116.59 -111.31
C THR F 1416 -53.30 117.08 -110.27
N TRP F 1417 -53.34 116.51 -109.07
CA TRP F 1417 -52.56 117.02 -107.95
C TRP F 1417 -51.11 116.57 -108.00
N PHE F 1418 -50.82 115.39 -108.53
CA PHE F 1418 -49.44 114.92 -108.60
C PHE F 1418 -49.25 114.08 -109.85
N SER F 1419 -48.00 113.99 -110.28
CA SER F 1419 -47.66 113.24 -111.49
C SER F 1419 -46.18 112.86 -111.40
N GLY F 1420 -45.76 112.00 -112.31
CA GLY F 1420 -44.41 111.49 -112.28
C GLY F 1420 -44.26 110.37 -111.27
N GLN F 1421 -43.01 110.01 -111.01
CA GLN F 1421 -42.71 108.92 -110.08
C GLN F 1421 -41.45 109.25 -109.31
N LEU F 1422 -41.31 108.60 -108.15
CA LEU F 1422 -40.13 108.70 -107.31
C LEU F 1422 -39.52 107.32 -107.15
N GLY F 1423 -38.24 107.19 -107.50
CA GLY F 1423 -37.58 105.90 -107.45
C GLY F 1423 -37.21 105.50 -106.04
N SER F 1424 -36.64 104.30 -105.92
CA SER F 1424 -36.22 103.78 -104.64
C SER F 1424 -35.03 104.58 -104.12
N PRO F 1425 -35.09 105.11 -102.90
CA PRO F 1425 -33.94 105.84 -102.36
C PRO F 1425 -32.83 104.94 -101.87
N PHE F 1426 -33.10 103.65 -101.69
CA PHE F 1426 -32.13 102.75 -101.05
C PHE F 1426 -31.08 102.22 -102.00
N ILE F 1427 -31.27 102.34 -103.31
CA ILE F 1427 -30.30 101.85 -104.28
C ILE F 1427 -29.42 102.97 -104.83
N THR F 1428 -29.56 104.18 -104.28
CA THR F 1428 -28.75 105.32 -104.70
C THR F 1428 -27.61 105.55 -103.72
N ALA F 1429 -26.57 106.22 -104.21
CA ALA F 1429 -25.35 106.38 -103.41
C ALA F 1429 -25.61 107.24 -102.18
N ASP F 1430 -26.31 108.36 -102.33
CA ASP F 1430 -26.53 109.29 -101.24
C ASP F 1430 -27.91 109.15 -100.61
N GLY F 1431 -28.69 108.15 -101.03
CA GLY F 1431 -29.99 107.90 -100.41
C GLY F 1431 -30.99 109.02 -100.58
N VAL F 1432 -31.12 109.56 -101.78
CA VAL F 1432 -32.12 110.57 -102.11
C VAL F 1432 -32.96 110.03 -103.26
N PRO F 1433 -34.27 109.91 -103.10
CA PRO F 1433 -35.10 109.38 -104.20
C PRO F 1433 -35.01 110.27 -105.43
N VAL F 1434 -34.97 109.63 -106.59
CA VAL F 1434 -34.81 110.32 -107.87
C VAL F 1434 -36.19 110.41 -108.52
N ALA F 1435 -36.63 111.64 -108.79
CA ALA F 1435 -37.91 111.87 -109.44
C ALA F 1435 -37.72 111.87 -110.96
N THR F 1436 -38.60 111.16 -111.66
CA THR F 1436 -38.57 111.09 -113.11
C THR F 1436 -39.97 111.31 -113.65
N THR F 1437 -40.07 111.38 -114.98
CA THR F 1437 -41.35 111.59 -115.66
C THR F 1437 -41.38 110.67 -116.88
N LEU F 1438 -41.98 109.49 -116.71
CA LEU F 1438 -42.22 108.57 -117.80
C LEU F 1438 -43.73 108.41 -117.99
N THR F 1439 -44.18 108.52 -119.23
CA THR F 1439 -45.60 108.44 -119.55
C THR F 1439 -45.83 107.39 -120.62
N GLU F 1440 -47.06 106.91 -120.69
CA GLU F 1440 -47.47 106.06 -121.79
C GLU F 1440 -47.40 106.84 -123.10
N LEU F 1441 -47.03 106.16 -124.17
CA LEU F 1441 -46.88 106.85 -125.46
C LEU F 1441 -48.23 107.35 -125.98
N GLY F 1442 -49.22 106.47 -126.01
CA GLY F 1442 -50.52 106.81 -126.58
C GLY F 1442 -51.42 107.64 -125.69
N SER F 1443 -50.99 107.97 -124.48
CA SER F 1443 -51.78 108.77 -123.56
C SER F 1443 -50.85 109.76 -122.88
N GLY F 1444 -51.38 110.46 -121.88
CA GLY F 1444 -50.57 111.36 -121.08
C GLY F 1444 -50.36 110.84 -119.68
N CYS F 1445 -50.95 109.68 -119.39
CA CYS F 1445 -50.86 109.11 -118.05
C CYS F 1445 -49.43 108.71 -117.74
N SER F 1446 -49.02 108.95 -116.50
CA SER F 1446 -47.67 108.63 -116.06
C SER F 1446 -47.63 107.22 -115.48
N GLN F 1447 -46.51 106.55 -115.67
CA GLN F 1447 -46.36 105.18 -115.17
C GLN F 1447 -46.28 105.17 -113.65
N CYS F 1448 -46.67 104.04 -113.08
CA CYS F 1448 -46.70 103.93 -111.63
C CYS F 1448 -45.28 103.99 -111.06
N PRO F 1449 -45.09 104.58 -109.88
CA PRO F 1449 -43.76 104.64 -109.28
C PRO F 1449 -43.30 103.24 -108.87
N PRO F 1450 -41.99 103.04 -108.78
CA PRO F 1450 -41.50 101.76 -108.25
C PRO F 1450 -42.03 101.51 -106.84
N GLY F 1451 -42.44 100.28 -106.58
CA GLY F 1451 -43.14 99.97 -105.36
C GLY F 1451 -44.64 100.06 -105.45
N THR F 1452 -45.19 100.24 -106.66
CA THR F 1452 -46.62 100.39 -106.86
C THR F 1452 -46.99 99.73 -108.17
N TYR F 1453 -48.29 99.46 -108.33
CA TYR F 1453 -48.78 98.79 -109.53
C TYR F 1453 -50.16 99.31 -109.87
N ALA F 1454 -50.56 99.09 -111.12
CA ALA F 1454 -51.85 99.55 -111.64
C ALA F 1454 -52.67 98.37 -112.14
N PRO F 1455 -53.58 97.84 -111.32
CA PRO F 1455 -54.34 96.65 -111.75
C PRO F 1455 -55.39 96.90 -112.81
N THR F 1456 -56.21 97.94 -112.64
CA THR F 1456 -57.34 98.18 -113.53
C THR F 1456 -57.07 99.39 -114.41
N PHE F 1457 -58.07 99.76 -115.22
CA PHE F 1457 -57.87 100.71 -116.29
C PHE F 1457 -57.88 102.15 -115.78
N GLY F 1458 -59.01 102.61 -115.25
CA GLY F 1458 -59.12 103.99 -114.83
C GLY F 1458 -58.83 104.19 -113.36
N MET F 1459 -57.61 104.60 -113.03
CA MET F 1459 -57.21 104.82 -111.65
C MET F 1459 -56.49 106.16 -111.52
N SER F 1460 -56.69 106.80 -110.38
CA SER F 1460 -56.02 108.05 -110.05
C SER F 1460 -54.76 107.86 -109.21
N VAL F 1461 -54.68 106.76 -108.46
CA VAL F 1461 -53.54 106.48 -107.60
C VAL F 1461 -53.06 105.07 -107.87
N CYS F 1462 -51.74 104.87 -107.75
CA CYS F 1462 -51.14 103.55 -107.88
C CYS F 1462 -51.11 102.89 -106.51
N LEU F 1463 -51.72 101.71 -106.41
CA LEU F 1463 -51.76 101.01 -105.14
C LEU F 1463 -50.36 100.57 -104.74
N PRO F 1464 -49.98 100.73 -103.48
CA PRO F 1464 -48.70 100.19 -103.03
C PRO F 1464 -48.76 98.67 -102.94
N CYS F 1465 -47.64 98.04 -103.24
CA CYS F 1465 -47.59 96.59 -103.20
C CYS F 1465 -47.78 96.11 -101.76
N PRO F 1466 -48.43 94.96 -101.56
CA PRO F 1466 -48.62 94.46 -100.19
C PRO F 1466 -47.34 93.92 -99.61
N ALA F 1467 -47.39 93.47 -98.36
CA ALA F 1467 -46.21 92.91 -97.71
C ALA F 1467 -45.81 91.59 -98.35
N GLY F 1468 -44.51 91.39 -98.52
CA GLY F 1468 -43.99 90.19 -99.13
C GLY F 1468 -43.93 90.20 -100.63
N THR F 1469 -44.47 91.24 -101.29
CA THR F 1469 -44.38 91.41 -102.72
C THR F 1469 -43.54 92.64 -103.03
N PHE F 1470 -43.16 92.80 -104.29
CA PHE F 1470 -42.27 93.88 -104.65
C PHE F 1470 -42.44 94.22 -106.12
N ALA F 1471 -42.22 95.49 -106.45
CA ALA F 1471 -42.27 95.98 -107.83
C ALA F 1471 -41.11 96.95 -107.99
N SER F 1472 -39.99 96.45 -108.52
CA SER F 1472 -38.75 97.20 -108.59
C SER F 1472 -38.63 98.05 -109.85
N ALA F 1473 -39.65 98.07 -110.69
CA ALA F 1473 -39.62 98.78 -111.97
C ALA F 1473 -40.80 99.74 -112.04
N PRO F 1474 -40.73 100.76 -112.91
CA PRO F 1474 -41.88 101.64 -113.10
C PRO F 1474 -43.10 100.87 -113.60
N GLY F 1475 -44.20 101.60 -113.82
CA GLY F 1475 -45.54 101.04 -113.80
C GLY F 1475 -45.74 99.63 -114.30
N ALA F 1476 -46.31 98.79 -113.45
CA ALA F 1476 -46.55 97.38 -113.75
C ALA F 1476 -47.97 97.02 -113.34
N THR F 1477 -48.47 95.92 -113.89
CA THR F 1477 -49.83 95.51 -113.60
C THR F 1477 -49.97 94.88 -112.22
N ALA F 1478 -48.92 94.24 -111.72
CA ALA F 1478 -48.94 93.63 -110.40
C ALA F 1478 -47.51 93.40 -109.94
N CYS F 1479 -47.36 93.00 -108.68
CA CYS F 1479 -46.06 92.71 -108.10
C CYS F 1479 -45.90 91.22 -107.84
N GLN F 1480 -44.68 90.74 -107.99
CA GLN F 1480 -44.36 89.34 -107.76
C GLN F 1480 -44.06 89.08 -106.30
N GLN F 1481 -44.33 87.86 -105.86
CA GLN F 1481 -44.03 87.46 -104.50
C GLN F 1481 -42.52 87.27 -104.34
N CYS F 1482 -42.03 87.59 -103.15
CA CYS F 1482 -40.60 87.42 -102.88
C CYS F 1482 -40.26 85.95 -102.74
N LYS F 1483 -39.10 85.57 -103.27
CA LYS F 1483 -38.69 84.17 -103.30
C LYS F 1483 -38.44 83.64 -101.89
N PRO F 1484 -38.47 82.32 -101.71
CA PRO F 1484 -38.04 81.75 -100.44
C PRO F 1484 -36.60 82.14 -100.15
N GLY F 1485 -36.35 82.51 -98.90
CA GLY F 1485 -35.04 83.01 -98.53
C GLY F 1485 -34.87 84.51 -98.65
N THR F 1486 -35.96 85.26 -98.78
CA THR F 1486 -35.88 86.71 -98.80
C THR F 1486 -37.23 87.28 -98.40
N ASN F 1487 -37.22 88.54 -97.97
CA ASN F 1487 -38.42 89.19 -97.45
C ASN F 1487 -38.45 90.64 -97.95
N SER F 1488 -39.60 91.29 -97.73
CA SER F 1488 -39.90 92.58 -98.35
C SER F 1488 -39.76 93.75 -97.38
N LEU F 1489 -38.79 93.71 -96.47
CA LEU F 1489 -38.47 94.88 -95.66
C LEU F 1489 -37.68 95.88 -96.49
N MET F 1490 -37.69 97.15 -96.08
CA MET F 1490 -37.00 98.17 -96.86
C MET F 1490 -35.49 97.93 -96.84
N GLY F 1491 -34.83 98.37 -97.91
CA GLY F 1491 -33.39 98.26 -97.99
C GLY F 1491 -32.94 96.82 -98.21
N ASP F 1492 -31.64 96.64 -98.21
CA ASP F 1492 -31.04 95.31 -98.22
C ASP F 1492 -30.47 95.00 -96.84
N ARG F 1493 -30.04 93.75 -96.67
CA ARG F 1493 -29.61 93.30 -95.35
C ARG F 1493 -28.43 94.10 -94.84
N THR F 1494 -27.45 94.38 -95.70
CA THR F 1494 -26.25 95.10 -95.27
C THR F 1494 -26.58 96.51 -94.80
N GLN F 1495 -27.71 97.08 -95.23
CA GLN F 1495 -28.16 98.37 -94.73
C GLN F 1495 -29.02 98.24 -93.48
N GLN F 1496 -29.85 97.20 -93.42
CA GLN F 1496 -30.72 97.01 -92.26
C GLN F 1496 -29.95 96.69 -91.00
N MET F 1497 -28.73 96.19 -91.10
CA MET F 1497 -27.87 95.93 -89.95
C MET F 1497 -26.72 96.92 -89.86
N ALA F 1498 -26.91 98.13 -90.37
CA ALA F 1498 -25.85 99.12 -90.43
C ALA F 1498 -26.11 100.24 -89.44
N LEU F 1499 -25.05 100.64 -88.72
CA LEU F 1499 -25.15 101.69 -87.73
C LEU F 1499 -24.31 102.92 -88.05
N VAL F 1500 -23.44 102.87 -89.06
CA VAL F 1500 -22.55 103.97 -89.40
C VAL F 1500 -23.08 104.65 -90.66
N VAL F 1501 -23.21 105.96 -90.60
CA VAL F 1501 -23.75 106.75 -91.70
C VAL F 1501 -22.62 107.22 -92.60
N THR F 1502 -22.92 107.35 -93.88
CA THR F 1502 -22.03 107.98 -94.85
C THR F 1502 -22.51 109.37 -95.28
N ASN F 1503 -23.81 109.54 -95.47
CA ASN F 1503 -24.40 110.84 -95.77
C ASN F 1503 -24.78 111.48 -94.44
N ALA F 1504 -23.92 112.38 -93.96
CA ALA F 1504 -24.14 112.98 -92.65
C ALA F 1504 -25.42 113.80 -92.62
N ALA F 1505 -25.71 114.54 -93.70
CA ALA F 1505 -26.92 115.33 -93.77
C ALA F 1505 -28.17 114.47 -93.91
N ASN F 1506 -28.03 113.18 -94.16
CA ASN F 1506 -29.17 112.30 -94.37
C ASN F 1506 -29.23 111.12 -93.41
N ASP F 1507 -28.13 110.74 -92.76
CA ASP F 1507 -28.07 109.54 -91.93
C ASP F 1507 -28.46 108.31 -92.73
N PHE F 1508 -28.07 108.28 -94.00
CA PHE F 1508 -28.69 107.38 -94.96
C PHE F 1508 -28.40 105.91 -94.69
N PRO F 1509 -27.16 105.42 -94.82
CA PRO F 1509 -26.96 103.97 -94.78
C PRO F 1509 -26.92 103.45 -93.36
N ALA F 1510 -27.81 103.95 -92.52
CA ALA F 1510 -27.97 103.44 -91.15
C ALA F 1510 -29.48 103.29 -90.93
N LEU F 1511 -30.01 102.15 -91.32
CA LEU F 1511 -31.40 101.79 -91.04
C LEU F 1511 -31.34 100.78 -89.90
N ARG F 1512 -31.32 101.31 -88.68
CA ARG F 1512 -31.08 100.47 -87.50
C ARG F 1512 -32.32 99.63 -87.24
N ALA F 1513 -32.50 98.61 -88.09
CA ALA F 1513 -33.68 97.77 -88.07
C ALA F 1513 -33.48 96.46 -87.32
N TYR F 1514 -32.29 95.88 -87.38
CA TYR F 1514 -32.02 94.59 -86.74
C TYR F 1514 -31.31 94.83 -85.43
N THR F 1515 -31.88 94.31 -84.35
CA THR F 1515 -31.27 94.38 -83.03
C THR F 1515 -31.47 93.05 -82.32
N ILE F 1516 -30.46 92.66 -81.53
CA ILE F 1516 -30.50 91.40 -80.81
C ILE F 1516 -29.91 91.62 -79.43
N SER F 1517 -30.27 90.74 -78.49
CA SER F 1517 -29.76 90.79 -77.13
C SER F 1517 -28.74 89.68 -76.92
N GLY F 1518 -27.69 89.97 -76.17
CA GLY F 1518 -26.66 88.97 -75.97
C GLY F 1518 -25.46 89.57 -75.27
N MET F 1519 -24.42 88.74 -75.15
CA MET F 1519 -23.20 89.20 -74.48
C MET F 1519 -22.42 90.15 -75.37
N VAL F 1520 -21.84 91.17 -74.74
CA VAL F 1520 -20.95 92.09 -75.46
C VAL F 1520 -19.54 91.93 -74.91
N ALA F 1521 -18.58 92.63 -75.51
CA ALA F 1521 -17.17 92.34 -75.26
C ALA F 1521 -16.72 92.67 -73.84
N GLY F 1522 -17.47 93.47 -73.10
CA GLY F 1522 -17.12 93.82 -71.75
C GLY F 1522 -17.81 92.98 -70.70
N PRO F 1523 -17.47 91.66 -70.63
CA PRO F 1523 -18.34 90.66 -70.00
C PRO F 1523 -19.65 91.16 -69.43
N ALA F 1524 -20.55 91.63 -70.30
CA ALA F 1524 -21.83 92.16 -69.87
C ALA F 1524 -22.91 91.69 -70.83
N TYR F 1525 -24.03 91.23 -70.28
CA TYR F 1525 -25.18 90.85 -71.09
C TYR F 1525 -25.99 92.11 -71.39
N ALA F 1526 -26.17 92.42 -72.67
CA ALA F 1526 -26.87 93.60 -73.10
C ALA F 1526 -28.24 93.22 -73.64
N LYS F 1527 -29.28 93.78 -73.04
CA LYS F 1527 -30.59 93.94 -73.64
C LYS F 1527 -30.37 94.84 -74.85
N PRO F 1528 -31.34 94.97 -75.79
CA PRO F 1528 -30.98 95.10 -77.22
C PRO F 1528 -29.72 95.93 -77.49
N ILE F 1529 -28.76 95.29 -78.17
CA ILE F 1529 -27.49 95.93 -78.47
C ILE F 1529 -27.72 97.21 -79.25
N VAL F 1530 -28.61 97.16 -80.24
CA VAL F 1530 -29.01 98.35 -81.00
C VAL F 1530 -30.27 98.87 -80.34
N THR F 1531 -30.11 99.76 -79.37
CA THR F 1531 -31.25 100.38 -78.71
C THR F 1531 -31.64 101.67 -79.43
N GLY F 1532 -32.87 102.10 -79.19
CA GLY F 1532 -33.39 103.30 -79.81
C GLY F 1532 -34.75 103.08 -80.42
N PRO F 1533 -35.43 104.18 -80.76
CA PRO F 1533 -36.77 104.05 -81.34
C PRO F 1533 -36.69 103.69 -82.81
N ASP F 1534 -37.40 102.63 -83.19
CA ASP F 1534 -37.39 102.18 -84.58
C ASP F 1534 -38.06 103.21 -85.47
N THR F 1535 -37.42 103.50 -86.60
CA THR F 1535 -37.96 104.45 -87.56
C THR F 1535 -38.05 103.91 -88.97
N ASN F 1536 -37.57 102.68 -89.20
CA ASN F 1536 -37.60 102.05 -90.53
C ASN F 1536 -38.31 100.71 -90.36
N PHE F 1537 -39.63 100.75 -90.41
CA PHE F 1537 -40.47 99.58 -90.17
C PHE F 1537 -41.55 99.56 -91.26
N PHE F 1538 -41.23 98.95 -92.39
CA PHE F 1538 -42.18 98.95 -93.50
C PHE F 1538 -41.93 97.74 -94.38
N MET F 1539 -42.98 96.94 -94.58
CA MET F 1539 -42.91 95.81 -95.48
C MET F 1539 -43.84 95.95 -96.68
N ALA F 1540 -44.61 97.04 -96.75
CA ALA F 1540 -45.57 97.19 -97.84
C ALA F 1540 -44.91 97.72 -99.12
N GLY F 1541 -44.37 98.93 -99.06
CA GLY F 1541 -43.84 99.53 -100.27
C GLY F 1541 -42.40 99.14 -100.53
N LYS F 1542 -42.21 98.13 -101.37
CA LYS F 1542 -40.89 97.63 -101.71
C LYS F 1542 -40.58 98.03 -103.15
N SER F 1543 -39.49 98.74 -103.35
CA SER F 1543 -39.15 99.30 -104.66
C SER F 1543 -37.83 98.75 -105.20
N GLU F 1544 -37.39 97.62 -104.69
CA GLU F 1544 -36.17 96.98 -105.19
C GLU F 1544 -36.29 95.48 -104.92
N THR F 1545 -35.22 94.75 -105.22
CA THR F 1545 -35.19 93.33 -104.94
C THR F 1545 -35.30 93.08 -103.44
N CYS F 1546 -36.08 92.07 -103.08
CA CYS F 1546 -36.34 91.79 -101.67
C CYS F 1546 -35.04 91.49 -100.93
N SER F 1547 -34.92 92.04 -99.72
CA SER F 1547 -33.73 91.83 -98.92
C SER F 1547 -33.69 90.41 -98.37
N THR F 1548 -32.46 89.91 -98.18
CA THR F 1548 -32.30 88.60 -97.58
C THR F 1548 -32.66 88.65 -96.10
N ASN F 1549 -32.98 87.48 -95.55
CA ASN F 1549 -33.47 87.41 -94.19
C ASN F 1549 -32.38 87.80 -93.19
N LEU F 1550 -32.80 88.48 -92.12
CA LEU F 1550 -31.90 88.79 -91.03
C LEU F 1550 -31.53 87.52 -90.28
N PRO F 1551 -30.41 87.52 -89.56
CA PRO F 1551 -30.06 86.34 -88.76
C PRO F 1551 -31.14 86.01 -87.75
N GLY F 1552 -31.43 84.72 -87.62
CA GLY F 1552 -32.46 84.27 -86.72
C GLY F 1552 -33.86 84.19 -87.29
N TYR F 1553 -34.03 84.55 -88.56
CA TYR F 1553 -35.34 84.51 -89.20
C TYR F 1553 -35.27 83.71 -90.48
N TYR F 1554 -36.44 83.32 -90.99
CA TYR F 1554 -36.50 82.46 -92.17
C TYR F 1554 -37.83 82.66 -92.88
N THR F 1555 -37.85 82.28 -94.16
CA THR F 1555 -39.07 82.29 -94.97
C THR F 1555 -38.97 81.16 -95.97
N ASP F 1556 -39.87 80.19 -95.89
CA ASP F 1556 -39.76 78.98 -96.71
C ASP F 1556 -40.67 78.97 -97.93
N VAL F 1557 -41.76 79.74 -97.93
CA VAL F 1557 -42.67 79.77 -99.06
C VAL F 1557 -42.58 81.14 -99.72
N ASP F 1558 -43.26 81.27 -100.86
CA ASP F 1558 -43.23 82.51 -101.62
C ASP F 1558 -44.14 83.56 -100.98
N GLY F 1559 -43.62 84.78 -100.89
CA GLY F 1559 -44.44 85.93 -100.51
C GLY F 1559 -45.04 85.87 -99.14
N LEU F 1560 -44.27 85.46 -98.14
CA LEU F 1560 -44.73 85.58 -96.76
C LEU F 1560 -44.75 87.05 -96.36
N PRO F 1561 -45.77 87.49 -95.61
CA PRO F 1561 -45.83 88.91 -95.24
C PRO F 1561 -44.66 89.37 -94.40
N ILE F 1562 -44.07 88.49 -93.59
CA ILE F 1562 -43.09 88.87 -92.59
C ILE F 1562 -42.08 87.75 -92.42
N GLN F 1563 -40.90 88.10 -91.93
CA GLN F 1563 -39.91 87.09 -91.56
C GLN F 1563 -40.43 86.28 -90.37
N LEU F 1564 -40.23 84.99 -90.42
CA LEU F 1564 -40.67 84.27 -89.24
C LEU F 1564 -39.48 83.88 -88.39
N PRO F 1565 -39.61 83.90 -87.06
CA PRO F 1565 -38.46 83.58 -86.21
C PRO F 1565 -38.28 82.08 -86.04
N CYS F 1566 -37.03 81.69 -85.77
CA CYS F 1566 -36.74 80.30 -85.49
C CYS F 1566 -37.28 79.91 -84.13
N LYS F 1567 -37.80 78.69 -84.02
CA LYS F 1567 -38.40 78.22 -82.78
C LYS F 1567 -37.30 77.99 -81.74
N PRO F 1568 -37.67 77.91 -80.45
CA PRO F 1568 -36.64 77.94 -79.40
C PRO F 1568 -35.54 76.91 -79.54
N GLY F 1569 -35.84 75.72 -80.05
CA GLY F 1569 -34.82 74.69 -80.15
C GLY F 1569 -33.82 74.89 -81.28
N THR F 1570 -34.03 75.85 -82.16
CA THR F 1570 -33.25 75.98 -83.38
C THR F 1570 -32.56 77.35 -83.45
N PHE F 1571 -31.79 77.54 -84.53
CA PHE F 1571 -31.06 78.77 -84.76
C PHE F 1571 -30.84 78.93 -86.26
N MET F 1572 -30.50 80.16 -86.65
CA MET F 1572 -30.21 80.46 -88.05
C MET F 1572 -29.06 81.46 -88.11
N PRO F 1573 -27.90 81.06 -88.62
CA PRO F 1573 -26.73 81.94 -88.62
C PRO F 1573 -26.81 82.98 -89.73
N PHE F 1574 -25.83 83.88 -89.73
CA PHE F 1574 -25.75 84.90 -90.77
C PHE F 1574 -25.49 84.27 -92.13
N ASP F 1575 -24.47 83.43 -92.21
CA ASP F 1575 -24.18 82.67 -93.42
C ASP F 1575 -23.27 81.51 -93.02
N THR F 1576 -22.92 80.68 -94.00
CA THR F 1576 -22.14 79.47 -93.71
C THR F 1576 -20.77 79.81 -93.16
N ALA F 1577 -20.13 80.84 -93.70
CA ALA F 1577 -18.76 81.17 -93.29
C ALA F 1577 -18.72 81.60 -91.82
N THR F 1578 -19.64 82.47 -91.42
CA THR F 1578 -19.66 82.99 -90.05
C THR F 1578 -20.51 82.14 -89.12
N ALA F 1579 -21.03 81.02 -89.59
CA ALA F 1579 -21.87 80.18 -88.74
C ALA F 1579 -21.04 79.58 -87.61
N ASN F 1580 -21.64 79.54 -86.42
CA ASN F 1580 -21.08 78.83 -85.29
C ASN F 1580 -21.40 77.35 -85.46
N LEU F 1581 -21.30 76.55 -84.39
CA LEU F 1581 -21.31 75.09 -84.53
C LEU F 1581 -22.37 74.61 -85.51
N LEU F 1582 -21.91 74.03 -86.62
CA LEU F 1582 -22.73 73.65 -87.75
C LEU F 1582 -21.87 72.75 -88.63
N ASP F 1583 -22.36 71.56 -88.94
CA ASP F 1583 -21.50 70.56 -89.55
C ASP F 1583 -21.14 70.92 -90.98
N THR F 1584 -20.34 70.05 -91.61
CA THR F 1584 -19.65 70.41 -92.85
C THR F 1584 -20.63 70.57 -94.01
N GLY F 1585 -21.52 69.60 -94.19
CA GLY F 1585 -22.38 69.60 -95.35
C GLY F 1585 -23.56 70.53 -95.32
N LEU F 1586 -23.79 71.20 -94.19
CA LEU F 1586 -24.98 72.03 -94.02
C LEU F 1586 -24.69 73.47 -94.42
N THR F 1587 -25.54 74.03 -95.28
CA THR F 1587 -25.45 75.42 -95.70
C THR F 1587 -26.71 76.16 -95.26
N VAL F 1588 -26.58 77.47 -95.14
CA VAL F 1588 -27.67 78.34 -94.71
C VAL F 1588 -28.03 79.27 -95.86
N ASP F 1589 -29.31 79.32 -96.21
CA ASP F 1589 -29.79 80.19 -97.26
C ASP F 1589 -30.94 81.08 -96.82
N GLY F 1590 -31.41 80.96 -95.59
CA GLY F 1590 -32.51 81.75 -95.09
C GLY F 1590 -33.86 81.06 -95.09
N THR F 1591 -33.89 79.75 -95.31
CA THR F 1591 -35.15 79.01 -95.38
C THR F 1591 -35.31 77.96 -94.28
N GLN F 1592 -34.23 77.39 -93.78
CA GLN F 1592 -34.29 76.31 -92.80
C GLN F 1592 -33.59 76.72 -91.53
N CYS F 1593 -34.31 76.63 -90.40
CA CYS F 1593 -33.67 76.74 -89.10
C CYS F 1593 -33.05 75.39 -88.74
N TYR F 1594 -31.82 75.43 -88.23
CA TYR F 1594 -31.09 74.23 -87.87
C TYR F 1594 -31.15 74.01 -86.36
N THR F 1595 -31.15 72.74 -85.97
CA THR F 1595 -31.20 72.39 -84.55
C THR F 1595 -29.88 72.77 -83.87
N CYS F 1596 -29.91 72.77 -82.54
CA CYS F 1596 -28.71 73.04 -81.76
C CYS F 1596 -27.98 71.73 -81.50
N GLN F 1597 -26.67 71.73 -81.75
CA GLN F 1597 -25.87 70.54 -81.54
C GLN F 1597 -25.99 70.06 -80.10
N THR F 1598 -25.73 68.77 -79.91
CA THR F 1598 -25.70 68.21 -78.57
C THR F 1598 -24.58 68.85 -77.77
N GLY F 1599 -24.85 69.10 -76.49
CA GLY F 1599 -23.98 69.90 -75.67
C GLY F 1599 -24.29 71.38 -75.68
N THR F 1600 -25.21 71.82 -76.53
CA THR F 1600 -25.67 73.20 -76.56
C THR F 1600 -27.19 73.21 -76.52
N PHE F 1601 -27.74 74.37 -76.18
CA PHE F 1601 -29.19 74.51 -76.08
C PHE F 1601 -29.56 75.93 -76.48
N ASN F 1602 -30.84 76.13 -76.73
CA ASN F 1602 -31.38 77.45 -77.04
C ASN F 1602 -32.80 77.52 -76.53
N ASP F 1603 -33.18 78.69 -75.99
CA ASP F 1603 -34.49 78.82 -75.37
C ASP F 1603 -35.21 80.09 -75.78
N GLU F 1604 -34.75 80.81 -76.79
CA GLU F 1604 -35.36 82.05 -77.21
C GLU F 1604 -35.63 82.01 -78.71
N PHE F 1605 -36.67 82.72 -79.13
CA PHE F 1605 -36.99 82.81 -80.54
C PHE F 1605 -35.99 83.69 -81.27
N SER F 1606 -35.77 83.38 -82.54
CA SER F 1606 -34.97 84.20 -83.45
C SER F 1606 -33.56 84.45 -82.90
N GLN F 1607 -32.80 83.36 -82.78
CA GLN F 1607 -31.44 83.48 -82.32
C GLN F 1607 -30.46 83.17 -83.45
N PRO F 1608 -29.31 83.84 -83.49
CA PRO F 1608 -28.33 83.55 -84.53
C PRO F 1608 -27.35 82.46 -84.12
N VAL F 1609 -27.28 82.15 -82.83
CA VAL F 1609 -26.38 81.13 -82.31
C VAL F 1609 -27.06 80.42 -81.14
N CYS F 1610 -26.60 79.20 -80.89
CA CYS F 1610 -27.05 78.44 -79.74
C CYS F 1610 -26.27 78.87 -78.49
N LYS F 1611 -26.73 78.37 -77.34
CA LYS F 1611 -26.10 78.68 -76.06
C LYS F 1611 -25.42 77.43 -75.50
N ALA F 1612 -24.23 77.62 -74.96
CA ALA F 1612 -23.46 76.51 -74.42
C ALA F 1612 -23.95 76.14 -73.03
N CYS F 1613 -24.07 74.84 -72.79
CA CYS F 1613 -24.53 74.37 -71.49
C CYS F 1613 -23.49 74.65 -70.42
N TRP F 1614 -23.95 74.94 -69.21
CA TRP F 1614 -23.07 75.29 -68.13
C TRP F 1614 -22.60 74.05 -67.37
N SER F 1615 -21.55 74.23 -66.58
CA SER F 1615 -21.02 73.14 -65.78
C SER F 1615 -22.06 72.71 -64.74
N GLY F 1616 -22.22 71.39 -64.60
CA GLY F 1616 -23.28 70.84 -63.80
C GLY F 1616 -24.54 70.51 -64.58
N SER F 1617 -24.48 70.58 -65.91
CA SER F 1617 -25.64 70.32 -66.76
C SER F 1617 -25.15 69.85 -68.11
N PHE F 1618 -26.05 69.21 -68.85
CA PHE F 1618 -25.66 68.61 -70.12
C PHE F 1618 -26.86 68.62 -71.07
N ALA F 1619 -26.57 68.49 -72.35
CA ALA F 1619 -27.59 68.43 -73.40
C ALA F 1619 -27.25 67.23 -74.29
N SER F 1620 -27.99 66.13 -74.11
CA SER F 1620 -27.70 64.89 -74.82
C SER F 1620 -28.53 64.72 -76.09
N LYS F 1621 -29.44 65.64 -76.39
CA LYS F 1621 -30.31 65.54 -77.56
C LYS F 1621 -30.18 66.78 -78.41
N ARG F 1622 -30.47 66.62 -79.70
CA ARG F 1622 -30.43 67.70 -80.67
C ARG F 1622 -31.62 68.62 -80.45
N GLY F 1623 -31.38 69.92 -80.56
CA GLY F 1623 -32.46 70.89 -80.51
C GLY F 1623 -33.21 70.94 -79.19
N LEU F 1624 -32.50 70.97 -78.08
CA LEU F 1624 -33.15 70.96 -76.77
C LEU F 1624 -33.49 72.38 -76.34
N PRO F 1625 -34.76 72.68 -76.07
CA PRO F 1625 -35.10 74.01 -75.57
C PRO F 1625 -34.45 74.35 -74.24
N THR F 1626 -34.21 73.37 -73.38
CA THR F 1626 -33.60 73.60 -72.08
C THR F 1626 -32.53 72.55 -71.82
N CYS F 1627 -31.50 72.95 -71.08
CA CYS F 1627 -30.44 72.03 -70.72
C CYS F 1627 -30.89 71.11 -69.60
N GLU F 1628 -30.41 69.87 -69.63
CA GLU F 1628 -30.73 68.89 -68.62
C GLU F 1628 -29.77 69.02 -67.44
N ILE F 1629 -30.29 68.72 -66.24
CA ILE F 1629 -29.53 68.88 -65.00
C ILE F 1629 -28.94 67.54 -64.61
N ALA F 1630 -27.65 67.54 -64.28
CA ALA F 1630 -27.01 66.33 -63.79
C ALA F 1630 -27.67 65.89 -62.49
N GLN F 1631 -27.65 64.59 -62.26
CA GLN F 1631 -28.34 64.03 -61.11
C GLN F 1631 -27.36 63.63 -60.03
N PRO F 1632 -27.83 63.40 -58.80
CA PRO F 1632 -26.91 62.99 -57.73
C PRO F 1632 -26.15 61.73 -58.12
N GLY F 1633 -24.86 61.71 -57.78
CA GLY F 1633 -23.96 60.68 -58.21
C GLY F 1633 -23.23 60.98 -59.50
N THR F 1634 -23.54 62.08 -60.17
CA THR F 1634 -22.92 62.42 -61.43
C THR F 1634 -22.63 63.92 -61.46
N PHE F 1635 -21.75 64.31 -62.38
CA PHE F 1635 -21.37 65.70 -62.53
C PHE F 1635 -20.90 65.94 -63.96
N THR F 1636 -20.89 67.20 -64.35
CA THR F 1636 -20.27 67.63 -65.60
C THR F 1636 -19.43 68.86 -65.33
N ASN F 1637 -18.18 68.85 -65.80
CA ASN F 1637 -17.27 69.98 -65.60
C ASN F 1637 -16.46 70.17 -66.88
N VAL F 1638 -16.96 71.03 -67.77
CA VAL F 1638 -16.24 71.44 -68.97
C VAL F 1638 -15.82 72.89 -68.75
N ALA F 1639 -14.52 73.10 -68.59
CA ALA F 1639 -14.02 74.43 -68.26
C ALA F 1639 -13.99 75.37 -69.45
N ALA F 1640 -14.03 74.84 -70.67
CA ALA F 1640 -13.93 75.67 -71.87
C ALA F 1640 -15.28 76.06 -72.44
N ALA F 1641 -16.38 75.61 -71.85
CA ALA F 1641 -17.70 75.97 -72.36
C ALA F 1641 -17.92 77.48 -72.24
N ALA F 1642 -18.35 78.10 -73.34
CA ALA F 1642 -18.49 79.55 -73.37
C ALA F 1642 -19.53 79.94 -74.41
N ASN F 1643 -20.35 80.93 -74.06
CA ASN F 1643 -21.35 81.45 -74.97
C ASN F 1643 -20.70 82.29 -76.06
N ALA F 1644 -21.48 82.59 -77.08
CA ALA F 1644 -21.01 83.44 -78.16
C ALA F 1644 -20.98 84.90 -77.71
N THR F 1645 -19.98 85.63 -78.20
CA THR F 1645 -19.80 87.04 -77.87
C THR F 1645 -20.10 87.89 -79.10
N PHE F 1646 -21.00 88.85 -78.93
CA PHE F 1646 -21.52 89.63 -80.04
C PHE F 1646 -20.60 90.80 -80.35
N ASN F 1647 -20.35 91.02 -81.65
CA ASN F 1647 -19.61 92.18 -82.09
C ASN F 1647 -20.53 93.39 -82.12
N THR F 1648 -20.15 94.45 -81.40
CA THR F 1648 -21.04 95.59 -81.25
C THR F 1648 -21.19 96.41 -82.54
N ALA F 1649 -20.31 96.20 -83.51
CA ALA F 1649 -20.36 96.94 -84.77
C ALA F 1649 -21.04 96.16 -85.89
N THR F 1650 -20.66 94.89 -86.07
CA THR F 1650 -21.22 94.06 -87.12
C THR F 1650 -22.35 93.17 -86.65
N LEU F 1651 -22.65 93.16 -85.34
CA LEU F 1651 -23.79 92.43 -84.78
C LEU F 1651 -23.74 90.95 -85.11
N ILE F 1652 -22.55 90.37 -85.09
CA ILE F 1652 -22.38 88.95 -85.40
C ILE F 1652 -21.58 88.27 -84.28
N PRO F 1653 -22.08 87.18 -83.71
CA PRO F 1653 -21.35 86.47 -82.66
C PRO F 1653 -20.38 85.44 -83.24
N THR F 1654 -19.25 85.28 -82.55
CA THR F 1654 -18.15 84.51 -83.11
C THR F 1654 -17.75 83.30 -82.28
N GLY F 1655 -17.55 83.45 -80.98
CA GLY F 1655 -16.93 82.38 -80.22
C GLY F 1655 -17.86 81.53 -79.37
N LEU F 1656 -18.17 80.33 -79.84
CA LEU F 1656 -19.00 79.39 -79.11
C LEU F 1656 -18.25 78.08 -78.92
N VAL F 1657 -18.23 77.59 -77.68
CA VAL F 1657 -17.63 76.31 -77.34
C VAL F 1657 -18.69 75.49 -76.60
N LYS F 1658 -18.98 74.29 -77.11
CA LYS F 1658 -20.09 73.52 -76.60
C LYS F 1658 -19.77 72.91 -75.23
N GLY F 1659 -20.83 72.58 -74.50
CA GLY F 1659 -20.71 71.99 -73.18
C GLY F 1659 -20.51 70.50 -73.22
N ALA F 1660 -21.23 69.77 -72.36
CA ALA F 1660 -21.08 68.33 -72.23
C ALA F 1660 -22.31 67.62 -72.76
N GLN F 1661 -22.10 66.44 -73.34
CA GLN F 1661 -23.19 65.64 -73.88
C GLN F 1661 -23.72 64.59 -72.91
N ALA F 1662 -22.89 64.12 -71.99
CA ALA F 1662 -23.29 63.08 -71.05
C ALA F 1662 -22.66 63.38 -69.70
N PRO F 1663 -23.32 63.00 -68.60
CA PRO F 1663 -22.75 63.28 -67.28
C PRO F 1663 -21.76 62.21 -66.87
N THR F 1664 -20.62 62.67 -66.35
CA THR F 1664 -19.61 61.78 -65.82
C THR F 1664 -20.05 61.20 -64.48
N PRO F 1665 -19.93 59.90 -64.28
CA PRO F 1665 -20.24 59.34 -62.96
C PRO F 1665 -19.08 59.46 -62.01
N CYS F 1666 -19.41 59.67 -60.73
CA CYS F 1666 -18.39 59.76 -59.71
C CYS F 1666 -17.61 58.46 -59.62
N GLY F 1667 -16.30 58.56 -59.48
CA GLY F 1667 -15.46 57.38 -59.46
C GLY F 1667 -15.63 56.58 -58.18
N MET F 1668 -14.99 55.42 -58.16
CA MET F 1668 -15.00 54.58 -56.97
C MET F 1668 -14.27 55.29 -55.83
N GLY F 1669 -14.85 55.23 -54.64
CA GLY F 1669 -14.32 55.95 -53.51
C GLY F 1669 -14.81 57.37 -53.39
N TYR F 1670 -15.61 57.85 -54.34
CA TYR F 1670 -16.14 59.20 -54.31
C TYR F 1670 -17.65 59.13 -54.50
N PHE F 1671 -18.34 60.14 -53.99
CA PHE F 1671 -19.79 60.18 -54.08
C PHE F 1671 -20.24 61.61 -54.28
N GLN F 1672 -21.50 61.78 -54.66
CA GLN F 1672 -22.08 63.11 -54.86
C GLN F 1672 -23.58 63.03 -54.60
N SER F 1673 -24.04 63.77 -53.59
CA SER F 1673 -25.45 63.79 -53.23
C SER F 1673 -26.18 65.05 -53.68
N SER F 1674 -25.46 66.08 -54.10
CA SER F 1674 -26.09 67.24 -54.68
C SER F 1674 -26.47 66.96 -56.13
N ALA F 1675 -27.46 67.72 -56.61
CA ALA F 1675 -27.99 67.45 -57.95
C ALA F 1675 -27.12 68.06 -59.04
N GLU F 1676 -27.03 69.39 -59.08
CA GLU F 1676 -26.34 70.10 -60.15
C GLU F 1676 -25.01 70.58 -59.61
N THR F 1677 -23.94 69.85 -59.94
CA THR F 1677 -22.62 70.13 -59.38
C THR F 1677 -21.56 69.75 -60.40
N THR F 1678 -20.30 70.06 -60.06
CA THR F 1678 -19.19 69.91 -60.99
C THR F 1678 -18.02 69.14 -60.39
N THR F 1679 -18.26 68.30 -59.40
CA THR F 1679 -17.17 67.61 -58.71
C THR F 1679 -17.74 66.41 -57.96
N CYS F 1680 -16.84 65.64 -57.35
CA CYS F 1680 -17.18 64.57 -56.43
C CYS F 1680 -16.48 64.81 -55.10
N THR F 1681 -17.03 64.23 -54.04
CA THR F 1681 -16.46 64.35 -52.70
C THR F 1681 -15.95 62.98 -52.26
N ALA F 1682 -14.67 62.91 -51.91
CA ALA F 1682 -14.16 61.71 -51.27
C ALA F 1682 -14.85 61.53 -49.93
N CYS F 1683 -15.53 60.42 -49.74
CA CYS F 1683 -16.44 60.32 -48.61
C CYS F 1683 -15.71 59.86 -47.36
N ALA F 1684 -16.30 60.20 -46.21
CA ALA F 1684 -15.59 60.31 -44.95
C ALA F 1684 -15.22 58.96 -44.38
N VAL F 1685 -14.63 58.97 -43.18
CA VAL F 1685 -14.18 57.75 -42.52
C VAL F 1685 -15.37 56.91 -42.11
N GLY F 1686 -15.15 55.60 -42.00
CA GLY F 1686 -16.20 54.68 -41.65
C GLY F 1686 -17.13 54.32 -42.79
N THR F 1687 -16.96 54.93 -43.96
CA THR F 1687 -17.82 54.69 -45.10
C THR F 1687 -16.96 54.41 -46.33
N TYR F 1688 -17.59 53.86 -47.36
CA TYR F 1688 -16.88 53.50 -48.58
C TYR F 1688 -17.83 53.56 -49.76
N ALA F 1689 -17.26 53.62 -50.96
CA ALA F 1689 -18.02 53.64 -52.21
C ALA F 1689 -17.30 52.76 -53.22
N ASP F 1690 -17.87 51.58 -53.48
CA ASP F 1690 -17.24 50.60 -54.36
C ASP F 1690 -17.90 50.53 -55.74
N GLN F 1691 -18.75 51.49 -56.09
CA GLN F 1691 -19.35 51.56 -57.41
C GLN F 1691 -19.24 52.97 -57.95
N ALA F 1692 -19.14 53.07 -59.27
CA ALA F 1692 -19.08 54.37 -59.92
C ALA F 1692 -20.48 54.94 -60.07
N GLY F 1693 -20.68 56.15 -59.56
CA GLY F 1693 -21.97 56.80 -59.67
C GLY F 1693 -22.88 56.54 -58.49
N LEU F 1694 -22.41 56.82 -57.28
CA LEU F 1694 -23.16 56.59 -56.07
C LEU F 1694 -23.72 57.91 -55.54
N ALA F 1695 -25.01 57.91 -55.20
CA ALA F 1695 -25.62 59.11 -54.63
C ALA F 1695 -25.07 59.39 -53.23
N ALA F 1696 -24.90 58.35 -52.43
CA ALA F 1696 -24.32 58.48 -51.09
C ALA F 1696 -23.58 57.20 -50.77
N CYS F 1697 -22.35 57.31 -50.29
CA CYS F 1697 -21.52 56.13 -50.08
C CYS F 1697 -21.91 55.43 -48.78
N LYS F 1698 -21.90 54.10 -48.82
CA LYS F 1698 -22.43 53.21 -47.79
C LYS F 1698 -21.51 53.16 -46.57
N PRO F 1699 -22.07 52.94 -45.39
CA PRO F 1699 -21.24 52.73 -44.20
C PRO F 1699 -20.80 51.29 -44.08
N CYS F 1700 -19.62 51.10 -43.49
CA CYS F 1700 -19.07 49.77 -43.32
C CYS F 1700 -19.99 48.94 -42.43
N GLN F 1701 -20.20 47.68 -42.83
CA GLN F 1701 -21.07 46.79 -42.08
C GLN F 1701 -20.42 46.40 -40.76
N PRO F 1702 -21.22 45.91 -39.80
CA PRO F 1702 -20.62 45.45 -38.54
C PRO F 1702 -19.57 44.38 -38.77
N GLY F 1703 -18.44 44.53 -38.07
CA GLY F 1703 -17.30 43.68 -38.29
C GLY F 1703 -16.23 44.25 -39.19
N ARG F 1704 -16.41 45.48 -39.67
CA ARG F 1704 -15.45 46.13 -40.54
C ARG F 1704 -15.22 47.56 -40.06
N TYR F 1705 -14.10 48.14 -40.51
CA TYR F 1705 -13.75 49.50 -40.15
C TYR F 1705 -13.00 50.14 -41.33
N GLN F 1706 -13.02 51.47 -41.37
CA GLN F 1706 -12.33 52.21 -42.42
C GLN F 1706 -11.92 53.55 -41.85
N ASN F 1707 -10.62 53.75 -41.64
CA ASN F 1707 -10.10 54.95 -41.00
C ASN F 1707 -9.57 55.97 -41.99
N SER F 1708 -9.78 55.76 -43.29
CA SER F 1708 -9.32 56.68 -44.31
C SER F 1708 -10.49 57.19 -45.13
N ILE F 1709 -10.31 58.36 -45.72
CA ILE F 1709 -11.33 58.97 -46.56
C ILE F 1709 -11.07 58.59 -48.01
N GLY F 1710 -12.15 58.52 -48.78
CA GLY F 1710 -12.03 58.28 -50.20
C GLY F 1710 -11.62 56.88 -50.60
N GLN F 1711 -11.83 55.90 -49.75
CA GLN F 1711 -11.53 54.51 -50.07
C GLN F 1711 -12.77 53.81 -50.59
N ARG F 1712 -12.56 52.65 -51.21
CA ARG F 1712 -13.65 51.85 -51.76
C ARG F 1712 -13.78 50.49 -51.09
N VAL F 1713 -13.11 50.28 -49.96
CA VAL F 1713 -13.15 49.01 -49.25
C VAL F 1713 -13.16 49.28 -47.76
N CYS F 1714 -13.67 48.30 -47.00
CA CYS F 1714 -13.59 48.31 -45.55
C CYS F 1714 -12.69 47.18 -45.08
N LYS F 1715 -11.91 47.45 -44.05
CA LYS F 1715 -11.02 46.44 -43.51
C LYS F 1715 -11.67 45.75 -42.32
N PRO F 1716 -11.38 44.47 -42.08
CA PRO F 1716 -12.06 43.75 -41.00
C PRO F 1716 -11.36 43.88 -39.66
N CYS F 1717 -12.17 43.93 -38.61
CA CYS F 1717 -11.65 44.07 -37.26
C CYS F 1717 -10.91 42.81 -36.84
N ASP F 1718 -9.80 42.98 -36.13
CA ASP F 1718 -8.98 41.85 -35.73
C ASP F 1718 -9.60 41.13 -34.53
N MET F 1719 -8.90 40.10 -34.06
CA MET F 1719 -9.39 39.30 -32.96
C MET F 1719 -9.30 40.10 -31.66
N GLY F 1720 -10.35 40.05 -30.86
CA GLY F 1720 -10.43 40.84 -29.66
C GLY F 1720 -11.05 42.20 -29.82
N THR F 1721 -11.60 42.50 -31.00
CA THR F 1721 -12.25 43.78 -31.24
C THR F 1721 -13.54 43.54 -32.01
N TYR F 1722 -14.46 44.49 -31.89
CA TYR F 1722 -15.73 44.42 -32.57
C TYR F 1722 -16.08 45.80 -33.11
N SER F 1723 -17.12 45.85 -33.94
CA SER F 1723 -17.56 47.10 -34.51
C SER F 1723 -19.01 46.98 -34.96
N ARG F 1724 -19.77 48.04 -34.73
CA ARG F 1724 -21.13 48.16 -35.24
C ARG F 1724 -21.07 48.84 -36.62
N TYR F 1725 -22.21 49.30 -37.12
CA TYR F 1725 -22.25 49.96 -38.42
C TYR F 1725 -21.28 51.14 -38.45
N GLY F 1726 -21.08 51.67 -39.65
CA GLY F 1726 -19.85 52.34 -40.03
C GLY F 1726 -19.15 53.17 -38.97
N GLY F 1727 -17.95 52.75 -38.62
CA GLY F 1727 -17.17 53.43 -37.60
C GLY F 1727 -15.73 53.53 -38.02
N GLU F 1728 -15.08 54.62 -37.61
CA GLU F 1728 -13.72 54.90 -38.06
C GLU F 1728 -12.73 53.85 -37.57
N LEU F 1729 -12.97 53.25 -36.40
CA LEU F 1729 -12.03 52.33 -35.80
C LEU F 1729 -12.77 51.22 -35.07
N CYS F 1730 -12.06 50.12 -34.85
CA CYS F 1730 -12.56 49.05 -34.00
C CYS F 1730 -12.46 49.48 -32.54
N THR F 1731 -13.30 48.89 -31.71
CA THR F 1731 -13.24 49.10 -30.27
C THR F 1731 -12.85 47.79 -29.60
N LYS F 1732 -11.88 47.87 -28.68
CA LYS F 1732 -11.50 46.70 -27.91
C LYS F 1732 -12.69 46.18 -27.12
N CYS F 1733 -12.76 44.87 -26.98
CA CYS F 1733 -13.82 44.29 -26.16
C CYS F 1733 -13.72 44.83 -24.75
N PRO F 1734 -14.83 45.14 -24.09
CA PRO F 1734 -14.77 45.56 -22.69
C PRO F 1734 -14.17 44.45 -21.82
N ALA F 1735 -13.80 44.83 -20.60
CA ALA F 1735 -13.23 43.87 -19.67
C ALA F 1735 -14.30 42.88 -19.23
N GLY F 1736 -14.04 41.60 -19.44
CA GLY F 1736 -14.96 40.55 -19.05
C GLY F 1736 -15.83 40.01 -20.14
N THR F 1737 -15.61 40.40 -21.39
CA THR F 1737 -16.41 39.91 -22.50
C THR F 1737 -15.48 39.56 -23.66
N VAL F 1738 -15.95 38.70 -24.56
CA VAL F 1738 -15.08 37.99 -25.48
C VAL F 1738 -15.58 38.13 -26.91
N ALA F 1739 -14.64 38.00 -27.85
CA ALA F 1739 -14.95 37.99 -29.28
C ALA F 1739 -13.82 37.23 -29.97
N SER F 1740 -14.14 36.05 -30.52
CA SER F 1740 -13.14 35.09 -30.91
C SER F 1740 -12.87 35.02 -32.41
N LYS F 1741 -13.41 35.95 -33.21
CA LYS F 1741 -13.23 35.90 -34.64
C LYS F 1741 -12.77 37.26 -35.16
N THR F 1742 -12.33 37.26 -36.43
CA THR F 1742 -11.80 38.45 -37.08
C THR F 1742 -12.86 39.18 -37.91
N GLY F 1743 -14.13 38.94 -37.62
CA GLY F 1743 -15.20 39.71 -38.24
C GLY F 1743 -16.29 40.01 -37.22
N SER F 1744 -15.91 40.09 -35.95
CA SER F 1744 -16.89 40.13 -34.87
C SER F 1744 -17.72 41.40 -34.93
N SER F 1745 -19.01 41.26 -34.64
CA SER F 1745 -19.93 42.39 -34.60
C SER F 1745 -20.31 42.81 -33.20
N GLN F 1746 -20.06 41.98 -32.18
CA GLN F 1746 -20.26 42.38 -30.80
C GLN F 1746 -19.53 41.39 -29.91
N CYS F 1747 -19.19 41.85 -28.70
CA CYS F 1747 -18.55 41.01 -27.71
C CYS F 1747 -19.61 40.36 -26.82
N THR F 1748 -19.42 39.06 -26.55
CA THR F 1748 -20.33 38.32 -25.70
C THR F 1748 -19.67 38.05 -24.36
N PRO F 1749 -20.35 38.31 -23.25
CA PRO F 1749 -19.72 38.14 -21.94
C PRO F 1749 -19.52 36.67 -21.60
N CYS F 1750 -18.45 36.40 -20.85
CA CYS F 1750 -18.18 35.05 -20.40
C CYS F 1750 -19.22 34.63 -19.37
N ALA F 1751 -19.69 33.39 -19.48
CA ALA F 1751 -20.72 32.91 -18.57
C ALA F 1751 -20.14 32.68 -17.17
N ALA F 1752 -21.04 32.50 -16.21
CA ALA F 1752 -20.62 32.24 -14.84
C ALA F 1752 -19.89 30.91 -14.76
N GLY F 1753 -18.78 30.89 -14.01
CA GLY F 1753 -17.92 29.74 -13.97
C GLY F 1753 -16.79 29.76 -14.98
N PHE F 1754 -16.81 30.72 -15.91
CA PHE F 1754 -15.77 30.88 -16.91
C PHE F 1754 -15.18 32.29 -16.77
N TYR F 1755 -14.04 32.52 -17.42
CA TYR F 1755 -13.37 33.80 -17.34
C TYR F 1755 -12.68 34.12 -18.65
N ALA F 1756 -12.66 35.41 -18.99
CA ALA F 1756 -11.98 35.85 -20.19
C ALA F 1756 -10.47 35.81 -19.97
N ASN F 1757 -9.75 35.40 -21.02
CA ASN F 1757 -8.30 35.19 -20.90
C ASN F 1757 -7.50 36.43 -21.28
N ALA F 1758 -7.89 37.58 -20.72
CA ALA F 1758 -7.23 38.84 -20.99
C ALA F 1758 -7.88 39.93 -20.14
N PRO F 1759 -7.15 40.99 -19.80
CA PRO F 1759 -7.80 42.10 -19.06
C PRO F 1759 -8.64 42.98 -19.96
N ASP F 1760 -8.18 43.24 -21.19
CA ASP F 1760 -8.90 44.13 -22.09
C ASP F 1760 -9.45 43.43 -23.33
N SER F 1761 -8.61 42.84 -24.16
CA SER F 1761 -9.05 42.28 -25.44
C SER F 1761 -9.08 40.76 -25.34
N ALA F 1762 -10.18 40.24 -24.82
CA ALA F 1762 -10.32 38.80 -24.65
C ALA F 1762 -10.50 38.12 -26.01
N THR F 1763 -10.15 36.85 -26.05
CA THR F 1763 -10.27 36.05 -27.27
C THR F 1763 -10.98 34.74 -27.00
N SER F 1764 -10.87 34.22 -25.78
CA SER F 1764 -11.50 32.95 -25.46
C SER F 1764 -11.86 32.91 -23.98
N CYS F 1765 -13.11 32.53 -23.70
CA CYS F 1765 -13.52 32.22 -22.33
C CYS F 1765 -12.99 30.84 -21.96
N ARG F 1766 -12.25 30.78 -20.85
CA ARG F 1766 -11.72 29.53 -20.33
C ARG F 1766 -12.41 29.18 -19.02
N ALA F 1767 -12.65 27.89 -18.81
CA ALA F 1767 -13.25 27.44 -17.56
C ALA F 1767 -12.27 27.61 -16.41
N CYS F 1768 -12.82 27.87 -15.23
CA CYS F 1768 -11.99 27.93 -14.03
C CYS F 1768 -11.37 26.56 -13.77
N PRO F 1769 -10.21 26.50 -13.14
CA PRO F 1769 -9.57 25.21 -12.90
C PRO F 1769 -10.34 24.35 -11.91
N ARG F 1770 -9.80 23.17 -11.60
CA ARG F 1770 -10.51 22.24 -10.72
C ARG F 1770 -10.71 22.83 -9.33
N GLY F 1771 -9.67 23.44 -8.77
CA GLY F 1771 -9.75 23.95 -7.41
C GLY F 1771 -10.46 25.28 -7.25
N TYR F 1772 -10.69 26.01 -8.34
CA TYR F 1772 -11.23 27.36 -8.26
C TYR F 1772 -12.74 27.34 -8.46
N TYR F 1773 -13.35 28.51 -8.27
CA TYR F 1773 -14.77 28.70 -8.57
C TYR F 1773 -15.02 30.16 -8.90
N GLY F 1774 -16.04 30.41 -9.69
CA GLY F 1774 -16.44 31.76 -10.04
C GLY F 1774 -17.93 31.93 -10.06
N PRO F 1775 -18.46 32.84 -9.24
CA PRO F 1775 -19.91 33.02 -9.13
C PRO F 1775 -20.48 34.10 -10.04
N TYR F 1776 -19.66 34.88 -10.73
CA TYR F 1776 -20.11 36.01 -11.51
C TYR F 1776 -19.93 35.75 -13.00
N SER F 1777 -20.76 36.41 -13.79
CA SER F 1777 -20.53 36.51 -15.23
C SER F 1777 -19.67 37.74 -15.52
N GLY F 1778 -19.00 37.71 -16.66
CA GLY F 1778 -18.07 38.76 -16.98
C GLY F 1778 -16.75 38.68 -16.25
N ALA F 1779 -16.43 37.52 -15.68
CA ALA F 1779 -15.15 37.35 -15.01
C ALA F 1779 -14.01 37.39 -16.02
N TYR F 1780 -12.90 38.02 -15.62
CA TYR F 1780 -11.73 38.11 -16.48
C TYR F 1780 -10.50 37.80 -15.65
N ALA F 1781 -9.33 37.96 -16.25
CA ALA F 1781 -8.06 37.60 -15.62
C ALA F 1781 -7.07 38.74 -15.80
N ASP F 1782 -7.00 39.65 -14.83
CA ASP F 1782 -5.93 40.61 -14.79
C ASP F 1782 -4.62 39.89 -14.46
N ASN F 1783 -3.54 40.33 -15.08
CA ASN F 1783 -2.27 39.61 -15.03
C ASN F 1783 -1.37 40.04 -13.88
N LEU F 1784 -1.81 40.96 -13.03
CA LEU F 1784 -0.98 41.38 -11.92
C LEU F 1784 -0.95 40.35 -10.79
N GLY F 1785 -2.03 39.61 -10.62
CA GLY F 1785 -2.13 38.63 -9.56
C GLY F 1785 -1.86 37.22 -10.05
N ASP F 1786 -2.55 36.26 -9.46
CA ASP F 1786 -2.42 34.87 -9.84
C ASP F 1786 -2.96 34.67 -11.26
N GLU F 1787 -2.60 33.53 -11.86
CA GLU F 1787 -2.99 33.25 -13.24
C GLU F 1787 -4.51 33.22 -13.38
N PHE F 1788 -5.16 32.29 -12.69
CA PHE F 1788 -6.61 32.11 -12.84
C PHE F 1788 -7.37 32.93 -11.80
N GLU F 1789 -7.09 34.23 -11.71
CA GLU F 1789 -7.67 35.04 -10.66
C GLU F 1789 -7.78 36.49 -11.11
N GLY F 1790 -8.95 37.08 -10.91
CA GLY F 1790 -9.19 38.46 -11.24
C GLY F 1790 -9.99 39.17 -10.15
N PRO F 1791 -10.28 40.45 -10.35
CA PRO F 1791 -11.14 41.15 -9.38
C PRO F 1791 -12.50 40.50 -9.23
N ARG F 1792 -13.07 40.03 -10.33
CA ARG F 1792 -14.29 39.25 -10.31
C ARG F 1792 -14.08 37.84 -10.81
N GLY F 1793 -12.85 37.48 -11.19
CA GLY F 1793 -12.56 36.21 -11.82
C GLY F 1793 -12.68 35.02 -10.91
N CYS F 1794 -12.12 33.89 -11.34
CA CYS F 1794 -12.19 32.68 -10.54
C CYS F 1794 -11.51 32.88 -9.20
N TYR F 1795 -12.15 32.40 -8.14
CA TYR F 1795 -11.61 32.49 -6.79
C TYR F 1795 -11.19 31.10 -6.32
N LYS F 1796 -10.14 31.06 -5.50
CA LYS F 1796 -9.79 29.82 -4.83
C LYS F 1796 -10.92 29.41 -3.90
N CYS F 1797 -11.16 28.11 -3.79
CA CYS F 1797 -12.16 27.66 -2.84
C CYS F 1797 -11.68 27.99 -1.42
N PRO F 1798 -12.59 28.26 -0.50
CA PRO F 1798 -12.17 28.57 0.87
C PRO F 1798 -11.54 27.37 1.56
N TYR F 1799 -11.12 27.53 2.82
CA TYR F 1799 -10.25 26.56 3.45
C TYR F 1799 -10.93 25.21 3.63
N ASP F 1800 -12.17 25.20 4.13
CA ASP F 1800 -12.87 23.95 4.38
C ASP F 1800 -13.75 23.52 3.23
N PHE F 1801 -13.71 24.23 2.10
CA PHE F 1801 -14.51 23.92 0.92
C PHE F 1801 -13.64 23.36 -0.19
N PHE F 1802 -14.27 22.63 -1.10
CA PHE F 1802 -13.56 22.02 -2.22
C PHE F 1802 -14.46 22.02 -3.44
N ALA F 1803 -13.83 21.85 -4.60
CA ALA F 1803 -14.53 21.74 -5.87
C ALA F 1803 -13.69 20.88 -6.80
N ASP F 1804 -14.36 20.05 -7.61
CA ASP F 1804 -13.69 19.13 -8.51
C ASP F 1804 -13.95 19.45 -9.98
N ARG F 1805 -15.20 19.59 -10.37
CA ARG F 1805 -15.51 19.91 -11.76
C ARG F 1805 -14.93 21.29 -12.10
N PRO F 1806 -14.31 21.45 -13.28
CA PRO F 1806 -13.55 22.67 -13.56
C PRO F 1806 -14.40 23.93 -13.58
N GLY F 1807 -15.41 23.97 -14.44
CA GLY F 1807 -16.25 25.14 -14.50
C GLY F 1807 -17.41 25.03 -13.54
N VAL F 1808 -17.28 25.61 -12.36
CA VAL F 1808 -18.26 25.46 -11.29
C VAL F 1808 -18.57 26.83 -10.73
N ARG F 1809 -19.74 26.94 -10.10
CA ARG F 1809 -20.29 28.21 -9.67
C ARG F 1809 -20.28 28.39 -8.16
N GLN F 1810 -19.94 27.36 -7.40
CA GLN F 1810 -19.91 27.44 -5.95
C GLN F 1810 -19.14 26.25 -5.39
N CYS F 1811 -18.27 26.51 -4.42
CA CYS F 1811 -17.61 25.44 -3.72
C CYS F 1811 -18.60 24.72 -2.80
N THR F 1812 -18.38 23.43 -2.61
CA THR F 1812 -19.22 22.61 -1.76
C THR F 1812 -18.49 22.27 -0.47
N ALA F 1813 -19.21 22.35 0.65
CA ALA F 1813 -18.61 22.08 1.95
C ALA F 1813 -18.17 20.63 2.04
N CYS F 1814 -17.07 20.41 2.75
CA CYS F 1814 -16.52 19.07 2.87
C CYS F 1814 -17.50 18.18 3.62
N PRO F 1815 -17.72 16.95 3.17
CA PRO F 1815 -18.69 16.08 3.82
C PRO F 1815 -18.03 15.25 4.91
N PRO F 1816 -18.75 14.94 5.99
CA PRO F 1816 -18.17 14.12 7.07
C PRO F 1816 -17.95 12.69 6.59
N LEU F 1817 -16.71 12.23 6.66
CA LEU F 1817 -16.40 10.86 6.28
C LEU F 1817 -17.00 9.88 7.28
N ASP F 1818 -17.59 8.81 6.77
CA ASP F 1818 -18.24 7.79 7.59
C ASP F 1818 -17.41 6.52 7.52
N LEU F 1819 -16.71 6.20 8.62
CA LEU F 1819 -15.79 5.08 8.68
C LEU F 1819 -16.42 3.81 9.23
N GLY F 1820 -17.75 3.72 9.17
CA GLY F 1820 -18.44 2.54 9.67
C GLY F 1820 -19.92 2.80 9.90
N GLY F 1821 -20.45 2.27 10.99
CA GLY F 1821 -21.86 2.43 11.29
C GLY F 1821 -22.14 3.54 12.30
N GLY F 1822 -22.64 4.67 11.82
CA GLY F 1822 -23.03 5.75 12.71
C GLY F 1822 -21.90 6.63 13.20
N ASN F 1823 -20.70 6.46 12.67
CA ASN F 1823 -19.55 7.27 13.06
C ASN F 1823 -19.25 8.27 11.94
N LEU F 1824 -19.28 9.55 12.30
CA LEU F 1824 -19.02 10.63 11.34
C LEU F 1824 -17.85 11.46 11.84
N VAL F 1825 -16.79 11.51 11.04
CA VAL F 1825 -15.60 12.30 11.35
C VAL F 1825 -15.59 13.52 10.44
N GLU F 1826 -15.48 14.70 11.03
CA GLU F 1826 -15.47 15.93 10.24
C GLU F 1826 -14.28 15.95 9.31
N GLN F 1827 -14.49 16.45 8.10
CA GLN F 1827 -13.48 16.48 7.06
C GLN F 1827 -13.17 17.93 6.70
N CYS F 1828 -11.88 18.25 6.61
CA CYS F 1828 -11.44 19.62 6.38
C CYS F 1828 -10.18 19.59 5.52
N THR F 1829 -10.10 20.48 4.53
CA THR F 1829 -8.97 20.48 3.62
C THR F 1829 -7.76 21.14 4.26
N GLU F 1830 -6.58 20.84 3.70
CA GLU F 1830 -5.34 21.38 4.22
C GLU F 1830 -5.06 22.78 3.67
N ASP F 1831 -4.90 22.89 2.35
CA ASP F 1831 -4.54 24.16 1.74
C ASP F 1831 -5.79 24.91 1.30
N LEU F 1832 -5.59 26.15 0.82
CA LEU F 1832 -6.71 27.02 0.54
C LEU F 1832 -7.49 26.55 -0.68
N GLY F 1833 -6.87 26.55 -1.85
CA GLY F 1833 -7.55 26.09 -3.05
C GLY F 1833 -7.33 24.62 -3.27
N SER F 1834 -8.28 23.80 -2.86
CA SER F 1834 -8.11 22.36 -2.83
C SER F 1834 -9.34 21.68 -3.39
N GLN F 1835 -9.15 20.45 -3.86
CA GLN F 1835 -10.21 19.68 -4.50
C GLN F 1835 -10.50 18.36 -3.79
N ARG F 1836 -9.96 18.15 -2.60
CA ARG F 1836 -10.20 16.92 -1.85
C ARG F 1836 -10.26 17.23 -0.36
N CYS F 1837 -11.00 16.41 0.37
CA CYS F 1837 -11.19 16.58 1.80
C CYS F 1837 -10.49 15.46 2.56
N LYS F 1838 -9.65 15.84 3.50
CA LYS F 1838 -9.02 14.95 4.47
C LYS F 1838 -9.85 14.89 5.74
N PRO F 1839 -9.72 13.83 6.53
CA PRO F 1839 -10.29 13.86 7.88
C PRO F 1839 -9.49 14.83 8.74
N CYS F 1840 -10.14 15.92 9.16
CA CYS F 1840 -9.39 17.04 9.73
C CYS F 1840 -9.02 16.84 11.19
N SER F 1841 -8.99 15.59 11.65
CA SER F 1841 -8.31 15.25 12.89
C SER F 1841 -6.86 14.83 12.68
N LEU F 1842 -6.42 14.68 11.43
CA LEU F 1842 -5.06 14.22 11.14
C LEU F 1842 -4.46 14.98 9.95
N LEU F 1843 -4.66 16.29 9.89
CA LEU F 1843 -3.97 17.10 8.90
C LEU F 1843 -2.81 17.84 9.54
N SER F 1844 -1.76 18.08 8.73
CA SER F 1844 -0.47 18.51 9.26
C SER F 1844 -0.55 19.88 9.92
N LYS F 1845 -1.07 20.89 9.23
CA LYS F 1845 -1.13 22.22 9.82
C LYS F 1845 -2.55 22.50 10.28
N PRO F 1846 -2.83 22.45 11.58
CA PRO F 1846 -4.23 22.52 12.04
C PRO F 1846 -4.83 23.91 11.86
N LYS F 1847 -6.07 24.08 12.29
CA LYS F 1847 -6.79 25.33 12.03
C LYS F 1847 -6.19 26.53 12.74
N THR F 1848 -5.25 26.33 13.66
CA THR F 1848 -4.59 27.44 14.33
C THR F 1848 -3.38 27.96 13.56
N ALA F 1849 -2.89 27.21 12.57
CA ALA F 1849 -1.69 27.58 11.83
C ALA F 1849 -1.99 28.26 10.51
N ARG F 1850 -3.25 28.52 10.20
CA ARG F 1850 -3.63 29.15 8.94
C ARG F 1850 -3.29 30.64 9.00
N THR F 1851 -2.30 31.05 8.21
CA THR F 1851 -1.68 32.37 8.35
C THR F 1851 -2.20 33.40 7.36
N GLU F 1852 -3.18 33.06 6.52
CA GLU F 1852 -3.66 33.98 5.50
C GLU F 1852 -4.86 34.76 6.01
N GLN F 1853 -4.82 36.08 5.90
CA GLN F 1853 -5.94 36.90 6.29
C GLN F 1853 -7.14 36.64 5.37
N SER F 1854 -8.34 36.81 5.92
CA SER F 1854 -9.56 36.50 5.19
C SER F 1854 -9.84 37.54 4.12
N HYP F 1855 -10.64 37.16 3.13
CA HYP F 1855 -10.97 38.07 2.04
C HYP F 1855 -12.15 38.99 2.39
O HYP F 1855 -12.91 38.63 3.27
CB HYP F 1855 -11.29 37.17 0.83
CG HYP F 1855 -10.99 35.78 1.37
CD HYP F 1855 -11.36 35.92 2.81
OD1 HYP F 1855 -9.59 35.54 1.28
N HYP F 1856 -12.28 40.14 1.74
CA HYP F 1856 -13.38 41.08 2.07
C HYP F 1856 -14.77 40.52 1.73
O HYP F 1856 -14.84 39.48 1.11
CB HYP F 1856 -13.09 42.35 1.26
CG HYP F 1856 -11.71 42.08 0.67
CD HYP F 1856 -11.77 40.59 0.44
OD1 HYP F 1856 -10.72 42.37 1.64
N HYP F 1857 -15.84 41.19 2.17
CA HYP F 1857 -17.18 40.78 1.75
C HYP F 1857 -17.47 41.20 0.29
O HYP F 1857 -16.67 41.94 -0.24
CB HYP F 1857 -18.15 41.45 2.74
CG HYP F 1857 -17.21 41.86 3.87
CD HYP F 1857 -16.01 42.32 3.08
OD1 HYP F 1857 -16.87 40.73 4.64
N HYP F 1858 -18.55 40.72 -0.32
CA HYP F 1858 -18.86 41.12 -1.70
C HYP F 1858 -19.30 42.58 -1.84
O HYP F 1858 -20.22 42.98 -1.14
CB HYP F 1858 -19.95 40.16 -2.17
CG HYP F 1858 -19.79 39.00 -1.21
CD HYP F 1858 -19.56 39.74 0.09
OD1 HYP F 1858 -18.61 38.30 -1.55
N SER F 1859 -18.67 43.35 -2.73
CA SER F 1859 -19.08 44.72 -2.98
C SER F 1859 -20.55 44.75 -3.38
N HYP F 1860 -21.24 45.84 -3.05
CA HYP F 1860 -22.70 45.89 -3.26
C HYP F 1860 -23.14 45.71 -4.71
O HYP F 1860 -22.32 45.84 -5.60
CB HYP F 1860 -23.13 47.24 -2.70
CG HYP F 1860 -21.94 47.65 -1.86
CD HYP F 1860 -20.81 47.21 -2.75
OD1 HYP F 1860 -21.93 46.86 -0.67
N SER F 1861 -24.41 45.39 -4.92
CA SER F 1861 -24.93 45.11 -6.25
C SER F 1861 -25.32 46.41 -6.95
N HYP F 1862 -25.17 46.47 -8.27
CA HYP F 1862 -25.46 47.70 -9.03
C HYP F 1862 -26.92 48.17 -8.93
O HYP F 1862 -27.75 47.40 -8.48
CB HYP F 1862 -25.08 47.39 -10.48
CG HYP F 1862 -24.37 46.06 -10.39
CD HYP F 1862 -25.13 45.39 -9.27
OD1 HYP F 1862 -23.02 46.29 -10.00
N HYP F 1863 -27.21 49.41 -9.32
CA HYP F 1863 -28.61 49.88 -9.37
C HYP F 1863 -29.39 49.31 -10.56
O HYP F 1863 -28.77 48.82 -11.48
CB HYP F 1863 -28.53 51.41 -9.44
CG HYP F 1863 -27.08 51.70 -9.11
CD HYP F 1863 -26.38 50.54 -9.77
OD1 HYP F 1863 -26.91 51.64 -7.71
N HYP F 1864 -30.72 49.37 -10.54
CA HYP F 1864 -31.51 48.94 -11.70
C HYP F 1864 -31.44 49.96 -12.84
O HYP F 1864 -30.87 51.02 -12.63
CB HYP F 1864 -32.95 48.78 -11.19
CG HYP F 1864 -32.81 48.92 -9.68
CD HYP F 1864 -31.70 49.93 -9.58
OD1 HYP F 1864 -32.36 47.68 -9.16
N HYP F 1865 -31.96 49.64 -14.03
CA HYP F 1865 -32.00 50.63 -15.11
C HYP F 1865 -33.14 51.63 -14.94
O HYP F 1865 -33.98 51.39 -14.10
CB HYP F 1865 -32.14 49.81 -16.40
CG HYP F 1865 -31.79 48.41 -15.95
CD HYP F 1865 -32.45 48.38 -14.59
OD1 HYP F 1865 -30.39 48.33 -15.77
N HYP F 1866 -33.15 52.73 -15.68
CA HYP F 1866 -34.25 53.70 -15.54
C HYP F 1866 -35.52 53.28 -16.28
O HYP F 1866 -35.44 52.41 -17.12
CB HYP F 1866 -33.70 55.03 -16.10
CG HYP F 1866 -32.25 54.71 -16.38
CD HYP F 1866 -32.32 53.26 -16.78
OD1 HYP F 1866 -31.51 54.83 -15.18
N HYP F 1867 -36.67 53.88 -15.96
CA HYP F 1867 -37.89 53.61 -16.73
C HYP F 1867 -37.77 54.05 -18.20
O HYP F 1867 -36.86 54.80 -18.50
CB HYP F 1867 -39.01 54.37 -16.02
CG HYP F 1867 -38.45 54.49 -14.61
CD HYP F 1867 -37.02 54.84 -14.89
OD1 HYP F 1867 -38.53 53.22 -13.99
N HYP F 1868 -38.63 53.55 -19.07
CA HYP F 1868 -38.68 54.07 -20.45
C HYP F 1868 -38.99 55.57 -20.49
O HYP F 1868 -39.97 55.97 -19.90
CB HYP F 1868 -39.72 53.21 -21.16
CG HYP F 1868 -39.54 51.89 -20.43
CD HYP F 1868 -39.51 52.37 -19.00
OD1 HYP F 1868 -38.26 51.39 -20.78
N SER F 1869 -38.16 56.36 -21.17
CA SER F 1869 -38.42 57.80 -21.30
C SER F 1869 -39.78 58.02 -21.92
N HYP F 1870 -40.34 59.22 -21.78
CA HYP F 1870 -41.64 59.53 -22.39
C HYP F 1870 -41.66 59.50 -23.92
O HYP F 1870 -41.27 58.51 -24.49
CB HYP F 1870 -42.03 60.90 -21.83
CG HYP F 1870 -41.29 60.91 -20.50
CD HYP F 1870 -39.96 60.35 -20.91
OD1 HYP F 1870 -41.94 60.03 -19.60
N ARG F 1871 -42.13 60.57 -24.56
CA ARG F 1871 -42.19 60.62 -26.01
C ARG F 1871 -42.37 62.06 -26.48
N HYP F 1872 -41.92 62.35 -27.70
CA HYP F 1872 -42.12 63.69 -28.26
C HYP F 1872 -43.59 63.95 -28.66
O HYP F 1872 -44.12 63.18 -29.44
CB HYP F 1872 -41.19 63.78 -29.47
CG HYP F 1872 -40.56 62.40 -29.56
CD HYP F 1872 -41.60 61.53 -28.87
OD1 HYP F 1872 -39.35 62.35 -28.81
N HYP F 1873 -44.22 64.98 -28.10
CA HYP F 1873 -45.62 65.32 -28.40
C HYP F 1873 -46.02 65.18 -29.88
O HYP F 1873 -45.30 65.69 -30.72
CB HYP F 1873 -45.78 66.79 -27.95
CG HYP F 1873 -44.46 67.10 -27.26
CD HYP F 1873 -43.50 66.25 -28.06
OD1 HYP F 1873 -44.51 66.66 -25.92
N SER F 1874 -47.15 64.53 -30.16
CA SER F 1874 -47.55 64.26 -31.54
C SER F 1874 -47.94 65.53 -32.29
N HYP F 1875 -48.19 65.39 -33.58
CA HYP F 1875 -48.43 66.55 -34.45
C HYP F 1875 -49.85 67.15 -34.37
O HYP F 1875 -50.80 66.43 -34.56
CB HYP F 1875 -48.09 66.02 -35.85
CG HYP F 1875 -47.07 64.92 -35.58
CD HYP F 1875 -46.87 64.98 -34.08
OD1 HYP F 1875 -45.85 65.18 -36.27
N ASN F 1876 -49.94 68.45 -34.10
CA ASN F 1876 -51.21 69.16 -34.08
C ASN F 1876 -51.93 68.98 -35.41
N HYP F 1877 -53.26 68.90 -35.38
CA HYP F 1877 -54.02 68.65 -36.62
C HYP F 1877 -53.88 69.81 -37.63
O HYP F 1877 -53.48 70.87 -37.21
CB HYP F 1877 -55.46 68.43 -36.17
CG HYP F 1877 -55.37 68.47 -34.65
CD HYP F 1877 -54.24 69.46 -34.46
OD1 HYP F 1877 -54.93 67.22 -34.13
N HYP F 1878 -54.16 69.57 -38.91
CA HYP F 1878 -53.78 70.55 -39.94
C HYP F 1878 -54.55 71.87 -39.88
O HYP F 1878 -55.52 71.96 -39.15
CB HYP F 1878 -54.02 69.84 -41.28
CG HYP F 1878 -54.27 68.40 -40.85
CD HYP F 1878 -55.05 68.63 -39.58
OD1 HYP F 1878 -53.04 67.79 -40.52
N SER F 1879 -54.10 72.89 -40.61
CA SER F 1879 -54.70 74.21 -40.55
C SER F 1879 -56.08 74.24 -41.15
N HYP F 1880 -56.89 75.20 -40.72
CA HYP F 1880 -58.23 75.41 -41.28
C HYP F 1880 -58.18 76.25 -42.57
O HYP F 1880 -57.70 77.37 -42.48
CB HYP F 1880 -59.04 76.06 -40.16
CG HYP F 1880 -58.09 76.04 -38.97
CD HYP F 1880 -57.16 74.89 -39.31
OD1 HYP F 1880 -58.75 75.85 -37.72
N ARG F 1881 -58.63 75.72 -43.68
CA ARG F 1881 -58.59 76.44 -44.96
C ARG F 1881 -59.27 77.79 -44.87
N HYP F 1882 -58.71 78.78 -45.55
CA HYP F 1882 -59.27 80.14 -45.52
C HYP F 1882 -60.69 80.29 -46.09
O HYP F 1882 -61.21 79.31 -46.60
CB HYP F 1882 -58.25 80.98 -46.29
CG HYP F 1882 -56.98 80.14 -46.23
CD HYP F 1882 -57.31 79.05 -45.23
OD1 HYP F 1882 -55.89 80.95 -45.81
N HYP F 1883 -61.28 81.47 -45.99
CA HYP F 1883 -62.58 81.72 -46.64
C HYP F 1883 -62.52 81.66 -48.18
O HYP F 1883 -61.46 81.44 -48.72
CB HYP F 1883 -63.00 83.08 -46.09
CG HYP F 1883 -62.55 82.93 -44.65
CD HYP F 1883 -61.15 82.37 -44.84
OD1 HYP F 1883 -63.37 81.95 -44.03
N SER F 1884 -63.66 81.86 -48.84
CA SER F 1884 -63.70 81.73 -50.28
C SER F 1884 -64.29 82.97 -50.93
N HYP F 1885 -63.74 83.34 -52.08
CA HYP F 1885 -64.11 84.58 -52.77
C HYP F 1885 -65.59 84.68 -53.14
O HYP F 1885 -66.05 83.85 -53.90
CB HYP F 1885 -63.19 84.63 -54.00
CG HYP F 1885 -62.21 83.50 -53.76
CD HYP F 1885 -62.29 83.29 -52.27
OD1 HYP F 1885 -60.90 83.87 -54.18
N ALA F 1886 -66.30 85.67 -52.61
CA ALA F 1886 -67.71 85.86 -52.93
C ALA F 1886 -67.89 86.09 -54.43
N HYP F 1887 -68.97 85.54 -54.97
CA HYP F 1887 -69.17 85.49 -56.42
C HYP F 1887 -69.18 86.83 -57.18
O HYP F 1887 -69.18 87.87 -56.54
CB HYP F 1887 -70.51 84.74 -56.54
CG HYP F 1887 -70.49 83.80 -55.35
CD HYP F 1887 -69.20 84.14 -54.61
OD1 HYP F 1887 -70.47 82.46 -55.77
N HYP F 1888 -69.16 86.77 -58.51
CA HYP F 1888 -69.24 87.98 -59.34
C HYP F 1888 -70.36 88.97 -59.00
O HYP F 1888 -71.51 88.55 -59.01
CB HYP F 1888 -69.36 87.41 -60.75
CG HYP F 1888 -68.32 86.32 -60.69
CD HYP F 1888 -68.62 85.68 -59.34
OD1 HYP F 1888 -67.05 86.93 -60.68
N SER F 1889 -70.03 90.22 -58.70
CA SER F 1889 -71.05 91.23 -58.45
C SER F 1889 -71.86 91.49 -59.72
N HYP F 1890 -72.97 92.19 -59.56
CA HYP F 1890 -73.83 92.49 -60.70
C HYP F 1890 -73.30 93.59 -61.63
O HYP F 1890 -72.32 94.21 -61.29
CB HYP F 1890 -75.19 92.83 -60.08
CG HYP F 1890 -75.15 92.07 -58.76
CD HYP F 1890 -73.85 91.29 -58.81
OD1 HYP F 1890 -76.27 91.19 -58.67
N ASN F 1891 -73.95 93.79 -62.77
CA ASN F 1891 -73.51 94.79 -63.75
C ASN F 1891 -74.49 95.94 -63.81
N HYP F 1892 -74.03 97.11 -64.25
CA HYP F 1892 -74.91 98.26 -64.36
C HYP F 1892 -76.00 98.11 -65.45
O HYP F 1892 -75.80 97.33 -66.36
CB HYP F 1892 -73.96 99.42 -64.65
CG HYP F 1892 -72.67 98.99 -63.97
CD HYP F 1892 -73.01 97.65 -63.33
OD1 HYP F 1892 -72.29 99.96 -62.99
N HYP F 1893 -77.12 98.80 -65.29
CA HYP F 1893 -78.16 98.79 -66.33
C HYP F 1893 -77.78 99.59 -67.59
O HYP F 1893 -76.77 100.28 -67.54
CB HYP F 1893 -79.40 99.32 -65.60
CG HYP F 1893 -79.15 98.90 -64.16
CD HYP F 1893 -77.83 98.14 -64.20
OD1 HYP F 1893 -80.21 98.06 -63.70
N HYP F 1894 -78.55 99.49 -68.66
CA HYP F 1894 -78.27 100.25 -69.88
C HYP F 1894 -78.08 101.76 -69.68
O HYP F 1894 -78.94 102.37 -69.08
CB HYP F 1894 -79.44 99.91 -70.81
CG HYP F 1894 -79.62 98.44 -70.49
CD HYP F 1894 -79.56 98.45 -68.98
OD1 HYP F 1894 -78.49 97.75 -70.99
N THR F 1895 -76.98 102.31 -70.17
CA THR F 1895 -76.73 103.75 -70.06
C THR F 1895 -77.84 104.54 -70.74
N SER F 1896 -77.89 105.84 -70.46
CA SER F 1896 -78.93 106.68 -71.01
C SER F 1896 -78.60 107.11 -72.44
N HYP F 1897 -79.62 107.30 -73.25
CA HYP F 1897 -79.45 107.85 -74.60
C HYP F 1897 -79.07 109.33 -74.57
O HYP F 1897 -79.11 109.92 -73.51
CB HYP F 1897 -80.76 107.58 -75.33
CG HYP F 1897 -81.55 106.75 -74.34
CD HYP F 1897 -80.47 106.12 -73.49
OD1 HYP F 1897 -82.33 105.78 -75.02
N HYP F 1898 -78.70 109.90 -75.71
CA HYP F 1898 -78.34 111.33 -75.75
C HYP F 1898 -79.53 112.28 -75.84
O HYP F 1898 -80.65 111.80 -75.92
CB HYP F 1898 -77.39 111.43 -76.95
CG HYP F 1898 -76.90 110.01 -77.14
CD HYP F 1898 -77.40 109.28 -75.90
OD1 HYP F 1898 -75.48 109.97 -77.22
N HYP F 1899 -79.29 113.58 -75.79
CA HYP F 1899 -80.38 114.55 -75.96
C HYP F 1899 -80.94 114.60 -77.39
O HYP F 1899 -80.16 114.81 -78.30
CB HYP F 1899 -79.74 115.86 -75.50
CG HYP F 1899 -78.78 115.41 -74.40
CD HYP F 1899 -78.86 113.90 -74.43
OD1 HYP F 1899 -79.23 115.91 -73.16
N SER F 1900 -82.24 114.39 -77.55
CA SER F 1900 -82.85 114.41 -78.88
C SER F 1900 -82.59 115.74 -79.57
N HYP F 1901 -82.38 115.68 -80.88
CA HYP F 1901 -82.00 116.87 -81.65
C HYP F 1901 -82.95 118.07 -81.59
O HYP F 1901 -84.05 117.93 -81.10
CB HYP F 1901 -81.87 116.32 -83.08
CG HYP F 1901 -81.44 114.88 -82.87
CD HYP F 1901 -81.38 114.73 -81.36
OD1 HYP F 1901 -80.19 114.67 -83.48
N HYP F 1902 -82.48 119.23 -82.06
CA HYP F 1902 -83.39 120.36 -82.27
C HYP F 1902 -84.25 120.18 -83.53
O HYP F 1902 -83.83 119.42 -84.39
CB HYP F 1902 -82.48 121.60 -82.36
CG HYP F 1902 -81.25 121.13 -81.61
CD HYP F 1902 -81.11 119.72 -82.16
OD1 HYP F 1902 -81.55 121.07 -80.23
N HYP F 1903 -85.41 120.81 -83.60
CA HYP F 1903 -86.31 120.61 -84.75
C HYP F 1903 -85.74 121.16 -86.06
O HYP F 1903 -85.37 122.32 -86.10
CB HYP F 1903 -87.63 121.28 -84.33
CG HYP F 1903 -87.47 121.36 -82.83
CD HYP F 1903 -86.04 121.80 -82.71
OD1 HYP F 1903 -87.59 120.06 -82.27
N SER F 1904 -85.69 120.33 -87.10
CA SER F 1904 -85.04 120.69 -88.36
C SER F 1904 -85.62 121.95 -88.98
N HYP F 1905 -84.85 122.60 -89.85
CA HYP F 1905 -85.32 123.79 -90.53
C HYP F 1905 -86.47 123.57 -91.54
O HYP F 1905 -86.79 122.44 -91.80
CB HYP F 1905 -84.04 124.33 -91.19
CG HYP F 1905 -82.99 124.04 -90.14
CD HYP F 1905 -83.69 123.14 -89.12
OD1 HYP F 1905 -82.58 125.25 -89.51
N HYP F 1906 -87.06 124.65 -92.05
CA HYP F 1906 -88.09 124.55 -93.08
C HYP F 1906 -87.54 124.71 -94.51
O HYP F 1906 -86.36 124.98 -94.64
CB HYP F 1906 -89.10 125.63 -92.71
CG HYP F 1906 -88.78 125.95 -91.26
CD HYP F 1906 -87.88 124.80 -90.84
OD1 HYP F 1906 -89.97 126.03 -90.49
N HYP F 1907 -88.38 124.54 -95.52
CA HYP F 1907 -87.94 124.80 -96.90
C HYP F 1907 -87.64 126.28 -97.17
O HYP F 1907 -87.94 127.08 -96.31
CB HYP F 1907 -89.08 124.26 -97.79
CG HYP F 1907 -89.62 123.13 -96.91
CD HYP F 1907 -89.67 123.82 -95.57
OD1 HYP F 1907 -88.68 122.07 -96.87
N HYP F 1908 -87.03 126.61 -98.30
CA HYP F 1908 -86.60 128.00 -98.55
C HYP F 1908 -87.70 128.93 -99.06
O HYP F 1908 -87.37 130.03 -99.50
CB HYP F 1908 -85.44 127.87 -99.55
CG HYP F 1908 -84.96 126.46 -99.29
CD HYP F 1908 -86.27 125.73 -99.22
OD1 HYP F 1908 -84.35 126.41 -98.00
N ARG F 1909 -88.95 128.51 -98.97
CA ARG F 1909 -90.13 129.29 -99.39
C ARG F 1909 -90.16 129.56 -100.89
N HYP F 1910 -91.34 129.85 -101.41
CA HYP F 1910 -91.51 130.06 -102.85
C HYP F 1910 -91.16 131.46 -103.37
O HYP F 1910 -90.75 132.29 -102.58
CB HYP F 1910 -92.99 129.71 -103.11
CG HYP F 1910 -93.35 128.81 -101.93
CD HYP F 1910 -92.01 128.55 -101.26
OD1 HYP F 1910 -93.96 127.61 -102.39
N HYP F 1911 -91.30 131.68 -104.67
CA HYP F 1911 -91.06 133.01 -105.27
C HYP F 1911 -92.32 133.86 -105.48
O HYP F 1911 -93.39 133.42 -105.09
CB HYP F 1911 -90.34 132.70 -106.58
CG HYP F 1911 -89.74 131.33 -106.34
CD HYP F 1911 -89.98 131.08 -104.87
OD1 HYP F 1911 -88.36 131.34 -106.65
N HYP F 1912 -92.18 135.03 -106.08
CA HYP F 1912 -93.33 135.90 -106.34
C HYP F 1912 -94.08 135.58 -107.65
O HYP F 1912 -93.49 134.95 -108.51
CB HYP F 1912 -92.75 137.32 -106.32
CG HYP F 1912 -91.47 137.16 -105.51
CD HYP F 1912 -91.56 135.74 -104.98
OD1 HYP F 1912 -91.43 138.11 -104.45
N HYP F 1913 -95.34 135.99 -107.75
CA HYP F 1913 -96.13 135.71 -108.95
C HYP F 1913 -95.79 136.56 -110.18
O HYP F 1913 -95.63 137.75 -110.03
CB HYP F 1913 -97.57 135.92 -108.48
CG HYP F 1913 -97.51 135.63 -106.99
CD HYP F 1913 -96.08 135.18 -106.76
OD1 HYP F 1913 -98.45 134.62 -106.65
N HYP F 1914 -95.72 135.94 -111.36
CA HYP F 1914 -95.49 136.67 -112.61
C HYP F 1914 -96.49 137.82 -112.85
O HYP F 1914 -97.67 137.57 -112.80
CB HYP F 1914 -95.61 135.61 -113.72
CG HYP F 1914 -95.53 134.30 -112.95
CD HYP F 1914 -96.32 134.65 -111.71
OD1 HYP F 1914 -94.17 134.06 -112.60
N HYP F 1915 -95.99 139.02 -113.11
CA HYP F 1915 -96.85 140.18 -113.37
C HYP F 1915 -97.97 139.96 -114.39
O HYP F 1915 -97.69 139.37 -115.42
CB HYP F 1915 -95.87 141.28 -113.80
CG HYP F 1915 -94.55 140.85 -113.21
CD HYP F 1915 -94.91 139.66 -112.35
OD1 HYP F 1915 -93.98 141.91 -112.45
N HYP F 1916 -99.18 140.45 -114.12
CA HYP F 1916 -100.30 140.32 -115.05
C HYP F 1916 -100.03 140.95 -116.43
O HYP F 1916 -99.05 141.65 -116.56
CB HYP F 1916 -101.48 141.02 -114.35
CG HYP F 1916 -100.89 141.47 -113.02
CD HYP F 1916 -99.45 141.69 -113.39
OD1 HYP F 1916 -101.00 140.40 -112.09
N HYP F 1917 -100.87 140.67 -117.42
CA HYP F 1917 -100.72 141.32 -118.74
C HYP F 1917 -101.14 142.80 -118.72
O HYP F 1917 -101.63 143.25 -117.71
CB HYP F 1917 -101.57 140.49 -119.71
CG HYP F 1917 -101.82 139.22 -118.93
CD HYP F 1917 -102.02 139.75 -117.54
OD1 HYP F 1917 -100.66 138.40 -118.99
N HYP F 1918 -100.94 143.51 -119.83
CA HYP F 1918 -101.42 144.90 -119.95
C HYP F 1918 -102.93 145.09 -119.87
O HYP F 1918 -103.64 144.36 -120.55
CB HYP F 1918 -100.81 145.36 -121.27
CG HYP F 1918 -99.42 144.78 -121.13
CD HYP F 1918 -99.71 143.38 -120.64
OD1 HYP F 1918 -98.75 145.52 -120.12
N SER F 1919 -103.40 146.04 -119.08
CA SER F 1919 -104.83 146.32 -118.98
C SER F 1919 -105.37 146.75 -120.34
N HYP F 1920 -106.59 146.29 -120.64
CA HYP F 1920 -107.15 146.46 -121.99
C HYP F 1920 -107.44 147.90 -122.43
O HYP F 1920 -107.27 148.80 -121.62
CB HYP F 1920 -108.44 145.62 -121.98
CG HYP F 1920 -108.16 144.64 -120.85
CD HYP F 1920 -107.56 145.57 -119.82
OD1 HYP F 1920 -107.19 143.71 -121.28
N HYP F 1921 -107.82 148.08 -123.69
CA HYP F 1921 -108.16 149.41 -124.21
C HYP F 1921 -109.48 149.99 -123.72
O HYP F 1921 -110.16 149.33 -122.96
CB HYP F 1921 -108.11 149.16 -125.72
CG HYP F 1921 -106.88 148.27 -125.87
CD HYP F 1921 -106.65 147.70 -124.48
OD1 HYP F 1921 -105.77 149.08 -126.26
N HYP F 1922 -109.83 151.21 -124.14
CA HYP F 1922 -111.12 151.80 -123.77
C HYP F 1922 -112.17 151.61 -124.88
O HYP F 1922 -111.80 151.17 -125.95
CB HYP F 1922 -110.83 153.29 -123.49
CG HYP F 1922 -109.32 153.32 -123.50
CD HYP F 1922 -109.00 152.34 -124.59
OD1 HYP F 1922 -108.84 152.82 -122.27
N HYP F 1923 -113.43 151.91 -124.61
CA HYP F 1923 -114.47 151.79 -125.64
C HYP F 1923 -114.35 152.85 -126.74
O HYP F 1923 -114.49 154.02 -126.44
CB HYP F 1923 -115.79 151.84 -124.88
CG HYP F 1923 -115.38 151.18 -123.58
CD HYP F 1923 -114.10 151.93 -123.29
OD1 HYP F 1923 -115.07 149.83 -123.85
N ASN F 1924 -114.07 152.42 -127.98
CA ASN F 1924 -113.86 153.33 -129.09
C ASN F 1924 -115.04 154.29 -129.23
N ARG F 1925 -114.81 155.53 -128.84
CA ARG F 1925 -115.88 156.53 -128.82
C ARG F 1925 -116.36 156.81 -130.24
N SER F 1926 -117.67 156.70 -130.43
CA SER F 1926 -118.27 156.89 -131.75
C SER F 1926 -118.15 158.34 -132.19
N HYP F 1927 -118.10 158.56 -133.50
CA HYP F 1927 -118.01 159.93 -134.03
C HYP F 1927 -119.23 160.81 -133.75
O HYP F 1927 -120.21 160.31 -133.21
CB HYP F 1927 -117.76 159.72 -135.53
CG HYP F 1927 -117.09 158.36 -135.59
CD HYP F 1927 -116.92 157.97 -134.13
OD1 HYP F 1927 -115.84 158.46 -136.26
N HYP F 1928 -119.15 162.09 -134.10
CA HYP F 1928 -120.28 163.01 -133.90
C HYP F 1928 -121.30 162.97 -135.04
O HYP F 1928 -121.04 162.29 -136.03
CB HYP F 1928 -119.63 164.40 -133.73
CG HYP F 1928 -118.15 164.08 -133.55
CD HYP F 1928 -118.16 162.62 -133.16
OD1 HYP F 1928 -117.56 164.90 -132.56
N HYP F 1929 -122.42 163.67 -134.90
CA HYP F 1929 -123.44 163.66 -135.96
C HYP F 1929 -123.17 164.66 -137.09
O HYP F 1929 -122.33 165.52 -136.90
CB HYP F 1929 -124.76 163.94 -135.21
CG HYP F 1929 -124.42 163.63 -133.77
CD HYP F 1929 -123.10 162.90 -133.85
OD1 HYP F 1929 -125.44 162.84 -133.17
N HYP F 1930 -123.83 164.51 -138.23
CA HYP F 1930 -123.66 165.45 -139.35
C HYP F 1930 -124.32 166.81 -139.12
O HYP F 1930 -125.05 166.94 -138.15
CB HYP F 1930 -124.22 164.72 -140.58
CG HYP F 1930 -124.13 163.27 -140.15
CD HYP F 1930 -124.59 163.35 -138.72
OD1 HYP F 1930 -122.77 162.84 -140.19
N HYP F 1931 -124.07 167.78 -139.99
CA HYP F 1931 -124.69 169.10 -139.86
C HYP F 1931 -126.11 169.16 -140.45
O HYP F 1931 -126.50 168.21 -141.10
CB HYP F 1931 -123.71 170.06 -140.54
CG HYP F 1931 -122.41 169.25 -140.61
CD HYP F 1931 -122.67 168.08 -139.68
OD1 HYP F 1931 -121.28 170.01 -140.24
N HYP F 1932 -126.86 170.23 -140.18
CA HYP F 1932 -128.24 170.32 -140.69
C HYP F 1932 -128.35 170.56 -142.20
O HYP F 1932 -127.33 170.73 -142.84
CB HYP F 1932 -128.87 171.45 -139.87
CG HYP F 1932 -128.13 171.33 -138.56
CD HYP F 1932 -126.71 171.17 -139.06
OD1 HYP F 1932 -128.54 170.14 -137.90
N ALA F 1933 -129.57 170.55 -142.73
CA ALA F 1933 -129.78 170.79 -144.16
C ALA F 1933 -129.37 172.20 -144.53
N SER F 1934 -128.25 172.32 -145.24
CA SER F 1934 -127.75 173.63 -145.62
C SER F 1934 -128.73 174.32 -146.57
N SER F 1935 -128.95 175.60 -146.34
CA SER F 1935 -129.84 176.37 -147.19
C SER F 1935 -129.19 176.61 -148.56
N HYP G 1 39.41 -46.63 57.23
CA HYP G 1 39.53 -45.54 56.26
C HYP G 1 38.44 -44.47 56.35
O HYP G 1 37.44 -44.69 57.00
CB HYP G 1 39.50 -46.22 54.89
CG HYP G 1 39.42 -47.70 55.24
CD HYP G 1 38.66 -47.67 56.53
OD1 HYP G 1 40.74 -48.19 55.46
N HYP G 2 38.65 -43.33 55.69
CA HYP G 2 37.61 -42.28 55.62
C HYP G 2 36.61 -42.52 54.48
O HYP G 2 36.86 -43.40 53.67
CB HYP G 2 38.37 -40.96 55.47
CG HYP G 2 39.74 -41.31 56.02
CD HYP G 2 39.94 -42.68 55.42
OD1 HYP G 2 39.64 -41.43 57.44
N HYP G 3 35.51 -41.78 54.44
CA HYP G 3 34.52 -41.95 53.37
C HYP G 3 34.92 -41.24 52.07
O HYP G 3 35.89 -40.49 52.11
CB HYP G 3 33.20 -41.43 53.95
CG HYP G 3 33.47 -41.47 55.44
CD HYP G 3 34.89 -40.95 55.49
OD1 HYP G 3 33.43 -42.81 55.90
N HYP G 4 34.23 -41.48 50.96
CA HYP G 4 34.60 -40.85 49.69
C HYP G 4 34.00 -39.44 49.57
O HYP G 4 33.27 -39.06 50.45
CB HYP G 4 34.07 -41.81 48.61
CG HYP G 4 33.33 -42.88 49.40
CD HYP G 4 32.95 -42.12 50.64
OD1 HYP G 4 34.21 -43.94 49.76
N HYP G 5 34.34 -38.67 48.53
CA HYP G 5 33.80 -37.32 48.38
C HYP G 5 32.47 -37.18 47.63
O HYP G 5 32.06 -38.15 47.00
CB HYP G 5 34.94 -36.56 47.70
CG HYP G 5 36.18 -37.25 48.23
CD HYP G 5 35.65 -38.36 49.12
OD1 HYP G 5 36.97 -36.33 48.97
N HYP G 6 31.82 -36.03 47.71
CA HYP G 6 30.63 -35.75 46.89
C HYP G 6 30.89 -35.79 45.38
O HYP G 6 32.05 -35.86 44.99
CB HYP G 6 30.15 -34.37 47.33
CG HYP G 6 30.55 -34.36 48.80
CD HYP G 6 31.94 -34.96 48.73
OD1 HYP G 6 29.67 -35.20 49.51
N HYP G 7 29.85 -35.74 44.56
CA HYP G 7 30.03 -35.55 43.12
C HYP G 7 30.13 -34.07 42.70
O HYP G 7 29.86 -33.22 43.52
CB HYP G 7 28.82 -36.26 42.53
CG HYP G 7 28.68 -37.48 43.44
CD HYP G 7 29.60 -37.18 44.61
OD1 HYP G 7 29.15 -38.62 42.73
N HYP G 8 30.55 -33.80 41.47
CA HYP G 8 30.50 -32.42 40.97
C HYP G 8 29.06 -31.99 40.64
O HYP G 8 28.20 -32.85 40.63
CB HYP G 8 31.41 -32.40 39.74
CG HYP G 8 32.34 -33.58 40.01
CD HYP G 8 31.34 -34.60 40.53
OD1 HYP G 8 33.24 -33.23 41.04
N HYP G 9 28.83 -30.70 40.40
CA HYP G 9 27.51 -30.27 39.95
C HYP G 9 27.23 -30.61 38.48
O HYP G 9 28.14 -31.02 37.80
CB HYP G 9 27.49 -28.76 40.21
CG HYP G 9 28.31 -28.69 41.48
CD HYP G 9 29.46 -29.59 41.14
OD1 HYP G 9 27.55 -29.24 42.54
N HYP G 10 25.99 -30.48 38.04
CA HYP G 10 25.69 -30.53 36.60
C HYP G 10 26.04 -29.18 35.96
O HYP G 10 26.50 -28.32 36.69
CB HYP G 10 24.21 -30.88 36.49
CG HYP G 10 23.88 -31.35 37.91
CD HYP G 10 24.69 -30.38 38.72
OD1 HYP G 10 24.39 -32.66 38.11
N HYP G 11 25.85 -29.00 34.67
CA HYP G 11 26.19 -27.71 34.04
C HYP G 11 25.25 -26.54 34.40
O HYP G 11 25.11 -26.27 35.58
CB HYP G 11 26.23 -28.05 32.56
CG HYP G 11 26.97 -29.38 32.61
CD HYP G 11 26.24 -30.09 33.74
OD1 HYP G 11 28.31 -29.13 32.98
N GLY G 12 24.65 -25.87 33.43
CA GLY G 12 23.89 -24.67 33.74
C GLY G 12 22.60 -24.44 32.99
N THR G 13 21.93 -25.52 32.59
CA THR G 13 20.66 -25.47 31.85
C THR G 13 20.78 -24.73 30.51
N HYP G 14 19.82 -24.96 29.62
CA HYP G 14 19.86 -24.35 28.30
C HYP G 14 19.17 -22.98 28.15
O HYP G 14 18.12 -22.81 28.75
CB HYP G 14 19.25 -25.43 27.41
CG HYP G 14 19.80 -26.71 27.99
CD HYP G 14 20.34 -26.31 29.36
OD1 HYP G 14 20.86 -27.20 27.19
N ASP G 15 19.74 -22.07 27.38
CA ASP G 15 19.07 -20.83 27.05
C ASP G 15 17.75 -21.13 26.35
N GLN G 16 16.81 -20.19 26.41
CA GLN G 16 15.51 -20.41 25.78
C GLN G 16 15.55 -19.97 24.33
N HYP G 17 14.60 -20.48 23.55
CA HYP G 17 14.59 -20.27 22.10
C HYP G 17 14.55 -18.80 21.62
O HYP G 17 13.64 -18.09 22.02
CB HYP G 17 13.36 -21.08 21.67
CG HYP G 17 13.42 -22.30 22.58
CD HYP G 17 14.47 -21.94 23.64
OD1 HYP G 17 13.85 -23.44 21.85
N ALA G 18 15.50 -18.41 20.79
CA ALA G 18 15.54 -17.06 20.25
C ALA G 18 14.25 -16.72 19.52
N ALA G 19 13.76 -15.51 19.75
CA ALA G 19 12.46 -15.09 19.22
C ALA G 19 12.55 -14.78 17.73
N HYP G 20 11.47 -15.04 17.00
CA HYP G 20 11.39 -14.66 15.58
C HYP G 20 11.41 -13.14 15.37
O HYP G 20 11.30 -12.41 16.35
CB HYP G 20 10.09 -15.29 15.05
CG HYP G 20 9.67 -16.20 16.18
CD HYP G 20 10.10 -15.42 17.39
OD1 HYP G 20 10.40 -17.42 16.11
N ALA G 21 11.57 -12.67 14.14
CA ALA G 21 11.70 -11.24 13.87
C ALA G 21 10.34 -10.53 13.87
N ALA G 22 10.32 -9.33 13.30
CA ALA G 22 9.10 -8.54 13.25
C ALA G 22 8.48 -8.59 11.87
N HYP G 23 7.31 -7.96 11.71
CA HYP G 23 6.60 -7.85 10.43
C HYP G 23 7.45 -7.39 9.23
O HYP G 23 8.57 -6.96 9.43
CB HYP G 23 6.09 -9.27 10.29
CG HYP G 23 5.52 -9.54 11.69
CD HYP G 23 6.39 -8.69 12.61
OD1 HYP G 23 5.57 -10.92 11.98
N ALA G 24 6.91 -7.51 8.02
CA ALA G 24 7.62 -7.08 6.82
C ALA G 24 7.35 -5.59 6.55
N ALA G 25 6.75 -4.93 7.53
CA ALA G 25 6.55 -3.48 7.52
C ALA G 25 5.66 -2.98 6.37
N HYP G 26 4.39 -2.74 6.68
CA HYP G 26 3.49 -2.10 5.73
C HYP G 26 2.99 -3.05 4.64
O HYP G 26 3.80 -3.75 4.07
CB HYP G 26 2.34 -1.75 6.71
CG HYP G 26 2.23 -3.00 7.56
CD HYP G 26 3.54 -3.74 7.32
OD1 HYP G 26 1.13 -3.78 7.13
N ALA G 27 1.68 -3.04 4.35
CA ALA G 27 1.15 -3.80 3.24
C ALA G 27 1.52 -3.12 1.92
N ALA G 28 0.55 -2.96 1.03
CA ALA G 28 0.77 -2.18 -0.18
C ALA G 28 0.83 -0.70 0.20
N HYP G 29 1.49 0.09 -0.64
CA HYP G 29 1.57 1.54 -0.40
C HYP G 29 0.26 2.30 -0.67
O HYP G 29 -0.78 1.68 -0.67
CB HYP G 29 2.73 2.00 -1.29
CG HYP G 29 3.55 0.73 -1.49
CD HYP G 29 2.91 -0.26 -0.53
OD1 HYP G 29 4.92 0.95 -1.18
N ALA G 30 0.36 3.61 -0.89
CA ALA G 30 -0.82 4.45 -1.11
C ALA G 30 -1.66 3.95 -2.29
N ALA G 31 -2.93 3.68 -2.02
CA ALA G 31 -3.87 3.30 -3.07
C ALA G 31 -4.45 4.55 -3.70
N HYP G 32 -4.34 4.65 -5.02
CA HYP G 32 -4.88 5.81 -5.77
C HYP G 32 -6.36 6.08 -5.50
O HYP G 32 -7.16 5.19 -5.68
CB HYP G 32 -4.62 5.49 -7.25
CG HYP G 32 -3.67 4.31 -7.19
CD HYP G 32 -4.21 3.55 -5.99
OD1 HYP G 32 -2.36 4.79 -6.90
N HYP G 33 -6.68 7.30 -5.08
CA HYP G 33 -8.08 7.67 -4.75
C HYP G 33 -9.03 7.50 -5.94
O HYP G 33 -8.55 7.28 -7.04
CB HYP G 33 -8.02 9.13 -4.27
CG HYP G 33 -6.69 9.59 -4.86
CD HYP G 33 -5.82 8.39 -4.60
OD1 HYP G 33 -6.23 10.76 -4.22
N HYP G 34 -10.33 7.59 -5.73
CA HYP G 34 -11.29 7.52 -6.85
C HYP G 34 -11.11 8.65 -7.88
O HYP G 34 -10.36 9.57 -7.61
CB HYP G 34 -12.66 7.51 -6.20
CG HYP G 34 -12.37 6.77 -4.90
CD HYP G 34 -11.09 7.43 -4.47
OD1 HYP G 34 -12.13 5.40 -5.20
N ALA G 35 -11.79 8.55 -9.02
CA ALA G 35 -11.59 9.52 -10.09
C ALA G 35 -12.43 10.77 -9.87
N LEU G 36 -12.08 11.84 -10.58
CA LEU G 36 -12.87 13.05 -10.58
C LEU G 36 -13.70 13.07 -11.86
N HYP G 37 -14.60 12.10 -11.98
CA HYP G 37 -15.30 11.86 -13.25
C HYP G 37 -16.19 13.02 -13.72
O HYP G 37 -16.34 13.98 -13.00
CB HYP G 37 -16.15 10.60 -13.00
CG HYP G 37 -16.07 10.40 -11.50
CD HYP G 37 -15.63 11.75 -11.00
OD1 HYP G 37 -15.08 9.44 -11.20
N GLY G 38 -16.74 12.90 -14.93
CA GLY G 38 -17.70 13.85 -15.42
C GLY G 38 -17.16 15.19 -15.87
N ALA G 39 -17.59 15.61 -17.05
CA ALA G 39 -17.35 16.95 -17.58
C ALA G 39 -18.40 17.21 -18.65
N HYP G 40 -19.40 18.02 -18.32
CA HYP G 40 -20.60 18.13 -19.16
C HYP G 40 -20.40 18.68 -20.58
O HYP G 40 -19.28 19.02 -20.92
CB HYP G 40 -21.53 19.01 -18.31
CG HYP G 40 -21.08 18.74 -16.88
CD HYP G 40 -20.00 17.68 -17.04
OD1 HYP G 40 -22.17 18.25 -16.11
N HYP G 41 -21.46 18.73 -21.37
CA HYP G 41 -21.36 19.33 -22.71
C HYP G 41 -21.71 20.82 -22.78
O HYP G 41 -22.17 21.35 -21.79
CB HYP G 41 -22.31 18.47 -23.55
CG HYP G 41 -22.29 17.13 -22.85
CD HYP G 41 -21.27 17.32 -21.72
OD1 HYP G 41 -21.87 16.11 -23.73
N HYP G 42 -21.44 21.46 -23.91
CA HYP G 42 -21.77 22.88 -24.07
C HYP G 42 -23.19 23.13 -24.59
O HYP G 42 -23.60 22.43 -25.49
CB HYP G 42 -20.67 23.39 -25.01
CG HYP G 42 -19.48 22.50 -24.68
CD HYP G 42 -20.01 21.55 -23.61
OD1 HYP G 42 -18.40 23.27 -24.19
N HYP G 43 -23.91 24.09 -24.02
CA HYP G 43 -25.23 24.47 -24.54
C HYP G 43 -25.20 24.80 -26.04
O HYP G 43 -24.19 25.30 -26.49
CB HYP G 43 -25.68 25.67 -23.71
CG HYP G 43 -24.66 25.71 -22.58
CD HYP G 43 -23.40 25.29 -23.31
OD1 HYP G 43 -25.00 24.72 -21.62
N HYP G 44 -26.28 24.53 -26.77
CA HYP G 44 -26.32 24.90 -28.20
C HYP G 44 -26.24 26.41 -28.43
O HYP G 44 -26.24 27.14 -27.46
CB HYP G 44 -27.63 24.31 -28.73
CG HYP G 44 -28.03 23.34 -27.62
CD HYP G 44 -27.63 24.13 -26.40
OD1 HYP G 44 -27.20 22.19 -27.71
N HYP G 45 -26.19 26.85 -29.68
CA HYP G 45 -26.14 28.28 -29.97
C HYP G 45 -27.51 28.97 -30.06
O HYP G 45 -28.50 28.27 -30.06
CB HYP G 45 -25.35 28.35 -31.28
CG HYP G 45 -24.47 27.12 -31.23
CD HYP G 45 -24.78 26.50 -29.87
OD1 HYP G 45 -23.11 27.49 -31.32
N HYP G 46 -27.56 30.30 -30.11
CA HYP G 46 -28.84 30.99 -30.34
C HYP G 46 -29.30 30.90 -31.79
O HYP G 46 -28.56 30.35 -32.59
CB HYP G 46 -28.60 32.45 -29.92
CG HYP G 46 -27.36 32.33 -29.04
CD HYP G 46 -26.55 31.33 -29.82
OD1 HYP G 46 -27.74 31.78 -27.79
N HYP G 47 -30.48 31.40 -32.11
CA HYP G 47 -30.91 31.45 -33.51
C HYP G 47 -30.46 32.71 -34.26
O HYP G 47 -29.86 33.57 -33.63
CB HYP G 47 -32.43 31.32 -33.40
CG HYP G 47 -32.61 30.42 -32.19
CD HYP G 47 -31.20 30.21 -31.66
OD1 HYP G 47 -33.18 29.18 -32.60
N HYP G 48 -30.73 32.80 -35.55
CA HYP G 48 -30.43 34.02 -36.29
C HYP G 48 -31.54 35.08 -36.29
O HYP G 48 -32.65 34.73 -35.89
CB HYP G 48 -30.10 33.51 -37.71
CG HYP G 48 -29.58 32.10 -37.45
CD HYP G 48 -29.57 31.99 -35.94
OD1 HYP G 48 -28.27 31.96 -37.98
N HYP G 49 -31.25 36.31 -36.67
CA HYP G 49 -32.30 37.33 -36.80
C HYP G 49 -33.09 37.17 -38.11
O HYP G 49 -32.73 36.34 -38.91
CB HYP G 49 -31.57 38.68 -36.74
CG HYP G 49 -30.23 38.30 -36.15
CD HYP G 49 -29.96 36.99 -36.84
OD1 HYP G 49 -30.38 38.07 -34.75
N HYP G 50 -34.15 37.96 -38.29
CA HYP G 50 -34.88 37.94 -39.56
C HYP G 50 -34.41 38.98 -40.59
O HYP G 50 -33.70 39.88 -40.21
CB HYP G 50 -36.35 38.15 -39.13
CG HYP G 50 -36.37 37.65 -37.71
CD HYP G 50 -34.99 37.05 -37.50
OD1 HYP G 50 -37.38 36.66 -37.55
N HYP G 51 -34.80 38.82 -41.84
CA HYP G 51 -34.49 39.82 -42.86
C HYP G 51 -35.28 41.12 -42.67
O HYP G 51 -36.18 41.12 -41.85
CB HYP G 51 -34.82 39.15 -44.21
CG HYP G 51 -34.73 37.67 -43.84
CD HYP G 51 -35.42 37.66 -42.51
OD1 HYP G 51 -33.36 37.33 -43.70
N HYP G 52 -34.94 42.19 -43.37
CA HYP G 52 -35.74 43.42 -43.30
C HYP G 52 -37.05 43.33 -44.10
O HYP G 52 -37.20 42.36 -44.83
CB HYP G 52 -34.82 44.54 -43.81
CG HYP G 52 -33.44 43.94 -43.57
CD HYP G 52 -33.66 42.52 -44.04
OD1 HYP G 52 -33.17 43.96 -42.17
N GLY G 53 -37.95 44.29 -43.94
CA GLY G 53 -39.18 44.29 -44.69
C GLY G 53 -38.94 44.63 -46.15
N VAL G 54 -39.99 44.55 -46.95
CA VAL G 54 -39.90 44.91 -48.36
C VAL G 54 -40.41 46.35 -48.52
N HYP G 55 -39.91 47.05 -49.52
CA HYP G 55 -40.29 48.45 -49.74
C HYP G 55 -41.75 48.65 -50.17
O HYP G 55 -42.44 47.68 -50.40
CB HYP G 55 -39.29 48.97 -50.79
CG HYP G 55 -38.29 47.84 -50.92
CD HYP G 55 -38.45 47.10 -49.61
OD1 HYP G 55 -36.97 48.36 -51.09
N HYP G 56 -42.20 49.90 -50.25
CA HYP G 56 -43.54 50.21 -50.77
C HYP G 56 -43.53 50.70 -52.23
O HYP G 56 -43.01 51.77 -52.47
CB HYP G 56 -44.12 51.27 -49.81
CG HYP G 56 -43.11 51.30 -48.67
CD HYP G 56 -42.41 49.96 -48.80
OD1 HYP G 56 -43.75 51.46 -47.42
N ALA G 57 -44.07 49.90 -53.15
CA ALA G 57 -44.08 50.26 -54.56
C ALA G 57 -44.89 51.54 -54.77
N ALA G 58 -44.21 52.68 -54.74
CA ALA G 58 -44.85 53.98 -54.79
C ALA G 58 -44.99 54.42 -56.24
N ALA G 59 -46.07 53.97 -56.89
CA ALA G 59 -46.41 54.49 -58.20
C ALA G 59 -47.87 54.25 -58.55
N ALA G 60 -48.60 55.32 -58.88
CA ALA G 60 -50.01 55.18 -59.28
C ALA G 60 -50.24 55.63 -60.72
N ALA G 61 -49.91 56.88 -61.05
CA ALA G 61 -50.15 57.44 -62.38
C ALA G 61 -49.60 58.85 -62.50
N ALA G 62 -49.74 59.45 -63.68
CA ALA G 62 -49.44 60.86 -63.89
C ALA G 62 -50.67 61.72 -64.09
N ALA G 63 -51.81 61.12 -64.43
CA ALA G 63 -53.15 61.68 -64.53
C ALA G 63 -53.34 62.57 -65.77
N ALA G 64 -52.30 62.84 -66.56
CA ALA G 64 -52.42 63.55 -67.83
C ALA G 64 -53.21 64.87 -67.77
N ALA H 35 80.09 -103.58 119.05
CA ALA H 35 79.06 -103.26 118.06
C ALA H 35 79.23 -101.82 117.57
N LEU H 36 78.60 -101.50 116.44
CA LEU H 36 78.67 -100.17 115.88
C LEU H 36 77.29 -99.57 115.72
N HYP H 37 77.09 -98.38 116.25
CA HYP H 37 75.77 -97.72 116.18
C HYP H 37 75.80 -96.38 115.43
O HYP H 37 76.88 -95.87 115.18
CB HYP H 37 75.33 -97.52 117.64
CG HYP H 37 76.48 -98.12 118.44
CD HYP H 37 77.66 -97.90 117.52
OD1 HYP H 37 76.25 -99.51 118.61
N GLY H 38 74.63 -95.87 115.06
CA GLY H 38 74.53 -94.57 114.42
C GLY H 38 74.40 -94.57 112.91
N ALA H 39 73.17 -94.52 112.41
CA ALA H 39 72.90 -94.41 110.99
C ALA H 39 71.84 -93.35 110.72
N HYP H 40 72.25 -92.22 110.14
CA HYP H 40 71.32 -91.11 109.92
C HYP H 40 70.28 -91.31 108.81
O HYP H 40 70.31 -92.35 108.16
CB HYP H 40 72.25 -89.92 109.62
CG HYP H 40 73.54 -90.29 110.34
CD HYP H 40 73.20 -91.58 111.06
OD1 HYP H 40 73.90 -89.27 111.25
N HYP H 41 69.37 -90.35 108.64
CA HYP H 41 68.43 -90.38 107.50
C HYP H 41 68.87 -89.47 106.36
O HYP H 41 69.78 -88.68 106.55
CB HYP H 41 67.08 -89.98 108.09
CG HYP H 41 67.30 -90.08 109.60
CD HYP H 41 68.54 -90.94 109.70
OD1 HYP H 41 66.17 -90.68 110.22
N HYP H 42 68.23 -89.57 105.19
CA HYP H 42 68.61 -88.73 104.06
C HYP H 42 68.00 -87.31 104.12
O HYP H 42 67.10 -87.11 104.92
CB HYP H 42 68.14 -89.53 102.84
CG HYP H 42 68.14 -90.96 103.33
CD HYP H 42 68.73 -90.87 104.73
OD1 HYP H 42 68.94 -91.79 102.48
N HYP H 43 68.53 -86.37 103.36
CA HYP H 43 67.92 -85.03 103.30
C HYP H 43 66.61 -85.01 102.51
O HYP H 43 66.34 -85.98 101.83
CB HYP H 43 68.99 -84.13 102.66
CG HYP H 43 70.25 -84.95 102.80
CD HYP H 43 69.74 -86.34 102.53
OD1 HYP H 43 70.71 -84.87 104.15
N HYP H 44 65.82 -83.95 102.62
CA HYP H 44 64.61 -83.83 101.79
C HYP H 44 64.94 -83.48 100.33
O HYP H 44 66.11 -83.34 100.03
CB HYP H 44 63.75 -82.76 102.48
CG HYP H 44 64.29 -82.79 103.89
CD HYP H 44 65.77 -82.88 103.64
OD1 HYP H 44 63.83 -83.96 104.55
N HYP H 45 63.93 -83.37 99.46
CA HYP H 45 64.20 -83.00 98.08
C HYP H 45 64.20 -81.49 97.77
O HYP H 45 63.73 -80.73 98.60
CB HYP H 45 63.10 -83.75 97.31
CG HYP H 45 62.94 -85.03 98.12
CD HYP H 45 63.86 -84.84 99.31
OD1 HYP H 45 63.35 -86.15 97.34
N HYP H 46 64.73 -81.09 96.61
CA HYP H 46 64.62 -79.70 96.17
C HYP H 46 63.19 -79.26 95.86
O HYP H 46 62.30 -80.10 95.92
CB HYP H 46 65.53 -79.61 94.93
CG HYP H 46 66.58 -80.65 95.25
CD HYP H 46 65.73 -81.79 95.78
OD1 HYP H 46 67.42 -80.15 96.29
N HYP H 47 62.96 -77.99 95.55
CA HYP H 47 61.65 -77.55 95.09
C HYP H 47 61.46 -77.59 93.56
O HYP H 47 62.39 -77.98 92.87
CB HYP H 47 61.54 -76.15 95.66
CG HYP H 47 62.25 -76.27 97.00
CD HYP H 47 62.86 -77.67 96.97
OD1 HYP H 47 61.31 -76.16 98.06
N HYP H 48 60.29 -77.20 93.07
CA HYP H 48 60.09 -77.06 91.64
C HYP H 48 60.33 -75.65 91.11
O HYP H 48 60.39 -74.73 91.90
CB HYP H 48 58.66 -77.56 91.42
CG HYP H 48 58.47 -78.56 92.55
CD HYP H 48 59.80 -78.56 93.27
OD1 HYP H 48 58.16 -79.84 92.02
N HYP H 49 60.49 -75.49 89.79
CA HYP H 49 60.58 -74.15 89.20
C HYP H 49 59.19 -73.54 88.98
O HYP H 49 58.22 -74.26 89.12
CB HYP H 49 61.36 -74.32 87.89
CG HYP H 49 61.96 -75.71 88.05
CD HYP H 49 60.84 -76.44 88.74
OD1 HYP H 49 63.08 -75.64 88.92
N HYP H 50 59.11 -72.25 88.69
CA HYP H 50 57.81 -71.63 88.44
C HYP H 50 57.30 -71.80 87.00
O HYP H 50 58.07 -72.23 86.16
CB HYP H 50 58.02 -70.16 88.84
CG HYP H 50 59.16 -70.25 89.86
CD HYP H 50 59.39 -71.73 90.03
OD1 HYP H 50 58.76 -69.63 91.08
N HYP H 51 56.04 -71.49 86.75
CA HYP H 51 55.49 -71.58 85.39
C HYP H 51 56.00 -70.48 84.44
O HYP H 51 56.74 -69.63 84.91
CB HYP H 51 53.97 -71.54 85.58
CG HYP H 51 53.81 -72.11 86.98
CD HYP H 51 54.93 -71.39 87.71
OD1 HYP H 51 54.07 -73.51 86.94
N HYP H 52 55.64 -70.51 83.17
CA HYP H 52 56.01 -69.42 82.25
C HYP H 52 55.17 -68.15 82.43
O HYP H 52 54.21 -68.18 83.18
CB HYP H 52 55.88 -70.04 80.86
CG HYP H 52 56.26 -71.47 81.13
CD HYP H 52 55.46 -71.75 82.39
OD1 HYP H 52 57.65 -71.54 81.44
N GLY H 53 55.53 -67.06 81.75
CA GLY H 53 54.80 -65.82 81.84
C GLY H 53 53.79 -65.65 80.72
N VAL H 54 52.59 -65.21 81.08
CA VAL H 54 51.51 -65.05 80.12
C VAL H 54 51.89 -64.05 79.03
N HYP H 55 51.24 -64.14 77.87
CA HYP H 55 51.54 -63.24 76.76
C HYP H 55 50.92 -61.84 76.86
O HYP H 55 50.11 -61.63 77.75
CB HYP H 55 51.05 -64.00 75.50
CG HYP H 55 50.80 -65.41 76.02
CD HYP H 55 51.59 -65.45 77.31
OD1 HYP H 55 51.23 -66.37 75.08
N HYP H 56 51.31 -60.93 75.98
CA HYP H 56 50.70 -59.59 75.92
C HYP H 56 49.52 -59.50 74.95
O HYP H 56 49.72 -59.75 73.78
CB HYP H 56 51.85 -58.63 75.57
CG HYP H 56 53.08 -59.52 75.69
CD HYP H 56 52.61 -60.65 76.58
OD1 HYP H 56 54.16 -58.79 76.26
N ALA H 57 48.34 -59.14 75.45
CA ALA H 57 47.14 -59.08 74.61
C ALA H 57 47.31 -58.07 73.47
N ALA H 58 47.74 -58.57 72.31
CA ALA H 58 47.95 -57.72 71.14
C ALA H 58 46.60 -57.42 70.51
N ALA H 59 45.91 -56.44 71.08
CA ALA H 59 44.62 -56.03 70.54
C ALA H 59 44.78 -55.43 69.16
N ALA H 60 43.87 -55.78 68.26
CA ALA H 60 43.87 -55.23 66.92
C ALA H 60 43.43 -53.76 66.95
N ALA H 61 43.42 -53.14 65.78
CA ALA H 61 43.05 -51.74 65.65
C ALA H 61 41.79 -51.61 64.81
N ALA H 62 41.05 -50.53 65.05
CA ALA H 62 39.88 -50.24 64.22
C ALA H 62 40.30 -50.02 62.77
N ALA H 63 41.28 -49.15 62.54
CA ALA H 63 41.91 -48.97 61.24
C ALA H 63 40.88 -48.72 60.14
N ALA H 64 39.89 -47.88 60.44
CA ALA H 64 38.85 -47.57 59.48
C ALA H 64 39.26 -46.41 58.57
N HYP I 1 -52.56 66.01 -68.10
CA HYP I 1 -53.22 67.31 -68.31
C HYP I 1 -54.38 67.34 -69.32
O HYP I 1 -54.28 66.66 -70.33
CB HYP I 1 -52.09 68.25 -68.79
CG HYP I 1 -50.85 67.38 -68.68
CD HYP I 1 -51.39 66.01 -68.99
OD1 HYP I 1 -50.36 67.42 -67.34
N HYP I 2 -55.44 68.10 -69.04
CA HYP I 2 -56.59 68.23 -69.96
C HYP I 2 -56.24 68.73 -71.37
O HYP I 2 -55.11 69.14 -71.58
CB HYP I 2 -57.55 69.20 -69.26
CG HYP I 2 -57.15 69.06 -67.81
CD HYP I 2 -55.64 69.02 -67.92
OD1 HYP I 2 -57.64 67.83 -67.30
N HYP I 3 -57.18 68.68 -72.30
CA HYP I 3 -56.96 69.22 -73.66
C HYP I 3 -57.03 70.75 -73.72
O HYP I 3 -57.41 71.35 -72.74
CB HYP I 3 -58.02 68.55 -74.53
CG HYP I 3 -58.34 67.30 -73.74
CD HYP I 3 -58.40 67.85 -72.35
OD1 HYP I 3 -57.26 66.39 -73.85
N HYP I 4 -56.66 71.35 -74.85
CA HYP I 4 -56.75 72.80 -75.00
C HYP I 4 -58.14 73.27 -75.47
O HYP I 4 -58.96 72.43 -75.76
CB HYP I 4 -55.66 73.20 -76.02
CG HYP I 4 -54.97 71.88 -76.33
CD HYP I 4 -56.08 70.89 -76.13
OD1 HYP I 4 -53.92 71.64 -75.38
N HYP I 5 -58.38 74.59 -75.52
CA HYP I 5 -59.68 75.09 -75.94
C HYP I 5 -59.86 75.22 -77.47
O HYP I 5 -58.90 74.96 -78.17
CB HYP I 5 -59.76 76.43 -75.20
CG HYP I 5 -59.18 76.11 -73.84
CD HYP I 5 -58.36 74.84 -74.06
OD1 HYP I 5 -60.21 75.84 -72.91
N HYP I 6 -61.04 75.61 -77.95
CA HYP I 6 -61.22 75.85 -79.37
C HYP I 6 -60.94 77.29 -79.84
O HYP I 6 -60.67 78.13 -79.00
CB HYP I 6 -62.67 75.43 -79.59
CG HYP I 6 -62.81 74.22 -78.69
CD HYP I 6 -61.54 74.24 -77.84
OD1 HYP I 6 -62.86 73.04 -79.48
N HYP I 7 -60.95 77.55 -81.14
CA HYP I 7 -60.76 78.91 -81.66
C HYP I 7 -62.03 79.78 -81.66
O HYP I 7 -63.09 79.26 -81.36
CB HYP I 7 -60.21 78.72 -83.07
CG HYP I 7 -59.48 77.40 -82.94
CD HYP I 7 -60.49 76.59 -82.17
OD1 HYP I 7 -58.32 77.60 -82.16
N HYP I 8 -61.90 81.06 -81.96
CA HYP I 8 -63.08 81.93 -82.17
C HYP I 8 -63.50 82.00 -83.64
O HYP I 8 -62.66 81.76 -84.49
CB HYP I 8 -62.68 83.30 -81.61
CG HYP I 8 -61.45 82.98 -80.77
CD HYP I 8 -60.77 81.95 -81.63
OD1 HYP I 8 -61.88 82.39 -79.56
N HYP I 9 -64.76 82.31 -83.91
CA HYP I 9 -65.23 82.43 -85.30
C HYP I 9 -64.59 83.57 -86.10
O HYP I 9 -63.85 84.34 -85.51
CB HYP I 9 -66.75 82.61 -85.20
CG HYP I 9 -67.06 81.98 -83.86
CD HYP I 9 -65.92 82.52 -83.03
OD1 HYP I 9 -66.94 80.57 -83.98
N HYP I 10 -64.84 83.63 -87.40
CA HYP I 10 -64.47 84.82 -88.18
C HYP I 10 -65.53 85.92 -88.02
O HYP I 10 -66.50 85.65 -87.36
CB HYP I 10 -64.30 84.34 -89.63
CG HYP I 10 -64.22 82.83 -89.45
CD HYP I 10 -65.25 82.61 -88.37
OD1 HYP I 10 -62.93 82.49 -88.95
N HYP I 11 -65.34 87.10 -88.60
CA HYP I 11 -66.31 88.20 -88.41
C HYP I 11 -67.69 88.00 -89.05
O HYP I 11 -68.31 86.98 -88.79
CB HYP I 11 -65.55 89.41 -88.93
CG HYP I 11 -64.18 89.15 -88.33
CD HYP I 11 -63.97 87.68 -88.64
OD1 HYP I 11 -64.25 89.35 -86.93
N GLY I 12 -68.16 88.95 -89.86
CA GLY I 12 -69.53 88.92 -90.32
C GLY I 12 -69.77 88.96 -91.81
N THR I 13 -68.72 88.75 -92.61
CA THR I 13 -68.77 88.77 -94.08
C THR I 13 -69.17 90.15 -94.61
N HYP I 14 -68.68 90.50 -95.80
CA HYP I 14 -68.93 91.84 -96.33
C HYP I 14 -70.32 92.04 -96.96
O HYP I 14 -70.96 91.05 -97.24
CB HYP I 14 -67.78 92.04 -97.32
CG HYP I 14 -66.63 91.29 -96.67
CD HYP I 14 -67.25 90.57 -95.48
OD1 HYP I 14 -65.63 92.20 -96.23
N ASP I 15 -70.75 93.28 -97.14
CA ASP I 15 -72.03 93.54 -97.78
C ASP I 15 -71.84 93.76 -99.27
N GLN I 16 -72.86 93.42 -100.04
CA GLN I 16 -72.85 93.60 -101.48
C GLN I 16 -72.71 95.08 -101.83
N HYP I 17 -72.02 95.36 -102.93
CA HYP I 17 -71.78 96.74 -103.35
C HYP I 17 -73.05 97.56 -103.64
O HYP I 17 -73.81 97.16 -104.49
CB HYP I 17 -70.87 96.60 -104.58
CG HYP I 17 -70.24 95.21 -104.39
CD HYP I 17 -70.67 94.80 -103.00
OD1 HYP I 17 -68.83 95.28 -104.52
N ALA I 18 -73.22 98.66 -102.92
CA ALA I 18 -74.43 99.49 -103.05
C ALA I 18 -74.67 99.91 -104.49
N ALA I 19 -75.87 99.60 -104.98
CA ALA I 19 -76.24 99.88 -106.36
C ALA I 19 -76.21 101.38 -106.65
N HYP I 20 -76.14 101.74 -107.93
CA HYP I 20 -76.16 103.16 -108.32
C HYP I 20 -77.60 103.69 -108.47
O HYP I 20 -78.52 102.93 -108.24
CB HYP I 20 -75.40 103.23 -109.66
CG HYP I 20 -75.01 101.78 -109.92
CD HYP I 20 -76.12 101.03 -109.22
OD1 HYP I 20 -73.77 101.49 -109.30
N ALA I 21 -77.76 104.96 -108.83
CA ALA I 21 -79.10 105.56 -108.92
C ALA I 21 -79.75 105.25 -110.27
N ALA I 22 -80.61 106.15 -110.72
CA ALA I 22 -81.38 105.92 -111.95
C ALA I 22 -81.05 106.94 -113.03
N HYP I 23 -81.68 106.78 -114.19
CA HYP I 23 -81.59 107.72 -115.32
C HYP I 23 -81.78 109.21 -114.99
O HYP I 23 -82.10 109.52 -113.85
CB HYP I 23 -80.17 107.39 -115.81
CG HYP I 23 -80.20 105.88 -115.82
CD HYP I 23 -81.20 105.50 -114.74
OD1 HYP I 23 -78.90 105.35 -115.57
N ALA I 24 -81.61 110.09 -115.97
CA ALA I 24 -81.72 111.53 -115.74
C ALA I 24 -83.11 112.04 -116.07
N ALA I 25 -84.09 111.14 -116.08
CA ALA I 25 -85.51 111.49 -116.21
C ALA I 25 -85.84 112.27 -117.48
N HYP I 26 -86.26 111.56 -118.53
CA HYP I 26 -86.71 112.22 -119.76
C HYP I 26 -85.53 112.63 -120.64
O HYP I 26 -84.40 112.34 -120.28
CB HYP I 26 -87.53 111.13 -120.47
CG HYP I 26 -86.93 109.85 -119.91
CD HYP I 26 -86.82 110.21 -118.45
OD1 HYP I 26 -85.64 109.67 -120.46
N ALA I 27 -85.80 113.30 -121.76
CA ALA I 27 -84.76 113.79 -122.64
C ALA I 27 -85.19 115.11 -123.27
N ALA I 28 -86.01 115.02 -124.31
CA ALA I 28 -86.60 116.20 -124.92
C ALA I 28 -88.06 116.30 -124.49
N HYP I 29 -88.39 117.39 -123.80
CA HYP I 29 -89.77 117.61 -123.34
C HYP I 29 -90.83 117.62 -124.45
O HYP I 29 -91.73 116.80 -124.40
CB HYP I 29 -89.71 118.94 -122.56
CG HYP I 29 -88.22 119.15 -122.35
CD HYP I 29 -87.62 117.79 -122.63
OD1 HYP I 29 -87.96 119.60 -121.03
N ALA I 30 -90.68 118.51 -125.42
CA ALA I 30 -91.62 118.58 -126.54
C ALA I 30 -90.98 119.30 -127.73
N ALA I 31 -90.51 118.53 -128.69
CA ALA I 31 -89.91 119.08 -129.90
C ALA I 31 -90.94 119.92 -130.66
N HYP I 32 -90.48 121.01 -131.26
CA HYP I 32 -91.37 121.95 -131.95
C HYP I 32 -92.12 121.39 -133.17
O HYP I 32 -91.49 120.79 -134.03
CB HYP I 32 -90.45 123.13 -132.33
CG HYP I 32 -89.25 122.95 -131.41
CD HYP I 32 -89.72 121.93 -130.40
OD1 HYP I 32 -88.91 124.18 -130.80
N HYP I 33 -93.43 121.61 -133.24
CA HYP I 33 -94.24 121.14 -134.37
C HYP I 33 -93.87 121.79 -135.72
O HYP I 33 -93.04 122.68 -135.72
CB HYP I 33 -95.69 121.44 -133.97
CG HYP I 33 -95.57 122.01 -132.57
CD HYP I 33 -94.28 121.38 -132.07
OD1 HYP I 33 -96.69 121.66 -131.76
N HYP I 34 -94.47 121.34 -136.81
CA HYP I 34 -94.18 121.92 -138.14
C HYP I 34 -95.28 122.87 -138.66
O HYP I 34 -96.24 123.05 -137.93
CB HYP I 34 -93.99 120.73 -139.08
CG HYP I 34 -93.83 119.57 -138.11
CD HYP I 34 -94.83 119.94 -137.04
OD1 HYP I 34 -92.52 119.58 -137.57
O5 FUB J . 94.03 -95.63 97.79
C5 FUB J . 95.11 -95.02 98.47
C4 FUB J . 95.12 -95.39 99.93
O4 FUB J . 96.29 -94.82 100.57
C3 FUB J . 95.25 -96.88 100.20
O3 FUB J . 94.88 -97.14 101.55
C2 FUB J . 96.75 -97.08 100.00
O2 FUB J . 97.11 -97.42 98.68
C1 FUB J . 97.37 -95.76 100.49
O5 FUB J . 96.20 -101.40 96.82
C5 FUB J . 97.44 -101.76 97.42
C4 FUB J . 98.26 -100.54 97.78
O4 FUB J . 97.58 -99.71 98.74
C3 FUB J . 98.56 -99.59 96.62
O3 FUB J . 99.58 -100.07 95.75
C2 FUB J . 98.95 -98.32 97.38
O2 FUB J . 98.76 -97.14 96.61
C1 FUB J . 98.14 -98.39 98.69
O5 FUB J . 100.42 -99.74 93.54
C5 FUB J . 101.50 -98.82 93.48
C4 FUB J . 101.15 -97.53 94.18
O4 FUB J . 100.80 -97.76 95.56
C3 FUB J . 99.94 -96.77 93.62
O3 FUB J . 100.23 -96.11 92.39
C2 FUB J . 99.64 -95.84 94.79
O2 FUB J . 98.33 -95.31 94.74
C1 FUB J . 99.98 -96.68 96.03
O5 FUB K . 103.05 -90.45 92.69
C5 FUB K . 102.82 -90.28 91.30
C4 FUB K . 101.91 -91.33 90.70
O4 FUB K . 100.70 -91.46 91.47
C3 FUB K . 102.48 -92.76 90.66
O3 FUB K . 101.81 -93.51 89.67
C2 FUB K . 102.12 -93.25 92.05
O2 FUB K . 103.12 -92.93 93.01
C1 FUB K . 100.77 -92.60 92.33
O5 FUB K . 106.91 -92.81 93.83
C5 FUB K . 107.14 -94.18 93.54
C4 FUB K . 105.87 -95.00 93.65
O4 FUB K . 104.85 -94.48 92.74
C3 FUB K . 105.21 -95.03 95.03
O3 FUB K . 104.48 -96.23 95.16
C2 FUB K . 104.24 -93.86 94.93
O2 FUB K . 104.90 -92.62 95.06
C1 FUB K . 103.70 -94.11 93.51
O5 FUB K . 107.57 -91.89 96.05
C5 FUB K . 107.43 -91.72 97.46
C4 FUB K . 106.01 -91.41 97.88
O4 FUB K . 105.09 -92.40 97.36
C3 FUB K . 105.45 -90.08 97.41
O3 FUB K . 104.38 -89.67 98.26
C2 FUB K . 104.91 -90.44 96.03
O2 FUB K . 105.88 -90.26 95.03
C1 FUB K . 104.45 -91.90 96.19
O5 FUB L . 104.00 -82.54 101.26
C5 FUB L . 104.05 -83.01 99.91
C4 FUB L . 103.55 -84.44 99.81
O4 FUB L . 103.62 -84.92 98.45
C3 FUB L . 104.33 -85.48 100.61
O3 FUB L . 105.73 -85.30 100.40
C2 FUB L . 103.84 -86.76 99.95
O2 FUB L . 102.66 -87.24 100.57
C1 FUB L . 103.62 -86.35 98.48
O5 FUB L . 105.31 -88.71 103.62
C5 FUB L . 104.98 -90.01 103.16
C4 FUB L . 103.76 -89.98 102.27
O4 FUB L . 103.98 -89.08 101.14
C3 FUB L . 102.47 -89.47 102.91
O3 FUB L . 101.86 -90.42 103.76
C2 FUB L . 101.65 -89.13 101.66
O2 FUB L . 100.58 -88.23 101.91
C1 FUB L . 102.69 -88.65 100.65
O5 FUB L . 98.49 -91.33 103.70
C5 FUB L . 97.62 -91.31 102.59
C4 FUB L . 97.81 -90.06 101.77
O4 FUB L . 99.16 -89.95 101.27
C3 FUB L . 97.57 -88.73 102.49
O3 FUB L . 96.20 -88.44 102.72
C2 FUB L . 98.26 -87.76 101.54
O2 FUB L . 98.54 -86.51 102.12
C1 FUB L . 99.49 -88.56 101.07
O5 AHR L . 93.20 -89.98 106.16
C5 AHR L . 93.20 -88.56 106.06
C4 AHR L . 93.95 -88.10 104.84
O4 AHR L . 95.33 -88.52 104.88
C3 AHR L . 94.03 -86.58 104.63
O3 AHR L . 92.82 -86.01 104.15
C2 AHR L . 95.21 -86.47 103.68
O2 AHR L . 95.89 -85.23 103.80
C1 AHR L . 96.06 -87.72 103.93
O5 FUB M . 91.47 -83.53 101.52
C5 FUB M . 91.11 -84.76 100.90
C4 FUB M . 92.29 -85.70 100.85
O4 FUB M . 93.40 -85.09 100.17
C3 FUB M . 92.05 -87.03 100.12
O3 FUB M . 91.32 -87.96 100.89
C2 FUB M . 93.50 -87.45 99.85
O2 FUB M . 93.63 -88.41 98.82
C1 FUB M . 94.23 -86.12 99.62
O5 FUB M . 93.17 -91.77 100.29
C5 FUB M . 93.83 -91.62 99.04
C4 FUB M . 95.23 -91.10 99.24
O4 FUB M . 95.18 -89.81 99.89
C3 FUB M . 96.01 -90.84 97.95
O3 FUB M . 97.39 -90.74 98.26
C2 FUB M . 95.51 -89.46 97.57
O2 FUB M . 94.65 -89.46 96.45
C1 FUB M . 94.97 -88.84 98.87
O5 FUB M . 94.48 -92.72 93.15
C5 FUB M . 95.72 -92.12 92.78
C4 FUB M . 95.85 -90.74 93.37
O4 FUB M . 95.76 -90.78 94.82
C3 FUB M . 94.77 -89.73 92.98
O3 FUB M . 94.92 -89.23 91.66
C2 FUB M . 94.92 -88.68 94.08
O2 FUB M . 93.75 -87.94 94.32
C1 FUB M . 95.50 -89.46 95.28
O5 AHR M . 94.56 -93.52 89.44
C5 AHR M . 93.97 -92.49 88.66
C4 AHR M . 94.30 -91.12 89.20
O4 AHR M . 93.82 -90.97 90.54
C3 AHR M . 93.71 -89.93 88.46
O3 AHR M . 94.38 -89.65 87.23
C2 AHR M . 93.85 -88.83 89.51
O2 AHR M . 92.92 -87.78 89.33
C1 AHR M . 93.79 -89.56 90.86
O5 AHR M . 93.31 -79.67 103.16
C5 AHR M . 92.09 -79.42 102.47
C4 AHR M . 91.44 -80.72 102.02
O4 AHR M . 92.29 -81.44 101.11
C3 AHR M . 90.11 -80.59 101.28
O3 AHR M . 89.00 -80.38 102.14
C2 AHR M . 90.07 -81.89 100.49
O2 AHR M . 89.55 -81.73 99.18
C1 AHR M . 91.49 -82.48 100.56
O5 FUB N . 101.21 -76.04 91.63
C5 FUB N . 102.22 -77.05 91.65
C4 FUB N . 101.78 -78.24 92.46
O4 FUB N . 100.60 -78.85 91.89
C3 FUB N . 101.39 -77.95 93.91
O3 FUB N . 102.51 -77.74 94.76
C2 FUB N . 100.58 -79.21 94.25
O2 FUB N . 99.72 -79.05 95.35
C1 FUB N . 99.94 -79.61 92.91
O5 FUB N . 103.85 -81.80 96.19
C5 FUB N . 103.45 -80.69 96.97
C4 FUB N . 101.95 -80.73 97.25
O4 FUB N . 101.19 -80.74 96.03
C3 FUB N . 101.38 -79.56 98.05
O3 FUB N . 101.72 -79.61 99.42
C2 FUB N . 99.90 -79.72 97.74
O2 FUB N . 99.08 -78.63 98.14
C1 FUB N . 99.91 -80.14 96.26
C6 GZL N . 98.20 -82.90 98.16
C5 GZL N . 97.56 -81.85 99.07
C4 GZL N . 96.58 -80.89 98.41
C3 GZL N . 96.17 -79.89 99.66
C2 GZL N . 97.17 -79.19 99.89
O6 GZL N . 99.58 -82.83 98.40
O5 GZL N . 96.91 -82.35 100.24
O4 GZL N . 97.18 -80.15 97.57
O3 GZL N . 95.04 -79.01 99.26
C1 GZL N . 97.68 -78.96 98.38
O2 GZL N . 98.29 -79.65 100.80
O5 FUB O . 86.95 -81.38 86.42
C5 FUB O . 86.71 -82.11 87.62
C4 FUB O . 87.93 -82.06 88.52
O4 FUB O . 88.15 -80.73 89.02
C3 FUB O . 89.26 -82.43 87.86
O3 FUB O . 89.40 -83.84 87.64
C2 FUB O . 90.26 -81.81 88.83
O2 FUB O . 91.46 -81.45 88.19
C1 FUB O . 89.50 -80.67 89.52
O5 FUB O . 92.81 -84.98 86.26
C5 FUB O . 93.78 -85.07 87.28
C4 FUB O . 93.88 -83.77 88.05
O4 FUB O . 92.61 -83.41 88.64
C3 FUB O . 94.29 -82.54 87.24
O3 FUB O . 95.67 -82.52 86.90
C2 FUB O . 93.84 -81.42 88.18
O2 FUB O . 93.67 -80.18 87.52
C1 FUB O . 92.58 -81.99 88.86
O5 FUB O . 97.74 -81.06 85.94
C5 FUB O . 98.13 -79.96 86.74
C4 FUB O . 96.93 -79.13 87.16
O4 FUB O . 95.98 -79.93 87.90
C3 FUB O . 96.10 -78.54 86.02
O3 FUB O . 96.73 -77.43 85.39
C2 FUB O . 94.80 -78.20 86.75
O2 FUB O . 93.69 -78.11 85.88
C1 FUB O . 94.70 -79.27 87.85
O5 FUB P . 95.67 -71.03 83.69
C5 FUB P . 96.04 -72.32 83.21
C4 FUB P . 95.73 -73.39 84.23
O4 FUB P . 94.33 -73.41 84.58
C3 FUB P . 96.45 -73.28 85.57
O3 FUB P . 97.82 -73.64 85.51
C2 FUB P . 95.59 -74.18 86.44
O2 FUB P . 95.61 -73.85 87.81
C1 FUB P . 94.20 -74.18 85.78
O5 FUB P . 99.71 -74.69 88.45
C5 FUB P . 99.27 -75.88 89.10
C4 FUB P . 97.80 -75.82 89.42
O4 FUB P . 97.00 -75.63 88.22
C3 FUB P . 97.36 -74.68 90.34
O3 FUB P . 97.69 -74.92 91.71
C2 FUB P . 95.86 -74.65 90.06
O2 FUB P . 95.24 -73.43 90.44
C1 FUB P . 95.76 -75.01 88.58
O5 FUB P . 97.13 -72.45 95.06
C5 FUB P . 96.33 -71.55 94.32
C4 FUB P . 95.19 -72.27 93.63
O4 FUB P . 95.68 -73.28 92.72
C3 FUB P . 94.28 -71.40 92.77
O3 FUB P . 93.39 -70.60 93.54
C2 FUB P . 93.59 -72.48 91.92
O2 FUB P . 93.02 -71.98 90.73
C1 FUB P . 94.67 -73.55 91.74
O5 FUB Q . 88.66 -66.40 93.78
C5 FUB Q . 90.01 -66.58 94.15
C4 FUB Q . 90.52 -67.94 93.73
O4 FUB Q . 90.41 -68.12 92.30
C3 FUB Q . 89.77 -69.14 94.31
O3 FUB Q . 90.06 -69.38 95.69
C2 FUB Q . 90.22 -70.24 93.36
O2 FUB Q . 89.31 -71.32 93.29
C1 FUB Q . 90.49 -69.53 92.03
O5 FUB Q . 90.42 -72.38 97.10
C5 FUB Q . 91.07 -73.52 96.55
C4 FUB Q . 90.65 -73.75 95.11
O4 FUB Q . 90.93 -72.59 94.30
C3 FUB Q . 89.15 -74.00 94.89
O3 FUB Q . 88.76 -75.31 95.25
C2 FUB Q . 89.01 -73.69 93.41
O2 FUB Q . 87.69 -73.41 93.02
C1 FUB Q . 90.01 -72.53 93.19
O5 FUB Q . 86.40 -77.14 93.97
C5 FUB Q . 86.19 -77.41 92.58
C4 FUB Q . 86.27 -76.13 91.77
O4 FUB Q . 87.55 -75.47 91.97
C3 FUB Q . 85.23 -75.06 92.10
O3 FUB Q . 83.94 -75.36 91.58
C2 FUB Q . 85.89 -73.83 91.48
O2 FUB Q . 85.35 -72.61 91.94
C1 FUB Q . 87.38 -74.06 91.80
O5 FUB R . 79.84 -72.86 86.00
C5 FUB R . 79.76 -73.54 87.24
C4 FUB R . 81.14 -73.81 87.81
O4 FUB R . 81.85 -72.58 88.07
C3 FUB R . 82.08 -74.60 86.90
O3 FUB R . 81.78 -75.98 86.83
C2 FUB R . 83.44 -74.27 87.53
O2 FUB R . 84.49 -74.34 86.60
C1 FUB R . 83.25 -72.90 88.20
O5 FUB R . 84.22 -78.59 85.71
C5 FUB R . 85.32 -78.70 86.59
C4 FUB R . 86.00 -77.38 86.82
O4 FUB R . 85.09 -76.43 87.42
C3 FUB R . 86.50 -76.67 85.55
O3 FUB R . 87.69 -77.25 85.03
C2 FUB R . 86.65 -75.24 86.07
O2 FUB R . 86.62 -74.28 85.02
C1 FUB R . 85.56 -75.10 87.13
C6 GZL R . 90.01 -76.94 82.76
C5 GZL R . 88.99 -75.88 82.29
C4 GZL R . 89.15 -74.63 83.12
C3 GZL R . 88.08 -73.47 82.57
C2 GZL R . 87.86 -72.75 83.55
O6 GZL R . 91.20 -76.28 83.13
O5 GZL R . 87.70 -76.38 82.48
O4 GZL R . 88.84 -74.87 84.33
O3 GZL R . 88.71 -72.67 81.50
C1 GZL R . 87.91 -73.76 84.79
O2 GZL R . 86.49 -72.13 83.45
O5 FUB S . 88.69 -68.21 76.88
C5 FUB S . 87.74 -67.92 77.91
C4 FUB S . 87.91 -68.83 79.11
O4 FUB S . 86.85 -68.65 80.06
C3 FUB S . 89.19 -68.64 79.93
O3 FUB S . 90.34 -69.25 79.36
C2 FUB S . 88.78 -69.25 81.27
O2 FUB S . 89.36 -68.57 82.37
C1 FUB S . 87.24 -69.29 81.27
O5 FUB S . 92.84 -70.54 81.42
C5 FUB S . 92.70 -71.28 82.62
C4 FUB S . 91.67 -70.65 83.53
O4 FUB S . 90.38 -70.59 82.88
C3 FUB S . 91.95 -69.22 83.97
O3 FUB S . 92.95 -69.15 84.99
C2 FUB S . 90.56 -68.79 84.43
O2 FUB S . 90.42 -67.39 84.53
C1 FUB S . 89.63 -69.48 83.41
O5 FUB S . 93.54 -67.14 87.70
C5 FUB S . 92.43 -66.98 88.58
C4 FUB S . 91.18 -66.62 87.80
O4 FUB S . 90.89 -67.61 86.79
C3 FUB S . 91.22 -65.30 87.02
O3 FUB S . 91.09 -64.16 87.85
C2 FUB S . 90.07 -65.52 86.04
O2 FUB S . 90.21 -64.75 84.85
C1 FUB S . 89.99 -67.04 85.84
O5 AHR S . 93.82 -70.67 76.30
C5 AHR S . 94.23 -69.52 77.04
C4 AHR S . 93.27 -69.23 78.17
O4 AHR S . 91.94 -68.97 77.68
C3 AHR S . 93.59 -68.01 79.02
O3 AHR S . 94.68 -68.21 79.92
C2 AHR S . 92.25 -67.76 79.72
O2 AHR S . 92.07 -66.42 80.12
C1 AHR S . 91.20 -68.32 78.73
O5 FUB T . 86.15 -58.22 88.17
C5 FUB T . 87.53 -58.46 87.93
C4 FUB T . 87.79 -59.93 87.67
O4 FUB T . 87.12 -60.38 86.48
C3 FUB T . 87.30 -60.90 88.77
O3 FUB T . 88.12 -60.90 89.92
C2 FUB T . 87.28 -62.22 87.98
O2 FUB T . 86.30 -63.12 88.47
C1 FUB T . 87.11 -61.82 86.51
O5 FUB T . 88.97 -63.25 91.38
C5 FUB T . 89.20 -64.62 91.12
C4 FUB T . 88.16 -65.18 90.18
O4 FUB T . 88.13 -64.44 88.94
C3 FUB T . 86.72 -65.15 90.69
O3 FUB T . 86.45 -66.17 91.64
C2 FUB T . 85.96 -65.30 89.37
O2 FUB T . 84.60 -64.98 89.45
C1 FUB T . 86.80 -64.44 88.42
O5 FUB T . 82.68 -67.53 92.42
C5 FUB T . 82.27 -68.31 91.31
C4 FUB T . 82.43 -67.57 90.01
O4 FUB T . 83.80 -67.13 89.84
C3 FUB T . 81.61 -66.29 89.87
O3 FUB T . 80.23 -66.53 89.61
C2 FUB T . 82.35 -65.59 88.73
O2 FUB T . 82.13 -64.20 88.69
C1 FUB T . 83.81 -66.03 88.91
O5 FUB U . 74.82 -62.82 85.20
C5 FUB U . 74.85 -63.41 86.50
C4 FUB U . 76.13 -64.19 86.71
O4 FUB U . 77.29 -63.36 86.54
C3 FUB U . 76.36 -65.37 85.77
O3 FUB U . 75.53 -66.50 86.07
C2 FUB U . 77.85 -65.61 85.97
O2 FUB U . 78.47 -66.27 84.90
C1 FUB U . 78.42 -64.22 86.32
O5 FUB U . 77.94 -70.18 86.92
C5 FUB U . 79.30 -70.00 87.29
C4 FUB U . 79.97 -68.97 86.42
O4 FUB U . 79.33 -67.68 86.53
C3 FUB U . 79.97 -69.26 84.92
O3 FUB U . 80.91 -70.25 84.53
C2 FUB U . 80.23 -67.87 84.34
O2 FUB U . 79.77 -67.72 83.01
C1 FUB U . 79.65 -66.90 85.37
O5 FUB U . 81.47 -69.83 79.72
C5 FUB U . 82.17 -68.63 79.40
C4 FUB U . 81.62 -67.46 80.19
O4 FUB U . 81.63 -67.75 81.61
C3 FUB U . 80.17 -67.06 79.90
O3 FUB U . 80.00 -66.36 78.67
C2 FUB U . 79.86 -66.23 81.14
O2 FUB U . 78.47 -66.08 81.36
C1 FUB U . 80.65 -66.91 82.26
O5 AHR U . 80.42 -70.09 75.71
C5 AHR U . 79.51 -69.13 75.21
C4 AHR U . 79.52 -67.86 76.03
O4 AHR U . 79.16 -68.12 77.41
C3 AHR U . 78.54 -66.78 75.59
O3 AHR U . 78.96 -66.10 74.42
C2 AHR U . 78.45 -65.92 76.86
O2 AHR U . 77.21 -65.26 77.00
C1 AHR U . 78.84 -66.86 78.01
O5 AHR U . 75.23 -60.81 78.17
C5 AHR U . 75.12 -61.09 76.78
C4 AHR U . 75.39 -62.56 76.50
O4 AHR U . 76.73 -62.94 76.90
C3 AHR U . 75.31 -62.98 75.03
O3 AHR U . 73.96 -63.06 74.56
C2 AHR U . 76.04 -64.31 75.07
O2 AHR U . 76.51 -64.73 73.80
C1 AHR U . 77.12 -64.11 76.14
O5 FUB V . 85.81 -54.00 78.13
C5 FUB V . 86.75 -54.98 78.56
C4 FUB V . 86.06 -56.11 79.28
O4 FUB V . 85.06 -56.72 78.45
C3 FUB V . 85.32 -55.74 80.57
O3 FUB V . 86.19 -55.47 81.65
C2 FUB V . 84.44 -56.97 80.74
O2 FUB V . 83.32 -56.75 81.58
C1 FUB V . 84.10 -57.39 79.30
O5 FUB V . 85.79 -56.04 84.63
C5 FUB V . 85.39 -57.25 85.24
C4 FUB V . 84.15 -57.82 84.58
O4 FUB V . 84.39 -58.04 83.16
C3 FUB V . 82.89 -56.94 84.62
O3 FUB V . 82.25 -56.98 85.90
C2 FUB V . 82.09 -57.55 83.49
O2 FUB V . 80.99 -56.75 83.06
C1 FUB V . 83.16 -57.86 82.43
O5 FUB V . 78.41 -57.54 86.72
C5 FUB V . 77.83 -58.52 85.87
C4 FUB V . 78.17 -58.26 84.43
O4 FUB V . 79.60 -58.22 84.22
C3 FUB V . 77.67 -56.93 83.86
O3 FUB V . 76.29 -56.93 83.57
C2 FUB V . 78.58 -56.77 82.64
O2 FUB V . 78.79 -55.43 82.27
C1 FUB V . 79.85 -57.58 82.97
O5 FUB W . 75.31 -59.98 67.83
C5 FUB W . 74.74 -61.02 68.62
C4 FUB W . 75.30 -61.01 70.02
O4 FUB W . 75.02 -59.77 70.71
C3 FUB W . 76.82 -61.19 70.13
O3 FUB W . 77.23 -62.54 69.94
C2 FUB W . 77.06 -60.63 71.52
O2 FUB W . 78.43 -60.37 71.80
C1 FUB W . 76.15 -59.41 71.52
O5 FUB W . 80.92 -63.78 71.78
C5 FUB W . 80.80 -63.76 73.19
C4 FUB W . 80.25 -62.44 73.68
O4 FUB W . 78.94 -62.18 73.14
C3 FUB W . 81.07 -61.21 73.33
O3 FUB W . 82.25 -61.06 74.10
C2 FUB W . 80.04 -60.10 73.54
O2 FUB W . 80.37 -58.93 72.82
C1 FUB W . 78.71 -60.76 73.12
O5 FUB W . 84.25 -58.95 72.35
C5 FUB W . 84.36 -57.77 73.13
C4 FUB W . 83.00 -57.17 73.40
O4 FUB W . 82.13 -58.11 74.07
C3 FUB W . 82.21 -56.73 72.16
O3 FUB W . 82.70 -55.55 71.56
C2 FUB W . 80.82 -56.62 72.77
O2 FUB W . 79.79 -56.53 71.80
C1 FUB W . 80.77 -57.87 73.66
O5 AHR W . 87.05 -56.50 69.74
C5 AHR W . 86.30 -55.72 68.83
C4 AHR W . 85.03 -55.22 69.48
O4 AHR W . 84.21 -56.30 69.94
C3 AHR W . 84.08 -54.41 68.58
O3 AHR W . 84.54 -53.09 68.33
C2 AHR W . 82.78 -54.50 69.36
O2 AHR W . 81.64 -54.37 68.54
C1 AHR W . 82.89 -55.81 70.17
O5 FUB X . 81.13 -48.59 69.69
C5 FUB X . 82.05 -49.66 69.56
C4 FUB X . 81.65 -50.83 70.44
O4 FUB X . 80.30 -51.27 70.13
C3 FUB X . 81.64 -50.58 71.95
O3 FUB X . 82.94 -50.58 72.51
C2 FUB X . 80.75 -51.72 72.41
O2 FUB X . 80.28 -51.62 73.75
C1 FUB X . 79.66 -51.70 71.34
O5 FUB X . 84.03 -52.26 75.15
C5 FUB X . 83.63 -53.56 75.60
C4 FUB X . 82.13 -53.70 75.56
O4 FUB X . 81.61 -53.46 74.23
C3 FUB X . 81.34 -52.74 76.46
O3 FUB X . 81.37 -53.12 77.83
C2 FUB X . 79.96 -52.83 75.82
O2 FUB X . 79.10 -51.77 76.19
C1 FUB X . 80.28 -52.92 74.32
O5 FUB X . 77.49 -50.70 79.73
C5 FUB X . 76.23 -51.21 79.30
C4 FUB X . 76.25 -51.50 77.82
O4 FUB X . 77.28 -52.44 77.48
C3 FUB X . 76.52 -50.30 76.90
O3 FUB X . 75.41 -49.41 76.79
C2 FUB X . 76.90 -51.01 75.61
O2 FUB X . 77.53 -50.17 74.67
C1 FUB X . 77.74 -52.18 76.14
O5 AHR X . 73.51 -46.26 80.04
C5 AHR X . 73.98 -45.58 78.89
C4 AHR X . 74.28 -46.56 77.77
O4 AHR X . 75.29 -47.50 78.16
C3 AHR X . 74.81 -45.96 76.47
O3 AHR X . 73.81 -45.29 75.71
C2 AHR X . 75.40 -47.19 75.80
O2 AHR X . 76.38 -46.88 74.83
C1 AHR X . 75.86 -48.08 76.97
O5 FUB Y . 64.99 -55.37 70.93
C5 FUB Y . 65.71 -55.46 69.71
C4 FUB Y . 67.18 -55.22 69.93
O4 FUB Y . 67.42 -53.89 70.44
C3 FUB Y . 68.09 -55.31 68.70
O3 FUB Y . 68.30 -56.66 68.27
C2 FUB Y . 69.33 -54.62 69.23
O2 FUB Y . 70.30 -54.27 68.25
C1 FUB Y . 68.74 -53.46 70.04
O5 FUB Y . 72.78 -57.95 67.64
C5 FUB Y . 73.63 -57.36 68.63
C4 FUB Y . 73.31 -55.90 68.81
O4 FUB Y . 71.92 -55.71 69.14
C3 FUB Y . 73.53 -55.00 67.58
O3 FUB Y . 74.90 -54.73 67.33
C2 FUB Y . 72.69 -53.79 67.96
O2 FUB Y . 72.27 -53.02 66.85
C1 FUB Y . 71.57 -54.34 68.86
O5 FUB Z . 67.88 -38.57 72.87
C5 FUB Z . 67.64 -39.83 73.50
C4 FUB Z . 68.75 -40.81 73.19
O4 FUB Z . 68.83 -41.08 71.77
C3 FUB Z . 68.63 -42.19 73.84
O3 FUB Z . 68.98 -42.17 75.22
C2 FUB Z . 69.55 -43.01 72.95
O2 FUB Z . 69.49 -44.41 73.11
C1 FUB Z . 69.17 -42.46 71.57
O5 FUB Z . 66.44 -47.84 74.48
C5 FUB Z . 67.67 -47.75 75.20
C4 FUB Z . 68.62 -46.76 74.57
O4 FUB Z . 68.05 -45.44 74.55
C3 FUB Z . 69.01 -47.07 73.11
O3 FUB Z . 70.36 -46.66 72.88
C2 FUB Z . 68.07 -46.15 72.35
O2 FUB Z . 66.76 -46.69 72.28
C1 FUB Z . 68.18 -44.91 73.23
O5 FUB Z . 64.88 -50.25 72.55
C5 FUB Z . 64.64 -50.23 71.15
C4 FUB Z . 64.97 -48.86 70.57
O4 FUB Z . 66.33 -48.48 70.88
C3 FUB Z . 64.12 -47.70 71.10
O3 FUB Z . 62.81 -47.68 70.54
C2 FUB Z . 65.00 -46.52 70.69
O2 FUB Z . 64.67 -45.32 71.37
C1 FUB Z . 66.42 -47.04 70.96
O5 AHR Z . 58.35 -49.28 70.79
C5 AHR Z . 58.39 -47.86 70.77
C4 AHR Z . 59.78 -47.35 70.52
O4 AHR Z . 60.70 -47.81 71.54
C3 AHR Z . 59.95 -45.84 70.52
O3 AHR Z . 59.51 -45.22 69.33
C2 AHR Z . 61.45 -45.70 70.77
O2 AHR Z . 61.79 -44.53 71.50
C1 AHR Z . 61.90 -47.03 71.42
O5 FUB AA . 60.88 -44.71 64.08
C5 FUB AA . 60.30 -45.38 65.19
C4 FUB AA . 61.36 -46.02 66.06
O4 FUB AA . 62.33 -45.04 66.48
C3 FUB AA . 62.20 -47.10 65.38
O3 FUB AA . 61.53 -48.36 65.29
C2 FUB AA . 63.44 -47.14 66.28
O2 FUB AA . 64.61 -47.54 65.60
C1 FUB AA . 63.49 -45.74 66.94
O5 FUB AA . 63.85 -51.85 66.37
C5 FUB AA . 64.87 -51.70 67.35
C4 FUB AA . 65.67 -50.44 67.13
O4 FUB AA . 64.81 -49.28 67.16
C3 FUB AA . 66.39 -50.33 65.78
O3 FUB AA . 67.55 -51.14 65.69
C2 FUB AA . 66.65 -48.83 65.72
O2 FUB AA . 66.81 -48.37 64.39
C1 FUB AA . 65.50 -48.20 66.51
O5 FUB AA . 68.82 -49.80 61.33
C5 FUB AA . 69.74 -48.71 61.43
C4 FUB AA . 69.21 -47.63 62.35
O4 FUB AA . 69.01 -48.13 63.69
C3 FUB AA . 67.86 -47.01 61.96
O3 FUB AA . 67.94 -46.12 60.86
C2 FUB AA . 67.46 -46.37 63.28
O2 FUB AA . 66.11 -45.98 63.34
C1 FUB AA . 67.88 -47.45 64.29
O5 AHR AA . 70.12 -45.97 56.71
C5 AHR AA . 68.76 -45.58 56.58
C4 AHR AA . 68.09 -45.50 57.94
O4 AHR AA . 68.16 -46.76 58.64
C3 AHR AA . 66.60 -45.17 57.93
O3 AHR AA . 66.33 -43.79 57.73
C2 AHR AA . 66.15 -45.70 59.29
O2 AHR AA . 64.84 -46.23 59.28
C1 AHR AA . 67.26 -46.67 59.73
O5 AHR AA . 60.03 -52.79 64.16
C5 AHR AA . 60.88 -52.27 63.14
C4 AHR AA . 61.55 -50.99 63.59
O4 AHR AA . 60.58 -49.97 63.92
C3 AHR AA . 62.47 -50.31 62.57
O3 AHR AA . 63.71 -50.97 62.40
C2 AHR AA . 62.56 -48.90 63.15
O2 AHR AA . 62.84 -47.92 62.17
C1 AHR AA . 61.26 -48.70 63.94
O5 FUB BA . 69.90 -32.45 65.67
C5 FUB BA . 70.88 -33.42 65.35
C4 FUB BA . 70.23 -34.73 64.92
O4 FUB BA . 69.44 -34.55 63.73
C3 FUB BA . 69.26 -35.35 65.92
O3 FUB BA . 69.91 -36.01 67.00
C2 FUB BA . 68.46 -36.28 65.01
O2 FUB BA . 67.13 -36.46 65.48
C1 FUB BA . 68.59 -35.69 63.59
O5 FUB BA . 67.59 -36.20 69.75
C5 FUB BA . 67.45 -37.63 69.76
C4 FUB BA . 66.91 -38.13 68.44
O4 FUB BA . 67.77 -37.73 67.34
C3 FUB BA . 65.53 -37.61 68.03
O3 FUB BA . 64.47 -38.20 68.78
C2 FUB BA . 65.54 -37.93 66.54
O2 FUB BA . 64.57 -37.20 65.81
C1 FUB BA . 67.00 -37.72 66.13
O5 FUB BA . 63.04 -40.01 68.67
C5 FUB BA . 62.29 -40.57 67.60
C4 FUB BA . 62.27 -39.65 66.41
O4 FUB BA . 63.60 -39.35 65.96
C3 FUB BA . 61.63 -38.27 66.65
O3 FUB BA . 60.21 -38.32 66.71
C2 FUB BA . 62.18 -37.50 65.45
O2 FUB BA . 62.12 -36.09 65.62
C1 FUB BA . 63.59 -38.08 65.26
O5 FUB CA . 64.37 -39.50 50.66
C5 FUB CA . 64.55 -40.84 51.09
C4 FUB CA . 64.80 -40.90 52.57
O4 FUB CA . 63.69 -40.31 53.32
C3 FUB CA . 66.04 -40.15 53.07
O3 FUB CA . 67.24 -40.87 52.86
C2 FUB CA . 65.68 -39.92 54.53
O2 FUB CA . 66.50 -38.96 55.17
C1 FUB CA . 64.19 -39.54 54.41
O5 FUB CA . 69.54 -41.89 55.04
C5 FUB CA . 69.48 -41.91 56.46
C4 FUB CA . 68.68 -40.75 57.00
O4 FUB CA . 67.35 -40.73 56.44
C3 FUB CA . 69.23 -39.35 56.72
O3 FUB CA . 70.36 -39.02 57.52
C2 FUB CA . 68.00 -38.51 57.00
O2 FUB CA . 68.07 -37.20 56.46
C1 FUB CA . 66.85 -39.38 56.47
O5 FUB CA . 71.96 -36.32 57.85
C5 FUB CA . 71.37 -35.46 58.81
C4 FUB CA . 69.90 -35.21 58.48
O4 FUB CA . 69.18 -36.45 58.37
C3 FUB CA . 69.63 -34.49 57.16
O3 FUB CA . 69.92 -33.09 57.21
C2 FUB CA . 68.16 -34.83 56.96
O2 FUB CA . 67.71 -34.66 55.63
C1 FUB CA . 68.03 -36.25 57.52
O5 AHR CA . 73.21 -34.67 53.98
C5 AHR CA . 72.96 -33.27 53.82
C4 AHR CA . 72.17 -32.73 54.98
O4 AHR CA . 70.90 -33.40 55.10
C3 AHR CA . 71.81 -31.24 54.91
O3 AHR CA . 72.90 -30.38 55.18
C2 AHR CA . 70.67 -31.17 55.92
O2 AHR CA . 69.79 -30.10 55.70
C1 AHR CA . 70.03 -32.57 55.90
O5 FUB DA . 65.83 -26.51 56.18
C5 FUB DA . 67.16 -26.84 56.53
C4 FUB DA . 67.26 -28.28 57.00
O4 FUB DA . 66.80 -29.19 55.98
C3 FUB DA . 66.42 -28.63 58.23
O3 FUB DA . 66.97 -28.14 59.45
C2 FUB DA . 66.35 -30.15 58.11
O2 FUB DA . 65.22 -30.69 58.77
C1 FUB DA . 66.44 -30.43 56.61
O5 FUB DA . 68.43 -31.15 61.65
C5 FUB DA . 68.21 -32.55 61.51
C4 FUB DA . 66.88 -32.83 60.84
O4 FUB DA . 66.83 -32.20 59.54
C3 FUB DA . 65.64 -32.30 61.56
O3 FUB DA . 65.29 -33.09 62.70
C2 FUB DA . 64.62 -32.31 60.44
O2 FUB DA . 63.54 -31.43 60.67
C1 FUB DA . 65.45 -32.03 59.17
O5 FUB DA . 60.36 -31.02 63.72
C5 FUB DA . 59.64 -31.91 62.87
C4 FUB DA . 60.27 -31.99 61.50
O4 FUB DA . 61.64 -32.43 61.57
C3 FUB DA . 60.34 -30.68 60.72
O3 FUB DA . 59.08 -30.29 60.19
C2 FUB DA . 61.39 -31.03 59.67
O2 FUB DA . 62.04 -29.90 59.12
C1 FUB DA . 62.31 -32.05 60.36
O5 AHR DA . 57.62 -27.04 63.23
C5 AHR DA . 56.97 -26.95 61.97
C4 AHR DA . 57.38 -28.07 61.05
O4 AHR DA . 58.81 -28.09 60.86
C3 AHR DA . 56.81 -28.00 59.63
O3 AHR DA . 55.50 -28.54 59.55
C2 AHR DA . 57.86 -28.76 58.81
O2 AHR DA . 58.14 -28.14 57.59
C1 AHR DA . 59.06 -28.95 59.76
O5 FUB EA . 54.34 -37.19 48.74
C5 FUB EA . 55.57 -36.70 48.21
C4 FUB EA . 56.49 -36.22 49.30
O4 FUB EA . 55.88 -35.14 50.06
C3 FUB EA . 57.83 -35.66 48.85
O3 FUB EA . 58.75 -36.67 48.46
C2 FUB EA . 58.25 -34.89 50.10
O2 FUB EA . 59.29 -33.96 49.87
C1 FUB EA . 56.92 -34.30 50.59
O5 FUB EA . 62.01 -37.02 48.51
C5 FUB EA . 62.63 -36.89 49.78
C4 FUB EA . 62.21 -35.61 50.46
O4 FUB EA . 60.78 -35.58 50.64
C3 FUB EA . 62.53 -34.32 49.71
O3 FUB EA . 63.90 -33.95 49.79
C2 FUB EA . 61.58 -33.35 50.40
O2 FUB EA . 61.33 -32.19 49.64
C1 FUB EA . 60.36 -34.20 50.77
O5 FUB EA . 65.87 -31.60 49.57
C5 FUB EA . 65.57 -30.58 50.50
C4 FUB EA . 64.09 -30.22 50.44
O4 FUB EA . 63.27 -31.37 50.69
C3 FUB EA . 63.61 -29.69 49.09
O3 FUB EA . 63.99 -28.34 48.84
C2 FUB EA . 62.10 -29.92 49.21
O2 FUB EA . 61.48 -30.15 47.96
C1 FUB EA . 61.94 -31.05 50.24
O5 FUB FA . 50.74 -21.40 55.44
C5 FUB FA . 51.84 -21.38 56.33
C4 FUB FA . 52.83 -22.47 55.99
O4 FUB FA . 53.28 -22.36 54.63
C3 FUB FA . 52.32 -23.91 56.12
O3 FUB FA . 52.29 -24.36 57.47
C2 FUB FA . 53.36 -24.65 55.28
O2 FUB FA . 52.93 -25.91 54.80
C1 FUB FA . 53.79 -23.63 54.21
O5 FUB FA . 51.49 -28.12 55.84
C5 FUB FA . 52.45 -28.81 56.61
C4 FUB FA . 53.86 -28.71 56.07
O4 FUB FA . 54.30 -27.34 56.02
C3 FUB FA . 54.05 -29.22 54.64
O3 FUB FA . 55.41 -29.60 54.45
C2 FUB FA . 53.75 -27.98 53.82
O2 FUB FA . 52.44 -28.00 53.28
C1 FUB FA . 54.04 -26.79 54.73
O5 FUB FA . 52.19 -32.22 51.83
C5 FUB FA . 52.53 -31.65 50.57
C4 FUB FA . 52.30 -30.15 50.58
O4 FUB FA . 53.09 -29.51 51.60
C3 FUB FA . 50.87 -29.70 50.86
O3 FUB FA . 49.99 -29.87 49.76
C2 FUB FA . 51.11 -28.24 51.26
O2 FUB FA . 50.07 -27.70 52.05
C1 FUB FA . 52.51 -28.23 51.87
O5 AHR FA . 49.19 -28.42 56.35
C5 AHR FA . 48.59 -27.43 57.17
C4 AHR FA . 49.24 -26.07 56.94
O4 AHR FA . 50.65 -26.11 57.24
C3 AHR FA . 48.69 -24.92 57.79
O3 AHR FA . 47.45 -24.41 57.30
C2 AHR FA . 49.85 -23.94 57.75
O2 AHR FA . 49.75 -22.92 58.71
C1 AHR FA . 51.04 -24.89 57.90
O5 FUB GA . 48.58 -27.37 43.71
C5 FUB GA . 48.19 -28.49 44.49
C4 FUB GA . 49.27 -28.90 45.45
O4 FUB GA . 49.63 -27.80 46.32
C3 FUB GA . 50.60 -29.33 44.83
O3 FUB GA . 50.54 -30.62 44.24
C2 FUB GA . 51.52 -29.23 46.04
O2 FUB GA . 52.89 -29.08 45.70
C1 FUB GA . 50.92 -28.09 46.89
O5 FUB GA . 53.33 -33.36 45.98
C5 FUB GA . 54.03 -33.11 47.19
C4 FUB GA . 54.43 -31.66 47.30
O4 FUB GA . 53.28 -30.80 47.23
C3 FUB GA . 55.36 -31.13 46.19
O3 FUB GA . 56.71 -31.56 46.34
C2 FUB GA . 55.17 -29.63 46.34
O2 FUB GA . 55.53 -28.91 45.19
C1 FUB GA . 53.70 -29.49 46.80
O5 FUB GA . 59.38 -27.78 43.65
C5 FUB GA . 59.16 -26.53 44.29
C4 FUB GA . 57.71 -26.36 44.70
O4 FUB GA . 57.29 -27.43 45.58
C3 FUB GA . 56.68 -26.41 43.57
O3 FUB GA . 56.66 -25.21 42.79
C2 FUB GA . 55.40 -26.66 44.35
O2 FUB GA . 54.34 -27.16 43.56
C1 FUB GA . 55.85 -27.57 45.50
O5 AHR GA . 59.57 -23.86 39.21
C5 AHR GA . 58.20 -23.75 38.83
C4 AHR GA . 57.28 -23.95 40.01
O4 AHR GA . 57.49 -25.24 40.62
C3 AHR GA . 55.78 -23.91 39.71
O3 AHR GA . 55.28 -22.59 39.51
C2 AHR GA . 55.23 -24.61 40.94
O2 AHR GA . 53.99 -25.25 40.68
C1 AHR GA . 56.35 -25.53 41.44
O5 FUB HA . 54.43 -12.94 47.54
C5 FUB HA . 55.15 -13.55 48.60
C4 FUB HA . 54.91 -15.04 48.65
O4 FUB HA . 55.21 -15.65 47.37
C3 FUB HA . 53.47 -15.48 48.96
O3 FUB HA . 53.13 -15.35 50.33
C2 FUB HA . 53.51 -16.91 48.44
O2 FUB HA . 52.25 -17.55 48.35
C1 FUB HA . 54.27 -16.70 47.11
O5 FUB HA . 51.38 -18.11 52.57
C5 FUB HA . 51.77 -19.46 52.36
C4 FUB HA . 51.83 -19.80 50.90
O4 FUB HA . 52.74 -18.91 50.20
C3 FUB HA . 50.51 -19.68 50.12
O3 FUB HA . 49.61 -20.73 50.39
C2 FUB HA . 51.05 -19.65 48.69
O2 FUB HA . 50.12 -19.14 47.75
C1 FUB HA . 52.38 -18.89 48.80
O5 FUB HA . 46.58 -21.43 49.06
C5 FUB HA . 46.86 -22.26 47.95
C4 FUB HA . 47.81 -21.57 47.00
O4 FUB HA . 49.05 -21.21 47.65
C3 FUB HA . 47.31 -20.26 46.39
O3 FUB HA . 46.34 -20.45 45.38
C2 FUB HA . 48.63 -19.66 45.90
O2 FUB HA . 48.58 -18.26 45.73
C1 FUB HA . 49.69 -20.17 46.89
O5 AHR HA . 51.79 -13.52 54.62
C5 AHR HA . 50.67 -13.73 53.78
C4 AHR HA . 51.03 -14.54 52.56
O4 AHR HA . 52.04 -13.87 51.78
C3 AHR HA . 49.91 -14.80 51.55
O3 AHR HA . 48.99 -15.79 51.99
C2 AHR HA . 50.71 -15.19 50.32
O2 AHR HA . 50.01 -14.99 49.11
C1 AHR HA . 52.04 -14.44 50.46
O5 FUB IA . 57.28 -20.03 33.22
C5 FUB IA . 55.91 -19.63 33.17
C4 FUB IA . 55.38 -19.27 34.54
O4 FUB IA . 53.95 -19.07 34.55
C3 FUB IA . 55.93 -18.01 35.22
O3 FUB IA . 57.29 -18.14 35.64
C2 FUB IA . 54.95 -17.91 36.37
O2 FUB IA . 54.95 -16.71 37.10
C1 FUB IA . 53.61 -18.33 35.74
O5 AHR IA . 61.85 -19.50 34.91
C5 AHR IA . 61.75 -18.08 34.98
C4 AHR IA . 60.38 -17.66 35.45
O4 AHR IA . 59.35 -18.12 34.55
C3 AHR IA . 60.14 -16.15 35.53
O3 AHR IA . 60.77 -15.54 36.66
C2 AHR IA . 58.61 -16.09 35.55
O2 AHR IA . 58.10 -14.88 35.05
C1 AHR IA . 58.16 -17.37 34.81
O5 AHR IA . 61.71 -21.81 33.96
C5 AHR IA . 60.72 -22.83 34.12
C4 AHR IA . 59.37 -22.34 33.66
O4 AHR IA . 58.94 -21.20 34.41
C3 AHR IA . 58.22 -23.35 33.82
O3 AHR IA . 58.23 -24.38 32.84
C2 AHR IA . 57.01 -22.42 33.75
O2 AHR IA . 55.90 -22.92 34.46
C1 AHR IA . 57.52 -21.05 34.21
O5 FUB JA . 57.21 -16.24 38.68
C5 FUB JA . 57.94 -17.17 39.46
C4 FUB JA . 57.16 -17.76 40.62
O4 FUB JA . 56.04 -18.55 40.15
C3 FUB JA . 56.53 -16.74 41.59
O3 FUB JA . 56.31 -17.37 42.84
C2 FUB JA . 55.18 -16.47 40.91
O2 FUB JA . 55.20 -15.25 40.21
C1 FUB JA . 54.91 -17.68 40.01
O5 FUB JA . 57.19 -13.26 43.04
C5 FUB JA . 56.02 -12.51 43.32
C4 FUB JA . 54.97 -12.70 42.26
O4 FUB JA . 54.61 -14.09 42.13
C3 FUB JA . 55.35 -12.26 40.84
O3 FUB JA . 55.31 -10.85 40.67
C2 FUB JA . 54.32 -13.02 40.03
O2 FUB JA . 54.65 -13.11 38.65
C1 FUB JA . 54.24 -14.37 40.76
O5 FUB KA . 51.31 -5.84 39.11
C5 FUB KA . 52.51 -6.12 39.82
C4 FUB KA . 52.57 -7.56 40.25
O4 FUB KA . 52.48 -8.45 39.12
C3 FUB KA . 51.47 -8.04 41.20
O3 FUB KA . 51.64 -7.58 42.53
C2 FUB KA . 51.59 -9.55 41.03
O2 FUB KA . 50.48 -10.26 41.52
C1 FUB KA . 51.88 -9.70 39.53
O5 FUB KA . 51.42 -10.90 45.78
C5 FUB KA . 51.86 -12.18 45.36
C4 FUB KA . 51.33 -12.50 43.98
O4 FUB KA . 51.76 -11.53 43.00
C3 FUB KA . 49.80 -12.52 43.83
O3 FUB KA . 49.20 -13.67 44.39
C2 FUB KA . 49.66 -12.41 42.31
O2 FUB KA . 48.40 -11.92 41.91
C1 FUB KA . 50.88 -11.57 41.87
O5 FUB KA . 45.87 -13.51 44.99
C5 FUB KA . 45.43 -14.46 44.02
C4 FUB KA . 45.85 -14.06 42.63
O4 FUB KA . 47.27 -13.87 42.56
C3 FUB KA . 45.26 -12.74 42.11
O3 FUB KA . 43.90 -12.85 41.72
C2 FUB KA . 46.22 -12.43 40.97
O2 FUB KA . 46.23 -11.07 40.60
C1 FUB KA . 47.57 -12.99 41.46
O5 AHR KA . 38.95 -12.62 41.59
C5 AHR KA . 39.52 -11.35 41.89
C4 AHR KA . 41.01 -11.35 41.60
O4 AHR KA . 41.70 -12.33 42.40
C3 AHR KA . 41.74 -10.03 41.88
O3 AHR KA . 41.48 -9.03 40.92
C2 AHR KA . 43.19 -10.53 41.91
O2 AHR KA . 44.07 -9.65 42.58
C1 AHR KA . 43.09 -11.95 42.49
O5 FUB LA . 40.14 -11.64 36.32
C5 FUB LA . 40.09 -12.01 37.70
C4 FUB LA . 41.37 -12.70 38.13
O4 FUB LA . 42.52 -11.86 37.88
C3 FUB LA . 41.70 -14.03 37.44
O3 FUB LA . 40.88 -15.10 37.87
C2 FUB LA . 43.17 -14.15 37.81
O2 FUB LA . 43.89 -15.10 37.05
C1 FUB LA . 43.68 -12.71 37.71
O5 FUB LA . 42.39 -17.37 39.82
C5 FUB LA . 43.68 -17.64 40.36
C4 FUB LA . 44.77 -17.17 39.41
O4 FUB LA . 44.64 -15.76 39.14
C3 FUB LA . 44.80 -17.84 38.04
O3 FUB LA . 45.37 -19.14 38.06
C2 FUB LA . 45.59 -16.81 37.24
O2 FUB LA . 45.50 -16.98 35.83
C1 FUB LA . 45.04 -15.49 37.78
O5 FUB LA . 47.51 -20.59 35.02
C5 FUB LA . 48.59 -19.81 34.51
C4 FUB LA . 48.16 -18.37 34.32
O4 FUB LA . 47.67 -17.80 35.55
C3 FUB LA . 47.03 -18.14 33.31
O3 FUB LA . 47.46 -18.26 31.96
C2 FUB LA . 46.60 -16.73 33.71
O2 FUB LA . 45.32 -16.38 33.22
C1 FUB LA . 46.76 -16.72 35.23
O5 FUB MA . 40.26 -4.08 28.23
C5 FUB MA . 40.14 -3.74 29.61
C4 FUB MA . 40.98 -4.65 30.46
O4 FUB MA . 42.38 -4.56 30.08
C3 FUB MA . 40.61 -6.13 30.39
O3 FUB MA . 39.59 -6.49 31.30
C2 FUB MA . 41.96 -6.80 30.62
O2 FUB MA . 41.97 -8.16 30.21
C1 FUB MA . 42.86 -5.88 29.81
O5 FUB MA . 38.97 -9.38 32.92
C5 FUB MA . 40.00 -10.02 33.65
C4 FUB MA . 41.26 -10.15 32.82
O4 FUB MA . 41.75 -8.86 32.41
C3 FUB MA . 41.10 -10.93 31.50
O3 FUB MA . 41.03 -12.33 31.68
C2 FUB MA . 42.34 -10.46 30.74
O2 FUB MA . 42.21 -10.62 29.35
C1 FUB MA . 42.52 -9.00 31.20
O5 FUB MA . 40.72 -14.39 30.71
C5 FUB MA . 41.79 -14.99 29.99
C4 FUB MA . 42.43 -13.99 29.05
O4 FUB MA . 42.90 -12.83 29.77
C3 FUB MA . 41.53 -13.41 27.96
O3 FUB MA . 41.24 -14.33 26.92
C2 FUB MA . 42.34 -12.19 27.54
O2 FUB MA . 41.58 -11.23 26.85
C1 FUB MA . 42.98 -11.72 28.86
O5 FUB NA . 41.70 -14.60 20.08
C5 FUB NA . 41.09 -15.14 21.24
C4 FUB NA . 41.70 -14.58 22.50
O4 FUB NA . 41.51 -13.14 22.56
C3 FUB NA . 43.21 -14.77 22.66
O3 FUB NA . 43.56 -16.08 23.09
C2 FUB NA . 43.54 -13.69 23.68
O2 FUB NA . 44.91 -13.36 23.76
C1 FUB NA . 42.60 -12.54 23.28
O5 FUB NA . 45.66 -16.78 25.91
C5 FUB NA . 45.91 -15.99 27.06
C4 FUB NA . 46.04 -14.52 26.68
O4 FUB NA . 44.87 -14.06 25.98
C3 FUB NA . 47.21 -14.16 25.76
O3 FUB NA . 48.46 -14.15 26.43
C2 FUB NA . 46.76 -12.80 25.25
O2 FUB NA . 47.46 -12.38 24.09
C1 FUB NA . 45.24 -12.99 25.10
C6 GZL NA . 51.23 -13.71 24.95
C5 GZL NA . 51.68 -12.24 25.05
C4 GZL NA . 50.51 -11.33 24.74
C3 GZL NA . 50.16 -11.31 23.11
C2 GZL NA . 49.06 -10.78 23.08
O6 GZL NA . 52.01 -14.33 23.95
O5 GZL NA . 52.16 -11.98 26.34
O4 GZL NA . 49.46 -11.76 25.30
O3 GZL NA . 51.13 -10.49 22.37
C1 GZL NA . 48.32 -11.30 24.40
O2 GZL NA . 48.30 -11.22 21.86
O5 AHR NA . 55.39 -8.63 21.80
C5 AHR NA . 54.94 -9.25 20.60
C4 AHR NA . 53.52 -9.75 20.75
O4 AHR NA . 53.39 -10.67 21.86
C3 AHR NA . 52.96 -10.53 19.56
O3 AHR NA . 52.51 -9.68 18.50
C2 AHR NA . 51.85 -11.36 20.21
O2 AHR NA . 51.78 -12.66 19.66
C1 AHR NA . 52.13 -11.29 21.72
O5 AHR NA . 46.75 -19.61 23.79
C5 AHR NA . 46.89 -19.07 22.48
C4 AHR NA . 46.06 -17.82 22.32
O4 AHR NA . 44.66 -18.07 22.56
C3 AHR NA . 46.09 -17.16 20.93
O3 AHR NA . 47.30 -16.46 20.67
C2 AHR NA . 44.84 -16.29 21.00
O2 AHR NA . 44.28 -16.04 19.74
C1 AHR NA . 43.92 -16.96 22.03
O5 FUB OA . 51.68 -4.55 17.98
C5 FUB OA . 52.50 -5.59 18.49
C4 FUB OA . 51.80 -6.33 19.60
O4 FUB OA . 50.55 -6.90 19.15
C3 FUB OA . 51.43 -5.50 20.83
O3 FUB OA . 52.54 -5.22 21.67
C2 FUB OA . 50.36 -6.37 21.47
O2 FUB OA . 49.57 -5.68 22.41
C1 FUB OA . 49.61 -6.93 20.24
O5 FUB OA . 52.46 -5.80 25.56
C5 FUB OA . 51.63 -6.78 26.16
C4 FUB OA . 50.26 -6.79 25.53
O4 FUB OA . 50.34 -7.07 24.11
C3 FUB OA . 49.48 -5.47 25.59
O3 FUB OA . 48.95 -5.20 26.88
C2 FUB OA . 48.42 -5.73 24.52
O2 FUB OA . 47.82 -4.53 24.06
C1 FUB OA . 49.17 -6.54 23.46
C6 GZL OA . 47.64 -2.26 27.29
C5 GZL OA . 46.12 -2.47 27.35
C4 GZL OA . 45.66 -3.22 26.12
C3 GZL OA . 45.96 -2.33 24.74
C2 GZL OA . 45.80 -3.16 23.84
O6 GZL OA . 47.88 -0.92 26.97
O5 GZL OA . 45.78 -3.21 28.50
O4 GZL OA . 46.34 -4.29 25.96
O3 GZL OA . 45.00 -1.22 24.61
C1 GZL OA . 46.45 -4.48 24.45
O2 GZL OA . 46.55 -2.72 22.61
O5 AHR OA . 45.54 1.41 28.62
C5 AHR OA . 45.37 2.24 27.50
C4 AHR OA . 44.96 1.44 26.27
O4 AHR OA . 45.95 0.45 25.95
C3 AHR OA . 44.78 2.23 24.99
O3 AHR OA . 43.57 2.98 24.95
C2 AHR OA . 44.86 1.12 23.94
O2 AHR OA . 45.29 1.56 22.68
C1 AHR OA . 45.71 0.02 24.60
O5 FUB PA . 35.41 -6.99 15.07
C5 FUB PA . 35.19 -7.82 16.20
C4 FUB PA . 36.42 -7.91 17.06
O4 FUB PA . 36.86 -6.60 17.49
C3 FUB PA . 37.67 -8.54 16.40
O3 FUB PA . 37.58 -9.95 16.32
C2 FUB PA . 38.76 -8.01 17.32
O2 FUB PA . 40.07 -8.12 16.79
C1 FUB PA . 38.29 -6.58 17.61
O5 FUB PA . 40.28 -12.04 17.72
C5 FUB PA . 41.17 -11.72 18.79
C4 FUB PA . 41.70 -10.32 18.66
O4 FUB PA . 40.63 -9.34 18.67
C3 FUB PA . 42.48 -10.01 17.38
O3 FUB PA . 43.80 -10.54 17.40
C2 FUB PA . 42.42 -8.49 17.36
O2 FUB PA . 42.79 -7.90 16.14
C1 FUB PA . 41.00 -8.22 17.86
C6 GZL PA . 46.34 -10.46 15.42
C5 GZL PA . 47.09 -9.11 15.40
C4 GZL PA . 46.16 -7.98 15.83
C3 GZL PA . 45.51 -7.23 14.49
C2 GZL PA . 44.54 -6.58 14.91
O6 GZL PA . 44.96 -10.23 15.31
O5 GZL PA . 48.30 -9.06 16.15
O4 GZL PA . 45.15 -8.42 16.46
O3 GZL PA . 46.50 -6.31 13.89
C1 GZL PA . 44.10 -7.34 16.25
O2 GZL PA . 43.43 -6.62 13.89
O5 FUB PA . 45.85 -12.79 18.27
C5 FUB PA . 46.90 -12.56 19.21
C4 FUB PA . 48.03 -11.79 18.57
O4 FUB PA . 47.61 -10.50 18.08
C3 FUB PA . 48.69 -12.45 17.35
O3 FUB PA . 49.52 -13.56 17.68
C2 FUB PA . 49.41 -11.27 16.71
O2 FUB PA . 49.58 -11.41 15.32
C1 FUB PA . 48.63 -10.03 17.18
O5 FUB QA . 47.59 -1.29 8.88
C5 FUB QA . 46.23 -1.53 9.22
C4 FUB QA . 46.12 -2.29 10.53
O4 FUB QA . 44.75 -2.53 10.89
C3 FUB QA . 46.71 -1.58 11.76
O3 FUB QA . 48.12 -1.61 11.80
C2 FUB QA . 46.03 -2.36 12.89
O2 FUB QA . 45.92 -1.61 14.07
C1 FUB QA . 44.69 -2.85 12.29
O5 FUB QA . 49.74 -3.28 15.31
C5 FUB QA . 48.97 -4.04 16.24
C4 FUB QA . 47.59 -3.48 16.38
O4 FUB QA . 46.91 -3.43 15.11
C3 FUB QA . 47.51 -2.04 16.91
O3 FUB QA . 47.75 -1.94 18.30
C2 FUB QA . 46.09 -1.66 16.48
O2 FUB QA . 45.91 -0.26 16.35
C1 FUB QA . 45.85 -2.47 15.20
C6 GZL QA . 47.83 1.41 18.84
C5 GZL QA . 46.61 2.13 19.45
C4 GZL QA . 45.35 1.70 18.73
C3 GZL QA . 45.30 2.35 17.19
C2 GZL QA . 44.45 1.65 16.65
O6 GZL QA . 48.97 2.17 19.14
O5 GZL QA . 46.50 1.81 20.80
O4 GZL QA . 45.34 0.43 18.58
O3 GZL QA . 44.90 3.76 17.26
C1 GZL QA . 44.84 0.20 17.16
O2 GZL QA . 44.56 1.71 15.15
O5 AHR QA . 49.51 5.54 17.34
C5 AHR QA . 48.62 6.41 16.65
C4 AHR QA . 47.17 6.02 16.88
O4 AHR QA . 46.92 4.67 16.43
C3 AHR QA . 46.14 6.86 16.13
O3 AHR QA . 45.93 8.13 16.72
C2 AHR QA . 44.93 5.93 16.18
O2 AHR QA . 44.01 6.20 15.13
C1 AHR QA . 45.51 4.51 16.21
O5 AHR QA . 50.72 -2.45 12.61
C5 AHR QA . 51.62 -1.45 12.14
C4 AHR QA . 50.99 -0.09 11.94
O4 AHR QA . 49.83 -0.19 11.08
C3 AHR QA . 50.47 0.59 13.21
O3 AHR QA . 51.31 0.36 14.34
C2 AHR QA . 49.06 0.00 13.33
O2 AHR QA . 48.19 0.81 14.08
C1 AHR QA . 48.63 -0.29 11.88
O5 FUB RA . 38.97 7.37 15.26
C5 FUB RA . 40.23 7.66 15.83
C4 FUB RA . 40.99 6.40 16.14
O4 FUB RA . 41.16 5.59 14.96
C3 FUB RA . 40.32 5.46 17.15
O3 FUB RA . 40.47 5.88 18.50
C2 FUB RA . 40.98 4.13 16.81
O2 FUB RA . 40.15 3.06 17.20
C1 FUB RA . 41.25 4.21 15.30
O5 FUB RA . 41.33 4.21 21.18
C5 FUB RA . 41.86 2.89 21.31
C4 FUB RA . 41.40 2.01 20.17
O4 FUB RA . 41.72 2.60 18.89
C3 FUB RA . 39.89 1.75 20.09
O3 FUB RA . 39.42 0.84 21.08
C2 FUB RA . 39.78 1.23 18.66
O2 FUB RA . 38.47 1.35 18.14
C1 FUB RA . 40.85 2.03 17.90
O5 FUB RA . 35.93 -0.94 20.66
C5 FUB RA . 35.98 -1.94 19.66
C4 FUB RA . 36.52 -1.39 18.36
O4 FUB RA . 37.84 -0.85 18.55
C3 FUB RA . 35.73 -0.25 17.74
O3 FUB RA . 34.53 -0.69 17.11
C2 FUB RA . 36.76 0.32 16.78
O2 FUB RA . 36.47 1.65 16.38
C1 FUB RA . 38.09 0.13 17.52
O5 AHR RA . 29.82 -0.12 18.85
C5 AHR RA . 30.40 0.76 17.88
C4 AHR RA . 31.19 -0.02 16.85
O4 AHR RA . 32.24 -0.78 17.50
C3 AHR RA . 31.96 0.86 15.87
O3 AHR RA . 32.38 0.07 14.76
C2 AHR RA . 33.15 1.26 16.71
O2 AHR RA . 32.94 2.46 17.42
C1 AHR RA . 33.40 0.04 17.61
O5 FUB SA . 37.31 -2.28 2.51
C5 FUB SA . 37.92 -3.35 3.22
C4 FUB SA . 38.13 -2.99 4.67
O4 FUB SA . 36.86 -2.70 5.31
C3 FUB SA . 39.00 -1.77 4.96
O3 FUB SA . 40.39 -2.04 4.78
C2 FUB SA . 38.60 -1.46 6.39
O2 FUB SA . 38.98 -0.17 6.83
C1 FUB SA . 37.08 -1.74 6.38
O5 FUB SA . 42.96 -1.52 5.92
C5 FUB SA . 43.16 -1.59 7.32
C4 FUB SA . 42.09 -0.81 8.06
O4 FUB SA . 40.78 -1.33 7.77
C3 FUB SA . 41.99 0.67 7.73
O3 FUB SA . 43.03 1.44 8.31
C2 FUB SA . 40.60 1.00 8.26
O2 FUB SA . 40.05 2.19 7.74
C1 FUB SA . 39.79 -0.30 7.99
C6 GZL SA . 43.37 4.71 7.87
C5 GZL SA . 42.52 5.65 8.76
C4 GZL SA . 41.27 4.94 9.23
C3 GZL SA . 40.03 5.37 8.21
C2 GZL SA . 39.20 4.46 8.26
O6 GZL SA . 44.51 5.41 7.45
O5 GZL SA . 43.31 6.20 9.79
O4 GZL SA . 41.40 3.69 9.11
O3 GZL SA . 39.42 6.64 8.65
C1 GZL SA . 40.01 3.17 8.77
O2 GZL SA . 38.62 4.20 6.89
O5 FUB SA . 46.63 3.51 9.71
C5 FUB SA . 46.25 3.12 11.02
C4 FUB SA . 45.24 4.07 11.61
O4 FUB SA . 44.06 4.17 10.78
C3 FUB SA . 45.70 5.52 11.76
O3 FUB SA . 46.62 5.70 12.84
C2 FUB SA . 44.36 6.22 11.94
O2 FUB SA . 44.43 7.62 11.71
C1 FUB SA . 43.42 5.44 11.01
O5 FUB TA . 34.77 11.28 6.13
C5 FUB TA . 36.17 11.08 6.05
C4 FUB TA . 36.55 9.74 6.63
O4 FUB TA . 35.90 8.66 5.93
C3 FUB TA . 36.20 9.51 8.09
O3 FUB TA . 37.05 10.20 9.00
C2 FUB TA . 36.28 7.99 8.18
O2 FUB TA . 35.52 7.44 9.23
C1 FUB TA . 35.92 7.50 6.78
O5 FUB TA . 38.25 8.64 13.54
C5 FUB TA . 38.33 8.39 12.15
C4 FUB TA . 37.54 7.17 11.76
O4 FUB TA . 37.51 7.01 10.32
C3 FUB TA . 36.07 7.15 12.17
O3 FUB TA . 35.90 6.84 13.55
C2 FUB TA . 35.50 6.12 11.23
O2 FUB TA . 34.09 6.13 11.14
C1 FUB TA . 36.25 6.45 9.92
O5 FUB TA . 32.12 6.62 15.04
C5 FUB TA . 32.02 5.20 15.02
C4 FUB TA . 32.26 4.66 13.63
O4 FUB TA . 33.57 5.05 13.13
C3 FUB TA . 31.30 5.14 12.55
O3 FUB TA . 30.01 4.53 12.63
C2 FUB TA . 32.08 4.80 11.29
O2 FUB TA . 31.67 5.55 10.17
C1 FUB TA . 33.55 4.95 11.70
O5 FUB UA . 23.73 4.25 9.58
C5 FUB UA . 24.43 4.55 10.78
C4 FUB UA . 25.92 4.34 10.61
O4 FUB UA . 26.44 5.17 9.55
C3 FUB UA . 26.38 2.93 10.25
O3 FUB UA . 26.37 2.02 11.34
C2 FUB UA . 27.78 3.22 9.74
O2 FUB UA . 28.32 2.22 8.90
C1 FUB UA . 27.70 4.63 9.13
O5 FUB UA . 28.79 0.81 12.86
C5 FUB UA . 30.19 0.84 12.63
C4 FUB UA . 30.51 1.00 11.16
O4 FUB UA . 29.89 2.18 10.62
C3 FUB UA . 30.03 -0.13 10.24
O3 FUB UA . 30.82 -1.31 10.34
C2 FUB UA . 30.09 0.56 8.89
O2 FUB UA . 29.34 -0.07 7.88
C1 FUB UA . 29.69 2.02 9.21
O5 FUB UA . 31.79 -3.61 7.35
C5 FUB UA . 32.23 -2.99 6.14
C4 FUB UA . 31.35 -1.83 5.77
O4 FUB UA . 31.26 -0.87 6.84
C3 FUB UA . 29.89 -2.16 5.44
O3 FUB UA . 29.71 -2.75 4.16
C2 FUB UA . 29.24 -0.79 5.58
O2 FUB UA . 27.85 -0.84 5.81
C1 FUB UA . 30.07 -0.09 6.67
O5 AHR UA . 28.24 -5.38 0.27
C5 AHR UA . 27.44 -5.65 1.42
C4 AHR UA . 27.68 -4.62 2.51
O4 AHR UA . 29.04 -4.65 2.96
C3 AHR UA . 26.86 -4.81 3.79
O3 AHR UA . 25.49 -4.42 3.64
C2 AHR UA . 27.66 -3.94 4.76
O2 AHR UA . 27.43 -4.27 6.11
C1 AHR UA . 29.11 -4.03 4.27
O5 AHR UA . 24.19 2.91 15.18
C5 AHR UA . 24.38 1.52 14.98
C4 AHR UA . 25.16 1.26 13.71
O4 AHR UA . 24.48 1.76 12.54
C3 AHR UA . 25.44 -0.22 13.39
O3 AHR UA . 26.56 -0.74 14.09
C2 AHR UA . 25.61 -0.18 11.87
O2 AHR UA . 24.92 -1.23 11.22
C1 AHR UA . 25.19 1.24 11.44
O5 FUB VA . 27.59 0.10 -2.04
C5 FUB VA . 27.63 -1.12 -1.32
C4 FUB VA . 28.33 -0.95 0.01
O4 FUB VA . 27.66 0.00 0.84
C3 FUB VA . 29.77 -0.43 -0.06
O3 FUB VA . 30.70 -1.39 -0.50
C2 FUB VA . 29.96 0.05 1.38
O2 FUB VA . 30.90 1.12 1.48
C1 FUB VA . 28.56 0.36 1.90
O5 FUB VA . 33.90 -1.95 1.36
C5 FUB VA . 34.14 -1.63 2.73
C4 FUB VA . 33.51 -0.31 3.10
O4 FUB VA . 32.09 -0.32 2.86
C3 FUB VA . 34.01 0.91 2.31
O3 FUB VA . 35.29 1.35 2.74
C2 FUB VA . 32.89 1.90 2.57
O2 FUB VA . 32.83 2.92 1.59
C1 FUB VA . 31.63 1.03 2.69
O5 FUB VA . 36.73 4.51 1.10
C5 FUB VA . 36.28 5.63 1.84
C4 FUB VA . 34.78 5.64 1.97
O4 FUB VA . 34.30 4.43 2.59
C3 FUB VA . 34.00 5.72 0.65
O3 FUB VA . 34.02 7.00 0.05
C2 FUB VA . 32.62 5.27 1.12
O2 FUB VA . 31.77 4.85 0.06
C1 FUB VA . 32.93 4.20 2.18
O5 AHR VA . 38.29 9.29 -0.56
C5 AHR VA . 37.55 9.24 -1.78
C4 AHR VA . 36.13 8.81 -1.55
O4 AHR VA . 36.08 7.48 -0.96
C3 AHR VA . 35.25 8.67 -2.79
O3 AHR VA . 34.84 9.92 -3.32
C2 AHR VA . 34.11 7.81 -2.25
O2 AHR VA . 33.42 7.11 -3.27
C1 AHR VA . 34.76 6.95 -1.16
O5 FUB WA . 21.38 13.54 4.45
C5 FUB WA . 22.43 13.53 5.40
C4 FUB WA . 23.47 12.49 5.07
O4 FUB WA . 24.04 12.71 3.77
C3 FUB WA . 22.97 11.04 5.01
O3 FUB WA . 22.74 10.48 6.30
C2 FUB WA . 24.09 10.38 4.22
O2 FUB WA . 23.70 9.14 3.65
C1 FUB WA . 24.52 11.47 3.23
O5 FUB WA . 22.59 7.42 7.51
C5 FUB WA . 23.79 6.66 7.39
C4 FUB WA . 24.31 6.71 5.97
O4 FUB WA . 24.55 8.06 5.55
C3 FUB WA . 23.38 6.14 4.90
O3 FUB WA . 23.30 4.72 4.89
C2 FUB WA . 24.00 6.74 3.64
O2 FUB WA . 23.11 6.79 2.54
C1 FUB WA . 24.56 8.09 4.11
O5 FUB WA . 22.58 2.38 3.33
C5 FUB WA . 23.32 2.26 2.13
C4 FUB WA . 23.33 3.55 1.34
O4 FUB WA . 23.91 4.62 2.12
C3 FUB WA . 21.96 4.09 0.94
O3 FUB WA . 21.37 3.38 -0.14
C2 FUB WA . 22.31 5.55 0.62
O2 FUB WA . 21.21 6.42 0.74
C1 FUB WA . 23.51 5.87 1.54
O5 FUB XA . 19.12 3.87 -5.92
C5 FUB XA . 18.85 3.38 -4.61
C4 FUB XA . 19.85 3.92 -3.62
O4 FUB XA . 19.72 5.35 -3.47
C3 FUB XA . 21.32 3.70 -3.97
O3 FUB XA . 21.75 2.37 -3.76
C2 FUB XA . 21.98 4.73 -3.06
O2 FUB XA . 23.30 5.05 -3.46
C1 FUB XA . 20.99 5.90 -3.09
O5 FUB XA . 23.55 0.59 -3.13
C5 FUB XA . 24.43 0.88 -2.05
C4 FUB XA . 24.92 2.31 -2.10
O4 FUB XA . 23.81 3.24 -2.04
C3 FUB XA . 25.66 2.71 -3.38
O3 FUB XA . 26.99 2.21 -3.45
C2 FUB XA . 25.56 4.24 -3.31
O2 FUB XA . 25.67 4.84 -4.58
C1 FUB XA . 24.26 4.51 -2.55
O5 FUB XA . 30.12 4.60 -5.25
C5 FUB XA . 30.07 5.95 -4.81
C4 FUB XA . 28.67 6.50 -4.89
O4 FUB XA . 27.76 5.76 -4.06
C3 FUB XA . 28.02 6.48 -6.28
O3 FUB XA . 28.53 7.47 -7.15
C2 FUB XA . 26.55 6.66 -5.91
O2 FUB XA . 25.66 6.16 -6.88
C1 FUB XA . 26.42 6.04 -4.50
O5 FUB YA . 28.31 11.65 -11.94
C5 FUB YA . 28.97 10.47 -11.54
C4 FUB YA . 28.60 10.09 -10.12
O4 FUB YA . 27.18 9.86 -9.98
C3 FUB YA . 28.93 11.12 -9.03
O3 FUB YA . 30.31 11.18 -8.75
C2 FUB YA . 28.05 10.60 -7.90
O2 FUB YA . 27.88 11.49 -6.82
C1 FUB YA . 26.77 10.19 -8.64
O5 FUB YA . 31.78 10.32 -5.86
C5 FUB YA . 31.23 9.60 -4.76
C4 FUB YA . 29.81 10.02 -4.49
O4 FUB YA . 28.96 9.80 -5.63
C3 FUB YA . 29.60 11.51 -4.15
O3 FUB YA . 30.02 11.84 -2.83
C2 FUB YA . 28.10 11.64 -4.38
O2 FUB YA . 27.64 12.97 -4.47
C1 FUB YA . 27.87 10.74 -5.61
O5 FUB YA . 29.64 15.33 -1.64
C5 FUB YA . 28.92 14.67 -0.61
C4 FUB YA . 27.60 14.11 -1.13
O4 FUB YA . 27.84 13.11 -2.14
C3 FUB YA . 26.66 15.15 -1.75
O3 FUB YA . 25.33 14.89 -1.31
C2 FUB YA . 26.80 14.88 -3.24
O2 FUB YA . 27.88 15.61 -3.81
C1 FUB YA . 27.00 13.37 -3.26
O5 FUB ZA . 20.89 20.72 -2.41
C5 FUB ZA . 22.28 20.67 -2.16
C4 FUB ZA . 22.86 19.33 -2.54
O4 FUB ZA . 22.68 19.06 -3.95
C3 FUB ZA . 22.23 18.11 -1.85
O3 FUB ZA . 22.67 17.96 -0.50
C2 FUB ZA . 22.65 16.99 -2.79
O2 FUB ZA . 21.74 15.91 -2.75
C1 FUB ZA . 22.81 17.65 -4.17
O5 FUB ZA . 22.27 16.51 1.28
C5 FUB ZA . 22.70 15.15 1.40
C4 FUB ZA . 22.46 14.39 0.11
O4 FUB ZA . 23.06 15.07 -1.02
C3 FUB ZA . 21.01 14.19 -0.30
O3 FUB ZA . 20.33 13.22 0.49
C2 FUB ZA . 21.19 13.80 -1.76
O2 FUB ZA . 20.01 13.87 -2.54
C1 FUB ZA . 22.33 14.73 -2.21
O5 FUB ZA . 18.24 11.42 0.30
C5 FUB ZA . 18.29 10.36 -0.64
C4 FUB ZA . 18.58 10.89 -2.04
O4 FUB ZA . 19.83 11.61 -2.06
C3 FUB ZA . 17.55 11.86 -2.61
O3 FUB ZA . 16.37 11.21 -3.07
C2 FUB ZA . 18.37 12.52 -3.71
O2 FUB ZA . 17.82 13.75 -4.14
C1 FUB ZA . 19.79 12.59 -3.12
O5 FUB AB . 12.06 11.86 -8.08
C5 FUB AB . 12.28 11.99 -6.69
C4 FUB AB . 13.74 11.84 -6.34
O4 FUB AB . 14.51 13.01 -6.70
C3 FUB AB . 14.47 10.69 -7.03
O3 FUB AB . 14.13 9.41 -6.52
C2 FUB AB . 15.93 11.10 -6.81
O2 FUB AB . 16.81 10.62 -7.80
C1 FUB AB . 15.90 12.64 -6.64
O5 FUB AB . 16.23 6.44 -7.29
C5 FUB AB . 17.47 6.44 -6.61
C4 FUB AB . 18.24 7.72 -6.85
O4 FUB AB . 17.48 8.87 -6.44
C3 FUB AB . 18.60 8.00 -8.32
O3 FUB AB . 19.68 7.21 -8.80
C2 FUB AB . 18.89 9.49 -8.25
O2 FUB AB . 18.81 10.14 -9.51
C1 FUB AB . 17.92 10.02 -7.18
O5 FUB AB . 21.70 7.20 -10.98
C5 FUB AB . 22.62 8.27 -10.97
C4 FUB AB . 21.90 9.60 -10.87
O4 FUB AB . 21.08 9.66 -9.68
C3 FUB AB . 20.93 9.91 -12.01
O3 FUB AB . 21.58 10.29 -13.21
C2 FUB AB . 20.09 11.02 -11.37
O2 FUB AB . 18.82 11.17 -11.98
C1 FUB AB . 20.07 10.67 -9.87
O5 FUB BB . 20.42 14.50 -18.61
C5 FUB BB . 20.95 13.24 -18.23
C4 FUB BB . 21.04 13.12 -16.73
O4 FUB BB . 19.74 13.29 -16.10
C3 FUB BB . 21.94 14.14 -16.02
O3 FUB BB . 23.32 13.86 -16.18
C2 FUB BB . 21.42 14.04 -14.59
O2 FUB BB . 21.84 15.08 -13.75
C1 FUB BB . 19.90 13.92 -14.81
O5 FUB BB . 25.76 13.32 -13.67
C5 FUB BB . 25.44 12.92 -12.34
C4 FUB BB . 24.25 13.68 -11.82
O4 FUB BB . 23.09 13.46 -12.65
C3 FUB BB . 24.38 15.20 -11.76
O3 FUB BB . 25.21 15.64 -10.68
C2 FUB BB . 22.92 15.61 -11.64
O2 FUB BB . 22.69 16.97 -11.98
C1 FUB BB . 22.18 14.56 -12.48
O5 FUB BB . 25.94 18.34 -9.28
C5 FUB BB . 24.87 18.73 -8.42
C4 FUB BB . 23.56 18.77 -9.17
O4 FUB BB . 23.27 17.49 -9.77
C3 FUB BB . 23.49 19.75 -10.34
O3 FUB BB . 23.35 21.10 -9.92
C2 FUB BB . 22.29 19.20 -11.11
O2 FUB BB . 22.31 19.55 -12.47
C1 FUB BB . 22.30 17.68 -10.81
O5 FUB CB . 18.69 25.98 -11.99
C5 FUB CB . 20.07 25.80 -11.67
C4 FUB CB . 20.32 24.43 -11.11
O4 FUB CB . 19.92 23.40 -12.05
C3 FUB CB . 19.56 24.08 -9.84
O3 FUB CB . 20.05 24.73 -8.68
C2 FUB CB . 19.69 22.56 -9.84
O2 FUB CB . 18.68 21.91 -9.11
C1 FUB CB . 19.76 22.18 -11.32
O5 FUB CB . 20.49 22.83 -5.75
C5 FUB CB . 20.80 21.46 -5.52
C4 FUB CB . 20.01 20.56 -6.45
O4 FUB CB . 20.30 20.89 -7.83
C3 FUB CB . 18.49 20.65 -6.34
O3 FUB CB . 17.98 19.93 -5.22
C2 FUB CB . 18.07 20.08 -7.69
O2 FUB CB . 16.74 20.39 -8.02
C1 FUB CB . 19.13 20.66 -8.64
O5 FUB CB . 14.51 18.26 -4.80
C5 FUB CB . 14.31 17.26 -5.80
C4 FUB CB . 14.61 17.82 -7.18
O4 FUB CB . 15.96 18.31 -7.27
C3 FUB CB . 13.75 18.99 -7.63
O3 FUB CB . 12.43 18.60 -8.00
C2 FUB CB . 14.58 19.54 -8.77
O2 FUB CB . 14.32 20.91 -9.04
C1 FUB CB . 16.04 19.20 -8.39
O5 FUB DB . 7.12 20.07 -11.87
C5 FUB DB . 7.50 20.20 -10.50
C4 FUB DB . 8.96 19.84 -10.30
O4 FUB DB . 9.82 20.69 -11.10
C3 FUB DB . 9.35 18.42 -10.71
O3 FUB DB . 9.02 17.44 -9.73
C2 FUB DB . 10.86 18.58 -10.92
O2 FUB DB . 11.34 17.76 -11.97
C1 FUB DB . 11.10 20.08 -11.12
O5 FUB DB . 10.95 14.71 -9.63
C5 FUB DB . 12.36 14.48 -9.64
C4 FUB DB . 13.05 15.33 -10.68
O4 FUB DB . 12.76 16.73 -10.48
C3 FUB DB . 12.64 15.05 -12.14
O3 FUB DB . 13.25 13.89 -12.67
C2 FUB DB . 13.08 16.36 -12.81
O2 FUB DB . 12.48 16.54 -14.07
C1 FUB DB . 12.70 17.39 -11.75
O5 FUB DB . 14.19 12.63 -14.22
C5 FUB DB . 14.90 13.09 -15.36
C4 FUB DB . 14.34 14.40 -15.86
O4 FUB DB . 14.40 15.44 -14.86
C3 FUB DB . 12.87 14.38 -16.28
O3 FUB DB . 12.59 13.62 -17.45
C2 FUB DB . 12.58 15.88 -16.35
O2 FUB DB . 11.22 16.20 -16.34
C1 FUB DB . 13.39 16.42 -15.15
O5 AHR DB . 15.42 13.31 -21.65
C5 AHR DB . 14.13 12.74 -21.52
C4 AHR DB . 13.19 13.65 -20.78
O4 AHR DB . 13.69 13.95 -19.46
C3 AHR DB . 11.77 13.13 -20.54
O3 AHR DB . 10.96 13.16 -21.71
C2 AHR DB . 11.31 14.06 -19.43
O2 AHR DB . 10.23 13.53 -18.68
C1 AHR DB . 12.59 14.37 -18.64
O5 AHR DB . 6.29 13.26 -9.35
C5 AHR DB . 6.25 14.07 -10.52
C4 AHR DB . 7.65 14.44 -10.95
O4 AHR DB . 8.30 15.20 -9.91
C3 AHR DB . 7.70 15.38 -12.16
O3 AHR DB . 9.02 15.38 -12.71
C2 AHR DB . 7.40 16.72 -11.50
O2 AHR DB . 6.02 17.04 -11.57
C1 AHR DB . 7.91 16.58 -10.06
O5 FUB EB . 12.56 19.28 -23.52
C5 FUB EB . 12.60 17.92 -23.15
C4 FUB EB . 13.17 17.75 -21.76
O4 FUB EB . 12.38 18.47 -20.78
C3 FUB EB . 14.59 18.26 -21.54
O3 FUB EB . 15.58 17.40 -22.10
C2 FUB EB . 14.62 18.34 -20.01
O2 FUB EB . 15.65 19.18 -19.51
C1 FUB EB . 13.20 18.79 -19.64
O5 FUB EB . 17.27 16.30 -20.13
C5 FUB EB . 17.59 16.01 -18.77
C4 FUB EB . 17.30 17.19 -17.88
O4 FUB EB . 15.89 17.55 -17.92
C3 FUB EB . 18.05 18.48 -18.22
O3 FUB EB . 19.37 18.48 -17.69
C2 FUB EB . 17.12 19.53 -17.61
O2 FUB EB . 17.39 20.88 -17.93
C1 FUB EB . 15.78 18.96 -18.10
C6 GZL EB . 21.01 20.73 -19.72
C5 GZL EB . 21.45 21.79 -18.71
C4 GZL EB . 20.36 22.03 -17.74
C3 GZL EB . 19.25 23.24 -17.95
C2 GZL EB . 18.62 22.93 -16.96
O6 GZL EB . 22.15 20.04 -20.21
O5 GZL EB . 22.19 21.22 -17.64
O4 GZL EB . 19.74 20.93 -17.61
O3 GZL EB . 19.74 24.60 -17.64
C1 GZL EB . 18.41 21.35 -17.04
O2 GZL EB . 17.27 23.62 -17.00
O5 AHR EB . 23.92 26.12 -19.51
C5 AHR EB . 22.71 26.76 -19.92
C4 AHR EB . 21.86 27.10 -18.74
O4 AHR EB . 21.59 25.89 -17.99
C3 AHR EB . 20.46 27.60 -19.10
O3 AHR EB . 19.88 28.23 -17.98
C2 AHR EB . 19.74 26.29 -19.41
O2 AHR EB . 19.66 26.05 -20.80
C1 AHR EB . 20.53 25.22 -18.65
O5 FUB FB . 6.51 30.30 -13.42
C5 FUB FB . 7.46 30.08 -12.38
C4 FUB FB . 8.51 29.08 -12.82
O4 FUB FB . 9.31 29.59 -13.91
C3 FUB FB . 7.98 27.75 -13.36
O3 FUB FB . 7.46 26.90 -12.34
C2 FUB FB . 9.21 27.22 -14.09
O2 FUB FB . 8.86 26.34 -15.15
C1 FUB FB . 9.96 28.47 -14.54
O5 FUB FB . 6.39 24.52 -12.22
C5 FUB FB . 7.30 23.43 -12.29
C4 FUB FB . 8.16 23.51 -13.53
O4 FUB FB . 8.99 24.70 -13.53
C3 FUB FB . 7.41 23.57 -14.86
O3 FUB FB . 6.83 22.32 -15.17
C2 FUB FB . 8.53 24.07 -15.78
O2 FUB FB . 8.13 24.60 -17.03
C1 FUB FB . 9.32 25.03 -14.89
C6 GZL FB . 4.04 23.61 -20.17
C5 GZL FB . 5.39 22.86 -20.07
C4 GZL FB . 6.50 23.88 -19.87
C3 GZL FB . 7.97 23.10 -19.75
C2 GZL FB . 7.95 22.62 -18.63
O6 GZL FB . 3.32 23.38 -18.99
O5 GZL FB . 5.28 21.90 -19.00
O4 GZL FB . 6.38 24.52 -18.77
O3 GZL FB . 8.06 22.03 -20.76
C1 GZL FB . 7.24 23.75 -17.76
O2 GZL FB . 9.35 22.41 -18.15
O5 FUB GB . 5.48 27.69 -26.03
C5 FUB GB . 5.06 26.37 -25.70
C4 FUB GB . 5.92 25.79 -24.61
O4 FUB GB . 5.88 26.63 -23.42
C3 FUB GB . 7.41 25.63 -24.93
O3 FUB GB . 7.68 24.48 -25.73
C2 FUB GB . 8.01 25.60 -23.54
O2 FUB GB . 9.41 25.81 -23.53
C1 FUB GB . 7.20 26.69 -22.84
O5 FUB GB . 9.48 21.79 -24.78
C5 FUB GB . 10.12 21.47 -23.55
C4 FUB GB . 10.60 22.72 -22.86
O4 FUB GB . 9.52 23.65 -22.65
C3 FUB GB . 11.65 23.55 -23.62
O3 FUB GB . 12.94 22.95 -23.59
C2 FUB GB . 11.54 24.88 -22.89
O2 FUB GB . 12.08 25.95 -23.64
C1 FUB GB . 10.04 24.99 -22.55
C6 GZL GB . 16.30 24.80 -22.26
C5 GZL GB . 16.06 25.83 -23.37
C4 GZL GB . 15.01 26.81 -22.92
C3 GZL GB . 14.31 27.54 -24.24
C2 GZL GB . 13.29 28.03 -23.76
O6 GZL GB . 17.61 24.31 -22.39
O5 GZL GB . 15.63 25.18 -24.53
O4 GZL GB . 14.06 26.21 -22.33
O3 GZL GB . 15.17 28.60 -24.80
C1 GZL GB . 12.78 26.86 -22.82
O2 GZL GB . 12.29 28.32 -24.85
O5 AHR GB . 19.14 26.28 -26.04
C5 AHR GB . 18.84 27.30 -26.98
C4 AHR GB . 17.71 28.17 -26.49
O4 AHR GB . 16.52 27.41 -26.26
C3 AHR GB . 17.26 29.28 -27.44
O3 AHR GB . 18.14 30.39 -27.48
C2 AHR GB . 15.87 29.59 -26.90
O2 AHR GB . 15.00 30.07 -27.90
C1 AHR GB . 15.41 28.32 -26.17
O5 FUB HB . 14.98 35.48 -26.11
C5 FUB HB . 15.91 34.43 -26.38
C4 FUB HB . 15.68 33.26 -25.47
O4 FUB HB . 14.33 32.76 -25.57
C3 FUB HB . 15.88 33.51 -23.98
O3 FUB HB . 17.25 33.63 -23.60
C2 FUB HB . 15.17 32.30 -23.38
O2 FUB HB . 14.72 32.52 -22.06
C1 FUB HB . 14.07 31.96 -24.40
O5 FUB HB . 18.39 31.15 -20.93
C5 FUB HB . 17.78 30.01 -20.36
C4 FUB HB . 16.29 30.20 -20.26
O4 FUB HB . 15.71 30.49 -21.55
C3 FUB HB . 15.82 31.36 -19.38
O3 FUB HB . 15.92 31.07 -17.99
C2 FUB HB . 14.41 31.57 -19.88
O2 FUB HB . 13.89 32.84 -19.54
C1 FUB HB . 14.54 31.29 -21.38
C6 GZL HB . 14.44 31.88 -14.80
C5 GZL HB . 14.34 33.09 -15.74
C4 GZL HB . 13.05 33.04 -16.51
C3 GZL HB . 12.79 34.46 -17.35
C2 GZL HB . 12.18 34.14 -18.36
O6 GZL HB . 13.21 31.74 -14.15
O5 GZL HB . 15.43 33.09 -16.62
O4 GZL HB . 13.12 32.10 -17.38
O3 GZL HB . 11.95 35.39 -16.55
C1 GZL HB . 12.73 32.70 -18.72
O2 GZL HB . 12.48 35.11 -19.48
O5 AHR HB . 9.78 37.31 -12.89
C5 AHR HB . 10.59 38.26 -13.57
C4 AHR HB . 11.18 37.69 -14.83
O4 AHR HB . 11.99 36.53 -14.55
C3 AHR HB . 12.12 38.61 -15.61
O3 AHR HB . 11.45 39.60 -16.36
C2 AHR HB . 12.90 37.60 -16.45
O2 AHR HB . 14.24 38.01 -16.68
C1 AHR HB . 12.73 36.25 -15.75
O5 FUB IB . 6.71 40.39 -18.51
C5 FUB IB . 7.59 40.21 -17.41
C4 FUB IB . 8.21 38.82 -17.43
O4 FUB IB . 8.93 38.60 -18.65
C3 FUB IB . 7.22 37.66 -17.36
O3 FUB IB . 6.67 37.46 -16.06
C2 FUB IB . 8.10 36.52 -17.86
O2 FUB IB . 7.34 35.47 -18.43
C1 FUB IB . 9.10 37.18 -18.81
O5 FUB IB . 6.69 33.85 -14.67
C5 FUB IB . 7.56 32.77 -15.04
C4 FUB IB . 7.80 32.76 -16.54
O4 FUB IB . 8.38 34.01 -16.97
C3 FUB IB . 6.55 32.59 -17.41
O3 FUB IB . 6.08 31.24 -17.44
C2 FUB IB . 7.07 33.10 -18.74
O2 FUB IB . 6.03 33.48 -19.62
C1 FUB IB . 8.02 34.24 -18.35
C6 GZL IB . 3.76 29.42 -19.79
C5 GZL IB . 3.26 30.66 -20.54
C4 GZL IB . 4.41 31.27 -21.31
C3 GZL IB . 4.04 32.84 -21.75
C2 GZL IB . 5.13 33.38 -21.91
O6 GZL IB . 4.00 28.39 -20.73
O5 GZL IB . 2.77 31.58 -19.63
O4 GZL IB . 5.43 31.34 -20.54
O3 GZL IB . 3.28 32.84 -23.01
C1 GZL IB . 6.06 32.71 -20.81
O2 GZL IB . 5.03 34.86 -21.67
O5 FUB JB . 0.92 39.27 -33.94
C5 FUB JB . -0.41 38.85 -34.17
C4 FUB JB . -1.25 38.72 -32.92
O4 FUB JB . -1.31 39.97 -32.20
C3 FUB JB . -0.75 37.70 -31.89
O3 FUB JB . -1.83 37.30 -31.07
C2 FUB JB . 0.23 38.53 -31.09
O2 FUB JB . 1.56 38.39 -31.57
C1 FUB JB . -0.28 39.98 -31.19
O5 FUB JB . 1.31 34.29 -31.01
C5 FUB JB . 2.24 34.42 -29.94
C4 FUB JB . 2.88 35.78 -29.96
O4 FUB JB . 1.89 36.83 -29.90
C3 FUB JB . 3.71 36.11 -31.21
O3 FUB JB . 4.97 35.45 -31.24
C2 FUB JB . 3.78 37.62 -31.12
O2 FUB JB . 4.09 38.23 -32.36
C1 FUB JB . 2.42 38.01 -30.53
C6 GZL JB . 8.38 35.78 -33.11
C5 GZL JB . 7.43 36.54 -34.06
C4 GZL JB . 7.09 37.88 -33.44
C3 GZL JB . 6.07 38.74 -34.45
C2 GZL JB . 5.60 39.60 -33.72
O6 GZL JB . 9.68 36.27 -33.30
O5 GZL JB . 6.27 35.80 -34.24
O4 GZL JB . 6.43 37.71 -32.37
O3 GZL JB . 6.86 39.36 -35.54
C1 GZL JB . 5.38 38.81 -32.35
O2 GZL JB . 4.28 40.07 -34.25
O5 FUB KB . 7.40 42.50 -40.03
C5 FUB KB . 8.18 43.13 -39.03
C4 FUB KB . 7.91 42.54 -37.67
O4 FUB KB . 6.50 42.56 -37.37
C3 FUB KB . 8.59 43.25 -36.49
O3 FUB KB . 9.95 42.86 -36.33
C2 FUB KB . 7.67 42.87 -35.34
O2 FUB KB . 7.86 43.67 -34.20
C1 FUB KB . 6.30 42.95 -36.00
O5 FUB KB . 10.78 40.31 -32.86
C5 FUB KB . 10.53 41.25 -31.85
C4 FUB KB . 9.64 42.38 -32.34
O4 FUB KB . 8.40 41.86 -32.86
C3 FUB KB . 9.24 43.43 -31.30
O3 FUB KB . 9.14 42.86 -30.01
C2 FUB KB . 7.86 43.87 -31.80
O2 FUB KB . 7.79 45.26 -32.06
C1 FUB KB . 7.54 42.98 -33.01
C6 GZL KB . 9.03 45.36 -27.87
C5 GZL KB . 8.84 46.78 -28.45
C4 GZL KB . 7.58 46.82 -29.29
C3 GZL KB . 7.80 47.80 -30.62
C2 GZL KB . 6.89 47.44 -31.38
O6 GZL KB . 7.76 44.84 -27.56
O5 GZL KB . 9.94 47.09 -29.25
O4 GZL KB . 7.30 45.67 -29.74
O3 GZL KB . 7.65 49.22 -30.24
C1 GZL KB . 6.86 45.87 -31.18
O2 GZL KB . 7.25 47.79 -32.81
O5 FUB LB . 3.84 54.69 -30.45
C5 FUB LB . 5.10 54.23 -29.95
C4 FUB LB . 5.24 52.74 -30.13
O4 FUB LB . 5.23 52.37 -31.53
C3 FUB LB . 4.11 51.89 -29.52
O3 FUB LB . 4.21 51.78 -28.11
C2 FUB LB . 4.30 50.58 -30.27
O2 FUB LB . 3.13 49.80 -30.26
C1 FUB LB . 4.75 51.03 -31.67
O5 FUB LB . 5.47 47.87 -26.11
C5 FUB LB . 4.06 47.83 -26.23
C4 FUB LB . 3.64 47.58 -27.65
O4 FUB LB . 4.12 48.60 -28.54
C3 FUB LB . 2.12 47.55 -27.89
O3 FUB LB . 1.53 46.34 -27.44
C2 FUB LB . 2.03 47.87 -29.38
O2 FUB LB . 1.64 46.80 -30.22
C1 FUB LB . 3.38 48.50 -29.76
C6 GZL LB . -1.38 44.16 -28.11
C5 GZL LB . -2.17 45.26 -28.83
C4 GZL LB . -1.58 45.51 -30.20
C3 GZL LB . -1.75 47.12 -30.66
C2 GZL LB . -0.67 47.39 -31.20
O6 GZL LB . -2.13 43.77 -26.98
O5 GZL LB . -2.11 46.43 -28.06
O4 GZL LB . -0.33 45.29 -30.14
O3 GZL LB . -2.91 47.35 -31.54
C1 GZL LB . 0.22 46.70 -30.11
O2 GZL LB . -0.43 48.88 -31.22
O5 AHR LB . -6.46 44.18 -30.02
C5 AHR LB . -6.92 45.52 -30.00
C4 AHR LB . -6.04 46.42 -30.83
O4 AHR LB . -4.69 46.38 -30.36
C3 AHR LB . -6.39 47.91 -30.83
O3 AHR LB . -7.54 48.21 -31.63
C2 AHR LB . -5.09 48.51 -31.35
O2 AHR LB . -4.97 49.89 -31.08
C1 AHR LB . -4.03 47.61 -30.70
O5 FUB MB . -6.63 49.61 -36.73
C5 FUB MB . -7.02 48.92 -35.56
C4 FUB MB . -5.85 48.16 -34.97
O4 FUB MB . -4.72 49.02 -34.77
C3 FUB MB . -5.29 47.01 -35.81
O3 FUB MB . -6.13 45.86 -35.81
C2 FUB MB . -3.94 46.80 -35.14
O2 FUB MB . -2.98 46.20 -35.98
C1 FUB MB . -3.55 48.19 -34.60
O5 FUB MB . -3.77 42.50 -32.83
C5 FUB MB . -3.22 42.26 -34.12
C4 FUB MB . -2.18 43.30 -34.47
O4 FUB MB . -2.71 44.63 -34.31
C3 FUB MB . -1.66 43.27 -35.91
O3 FUB MB . -0.72 42.22 -36.13
C2 FUB MB . -1.10 44.67 -36.06
O2 FUB MB . -1.01 45.07 -37.42
C1 FUB MB . -2.01 45.54 -35.17
C6 GZL MB . 3.14 42.05 -38.88
C5 GZL MB . 1.75 42.54 -39.30
C4 GZL MB . 1.61 44.00 -38.98
C3 GZL MB . 0.48 44.75 -39.94
C2 GZL MB . 0.25 45.80 -39.35
O6 GZL MB . 2.99 40.79 -38.26
O5 GZL MB . 0.78 41.81 -38.60
O4 GZL MB . 1.17 44.14 -37.79
O3 GZL MB . 1.02 45.04 -41.29
C1 GZL MB . 0.30 45.39 -37.82
O2 GZL MB . -1.13 46.30 -39.70
O5 AHR MB . 2.92 40.94 -42.70
C5 AHR MB . 2.28 41.60 -43.78
C4 AHR MB . 1.87 43.01 -43.40
O4 AHR MB . 0.88 43.01 -42.35
C3 AHR MB . 1.23 43.85 -44.50
O3 AHR MB . 2.16 44.30 -45.48
C2 AHR MB . 0.61 44.98 -43.67
O2 AHR MB . -0.44 45.65 -44.33
C1 AHR MB . 0.32 44.32 -42.29
O5 AHR MB . -2.93 49.23 -43.15
C5 AHR MB . -3.75 48.22 -42.57
C4 AHR MB . -3.44 46.87 -43.18
O4 AHR MB . -2.10 46.45 -42.88
C3 AHR MB . -3.51 46.81 -44.71
O3 AHR MB . -4.85 46.84 -45.21
C2 AHR MB . -2.75 45.52 -44.97
O2 AHR MB . -2.20 45.46 -46.27
C1 AHR MB . -1.75 45.42 -43.82
O5 FUB NB . 3.42 49.63 -46.41
C5 FUB NB . 2.72 48.42 -46.20
C4 FUB NB . 2.33 48.26 -44.74
O4 FUB NB . 1.60 49.42 -44.29
C3 FUB NB . 3.48 48.13 -43.75
O3 FUB NB . 4.10 46.85 -43.78
C2 FUB NB . 2.77 48.47 -42.44
O2 FUB NB . 3.65 48.98 -41.46
C1 FUB NB . 1.64 49.42 -42.85
O5 FUB NB . 5.94 45.84 -41.50
C5 FUB NB . 5.68 45.59 -40.11
C4 FUB NB . 4.91 46.74 -39.50
O4 FUB NB . 3.71 47.01 -40.25
C3 FUB NB . 5.63 48.08 -39.42
O3 FUB NB . 6.61 48.12 -38.39
C2 FUB NB . 4.45 49.01 -39.22
O2 FUB NB . 4.76 50.38 -39.42
C1 FUB NB . 3.42 48.42 -40.18
C6 GZL NB . 7.59 50.60 -35.72
C5 GZL NB . 7.42 51.74 -36.73
C4 GZL NB . 5.94 52.00 -36.95
C3 GZL NB . 5.71 52.89 -38.34
C2 GZL NB . 4.54 52.69 -38.62
O6 GZL NB . 8.04 51.15 -34.50
O5 GZL NB . 8.01 51.39 -37.95
O4 GZL NB . 5.33 50.90 -37.15
O3 GZL NB . 5.95 54.33 -38.09
C1 GZL NB . 4.36 51.15 -38.29
O2 GZL NB . 4.30 52.95 -40.09
O5 AHR NB . 9.76 55.46 -35.56
C5 AHR NB . 9.47 56.44 -36.56
C4 AHR NB . 8.18 56.13 -37.27
O4 AHR NB . 8.21 54.81 -37.86
C3 AHR NB . 7.84 57.06 -38.44
O3 AHR NB . 7.27 58.29 -38.02
C2 AHR NB . 6.92 56.18 -39.29
O2 AHR NB . 7.16 56.36 -40.67
C1 AHR NB . 7.12 54.75 -38.78
O5 AHR NB . 4.75 54.46 -44.43
C5 AHR NB . 4.89 55.87 -44.55
C4 AHR NB . 5.85 56.42 -43.53
O4 AHR NB . 5.41 56.15 -42.19
C3 AHR NB . 6.05 57.94 -43.55
O3 AHR NB . 6.86 58.39 -44.63
C2 AHR NB . 6.65 58.17 -42.17
O2 AHR NB . 6.44 59.48 -41.68
C1 AHR NB . 6.09 57.04 -41.29
O5 FUB OB . 2.21 60.47 -39.03
C5 FUB OB . 3.53 60.05 -38.73
C4 FUB OB . 3.58 58.56 -38.48
O4 FUB OB . 3.08 57.83 -39.63
C3 FUB OB . 2.73 58.05 -37.31
O3 FUB OB . 3.29 58.34 -36.04
C2 FUB OB . 2.64 56.57 -37.66
O2 FUB OB . 1.50 55.95 -37.09
C1 FUB OB . 2.72 56.51 -39.19
O5 FUB OB . 5.35 55.29 -33.87
C5 FUB OB . 4.03 55.61 -33.46
C4 FUB OB . 3.00 54.84 -34.25
O4 FUB OB . 3.13 55.11 -35.67
C3 FUB OB . 1.53 55.14 -33.94
O3 FUB OB . 1.08 54.55 -32.73
C2 FUB OB . 0.84 54.61 -35.19
O2 FUB OB . -0.42 55.20 -35.41
C1 FUB OB . 1.87 54.83 -36.32
C6 GZL OB . -3.67 52.59 -32.66
C5 GZL OB . -4.04 53.75 -33.58
C4 GZL OB . -3.27 53.64 -34.87
C3 GZL OB . -3.47 55.01 -35.80
C2 GZL OB . -2.56 54.93 -36.62
O6 GZL OB . -4.84 51.88 -32.33
O5 GZL OB . -3.71 54.96 -32.96
O4 GZL OB . -2.03 53.58 -34.63
O3 GZL OB . -4.78 54.99 -36.47
C1 GZL OB . -1.36 54.23 -35.83
O2 GZL OB . -2.16 56.31 -37.09
C1 NAG PB . 32.22 6.95 34.76
C2 NAG PB . 32.01 7.16 36.26
C3 NAG PB . 31.17 6.05 36.87
C4 NAG PB . 29.96 5.69 36.00
C5 NAG PB . 30.40 5.49 34.54
C6 NAG PB . 29.22 5.17 33.65
C7 NAG PB . 33.46 7.33 38.24
C8 NAG PB . 34.67 6.62 38.78
N2 NAG PB . 33.31 7.26 36.92
O3 NAG PB . 30.67 6.47 38.15
O4 NAG PB . 29.29 4.51 36.46
O5 NAG PB . 31.00 6.69 34.09
O6 NAG PB . 29.67 5.20 32.28
O7 NAG PB . 32.70 7.94 38.97
C1 NAG PB . 30.20 3.52 36.93
C2 NAG PB . 29.67 2.88 38.21
C3 NAG PB . 28.88 1.58 38.03
C4 NAG PB . 28.96 1.05 36.61
C5 NAG PB . 30.38 1.24 36.09
C6 NAG PB . 30.55 0.51 34.76
C7 NAG PB . 31.13 3.65 39.98
C8 NAG PB . 32.54 3.58 40.49
N2 NAG PB . 30.76 2.68 39.15
O3 NAG PB . 27.52 1.81 38.38
O4 NAG PB . 28.63 -0.34 36.58
O5 NAG PB . 30.59 2.64 35.87
O6 NAG PB . 31.85 0.82 34.22
O7 NAG PB . 30.37 4.55 40.30
C1 NAG QB . 45.38 -68.77 35.33
C2 NAG QB . 46.42 -69.28 36.31
C3 NAG QB . 46.65 -68.32 37.46
C4 NAG QB . 46.86 -66.90 36.97
C5 NAG QB . 45.75 -66.49 36.01
C6 NAG QB . 46.05 -65.14 35.39
C7 NAG QB . 46.65 -71.68 36.64
C8 NAG QB . 46.12 -72.89 37.34
N2 NAG QB . 45.99 -70.55 36.86
O3 NAG QB . 47.82 -68.74 38.17
O4 NAG QB . 46.79 -66.02 38.10
O5 NAG QB . 45.65 -67.43 34.95
O6 NAG QB . 46.10 -64.13 36.41
O7 NAG QB . 47.63 -71.74 35.92
C1 NAG QB . 48.07 -65.54 38.47
C2 NAG QB . 47.88 -64.43 39.48
C3 NAG QB . 49.19 -63.92 40.03
C4 NAG QB . 49.95 -65.10 40.64
C5 NAG QB . 50.10 -66.17 39.56
C6 NAG QB . 50.85 -67.38 40.11
C7 NAG QB . 46.33 -62.57 39.59
C8 NAG QB . 46.16 -61.17 39.10
N2 NAG QB . 47.14 -63.34 38.88
O3 NAG QB . 48.88 -62.93 41.01
O4 NAG QB . 51.28 -64.74 41.03
O5 NAG QB . 48.84 -66.60 39.05
O6 NAG QB . 51.11 -68.29 39.03
O7 NAG QB . 45.76 -62.99 40.60
C1 BMA QB . 51.39 -64.00 42.25
C2 BMA QB . 50.45 -64.45 43.35
C3 BMA QB . 50.69 -63.54 44.53
C4 BMA QB . 52.07 -63.89 45.05
C5 BMA QB . 53.04 -63.47 43.96
C6 BMA QB . 54.45 -63.90 44.31
O2 BMA QB . 50.78 -65.80 43.70
O3 BMA QB . 49.66 -63.63 45.52
O4 BMA QB . 52.34 -63.17 46.26
O5 BMA QB . 52.75 -64.09 42.70
O6 BMA QB . 54.55 -65.30 44.03
C1 MAN QB . 55.63 -65.84 44.77
C2 MAN QB . 56.75 -66.25 43.81
C3 MAN QB . 57.98 -66.67 44.59
C4 MAN QB . 58.37 -65.60 45.58
C5 MAN QB . 57.20 -65.18 46.45
C6 MAN QB . 57.54 -63.95 47.28
O2 MAN QB . 57.08 -65.15 42.97
O3 MAN QB . 59.06 -66.89 43.67
O4 MAN QB . 59.42 -66.11 46.41
O5 MAN QB . 56.10 -64.81 45.62
O6 MAN QB . 58.44 -64.32 48.33
C1 MAN QB . 57.78 -64.18 49.58
C2 MAN QB . 58.81 -64.00 50.67
C3 MAN QB . 59.73 -65.20 50.73
C4 MAN QB . 58.94 -66.50 50.79
C5 MAN QB . 57.84 -66.54 49.73
C6 MAN QB . 56.96 -67.77 49.94
O2 MAN QB . 58.16 -63.83 51.94
O3 MAN QB . 60.57 -65.09 51.90
O4 MAN QB . 59.84 -67.60 50.56
O5 MAN QB . 57.04 -65.38 49.83
O6 MAN QB . 55.72 -67.56 49.25
C1 MAN QB . 48.65 -62.76 45.05
C2 MAN QB . 47.23 -63.30 45.13
C3 MAN QB . 46.38 -62.44 44.22
C4 MAN QB . 46.52 -60.96 44.59
C5 MAN QB . 47.97 -60.54 44.78
C6 MAN QB . 48.05 -59.15 45.40
O2 MAN QB . 46.74 -63.19 46.47
O3 MAN QB . 45.00 -62.83 44.34
O4 MAN QB . 45.96 -60.18 43.53
O5 MAN QB . 48.69 -61.45 45.61
O6 MAN QB . 47.11 -58.30 44.73
O5 FUB RB . -85.87 84.49 -119.83
C5 FUB RB . -87.24 84.13 -119.68
C4 FUB RB . -88.14 85.33 -119.84
O4 FUB RB . -89.53 84.92 -119.76
C3 FUB RB . -88.05 85.98 -121.22
O3 FUB RB . -88.64 87.27 -121.15
C2 FUB RB . -88.92 85.04 -122.05
O2 FUB RB . -88.16 84.05 -122.72
C1 FUB RB . -89.93 84.47 -121.06
O5 FUB RB . -85.03 84.64 -125.34
C5 FUB RB . -85.93 84.41 -126.41
C4 FUB RB . -87.22 83.81 -125.92
O4 FUB RB . -87.85 84.67 -124.94
C3 FUB RB . -87.09 82.46 -125.21
O3 FUB RB . -86.88 81.38 -126.11
C2 FUB RB . -88.43 82.41 -124.46
O2 FUB RB . -88.43 81.46 -123.42
C1 FUB RB . -88.65 83.87 -124.05
O5 FUB RB . -87.22 79.26 -127.22
C5 FUB RB . -88.35 78.47 -126.90
C4 FUB RB . -88.78 78.66 -125.47
O4 FUB RB . -89.12 80.04 -125.20
C3 FUB RB . -87.73 78.33 -124.40
O3 FUB RB . -87.54 76.93 -124.23
C2 FUB RB . -88.32 79.04 -123.19
O2 FUB RB . -87.34 79.36 -122.21
C1 FUB RB . -89.09 80.24 -123.78
O5 FUB SB . -92.43 73.57 -119.51
C5 FUB SB . -91.53 72.53 -119.15
C4 FUB SB . -90.19 72.64 -119.85
O4 FUB SB . -89.56 73.90 -119.56
C3 FUB SB . -90.23 72.57 -121.38
O3 FUB SB . -88.96 72.14 -121.86
C2 FUB SB . -90.47 74.02 -121.75
O2 FUB SB . -91.84 74.34 -121.82
C1 FUB SB . -89.72 74.81 -120.66
O5 FUB SB . -95.45 74.36 -123.87
C5 FUB SB . -94.75 74.48 -125.10
C4 FUB SB . -93.39 75.10 -124.91
O4 FUB SB . -92.56 74.28 -124.06
C3 FUB SB . -93.39 76.50 -124.27
O3 FUB SB . -92.30 77.26 -124.77
C2 FUB SB . -93.13 76.16 -122.81
O2 FUB SB . -94.30 75.69 -122.17
C1 FUB SB . -92.06 75.10 -122.99
O5 FUB SB . -97.18 75.65 -123.01
C5 FUB SB . -97.69 76.93 -122.63
C4 FUB SB . -96.91 77.59 -121.51
O4 FUB SB . -95.51 77.66 -121.85
C3 FUB SB . -96.96 76.86 -120.16
O3 FUB SB . -96.67 77.79 -119.13
C2 FUB SB . -95.80 75.87 -120.31
O2 FUB SB . -96.24 74.64 -120.83
C1 FUB SB . -94.79 76.60 -121.20
O5 FUB TB . -100.38 78.00 -112.66
C5 FUB TB . -99.55 77.03 -113.28
C4 FUB TB . -98.49 77.67 -114.13
O4 FUB TB . -97.65 76.68 -114.76
C3 FUB TB . -98.99 78.51 -115.31
O3 FUB TB . -100.01 77.79 -116.00
C2 FUB TB . -97.73 78.60 -116.16
O2 FUB TB . -96.98 79.77 -115.91
C1 FUB TB . -96.97 77.29 -115.87
O5 FUB TB . -99.27 81.66 -119.08
C5 FUB TB . -98.08 81.62 -119.85
C4 FUB TB . -96.88 81.31 -118.98
O4 FUB TB . -97.08 80.08 -118.24
C3 FUB TB . -96.54 82.34 -117.91
O3 FUB TB . -95.93 83.51 -118.45
C2 FUB TB . -95.61 81.51 -117.01
O2 FUB TB . -95.40 82.04 -115.72
C1 FUB TB . -96.22 80.10 -117.08
O5 FUB TB . -94.53 85.93 -117.39
C5 FUB TB . -93.18 85.63 -117.12
C4 FUB TB . -93.05 84.47 -116.16
O4 FUB TB . -93.69 83.29 -116.69
C3 FUB TB . -93.70 84.66 -114.78
O3 FUB TB . -92.93 85.52 -113.94
C2 FUB TB . -93.80 83.21 -114.31
O2 FUB TB . -94.76 83.03 -113.29
C1 FUB TB . -94.04 82.41 -115.61
O5 AHR TB . -91.43 89.83 -112.34
C5 AHR TB . -92.30 89.20 -111.40
C4 AHR TB . -92.59 87.77 -111.79
O4 AHR TB . -93.17 87.69 -113.11
C3 AHR TB . -93.58 87.04 -110.89
O3 AHR TB . -93.02 86.65 -109.65
C2 AHR TB . -93.99 85.88 -111.79
O2 AHR TB . -95.28 85.38 -111.50
C1 AHR TB . -93.80 86.40 -113.23
O5 FUB UB . -90.73 83.94 -107.42
C5 FUB UB . -89.65 83.98 -108.35
C4 FUB UB . -90.13 83.77 -109.76
O4 FUB UB . -90.89 82.54 -109.88
C3 FUB UB . -89.05 83.65 -110.84
O3 FUB UB . -88.45 84.89 -111.16
C2 FUB UB . -89.84 83.01 -111.97
O2 FUB UB . -89.06 82.42 -112.98
C1 FUB UB . -90.81 82.06 -111.23
O5 FUB UB . -87.77 84.68 -115.77
C5 FUB UB . -87.92 83.29 -116.01
C4 FUB UB . -89.39 82.95 -116.16
O4 FUB UB . -90.07 83.25 -114.92
C3 FUB UB . -89.66 81.46 -116.36
O3 FUB UB . -90.99 81.27 -116.81
C2 FUB UB . -89.51 80.94 -114.94
O2 FUB UB . -88.23 80.40 -114.68
C1 FUB UB . -89.93 82.13 -114.05
O5 FUB UB . -85.05 78.97 -117.78
C5 FUB UB . -85.96 77.88 -117.89
C4 FUB UB . -86.88 77.83 -116.68
O4 FUB UB . -87.63 79.06 -116.55
C3 FUB UB . -86.21 77.65 -115.32
O3 FUB UB . -85.75 76.33 -115.09
C2 FUB UB . -87.31 78.12 -114.39
O2 FUB UB . -86.83 78.64 -113.17
C1 FUB UB . -88.18 79.08 -115.22
O5 AHR UB . -82.85 74.19 -118.32
C5 AHR UB . -82.37 74.00 -117.00
C4 AHR UB . -83.40 74.45 -115.98
O4 AHR UB . -83.71 75.85 -116.13
C3 AHR UB . -82.98 74.32 -114.51
O3 AHR UB . -83.03 72.98 -114.04
C2 AHR UB . -83.96 75.27 -113.84
O2 AHR UB . -83.48 75.80 -112.63
C1 AHR UB . -84.34 76.30 -114.93
O5 AHR UB . -93.26 83.83 -103.26
C5 AHR UB . -91.92 83.39 -103.08
C4 AHR UB . -91.07 83.68 -104.29
O4 AHR UB . -91.55 82.99 -105.45
C3 AHR UB . -89.60 83.27 -104.19
O3 AHR UB . -88.82 84.14 -103.37
C2 AHR UB . -89.20 83.28 -105.66
O2 AHR UB . -88.10 82.43 -105.93
C1 AHR UB . -90.49 82.96 -106.42
O5 FUB VB . -94.92 68.77 -107.35
C5 FUB VB . -95.28 68.80 -108.72
C4 FUB VB . -94.92 70.11 -109.36
O4 FUB VB . -93.49 70.34 -109.33
C3 FUB VB . -95.51 71.36 -108.71
O3 FUB VB . -96.89 71.53 -108.97
C2 FUB VB . -94.62 72.43 -109.32
O2 FUB VB . -94.65 73.68 -108.65
C1 FUB VB . -93.24 71.75 -109.43
O5 FUB VB . -97.48 73.78 -110.91
C5 FUB VB . -97.08 74.91 -110.15
C4 FUB VB . -95.87 75.57 -110.75
O4 FUB VB . -94.77 74.64 -110.79
C3 FUB VB . -95.34 76.77 -109.94
O3 FUB VB . -94.71 77.73 -110.78
C2 FUB VB . -94.32 76.11 -109.02
O2 FUB VB . -94.61 76.27 -107.63
C1 FUB VB . -94.14 74.68 -109.51
C6 GZL VB . -98.04 79.51 -104.93
C5 GZL VB . -96.51 79.68 -105.03
C4 GZL VB . -95.87 78.79 -106.04
C3 GZL VB . -94.23 78.73 -105.83
C2 GZL VB . -94.09 78.72 -107.03
O6 GZL VB . -98.65 80.63 -105.51
O5 GZL VB . -96.04 80.86 -105.72
O4 GZL VB . -96.16 77.58 -106.24
O3 GZL VB . -93.71 79.96 -105.21
C1 GZL VB . -95.16 77.56 -107.40
O2 GZL VB . -92.69 78.28 -107.39
O5 FUB WB . -79.80 72.67 -104.64
C5 FUB WB . -79.91 73.91 -105.31
C4 FUB WB . -81.34 74.18 -105.71
O4 FUB WB . -82.20 74.25 -104.56
C3 FUB WB . -81.99 73.12 -106.61
O3 FUB WB . -81.53 73.17 -107.95
C2 FUB WB . -83.47 73.47 -106.43
O2 FUB WB . -84.33 72.40 -106.73
C1 FUB WB . -83.55 73.98 -104.98
O5 FUB WB . -81.86 72.63 -110.12
C5 FUB WB . -83.03 72.86 -110.88
C4 FUB WB . -84.28 72.56 -110.08
O4 FUB WB . -84.30 73.36 -108.86
C3 FUB WB . -84.44 71.12 -109.60
O3 FUB WB . -84.83 70.23 -110.63
C2 FUB WB . -85.49 71.31 -108.50
O2 FUB WB . -85.54 70.23 -107.58
C1 FUB WB . -85.11 72.67 -107.88
O5 FUB WB . -87.18 67.38 -110.19
C5 FUB WB . -88.40 67.54 -109.49
C4 FUB WB . -88.19 68.27 -108.19
O4 FUB WB . -87.61 69.57 -108.41
C3 FUB WB . -87.26 67.60 -107.18
O3 FUB WB . -87.85 66.48 -106.53
C2 FUB WB . -86.93 68.77 -106.26
O2 FUB WB . -85.78 68.57 -105.48
C1 FUB WB . -86.88 69.97 -107.23
O5 FUB XB . -88.95 63.19 -101.38
C5 FUB XB . -88.21 63.12 -102.59
C4 FUB XB . -87.91 64.49 -103.13
O4 FUB XB . -87.11 65.25 -102.19
C3 FUB XB . -89.12 65.37 -103.42
O3 FUB XB . -89.75 65.06 -104.65
C2 FUB XB . -88.51 66.77 -103.36
O2 FUB XB . -89.40 67.70 -102.76
C1 FUB XB . -87.17 66.62 -102.62
O5 FUB XB . -92.63 66.31 -104.88
C5 FUB XB . -92.62 67.53 -105.60
C4 FUB XB . -91.76 68.56 -104.89
O4 FUB XB . -90.39 68.12 -104.80
C3 FUB XB . -92.15 68.88 -103.45
O3 FUB XB . -93.31 69.70 -103.35
C2 FUB XB . -90.87 69.53 -102.94
O2 FUB XB . -90.78 69.58 -101.54
C1 FUB XB . -89.78 68.72 -103.65
O5 FUB XB . -95.35 71.74 -100.81
C5 FUB XB . -94.58 71.21 -99.73
C4 FUB XB . -93.12 71.51 -99.90
O4 FUB XB . -92.62 70.97 -101.14
C3 FUB XB . -92.19 70.93 -98.84
O3 FUB XB . -92.23 71.64 -97.61
C2 FUB XB . -90.84 70.99 -99.55
O2 FUB XB . -89.91 70.04 -99.06
C1 FUB XB . -91.19 70.85 -101.05
O5 FUB YB . -89.78 72.90 -91.86
C5 FUB YB . -91.01 72.64 -92.53
C4 FUB YB . -90.81 72.48 -94.01
O4 FUB YB . -89.94 71.38 -94.32
C3 FUB YB . -90.18 73.68 -94.73
O3 FUB YB . -91.06 74.78 -94.89
C2 FUB YB . -89.73 73.03 -96.02
O2 FUB YB . -88.62 73.68 -96.61
C1 FUB YB . -89.51 71.55 -95.69
O5 FUB YB . -91.22 76.97 -97.66
C5 FUB YB . -91.10 76.48 -98.98
C4 FUB YB . -89.95 75.52 -99.12
O4 FUB YB . -90.10 74.38 -98.24
C3 FUB YB . -88.56 76.07 -98.76
O3 FUB YB . -88.03 76.93 -99.76
C2 FUB YB . -87.78 74.79 -98.56
O2 FUB YB . -86.61 74.95 -97.78
C1 FUB YB . -88.81 73.79 -98.00
O5 FUB YB . -83.93 77.35 -100.20
C5 FUB YB . -83.27 76.13 -100.50
C4 FUB YB . -83.70 75.02 -99.55
O4 FUB YB . -85.13 74.84 -99.57
C3 FUB YB . -83.38 75.26 -98.07
O3 FUB YB . -82.00 75.06 -97.76
C2 FUB YB . -84.32 74.25 -97.41
O2 FUB YB . -84.60 74.54 -96.06
C1 FUB YB . -85.54 74.21 -98.35
O5 FUB ZB . -76.93 72.26 -94.11
C5 FUB ZB . -77.21 73.47 -94.80
C4 FUB ZB . -78.47 73.33 -95.63
O4 FUB ZB . -79.61 72.99 -94.80
C3 FUB ZB . -78.47 72.25 -96.71
O3 FUB ZB . -77.66 72.58 -97.82
C2 FUB ZB . -79.96 72.14 -97.00
O2 FUB ZB . -80.33 70.94 -97.64
C1 FUB ZB . -80.62 72.41 -95.65
O5 FUB ZB . -78.33 72.86 -100.83
C5 FUB ZB . -79.61 73.00 -101.45
C4 FUB ZB . -80.63 72.10 -100.79
O4 FUB ZB . -80.76 72.41 -99.39
C3 FUB ZB . -80.33 70.60 -100.83
O3 FUB ZB . -80.55 70.02 -102.10
C2 FUB ZB . -81.25 70.10 -99.73
O2 FUB ZB . -80.91 68.82 -99.24
C1 FUB ZB . -81.24 71.24 -98.70
C6 GZL ZB . -82.18 66.28 -103.39
C5 GZL ZB . -81.46 65.73 -102.15
C4 GZL ZB . -82.13 66.27 -100.91
C3 GZL ZB . -81.29 65.79 -99.54
C2 GZL ZB . -81.70 66.55 -98.67
O6 GZL ZB . -82.70 65.20 -104.10
O5 GZL ZB . -80.12 66.15 -102.16
O4 GZL ZB . -82.10 67.54 -100.90
O3 GZL ZB . -81.62 64.40 -99.22
C1 GZL ZB . -81.99 67.93 -99.43
O2 GZL ZB . -80.64 66.76 -97.61
O5 FUB AC . -80.09 59.45 -96.19
C5 FUB AC . -80.13 60.54 -95.29
C4 FUB AC . -80.72 61.78 -95.93
O4 FUB AC . -80.61 62.92 -95.05
C3 FUB AC . -82.20 61.72 -96.29
O3 FUB AC . -82.46 61.03 -97.50
C2 FUB AC . -82.57 63.20 -96.32
O2 FUB AC . -83.87 63.45 -95.82
C1 FUB AC . -81.44 63.94 -95.60
O5 FUB AC . -85.71 61.87 -99.25
C5 FUB AC . -86.10 63.19 -99.58
C4 FUB AC . -85.90 64.12 -98.40
O4 FUB AC . -84.53 64.10 -97.94
C3 FUB AC . -86.72 63.80 -97.15
O3 FUB AC . -88.09 64.16 -97.28
C2 FUB AC . -85.96 64.62 -96.11
O2 FUB AC . -86.25 64.23 -94.78
C1 FUB AC . -84.49 64.48 -96.55
O5 FUB AC . -90.34 66.12 -94.69
C5 FUB AC . -89.66 67.13 -93.96
C4 FUB AC . -88.32 66.66 -93.45
O4 FUB AC . -87.48 66.20 -94.53
C3 FUB AC . -88.38 65.47 -92.48
O3 FUB AC . -88.80 65.83 -91.19
C2 FUB AC . -86.93 64.98 -92.57
O2 FUB AC . -86.80 63.60 -92.24
C1 FUB AC . -86.45 65.38 -93.97
O5 AHR AC . -83.01 57.22 -100.73
C5 AHR AC . -83.98 57.19 -99.70
C4 AHR AC . -84.05 58.52 -98.96
O4 AHR AC . -82.78 58.85 -98.37
C3 AHR AC . -85.04 58.58 -97.79
O3 AHR AC . -86.40 58.67 -98.21
C2 AHR AC . -84.52 59.80 -97.05
O2 AHR AC . -84.95 59.85 -95.70
C1 AHR AC . -83.00 59.74 -97.25
O5 FUB BC . -88.10 65.52 -84.60
C5 FUB BC . -89.01 65.13 -85.61
C4 FUB BC . -88.53 65.57 -86.98
O4 FUB BC . -87.29 64.94 -87.33
C3 FUB BC . -88.25 67.06 -87.14
O3 FUB BC . -89.43 67.85 -87.24
C2 FUB BC . -87.36 67.05 -88.39
O2 FUB BC . -86.47 68.14 -88.44
C1 FUB BC . -86.72 65.66 -88.42
O5 FUB BC . -89.96 69.42 -89.92
C5 FUB BC . -89.33 69.71 -91.16
C4 FUB BC . -87.83 69.64 -91.05
O4 FUB BC . -87.42 68.34 -90.55
C3 FUB BC . -87.18 70.64 -90.10
O3 FUB BC . -87.11 71.95 -90.65
C2 FUB BC . -85.83 69.98 -89.86
O2 FUB BC . -85.12 70.49 -88.75
C1 FUB BC . -86.20 68.49 -89.80
O5 FUB BC . -83.58 74.32 -90.02
C5 FUB BC . -82.35 73.65 -90.23
C4 FUB BC . -82.34 72.29 -89.55
O4 FUB BC . -83.44 71.46 -90.02
C3 FUB BC . -82.52 72.31 -88.03
O3 FUB BC . -81.35 72.71 -87.34
C2 FUB BC . -82.93 70.85 -87.78
O2 FUB BC . -83.59 70.67 -86.55
C1 FUB BC . -83.73 70.47 -89.04
O5 FUB CC . -76.04 69.45 -83.56
C5 FUB CC . -76.59 70.69 -83.95
C4 FUB CC . -77.46 70.54 -85.19
O4 FUB CC . -78.51 69.57 -84.96
C3 FUB CC . -76.75 70.03 -86.44
O3 FUB CC . -75.95 71.02 -87.07
C2 FUB CC . -77.94 69.56 -87.27
O2 FUB CC . -77.58 68.59 -88.24
C1 FUB CC . -78.98 69.10 -86.24
O5 FUB CC . -77.21 72.18 -90.42
C5 FUB CC . -78.29 71.74 -91.22
C4 FUB CC . -78.56 70.27 -90.99
O4 FUB CC . -78.83 69.99 -89.60
C3 FUB CC . -77.43 69.31 -91.35
O3 FUB CC . -77.28 69.11 -92.76
C2 FUB CC . -77.85 68.06 -90.58
O2 FUB CC . -76.78 67.16 -90.37
C1 FUB CC . -78.52 68.63 -89.32
O5 FUB CC . -75.22 64.72 -93.58
C5 FUB CC . -76.03 63.67 -93.05
C4 FUB CC . -76.56 64.03 -91.69
O4 FUB CC . -77.22 65.31 -91.70
C3 FUB CC . -75.52 64.14 -90.57
O3 FUB CC . -75.08 62.87 -90.09
C2 FUB CC . -76.31 64.94 -89.54
O2 FUB CC . -75.47 65.63 -88.61
C1 FUB CC . -77.25 65.83 -90.35
O5 AHR CC . -72.63 60.14 -93.38
C5 AHR CC . -71.92 60.27 -92.17
C4 AHR CC . -72.80 60.82 -91.08
O4 AHR CC . -73.26 62.16 -91.37
C3 AHR CC . -72.17 60.95 -89.69
O3 AHR CC . -71.96 59.70 -89.04
C2 AHR CC . -73.16 61.87 -89.00
O2 AHR CC . -72.65 62.52 -87.85
C1 AHR CC . -73.67 62.79 -90.14
O5 AHR CC . -74.48 63.79 -83.34
C5 AHR CC . -73.61 62.67 -83.28
C4 AHR CC . -72.77 62.54 -84.53
O4 AHR CC . -73.61 62.40 -85.69
C3 AHR CC . -71.82 61.35 -84.57
O3 AHR CC . -70.67 61.52 -83.76
C2 AHR CC . -71.54 61.27 -86.07
O2 AHR CC . -71.04 60.02 -86.48
C1 AHR CC . -72.87 61.70 -86.72
O5 FUB DC . -84.38 56.31 -82.11
C5 FUB DC . -84.96 56.52 -83.38
C4 FUB DC . -84.39 57.76 -84.04
O4 FUB DC . -82.97 57.62 -84.28
C3 FUB DC . -84.51 59.06 -83.23
O3 FUB DC . -85.82 59.59 -83.22
C2 FUB DC . -83.48 59.93 -83.95
O2 FUB DC . -82.96 60.95 -83.11
C1 FUB DC . -82.44 58.93 -84.50
O5 FUB DC . -86.66 62.88 -81.48
C5 FUB DC . -86.43 63.82 -82.53
C4 FUB DC . -85.01 63.71 -83.05
O4 FUB DC . -84.73 62.38 -83.54
C3 FUB DC . -83.91 63.97 -82.02
O3 FUB DC . -83.72 65.35 -81.74
C2 FUB DC . -82.71 63.28 -82.68
O2 FUB DC . -81.78 62.79 -81.73
C1 FUB DC . -83.32 62.22 -83.61
O5 FUB DC . -82.44 66.63 -80.33
C5 FUB DC . -81.07 66.91 -80.55
C4 FUB DC . -80.29 65.64 -80.81
O4 FUB DC . -80.83 64.91 -81.94
C3 FUB DC . -80.28 64.61 -79.67
O3 FUB DC . -79.42 64.98 -78.60
C2 FUB DC . -79.86 63.35 -80.42
O2 FUB DC . -80.12 62.16 -79.72
C1 FUB DC . -80.56 63.51 -81.78
O5 FUB EC . -69.28 53.02 -85.15
C5 FUB EC . -69.10 54.31 -85.71
C4 FUB EC . -70.26 55.22 -85.39
O4 FUB EC . -70.40 55.41 -83.95
C3 FUB EC . -71.63 54.74 -85.85
O3 FUB EC . -71.82 54.89 -87.26
C2 FUB EC . -72.53 55.63 -84.98
O2 FUB EC . -73.89 55.27 -84.96
C1 FUB EC . -71.79 55.60 -83.65
O5 FUB EC . -73.31 56.19 -88.99
C5 FUB EC . -74.13 57.34 -88.78
C4 FUB EC . -74.88 57.25 -87.47
O4 FUB EC . -73.98 57.14 -86.34
C3 FUB EC . -75.84 56.05 -87.32
O3 FUB EC . -77.03 56.19 -88.07
C2 FUB EC . -76.03 56.05 -85.81
O2 FUB EC . -76.56 54.84 -85.32
C1 FUB EC . -74.65 56.43 -85.27
O5 FUB EC . -79.72 52.41 -85.52
C5 FUB EC . -80.10 52.81 -84.22
C4 FUB EC . -78.98 53.57 -83.52
O4 FUB EC . -78.63 54.76 -84.27
C3 FUB EC . -77.67 52.82 -83.37
O3 FUB EC . -77.69 51.80 -82.37
C2 FUB EC . -76.72 53.98 -83.09
O2 FUB EC . -75.35 53.65 -83.20
C1 FUB EC . -77.23 55.03 -84.09
O5 AHR EC . -78.05 48.87 -86.40
C5 AHR EC . -77.32 48.25 -85.36
C4 AHR EC . -77.53 48.95 -84.04
O4 AHR EC . -77.10 50.33 -84.10
C3 AHR EC . -76.79 48.38 -82.83
O3 AHR EC . -77.34 47.17 -82.36
C2 AHR EC . -76.89 49.55 -81.86
O2 AHR EC . -75.95 49.49 -80.82
C1 AHR EC . -76.80 50.78 -82.76
O5 FUB FC . -78.26 48.42 -76.51
C5 FUB FC . -78.68 48.36 -77.87
C4 FUB FC . -78.46 49.69 -78.57
O4 FUB FC . -77.08 50.12 -78.47
C3 FUB FC . -79.28 50.87 -78.03
O3 FUB FC . -80.63 50.85 -78.45
C2 FUB FC . -78.46 52.04 -78.58
O2 FUB FC . -78.79 53.30 -78.04
C1 FUB FC . -77.04 51.55 -78.31
O5 FUB FC . -82.52 54.32 -79.83
C5 FUB FC . -81.78 55.17 -80.70
C4 FUB FC . -80.37 55.38 -80.19
O4 FUB FC . -79.69 54.11 -80.04
C3 FUB FC . -80.24 56.05 -78.83
O3 FUB FC . -80.51 57.45 -78.87
C2 FUB FC . -78.81 55.69 -78.47
O2 FUB FC . -78.52 55.82 -77.10
C1 FUB FC . -78.64 54.28 -79.07
O5 FUB FC . -79.98 59.05 -75.00
C5 FUB FC . -78.66 59.60 -75.01
C4 FUB FC . -77.64 58.58 -75.48
O4 FUB FC . -78.00 58.05 -76.78
C3 FUB FC . -77.46 57.34 -74.61
O3 FUB FC . -76.75 57.62 -73.41
C2 FUB FC . -76.75 56.42 -75.58
O2 FUB FC . -76.78 55.06 -75.19
C1 FUB FC . -77.45 56.72 -76.91
O5 AHR FC . -78.20 58.69 -68.63
C5 AHR FC . -79.13 58.20 -69.58
C4 AHR FC . -78.52 57.12 -70.44
O4 AHR FC . -77.34 57.61 -71.12
C3 AHR FC . -79.40 56.58 -71.57
O3 AHR FC . -80.42 55.71 -71.10
C2 AHR FC . -78.36 55.93 -72.46
O2 AHR FC . -78.17 54.56 -72.12
C1 AHR FC . -77.10 56.79 -72.28
O5 FUB GC . -63.91 57.85 -73.83
C5 FUB GC . -63.93 56.66 -74.59
C4 FUB GC . -65.26 56.46 -75.27
O4 FUB GC . -66.33 56.34 -74.29
C3 FUB GC . -65.40 55.20 -76.14
O3 FUB GC . -64.72 55.31 -77.38
C2 FUB GC . -66.91 55.10 -76.25
O2 FUB GC . -67.38 53.86 -76.71
C1 FUB GC . -67.36 55.49 -74.82
O5 FUB GC . -67.07 52.74 -80.88
C5 FUB GC . -68.40 53.23 -81.01
C4 FUB GC . -69.05 53.42 -79.66
O4 FUB GC . -68.26 54.30 -78.82
C3 FUB GC . -69.20 52.15 -78.81
O3 FUB GC . -70.25 51.30 -79.26
C2 FUB GC . -69.42 52.75 -77.43
O2 FUB GC . -69.15 51.85 -76.38
C1 FUB GC . -68.59 54.05 -77.44
O5 FUB HC . -75.56 52.74 -61.34
C5 FUB HC . -75.81 53.40 -62.57
C4 FUB HC . -75.28 52.60 -63.74
O4 FUB HC . -73.85 52.40 -63.63
C3 FUB HC . -75.46 53.23 -65.12
O3 FUB HC . -76.79 53.14 -65.62
C2 FUB HC . -74.44 52.44 -65.93
O2 FUB HC . -74.01 53.10 -67.11
C1 FUB HC . -73.33 52.10 -64.93
O5 FUB HC . -71.72 57.22 -67.13
C5 FUB HC . -72.68 57.27 -68.19
C4 FUB HC . -73.34 55.94 -68.44
O4 FUB HC . -73.90 55.42 -67.20
C3 FUB HC . -72.43 54.83 -68.97
O3 FUB HC . -73.19 53.87 -69.69
C2 FUB HC . -71.93 54.19 -67.66
O2 FUB HC . -70.84 54.90 -67.09
C1 FUB HC . -73.21 54.23 -66.81
O5 FUB HC . -68.20 56.91 -70.10
C5 FUB HC . -67.46 55.70 -70.04
C4 FUB HC . -67.84 54.89 -68.83
O4 FUB HC . -69.26 54.63 -68.80
C3 FUB HC . -67.55 55.53 -67.47
O3 FUB HC . -66.18 55.47 -67.13
C2 FUB HC . -68.48 54.74 -66.56
O2 FUB HC . -68.86 55.46 -65.40
C1 FUB HC . -69.63 54.26 -67.46
O5 FUB IC . -61.23 50.99 -63.17
C5 FUB IC . -61.18 52.35 -63.59
C4 FUB IC . -62.26 52.63 -64.61
O4 FUB IC . -63.55 52.24 -64.11
C3 FUB IC . -62.13 51.92 -65.96
O3 FUB IC . -61.13 52.47 -66.80
C2 FUB IC . -63.55 52.07 -66.49
O2 FUB IC . -63.88 51.14 -67.51
C1 FUB IC . -64.43 51.97 -65.24
O5 FUB IC . -62.67 53.95 -70.45
C5 FUB IC . -64.05 54.09 -70.78
C4 FUB IC . -64.87 52.98 -70.16
O4 FUB IC . -64.71 52.94 -68.73
C3 FUB IC . -64.51 51.55 -70.61
O3 FUB IC . -64.99 51.25 -71.92
C2 FUB IC . -65.15 50.73 -69.50
O2 FUB IC . -64.62 49.43 -69.40
C1 FUB IC . -64.99 51.61 -68.25
O5 FUB IC . -63.35 46.84 -72.34
C5 FUB IC . -64.56 46.12 -72.19
C4 FUB IC . -65.30 46.55 -70.94
O4 FUB IC . -65.55 47.98 -70.95
C3 FUB IC . -64.57 46.30 -69.61
O3 FUB IC . -64.60 44.94 -69.20
C2 FUB IC . -65.34 47.25 -68.69
O2 FUB IC . -64.66 47.54 -67.50
C1 FUB IC . -65.64 48.46 -69.60
O5 AHR IC . -62.99 41.13 -71.83
C5 AHR IC . -62.33 41.20 -70.57
C4 AHR IC . -63.02 42.18 -69.65
O4 AHR IC . -63.05 43.51 -70.21
C3 AHR IC . -62.38 42.37 -68.27
O3 AHR IC . -62.58 41.28 -67.40
C2 AHR IC . -63.04 43.68 -67.83
O2 AHR IC . -62.32 44.36 -66.83
C1 AHR IC . -63.27 44.45 -69.14
O5 AHR IC . -57.55 53.72 -69.74
C5 AHR IC . -58.04 52.42 -70.06
C4 AHR IC . -59.31 52.12 -69.30
O4 AHR IC . -59.10 52.14 -67.88
C3 AHR IC . -59.93 50.75 -69.56
O3 AHR IC . -60.60 50.66 -70.82
C2 AHR IC . -60.86 50.61 -68.35
O2 AHR IC . -61.11 49.26 -68.00
C1 AHR IC . -60.22 51.48 -67.26
O5 FUB JC . -73.67 43.67 -57.55
C5 FUB JC . -74.06 43.32 -58.86
C4 FUB JC . -72.95 43.57 -59.85
O4 FUB JC . -71.78 42.77 -59.56
C3 FUB JC . -72.41 45.01 -59.91
O3 FUB JC . -73.27 45.89 -60.61
C2 FUB JC . -71.06 44.79 -60.57
O2 FUB JC . -70.10 45.74 -60.16
C1 FUB JC . -70.69 43.32 -60.30
O5 FUB JC . -73.14 48.66 -60.24
C5 FUB JC . -72.41 49.30 -61.29
C4 FUB JC . -71.03 48.72 -61.43
O4 FUB JC . -71.09 47.29 -61.62
C3 FUB JC . -70.09 48.90 -60.23
O3 FUB JC . -69.60 50.22 -60.10
C2 FUB JC . -69.04 47.85 -60.55
O2 FUB JC . -68.22 47.50 -59.45
C1 FUB JC . -69.84 46.70 -61.17
O5 FUB JC . -65.84 51.10 -59.53
C5 FUB JC . -64.83 50.29 -60.13
C4 FUB JC . -65.13 48.82 -59.96
O4 FUB JC . -66.42 48.48 -60.53
C3 FUB JC . -65.22 48.32 -58.52
O3 FUB JC . -63.94 48.20 -57.90
C2 FUB JC . -65.96 47.02 -58.72
O2 FUB JC . -66.58 46.54 -57.53
C1 FUB JC . -66.89 47.28 -59.90
O5 FUB KC . -59.66 34.80 -63.64
C5 FUB KC . -59.28 35.72 -64.65
C4 FUB KC . -60.06 37.01 -64.52
O4 FUB KC . -59.81 37.64 -63.24
C3 FUB KC . -61.58 36.88 -64.61
O3 FUB KC . -62.05 36.70 -65.93
C2 FUB KC . -62.02 38.18 -63.93
O2 FUB KC . -63.38 38.19 -63.57
C1 FUB KC . -61.03 38.25 -62.76
O5 FUB KC . -64.14 37.46 -67.79
C5 FUB KC . -64.68 38.78 -67.80
C4 FUB KC . -64.92 39.30 -66.41
O4 FUB KC . -63.71 39.26 -65.62
C3 FUB KC . -65.93 38.50 -65.56
O3 FUB KC . -67.29 38.74 -65.95
C2 FUB KC . -65.57 38.98 -64.16
O2 FUB KC . -65.99 38.07 -63.16
C1 FUB KC . -64.07 39.25 -64.22
O5 FUB KC . -70.05 36.99 -64.35
C5 FUB KC . -70.45 37.90 -63.33
C4 FUB KC . -69.31 38.22 -62.41
O4 FUB KC . -68.20 38.82 -63.12
C3 FUB KC . -68.67 37.03 -61.67
O3 FUB KC . -69.50 36.54 -60.62
C2 FUB KC . -67.35 37.64 -61.23
O2 FUB KC . -66.36 36.68 -60.94
C1 FUB KC . -67.00 38.64 -62.34
O5 AHR KC . -69.03 33.05 -64.07
C5 AHR KC . -69.56 32.53 -62.86
C4 AHR KC . -69.99 33.63 -61.93
O4 AHR KC . -68.89 34.48 -61.58
C3 AHR KC . -70.55 33.18 -60.57
O3 AHR KC . -71.87 32.66 -60.65
C2 AHR KC . -70.42 34.46 -59.77
O2 AHR KC . -70.38 34.24 -58.37
C1 AHR KC . -69.20 35.17 -60.36
O5 FUB LC . -68.51 32.84 -53.19
C5 FUB LC . -69.55 32.91 -54.16
C4 FUB LC . -69.27 33.98 -55.19
O4 FUB LC . -68.01 33.76 -55.84
C3 FUB LC . -69.16 35.41 -54.65
O3 FUB LC . -70.42 35.98 -54.30
C2 FUB LC . -68.45 36.10 -55.81
O2 FUB LC . -67.81 37.30 -55.43
C1 FUB LC . -67.52 35.01 -56.37
O5 FUB LC . -71.34 38.48 -57.22
C5 FUB LC . -70.57 39.21 -58.18
C4 FUB LC . -69.12 39.30 -57.77
O4 FUB LC . -68.56 37.98 -57.54
C3 FUB LC . -68.83 40.06 -56.47
O3 FUB LC . -68.93 41.48 -56.62
C2 FUB LC . -67.43 39.56 -56.16
O2 FUB LC . -67.00 39.80 -54.83
C1 FUB LC . -67.50 38.08 -56.58
O5 FUB LC . -65.77 43.64 -53.25
C5 FUB LC . -64.45 43.24 -53.58
C4 FUB LC . -64.38 41.76 -53.86
O4 FUB LC . -65.29 41.39 -54.92
C3 FUB LC . -64.76 40.84 -52.70
O3 FUB LC . -63.75 40.75 -51.70
C2 FUB LC . -65.02 39.53 -53.46
O2 FUB LC . -65.82 38.61 -52.74
C1 FUB LC . -65.59 39.99 -54.81
O5 AHR LC . -65.95 43.23 -47.94
C5 AHR LC . -65.29 42.05 -47.49
C4 AHR LC . -64.34 41.52 -48.55
O4 AHR LC . -65.03 41.20 -49.77
C3 AHR LC . -63.59 40.24 -48.18
O3 AHR LC . -62.56 40.44 -47.24
C2 AHR LC . -63.13 39.78 -49.56
O2 AHR LC . -62.80 38.40 -49.59
C1 AHR LC . -64.26 40.22 -50.49
O5 FUB MC . -51.45 35.01 -55.75
C5 FUB MC . -52.34 34.14 -56.45
C4 FUB MC . -53.73 34.75 -56.54
O4 FUB MC . -54.25 35.06 -55.23
C3 FUB MC . -54.80 33.88 -57.19
O3 FUB MC . -54.68 33.81 -58.60
C2 FUB MC . -56.06 34.56 -56.69
O2 FUB MC . -57.21 33.73 -56.78
C1 FUB MC . -55.69 35.04 -55.28
O5 FUB MC . -57.39 32.31 -60.96
C5 FUB MC . -58.32 33.37 -61.13
C4 FUB MC . -58.84 33.86 -59.79
O4 FUB MC . -57.76 34.33 -58.96
C3 FUB MC . -59.56 32.82 -58.93
O3 FUB MC . -60.87 32.53 -59.38
C2 FUB MC . -59.49 33.48 -57.55
O2 FUB MC . -59.59 32.55 -56.50
C1 FUB MC . -58.20 34.33 -57.59
O5 FUB MC . -62.38 29.07 -57.38
C5 FUB MC . -63.34 29.93 -56.78
C4 FUB MC . -62.67 31.03 -55.99
O4 FUB MC . -61.79 31.81 -56.83
C3 FUB MC . -61.78 30.58 -54.84
O3 FUB MC . -62.51 30.15 -53.69
C2 FUB MC . -60.93 31.83 -54.61
O2 FUB MC . -59.67 31.54 -54.04
C1 FUB MC . -60.90 32.55 -55.97
O5 FUB NC . -58.61 37.37 -40.47
C5 FUB NC . -59.95 37.53 -40.94
C4 FUB NC . -60.05 37.21 -42.41
O4 FUB NC . -59.65 35.83 -42.67
C3 FUB NC . -59.17 38.03 -43.36
O3 FUB NC . -59.69 39.32 -43.59
C2 FUB NC . -59.19 37.13 -44.61
O2 FUB NC . -58.10 37.34 -45.49
C1 FUB NC . -59.36 35.71 -44.07
O5 FUB NC . -57.04 39.70 -46.61
C5 FUB NC . -57.93 40.02 -47.66
C4 FUB NC . -58.56 38.81 -48.31
O4 FUB NC . -59.34 38.04 -47.36
C3 FUB NC . -57.59 37.79 -48.94
O3 FUB NC . -58.25 37.07 -49.96
C2 FUB NC . -57.31 36.88 -47.75
O2 FUB NC . -56.06 37.14 -47.14
C1 FUB NC . -58.52 37.01 -46.82
O5 FUB NC . -54.42 37.44 -50.96
C5 FUB NC . -53.79 36.19 -50.74
C4 FUB NC . -53.82 35.80 -49.29
O4 FUB NC . -55.19 35.76 -48.80
C3 FUB NC . -53.09 36.76 -48.34
O3 FUB NC . -51.68 36.61 -48.37
C2 FUB NC . -53.75 36.39 -47.01
O2 FUB NC . -53.59 37.39 -46.02
C1 FUB NC . -55.19 36.03 -47.39
O5 AHR NC . -55.21 41.00 -45.65
C5 AHR NC . -55.50 41.54 -44.37
C4 AHR NC . -56.45 40.65 -43.60
O4 AHR NC . -57.71 40.49 -44.30
C3 AHR NC . -56.83 41.13 -42.21
O3 AHR NC . -55.80 40.92 -41.24
C2 AHR NC . -58.10 40.34 -41.96
O2 AHR NC . -58.87 40.82 -40.88
C1 AHR NC . -58.77 40.40 -43.34
O5 FUB OC . -48.88 28.93 -46.56
C5 FUB OC . -48.44 30.17 -47.10
C4 FUB OC . -49.59 30.96 -47.68
O4 FUB OC . -50.60 31.22 -46.68
C3 FUB OC . -50.35 30.28 -48.82
O3 FUB OC . -49.63 30.29 -50.05
C2 FUB OC . -51.62 31.12 -48.83
O2 FUB OC . -52.72 30.47 -49.44
C1 FUB OC . -51.83 31.52 -47.37
O5 FUB OC . -50.93 32.69 -52.32
C5 FUB OC . -52.13 33.44 -52.47
C4 FUB OC . -53.29 32.78 -51.76
O4 FUB OC . -52.99 32.58 -50.36
C3 FUB OC . -53.68 31.38 -52.26
O3 FUB OC . -54.41 31.44 -53.48
C2 FUB OC . -54.48 30.86 -51.07
O2 FUB OC . -54.67 29.47 -51.11
C1 FUB OC . -53.68 31.41 -49.87
O5 FUB OC . -57.15 25.86 -51.97
C5 FUB OC . -57.76 26.19 -50.73
C4 FUB OC . -56.89 27.14 -49.93
O4 FUB OC . -56.71 28.40 -50.61
C3 FUB OC . -55.47 26.66 -49.63
O3 FUB OC . -55.38 25.63 -48.67
C2 FUB OC . -54.81 27.99 -49.21
O2 FUB OC . -53.40 27.97 -49.33
C1 FUB OC . -55.54 29.04 -50.06
O5 AHR OC . -55.88 20.78 -49.57
C5 AHR OC . -54.59 21.09 -49.07
C4 AHR OC . -54.54 22.49 -48.48
O4 AHR OC . -54.86 23.48 -49.49
C3 AHR OC . -53.19 22.94 -47.91
O3 AHR OC . -52.89 22.35 -46.67
C2 AHR OC . -53.40 24.45 -47.86
O2 AHR OC . -52.19 25.18 -47.83
C1 AHR OC . -54.33 24.75 -49.05
O5 FUB PC . -60.20 25.91 -36.00
C5 FUB PC . -61.16 26.69 -36.70
C4 FUB PC . -60.56 27.28 -37.96
O4 FUB PC . -60.05 26.25 -38.83
C3 FUB PC . -59.38 28.24 -37.76
O3 FUB PC . -59.77 29.52 -37.28
C2 FUB PC . -58.79 28.22 -39.16
O2 FUB PC . -57.51 28.82 -39.26
C1 FUB PC . -58.86 26.72 -39.48
O5 FUB PC . -59.57 32.32 -38.62
C5 FUB PC . -59.23 32.73 -39.93
C4 FUB PC . -58.18 31.83 -40.55
O4 FUB PC . -58.60 30.45 -40.53
C3 FUB PC . -56.82 31.81 -39.85
O3 FUB PC . -56.05 32.98 -40.11
C2 FUB PC . -56.23 30.54 -40.43
O2 FUB PC . -55.09 30.05 -39.74
C1 FUB PC . -57.44 29.60 -40.46
O5 FUB PC . -51.61 32.28 -38.27
C5 FUB PC . -51.06 32.03 -39.54
C4 FUB PC . -51.83 30.94 -40.27
O4 FUB PC . -53.22 31.28 -40.40
C3 FUB PC . -51.84 29.56 -39.60
O3 FUB PC . -50.61 28.87 -39.74
C2 FUB PC . -53.02 28.91 -40.31
O2 FUB PC . -53.57 27.84 -39.58
C1 FUB PC . -53.97 30.08 -40.62
O5 AHR PC . -61.43 32.57 -33.78
C5 AHR PC . -60.01 32.54 -33.82
C4 AHR PC . -59.51 31.85 -35.07
O4 AHR PC . -59.98 30.48 -35.15
C3 AHR PC . -57.99 31.73 -35.21
O3 AHR PC . -57.36 32.96 -35.55
C2 AHR PC . -57.88 30.64 -36.27
O2 AHR PC . -56.63 29.96 -36.24
C1 AHR PC . -59.12 29.76 -36.05
O5 FUB QC . -52.50 14.81 -46.74
C5 FUB QC . -51.84 14.92 -45.49
C4 FUB QC . -52.29 16.16 -44.73
O4 FUB QC . -51.33 16.59 -43.74
C3 FUB QC . -53.61 16.10 -43.97
O3 FUB QC . -54.76 15.97 -44.80
C2 FUB QC . -53.50 17.42 -43.22
O2 FUB QC . -54.42 17.62 -42.16
C1 FUB QC . -52.02 17.52 -42.86
O5 AHR QC . -56.57 12.04 -47.27
C5 AHR QC . -57.45 12.46 -46.23
C4 AHR QC . -57.08 13.83 -45.72
O4 AHR QC . -55.73 13.85 -45.20
C3 AHR QC . -57.94 14.37 -44.58
O3 AHR QC . -59.23 14.80 -45.00
C2 AHR QC . -57.04 15.48 -44.03
O2 AHR QC . -57.35 15.84 -42.70
C1 AHR QC . -55.61 14.95 -44.28
O5 AHR QC . -56.35 16.20 -49.40
C5 AHR QC . -55.16 16.74 -49.93
C4 AHR QC . -53.93 16.11 -49.30
O4 AHR QC . -53.93 16.32 -47.88
C3 AHR QC . -52.58 16.66 -49.76
O3 AHR QC . -52.20 16.21 -51.05
C2 AHR QC . -51.68 16.19 -48.62
O2 AHR QC . -50.52 17.00 -48.47
C1 AHR QC . -52.59 16.10 -47.40
O5 FUB RC . -57.49 18.18 -42.40
C5 FUB RC . -58.14 18.97 -43.39
C4 FUB RC . -57.64 20.40 -43.47
O4 FUB RC . -56.25 20.44 -43.84
C3 FUB RC . -57.71 21.21 -42.16
O3 FUB RC . -57.72 22.59 -42.47
C2 FUB RC . -56.40 20.82 -41.50
O2 FUB RC . -56.56 19.75 -40.60
C1 FUB RC . -55.45 20.47 -42.65
O5 FUB RC . -60.16 21.11 -40.04
C5 FUB RC . -59.86 21.38 -38.68
C4 FUB RC . -58.56 20.75 -38.26
O4 FUB RC . -57.45 21.24 -39.05
C3 FUB RC . -58.47 19.22 -38.38
O3 FUB RC . -59.17 18.55 -37.34
C2 FUB RC . -56.97 19.02 -38.38
O2 FUB RC . -56.57 17.73 -38.81
C1 FUB RC . -56.49 20.19 -39.25
O5 FUB SC . -58.52 16.44 -31.83
C5 FUB SC . -58.99 16.23 -33.14
C4 FUB SC . -58.11 16.93 -34.16
O4 FUB SC . -56.75 16.46 -34.09
C3 FUB SC . -57.99 18.45 -33.99
O3 FUB SC . -59.13 19.15 -34.46
C2 FUB SC . -56.71 18.73 -34.76
O2 FUB SC . -56.00 19.85 -34.27
C1 FUB SC . -55.93 17.40 -34.78
O5 FUB SC . -58.92 22.88 -33.85
C5 FUB SC . -58.37 23.47 -35.02
C4 FUB SC . -57.03 22.86 -35.37
O4 FUB SC . -57.15 21.43 -35.53
C3 FUB SC . -55.92 23.03 -34.34
O3 FUB SC . -55.38 24.34 -34.31
C2 FUB SC . -54.94 21.96 -34.81
O2 FUB SC . -53.96 21.60 -33.85
C1 FUB SC . -55.86 20.83 -35.28
O5 FUB SC . -53.60 25.78 -33.66
C5 FUB SC . -52.33 25.65 -34.29
C4 FUB SC . -51.86 24.22 -34.25
O4 FUB SC . -52.81 23.34 -34.90
C3 FUB SC . -51.66 23.62 -32.85
O3 FUB SC . -50.48 24.07 -32.23
C2 FUB SC . -51.68 22.13 -33.18
O2 FUB SC . -51.94 21.31 -32.06
C1 FUB SC . -52.69 22.02 -34.34
O5 AHR SC . -46.98 26.51 -30.33
C5 AHR SC . -47.62 25.68 -29.37
C4 AHR SC . -48.66 24.79 -30.00
O4 AHR SC . -49.68 25.56 -30.66
C3 AHR SC . -49.43 23.88 -29.05
O3 AHR SC . -48.70 22.74 -28.63
C2 AHR SC . -50.68 23.57 -29.88
O2 AHR SC . -51.85 23.40 -29.10
C1 AHR SC . -50.75 24.66 -30.97
O5 FUB TC . -43.59 19.92 -30.36
C5 FUB TC . -44.17 21.17 -29.97
C4 FUB TC . -45.31 21.56 -30.87
O4 FUB TC . -46.39 20.61 -30.81
C3 FUB TC . -44.97 21.62 -32.36
O3 FUB TC . -44.20 22.77 -32.73
C2 FUB TC . -46.36 21.57 -32.98
O2 FUB TC . -46.37 21.09 -34.31
C1 FUB TC . -47.20 20.76 -31.98
O5 FUB TC . -44.89 24.72 -35.87
C5 FUB TC . -46.19 24.95 -36.39
C4 FUB TC . -47.01 23.69 -36.35
O4 FUB TC . -47.11 23.17 -35.01
C3 FUB TC . -46.46 22.51 -37.17
O3 FUB TC . -46.66 22.66 -38.57
C2 FUB TC . -47.22 21.34 -36.54
O2 FUB TC . -46.63 20.09 -36.79
C1 FUB TC . -47.36 21.75 -35.06
O5 FUB TC . -46.06 20.48 -41.28
C5 FUB TC . -47.27 19.72 -41.31
C4 FUB TC . -47.52 19.06 -39.98
O4 FUB TC . -47.61 20.03 -38.92
C3 FUB TC . -46.44 18.08 -39.50
O3 FUB TC . -46.48 16.83 -40.18
C2 FUB TC . -46.76 17.99 -38.02
O2 FUB TC . -45.63 17.67 -37.23
C1 FUB TC . -47.44 19.33 -37.67
O5 FUB UC . -44.01 10.18 -24.76
C5 FUB UC . -44.92 11.15 -24.26
C4 FUB UC . -45.44 12.03 -25.37
O4 FUB UC . -46.07 11.23 -26.39
C3 FUB UC . -44.39 12.87 -26.10
O3 FUB UC . -44.04 14.05 -25.38
C2 FUB UC . -45.09 13.10 -27.43
O2 FUB UC . -44.22 13.57 -28.44
C1 FUB UC . -45.70 11.73 -27.69
O5 FUB UC . -44.27 17.39 -27.43
C5 FUB UC . -45.00 17.71 -28.61
C4 FUB UC . -45.00 16.54 -29.57
O4 FUB UC . -45.58 15.37 -28.95
C3 FUB UC . -43.63 16.07 -30.07
O3 FUB UC . -43.09 16.94 -31.07
C2 FUB UC . -43.97 14.67 -30.56
O2 FUB UC . -42.84 13.85 -30.77
C1 FUB UC . -44.96 14.18 -29.48
O5 FUB UC . -41.76 16.73 -33.68
C5 FUB UC . -41.95 15.72 -34.66
C4 FUB UC . -42.06 14.36 -34.01
O4 FUB UC . -43.13 14.34 -33.03
C3 FUB UC . -40.84 13.86 -33.25
O3 FUB UC . -39.79 13.43 -34.10
C2 FUB UC . -41.46 12.75 -32.42
O2 FUB UC . -40.67 12.38 -31.31
C1 FUB UC . -42.86 13.29 -32.08
O5 FUB VC . -36.13 7.73 -35.80
C5 FUB VC . -36.11 9.14 -35.68
C4 FUB VC . -37.49 9.68 -35.37
O4 FUB VC . -37.96 9.18 -34.09
C3 FUB VC . -38.59 9.31 -36.35
O3 FUB VC . -38.54 10.08 -37.56
C2 FUB VC . -39.84 9.59 -35.51
O2 FUB VC . -41.02 8.98 -35.99
C1 FUB VC . -39.40 9.17 -34.09
O5 FUB VC . -41.86 11.98 -39.07
C5 FUB VC . -42.82 12.49 -38.15
C4 FUB VC . -43.11 11.48 -37.06
O4 FUB VC . -41.91 11.11 -36.36
C3 FUB VC . -43.71 10.15 -37.53
O3 FUB VC . -45.08 10.25 -37.89
C2 FUB VC . -43.44 9.28 -36.31
O2 FUB VC . -43.43 7.90 -36.62
C1 FUB VC . -42.13 9.84 -35.72
C6 GZL VC . -46.32 7.36 -39.26
C5 GZL VC . -47.21 6.81 -38.13
C4 GZL VC . -46.37 6.53 -36.91
C3 GZL VC . -45.10 5.50 -37.24
C2 GZL VC . -44.36 5.65 -36.28
O6 GZL VC . -46.34 6.45 -40.31
O5 GZL VC . -48.21 7.74 -37.82
O4 GZL VC . -45.83 7.62 -36.50
O3 GZL VC . -45.53 4.09 -37.28
C1 GZL VC . -44.47 7.21 -35.94
O2 GZL VC . -42.94 5.30 -36.64
O5 AHR VC . -49.46 1.76 -37.67
C5 AHR VC . -48.38 1.08 -38.29
C4 AHR VC . -47.08 1.82 -38.09
O4 AHR VC . -47.15 3.16 -38.61
C3 AHR VC . -45.85 1.22 -38.78
O3 AHR VC . -45.26 0.16 -38.03
C2 AHR VC . -44.95 2.45 -38.95
O2 AHR VC . -44.35 2.48 -40.24
C1 AHR VC . -45.82 3.66 -38.60
O5 AHR VC . -39.45 11.65 -41.92
C5 AHR VC . -39.69 10.25 -41.82
C4 AHR VC . -39.57 9.77 -40.39
O4 AHR VC . -38.26 10.05 -39.86
C3 AHR VC . -39.75 8.27 -40.17
O3 AHR VC . -41.11 7.85 -40.21
C2 AHR VC . -39.08 8.08 -38.82
O2 AHR VC . -38.49 6.80 -38.67
C1 AHR VC . -38.12 9.27 -38.66
O5 FUB WC . -45.99 -2.17 -33.50
C5 FUB WC . -46.29 -1.66 -34.79
C4 FUB WC . -46.17 -0.15 -34.81
O4 FUB WC . -44.83 0.27 -34.50
C3 FUB WC . -47.05 0.61 -33.81
O3 FUB WC . -48.42 0.65 -34.21
C2 FUB WC . -46.35 1.97 -33.81
O2 FUB WC . -46.70 2.76 -32.69
C1 FUB WC . -44.87 1.59 -33.93
O5 FUB WC . -50.37 4.07 -34.38
C5 FUB WC . -49.75 5.34 -34.53
C4 FUB WC . -48.47 5.43 -33.73
O4 FUB WC . -47.54 4.39 -34.12
C3 FUB WC . -48.61 5.26 -32.22
O3 FUB WC . -49.17 6.40 -31.58
C2 FUB WC . -47.16 4.97 -31.84
O2 FUB WC . -47.04 4.38 -30.56
C1 FUB WC . -46.64 4.14 -33.02
C6 GZL WC . -49.20 6.52 -28.33
C5 GZL WC . -48.03 6.88 -27.41
C4 GZL WC . -46.74 6.32 -27.99
C3 GZL WC . -46.61 4.69 -27.67
C2 GZL WC . -45.75 4.31 -28.46
O6 GZL WC . -49.82 5.35 -27.85
O5 GZL WC . -47.92 8.26 -27.31
O4 GZL WC . -46.77 6.40 -29.26
O3 GZL WC . -46.19 4.45 -26.28
C1 GZL WC . -46.11 5.13 -29.78
O2 GZL WC . -45.89 2.84 -28.72
O5 AHR WC . -50.30 5.74 -24.16
C5 AHR WC . -49.68 4.67 -23.45
C4 AHR WC . -48.29 4.41 -23.96
O4 AHR WC . -48.31 4.09 -25.37
C3 AHR WC . -47.55 3.24 -23.33
O3 AHR WC . -47.06 3.53 -22.03
C2 AHR WC . -46.46 2.98 -24.37
O2 AHR WC . -46.00 1.64 -24.38
C1 AHR WC . -47.05 3.48 -25.70
O5 FUB XC . -31.88 2.76 -27.07
C5 FUB XC . -31.86 4.08 -27.59
C4 FUB XC . -33.19 4.44 -28.21
O4 FUB XC . -34.27 4.30 -27.26
C3 FUB XC . -33.60 3.57 -29.42
O3 FUB XC . -32.97 3.98 -30.62
C2 FUB XC . -35.11 3.75 -29.39
O2 FUB XC . -35.82 2.81 -30.19
C1 FUB XC . -35.39 3.65 -27.89
O5 FUB XC . -34.61 5.08 -33.35
C5 FUB XC . -35.95 5.53 -33.51
C4 FUB XC . -36.92 4.67 -32.73
O4 FUB XC . -36.59 4.68 -31.32
C3 FUB XC . -36.93 3.19 -33.10
O3 FUB XC . -37.63 2.93 -34.32
C2 FUB XC . -37.58 2.59 -31.86
O2 FUB XC . -37.43 1.18 -31.76
C1 FUB XC . -36.98 3.43 -30.72
C6 GZL XC . -38.60 -0.16 -35.85
C5 GZL XC . -39.82 -0.72 -35.11
C4 GZL XC . -39.78 -0.37 -33.63
C3 GZL XC . -38.89 -1.51 -32.81
C2 GZL XC . -38.61 -1.01 -31.73
O6 GZL XC . -37.98 0.82 -35.07
O5 GZL XC . -41.08 -0.43 -35.69
O4 GZL XC . -39.17 0.72 -33.41
O3 GZL XC . -39.69 -2.73 -32.61
C1 GZL XC . -38.70 0.57 -31.97
O2 GZL XC . -37.21 -1.41 -31.33
O5 FUB XC . -38.35 3.52 -36.39
C5 FUB XC . -39.63 4.05 -36.70
C4 FUB XC . -40.64 2.95 -36.94
O4 FUB XC . -40.69 2.02 -35.83
C3 FUB XC . -40.37 2.05 -38.15
O3 FUB XC . -40.64 2.67 -39.40
C2 FUB XC . -41.28 0.87 -37.83
O2 FUB XC . -40.86 -0.33 -38.45
C1 FUB XC . -41.37 0.85 -36.30
O5 FUB YC . -39.72 -9.80 -29.62
C5 FUB YC . -38.91 -8.91 -28.87
C4 FUB YC . -38.97 -7.50 -29.40
O4 FUB YC . -38.13 -6.62 -28.66
C3 FUB YC . -40.35 -6.83 -29.38
O3 FUB YC . -41.20 -7.23 -30.44
C2 FUB YC . -39.98 -5.35 -29.40
O2 FUB YC . -40.86 -4.56 -28.62
C1 FUB YC . -38.49 -5.28 -28.99
O5 FUB YC . -43.75 -4.21 -31.81
C5 FUB YC . -43.32 -2.86 -31.91
C4 FUB YC . -42.53 -2.45 -30.69
O4 FUB YC . -41.38 -3.32 -30.51
C3 FUB YC . -43.26 -2.52 -29.35
O3 FUB YC . -44.19 -1.46 -29.18
C2 FUB YC . -42.10 -2.52 -28.38
O2 FUB YC . -42.42 -3.07 -27.12
C1 FUB YC . -40.97 -3.26 -29.13
C6 GZL YC . -45.83 -2.62 -26.33
C5 GZL YC . -45.55 -1.84 -25.03
C4 GZL YC . -44.06 -1.66 -24.85
C3 GZL YC . -43.33 -3.12 -24.46
C2 GZL YC . -42.15 -2.88 -24.69
O6 GZL YC . -47.03 -3.32 -26.15
O5 GZL YC . -46.16 -0.59 -25.11
O4 GZL YC . -43.52 -1.29 -25.95
O3 GZL YC . -43.55 -3.43 -23.03
C1 GZL YC . -42.24 -2.11 -26.08
O2 GZL YC . -41.39 -4.17 -24.88
O5 AHR YC . -48.00 -5.56 -23.77
C5 AHR YC . -47.23 -6.24 -22.79
C4 AHR YC . -46.05 -5.40 -22.34
O4 AHR YC . -45.15 -5.11 -23.42
C3 AHR YC . -45.15 -6.04 -21.27
O3 AHR YC . -45.75 -6.04 -19.98
C2 AHR YC . -43.92 -5.16 -21.38
O2 AHR YC . -42.76 -5.76 -20.84
C1 AHR YC . -43.85 -4.81 -22.88
O5 AHR YC . -44.45 -9.06 -33.56
C5 AHR YC . -45.05 -8.69 -32.33
C4 AHR YC . -44.12 -7.88 -31.47
O4 AHR YC . -42.93 -8.63 -31.12
C3 AHR YC . -44.67 -7.41 -30.12
O3 AHR YC . -45.61 -6.35 -30.24
C2 AHR YC . -43.38 -7.05 -29.39
O2 AHR YC . -43.52 -7.09 -27.99
C1 AHR YC . -42.31 -7.98 -29.98
O5 FUB ZC . -39.58 -4.33 -17.09
C5 FUB ZC . -40.97 -4.35 -17.38
C4 FUB ZC . -41.25 -3.78 -18.75
O4 FUB ZC . -40.56 -4.55 -19.77
C3 FUB ZC . -40.79 -2.34 -18.99
O3 FUB ZC . -41.65 -1.38 -18.38
C2 FUB ZC . -40.75 -2.30 -20.51
O2 FUB ZC . -39.94 -1.24 -20.99
C1 FUB ZC . -40.27 -3.70 -20.89
O5 FUB ZC . -43.52 0.76 -20.00
C5 FUB ZC . -43.57 1.18 -21.36
C4 FUB ZC . -42.27 0.89 -22.08
O4 FUB ZC . -41.92 -0.50 -21.98
C3 FUB ZC . -41.04 1.63 -21.56
O3 FUB ZC . -41.02 3.01 -21.92
C2 FUB ZC . -39.93 0.79 -22.20
O2 FUB ZC . -38.67 0.97 -21.59
C1 FUB ZC . -40.49 -0.63 -22.13
O5 FUB ZC . -37.54 4.79 -21.03
C5 FUB ZC . -36.66 4.66 -22.13
C4 FUB ZC . -36.45 3.21 -22.51
O4 FUB ZC . -37.70 2.60 -22.91
C3 FUB ZC . -35.91 2.30 -21.41
O3 FUB ZC . -34.53 2.48 -21.16
C2 FUB ZC . -36.29 0.93 -21.97
O2 FUB ZC . -36.23 -0.10 -20.99
C1 FUB ZC . -37.68 1.20 -22.57
O5 AHR ZC . -33.88 5.75 -17.46
C5 AHR ZC . -33.35 4.44 -17.41
C4 AHR ZC . -32.67 4.08 -18.72
O4 AHR ZC . -33.62 4.16 -19.80
C3 AHR ZC . -32.17 2.64 -18.78
O3 AHR ZC . -31.28 2.49 -19.87
C2 AHR ZC . -33.48 1.90 -19.05
O2 AHR ZC . -34.08 1.42 -17.88
C1 AHR ZC . -34.34 2.91 -19.82
O5 FUB AD . -28.70 -10.51 -26.16
C5 FUB AD . -29.06 -9.71 -27.27
C4 FUB AD . -29.96 -8.58 -26.86
O4 FUB AD . -29.31 -7.71 -25.91
C3 FUB AD . -31.27 -8.99 -26.18
O3 FUB AD . -32.23 -9.48 -27.10
C2 FUB AD . -31.65 -7.69 -25.49
O2 FUB AD . -32.63 -7.86 -24.50
C1 FUB AD . -30.30 -7.16 -25.01
O5 FUB AD . -34.28 -9.84 -27.98
C5 FUB AD . -35.34 -8.88 -27.90
C4 FUB AD . -35.33 -8.18 -26.56
O4 FUB AD . -34.08 -7.51 -26.32
C3 FUB AD . -35.52 -9.08 -25.33
O3 FUB AD . -36.85 -9.53 -25.17
C2 FUB AD . -35.02 -8.14 -24.23
O2 FUB AD . -34.67 -8.83 -23.05
C1 FUB AD . -33.90 -7.35 -24.91
C6 GZL AD . -38.23 -11.05 -22.70
C5 GZL AD . -38.37 -10.38 -21.31
C4 GZL AD . -37.31 -9.32 -21.09
C3 GZL AD . -35.94 -10.05 -20.50
C2 GZL AD . -35.05 -9.20 -20.64
O6 GZL AD . -39.04 -12.19 -22.71
O5 GZL AD . -39.70 -9.92 -21.10
O4 GZL AD . -36.93 -8.81 -22.19
O3 GZL AD . -36.11 -10.39 -19.07
C1 GZL AD . -35.48 -8.42 -21.96
O2 GZL AD . -33.72 -9.87 -20.83
O5 FUB AD . -40.22 -9.30 -25.54
C5 FUB AD . -40.47 -7.95 -25.17
C4 FUB AD . -40.72 -7.83 -23.69
O4 FUB AD . -39.62 -8.35 -22.92
C3 FUB AD . -41.93 -8.60 -23.15
O3 FUB AD . -43.17 -7.99 -23.50
C2 FUB AD . -41.62 -8.60 -21.66
O2 FUB AD . -42.29 -9.63 -20.96
C1 FUB AD . -40.08 -8.63 -21.58
O5 FUB BD . -32.58 -12.24 -13.71
C5 FUB BD . -33.87 -12.48 -14.25
C4 FUB BD . -34.15 -11.53 -15.40
O4 FUB BD . -33.13 -11.63 -16.42
C3 FUB BD . -34.20 -10.05 -15.03
O3 FUB BD . -35.42 -9.67 -14.40
C2 FUB BD . -33.95 -9.41 -16.39
O2 FUB BD . -33.64 -8.04 -16.32
C1 FUB BD . -32.84 -10.32 -16.94
O5 FUB BD . -38.74 -6.30 -16.45
C5 FUB BD . -37.89 -7.35 -16.83
C4 FUB BD . -36.58 -6.82 -17.36
O4 FUB BD . -35.62 -7.88 -17.53
C3 FUB BD . -35.88 -5.80 -16.46
O3 FUB BD . -36.46 -4.51 -16.52
C2 FUB BD . -34.45 -5.87 -17.00
O2 FUB BD . -33.48 -5.37 -16.10
C1 FUB BD . -34.29 -7.35 -17.39
O5 FUB BD . -34.45 -1.40 -14.63
C5 FUB BD . -33.54 -0.94 -15.60
C4 FUB BD . -32.67 -2.07 -16.13
O4 FUB BD . -33.49 -3.11 -16.70
C3 FUB BD . -31.82 -2.79 -15.09
O3 FUB BD . -30.69 -2.03 -14.67
C2 FUB BD . -31.48 -4.07 -15.84
O2 FUB BD . -31.09 -5.12 -14.99
C1 FUB BD . -32.72 -4.34 -16.70
O5 FUB CD . -24.29 -2.15 -12.44
C5 FUB CD . -25.57 -1.58 -12.20
C4 FUB CD . -26.58 -2.02 -13.24
O4 FUB CD . -26.72 -3.46 -13.21
C3 FUB CD . -26.25 -1.70 -14.70
O3 FUB CD . -26.49 -0.34 -15.07
C2 FUB CD . -27.18 -2.66 -15.41
O2 FUB CD . -26.86 -2.91 -16.77
C1 FUB CD . -27.23 -3.89 -14.49
O5 FUB CD . -28.14 1.06 -17.51
C5 FUB CD . -29.25 0.50 -18.21
C4 FUB CD . -29.03 -0.97 -18.48
O4 FUB CD . -28.79 -1.69 -17.26
C3 FUB CD . -27.83 -1.30 -19.37
O3 FUB CD . -28.05 -1.03 -20.74
C2 FUB CD . -27.64 -2.78 -19.03
O2 FUB CD . -26.35 -3.26 -19.35
C1 FUB CD . -28.03 -2.88 -17.56
O5 FUB CD . -25.74 -3.13 -23.12
C5 FUB CD . -25.71 -4.55 -23.20
C4 FUB CD . -25.64 -5.17 -21.82
O4 FUB CD . -26.79 -4.79 -21.02
C3 FUB CD . -24.43 -4.78 -20.97
O3 FUB CD . -23.22 -5.43 -21.34
C2 FUB CD . -24.95 -5.15 -19.58
O2 FUB CD . -24.16 -4.61 -18.53
C1 FUB CD . -26.39 -4.64 -19.65
O5 AHR CD . -20.19 -7.17 -24.48
C5 AHR CD . -19.56 -6.18 -23.67
C4 AHR CD . -20.47 -5.74 -22.55
O4 AHR CD . -21.70 -5.19 -23.07
C3 AHR CD . -19.93 -4.62 -21.64
O3 AHR CD . -18.97 -5.08 -20.71
C2 AHR CD . -21.22 -4.10 -21.02
O2 AHR CD . -21.17 -2.72 -20.71
C1 AHR CD . -22.35 -4.52 -21.98
O5 AHR CD . -27.59 3.94 -13.61
C5 AHR CD . -26.53 4.00 -14.57
C4 AHR CD . -26.27 2.63 -15.17
O4 AHR CD . -25.87 1.69 -14.16
C3 AHR CD . -25.16 2.56 -16.21
O3 AHR CD . -25.53 3.06 -17.48
C2 AHR CD . -24.84 1.06 -16.19
O2 AHR CD . -23.47 0.79 -16.46
C1 AHR CD . -25.37 0.53 -14.86
O5 FUB DD . -19.68 -12.08 -20.16
C5 FUB DD . -19.52 -11.01 -21.09
C4 FUB DD . -20.65 -10.02 -21.00
O4 FUB DD . -20.74 -9.42 -19.69
C3 FUB DD . -22.05 -10.59 -21.24
O3 FUB DD . -22.33 -10.85 -22.61
C2 FUB DD . -22.93 -9.51 -20.60
O2 FUB DD . -24.11 -10.05 -20.05
C1 FUB DD . -22.03 -8.79 -19.59
O5 FUB DD . -24.25 -9.35 -24.19
C5 FUB DD . -25.50 -8.69 -23.98
C4 FUB DD . -26.01 -8.93 -22.57
O4 FUB DD . -25.03 -8.54 -21.59
C3 FUB DD . -26.36 -10.38 -22.21
O3 FUB DD . -27.57 -10.82 -22.79
C2 FUB DD . -26.39 -10.28 -20.69
O2 FUB DD . -26.29 -11.53 -20.05
C1 FUB DD . -25.26 -9.29 -20.38
O5 FUB DD . -29.21 -13.96 -20.96
C5 FUB DD . -29.76 -13.85 -19.65
C4 FUB DD . -28.78 -13.15 -18.72
O4 FUB DD . -28.43 -11.85 -19.23
C3 FUB DD . -27.44 -13.86 -18.51
O3 FUB DD . -27.53 -14.98 -17.63
C2 FUB DD . -26.60 -12.71 -17.98
O2 FUB DD . -25.21 -12.97 -18.00
C1 FUB DD . -27.06 -11.54 -18.86
O5 AHR DD . -29.35 -18.43 -20.29
C5 AHR DD . -28.48 -18.95 -19.29
C4 AHR DD . -28.01 -17.87 -18.35
O4 AHR DD . -27.34 -16.81 -19.06
C3 AHR DD . -27.01 -18.29 -17.28
O3 AHR DD . -27.61 -18.99 -16.18
C2 AHR DD . -26.37 -16.96 -16.91
O2 AHR DD . -25.00 -17.08 -16.55
C1 AHR DD . -26.67 -16.02 -18.09
O5 FUB ED . -23.82 -9.47 -4.29
C5 FUB ED . -25.10 -9.00 -4.68
C4 FUB ED . -25.26 -9.01 -6.18
O4 FUB ED . -25.17 -10.36 -6.70
C3 FUB ED . -24.22 -8.22 -6.98
O3 FUB ED . -24.45 -6.81 -6.93
C2 FUB ED . -24.38 -8.85 -8.36
O2 FUB ED . -23.33 -8.54 -9.24
C1 FUB ED . -24.54 -10.33 -8.00
O5 FUB ED . -24.24 -4.55 -8.95
C5 FUB ED . -24.72 -4.59 -10.28
C4 FUB ED . -24.29 -5.86 -10.98
O4 FUB ED . -24.76 -7.02 -10.25
C3 FUB ED . -22.78 -6.07 -11.11
O3 FUB ED . -22.20 -5.28 -12.14
C2 FUB ED . -22.74 -7.57 -11.39
O2 FUB ED . -21.45 -8.13 -11.19
C1 FUB ED . -23.86 -8.12 -10.49
O5 FUB ED . -18.64 -5.11 -13.13
C5 FUB ED . -18.77 -5.99 -14.24
C4 FUB ED . -19.30 -7.33 -13.81
O4 FUB ED . -20.58 -7.20 -13.16
C3 FUB ED . -18.45 -8.10 -12.81
O3 FUB ED . -17.31 -8.71 -13.39
C2 FUB ED . -19.47 -9.08 -12.23
O2 FUB ED . -19.18 -9.47 -10.91
C1 FUB ED . -20.84 -8.41 -12.44
O5 FUB FD . -11.93 -12.32 -11.24
C5 FUB FD . -12.27 -10.98 -11.56
C4 FUB FD . -13.74 -10.84 -11.84
O4 FUB FD . -14.53 -11.20 -10.68
C3 FUB FD . -14.30 -11.71 -12.97
O3 FUB FD . -13.94 -11.23 -14.26
C2 FUB FD . -15.78 -11.66 -12.66
O2 FUB FD . -16.53 -12.67 -13.31
C1 FUB FD . -15.82 -11.68 -11.12
O5 FUB FD . -15.91 -10.63 -16.89
C5 FUB FD . -17.30 -10.33 -16.90
C4 FUB FD . -18.04 -11.18 -15.88
O4 FUB FD . -17.52 -10.97 -14.55
C3 FUB FD . -17.99 -12.68 -16.09
O3 FUB FD . -18.82 -13.13 -17.15
C2 FUB FD . -18.43 -13.17 -14.71
O2 FUB FD . -18.14 -14.53 -14.45
C1 FUB FD . -17.77 -12.15 -13.76
O5 FUB FD . -18.79 -17.33 -18.01
C5 FUB FD . -20.11 -17.35 -17.49
C4 FUB FD . -20.15 -16.87 -16.06
O4 FUB FD . -19.63 -15.52 -15.95
C3 FUB FD . -19.32 -17.68 -15.06
O3 FUB FD . -19.93 -18.90 -14.68
C2 FUB FD . -19.17 -16.67 -13.92
O2 FUB FD . -17.98 -16.87 -13.17
C1 FUB FD . -19.33 -15.29 -14.56
O5 FUB GD . -19.53 -24.06 -10.81
C5 FUB GD . -19.68 -23.73 -12.20
C4 FUB GD . -19.76 -22.23 -12.38
O4 FUB GD . -18.57 -21.58 -11.91
C3 FUB GD . -20.91 -21.54 -11.64
O3 FUB GD . -22.17 -21.72 -12.27
C2 FUB GD . -20.40 -20.10 -11.62
O2 FUB GD . -21.08 -19.30 -10.68
C1 FUB GD . -18.90 -20.29 -11.36
O5 FUB GD . -24.57 -20.36 -12.87
C5 FUB GD . -24.65 -18.98 -13.22
C4 FUB GD . -23.76 -18.14 -12.35
O4 FUB GD . -22.37 -18.54 -12.47
C3 FUB GD . -24.04 -18.20 -10.85
O3 FUB GD . -25.21 -17.49 -10.48
C2 FUB GD . -22.74 -17.60 -10.31
O2 FUB GD . -22.50 -17.90 -8.95
C1 FUB GD . -21.67 -18.16 -11.28
O5 FUB GD . -26.67 -16.86 -8.55
C5 FUB GD . -26.25 -15.55 -8.18
C4 FUB GD . -24.84 -15.56 -7.64
O4 FUB GD . -23.92 -16.03 -8.66
C3 FUB GD . -24.62 -16.45 -6.40
O3 FUB GD . -23.90 -15.72 -5.42
C2 FUB GD . -23.79 -17.60 -6.96
O2 FUB GD . -24.60 -18.65 -7.45
C1 FUB GD . -22.97 -16.90 -8.05
O5 FUB HD . -22.60 -17.12 0.70
C5 FUB HD . -23.67 -17.14 -0.23
C4 FUB HD . -23.16 -17.05 -1.65
O4 FUB HD . -22.43 -18.24 -2.03
C3 FUB HD . -22.19 -15.90 -1.93
O3 FUB HD . -22.82 -14.63 -1.98
C2 FUB HD . -21.62 -16.37 -3.27
O2 FUB HD . -20.42 -15.70 -3.62
C1 FUB HD . -21.50 -17.89 -3.07
O5 FUB HD . -23.68 -13.00 -3.10
C5 FUB HD . -23.46 -12.61 -4.45
C4 FUB HD . -22.12 -13.09 -4.94
O4 FUB HD . -22.03 -14.53 -4.87
C3 FUB HD . -20.89 -12.59 -4.18
O3 FUB HD . -20.59 -11.23 -4.46
C2 FUB HD . -19.84 -13.58 -4.66
O2 FUB HD . -18.69 -13.64 -3.85
C1 FUB HD . -20.63 -14.90 -4.78
O5 FUB HD . -17.32 -9.80 -5.52
C5 FUB HD . -16.37 -10.60 -6.21
C4 FUB HD . -16.27 -11.98 -5.62
O4 FUB HD . -17.55 -12.66 -5.64
C3 FUB HD . -15.84 -12.06 -4.15
O3 FUB HD . -14.45 -11.80 -3.96
C2 FUB HD . -16.28 -13.47 -3.79
O2 FUB HD . -16.45 -13.66 -2.40
C1 FUB HD . -17.52 -13.72 -4.66
O5 FUB ID . -8.76 -14.91 -2.21
C5 FUB ID . -9.61 -13.78 -2.13
C4 FUB ID . -10.92 -14.01 -2.86
O4 FUB ID . -11.75 -14.99 -2.19
C3 FUB ID . -10.80 -14.57 -4.28
O3 FUB ID . -10.32 -13.61 -5.22
C2 FUB ID . -12.23 -15.04 -4.52
O2 FUB ID . -12.33 -16.06 -5.49
C1 FUB ID . -12.76 -15.40 -3.12
O5 FUB ID . -11.51 -12.92 -7.55
C5 FUB ID . -12.76 -12.98 -8.22
C4 FUB ID . -13.45 -14.29 -7.95
O4 FUB ID . -13.66 -14.49 -6.53
C3 FUB ID . -12.73 -15.56 -8.43
O3 FUB ID . -12.86 -15.77 -9.82
C2 FUB ID . -13.39 -16.62 -7.56
O2 FUB ID . -12.70 -17.84 -7.52
C1 FUB ID . -13.52 -15.89 -6.22
O5 FUB ID . -12.54 -18.89 -11.54
C5 FUB ID . -13.53 -19.87 -11.28
C4 FUB ID . -13.70 -20.09 -9.80
O4 FUB ID . -14.05 -18.85 -9.13
C3 FUB ID . -12.47 -20.60 -9.05
O3 FUB ID . -12.20 -21.97 -9.29
C2 FUB ID . -12.84 -20.25 -7.62
O2 FUB ID . -11.74 -20.24 -6.73
C1 FUB ID . -13.60 -18.92 -7.76
O5 FUB JD . -10.46 -27.29 -5.24
C5 FUB JD . -10.50 -26.88 -6.61
C4 FUB JD . -11.40 -25.69 -6.80
O4 FUB JD . -10.96 -24.58 -5.99
C3 FUB JD . -12.87 -25.91 -6.41
O3 FUB JD . -13.62 -26.58 -7.42
C2 FUB JD . -13.31 -24.48 -6.14
O2 FUB JD . -14.55 -24.38 -5.46
C1 FUB JD . -12.09 -23.97 -5.36
O5 FUB JD . -16.14 -25.17 -9.33
C5 FUB JD . -16.69 -23.87 -9.28
C4 FUB JD . -16.63 -23.30 -7.89
O4 FUB JD . -15.27 -23.28 -7.40
C3 FUB JD . -17.42 -24.06 -6.81
O3 FUB JD . -18.82 -23.86 -6.91
C2 FUB JD . -16.78 -23.50 -5.55
O2 FUB JD . -16.98 -24.30 -4.42
C1 FUB JD . -15.31 -23.29 -5.95
O5 FUB JD . -21.14 -23.53 -4.80
C5 FUB JD . -21.04 -22.77 -3.61
C4 FUB JD . -19.72 -23.03 -2.91
O4 FUB JD . -18.61 -22.75 -3.78
C3 FUB JD . -19.49 -24.47 -2.45
O3 FUB JD . -20.24 -24.82 -1.29
C2 FUB JD . -17.98 -24.45 -2.24
O2 FUB JD . -17.41 -25.75 -2.23
C1 FUB JD . -17.46 -23.52 -3.33
O5 FUB KD . -17.93 -25.99 5.69
C5 FUB KD . -18.94 -26.36 4.77
C4 FUB KD . -18.85 -25.53 3.51
O4 FUB KD . -17.56 -25.71 2.87
C3 FUB KD . -18.97 -24.02 3.69
O3 FUB KD . -20.30 -23.59 3.92
C2 FUB KD . -18.36 -23.52 2.37
O2 FUB KD . -17.83 -22.22 2.50
C1 FUB KD . -17.35 -24.61 1.97
O5 FUB KD . -21.30 -20.26 2.25
C5 FUB KD . -20.90 -19.72 1.00
C4 FUB KD . -19.44 -19.97 0.74
O4 FUB KD . -19.14 -21.38 0.79
C3 FUB KD . -18.47 -19.33 1.74
O3 FUB KD . -18.31 -17.93 1.54
C2 FUB KD . -17.22 -20.15 1.47
O2 FUB KD . -16.25 -20.07 2.50
C1 FUB KD . -17.79 -21.57 1.24
O5 FUB KD . -16.33 -15.81 2.18
C5 FUB KD . -15.04 -15.91 1.60
C4 FUB KD . -14.45 -17.28 1.82
O4 FUB KD . -15.31 -18.31 1.30
C3 FUB KD . -14.21 -17.68 3.28
O3 FUB KD . -13.09 -17.04 3.86
C2 FUB KD . -14.08 -19.20 3.14
O2 FUB KD . -14.31 -19.89 4.35
C1 FUB KD . -15.04 -19.55 1.98
O5 FUB LD . -7.47 -18.91 7.46
C5 FUB LD . -8.57 -18.00 7.39
C4 FUB LD . -9.47 -18.32 6.23
O4 FUB LD . -9.98 -19.67 6.32
C3 FUB LD . -8.83 -18.26 4.83
O3 FUB LD . -8.72 -16.92 4.34
C2 FUB LD . -9.80 -19.12 4.02
O2 FUB LD . -9.18 -19.80 2.95
C1 FUB LD . -10.51 -20.02 5.04
O5 FUB LD . -8.66 -16.35 1.17
C5 FUB LD . -9.61 -16.70 0.18
C4 FUB LD . -9.95 -18.16 0.23
O4 FUB LD . -10.46 -18.52 1.54
C3 FUB LD . -8.79 -19.14 -0.01
O3 FUB LD . -8.46 -19.26 -1.39
C2 FUB LD . -9.35 -20.40 0.62
O2 FUB LD . -8.35 -21.38 0.89
C1 FUB LD . -10.08 -19.86 1.86
O5 FUB LD . -7.01 -21.12 -3.20
C5 FUB LD . -7.57 -22.42 -3.35
C4 FUB LD . -7.86 -23.04 -2.00
O4 FUB LD . -8.77 -22.24 -1.23
C3 FUB LD . -6.65 -23.23 -1.08
O3 FUB LD . -5.79 -24.27 -1.55
C2 FUB LD . -7.36 -23.47 0.25
O2 FUB LD . -6.55 -23.24 1.39
C1 FUB LD . -8.61 -22.57 0.16
O5 AHR LD . -3.15 -28.32 -2.11
C5 AHR LD . -2.81 -27.03 -2.57
C4 AHR LD . -3.01 -26.00 -1.48
O4 AHR LD . -4.37 -25.99 -1.00
C3 AHR LD . -2.73 -24.54 -1.88
O3 AHR LD . -1.34 -24.25 -1.93
C2 AHR LD . -3.49 -23.79 -0.80
O2 AHR LD . -3.68 -22.42 -1.09
C1 AHR LD . -4.76 -24.65 -0.64
O5 AHR LD . -5.33 -13.68 2.86
C5 AHR LD . -4.93 -14.95 3.36
C4 AHR LD . -5.72 -16.07 2.71
O4 AHR LD . -7.13 -15.88 2.98
C3 AHR LD . -5.43 -17.45 3.29
O3 AHR LD . -5.89 -18.45 2.39
C2 AHR LD . -6.27 -17.42 4.56
O2 AHR LD . -5.49 -17.11 5.70
C1 AHR LD . -7.39 -16.40 4.28
O5 FUB MD . -4.75 -30.85 2.50
C5 FUB MD . -4.07 -29.96 1.63
C4 FUB MD . -4.96 -28.79 1.27
O4 FUB MD . -5.30 -28.00 2.41
C3 FUB MD . -6.30 -29.16 0.64
O3 FUB MD . -6.21 -29.59 -0.71
C2 FUB MD . -7.08 -27.86 0.84
O2 FUB MD . -8.47 -28.07 0.97
C1 FUB MD . -6.41 -27.17 2.04
O5 FUB MD . -7.40 -28.24 -2.46
C5 FUB MD . -8.24 -27.18 -2.89
C4 FUB MD . -9.22 -26.78 -1.81
O4 FUB MD . -8.53 -26.39 -0.60
C3 FUB MD . -10.20 -27.89 -1.36
O3 FUB MD . -11.24 -28.04 -2.30
C2 FUB MD . -10.57 -27.40 0.03
O2 FUB MD . -11.24 -28.32 0.90
C1 FUB MD . -9.20 -26.93 0.54
C6 GZL MD . -13.24 -30.87 -2.82
C5 GZL MD . -14.00 -30.64 -1.50
C4 GZL MD . -13.04 -30.89 -0.33
C3 GZL MD . -13.60 -30.48 1.20
C2 GZL MD . -13.66 -29.25 1.18
O6 GZL MD . -13.96 -31.83 -3.57
O5 GZL MD . -14.56 -29.32 -1.52
O4 GZL MD . -12.02 -30.16 -0.46
O3 GZL MD . -14.90 -31.09 1.52
C1 GZL MD . -12.39 -28.88 0.28
O2 GZL MD . -13.49 -28.71 2.58
O5 AHR MD . -18.75 -34.60 3.00
C5 AHR MD . -17.65 -34.56 2.10
C4 AHR MD . -16.72 -33.42 2.43
O4 AHR MD . -15.69 -33.28 1.43
C3 AHR MD . -15.93 -33.53 3.74
O3 AHR MD . -16.71 -33.29 4.90
C2 AHR MD . -14.82 -32.52 3.49
O2 AHR MD . -13.64 -32.82 4.21
C1 AHR MD . -14.68 -32.43 1.97
O5 FUB ND . -10.02 -24.47 15.95
C5 FUB ND . -11.26 -24.02 15.41
C4 FUB ND . -11.34 -24.29 13.93
O4 FUB ND . -11.38 -25.71 13.65
C3 FUB ND . -10.16 -23.79 13.11
O3 FUB ND . -10.15 -22.37 12.93
C2 FUB ND . -10.32 -24.60 11.83
O2 FUB ND . -9.11 -24.83 11.15
C1 FUB ND . -11.04 -25.89 12.27
O5 FUB ND . -8.09 -20.86 11.35
C5 FUB ND . -8.38 -20.77 9.96
C4 FUB ND . -8.48 -22.13 9.33
O4 FUB ND . -9.51 -22.92 9.96
C3 FUB ND . -7.21 -22.99 9.42
O3 FUB ND . -6.25 -22.54 8.48
C2 FUB ND . -7.80 -24.39 9.20
O2 FUB ND . -6.99 -25.47 9.65
C1 FUB ND . -9.18 -24.32 9.84
C6 GZL ND . -2.11 -24.18 10.55
C5 GZL ND . -2.41 -24.93 9.25
C4 GZL ND . -3.80 -25.40 9.26
C3 GZL ND . -4.17 -26.72 8.34
C2 GZL ND . -5.16 -26.13 7.94
O6 GZL ND . -3.00 -23.10 10.64
O5 GZL ND . -2.78 -23.99 8.27
O4 GZL ND . -4.54 -25.50 10.28
O3 GZL ND . -3.19 -26.90 7.26
C1 GZL ND . -5.64 -25.31 9.24
O2 GZL ND . -6.22 -27.18 7.71
O5 FUB OD . -1.11 -33.19 12.53
C5 FUB OD . -0.43 -32.22 11.74
C4 FUB OD . -1.39 -31.40 10.93
O4 FUB OD . -2.33 -30.71 11.78
C3 FUB OD . -2.25 -32.19 9.93
O3 FUB OD . -1.57 -32.45 8.71
C2 FUB OD . -3.46 -31.29 9.80
O2 FUB OD . -4.58 -31.92 9.19
C1 FUB OD . -3.66 -30.90 11.27
O5 FUB OD . -2.38 -31.24 5.67
C5 FUB OD . -3.38 -30.31 5.31
C4 FUB OD . -4.62 -30.47 6.17
O4 FUB OD . -4.30 -30.28 7.57
C3 FUB OD . -5.30 -31.84 6.11
O3 FUB OD . -6.03 -32.04 4.91
C2 FUB OD . -6.15 -31.78 7.37
O2 FUB OD . -6.58 -33.05 7.80
C1 FUB OD . -5.26 -31.01 8.36
C6 GZL OD . -9.93 -33.63 4.10
C5 GZL OD . -9.13 -34.55 5.04
C4 GZL OD . -9.29 -34.07 6.46
C3 GZL OD . -8.57 -35.16 7.50
C2 GZL OD . -8.41 -34.52 8.53
O6 GZL OD . -10.10 -34.30 2.89
O5 GZL OD . -7.78 -34.52 4.68
O4 GZL OD . -8.67 -32.97 6.63
O3 GZL OD . -9.47 -36.30 7.76
C1 GZL OD . -7.98 -33.08 7.98
O2 GZL OD . -7.30 -35.12 9.35
O5 AHR OD . -10.04 -37.95 3.34
C5 AHR OD . -10.14 -39.00 4.29
C4 AHR OD . -10.14 -38.45 5.70
O4 AHR OD . -8.95 -37.68 5.96
C3 AHR OD . -10.16 -39.50 6.82
O3 AHR OD . -11.45 -40.06 7.03
C2 AHR OD . -9.61 -38.69 8.00
O2 AHR OD . -8.89 -39.49 8.90
C1 AHR OD . -8.84 -37.52 7.38
O5 FUB PD . -11.51 -40.34 13.51
C5 FUB PD . -11.31 -40.54 12.11
C4 FUB PD . -11.03 -39.23 11.41
O4 FUB PD . -9.89 -38.57 11.97
C3 FUB PD . -12.14 -38.18 11.50
O3 FUB PD . -13.25 -38.47 10.65
C2 FUB PD . -11.38 -36.91 11.14
O2 FUB PD . -12.01 -35.75 11.64
C1 FUB PD . -9.95 -37.17 11.65
O5 FUB PD . -14.35 -35.71 8.40
C5 FUB PD . -13.78 -34.48 7.98
C4 FUB PD . -12.94 -33.88 9.09
O4 FUB PD . -11.93 -34.82 9.52
C3 FUB PD . -13.70 -33.52 10.37
O3 FUB PD . -14.46 -32.33 10.23
C2 FUB PD . -12.54 -33.44 11.37
O2 FUB PD . -12.95 -33.48 12.71
C1 FUB PD . -11.64 -34.59 10.92
C6 GZL PD . -14.68 -29.19 12.12
C5 GZL PD . -14.96 -30.10 13.33
C4 GZL PD . -13.65 -30.61 13.90
C3 GZL PD . -13.89 -31.84 15.00
C2 GZL PD . -12.86 -32.51 14.96
O6 GZL PD . -15.04 -27.88 12.47
O5 GZL PD . -15.75 -31.18 12.93
O4 GZL PD . -12.95 -31.09 12.95
O3 GZL PD . -14.05 -31.33 16.38
C1 GZL PD . -12.39 -32.41 13.44
O2 GZL PD . -13.14 -33.95 15.32
O5 AHR PD . -14.82 -27.95 19.68
C5 AHR PD . -15.85 -28.92 19.72
C4 AHR PD . -15.51 -30.11 18.84
O4 AHR PD . -15.30 -29.71 17.47
C3 AHR PD . -16.58 -31.20 18.75
O3 AHR PD . -16.65 -32.01 19.92
C2 AHR PD . -16.13 -31.94 17.50
O2 AHR PD . -17.20 -32.60 16.84
C1 AHR PD . -15.37 -30.90 16.66
O5 FUB QD . -12.13 -33.45 22.81
C5 FUB QD . -13.09 -32.49 22.43
C4 FUB QD . -12.83 -31.96 21.04
O4 FUB QD . -12.68 -33.05 20.10
C3 FUB QD . -11.57 -31.13 20.84
O3 FUB QD . -11.66 -29.81 21.38
C2 FUB QD . -11.43 -31.19 19.32
O2 FUB QD . -10.17 -30.79 18.82
C1 FUB QD . -11.81 -32.64 19.02
O5 FUB QD . -10.76 -27.14 19.09
C5 FUB QD . -10.74 -26.96 17.67
C4 FUB QD . -10.27 -28.20 16.96
O4 FUB QD . -11.10 -29.34 17.31
C3 FUB QD . -8.84 -28.66 17.24
O3 FUB QD . -7.89 -27.89 16.50
C2 FUB QD . -8.93 -30.13 16.85
O2 FUB QD . -7.87 -31.00 17.21
C1 FUB QD . -10.29 -30.51 17.44
C6 GZL QD . -3.92 -28.01 15.66
C5 GZL QD . -3.75 -28.90 16.92
C4 GZL QD . -4.69 -30.09 16.80
C3 GZL QD . -4.61 -31.01 18.18
C2 GZL QD . -5.71 -31.55 18.25
O6 GZL QD . -2.91 -28.36 14.75
O5 GZL QD . -4.08 -28.15 18.05
O4 GZL QD . -5.90 -29.68 16.69
O3 GZL QD . -3.54 -32.02 18.05
C1 GZL QD . -6.69 -30.40 17.76
O2 GZL QD . -6.02 -31.96 19.66
O5 FUB RD . 2.39 -41.83 24.17
C5 FUB RD . 3.42 -40.92 24.55
C4 FUB RD . 2.90 -39.59 25.07
O4 FUB RD . 2.03 -39.78 26.21
C3 FUB RD . 2.07 -38.77 24.09
O3 FUB RD . 2.10 -37.40 24.48
C2 FUB RD . 0.67 -39.34 24.31
O2 FUB RD . 0.34 -40.30 23.33
C1 FUB RD . 0.68 -39.88 25.74
O5 FUB RD . 2.18 -38.78 19.60
C5 FUB RD . 0.89 -38.27 19.32
C4 FUB RD . -0.15 -38.93 20.20
O4 FUB RD . 0.15 -38.73 21.60
C3 FUB RD . -0.27 -40.44 20.05
O3 FUB RD . -0.94 -40.85 18.86
C2 FUB RD . -1.00 -40.81 21.34
O2 FUB RD . -0.80 -42.15 21.72
C1 FUB RD . -0.53 -39.74 22.36
C6 GZL RD . -3.44 -42.95 17.44
C5 GZL RD . -2.43 -43.91 18.11
C4 GZL RD . -2.65 -43.90 19.60
C3 GZL RD . -1.48 -44.82 20.35
C2 GZL RD . -1.56 -44.49 21.54
O6 GZL RD . -4.11 -43.64 16.41
O5 GZL RD . -1.13 -43.48 17.82
O4 GZL RD . -2.48 -42.73 20.08
O3 GZL RD . -1.79 -46.25 20.19
C1 GZL RD . -1.95 -42.94 21.48
O2 GZL RD . -0.23 -44.66 22.22
O5 FUB SD . -1.27 -51.63 22.08
C5 FUB SD . -2.63 -51.22 22.02
C4 FUB SD . -2.75 -49.72 21.98
O4 FUB SD . -2.17 -49.14 23.17
C3 FUB SD . -4.18 -49.17 21.98
O3 FUB SD . -4.80 -49.27 20.70
C2 FUB SD . -3.95 -47.73 22.47
O2 FUB SD . -5.07 -47.21 23.16
C1 FUB SD . -2.65 -47.80 23.29
O5 FUB SD . -6.64 -46.15 18.98
C5 FUB SD . -7.43 -45.58 20.01
C4 FUB SD . -6.92 -45.98 21.37
O4 FUB SD . -5.52 -45.65 21.52
C3 FUB SD . -7.60 -45.30 22.56
O3 FUB SD . -7.94 -43.95 22.25
C2 FUB SD . -6.50 -45.33 23.63
O2 FUB SD . -6.86 -46.11 24.75
C1 FUB SD . -5.24 -45.83 22.90
C6 GZL SD . -11.40 -43.65 25.88
C5 GZL SD . -10.66 -45.00 25.97
C4 GZL SD . -9.26 -44.80 26.51
C3 GZL SD . -8.71 -46.21 27.18
C2 GZL SD . -7.48 -46.12 27.14
O6 GZL SD . -10.45 -42.65 25.63
O5 GZL SD . -10.58 -45.57 24.70
O4 GZL SD . -8.48 -44.51 25.55
O3 GZL SD . -9.17 -46.34 28.58
C1 GZL SD . -7.18 -45.26 25.84
O2 GZL SD . -6.87 -47.50 26.98
O5 FUB TD . -8.93 -47.13 34.99
C5 FUB TD . -9.86 -47.15 33.92
C4 FUB TD . -9.20 -46.74 32.61
O4 FUB TD . -8.18 -47.67 32.22
C3 FUB TD . -8.48 -45.39 32.65
O3 FUB TD . -9.36 -44.27 32.62
C2 FUB TD . -7.58 -45.52 31.42
O2 FUB TD . -6.44 -44.68 31.52
C1 FUB TD . -7.28 -47.02 31.32
O5 FUB TD . -9.43 -41.87 28.42
C5 FUB TD . -8.60 -41.37 29.46
C4 FUB TD . -7.26 -42.08 29.49
O4 FUB TD . -7.44 -43.48 29.77
C3 FUB TD . -6.29 -41.59 30.55
O3 FUB TD . -5.72 -40.32 30.26
C2 FUB TD . -5.33 -42.78 30.64
O2 FUB TD . -4.16 -42.67 29.84
C1 FUB TD . -6.19 -44.00 30.31
C6 GZL TD . -1.89 -38.54 29.68
C5 GZL TD . -1.60 -39.30 30.99
C4 GZL TD . -1.39 -40.77 30.68
C3 GZL TD . -1.71 -41.74 32.01
C2 GZL TD . -2.24 -42.74 31.53
O6 GZL TD . -1.04 -39.05 28.68
O5 GZL TD . -2.68 -39.14 31.85
O4 GZL TD . -2.22 -41.12 29.77
O3 GZL TD . -0.52 -42.06 32.82
C1 GZL TD . -3.20 -41.95 30.58
O2 GZL TD . -2.98 -43.52 32.59
O5 AHR TD . 2.82 -38.65 32.23
C5 AHR TD . 2.63 -38.92 33.62
C4 AHR TD . 1.81 -40.17 33.81
O4 AHR TD . 0.51 -40.03 33.22
C3 AHR TD . 1.50 -40.55 35.27
O3 AHR TD . 2.62 -41.10 35.96
C2 AHR TD . 0.34 -41.52 35.07
O2 AHR TD . -0.50 -41.61 36.20
C1 AHR TD . -0.35 -41.02 33.78
O5 FUB UD . 4.15 -46.35 35.99
C5 FUB UD . 3.86 -44.97 36.10
C4 FUB UD . 2.98 -44.50 34.97
O4 FUB UD . 1.75 -45.25 34.93
C3 FUB UD . 3.55 -44.66 33.56
O3 FUB UD . 4.53 -43.69 33.24
C2 FUB UD . 2.29 -44.60 32.71
O2 FUB UD . 2.42 -45.31 31.49
C1 FUB UD . 1.17 -45.09 33.63
O5 FUB UD . 2.78 -40.74 29.37
C5 FUB UD . 3.32 -41.92 28.79
C4 FUB UD . 2.38 -43.09 28.93
O4 FUB UD . 2.07 -43.34 30.32
C3 FUB UD . 2.91 -44.43 28.43
O3 FUB UD . 2.90 -44.53 27.01
C2 FUB UD . 1.97 -45.40 29.13
O2 FUB UD . 2.51 -46.70 29.23
C1 FUB UD . 1.65 -44.71 30.47
C6 GZL UD . 1.85 -48.18 24.05
C5 GZL UD . 2.84 -48.32 25.21
C4 GZL UD . 2.08 -48.50 26.51
C3 GZL UD . 3.01 -49.25 27.66
C2 GZL UD . 2.36 -49.09 28.69
O6 GZL UD . 2.20 -47.04 23.31
O5 GZL UD . 3.61 -47.15 25.29
O4 GZL UD . 1.81 -47.37 27.02
O3 GZL UD . 3.16 -50.69 27.38
C1 GZL UD . 1.73 -47.64 28.51
O2 GZL UD . 3.28 -49.11 29.89
O5 AHR UD . 4.54 -51.60 22.85
C5 AHR UD . 5.32 -52.34 23.78
C4 AHR UD . 4.71 -52.28 25.16
O4 AHR UD . 4.72 -50.93 25.69
C3 AHR UD . 5.43 -53.09 26.25
O3 AHR UD . 5.24 -54.49 26.10
C2 AHR UD . 4.78 -52.49 27.50
O2 AHR UD . 5.48 -52.76 28.70
C1 AHR UD . 4.52 -51.01 27.12
O5 AHR UD . 5.93 -51.53 33.18
C5 AHR UD . 6.53 -50.41 32.52
C4 AHR UD . 6.97 -50.77 31.12
O4 AHR UD . 5.85 -51.09 30.28
C3 AHR UD . 7.88 -51.99 31.01
O3 AHR UD . 9.22 -51.75 31.39
C2 AHR UD . 7.70 -52.35 29.53
O2 AHR UD . 7.83 -53.74 29.28
C1 AHR UD . 6.36 -51.72 29.11
O5 FUB VD . 2.49 -57.74 29.02
C5 FUB VD . 3.35 -56.76 28.46
C4 FUB VD . 2.87 -55.37 28.79
O4 FUB VD . 2.69 -55.21 30.21
C3 FUB VD . 1.52 -54.97 28.20
O3 FUB VD . 1.58 -54.68 26.81
C2 FUB VD . 1.15 -53.78 29.10
O2 FUB VD . -0.25 -53.59 29.20
C1 FUB VD . 1.86 -54.07 30.43
O5 FUB VD . -0.84 -53.62 25.35
C5 FUB VD . -1.28 -52.27 25.36
C4 FUB VD . -1.47 -51.79 26.78
O4 FUB VD . -0.27 -51.98 27.55
C3 FUB VD . -2.57 -52.51 27.58
O3 FUB VD . -3.88 -52.09 27.22
C2 FUB VD . -2.15 -52.18 29.00
O2 FUB VD . -2.75 -53.04 29.95
C1 FUB VD . -0.62 -52.26 28.92
C6 GZL VD . -7.02 -51.09 29.04
C5 GZL VD . -6.83 -52.38 29.85
C4 GZL VD . -5.71 -52.20 30.85
C3 GZL VD . -5.17 -53.65 31.46
C2 GZL VD . -4.08 -53.35 31.96
O6 GZL VD . -8.33 -51.08 28.52
O5 GZL VD . -6.50 -53.43 28.98
O4 GZL VD . -4.70 -51.66 30.29
O3 GZL VD . -6.06 -54.19 32.50
C1 GZL VD . -3.48 -52.31 30.92
O2 GZL VD . -3.20 -54.57 32.04
O5 AHR VD . -10.78 -53.83 32.86
C5 AHR VD . -10.36 -55.17 33.03
C4 AHR VD . -8.87 -55.27 33.14
O4 AHR VD . -8.21 -54.80 31.94
C3 AHR VD . -8.29 -56.68 33.34
O3 AHR VD . -8.47 -57.17 34.66
C2 AHR VD . -6.83 -56.43 32.96
O2 AHR VD . -6.18 -57.61 32.48
C1 AHR VD . -6.86 -55.25 31.98
O5 AHR VD . -1.74 -59.56 31.34
C5 AHR VD . -2.21 -60.00 32.60
C4 AHR VD . -3.68 -59.71 32.78
O4 AHR VD . -3.94 -58.29 32.72
C3 AHR VD . -4.29 -60.13 34.12
O3 AHR VD . -4.51 -61.54 34.21
C2 AHR VD . -5.57 -59.30 34.13
O2 AHR VD . -6.12 -59.14 35.43
C1 AHR VD . -5.17 -58.00 33.41
O5 FUB WD . -5.04 -56.74 39.17
C5 FUB WD . -6.00 -56.85 38.15
C4 FUB WD . -5.75 -55.83 37.05
O4 FUB WD . -4.43 -55.98 36.49
C3 FUB WD . -5.81 -54.37 37.47
O3 FUB WD . -7.14 -53.90 37.69
C2 FUB WD . -5.08 -53.70 36.32
O2 FUB WD . -4.47 -52.48 36.69
C1 FUB WD . -4.10 -54.77 35.79
O5 FUB WD . -8.25 -50.71 33.93
C5 FUB WD . -7.64 -50.00 35.01
C4 FUB WD . -6.13 -50.13 34.95
O4 FUB WD . -5.74 -51.52 35.02
C3 FUB WD . -5.36 -49.47 36.09
O3 FUB WD . -5.28 -48.06 35.97
C2 FUB WD . -4.03 -50.19 36.00
O2 FUB WD . -3.26 -50.10 37.19
C1 FUB WD . -4.41 -51.61 35.56
C6 GZL WD . -2.20 -45.24 37.43
C5 GZL WD . -1.48 -46.21 38.39
C4 GZL WD . -1.21 -47.50 37.65
C3 GZL WD . -0.85 -48.72 38.73
C2 GZL WD . -0.95 -49.76 38.06
O6 GZL WD . -1.23 -44.39 36.88
O5 GZL WD . -2.29 -46.47 39.49
O4 GZL WD . -2.25 -47.90 37.05
O3 GZL WD . 0.54 -48.58 39.22
C1 GZL WD . -2.04 -49.41 36.94
O2 GZL WD . -1.44 -50.89 38.93
C1 NAG XD . -25.93 42.20 -79.09
C2 NAG XD . -27.02 42.81 -79.95
C3 NAG XD . -28.21 43.24 -79.10
C4 NAG XD . -28.68 42.13 -78.19
C5 NAG XD . -27.52 41.59 -77.38
C6 NAG XD . -27.94 40.38 -76.56
C7 NAG XD . -26.39 43.96 -81.98
C8 NAG XD . -25.58 45.08 -82.56
N2 NAG XD . -26.51 43.96 -80.66
O3 NAG XD . -29.28 43.61 -79.96
O4 NAG XD . -29.66 42.65 -77.30
O5 NAG XD . -26.45 41.18 -78.24
O6 NAG XD . -28.31 40.80 -75.25
O7 NAG XD . -26.93 43.12 -82.69
C1 NAG XD . -30.96 42.16 -77.59
C2 NAG XD . -31.90 42.52 -76.44
C3 NAG XD . -33.32 42.12 -76.75
C4 NAG XD . -33.75 42.87 -78.01
C5 NAG XD . -32.81 42.44 -79.12
C6 NAG XD . -33.19 43.12 -80.44
C7 NAG XD . -31.45 42.56 -74.06
C8 NAG XD . -32.07 41.87 -72.89
N2 NAG XD . -31.46 41.89 -75.21
O3 NAG XD . -34.13 42.46 -75.62
O4 NAG XD . -35.09 42.55 -78.41
O5 NAG XD . -31.45 42.75 -78.81
O6 NAG XD . -32.51 42.45 -81.50
O7 NAG XD . -30.97 43.66 -73.97
C1 BMA XD . -36.12 43.33 -77.78
C2 BMA XD . -35.67 44.72 -77.36
C3 BMA XD . -36.75 45.28 -76.46
C4 BMA XD . -37.98 45.47 -77.33
C5 BMA XD . -38.38 44.14 -77.95
C6 BMA XD . -39.47 44.37 -78.97
O2 BMA XD . -35.55 45.52 -78.53
O3 BMA XD . -36.35 46.50 -75.83
O4 BMA XD . -39.04 46.00 -76.54
O5 BMA XD . -37.29 43.46 -78.59
O6 BMA XD . -38.90 44.77 -80.22
C1 MAN XD . -39.85 44.61 -81.26
C2 MAN XD . -39.42 43.42 -82.13
C3 MAN XD . -40.57 42.85 -82.95
C4 MAN XD . -41.81 42.68 -82.10
C5 MAN XD . -42.17 44.04 -81.52
C6 MAN XD . -43.48 43.98 -80.73
O2 MAN XD . -38.87 42.39 -81.30
O3 MAN XD . -40.17 41.58 -83.48
O4 MAN XD . -42.89 42.16 -82.88
O5 MAN XD . -41.12 44.42 -80.64
O6 MAN XD . -44.38 44.96 -81.27
C1 MAN XD . -44.50 46.07 -80.39
C2 MAN XD . -45.95 46.56 -80.43
C3 MAN XD . -46.31 46.92 -81.87
C4 MAN XD . -45.29 47.88 -82.47
C5 MAN XD . -43.85 47.41 -82.22
C6 MAN XD . -42.88 48.51 -82.64
O2 MAN XD . -46.09 47.72 -79.60
O3 MAN XD . -47.60 47.53 -81.89
O4 MAN XD . -45.50 47.95 -83.88
O5 MAN XD . -43.65 47.12 -80.85
O6 MAN XD . -41.63 48.32 -81.96
C1 MAN XD . -36.15 46.27 -74.43
C2 MAN XD . -34.70 45.94 -74.14
C3 MAN XD . -34.53 45.56 -72.67
C4 MAN XD . -35.69 46.00 -71.78
C5 MAN XD . -36.50 47.22 -72.27
C6 MAN XD . -36.06 48.49 -71.55
O2 MAN XD . -33.90 47.10 -74.39
O3 MAN XD . -33.31 46.14 -72.19
O4 MAN XD . -36.57 44.88 -71.58
O5 MAN XD . -36.43 47.44 -73.68
O6 MAN XD . -36.47 48.46 -70.18
O5 FUB YD . -99.26 125.65 -175.58
C5 FUB YD . -99.57 125.61 -176.96
C4 FUB YD . -99.24 126.92 -177.64
O4 FUB YD . -97.85 127.27 -177.45
C3 FUB YD . -100.00 128.15 -177.13
O3 FUB YD . -101.34 128.20 -177.57
C2 FUB YD . -99.11 129.28 -177.64
O2 FUB YD . -99.23 130.47 -176.90
C1 FUB YD . -97.70 128.68 -177.70
O5 FUB YD . -103.05 130.78 -175.54
C5 FUB YD . -103.29 131.81 -176.49
C4 FUB YD . -102.00 132.30 -177.10
O4 FUB YD . -101.28 131.21 -177.72
C3 FUB YD . -100.99 132.92 -176.13
O3 FUB YD . -101.34 134.23 -175.72
C2 FUB YD . -99.71 132.83 -176.97
O2 FUB YD . -98.53 133.01 -176.21
C1 FUB YD . -99.87 131.48 -177.68
O5 FUB YD . -99.98 136.84 -174.50
C5 FUB YD . -99.08 137.42 -175.43
C4 FUB YD . -98.08 136.41 -175.95
O4 FUB YD . -98.75 135.32 -176.61
C3 FUB YD . -97.21 135.74 -174.89
O3 FUB YD . -96.19 136.58 -174.39
C2 FUB YD . -96.71 134.52 -175.68
O2 FUB YD . -96.27 133.46 -174.85
C1 FUB YD . -97.85 134.19 -176.64
O5 FUB ZD . -91.57 137.65 -170.98
C5 FUB ZD . -92.91 138.02 -171.29
C4 FUB ZD . -93.36 137.44 -172.60
O4 FUB ZD . -93.27 135.99 -172.60
C3 FUB ZD . -92.55 137.84 -173.84
O3 FUB ZD . -92.78 139.18 -174.26
C2 FUB ZD . -93.01 136.77 -174.83
O2 FUB ZD . -92.24 136.68 -176.01
C1 FUB ZD . -93.02 135.52 -173.94
O5 FUB ZD . -94.62 140.09 -176.91
C5 FUB ZD . -95.25 139.30 -177.91
C4 FUB ZD . -94.48 138.03 -178.18
O4 FUB ZD . -94.30 137.26 -176.97
C3 FUB ZD . -93.06 138.21 -178.73
O3 FUB ZD . -93.04 138.57 -180.10
C2 FUB ZD . -92.47 136.82 -178.44
O2 FUB ZD . -91.06 136.77 -178.49
C1 FUB ZD . -93.13 136.44 -177.10
C6 GZL ZD . -91.05 137.28 -182.64
C5 GZL ZD . -90.72 135.78 -182.79
C4 GZL ZD . -90.51 135.18 -181.42
C3 GZL ZD . -89.01 135.60 -180.82
C2 GZL ZD . -89.11 135.70 -179.59
O6 GZL ZD . -89.91 138.02 -182.99
O5 GZL ZD . -91.77 135.13 -183.44
O4 GZL ZD . -91.37 135.65 -180.60
O3 GZL ZD . -88.02 134.56 -181.17
C1 GZL ZD . -90.68 135.64 -179.26
O2 GZL ZD . -88.54 137.01 -179.12
O5 AHR ZD . -85.57 131.85 -184.56
C5 AHR ZD . -84.86 133.03 -184.21
C4 AHR ZD . -85.42 133.67 -182.97
O4 AHR ZD . -86.81 134.01 -183.13
C3 AHR ZD . -84.76 134.97 -182.52
O3 AHR ZD . -83.48 134.78 -181.93
C2 AHR ZD . -85.82 135.53 -181.57
O2 AHR ZD . -85.71 136.91 -181.35
C1 AHR ZD . -87.15 135.04 -182.18
O5 AHR ZD . -92.22 143.65 -176.14
C5 AHR ZD . -91.00 142.93 -176.17
C4 AHR ZD . -91.23 141.46 -175.87
O4 AHR ZD . -91.81 141.30 -174.56
C3 AHR ZD . -89.98 140.60 -175.83
O3 AHR ZD . -89.47 140.28 -177.13
C2 AHR ZD . -90.48 139.39 -175.05
O2 AHR ZD . -89.44 138.67 -174.40
C1 AHR ZD . -91.58 139.94 -174.13
O5 FUB AE . -82.82 129.04 -180.01
C5 FUB AE . -82.99 130.20 -180.81
C4 FUB AE . -84.37 130.78 -180.65
O4 FUB AE . -84.64 131.14 -179.28
C3 FUB AE . -85.54 129.88 -181.04
O3 FUB AE . -85.68 129.74 -182.46
C2 FUB AE . -86.70 130.60 -180.36
O2 FUB AE . -87.86 129.80 -180.21
C1 FUB AE . -86.06 131.08 -179.04
O5 FUB AE . -89.47 130.02 -184.23
C5 FUB AE . -90.38 130.97 -183.69
C4 FUB AE . -90.39 130.94 -182.19
O4 FUB AE . -89.09 131.21 -181.63
C3 FUB AE . -90.80 129.61 -181.55
O3 FUB AE . -92.19 129.34 -181.64
C2 FUB AE . -90.29 129.81 -180.12
O2 FUB AE . -90.14 128.61 -179.39
C1 FUB AE . -89.01 130.64 -180.32
C6 GZL AE . -92.82 126.42 -180.72
C5 GZL AE . -93.76 126.84 -179.58
C4 GZL AE . -92.97 127.45 -178.44
C3 GZL AE . -91.66 126.48 -178.06
C2 GZL AE . -90.90 127.24 -177.48
O6 GZL AE . -92.81 125.02 -180.82
O5 GZL AE . -94.69 127.76 -180.05
O4 GZL AE . -92.49 128.57 -178.80
O3 GZL AE . -92.07 125.36 -177.18
C1 GZL AE . -91.06 128.60 -178.30
O2 GZL AE . -89.48 126.73 -177.56
O5 AHR AE . -95.27 122.97 -180.01
C5 AHR AE . -94.40 122.06 -179.36
C4 AHR AE . -93.61 122.75 -178.27
O4 AHR AE . -92.81 123.83 -178.79
C3 AHR AE . -92.60 121.88 -177.51
O3 AHR AE . -93.22 120.98 -176.59
C2 AHR AE . -91.74 122.96 -176.85
O2 AHR AE . -90.45 122.50 -176.49
C1 AHR AE . -91.78 124.14 -177.85
O5 FUB BE . -87.24 131.19 -164.72
C5 FUB BE . -88.37 132.01 -164.97
C4 FUB BE . -88.89 131.83 -166.38
O4 FUB BE . -89.23 130.46 -166.64
C3 FUB BE . -87.91 132.21 -167.50
O3 FUB BE . -87.82 133.62 -167.71
C2 FUB BE . -88.50 131.44 -168.66
O2 FUB BE . -87.62 131.32 -169.77
C1 FUB BE . -88.89 130.11 -167.98
O5 FUB BE . -88.96 135.34 -169.32
C5 FUB BE . -89.49 135.23 -170.63
C4 FUB BE . -88.94 134.02 -171.34
O4 FUB BE . -89.22 132.81 -170.61
C3 FUB BE . -87.42 133.99 -171.54
O3 FUB BE . -86.98 134.86 -172.58
C2 FUB BE . -87.19 132.51 -171.82
O2 FUB BE . -85.86 132.10 -171.61
C1 FUB BE . -88.24 131.81 -170.95
C6 GZL BE . -83.78 135.47 -172.76
C5 GZL BE . -83.09 134.63 -173.85
C4 GZL BE . -83.74 133.26 -173.95
C3 GZL BE . -82.91 132.16 -173.00
C2 GZL BE . -83.72 131.33 -172.60
O6 GZL BE . -83.17 135.19 -171.53
O5 GZL BE . -83.07 135.35 -175.06
O4 GZL BE . -84.93 133.32 -173.46
O3 GZL BE . -81.87 131.51 -173.82
C1 GZL BE . -85.18 131.95 -172.85
O2 GZL BE . -83.51 131.06 -171.14
O5 FUB BE . -86.90 137.88 -175.21
C5 FUB BE . -87.33 136.82 -176.06
C4 FUB BE . -86.16 136.01 -176.57
O4 FUB BE . -85.42 135.43 -175.47
C3 FUB BE . -85.11 136.77 -177.38
O3 FUB BE . -85.53 137.08 -178.69
C2 FUB BE . -83.93 135.80 -177.30
O2 FUB BE . -82.68 136.44 -177.45
C1 FUB BE . -84.13 135.04 -175.98
O5 FUB CE . -76.73 126.90 -172.97
C5 FUB CE . -77.54 127.01 -171.80
C4 FUB CE . -78.91 127.54 -172.13
O4 FUB CE . -79.75 127.59 -170.96
C3 FUB CE . -79.73 126.72 -173.12
O3 FUB CE . -79.30 126.85 -174.46
C2 FUB CE . -81.13 127.25 -172.86
O2 FUB CE . -82.15 126.35 -173.24
C1 FUB CE . -81.12 127.64 -171.37
O5 FUB CE . -81.19 128.58 -176.88
C5 FUB CE . -82.51 129.06 -176.79
C4 FUB CE . -83.34 128.22 -175.83
O4 FUB CE . -82.75 128.19 -174.51
C3 FUB CE . -83.49 126.74 -176.21
O3 FUB CE . -84.42 126.52 -177.26
C2 FUB CE . -83.90 126.13 -174.87
O2 FUB CE . -83.56 124.76 -174.78
C1 FUB CE . -83.25 127.04 -173.82
C6 GZL CE . -85.00 122.89 -177.50
C5 GZL CE . -85.72 121.89 -176.58
C4 GZL CE . -85.63 122.35 -175.13
C3 GZL CE . -84.18 121.87 -174.47
C2 GZL CE . -83.96 122.67 -173.55
O6 GZL CE . -83.66 122.49 -177.63
O5 GZL CE . -87.06 121.80 -176.94
O4 GZL CE . -85.66 123.62 -175.07
O3 GZL CE . -84.29 120.50 -173.93
C1 GZL CE . -84.57 124.04 -174.08
O2 GZL CE . -82.48 122.83 -173.32
O5 AHR CE . -83.71 118.44 -178.30
C5 AHR CE . -83.18 117.62 -177.26
C4 AHR CE . -83.59 118.12 -175.90
O4 AHR CE . -83.11 119.48 -175.69
C3 AHR CE . -83.03 117.35 -174.71
O3 AHR CE . -83.70 116.11 -174.50
C2 AHR CE . -83.21 118.37 -173.59
O2 AHR CE . -82.31 118.17 -172.51
C1 AHR CE . -83.15 119.73 -174.27
O5 AHR CE . -75.49 125.94 -177.22
C5 AHR CE . -76.65 125.30 -177.74
C4 AHR CE . -77.89 125.75 -177.00
O4 AHR CE . -77.80 125.46 -175.59
C3 AHR CE . -79.21 125.09 -177.43
O3 AHR CE . -79.73 125.58 -178.66
C2 AHR CE . -80.09 125.39 -176.22
O2 AHR CE . -81.12 124.43 -176.04
C1 AHR CE . -79.13 125.56 -175.04
O5 FUB DE . -84.54 116.02 -168.41
C5 FUB DE . -84.40 115.99 -169.82
C4 FUB DE . -84.64 117.35 -170.42
O4 FUB DE . -83.67 118.30 -169.95
C3 FUB DE . -85.99 118.00 -170.10
O3 FUB DE . -87.07 117.43 -170.83
C2 FUB DE . -85.70 119.45 -170.43
O2 FUB DE . -86.56 120.35 -169.76
C1 FUB DE . -84.20 119.63 -170.15
O5 FUB DE . -90.42 119.40 -171.69
C5 FUB DE . -90.18 120.60 -172.42
C4 FUB DE . -89.11 121.43 -171.78
O4 FUB DE . -87.86 120.70 -171.67
C3 FUB DE . -89.38 121.89 -170.34
O3 FUB DE . -90.35 122.93 -170.26
C2 FUB DE . -87.98 122.30 -169.90
O2 FUB DE . -87.81 122.34 -168.50
C1 FUB DE . -87.05 121.33 -170.65
O5 FUB DE . -91.64 124.00 -167.78
C5 FUB DE . -90.97 125.22 -167.48
C4 FUB DE . -89.49 125.00 -167.28
O4 FUB DE . -88.89 124.41 -168.45
C3 FUB DE . -89.10 124.06 -166.14
O3 FUB DE . -89.23 124.66 -164.85
C2 FUB DE . -87.66 123.73 -166.52
O2 FUB DE . -87.16 122.57 -165.88
C1 FUB DE . -87.70 123.68 -168.06
O5 AHR DE . -92.14 124.05 -160.68
C5 AHR DE . -91.38 123.01 -161.29
C4 AHR DE . -90.05 123.53 -161.78
O4 AHR DE . -90.25 124.57 -162.76
C3 AHR DE . -89.21 122.48 -162.52
O3 AHR DE . -87.86 122.94 -162.59
C2 AHR DE . -89.85 122.51 -163.89
O2 AHR DE . -90.95 121.62 -164.02
C1 AHR DE . -90.23 123.99 -164.07
O5 FUB EE . -74.59 126.93 -161.29
C5 FUB EE . -75.41 127.96 -161.83
C4 FUB EE . -76.64 127.39 -162.50
O4 FUB EE . -77.42 126.62 -161.57
C3 FUB EE . -76.39 126.43 -163.66
O3 FUB EE . -75.98 127.11 -164.85
C2 FUB EE . -77.75 125.75 -163.76
O2 FUB EE . -77.73 124.53 -164.47
C1 FUB EE . -78.23 125.68 -162.30
O5 FUB EE . -75.13 126.13 -167.63
C5 FUB EE . -76.33 126.22 -168.40
C4 FUB EE . -77.41 125.36 -167.79
O4 FUB EE . -77.74 125.79 -166.45
C3 FUB EE . -77.10 123.88 -167.65
O3 FUB EE . -77.15 123.18 -168.89
C2 FUB EE . -78.16 123.46 -166.64
O2 FUB EE . -77.87 122.24 -165.98
C1 FUB EE . -78.35 124.69 -165.74
C6 GZL EE . -75.93 120.04 -169.21
C5 GZL EE . -77.02 118.98 -168.94
C4 GZL EE . -78.13 119.57 -168.09
C3 GZL EE . -78.04 118.94 -166.55
C2 GZL EE . -78.42 119.82 -165.76
O6 GZL EE . -75.29 120.33 -167.99
O5 GZL EE . -77.48 118.44 -170.17
O4 GZL EE . -77.98 120.83 -167.97
O3 GZL EE . -78.92 117.76 -166.45
C1 GZL EE . -78.58 121.16 -166.61
O2 GZL EE . -77.38 120.01 -164.68
O5 FUB EE . -76.95 121.43 -173.46
C5 FUB EE . -78.35 121.64 -173.29
C4 FUB EE . -78.97 120.52 -172.50
O4 FUB EE . -78.34 120.37 -171.21
C3 FUB EE . -78.87 119.12 -173.12
O3 FUB EE . -79.77 118.92 -174.21
C2 FUB EE . -79.15 118.25 -171.90
O2 FUB EE . -78.61 116.94 -172.02
C1 FUB EE . -78.64 119.07 -170.70
O5 FUB FE . -77.67 112.69 -162.09
C5 FUB FE . -76.93 113.36 -163.10
C4 FUB FE . -77.34 114.81 -163.21
O4 FUB FE . -77.11 115.52 -161.98
C3 FUB FE . -78.82 115.06 -163.50
O3 FUB FE . -79.18 114.80 -164.86
C2 FUB FE . -78.97 116.52 -163.09
O2 FUB FE . -80.29 116.89 -162.79
C1 FUB FE . -77.96 116.67 -161.93
O5 FUB FE . -83.12 115.13 -166.99
C5 FUB FE . -81.83 115.54 -166.54
C4 FUB FE . -81.92 116.76 -165.68
O4 FUB FE . -80.64 117.09 -165.09
C3 FUB FE . -82.87 116.67 -164.49
O3 FUB FE . -84.24 116.79 -164.86
C2 FUB FE . -82.35 117.82 -163.63
O2 FUB FE . -82.84 117.80 -162.30
C1 FUB FE . -80.84 117.72 -163.81
O5 FUB FE . -86.64 115.74 -161.86
C5 FUB FE . -87.22 117.03 -161.91
C4 FUB FE . -86.18 118.11 -161.71
O4 FUB FE . -85.13 118.03 -162.70
C3 FUB FE . -85.44 118.08 -160.38
O3 FUB FE . -86.24 118.54 -159.29
C2 FUB FE . -84.23 118.95 -160.70
O2 FUB FE . -83.15 118.75 -159.82
C1 FUB FE . -83.96 118.67 -162.18
O5 FUB GE . -86.43 118.00 -152.08
C5 FUB GE . -87.11 117.38 -153.17
C4 FUB GE . -86.43 117.70 -154.48
O4 FUB GE . -85.06 117.24 -154.49
C3 FUB GE . -86.34 119.19 -154.85
O3 FUB GE . -87.57 119.72 -155.32
C2 FUB GE . -85.25 119.14 -155.92
O2 FUB GE . -84.60 120.38 -156.10
C1 FUB GE . -84.35 117.96 -155.52
O5 FUB GE . -88.16 122.14 -158.17
C5 FUB GE . -87.35 122.01 -159.33
C4 FUB GE . -85.90 121.77 -158.98
O4 FUB GE . -85.75 120.60 -158.14
C3 FUB GE . -85.20 122.87 -158.19
O3 FUB GE . -84.88 124.01 -158.97
C2 FUB GE . -83.97 122.12 -157.67
O2 FUB GE . -83.37 122.71 -156.54
C1 FUB GE . -84.46 120.67 -157.48
O5 FUB GE . -82.73 126.56 -157.84
C5 FUB GE . -81.34 126.26 -157.94
C4 FUB GE . -81.02 124.95 -157.24
O4 FUB GE . -81.79 123.87 -157.80
C3 FUB GE . -81.31 124.91 -155.74
O3 FUB GE . -80.35 125.61 -154.97
C2 FUB GE . -81.31 123.40 -155.51
O2 FUB GE . -81.93 123.03 -154.29
C1 FUB GE . -81.98 122.86 -156.78
O5 AHR GE . -78.06 129.36 -152.89
C5 AHR GE . -79.02 128.78 -151.99
C4 AHR GE . -79.54 127.46 -152.54
O4 AHR GE . -80.18 127.65 -153.81
C3 AHR GE . -80.60 126.76 -151.68
O3 AHR GE . -80.05 126.13 -150.53
C2 AHR GE . -81.20 125.80 -152.71
O2 AHR GE . -82.52 125.42 -152.39
C1 AHR GE . -81.01 126.49 -154.07
O5 AHR GE . -92.08 118.97 -154.58
C5 AHR GE . -91.81 120.36 -154.75
C4 AHR GE . -90.35 120.58 -155.10
O4 AHR GE . -89.48 120.05 -154.08
C3 AHR GE . -89.91 122.05 -155.23
O3 AHR GE . -90.26 122.61 -156.48
C2 AHR GE . -88.42 121.95 -154.97
O2 AHR GE . -87.91 123.05 -154.24
C1 AHR GE . -88.18 120.57 -154.35
O5 FUB HE . -75.10 123.47 -149.84
C5 FUB HE . -75.75 124.70 -150.13
C4 FUB HE . -76.54 124.62 -151.41
O4 FUB HE . -77.54 123.58 -151.35
C3 FUB HE . -75.72 124.28 -152.67
O3 FUB HE . -74.94 125.36 -153.14
C2 FUB HE . -76.84 123.81 -153.61
O2 FUB HE . -76.38 122.92 -154.60
C1 FUB HE . -77.95 123.28 -152.70
O5 FUB HE . -74.97 126.49 -156.59
C5 FUB HE . -75.95 126.19 -157.58
C4 FUB HE . -76.48 124.79 -157.43
O4 FUB HE . -77.04 124.56 -156.12
C3 FUB HE . -75.46 123.66 -157.60
O3 FUB HE . -75.07 123.45 -158.95
C2 FUB HE . -76.22 122.49 -156.97
O2 FUB HE . -75.40 121.40 -156.60
C1 FUB HE . -77.03 123.15 -155.84
O5 FUB HE . -73.53 120.34 -160.25
C5 FUB HE . -74.42 119.24 -160.30
C4 FUB HE . -75.10 119.03 -158.97
O4 FUB HE . -75.82 120.21 -158.56
C3 FUB HE . -74.18 118.70 -157.79
O3 FUB HE . -73.68 117.38 -157.82
C2 FUB HE . -75.12 119.00 -156.62
O2 FUB HE . -74.44 119.19 -155.40
C1 FUB HE . -75.94 120.20 -157.12
O5 AHR HE . -69.52 116.64 -160.31
C5 AHR HE . -69.44 116.07 -159.01
C4 AHR HE . -70.80 116.05 -158.34
O4 AHR HE . -71.36 117.37 -158.25
C3 AHR HE . -70.83 115.53 -156.91
O3 AHR HE . -70.70 114.11 -156.82
C2 AHR HE . -72.17 116.07 -156.42
O2 AHR HE . -72.23 116.22 -155.02
C1 AHR HE . -72.38 117.36 -157.23
O5 FUB IE . -82.06 108.61 -149.02
C5 FUB IE . -82.05 108.70 -150.44
C4 FUB IE . -81.35 109.95 -150.91
O4 FUB IE . -79.97 109.98 -150.46
C3 FUB IE . -81.93 111.28 -150.42
O3 FUB IE . -83.14 111.64 -151.08
C2 FUB IE . -80.76 112.22 -150.69
O2 FUB IE . -80.81 113.40 -149.91
C1 FUB IE . -79.51 111.35 -150.50
O5 FUB IE . -84.97 114.16 -150.63
C5 FUB IE . -84.54 115.20 -151.50
C4 FUB IE . -83.08 115.52 -151.28
O4 FUB IE . -82.26 114.36 -151.48
C3 FUB IE . -82.71 116.03 -149.88
O3 FUB IE . -83.09 117.37 -149.65
C2 FUB IE . -81.20 115.79 -149.88
O2 FUB IE . -80.66 115.72 -148.57
C1 FUB IE . -81.02 114.53 -150.74
O5 FUB IE . -81.87 119.80 -147.46
C5 FUB IE . -80.50 120.11 -147.62
C4 FUB IE . -79.65 118.86 -147.66
O4 FUB IE . -80.07 117.98 -148.73
C3 FUB IE . -79.69 117.98 -146.41
O3 FUB IE . -78.96 118.53 -145.32
C2 FUB IE . -79.14 116.67 -146.97
O2 FUB IE . -79.50 115.55 -146.19
C1 FUB IE . -79.61 116.65 -148.43
O5 FUB JE . -74.45 119.58 -141.21
C5 FUB JE . -75.84 119.69 -141.51
C4 FUB JE . -76.17 118.97 -142.79
O4 FUB JE . -75.89 117.56 -142.70
C3 FUB JE . -75.40 119.44 -144.02
O3 FUB JE . -75.86 120.68 -144.54
C2 FUB JE . -75.60 118.25 -144.96
O2 FUB JE . -74.57 118.13 -145.93
C1 FUB JE . -75.73 117.03 -144.03
O5 FUB JE . -76.38 122.03 -146.22
C5 FUB JE . -76.62 121.71 -147.58
C4 FUB JE . -75.83 120.49 -148.00
O4 FUB JE . -76.15 119.35 -147.18
C3 FUB JE . -74.31 120.61 -147.92
O3 FUB JE . -73.75 121.41 -148.95
C2 FUB JE . -73.92 119.13 -147.99
O2 FUB JE . -72.61 118.86 -147.53
C1 FUB JE . -75.04 118.41 -147.23
O5 FUB JE . -71.29 120.41 -151.21
C5 FUB JE . -70.91 119.09 -151.57
C4 FUB JE . -70.90 118.19 -150.35
O4 FUB JE . -72.20 118.17 -149.72
C3 FUB JE . -69.93 118.58 -149.24
O3 FUB JE . -68.58 118.26 -149.54
C2 FUB JE . -70.51 117.79 -148.07
O2 FUB JE . -70.08 118.26 -146.81
C1 FUB JE . -72.02 117.84 -148.32
O5 FUB KE . -64.50 112.11 -149.23
C5 FUB KE . -64.64 113.52 -149.10
C4 FUB KE . -66.06 113.90 -148.75
O4 FUB KE . -66.47 113.34 -147.49
C3 FUB KE . -67.13 113.42 -149.74
O3 FUB KE . -67.17 114.17 -150.94
C2 FUB KE . -68.38 113.51 -148.89
O2 FUB KE . -69.40 112.63 -149.31
C1 FUB KE . -67.90 113.32 -147.44
O5 FUB KE . -67.97 113.95 -153.15
C5 FUB KE . -69.29 114.42 -153.38
C4 FUB KE . -70.25 113.88 -152.35
O4 FUB KE . -69.85 114.22 -151.01
C3 FUB KE . -70.40 112.35 -152.32
O3 FUB KE . -71.15 111.84 -153.41
C2 FUB KE . -71.06 112.17 -150.96
O2 FUB KE . -70.95 110.84 -150.47
C1 FUB KE . -70.40 113.25 -150.09
O5 FUB KE . -72.42 109.76 -152.84
C5 FUB KE . -73.79 110.00 -152.56
C4 FUB KE . -74.10 110.09 -151.08
O4 FUB KE . -73.27 111.10 -150.44
C3 FUB KE . -73.84 108.82 -150.26
O3 FUB KE . -74.61 108.87 -149.07
C2 FUB KE . -72.36 108.96 -149.93
O2 FUB KE . -71.53 108.35 -150.90
C1 FUB KE . -72.15 110.48 -149.80
O5 FUB LE . -75.10 102.23 -146.34
C5 FUB LE . -74.72 102.74 -147.61
C4 FUB LE . -74.37 104.21 -147.52
O4 FUB LE . -73.24 104.43 -146.65
C3 FUB LE . -75.46 105.12 -146.96
O3 FUB LE . -76.52 105.36 -147.88
C2 FUB LE . -74.64 106.36 -146.60
O2 FUB LE . -75.24 107.18 -145.62
C1 FUB LE . -73.23 105.82 -146.27
O5 FUB LE . -78.38 106.53 -148.32
C5 FUB LE . -78.34 107.92 -148.62
C4 FUB LE . -77.53 108.68 -147.59
O4 FUB LE . -76.17 108.18 -147.51
C3 FUB LE . -78.03 108.62 -146.14
O3 FUB LE . -79.17 109.44 -145.93
C2 FUB LE . -76.78 109.07 -145.40
O2 FUB LE . -76.80 108.83 -144.01
C1 FUB LE . -75.64 108.41 -146.20
O5 FUB LE . -79.41 112.42 -143.02
C5 FUB LE . -78.15 113.02 -142.75
C4 FUB LE . -77.08 111.98 -142.56
O4 FUB LE . -76.93 111.16 -143.74
C3 FUB LE . -77.32 110.97 -141.44
O3 FUB LE . -77.10 111.51 -140.14
C2 FUB LE . -76.37 109.85 -141.83
O2 FUB LE . -76.74 108.59 -141.34
C1 FUB LE . -76.22 109.97 -143.36
O5 FUB ME . -74.60 110.87 -134.74
C5 FUB ME . -75.77 110.74 -135.53
C4 FUB ME . -75.45 110.80 -137.00
O4 FUB ME . -74.63 109.69 -137.42
C3 FUB ME . -74.67 112.03 -137.46
O3 FUB ME . -75.46 113.21 -137.54
C2 FUB ME . -74.11 111.55 -138.80
O2 FUB ME . -72.88 112.15 -139.14
C1 FUB ME . -74.09 110.02 -138.71
O5 FUB ME . -74.01 116.52 -138.91
C5 FUB ME . -74.19 116.37 -140.31
C4 FUB ME . -73.49 115.13 -140.81
O4 FUB ME . -73.97 113.95 -140.14
C3 FUB ME . -71.97 115.08 -140.60
O3 FUB ME . -71.25 115.87 -141.54
C2 FUB ME . -71.70 113.58 -140.70
O2 FUB ME . -70.58 113.20 -139.94
C1 FUB ME . -73.02 112.90 -140.33
O5 FUB ME . -67.69 116.00 -141.90
C5 FUB ME . -67.23 114.82 -142.56
C4 FUB ME . -67.73 113.58 -141.85
O4 FUB ME . -69.17 113.55 -141.79
C3 FUB ME . -67.30 113.41 -140.39
O3 FUB ME . -65.94 113.03 -140.26
C2 FUB ME . -68.30 112.38 -139.92
O2 FUB ME . -68.49 112.39 -138.51
C1 FUB ME . -69.57 112.62 -140.76
O5 FUB NE . -61.31 109.05 -138.62
C5 FUB NE . -61.39 110.39 -139.10
C4 FUB NE . -62.76 110.68 -139.66
O4 FUB NE . -63.79 110.48 -138.66
C3 FUB NE . -63.19 109.81 -140.84
O3 FUB NE . -62.61 110.21 -142.07
C2 FUB NE . -64.70 109.95 -140.77
O2 FUB NE . -65.39 108.98 -141.54
C1 FUB NE . -64.93 109.87 -139.26
O5 FUB NE . -62.64 110.87 -144.59
C5 FUB NE . -63.87 111.28 -145.19
C4 FUB NE . -65.03 110.48 -144.64
O4 FUB NE . -65.15 110.62 -143.21
C3 FUB NE . -64.95 108.96 -144.86
O3 FUB NE . -65.25 108.57 -146.19
C2 FUB NE . -65.95 108.47 -143.82
O2 FUB NE . -65.64 107.16 -143.39
C1 FUB NE . -65.95 109.54 -142.73
O5 FUB NE . -67.21 105.94 -147.12
C5 FUB NE . -68.27 105.33 -146.39
C4 FUB NE . -67.95 105.24 -144.92
O4 FUB NE . -67.67 106.55 -144.37
C3 FUB NE . -66.72 104.40 -144.55
O3 FUB NE . -66.94 103.00 -144.63
C2 FUB NE . -66.45 104.91 -143.14
O2 FUB NE . -65.14 104.63 -142.68
C1 FUB NE . -66.83 106.40 -143.21
O5 FUB OE . -67.09 97.75 -140.60
C5 FUB OE . -66.59 98.38 -141.78
C4 FUB OE . -67.11 99.79 -141.90
O4 FUB OE . -66.75 100.58 -140.75
C3 FUB OE . -68.63 99.93 -142.00
O3 FUB OE . -69.15 99.58 -143.28
C2 FUB OE . -68.81 101.40 -141.64
O2 FUB OE . -70.07 101.68 -141.06
C1 FUB OE . -67.60 101.74 -140.74
O5 FUB OE . -72.20 100.69 -144.24
C5 FUB OE . -72.56 102.05 -144.42
C4 FUB OE . -72.20 102.89 -143.22
O4 FUB OE . -70.79 102.80 -142.94
C3 FUB OE . -72.88 102.51 -141.89
O3 FUB OE . -74.22 102.96 -141.81
C2 FUB OE . -71.93 103.15 -140.89
O2 FUB OE . -72.10 102.66 -139.58
C1 FUB OE . -70.56 102.92 -141.52
O5 FUB OE . -76.22 103.30 -138.24
C5 FUB OE . -75.71 104.43 -137.56
C4 FUB OE . -74.20 104.37 -137.48
O4 FUB OE . -73.60 104.28 -138.79
C3 FUB OE . -73.61 103.18 -136.72
O3 FUB OE . -73.75 103.30 -135.31
C2 FUB OE . -72.17 103.20 -137.22
O2 FUB OE . -71.51 101.96 -137.05
C1 FUB OE . -72.28 103.73 -138.66
O5 FUB PE . -73.01 102.08 -129.33
C5 FUB PE . -73.90 102.10 -130.43
C4 FUB PE . -73.22 102.62 -131.68
O4 FUB PE . -72.12 101.77 -132.06
C3 FUB PE . -72.60 104.01 -131.59
O3 FUB PE . -73.52 105.10 -131.65
C2 FUB PE . -71.65 103.98 -132.79
O2 FUB PE . -70.59 104.91 -132.68
C1 FUB PE . -71.22 102.51 -132.90
O5 FUB PE . -73.75 107.67 -132.87
C5 FUB PE . -73.18 108.12 -134.11
C4 FUB PE . -71.79 107.58 -134.30
O4 FUB PE . -71.79 106.13 -134.24
C3 FUB PE . -70.75 108.00 -133.24
O3 FUB PE . -70.30 109.33 -133.41
C2 FUB PE . -69.68 106.94 -133.47
O2 FUB PE . -68.82 106.78 -132.35
C1 FUB PE . -70.48 105.68 -133.85
O5 FUB PE . -67.71 110.48 -133.62
C5 FUB PE . -66.42 109.96 -133.87
C4 FUB PE . -66.23 108.61 -133.24
O4 FUB PE . -67.19 107.65 -133.75
C3 FUB PE . -66.42 108.54 -131.72
O3 FUB PE . -65.38 109.19 -131.00
C2 FUB PE . -66.61 107.03 -131.53
O2 FUB PE . -67.16 106.68 -130.28
C1 FUB PE . -67.47 106.67 -132.75
O5 AHR PE . -60.56 110.08 -130.57
C5 AHR PE . -61.60 110.44 -129.68
C4 AHR PE . -62.53 109.29 -129.42
O4 AHR PE . -63.13 108.82 -130.64
C3 AHR PE . -63.72 109.58 -128.49
O3 AHR PE . -63.36 109.65 -127.12
C2 AHR PE . -64.64 108.42 -128.85
O2 AHR PE . -65.97 108.61 -128.41
C1 AHR PE . -64.45 108.31 -130.37
O5 AHR PE . -76.87 106.65 -128.65
C5 AHR PE . -75.54 106.57 -128.15
C4 AHR PE . -74.57 107.30 -129.06
O4 AHR PE . -74.66 106.75 -130.39
C3 AHR PE . -73.11 107.08 -128.68
O3 AHR PE . -72.29 108.11 -129.23
C2 AHR PE . -72.81 105.73 -129.35
O2 AHR PE . -72.67 104.70 -128.41
C1 AHR PE . -73.96 105.51 -130.35
O5 FUB QE . -59.21 103.73 -129.31
C5 FUB QE . -59.77 105.01 -129.14
C4 FUB QE . -60.92 105.24 -130.10
O4 FUB QE . -61.96 104.25 -129.91
C3 FUB QE . -60.58 105.14 -131.58
O3 FUB QE . -59.87 106.27 -132.07
C2 FUB QE . -61.97 104.95 -132.19
O2 FUB QE . -61.95 104.37 -133.47
C1 FUB QE . -62.74 104.18 -131.11
O5 FUB QE . -61.68 108.25 -133.66
C5 FUB QE . -62.83 108.33 -134.49
C4 FUB QE . -63.26 106.96 -134.95
O4 FUB QE . -63.48 106.07 -133.84
C3 FUB QE . -62.26 106.21 -135.84
O3 FUB QE . -62.23 106.75 -137.16
C2 FUB QE . -62.77 104.78 -135.71
O2 FUB QE . -61.89 103.78 -136.17
C1 FUB QE . -63.11 104.73 -134.21
C6 GZL QE . -58.81 104.76 -140.44
C5 GZL QE . -59.76 103.64 -140.01
C4 GZL QE . -59.78 103.52 -138.50
C3 GZL QE . -60.49 102.09 -138.03
C2 GZL QE . -61.69 102.30 -138.21
O6 GZL QE . -59.04 105.03 -141.80
O5 GZL QE . -61.08 103.91 -140.50
O4 GZL QE . -60.54 104.45 -138.03
O3 GZL QE . -60.02 100.93 -138.81
C1 GZL QE . -61.83 103.76 -137.59
O2 GZL QE . -62.53 101.31 -137.43
O5 AHR QE . -56.94 96.79 -140.41
C5 AHR QE . -56.84 97.91 -139.54
C4 AHR QE . -58.19 98.50 -139.24
O4 AHR QE . -58.07 99.72 -138.48
C3 AHR QE . -59.13 97.63 -138.39
O3 AHR QE . -59.72 96.56 -139.12
C2 AHR QE . -60.13 98.69 -137.91
O2 AHR QE . -60.72 98.35 -136.67
C1 AHR QE . -59.36 100.02 -137.94
O5 FUB RE . -69.41 91.92 -128.39
C5 FUB RE . -70.23 92.16 -129.53
C4 FUB RE . -69.77 93.40 -130.26
O4 FUB RE . -68.44 93.23 -130.79
C3 FUB RE . -69.69 94.67 -129.44
O3 FUB RE . -70.96 95.23 -129.13
C2 FUB RE . -68.82 95.54 -130.34
O2 FUB RE . -68.19 96.61 -129.67
C1 FUB RE . -67.89 94.54 -131.04
O5 FUB RE . -72.23 96.42 -130.49
C5 FUB RE . -72.19 97.78 -130.91
C4 FUB RE . -70.88 98.42 -130.53
O4 FUB RE . -69.76 97.69 -131.06
C3 FUB RE . -70.58 98.55 -129.04
O3 FUB RE . -71.37 99.55 -128.41
C2 FUB RE . -69.07 98.82 -129.08
O2 FUB RE . -68.40 98.69 -127.84
C1 FUB RE . -68.61 97.88 -130.21
C6 GZL RE . -69.05 100.16 -122.91
C5 GZL RE . -67.97 100.80 -123.78
C4 GZL RE . -68.14 100.40 -125.21
C3 GZL RE . -66.75 100.10 -126.04
C2 GZL RE . -67.27 100.78 -126.91
O6 GZL RE . -70.20 99.97 -123.71
O5 GZL RE . -68.31 102.14 -124.12
O4 GZL RE . -68.91 99.48 -125.60
O3 GZL RE . -65.57 100.70 -125.41
C1 GZL RE . -68.60 99.87 -127.05
O2 GZL RE . -66.44 100.73 -128.17
O5 FUB SE . -59.81 95.03 -122.03
C5 FUB SE . -60.56 96.19 -121.67
C4 FUB SE . -61.14 96.84 -122.91
O4 FUB SE . -62.02 95.92 -123.61
C3 FUB SE . -60.13 97.31 -123.95
O3 FUB SE . -59.55 98.57 -123.62
C2 FUB SE . -60.98 97.33 -125.21
O2 FUB SE . -60.22 97.39 -126.39
C1 FUB SE . -61.80 96.04 -125.02
O5 FUB SE . -59.50 101.37 -125.96
C5 FUB SE . -60.30 101.63 -127.10
C4 FUB SE . -60.61 100.35 -127.84
O4 FUB SE . -61.25 99.39 -126.98
C3 FUB SE . -59.41 99.60 -128.42
O3 FUB SE . -58.87 100.21 -129.58
C2 FUB SE . -60.01 98.22 -128.64
O2 FUB SE . -59.03 97.22 -128.80
C1 FUB SE . -60.94 98.06 -127.43
C6 GZL SE . -58.78 98.87 -133.00
C5 GZL SE . -57.78 97.73 -132.74
C4 GZL SE . -58.44 96.66 -131.89
C3 GZL SE . -57.39 96.03 -130.77
C2 GZL SE . -58.13 95.35 -130.07
O6 GZL SE . -58.08 99.96 -133.50
O5 GZL SE . -56.66 98.23 -132.10
O4 GZL SE . -59.39 97.14 -131.19
O3 GZL SE . -56.33 95.20 -131.38
C1 GZL SE . -59.35 96.35 -129.88
O2 GZL SE . -57.49 95.03 -128.74
O5 AHR SE . -54.25 98.19 -134.34
C5 AHR SE . -53.30 97.31 -133.78
C4 AHR SE . -53.97 96.23 -132.96
O4 AHR SE . -54.74 96.79 -131.88
C3 AHR SE . -53.05 95.23 -132.27
O3 AHR SE . -52.51 94.25 -133.16
C2 AHR SE . -53.96 94.66 -131.19
O2 AHR SE . -53.26 94.29 -130.02
C1 AHR SE . -55.07 95.72 -130.99
O5 FUB TE . -54.35 88.32 -131.51
C5 FUB TE . -53.81 89.62 -131.64
C4 FUB TE . -54.89 90.67 -131.56
O4 FUB TE . -55.63 90.58 -130.33
C3 FUB TE . -55.97 90.59 -132.64
O3 FUB TE . -55.53 91.05 -133.91
C2 FUB TE . -57.07 91.45 -132.01
O2 FUB TE . -58.36 91.15 -132.50
C1 FUB TE . -56.88 91.26 -130.49
O5 FUB TE . -58.17 92.82 -136.50
C5 FUB TE . -58.84 93.93 -135.94
C4 FUB TE . -59.48 93.57 -134.62
O4 FUB TE . -58.48 93.15 -133.66
C3 FUB TE . -60.47 92.40 -134.65
O3 FUB TE . -61.73 92.75 -135.22
C2 FUB TE . -60.51 92.02 -133.19
O2 FUB TE . -60.96 90.69 -132.98
C1 FUB TE . -59.11 92.34 -132.66
C6 GZL TE . -65.27 91.31 -135.23
C5 GZL TE . -64.38 90.14 -134.80
C4 GZL TE . -64.09 90.22 -133.32
C3 GZL TE . -63.34 88.82 -132.79
C2 GZL TE . -62.56 89.17 -131.90
O6 GZL TE . -66.46 90.77 -135.77
O5 GZL TE . -63.17 90.19 -135.51
O4 GZL TE . -63.31 91.20 -133.10
O3 GZL TE . -64.32 87.88 -132.23
C1 GZL TE . -62.16 90.67 -132.24
O2 GZL TE . -61.32 88.30 -131.92
O5 AHR TE . -69.00 86.45 -132.82
C5 AHR TE . -68.10 85.44 -133.22
C4 AHR TE . -66.70 85.73 -132.75
O4 AHR TE . -66.21 86.99 -133.26
C3 AHR TE . -65.62 84.72 -133.16
O3 AHR TE . -65.68 83.49 -132.44
C2 AHR TE . -64.36 85.54 -132.90
O2 AHR TE . -63.23 85.05 -133.61
C1 AHR TE . -64.77 86.98 -133.23
O5 FUB UE . -65.02 81.99 -127.55
C5 FUB UE . -65.62 82.27 -128.81
C4 FUB UE . -65.32 83.69 -129.25
O4 FUB UE . -63.90 83.91 -129.32
C3 FUB UE . -65.84 84.81 -128.34
O3 FUB UE . -67.24 85.00 -128.44
C2 FUB UE . -65.00 85.97 -128.85
O2 FUB UE . -64.93 87.05 -127.93
C1 FUB UE . -63.65 85.33 -129.21
O5 FUB UE . -69.08 87.89 -126.57
C5 FUB UE . -69.06 88.84 -127.62
C4 FUB UE . -67.64 89.16 -128.05
O4 FUB UE . -66.97 87.96 -128.53
C3 FUB UE . -66.71 89.70 -126.97
O3 FUB UE . -66.96 91.07 -126.69
C2 FUB UE . -65.35 89.42 -127.58
O2 FUB UE . -64.27 89.32 -126.67
C1 FUB UE . -65.56 88.19 -128.48
C6 GZL UE . -65.43 93.03 -123.20
C5 GZL UE . -65.08 91.60 -122.76
C4 GZL UE . -64.09 91.00 -123.74
C3 GZL UE . -63.69 89.44 -123.28
C2 GZL UE . -63.54 88.82 -124.34
O6 GZL UE . -64.33 93.57 -123.90
O5 GZL UE . -66.24 90.82 -122.74
O4 GZL UE . -64.62 90.95 -124.91
O3 GZL UE . -62.44 89.45 -122.51
C1 GZL UE . -64.63 89.47 -125.29
O2 GZL UE . -63.81 87.35 -124.14
O5 FUB VE . -54.02 83.63 -114.51
C5 FUB VE . -54.86 83.91 -113.39
C4 FUB VE . -56.33 83.74 -113.67
O4 FUB VE . -56.63 82.38 -114.06
C3 FUB VE . -56.90 84.61 -114.80
O3 FUB VE . -58.30 84.78 -114.61
C2 FUB VE . -56.66 83.73 -116.02
O2 FUB VE . -55.53 84.15 -116.76
C1 FUB VE . -56.56 82.28 -115.49
O5 FUB VE . -56.41 88.18 -116.29
C5 FUB VE . -56.80 88.21 -117.67
C4 FUB VE . -56.34 86.97 -118.39
O4 FUB VE . -56.86 85.78 -117.76
C3 FUB VE . -54.83 86.74 -118.44
O3 FUB VE . -54.17 87.59 -119.36
C2 FUB VE . -54.78 85.26 -118.81
O2 FUB VE . -53.53 84.66 -118.64
C1 FUB VE . -55.96 84.68 -118.01
C6 GZL VE . -50.69 87.91 -121.91
C5 GZL VE . -51.03 87.20 -120.59
C4 GZL VE . -51.49 85.79 -120.88
C3 GZL VE . -50.76 84.72 -119.82
C2 GZL VE . -51.51 83.75 -119.79
O6 GZL VE . -49.66 87.18 -122.54
O5 GZL VE . -52.07 87.90 -119.96
O4 GZL VE . -52.75 85.69 -120.68
O3 GZL VE . -49.42 84.35 -120.33
C1 GZL VE . -52.96 84.39 -119.93
O2 GZL VE . -51.36 83.00 -118.50
O5 FUB WE . -44.14 81.13 -119.49
C5 FUB WE . -44.86 80.97 -120.69
C4 FUB WE . -46.33 81.25 -120.50
O4 FUB WE . -46.89 80.41 -119.47
C3 FUB WE . -47.22 80.99 -121.71
O3 FUB WE . -47.13 82.01 -122.71
C2 FUB WE . -48.60 80.87 -121.06
O2 FUB WE . -49.49 80.09 -121.82
C1 FUB WE . -48.31 80.37 -119.63
O5 FUB WE . -49.39 83.73 -124.75
C5 FUB WE . -50.41 82.79 -125.09
C4 FUB WE . -50.36 81.58 -124.19
O4 FUB WE . -50.44 81.96 -122.80
C3 FUB WE . -51.52 80.58 -124.37
O3 FUB WE . -52.72 81.26 -124.67
C2 FUB WE . -51.59 79.93 -122.99
O2 FUB WE . -51.27 78.55 -123.02
C1 FUB WE . -50.71 80.78 -122.07
C6 GZL WE . -54.32 77.71 -126.46
C5 GZL WE . -53.61 76.50 -125.83
C4 GZL WE . -53.59 76.65 -124.32
C3 GZL WE . -52.36 75.73 -123.69
C2 GZL WE . -52.08 76.25 -122.61
O6 GZL WE . -55.24 78.23 -125.53
O5 GZL WE . -52.30 76.42 -126.31
O4 GZL WE . -53.34 77.86 -124.01
O3 GZL WE . -52.81 74.34 -123.48
C1 GZL WE . -52.44 77.79 -122.79
O2 GZL WE . -50.60 76.10 -122.35
O5 FUB XE . -53.04 68.50 -121.28
C5 FUB XE . -53.26 69.18 -122.50
C4 FUB XE . -53.32 70.68 -122.28
O4 FUB XE . -52.06 71.19 -121.81
C3 FUB XE . -54.34 71.16 -121.26
O3 FUB XE . -55.69 71.13 -121.73
C2 FUB XE . -53.80 72.56 -120.96
O2 FUB XE . -54.35 73.11 -119.78
C1 FUB XE . -52.28 72.32 -120.95
O5 FUB XE . -56.67 75.70 -123.70
C5 FUB XE . -57.32 75.11 -122.59
C4 FUB XE . -56.53 75.31 -121.31
O4 FUB XE . -55.27 74.62 -121.36
C3 FUB XE . -57.20 74.79 -120.04
O3 FUB XE . -58.31 75.57 -119.62
C2 FUB XE . -56.00 74.73 -119.09
O2 FUB XE . -55.83 75.86 -118.27
C1 FUB XE . -54.80 74.44 -120.01
C6 GZL XE . -59.40 77.87 -116.06
C5 GZL XE . -58.90 76.71 -115.19
C4 GZL XE . -57.40 76.60 -115.28
C3 GZL XE . -56.89 75.00 -115.15
C2 GZL XE . -55.92 74.94 -115.91
O6 GZL XE . -58.67 79.02 -115.70
O5 GZL XE . -59.48 75.51 -115.64
O4 GZL XE . -57.02 76.99 -116.44
O3 GZL XE . -56.54 74.61 -113.77
C1 GZL XE . -56.62 75.70 -117.11
O2 GZL XE . -55.59 73.51 -116.24
O5 AHR XE . -58.75 77.01 -110.24
C5 AHR XE . -58.87 75.61 -110.03
C4 AHR XE . -57.97 74.83 -110.97
O4 AHR XE . -58.28 75.13 -112.35
C3 AHR XE . -58.06 73.31 -110.90
O3 AHR XE . -57.42 72.76 -109.75
C2 AHR XE . -57.43 72.92 -112.22
O2 AHR XE . -57.86 71.65 -112.68
C1 AHR XE . -57.71 74.10 -113.16
O5 FUB YE . -52.52 72.43 -108.31
C5 FUB YE . -53.89 72.76 -108.44
C4 FUB YE . -54.14 73.53 -109.72
O4 FUB YE . -53.69 72.79 -110.87
C3 FUB YE . -53.44 74.88 -109.84
O3 FUB YE . -54.01 75.89 -109.03
C2 FUB YE . -53.52 75.11 -111.34
O2 FUB YE . -52.49 75.95 -111.84
C1 FUB YE . -53.57 73.71 -111.96
O5 FUB YE . -56.41 79.05 -112.11
C5 FUB YE . -55.09 79.54 -111.95
C4 FUB YE . -54.12 78.76 -112.81
O4 FUB YE . -54.20 77.35 -112.51
C3 FUB YE . -52.64 79.11 -112.64
O3 FUB YE . -52.27 80.32 -113.27
C2 FUB YE . -51.98 77.86 -113.22
O2 FUB YE . -50.67 77.66 -112.73
C1 FUB YE . -52.98 76.72 -112.92
C6 GZL YE . -48.35 81.74 -114.96
C5 GZL YE . -48.66 80.79 -113.81
C4 GZL YE . -48.51 79.36 -114.28
C3 GZL YE . -47.85 78.42 -113.06
C2 GZL YE . -48.30 77.29 -113.25
O6 GZL YE . -47.28 81.21 -115.71
O5 GZL YE . -49.98 80.98 -113.39
O4 GZL YE . -49.66 78.89 -114.53
O3 GZL YE . -46.38 78.39 -113.18
C1 GZL YE . -49.76 77.56 -113.81
O2 GZL YE . -48.36 76.54 -111.95
O5 AHR YE . -44.03 82.60 -113.52
C5 AHR YE . -43.45 81.76 -112.55
C4 AHR YE . -44.00 80.35 -112.62
O4 AHR YE . -45.42 80.33 -112.34
C3 AHR YE . -43.41 79.34 -111.65
O3 AHR YE . -42.09 78.93 -112.00
C2 AHR YE . -44.45 78.23 -111.76
O2 AHR YE . -44.43 77.28 -110.71
C1 AHR YE . -45.77 78.96 -112.03
O5 AHR YE . -46.84 74.23 -108.72
C5 AHR YE . -47.20 75.29 -107.85
C4 AHR YE . -46.24 76.45 -107.97
O4 AHR YE . -46.25 77.02 -109.30
C3 AHR YE . -44.76 76.13 -107.73
O3 AHR YE . -44.46 75.90 -106.36
C2 AHR YE . -44.10 77.35 -108.35
O2 AHR YE . -42.74 77.14 -108.68
C1 AHR YE . -45.02 77.74 -109.50
O5 FUB ZE . -39.96 74.36 -113.34
C5 FUB ZE . -40.63 75.46 -112.74
C4 FUB ZE . -42.11 75.38 -112.95
O4 FUB ZE . -42.65 74.13 -112.47
C3 FUB ZE . -42.59 75.43 -114.41
O3 FUB ZE . -42.50 76.74 -114.97
C2 FUB ZE . -44.01 74.90 -114.26
O2 FUB ZE . -44.53 74.37 -115.47
C1 FUB ZE . -43.94 73.92 -113.08
O5 FUB ZE . -43.46 78.02 -117.41
C5 FUB ZE . -44.85 78.28 -117.51
C4 FUB ZE . -45.66 77.04 -117.22
O4 FUB ZE . -45.35 76.51 -115.91
C3 FUB ZE . -45.45 75.85 -118.17
O3 FUB ZE . -46.07 76.04 -119.43
C2 FUB ZE . -46.03 74.72 -117.34
O2 FUB ZE . -45.60 73.44 -117.75
C1 FUB ZE . -45.67 75.11 -115.89
C6 GZL ZE . -48.19 72.92 -121.53
C5 GZL ZE . -47.08 71.97 -121.07
C4 GZL ZE . -47.29 71.58 -119.63
C3 GZL ZE . -45.91 70.91 -118.98
C2 GZL ZE . -46.06 71.04 -117.78
O6 GZL ZE . -47.83 73.46 -122.78
O5 GZL ZE . -45.84 72.60 -121.21
O4 GZL ZE . -47.54 72.62 -118.93
O3 GZL ZE . -45.78 69.49 -119.34
C1 GZL ZE . -46.67 72.51 -117.68
O2 GZL ZE . -44.74 70.98 -117.06
O5 AHR ZE . -46.67 68.32 -123.93
C5 AHR ZE . -45.48 67.70 -123.46
C4 AHR ZE . -45.32 67.85 -121.97
O4 AHR ZE . -45.27 69.25 -121.60
C3 AHR ZE . -44.05 67.26 -121.37
O3 AHR ZE . -44.09 65.84 -121.26
C2 AHR ZE . -44.00 68.00 -120.03
O2 AHR ZE . -42.68 68.11 -119.53
C1 AHR ZE . -44.72 69.33 -120.27
O5 AHR ZE . -39.75 69.37 -115.89
C5 AHR ZE . -39.69 67.97 -116.16
C4 AHR ZE . -40.41 67.62 -117.44
O4 AHR ZE . -41.81 67.98 -117.38
C3 AHR ZE . -40.43 66.14 -117.79
O3 AHR ZE . -39.20 65.66 -118.31
C2 AHR ZE . -41.59 66.09 -118.79
O2 AHR ZE . -42.22 64.82 -118.85
C1 AHR ZE . -42.50 67.27 -118.41
O5 FUB AF . -45.53 62.99 -116.52
C5 FUB AF . -45.48 63.62 -117.80
C4 FUB AF . -45.87 65.07 -117.68
O4 FUB AF . -45.03 65.78 -116.74
C3 FUB AF . -47.29 65.34 -117.19
O3 FUB AF . -48.29 65.09 -118.17
C2 FUB AF . -47.17 66.81 -116.78
O2 FUB AF . -48.19 67.23 -115.91
C1 FUB AF . -45.75 66.92 -116.24
O5 FUB AF . -49.64 68.28 -120.67
C5 FUB AF . -50.47 67.68 -119.68
C4 FUB AF . -50.28 68.35 -118.34
O4 FUB AF . -48.93 68.23 -117.88
C3 FUB AF . -51.12 67.77 -117.19
O3 FUB AF . -52.48 68.17 -117.24
C2 FUB AF . -50.35 68.29 -115.98
O2 FUB AF . -50.60 67.53 -114.81
C1 FUB AF . -48.89 68.34 -116.45
C6 GZL AF . -54.87 68.14 -113.57
C5 GZL AF . -54.10 68.01 -112.24
C4 GZL AF . -52.69 68.52 -112.41
C3 GZL AF . -51.59 67.44 -111.78
C2 GZL AF . -50.53 67.69 -112.34
O6 GZL AF . -55.76 69.21 -113.47
O5 GZL AF . -54.07 66.68 -111.85
O4 GZL AF . -52.41 68.64 -113.65
O3 GZL AF . -51.47 67.64 -110.33
C1 GZL AF . -50.91 68.39 -113.72
O2 GZL AF . -49.78 66.40 -112.62
O5 FUB BF . 117.16 -153.54 130.87
C5 FUB BF . 118.46 -154.07 131.05
C4 FUB BF . 118.41 -155.34 131.86
O4 FUB BF . 117.57 -156.33 131.21
C3 FUB BF . 117.85 -155.23 133.27
O3 FUB BF . 118.74 -154.63 134.19
C2 FUB BF . 117.53 -156.69 133.56
O2 FUB BF . 116.62 -156.87 134.64
C1 FUB BF . 117.03 -157.22 132.21
O5 FUB BF . 118.59 -154.56 137.55
C5 FUB BF . 118.96 -155.78 138.17
C4 FUB BF . 118.17 -156.94 137.61
O4 FUB BF . 118.34 -157.06 136.18
C3 FUB BF . 116.65 -156.86 137.81
O3 FUB BF . 116.23 -157.15 139.14
C2 FUB BF . 116.18 -157.88 136.78
O2 FUB BF . 114.82 -157.74 136.42
C1 FUB BF . 117.19 -157.71 135.62
O5 FUB BF . 114.27 -157.75 140.76
C5 FUB BF . 113.62 -159.00 140.56
C4 FUB BF . 113.28 -159.21 139.10
O4 FUB BF . 114.45 -159.15 138.27
C3 FUB BF . 112.32 -158.18 138.48
O3 FUB BF . 110.97 -158.34 138.89
C2 FUB BF . 112.57 -158.42 137.00
O2 FUB BF . 112.19 -157.32 136.19
C1 FUB BF . 114.05 -158.83 136.91
O5 FUB CF . 105.07 -158.48 136.97
C5 FUB CF . 106.00 -158.25 138.02
C4 FUB CF . 107.39 -158.69 137.62
O4 FUB CF . 107.84 -158.00 136.44
C3 FUB CF . 107.56 -160.19 137.27
O3 FUB CF . 107.57 -161.04 138.40
C2 FUB CF . 108.89 -160.13 136.52
O2 FUB CF . 109.21 -161.31 135.81
C1 FUB CF . 108.74 -158.84 135.70
O5 FUB CF . 109.90 -162.65 139.96
C5 FUB CF . 111.27 -162.66 139.58
C4 FUB CF . 111.42 -162.62 138.09
O4 FUB CF . 110.80 -161.45 137.52
C3 FUB CF . 110.81 -163.78 137.30
O3 FUB CF . 111.55 -164.99 137.40
C2 FUB CF . 110.77 -163.19 135.90
O2 FUB CF . 109.84 -163.83 135.03
C1 FUB CF . 110.55 -161.68 136.12
C6 GZL CF . 112.30 -167.15 135.09
C5 GZL CF . 112.43 -167.04 133.57
C4 GZL CF . 111.71 -165.79 133.09
C3 GZL CF . 110.10 -166.10 132.83
C2 GZL CF . 109.54 -165.01 132.87
O6 GZL CF . 111.30 -168.09 135.39
O5 GZL CF . 113.77 -166.97 133.21
O4 GZL CF . 111.75 -164.89 133.99
O3 GZL CF . 109.92 -166.72 131.50
C1 GZL CF . 110.47 -164.09 133.78
O2 GZL CF . 108.18 -165.15 133.51
O5 AHR CF . 110.87 -170.59 128.65
C5 AHR CF . 109.49 -170.55 129.03
C4 AHR CF . 109.14 -169.21 129.66
O4 AHR CF . 109.94 -168.97 130.85
C3 AHR CF . 107.70 -169.07 130.14
O3 AHR CF . 106.77 -168.87 129.07
C2 AHR CF . 107.83 -167.87 131.09
O2 AHR CF . 106.81 -167.81 132.06
C1 AHR CF . 109.26 -167.98 131.63
O5 AHR CF . 107.21 -165.44 140.60
C5 AHR CF . 106.23 -165.29 139.57
C4 AHR CF . 106.53 -164.11 138.69
O4 AHR CF . 106.54 -162.87 139.44
C3 AHR CF . 105.55 -163.85 137.54
O3 AHR CF . 105.68 -164.77 136.47
C2 AHR CF . 105.90 -162.41 137.19
O2 AHR CF . 104.86 -161.74 136.51
C1 AHR CF . 106.34 -161.78 138.52
O5 FUB DF . 108.74 -165.88 124.22
C5 FUB DF . 108.61 -166.71 125.36
C4 FUB DF . 108.95 -165.98 126.63
O4 FUB DF . 108.08 -164.84 126.83
C3 FUB DF . 110.36 -165.39 126.72
O3 FUB DF . 111.35 -166.37 126.97
C2 FUB DF . 110.18 -164.37 127.84
O2 FUB DF . 111.09 -163.29 127.74
C1 FUB DF . 108.69 -163.97 127.79
O5 FUB DF . 113.83 -166.59 128.23
C5 FUB DF . 114.14 -166.02 129.49
C4 FUB DF . 113.63 -164.59 129.59
O4 FUB DF . 112.21 -164.53 129.37
C3 FUB DF . 114.22 -163.62 128.56
O3 FUB DF . 115.54 -163.22 128.87
C2 FUB DF . 113.18 -162.49 128.64
O2 FUB DF . 113.20 -161.68 127.48
C1 FUB DF . 111.86 -163.20 128.94
C6 GZL DF . 116.94 -159.63 127.04
C5 GZL DF . 116.25 -158.63 127.99
C4 GZL DF . 114.75 -158.80 127.93
C3 GZL DF . 114.24 -159.00 126.36
C2 GZL DF . 113.09 -159.44 126.47
O6 GZL DF . 117.71 -158.90 126.11
O5 GZL DF . 116.70 -158.85 129.29
O4 GZL DF . 114.39 -159.85 128.54
O3 GZL DF . 114.24 -157.72 125.62
C1 GZL DF . 113.12 -160.30 127.81
O2 GZL DF . 112.77 -160.33 125.29
O5 AHR DF . 118.71 -155.78 125.10
C5 AHR DF . 118.02 -155.82 123.86
C4 AHR DF . 116.56 -156.13 124.07
O4 AHR DF . 116.37 -157.40 124.71
C3 AHR DF . 115.71 -156.23 122.79
O3 AHR DF . 115.44 -154.97 122.20
C2 AHR DF . 114.49 -156.96 123.32
O2 AHR DF . 113.76 -157.64 122.31
C1 AHR DF . 115.02 -157.85 124.46
O5 FUB EF . 101.49 -151.52 130.48
C5 FUB EF . 102.35 -151.45 131.60
C4 FUB EF . 103.52 -152.41 131.47
O4 FUB EF . 104.30 -152.13 130.29
C3 FUB EF . 103.15 -153.89 131.32
O3 FUB EF . 102.71 -154.48 132.54
C2 FUB EF . 104.46 -154.45 130.78
O2 FUB EF . 104.30 -155.70 130.13
C1 FUB EF . 105.01 -153.32 129.90
O5 FUB EF . 102.31 -157.24 133.87
C5 FUB EF . 103.58 -157.83 134.09
C4 FUB EF . 104.37 -157.90 132.80
O4 FUB EF . 104.63 -156.57 132.28
C3 FUB EF . 103.70 -158.64 131.64
O3 FUB EF . 103.74 -160.05 131.79
C2 FUB EF . 104.49 -158.10 130.46
O2 FUB EF . 103.77 -158.16 129.24
C1 FUB EF . 104.97 -156.71 130.89
C6 GZL EF . 101.58 -161.60 130.03
C5 GZL EF . 102.36 -162.31 128.90
C4 GZL EF . 103.41 -161.37 128.32
C3 GZL EF . 102.73 -160.41 127.14
C2 GZL EF . 103.41 -159.38 127.08
O6 GZL EF . 100.46 -160.97 129.47
O5 GZL EF . 102.87 -163.53 129.38
O4 GZL EF . 103.82 -160.56 129.21
O3 GZL EF . 102.75 -161.11 125.84
C1 GZL EF . 104.18 -159.28 128.48
O2 GZL EF . 102.53 -158.17 126.89
O5 FUB EF . 103.79 -162.84 133.82
C5 FUB EF . 105.12 -162.76 133.33
C4 FUB EF . 105.24 -163.35 131.95
O4 FUB EF . 104.38 -162.67 131.01
C3 FUB EF . 104.85 -164.82 131.81
O3 FUB EF . 105.82 -165.72 132.35
C2 FUB EF . 104.66 -164.92 130.30
O2 FUB EF . 103.80 -165.98 129.92
C1 FUB EF . 104.23 -163.51 129.86
O5 FUB FF . 101.30 -160.25 118.31
C5 FUB FF . 101.38 -158.97 118.93
C4 FUB FF . 101.96 -159.07 120.32
O4 FUB FF . 102.00 -157.78 120.97
C3 FUB FF . 103.41 -159.58 120.41
O3 FUB FF . 103.52 -160.98 120.30
C2 FUB FF . 103.84 -159.03 121.77
O2 FUB FF . 105.21 -158.68 121.83
C1 FUB FF . 102.86 -157.90 122.11
O5 FUB FF . 105.08 -163.00 122.54
C5 FUB FF . 105.57 -162.68 123.83
C4 FUB FF . 106.12 -161.26 123.87
O4 FUB FF . 105.12 -160.30 123.49
C3 FUB FF . 107.30 -160.97 122.94
O3 FUB FF . 108.52 -161.51 123.40
C2 FUB FF . 107.25 -159.45 122.89
O2 FUB FF . 107.88 -158.93 121.73
C1 FUB FF . 105.77 -159.09 123.07
C6 GZL FF . 111.08 -159.28 120.62
C5 GZL FF . 111.18 -157.82 120.14
C4 GZL FF . 110.08 -156.98 120.77
C3 GZL FF . 108.71 -157.01 119.80
C2 GZL FF . 107.79 -156.78 120.59
O6 GZL FF . 111.46 -160.12 119.57
O5 GZL FF . 112.43 -157.30 120.51
O4 GZL FF . 109.75 -157.44 121.91
O3 GZL FF . 108.79 -155.97 118.76
C1 GZL FF . 108.23 -157.56 121.90
O2 GZL FF . 106.50 -157.35 120.05
O5 AHR FF . 111.21 -159.49 116.38
C5 AHR FF . 110.57 -158.60 115.47
C4 AHR FF . 110.06 -157.36 116.17
O4 AHR FF . 109.12 -157.70 117.21
C3 AHR FF . 109.32 -156.34 115.31
O3 AHR FF . 110.19 -155.59 114.46
C2 AHR FF . 108.60 -155.53 116.37
O2 AHR FF . 107.46 -154.86 115.88
C1 AHR FF . 108.36 -156.52 117.52
O5 AHR FF . 103.62 -165.57 118.52
C5 AHR FF . 104.80 -164.86 118.18
C4 AHR FF . 104.92 -163.57 118.98
O4 AHR FF . 103.81 -162.68 118.71
C3 AHR FF . 106.15 -162.71 118.69
O3 AHR FF . 107.35 -163.24 119.24
C2 AHR FF . 105.71 -161.38 119.29
O2 AHR FF . 106.43 -160.28 118.78
C1 AHR FF . 104.19 -161.36 119.10
O5 FUB GF . 108.80 -149.61 116.31
C5 FUB GF . 109.30 -150.89 115.95
C4 FUB GF . 108.97 -151.93 116.99
O4 FUB GF . 107.54 -152.05 117.18
C3 FUB GF . 109.51 -151.66 118.40
O3 FUB GF . 110.90 -151.93 118.53
C2 FUB GF . 108.61 -152.54 119.24
O2 FUB GF . 108.47 -152.07 120.57
C1 FUB GF . 107.29 -152.66 118.45
O5 FUB GF . 112.77 -152.68 120.56
C5 FUB GF . 112.51 -153.72 121.50
C4 FUB GF . 111.10 -153.61 122.07
O4 FUB GF . 110.12 -153.66 121.02
C3 FUB GF . 110.79 -152.32 122.83
O3 FUB GF . 111.38 -152.28 124.13
C2 FUB GF . 109.26 -152.36 122.83
O2 FUB GF . 108.67 -151.11 123.06
C1 FUB GF . 108.90 -153.05 121.50
O5 FUB GF . 109.85 -148.75 126.68
C5 FUB GF . 108.76 -149.44 127.27
C4 FUB GF . 107.85 -150.04 126.23
O4 FUB GF . 108.56 -150.99 125.40
C3 FUB GF . 107.23 -149.06 125.24
O3 FUB GF . 106.19 -148.27 125.80
C2 FUB GF . 106.79 -150.02 124.13
O2 FUB GF . 106.63 -149.40 122.87
C1 FUB GF . 107.80 -151.18 124.18
O5 AHR GF . 106.66 -143.60 127.42
C5 AHR GF . 106.48 -143.91 126.04
C4 AHR GF . 105.36 -144.89 125.84
O4 AHR GF . 105.66 -146.11 126.54
C3 AHR GF . 105.20 -145.35 124.38
O3 AHR GF . 103.94 -145.98 124.23
C2 AHR GF . 106.34 -146.37 124.27
O2 AHR GF . 107.51 -145.83 123.70
C1 AHR GF . 106.53 -146.90 125.72
O5 FUB HF . 93.04 -152.17 119.04
C5 FUB HF . 93.34 -152.85 120.26
C4 FUB HF . 94.77 -152.59 120.68
O4 FUB HF . 95.00 -151.19 120.93
C3 FUB HF . 95.85 -152.98 119.67
O3 FUB HF . 96.06 -154.40 119.60
C2 FUB HF . 97.04 -152.20 120.21
O2 FUB HF . 98.10 -152.07 119.30
C1 FUB HF . 96.40 -150.89 120.70
O5 FUB HF . 97.73 -156.49 119.26
C5 FUB HF . 98.96 -156.45 119.96
C4 FUB HF . 99.63 -155.11 119.82
O4 FUB HF . 98.80 -154.06 120.34
C3 FUB HF . 99.97 -154.67 118.39
O3 FUB HF . 101.09 -155.34 117.86
C2 FUB HF . 100.16 -153.17 118.60
O2 FUB HF . 99.99 -152.42 117.42
C1 FUB HF . 99.23 -152.80 119.77
C6 GZL HF . 100.49 -154.44 113.55
C5 GZL HF . 101.76 -153.58 113.45
C4 GZL HF . 101.99 -152.84 114.76
C3 GZL HF . 101.31 -151.32 114.69
C2 GZL HF . 101.25 -150.95 115.86
O6 GZL HF . 99.94 -154.58 112.27
O5 GZL HF . 102.84 -154.39 113.07
O4 GZL HF . 101.40 -153.41 115.73
O3 GZL HF . 102.17 -150.41 113.91
C1 GZL HF . 101.22 -152.28 116.73
O2 GZL HF . 100.00 -150.14 116.10
O5 FUB HF . 102.81 -158.82 114.32
C5 FUB HF . 103.53 -158.30 115.44
C4 FUB HF . 104.08 -156.93 115.12
O4 FUB HF . 103.04 -155.99 114.79
C3 FUB HF . 105.04 -156.85 113.93
O3 FUB HF . 106.34 -157.37 114.21
C2 FUB HF . 105.02 -155.35 113.64
O2 FUB HF . 105.31 -155.05 112.29
C1 FUB HF . 103.64 -154.87 114.15
O5 FUB IF . 101.63 -145.99 110.03
C5 FUB IF . 101.06 -147.29 110.23
C4 FUB IF . 100.80 -147.55 111.70
O4 FUB IF . 99.85 -146.60 112.24
C3 FUB IF . 102.01 -147.43 112.63
O3 FUB IF . 102.89 -148.54 112.55
C2 FUB IF . 101.33 -147.26 113.99
O2 FUB IF . 102.11 -146.54 114.92
C1 FUB IF . 99.95 -146.65 113.67
O5 FUB IF . 107.10 -148.70 115.10
C5 FUB IF . 105.75 -148.85 114.68
C4 FUB IF . 104.79 -148.35 115.73
O4 FUB IF . 103.42 -148.44 115.27
C3 FUB IF . 104.97 -146.89 116.15
O3 FUB IF . 106.08 -146.69 117.02
C2 FUB IF . 103.61 -146.62 116.79
O2 FUB IF . 103.34 -145.24 116.95
C1 FUB IF . 102.65 -147.41 115.91
O5 FUB IF . 106.31 -142.66 119.17
C5 FUB IF . 105.54 -143.05 120.29
C4 FUB IF . 104.20 -143.61 119.88
O4 FUB IF . 104.35 -144.75 119.01
C3 FUB IF . 103.30 -142.65 119.09
O3 FUB IF . 102.69 -141.66 119.91
C2 FUB IF . 102.32 -143.64 118.47
O2 FUB IF . 101.71 -143.14 117.29
C1 FUB IF . 103.10 -144.95 118.32
O5 FUB JF . 99.43 -136.22 121.33
C5 FUB JF . 100.70 -136.73 120.95
C4 FUB JF . 100.61 -138.18 120.52
O4 FUB JF . 99.76 -138.33 119.36
C3 FUB JF . 100.03 -139.17 121.53
O3 FUB JF . 100.91 -139.49 122.60
C2 FUB JF . 99.74 -140.35 120.62
O2 FUB JF . 98.85 -141.31 121.16
C1 FUB JF . 99.33 -139.70 119.28
O5 FUB JF . 102.41 -141.97 123.84
C5 FUB JF . 102.49 -143.20 123.14
C4 FUB JF . 101.21 -143.51 122.39
O4 FUB JF . 100.89 -142.46 121.46
C3 FUB JF . 99.95 -143.66 123.24
O3 FUB JF . 99.90 -144.87 123.98
C2 FUB JF . 98.88 -143.52 122.16
O2 FUB JF . 97.60 -143.16 122.65
C1 FUB JF . 99.50 -142.58 121.13
O5 FUB JF . 96.06 -146.49 124.55
C5 FUB JF . 95.18 -146.67 123.44
C4 FUB JF . 95.18 -145.45 122.55
O4 FUB JF . 96.52 -145.14 122.09
C3 FUB JF . 94.68 -144.16 123.18
O3 FUB JF . 93.27 -144.11 123.34
C2 FUB JF . 95.24 -143.13 122.20
O2 FUB JF . 95.27 -141.81 122.71
C1 FUB JF . 96.60 -143.72 121.82
O5 AHR JF . 88.76 -144.63 125.01
C5 AHR JF . 89.38 -143.48 125.57
C4 AHR JF . 90.69 -143.17 124.87
O4 AHR JF . 91.62 -144.27 124.98
C3 AHR JF . 91.47 -141.98 125.41
O3 AHR JF . 90.91 -140.72 125.03
C2 AHR JF . 92.86 -142.25 124.82
O2 AHR JF . 93.90 -141.66 125.57
C1 AHR JF . 92.93 -143.78 124.67
O5 AHR JF . 104.36 -137.07 124.61
C5 AHR JF . 103.58 -137.74 125.60
C4 AHR JF . 102.56 -138.65 124.95
O4 AHR JF . 101.68 -137.91 124.09
C3 AHR JF . 101.62 -139.39 125.90
O3 AHR JF . 102.23 -140.51 126.54
C2 AHR JF . 100.45 -139.74 124.98
O2 AHR JF . 99.21 -139.76 125.63
C1 AHR JF . 100.58 -138.77 123.78
O5 FUB KF . 87.47 -142.04 119.37
C5 FUB KF . 87.71 -142.51 120.68
C4 FUB KF . 89.07 -143.14 120.81
O4 FUB KF . 90.11 -142.20 120.48
C3 FUB KF . 89.34 -144.33 119.87
O3 FUB KF . 88.69 -145.53 120.28
C2 FUB KF . 90.86 -144.39 119.91
O2 FUB KF . 91.41 -144.95 118.74
C1 FUB KF . 91.31 -142.95 120.23
O5 FUB KF . 91.51 -149.35 119.64
C5 FUB KF . 92.86 -149.08 119.98
C4 FUB KF . 93.32 -147.75 119.40
O4 FUB KF . 92.52 -146.66 119.90
C3 FUB KF . 93.21 -147.64 117.88
O3 FUB KF . 94.24 -148.33 117.19
C2 FUB KF . 93.26 -146.12 117.70
O2 FUB KF . 92.60 -145.69 116.51
C1 FUB KF . 92.68 -145.55 119.00
O5 FUB KF . 94.19 -148.81 113.79
C5 FUB KF . 95.05 -147.77 113.33
C4 FUB KF . 94.54 -146.42 113.77
O4 FUB KF . 94.44 -146.33 115.21
C3 FUB KF . 93.15 -146.04 113.28
O3 FUB KF . 93.11 -145.67 111.91
C2 FUB KF . 92.81 -144.90 114.25
O2 FUB KF . 91.42 -144.68 114.39
C1 FUB KF . 93.55 -145.26 115.56
O5 AHR KF . 92.34 -148.71 108.23
C5 AHR KF . 91.50 -147.55 108.13
C4 AHR KF . 91.92 -146.50 109.13
O4 AHR KF . 91.83 -146.99 110.49
C3 AHR KF . 91.07 -145.23 109.15
O3 AHR KF . 91.35 -144.36 108.05
C2 AHR KF . 91.43 -144.65 110.52
O2 AHR KF . 90.42 -143.81 111.05
C1 AHR KF . 91.82 -145.86 111.37
O5 FUB LF . 97.68 -131.08 112.03
C5 FUB LF . 98.58 -132.10 111.66
C4 FUB LF . 98.12 -133.45 112.13
O4 FUB LF . 96.83 -133.78 111.56
C3 FUB LF . 97.91 -133.60 113.64
O3 FUB LF . 99.14 -133.71 114.36
C2 FUB LF . 97.01 -134.82 113.70
O2 FUB LF . 96.21 -134.85 114.87
C1 FUB LF . 96.22 -134.79 112.39
O5 FUB LF . 99.25 -133.97 117.42
C5 FUB LF . 99.11 -135.27 117.98
C4 FUB LF . 97.85 -135.95 117.50
O4 FUB LF . 97.81 -136.03 116.07
C3 FUB LF . 96.53 -135.28 117.89
O3 FUB LF . 96.19 -135.48 119.25
C2 FUB LF . 95.59 -135.93 116.89
O2 FUB LF . 94.35 -135.26 116.75
C1 FUB LF . 96.44 -136.02 115.62
O5 FUB LF . 92.85 -135.95 120.82
C5 FUB LF . 92.03 -136.95 120.21
C4 FUB LF . 91.99 -136.78 118.72
O4 FUB LF . 93.31 -136.83 118.14
C3 FUB LF . 91.41 -135.46 118.20
O3 FUB LF . 90.00 -135.38 118.32
C2 FUB LF . 91.93 -135.44 116.77
O2 FUB LF . 91.97 -134.15 116.20
C1 FUB LF . 93.28 -136.19 116.85
O5 FUB MF . 84.77 -131.45 117.06
C5 FUB MF . 85.88 -131.54 117.94
C4 FUB MF . 86.91 -132.51 117.42
O4 FUB MF . 87.41 -132.12 116.12
C3 FUB MF . 86.44 -133.96 117.22
O3 FUB MF . 86.29 -134.67 118.45
C2 FUB MF . 87.54 -134.49 116.32
O2 FUB MF . 87.18 -135.68 115.63
C1 FUB MF . 87.91 -133.29 115.44
O5 FUB MF . 86.94 -138.49 119.13
C5 FUB MF . 88.23 -138.87 118.71
C4 FUB MF . 88.51 -138.40 117.30
O4 FUB MF . 88.37 -136.97 117.20
C3 FUB MF . 87.59 -138.95 116.22
O3 FUB MF . 87.85 -140.30 115.88
C2 FUB MF . 87.84 -137.95 115.09
O2 FUB MF . 86.79 -137.87 114.15
C1 FUB MF . 88.21 -136.64 115.81
O5 FUB MF . 87.07 -141.98 114.42
C5 FUB MF . 87.49 -142.01 113.06
C4 FUB MF . 87.25 -140.68 112.38
O4 FUB MF . 87.93 -139.61 113.08
C3 FUB MF . 85.79 -140.22 112.31
O3 FUB MF . 85.03 -140.91 111.33
C2 FUB MF . 85.97 -138.73 112.05
O2 FUB MF . 84.82 -137.96 112.31
C1 FUB MF . 87.21 -138.38 112.89
O5 FUB NF . 82.90 -138.97 105.21
C5 FUB NF . 82.77 -139.70 106.43
C4 FUB NF . 83.86 -139.32 107.41
O4 FUB NF . 83.84 -137.90 107.69
C3 FUB NF . 85.30 -139.61 106.96
O3 FUB NF . 85.65 -140.98 107.02
C2 FUB NF . 86.06 -138.72 107.93
O2 FUB NF . 87.40 -138.47 107.55
C1 FUB NF . 85.17 -137.47 108.03
O5 FUB NF . 87.86 -142.51 107.15
C5 FUB NF . 88.70 -142.50 108.29
C4 FUB NF . 89.12 -141.09 108.65
O4 FUB NF . 87.97 -140.27 108.90
C3 FUB NF . 89.90 -140.33 107.57
O3 FUB NF . 91.26 -140.75 107.48
C2 FUB NF . 89.72 -138.90 108.05
O2 FUB NF . 90.01 -137.93 107.06
C1 FUB NF . 88.28 -138.90 108.58
O5 FUB NF . 92.66 -139.02 106.10
C5 FUB NF . 93.63 -138.56 107.02
C4 FUB NF . 93.20 -137.34 107.80
O4 FUB NF . 91.90 -137.55 108.39
C3 FUB NF . 93.03 -136.05 106.98
O3 FUB NF . 93.12 -134.93 107.85
C2 FUB NF . 91.60 -136.20 106.46
O2 FUB NF . 91.55 -136.89 105.22
C1 FUB NF . 90.88 -136.94 107.59
O5 FUB OF . 94.53 -128.49 103.08
C5 FUB OF . 94.90 -129.84 102.87
C4 FUB OF . 94.05 -130.78 103.68
O4 FUB OF . 92.65 -130.66 103.32
C3 FUB OF . 94.06 -130.56 105.19
O3 FUB OF . 95.25 -131.03 105.81
C2 FUB OF . 92.80 -131.30 105.61
O2 FUB OF . 92.27 -130.85 106.83
C1 FUB OF . 91.86 -131.19 104.40
O5 FUB OF . 96.02 -130.42 108.71
C5 FUB OF . 95.71 -131.58 109.46
C4 FUB OF . 94.23 -131.91 109.35
O4 FUB OF . 93.84 -132.13 107.98
C3 FUB OF . 93.26 -130.83 109.85
O3 FUB OF . 93.20 -130.76 111.28
C2 FUB OF . 91.98 -131.28 109.19
O2 FUB OF . 90.99 -130.26 109.14
C1 FUB OF . 92.44 -131.84 107.84
O5 FUB OF . 91.78 -129.20 113.20
C5 FUB OF . 90.53 -129.79 113.51
C4 FUB OF . 89.70 -130.02 112.27
O4 FUB OF . 90.41 -130.86 111.32
C3 FUB OF . 89.35 -128.76 111.47
O3 FUB OF . 88.33 -127.98 112.07
C2 FUB OF . 88.96 -129.38 110.13
O2 FUB OF . 89.00 -128.45 109.06
C1 FUB OF . 89.90 -130.59 110.00
O5 FUB PF . 83.28 -123.75 110.77
C5 FUB PF . 84.66 -123.62 111.08
C4 FUB PF . 85.38 -124.93 110.92
O4 FUB PF . 85.39 -125.38 109.54
C3 FUB PF . 84.78 -126.12 111.68
O3 FUB PF . 85.09 -126.10 113.07
C2 FUB PF . 85.34 -127.30 110.91
O2 FUB PF . 84.40 -128.35 110.81
C1 FUB PF . 85.81 -126.74 109.55
O5 FUB PF . 82.32 -129.72 114.23
C5 FUB PF . 83.25 -130.81 114.24
C4 FUB PF . 84.00 -130.91 112.94
O4 FUB PF . 84.74 -129.69 112.67
C3 FUB PF . 83.16 -131.13 111.69
O3 FUB PF . 82.68 -132.46 111.56
C2 FUB PF . 84.15 -130.71 110.60
O2 FUB PF . 83.53 -130.39 109.38
C1 FUB PF . 84.96 -129.58 111.26
O5 FUB PF . 81.76 -134.27 110.12
C5 FUB PF . 82.45 -134.69 108.97
C4 FUB PF . 82.95 -133.52 108.16
O4 FUB PF . 83.83 -132.67 108.95
C3 FUB PF . 81.88 -132.57 107.64
O3 FUB PF . 81.15 -133.08 106.53
C2 FUB PF . 82.73 -131.34 107.31
O2 FUB PF . 81.98 -130.15 107.22
C1 FUB PF . 83.83 -131.35 108.39
O5 FUB QF . 76.46 -130.80 101.89
C5 FUB QF . 76.43 -131.75 102.94
C4 FUB QF . 77.78 -131.88 103.60
O4 FUB QF . 78.24 -130.60 104.10
C3 FUB QF . 78.91 -132.39 102.72
O3 FUB QF . 78.86 -133.80 102.49
C2 FUB QF . 80.13 -131.91 103.50
O2 FUB QF . 81.34 -131.95 102.78
C1 FUB QF . 79.67 -130.52 103.96
O5 FUB QF . 81.26 -136.12 102.89
C5 FUB QF . 82.36 -136.08 103.79
C4 FUB QF . 82.98 -134.69 103.82
O4 FUB QF . 82.00 -133.69 104.18
C3 FUB QF . 83.56 -134.19 102.50
O3 FUB QF . 84.81 -134.80 102.17
C2 FUB QF . 83.64 -132.69 102.77
O2 FUB QF . 83.78 -131.91 101.61
C1 FUB QF . 82.38 -132.43 103.61
O5 FUB QF . 86.54 -134.88 100.53
C5 FUB QF . 87.56 -133.90 100.60
C4 FUB QF . 86.96 -132.51 100.67
O4 FUB QF . 86.07 -132.38 101.80
C3 FUB QF . 86.11 -132.09 99.47
O3 FUB QF . 86.89 -131.76 98.33
C2 FUB QF . 85.35 -130.92 100.07
O2 FUB QF . 84.19 -130.56 99.33
C1 FUB QF . 85.10 -131.36 101.52
O5 FUB RF . 86.70 -125.64 94.97
C5 FUB RF . 86.90 -127.05 94.91
C4 FUB RF . 86.85 -127.68 96.28
O4 FUB RF . 85.57 -127.44 96.92
C3 FUB RF . 87.88 -127.17 97.29
O3 FUB RF . 89.19 -127.67 97.06
C2 FUB RF . 87.24 -127.61 98.61
O2 FUB RF . 87.56 -126.77 99.69
C1 FUB RF . 85.74 -127.74 98.31
O5 FUB RF . 91.44 -127.77 99.99
C5 FUB RF . 91.16 -128.43 101.22
C4 FUB RF . 89.78 -128.09 101.73
O4 FUB RF . 88.76 -128.43 100.77
C3 FUB RF . 89.53 -126.61 102.04
O3 FUB RF . 90.12 -126.18 103.26
C2 FUB RF . 88.01 -126.58 102.04
O2 FUB RF . 87.47 -125.27 101.94
C1 FUB RF . 87.66 -127.52 100.88
O5 FUB RF . 89.90 -124.63 105.57
C5 FUB RF . 88.65 -124.51 106.24
C4 FUB RF . 87.52 -124.32 105.25
O4 FUB RF . 87.49 -125.39 104.29
C3 FUB RF . 87.58 -123.05 104.40
O3 FUB RF . 87.25 -121.88 105.12
C2 FUB RF . 86.63 -123.41 103.28
O2 FUB RF . 86.83 -122.66 102.09
C1 FUB RF . 86.76 -124.95 103.13
O5 FUB SF . 83.24 -116.21 103.43
C5 FUB SF . 84.55 -116.63 103.81
C4 FUB SF . 84.69 -118.14 103.73
O4 FUB SF . 84.43 -118.61 102.39
C3 FUB SF . 83.73 -118.95 104.60
O3 FUB SF . 84.09 -118.98 105.97
C2 FUB SF . 83.79 -120.31 103.91
O2 FUB SF . 82.61 -121.07 104.07
C1 FUB SF . 84.18 -120.02 102.45
O5 FUB SF . 83.31 -121.88 108.02
C5 FUB SF . 83.61 -123.21 107.67
C4 FUB SF . 83.17 -123.51 106.26
O4 FUB SF . 83.79 -122.62 105.32
C3 FUB SF . 81.66 -123.36 106.00
O3 FUB SF . 80.90 -124.43 106.52
C2 FUB SF . 81.64 -123.22 104.48
O2 FUB SF . 80.46 -122.63 104.00
C1 FUB SF . 82.93 -122.44 104.18
O5 FUB SF . 79.04 -125.83 106.84
C5 FUB SF . 78.33 -126.29 105.70
C4 FUB SF . 78.26 -125.23 104.62
O4 FUB SF . 79.59 -124.84 104.18
C3 FUB SF . 77.61 -123.91 105.01
O3 FUB SF . 76.20 -124.00 105.18
C2 FUB SF . 78.10 -123.01 103.89
O2 FUB SF . 78.06 -121.63 104.22
C1 FUB SF . 79.50 -123.56 103.54
O5 AHR SF . 72.50 -126.73 103.00
C5 AHR SF . 72.29 -125.61 103.85
C4 AHR SF . 73.27 -124.51 103.54
O4 AHR SF . 74.64 -124.95 103.74
C3 AHR SF . 73.16 -123.26 104.41
O3 AHR SF . 72.04 -122.44 104.07
C2 AHR SF . 74.52 -122.61 104.15
O2 AHR SF . 74.88 -121.66 105.13
C1 AHR SF . 75.47 -123.80 103.98
O5 AHR SF . 82.05 -117.64 110.46
C5 AHR SF . 81.33 -117.65 109.24
C4 AHR SF . 81.64 -118.88 108.41
O4 AHR SF . 83.04 -118.90 108.07
C3 AHR SF . 80.93 -118.92 107.06
O3 AHR SF . 80.97 -120.23 106.54
C2 AHR SF . 81.82 -118.00 106.24
O2 AHR SF . 81.38 -116.65 106.27
C1 AHR SF . 83.23 -118.20 106.83
O5 FUB TF . 72.74 -122.46 96.98
C5 FUB TF . 72.50 -122.72 98.36
C4 FUB TF . 73.77 -123.09 99.08
O4 FUB TF . 74.75 -122.03 98.99
C3 FUB TF . 74.51 -124.31 98.56
O3 FUB TF . 73.88 -125.54 98.91
C2 FUB TF . 75.89 -124.11 99.17
O2 FUB TF . 76.93 -124.78 98.48
C1 FUB TF . 76.04 -122.58 99.27
O5 FUB TF . 75.24 -126.87 101.38
C5 FUB TF . 76.50 -127.03 102.02
C4 FUB TF . 77.63 -126.61 101.12
O4 FUB TF . 77.47 -125.24 100.70
C3 FUB TF . 77.78 -127.40 99.82
O3 FUB TF . 78.35 -128.68 100.06
C2 FUB TF . 78.62 -126.43 98.98
O2 FUB TF . 78.66 -126.71 97.59
C1 FUB TF . 78.00 -125.07 99.37
C6 GZL TF . 78.00 -131.78 96.02
C5 GZL TF . 78.98 -130.65 95.68
C4 GZL TF . 78.31 -129.30 95.83
C3 GZL TF . 79.23 -128.10 95.13
C2 GZL TF . 80.13 -127.92 95.95
O6 GZL TF . 78.74 -132.93 96.35
O5 GZL TF . 80.12 -130.72 96.55
O4 GZL TF . 78.23 -129.00 97.06
O3 GZL TF . 79.78 -128.51 93.82
C1 GZL TF . 79.29 -127.93 97.31
O2 GZL TF . 80.78 -126.57 95.77
O5 AHR TF . 81.55 -128.34 88.71
C5 AHR TF . 80.33 -128.53 89.40
C4 AHR TF . 80.47 -128.14 90.84
O4 AHR TF . 79.23 -128.32 91.57
C3 AHR TF . 80.84 -126.68 91.11
O3 AHR TF . 82.21 -126.40 90.85
C2 AHR TF . 80.44 -126.54 92.58
O2 AHR TF . 80.09 -125.21 92.93
C1 AHR TF . 79.35 -127.60 92.81
O5 FUB UF . 84.39 -112.30 94.09
C5 FUB UF . 85.45 -113.12 94.56
C4 FUB UF . 84.93 -114.45 95.07
O4 FUB UF . 84.32 -115.20 94.02
C3 FUB UF . 83.85 -114.37 96.16
O3 FUB UF . 84.38 -113.99 97.42
C2 FUB UF . 83.29 -115.78 96.10
O2 FUB UF . 82.01 -115.91 96.68
C1 FUB UF . 83.40 -116.15 94.61
O5 FUB UF . 84.69 -114.39 99.56
C5 FUB UF . 84.51 -115.62 100.25
C4 FUB UF . 83.27 -116.36 99.75
O4 FUB UF . 83.40 -116.71 98.36
C3 FUB UF . 81.95 -115.59 99.85
O3 FUB UF . 81.51 -115.50 101.19
C2 FUB UF . 81.09 -116.42 98.90
O2 FUB UF . 79.88 -115.82 98.47
C1 FUB UF . 82.08 -116.81 97.79
C6 GZL UF . 77.20 -111.90 100.63
C5 GZL UF . 76.54 -113.27 100.45
C4 GZL UF . 77.54 -114.27 99.97
C3 GZL UF . 77.01 -115.37 98.87
C2 GZL UF . 77.58 -116.19 99.58
O6 GZL UF . 78.12 -111.99 101.68
O5 GZL UF . 76.47 -113.96 101.70
O4 GZL UF . 78.70 -113.98 99.55
O3 GZL UF . 75.54 -115.49 98.85
C1 GZL UF . 79.03 -115.48 99.56
O2 GZL UF . 77.62 -117.52 98.88
O5 FUB VF . 72.36 -112.29 91.79
C5 FUB VF . 72.34 -112.28 93.21
C4 FUB VF . 73.18 -113.41 93.77
O4 FUB VF . 74.54 -113.32 93.29
C3 FUB VF . 72.73 -114.83 93.43
O3 FUB VF . 71.61 -115.25 94.21
C2 FUB VF . 74.01 -115.60 93.69
O2 FUB VF . 74.01 -116.92 93.17
C1 FUB VF . 75.06 -114.65 93.09
O5 FUB VF . 71.80 -118.69 96.40
C5 FUB VF . 73.04 -119.22 96.84
C4 FUB VF . 74.09 -119.12 95.76
O4 FUB VF . 74.28 -117.75 95.34
C3 FUB VF . 73.80 -119.88 94.47
O3 FUB VF . 73.97 -121.29 94.60
C2 FUB VF . 74.77 -119.20 93.51
O2 FUB VF . 74.40 -119.39 92.15
C1 FUB VF . 74.82 -117.75 94.00
C6 GZL VF . 77.03 -123.45 92.24
C5 GZL VF . 76.11 -123.10 91.06
C4 GZL VF . 76.25 -121.63 90.71
C3 GZL VF . 74.93 -121.12 89.84
C2 GZL VF . 75.06 -119.89 89.86
O6 GZL VF . 78.19 -122.68 92.14
O5 GZL VF . 74.78 -123.36 91.40
O4 GZL VF . 76.24 -120.91 91.77
O3 GZL VF . 74.96 -121.64 88.46
C1 GZL VF . 75.55 -119.61 91.35
O2 GZL VF . 73.73 -119.21 89.61
O5 AHR VF . 74.41 -126.48 88.93
C5 AHR VF . 73.59 -125.97 87.90
C4 AHR VF . 73.97 -124.55 87.54
O4 AHR VF . 73.84 -123.68 88.68
C3 AHR VF . 73.12 -123.88 86.46
O3 AHR VF . 73.42 -124.35 85.15
C2 AHR VF . 73.46 -122.41 86.69
O2 AHR VF . 72.47 -121.53 86.21
C1 AHR VF . 73.75 -122.32 88.21
O5 FUB WF . 76.36 -120.25 81.85
C5 FUB WF . 75.62 -121.10 82.70
C4 FUB WF . 76.03 -120.93 84.14
O4 FUB WF . 75.90 -119.54 84.57
C3 FUB WF . 77.47 -121.29 84.49
O3 FUB WF . 77.71 -122.68 84.52
C2 FUB WF . 77.63 -120.58 85.84
O2 FUB WF . 78.97 -120.28 86.17
C1 FUB WF . 76.69 -119.37 85.75
O5 FUB WF . 80.63 -124.12 86.77
C5 FUB WF . 80.47 -123.90 88.16
C4 FUB WF . 80.25 -122.43 88.43
O4 FUB WF . 79.06 -121.95 87.77
C3 FUB WF . 81.36 -121.49 87.95
O3 FUB WF . 82.51 -121.52 88.80
C2 FUB WF . 80.63 -120.16 87.94
O2 FUB WF . 81.25 -119.19 87.14
C1 FUB WF . 79.19 -120.53 87.54
C6 GZL WF . 85.01 -119.22 90.70
C5 GZL WF . 85.03 -118.79 89.22
C4 GZL WF . 83.79 -117.99 88.90
C3 GZL WF . 83.84 -117.44 87.34
C2 GZL WF . 82.68 -117.17 87.05
O6 GZL WF . 85.38 -118.11 91.48
O5 GZL WF . 85.06 -119.93 88.40
O4 GZL WF . 82.76 -118.72 88.98
O3 GZL WF . 84.68 -116.22 87.25
C1 GZL WF . 81.79 -118.15 87.95
O2 GZL WF . 82.44 -117.44 85.59
O5 AHR WF . 88.54 -113.22 87.13
C5 AHR WF . 88.34 -113.88 85.88
C4 AHR WF . 87.01 -114.57 85.82
O4 AHR WF . 86.90 -115.57 86.86
C3 AHR WF . 86.71 -115.34 84.53
O3 AHR WF . 86.37 -114.49 83.44
C2 AHR WF . 85.58 -116.26 85.00
O2 AHR WF . 85.47 -117.43 84.21
C1 AHR WF . 85.86 -116.49 86.49
O5 FUB XF . 84.69 -109.45 83.55
C5 FUB XF . 85.65 -110.48 83.79
C4 FUB XF . 85.06 -111.58 84.65
O4 FUB XF . 83.91 -112.18 84.02
C3 FUB XF . 84.56 -111.16 86.04
O3 FUB XF . 85.62 -110.91 86.96
C2 FUB XF . 83.67 -112.34 86.39
O2 FUB XF . 82.68 -112.02 87.35
C1 FUB XF . 83.15 -112.85 85.03
O5 FUB XF . 85.27 -110.28 90.37
C5 FUB XF . 85.08 -111.50 91.06
C4 FUB XF . 83.91 -112.29 90.49
O4 FUB XF . 84.11 -112.58 89.09
C3 FUB XF . 82.55 -111.60 90.54
O3 FUB XF . 81.99 -111.58 91.85
C2 FUB XF . 81.77 -112.44 89.53
O2 FUB XF . 80.57 -111.88 89.02
C1 FUB XF . 82.83 -112.84 88.49
C6 GZL XF . 78.11 -110.54 93.14
C5 GZL XF . 77.74 -109.81 91.84
C4 GZL XF . 78.38 -110.53 90.67
C3 GZL XF . 78.16 -109.66 89.27
C2 GZL XF . 79.08 -109.98 88.52
O6 GZL XF . 77.19 -111.59 93.34
O5 GZL XF . 78.24 -108.51 91.89
O4 GZL XF . 79.63 -110.60 90.85
O3 GZL XF . 76.87 -110.03 88.64
C1 GZL XF . 80.24 -110.57 89.46
O2 GZL XF . 79.58 -108.75 87.78
O5 FUB YF . 68.69 -104.44 80.43
C5 FUB YF . 68.46 -103.32 81.28
C4 FUB YF . 69.73 -102.61 81.71
O4 FUB YF . 70.50 -102.18 80.58
C3 FUB YF . 70.70 -103.42 82.55
O3 FUB YF . 71.54 -102.54 83.30
C2 FUB YF . 71.51 -104.13 81.47
O2 FUB YF . 70.99 -105.40 81.19
C1 FUB YF . 71.47 -103.18 80.26
O5 FUB YF . 69.95 -106.32 85.15
C5 FUB YF . 70.99 -107.29 85.15
C4 FUB YF . 71.50 -107.54 83.74
O4 FUB YF . 71.96 -106.31 83.12
C3 FUB YF . 70.49 -108.11 82.75
O3 FUB YF . 70.22 -109.49 82.96
C2 FUB YF . 71.18 -107.80 81.43
O2 FUB YF . 70.31 -107.87 80.31
C1 FUB YF . 71.83 -106.43 81.69
C6 GZL YF . 68.70 -113.01 80.56
C5 GZL YF . 68.31 -111.60 80.12
C4 GZL YF . 69.49 -110.94 79.42
C3 GZL YF . 68.93 -109.86 78.28
C2 GZL YF . 69.79 -108.99 78.17
O6 GZL YF . 68.86 -113.81 79.42
O5 GZL YF . 67.96 -110.84 81.23
O4 GZL YF . 70.16 -110.27 80.26
O3 GZL YF . 68.73 -110.55 76.99
C1 GZL YF . 70.62 -109.02 79.53
O2 GZL YF . 69.13 -107.64 78.00
O5 FUB ZF . 65.37 -110.63 72.54
C5 FUB ZF . 66.67 -111.07 72.17
C4 FUB ZF . 67.68 -110.81 73.27
O4 FUB ZF . 67.68 -109.40 73.62
C3 FUB ZF . 69.14 -111.15 72.92
O3 FUB ZF . 69.42 -112.54 73.04
C2 FUB ZF . 69.87 -110.27 73.92
O2 FUB ZF . 71.25 -110.12 73.63
C1 FUB ZF . 69.03 -108.98 73.88
O5 FUB ZF . 71.61 -114.19 75.95
C5 FUB ZF . 72.86 -113.53 75.84
C4 FUB ZF . 72.75 -112.30 74.97
O4 FUB ZF . 71.81 -111.36 75.52
C3 FUB ZF . 74.05 -111.49 74.81
O3 FUB ZF . 74.78 -111.49 76.02
C2 FUB ZF . 73.51 -110.10 74.49
O2 FUB ZF . 73.80 -109.70 73.17
C1 FUB ZF . 72.01 -110.14 74.83
C6 GZL ZF . 77.75 -110.67 74.71
C5 GZL ZF . 77.60 -110.34 73.22
C4 GZL ZF . 76.85 -109.04 73.05
C3 GZL ZF . 76.09 -109.00 71.56
C2 GZL ZF . 75.14 -108.22 71.73
O6 GZL ZF . 77.84 -109.47 75.43
O5 GZL ZF . 76.90 -111.37 72.58
O4 GZL ZF . 75.95 -108.94 73.94
O3 GZL ZF . 77.00 -108.48 70.53
C1 GZL ZF . 74.67 -108.56 73.21
O2 GZL ZF . 74.04 -108.51 70.74
O5 FUB AG . 78.37 -103.35 66.42
C5 FUB AG . 78.65 -104.69 66.81
C4 FUB AG . 77.82 -105.10 68.01
O4 FUB AG . 76.41 -105.06 67.70
C3 FUB AG . 77.96 -104.22 69.25
O3 FUB AG . 79.16 -104.44 69.96
C2 FUB AG . 76.70 -104.61 70.01
O2 FUB AG . 76.31 -103.62 70.95
C1 FUB AG . 75.67 -104.94 68.93
O5 FUB AG . 79.16 -106.84 73.72
C5 FUB AG . 79.15 -105.43 73.87
C4 FUB AG . 77.75 -104.88 73.77
O4 FUB AG . 77.16 -105.16 72.49
C3 FUB AG . 77.63 -103.36 73.90
O3 FUB AG . 77.86 -102.90 75.23
C2 FUB AG . 76.24 -103.12 73.31
O2 FUB AG . 75.17 -103.13 74.22
C1 FUB AG . 76.12 -104.21 72.23
C6 GZL AG . 75.43 -101.31 78.49
C5 GZL AG . 75.09 -100.18 77.52
C4 GZL AG . 74.13 -100.68 76.44
C3 GZL AG . 74.39 -99.87 74.99
C2 GZL AG . 74.23 -100.74 74.14
O6 GZL AG . 74.23 -101.79 79.04
O5 GZL AG . 76.25 -99.70 76.91
O4 GZL AG . 74.37 -101.91 76.22
O3 GZL AG . 73.50 -98.70 74.80
C1 GZL AG . 75.08 -101.86 74.87
O2 GZL AG . 74.86 -100.31 72.83
O5 AHR AG . 73.15 -96.67 79.24
C5 AHR AG . 73.44 -95.68 78.26
C4 AHR AG . 73.24 -96.22 76.86
O4 AHR AG . 74.07 -97.37 76.63
C3 AHR AG . 73.58 -95.28 75.71
O3 AHR AG . 72.61 -94.25 75.51
C2 AHR AG . 73.70 -96.26 74.55
O2 AHR AG . 74.48 -95.76 73.49
C1 AHR AG . 74.21 -97.55 75.21
O5 FUB BG . 69.26 -94.87 71.25
C5 FUB BG . 69.74 -94.45 72.52
C4 FUB BG . 70.21 -95.62 73.35
O4 FUB BG . 71.22 -96.37 72.63
C3 FUB BG . 69.13 -96.63 73.73
O3 FUB BG . 68.44 -96.29 74.92
C2 FUB BG . 69.91 -97.93 73.78
O2 FUB BG . 69.10 -99.09 73.75
C1 FUB BG . 70.82 -97.74 72.56
O5 FUB BG . 70.23 -99.54 78.60
C5 FUB BG . 69.10 -100.17 78.03
C4 FUB BG . 69.43 -100.77 76.67
O4 FUB BG . 69.98 -99.76 75.79
C3 FUB BG . 68.23 -101.34 75.90
O3 FUB BG . 67.80 -102.60 76.39
C2 FUB BG . 68.80 -101.36 74.48
O2 FUB BG . 67.77 -101.36 73.51
C1 FUB BG . 69.74 -100.16 74.43
C6 GZL BG . 65.55 -106.26 74.84
C5 GZL BG . 65.37 -104.75 74.65
C4 GZL BG . 66.24 -104.28 73.50
C3 GZL BG . 65.45 -103.11 72.61
C2 GZL BG . 66.35 -102.59 71.95
O6 GZL BG . 64.51 -106.92 74.17
O5 GZL BG . 65.76 -104.07 75.80
O4 GZL BG . 67.27 -103.69 73.96
O3 GZL BG . 64.45 -103.72 71.73
C1 GZL BG . 67.62 -102.64 72.91
O2 GZL BG . 65.99 -101.16 71.64
O5 AHR BG . 61.33 -106.66 74.02
C5 AHR BG . 60.65 -105.74 73.17
C4 AHR BG . 61.62 -105.03 72.25
O4 AHR BG . 62.57 -104.22 72.98
C3 AHR BG . 61.01 -104.06 71.24
O3 AHR BG . 60.33 -104.71 70.19
C2 AHR BG . 62.26 -103.30 70.80
O2 AHR BG . 62.03 -102.07 70.16
C1 AHR BG . 63.14 -103.28 72.06
O5 AHR BG . 64.41 -98.53 70.09
C5 AHR BG . 63.48 -98.01 71.03
C4 AHR BG . 62.23 -98.84 71.08
O4 AHR BG . 62.51 -100.21 71.46
C3 AHR BG . 61.46 -98.98 69.76
O3 AHR BG . 60.76 -97.80 69.40
C2 AHR BG . 60.57 -100.18 70.08
O2 AHR BG . 60.05 -100.80 68.93
C1 AHR BG . 61.47 -101.06 70.98
O5 FUB CG . 61.56 -105.28 65.09
C5 FUB CG . 61.28 -104.91 66.44
C4 FUB CG . 62.49 -104.29 67.09
O4 FUB CG . 62.94 -103.13 66.37
C3 FUB CG . 63.73 -105.18 67.19
O3 FUB CG . 63.62 -106.19 68.17
C2 FUB CG . 64.80 -104.13 67.46
O2 FUB CG . 66.11 -104.57 67.12
C1 FUB CG . 64.32 -102.88 66.72
O5 FUB CG . 65.30 -108.35 69.04
C5 FUB CG . 66.25 -107.95 70.01
C4 FUB CG . 67.06 -106.76 69.54
O4 FUB CG . 66.20 -105.66 69.18
C3 FUB CG . 67.91 -106.99 68.29
O3 FUB CG . 69.08 -107.76 68.53
C2 FUB CG . 68.18 -105.55 67.87
O2 FUB CG . 68.56 -105.42 66.52
C1 FUB CG . 66.90 -104.80 68.27
C6 GZL CG . 72.19 -108.09 66.96
C5 GZL CG . 71.79 -107.50 65.59
C4 GZL CG . 71.57 -106.01 65.73
C3 GZL CG . 70.64 -105.42 64.47
C2 GZL CG . 70.13 -104.40 64.93
O6 GZL CG . 73.56 -108.42 66.90
O5 GZL CG . 70.61 -108.10 65.16
O4 GZL CG . 70.92 -105.78 66.80
O3 GZL CG . 71.47 -105.08 63.30
C1 GZL CG . 69.83 -104.79 66.44
O2 GZL CG . 68.85 -104.08 64.21
O5 AHR CG . 75.54 -107.23 62.01
C5 AHR CG . 74.66 -107.11 60.90
C4 AHR CG . 73.48 -106.24 61.24
O4 AHR CG . 72.71 -106.78 62.33
C3 AHR CG . 72.45 -106.03 60.13
O3 AHR CG . 72.90 -105.14 59.10
C2 AHR CG . 71.26 -105.52 60.92
O2 AHR CG . 70.01 -105.77 60.30
C1 AHR CG . 71.44 -106.11 62.33
O5 AHR CG . 65.58 -103.95 60.95
C5 AHR CG . 65.99 -103.87 59.58
C4 AHR CG . 67.27 -104.65 59.34
O4 AHR CG . 68.34 -104.15 60.16
C3 AHR CG . 67.82 -104.58 57.91
O3 AHR CG . 67.11 -105.39 57.00
C2 AHR CG . 69.27 -105.00 58.14
O2 AHR CG . 70.15 -104.48 57.17
C1 AHR CG . 69.58 -104.63 59.60
O5 FUB DG . 71.96 -99.47 58.51
C5 FUB DG . 72.43 -100.81 58.56
C4 FUB DG . 72.17 -101.44 59.90
O4 FUB DG . 70.77 -101.40 60.24
C3 FUB DG . 72.85 -100.76 61.08
O3 FUB DG . 74.25 -101.02 61.16
C2 FUB DG . 72.04 -101.31 62.25
O2 FUB DG . 72.11 -100.49 63.40
C1 FUB DG . 70.63 -101.49 61.66
O5 FUB DG . 75.53 -104.24 64.20
C5 FUB DG . 75.79 -102.90 64.58
C4 FUB DG . 74.56 -102.23 65.12
O4 FUB DG . 73.49 -102.22 64.14
C3 FUB DG . 74.71 -100.76 65.51
O3 FUB DG . 75.38 -100.57 66.76
C2 FUB DG . 73.27 -100.28 65.50
O2 FUB DG . 73.15 -98.90 65.20
C1 FUB DG . 72.54 -101.23 64.53
C6 GZL DG . 74.11 -96.62 69.81
C5 GZL DG . 73.87 -96.00 68.42
C4 GZL DG . 72.76 -96.75 67.73
C3 GZL DG . 72.33 -95.98 66.31
C2 GZL DG . 71.83 -96.85 65.58
O6 GZL DG . 74.61 -95.62 70.66
O5 GZL DG . 75.04 -96.10 67.65
O4 GZL DG . 73.16 -97.90 67.39
O3 GZL DG . 71.33 -94.93 66.60
C1 GZL DG . 72.35 -98.24 66.15
O2 GZL DG . 72.31 -96.65 64.16
C1 NAG EG . 124.07 -142.25 126.09
C2 NAG EG . 125.55 -142.24 126.51
C3 NAG EG . 125.81 -141.60 127.87
C4 NAG EG . 124.87 -140.45 128.24
C5 NAG EG . 123.45 -140.69 127.74
C6 NAG EG . 122.56 -139.49 128.00
C7 NAG EG . 127.17 -143.96 127.17
C8 NAG EG . 126.98 -144.97 128.26
N2 NAG EG . 126.06 -143.61 126.50
O3 NAG EG . 127.15 -141.09 127.88
O4 NAG EG . 124.80 -140.22 129.67
O5 NAG EG . 123.49 -140.96 126.34
O6 NAG EG . 121.19 -139.85 127.80
O7 NAG EG . 128.26 -143.49 126.90
C1 NAG EG . 125.31 -141.30 130.46
C2 NAG EG . 126.24 -140.80 131.57
C3 NAG EG . 125.58 -140.63 132.94
C4 NAG EG . 124.23 -141.33 133.04
C5 NAG EG . 124.27 -142.61 132.21
C6 NAG EG . 123.06 -143.49 132.50
C7 NAG EG . 128.41 -141.54 130.80
C8 NAG EG . 129.11 -142.82 130.45
N2 NAG EG . 127.40 -141.66 131.67
O3 NAG EG . 125.40 -139.24 133.22
O4 NAG EG . 123.95 -141.66 134.41
O5 NAG EG . 124.28 -142.24 130.84
O6 NAG EG . 123.26 -144.79 131.93
O7 NAG EG . 128.73 -140.46 130.32
O5 FUB FG . -4.44 -7.52 29.83
C5 FUB FG . -5.37 -8.60 29.94
C4 FUB FG . -6.78 -8.13 29.72
O4 FUB FG . -7.19 -7.19 30.74
C3 FUB FG . -7.85 -9.22 29.76
O3 FUB FG . -7.87 -10.04 28.59
C2 FUB FG . -9.11 -8.39 29.99
O2 FUB FG . -10.13 -9.13 30.63
C1 FUB FG . -8.64 -7.14 30.74
O5 FUB FG . -11.62 -11.94 27.69
C5 FUB FG . -12.65 -10.99 27.47
C4 FUB FG . -12.71 -9.99 28.60
O4 FUB FG . -11.45 -9.31 28.75
C3 FUB FG . -13.00 -10.56 29.99
O3 FUB FG . -14.37 -10.91 30.17
C2 FUB FG . -12.50 -9.45 30.89
O2 FUB FG . -12.13 -9.91 32.17
C1 FUB FG . -11.37 -8.77 30.08
O5 FUB FG . -15.87 -11.90 32.49
C5 FUB FG . -16.20 -10.95 33.51
C4 FUB FG . -14.97 -10.21 33.96
O4 FUB FG . -14.33 -9.54 32.86
C3 FUB FG . -13.86 -11.04 34.60
O3 FUB FG . -14.16 -11.47 35.92
C2 FUB FG . -12.68 -10.07 34.50
O2 FUB FG . -11.43 -10.71 34.63
C1 FUB FG . -12.94 -9.33 33.18
O5 FUB GG . -10.24 -11.44 42.42
C5 FUB GG . -11.06 -12.41 41.76
C4 FUB GG . -11.73 -11.83 40.54
O4 FUB GG . -10.75 -11.34 39.60
C3 FUB GG . -12.63 -10.63 40.79
O3 FUB GG . -13.90 -10.99 41.35
C2 FUB GG . -12.72 -10.03 39.39
O2 FUB GG . -13.03 -8.66 39.41
C1 FUB GG . -11.38 -10.39 38.73
O5 FUB GG . -15.24 -7.26 40.57
C5 FUB GG . -16.28 -7.34 39.61
C4 FUB GG . -15.79 -7.50 38.19
O4 FUB GG . -14.93 -8.66 38.07
C3 FUB GG . -14.95 -6.34 37.63
O3 FUB GG . -15.00 -6.38 36.22
C2 FUB GG . -13.55 -6.73 38.10
O2 FUB GG . -13.21 -6.11 39.33
C1 FUB GG . -13.56 -8.25 38.16
O5 FUB GG . -14.56 -3.43 39.15
C5 FUB GG . -13.71 -2.65 38.30
C4 FUB GG . -12.27 -3.13 38.30
O4 FUB GG . -12.18 -4.53 37.97
C3 FUB GG . -11.54 -3.01 39.64
O3 FUB GG . -10.14 -2.97 39.42
C2 FUB GG . -11.92 -4.32 40.32
O2 FUB GG . -13.10 -4.19 41.09
C1 FUB GG . -12.05 -5.31 39.16
O5 FUB HG . -5.03 0.72 43.13
C5 FUB HG . -5.93 -0.36 43.34
C4 FUB HG . -6.09 -1.20 42.10
O4 FUB HG . -6.99 -2.31 42.33
C3 FUB HG . -6.67 -0.48 40.87
O3 FUB HG . -7.69 0.41 41.28
C2 FUB HG . -7.25 -1.65 40.08
O2 FUB HG . -6.53 -1.93 38.90
C1 FUB HG . -7.33 -2.84 41.05
O5 FUB HG . -8.08 1.25 36.79
C5 FUB HG . -8.83 0.33 36.01
C4 FUB HG . -8.35 -1.08 36.23
O4 FUB HG . -8.43 -1.44 37.62
C3 FUB HG . -6.91 -1.37 35.83
O3 FUB HG . -6.71 -1.47 34.43
C2 FUB HG . -6.66 -2.67 36.61
O2 FUB HG . -5.30 -3.01 36.75
C1 FUB HG . -7.42 -2.43 37.91
O5 FUB HG . -5.42 -2.52 32.64
C5 FUB HG . -5.16 -3.92 32.51
C4 FUB HG . -4.71 -4.49 33.83
O4 FUB HG . -5.70 -4.29 34.86
C3 FUB HG . -3.43 -3.91 34.42
O3 FUB HG . -2.25 -4.36 33.75
C2 FUB HG . -3.55 -4.38 35.86
O2 FUB HG . -2.70 -3.68 36.76
C1 FUB HG . -5.06 -4.26 36.14
O5 AHR HG . 0.48 -3.10 29.93
C5 AHR HG . 1.21 -3.01 31.14
C4 AHR HG . 0.46 -3.65 32.28
O4 AHR HG . -0.82 -3.02 32.50
C3 AHR HG . 1.15 -3.59 33.65
O3 AHR HG . 2.22 -4.50 33.77
C2 AHR HG . -0.03 -3.87 34.58
O2 AHR HG . 0.16 -3.35 35.88
C1 AHR HG . -1.26 -3.34 33.82
O5 FUB IG . 3.93 -6.57 37.48
C5 FUB IG . 3.28 -7.62 36.78
C4 FUB IG . 1.89 -7.20 36.34
O4 FUB IG . 1.08 -6.81 37.47
C3 FUB IG . 1.06 -8.28 35.63
O3 FUB IG . 1.45 -8.48 34.29
C2 FUB IG . -0.35 -7.72 35.79
O2 FUB IG . -1.37 -8.69 35.69
C1 FUB IG . -0.30 -6.90 37.10
O5 FUB IG . -2.89 -9.18 32.08
C5 FUB IG . -3.60 -9.58 33.25
C4 FUB IG . -4.12 -8.36 33.97
O4 FUB IG . -3.01 -7.56 34.42
C3 FUB IG . -4.91 -8.65 35.24
O3 FUB IG . -5.63 -7.49 35.62
C2 FUB IG . -3.78 -8.86 36.25
O2 FUB IG . -3.52 -10.22 36.53
C1 FUB IG . -2.61 -8.03 35.70
O5 FUB IG . -6.52 -13.58 35.76
C5 FUB IG . -7.11 -13.09 36.96
C4 FUB IG . -6.13 -12.23 37.74
O4 FUB IG . -5.67 -11.13 36.93
C3 FUB IG . -4.85 -12.92 38.19
O3 FUB IG . -5.04 -13.79 39.31
C2 FUB IG . -3.95 -11.72 38.48
O2 FUB IG . -2.57 -12.01 38.41
C1 FUB IG . -4.47 -10.63 37.53
O5 AHR IG . -8.35 -16.99 37.70
C5 AHR IG . -7.39 -17.63 38.52
C4 AHR IG . -6.52 -16.62 39.24
O4 AHR IG . -5.86 -15.74 38.29
C3 AHR IG . -5.37 -17.20 40.07
O3 AHR IG . -5.82 -17.76 41.30
C2 AHR IG . -4.46 -15.99 40.21
O2 AHR IG . -3.11 -16.34 40.40
C1 AHR IG . -4.74 -15.14 38.95
O5 AHR IG . 7.45 -7.48 33.91
C5 AHR IG . 7.85 -7.95 35.18
C4 AHR IG . 6.67 -8.07 36.12
O4 AHR IG . 6.00 -6.79 36.29
C3 AHR IG . 6.96 -8.53 37.54
O3 AHR IG . 7.21 -9.93 37.63
C2 AHR IG . 5.70 -8.09 38.26
O2 AHR IG . 5.84 -8.03 39.67
C1 AHR IG . 5.34 -6.76 37.57
O5 FUB JG . -1.85 -7.51 50.85
C5 FUB JG . -3.15 -7.06 50.49
C4 FUB JG . -3.29 -6.94 48.99
O4 FUB JG . -3.11 -8.22 48.35
C3 FUB JG . -2.29 -6.02 48.29
O3 FUB JG . -2.59 -4.64 48.50
C2 FUB JG . -2.44 -6.50 46.85
O2 FUB JG . -1.53 -5.99 45.90
C1 FUB JG . -2.50 -8.02 47.05
O5 FUB JG . -5.99 -4.14 46.07
C5 FUB JG . -4.76 -3.43 45.95
C4 FUB JG . -3.91 -4.01 44.84
O4 FUB JG . -3.61 -5.41 45.08
C3 FUB JG . -2.55 -3.35 44.63
O3 FUB JG . -2.66 -2.13 43.92
C2 FUB JG . -1.80 -4.46 43.89
O2 FUB JG . -0.44 -4.17 43.70
C1 FUB JG . -2.25 -5.68 44.70
C6 GZL JG . 4.31 -5.65 41.00
C5 GZL JG . 2.96 -5.03 41.41
C4 GZL JG . 2.16 -5.95 42.30
C3 GZL JG . 2.65 -5.64 43.84
C2 GZL JG . 1.84 -4.79 44.22
O6 GZL JG . 4.94 -4.76 40.11
O5 GZL JG . 2.16 -4.77 40.26
O4 GZL JG . 0.90 -5.69 42.21
O3 GZL JG . 2.52 -6.86 44.67
C1 GZL JG . 0.46 -5.28 43.62
O2 GZL JG . 2.31 -3.39 43.89
O5 FUB KG . 4.43 -20.46 44.32
C5 FUB KG . 4.42 -19.83 43.04
C4 FUB KG . 3.79 -18.46 43.12
O4 FUB KG . 4.56 -17.56 43.93
C3 FUB KG . 2.39 -18.42 43.76
O3 FUB KG . 1.37 -18.93 42.91
C2 FUB KG . 2.27 -16.93 44.06
O2 FUB KG . 1.36 -16.67 45.11
C1 FUB KG . 3.71 -16.47 44.32
O5 FUB KG . -1.76 -18.28 43.49
C5 FUB KG . -2.39 -17.03 43.35
C4 FUB KG . -1.65 -15.95 44.11
O4 FUB KG . -0.26 -15.90 43.68
C3 FUB KG . -1.59 -16.14 45.63
O3 FUB KG . -2.80 -15.76 46.27
C2 FUB KG . -0.38 -15.29 45.98
O2 FUB KG . 0.15 -15.59 47.26
C1 FUB KG . 0.57 -15.55 44.80
O5 FUB KG . -3.88 -15.33 48.61
C5 FUB KG . -3.47 -14.20 49.38
C4 FUB KG . -1.96 -14.12 49.44
O4 FUB KG . -1.39 -14.06 48.11
C3 FUB KG . -1.24 -15.29 50.11
O3 FUB KG . -1.37 -15.30 51.52
C2 FUB KG . 0.17 -15.07 49.60
O2 FUB KG . 0.98 -16.23 49.70
C1 FUB KG . -0.03 -14.53 48.17
O5 FUB LG . 2.66 -14.94 57.05
C5 FUB LG . 1.52 -15.55 56.47
C4 FUB LG . 1.40 -15.19 55.00
O4 FUB LG . 2.47 -15.76 54.22
C3 FUB LG . 1.47 -13.70 54.68
O3 FUB LG . 0.28 -13.00 55.02
C2 FUB LG . 1.78 -13.74 53.18
O2 FUB LG . 2.51 -12.62 52.73
C1 FUB LG . 2.46 -15.09 52.95
O5 FUB LG . -0.33 -10.10 53.83
C5 FUB LG . -0.68 -9.91 52.46
C4 FUB LG . 0.40 -10.42 51.55
O4 FUB LG . 0.60 -11.84 51.73
C3 FUB LG . 1.79 -9.81 51.76
O3 FUB LG . 1.91 -8.51 51.22
C2 FUB LG . 2.68 -10.86 51.11
O2 FUB LG . 4.03 -10.74 51.48
C1 FUB LG . 1.98 -12.17 51.51
O5 FUB LG . 4.09 -5.81 50.18
C5 FUB LG . 5.02 -6.42 51.06
C4 FUB LG . 5.45 -7.78 50.56
O4 FUB LG . 4.32 -8.66 50.42
C3 FUB LG . 6.43 -8.55 51.46
O3 FUB LG . 7.75 -8.05 51.40
C2 FUB LG . 6.25 -9.96 50.92
O2 FUB LG . 6.68 -10.96 51.83
C1 FUB LG . 4.78 -10.02 50.50
O5 FUB MG . 13.79 -10.05 52.38
C5 FUB MG . 12.72 -9.16 52.66
C4 FUB MG . 11.44 -9.63 52.01
O4 FUB MG . 10.96 -10.84 52.60
C3 FUB MG . 11.55 -9.97 50.52
O3 FUB MG . 11.65 -8.82 49.68
C2 FUB MG . 10.28 -10.79 50.32
O2 FUB MG . 10.40 -11.73 49.27
C1 FUB MG . 9.99 -11.41 51.70
O5 FUB MG . 10.71 -8.43 47.46
C5 FUB MG . 9.57 -8.68 46.67
C4 FUB MG . 9.09 -10.10 46.84
O4 FUB MG . 8.83 -10.40 48.23
C3 FUB MG . 10.08 -11.19 46.38
O3 FUB MG . 10.10 -11.35 44.97
C2 FUB MG . 9.54 -12.39 47.15
O2 FUB MG . 10.44 -13.49 47.21
C1 FUB MG . 9.21 -11.76 48.51
O5 FUB MG . 9.81 -14.69 43.25
C5 FUB MG . 9.08 -15.80 43.76
C4 FUB MG . 9.31 -15.96 45.24
O4 FUB MG . 8.94 -14.77 45.97
C3 FUB MG . 10.75 -16.24 45.67
O3 FUB MG . 11.17 -17.58 45.39
C2 FUB MG . 10.68 -15.89 47.14
O2 FUB MG . 11.96 -15.66 47.73
C1 FUB MG . 9.71 -14.71 47.19
O5 FUB NG . 14.02 -22.96 48.52
C5 FUB NG . 14.03 -22.13 47.37
C4 FUB NG . 12.98 -21.05 47.47
O4 FUB NG . 13.24 -20.15 48.58
C3 FUB NG . 11.56 -21.54 47.73
O3 FUB NG . 10.95 -22.13 46.59
C2 FUB NG . 10.88 -20.25 48.21
O2 FUB NG . 9.75 -20.45 49.02
C1 FUB NG . 12.02 -19.44 48.87
O5 FUB NG . 8.01 -21.32 45.64
C5 FUB NG . 7.22 -20.14 45.70
C4 FUB NG . 7.30 -19.52 47.08
O4 FUB NG . 8.66 -19.18 47.42
C3 FUB NG . 6.81 -20.39 48.23
O3 FUB NG . 5.38 -20.44 48.31
C2 FUB NG . 7.47 -19.70 49.41
O2 FUB NG . 7.49 -20.47 50.60
C1 FUB NG . 8.85 -19.35 48.83
C6 GZL NG . 2.68 -20.16 51.05
C5 GZL NG . 3.78 -21.07 51.63
C4 GZL NG . 4.83 -20.23 52.31
C3 GZL NG . 5.97 -21.21 53.02
C2 GZL NG . 7.00 -20.55 53.03
O6 GZL NG . 2.13 -19.39 52.10
O5 GZL NG . 4.36 -21.80 50.60
O4 GZL NG . 5.44 -19.53 51.41
O3 GZL NG . 5.57 -21.51 54.41
C1 GZL NG . 6.93 -19.73 51.67
O2 GZL NG . 8.22 -21.44 53.02
O5 FUB OG . 7.07 -23.89 60.24
C5 FUB OG . 8.25 -23.55 59.53
C4 FUB OG . 7.96 -22.74 58.29
O4 FUB OG . 9.16 -22.52 57.53
C3 FUB OG . 7.36 -21.36 58.49
O3 FUB OG . 5.95 -21.36 58.71
C2 FUB OG . 7.78 -20.64 57.20
O2 FUB OG . 8.11 -19.28 57.41
C1 FUB OG . 8.87 -21.51 56.57
O5 FUB OG . 4.51 -18.22 57.73
C5 FUB OG . 4.58 -17.36 56.60
C4 FUB OG . 6.00 -17.21 56.12
O4 FUB OG . 6.58 -18.50 55.84
C3 FUB OG . 6.97 -16.55 57.11
O3 FUB OG . 6.82 -15.14 57.16
C2 FUB OG . 8.31 -17.04 56.58
O2 FUB OG . 9.37 -16.86 57.48
C1 FUB OG . 7.97 -18.50 56.23
O5 FUB OG . 8.31 -12.58 57.47
C5 FUB OG . 9.53 -12.42 56.77
C4 FUB OG . 10.40 -13.65 56.89
O4 FUB OG . 9.72 -14.82 56.39
C3 FUB OG . 10.84 -14.04 58.30
O3 FUB OG . 11.85 -13.20 58.83
C2 FUB OG . 11.27 -15.48 58.07
O2 FUB OG . 11.25 -16.26 59.26
C1 FUB OG . 10.35 -15.99 56.94
O5 AHR OG . 1.48 -21.89 60.64
C5 AHR OG . 2.17 -20.80 61.24
C4 AHR OG . 3.43 -20.46 60.48
O4 AHR OG . 4.31 -21.60 60.37
C3 AHR OG . 4.30 -19.37 61.10
O3 AHR OG . 3.79 -18.07 60.93
C2 AHR OG . 5.64 -19.63 60.40
O2 AHR OG . 6.74 -19.17 61.16
C1 AHR OG . 5.63 -21.14 60.08
O5 FUB PG . 18.15 -14.05 61.03
C5 FUB PG . 16.94 -13.33 61.07
C4 FUB PG . 16.00 -13.77 59.97
O4 FUB PG . 15.57 -15.13 60.15
C3 FUB PG . 16.59 -13.75 58.55
O3 FUB PG . 16.75 -12.45 58.03
C2 FUB PG . 15.57 -14.63 57.82
O2 FUB PG . 16.07 -15.22 56.65
C1 FUB PG . 15.07 -15.62 58.90
O5 FUB PG . 15.31 -11.74 55.42
C5 FUB PG . 14.29 -12.20 54.56
C4 FUB PG . 14.33 -13.70 54.42
O4 FUB PG . 14.17 -14.34 55.70
C3 FUB PG . 15.63 -14.28 53.85
O3 FUB PG . 15.72 -14.14 52.43
C2 FUB PG . 15.56 -15.71 54.35
O2 FUB PG . 16.80 -16.39 54.28
C1 FUB PG . 15.00 -15.51 55.77
O5 FUB PG . 16.80 -15.97 50.13
C5 FUB PG . 16.60 -17.37 50.04
C4 FUB PG . 16.85 -18.05 51.37
O4 FUB PG . 15.99 -17.49 52.39
C3 FUB PG . 18.25 -17.92 51.94
O3 FUB PG . 19.20 -18.76 51.29
C2 FUB PG . 18.00 -18.29 53.40
O2 FUB PG . 19.04 -17.88 54.26
C1 FUB PG . 16.62 -17.67 53.67
O5 FUB QG . 22.42 -24.89 54.80
C5 FUB QG . 22.68 -23.93 53.80
C4 FUB QG . 21.49 -23.02 53.59
O4 FUB QG . 21.13 -22.34 54.81
C3 FUB QG . 20.19 -23.71 53.16
O3 FUB QG . 20.19 -24.11 51.80
C2 FUB QG . 19.16 -22.65 53.52
O2 FUB QG . 17.89 -23.20 53.80
C1 FUB QG . 19.79 -21.86 54.68
O5 FUB QG . 17.67 -22.75 49.76
C5 FUB QG . 16.60 -21.83 49.94
C4 FUB QG . 16.08 -21.88 51.36
O4 FUB QG . 17.14 -21.59 52.31
C3 FUB QG . 15.51 -23.21 51.82
O3 FUB QG . 14.22 -23.47 51.29
C2 FUB QG . 15.55 -23.03 53.34
O2 FUB QG . 15.43 -24.23 54.06
C1 FUB QG . 16.86 -22.26 53.55
O5 FUB QG . 11.92 -26.18 54.81
C5 FUB QG . 11.97 -25.71 56.14
C4 FUB QG . 13.33 -25.12 56.47
O4 FUB QG . 13.66 -24.07 55.53
C3 FUB QG . 14.51 -26.08 56.41
O3 FUB QG . 14.59 -26.94 57.54
C2 FUB QG . 15.66 -25.09 56.30
O2 FUB QG . 16.88 -25.67 55.86
C1 FUB QG . 15.08 -23.97 55.41
O5 AHR QG . 11.55 -30.12 55.80
C5 AHR QG . 12.45 -30.70 56.74
C4 AHR QG . 13.31 -29.66 57.40
O4 AHR QG . 14.08 -28.92 56.44
C3 AHR QG . 14.36 -30.19 58.38
O3 AHR QG . 13.81 -30.52 59.65
C2 AHR QG . 15.38 -29.05 58.40
O2 AHR QG . 16.72 -29.51 58.50
C1 AHR QG . 15.08 -28.21 57.15
O5 AHR QG . 20.57 -28.33 61.17
C5 AHR QG . 20.30 -29.73 61.25
C4 AHR QG . 19.26 -30.14 60.23
O4 AHR QG . 18.02 -29.43 60.43
C3 AHR QG . 18.85 -31.61 60.26
O3 AHR QG . 19.82 -32.48 59.68
C2 AHR QG . 17.52 -31.56 59.51
O2 AHR QG . 16.65 -32.62 59.87
C1 AHR QG . 16.98 -30.14 59.74
O5 FUB RG . 18.27 -20.75 69.46
C5 FUB RG . 17.06 -20.19 68.98
C4 FUB RG . 16.94 -20.35 67.48
O4 FUB RG . 16.94 -21.74 67.10
C3 FUB RG . 18.06 -19.74 66.65
O3 FUB RG . 18.01 -18.32 66.59
C2 FUB RG . 17.86 -20.45 65.32
O2 FUB RG . 19.01 -20.46 64.52
C1 FUB RG . 17.32 -21.83 65.72
O5 FUB RG . 19.72 -16.36 63.82
C5 FUB RG . 19.23 -16.58 62.50
C4 FUB RG . 19.16 -18.05 62.18
O4 FUB RG . 18.31 -18.75 63.12
C3 FUB RG . 20.48 -18.80 62.24
O3 FUB RG . 21.32 -18.56 61.10
C2 FUB RG . 20.00 -20.24 62.35
O2 FUB RG . 20.98 -21.11 62.88
C1 FUB RG . 18.70 -20.12 63.19
O5 FUB RG . 23.64 -19.65 59.66
C5 FUB RG . 23.43 -20.94 59.09
C4 FUB RG . 22.86 -21.89 60.11
O4 FUB RG . 21.61 -21.41 60.65
C3 FUB RG . 23.73 -22.13 61.36
O3 FUB RG . 24.83 -22.98 61.11
C2 FUB RG . 22.69 -22.72 62.31
O2 FUB RG . 23.05 -22.56 63.67
C1 FUB RG . 21.36 -22.06 61.90
O5 FUB SG . 17.86 -36.28 66.48
C5 FUB SG . 17.73 -36.34 65.07
C4 FUB SG . 17.89 -34.96 64.46
O4 FUB SG . 19.14 -34.36 64.87
C3 FUB SG . 16.81 -33.95 64.86
O3 FUB SG . 15.61 -34.09 64.11
C2 FUB SG . 17.56 -32.63 64.65
O2 FUB SG . 16.92 -31.51 65.25
C1 FUB SG . 18.92 -33.00 65.26
O5 FUB SG . 13.45 -30.93 63.36
C5 FUB SG . 13.95 -29.71 62.82
C4 FUB SG . 15.25 -29.32 63.48
O4 FUB SG . 16.23 -30.38 63.35
C3 FUB SG . 15.19 -29.04 64.99
O3 FUB SG . 14.61 -27.78 65.29
C2 FUB SG . 16.66 -29.17 65.36
O2 FUB SG . 16.86 -29.34 66.75
C1 FUB SG . 17.13 -30.35 64.49
O5 FUB SG . 14.00 -26.80 68.18
C5 FUB SG . 15.04 -25.97 68.68
C4 FUB SG . 16.37 -26.66 68.62
O4 FUB SG . 16.68 -27.08 67.27
C3 FUB SG . 16.52 -27.94 69.45
O3 FUB SG . 16.64 -27.69 70.84
C2 FUB SG . 17.75 -28.56 68.80
O2 FUB SG . 17.93 -29.92 69.10
C1 FUB SG . 17.54 -28.24 67.31
O5 AHR SG . 12.38 -28.22 72.93
C5 AHR SG . 13.45 -28.58 73.80
C4 AHR SG . 14.79 -28.26 73.20
O4 AHR SG . 14.96 -28.91 71.92
C3 AHR SG . 16.00 -28.71 74.01
O3 AHR SG . 16.31 -27.85 75.09
C2 AHR SG . 17.09 -28.80 72.93
O2 AHR SG . 18.02 -29.83 73.18
C1 AHR SG . 16.35 -28.86 71.59
O5 FUB TG . 21.93 -28.66 76.20
C5 FUB TG . 20.65 -28.04 76.15
C4 FUB TG . 20.24 -27.77 74.72
O4 FUB TG . 20.27 -28.99 73.94
C3 FUB TG . 21.13 -26.79 73.95
O3 FUB TG . 20.78 -25.43 74.19
C2 FUB TG . 20.95 -27.26 72.51
O2 FUB TG . 21.91 -26.75 71.62
C1 FUB TG . 21.00 -28.77 72.73
O5 FUB TG . 19.41 -23.42 71.51
C5 FUB TG . 19.10 -23.75 70.16
C4 FUB TG . 20.08 -24.77 69.62
O4 FUB TG . 20.06 -25.97 70.43
C3 FUB TG . 21.54 -24.34 69.60
O3 FUB TG . 21.84 -23.43 68.55
C2 FUB TG . 22.24 -25.70 69.48
O2 FUB TG . 23.60 -25.66 69.85
C1 FUB TG . 21.35 -26.62 70.33
O5 FUB TG . 27.22 -23.87 68.44
C5 FUB TG . 27.47 -25.08 67.74
C4 FUB TG . 26.53 -26.17 68.19
O4 FUB TG . 25.15 -25.74 68.12
C3 FUB TG . 26.69 -26.65 69.64
O3 FUB TG . 27.78 -27.54 69.85
C2 FUB TG . 25.34 -27.31 69.88
O2 FUB TG . 25.01 -27.43 71.25
C1 FUB TG . 24.34 -26.52 69.02
O5 AHR TG . 32.40 -25.22 70.49
C5 AHR TG . 31.18 -24.66 70.95
C4 AHR TG . 30.28 -25.73 71.53
O4 AHR TG . 29.90 -26.70 70.55
C3 AHR TG . 28.96 -25.25 72.14
O3 AHR TG . 29.13 -24.56 73.37
C2 AHR TG . 28.22 -26.57 72.25
O2 AHR TG . 26.85 -26.48 72.54
C1 AHR TG . 28.66 -27.33 70.98
O5 FUB UG . 29.33 -39.63 66.03
C5 FUB UG . 28.20 -39.94 66.84
C4 FUB UG . 27.32 -38.73 67.03
O4 FUB UG . 28.04 -37.66 67.68
C3 FUB UG . 26.07 -38.92 67.89
O3 FUB UG . 25.03 -39.62 67.21
C2 FUB UG . 25.75 -37.48 68.24
O2 FUB UG . 24.78 -37.32 69.26
C1 FUB UG . 27.14 -36.93 68.55
O5 FUB UG . 21.33 -37.95 66.75
C5 FUB UG . 21.14 -36.55 66.79
C4 FUB UG . 21.99 -35.93 67.89
O4 FUB UG . 23.38 -36.25 67.72
C3 FUB UG . 21.65 -36.37 69.32
O3 FUB UG . 20.47 -35.79 69.82
C2 FUB UG . 22.92 -35.95 70.05
O2 FUB UG . 23.11 -36.60 71.28
C1 FUB UG . 24.03 -36.14 69.00
O5 FUB VG . 36.89 -30.82 78.43
C5 FUB VG . 36.17 -30.14 77.42
C4 FUB VG . 34.87 -30.83 77.09
O4 FUB VG . 35.10 -32.19 76.66
C3 FUB VG . 34.02 -30.21 75.99
O3 FUB VG . 33.32 -29.04 76.43
C2 FUB VG . 33.13 -31.38 75.61
O2 FUB VG . 32.42 -31.21 74.38
C1 FUB VG . 34.10 -32.56 75.70
O5 FUB VG . 33.46 -32.56 69.93
C5 FUB VG . 32.62 -31.43 69.91
C4 FUB VG . 32.08 -31.09 71.28
O4 FUB VG . 33.17 -30.89 72.20
C3 FUB VG . 31.18 -32.15 71.92
O3 FUB VG . 30.26 -31.54 72.81
C2 FUB VG . 32.19 -32.96 72.72
O2 FUB VG . 32.89 -33.89 71.93
C1 FUB VG . 33.07 -31.83 73.27
O5 FUB VG . 32.65 -35.89 68.10
C5 FUB VG . 31.96 -36.92 68.81
C4 FUB VG . 32.14 -36.77 70.30
O4 FUB VG . 31.65 -35.50 70.77
C3 FUB VG . 33.59 -36.83 70.81
O3 FUB VG . 34.13 -38.13 70.79
C2 FUB VG . 33.42 -36.22 72.20
O2 FUB VG . 34.62 -35.74 72.75
C1 FUB VG . 32.30 -35.18 72.02
O5 AHR VG . 36.91 -40.39 67.43
C5 AHR VG . 37.56 -40.35 68.69
C4 AHR VG . 36.60 -39.92 69.78
O4 AHR VG . 36.05 -38.62 69.51
C3 AHR VG . 37.21 -39.78 71.19
O3 AHR VG . 37.44 -41.04 71.82
C2 AHR VG . 36.16 -38.91 71.87
O2 AHR VG . 36.66 -38.20 72.98
C1 AHR VG . 35.56 -38.06 70.74
O5 FUB WG . 35.87 -44.30 75.02
C5 FUB WG . 35.99 -43.93 73.65
C4 FUB WG . 35.09 -42.75 73.33
O4 FUB WG . 35.37 -41.64 74.20
C3 FUB WG . 33.59 -42.98 73.49
O3 FUB WG . 33.03 -43.77 72.45
C2 FUB WG . 33.08 -41.54 73.53
O2 FUB WG . 31.81 -41.41 74.14
C1 FUB WG . 34.22 -40.77 74.22
O5 FUB WG . 31.15 -41.95 70.12
C5 FUB WG . 30.49 -40.69 70.09
C4 FUB WG . 30.23 -40.18 71.49
O4 FUB WG . 31.45 -40.09 72.25
C3 FUB WG . 29.30 -41.04 72.36
O3 FUB WG . 27.93 -40.91 72.00
C2 FUB WG . 29.64 -40.49 73.74
O2 FUB WG . 29.21 -41.33 74.80
C1 FUB WG . 31.14 -40.26 73.65
O5 FUB WG . 25.43 -42.06 76.55
C5 FUB WG . 25.79 -41.10 77.53
C4 FUB WG . 27.28 -40.81 77.50
O4 FUB WG . 27.68 -40.28 76.22
C3 FUB WG . 28.20 -42.01 77.70
O3 FUB WG . 28.23 -42.47 79.05
C2 FUB WG . 29.51 -41.44 77.18
O2 FUB WG . 30.47 -42.44 76.89
C1 FUB WG . 29.07 -40.58 76.00
O5 AHR WG . 25.06 -44.64 82.25
C5 AHR WG . 26.02 -45.56 81.74
C4 AHR WG . 27.18 -44.85 81.08
O4 AHR WG . 26.72 -44.03 79.98
C3 AHR WG . 28.26 -45.74 80.46
O3 AHR WG . 29.10 -46.33 81.44
C2 AHR WG . 28.95 -44.75 79.54
O2 AHR WG . 29.70 -45.38 78.52
C1 AHR WG . 27.82 -43.84 79.07
O5 AHR WG . 30.45 -46.83 69.71
C5 AHR WG . 29.99 -46.84 71.05
C4 AHR WG . 30.59 -45.71 71.84
O4 AHR WG . 32.03 -45.81 71.89
C3 AHR WG . 30.17 -45.62 73.31
O3 AHR WG . 28.85 -45.13 73.50
C2 AHR WG . 31.27 -44.71 73.87
O2 AHR WG . 31.47 -44.87 75.26
C1 AHR WG . 32.51 -44.99 72.97
O5 FUB XG . 36.60 -34.11 87.69
C5 FUB XG . 35.21 -34.03 87.38
C4 FUB XG . 34.84 -35.04 86.32
O4 FUB XG . 35.20 -36.38 86.72
C3 FUB XG . 35.51 -34.88 84.95
O3 FUB XG . 34.96 -33.81 84.18
C2 FUB XG . 35.28 -36.27 84.35
O2 FUB XG . 36.27 -36.62 83.41
C1 FUB XG . 35.14 -37.22 85.56
O5 FUB XG . 37.84 -33.28 80.75
C5 FUB XG . 36.75 -33.67 79.95
C4 FUB XG . 36.27 -35.06 80.32
O4 FUB XG . 35.81 -35.11 81.68
C3 FUB XG . 37.31 -36.17 80.24
O3 FUB XG . 37.61 -36.57 78.90
C2 FUB XG . 36.64 -37.26 81.09
O2 FUB XG . 37.57 -38.17 81.64
C1 FUB XG . 35.77 -36.50 82.09
O5 FUB XG . 40.00 -38.87 77.82
C5 FUB XG . 39.19 -40.02 77.74
C4 FUB XG . 38.55 -40.33 79.08
O4 FUB XG . 37.75 -39.23 79.55
C3 FUB XG . 39.53 -40.59 80.23
O3 FUB XG . 40.13 -41.87 80.18
C2 FUB XG . 38.64 -40.34 81.45
O2 FUB XG . 39.36 -39.89 82.57
C1 FUB XG . 37.52 -39.41 80.95
O5 FUB YG . 31.20 -49.93 88.80
C5 FUB YG . 30.33 -50.05 87.69
C4 FUB YG . 30.62 -48.98 86.65
O4 FUB YG . 31.99 -49.09 86.18
C3 FUB YG . 30.46 -47.54 87.13
O3 FUB YG . 29.11 -47.09 87.11
C2 FUB YG . 31.40 -46.81 86.18
O2 FUB YG . 31.70 -45.50 86.60
C1 FUB YG . 32.58 -47.78 86.18
O5 FUB YG . 27.39 -45.21 85.84
C5 FUB YG . 27.76 -44.31 84.81
C4 FUB YG . 29.19 -43.84 84.99
O4 FUB YG . 30.10 -44.95 84.97
C3 FUB YG . 29.50 -43.11 86.29
O3 FUB YG . 29.00 -41.78 86.32
C2 FUB YG . 31.01 -43.22 86.33
O2 FUB YG . 31.56 -43.09 87.63
C1 FUB YG . 31.33 -44.54 85.62
O5 FUB YG . 28.99 -40.46 89.90
C5 FUB YG . 29.97 -39.47 89.65
C4 FUB YG . 31.26 -40.09 89.17
O4 FUB YG . 31.07 -40.84 87.96
C3 FUB YG . 31.92 -41.09 90.13
O3 FUB YG . 32.54 -40.47 91.25
C2 FUB YG . 32.87 -41.80 89.18
O2 FUB YG . 33.29 -43.06 89.66
C1 FUB YG . 32.12 -41.81 87.83
O5 AHR YG . 28.13 -40.50 93.54
C5 AHR YG . 29.21 -40.66 94.45
C4 AHR YG . 30.53 -40.31 93.81
O4 AHR YG . 30.80 -41.17 92.67
C3 AHR YG . 31.76 -40.45 94.70
O3 AHR YG . 31.87 -39.42 95.66
C2 AHR YG . 32.87 -40.49 93.66
O2 AHR YG . 34.05 -41.08 94.14
C1 AHR YG . 32.23 -41.17 92.44
O5 FUB ZG . 38.44 -42.11 96.21
C5 FUB ZG . 37.73 -40.94 95.88
C4 FUB ZG . 37.23 -40.97 94.46
O4 FUB ZG . 36.42 -42.16 94.23
C3 FUB ZG . 38.29 -41.00 93.36
O3 FUB ZG . 38.90 -39.74 93.15
C2 FUB ZG . 37.46 -41.52 92.19
O2 FUB ZG . 38.23 -41.96 91.09
C1 FUB ZG . 36.62 -42.60 92.87
O5 FUB ZG . 36.92 -37.84 90.47
C5 FUB ZG . 36.20 -38.36 89.35
C4 FUB ZG . 36.71 -39.74 88.97
O4 FUB ZG . 36.57 -40.66 90.07
C3 FUB ZG . 38.19 -39.82 88.59
O3 FUB ZG . 38.46 -39.31 87.29
C2 FUB ZG . 38.45 -41.31 88.75
O2 FUB ZG . 39.82 -41.62 88.93
C1 FUB ZG . 37.51 -41.74 89.89
O5 FUB ZG . 43.30 -41.78 86.60
C5 FUB ZG . 43.10 -43.17 86.53
C4 FUB ZG . 42.07 -43.65 87.53
O4 FUB ZG . 40.81 -42.98 87.32
C3 FUB ZG . 42.39 -43.39 89.00
O3 FUB ZG . 43.39 -44.26 89.53
C2 FUB ZG . 41.02 -43.56 89.63
O2 FUB ZG . 40.91 -43.02 90.92
C1 FUB ZG . 40.07 -42.96 88.57
O5 AHR ZG . 48.04 -43.48 88.41
C5 AHR ZG . 47.86 -43.66 89.81
C4 AHR ZG . 46.48 -44.15 90.14
O4 AHR ZG . 45.47 -43.23 89.69
C3 AHR ZG . 46.17 -44.34 91.62
O3 AHR ZG . 46.77 -45.51 92.18
C2 AHR ZG . 44.65 -44.37 91.60
O2 AHR ZG . 44.07 -43.99 92.84
C1 AHR ZG . 44.25 -43.52 90.39
O5 FUB AH . 41.00 -56.57 88.15
C5 FUB AH . 39.86 -56.51 89.01
C4 FUB AH . 39.37 -55.09 89.15
O4 FUB AH . 40.37 -54.25 89.75
C3 FUB AH . 38.12 -54.88 90.00
O3 FUB AH . 36.93 -55.30 89.37
C2 FUB AH . 38.22 -53.37 90.22
O2 FUB AH . 37.36 -52.83 91.22
C1 FUB AH . 39.73 -53.19 90.48
O5 FUB AH . 33.74 -53.23 89.50
C5 FUB AH . 33.73 -51.85 89.19
C4 FUB AH . 34.83 -51.12 89.93
O4 FUB AH . 36.12 -51.69 89.63
C3 FUB AH . 34.73 -51.14 91.46
O3 FUB AH . 33.75 -50.24 91.96
C2 FUB AH . 36.16 -50.79 91.83
O2 FUB AH . 36.50 -51.04 93.18
C1 FUB AH . 36.98 -51.54 90.77
O5 FUB AH . 33.69 -48.76 95.79
C5 FUB AH . 34.73 -47.79 95.80
C4 FUB AH . 36.04 -48.37 95.32
O4 FUB AH . 35.90 -48.93 93.99
C3 FUB AH . 36.61 -49.52 96.15
O3 FUB AH . 37.20 -49.07 97.37
C2 FUB AH . 37.60 -50.13 95.16
O2 FUB AH . 37.90 -51.48 95.43
C1 FUB AH . 36.98 -49.84 93.78
O5 FUB BH . 53.43 -49.20 95.36
C5 FUB BH . 52.72 -47.96 95.46
C4 FUB BH . 51.25 -48.15 95.26
O4 FUB BH . 50.68 -49.04 96.26
C3 FUB BH . 50.81 -48.76 93.93
O3 FUB BH . 50.93 -47.86 92.84
C2 FUB BH . 49.39 -49.18 94.26
O2 FUB BH . 48.86 -50.16 93.38
C1 FUB BH . 49.43 -49.55 95.74
O5 FUB BH . 47.18 -51.34 89.72
C5 FUB BH . 46.64 -50.03 89.57
C4 FUB BH . 46.44 -49.34 90.90
O4 FUB BH . 47.72 -49.16 91.56
C3 FUB BH . 45.55 -50.10 91.90
O3 FUB BH . 44.88 -49.17 92.73
C2 FUB BH . 46.60 -50.84 92.73
O2 FUB BH . 47.09 -51.98 92.07
C1 FUB BH . 47.62 -49.71 92.88
O5 FUB BH . 43.63 -52.95 89.81
C5 FUB BH . 43.49 -54.10 90.64
C4 FUB BH . 44.73 -54.33 91.47
O4 FUB BH . 45.07 -53.15 92.25
C3 FUB BH . 46.01 -54.65 90.70
O3 FUB BH . 46.03 -55.98 90.20
C2 FUB BH . 47.06 -54.36 91.76
O2 FUB BH . 48.36 -54.16 91.22
C1 FUB BH . 46.47 -53.17 92.54
O5 AHR BH . 49.82 -52.46 90.83
C5 AHR BH . 51.00 -51.89 90.29
C4 AHR BH . 51.56 -50.81 91.19
O4 AHR BH . 50.60 -49.73 91.37
C3 AHR BH . 52.84 -50.12 90.71
O3 AHR BH . 53.99 -50.93 90.90
C2 AHR BH . 52.81 -48.85 91.58
O2 AHR BH . 53.67 -47.85 91.09
C1 AHR BH . 51.32 -48.50 91.62
O5 FUB CH . 44.89 -62.15 96.73
C5 FUB CH . 44.79 -61.94 95.32
C4 FUB CH . 44.99 -60.49 94.97
O4 FUB CH . 46.27 -60.00 95.44
C3 FUB CH . 43.96 -59.50 95.55
O3 FUB CH . 42.70 -59.56 94.91
C2 FUB CH . 44.72 -58.20 95.36
O2 FUB CH . 44.19 -57.11 96.11
C1 FUB CH . 46.17 -58.57 95.66
O5 FUB CH . 42.02 -58.58 92.57
C5 FUB CH . 42.00 -57.21 92.17
C4 FUB CH . 42.31 -56.30 93.34
O4 FUB CH . 43.60 -56.62 93.90
C3 FUB CH . 41.35 -56.40 94.53
O3 FUB CH . 40.12 -55.72 94.31
C2 FUB CH . 42.20 -55.81 95.64
O2 FUB CH . 41.80 -56.30 96.91
C1 FUB CH . 43.65 -56.12 95.25
O5 FUB CH . 38.49 -56.47 98.60
C5 FUB CH . 38.92 -55.64 99.67
C4 FUB CH . 40.42 -55.43 99.62
O4 FUB CH . 40.80 -54.82 98.36
C3 FUB CH . 41.28 -56.69 99.74
O3 FUB CH . 41.38 -57.19 101.07
C2 FUB CH . 42.59 -56.19 99.13
O2 FUB CH . 43.50 -57.23 98.83
C1 FUB CH . 42.07 -55.38 97.94
O5 AHR CH . 38.46 -58.80 104.52
C5 AHR CH . 39.46 -59.76 104.20
C4 AHR CH . 40.50 -59.18 103.27
O4 AHR CH . 39.92 -58.72 102.04
C3 AHR CH . 41.61 -60.14 102.83
O3 AHR CH . 42.60 -60.39 103.82
C2 AHR CH . 42.15 -59.42 101.59
O2 AHR CH . 42.71 -60.30 100.64
C1 AHR CH . 40.98 -58.55 101.09
O5 FUB DH . 53.15 -51.74 106.99
C5 FUB DH . 52.53 -50.58 106.46
C4 FUB DH . 51.67 -50.92 105.27
O4 FUB DH . 50.62 -51.83 105.64
C3 FUB DH . 52.38 -51.61 104.10
O3 FUB DH . 53.16 -50.71 103.32
C2 FUB DH . 51.19 -52.21 103.36
O2 FUB DH . 51.55 -53.20 102.43
C1 FUB DH . 50.29 -52.68 104.52
O5 FUB DH . 53.39 -50.84 99.51
C5 FUB DH . 52.26 -51.08 98.68
C4 FUB DH . 51.40 -52.19 99.24
O4 FUB DH . 50.97 -51.89 100.58
C3 FUB DH . 52.05 -53.57 99.34
O3 FUB DH . 52.19 -54.22 98.09
C2 FUB DH . 51.09 -54.26 100.30
O2 FUB DH . 51.60 -55.44 100.88
C1 FUB DH . 50.72 -53.13 101.28
O5 FUB DH . 53.91 -58.81 98.62
C5 FUB DH . 52.61 -59.07 98.15
C4 FUB DH . 51.57 -58.44 99.04
O4 FUB DH . 51.75 -57.01 99.12
C3 FUB DH . 51.56 -58.90 100.50
O3 FUB DH . 50.98 -60.19 100.67
C2 FUB DH . 50.82 -57.75 101.18
O2 FUB DH . 51.22 -57.55 102.52
C1 FUB DH . 50.98 -56.55 100.24
O5 AHR DH . 56.79 -48.50 100.84
C5 AHR DH . 57.12 -49.85 101.14
C4 AHR DH . 55.90 -50.61 101.62
O4 AHR DH . 55.36 -50.03 102.83
C3 AHR DH . 56.14 -52.08 101.99
O3 AHR DH . 56.30 -52.92 100.87
C2 AHR DH . 54.90 -52.37 102.83
O2 AHR DH . 55.06 -53.45 103.71
C1 AHR DH . 54.56 -51.02 103.49
O5 FUB EH . 40.34 -61.53 111.07
C5 FUB EH . 41.52 -62.31 111.05
C4 FUB EH . 42.63 -61.60 110.30
O4 FUB EH . 43.80 -62.43 110.14
C3 FUB EH . 43.18 -60.32 110.93
O3 FUB EH . 42.27 -59.23 110.89
C2 FUB EH . 44.43 -60.14 110.09
O2 FUB EH . 45.37 -59.21 110.61
C1 FUB EH . 44.93 -61.58 109.88
O5 AHR EH . 37.94 -59.24 113.07
C5 AHR EH . 38.70 -58.10 113.46
C4 AHR EH . 39.92 -57.94 112.59
O4 AHR EH . 40.77 -59.10 112.69
C3 AHR EH . 40.85 -56.77 112.94
O3 AHR EH . 40.33 -55.51 112.52
C2 AHR EH . 42.13 -57.20 112.23
O2 AHR EH . 43.29 -56.64 112.81
C1 AHR EH . 42.08 -58.74 112.21
O5 AHR EH . 37.20 -57.89 109.98
C5 AHR EH . 37.06 -58.99 109.08
C4 AHR EH . 37.79 -60.21 109.58
O4 AHR EH . 39.21 -59.94 109.73
C3 AHR EH . 37.73 -61.45 108.67
O3 AHR EH . 36.48 -62.11 108.72
C2 AHR EH . 38.91 -62.26 109.22
O2 AHR EH . 39.42 -63.17 108.28
C1 AHR EH . 39.91 -61.20 109.74
O5 FUB FH . 45.08 -55.81 111.17
C5 FUB FH . 44.50 -54.80 110.35
C4 FUB FH . 44.88 -54.90 108.88
O4 FUB FH . 44.60 -56.21 108.36
C3 FUB FH . 46.37 -54.68 108.57
O3 FUB FH . 46.52 -54.31 107.21
C2 FUB FH . 46.93 -56.08 108.81
O2 FUB FH . 47.33 -56.26 110.16
C1 FUB FH . 45.78 -57.01 108.39
O5 FUB FH . 47.58 -52.40 111.04
C5 FUB FH . 48.99 -52.52 111.19
C4 FUB FH . 49.40 -53.97 111.25
O4 FUB FH . 49.05 -54.67 110.04
C3 FUB FH . 48.77 -54.80 112.38
O3 FUB FH . 49.35 -54.53 113.65
C2 FUB FH . 48.99 -56.21 111.85
O2 FUB FH . 48.22 -57.19 112.51
C1 FUB FH . 48.72 -56.04 110.35
O5 FUB GH . 53.48 -55.39 117.01
C5 FUB GH . 52.16 -55.07 116.63
C4 FUB GH . 51.75 -55.78 115.36
O4 FUB GH . 51.83 -57.21 115.51
C3 FUB GH . 52.61 -55.50 114.13
O3 FUB GH . 52.36 -54.22 113.56
C2 FUB GH . 52.22 -56.67 113.23
O2 FUB GH . 53.18 -57.01 112.25
C1 FUB GH . 51.82 -57.79 114.20
O5 FUB GH . 53.63 -53.17 110.78
C5 FUB GH . 52.91 -53.56 109.63
C4 FUB GH . 52.78 -55.06 109.55
O4 FUB GH . 52.14 -55.58 110.74
C3 FUB GH . 54.09 -55.85 109.45
O3 FUB GH . 54.67 -55.78 108.16
C2 FUB GH . 53.62 -57.23 109.87
O2 FUB GH . 54.67 -58.11 110.23
C1 FUB GH . 52.58 -56.93 110.96
O5 FUB GH . 56.39 -57.04 106.37
C5 FUB GH . 56.09 -58.37 106.01
C4 FUB GH . 55.79 -59.23 107.21
O4 FUB GH . 54.67 -58.70 107.96
C3 FUB GH . 56.91 -59.34 108.25
O3 FUB GH . 57.98 -60.18 107.84
C2 FUB GH . 56.12 -59.85 109.45
O2 FUB GH . 56.78 -59.64 110.69
C1 FUB GH . 54.75 -59.19 109.31
O5 AHR GH . 62.21 -60.82 105.52
C5 AHR GH . 62.39 -60.86 106.93
C4 AHR GH . 61.06 -60.92 107.65
O4 AHR GH . 60.24 -59.77 107.33
C3 AHR GH . 61.12 -60.92 109.18
O3 AHR GH . 61.52 -62.17 109.72
C2 AHR GH . 59.70 -60.51 109.53
O2 AHR GH . 59.59 -59.89 110.79
C1 AHR GH . 59.22 -59.66 108.33
O5 FUB HH . 59.77 -67.54 110.14
C5 FUB HH . 60.14 -66.38 109.41
C4 FUB HH . 58.98 -65.43 109.27
O4 FUB HH . 58.46 -65.05 110.57
C3 FUB HH . 57.76 -65.96 108.51
O3 FUB HH . 57.95 -66.01 107.11
C2 FUB HH . 56.68 -64.99 108.98
O2 FUB HH . 55.37 -65.44 108.75
C1 FUB HH . 57.06 -64.73 110.44
O5 FUB HH . 54.79 -65.45 104.48
C5 FUB HH . 54.12 -64.22 104.66
C4 FUB HH . 53.76 -64.01 106.12
O4 FUB HH . 54.94 -64.00 106.96
C3 FUB HH . 52.86 -65.07 106.74
O3 FUB HH . 51.50 -64.97 106.33
C2 FUB HH . 53.09 -64.79 108.23
O2 FUB HH . 52.74 -65.89 109.05
C1 FUB HH . 54.55 -64.36 108.30
O5 FUB HH . 49.04 -64.57 106.50
C5 FUB HH . 48.49 -64.44 107.81
C4 FUB HH . 49.29 -65.25 108.81
O4 FUB HH . 50.63 -64.76 108.94
C3 FUB HH . 49.46 -66.74 108.47
O3 FUB HH . 48.30 -67.51 108.72
C2 FUB HH . 50.66 -67.10 109.35
O2 FUB HH . 51.42 -68.16 108.82
C1 FUB HH . 51.41 -65.78 109.58
O5 FUB IH . 60.85 -71.99 119.99
C5 FUB IH . 61.24 -70.64 119.76
C4 FUB IH . 60.11 -69.85 119.13
O4 FUB IH . 58.93 -69.86 119.97
C3 FUB IH . 59.63 -70.36 117.77
O3 FUB IH . 60.50 -70.03 116.71
C2 FUB IH . 58.25 -69.71 117.69
O2 FUB IH . 57.41 -70.31 116.74
C1 FUB IH . 57.75 -69.81 119.15
O5 FUB IH . 60.20 -68.44 113.99
C5 FUB IH . 59.09 -67.67 113.57
C4 FUB IH . 57.78 -68.24 114.08
O4 FUB IH . 57.79 -68.36 115.52
C3 FUB IH . 57.42 -69.64 113.58
O3 FUB IH . 56.96 -69.66 112.24
C2 FUB IH . 56.36 -70.04 114.60
O2 FUB IH . 56.18 -71.44 114.70
C1 FUB IH . 56.81 -69.34 115.90
O5 FUB IH . 54.17 -72.20 110.99
C5 FUB IH . 52.99 -72.33 111.76
C4 FUB IH . 53.31 -72.47 113.24
O4 FUB IH . 54.06 -71.34 113.72
C3 FUB IH . 54.16 -73.69 113.63
O3 FUB IH . 53.43 -74.91 113.61
C2 FUB IH . 54.64 -73.27 115.01
O2 FUB IH . 55.79 -73.97 115.44
C1 FUB IH . 54.80 -71.74 114.89
O5 FUB JH . 50.57 -80.08 116.23
C5 FUB JH . 51.06 -79.40 115.07
C4 FUB JH . 51.23 -77.93 115.33
O4 FUB JH . 52.21 -77.68 116.37
C3 FUB JH . 49.99 -77.15 115.77
O3 FUB JH . 49.06 -76.92 114.72
C2 FUB JH . 50.64 -75.89 116.32
O2 FUB JH . 49.78 -75.08 117.10
C1 FUB JH . 51.88 -76.45 117.04
O5 FUB JH . 48.49 -74.89 113.32
C5 FUB JH . 48.74 -73.49 113.28
C4 FUB JH . 49.02 -72.96 114.67
O4 FUB JH . 50.13 -73.66 115.28
C3 FUB JH . 47.88 -73.09 115.70
O3 FUB JH . 46.85 -72.13 115.48
C2 FUB JH . 48.65 -72.93 117.00
O2 FUB JH . 47.93 -73.32 118.14
C1 FUB JH . 49.94 -73.71 116.71
C6 GZL JH . 45.26 -70.64 117.84
C5 GZL JH . 45.45 -70.23 119.31
C4 GZL JH . 46.71 -70.87 119.86
C3 GZL JH . 46.37 -72.37 120.49
C2 GZL JH . 47.48 -72.92 120.54
O6 GZL JH . 44.54 -71.85 117.80
O5 GZL JH . 45.56 -68.84 119.40
O4 GZL JH . 47.55 -71.06 118.92
O3 GZL JH . 45.82 -72.25 121.85
C1 GZL JH . 48.20 -72.41 119.22
O2 GZL JH . 47.33 -74.42 120.52
O5 AHR JH . 43.07 -70.45 125.30
C5 AHR JH . 42.68 -71.79 124.98
C4 AHR JH . 43.67 -72.44 124.04
O4 AHR JH . 43.77 -71.71 122.80
C3 AHR JH . 43.34 -73.86 123.60
O3 AHR JH . 43.62 -74.84 124.59
C2 AHR JH . 44.20 -73.99 122.34
O2 AHR JH . 43.64 -74.88 121.39
C1 AHR JH . 44.43 -72.55 121.85
O5 AHR JH . 44.71 -75.71 112.88
C5 AHR JH . 44.56 -76.54 114.03
C4 AHR JH . 45.87 -76.67 114.77
O4 AHR JH . 46.88 -77.30 113.95
C3 AHR JH . 45.84 -77.53 116.04
O3 AHR JH . 45.20 -76.88 117.13
C2 AHR JH . 47.32 -77.80 116.23
O2 AHR JH . 47.58 -78.97 116.98
C1 AHR JH . 47.92 -77.78 114.81
O5 FUB KH . 46.60 -73.82 128.85
C5 FUB KH . 45.66 -73.38 127.89
C4 FUB KH . 46.32 -73.04 126.58
O4 FUB KH . 47.05 -74.18 126.06
C3 FUB KH . 47.35 -71.91 126.62
O3 FUB KH . 46.75 -70.62 126.70
C2 FUB KH . 48.10 -72.18 125.32
O2 FUB KH . 49.35 -71.53 125.25
C1 FUB KH . 48.13 -73.71 125.24
O5 FUB KH . 48.24 -67.18 124.76
C5 FUB KH . 48.48 -67.45 123.39
C4 FUB KH . 49.27 -68.73 123.21
O4 FUB KH . 48.57 -69.87 123.77
C3 FUB KH . 50.63 -68.77 123.90
O3 FUB KH . 51.63 -67.98 123.25
C2 FUB KH . 50.92 -70.27 123.89
O2 FUB KH . 51.84 -70.66 124.88
C1 FUB KH . 49.53 -70.92 123.97
C6 GZL KH . 54.82 -68.33 124.56
C5 GZL KH . 55.61 -69.41 123.80
C4 GZL KH . 54.91 -70.75 123.94
C3 GZL KH . 54.65 -71.11 125.54
C2 GZL KH . 53.79 -71.99 125.50
O6 GZL KH . 55.60 -67.89 125.64
O5 GZL KH . 55.69 -69.06 122.45
O4 GZL KH . 53.75 -70.70 123.41
O3 GZL KH . 55.88 -71.59 126.20
C1 GZL KH . 52.84 -71.50 124.33
O2 GZL KH . 53.03 -72.06 126.80
O5 AHR KH . 59.31 -68.33 125.53
C5 AHR KH . 59.39 -68.91 126.83
C4 AHR KH . 58.45 -70.08 126.98
O4 AHR KH . 57.08 -69.68 126.74
C3 AHR KH . 58.39 -70.72 128.37
O3 AHR KH . 59.52 -71.56 128.63
C2 AHR KH . 57.06 -71.46 128.30
O2 AHR KH . 56.44 -71.60 129.57
C1 AHR KH . 56.23 -70.72 127.24
O5 FUB LH . 56.56 -85.43 123.72
C5 FUB LH . 57.02 -84.97 122.46
C4 FUB LH . 56.49 -83.58 122.17
O4 FUB LH . 56.89 -82.64 123.19
C3 FUB LH . 54.97 -83.43 122.13
O3 FUB LH . 54.38 -83.95 120.93
C2 FUB LH . 54.81 -81.93 122.31
O2 FUB LH . 53.57 -81.57 122.88
C1 FUB LH . 56.06 -81.48 123.10
O5 FUB LH . 52.20 -82.00 119.12
C5 FUB LH . 51.93 -80.60 119.07
C4 FUB LH . 52.03 -79.97 120.44
O4 FUB LH . 53.33 -80.20 121.03
C3 FUB LH . 51.04 -80.48 121.49
O3 FUB LH . 49.72 -79.98 121.30
C2 FUB LH . 51.72 -80.01 122.77
O2 FUB LH . 51.23 -80.62 123.94
C1 FUB LH . 53.21 -80.26 122.45
C6 GZL LH . 47.15 -81.47 125.12
C5 GZL LH . 47.04 -79.93 125.01
C4 GZL LH . 48.41 -79.34 125.26
C3 GZL LH . 49.19 -80.21 126.45
C2 GZL LH . 50.41 -80.09 126.24
O6 GZL LH . 45.87 -82.01 125.20
O5 GZL LH . 46.60 -79.60 123.73
O4 GZL LH . 49.12 -79.46 124.22
O3 GZL LH . 48.85 -79.67 127.77
C1 GZL LH . 50.54 -79.64 124.72
O2 GZL LH . 51.09 -81.43 126.46
O5 FUB LH . 46.77 -78.96 119.91
C5 FUB LH . 46.22 -77.65 120.07
C4 FUB LH . 45.71 -77.45 121.47
O4 FUB LH . 46.75 -77.67 122.45
C3 FUB LH . 44.56 -78.36 121.92
O3 FUB LH . 43.31 -77.99 121.35
C2 FUB LH . 44.65 -78.20 123.43
O2 FUB LH . 43.90 -79.14 124.15
C1 FUB LH . 46.17 -78.24 123.65
O5 FUB MH . 48.13 -82.90 134.35
C5 FUB MH . 49.31 -83.33 133.68
C4 FUB MH . 49.54 -82.54 132.41
O4 FUB MH . 50.70 -83.01 131.71
C3 FUB MH . 49.78 -81.03 132.59
O3 FUB MH . 48.60 -80.30 132.86
C2 FUB MH . 50.46 -80.69 131.26
O2 FUB MH . 51.35 -79.60 131.36
C1 FUB MH . 51.05 -82.00 130.75
O5 FUB MH . 48.03 -76.74 130.68
C5 FUB MH . 48.62 -76.59 129.40
C4 FUB MH . 50.02 -77.14 129.37
O4 FUB MH . 50.04 -78.53 129.75
C3 FUB MH . 51.02 -76.47 130.30
O3 FUB MH . 51.46 -75.20 129.84
C2 FUB MH . 52.11 -77.54 130.36
O2 FUB MH . 52.90 -77.45 131.54
C1 FUB MH . 51.38 -78.87 130.15
C6 GZL MH . 53.50 -73.77 131.86
C5 GZL MH . 55.02 -73.97 132.00
C4 GZL MH . 55.38 -75.39 131.62
C3 GZL MH . 55.32 -76.38 132.96
C2 GZL MH . 55.15 -77.51 132.52
O6 GZL MH . 52.91 -74.03 133.11
O5 GZL MH . 55.68 -73.08 131.13
O4 GZL MH . 54.53 -75.86 130.79
O3 GZL MH . 56.60 -76.30 133.71
C1 GZL MH . 54.27 -77.29 131.21
O2 GZL MH . 54.37 -78.36 133.49
O5 AHR MH . 54.20 -73.21 136.59
C5 AHR MH . 55.26 -73.85 137.29
C4 AHR MH . 56.17 -74.60 136.36
O4 AHR MH . 55.43 -75.60 135.62
C3 AHR MH . 57.31 -75.38 137.02
O3 AHR MH . 58.39 -74.56 137.44
C2 AHR MH . 57.66 -76.38 135.90
O2 AHR MH . 58.22 -77.57 136.41
C1 AHR MH . 56.38 -76.55 135.09
O5 AHR MH . 45.40 -76.92 134.16
C5 AHR MH . 46.67 -76.67 134.75
C4 AHR MH . 47.73 -77.57 134.16
O4 AHR MH . 47.41 -78.97 134.36
C3 AHR MH . 49.14 -77.43 134.74
O3 AHR MH . 49.81 -76.25 134.30
C2 AHR MH . 49.78 -78.74 134.30
O2 AHR MH . 50.84 -79.15 135.14
C1 AHR MH . 48.61 -79.73 134.15
O5 FUB NH . 62.61 -79.99 134.91
C5 FUB NH . 61.91 -78.85 135.38
C4 FUB NH . 60.59 -78.70 134.66
O4 FUB NH . 59.78 -79.90 134.81
C3 FUB NH . 60.67 -78.47 133.15
O3 FUB NH . 61.03 -77.14 132.80
C2 FUB NH . 59.26 -78.88 132.71
O2 FUB NH . 59.23 -79.37 131.39
C1 FUB NH . 58.77 -79.86 133.79
O5 FUB NH . 60.16 -75.09 131.80
C5 FUB NH . 59.14 -74.90 130.81
C4 FUB NH . 58.78 -76.21 130.15
O4 FUB NH . 58.37 -77.20 131.12
C3 FUB NH . 59.90 -76.90 129.37
O3 FUB NH . 60.19 -76.27 128.13
C2 FUB NH . 59.32 -78.31 129.24
O2 FUB NH . 60.29 -79.30 128.97
C1 FUB NH . 58.51 -78.50 130.53
O5 FUB NH . 62.65 -79.33 125.24
C5 FUB NH . 61.58 -80.11 124.74
C4 FUB NH . 60.74 -80.68 125.86
O4 FUB NH . 60.18 -79.62 126.67
C3 FUB NH . 61.46 -81.56 126.88
O3 FUB NH . 61.76 -82.86 126.37
C2 FUB NH . 60.48 -81.54 128.04
O2 FUB NH . 61.07 -81.87 129.28
C1 FUB NH . 59.82 -80.16 127.95
O5 AHR NH . 65.95 -84.51 124.23
C5 AHR NH . 65.86 -84.28 125.62
C4 AHR NH . 64.57 -84.85 126.19
O4 AHR NH . 63.44 -84.25 125.54
C3 AHR NH . 64.35 -84.52 127.66
O3 AHR NH . 63.33 -85.36 128.18
C2 AHR NH . 63.86 -83.09 127.56
O2 AHR NH . 64.89 -82.14 127.74
C1 AHR NH . 63.16 -83.01 126.19
O5 FUB OH . 53.14 -93.63 132.97
C5 FUB OH . 52.43 -92.76 132.11
C4 FUB OH . 53.11 -91.40 132.03
O4 FUB OH . 54.47 -91.54 131.59
C3 FUB OH . 53.19 -90.60 133.33
O3 FUB OH . 51.96 -90.02 133.70
C2 FUB OH . 54.28 -89.60 132.95
O2 FUB OH . 54.82 -88.87 134.04
C1 FUB OH . 55.27 -90.47 132.17
O5 FUB OH . 50.99 -87.31 134.77
C5 FUB OH . 51.44 -86.10 134.19
C4 FUB OH . 52.94 -86.06 134.08
O4 FUB OH . 53.43 -87.18 133.29
C3 FUB OH . 53.71 -86.16 135.39
O3 FUB OH . 53.71 -84.95 136.13
C2 FUB OH . 55.09 -86.58 134.88
O2 FUB OH . 55.95 -87.10 135.87
C1 FUB OH . 54.77 -87.49 133.69
C6 GZL OH . 55.27 -84.36 138.99
C5 GZL OH . 56.71 -83.85 138.78
C4 GZL OH . 57.33 -84.54 137.58
C3 GZL OH . 58.02 -85.97 138.10
C2 GZL OH . 58.08 -86.72 137.13
O6 GZL OH . 55.24 -85.12 140.17
O5 GZL OH . 56.75 -82.43 138.69
O4 GZL OH . 56.44 -84.89 136.74
O3 GZL OH . 59.36 -85.70 138.65
C1 GZL OH . 56.99 -86.15 136.09
O2 GZL OH . 57.74 -88.13 137.52
O5 FUB OH . 52.85 -80.88 138.64
C5 FUB OH . 53.09 -80.51 137.29
C4 FUB OH . 54.54 -80.59 136.95
O4 FUB OH . 55.06 -81.93 137.13
C3 FUB OH . 55.49 -79.73 137.79
O3 FUB OH . 55.41 -78.34 137.48
C2 FUB OH . 56.83 -80.38 137.46
O2 FUB OH . 57.86 -80.02 138.37
C1 FUB OH . 56.47 -81.86 137.41
O5 FUB PH . 63.77 -89.12 141.86
C5 FUB PH . 62.99 -87.97 142.13
C4 FUB PH . 62.28 -87.49 140.88
O4 FUB PH . 61.43 -88.52 140.33
C3 FUB PH . 63.19 -87.07 139.72
O3 FUB PH . 63.77 -85.78 139.90
C2 FUB PH . 62.21 -87.15 138.55
O2 FUB PH . 62.83 -87.12 137.28
C1 FUB PH . 61.44 -88.43 138.89
O5 FUB PH . 61.83 -81.76 136.58
C5 FUB PH . 61.49 -82.96 137.25
C4 FUB PH . 61.59 -84.15 136.32
O4 FUB PH . 61.30 -85.38 137.01
C3 FUB PH . 62.96 -84.40 135.68
O3 FUB PH . 63.25 -83.48 134.63
C2 FUB PH . 62.81 -85.84 135.23
O2 FUB PH . 64.04 -86.48 134.94
C1 FUB PH . 61.98 -86.47 136.35
O5 FUB PH . 66.93 -84.14 132.55
C5 FUB PH . 66.33 -84.80 131.44
C4 FUB PH . 65.53 -86.00 131.88
O4 FUB PH . 64.50 -85.62 132.82
C3 FUB PH . 66.31 -87.10 132.61
O3 FUB PH . 67.11 -87.89 131.74
C2 FUB PH . 65.17 -87.85 133.30
O2 FUB PH . 65.60 -88.59 134.42
C1 FUB PH . 64.10 -86.78 133.55
O5 FUB QH . 70.00 -93.83 130.42
C5 FUB QH . 70.22 -92.44 130.61
C4 FUB QH . 68.98 -91.77 131.15
O4 FUB QH . 68.58 -92.33 132.43
C3 FUB QH . 67.72 -91.87 130.29
O3 FUB QH . 67.74 -91.01 129.16
C2 FUB QH . 66.64 -91.51 131.32
O2 FUB QH . 65.37 -92.06 131.02
C1 FUB QH . 67.23 -91.91 132.68
O5 FUB QH . 65.10 -88.80 128.19
C5 FUB QH . 64.07 -88.29 129.04
C4 FUB QH . 63.63 -89.33 130.06
O4 FUB QH . 64.75 -89.83 130.81
C3 FUB QH . 62.96 -90.58 129.50
O3 FUB QH . 61.64 -90.35 129.03
C2 FUB QH . 63.04 -91.49 130.72
O2 FUB QH . 62.88 -92.87 130.44
C1 FUB QH . 64.38 -91.11 131.38
O5 FUB QH . 59.24 -92.50 128.71
C5 FUB QH . 58.65 -93.12 129.84
C4 FUB QH . 59.70 -93.76 130.72
O4 FUB QH . 60.66 -92.77 131.17
C3 FUB QH . 60.56 -94.85 130.07
O3 FUB QH . 59.87 -96.08 129.91
C2 FUB QH . 61.73 -94.90 131.04
O2 FUB QH . 62.86 -95.59 130.54
C1 FUB QH . 61.94 -93.42 131.36
O5 AHR QH . 57.45 -99.96 128.18
C5 AHR QH . 58.67 -99.75 127.47
C4 AHR QH . 59.55 -98.75 128.18
O4 AHR QH . 58.88 -97.46 128.30
C3 AHR QH . 60.87 -98.41 127.49
O3 AHR QH . 61.85 -99.42 127.63
C2 AHR QH . 61.23 -97.08 128.17
O2 AHR QH . 62.10 -96.28 127.39
C1 AHR QH . 59.88 -96.45 128.54
O5 AHR QH . 71.51 -90.43 126.42
C5 AHR QH . 70.30 -90.40 125.66
C4 AHR QH . 69.09 -90.45 126.56
O4 AHR QH . 69.09 -91.64 127.38
C3 AHR QH . 67.73 -90.47 125.86
O3 AHR QH . 67.31 -89.19 125.40
C2 AHR QH . 66.84 -91.09 126.94
O2 AHR QH . 65.83 -91.92 126.40
C1 AHR QH . 67.79 -91.75 127.95
O5 FUB RH . 60.78 -101.86 134.98
C5 FUB RH . 60.16 -101.64 133.74
C4 FUB RH . 60.12 -100.17 133.39
O4 FUB RH . 61.46 -99.61 133.33
C3 FUB RH . 59.39 -99.26 134.38
O3 FUB RH . 57.98 -99.38 134.31
C2 FUB RH . 59.95 -97.90 133.99
O2 FUB RH . 59.93 -96.98 135.07
C1 FUB RH . 61.33 -98.18 133.40
O5 FUB RH . 56.02 -96.48 133.03
C5 FUB RH . 56.48 -95.16 132.80
C4 FUB RH . 57.66 -94.82 133.69
O4 FUB RH . 58.75 -95.73 133.48
C3 FUB RH . 57.40 -94.88 135.19
O3 FUB RH . 56.64 -93.77 135.66
C2 FUB RH . 58.83 -94.94 135.72
O2 FUB RH . 58.92 -95.49 137.02
C1 FUB RH . 59.62 -95.67 134.62
O5 FUB RH . 56.52 -93.09 139.73
C5 FUB RH . 57.75 -92.48 140.11
C4 FUB RH . 58.93 -93.30 139.63
O4 FUB RH . 58.89 -93.49 138.20
C3 FUB RH . 59.02 -94.73 140.19
O3 FUB RH . 59.47 -94.75 141.54
C2 FUB RH . 59.98 -95.37 139.19
O2 FUB RH . 59.89 -96.77 139.15
C1 FUB RH . 59.67 -94.65 137.87
O5 AHR RH . 55.96 -94.98 144.97
C5 AHR RH . 56.98 -95.94 145.21
C4 AHR RH . 58.18 -95.67 144.33
O4 AHR RH . 57.85 -95.74 142.93
C3 AHR RH . 59.34 -96.67 144.48
O3 AHR RH . 60.09 -96.48 145.67
C2 AHR RH . 60.12 -96.41 143.19
O2 AHR RH . 60.91 -97.51 142.78
C1 AHR RH . 59.06 -95.96 142.18
O5 FUB SH . 75.44 -95.87 139.71
C5 FUB SH . 74.80 -94.60 139.81
C4 FUB SH . 73.32 -94.70 139.53
O4 FUB SH . 72.66 -95.58 140.47
C3 FUB SH . 72.93 -95.26 138.15
O3 FUB SH . 73.15 -94.35 137.09
C2 FUB SH . 71.47 -95.61 138.40
O2 FUB SH . 70.94 -96.52 137.46
C1 FUB SH . 71.44 -96.07 139.87
O5 FUB SH . 72.21 -95.07 133.56
C5 FUB SH . 70.94 -94.46 133.50
C4 FUB SH . 70.00 -95.07 134.52
O4 FUB SH . 70.51 -94.89 135.85
C3 FUB SH . 69.78 -96.58 134.40
O3 FUB SH . 68.90 -96.93 133.33
C2 FUB SH . 69.23 -96.90 135.78
O2 FUB SH . 69.41 -98.25 136.14
C1 FUB SH . 69.91 -95.89 136.71
O5 FUB SH . 69.15 -100.02 132.21
C5 FUB SH . 67.86 -100.44 132.61
C4 FUB SH . 67.69 -100.35 134.10
O4 FUB SH . 67.82 -98.99 134.58
C3 FUB SH . 68.69 -101.14 134.93
O3 FUB SH . 68.47 -102.54 134.91
C2 FUB SH . 68.49 -100.48 136.30
O2 FUB SH . 69.59 -100.70 137.18
C1 FUB SH . 68.20 -99.02 135.96
O5 FUB TH . 68.69 -108.76 136.44
C5 FUB TH . 69.26 -107.82 135.54
C4 FUB TH . 69.02 -106.41 136.01
O4 FUB TH . 69.61 -106.17 137.30
C3 FUB TH . 67.56 -105.99 136.18
O3 FUB TH . 66.90 -105.76 134.93
C2 FUB TH . 67.71 -104.75 137.05
O2 FUB TH . 66.55 -104.45 137.80
C1 FUB TH . 68.99 -105.00 137.87
O5 FUB TH . 64.63 -103.88 133.78
C5 FUB TH . 64.67 -102.51 134.14
C4 FUB TH . 64.91 -102.34 135.62
O4 FUB TH . 66.14 -102.96 136.04
C3 FUB TH . 63.86 -102.94 136.55
O3 FUB TH . 62.65 -102.20 136.59
C2 FUB TH . 64.63 -102.97 137.87
O2 FUB TH . 64.14 -103.92 138.79
C1 FUB TH . 66.10 -103.15 137.46
O5 FUB TH . 59.99 -104.71 138.14
C5 FUB TH . 59.72 -103.84 139.24
C4 FUB TH . 60.99 -103.59 140.03
O4 FUB TH . 62.02 -103.01 139.18
C3 FUB TH . 61.66 -104.80 140.65
O3 FUB TH . 60.97 -105.29 141.81
C2 FUB TH . 63.06 -104.27 140.92
O2 FUB TH . 64.02 -105.29 141.09
C1 FUB TH . 63.30 -103.30 139.76
O5 FUB UH . 62.56 -105.05 148.67
C5 FUB UH . 62.01 -105.11 147.36
C4 FUB UH . 62.96 -104.52 146.34
O4 FUB UH . 64.24 -105.18 146.36
C3 FUB UH . 63.31 -103.03 146.53
O3 FUB UH . 62.25 -102.16 146.15
C2 FUB UH . 64.57 -102.93 145.67
O2 FUB UH . 65.39 -101.83 145.99
C1 FUB UH . 65.23 -104.32 145.79
O5 FUB UH . 62.11 -99.76 146.34
C5 FUB UH . 62.48 -98.92 145.25
C4 FUB UH . 63.91 -99.16 144.85
O4 FUB UH . 64.13 -100.56 144.52
C3 FUB UH . 64.97 -98.84 145.89
O3 FUB UH . 65.21 -97.44 146.03
C2 FUB UH . 66.15 -99.64 145.37
O2 FUB UH . 67.20 -99.80 146.30
C1 FUB UH . 65.47 -100.93 144.90
O5 FUB UH . 67.20 -96.30 146.12
C5 FUB UH . 68.09 -96.10 145.03
C4 FUB UH . 69.01 -97.28 144.79
O4 FUB UH . 68.24 -98.49 144.63
C3 FUB UH . 70.00 -97.57 145.93
O3 FUB UH . 71.13 -98.24 145.39
C2 FUB UH . 69.20 -98.51 146.80
O2 FUB UH . 68.36 -97.84 147.71
C1 FUB UH . 68.44 -99.35 145.77
O5 FUB VH . 77.09 -98.39 149.05
C5 FUB VH . 75.87 -97.67 149.15
C4 FUB VH . 74.76 -98.35 148.36
O4 FUB VH . 74.50 -99.68 148.87
C3 FUB VH . 75.05 -98.57 146.88
O3 FUB VH . 74.94 -97.38 146.10
C2 FUB VH . 74.00 -99.63 146.54
O2 FUB VH . 74.36 -100.43 145.43
C1 FUB VH . 73.77 -100.39 147.86
O5 FUB VH . 75.71 -96.86 143.47
C5 FUB VH . 74.57 -97.00 142.62
C4 FUB VH . 73.97 -98.39 142.74
O4 FUB VH . 73.57 -98.67 144.10
C3 FUB VH . 74.89 -99.55 142.37
O3 FUB VH . 75.07 -99.68 140.96
C2 FUB VH . 74.16 -100.70 143.02
O2 FUB VH . 74.97 -101.85 143.21
C1 FUB VH . 73.56 -100.10 144.29
O5 FUB VH . 74.70 -101.09 138.85
C5 FUB VH . 74.09 -102.37 138.81
C4 FUB VH . 74.33 -103.14 140.07
O4 FUB VH . 73.83 -102.44 141.23
C3 FUB VH . 75.80 -103.42 140.42
O3 FUB VH . 76.38 -104.44 139.62
C2 FUB VH . 75.69 -103.76 141.90
O2 FUB VH . 76.91 -103.59 142.60
C1 FUB VH . 74.50 -102.94 142.41
O5 FUB WH . 77.47 -110.72 142.23
C5 FUB WH . 77.81 -109.61 141.42
C4 FUB WH . 76.77 -108.53 141.51
O4 FUB WH . 76.61 -108.06 142.86
C3 FUB WH . 75.35 -108.94 141.09
O3 FUB WH . 75.18 -109.00 139.67
C2 FUB WH . 74.51 -107.87 141.78
O2 FUB WH . 73.25 -108.36 142.18
C1 FUB WH . 75.38 -107.33 142.93
O5 FUB WH . 72.34 -109.94 138.37
C5 FUB WH . 71.39 -108.88 138.24
C4 FUB WH . 71.13 -108.22 139.58
O4 FUB WH . 72.34 -107.69 140.15
C3 FUB WH . 70.56 -109.13 140.68
O3 FUB WH . 69.18 -109.43 140.50
C2 FUB WH . 70.88 -108.31 141.92
O2 FUB WH . 70.86 -109.06 143.11
C1 FUB WH . 72.20 -107.62 141.57
O5 FUB WH . 66.44 -109.08 143.74
C5 FUB WH . 66.74 -108.04 144.67
C4 FUB WH . 68.21 -108.02 145.03
O4 FUB WH . 69.03 -107.82 143.87
C3 FUB WH . 68.76 -109.31 145.66
O3 FUB WH . 68.36 -109.48 147.02
C2 FUB WH . 70.26 -109.10 145.46
O2 FUB WH . 70.99 -110.31 145.48
C1 FUB WH . 70.37 -108.26 144.18
O5 FUB XH . 68.02 -113.78 152.23
C5 FUB XH . 67.45 -113.63 150.93
C4 FUB XH . 68.16 -112.55 150.15
O4 FUB XH . 69.56 -112.84 150.01
C3 FUB XH . 68.12 -111.15 150.75
O3 FUB XH . 66.86 -110.51 150.62
C2 FUB XH . 69.26 -110.48 149.98
O2 FUB XH . 69.77 -109.33 150.62
C1 FUB XH . 70.25 -111.61 149.71
O5 FUB XH . 65.72 -108.52 150.27
C5 FUB XH . 66.04 -107.45 149.39
C4 FUB XH . 67.52 -107.14 149.45
O4 FUB XH . 68.31 -108.30 149.12
C3 FUB XH . 68.07 -106.68 150.80
O3 FUB XH . 67.72 -105.33 151.11
C2 FUB XH . 69.56 -106.91 150.59
O2 FUB XH . 70.32 -106.91 151.79
C1 FUB XH . 69.59 -108.20 149.77
O5 FUB XH . 70.53 -102.36 152.16
C5 FUB XH . 71.79 -102.56 151.56
C4 FUB XH . 72.24 -104.00 151.68
O4 FUB XH . 71.28 -104.90 151.07
C3 FUB XH . 72.40 -104.54 153.10
O3 FUB XH . 73.57 -104.08 153.75
C2 FUB XH . 72.34 -106.04 152.86
O2 FUB XH . 71.88 -106.77 153.97
C1 FUB XH . 71.55 -106.21 151.55
O5 FUB YH . 78.63 -106.56 156.42
C5 FUB YH . 77.55 -105.64 156.53
C4 FUB YH . 76.82 -105.50 155.21
O4 FUB YH . 76.35 -106.78 154.76
C3 FUB YH . 77.65 -104.97 154.04
O3 FUB YH . 77.88 -103.57 154.12
C2 FUB YH . 76.80 -105.41 152.86
O2 FUB YH . 77.54 -105.52 151.66
C1 FUB YH . 76.14 -106.72 153.33
O5 FUB YH . 77.86 -101.16 151.81
C5 FUB YH . 77.00 -101.19 150.67
C4 FUB YH . 76.94 -102.57 150.07
O4 FUB YH . 76.48 -103.54 151.03
C3 FUB YH . 78.27 -103.16 149.57
O3 FUB YH . 78.71 -102.57 148.35
C2 FUB YH . 77.92 -104.63 149.49
O2 FUB YH . 79.04 -105.48 149.54
C1 FUB YH . 76.89 -104.85 150.61
O5 FUB YH . 81.45 -105.58 145.81
C5 FUB YH . 80.62 -106.69 145.48
C4 FUB YH . 79.91 -107.22 146.71
O4 FUB YH . 79.11 -106.20 147.33
C3 FUB YH . 80.81 -107.73 147.84
O3 FUB YH . 81.38 -109.01 147.57
C2 FUB YH . 79.83 -107.72 149.01
O2 FUB YH . 80.47 -107.62 150.27
C1 FUB YH . 78.84 -106.59 148.68
O5 FUB ZH . 84.90 -114.58 148.78
C5 FUB ZH . 85.06 -113.24 148.32
C4 FUB ZH . 83.76 -112.48 148.42
O4 FUB ZH . 83.29 -112.44 149.79
C3 FUB ZH . 82.58 -113.04 147.64
O3 FUB ZH . 82.65 -112.78 146.24
C2 FUB ZH . 81.41 -112.36 148.33
O2 FUB ZH . 80.22 -113.11 148.26
C1 FUB ZH . 81.90 -112.07 149.76
O5 FUB ZH . 80.27 -110.95 144.74
C5 FUB ZH . 79.05 -110.33 145.12
C4 FUB ZH . 78.45 -111.03 146.32
O4 FUB ZH . 79.40 -111.10 147.40
C3 FUB ZH . 78.00 -112.47 146.11
O3 FUB ZH . 76.79 -112.58 145.38
C2 FUB ZH . 77.92 -112.96 147.55
O2 FUB ZH . 77.94 -114.38 147.65
C1 FUB ZH . 79.09 -112.23 148.23
O5 FUB ZH . 74.07 -114.52 146.51
C5 FUB ZH . 73.72 -114.98 147.80
C4 FUB ZH . 74.95 -115.40 148.58
O4 FUB ZH . 75.87 -114.29 148.73
C3 FUB ZH . 75.80 -116.52 147.97
O3 FUB ZH . 75.18 -117.79 148.03
C2 FUB ZH . 77.10 -116.33 148.74
O2 FUB ZH . 78.19 -117.01 148.16
C1 FUB ZH . 77.22 -114.81 148.80
O5 AHR ZH . 71.84 -120.20 150.96
C5 AHR ZH . 72.63 -120.78 149.93
C4 AHR ZH . 74.05 -120.28 149.96
O4 AHR ZH . 74.11 -118.85 149.80
C3 AHR ZH . 74.99 -120.83 148.89
O3 AHR ZH . 75.39 -122.17 149.13
C2 AHR ZH . 76.12 -119.80 148.95
O2 AHR ZH . 76.94 -119.81 147.80
C1 AHR ZH . 75.39 -118.49 149.25
O5 AHR ZH . 83.57 -115.27 142.04
C5 AHR ZH . 82.93 -115.89 143.14
C4 AHR ZH . 81.82 -115.02 143.69
O4 AHR ZH . 82.39 -113.76 144.14
C3 AHR ZH . 81.17 -115.58 144.95
O3 AHR ZH . 79.94 -114.90 145.18
C2 AHR ZH . 82.20 -115.20 146.01
O2 AHR ZH . 83.09 -116.27 146.29
C1 AHR ZH . 82.91 -113.95 145.46
O5 FUB AI . 75.92 -120.97 156.70
C5 FUB AI . 75.23 -121.07 155.45
C4 FUB AI . 75.31 -119.77 154.67
O4 FUB AI . 76.68 -119.36 154.48
C3 FUB AI . 74.64 -118.56 155.33
O3 FUB AI . 73.22 -118.60 155.24
C2 FUB AI . 75.29 -117.43 154.54
O2 FUB AI . 75.16 -116.15 155.11
C1 FUB AI . 76.73 -117.93 154.34
O5 FUB AI . 72.63 -116.93 152.44
C5 FUB AI . 73.05 -115.85 151.61
C4 FUB AI . 73.98 -114.92 152.36
O4 FUB AI . 75.14 -115.62 152.84
C3 FUB AI . 73.37 -114.24 153.59
O3 FUB AI . 72.52 -113.16 153.23
C2 FUB AI . 74.63 -113.87 154.36
O2 FUB AI . 74.44 -113.47 155.70
C1 FUB AI . 75.49 -115.12 154.15
C6 GZL AI . 69.81 -111.05 156.71
C5 GZL AI . 71.26 -110.88 157.19
C4 GZL AI . 72.00 -112.20 157.09
C3 GZL AI . 73.45 -112.17 157.91
C2 GZL AI . 74.14 -111.46 157.19
O6 GZL AI . 69.20 -109.79 156.69
O5 GZL AI . 71.92 -109.88 156.39
O4 GZL AI . 72.32 -112.38 155.87
O3 GZL AI . 73.34 -111.63 159.29
C1 GZL AI . 73.83 -112.18 155.80
O2 GZL AI . 75.61 -111.59 157.49
O5 AHR AI . 73.58 -110.56 164.48
C5 AHR AI . 73.23 -111.68 163.69
C4 AHR AI . 73.74 -111.51 162.28
O4 AHR AI . 73.28 -112.56 161.41
C3 AHR AI . 75.26 -111.53 162.11
O3 AHR AI . 75.90 -110.33 162.55
C2 AHR AI . 75.38 -111.78 160.61
O2 AHR AI . 76.56 -112.46 160.24
C1 AHR AI . 74.05 -112.46 160.20
O5 FUB BI . 89.80 -114.33 157.82
C5 FUB BI . 89.74 -113.05 157.21
C4 FUB BI . 88.34 -112.74 156.75
O4 FUB BI . 87.41 -112.76 157.85
C3 FUB BI . 87.74 -113.72 155.73
O3 FUB BI . 88.27 -113.54 154.42
C2 FUB BI . 86.25 -113.41 155.87
O2 FUB BI . 85.42 -114.50 155.51
C1 FUB BI . 86.08 -112.88 157.30
O5 FUB BI . 87.51 -112.25 152.54
C5 FUB BI . 86.26 -112.15 151.86
C4 FUB BI . 85.26 -113.13 152.41
O4 FUB BI . 85.03 -112.92 153.81
C3 FUB BI . 85.62 -114.61 152.30
O3 FUB BI . 85.50 -115.09 150.97
C2 FUB BI . 84.67 -115.21 153.31
O2 FUB BI . 84.99 -116.52 153.75
C1 FUB BI . 84.58 -114.14 154.42
C6 GZL BI . 86.54 -121.26 152.30
C5 GZL BI . 85.05 -120.94 152.49
C4 GZL BI . 84.85 -119.47 152.66
C3 GZL BI . 83.74 -119.03 153.78
C2 GZL BI . 83.35 -118.27 152.92
O6 GZL BI . 87.13 -120.20 151.59
O5 GZL BI . 84.37 -120.90 151.25
O4 GZL BI . 85.78 -118.63 152.85
O3 GZL BI . 82.80 -120.12 154.12
C1 GZL BI . 84.77 -117.50 152.73
O2 GZL BI . 82.29 -117.35 153.46
O5 FUB CI . 84.70 -125.03 161.78
C5 FUB CI . 84.90 -125.08 160.37
C4 FUB CI . 84.47 -123.79 159.71
O4 FUB CI . 85.21 -122.67 160.24
C3 FUB CI . 83.00 -123.40 159.90
O3 FUB CI . 82.11 -124.16 159.10
C2 FUB CI . 83.05 -121.92 159.56
O2 FUB CI . 81.97 -121.19 160.11
C1 FUB CI . 84.44 -121.47 160.01
O5 FUB CI . 79.02 -123.14 157.41
C5 FUB CI . 79.08 -121.92 156.70
C4 FUB CI . 79.70 -120.83 157.55
O4 FUB CI . 81.03 -121.19 157.98
C3 FUB CI . 78.96 -120.51 158.86
O3 FUB CI . 77.77 -119.75 158.65
C2 FUB CI . 80.07 -119.78 159.63
O2 FUB CI . 79.87 -119.84 161.03
C1 FUB CI . 81.38 -120.37 159.10
C6 GZL CI . 76.77 -115.85 161.03
C5 GZL CI . 77.04 -117.03 161.98
C4 GZL CI . 78.53 -117.15 162.23
C3 GZL CI . 78.82 -118.28 163.41
C2 GZL CI . 79.98 -118.68 163.20
O6 GZL CI . 77.81 -114.92 161.15
O5 GZL CI . 76.58 -118.21 161.40
O4 GZL CI . 79.11 -117.55 161.17
O3 GZL CI . 78.73 -117.66 164.75
C1 GZL CI . 80.15 -118.57 161.62
O2 GZL CI . 80.15 -120.11 163.65
O5 AHR CI . 74.08 -119.29 164.73
C5 AHR CI . 74.60 -119.20 166.05
C4 AHR CI . 75.89 -118.43 166.09
O4 AHR CI . 76.90 -119.05 165.26
C3 AHR CI . 76.56 -118.29 167.45
O3 AHR CI . 75.91 -117.36 168.31
C2 AHR CI . 77.98 -117.90 167.05
O2 AHR CI . 78.93 -118.20 168.05
C1 AHR CI . 78.20 -118.58 165.69
O5 FUB DI . 83.40 -116.86 170.93
C5 FUB DI . 81.98 -116.95 170.88
C4 FUB DI . 81.46 -116.75 169.48
O4 FUB DI . 82.02 -117.74 168.57
C3 FUB DI . 81.80 -115.41 168.83
O3 FUB DI . 81.01 -114.33 169.31
C2 FUB DI . 81.60 -115.73 167.35
O2 FUB DI . 82.38 -114.89 166.52
C1 FUB DI . 81.91 -117.24 167.24
O5 FUB DI . 78.97 -112.08 165.98
C5 FUB DI . 78.94 -112.60 164.66
C4 FUB DI . 80.22 -113.34 164.34
O4 FUB DI . 80.45 -114.42 165.27
C3 FUB DI . 81.50 -112.51 164.40
O3 FUB DI . 81.69 -111.64 163.30
C2 FUB DI . 82.56 -113.61 164.52
O2 FUB DI . 83.74 -113.17 165.15
C1 FUB DI . 81.83 -114.78 165.21
C6 GZL DI . 85.43 -108.99 162.27
C5 GZL DI . 85.25 -109.69 163.64
C4 GZL DI . 85.67 -111.15 163.51
C3 GZL DI . 86.40 -111.67 164.93
C2 GZL DI . 86.18 -112.88 165.00
O6 GZL DI . 86.34 -109.73 161.50
O5 GZL DI . 83.92 -109.62 164.04
O4 GZL DI . 84.62 -111.87 163.34
O3 GZL DI . 87.86 -111.44 164.86
C1 GZL DI . 84.81 -113.11 164.22
O2 GZL DI . 86.01 -113.28 166.45
O5 AHR DI . 92.03 -108.95 164.20
C5 AHR DI . 91.63 -108.93 165.56
C4 AHR DI . 90.52 -109.93 165.82
O4 AHR DI . 89.35 -109.65 165.03
C3 AHR DI . 89.99 -109.99 167.25
O3 AHR DI . 90.87 -110.63 168.16
C2 AHR DI . 88.66 -110.71 167.04
O2 AHR DI . 87.73 -110.49 168.07
C1 AHR DI . 88.22 -110.29 165.62
O5 FUB EI . 94.52 -114.88 166.74
C5 FUB EI . 94.28 -113.58 166.23
C4 FUB EI . 92.84 -113.43 165.79
O4 FUB EI . 91.93 -113.69 166.88
C3 FUB EI . 92.37 -114.36 164.68
O3 FUB EI . 92.86 -113.99 163.39
C2 FUB EI . 90.85 -114.23 164.83
O2 FUB EI . 90.13 -115.26 164.18
C1 FUB EI . 90.67 -114.16 166.35
O5 FUB EI . 92.52 -113.61 161.20
C5 FUB EI . 91.33 -113.22 160.52
C4 FUB EI . 90.12 -113.91 161.11
O4 FUB EI . 89.99 -113.63 162.52
C3 FUB EI . 90.10 -115.44 161.02
O3 FUB EI . 89.80 -115.91 159.71
C2 FUB EI . 89.05 -115.77 162.07
O2 FUB EI . 88.98 -117.11 162.51
C1 FUB EI . 89.30 -114.72 163.17
C6 GZL EI . 89.85 -120.79 159.30
C5 GZL EI . 90.27 -121.05 160.76
C4 GZL EI . 89.77 -119.94 161.65
C3 GZL EI . 90.61 -119.93 163.08
C2 GZL EI . 90.45 -118.80 163.55
O6 GZL EI . 88.83 -121.69 158.94
O5 GZL EI . 91.66 -121.12 160.84
O4 GZL EI . 89.99 -118.81 161.12
O3 GZL EI . 90.06 -120.94 164.01
C1 GZL EI . 90.17 -117.86 162.29
O2 GZL EI . 91.69 -118.35 164.28
O5 FUB FI . 92.52 -130.60 172.06
C5 FUB FI . 93.42 -131.38 171.27
C4 FUB FI . 94.68 -130.63 170.87
O4 FUB FI . 95.33 -130.07 172.03
C3 FUB FI . 94.48 -129.45 169.92
O3 FUB FI . 95.70 -129.19 169.24
C2 FUB FI . 94.16 -128.33 170.90
O2 FUB FI . 92.77 -128.23 171.17
C1 FUB FI . 95.00 -128.67 172.14
O5 FUB FI . 91.06 -129.21 167.37
C5 FUB FI . 90.82 -127.81 167.23
C4 FUB FI . 90.96 -127.09 168.54
O4 FUB FI . 92.28 -127.28 169.10
C3 FUB FI . 90.01 -127.54 169.64
O3 FUB FI . 88.68 -127.05 169.48
C2 FUB FI . 90.72 -127.01 170.88
O2 FUB FI . 90.34 -127.66 172.07
C1 FUB FI . 92.21 -127.10 170.53
C6 GZL FI . 86.50 -125.78 172.28
C5 GZL FI . 87.08 -127.01 173.00
C4 GZL FI . 88.23 -126.58 173.87
C3 GZL FI . 89.00 -127.92 174.52
C2 GZL FI . 90.21 -127.63 174.50
O6 GZL FI . 85.88 -124.96 173.24
O5 GZL FI . 87.52 -127.94 172.07
O4 GZL FI . 89.09 -125.93 173.17
O3 GZL FI . 88.54 -128.16 175.89
C1 GZL FI . 90.35 -126.78 173.18
O2 GZL FI . 91.04 -128.88 174.43
O5 FUB GI . 86.31 -130.20 180.37
C5 FUB GI . 86.35 -128.79 180.48
C4 FUB GI . 87.25 -128.18 179.44
O4 FUB GI . 88.62 -128.64 179.59
C3 FUB GI . 87.37 -126.65 179.46
O3 FUB GI . 86.22 -126.00 178.94
C2 FUB GI . 88.64 -126.45 178.63
O2 FUB GI . 89.24 -125.19 178.80
C1 FUB GI . 89.51 -127.66 179.00
O5 FUB GI . 85.57 -123.15 176.75
C5 FUB GI . 86.73 -122.34 176.69
C4 FUB GI . 87.86 -122.95 177.48
O4 FUB GI . 88.22 -124.24 176.94
C3 FUB GI . 89.17 -122.15 177.49
O3 FUB GI . 89.40 -121.51 176.25
C2 FUB GI . 90.21 -123.26 177.72
O2 FUB GI . 90.88 -123.12 178.96
C1 FUB GI . 89.47 -124.59 177.54
C6 GZL GI . 91.15 -118.95 177.99
C5 GZL GI . 91.92 -119.31 179.26
C4 GZL GI . 92.77 -120.54 179.02
C3 GZL GI . 92.92 -121.42 180.44
C2 GZL GI . 93.03 -122.60 180.08
O6 GZL GI . 92.05 -118.35 177.08
O5 GZL GI . 91.01 -119.56 180.30
O4 GZL GI . 92.21 -121.29 178.15
O3 GZL GI . 94.12 -120.99 181.17
C1 GZL GI . 92.22 -122.69 178.72
O2 GZL GI . 92.42 -123.50 181.12
O5 FUB HI . 100.19 -120.62 183.99
C5 FUB HI . 99.04 -119.80 183.83
C4 FUB HI . 97.99 -120.49 182.99
O4 FUB HI . 97.57 -121.74 183.60
C3 FUB HI . 98.42 -120.90 181.58
O3 FUB HI . 98.49 -119.81 180.68
C2 FUB HI . 97.36 -121.94 181.24
O2 FUB HI . 97.76 -122.84 180.23
C1 FUB HI . 96.99 -122.57 182.59
O5 FUB HI . 95.29 -118.83 178.11
C5 FUB HI . 96.53 -119.27 177.59
C4 FUB HI . 96.65 -120.77 177.65
O4 FUB HI . 96.52 -121.27 178.99
C3 FUB HI . 97.98 -121.35 177.15
O3 FUB HI . 98.09 -121.33 175.74
C2 FUB HI . 98.01 -122.72 177.82
O2 FUB HI . 97.74 -123.80 176.95
C1 FUB HI . 97.04 -122.61 179.02
C6 GZL HI . 99.75 -123.91 172.62
C5 GZL HI . 100.55 -124.79 173.59
C4 GZL HI . 99.60 -125.44 174.59
C3 GZL HI . 100.40 -125.78 176.02
C2 GZL HI . 99.60 -125.50 176.91
O6 GZL HI . 98.96 -124.74 171.81
O5 GZL HI . 101.48 -124.00 174.28
O4 GZL HI . 98.66 -124.62 174.86
O3 GZL HI . 100.82 -127.20 176.07
C1 GZL HI . 98.93 -124.20 176.29
O2 GZL HI . 100.32 -125.18 178.20
O5 AHR HI . 102.79 -130.47 172.78
C5 AHR HI . 103.76 -129.98 173.68
C4 AHR HI . 103.12 -129.32 174.88
O4 AHR HI . 102.27 -128.22 174.50
C3 AHR HI . 104.07 -128.72 175.92
O3 AHR HI . 104.72 -129.70 176.72
C2 AHR HI . 103.12 -127.82 176.69
O2 AHR HI . 103.77 -126.83 177.45
C1 AHR HI . 102.16 -127.30 175.60
O5 FUB II . 103.14 -133.42 178.82
C5 FUB II . 103.34 -132.40 177.85
C4 FUB II . 102.13 -131.51 177.74
O4 FUB II . 101.81 -130.90 179.01
C3 FUB II . 100.82 -132.19 177.32
O3 FUB II . 100.77 -132.51 175.93
C2 FUB II . 99.80 -131.15 177.77
O2 FUB II . 98.50 -131.70 177.95
C1 FUB II . 100.43 -130.52 179.02
O5 FUB II . 98.03 -131.98 172.81
C5 FUB II . 97.31 -132.79 173.74
C4 FUB II . 96.88 -131.99 174.94
O4 FUB II . 98.01 -131.48 175.67
C3 FUB II . 96.07 -132.75 176.00
O3 FUB II . 94.73 -133.01 175.61
C2 FUB II . 96.22 -131.81 177.20
O2 FUB II . 96.01 -132.45 178.43
C1 FUB II . 97.60 -131.15 177.00
C6 GZL II . 91.12 -131.70 177.66
C5 GZL II . 92.20 -132.67 178.22
C4 GZL II . 93.05 -131.95 179.23
C3 GZL II . 93.84 -133.05 180.19
C2 GZL II . 94.85 -132.46 180.59
O6 GZL II . 90.47 -131.09 178.74
O5 GZL II . 93.00 -133.12 177.17
O4 GZL II . 93.95 -131.25 178.64
O3 GZL II . 93.00 -133.47 181.33
C1 GZL II . 95.27 -131.62 179.30
O2 GZL II . 95.93 -133.43 180.96
O5 AHR II . 88.87 -135.50 179.69
C5 AHR II . 89.45 -136.29 180.72
C4 AHR II . 90.56 -135.54 181.43
O4 AHR II . 91.60 -135.14 180.50
C3 AHR II . 91.31 -136.31 182.51
O3 AHR II . 90.55 -136.45 183.72
C2 AHR II . 92.58 -135.46 182.65
O2 AHR II . 93.66 -136.16 183.22
C1 AHR II . 92.79 -134.87 181.25
O5 AHR II . 98.02 -136.68 184.55
C5 AHR II . 98.22 -136.64 183.15
C4 AHR II . 96.94 -136.96 182.40
O4 AHR II . 95.92 -135.96 182.65
C3 AHR II . 96.26 -138.28 182.79
O3 AHR II . 96.92 -139.42 182.26
C2 AHR II . 94.85 -138.05 182.23
O2 AHR II . 93.86 -138.81 182.90
C1 AHR II . 94.66 -136.52 182.27
O5 FUB JI . 91.75 -135.05 188.60
C5 FUB JI . 91.83 -135.76 187.37
C4 FUB JI . 92.62 -134.99 186.35
O4 FUB JI . 93.95 -134.71 186.82
C3 FUB JI . 92.08 -133.62 185.98
O3 FUB JI . 90.94 -133.67 185.10
C2 FUB JI . 93.31 -132.95 185.38
O2 FUB JI . 93.30 -131.55 185.53
C1 FUB JI . 94.51 -133.69 185.99
O5 FUB JI . 89.43 -130.66 183.58
C5 FUB JI . 90.23 -130.24 182.49
C4 FUB JI . 91.66 -130.03 182.93
O4 FUB JI . 92.23 -131.25 183.46
C3 FUB JI . 91.88 -129.00 184.02
O3 FUB JI . 91.75 -127.66 183.57
C2 FUB JI . 93.29 -129.37 184.49
O2 FUB JI . 93.57 -128.92 185.80
C1 FUB JI . 93.37 -130.89 184.26
C6 GZL JI . 92.83 -124.69 184.31
C5 GZL JI . 93.03 -125.10 185.77
C4 GZL JI . 94.33 -125.85 185.91
C3 GZL JI . 94.42 -126.55 187.43
C2 GZL JI . 95.03 -127.61 187.29
O6 GZL JI . 93.71 -123.63 184.02
O5 GZL JI . 91.97 -125.92 186.18
O4 GZL JI . 94.38 -126.78 185.04
O3 GZL JI . 95.15 -125.67 188.35
C1 GZL JI . 94.70 -128.07 185.79
O2 GZL JI . 94.52 -128.64 188.27
O5 AHR JI . 94.70 -121.11 190.03
C5 AHR JI . 94.62 -122.05 191.09
C4 AHR JI . 95.03 -123.43 190.63
O4 AHR JI . 94.19 -123.89 189.54
C3 AHR JI . 94.94 -124.54 191.66
O3 AHR JI . 95.98 -124.51 192.63
C2 AHR JI . 94.94 -125.79 190.77
O2 AHR JI . 94.33 -126.91 191.37
C1 AHR JI . 94.31 -125.31 189.44
O5 AHR JI . 94.61 -131.67 190.63
C5 AHR JI . 94.87 -131.34 192.00
C4 AHR JI . 94.55 -129.89 192.28
O4 AHR JI . 95.34 -129.01 191.46
C3 AHR JI . 94.82 -129.41 193.70
O3 AHR JI . 93.85 -129.85 194.64
C2 AHR JI . 94.87 -127.90 193.50
O2 AHR JI . 95.67 -127.24 194.47
C1 AHR JI . 95.31 -127.70 192.04
O5 FUB KI . 100.87 -127.44 192.83
C5 FUB KI . 99.62 -126.75 192.82
C4 FUB KI . 98.90 -126.94 191.51
O4 FUB KI . 98.67 -128.35 191.24
C3 FUB KI . 99.63 -126.44 190.26
O3 FUB KI . 99.60 -125.02 190.13
C2 FUB KI . 98.88 -127.19 189.16
O2 FUB KI . 99.65 -127.34 187.99
C1 FUB KI . 98.43 -128.51 189.83
O5 FUB KI . 97.40 -122.80 187.06
C5 FUB KI . 98.70 -123.13 186.59
C4 FUB KI . 98.78 -124.57 186.14
O4 FUB KI . 98.48 -125.47 187.23
C3 FUB KI . 100.14 -125.04 185.62
O3 FUB KI . 100.43 -124.57 184.31
C2 FUB KI . 99.98 -126.56 185.73
O2 FUB KI . 101.22 -127.23 185.88
C1 FUB KI . 98.97 -126.77 186.87
C6 GZL KI . 102.59 -126.44 181.52
C5 GZL KI . 103.49 -127.21 182.49
C4 GZL KI . 102.68 -128.28 183.20
C3 GZL KI . 103.47 -128.77 184.59
C2 GZL KI . 102.57 -129.20 185.32
O6 GZL KI . 102.93 -126.81 180.20
O5 GZL KI . 104.02 -126.33 183.44
O4 GZL KI . 101.55 -127.80 183.56
O3 GZL KI . 104.43 -129.85 184.27
C1 GZL KI . 101.30 -128.31 184.97
O2 GZL KI . 102.96 -129.00 186.77
C1 NAG LI . 24.34 -80.09 66.45
C2 NAG LI . 23.52 -78.91 65.94
C3 NAG LI . 24.22 -77.60 66.23
C4 NAG LI . 24.62 -77.48 67.69
C5 NAG LI . 25.42 -78.71 68.11
C6 NAG LI . 25.68 -78.71 69.61
C7 NAG LI . 22.17 -79.33 63.97
C8 NAG LI . 22.14 -79.45 62.48
N2 NAG LI . 23.34 -79.02 64.51
O3 NAG LI . 23.34 -76.53 65.90
O4 NAG LI . 25.44 -76.32 67.84
O5 NAG LI . 24.71 -79.91 67.82
O6 NAG LI . 26.40 -77.52 69.99
O7 NAG LI . 21.16 -79.51 64.65
C1 NAG LI . 24.76 -75.25 68.51
C2 NAG LI . 25.80 -74.25 68.96
C3 NAG LI . 25.18 -72.98 69.53
C4 NAG LI . 24.24 -72.39 68.47
C5 NAG LI . 23.21 -73.46 68.16
C6 NAG LI . 22.17 -72.96 67.16
C7 NAG LI . 27.99 -74.68 69.89
C8 NAG LI . 28.73 -75.05 71.14
N2 NAG LI . 26.67 -74.85 69.95
O3 NAG LI . 26.25 -72.09 69.87
O4 NAG LI . 23.55 -71.21 68.93
O5 NAG LI . 23.82 -74.64 67.63
O6 NAG LI . 21.26 -74.03 66.88
O7 NAG LI . 28.54 -74.26 68.90
C1 BMA LI . 24.27 -69.98 68.83
C2 BMA LI . 25.33 -69.93 67.74
C3 BMA LI . 26.13 -68.66 67.96
C4 BMA LI . 25.20 -67.50 67.69
C5 BMA LI . 24.05 -67.59 68.70
C6 BMA LI . 23.04 -66.50 68.40
O2 BMA LI . 24.67 -69.86 66.47
O3 BMA LI . 27.29 -68.60 67.11
O4 BMA LI . 25.89 -66.26 67.85
O5 BMA LI . 23.39 -68.86 68.69
O6 BMA LI . 22.04 -66.96 67.48
C1 MAN LI . 20.94 -66.06 67.51
C2 MAN LI . 19.77 -66.72 68.23
C3 MAN LI . 18.73 -65.72 68.70
C4 MAN LI . 19.40 -64.57 69.44
C5 MAN LI . 20.40 -63.92 68.50
C6 MAN LI . 21.09 -62.72 69.16
O2 MAN LI . 20.25 -67.45 69.37
O3 MAN LI . 17.80 -66.37 69.57
O4 MAN LI . 18.42 -63.61 69.86
O5 MAN LI . 21.39 -64.88 68.17
O6 MAN LI . 20.73 -61.53 68.48
C1 MAN LI . 21.76 -61.12 67.59
C2 MAN LI . 21.72 -59.61 67.41
C3 MAN LI . 20.38 -59.19 66.82
C4 MAN LI . 20.02 -60.01 65.59
C5 MAN LI . 20.25 -61.51 65.81
C6 MAN LI . 20.09 -62.27 64.50
O2 MAN LI . 22.78 -59.19 66.54
O3 MAN LI . 20.45 -57.80 66.46
O4 MAN LI . 18.64 -59.80 65.28
O5 MAN LI . 21.57 -61.73 66.31
O6 MAN LI . 21.00 -63.38 64.47
C1 MAN LI . 28.37 -69.25 67.77
C2 MAN LI . 29.19 -70.11 66.82
C3 MAN LI . 30.61 -70.31 67.34
C4 MAN LI . 30.71 -70.21 68.86
C5 MAN LI . 30.03 -68.96 69.41
C6 MAN LI . 31.05 -67.97 69.94
O2 MAN LI . 29.27 -69.47 65.55
O3 MAN LI . 31.46 -69.34 66.72
O4 MAN LI . 30.13 -71.38 69.45
O5 MAN LI . 29.24 -68.32 68.41
O6 MAN LI . 31.84 -68.61 70.95
O5 FUB MI . -11.81 32.10 -1.78
C5 FUB MI . -10.72 32.94 -2.11
C4 FUB MI . -9.73 33.03 -0.96
O4 FUB MI . -10.34 33.59 0.21
C3 FUB MI . -8.51 33.92 -1.23
O3 FUB MI . -7.57 33.34 -2.11
C2 FUB MI . -8.02 34.14 0.20
O2 FUB MI . -7.23 35.30 0.30
C1 FUB MI . -9.31 34.17 1.04
O5 FUB MI . -4.19 33.78 -2.20
C5 FUB MI . -3.36 33.77 -1.05
C4 FUB MI . -3.99 34.56 0.08
O4 FUB MI . -5.29 34.04 0.41
C3 FUB MI . -4.22 36.05 -0.19
O3 FUB MI . -3.02 36.82 -0.14
C2 FUB MI . -5.24 36.38 0.90
O2 FUB MI . -5.99 37.53 0.61
C1 FUB MI . -6.05 35.09 1.04
O5 FUB MI . -2.84 40.37 0.08
C5 FUB MI . -3.19 40.85 1.38
C4 FUB MI . -4.54 40.33 1.80
O4 FUB MI . -4.57 38.89 1.80
C3 FUB MI . -5.71 40.73 0.91
O3 FUB MI . -6.12 42.08 1.08
C2 FUB MI . -6.75 39.69 1.32
O2 FUB MI . -7.76 39.51 0.35
C1 FUB MI . -5.92 38.44 1.67
O5 FUB NI . -10.13 46.07 -1.89
C5 FUB NI . -9.99 46.30 -0.49
C4 FUB NI . -9.30 45.13 0.18
O4 FUB NI . -10.05 43.92 0.02
C3 FUB NI . -9.11 45.25 1.70
O3 FUB NI . -8.08 46.16 2.06
C2 FUB NI . -8.83 43.80 2.07
O2 FUB NI . -9.11 43.50 3.42
C1 FUB NI . -9.61 42.98 1.03
O5 FUB NI . -5.36 44.63 5.69
C5 FUB NI . -5.01 43.27 5.43
C4 FUB NI . -6.23 42.47 5.07
O4 FUB NI . -6.88 43.02 3.90
C3 FUB NI . -7.33 42.42 6.13
O3 FUB NI . -7.03 41.53 7.19
C2 FUB NI . -8.54 42.02 5.28
O2 FUB NI . -9.76 42.49 5.82
C1 FUB NI . -8.21 42.49 3.86
O5 FUB NI . -9.48 41.94 9.67
C5 FUB NI . -10.67 42.27 8.96
C4 FUB NI . -11.23 41.07 8.25
O4 FUB NI . -10.35 40.68 7.19
C3 FUB NI . -12.56 41.35 7.54
O3 FUB NI . -13.18 40.10 7.24
C2 FUB NI . -12.08 42.02 6.26
O2 FUB NI . -12.10 43.42 6.36
C1 FUB NI . -10.68 41.44 6.00
O5 FUB OI . -20.66 42.08 7.19
C5 FUB OI . -19.81 41.22 7.94
C4 FUB OI . -18.71 40.63 7.07
O4 FUB OI . -17.90 41.68 6.50
C3 FUB OI . -17.72 39.72 7.78
O3 FUB OI . -17.35 40.30 9.02
C2 FUB OI . -16.54 39.76 6.80
O2 FUB OI . -16.50 38.61 5.98
C1 FUB OI . -16.70 41.06 6.01
O5 FUB OI . -15.55 36.29 9.16
C5 FUB OI . -14.26 36.08 8.60
C4 FUB OI . -14.20 36.57 7.17
O4 FUB OI . -14.57 37.96 7.08
C3 FUB OI . -15.12 35.85 6.18
O3 FUB OI . -14.64 34.57 5.80
C2 FUB OI . -15.14 36.87 5.04
O2 FUB OI . -16.18 36.68 4.11
C1 FUB OI . -15.16 38.21 5.79
O5 FUB OI . -15.30 32.72 3.93
C5 FUB OI . -14.83 32.90 2.61
C4 FUB OI . -15.23 34.26 2.07
O4 FUB OI . -14.75 35.31 2.93
C3 FUB OI . -16.73 34.51 1.94
O3 FUB OI . -17.31 33.87 0.83
C2 FUB OI . -16.76 36.03 1.88
O2 FUB OI . -18.03 36.58 2.16
C1 FUB OI . -15.63 36.44 2.83
O5 AHR OI . -17.43 29.18 1.38
C5 AHR OI . -18.55 29.64 0.66
C4 AHR OI . -18.44 31.11 0.33
O4 AHR OI . -18.29 31.90 1.52
C3 AHR OI . -19.65 31.72 -0.38
O3 AHR OI . -19.72 31.39 -1.75
C2 AHR OI . -19.44 33.21 -0.09
O2 AHR OI . -20.65 33.93 -0.01
C1 AHR OI . -18.54 33.26 1.16
O5 FUB PI . -22.35 35.47 -3.38
C5 FUB PI . -21.08 35.47 -4.03
C4 FUB PI . -19.96 35.51 -3.03
O4 FUB PI . -20.11 36.64 -2.15
C3 FUB PI . -18.55 35.67 -3.60
O3 FUB PI . -18.03 34.47 -4.16
C2 FUB PI . -17.79 36.18 -2.39
O2 FUB PI . -16.65 36.95 -2.74
C1 FUB PI . -18.84 36.91 -1.53
O5 FUB PI . -14.07 33.33 -1.87
C5 FUB PI . -13.78 34.47 -2.68
C4 FUB PI . -13.89 35.75 -1.88
O4 FUB PI . -15.21 35.86 -1.30
C3 FUB PI . -13.67 37.03 -2.71
O3 FUB PI . -12.31 37.43 -2.73
C2 FUB PI . -14.61 38.02 -2.02
O2 FUB PI . -14.95 39.10 -2.87
C1 FUB PI . -15.78 37.12 -1.64
O5 FUB PI . -11.15 39.96 -4.79
C5 FUB PI . -11.09 41.09 -3.92
C4 FUB PI . -12.44 41.36 -3.30
O4 FUB PI . -12.92 40.20 -2.58
C3 FUB PI . -13.57 41.71 -4.27
O3 FUB PI . -13.51 43.03 -4.78
C2 FUB PI . -14.79 41.44 -3.38
O2 FUB PI . -15.97 41.20 -4.13
C1 FUB PI . -14.35 40.30 -2.44
O5 AHR PI . -9.15 44.41 -6.07
C5 AHR PI . -10.14 44.92 -6.97
C4 AHR PI . -11.53 44.64 -6.46
O4 AHR PI . -11.75 43.23 -6.27
C3 AHR PI . -12.67 45.08 -7.37
O3 AHR PI . -12.92 46.48 -7.34
C2 AHR PI . -13.82 44.22 -6.85
O2 AHR PI . -14.77 43.91 -7.85
C1 AHR PI . -13.17 43.02 -6.15
O5 AHR PI . -24.23 35.67 -8.06
C5 AHR PI . -24.83 35.08 -6.91
C4 AHR PI . -24.69 35.97 -5.70
O4 AHR PI . -23.30 36.19 -5.38
C3 AHR PI . -25.31 35.44 -4.40
O3 AHR PI . -26.73 35.54 -4.37
C2 AHR PI . -24.60 36.32 -3.39
O2 AHR PI . -24.68 35.82 -2.07
C1 AHR PI . -23.18 36.45 -3.97
O5 FUB QI . -24.42 49.86 1.39
C5 FUB QI . -23.19 50.20 2.02
C4 FUB QI . -22.20 49.08 1.89
O4 FUB QI . -21.82 48.86 0.51
C3 FUB QI . -22.69 47.71 2.35
O3 FUB QI . -22.76 47.59 3.76
C2 FUB QI . -21.67 46.80 1.68
O2 FUB QI . -22.16 45.48 1.48
C1 FUB QI . -21.29 47.54 0.38
O5 FUB QI . -19.68 45.20 5.55
C5 FUB QI . -20.89 44.57 5.16
C4 FUB QI . -20.76 43.89 3.81
O4 FUB QI . -20.39 44.85 2.79
C3 FUB QI . -22.02 43.20 3.28
O3 FUB QI . -22.22 41.96 3.92
C2 FUB QI . -21.71 43.17 1.78
O2 FUB QI . -22.81 42.88 0.93
C1 FUB QI . -21.10 44.56 1.58
C6 GZL QI . -26.28 39.44 3.26
C5 GZL QI . -25.94 39.49 1.77
C4 GZL QI . -24.80 40.40 1.41
C3 GZL QI . -24.74 40.65 -0.21
C2 GZL QI . -23.52 40.67 -0.18
O6 GZL QI . -26.86 38.20 3.55
O5 GZL QI . -25.22 38.37 1.25
O4 GZL QI . -24.60 41.53 1.90
O3 GZL QI . -25.28 41.97 -0.56
C1 GZL QI . -23.27 41.55 1.15
O2 GZL QI . -23.00 41.39 -1.41
O5 FUB RI . -21.15 46.48 -14.25
C5 FUB RI . -20.91 45.12 -13.93
C4 FUB RI . -20.97 44.90 -12.43
O4 FUB RI . -22.29 45.13 -11.91
C3 FUB RI . -20.08 45.82 -11.60
O3 FUB RI . -18.70 45.48 -11.68
C2 FUB RI . -20.71 45.67 -10.22
O2 FUB RI . -20.53 46.80 -9.40
C1 FUB RI . -22.18 45.27 -10.49
O5 FUB RI . -16.36 47.05 -9.18
C5 FUB RI . -16.45 46.60 -7.85
C4 FUB RI . -17.88 46.66 -7.36
O4 FUB RI . -18.76 45.91 -8.22
C3 FUB RI . -18.50 48.05 -7.30
O3 FUB RI . -18.05 48.82 -6.19
C2 FUB RI . -19.99 47.70 -7.26
O2 FUB RI . -20.81 48.77 -7.67
C1 FUB RI . -20.09 46.43 -8.12
O5 FUB RI . -19.02 51.28 -4.53
C5 FUB RI . -20.30 51.19 -3.91
C4 FUB RI . -21.33 50.68 -4.89
O4 FUB RI . -20.96 49.39 -5.43
C3 FUB RI . -21.56 51.55 -6.13
O3 FUB RI . -22.29 52.74 -5.87
C2 FUB RI . -22.28 50.54 -7.03
O2 FUB RI . -22.21 50.87 -8.40
C1 FUB RI . -21.69 49.18 -6.65
O5 FUB SI . -27.80 56.03 -6.66
C5 FUB SI . -26.38 56.08 -6.65
C4 FUB SI . -25.79 54.70 -6.53
O4 FUB SI . -26.13 53.86 -7.65
C3 FUB SI . -26.25 53.88 -5.32
O3 FUB SI . -25.68 54.32 -4.09
C2 FUB SI . -25.83 52.48 -5.74
O2 FUB SI . -26.62 51.46 -5.15
C1 FUB SI . -25.88 52.50 -7.28
O5 FUB SI . -25.39 52.44 -1.38
C5 FUB SI . -24.58 51.27 -1.39
C4 FUB SI . -24.99 50.33 -2.51
O4 FUB SI . -24.82 50.96 -3.79
C3 FUB SI . -26.46 49.88 -2.49
O3 FUB SI . -26.72 48.89 -1.51
C2 FUB SI . -26.62 49.40 -3.92
O2 FUB SI . -27.96 49.28 -4.34
C1 FUB SI . -25.78 50.42 -4.72
O5 FUB SI . -28.80 46.11 -0.57
C5 FUB SI . -29.77 46.90 -1.24
C4 FUB SI . -29.59 46.86 -2.73
O4 FUB SI . -28.27 47.32 -3.11
C3 FUB SI . -30.55 47.73 -3.55
O3 FUB SI . -31.86 47.18 -3.64
C2 FUB SI . -29.80 47.81 -4.87
O2 FUB SI . -30.26 48.85 -5.71
C1 FUB SI . -28.33 47.91 -4.42
O5 FUB TI . -36.59 46.03 -8.24
C5 FUB TI . -36.22 46.50 -6.94
C4 FUB TI . -34.72 46.66 -6.83
O4 FUB TI . -34.23 47.69 -7.72
C3 FUB TI . -33.89 45.43 -7.19
O3 FUB TI . -33.94 44.41 -6.20
C2 FUB TI . -32.52 46.06 -7.42
O2 FUB TI . -31.71 45.33 -8.32
C1 FUB TI . -32.80 47.51 -7.82
O5 FUB TI . -31.58 42.05 -6.21
C5 FUB TI . -30.22 42.28 -5.90
C4 FUB TI . -29.64 43.36 -6.77
O4 FUB TI . -30.36 44.60 -6.62
C3 FUB TI . -29.66 43.08 -8.28
O3 FUB TI . -28.64 42.18 -8.69
C2 FUB TI . -29.53 44.49 -8.84
O2 FUB TI . -29.91 44.58 -10.19
C1 FUB TI . -30.38 45.32 -7.86
O5 FUB TI . -27.31 41.49 -11.47
C5 FUB TI . -26.54 42.49 -12.12
C4 FUB TI . -27.30 43.79 -12.19
O4 FUB TI . -27.70 44.22 -10.87
C3 FUB TI . -28.60 43.77 -12.99
O3 FUB TI . -28.39 43.74 -14.39
C2 FUB TI . -29.26 45.04 -12.47
O2 FUB TI . -30.65 45.09 -12.72
C1 FUB TI . -28.85 45.08 -10.99
O5 FUB UI . -29.31 47.51 -20.16
C5 FUB UI . -29.25 46.18 -19.67
C4 FUB UI . -29.12 46.15 -18.17
O4 FUB UI . -30.25 46.81 -17.54
C3 FUB UI . -27.91 46.90 -17.60
O3 FUB UI . -26.70 46.15 -17.73
C2 FUB UI . -28.35 47.16 -16.17
O2 FUB UI . -27.83 48.37 -15.65
C1 FUB UI . -29.88 47.08 -16.18
O5 FUB UI . -24.53 46.40 -16.32
C5 FUB UI . -24.22 46.40 -14.94
C4 FUB UI . -25.12 47.35 -14.17
O4 FUB UI . -26.51 46.98 -14.35
C3 FUB UI . -25.04 48.82 -14.59
O3 FUB UI . -23.89 49.47 -14.07
C2 FUB UI . -26.36 49.33 -14.03
O2 FUB UI . -26.75 50.59 -14.52
C1 FUB UI . -27.31 48.18 -14.35
C6 GZL UI . -23.13 52.95 -11.90
C5 GZL UI . -23.99 52.99 -13.17
C4 GZL UI . -25.46 52.92 -12.79
C3 GZL UI . -26.40 53.54 -14.02
C2 GZL UI . -27.47 52.91 -13.98
O6 GZL UI . -23.92 53.35 -10.80
O5 GZL UI . -23.68 51.90 -13.97
O4 GZL UI . -25.78 51.70 -12.65
O3 GZL UI . -26.65 54.97 -13.79
C1 GZL UI . -27.05 51.47 -13.45
O2 GZL UI . -28.07 52.81 -15.35
O5 FUB VI . -29.85 60.42 -15.94
C5 FUB VI . -30.68 59.31 -16.24
C4 FUB VI . -30.12 58.02 -15.67
O4 FUB VI . -30.87 56.88 -16.12
C3 FUB VI . -30.10 57.90 -14.15
O3 FUB VI . -29.00 58.57 -13.54
C2 FUB VI . -30.10 56.39 -13.95
O2 FUB VI . -30.92 55.96 -12.88
C1 FUB VI . -30.46 55.78 -15.32
O5 FUB VI . -28.28 57.25 -10.15
C5 FUB VI . -27.96 55.90 -9.82
C4 FUB VI . -28.99 54.95 -10.40
O4 FUB VI . -29.05 55.08 -11.84
C3 FUB VI . -30.42 55.15 -9.93
O3 FUB VI . -30.65 54.65 -8.62
C2 FUB VI . -31.18 54.42 -11.03
O2 FUB VI . -32.57 54.69 -11.06
C1 FUB VI . -30.38 54.79 -12.28
O5 FUB VI . -33.95 53.62 -7.02
C5 FUB VI . -34.40 52.42 -7.64
C4 FUB VI . -34.44 52.55 -9.14
O4 FUB VI . -33.14 52.91 -9.66
C3 FUB VI . -35.37 53.63 -9.69
O3 FUB VI . -36.75 53.28 -9.63
C2 FUB VI . -34.82 53.78 -11.10
O2 FUB VI . -35.15 55.01 -11.71
C1 FUB VI . -33.31 53.49 -10.97
O5 AHR VI . -26.05 61.78 -11.20
C5 AHR VI . -27.33 61.70 -10.59
C4 AHR VI . -28.12 60.52 -11.09
O4 AHR VI . -28.28 60.57 -12.54
C3 AHR VI . -29.55 60.39 -10.57
O3 AHR VI . -29.61 59.89 -9.24
C2 AHR VI . -30.17 59.47 -11.61
O2 AHR VI . -31.58 59.60 -11.69
C1 AHR VI . -29.41 59.77 -12.91
O5 FUB WI . -42.89 53.13 -12.56
C5 FUB WI . -42.26 53.57 -11.37
C4 FUB WI . -40.79 53.22 -11.38
O4 FUB WI . -40.06 53.97 -12.38
C3 FUB WI . -40.44 51.76 -11.71
O3 FUB WI . -40.74 50.87 -10.65
C2 FUB WI . -38.97 51.89 -12.06
O2 FUB WI . -38.51 50.87 -12.93
C1 FUB WI . -38.81 53.32 -12.60
O5 FUB WI . -38.45 48.99 -9.59
C5 FUB WI . -37.04 48.80 -9.67
C4 FUB WI . -36.52 49.18 -11.04
O4 FUB WI . -36.86 50.56 -11.36
C3 FUB WI . -37.06 48.36 -12.22
O3 FUB WI . -36.44 47.09 -12.33
C2 FUB WI . -36.77 49.31 -13.38
O2 FUB WI . -37.45 48.98 -14.58
C1 FUB WI . -37.13 50.67 -12.77
O5 FUB WI . -37.32 44.81 -14.98
C5 FUB WI . -36.30 44.99 -15.95
C4 FUB WI . -36.24 46.43 -16.39
O4 FUB WI . -36.00 47.31 -15.27
C3 FUB WI . -37.49 46.99 -17.05
O3 FUB WI . -37.68 46.53 -18.38
C2 FUB WI . -37.24 48.49 -16.93
O2 FUB WI . -38.42 49.27 -17.08
C1 FUB WI . -36.52 48.62 -15.58
O5 FUB XI . -39.64 49.87 -24.48
C5 FUB XI . -39.39 48.58 -23.96
C4 FUB XI . -38.57 48.64 -22.69
O4 FUB XI . -39.22 49.47 -21.70
C3 FUB XI . -37.18 49.25 -22.84
O3 FUB XI . -36.24 48.39 -23.47
C2 FUB XI . -36.86 49.58 -21.38
O2 FUB XI . -35.85 50.57 -21.26
C1 FUB XI . -38.22 49.97 -20.79
O5 FUB XI . -33.15 47.43 -21.42
C5 FUB XI . -32.81 47.71 -20.07
C4 FUB XI . -33.36 49.06 -19.65
O4 FUB XI . -34.79 49.10 -19.81
C3 FUB XI . -32.84 50.27 -20.42
O3 FUB XI . -31.52 50.65 -20.06
C2 FUB XI . -33.91 51.30 -20.08
O2 FUB XI . -33.94 52.35 -21.02
C1 FUB XI . -35.20 50.46 -20.00
O5 FUB XI . -30.38 54.06 -21.56
C5 FUB XI . -30.85 55.25 -20.95
C4 FUB XI . -32.34 55.21 -20.73
O4 FUB XI . -32.72 54.03 -19.98
C3 FUB XI . -33.20 55.15 -21.99
O3 FUB XI . -33.30 56.40 -22.67
C2 FUB XI . -34.51 54.64 -21.41
O2 FUB XI . -35.41 54.15 -22.39
C1 FUB XI . -34.04 53.61 -20.37
O5 AHR XI . -28.99 57.18 -24.49
C5 AHR XI . -30.02 57.63 -25.37
C4 AHR XI . -31.38 57.56 -24.71
O4 AHR XI . -31.73 56.21 -24.35
C3 AHR XI . -32.55 58.02 -25.58
O3 AHR XI . -32.63 59.43 -25.71
C2 AHR XI . -33.73 57.37 -24.85
O2 AHR XI . -34.81 57.04 -25.71
C1 AHR XI . -33.12 56.20 -24.06
O5 AHR XI . -39.72 57.54 -25.86
C5 AHR XI . -39.09 58.24 -26.92
C4 AHR XI . -37.64 57.83 -27.06
O4 AHR XI . -36.89 58.12 -25.86
C3 AHR XI . -36.85 58.53 -28.17
O3 AHR XI . -37.18 58.04 -29.47
C2 AHR XI . -35.42 58.24 -27.74
O2 AHR XI . -34.49 59.15 -28.27
C1 AHR XI . -35.49 58.18 -26.20
O5 FUB YI . -45.02 62.29 -17.27
C5 FUB YI . -43.99 62.35 -16.29
C4 FUB YI . -42.91 61.33 -16.57
O4 FUB YI . -42.30 61.56 -17.86
C3 FUB YI . -43.37 59.87 -16.62
O3 FUB YI . -43.64 59.33 -15.34
C2 FUB YI . -42.21 59.22 -17.37
O2 FUB YI . -42.60 58.07 -18.07
C1 FUB YI . -41.64 60.34 -18.26
O5 FUB YI . -44.37 56.55 -14.41
C5 FUB YI . -43.31 55.61 -14.42
C4 FUB YI . -42.63 55.56 -15.77
O4 FUB YI . -42.13 56.87 -16.13
C3 FUB YI . -43.52 55.17 -16.95
O3 FUB YI . -43.81 53.78 -16.99
C2 FUB YI . -42.70 55.69 -18.12
O2 FUB YI . -43.48 55.93 -19.27
C1 FUB YI . -41.97 56.91 -17.56
O5 FUB YI . -45.45 52.03 -19.87
C5 FUB YI . -44.45 51.83 -20.87
C4 FUB YI . -43.78 53.14 -21.23
O4 FUB YI . -43.20 53.76 -20.07
C3 FUB YI . -44.70 54.21 -21.82
O3 FUB YI . -45.07 53.96 -23.16
C2 FUB YI . -43.85 55.45 -21.61
O2 FUB YI . -44.60 56.66 -21.58
C1 FUB YI . -43.01 55.16 -20.35
O5 FUB ZI . -36.96 66.09 -31.26
C5 FUB ZI . -36.15 64.92 -31.29
C4 FUB ZI . -36.57 63.95 -30.21
O4 FUB ZI . -37.97 63.62 -30.32
C3 FUB ZI . -36.39 64.41 -28.76
O3 FUB ZI . -35.04 64.37 -28.33
C2 FUB ZI . -37.33 63.47 -28.04
O2 FUB ZI . -37.62 63.78 -26.70
C1 FUB ZI . -38.53 63.50 -29.00
O5 FUB ZI . -33.92 62.82 -24.84
C5 FUB ZI . -34.53 61.61 -24.45
C4 FUB ZI . -36.03 61.67 -24.61
O4 FUB ZI . -36.40 61.94 -25.98
C3 FUB ZI . -36.76 62.75 -23.80
O3 FUB ZI . -36.87 62.43 -22.42
C2 FUB ZI . -38.09 62.81 -24.53
O2 FUB ZI . -38.77 64.03 -24.30
C1 FUB ZI . -37.71 62.55 -26.00
O5 FUB ZI . -38.26 65.65 -20.54
C5 FUB ZI . -39.60 65.26 -20.24
C4 FUB ZI . -40.34 64.84 -21.49
O4 FUB ZI . -39.64 63.76 -22.16
C3 FUB ZI . -40.49 65.90 -22.57
O3 FUB ZI . -41.48 66.89 -22.27
C2 FUB ZI . -40.85 65.03 -23.77
O2 FUB ZI . -40.69 65.69 -25.01
C1 FUB ZI . -39.96 63.80 -23.57
O5 AHR ZI . -38.97 70.22 -19.88
C5 AHR ZI . -39.93 70.83 -20.74
C4 AHR ZI . -40.87 69.80 -21.31
O4 AHR ZI . -40.16 68.80 -22.07
C3 AHR ZI . -41.93 70.32 -22.29
O3 AHR ZI . -42.99 71.00 -21.65
C2 AHR ZI . -42.34 69.03 -23.00
O2 AHR ZI . -42.83 69.26 -24.30
C1 AHR ZI . -41.12 68.10 -22.89
O5 FUB AJ . -48.06 70.00 -24.65
C5 FUB AJ . -46.96 70.14 -23.77
C4 FUB AJ . -46.10 68.90 -23.78
O4 FUB AJ . -45.67 68.57 -25.12
C3 FUB AJ . -46.75 67.63 -23.25
O3 FUB AJ . -46.84 67.59 -21.83
C2 FUB AJ . -45.86 66.57 -23.88
O2 FUB AJ . -46.37 65.25 -23.82
C1 FUB AJ . -45.68 67.15 -25.28
O5 FUB AJ . -44.98 65.75 -20.07
C5 FUB AJ . -44.06 64.68 -20.28
C4 FUB AJ . -44.37 63.93 -21.56
O4 FUB AJ . -44.39 64.81 -22.70
C3 FUB AJ . -45.73 63.22 -21.61
O3 FUB AJ . -45.75 62.02 -20.85
C2 FUB AJ . -45.88 63.01 -23.11
O2 FUB AJ . -47.19 62.68 -23.52
C1 FUB AJ . -45.32 64.32 -23.68
O5 FUB AJ . -49.41 58.97 -24.08
C5 FUB AJ . -48.92 59.01 -25.42
C4 FUB AJ . -48.36 60.38 -25.75
O4 FUB AJ . -47.30 60.75 -24.83
C3 FUB AJ . -49.34 61.55 -25.67
O3 FUB AJ . -50.27 61.59 -26.74
C2 FUB AJ . -48.37 62.72 -25.63
O2 FUB AJ . -48.95 63.91 -25.12
C1 FUB AJ . -47.16 62.19 -24.85
O5 AHR AJ . -55.05 59.82 -26.78
C5 AHR AJ . -54.97 61.23 -26.68
C4 AHR AJ . -53.63 61.75 -27.12
O4 AHR AJ . -52.57 61.20 -26.30
C3 AHR AJ . -53.44 63.26 -27.03
O3 AHR AJ . -54.11 63.98 -28.06
C2 AHR AJ . -51.91 63.36 -27.08
O2 AHR AJ . -51.42 64.61 -26.66
C1 AHR AJ . -51.48 62.15 -26.24
O5 FUB BJ . -42.67 62.09 -38.94
C5 FUB BJ . -42.36 63.39 -38.47
C4 FUB BJ . -42.92 63.62 -37.09
O4 FUB BJ . -44.36 63.57 -37.08
C3 FUB BJ . -42.60 64.96 -36.44
O3 FUB BJ . -41.25 65.08 -36.00
C2 FUB BJ . -43.62 64.99 -35.31
O2 FUB BJ . -43.86 66.26 -34.75
C1 FUB BJ . -44.84 64.26 -35.90
O5 FUB BJ . -39.61 66.84 -33.18
C5 FUB BJ . -40.20 66.38 -31.97
C4 FUB BJ . -41.70 66.48 -32.01
O4 FUB BJ . -42.24 65.73 -33.12
C3 FUB BJ . -42.27 67.89 -32.21
O3 FUB BJ . -42.21 68.68 -31.03
C2 FUB BJ . -43.69 67.58 -32.69
O2 FUB BJ . -44.24 68.61 -33.48
C1 FUB BJ . -43.58 66.19 -33.36
O5 FUB CJ . -59.76 65.73 -35.52
C5 FUB CJ . -58.87 64.68 -35.14
C4 FUB CJ . -57.82 65.18 -34.18
O4 FUB CJ . -57.06 66.28 -34.74
C3 FUB CJ . -56.77 64.13 -33.76
O3 FUB CJ . -57.24 63.27 -32.73
C2 FUB CJ . -55.59 65.02 -33.39
O2 FUB CJ . -54.36 64.34 -33.25
C1 FUB CJ . -55.67 66.06 -34.53
O5 FUB CJ . -52.31 60.70 -35.62
C5 FUB CJ . -52.34 60.52 -34.21
C4 FUB CJ . -52.79 61.76 -33.47
O4 FUB CJ . -54.12 62.13 -33.91
C3 FUB CJ . -51.92 63.00 -33.69
O3 FUB CJ . -51.96 63.80 -32.52
C2 FUB CJ . -52.66 63.69 -34.83
O2 FUB CJ . -52.39 63.10 -36.08
C1 FUB CJ . -54.10 63.49 -34.36
O5 FUB CJ . -49.53 60.74 -38.03
C5 FUB CJ . -49.01 61.94 -38.60
C4 FUB CJ . -49.96 63.09 -38.39
O4 FUB CJ . -50.27 63.27 -36.99
C3 FUB CJ . -51.34 62.96 -39.06
O3 FUB CJ . -51.29 63.18 -40.47
C2 FUB CJ . -52.14 63.99 -38.29
O2 FUB CJ . -53.53 63.80 -38.39
C1 FUB CJ . -51.55 63.92 -36.86
O5 AHR CJ . -50.01 61.64 -44.80
C5 AHR CJ . -51.41 61.87 -44.73
C4 AHR CJ . -51.79 62.55 -43.43
O4 AHR CJ . -51.43 61.75 -42.29
C3 AHR CJ . -53.28 62.82 -43.23
O3 AHR CJ . -53.77 63.92 -44.00
C2 AHR CJ . -53.35 63.04 -41.72
O2 AHR CJ . -54.60 62.70 -41.17
C1 AHR CJ . -52.14 62.27 -41.16
O5 FUB DJ . -53.00 68.96 -44.91
C5 FUB DJ . -52.74 67.57 -45.09
C4 FUB DJ . -52.30 66.92 -43.80
O4 FUB DJ . -53.27 67.13 -42.76
C3 FUB DJ . -50.99 67.46 -43.22
O3 FUB DJ . -49.82 66.96 -43.86
C2 FUB DJ . -51.12 67.05 -41.75
O2 FUB DJ . -50.48 67.96 -40.89
C1 FUB DJ . -52.63 66.86 -41.50
O5 FUB DJ . -47.29 65.11 -41.96
C5 FUB DJ . -47.26 64.83 -40.56
C4 FUB DJ . -47.99 65.90 -39.77
O4 FUB DJ . -49.36 66.03 -40.20
C3 FUB DJ . -47.42 67.32 -39.88
O3 FUB DJ . -46.22 67.51 -39.16
C2 FUB DJ . -48.61 68.14 -39.38
O2 FUB DJ . -48.58 69.47 -39.83
C1 FUB DJ . -49.84 67.32 -39.80
O5 FUB DJ . -46.43 72.96 -38.77
C5 FUB DJ . -47.58 73.33 -38.02
C4 FUB DJ . -48.77 72.50 -38.40
O4 FUB DJ . -48.53 71.09 -38.15
C3 FUB DJ . -49.20 72.55 -39.86
O3 FUB DJ . -49.84 73.77 -40.23
C2 FUB DJ . -50.10 71.32 -39.94
O2 FUB DJ . -50.33 70.89 -41.26
C1 FUB DJ . -49.38 70.32 -39.02
O5 AHR DJ . -48.96 78.47 -40.00
C5 AHR DJ . -49.23 78.08 -41.33
C4 AHR DJ . -49.72 76.64 -41.38
O4 AHR DJ . -48.74 75.74 -40.85
C3 AHR DJ . -50.03 76.08 -42.77
O3 AHR DJ . -51.27 76.55 -43.29
C2 AHR DJ . -49.98 74.58 -42.51
O2 AHR DJ . -49.60 73.83 -43.64
C1 AHR DJ . -49.09 74.41 -41.26
O5 AHR DJ . -45.12 66.58 -45.20
C5 AHR DJ . -45.48 67.93 -44.98
C4 AHR DJ . -46.81 68.03 -44.27
O4 AHR DJ . -47.87 67.47 -45.06
C3 AHR DJ . -47.30 69.44 -43.94
O3 AHR DJ . -46.59 70.05 -42.86
C2 AHR DJ . -48.78 69.18 -43.67
O2 AHR DJ . -49.58 70.33 -43.82
C1 AHR DJ . -49.12 67.99 -44.57
O5 FUB EJ . -63.76 75.46 -36.59
C5 FUB EJ . -62.85 75.34 -35.51
C4 FUB EJ . -61.48 74.95 -36.01
O4 FUB EJ . -60.97 75.91 -36.95
C3 FUB EJ . -61.38 73.61 -36.73
O3 FUB EJ . -61.43 72.49 -35.85
C2 FUB EJ . -60.05 73.79 -37.46
O2 FUB EJ . -59.90 72.88 -38.55
C1 FUB EJ . -60.05 75.27 -37.84
O5 FUB EJ . -61.40 69.31 -36.43
C5 FUB EJ . -60.02 68.93 -36.39
C4 FUB EJ . -59.21 69.73 -37.38
O4 FUB EJ . -59.29 71.15 -37.08
C3 FUB EJ . -59.64 69.64 -38.84
O3 FUB EJ . -59.27 68.42 -39.45
C2 FUB EJ . -58.93 70.86 -39.41
O2 FUB EJ . -59.49 71.31 -40.64
C1 FUB EJ . -58.93 71.88 -38.27
O5 FUB EJ . -59.20 67.15 -41.52
C5 FUB EJ . -58.24 67.50 -42.49
C4 FUB EJ . -58.26 68.99 -42.77
O4 FUB EJ . -58.02 69.75 -41.57
C3 FUB EJ . -59.57 69.54 -43.32
O3 FUB EJ . -59.78 69.23 -44.70
C2 FUB EJ . -59.39 71.04 -43.03
O2 FUB EJ . -60.62 71.75 -43.03
C1 FUB EJ . -58.61 71.05 -41.71
O5 FUB FJ . -53.56 83.49 -47.39
C5 FUB FJ . -52.42 82.67 -47.16
C4 FUB FJ . -52.77 81.51 -46.26
O4 FUB FJ . -53.83 80.71 -46.83
C3 FUB FJ . -53.26 81.87 -44.85
O3 FUB FJ . -52.21 82.26 -43.98
C2 FUB FJ . -53.97 80.58 -44.46
O2 FUB FJ . -54.80 80.70 -43.33
C1 FUB FJ . -54.68 80.22 -45.77
O5 FUB FJ . -51.86 82.20 -40.38
C5 FUB FJ . -51.81 80.85 -39.95
C4 FUB FJ . -52.99 80.07 -40.47
O4 FUB FJ . -53.05 80.09 -41.91
C3 FUB FJ . -54.36 80.59 -40.04
O3 FUB FJ . -54.68 80.28 -38.68
C2 FUB FJ . -55.27 79.94 -41.07
O2 FUB FJ . -56.48 80.66 -41.25
C1 FUB FJ . -54.39 79.78 -42.32
O5 FUB FJ . -57.44 82.00 -37.24
C5 FUB FJ . -58.45 81.02 -37.28
C4 FUB FJ . -58.69 80.52 -38.69
O4 FUB FJ . -57.49 79.94 -39.25
C3 FUB FJ . -59.09 81.59 -39.72
O3 FUB FJ . -60.42 82.08 -39.57
C2 FUB FJ . -58.84 80.82 -41.01
O2 FUB FJ . -58.76 81.66 -42.14
C1 FUB FJ . -57.59 79.98 -40.70
O5 AHR FJ . -58.46 85.29 -36.65
C5 AHR FJ . -59.70 85.76 -37.19
C4 AHR FJ . -60.40 84.69 -37.97
O4 AHR FJ . -59.58 84.18 -39.04
C3 AHR FJ . -61.70 85.12 -38.67
O3 AHR FJ . -62.81 85.20 -37.79
C2 AHR FJ . -61.82 84.05 -39.76
O2 AHR FJ . -62.40 84.60 -40.95
C1 AHR FJ . -60.42 83.45 -39.92
O5 FUB GJ . -66.69 84.38 -43.06
C5 FUB GJ . -66.29 84.27 -41.70
C4 FUB GJ . -65.24 83.20 -41.52
O4 FUB GJ . -64.11 83.44 -42.38
C3 FUB GJ . -65.66 81.77 -41.84
O3 FUB GJ . -66.51 81.20 -40.84
C2 FUB GJ . -64.30 81.10 -41.97
O2 FUB GJ . -64.31 79.84 -42.62
C1 FUB GJ . -63.44 82.18 -42.63
O5 FUB GJ . -64.18 77.34 -38.80
C5 FUB GJ . -62.78 77.39 -39.07
C4 FUB GJ . -62.52 77.73 -40.51
O4 FUB GJ . -63.01 79.05 -40.84
C3 FUB GJ . -63.17 76.82 -41.55
O3 FUB GJ . -62.51 75.57 -41.70
C2 FUB GJ . -63.12 77.71 -42.80
O2 FUB GJ . -64.10 77.39 -43.76
C1 FUB GJ . -63.12 79.15 -42.26
O5 FUB GJ . -66.04 74.06 -45.56
C5 FUB GJ . -65.04 74.15 -46.58
C4 FUB GJ . -64.30 75.46 -46.51
O4 FUB GJ . -63.65 75.63 -45.23
C3 FUB GJ . -65.17 76.73 -46.66
O3 FUB GJ . -65.61 76.96 -47.98
C2 FUB GJ . -64.20 77.77 -46.12
O2 FUB GJ . -64.83 78.98 -45.76
C1 FUB GJ . -63.48 77.04 -44.98
O5 AHR GJ . -69.50 74.10 -48.11
C5 AHR GJ . -69.72 75.30 -48.82
C4 AHR GJ . -68.45 76.09 -48.99
O4 AHR GJ . -67.88 76.44 -47.72
C3 AHR GJ . -68.57 77.43 -49.73
O3 AHR GJ . -68.73 77.29 -51.13
C2 AHR GJ . -67.29 78.13 -49.29
O2 AHR GJ . -67.39 79.53 -49.31
C1 AHR GJ . -66.93 77.49 -47.93
O5 FUB HJ . -57.90 82.06 -57.60
C5 FUB HJ . -57.67 83.15 -56.71
C4 FUB HJ . -58.05 82.79 -55.30
O4 FUB HJ . -59.44 82.40 -55.21
C3 FUB HJ . -57.89 83.90 -54.26
O3 FUB HJ . -56.53 84.11 -53.88
C2 FUB HJ . -58.80 83.39 -53.14
O2 FUB HJ . -59.11 84.37 -52.19
C1 FUB HJ . -59.98 82.83 -53.94
O5 FUB HJ . -55.70 85.79 -49.85
C5 FUB HJ . -56.12 84.82 -48.88
C4 FUB HJ . -57.53 84.37 -49.15
O4 FUB HJ . -57.65 83.76 -50.46
C3 FUB HJ . -58.59 85.46 -49.15
O3 FUB HJ . -58.92 85.94 -47.85
C2 FUB HJ . -59.74 84.75 -49.87
O2 FUB HJ . -60.68 85.64 -50.42
C1 FUB HJ . -59.03 83.82 -50.87
O5 FUB HJ . -60.07 87.97 -46.85
C5 FUB HJ . -61.41 87.63 -46.50
C4 FUB HJ . -62.16 87.07 -47.68
O4 FUB HJ . -61.50 85.90 -48.21
C3 FUB HJ . -62.29 88.01 -48.89
O3 FUB HJ . -63.25 89.04 -48.69
C2 FUB HJ . -62.64 87.01 -49.99
O2 FUB HJ . -62.40 87.50 -51.29
C1 FUB HJ . -61.86 85.74 -49.60
O5 FUB IJ . -73.57 79.79 -57.64
C5 FUB IJ . -74.00 79.63 -56.29
C4 FUB IJ . -72.93 80.06 -55.32
O4 FUB IJ . -72.53 81.43 -55.57
C3 FUB IJ . -71.62 79.27 -55.38
O3 FUB IJ . -71.70 78.03 -54.70
C2 FUB IJ . -70.63 80.26 -54.77
O2 FUB IJ . -69.34 80.10 -55.33
C1 FUB IJ . -71.27 81.65 -54.93
O5 FUB IJ . -67.14 78.36 -56.37
C5 FUB IJ . -66.30 78.12 -55.25
C4 FUB IJ . -66.40 79.19 -54.18
O4 FUB IJ . -67.77 79.38 -53.76
C3 FUB IJ . -65.93 80.59 -54.60
O3 FUB IJ . -65.60 81.35 -53.46
C2 FUB IJ . -67.19 81.15 -55.24
O2 FUB IJ . -67.27 80.84 -56.62
C1 FUB IJ . -68.33 80.53 -54.42
O5 FUB IJ . -63.09 81.13 -57.25
C5 FUB IJ . -63.36 82.32 -57.98
C4 FUB IJ . -64.83 82.45 -58.31
O4 FUB IJ . -65.62 82.44 -57.10
C3 FUB IJ . -65.42 81.33 -59.16
O3 FUB IJ . -65.07 81.43 -60.54
C2 FUB IJ . -66.91 81.53 -58.89
O2 FUB IJ . -67.69 80.39 -59.20
C1 FUB IJ . -66.95 81.97 -57.41
O5 AHR IJ . -68.83 77.43 -58.96
C5 AHR IJ . -69.72 76.34 -58.71
C4 AHR IJ . -70.85 76.75 -57.79
O4 AHR IJ . -70.35 77.24 -56.52
C3 AHR IJ . -71.84 75.64 -57.41
O3 AHR IJ . -72.76 75.35 -58.46
C2 AHR IJ . -72.48 76.23 -56.17
O2 AHR IJ . -73.17 75.27 -55.39
C1 AHR IJ . -71.28 76.91 -55.48
O5 FUB JJ . -63.94 88.58 -63.34
C5 FUB JJ . -63.49 87.24 -63.37
C4 FUB JJ . -64.06 86.44 -62.23
O4 FUB JJ . -65.50 86.33 -62.31
C3 FUB JJ . -63.81 87.02 -60.83
O3 FUB JJ . -62.47 86.84 -60.39
C2 FUB JJ . -64.86 86.25 -60.02
O2 FUB JJ . -65.21 86.90 -58.82
C1 FUB JJ . -66.01 86.03 -61.00
O5 FUB JJ . -60.80 85.94 -59.17
C5 FUB JJ . -61.00 85.39 -57.88
C4 FUB JJ . -62.28 85.88 -57.26
O4 FUB JJ . -63.42 85.54 -58.08
C3 FUB JJ . -62.40 87.39 -57.06
O3 FUB JJ . -61.64 87.88 -55.98
C2 FUB JJ . -63.91 87.54 -56.90
O2 FUB JJ . -64.37 88.82 -57.27
C1 FUB JJ . -64.52 86.37 -57.69
O5 FUB JJ . -62.81 92.00 -54.93
C5 FUB JJ . -64.05 92.00 -54.25
C4 FUB JJ . -65.10 91.21 -55.01
O4 FUB JJ . -64.68 89.84 -55.19
C3 FUB JJ . -65.40 91.70 -56.43
O3 FUB JJ . -66.19 92.89 -56.46
C2 FUB JJ . -66.09 90.47 -57.01
O2 FUB JJ . -66.14 90.47 -58.42
C1 FUB JJ . -65.35 89.30 -56.36
O5 AHR JJ . -65.35 97.56 -55.66
C5 AHR JJ . -65.93 97.35 -56.94
C4 AHR JJ . -66.40 95.93 -57.11
O4 AHR JJ . -65.31 94.99 -56.94
C3 AHR JJ . -66.99 95.57 -58.47
O3 AHR JJ . -68.30 96.07 -58.67
C2 AHR JJ . -66.88 94.05 -58.45
O2 AHR JJ . -66.79 93.49 -59.74
C1 AHR JJ . -65.72 93.73 -57.49
O5 FUB KJ . -80.23 90.69 -57.51
C5 FUB KJ . -79.75 90.02 -56.36
C4 FUB KJ . -78.29 89.68 -56.49
O4 FUB KJ . -77.49 90.87 -56.72
C3 FUB KJ . -77.91 88.75 -57.64
O3 FUB KJ . -78.29 87.40 -57.41
C2 FUB KJ . -76.41 88.98 -57.70
O2 FUB KJ . -75.79 88.50 -58.88
C1 FUB KJ . -76.30 90.49 -57.43
O5 FUB KJ . -76.54 84.42 -57.38
C5 FUB KJ . -75.14 84.36 -57.18
C4 FUB KJ . -74.44 85.49 -57.91
O4 FUB KJ . -74.95 86.78 -57.50
C3 FUB KJ . -74.58 85.51 -59.44
O3 FUB KJ . -73.80 84.51 -60.07
C2 FUB KJ . -74.12 86.94 -59.73
O2 FUB KJ . -74.47 87.42 -61.01
C1 FUB KJ . -74.63 87.75 -58.52
O5 FUB KJ . -73.87 84.05 -63.67
C5 FUB KJ . -72.61 84.64 -63.98
C4 FUB KJ . -72.57 86.08 -63.51
O4 FUB KJ . -72.81 86.17 -62.10
C3 FUB KJ . -73.59 87.02 -64.14
O3 FUB KJ . -73.27 87.38 -65.48
C2 FUB KJ . -73.57 88.17 -63.15
O2 FUB KJ . -74.73 88.99 -63.21
C1 FUB KJ . -73.29 87.50 -61.79
O5 AHR KJ . -80.95 83.44 -56.73
C5 AHR KJ . -80.60 83.59 -58.10
C4 AHR KJ . -79.58 84.68 -58.28
O4 AHR KJ . -80.08 85.95 -57.84
C3 AHR KJ . -79.11 84.93 -59.72
O3 AHR KJ . -78.22 83.94 -60.21
C2 AHR KJ . -78.48 86.32 -59.58
O2 AHR KJ . -78.49 87.05 -60.78
C1 AHR KJ . -79.22 86.98 -58.40
O5 FUB LJ . -68.71 102.62 -59.54
C5 FUB LJ . -69.18 102.35 -60.85
C4 FUB LJ . -69.82 100.98 -60.93
O4 FUB LJ . -70.14 100.60 -62.28
C3 FUB LJ . -71.14 100.79 -60.19
O3 FUB LJ . -71.02 100.85 -58.77
C2 FUB LJ . -71.55 99.44 -60.75
O2 FUB LJ . -72.88 99.05 -60.47
C1 FUB LJ . -71.15 99.56 -62.22
O5 AHR LJ . -69.41 104.14 -55.49
C5 AHR LJ . -70.81 103.91 -55.35
C4 AHR LJ . -71.25 102.69 -56.13
O4 AHR LJ . -70.97 102.85 -57.54
C3 AHR LJ . -72.74 102.36 -56.07
O3 AHR LJ . -73.13 101.78 -54.83
C2 AHR LJ . -72.87 101.43 -57.28
O2 AHR LJ . -74.19 101.36 -57.76
C1 AHR LJ . -71.81 101.93 -58.27
O5 AHR LJ . -67.12 102.53 -54.99
C5 AHR LJ . -66.10 102.13 -55.90
C4 AHR LJ . -66.51 102.37 -57.33
O4 AHR LJ . -67.72 101.64 -57.65
C3 AHR LJ . -65.51 101.91 -58.40
O3 AHR LJ . -64.41 102.80 -58.54
C2 AHR LJ . -66.41 101.80 -59.63
O2 AHR LJ . -65.96 100.82 -60.54
C1 AHR LJ . -67.83 101.59 -59.07
O5 FUB MJ . -74.53 98.70 -57.12
C5 FUB MJ . -73.92 98.12 -55.97
C4 FUB MJ . -73.16 96.85 -56.27
O4 FUB MJ . -72.15 97.09 -57.29
C3 FUB MJ . -73.98 95.68 -56.82
O3 FUB MJ . -73.27 94.47 -56.60
C2 FUB MJ . -74.01 96.01 -58.31
O2 FUB MJ . -75.05 96.91 -58.65
C1 FUB MJ . -72.61 96.61 -58.56
O5 FUB MJ . -76.89 96.66 -55.41
C5 FUB MJ . -78.05 96.13 -56.04
C4 FUB MJ . -77.95 96.23 -57.54
O4 FUB MJ . -76.81 95.51 -58.03
C3 FUB MJ . -77.83 97.64 -58.11
O3 FUB MJ . -79.06 98.34 -58.16
C2 FUB MJ . -77.22 97.34 -59.49
O2 FUB MJ . -76.69 98.47 -60.12
C1 FUB MJ . -76.20 96.24 -59.12
O5 FUB NJ . -84.18 98.59 -61.86
C5 FUB NJ . -83.46 98.61 -60.64
C4 FUB NJ . -82.06 98.08 -60.83
O4 FUB NJ . -81.34 98.83 -61.82
C3 FUB NJ . -81.95 96.62 -61.30
O3 FUB NJ . -82.24 95.68 -60.28
C2 FUB NJ . -80.52 96.59 -61.83
O2 FUB NJ . -80.31 95.59 -62.79
C1 FUB NJ . -80.23 98.03 -62.29
O5 FUB NJ . -81.71 92.29 -60.58
C5 FUB NJ . -80.35 91.87 -60.45
C4 FUB NJ . -79.46 92.65 -61.40
O4 FUB NJ . -79.58 94.07 -61.19
C3 FUB NJ . -79.75 92.45 -62.88
O3 FUB NJ . -79.31 91.20 -63.39
C2 FUB NJ . -79.03 93.66 -63.47
O2 FUB NJ . -79.46 93.98 -64.78
C1 FUB NJ . -79.23 94.75 -62.41
O5 FUB NJ . -80.23 90.17 -66.67
C5 FUB NJ . -78.98 90.37 -67.34
C4 FUB NJ . -78.53 91.81 -67.22
O4 FUB NJ . -78.36 92.19 -65.83
C3 FUB NJ . -79.48 92.86 -67.78
O3 FUB NJ . -79.51 92.89 -69.20
C2 FUB NJ . -78.93 94.12 -67.12
O2 FUB NJ . -79.83 95.20 -67.12
C1 FUB NJ . -78.47 93.63 -65.74
O5 AHR NJ . -80.87 89.25 -72.20
C5 AHR NJ . -81.65 90.41 -72.41
C4 AHR NJ . -81.07 91.61 -71.72
O4 AHR NJ . -80.95 91.39 -70.29
C3 AHR NJ . -81.88 92.91 -71.81
O3 AHR NJ . -81.79 93.53 -73.08
C2 AHR NJ . -81.28 93.71 -70.66
O2 AHR NJ . -82.13 94.73 -70.18
C1 AHR NJ . -80.85 92.66 -69.64
O5 FUB OJ . -78.82 96.29 -75.08
C5 FUB OJ . -79.15 95.04 -74.48
C4 FUB OJ . -78.80 95.03 -73.01
O4 FUB OJ . -79.48 96.08 -72.30
C3 FUB OJ . -77.32 95.24 -72.67
O3 FUB OJ . -76.52 94.09 -72.95
C2 FUB OJ . -77.41 95.62 -71.20
O2 FUB OJ . -76.28 96.31 -70.73
C1 FUB OJ . -78.75 96.36 -71.08
O5 FUB OJ . -73.50 93.14 -71.87
C5 FUB OJ . -73.43 92.87 -70.48
C4 FUB OJ . -73.99 94.02 -69.67
O4 FUB OJ . -75.36 94.28 -70.04
C3 FUB OJ . -73.29 95.37 -69.85
O3 FUB OJ . -72.04 95.43 -69.17
C2 FUB OJ . -74.35 96.31 -69.29
O2 FUB OJ . -74.20 97.65 -69.73
C1 FUB OJ . -75.68 95.63 -69.65
O5 FUB OJ . -70.29 96.84 -68.26
C5 FUB OJ . -70.55 97.81 -67.25
C4 FUB OJ . -71.77 98.64 -67.60
O4 FUB OJ . -72.92 97.81 -67.78
C3 FUB OJ . -71.67 99.46 -68.89
O3 FUB OJ . -70.85 100.61 -68.77
C2 FUB OJ . -73.14 99.74 -69.16
O2 FUB OJ . -73.41 100.10 -70.50
C1 FUB OJ . -73.86 98.49 -68.64
O5 FUB PJ . -85.32 106.05 -76.74
C5 FUB PJ . -85.98 105.01 -76.04
C4 FUB PJ . -85.04 104.28 -75.11
O4 FUB PJ . -84.41 105.22 -74.20
C3 FUB PJ . -83.89 103.54 -75.79
O3 FUB PJ . -84.28 102.27 -76.29
C2 FUB PJ . -82.86 103.51 -74.67
O2 FUB PJ . -81.56 103.15 -75.10
C1 FUB PJ . -83.01 104.93 -74.12
O5 FUB PJ . -81.41 99.20 -76.57
C5 FUB PJ . -80.86 98.84 -75.31
C4 FUB PJ . -80.38 100.06 -74.54
O4 FUB PJ . -81.47 100.97 -74.30
C3 FUB PJ . -79.31 100.90 -75.23
O3 FUB PJ . -78.02 100.31 -75.19
C2 FUB PJ . -79.44 102.20 -74.44
O2 FUB PJ . -78.85 103.31 -75.08
C1 FUB PJ . -80.94 102.30 -74.15
O5 FUB PJ . -75.91 100.91 -76.74
C5 FUB PJ . -74.96 101.53 -75.88
C4 FUB PJ . -75.53 102.77 -75.24
O4 FUB PJ . -76.74 102.49 -74.51
C3 FUB PJ . -75.94 103.88 -76.22
O3 FUB PJ . -74.83 104.61 -76.74
C2 FUB PJ . -76.88 104.70 -75.35
O2 FUB PJ . -77.72 105.56 -76.09
C1 FUB PJ . -77.59 103.64 -74.49
O5 FUB QJ . -72.17 110.64 -79.49
C5 FUB QJ . -72.12 109.25 -79.76
C4 FUB QJ . -72.98 108.48 -78.80
O4 FUB QJ . -74.37 108.86 -78.93
C3 FUB QJ . -72.66 108.67 -77.31
O3 FUB QJ . -71.52 107.94 -76.88
C2 FUB QJ . -73.96 108.18 -76.68
O2 FUB QJ . -74.10 108.58 -75.33
C1 FUB QJ . -75.03 108.69 -77.65
O5 FUB QJ . -71.03 105.53 -74.87
C5 FUB QJ . -72.00 104.82 -74.11
C4 FUB QJ . -73.16 105.71 -73.75
O4 FUB QJ . -73.77 106.29 -74.92
C3 FUB QJ . -72.85 106.91 -72.86
O3 FUB QJ . -72.60 106.55 -71.50
C2 FUB QJ . -74.11 107.75 -73.06
O2 FUB QJ . -73.96 109.10 -72.71
C1 FUB QJ . -74.49 107.47 -74.52
C6 GZL QJ . -73.53 109.25 -69.38
C5 GZL QJ . -75.01 109.53 -69.06
C4 GZL QJ . -75.74 110.03 -70.30
C3 GZL QJ . -74.91 111.31 -70.98
C2 GZL QJ . -75.11 111.23 -72.19
O6 GZL QJ . -72.75 110.27 -68.79
O5 GZL QJ . -75.62 108.34 -68.62
O4 GZL QJ . -75.80 109.09 -71.17
O3 GZL QJ . -75.44 112.59 -70.47
C1 GZL QJ . -75.24 109.67 -72.46
O2 GZL QJ . -73.92 111.79 -72.95
O5 AHR QJ . -76.86 114.67 -66.25
C5 AHR QJ . -75.70 115.29 -66.78
C4 AHR QJ . -75.43 114.86 -68.20
O4 AHR QJ . -75.26 113.43 -68.29
C3 AHR QJ . -74.17 115.43 -68.84
O3 AHR QJ . -74.30 116.80 -69.21
C2 AHR QJ . -73.98 114.47 -70.01
O2 AHR QJ . -72.65 114.43 -70.49
C1 AHR QJ . -74.56 113.13 -69.50
O5 AHR QJ . -67.93 106.95 -73.76
C5 AHR QJ . -68.08 108.35 -73.91
C4 AHR QJ . -69.36 108.67 -74.64
O4 AHR QJ . -69.37 108.10 -75.96
C3 AHR QJ . -69.64 110.16 -74.89
O3 AHR QJ . -70.06 110.85 -73.72
C2 AHR QJ . -70.68 110.08 -76.00
O2 AHR QJ . -70.73 111.25 -76.79
C1 AHR QJ . -70.36 108.78 -76.74
O5 FUB RJ . -79.70 118.98 -70.56
C5 FUB RJ . -78.71 118.39 -69.72
C4 FUB RJ . -78.42 116.97 -70.15
O4 FUB RJ . -77.95 116.92 -71.53
C3 FUB RJ . -79.59 115.99 -70.12
O3 FUB RJ . -79.93 115.59 -68.80
C2 FUB RJ . -79.05 114.87 -71.00
O2 FUB RJ . -80.02 113.96 -71.45
C1 FUB RJ . -78.31 115.66 -72.11
O5 FUB RJ . -79.94 113.88 -67.27
C5 FUB RJ . -79.56 112.51 -67.35
C4 FUB RJ . -79.77 111.98 -68.74
O4 FUB RJ . -79.04 112.75 -69.72
C3 FUB RJ . -81.22 112.00 -69.26
O3 FUB RJ . -82.03 110.98 -68.68
C2 FUB RJ . -80.99 111.85 -70.76
O2 FUB RJ . -82.11 112.23 -71.53
C1 FUB RJ . -79.70 112.65 -71.00
C6 GZL RJ . -84.78 109.61 -70.60
C5 GZL RJ . -84.32 108.77 -71.79
C4 GZL RJ . -83.56 109.65 -72.78
C3 GZL RJ . -84.38 111.09 -73.03
C2 GZL RJ . -83.51 111.83 -73.50
O6 GZL RJ . -86.18 109.74 -70.65
O5 GZL RJ . -83.48 107.75 -71.35
O4 GZL RJ . -82.43 109.97 -72.31
O3 GZL RJ . -85.50 110.90 -73.97
C1 GZL RJ . -82.20 111.42 -72.70
O2 GZL RJ . -83.84 113.28 -73.23
O5 AHR RJ . -89.97 109.09 -72.78
C5 AHR RJ . -90.06 110.41 -73.31
C4 AHR RJ . -88.76 110.83 -73.97
O4 AHR RJ . -87.66 110.80 -73.03
C3 AHR RJ . -88.73 112.24 -74.55
O3 AHR RJ . -89.46 112.36 -75.76
C2 AHR RJ . -87.23 112.46 -74.69
O2 AHR RJ . -86.87 113.82 -74.75
C1 AHR RJ . -86.62 111.66 -73.53
O5 FUB SJ . -78.65 114.56 -86.65
C5 FUB SJ . -77.90 113.39 -86.36
C4 FUB SJ . -78.01 113.00 -84.91
O4 FUB SJ . -79.40 112.79 -84.54
C3 FUB SJ . -77.48 114.02 -83.90
O3 FUB SJ . -76.06 113.99 -83.76
C2 FUB SJ . -78.25 113.61 -82.65
O2 FUB SJ . -78.17 114.55 -81.60
C1 FUB SJ . -79.64 113.38 -83.25
O5 FUB SJ . -74.56 112.72 -82.05
C5 FUB SJ . -74.68 112.19 -80.74
C4 FUB SJ . -75.79 112.87 -79.96
O4 FUB SJ . -77.06 112.73 -80.66
C3 FUB SJ . -75.63 114.38 -79.76
O3 FUB SJ . -74.69 114.71 -78.74
C2 FUB SJ . -77.06 114.78 -79.45
O2 FUB SJ . -77.31 116.17 -79.55
C1 FUB SJ . -77.88 113.88 -80.38
C6 GZL SJ . -73.88 117.62 -77.34
C5 GZL SJ . -74.95 118.23 -76.41
C4 GZL SJ . -76.35 117.75 -76.74
C3 GZL SJ . -77.09 118.86 -77.75
C2 GZL SJ . -77.96 118.24 -78.37
O6 GZL SJ . -74.48 117.16 -78.52
O5 GZL SJ . -74.60 118.05 -75.05
O4 GZL SJ . -76.32 116.67 -77.40
O3 GZL SJ . -77.68 119.96 -76.97
C1 GZL SJ . -77.57 116.71 -78.26
O2 GZL SJ . -77.97 118.68 -79.81
O5 FUB SJ . -72.49 114.26 -76.59
C5 FUB SJ . -73.28 113.63 -75.60
C4 FUB SJ . -73.84 114.64 -74.62
O4 FUB SJ . -74.65 115.61 -75.29
C3 FUB SJ . -72.82 115.47 -73.85
O3 FUB SJ . -72.16 114.73 -72.84
C2 FUB SJ . -73.70 116.61 -73.35
O2 FUB SJ . -72.97 117.77 -73.05
C1 FUB SJ . -74.78 116.77 -74.43
O5 FUB TJ . -80.65 126.25 -77.97
C5 FUB TJ . -80.71 125.41 -79.12
C4 FUB TJ . -80.38 123.98 -78.77
O4 FUB TJ . -80.47 123.13 -79.93
C3 FUB TJ . -81.30 123.31 -77.74
O3 FUB TJ . -81.04 123.72 -76.41
C2 FUB TJ . -81.02 121.84 -78.01
O2 FUB TJ . -82.12 121.01 -77.68
C1 FUB TJ . -80.57 121.77 -79.47
O5 FUB TJ . -80.85 121.05 -73.38
C5 FUB TJ . -80.38 119.74 -73.67
C4 FUB TJ . -81.01 119.21 -74.95
O4 FUB TJ . -80.71 120.08 -76.06
C3 FUB TJ . -82.53 119.11 -74.95
O3 FUB TJ . -83.02 118.00 -74.21
C2 FUB TJ . -82.84 119.06 -76.44
O2 FUB TJ . -84.11 119.58 -76.74
C1 FUB TJ . -81.66 119.79 -77.11
C6 GZL TJ . -86.27 118.74 -74.32
C5 GZL TJ . -87.29 118.03 -75.25
C4 GZL TJ . -86.78 118.05 -76.69
C3 GZL TJ . -86.85 119.59 -77.33
C2 GZL TJ . -86.03 119.53 -78.25
O6 GZL TJ . -86.75 120.01 -74.01
O5 GZL TJ . -87.45 116.72 -74.84
O4 GZL TJ . -85.57 117.67 -76.74
O3 GZL TJ . -88.21 119.88 -77.83
C1 GZL TJ . -84.84 118.70 -77.60
O2 GZL TJ . -85.52 120.91 -78.60
O5 AHR TJ . -88.60 122.45 -73.59
C5 AHR TJ . -89.42 122.99 -74.61
C4 AHR TJ . -89.57 122.03 -75.76
O4 AHR TJ . -88.29 121.72 -76.36
C3 AHR TJ . -90.42 122.51 -76.94
O3 AHR TJ . -91.82 122.49 -76.66
C2 AHR TJ . -89.98 121.55 -78.03
O2 AHR TJ . -90.24 122.06 -79.32
C1 AHR TJ . -88.50 121.27 -77.70
O5 AHR TJ . -82.88 126.55 -72.52
C5 AHR TJ . -81.89 125.54 -72.37
C4 AHR TJ . -81.92 124.57 -73.53
O4 AHR TJ . -81.74 125.25 -74.79
C3 AHR TJ . -83.22 123.79 -73.72
O3 AHR TJ . -83.39 122.75 -72.76
C2 AHR TJ . -83.07 123.31 -75.15
O2 AHR TJ . -84.32 123.07 -75.79
C1 AHR TJ . -82.17 124.37 -75.84
O5 FUB UJ . -91.76 119.65 -83.75
C5 FUB UJ . -92.08 120.03 -82.42
C4 FUB UJ . -90.92 119.78 -81.50
O4 FUB UJ . -89.79 120.61 -81.86
C3 FUB UJ . -90.38 118.36 -81.51
O3 FUB UJ . -91.16 117.44 -80.75
C2 FUB UJ . -88.96 118.56 -81.00
O2 FUB UJ . -88.06 117.62 -81.57
C1 FUB UJ . -88.61 120.02 -81.30
O5 FUB UJ . -90.43 114.45 -79.47
C5 FUB UJ . -89.22 114.27 -78.74
C4 FUB UJ . -88.06 114.94 -79.43
O4 FUB UJ . -88.30 116.35 -79.61
C3 FUB UJ . -87.73 114.44 -80.85
O3 FUB UJ . -87.10 113.17 -80.86
C2 FUB UJ . -86.87 115.59 -81.36
O2 FUB UJ . -86.89 115.69 -82.76
C1 FUB UJ . -87.39 116.83 -80.62
O5 FUB UJ . -86.37 111.95 -83.81
C5 FUB UJ . -85.05 112.24 -84.27
C4 FUB UJ . -84.84 113.73 -84.38
O4 FUB UJ . -85.02 114.37 -83.10
C3 FUB UJ . -85.78 114.48 -85.33
O3 FUB UJ . -85.43 114.32 -86.69
C2 FUB UJ . -85.63 115.91 -84.79
O2 FUB UJ . -86.64 116.78 -85.25
C1 FUB UJ . -85.57 115.68 -83.28
O5 AHR UJ . -87.20 110.93 -90.03
C5 AHR UJ . -87.78 112.21 -89.82
C4 AHR UJ . -86.73 113.28 -89.67
O4 AHR UJ . -85.88 112.98 -88.55
C3 AHR UJ . -87.27 114.67 -89.35
O3 AHR UJ . -86.28 115.64 -89.60
C2 AHR UJ . -87.54 114.54 -87.86
O2 AHR UJ . -88.86 114.09 -87.57
C1 AHR UJ . -86.44 113.59 -87.36
O5 FUB VJ . -80.17 128.89 -89.68
C5 FUB VJ . -79.14 128.07 -89.14
C4 FUB VJ . -79.70 126.79 -88.57
O4 FUB VJ . -80.40 126.04 -89.58
C3 FUB VJ . -80.72 126.94 -87.45
O3 FUB VJ . -80.12 127.28 -86.20
C2 FUB VJ . -81.38 125.57 -87.46
O2 FUB VJ . -82.68 125.58 -86.88
C1 FUB VJ . -81.30 125.12 -88.93
O5 FUB VJ . -80.84 127.10 -83.10
C5 FUB VJ . -80.99 125.75 -82.69
C4 FUB VJ . -81.98 125.02 -83.56
O4 FUB VJ . -81.54 124.97 -84.94
C3 FUB VJ . -83.38 125.65 -83.63
O3 FUB VJ . -84.15 125.41 -82.46
C2 FUB VJ . -83.93 124.96 -84.89
O2 FUB VJ . -84.99 125.68 -85.49
C1 FUB VJ . -82.69 124.72 -85.76
C6 GZL VJ . -87.22 127.84 -82.48
C5 GZL VJ . -88.23 126.66 -82.50
C4 GZL VJ . -87.73 125.56 -83.42
C3 GZL VJ . -88.42 125.71 -84.95
C2 GZL VJ . -87.48 125.79 -85.76
O6 GZL VJ . -87.23 128.45 -83.74
O5 GZL VJ . -88.49 126.20 -81.20
O4 GZL VJ . -86.47 125.66 -83.58
O3 GZL VJ . -89.23 124.50 -85.21
C1 GZL VJ . -86.23 125.18 -85.00
O2 GZL VJ . -87.24 127.24 -86.10
O5 FUB VJ . -85.52 127.60 -78.35
C5 FUB VJ . -84.99 126.28 -78.41
C4 FUB VJ . -85.95 125.32 -79.05
O4 FUB VJ . -86.31 125.77 -80.38
C3 FUB VJ . -87.29 125.14 -78.35
O3 FUB VJ . -87.20 124.33 -77.19
C2 FUB VJ . -88.13 124.52 -79.47
O2 FUB VJ . -89.52 124.65 -79.27
C1 FUB VJ . -87.57 125.19 -80.75
O5 FUB WJ . -93.24 128.21 -88.56
C5 FUB WJ . -92.31 128.40 -87.50
C4 FUB WJ . -91.13 127.47 -87.63
O4 FUB WJ . -90.44 127.64 -88.88
C3 FUB WJ . -91.48 125.97 -87.60
O3 FUB WJ . -91.79 125.49 -86.30
C2 FUB WJ . -90.22 125.37 -88.21
O2 FUB WJ . -90.42 124.10 -88.80
C1 FUB WJ . -89.69 126.45 -89.17
O5 FUB WJ . -92.98 120.67 -85.58
C5 FUB WJ . -92.33 121.92 -85.75
C4 FUB WJ . -91.08 121.77 -86.59
O4 FUB WJ . -90.40 123.04 -86.75
C3 FUB WJ . -91.31 121.27 -88.03
O3 FUB WJ . -91.56 119.88 -88.08
C2 FUB WJ . -90.01 121.72 -88.69
O2 FUB WJ . -90.06 121.71 -90.10
C1 FUB WJ . -89.78 123.09 -88.03
O5 FUB WJ . -91.54 117.76 -88.97
C5 FUB WJ . -90.39 117.27 -89.65
C4 FUB WJ . -89.77 118.34 -90.53
O4 FUB WJ . -89.37 119.48 -89.76
C3 FUB WJ . -90.67 118.91 -91.63
O3 FUB WJ . -90.85 118.03 -92.73
C2 FUB WJ . -89.90 120.20 -91.97
O2 FUB WJ . -90.70 121.16 -92.63
C1 FUB WJ . -89.29 120.63 -90.63
O5 FUB XJ . -89.48 118.85 -99.80
C5 FUB XJ . -90.26 118.29 -98.75
C4 FUB XJ . -89.86 118.89 -97.41
O4 FUB XJ . -90.10 120.31 -97.42
C3 FUB XJ . -88.40 118.74 -96.98
O3 FUB XJ . -88.06 117.47 -96.44
C2 FUB XJ . -88.30 119.85 -95.93
O2 FUB XJ . -86.99 120.30 -95.67
C1 FUB XJ . -89.32 120.91 -96.37
O5 FUB XJ . -86.69 116.34 -93.78
C5 FUB XJ . -86.66 117.07 -92.56
C4 FUB XJ . -86.37 118.53 -92.79
O4 FUB XJ . -87.35 119.12 -93.68
C3 FUB XJ . -85.02 118.86 -93.44
O3 FUB XJ . -83.93 118.74 -92.54
C2 FUB XJ . -85.28 120.30 -93.91
O2 FUB XJ . -84.40 120.71 -94.93
C1 FUB XJ . -86.78 120.31 -94.26
O5 FUB XJ . -80.33 121.13 -93.62
C5 FUB XJ . -80.59 122.52 -93.57
C4 FUB XJ . -81.87 122.88 -94.29
O4 FUB XJ . -83.00 122.16 -93.74
C3 FUB XJ . -81.93 122.53 -95.79
O3 FUB XJ . -81.14 123.41 -96.59
C2 FUB XJ . -83.43 122.62 -96.03
O2 FUB XJ . -83.85 121.97 -97.21
C1 FUB XJ . -84.04 122.07 -94.72
O5 AHR XJ . -77.83 125.24 -99.81
C5 AHR XJ . -78.25 123.93 -100.16
C4 AHR XJ . -79.48 123.51 -99.39
O4 AHR XJ . -79.23 123.51 -97.96
C3 AHR XJ . -79.99 122.09 -99.68
O3 AHR XJ . -80.68 122.00 -100.92
C2 AHR XJ . -80.87 121.85 -98.45
O2 AHR XJ . -81.10 120.49 -98.19
C1 AHR XJ . -80.19 122.65 -97.33
O5 AHR XJ . -89.60 112.95 -95.91
C5 AHR XJ . -88.33 112.97 -96.56
C4 AHR XJ . -87.71 114.35 -96.50
O4 AHR XJ . -88.54 115.33 -97.17
C3 AHR XJ . -86.34 114.51 -97.17
O3 AHR XJ . -85.28 113.94 -96.42
C2 AHR XJ . -86.27 116.03 -97.30
O2 AHR XJ . -85.41 116.45 -98.35
C1 AHR XJ . -87.74 116.50 -97.42
O5 FUB YJ . -81.87 128.31 -101.12
C5 FUB YJ . -80.84 127.45 -100.64
C4 FUB YJ . -81.21 126.85 -99.30
O4 FUB YJ . -82.46 126.12 -99.39
C3 FUB YJ . -81.44 127.83 -98.15
O3 FUB YJ . -80.23 128.39 -97.65
C2 FUB YJ . -82.18 126.93 -97.17
O2 FUB YJ . -82.91 127.65 -96.19
C1 FUB YJ . -82.99 125.99 -98.06
O5 FUB YJ . -79.41 127.23 -93.97
C5 FUB YJ . -80.14 126.38 -93.08
C4 FUB YJ . -81.63 126.48 -93.34
O4 FUB YJ . -81.94 126.15 -94.70
C3 FUB YJ . -82.27 127.85 -93.10
O3 FUB YJ . -82.44 128.17 -91.73
C2 FUB YJ . -83.57 127.67 -93.87
O2 FUB YJ . -84.22 128.89 -94.17
C1 FUB YJ . -83.17 126.82 -95.08
O5 FUB YJ . -86.61 129.67 -90.75
C5 FUB YJ . -87.75 129.34 -91.56
C4 FUB YJ . -87.37 129.25 -93.01
O4 FUB YJ . -86.29 128.32 -93.23
C3 FUB YJ . -86.89 130.54 -93.68
O3 FUB YJ . -87.95 131.46 -93.92
C2 FUB YJ . -86.22 129.99 -94.92
O2 FUB YJ . -85.33 130.89 -95.54
C1 FUB YJ . -85.60 128.67 -94.45
O5 AHR YJ . -87.47 135.10 -90.57
C5 AHR YJ . -87.73 135.62 -91.87
C4 AHR YJ . -88.20 134.52 -92.81
O4 AHR YJ . -87.23 133.47 -92.91
C3 AHR YJ . -88.46 134.94 -94.26
O3 AHR YJ . -89.66 135.69 -94.42
C2 AHR YJ . -88.44 133.59 -94.96
O2 AHR YJ . -88.20 133.69 -96.35
C1 AHR YJ . -87.43 132.76 -94.16
O5 FUB ZJ . -97.26 125.41 -103.78
C5 FUB ZJ . -97.45 124.98 -102.44
C4 FUB ZJ . -96.22 125.28 -101.59
O4 FUB ZJ . -95.93 126.69 -101.57
C3 FUB ZJ . -94.92 124.62 -102.05
O3 FUB ZJ . -94.86 123.23 -101.77
C2 FUB ZJ . -93.91 125.47 -101.29
O2 FUB ZJ . -92.59 125.37 -101.80
C1 FUB ZJ . -94.52 126.88 -101.31
O5 FUB ZJ . -92.44 121.04 -101.61
C5 FUB ZJ . -91.62 121.22 -100.47
C4 FUB ZJ . -91.11 122.64 -100.39
O4 FUB ZJ . -92.20 123.59 -100.33
C3 FUB ZJ . -90.26 123.12 -101.57
O3 FUB ZJ . -88.94 122.59 -101.55
C2 FUB ZJ . -90.33 124.64 -101.38
O2 FUB ZJ . -90.05 125.37 -102.55
C1 FUB ZJ . -91.73 124.87 -100.78
O5 FUB ZJ . -86.77 122.91 -103.23
C5 FUB ZJ . -85.93 124.02 -102.96
C4 FUB ZJ . -86.72 125.30 -102.94
O4 FUB ZJ . -87.80 125.23 -101.98
C3 FUB ZJ . -87.41 125.70 -104.24
O3 FUB ZJ . -86.50 126.22 -105.21
C2 FUB ZJ . -88.43 126.70 -103.74
O2 FUB ZJ . -89.48 126.95 -104.65
C1 FUB ZJ . -88.85 126.12 -102.38
O5 FUB AK . -85.53 131.81 -109.29
C5 FUB AK . -85.17 130.44 -109.19
C4 FUB AK . -85.84 129.79 -108.01
O4 FUB AK . -87.28 129.90 -108.10
C3 FUB AK . -85.48 130.39 -106.64
O3 FUB AK . -84.20 129.99 -106.18
C2 FUB AK . -86.66 129.91 -105.80
O2 FUB AK . -86.79 130.64 -104.60
C1 FUB AK . -87.83 130.03 -106.77
O5 FUB AK . -83.48 127.78 -105.06
C5 FUB AK . -83.74 127.43 -103.72
C4 FUB AK . -84.66 128.44 -103.05
O4 FUB AK . -85.87 128.62 -103.82
C3 FUB AK . -84.11 129.86 -102.88
O3 FUB AK . -83.14 129.97 -101.85
C2 FUB AK . -85.39 130.63 -102.63
O2 FUB AK . -85.28 132.01 -102.86
C1 FUB AK . -86.46 129.88 -103.45
O5 FUB AK . -85.04 133.95 -98.75
C5 FUB AK . -86.42 134.15 -98.97
C4 FUB AK . -86.79 133.97 -100.42
O4 FUB AK . -86.42 132.67 -100.90
C3 FUB AK . -86.13 134.94 -101.40
O3 FUB AK . -86.67 136.25 -101.37
C2 FUB AK . -86.32 134.20 -102.72
O2 FUB AK . -85.36 134.54 -103.70
C1 FUB AK . -86.40 132.71 -102.34
O5 FUB BK . -90.31 141.86 -102.47
C5 FUB BK . -89.07 141.21 -102.23
C4 FUB BK . -89.18 139.72 -102.44
O4 FUB BK . -89.59 139.40 -103.79
C3 FUB BK . -90.18 138.99 -101.55
O3 FUB BK . -89.73 138.83 -100.21
C2 FUB BK . -90.32 137.68 -102.32
O2 FUB BK . -91.48 136.94 -101.99
C1 FUB BK . -90.16 138.08 -103.79
O5 FUB BK . -90.24 137.26 -97.85
C5 FUB BK . -89.89 135.88 -97.97
C4 FUB BK . -90.53 135.26 -99.18
O4 FUB BK . -90.12 135.93 -100.39
C3 FUB BK . -92.06 135.30 -99.24
O3 FUB BK . -92.67 134.35 -98.36
C2 FUB BK . -92.30 135.03 -100.72
O2 FUB BK . -93.58 135.44 -101.15
C1 FUB BK . -91.10 135.70 -101.41
O5 FUB BK . -95.26 134.19 -98.55
C5 FUB BK . -95.43 132.82 -98.89
C4 FUB BK . -95.26 132.57 -100.38
O4 FUB BK . -94.03 133.15 -100.86
C3 FUB BK . -96.35 133.15 -101.27
O3 FUB BK . -96.41 132.42 -102.49
C2 FUB BK . -95.82 134.56 -101.53
O2 FUB BK . -96.17 135.47 -100.51
C1 FUB BK . -94.31 134.32 -101.65
O5 FUB CK . -102.30 133.25 -105.23
C5 FUB CK . -101.69 133.27 -103.95
C4 FUB CK . -100.18 133.33 -104.06
O4 FUB CK . -99.75 134.54 -104.72
C3 FUB CK . -99.52 132.21 -104.85
O3 FUB CK . -99.49 130.97 -104.15
C2 FUB CK . -98.15 132.82 -105.10
O2 FUB CK . -97.43 132.21 -106.15
C1 FUB CK . -98.43 134.32 -105.27
O5 FUB CK . -98.62 128.86 -104.02
C5 FUB CK . -97.26 128.65 -103.68
C4 FUB CK . -96.34 129.48 -104.54
O4 FUB CK . -96.63 130.89 -104.41
C3 FUB CK . -96.42 129.21 -106.05
O3 FUB CK . -95.76 128.01 -106.43
C2 FUB CK . -95.77 130.48 -106.59
O2 FUB CK . -96.01 130.70 -107.96
C1 FUB CK . -96.27 131.57 -105.62
O5 FUB CK . -92.48 127.89 -107.60
C5 FUB CK . -91.80 128.95 -108.25
C4 FUB CK . -92.76 129.91 -108.90
O4 FUB CK . -93.66 130.49 -107.93
C3 FUB CK . -93.69 129.31 -109.96
O3 FUB CK . -93.03 129.06 -111.19
C2 FUB CK . -94.78 130.38 -110.03
O2 FUB CK . -96.02 129.88 -110.49
C1 FUB CK . -94.80 131.03 -108.64
O5 FUB DK . -93.64 132.25 -116.81
C5 FUB DK . -93.63 131.05 -116.05
C4 FUB DK . -93.35 131.33 -114.58
O4 FUB DK . -94.38 132.15 -114.00
C3 FUB DK . -92.06 132.08 -114.27
O3 FUB DK . -90.89 131.28 -114.43
C2 FUB DK . -92.33 132.51 -112.84
O2 FUB DK . -91.57 133.63 -112.42
C1 FUB DK . -93.86 132.67 -112.76
O5 FUB DK . -88.26 130.78 -112.35
C5 FUB DK . -88.38 130.87 -110.94
C4 FUB DK . -89.19 132.08 -110.53
O4 FUB DK . -90.51 132.04 -111.11
C3 FUB DK . -88.63 133.43 -110.96
O3 FUB DK . -87.53 133.86 -110.17
C2 FUB DK . -89.87 134.31 -110.84
O2 FUB DK . -89.81 135.49 -111.63
C1 FUB DK . -91.04 133.37 -111.13
O5 FUB DK . -86.41 137.73 -109.72
C5 FUB DK . -87.46 138.40 -109.04
C4 FUB DK . -88.78 138.18 -109.72
O4 FUB DK . -89.10 136.78 -109.81
C3 FUB DK . -88.87 138.68 -111.16
O3 FUB DK . -89.00 140.09 -111.27
C2 FUB DK . -90.09 137.89 -111.66
O2 FUB DK . -90.10 137.72 -113.06
C1 FUB DK . -90.11 136.62 -110.82
O5 FUB EK . -91.82 145.50 -112.97
C5 FUB EK . -90.66 144.76 -112.63
C4 FUB EK . -91.01 143.42 -112.04
O4 FUB EK . -91.83 142.64 -112.94
C3 FUB EK . -91.82 143.45 -110.74
O3 FUB EK . -91.05 143.82 -109.60
C2 FUB EK . -92.34 142.01 -110.70
O2 FUB EK . -93.44 141.83 -109.84
C1 FUB EK . -92.60 141.70 -112.18
O5 FUB EK . -91.49 143.66 -106.48
C5 FUB EK . -91.34 142.33 -105.97
C4 FUB EK . -92.23 141.36 -106.70
O4 FUB EK . -91.94 141.35 -108.11
C3 FUB EK . -93.73 141.63 -106.62
O3 FUB EK . -94.30 141.29 -105.37
C2 FUB EK . -94.23 140.79 -107.79
O2 FUB EK . -95.52 141.14 -108.25
C1 FUB EK . -93.10 140.89 -108.84
O5 FUB EK . -96.86 141.08 -104.18
C5 FUB EK . -97.58 139.91 -104.51
C4 FUB EK . -97.65 139.73 -106.01
O4 FUB EK . -96.34 139.69 -106.60
C3 FUB EK . -98.38 140.83 -106.78
O3 FUB EK . -99.80 140.76 -106.63
C2 FUB EK . -97.87 140.58 -108.19
O2 FUB EK . -98.02 141.68 -109.06
C1 FUB EK . -96.43 140.08 -107.98
O5 FUB FK . -105.09 141.17 -110.07
C5 FUB FK . -104.24 141.82 -109.13
C4 FUB FK . -102.81 141.35 -109.28
O4 FUB FK . -102.29 141.65 -110.58
C3 FUB FK . -102.59 139.85 -109.11
O3 FUB FK . -102.58 139.43 -107.75
C2 FUB FK . -101.25 139.65 -109.84
O2 FUB FK . -101.20 138.41 -110.51
C1 FUB FK . -101.10 140.87 -110.76
O5 FUB FK . -103.21 136.81 -107.00
C5 FUB FK . -102.00 136.08 -106.78
C4 FUB FK . -101.13 136.09 -108.01
O4 FUB FK . -100.80 137.44 -108.40
C3 FUB FK . -101.74 135.47 -109.28
O3 FUB FK . -101.77 134.05 -109.24
C2 FUB FK . -100.83 136.07 -110.34
O2 FUB FK . -101.44 136.07 -111.62
C1 FUB FK . -100.45 137.44 -109.81
O5 FUB FK . -101.81 131.74 -112.12
C5 FUB FK . -100.70 131.87 -112.99
C4 FUB FK . -100.48 133.31 -113.39
O4 FUB FK . -100.27 134.15 -112.22
C3 FUB FK . -101.63 133.98 -114.13
O3 FUB FK . -101.74 133.57 -115.49
C2 FUB FK . -101.27 135.46 -113.95
O2 FUB FK . -102.38 136.33 -114.10
C1 FUB FK . -100.56 135.52 -112.58
O5 FUB GK . -101.84 135.67 -122.49
C5 FUB GK . -102.18 134.80 -121.43
C4 FUB GK . -101.51 135.22 -120.13
O4 FUB GK . -101.91 136.55 -119.75
C3 FUB GK . -99.99 135.29 -120.17
O3 FUB GK . -99.35 134.02 -120.09
C2 FUB GK . -99.70 136.20 -118.97
O2 FUB GK . -98.51 136.93 -119.14
C1 FUB GK . -100.98 137.03 -118.77
O5 FUB GK . -95.61 134.17 -118.42
C5 FUB GK . -95.26 134.88 -117.23
C4 FUB GK . -95.96 136.22 -117.18
O4 FUB GK . -97.39 136.07 -117.31
C3 FUB GK . -95.57 137.22 -118.28
O3 FUB GK . -94.29 137.80 -118.08
C2 FUB GK . -96.74 138.20 -118.19
O2 FUB GK . -96.87 139.03 -119.31
C1 FUB GK . -97.93 137.27 -117.90
O5 FUB GK . -93.19 139.38 -116.94
C5 FUB GK . -93.40 140.78 -117.06
C4 FUB GK . -94.42 141.11 -118.11
O4 FUB GK . -95.68 140.45 -117.84
C3 FUB GK . -94.09 140.68 -119.54
O3 FUB GK . -93.09 141.47 -120.16
C2 FUB GK . -95.47 140.77 -120.19
O2 FUB GK . -95.57 140.01 -121.38
C1 FUB GK . -96.43 140.36 -119.06
O5 AHR GK . -90.51 145.57 -118.71
C5 AHR GK . -90.53 145.04 -120.03
C4 AHR GK . -91.92 144.62 -120.44
O4 AHR GK . -92.45 143.61 -119.53
C3 AHR GK . -92.06 144.00 -121.82
O3 AHR GK . -91.98 144.95 -122.87
C2 AHR GK . -93.41 143.31 -121.69
O2 AHR GK . -93.62 142.30 -122.67
C1 AHR GK . -93.45 142.84 -120.23
O5 AHR GK . -96.70 130.91 -123.14
C5 AHR GK . -96.60 132.32 -123.17
C4 AHR GK . -96.56 132.91 -121.78
O4 AHR GK . -97.78 132.59 -121.08
C3 AHR GK . -96.51 134.43 -121.74
O3 AHR GK . -96.12 134.86 -120.45
C2 AHR GK . -97.97 134.78 -121.99
O2 AHR GK . -98.27 134.96 -123.36
C1 AHR GK . -98.75 133.62 -121.33
O5 FUB HK . -96.45 148.97 -121.18
C5 FUB HK . -95.32 148.14 -121.04
C4 FUB HK . -95.66 146.85 -120.34
O4 FUB HK . -96.69 146.12 -121.05
C3 FUB HK . -96.20 146.97 -118.91
O3 FUB HK . -95.19 147.29 -117.96
C2 FUB HK . -96.80 145.58 -118.73
O2 FUB HK . -97.69 145.45 -117.64
C1 FUB HK . -97.36 145.24 -120.12
O5 FUB HK . -93.57 145.62 -116.75
C5 FUB HK . -93.69 144.29 -116.24
C4 FUB HK . -95.14 143.94 -115.98
O4 FUB HK . -95.93 144.00 -117.19
C3 FUB HK . -95.87 144.86 -114.99
O3 FUB HK . -95.50 144.56 -113.65
C2 FUB HK . -97.33 144.60 -115.35
O2 FUB HK . -98.25 145.60 -114.94
C1 FUB HK . -97.29 144.32 -116.86
C6 GZL HK . -96.14 148.65 -111.27
C5 GZL HK . -97.62 148.28 -111.49
C4 GZL HK . -97.82 147.99 -112.96
C3 GZL HK . -99.41 147.67 -113.35
C2 GZL HK . -99.57 146.51 -112.97
O6 GZL HK . -95.35 147.68 -111.91
O5 GZL HK . -97.92 147.12 -110.70
O4 GZL HK . -97.17 146.92 -113.25
O3 GZL HK . -100.30 148.58 -112.62
C1 GZL HK . -98.21 145.86 -113.53
O2 GZL HK . -100.77 145.88 -113.64
O5 AHR HK . -104.60 151.32 -110.98
C5 AHR HK . -103.35 151.59 -111.62
C4 AHR HK . -102.72 150.32 -112.14
O4 AHR HK . -101.45 150.57 -112.77
C3 AHR HK . -103.51 149.57 -113.22
O3 AHR HK . -104.64 148.88 -112.71
C2 AHR HK . -102.42 148.67 -113.79
O2 AHR HK . -102.63 148.31 -115.14
C1 AHR HK . -101.09 149.39 -113.49
O5 FUB IK . -110.08 142.07 -124.30
C5 FUB IK . -110.21 141.02 -123.35
C4 FUB IK . -109.05 141.02 -122.38
O4 FUB IK . -108.99 142.26 -121.64
C3 FUB IK . -107.66 140.89 -123.00
O3 FUB IK . -107.36 139.57 -123.44
C2 FUB IK . -106.79 141.39 -121.86
O2 FUB IK . -105.52 141.86 -122.27
C1 FUB IK . -107.67 142.38 -121.08
O5 FUB IK . -106.60 137.77 -121.86
C5 FUB IK . -105.35 137.56 -121.23
C4 FUB IK . -104.42 138.75 -121.44
O4 FUB IK . -105.03 139.97 -120.95
C3 FUB IK . -104.05 139.06 -122.89
O3 FUB IK . -103.11 138.13 -123.42
C2 FUB IK . -103.53 140.49 -122.73
O2 FUB IK . -103.42 141.21 -123.95
C1 FUB IK . -104.47 141.09 -121.68
C6 GZL IK . -101.34 140.12 -128.60
C5 GZL IK . -100.77 141.22 -127.71
C4 GZL IK . -101.38 141.19 -126.35
C3 GZL IK . -101.71 142.64 -125.68
C2 GZL IK . -101.19 142.17 -124.68
O6 GZL IK . -100.28 139.39 -129.16
O5 GZL IK . -99.52 140.83 -127.15
O4 GZL IK . -102.39 140.50 -126.04
O3 GZL IK . -100.95 143.74 -126.29
C1 GZL IK . -102.17 140.88 -124.57
O2 GZL IK . -101.37 143.08 -123.49
O5 FUB JK . -103.49 151.09 -129.38
C5 FUB JK . -102.90 149.82 -129.60
C4 FUB JK . -103.17 148.90 -128.43
O4 FUB JK . -104.58 148.71 -128.21
C3 FUB JK . -102.64 149.37 -127.08
O3 FUB JK . -101.22 149.23 -126.95
C2 FUB JK . -103.44 148.50 -126.13
O2 FUB JK . -103.54 149.03 -124.83
C1 FUB JK . -104.78 148.28 -126.86
O5 FUB JK . -99.38 148.35 -126.00
C5 FUB JK . -99.31 147.55 -124.83
C4 FUB JK . -100.49 147.82 -123.91
O4 FUB JK . -101.75 147.54 -124.57
C3 FUB JK . -100.65 149.25 -123.40
O3 FUB JK . -99.69 149.59 -122.40
C2 FUB JK . -102.09 149.21 -122.90
O2 FUB JK . -102.66 150.49 -122.76
C1 FUB JK . -102.78 148.27 -123.89
C6 GZL JK . -100.74 150.47 -119.47
C5 GZL JK . -101.57 151.75 -119.58
C4 GZL JK . -103.02 151.41 -119.89
C3 GZL JK . -103.65 152.52 -120.96
C2 GZL JK . -104.41 151.88 -121.69
O6 GZL JK . -101.38 149.59 -118.59
O5 GZL JK . -101.06 152.55 -120.61
O4 GZL JK . -103.09 150.25 -120.42
O3 GZL JK . -104.42 153.55 -120.24
C1 GZL JK . -103.70 150.46 -121.80
O2 GZL JK . -104.51 152.52 -123.06
O5 AHR JK . -101.25 154.64 -116.84
C5 AHR JK . -102.04 155.76 -117.18
C4 AHR JK . -103.18 155.38 -118.11
O4 AHR JK . -102.66 154.79 -119.32
C3 AHR JK . -104.05 156.53 -118.60
O3 AHR JK . -104.99 156.98 -117.63
C2 AHR JK . -104.68 155.93 -119.85
O2 AHR JK . -104.98 156.89 -120.84
C1 AHR JK . -103.73 154.80 -120.28
O5 FUB KK . -110.34 156.91 -121.50
C5 FUB KK . -109.02 157.16 -121.06
C4 FUB KK . -108.27 155.87 -120.82
O4 FUB KK . -108.24 155.07 -122.02
C3 FUB KK . -108.85 154.94 -119.76
O3 FUB KK . -108.60 155.38 -118.43
C2 FUB KK . -108.17 153.62 -120.13
O2 FUB KK . -108.90 152.48 -119.70
C1 FUB KK . -107.95 153.71 -121.64
O5 FUB KK . -107.33 153.00 -116.04
C5 FUB KK . -106.61 151.78 -116.17
C4 FUB KK . -107.07 151.00 -117.38
O4 FUB KK . -106.98 151.78 -118.58
C3 FUB KK . -108.52 150.51 -117.33
O3 FUB KK . -108.71 149.39 -116.48
C2 FUB KK . -108.77 150.24 -118.81
O2 FUB KK . -110.14 150.12 -119.14
C1 FUB KK . -108.02 151.38 -119.50
C6 GZL KK . -110.74 145.27 -116.72
C5 GZL KK . -110.96 146.77 -116.96
C4 GZL KK . -110.93 147.05 -118.46
C3 GZL KK . -112.28 147.93 -118.90
C2 GZL KK . -111.95 148.60 -119.88
O6 GZL KK . -111.18 144.55 -117.84
O5 GZL KK . -109.94 147.49 -116.34
O4 GZL KK . -109.90 147.76 -118.73
O3 GZL KK . -113.37 147.02 -119.27
C1 GZL KK . -110.38 148.84 -119.69
O2 GZL KK . -112.67 149.92 -119.88
O5 AHR KK . -116.58 143.42 -118.91
C5 AHR KK . -117.19 144.67 -118.62
C4 AHR KK . -116.26 145.82 -118.97
O4 AHR KK . -115.03 145.73 -118.23
C3 AHR KK . -116.79 147.22 -118.66
O3 AHR KK . -117.78 147.66 -119.59
C2 AHR KK . -115.49 148.02 -118.67
O2 AHR KK . -115.56 149.20 -117.89
C1 AHR KK . -114.39 147.02 -118.28
O5 FUB LK . -118.63 148.31 -125.06
C5 FUB LK . -118.66 147.53 -123.87
C4 FUB LK . -117.32 147.54 -123.17
O4 FUB LK . -116.92 148.89 -122.84
C3 FUB LK . -116.14 146.98 -123.97
O3 FUB LK . -116.15 145.56 -124.04
C2 FUB LK . -114.98 147.56 -123.18
O2 FUB LK . -113.75 147.53 -123.89
C1 FUB LK . -115.49 148.97 -122.82
O5 FUB LK . -114.19 143.17 -124.70
C5 FUB LK . -113.26 143.03 -123.63
C4 FUB LK . -112.55 144.33 -123.36
O4 FUB LK . -113.48 145.38 -123.00
C3 FUB LK . -111.75 144.91 -124.53
O3 FUB LK . -110.52 144.24 -124.76
C2 FUB LK . -111.60 146.36 -124.09
O2 FUB LK . -111.31 147.30 -125.12
C1 FUB LK . -112.85 146.65 -123.23
C6 GZL LK . -109.28 144.99 -128.97
C5 GZL LK . -109.63 146.47 -129.18
C4 GZL LK . -110.13 147.07 -127.88
C3 GZL LK . -111.27 148.24 -128.18
C2 GZL LK . -112.12 148.19 -127.29
O6 GZL LK . -107.94 144.80 -129.32
O5 GZL LK . -110.62 146.60 -130.16
O4 GZL LK . -110.70 146.17 -127.18
O3 GZL LK . -110.63 149.58 -128.19
C1 GZL LK . -111.79 146.90 -126.41
O2 GZL LK . -113.50 148.07 -127.88
O5 FUB MK . -113.36 159.45 -137.11
C5 FUB MK . -113.11 158.83 -138.36
C4 FUB MK . -113.80 157.49 -138.53
O4 FUB MK . -115.23 157.60 -138.33
C3 FUB MK . -113.36 156.39 -137.56
O3 FUB MK . -113.64 155.12 -138.13
C2 FUB MK . -114.28 156.65 -136.38
O2 FUB MK . -113.66 157.46 -135.39
C1 FUB MK . -115.54 157.27 -136.97
O5 FUB MK . -109.55 155.76 -134.45
C5 FUB MK . -110.28 155.04 -133.47
C4 FUB MK . -111.63 155.67 -133.21
O4 FUB MK . -112.40 155.74 -134.43
C3 FUB MK . -111.59 157.11 -132.69
O3 FUB MK . -111.28 157.20 -131.32
C2 FUB MK . -113.00 157.59 -133.06
O2 FUB MK . -113.05 158.98 -133.30
C1 FUB MK . -113.46 156.69 -134.21
C6 GZL MK . -111.13 159.74 -129.16
C5 GZL MK . -111.27 160.61 -130.42
C4 GZL MK . -112.73 160.74 -130.78
C3 GZL MK . -112.89 161.60 -132.21
C2 GZL MK . -113.94 161.18 -132.70
O6 GZL MK . -110.54 160.53 -128.15
O5 GZL MK . -110.59 159.99 -131.47
O4 GZL MK . -113.24 159.58 -130.98
O3 GZL MK . -112.97 163.04 -131.94
C1 GZL MK . -113.89 159.63 -132.36
O2 GZL MK . -113.95 161.40 -134.19
O5 FUB NK . -113.25 167.75 -132.72
C5 FUB NK . -113.93 167.36 -131.53
C4 FUB NK . -114.43 165.95 -131.62
O4 FUB NK . -115.39 165.79 -132.68
C3 FUB NK . -115.15 165.39 -130.39
O3 FUB NK . -114.26 165.10 -129.32
C2 FUB NK . -115.86 164.18 -130.99
O2 FUB NK . -116.95 163.71 -130.23
C1 FUB NK . -116.17 164.61 -132.43
O5 FUB NK . -114.55 163.26 -126.18
C5 FUB NK . -115.61 162.31 -126.26
C4 FUB NK . -116.48 162.58 -127.47
O4 FUB NK . -115.72 162.48 -128.69
C3 FUB NK . -117.65 161.61 -127.66
O3 FUB NK . -117.22 160.28 -127.38
C2 FUB NK . -117.94 161.78 -129.15
O2 FUB NK . -119.11 162.54 -129.37
C1 FUB NK . -116.67 162.40 -129.75
C6 GZL NK . -120.42 159.37 -126.57
C5 GZL NK . -121.30 160.58 -126.89
C4 GZL NK . -121.47 160.70 -128.40
C3 GZL NK . -122.00 162.24 -128.79
C2 GZL NK . -121.52 162.47 -129.91
O6 GZL NK . -120.76 158.32 -127.44
O5 GZL NK . -120.71 161.74 -126.40
O4 GZL NK . -120.35 160.51 -128.97
O3 GZL NK . -123.47 162.28 -128.83
C1 GZL NK . -120.13 161.70 -129.90
O2 GZL NK . -121.29 163.96 -130.09
O5 FUB OK . -129.03 162.66 -130.94
C5 FUB OK . -128.22 162.57 -129.78
C4 FUB OK . -126.79 162.24 -130.14
O4 FUB OK . -126.24 163.24 -131.02
C3 FUB OK . -126.58 160.92 -130.87
O3 FUB OK . -126.66 159.78 -130.01
C2 FUB OK . -125.19 161.14 -131.46
O2 FUB OK . -124.90 160.27 -132.54
C1 FUB OK . -125.17 162.65 -131.79
O5 FUB OK . -122.62 157.70 -128.63
C5 FUB OK . -123.27 157.09 -129.74
C4 FUB OK . -122.99 157.84 -131.03
O4 FUB OK . -123.53 159.18 -130.99
C3 FUB OK . -123.60 157.23 -132.29
O3 FUB OK . -122.93 156.05 -132.70
C2 FUB OK . -123.53 158.42 -133.26
O2 FUB OK . -122.38 158.43 -134.08
C1 FUB OK . -123.64 159.65 -132.35
C6 GZL OK . -120.67 154.62 -136.41
C5 GZL OK . -121.63 155.41 -137.33
C4 GZL OK . -121.53 156.89 -137.02
C3 GZL OK . -122.96 157.66 -137.39
C2 GZL OK . -123.11 158.50 -136.50
O6 GZL OK . -119.61 155.47 -136.04
O5 GZL OK . -122.93 154.97 -137.11
O4 GZL OK . -121.32 157.05 -135.78
O3 GZL OK . -122.94 158.27 -138.73
C1 GZL OK . -122.60 157.66 -135.26
O2 GZL OK . -124.56 158.89 -136.35
O5 AHR OK . -120.67 155.75 -142.39
C5 AHR OK . -122.03 156.01 -142.71
C4 AHR OK . -122.61 157.07 -141.79
O4 AHR OK . -122.53 156.66 -140.40
C3 AHR OK . -124.07 157.42 -142.01
O3 AHR OK . -124.31 158.20 -143.17
C2 AHR OK . -124.40 158.11 -140.70
O2 AHR OK . -125.79 158.16 -140.42
C1 AHR OK . -123.54 157.39 -139.66
O5 FUB PK . -123.03 162.85 -144.60
C5 FUB PK . -123.04 161.44 -144.46
C4 FUB PK . -122.59 161.01 -143.09
O4 FUB PK . -123.43 161.59 -142.06
C3 FUB PK . -121.17 161.42 -142.69
O3 FUB PK . -120.17 160.63 -143.32
C2 FUB PK . -121.24 161.25 -141.17
O2 FUB PK . -120.26 161.99 -140.47
C1 FUB PK . -122.70 161.57 -140.81
O5 FUB PK . -117.82 157.52 -141.03
C5 FUB PK . -117.15 158.77 -140.95
C4 FUB PK . -117.79 159.67 -139.92
O4 FUB PK . -119.17 159.94 -140.25
C3 FUB PK . -117.17 161.06 -139.76
O3 FUB PK . -115.93 161.04 -139.06
C2 FUB PK . -118.29 161.81 -139.05
O2 FUB PK . -118.20 163.20 -139.23
C1 FUB PK . -119.58 161.14 -139.57
C6 GZL PK . -115.40 164.67 -136.05
C5 GZL PK . -116.10 165.78 -136.86
C4 GZL PK . -117.56 165.42 -137.06
C3 GZL PK . -118.09 165.95 -138.54
C2 GZL PK . -119.16 165.36 -138.66
O6 GZL PK . -114.05 165.03 -135.91
O5 GZL PK . -115.47 165.90 -138.10
O4 GZL PK . -117.72 164.16 -137.08
O3 GZL PK . -118.25 167.41 -138.59
C1 GZL PK . -118.78 163.91 -138.15
O2 GZL PK . -119.60 165.32 -140.11
O5 AHR PK . -113.41 167.90 -138.89
C5 AHR PK . -114.06 168.92 -139.61
C4 AHR PK . -115.55 168.96 -139.32
O4 AHR PK . -116.16 167.68 -139.62
C3 AHR PK . -116.37 169.96 -140.13
O3 AHR PK . -116.21 171.30 -139.68
C2 AHR PK . -117.78 169.39 -139.96
O2 AHR PK . -118.65 169.76 -141.01
C1 AHR PK . -117.58 167.88 -139.75
O5 AHR PK . -122.13 168.56 -143.82
C5 AHR PK . -121.14 167.65 -144.27
C4 AHR PK . -119.75 168.08 -143.87
O4 AHR PK . -119.62 168.16 -142.43
C3 AHR PK . -119.33 169.47 -144.35
O3 AHR PK . -118.98 169.49 -145.73
C2 AHR PK . -118.17 169.77 -143.40
O2 AHR PK . -117.97 171.16 -143.19
C1 AHR PK . -118.45 168.93 -142.14
O5 FUB QK . -120.39 174.56 -137.94
C5 FUB QK . -119.40 173.84 -138.65
C4 FUB QK . -119.76 172.38 -138.76
O4 FUB QK . -121.03 172.19 -139.43
C3 FUB QK . -119.93 171.62 -137.43
O3 FUB QK . -118.69 171.34 -136.79
C2 FUB QK . -120.71 170.40 -137.89
O2 FUB QK . -121.47 169.81 -136.86
C1 FUB QK . -121.51 170.87 -139.13
O5 FUB QK . -117.83 170.11 -134.50
C5 FUB QK . -117.80 168.69 -134.55
C4 FUB QK . -119.13 168.15 -135.01
O4 FUB QK . -119.50 168.66 -136.30
C3 FUB QK . -120.34 168.47 -134.12
O3 FUB QK . -120.37 167.71 -132.92
C2 FUB QK . -121.49 168.19 -135.08
O2 FUB QK . -122.68 168.85 -134.71
C1 FUB QK . -120.93 168.56 -136.46
C6 GZL QK . -123.14 166.58 -131.20
C5 GZL QK . -124.01 167.81 -131.57
C4 GZL QK . -124.70 167.55 -132.89
C3 GZL QK . -125.23 169.00 -133.55
C2 GZL QK . -125.13 168.85 -134.76
O6 GZL QK . -123.94 165.70 -130.45
O5 GZL QK . -123.18 168.93 -131.70
O4 GZL QK . -123.89 167.03 -133.73
O3 GZL QK . -126.64 169.25 -133.19
C1 GZL QK . -123.80 167.99 -134.89
O2 GZL QK . -124.95 170.19 -135.45
O5 AHR QK . -129.15 168.53 -129.13
C5 AHR QK . -129.24 169.88 -129.55
C4 AHR QK . -128.67 170.06 -130.94
O4 AHR QK . -127.28 169.68 -130.99
C3 AHR QK . -128.68 171.49 -131.50
O3 AHR QK . -129.96 171.92 -131.92
C2 AHR QK . -127.65 171.37 -132.62
O2 AHR QK . -127.03 172.61 -132.94
C1 AHR QK . -126.71 170.24 -132.18
O5 AHR QK . -124.17 175.18 -136.01
C5 AHR QK . -125.54 175.49 -136.19
C4 AHR QK . -126.38 174.95 -135.05
O4 AHR QK . -126.27 173.51 -134.97
C3 AHR QK . -127.89 175.20 -135.16
O3 AHR QK . -128.25 176.54 -134.85
C2 AHR QK . -128.42 174.16 -134.18
O2 AHR QK . -129.77 173.81 -134.43
C1 AHR QK . -127.42 173.00 -134.25
O5 FUB RK . -132.80 171.01 -136.64
C5 FUB RK . -132.17 171.36 -135.42
C4 FUB RK . -130.78 170.79 -135.34
O4 FUB RK . -129.95 171.27 -136.42
C3 FUB RK . -130.68 169.27 -135.45
O3 FUB RK . -131.06 168.58 -134.26
C2 FUB RK . -129.20 169.10 -135.82
O2 FUB RK . -128.94 167.91 -136.54
C1 FUB RK . -128.81 170.40 -136.54
O5 FUB RK . -129.12 166.19 -131.67
C5 FUB RK . -129.57 165.39 -132.77
C4 FUB RK . -128.69 165.58 -133.98
O4 FUB RK . -128.68 166.95 -134.40
C3 FUB RK . -129.09 164.80 -135.23
O3 FUB RK . -128.76 163.42 -135.16
C2 FUB RK . -128.36 165.58 -136.31
O2 FUB RK . -129.00 165.49 -137.57
C1 FUB RK . -128.19 166.99 -135.75
C6 GZL RK . -127.65 160.81 -139.16
C5 GZL RK . -128.71 161.85 -139.59
C4 GZL RK . -128.06 163.21 -139.70
C3 GZL RK . -129.12 164.31 -140.40
C2 GZL RK . -128.72 165.41 -140.01
O6 GZL RK . -126.53 160.95 -139.99
O5 GZL RK . -129.73 161.89 -138.64
O4 GZL RK . -127.80 163.65 -138.53
O3 GZL RK . -129.06 164.21 -141.86
C1 GZL RK . -128.07 165.15 -138.58
O2 GZL RK . -129.88 166.37 -139.90
C1 NAG SK . -97.97 100.12 -81.85
C2 NAG SK . -98.62 98.83 -81.38
C3 NAG SK . -97.77 97.63 -81.78
C4 NAG SK . -97.46 97.68 -83.28
C5 NAG SK . -96.88 99.04 -83.68
C6 NAG SK . -96.70 99.13 -85.19
C7 NAG SK . -99.62 97.98 -79.33
C8 NAG SK . -98.97 97.14 -78.27
N2 NAG SK . -98.84 98.85 -79.94
O3 NAG SK . -98.48 96.41 -81.52
O4 NAG SK . -96.57 96.62 -83.66
O5 NAG SK . -97.75 100.10 -83.26
O6 NAG SK . -96.44 100.48 -85.56
O7 NAG SK . -100.81 97.86 -79.61
C1 NAG SK . -95.44 96.45 -82.78
C2 NAG SK . -95.18 94.94 -82.65
C3 NAG SK . -93.72 94.50 -82.59
C4 NAG SK . -92.84 95.40 -83.43
C5 NAG SK . -93.03 96.82 -82.93
C6 NAG SK . -92.02 97.78 -83.54
C7 NAG SK . -96.98 93.76 -81.49
C8 NAG SK . -97.57 93.41 -80.16
N2 NAG SK . -95.84 94.44 -81.45
O3 NAG SK . -93.59 93.17 -83.09
O4 NAG SK . -91.47 95.01 -83.29
O5 NAG SK . -94.35 97.23 -83.30
O6 NAG SK . -92.29 99.11 -83.09
O7 NAG SK . -97.51 93.44 -82.54
C1 NAG TK . -24.72 80.75 -71.73
C2 NAG TK . -24.32 80.13 -70.41
C3 NAG TK . -25.52 79.47 -69.76
C4 NAG TK . -26.68 80.46 -69.63
C5 NAG TK . -26.98 81.14 -70.95
C6 NAG TK . -27.92 82.32 -70.76
C7 NAG TK . -22.08 79.24 -70.08
C8 NAG TK . -21.04 78.32 -70.62
N2 NAG TK . -23.29 79.12 -70.61
O3 NAG TK . -25.16 79.04 -68.45
O4 NAG TK . -27.83 79.69 -69.25
O5 NAG TK . -25.80 81.66 -71.55
O6 NAG TK . -29.17 81.89 -70.22
O7 NAG TK . -21.83 80.04 -69.19
C1 NAG TK . -28.23 79.99 -67.93
C2 NAG TK . -29.63 79.42 -67.73
C3 NAG TK . -30.11 79.58 -66.30
C4 NAG TK . -29.07 79.00 -65.35
C5 NAG TK . -27.73 79.67 -65.64
C6 NAG TK . -26.65 79.19 -64.67
C7 NAG TK . -31.66 79.49 -69.05
C8 NAG TK . -32.83 80.40 -69.28
N2 NAG TK . -30.55 80.08 -68.63
O3 NAG TK . -31.35 78.90 -66.16
O4 NAG TK . -29.37 79.27 -63.98
O5 NAG TK . -27.31 79.45 -66.98
O6 NAG TK . -25.58 80.15 -64.68
O7 NAG TK . -31.73 78.29 -69.26
C1 BMA TK . -30.26 78.36 -63.33
C2 BMA TK . -30.30 76.96 -63.91
C3 BMA TK . -31.44 76.23 -63.23
C4 BMA TK . -31.03 76.06 -61.79
C5 BMA TK . -30.85 77.45 -61.17
C6 BMA TK . -30.27 77.34 -59.78
O2 BMA TK . -29.07 76.30 -63.61
O3 BMA TK . -31.75 74.99 -63.87
O4 BMA TK . -32.05 75.35 -61.08
O5 BMA TK . -29.96 78.28 -61.94
O6 BMA TK . -28.86 77.09 -59.88
C1 MAN TK . -28.32 76.95 -58.57
C2 MAN TK . -27.57 78.24 -58.21
C3 MAN TK . -28.01 78.96 -56.93
C4 MAN TK . -29.40 78.55 -56.50
C5 MAN TK . -29.44 77.05 -56.39
C6 MAN TK . -30.75 76.60 -55.77
O2 MAN TK . -27.68 79.16 -59.31
O3 MAN TK . -27.99 80.38 -57.16
O4 MAN TK . -29.71 79.14 -55.22
O5 MAN TK . -29.38 76.52 -57.70
O6 MAN TK . -30.50 75.78 -54.63
C1 MAN TK . -31.06 74.49 -54.82
C2 MAN TK . -31.39 73.89 -53.45
C3 MAN TK . -30.13 73.71 -52.62
C4 MAN TK . -29.04 73.00 -53.41
C5 MAN TK . -28.85 73.63 -54.79
C6 MAN TK . -27.84 72.85 -55.61
O2 MAN TK . -32.05 72.63 -53.61
O3 MAN TK . -30.44 72.95 -51.46
O4 MAN TK . -27.81 73.06 -52.70
O5 MAN TK . -30.09 73.66 -55.48
O6 MAN TK . -27.58 73.56 -56.81
C1 MAN TK . -32.74 75.28 -64.85
C2 MAN TK . -32.43 74.71 -66.22
C3 MAN TK . -33.71 74.57 -67.04
C4 MAN TK . -34.77 75.61 -66.67
C5 MAN TK . -35.02 75.67 -65.16
C6 MAN TK . -36.41 75.16 -64.81
O2 MAN TK . -31.83 73.42 -66.11
O3 MAN TK . -34.24 73.25 -66.84
O4 MAN TK . -34.35 76.89 -67.14
O5 MAN TK . -34.05 74.89 -64.46
O6 MAN TK . -37.38 76.18 -65.08
O5 FUB UK . 39.85 -50.70 52.08
C5 FUB UK . 40.08 -51.80 52.94
C4 FUB UK . 40.67 -51.35 54.27
O4 FUB UK . 39.89 -50.29 54.85
C3 FUB UK . 42.08 -50.80 54.24
O3 FUB UK . 43.08 -51.79 54.03
C2 FUB UK . 42.14 -50.12 55.59
O2 FUB UK . 43.20 -49.19 55.77
C1 FUB UK . 40.72 -49.57 55.78
O5 FUB UK . 48.41 -49.89 58.39
C5 FUB UK . 47.57 -50.10 57.26
C4 FUB UK . 46.11 -49.93 57.64
O4 FUB UK . 45.25 -50.11 56.50
C3 FUB UK . 45.73 -48.55 58.19
O3 FUB UK . 46.08 -48.38 59.55
C2 FUB UK . 44.22 -48.52 57.92
O2 FUB UK . 43.75 -47.23 57.59
C1 FUB UK . 43.96 -49.62 56.89
C6 GZL UK . 46.09 -43.59 61.10
C5 GZL UK . 45.80 -44.54 59.92
C4 GZL UK . 44.38 -45.05 60.01
C3 GZL UK . 43.46 -44.29 58.85
C2 GZL UK . 42.68 -45.12 58.35
O6 GZL UK . 45.41 -42.38 60.86
O5 GZL UK . 46.70 -45.61 59.96
O4 GZL UK . 44.36 -46.30 59.77
O3 GZL UK . 42.68 -43.21 59.49
C1 GZL UK . 43.25 -46.55 58.75
O2 GZL UK . 42.68 -44.97 56.86
O5 FUB VK . 41.56 -36.47 59.34
C5 FUB VK . 41.35 -37.34 58.23
C4 FUB VK . 41.45 -38.79 58.65
O4 FUB VK . 41.20 -39.68 57.54
C3 FUB VK . 40.46 -39.24 59.72
O3 FUB VK . 40.79 -38.76 61.03
C2 FUB VK . 40.54 -40.76 59.57
O2 FUB VK . 39.40 -41.42 60.08
C1 FUB VK . 40.82 -40.97 58.07
O5 FUB VK . 40.92 -42.97 65.34
C5 FUB VK . 41.27 -42.32 64.12
C4 FUB VK . 40.56 -42.97 62.94
O4 FUB VK . 40.84 -42.24 61.72
C3 FUB VK . 39.04 -43.00 63.03
O3 FUB VK . 38.54 -44.02 63.90
C2 FUB VK . 38.66 -43.21 61.56
O2 FUB VK . 37.38 -42.70 61.28
C1 FUB VK . 39.82 -42.59 60.76
C6 GZL VK . 34.96 -45.03 62.85
C5 GZL VK . 34.40 -43.71 62.27
C4 GZL VK . 34.72 -43.64 60.79
C3 GZL VK . 35.04 -42.06 60.35
C2 GZL VK . 35.88 -42.17 59.47
O6 GZL VK . 34.97 -46.00 61.83
O5 GZL VK . 34.99 -42.63 62.92
O4 GZL VK . 35.78 -44.31 60.54
O3 GZL VK . 33.82 -41.38 59.85
C1 GZL VK . 36.81 -43.28 60.12
O2 GZL VK . 36.65 -40.87 59.28
O5 FUB WK . 29.46 -44.85 55.88
C5 FUB WK . 30.36 -43.76 55.87
C4 FUB WK . 30.63 -43.25 57.27
O4 FUB WK . 31.62 -42.20 57.23
C3 FUB WK . 31.25 -44.29 58.19
O3 FUB WK . 31.14 -43.86 59.53
C2 FUB WK . 32.71 -44.25 57.73
O2 FUB WK . 33.01 -45.24 56.78
C1 FUB WK . 32.91 -42.82 57.23
O5 FUB WK . 32.01 -50.60 58.17
C5 FUB WK . 31.92 -49.24 58.53
C4 FUB WK . 33.09 -48.45 57.98
O4 FUB WK . 32.95 -47.03 58.27
C3 FUB WK . 33.27 -48.49 56.47
O3 FUB WK . 33.82 -49.72 56.01
C2 FUB WK . 34.16 -47.27 56.24
O2 FUB WK . 34.05 -46.76 54.93
C1 FUB WK . 33.77 -46.29 57.36
C6 GZL WK . 36.03 -51.17 52.59
C5 GZL WK . 35.02 -50.04 52.31
C4 GZL WK . 35.59 -48.72 52.77
C3 GZL WK . 34.82 -47.46 52.00
C2 GZL WK . 35.01 -46.48 52.71
O6 GZL WK . 37.10 -51.05 51.68
O5 GZL WK . 33.84 -50.30 53.00
O4 GZL WK . 35.38 -48.55 54.01
O3 GZL WK . 35.41 -47.26 50.66
C1 GZL WK . 35.22 -47.05 54.18
O2 GZL WK . 33.80 -45.58 52.67
O5 FUB XK . 33.47 -48.32 46.91
C5 FUB XK . 34.46 -47.42 46.43
C4 FUB XK . 35.07 -46.64 47.57
O4 FUB XK . 34.08 -45.86 48.27
C3 FUB XK . 36.16 -45.61 47.24
O3 FUB XK . 37.40 -46.08 46.72
C2 FUB XK . 36.19 -44.87 48.56
O2 FUB XK . 37.06 -43.78 48.81
C1 FUB XK . 34.68 -44.59 48.60
O5 FUB XK . 39.88 -47.72 51.16
C5 FUB XK . 38.66 -47.16 50.72
C4 FUB XK . 38.50 -45.71 51.11
O4 FUB XK . 37.21 -45.21 50.69
C3 FUB XK . 39.52 -44.73 50.52
O3 FUB XK . 40.75 -44.75 51.23
C2 FUB XK . 38.75 -43.41 50.61
O2 FUB XK . 39.31 -42.37 49.83
C1 FUB XK . 37.33 -43.85 50.23
C6 GZL XK . 42.75 -41.63 53.01
C5 GZL XK . 42.40 -41.49 51.53
C4 GZL XK . 41.20 -40.58 51.38
C3 GZL XK . 40.99 -40.12 49.79
C2 GZL XK . 39.77 -40.00 49.65
O6 GZL XK . 42.58 -40.37 53.63
O5 GZL XK . 42.08 -42.74 51.01
O4 GZL XK . 40.14 -41.20 51.74
O3 GZL XK . 41.66 -38.83 49.51
C1 GZL XK . 39.19 -41.16 50.56
O2 GZL XK . 39.39 -40.20 48.21
O5 AHR XK . 44.96 -48.12 50.60
C5 AHR XK . 44.16 -49.28 50.38
C4 AHR XK . 42.85 -48.91 49.72
O4 AHR XK . 42.12 -47.95 50.51
C3 AHR XK . 41.86 -50.06 49.54
O3 AHR XK . 42.19 -50.92 48.46
C2 AHR XK . 40.55 -49.30 49.37
O2 AHR XK . 39.42 -50.05 49.78
C1 AHR XK . 40.76 -47.95 50.06
O5 AHR XK . 41.92 -47.14 44.66
C5 AHR XK . 41.39 -47.16 45.98
C4 AHR XK . 39.87 -47.14 45.95
O4 AHR XK . 39.32 -47.11 47.28
C3 AHR XK . 39.20 -48.34 45.28
O3 AHR XK . 39.21 -48.27 43.87
C2 AHR XK . 37.80 -48.28 45.91
O2 AHR XK . 37.26 -49.55 46.18
C1 AHR XK . 37.92 -47.33 47.12
O5 FUB YK . 38.84 -32.44 49.28
C5 FUB YK . 38.47 -33.66 48.63
C4 FUB YK . 39.49 -34.74 48.91
O4 FUB YK . 39.15 -35.95 48.19
C3 FUB YK . 39.60 -35.14 50.38
O3 FUB YK . 40.95 -35.22 50.82
C2 FUB YK . 38.91 -36.50 50.43
O2 FUB YK . 37.98 -36.63 51.50
C1 FUB YK . 38.33 -36.73 49.03
O5 FUB YK . 41.99 -37.15 55.16
C5 FUB YK . 41.56 -37.25 53.80
C4 FUB YK . 40.17 -37.84 53.70
O4 FUB YK . 39.74 -37.90 52.32
C3 FUB YK . 39.05 -37.08 54.43
O3 FUB YK . 39.08 -37.29 55.83
C2 FUB YK . 37.83 -37.62 53.72
O2 FUB YK . 36.67 -36.85 53.93
C1 FUB YK . 38.30 -37.77 52.27
C6 GZL YK . 32.95 -37.91 56.28
C5 GZL YK . 32.58 -36.96 55.13
C4 GZL YK . 33.41 -37.28 53.91
C3 GZL YK . 33.89 -35.88 53.14
C2 GZL YK . 34.82 -36.24 52.42
O6 GZL YK . 31.91 -38.83 56.44
O5 GZL YK . 32.83 -35.63 55.52
O4 GZL YK . 34.49 -37.87 54.26
O3 GZL YK . 32.79 -35.35 52.32
C1 GZL YK . 35.55 -37.40 53.26
O2 GZL YK . 35.78 -35.10 52.19
O5 AHR YK . 38.97 -30.74 54.03
C5 AHR YK . 39.37 -32.10 54.07
C4 AHR YK . 39.87 -32.57 52.72
O4 AHR YK . 40.25 -33.97 52.76
C3 AHR YK . 41.09 -31.84 52.15
O3 AHR YK . 40.76 -30.56 51.64
C2 AHR YK . 41.56 -32.84 51.11
O2 AHR YK . 42.89 -32.63 50.69
C1 AHR YK . 41.29 -34.20 51.77
O5 FUB ZK . 26.40 -32.98 52.79
C5 FUB ZK . 26.41 -34.23 52.12
C4 FUB ZK . 27.78 -34.87 52.17
O4 FUB ZK . 28.74 -34.12 51.39
C3 FUB ZK . 27.88 -36.28 51.61
O3 FUB ZK . 27.25 -37.28 52.41
C2 FUB ZK . 29.40 -36.41 51.49
O2 FUB ZK . 29.80 -37.50 50.69
C1 FUB ZK . 29.76 -35.03 50.92
O5 FUB ZK . 28.92 -39.01 55.37
C5 FUB ZK . 28.46 -39.86 54.33
C4 FUB ZK . 29.44 -39.86 53.19
O4 FUB ZK . 29.77 -38.51 52.81
C3 FUB ZK . 28.97 -40.53 51.89
O3 FUB ZK . 29.03 -41.94 51.92
C2 FUB ZK . 29.90 -39.88 50.86
O2 FUB ZK . 29.30 -39.78 49.59
C1 FUB ZK . 30.33 -38.54 51.48
C6 GZL ZK . 29.90 -45.15 48.38
C5 GZL ZK . 29.09 -43.89 48.73
C4 GZL ZK . 29.81 -42.67 48.19
C3 GZL ZK . 28.77 -41.77 47.26
C2 GZL ZK . 29.22 -40.61 47.29
O6 GZL ZK . 30.34 -45.03 47.05
O5 GZL ZK . 29.00 -43.75 50.12
O4 GZL ZK . 30.18 -41.94 49.15
O3 GZL ZK . 28.75 -42.27 45.88
C1 GZL ZK . 30.04 -40.51 48.65
O2 GZL ZK . 28.10 -39.62 47.29
O5 AHR ZK . 29.76 -41.34 59.72
C5 AHR ZK . 30.16 -40.04 59.30
C4 AHR ZK . 29.02 -39.31 58.62
O4 AHR ZK . 28.58 -39.99 57.43
C3 AHR ZK . 29.30 -37.88 58.17
O3 AHR ZK . 29.34 -36.94 59.25
C2 AHR ZK . 28.16 -37.67 57.19
O2 AHR ZK . 28.34 -36.55 56.34
C1 AHR ZK . 28.06 -39.03 56.49
O5 AHR ZK . 23.45 -41.61 51.25
C5 AHR ZK . 24.78 -41.12 51.33
C4 AHR ZK . 24.81 -39.61 51.33
O4 AHR ZK . 26.17 -39.12 51.37
C3 AHR ZK . 24.14 -38.92 52.52
O3 AHR ZK . 22.72 -38.90 52.42
C2 AHR ZK . 24.80 -37.55 52.50
O2 AHR ZK . 24.95 -36.98 53.78
C1 AHR ZK . 26.10 -37.73 51.70
O5 FUB AL . 25.60 -41.73 41.39
C5 FUB AL . 26.97 -41.77 40.98
C4 FUB AL . 27.89 -41.56 42.16
O4 FUB AL . 27.61 -40.32 42.84
C3 FUB AL . 29.38 -41.49 41.83
O3 FUB AL . 29.95 -42.75 41.54
C2 FUB AL . 29.91 -40.83 43.10
O2 FUB AL . 31.22 -40.31 42.96
C1 FUB AL . 28.82 -39.80 43.42
O5 FUB AL . 33.22 -44.33 43.97
C5 FUB AL . 32.18 -43.57 44.56
C4 FUB AL . 32.68 -42.19 44.94
O4 FUB AL . 31.56 -41.27 45.05
C3 FUB AL . 33.64 -41.55 43.94
O3 FUB AL . 35.00 -41.90 44.17
C2 FUB AL . 33.33 -40.07 44.10
O2 FUB AL . 33.81 -39.29 43.03
C1 FUB AL . 31.80 -40.12 44.25
C6 GZL AL . 38.53 -38.22 43.81
C5 GZL AL . 37.14 -38.69 43.34
C4 GZL AL . 36.17 -37.54 43.41
C3 GZL AL . 35.46 -37.30 41.93
C2 GZL AL . 34.28 -37.05 42.15
O6 GZL AL . 38.72 -36.90 43.36
O5 GZL AL . 36.69 -39.72 44.16
O4 GZL AL . 35.25 -37.82 44.25
O3 GZL AL . 36.11 -36.16 41.24
C1 GZL AL . 33.97 -37.95 43.43
O2 GZL AL . 33.42 -37.51 41.00
O5 AHR AL . 33.60 -47.52 40.13
C5 AHR AL . 32.64 -47.96 41.07
C4 AHR AL . 32.23 -46.86 42.01
O4 AHR AL . 33.38 -46.33 42.73
C3 AHR AL . 31.24 -47.24 43.11
O3 AHR AL . 29.91 -47.41 42.63
C2 AHR AL . 31.43 -46.08 44.09
O2 AHR AL . 30.99 -46.40 45.39
C1 AHR AL . 32.92 -45.72 43.94
O5 FUB BL . 34.82 -29.14 40.62
C5 FUB BL . 34.32 -30.40 40.21
C4 FUB BL . 35.44 -31.37 39.92
O4 FUB BL . 34.92 -32.64 39.49
C3 FUB BL . 36.29 -31.70 41.16
O3 FUB BL . 37.61 -32.05 40.75
C2 FUB BL . 35.48 -32.83 41.78
O2 FUB BL . 34.73 -32.34 42.88
C1 FUB BL . 34.61 -33.40 40.66
O5 FUB BL . 38.82 -33.20 45.46
C5 FUB BL . 37.94 -33.76 44.51
C4 FUB BL . 36.51 -33.81 45.01
O4 FUB BL . 35.62 -34.22 43.95
C3 FUB BL . 35.95 -32.47 45.52
O3 FUB BL . 36.27 -32.20 46.87
C2 FUB BL . 34.47 -32.64 45.24
O2 FUB BL . 33.75 -31.42 45.28
C1 FUB BL . 34.50 -33.34 43.88
C6 GZL BL . 32.49 -31.10 49.28
C5 GZL BL . 32.34 -30.04 48.17
C4 GZL BL . 31.48 -30.59 47.07
C3 GZL BL . 31.60 -29.61 45.73
C2 GZL BL . 31.59 -30.36 44.76
O6 GZL BL . 32.06 -30.52 50.49
O5 GZL BL . 33.60 -29.72 47.68
O4 GZL BL . 31.88 -31.76 46.74
O3 GZL BL . 30.46 -28.68 45.68
C1 GZL BL . 32.35 -31.66 45.30
O2 GZL BL . 32.37 -29.75 43.62
O5 AHR BL . 42.99 -31.07 46.72
C5 AHR BL . 43.21 -32.02 45.70
C4 AHR BL . 41.90 -32.49 45.10
O4 AHR BL . 41.05 -33.10 46.10
C3 AHR BL . 42.01 -33.56 44.00
O3 AHR BL . 42.45 -33.04 42.76
C2 AHR BL . 40.59 -34.11 44.00
O2 AHR BL . 40.51 -35.44 43.52
C1 AHR BL . 40.07 -33.90 45.43
O5 AHR BL . 39.91 -28.21 44.05
C5 AHR BL . 38.75 -28.73 43.42
C4 AHR BL . 39.06 -29.25 42.03
O4 AHR BL . 37.88 -29.83 41.44
C3 AHR BL . 40.12 -30.34 41.94
O3 AHR BL . 41.44 -29.83 42.07
C2 AHR BL . 39.81 -30.94 40.58
O2 AHR BL . 40.34 -32.24 40.40
C1 AHR BL . 38.28 -30.82 40.47
O5 FUB CL . 23.86 -27.86 45.10
C5 FUB CL . 24.92 -27.76 44.15
C4 FUB CL . 26.22 -27.37 44.82
O4 FUB CL . 27.28 -27.32 43.85
C3 FUB CL . 26.71 -28.38 45.85
O3 FUB CL . 27.70 -27.76 46.67
C2 FUB CL . 27.36 -29.43 44.94
O2 FUB CL . 26.47 -30.47 44.60
C1 FUB CL . 27.88 -28.61 43.76
O5 FUB CL . 25.89 -31.95 48.90
C5 FUB CL . 26.67 -31.43 47.83
C4 FUB CL . 26.98 -32.46 46.79
O4 FUB CL . 27.89 -31.91 45.80
C3 FUB CL . 25.75 -32.96 46.01
O3 FUB CL . 25.33 -34.25 46.44
C2 FUB CL . 26.21 -32.91 44.55
O2 FUB CL . 25.16 -32.82 43.62
C1 FUB CL . 27.17 -31.72 44.58
C6 GZL CL . 24.98 -37.71 44.68
C5 GZL CL . 23.95 -36.65 44.28
C4 GZL CL . 24.43 -35.91 43.05
C3 GZL CL . 23.26 -34.86 42.52
C2 GZL CL . 23.87 -34.00 41.89
O6 GZL CL . 24.92 -38.76 43.74
O5 GZL CL . 23.78 -35.74 45.33
O4 GZL CL . 25.44 -35.20 43.36
O3 GZL CL . 22.30 -35.55 41.64
C1 GZL CL . 25.26 -33.86 42.66
O2 GZL CL . 23.12 -32.70 41.93
O5 AHR CL . 24.78 -27.21 50.42
C5 AHR CL . 25.89 -27.76 51.12
C4 AHR CL . 26.47 -28.94 50.37
O4 AHR CL . 25.50 -29.99 50.21
C3 AHR CL . 27.67 -29.62 51.03
O3 AHR CL . 28.88 -28.88 50.90
C2 AHR CL . 27.68 -30.95 50.30
O2 AHR CL . 28.44 -31.95 50.96
C1 AHR CL . 26.18 -31.26 50.12
O5 FUB DL . 20.53 -35.05 34.83
C5 FUB DL . 21.02 -33.95 35.58
C4 FUB DL . 21.71 -34.36 36.86
O4 FUB DL . 22.24 -33.19 37.51
C3 FUB DL . 22.90 -35.31 36.68
O3 FUB DL . 22.52 -36.67 36.62
C2 FUB DL . 23.76 -34.97 37.90
O2 FUB DL . 25.15 -35.11 37.62
C1 FUB DL . 23.33 -33.56 38.34
O5 FUB DL . 26.49 -40.17 38.41
C5 FUB DL . 25.59 -39.17 38.85
C4 FUB DL . 26.28 -37.85 39.08
O4 FUB DL . 25.31 -36.79 39.21
C3 FUB DL . 27.20 -37.39 37.94
O3 FUB DL . 28.46 -38.05 37.93
C2 FUB DL . 27.28 -35.89 38.22
O2 FUB DL . 27.68 -35.18 37.06
C1 FUB DL . 25.88 -35.56 38.73
C6 GZL DL . 32.56 -36.66 37.05
C5 GZL DL . 31.34 -36.34 36.18
C4 GZL DL . 30.78 -35.00 36.59
C3 GZL DL . 29.83 -34.37 35.37
C2 GZL DL . 29.12 -33.56 35.97
O6 GZL DL . 33.52 -35.65 36.85
O5 GZL DL . 30.37 -37.32 36.37
O4 GZL DL . 30.01 -35.16 37.60
O3 GZL DL . 30.67 -33.68 34.38
C1 GZL DL . 28.77 -34.32 37.32
O2 GZL DL . 27.86 -33.31 35.16
O5 AHR DL . 25.97 -40.54 34.25
C5 AHR DL . 25.79 -39.24 34.79
C4 AHR DL . 24.37 -38.76 34.59
O4 AHR DL . 24.17 -37.44 35.15
C3 AHR DL . 23.29 -39.61 35.26
O3 AHR DL . 23.03 -40.83 34.59
C2 AHR DL . 22.11 -38.63 35.25
O2 AHR DL . 21.14 -38.92 36.23
C1 AHR DL . 22.77 -37.24 35.34
O5 AHR DL . 17.31 -31.70 34.36
C5 AHR DL . 17.33 -32.69 33.35
C4 AHR DL . 17.29 -34.08 33.96
O4 AHR DL . 18.40 -34.22 34.87
C3 AHR DL . 17.46 -35.22 32.96
O3 AHR DL . 16.99 -34.86 31.67
C2 AHR DL . 18.96 -35.50 33.01
O2 AHR DL . 19.57 -35.43 31.73
C1 AHR DL . 19.51 -34.51 34.04
O5 FUB EL . 29.86 -31.71 29.10
C5 FUB EL . 30.86 -30.99 29.80
C4 FUB EL . 30.59 -31.03 31.28
O4 FUB EL . 29.20 -30.76 31.56
C3 FUB EL . 31.35 -30.03 32.14
O3 FUB EL . 32.72 -30.39 32.33
C2 FUB EL . 30.51 -30.08 33.41
O2 FUB EL . 30.68 -28.99 34.32
C1 FUB EL . 29.08 -30.33 32.92
O5 FUB EL . 34.17 -31.00 35.76
C5 FUB EL . 33.25 -31.46 36.73
C4 FUB EL . 32.05 -30.56 36.85
O4 FUB EL . 31.13 -30.73 35.74
C3 FUB EL . 32.28 -29.05 36.92
O3 FUB EL . 32.84 -28.64 38.16
C2 FUB EL . 30.86 -28.56 36.69
O2 FUB EL . 30.72 -27.17 36.43
C1 FUB EL . 30.36 -29.51 35.59
C6 GZL EL . 31.09 -26.28 40.46
C5 GZL EL . 30.79 -25.07 39.56
C4 GZL EL . 29.59 -25.37 38.69
C3 GZL EL . 29.72 -24.59 37.22
C2 GZL EL . 29.11 -25.30 36.44
O6 GZL EL . 32.45 -26.62 40.29
O5 GZL EL . 31.90 -24.82 38.74
O4 GZL EL . 29.53 -26.63 38.46
O3 GZL EL . 29.08 -23.26 37.30
C1 GZL EL . 29.45 -26.77 36.94
O2 GZL EL . 29.61 -25.11 35.02
O5 AHR EL . 38.37 -28.30 36.89
C5 AHR EL . 38.64 -29.68 36.65
C4 AHR EL . 37.53 -30.33 35.86
O4 AHR EL . 36.26 -30.22 36.55
C3 AHR EL . 37.69 -31.82 35.58
O3 AHR EL . 38.64 -32.10 34.56
C2 AHR EL . 36.25 -32.20 35.24
O2 AHR EL . 36.02 -33.60 35.28
C1 AHR EL . 35.45 -31.37 36.25
O5 AHR EL . 35.36 -30.56 27.48
C5 AHR EL . 34.50 -29.70 28.20
C4 AHR EL . 34.38 -30.11 29.65
O4 AHR EL . 33.42 -29.30 30.37
C3 AHR EL . 35.65 -29.99 30.49
O3 AHR EL . 36.60 -31.02 30.22
C2 AHR EL . 35.07 -30.05 31.90
O2 AHR EL . 35.91 -29.59 32.94
C1 AHR EL . 33.65 -29.45 31.77
O5 AHR EL . 32.91 -25.34 34.11
C5 AHR EL . 34.30 -25.09 34.01
C4 AHR EL . 34.99 -26.09 33.12
O4 AHR EL . 34.85 -27.44 33.64
C3 AHR EL . 36.51 -25.91 32.94
O3 AHR EL . 36.84 -24.83 32.08
C2 AHR EL . 36.90 -27.29 32.42
O2 AHR EL . 38.29 -27.53 32.49
C1 AHR EL . 36.02 -28.20 33.29
O5 FUB FL . 22.89 -32.52 26.04
C5 FUB FL . 21.87 -31.53 25.94
C4 FUB FL . 22.03 -30.47 26.98
O4 FUB FL . 20.94 -29.53 26.97
C3 FUB FL . 23.27 -29.57 26.87
O3 FUB FL . 24.46 -30.25 27.22
C2 FUB FL . 22.88 -28.42 27.79
O2 FUB FL . 23.52 -27.20 27.49
C1 FUB FL . 21.33 -28.40 27.76
O5 FUB FL . 27.60 -28.33 27.65
C5 FUB FL . 26.68 -28.56 28.71
C4 FUB FL . 26.06 -27.27 29.18
O4 FUB FL . 24.67 -27.45 29.49
C3 FUB FL . 26.11 -26.14 28.13
O3 FUB FL . 27.30 -25.37 28.23
C2 FUB FL . 24.83 -25.38 28.42
O2 FUB FL . 24.45 -24.51 27.37
C1 FUB FL . 23.89 -26.55 28.70
C6 GZL FL . 27.92 -20.93 27.18
C5 GZL FL . 26.95 -22.08 26.87
C4 GZL FL . 25.57 -21.72 27.37
C3 GZL FL . 24.45 -21.94 26.15
C2 GZL FL . 23.45 -22.41 26.67
O6 GZL FL . 28.52 -21.19 28.42
O5 GZL FL . 27.39 -23.23 27.52
O4 GZL FL . 25.25 -22.47 28.34
O3 GZL FL . 24.13 -20.64 25.53
C1 GZL FL . 24.04 -23.27 27.88
O2 GZL FL . 22.74 -23.32 25.71
O5 AHR FL . 31.85 -25.95 27.65
C5 AHR FL . 32.00 -27.28 27.18
C4 AHR FL . 30.66 -27.92 26.92
O4 AHR FL . 29.84 -27.93 28.11
C3 AHR FL . 30.70 -29.39 26.50
O3 AHR FL . 31.13 -29.57 25.15
C2 AHR FL . 29.25 -29.81 26.76
O2 AHR FL . 29.10 -31.20 26.96
C1 AHR FL . 28.82 -28.93 27.95
O5 FUB GL . 12.95 -28.74 20.54
C5 FUB GL . 12.48 -27.42 20.83
C4 FUB GL . 13.39 -26.72 21.82
O4 FUB GL . 12.82 -25.47 22.26
C3 FUB GL . 14.80 -26.34 21.34
O3 FUB GL . 15.67 -27.46 21.20
C2 FUB GL . 15.19 -25.36 22.43
O2 FUB GL . 16.35 -24.59 22.17
C1 FUB GL . 13.88 -24.58 22.67
O5 FUB GL . 18.73 -28.73 23.71
C5 FUB GL . 17.64 -27.84 23.92
C4 FUB GL . 18.09 -26.41 24.12
O4 FUB GL . 16.93 -25.54 24.23
C3 FUB GL . 18.94 -25.82 23.00
O3 FUB GL . 20.32 -26.12 23.14
C2 FUB GL . 18.59 -24.34 23.10
O2 FUB GL . 18.97 -23.59 21.96
C1 FUB GL . 17.09 -24.41 23.39
C6 GZL GL . 23.11 -21.18 21.91
C5 GZL GL . 21.84 -22.03 21.93
C4 GZL GL . 20.62 -21.13 22.02
C3 GZL GL . 19.81 -21.17 20.55
C2 GZL GL . 18.63 -21.46 20.79
O6 GZL GL . 23.44 -20.83 23.23
O5 GZL GL . 21.86 -22.86 23.06
O4 GZL GL . 19.83 -21.56 22.92
O3 GZL GL . 19.89 -19.83 19.92
C1 GZL GL . 18.68 -22.22 22.18
O2 GZL GL . 18.10 -22.37 19.73
O5 AHR GL . 19.18 -33.44 21.38
C5 AHR GL . 19.31 -33.36 22.79
C4 AHR GL . 18.45 -32.25 23.36
O4 AHR GL . 18.85 -30.96 22.87
C3 AHR GL . 18.49 -32.10 24.89
O3 AHR GL . 17.65 -33.03 25.56
C2 AHR GL . 18.08 -30.63 25.07
O2 AHR GL . 18.86 -29.98 26.05
C1 AHR GL . 18.14 -30.01 23.66
O5 AHR GL . 15.67 -32.44 19.29
C5 AHR GL . 15.02 -31.21 19.01
C4 AHR GL . 15.72 -30.04 19.67
O4 AHR GL . 15.02 -28.81 19.44
C3 AHR GL . 17.15 -29.76 19.20
O3 AHR GL . 18.12 -30.65 19.74
C2 AHR GL . 17.33 -28.31 19.64
O2 AHR GL . 18.17 -27.57 18.77
C1 AHR GL . 15.90 -27.74 19.81
O5 FUB HL . 5.99 -21.09 15.44
C5 FUB HL . 6.56 -19.78 15.46
C4 FUB HL . 7.85 -19.76 16.23
O4 FUB HL . 8.30 -18.40 16.44
C3 FUB HL . 9.05 -20.46 15.59
O3 FUB HL . 8.99 -21.88 15.67
C2 FUB HL . 10.20 -19.83 16.37
O2 FUB HL . 11.44 -19.85 15.69
C1 FUB HL . 9.69 -18.44 16.79
O5 FUB HL . 12.21 -23.83 16.90
C5 FUB HL . 13.19 -23.29 17.78
C4 FUB HL . 13.51 -21.85 17.44
O4 FUB HL . 12.33 -21.02 17.49
C3 FUB HL . 14.07 -21.61 16.04
O3 FUB HL . 15.43 -22.00 15.91
C2 FUB HL . 13.84 -20.10 15.90
O2 FUB HL . 13.89 -19.64 14.57
C1 FUB HL . 12.51 -19.89 16.63
C6 GZL HL . 18.52 -18.92 13.80
C5 GZL HL . 17.22 -19.11 14.60
C4 GZL HL . 16.33 -17.90 14.41
C3 GZL HL . 15.60 -17.94 12.90
C2 GZL HL . 14.40 -17.74 13.07
O6 GZL HL . 18.65 -19.99 12.90
O5 GZL HL . 17.54 -19.26 15.95
O4 GZL HL . 15.40 -17.91 15.29
O3 GZL HL . 16.16 -16.87 12.05
C1 GZL HL . 14.12 -18.23 14.55
O2 GZL HL . 13.60 -18.56 12.09
O5 AHR HL . 9.68 -21.14 20.48
C5 AHR HL . 9.22 -22.48 20.36
C4 AHR HL . 10.25 -23.35 19.68
O4 AHR HL . 10.53 -22.89 18.34
C3 AHR HL . 9.87 -24.82 19.51
O3 AHR HL . 9.96 -25.56 20.72
C2 AHR HL . 10.88 -25.24 18.44
O2 AHR HL . 10.55 -26.46 17.80
C1 AHR HL . 10.93 -24.01 17.52
O5 AHR HL . 10.35 -26.75 13.10
C5 AHR HL . 10.75 -25.45 13.52
C4 AHR HL . 9.59 -24.49 13.50
O4 AHR HL . 9.99 -23.18 13.98
C3 AHR HL . 8.39 -24.86 14.38
O3 AHR HL . 7.60 -25.91 13.84
C2 AHR HL . 7.68 -23.51 14.47
O2 AHR HL . 6.81 -23.40 15.57
C1 AHR HL . 8.80 -22.47 14.38
O5 FUB IL . 0.30 -13.37 11.27
C5 FUB IL . 1.08 -12.19 11.11
C4 FUB IL . 2.51 -12.42 11.52
O4 FUB IL . 3.30 -11.21 11.41
C3 FUB IL . 3.30 -13.45 10.72
O3 FUB IL . 2.88 -14.79 10.94
C2 FUB IL . 4.72 -13.10 11.18
O2 FUB IL . 5.74 -13.72 10.44
C1 FUB IL . 4.66 -11.58 11.10
O5 FUB IL . 5.93 -18.56 12.45
C5 FUB IL . 6.45 -18.06 11.23
C4 FUB IL . 7.09 -16.69 11.43
O4 FUB IL . 6.09 -15.69 11.67
C3 FUB IL . 7.89 -16.15 10.23
O3 FUB IL . 9.14 -16.78 10.07
C2 FUB IL . 7.97 -14.67 10.62
O2 FUB IL . 8.27 -13.83 9.52
C1 FUB IL . 6.63 -14.39 11.33
C6 GZL IL . 13.03 -13.48 9.10
C5 GZL IL . 11.51 -13.72 9.27
C4 GZL IL . 10.83 -12.41 9.61
C3 GZL IL . 9.94 -11.86 8.30
C2 GZL IL . 8.83 -11.57 8.73
O6 GZL IL . 13.23 -12.83 7.87
O5 GZL IL . 11.30 -14.62 10.31
O4 GZL IL . 10.03 -12.59 10.59
O3 GZL IL . 10.59 -10.67 7.71
C1 GZL IL . 8.65 -12.53 9.99
O2 GZL IL . 7.77 -11.86 7.70
O5 AHR IL . 1.80 -21.47 13.63
C5 AHR IL . 2.38 -20.54 14.55
C4 AHR IL . 2.83 -19.28 13.83
O4 AHR IL . 3.85 -19.58 12.85
C3 AHR IL . 3.47 -18.21 14.72
O3 AHR IL . 2.53 -17.49 15.50
C2 AHR IL . 4.21 -17.38 13.68
O2 AHR IL . 5.32 -16.69 14.21
C1 AHR IL . 4.53 -18.34 12.53
O5 AHR IL . 4.55 -18.40 6.86
C5 AHR IL . 4.65 -17.11 7.47
C4 AHR IL . 3.34 -16.71 8.11
O4 AHR IL . 3.44 -15.42 8.75
C3 AHR IL . 2.82 -17.64 9.21
O3 AHR IL . 2.28 -18.85 8.70
C2 AHR IL . 1.82 -16.73 9.90
O2 AHR IL . 1.54 -17.11 11.23
C1 AHR IL . 2.38 -15.31 9.72
O5 FUB JL . -4.42 -4.20 8.32
C5 FUB JL . -3.26 -3.41 8.08
C4 FUB JL . -2.00 -4.14 8.48
O4 FUB JL . -0.84 -3.31 8.32
C3 FUB JL . -1.67 -5.40 7.66
O3 FUB JL . -2.53 -6.49 7.94
C2 FUB JL . -0.20 -5.59 8.04
O2 FUB JL . 0.53 -6.39 7.13
C1 FUB JL . 0.33 -4.16 8.24
O5 FUB JL . -1.18 -10.45 9.63
C5 FUB JL . -0.47 -10.62 8.43
C4 FUB JL . 0.67 -9.63 8.31
O4 FUB JL . 0.18 -8.28 8.40
C3 FUB JL . 1.44 -9.67 6.99
O3 FUB JL . 2.38 -10.75 6.92
C2 FUB JL . 2.08 -8.28 6.97
O2 FUB JL . 2.29 -7.80 5.65
C1 FUB JL . 1.18 -7.40 7.86
C6 GZL JL . 2.64 -11.69 2.78
C5 GZL JL . 2.85 -10.26 2.26
C4 GZL JL . 3.72 -9.48 3.22
C3 GZL JL . 3.60 -7.85 2.92
C2 GZL JL . 4.02 -7.32 3.96
O6 GZL JL . 3.64 -11.98 3.73
O5 GZL JL . 1.61 -9.63 2.11
O4 GZL JL . 3.31 -9.64 4.43
O3 GZL JL . 4.45 -7.48 1.78
C1 GZL JL . 3.52 -8.30 5.12
O2 GZL JL . 3.42 -5.96 4.14
O5 AHR JL . -1.21 -9.71 3.57
C5 AHR JL . -1.12 -8.45 4.21
C4 AHR JL . -2.39 -8.13 4.97
O4 AHR JL . -2.29 -6.87 5.66
C3 AHR JL . -2.81 -9.14 6.04
O3 AHR JL . -3.36 -10.33 5.51
C2 AHR JL . -3.77 -8.29 6.87
O2 AHR JL . -3.95 -8.78 8.18
C1 AHR JL . -3.21 -6.87 6.76
O5 FUB KL . -25.42 16.25 -13.77
C5 FUB KL . -24.74 17.34 -14.37
C4 FUB KL . -23.77 17.97 -13.40
O4 FUB KL . -23.01 19.00 -14.07
C3 FUB KL . -22.70 17.02 -12.88
O3 FUB KL . -22.07 17.58 -11.74
C2 FUB KL . -21.74 16.99 -14.06
O2 FUB KL . -21.98 15.92 -14.94
C1 FUB KL . -21.89 18.38 -14.71
O5 FUB KL . -23.20 12.07 -11.62
C5 FUB KL . -22.46 13.27 -11.81
C4 FUB KL . -21.70 13.24 -13.12
O4 FUB KL . -21.01 14.50 -13.34
C3 FUB KL . -22.53 13.02 -14.38
O3 FUB KL . -22.90 11.66 -14.56
C2 FUB KL . -21.60 13.59 -15.45
O2 FUB KL . -22.25 13.82 -16.68
C1 FUB KL . -21.07 14.85 -14.73
C6 GZL KL . -19.35 10.04 -18.67
C5 GZL KL . -20.75 10.66 -18.66
C4 GZL KL . -20.63 12.15 -18.86
C3 GZL KL . -22.08 12.77 -19.40
C2 GZL KL . -22.03 13.96 -19.12
O6 GZL KL . -19.08 9.56 -19.97
O5 GZL KL . -21.36 10.41 -17.43
O4 GZL KL . -20.37 12.74 -17.76
O3 GZL KL . -22.20 12.58 -20.86
C1 GZL KL . -21.29 13.96 -17.72
O2 GZL KL . -23.42 14.52 -18.97
O5 FUB LL . -23.21 11.30 -26.12
C5 FUB LL . -23.59 12.56 -25.60
C4 FUB LL . -22.71 12.96 -24.43
O4 FUB LL . -23.17 14.19 -23.82
C3 FUB LL . -21.23 13.22 -24.74
O3 FUB LL . -20.51 12.03 -24.99
C2 FUB LL . -20.83 13.96 -23.47
O2 FUB LL . -19.61 14.67 -23.58
C1 FUB LL . -22.07 14.82 -23.17
O5 FUB LL . -16.02 10.88 -22.14
C5 FUB LL . -17.38 11.30 -22.12
C4 FUB LL . -17.49 12.78 -21.83
O4 FUB LL . -18.86 13.22 -21.91
C3 FUB LL . -16.74 13.69 -22.81
O3 FUB LL . -15.34 13.73 -22.57
C2 FUB LL . -17.45 15.02 -22.56
O2 FUB LL . -17.23 15.96 -23.58
C1 FUB LL . -18.91 14.59 -22.34
C6 GZL LL . -13.70 17.36 -21.15
C5 GZL LL . -14.13 17.42 -22.63
C4 GZL LL . -15.41 18.22 -22.75
C3 GZL LL . -15.89 18.31 -24.34
C2 GZL LL . -17.12 18.29 -24.31
O6 GZL LL . -14.27 18.47 -20.49
O5 GZL LL . -14.36 16.12 -23.09
O4 GZL LL . -16.35 17.63 -22.09
O3 GZL LL . -15.40 19.55 -24.95
C1 GZL LL . -17.42 17.28 -23.11
O2 GZL LL . -17.68 17.74 -25.60
O5 AHR LL . -15.78 12.29 -26.89
C5 AHR LL . -16.51 11.07 -26.74
C4 AHR LL . -17.96 11.25 -27.11
O4 AHR LL . -18.59 12.25 -26.29
C3 AHR LL . -18.85 10.02 -26.94
O3 AHR LL . -18.65 9.02 -27.94
C2 AHR LL . -20.22 10.67 -26.98
O2 AHR LL . -21.24 9.86 -26.40
C1 AHR LL . -20.01 12.04 -26.32
O5 FUB ML . -13.42 25.26 -23.30
C5 FUB ML . -14.39 24.88 -24.27
C4 FUB ML . -15.11 23.62 -23.84
O4 FUB ML . -16.15 23.26 -24.78
C3 FUB ML . -15.83 23.69 -22.49
O3 FUB ML . -14.93 23.65 -21.40
C2 FUB ML . -16.75 22.49 -22.61
O2 FUB ML . -17.78 22.51 -21.64
C1 FUB ML . -17.18 22.53 -24.08
O5 FUB ML . -13.91 22.97 -19.52
C5 FUB ML . -14.33 21.82 -18.81
C4 FUB ML . -15.80 21.54 -19.01
O4 FUB ML . -16.12 21.36 -20.40
C3 FUB ML . -16.76 22.65 -18.55
O3 FUB ML . -16.89 22.73 -17.14
C2 FUB ML . -18.03 22.22 -19.28
O2 FUB ML . -18.96 23.27 -19.43
C1 FUB ML . -17.52 21.60 -20.59
C6 GZL ML . -21.09 22.81 -14.95
C5 GZL ML . -20.47 23.50 -16.18
C4 GZL ML . -21.22 23.09 -17.42
C3 GZL ML . -21.36 24.40 -18.44
C2 GZL ML . -21.34 23.93 -19.57
O6 GZL ML . -22.29 23.45 -14.64
O5 GZL ML . -19.13 23.13 -16.30
O4 GZL ML . -20.57 22.19 -18.04
O3 GZL ML . -22.66 25.08 -18.21
C1 GZL ML . -20.28 22.75 -19.41
O2 GZL ML . -20.83 24.96 -20.55
O5 FUB NL . -29.26 24.54 -20.79
C5 FUB NL . -28.06 25.22 -21.14
C4 FUB NL . -27.37 25.78 -19.92
O4 FUB NL . -26.08 26.32 -20.27
C3 FUB NL . -27.05 24.69 -18.88
O3 FUB NL . -26.93 25.26 -17.59
C2 FUB NL . -25.74 24.13 -19.44
O2 FUB NL . -25.99 22.94 -20.16
C1 FUB NL . -25.14 25.24 -20.30
O5 FUB NL . -24.55 20.80 -16.11
C5 FUB NL . -25.42 20.15 -17.04
C4 FUB NL . -24.96 20.35 -18.46
O4 FUB NL . -24.65 21.74 -18.72
C3 FUB NL . -25.96 19.98 -19.55
O3 FUB NL . -26.09 18.58 -19.73
C2 FUB NL . -25.37 20.73 -20.74
O2 FUB NL . -26.28 20.87 -21.81
C1 FUB NL . -24.92 22.04 -20.09
C6 GZL NL . -25.65 16.17 -21.83
C5 GZL NL . -26.82 16.86 -22.55
C4 GZL NL . -26.31 18.04 -23.34
C3 GZL NL . -27.57 19.05 -23.75
C2 GZL NL . -27.01 20.11 -24.03
O6 GZL NL . -25.80 14.78 -21.98
O5 GZL NL . -27.75 17.30 -21.60
O4 GZL NL . -25.52 18.74 -22.62
O3 GZL NL . -28.28 18.53 -24.93
C1 GZL NL . -25.82 20.19 -22.97
O2 GZL NL . -27.96 21.26 -23.84
O5 AHR NL . -29.39 20.86 -15.24
C5 AHR NL . -28.41 20.37 -14.34
C4 AHR NL . -27.23 21.31 -14.23
O4 AHR NL . -26.68 21.59 -15.53
C3 AHR NL . -26.06 20.81 -13.40
O3 AHR NL . -26.28 20.88 -12.00
C2 AHR NL . -24.94 21.71 -13.92
O2 AHR NL . -23.64 21.24 -13.60
C1 AHR NL . -25.25 21.82 -15.41
O5 AHR NL . -31.75 22.50 -16.19
C5 AHR NL . -30.85 23.00 -17.18
C4 AHR NL . -30.15 24.25 -16.71
O4 AHR NL . -29.24 24.73 -17.72
C3 AHR NL . -29.27 24.11 -15.46
O3 AHR NL . -30.03 24.03 -14.26
C2 AHR NL . -28.39 25.35 -15.59
O2 AHR NL . -27.19 25.26 -14.86
C1 AHR NL . -28.25 25.57 -17.10
O5 FUB OL . -26.98 20.31 -31.77
C5 FUB OL . -27.54 21.07 -30.70
C4 FUB OL . -28.43 20.23 -29.83
O4 FUB OL . -28.95 21.01 -28.73
C3 FUB OL . -27.70 19.08 -29.13
O3 FUB OL . -28.65 18.11 -28.71
C2 FUB OL . -27.05 19.80 -27.96
O2 FUB OL . -25.73 20.18 -28.26
C1 FUB OL . -27.98 21.00 -27.68
O5 FUB OL . -24.34 15.45 -26.74
C5 FUB OL . -23.61 16.26 -27.65
C4 FUB OL . -23.59 17.70 -27.22
O4 FUB OL . -24.93 18.26 -27.21
C3 FUB OL . -22.82 18.66 -28.14
O3 FUB OL . -21.40 18.55 -27.98
C2 FUB OL . -23.39 20.00 -27.72
O2 FUB OL . -23.26 20.99 -28.72
C1 FUB OL . -24.83 19.69 -27.27
C6 GZL OL . -18.45 20.15 -28.24
C5 GZL OL . -19.20 20.79 -29.41
C4 GZL OL . -20.15 21.84 -28.88
C3 GZL OL . -21.06 22.48 -30.12
C2 GZL OL . -22.05 22.95 -29.56
O6 GZL OL . -17.13 20.63 -28.26
O5 GZL OL . -19.95 19.82 -30.07
O4 GZL OL . -20.97 21.31 -28.07
O3 GZL OL . -20.30 23.53 -30.82
C1 GZL OL . -22.31 21.96 -28.35
O2 GZL OL . -23.24 22.96 -30.48
O5 AHR OL . -26.41 12.08 -30.12
C5 AHR OL . -26.66 11.96 -28.73
C4 AHR OL . -26.77 13.30 -28.06
O4 AHR OL . -25.56 14.07 -28.21
C3 AHR OL . -27.00 13.28 -26.54
O3 AHR OL . -28.34 12.95 -26.17
C2 AHR OL . -26.57 14.69 -26.14
O2 AHR OL . -26.03 14.74 -24.84
C1 AHR OL . -25.62 15.15 -27.27
O5 AHR OL . -31.34 13.28 -30.36
C5 AHR OL . -31.53 14.68 -30.16
C4 AHR OL . -30.22 15.35 -29.78
O4 AHR OL . -30.40 16.77 -29.59
C3 AHR OL . -29.09 15.23 -30.81
O3 AHR OL . -28.50 13.94 -30.84
C2 AHR OL . -28.16 16.34 -30.32
O2 AHR OL . -27.20 16.74 -31.28
C1 AHR OL . -29.14 17.44 -29.87
O5 AHR OL . -25.07 12.16 -31.93
C5 AHR OL . -24.50 13.27 -32.62
C4 AHR OL . -24.56 14.52 -31.78
O4 AHR OL . -25.92 14.80 -31.37
C3 AHR OL . -24.11 15.82 -32.47
O3 AHR OL . -22.71 15.93 -32.58
C2 AHR OL . -24.78 16.87 -31.59
O2 AHR OL . -25.10 18.06 -32.30
C1 AHR OL . -25.96 16.16 -30.91
O5 FUB PL . -19.87 28.88 -33.90
C5 FUB PL . -20.93 27.96 -33.67
C4 FUB PL . -20.59 26.95 -32.60
O4 FUB PL . -21.68 26.04 -32.38
C3 FUB PL . -20.29 27.61 -31.24
O3 FUB PL . -18.89 27.62 -30.99
C2 FUB PL . -21.09 26.76 -30.27
O2 FUB PL . -21.41 27.43 -29.06
C1 FUB PL . -22.28 26.36 -31.14
O5 FUB PL . -17.36 25.34 -27.68
C5 FUB PL . -17.83 26.35 -26.80
C4 FUB PL . -19.33 26.28 -26.69
O4 FUB PL . -19.94 26.05 -27.98
C3 FUB PL . -20.03 27.54 -26.16
O3 FUB PL . -19.92 27.69 -24.74
C2 FUB PL . -21.45 27.33 -26.66
O2 FUB PL . -22.17 28.55 -26.77
C1 FUB PL . -21.28 26.55 -27.98
C6 GZL PL . -21.95 28.61 -22.03
C5 GZL PL . -22.46 29.84 -22.79
C4 GZL PL . -23.38 29.41 -23.89
C3 GZL PL . -23.51 30.58 -25.06
C2 GZL PL . -23.99 29.99 -26.02
O6 GZL PL . -20.61 28.41 -22.36
O5 GZL PL . -21.37 30.52 -23.34
O4 GZL PL . -22.91 28.39 -24.48
O3 GZL PL . -24.40 31.67 -24.63
C1 GZL PL . -23.32 28.55 -25.95
O2 GZL PL . -23.59 30.67 -27.31
O5 AHR PL . -16.81 23.46 -30.62
C5 AHR PL . -15.87 24.49 -30.36
C4 AHR PL . -14.93 24.11 -29.24
O4 AHR PL . -15.69 23.77 -28.07
C3 AHR PL . -14.06 25.27 -28.78
O3 AHR PL . -12.99 24.77 -27.98
C2 AHR PL . -15.05 26.05 -27.93
O2 AHR PL . -14.44 26.87 -26.95
C1 AHR PL . -16.03 24.99 -27.39
O5 AHR PL . -14.87 30.09 -33.82
C5 AHR PL . -16.26 30.26 -33.56
C4 AHR PL . -16.71 29.34 -32.44
O4 AHR PL . -18.13 29.47 -32.21
C3 AHR PL . -16.07 29.58 -31.08
O3 AHR PL . -14.75 29.08 -30.99
C2 AHR PL . -17.09 28.89 -30.16
O2 AHR PL . -17.12 29.38 -28.84
C1 AHR PL . -18.42 28.94 -30.91
O5 AHR PL . -13.62 30.94 -26.55
C5 AHR PL . -14.79 31.69 -26.20
C4 AHR PL . -15.99 31.10 -26.86
O4 AHR PL . -15.89 31.18 -28.30
C3 AHR PL . -17.34 31.76 -26.57
O3 AHR PL . -17.87 31.44 -25.29
C2 AHR PL . -18.18 31.25 -27.74
O2 AHR PL . -19.17 32.16 -28.16
C1 AHR PL . -17.16 30.80 -28.80
O5 FUB QL . -25.31 35.48 -25.63
C5 FUB QL . -26.02 34.50 -24.89
C4 FUB QL . -27.42 34.30 -25.44
O4 FUB QL . -27.32 33.84 -26.80
C3 FUB QL . -28.18 33.18 -24.74
O3 FUB QL . -28.07 33.22 -23.32
C2 FUB QL . -27.58 31.94 -25.39
O2 FUB QL . -28.48 30.85 -25.45
C1 FUB QL . -27.04 32.43 -26.74
O5 FUB QL . -28.09 28.80 -21.02
C5 FUB QL . -27.31 29.43 -22.02
C4 FUB QL . -27.47 28.75 -23.36
O4 FUB QL . -26.88 29.55 -24.40
C3 FUB QL . -28.92 28.52 -23.81
O3 FUB QL . -29.48 27.34 -23.24
C2 FUB QL . -28.76 28.47 -25.32
O2 FUB QL . -29.98 28.57 -26.03
C1 FUB QL . -27.76 29.62 -25.52
C6 GZL QL . -31.37 23.63 -25.65
C5 GZL QL . -32.05 24.99 -25.86
C4 GZL QL . -31.30 25.76 -26.93
C3 GZL QL . -32.17 27.09 -27.38
C2 GZL QL . -31.33 27.81 -27.94
O6 GZL QL . -32.35 22.63 -25.75
O5 GZL QL . -32.02 25.72 -24.66
O4 GZL QL . -30.21 26.22 -26.45
O3 GZL QL . -33.25 26.72 -28.32
C1 GZL QL . -30.03 27.59 -27.06
O2 GZL QL . -31.77 29.26 -27.88
O5 AHR QL . -32.37 29.48 -18.24
C5 AHR QL . -31.18 28.90 -17.74
C4 AHR QL . -29.95 29.61 -18.27
O4 AHR QL . -29.88 29.52 -19.71
C3 AHR QL . -28.60 29.08 -17.79
O3 AHR QL . -28.31 29.41 -16.44
C2 AHR QL . -27.67 29.69 -18.83
O2 AHR QL . -26.44 29.01 -18.95
C1 AHR QL . -28.52 29.79 -20.10
O5 AHR QL . -33.08 32.57 -20.75
C5 AHR QL . -32.30 32.55 -21.94
C4 AHR QL . -31.15 33.53 -21.86
O4 AHR QL . -30.37 33.52 -23.07
C3 AHR QL . -30.14 33.28 -20.74
O3 AHR QL . -30.61 33.64 -19.46
C2 AHR QL . -28.96 34.11 -21.23
O2 AHR QL . -27.72 33.70 -20.70
C1 AHR QL . -29.07 34.06 -22.77
O5 FUB RL . -35.21 26.07 -34.74
C5 FUB RL . -35.07 27.27 -34.01
C4 FUB RL . -35.32 27.05 -32.53
O4 FUB RL . -35.17 28.28 -31.80
C3 FUB RL . -34.31 26.10 -31.87
O3 FUB RL . -34.89 25.54 -30.70
C2 FUB RL . -33.17 27.05 -31.52
O2 FUB RL . -32.05 26.90 -32.36
C1 FUB RL . -33.77 28.46 -31.54
O5 FUB RL . -31.92 22.87 -30.06
C5 FUB RL . -31.01 22.96 -31.14
C4 FUB RL . -30.34 24.30 -31.22
O4 FUB RL . -31.25 25.37 -30.83
C3 FUB RL . -29.85 24.70 -32.61
O3 FUB RL . -28.67 24.02 -32.98
C2 FUB RL . -29.74 26.21 -32.47
O2 FUB RL . -29.71 26.86 -33.72
C1 FUB RL . -30.93 26.56 -31.57
C6 GZL RL . -25.65 24.17 -33.72
C5 GZL RL . -26.14 24.71 -35.07
C4 GZL RL . -26.69 26.11 -34.90
C3 GZL RL . -27.78 26.43 -36.11
C2 GZL RL . -28.39 27.43 -35.70
O6 GZL RL . -26.54 23.16 -33.30
O5 GZL RL . -27.15 23.88 -35.58
O4 GZL RL . -27.36 26.19 -33.82
O3 GZL RL . -27.07 26.75 -37.36
C1 GZL RL . -28.41 27.26 -34.11
O2 GZL RL . -29.81 27.41 -36.23
O5 AHR RL . -31.60 19.47 -33.59
C5 AHR RL . -31.32 19.21 -32.23
C4 AHR RL . -32.36 19.80 -31.32
O4 AHR RL . -32.53 21.20 -31.59
C3 AHR RL . -32.05 19.73 -29.82
O3 AHR RL . -32.28 18.45 -29.26
C2 AHR RL . -32.97 20.83 -29.28
O2 AHR RL . -32.63 21.27 -27.98
C1 AHR RL . -32.92 21.90 -30.38
O5 FUB SL . -24.99 30.99 -41.51
C5 FUB SL . -26.30 30.66 -41.09
C4 FUB SL . -26.30 30.24 -39.64
O4 FUB SL . -27.65 30.08 -39.13
C3 FUB SL . -25.63 31.23 -38.68
O3 FUB SL . -24.21 31.12 -38.71
C2 FUB SL . -26.28 30.85 -37.36
O2 FUB SL . -26.08 31.79 -36.33
C1 FUB SL . -27.74 30.67 -37.82
O5 FUB SL . -22.60 28.82 -36.35
C5 FUB SL . -22.58 30.15 -35.86
C4 FUB SL . -23.64 30.42 -34.82
O4 FUB SL . -24.96 30.05 -35.32
C3 FUB SL . -23.74 31.88 -34.38
O3 FUB SL . -22.87 32.19 -33.30
C2 FUB SL . -25.22 32.05 -34.10
O2 FUB SL . -25.60 33.41 -34.24
C1 FUB SL . -25.88 31.12 -35.11
C6 GZL SL . -24.32 34.69 -29.25
C5 GZL SL . -24.17 35.14 -30.70
C4 GZL SL . -25.49 34.97 -31.41
C3 GZL SL . -25.58 35.94 -32.75
C2 GZL SL . -26.53 35.47 -33.38
O6 GZL SL . -24.50 35.82 -28.44
O5 GZL SL . -23.20 34.35 -31.34
O4 GZL SL . -25.59 33.78 -31.86
O3 GZL SL . -25.86 37.33 -32.36
C1 GZL SL . -26.37 33.90 -33.16
O2 GZL SL . -26.40 35.79 -34.84
O5 AHR SL . -17.96 30.98 -36.17
C5 AHR SL . -18.15 30.16 -37.32
C4 AHR SL . -19.62 29.94 -37.60
O4 AHR SL . -20.26 29.23 -36.50
C3 AHR SL . -19.98 29.12 -38.84
O3 AHR SL . -19.81 29.85 -40.05
C2 AHR SL . -21.41 28.74 -38.52
O2 AHR SL . -21.87 27.65 -39.32
C1 AHR SL . -21.38 28.49 -37.01
O5 FUB TL . -29.01 42.36 -33.70
C5 FUB TL . -27.79 41.64 -33.63
C4 FUB TL . -28.05 40.17 -33.34
O4 FUB TL . -28.54 39.49 -34.52
C3 FUB TL . -29.09 39.84 -32.26
O3 FUB TL . -28.65 40.08 -30.93
C2 FUB TL . -29.34 38.36 -32.58
O2 FUB TL . -30.54 37.80 -32.08
C1 FUB TL . -29.14 38.26 -34.10
O5 FUB TL . -28.97 36.56 -27.41
C5 FUB TL . -28.75 36.92 -28.76
C4 FUB TL . -29.49 36.01 -29.72
O4 FUB TL . -29.13 36.31 -31.09
C3 FUB TL . -31.02 36.11 -29.67
O3 FUB TL . -31.59 35.31 -28.66
C2 FUB TL . -31.40 35.71 -31.09
O2 FUB TL . -32.73 36.03 -31.46
C1 FUB TL . -30.30 36.41 -31.90
C6 GZL TL . -35.22 32.46 -29.87
C5 GZL TL . -35.92 33.51 -30.73
C4 GZL TL . -35.05 33.85 -31.92
C3 GZL TL . -35.41 35.38 -32.47
C2 GZL TL . -34.44 35.66 -33.19
O6 GZL TL . -34.00 32.99 -29.42
O5 GZL TL . -36.11 34.67 -29.98
O4 GZL TL . -33.82 33.89 -31.59
O3 GZL TL . -36.66 35.35 -33.26
C1 GZL TL . -33.22 35.06 -32.36
O2 GZL TL . -34.30 37.16 -33.31
O5 AHR TL . -30.42 38.06 -22.66
C5 AHR TL . -29.04 37.84 -22.94
C4 AHR TL . -28.69 38.27 -24.35
O4 AHR TL . -29.45 37.54 -25.32
C3 AHR TL . -27.23 38.02 -24.76
O3 AHR TL . -26.31 38.98 -24.24
C2 AHR TL . -27.34 38.02 -26.28
O2 AHR TL . -26.38 37.18 -26.88
C1 AHR TL . -28.81 37.71 -26.60
O5 AHR TL . -28.70 45.20 -28.52
C5 AHR TL . -28.79 44.29 -29.62
C4 AHR TL . -27.87 43.11 -29.42
O4 AHR TL . -27.90 42.26 -30.58
C3 AHR TL . -28.29 42.18 -28.28
O3 AHR TL . -27.19 41.34 -27.92
C2 AHR TL . -29.38 41.35 -28.97
O2 AHR TL . -30.67 41.85 -28.67
C1 AHR TL . -29.02 41.38 -30.46
O5 AHR TL . -34.52 39.09 -30.12
C5 AHR TL . -34.58 39.38 -28.73
C4 AHR TL . -33.60 40.49 -28.37
O4 AHR TL . -32.24 40.11 -28.66
C3 AHR TL . -33.57 40.88 -26.89
O3 AHR TL . -34.70 41.66 -26.49
C2 AHR TL . -32.24 41.63 -26.83
O2 AHR TL . -31.72 41.72 -25.53
C1 AHR TL . -31.36 40.92 -27.86
O5 FUB UL . -41.96 35.14 -36.16
C5 FUB UL . -40.98 36.17 -36.07
C4 FUB UL . -39.63 35.59 -35.69
O4 FUB UL . -38.62 36.63 -35.63
C3 FUB UL . -39.08 34.53 -36.65
O3 FUB UL . -39.63 33.24 -36.42
C2 FUB UL . -37.58 34.63 -36.34
O2 FUB UL . -36.75 33.98 -37.28
C1 FUB UL . -37.42 36.15 -36.24
O5 FUB UL . -36.63 30.54 -33.71
C5 FUB UL . -36.47 30.34 -35.11
C4 FUB UL . -35.53 31.35 -35.71
O4 FUB UL . -35.99 32.69 -35.50
C3 FUB UL . -35.31 31.23 -37.22
O3 FUB UL . -34.44 30.15 -37.58
C2 FUB UL . -34.76 32.61 -37.53
O2 FUB UL . -34.80 32.93 -38.92
C1 FUB UL . -35.59 33.52 -36.61
C6 GZL UL . -31.64 28.96 -39.96
C5 GZL UL . -32.83 29.74 -40.55
C4 GZL UL . -32.56 31.22 -40.47
C3 GZL UL . -33.59 32.05 -41.47
C2 GZL UL . -33.56 33.21 -41.03
O6 GZL UL . -30.50 29.26 -40.73
O5 GZL UL . -33.98 29.43 -39.82
O4 GZL UL . -32.80 31.64 -39.29
O3 GZL UL . -33.11 32.02 -42.86
C1 GZL UL . -33.49 32.99 -39.45
O2 GZL UL . -34.84 33.93 -41.39
O5 AHR UL . -39.11 26.61 -33.85
C5 AHR UL . -40.16 27.56 -33.78
C4 AHR UL . -39.67 28.89 -33.25
O4 AHR UL . -38.67 29.47 -34.11
C3 AHR UL . -38.99 28.85 -31.88
O3 AHR UL . -39.92 28.73 -30.80
C2 AHR UL . -38.20 30.15 -31.89
O2 AHR UL . -37.02 30.07 -31.11
C1 AHR UL . -38.01 30.51 -33.37
O5 FUB VL . -32.04 37.87 -47.83
C5 FUB VL . -32.99 37.45 -46.86
C4 FUB VL . -32.65 36.07 -46.34
O4 FUB VL . -33.62 35.66 -45.34
C3 FUB VL . -31.28 36.01 -45.65
O3 FUB VL . -30.42 35.04 -46.25
C2 FUB VL . -31.60 35.74 -44.19
O2 FUB VL . -30.80 36.52 -43.33
C1 FUB VL . -33.12 35.98 -44.07
O5 FUB VL . -28.40 32.74 -42.03
C5 FUB VL . -27.87 34.02 -41.73
C4 FUB VL . -28.96 34.93 -41.19
O4 FUB VL . -30.18 34.80 -41.94
C3 FUB VL . -28.63 36.42 -41.23
O3 FUB VL . -27.73 36.83 -40.20
C2 FUB VL . -30.03 37.03 -41.14
O2 FUB VL . -30.07 38.38 -41.56
C1 FUB VL . -30.86 36.05 -42.00
C6 GZL VL . -26.75 38.95 -37.90
C5 GZL VL . -26.93 39.80 -39.16
C4 GZL VL . -28.40 40.10 -39.35
C3 GZL VL . -28.65 40.89 -40.79
C2 GZL VL . -29.86 40.75 -41.00
O6 GZL VL . -25.62 39.41 -37.20
O5 GZL VL . -26.45 39.10 -40.27
O4 GZL VL . -29.06 39.01 -39.44
O3 GZL VL . -28.30 42.31 -40.66
C1 GZL VL . -30.16 39.28 -40.46
O2 GZL VL . -30.15 40.81 -42.48
O5 AHR VL . -24.73 31.12 -44.98
C5 AHR VL . -26.01 30.52 -45.11
C4 AHR VL . -27.10 31.56 -45.08
O4 AHR VL . -27.05 32.31 -43.84
C3 AHR VL . -28.54 31.01 -45.19
O3 AHR VL . -29.24 31.71 -46.21
C2 AHR VL . -29.12 31.28 -43.81
O2 AHR VL . -28.90 30.22 -42.91
C1 AHR VL . -28.38 32.57 -43.42
O5 AHR VL . -25.57 37.71 -45.64
C5 AHR VL . -26.98 37.74 -45.56
C4 AHR VL . -27.61 36.89 -46.64
O4 AHR VL . -29.05 36.89 -46.54
C3 AHR VL . -27.23 35.41 -46.65
O3 AHR VL . -25.93 35.17 -47.16
C2 AHR VL . -28.35 34.84 -47.52
O2 AHR VL . -28.53 33.44 -47.37
C1 AHR VL . -29.57 35.71 -47.17
O5 AHR VL . -36.16 35.70 -49.53
C5 AHR VL . -35.24 35.94 -50.58
C4 AHR VL . -33.87 36.31 -50.03
O4 AHR VL . -33.96 37.49 -49.19
C3 AHR VL . -32.81 36.67 -51.06
O3 AHR VL . -32.28 35.53 -51.73
C2 AHR VL . -31.80 37.43 -50.20
O2 AHR VL . -30.97 38.30 -50.95
C1 AHR VL . -32.65 38.09 -49.11
O5 FUB WL . -30.04 47.85 -43.39
C5 FUB WL . -30.58 47.70 -42.07
C4 FUB WL . -30.62 46.25 -41.66
O4 FUB WL . -31.47 45.51 -42.55
C3 FUB WL . -31.17 45.96 -40.26
O3 FUB WL . -30.25 46.03 -39.17
C2 FUB WL . -31.61 44.49 -40.42
O2 FUB WL . -32.69 44.11 -39.59
C1 FUB WL . -31.82 44.27 -41.93
O5 FUB WL . -29.14 43.48 -36.14
C5 FUB WL . -30.52 43.71 -35.92
C4 FUB WL . -31.38 42.85 -36.80
O4 FUB WL . -31.15 43.14 -38.19
C3 FUB WL . -32.90 43.02 -36.61
O3 FUB WL . -33.40 42.34 -35.48
C2 FUB WL . -33.43 42.49 -37.94
O2 FUB WL . -34.72 42.96 -38.23
C1 FUB WL . -32.34 42.89 -38.96
C6 GZL WL . -38.85 41.20 -34.97
C5 GZL WL . -37.62 41.98 -35.45
C4 GZL WL . -37.28 41.56 -36.86
C3 GZL WL . -37.65 42.79 -37.93
C2 GZL WL . -37.01 42.48 -38.94
O6 GZL WL . -39.93 41.52 -35.81
O5 GZL WL . -36.53 41.71 -34.61
O4 GZL WL . -36.02 41.37 -36.98
O3 GZL WL . -39.10 42.80 -38.21
C1 GZL WL . -35.65 41.90 -38.35
O2 GZL WL . -36.73 43.71 -39.77
O5 AHR WL . -28.48 51.78 -39.33
C5 AHR WL . -28.56 50.50 -39.95
C4 AHR WL . -28.93 49.43 -38.94
O4 AHR WL . -29.04 48.14 -39.58
C3 AHR WL . -30.29 49.62 -38.25
O3 AHR WL . -30.26 50.61 -37.22
C2 AHR WL . -30.59 48.21 -37.78
O2 AHR WL . -31.98 47.95 -37.74
C1 AHR WL . -29.74 47.29 -38.67
O5 AHR WL . -36.12 46.13 -38.62
C5 AHR WL . -35.91 46.21 -37.22
C4 AHR WL . -34.64 46.96 -36.90
O4 AHR WL . -33.48 46.29 -37.43
C3 AHR WL . -34.30 47.14 -35.43
O3 AHR WL . -35.10 48.13 -34.78
C2 AHR WL . -32.82 47.48 -35.51
O2 AHR WL . -32.10 47.06 -34.36
C1 AHR WL . -32.34 46.91 -36.85
O5 AHR WL . -29.12 49.69 -47.82
C5 AHR WL . -30.27 50.28 -47.24
C4 AHR WL . -30.40 49.92 -45.77
O4 AHR WL . -30.49 48.49 -45.58
C3 AHR WL . -31.64 50.46 -45.06
O3 AHR WL . -31.55 51.85 -44.77
C2 AHR WL . -31.69 49.57 -43.83
O2 AHR WL . -32.99 49.47 -43.27
C1 AHR WL . -31.07 48.24 -44.29
O5 FUB XL . 74.86 -86.35 114.57
C5 FUB XL . 74.68 -86.77 113.22
C4 FUB XL . 75.97 -87.32 112.64
O4 FUB XL . 75.74 -87.85 111.32
C3 FUB XL . 76.53 -88.51 113.41
O3 FUB XL . 77.88 -88.72 113.04
C2 FUB XL . 75.65 -89.63 112.88
O2 FUB XL . 74.52 -89.86 113.70
C1 FUB XL . 75.30 -89.21 111.44
O5 FUB XL . 75.97 -91.15 119.06
C5 FUB XL . 76.36 -90.73 117.76
C4 FUB XL . 75.45 -91.31 116.69
O4 FUB XL . 75.83 -90.85 115.38
C3 FUB XL . 73.97 -90.94 116.82
O3 FUB XL . 73.30 -91.65 117.84
C2 FUB XL . 73.48 -91.24 115.40
O2 FUB XL . 72.31 -90.54 115.05
C1 FUB XL . 74.70 -91.01 114.50
C6 GZL XL . 70.43 -95.08 116.10
C5 GZL XL . 69.57 -93.80 116.08
C4 GZL XL . 70.01 -92.94 114.91
C3 GZL XL . 69.32 -91.42 115.03
C2 GZL XL . 69.97 -90.73 114.25
O6 GZL XL . 69.57 -96.19 116.17
O5 GZL XL . 69.75 -93.09 117.27
O4 GZL XL . 71.26 -92.73 114.95
O3 GZL XL . 67.91 -91.48 114.61
C1 GZL XL . 71.44 -91.36 114.29
O2 GZL XL . 70.03 -89.30 114.71
O5 FUB YL . 62.13 -90.91 113.71
C5 FUB YL . 63.09 -90.08 113.09
C4 FUB YL . 64.43 -90.77 113.00
O4 FUB YL . 65.41 -89.96 112.29
C3 FUB YL . 64.44 -92.11 112.26
O3 FUB YL . 63.84 -93.16 113.00
C2 FUB YL . 65.94 -92.26 112.00
O2 FUB YL . 66.24 -93.25 111.04
C1 FUB YL . 66.34 -90.83 111.62
O5 FUB YL . 67.64 -97.96 113.86
C5 FUB YL . 67.22 -96.61 113.89
C4 FUB YL . 67.76 -95.84 112.70
O4 FUB YL . 67.32 -94.47 112.73
C3 FUB YL . 67.34 -96.34 111.33
O3 FUB YL . 68.01 -97.54 110.94
C2 FUB YL . 67.66 -95.12 110.47
O2 FUB YL . 66.96 -95.10 109.24
C1 FUB YL . 67.43 -93.93 111.40
C6 GZL YL . 70.37 -97.71 107.87
C5 GZL YL . 68.98 -97.37 107.32
C4 GZL YL . 68.91 -95.89 106.99
C3 GZL YL . 67.42 -95.55 106.31
C2 GZL YL . 67.02 -94.51 106.84
O6 GZL YL . 71.28 -96.71 107.48
O5 GZL YL . 68.01 -97.69 108.27
O4 GZL YL . 69.05 -95.20 108.05
O3 GZL YL . 67.58 -95.34 104.86
C1 GZL YL . 67.74 -94.45 108.25
O2 GZL YL . 65.51 -94.56 107.03
O5 AHR YL . 64.02 -97.42 110.23
C5 AHR YL . 63.21 -97.39 111.40
C4 AHR YL . 62.55 -96.04 111.56
O4 AHR YL . 63.54 -94.98 111.58
C3 AHR YL . 61.77 -95.83 112.86
O3 AHR YL . 60.51 -96.48 112.87
C2 AHR YL . 61.69 -94.31 112.93
O2 AHR YL . 61.54 -93.81 114.24
C1 AHR YL . 62.93 -93.82 112.15
O5 FUB ZL . 70.47 -96.76 100.21
C5 FUB ZL . 69.54 -95.70 100.25
C4 FUB ZL . 69.47 -95.08 101.63
O4 FUB ZL . 68.55 -93.97 101.68
C3 FUB ZL . 70.78 -94.52 102.17
O3 FUB ZL . 71.70 -95.52 102.56
C2 FUB ZL . 70.25 -93.66 103.31
O2 FUB ZL . 71.16 -92.65 103.72
C1 FUB ZL . 68.88 -93.17 102.83
O5 FUB ZL . 74.40 -95.42 103.61
C5 FUB ZL . 74.34 -95.42 105.03
C4 FUB ZL . 73.53 -94.25 105.55
O4 FUB ZL . 72.18 -94.30 105.02
C3 FUB ZL . 74.04 -92.86 105.16
O3 FUB ZL . 75.17 -92.45 105.92
C2 FUB ZL . 72.79 -92.02 105.38
O2 FUB ZL . 72.82 -90.80 104.68
C1 FUB ZL . 71.64 -92.97 105.02
C6 GZL ZL . 76.79 -89.15 107.55
C5 GZL ZL . 76.16 -89.18 106.15
C4 GZL ZL . 74.71 -88.77 106.25
C3 GZL ZL . 74.19 -88.17 104.78
C2 GZL ZL . 72.97 -88.35 104.79
O6 GZL ZL . 77.63 -88.02 107.62
O5 GZL ZL . 76.24 -90.48 105.63
O4 GZL ZL . 73.99 -89.79 106.51
O3 GZL ZL . 74.50 -86.74 104.67
C1 GZL ZL . 72.79 -89.71 105.57
O2 GZL ZL . 72.48 -88.48 103.37
O5 FUB AM . 71.07 -80.56 105.06
C5 FUB AM . 71.09 -81.75 104.28
C4 FUB AM . 72.49 -82.33 104.20
O4 FUB AM . 72.49 -83.53 103.40
C3 FUB AM . 73.03 -82.79 105.56
O3 FUB AM . 74.45 -82.72 105.56
C2 FUB AM . 72.47 -84.21 105.67
O2 FUB AM . 71.38 -84.28 106.55
C1 FUB AM . 72.11 -84.62 104.23
O5 FUB AM . 74.70 -86.30 109.52
C5 FUB AM . 73.48 -85.83 110.08
C4 FUB AM . 72.30 -86.17 109.18
O4 FUB AM . 72.57 -85.83 107.81
C3 FUB AM . 70.99 -85.44 109.51
O3 FUB AM . 70.35 -85.94 110.67
C2 FUB AM . 70.23 -85.63 108.21
O2 FUB AM . 69.17 -84.71 108.05
C1 FUB AM . 71.32 -85.57 107.13
C6 GZL AM . 67.53 -87.11 111.62
C5 GZL AM . 67.08 -85.75 111.09
C4 GZL AM . 66.70 -85.88 109.63
C3 GZL AM . 66.36 -84.37 109.00
C2 GZL AM . 66.72 -84.40 107.83
O6 GZL AM . 66.98 -87.30 112.89
O5 GZL AM . 68.12 -84.83 111.23
O4 GZL AM . 67.68 -86.37 108.97
O3 GZL AM . 64.92 -84.11 109.07
C1 GZL AM . 67.95 -85.42 107.82
O2 GZL AM . 67.17 -83.02 107.39
O5 AHR AM . 74.87 -81.49 111.18
C5 AHR AM . 75.82 -82.48 111.56
C4 AHR AM . 76.20 -83.35 110.39
O4 AHR AM . 75.05 -84.00 109.82
C3 AHR AM . 77.18 -84.49 110.69
O3 AHR AM . 78.52 -84.04 110.85
C2 AHR AM . 76.95 -85.38 109.46
O2 AHR AM . 77.36 -86.72 109.67
C1 AHR AM . 75.47 -85.18 109.11
O5 AHR AM . 73.95 -79.37 109.89
C5 AHR AM . 73.38 -79.87 108.69
C4 AHR AM . 74.41 -80.01 107.60
O4 AHR AM . 73.83 -80.62 106.42
C3 AHR AM . 75.62 -80.88 107.93
O3 AHR AM . 76.56 -80.22 108.76
C2 AHR AM . 76.13 -81.21 106.53
O2 AHR AM . 77.00 -82.32 106.51
C1 AHR AM . 74.84 -81.35 105.71
O5 FUB BM . 59.46 -84.58 104.16
C5 FUB BM . 60.69 -83.87 104.24
C4 FUB BM . 60.96 -83.41 105.66
O4 FUB BM . 62.21 -82.70 105.71
C3 FUB BM . 61.16 -84.57 106.65
O3 FUB BM . 60.96 -84.11 107.98
C2 FUB BM . 62.63 -84.92 106.41
O2 FUB BM . 62.78 -86.07 105.60
C1 FUB BM . 63.27 -83.66 105.83
O5 FUB BM . 63.09 -88.80 110.02
C5 FUB BM . 62.69 -89.31 108.77
C4 FUB BM . 63.53 -88.75 107.64
O4 FUB BM . 63.31 -87.33 107.50
C3 FUB BM . 63.21 -89.30 106.24
O3 FUB BM . 63.74 -90.60 106.03
C2 FUB BM . 63.83 -88.23 105.35
O2 FUB BM . 63.25 -88.18 104.08
C1 FUB BM . 63.74 -86.93 106.17
C6 GZL BM . 64.47 -93.23 103.07
C5 GZL BM . 63.44 -92.10 103.00
C4 GZL BM . 64.09 -90.85 102.47
C3 GZL BM . 62.98 -89.94 101.64
C2 GZL BM . 63.41 -88.79 101.69
O6 GZL BM . 64.73 -93.67 101.76
O5 GZL BM . 62.94 -91.85 104.29
O4 GZL BM . 64.50 -90.14 103.45
O3 GZL BM . 62.88 -90.41 100.25
C1 GZL BM . 64.14 -88.70 103.10
O2 GZL BM . 62.27 -87.79 101.65
O5 AHR BM . 58.55 -88.17 112.47
C5 AHR BM . 59.74 -87.69 113.08
C4 AHR BM . 60.73 -87.19 112.05
O4 AHR BM . 61.10 -88.23 111.14
C3 AHR BM . 62.05 -86.67 112.61
O3 AHR BM . 61.97 -85.36 113.15
C2 AHR BM . 62.97 -86.79 111.38
O2 AHR BM . 64.28 -87.18 111.74
C1 AHR BM . 62.24 -87.74 110.42
O5 AHR BM . 58.50 -82.64 112.67
C5 AHR BM . 58.63 -82.19 111.33
C4 AHR BM . 59.19 -83.27 110.43
O4 AHR BM . 59.44 -82.77 109.10
C3 AHR BM . 58.30 -84.49 110.20
O3 AHR BM . 58.22 -85.36 111.34
C2 AHR BM . 58.98 -85.10 108.98
O2 AHR BM . 58.13 -85.94 108.22
C1 AHR BM . 59.58 -83.90 108.23
O5 AHR BM . 55.98 -90.19 110.21
C5 AHR BM . 56.14 -90.05 108.80
C4 AHR BM . 57.43 -89.34 108.46
O4 AHR BM . 57.48 -88.03 109.05
C3 AHR BM . 57.67 -89.09 106.97
O3 AHR BM . 58.10 -90.25 106.26
C2 AHR BM . 58.72 -87.97 107.03
O2 AHR BM . 58.68 -87.13 105.90
C1 AHR BM . 58.51 -87.29 108.39
O5 FUB CM . 61.68 -91.04 95.43
C5 FUB CM . 61.32 -89.75 95.89
C4 FUB CM . 62.28 -89.27 96.96
O4 FUB CM . 61.92 -87.97 97.46
C3 FUB CM . 63.74 -89.11 96.54
O3 FUB CM . 64.37 -90.36 96.31
C2 FUB CM . 64.26 -88.31 97.73
O2 FUB CM . 65.53 -87.71 97.58
C1 FUB CM . 63.09 -87.35 98.02
O5 FUB CM . 67.00 -92.01 99.12
C5 FUB CM . 67.98 -91.14 98.60
C4 FUB CM . 67.75 -89.72 99.08
O4 FUB CM . 66.36 -89.37 98.95
C3 FUB CM . 68.50 -88.63 98.33
O3 FUB CM . 69.88 -88.56 98.69
C2 FUB CM . 67.68 -87.40 98.72
O2 FUB CM . 67.90 -86.29 97.87
C1 FUB CM . 66.24 -87.95 98.78
C6 GZL CM . 72.31 -86.66 99.76
C5 GZL CM . 71.81 -85.95 98.48
C4 GZL CM . 70.68 -85.02 98.81
C3 GZL CM . 70.10 -84.32 97.42
C2 GZL CM . 68.92 -84.06 97.66
O6 GZL CM . 72.38 -88.03 99.49
O5 GZL CM . 71.36 -86.91 97.57
O4 GZL CM . 69.72 -85.69 99.33
O3 GZL CM . 70.84 -83.08 97.14
C1 GZL CM . 68.44 -85.22 98.63
O2 GZL CM . 68.10 -84.08 96.39
O5 AHR CM . 63.68 -93.21 99.15
C5 AHR CM . 64.45 -93.56 98.01
C4 AHR CM . 65.46 -94.63 98.34
O4 AHR CM . 66.30 -94.21 99.43
C3 AHR CM . 66.46 -94.88 97.20
O3 AHR CM . 67.16 -96.10 97.43
C2 AHR CM . 67.39 -93.69 97.38
O2 AHR CM . 68.68 -93.93 96.86
C1 AHR CM . 67.33 -93.37 98.88
O5 AHR CM . 63.36 -93.51 91.75
C5 AHR CM . 63.31 -92.16 92.19
C4 AHR CM . 63.95 -92.00 93.55
O4 AHR CM . 63.90 -90.64 94.01
C3 AHR CM . 65.44 -92.36 93.63
O3 AHR CM . 65.67 -93.76 93.64
C2 AHR CM . 65.85 -91.64 94.91
O2 AHR CM . 67.23 -91.34 95.00
C1 AHR CM . 64.91 -90.43 95.00
O5 AHR CM . 71.03 -93.22 93.34
C5 AHR CM . 71.09 -91.82 93.18
C4 AHR CM . 69.93 -91.16 93.87
O4 AHR CM . 68.68 -91.56 93.27
C3 AHR CM . 69.87 -89.63 93.85
O3 AHR CM . 70.80 -89.02 94.74
C2 AHR CM . 68.41 -89.40 94.20
O2 AHR CM . 67.90 -88.20 93.64
C1 AHR CM . 67.68 -90.69 93.83
O5 FUB DM . 71.68 -81.20 93.82
C5 FUB DM . 71.61 -80.72 95.15
C4 FUB DM . 70.66 -79.55 95.26
O4 FUB DM . 69.33 -79.97 94.93
C3 FUB DM . 70.52 -79.03 96.69
O3 FUB DM . 71.77 -78.90 97.37
C2 FUB DM . 69.57 -80.07 97.29
O2 FUB DM . 68.82 -79.59 98.39
C1 FUB DM . 68.75 -80.59 96.10
O5 FUB DM . 72.50 -80.52 101.54
C5 FUB DM . 71.80 -81.06 100.42
C4 FUB DM . 70.31 -81.12 100.66
O4 FUB DM . 69.62 -81.50 99.44
C3 FUB DM . 69.64 -79.82 101.11
O3 FUB DM . 69.79 -79.57 102.50
C2 FUB DM . 68.21 -80.05 100.64
O2 FUB DM . 67.41 -78.90 100.67
C1 FUB DM . 68.48 -80.66 99.26
C6 GZL DM . 67.11 -79.34 104.68
C5 GZL DM . 66.06 -78.27 104.31
C4 GZL DM . 65.36 -78.67 103.03
C3 GZL DM . 65.36 -77.39 101.95
C2 GZL DM . 65.17 -77.93 100.87
O6 GZL DM . 66.53 -80.23 105.61
O5 GZL DM . 66.68 -77.05 104.15
O4 GZL DM . 65.98 -79.63 102.44
O3 GZL DM . 64.28 -76.45 102.28
C1 GZL DM . 66.06 -79.23 100.98
O2 GZL DM . 65.65 -77.05 99.74
O5 AHR DM . 75.32 -76.39 102.78
C5 AHR DM . 75.69 -77.71 103.15
C4 AHR DM . 75.39 -78.70 102.07
O4 AHR DM . 73.98 -78.72 101.75
C3 AHR DM . 75.73 -80.16 102.37
O3 AHR DM . 77.11 -80.45 102.31
C2 AHR DM . 74.88 -80.88 101.31
O2 AHR DM . 74.56 -82.20 101.65
C1 AHR DM . 73.70 -79.94 101.05
O5 AHR DM . 74.19 -75.06 100.45
C5 AHR DM . 73.00 -75.51 99.81
C4 AHR DM . 73.30 -76.13 98.47
O4 AHR DM . 72.11 -76.64 97.84
C3 AHR DM . 74.26 -77.34 98.49
O3 AHR DM . 75.62 -76.97 98.70
C2 AHR DM . 73.97 -77.95 97.12
O2 AHR DM . 74.41 -79.29 97.01
C1 AHR DM . 72.46 -77.73 96.95
O5 FUB EM . 58.19 -75.63 101.20
C5 FUB EM . 59.04 -75.21 100.14
C4 FUB EM . 60.37 -74.71 100.69
O4 FUB EM . 61.26 -74.41 99.58
C3 FUB EM . 61.14 -75.75 101.49
O3 FUB EM . 62.17 -75.11 102.21
C2 FUB EM . 61.72 -76.61 100.38
O2 FUB EM . 60.92 -77.73 100.06
C1 FUB EM . 61.91 -75.63 99.21
O5 FUB EM . 61.63 -79.43 104.71
C5 FUB EM . 60.76 -80.17 103.86
C4 FUB EM . 61.26 -80.20 102.44
O4 FUB EM . 61.56 -78.87 101.97
C3 FUB EM . 60.27 -80.75 101.41
O3 FUB EM . 60.16 -82.17 101.46
C2 FUB EM . 60.87 -80.20 100.12
O2 FUB EM . 59.92 -80.10 99.07
C1 FUB EM . 61.57 -78.89 100.53
C6 GZL EM . 59.12 -84.98 99.76
C5 GZL EM . 58.20 -83.94 99.09
C4 GZL EM . 59.02 -83.08 98.16
C3 GZL EM . 58.09 -81.85 97.53
C2 GZL EM . 58.93 -81.09 97.05
O6 GZL EM . 58.97 -84.90 101.14
O5 GZL EM . 57.61 -83.14 100.08
O4 GZL EM . 59.96 -82.50 98.78
O3 GZL EM . 57.18 -82.36 96.48
C1 GZL EM . 60.11 -81.14 98.12
O2 GZL EM . 58.38 -79.70 96.91
O5 AHR EM . 56.91 -80.18 106.12
C5 AHR EM . 58.01 -80.74 106.81
C4 AHR EM . 59.13 -79.74 106.96
O4 AHR EM . 59.51 -79.20 105.68
C3 AHR EM . 60.43 -80.28 107.54
O3 AHR EM . 60.38 -80.49 108.95
C2 AHR EM . 61.42 -79.21 107.10
O2 AHR EM . 62.76 -79.64 107.12
C1 AHR EM . 60.89 -78.77 105.73
O5 FUB FM . 55.32 -84.70 92.05
C5 FUB FM . 55.31 -83.29 91.89
C4 FUB FM . 56.36 -82.63 92.75
O4 FUB FM . 56.37 -81.19 92.58
C3 FUB FM . 57.80 -83.05 92.48
O3 FUB FM . 58.11 -84.33 93.00
C2 FUB FM . 58.57 -81.92 93.15
O2 FUB FM . 59.88 -81.74 92.65
C1 FUB FM . 57.65 -80.69 93.02
O5 FUB FM . 59.69 -85.88 94.43
C5 FUB FM . 60.87 -85.76 93.66
C4 FUB FM . 61.48 -84.39 93.83
O4 FUB FM . 60.47 -83.41 94.15
C3 FUB FM . 62.20 -83.82 92.61
O3 FUB FM . 63.48 -84.40 92.41
C2 FUB FM . 62.21 -82.33 92.93
O2 FUB FM . 62.46 -81.52 91.81
C1 FUB FM . 60.84 -82.14 93.61
C6 GZL FM . 67.46 -83.38 91.83
C5 GZL FM . 66.25 -83.06 90.95
C4 GZL FM . 65.68 -81.72 91.35
C3 GZL FM . 64.88 -81.03 90.06
C2 GZL FM . 64.12 -80.20 90.56
O6 GZL FM . 68.47 -82.44 91.56
O5 GZL FM . 65.27 -84.05 91.14
O4 GZL FM . 64.79 -81.87 92.26
O3 GZL FM . 65.85 -80.36 89.17
C1 GZL FM . 63.70 -80.86 91.95
O2 GZL FM . 62.91 -80.00 89.68
O5 AHR FM . 60.43 -89.68 91.29
C5 AHR FM . 59.27 -89.88 92.10
C4 AHR FM . 58.85 -88.60 92.78
O4 AHR FM . 59.92 -88.08 93.60
C3 AHR FM . 57.66 -88.70 93.72
O3 AHR FM . 56.41 -88.79 93.05
C2 AHR FM . 57.82 -87.43 94.55
O2 AHR FM . 57.16 -87.49 95.79
C1 AHR FM . 59.35 -87.24 94.63
O5 FUB GM . 65.50 -75.70 85.41
C5 FUB GM . 65.83 -77.03 85.78
C4 FUB GM . 65.48 -77.28 87.22
O4 FUB GM . 64.06 -77.15 87.43
C3 FUB GM . 66.11 -76.37 88.28
O3 FUB GM . 67.48 -76.63 88.50
C2 FUB GM . 65.20 -76.68 89.46
O2 FUB GM . 65.28 -75.77 90.55
C1 FUB GM . 63.82 -76.85 88.82
O5 FUB GM . 69.84 -77.43 92.49
C5 FUB GM . 68.70 -77.70 91.69
C4 FUB GM . 67.42 -77.32 92.40
O4 FUB GM . 66.27 -77.58 91.56
C3 FUB GM . 67.29 -75.85 92.81
O3 FUB GM . 68.01 -75.55 94.00
C2 FUB GM . 65.79 -75.72 92.94
O2 FUB GM . 65.31 -74.38 93.01
C1 FUB GM . 65.29 -76.55 91.74
C6 GZL GM . 65.35 -71.76 97.07
C5 GZL GM . 64.70 -71.40 95.71
C4 GZL GM . 63.87 -72.56 95.21
C3 GZL GM . 63.38 -72.28 93.63
C2 GZL GM . 63.07 -73.39 93.23
O6 GZL GM . 65.05 -73.09 97.38
O5 GZL GM . 65.71 -71.12 94.78
O4 GZL GM . 64.57 -73.63 95.17
O3 GZL GM . 62.23 -71.38 93.62
C1 GZL GM . 64.20 -74.33 93.87
O2 GZL GM . 63.15 -73.45 91.72
O5 AHR GM . 74.35 -74.89 92.67
C5 AHR GM . 74.17 -76.24 93.07
C4 AHR GM . 73.24 -76.97 92.14
O4 AHR GM . 71.92 -76.37 92.14
C3 AHR GM . 72.98 -78.44 92.47
O3 AHR GM . 74.08 -79.28 92.15
C2 AHR GM . 71.73 -78.71 91.63
O2 AHR GM . 70.99 -79.82 92.08
C1 AHR GM . 70.98 -77.35 91.64
O5 AHR GM . 72.11 -75.02 85.76
C5 AHR GM . 70.69 -75.00 85.84
C4 AHR GM . 70.17 -76.26 86.49
O4 AHR GM . 68.73 -76.19 86.57
C3 AHR GM . 70.61 -76.44 87.94
O3 AHR GM . 70.40 -77.79 88.33
C2 AHR GM . 69.64 -75.51 88.66
O2 AHR GM . 70.11 -74.19 88.72
C1 AHR GM . 68.34 -75.68 87.86
O5 AHR GM . 66.29 -71.86 90.24
C5 AHR GM . 67.48 -71.23 90.69
C4 AHR GM . 68.70 -71.85 90.06
O4 AHR GM . 68.78 -73.26 90.37
C3 AHR GM . 70.05 -71.29 90.51
O3 AHR GM . 70.36 -70.04 89.91
C2 AHR GM . 70.99 -72.44 90.10
O2 AHR GM . 72.13 -72.52 90.92
C1 AHR GM . 70.11 -73.70 90.05
O5 FUB HM . 59.83 -66.53 95.57
C5 FUB HM . 59.94 -66.71 94.16
C4 FUB HM . 60.10 -68.17 93.80
O4 FUB HM . 60.23 -68.35 92.37
C3 FUB HM . 58.97 -69.11 94.21
O3 FUB HM . 58.93 -69.38 95.60
C2 FUB HM . 59.29 -70.32 93.34
O2 FUB HM . 58.24 -71.26 93.21
C1 FUB HM . 59.81 -69.69 92.04
O5 FUB HM . 60.04 -72.60 97.70
C5 FUB HM . 58.71 -72.90 97.30
C4 FUB HM . 58.66 -73.35 95.85
O4 FUB HM . 59.26 -72.36 94.98
C3 FUB HM . 57.28 -73.58 95.26
O3 FUB HM . 56.68 -74.79 95.72
C2 FUB HM . 57.58 -73.55 93.78
O2 FUB HM . 56.44 -73.31 92.97
C1 FUB HM . 58.72 -72.52 93.66
C6 GZL HM . 54.53 -77.77 94.99
C5 GZL HM . 54.06 -76.38 94.54
C4 GZL HM . 54.67 -76.06 93.19
C3 GZL HM . 53.80 -74.83 92.46
C2 GZL HM . 54.59 -74.30 91.67
O6 GZL HM . 53.40 -78.58 95.19
O5 GZL HM . 54.49 -75.42 95.46
O4 GZL HM . 55.86 -75.64 93.32
O3 GZL HM . 52.65 -75.38 91.73
C1 GZL HM . 56.04 -74.51 92.32
O2 GZL HM . 54.29 -72.82 91.56
O5 AHR HM . 58.02 -71.65 101.36
C5 AHR HM . 58.36 -70.30 101.09
C4 AHR HM . 59.42 -70.20 100.01
O4 AHR HM . 58.98 -70.83 98.79
C3 AHR HM . 60.75 -70.88 100.33
O3 AHR HM . 61.54 -70.17 101.26
C2 AHR HM . 61.35 -70.99 98.93
O2 AHR HM . 62.38 -71.94 98.83
C1 AHR HM . 60.14 -71.22 98.02
O5 FUB IM . 50.54 -74.77 84.54
C5 FUB IM . 51.26 -74.01 85.51
C4 FUB IM . 51.35 -74.75 86.83
O4 FUB IM . 51.94 -73.89 87.84
C3 FUB IM . 52.22 -76.01 86.78
O3 FUB IM . 51.50 -77.18 87.14
C2 FUB IM . 53.37 -75.70 87.73
O2 FUB IM . 54.61 -76.20 87.25
C1 FUB IM . 53.32 -74.19 87.93
O5 FUB IM . 54.10 -79.99 90.76
C5 FUB IM . 54.84 -80.13 89.55
C4 FUB IM . 55.59 -78.87 89.22
O4 FUB IM . 54.69 -77.76 89.01
C3 FUB IM . 56.43 -78.92 87.94
O3 FUB IM . 57.63 -79.66 88.09
C2 FUB IM . 56.62 -77.44 87.66
O2 FUB IM . 56.81 -77.19 86.28
C1 FUB IM . 55.41 -76.73 88.29
C6 GZL IM . 61.37 -78.90 85.79
C5 GZL IM . 60.44 -78.48 84.65
C4 GZL IM . 59.77 -77.17 85.00
C3 GZL IM . 58.54 -76.81 83.94
C2 GZL IM . 57.94 -75.91 84.52
O6 GZL IM . 61.89 -80.17 85.50
O5 GZL IM . 59.46 -79.46 84.46
O4 GZL IM . 59.21 -77.26 86.15
O3 GZL IM . 59.08 -76.33 82.65
C1 GZL IM . 57.96 -76.40 86.04
O2 GZL IM . 56.51 -75.83 84.03
O5 AHR IM . 53.50 -81.46 84.03
C5 AHR IM . 53.56 -80.09 84.40
C4 AHR IM . 52.20 -79.56 84.78
O4 AHR IM . 52.26 -78.17 85.18
C3 AHR IM . 51.50 -80.26 85.94
O3 AHR IM . 50.97 -81.53 85.60
C2 AHR IM . 50.45 -79.21 86.32
O2 AHR IM . 49.98 -79.34 87.64
C1 AHR IM . 51.09 -77.86 85.96
O5 AHR IM . 47.49 -73.03 87.81
C5 AHR IM . 46.79 -73.53 86.68
C4 AHR IM . 47.72 -74.27 85.75
O4 AHR IM . 48.80 -73.42 85.28
C3 AHR IM . 47.10 -74.80 84.45
O3 AHR IM . 46.31 -75.96 84.64
C2 AHR IM . 48.33 -75.01 83.58
O2 AHR IM . 48.07 -74.89 82.21
C1 AHR IM . 49.40 -74.04 84.14
O5 FUB JM . 58.93 -73.09 76.52
C5 FUB JM . 59.78 -72.48 77.49
C4 FUB JM . 59.50 -73.02 78.87
O4 FUB JM . 58.27 -72.46 79.38
C3 FUB JM . 60.55 -72.68 79.95
O3 FUB JM . 61.65 -73.58 80.02
C2 FUB JM . 59.72 -72.79 81.22
O2 FUB JM . 60.14 -71.93 82.25
C1 FUB JM . 58.25 -72.66 80.79
O5 FUB JM . 64.16 -75.08 83.07
C5 FUB JM . 64.10 -73.73 83.53
C4 FUB JM . 62.72 -73.38 84.03
O4 FUB JM . 61.76 -73.43 82.95
C3 FUB JM . 62.57 -71.96 84.60
O3 FUB JM . 63.05 -71.85 85.93
C2 FUB JM . 61.06 -71.74 84.47
O2 FUB JM . 60.75 -70.37 84.27
C1 FUB JM . 60.60 -72.69 83.35
C6 GZL JM . 62.47 -67.37 88.71
C5 GZL JM . 62.55 -68.16 87.39
C4 GZL JM . 61.16 -68.54 86.96
C3 GZL JM . 60.69 -67.63 85.65
C2 GZL JM . 59.78 -68.29 85.12
O6 GZL JM . 61.54 -67.99 89.55
O5 GZL JM . 63.32 -69.31 87.59
O4 GZL JM . 61.15 -69.76 86.57
O3 GZL JM . 60.19 -66.33 86.10
C1 GZL JM . 60.15 -69.81 85.42
O2 GZL JM . 59.78 -68.06 83.63
O5 AHR JM . 64.48 -72.99 74.74
C5 AHR JM . 63.35 -73.38 75.50
C4 AHR JM . 63.63 -73.36 76.98
O4 AHR JM . 62.50 -73.82 77.74
C3 AHR JM . 63.96 -71.99 77.59
O3 AHR JM . 65.29 -71.57 77.31
C2 AHR JM . 63.65 -72.22 79.06
O2 AHR JM . 63.16 -71.06 79.69
C1 AHR JM . 62.77 -73.48 79.10
O5 AHR JM . 61.95 -67.16 82.12
C5 AHR JM . 63.25 -67.59 82.47
C4 AHR JM . 63.74 -68.69 81.55
O4 AHR JM . 62.87 -69.85 81.62
C3 AHR JM . 65.13 -69.25 81.84
O3 AHR JM . 66.18 -68.39 81.43
C2 AHR JM . 65.07 -70.58 81.10
O2 AHR JM . 65.91 -71.57 81.67
C1 AHR JM . 63.58 -70.94 81.03
O5 AHR JM . 55.83 -74.77 73.39
C5 AHR JM . 55.89 -73.35 73.32
C4 AHR JM . 57.00 -72.81 74.20
O4 AHR JM . 56.83 -73.20 75.58
C3 AHR JM . 57.14 -71.29 74.25
O3 AHR JM . 57.73 -70.74 73.09
C2 AHR JM . 57.95 -71.11 75.54
O2 AHR JM . 57.65 -69.90 76.20
C1 AHR JM . 57.71 -72.39 76.35
O5 FUB KM . -47.41 69.41 -69.70
C5 FUB KM . -46.47 68.46 -69.21
C4 FUB KM . -47.06 67.65 -68.07
O4 FUB KM . -48.32 67.05 -68.45
C3 FUB KM . -47.39 68.42 -66.79
O3 FUB KM . -46.22 68.78 -66.03
C2 FUB KM . -48.29 67.41 -66.09
O2 FUB KM . -49.04 67.94 -65.02
C1 FUB KM . -49.08 66.80 -67.25
O5 FUB KM . -48.96 68.21 -59.33
C5 FUB KM . -48.26 68.36 -60.55
C4 FUB KM . -48.80 67.42 -61.61
O4 FUB KM . -48.14 67.61 -62.88
C3 FUB KM . -50.28 67.56 -61.94
O3 FUB KM . -51.14 67.01 -60.94
C2 FUB KM . -50.35 66.84 -63.29
O2 FUB KM . -51.45 67.27 -64.07
C1 FUB KM . -48.97 67.05 -63.91
C6 GZL KM . -55.25 65.40 -60.46
C5 GZL KM . -54.48 66.51 -61.20
C4 GZL KM . -54.11 66.01 -62.58
C3 GZL KM . -54.54 67.16 -63.71
C2 GZL KM . -53.80 66.97 -64.68
O6 GZL KM . -56.53 65.32 -61.01
O5 GZL KM . -53.31 66.82 -60.49
O4 GZL KM . -52.85 65.87 -62.68
O3 GZL KM . -55.95 66.98 -64.09
C1 GZL KM . -52.48 66.29 -64.09
O2 GZL KM . -53.45 68.31 -65.30
O5 FUB LM . -62.72 68.56 -64.57
C5 FUB LM . -61.72 69.07 -65.44
C4 FUB LM . -60.38 68.43 -65.18
O4 FUB LM . -59.38 68.91 -66.11
C3 FUB LM . -60.34 66.91 -65.35
O3 FUB LM . -60.91 66.21 -64.25
C2 FUB LM . -58.84 66.66 -65.55
O2 FUB LM . -58.62 65.57 -66.41
C1 FUB LM . -58.27 68.01 -66.03
O5 FUB LM . -57.44 61.54 -62.62
C5 FUB LM . -57.67 62.92 -62.91
C4 FUB LM . -57.22 63.27 -64.31
O4 FUB LM . -57.45 64.66 -64.60
C3 FUB LM . -57.92 62.54 -65.45
O3 FUB LM . -57.51 61.18 -65.59
C2 FUB LM . -57.57 63.43 -66.63
O2 FUB LM . -58.47 63.31 -67.72
C1 FUB LM . -57.47 64.84 -66.02
C6 GZL LM . -57.06 60.32 -68.74
C5 GZL LM . -58.18 60.76 -69.70
C4 GZL LM . -57.86 62.09 -70.31
C3 GZL LM . -59.26 63.01 -70.47
C2 GZL LM . -59.01 64.11 -69.98
O6 GZL LM . -55.86 60.94 -69.13
O5 GZL LM . -59.38 60.86 -69.00
O4 GZL LM . -57.04 62.73 -69.57
O3 GZL LM . -59.62 63.15 -71.89
C1 GZL LM . -57.88 63.81 -68.91
O2 GZL LM . -60.24 64.67 -69.30
O5 FUB MM . -55.87 64.01 -77.44
C5 FUB MM . -56.77 64.78 -76.65
C4 FUB MM . -57.64 63.90 -75.78
O4 FUB MM . -58.47 64.72 -74.94
C3 FUB MM . -56.84 63.04 -74.79
O3 FUB MM . -57.68 62.02 -74.29
C2 FUB MM . -56.54 64.07 -73.71
O2 FUB MM . -55.29 64.71 -73.89
C1 FUB MM . -57.73 65.05 -73.76
O5 FUB MM . -50.53 61.66 -74.31
C5 FUB MM . -51.96 61.66 -74.29
C4 FUB MM . -52.49 62.76 -73.39
O4 FUB MM . -53.92 62.86 -73.48
C3 FUB MM . -51.98 64.17 -73.71
O3 FUB MM . -50.65 64.41 -73.26
C2 FUB MM . -53.05 65.03 -73.04
O2 FUB MM . -53.19 66.29 -73.66
C1 FUB MM . -54.31 64.16 -73.02
C6 GZL MM . -47.99 68.07 -72.62
C5 GZL MM . -49.07 68.02 -73.71
C4 GZL MM . -50.43 68.15 -73.08
C3 GZL MM . -51.46 68.97 -74.12
C2 GZL MM . -52.60 68.67 -73.77
O6 GZL MM . -47.93 69.39 -72.11
O5 GZL MM . -48.99 66.81 -74.40
O4 GZL MM . -50.97 67.01 -72.92
O3 GZL MM . -51.23 70.43 -73.99
C1 GZL MM . -52.47 67.31 -72.97
O2 GZL MM . -53.47 68.46 -74.99
O5 FUB NM . -49.10 72.90 -77.17
C5 FUB NM . -49.83 73.92 -76.51
C4 FUB NM . -50.77 73.34 -75.48
O4 FUB NM . -51.76 72.47 -76.08
C3 FUB NM . -51.60 74.30 -74.64
O3 FUB NM . -50.90 75.13 -73.71
C2 FUB NM . -52.62 73.33 -74.07
O2 FUB NM . -53.68 73.78 -73.25
C1 FUB NM . -53.01 72.72 -75.43
O5 FUB NM . -50.39 71.52 -69.68
C5 FUB NM . -50.93 71.59 -70.99
C4 FUB NM . -52.44 71.70 -70.98
O4 FUB NM . -52.96 71.73 -72.33
C3 FUB NM . -53.02 72.96 -70.31
O3 FUB NM . -53.04 72.85 -68.90
C2 FUB NM . -54.39 73.03 -70.96
O2 FUB NM . -55.08 74.24 -70.77
C1 FUB NM . -54.07 72.65 -72.42
C6 GZL NM . -54.81 73.25 -65.72
C5 GZL NM . -54.90 74.42 -66.71
C4 GZL NM . -56.05 74.20 -67.68
C3 GZL NM . -56.45 75.63 -68.43
C2 GZL NM . -56.93 75.32 -69.50
O6 GZL NM . -56.01 72.52 -65.75
O5 GZL NM . -53.72 74.50 -67.44
O4 GZL NM . -55.70 73.38 -68.59
O3 GZL NM . -57.44 76.37 -67.61
C1 GZL NM . -56.19 73.96 -69.91
O2 GZL NM . -56.66 76.39 -70.55
O5 AHR NM . -48.87 73.90 -65.38
C5 AHR NM . -47.97 73.10 -66.14
C4 AHR NM . -48.21 73.28 -67.62
O4 AHR NM . -49.56 72.91 -67.98
C3 AHR NM . -47.33 72.44 -68.54
O3 AHR NM . -46.00 72.92 -68.65
C2 AHR NM . -48.13 72.51 -69.85
O2 AHR NM . -47.86 71.43 -70.72
C1 AHR NM . -49.59 72.67 -69.40
O5 AHR NM . -48.50 77.80 -69.84
C5 AHR NM . -49.11 76.52 -70.01
C4 AHR NM . -49.30 76.21 -71.47
O4 AHR NM . -49.94 74.92 -71.65
C3 AHR NM . -48.02 76.11 -72.31
O3 AHR NM . -47.46 77.37 -72.63
C2 AHR NM . -48.53 75.31 -73.52
O2 AHR NM . -47.52 74.52 -74.10
C1 AHR NM . -49.79 74.57 -73.04
O5 FUB OM . -63.88 77.47 -71.29
C5 FUB OM . -62.57 77.46 -71.83
C4 FUB OM . -61.53 77.47 -70.72
O4 FUB OM . -60.20 77.54 -71.29
C3 FUB OM . -61.53 76.20 -69.85
O3 FUB OM . -61.17 76.52 -68.52
C2 FUB OM . -60.45 75.35 -70.52
O2 FUB OM . -60.93 74.08 -70.97
C1 FUB OM . -59.80 76.22 -71.61
O5 FUB OM . -60.62 71.97 -65.94
C5 FUB OM . -60.26 72.98 -66.85
C4 FUB OM . -60.00 72.40 -68.23
O4 FUB OM . -59.61 73.43 -69.17
C3 FUB OM . -61.18 71.70 -68.91
O3 FUB OM . -61.43 70.41 -68.38
C2 FUB OM . -60.73 71.72 -70.36
O2 FUB OM . -61.76 71.46 -71.29
C1 FUB OM . -60.03 73.08 -70.49
C6 GZL OM . -62.78 67.92 -73.72
C5 GZL OM . -62.93 69.09 -74.70
C4 GZL OM . -61.96 70.19 -74.34
C3 GZL OM . -62.74 71.65 -74.26
C2 GZL OM . -62.03 72.37 -73.56
O6 GZL OM . -61.63 67.19 -74.06
O5 GZL OM . -64.24 69.58 -74.63
O4 GZL OM . -61.46 69.99 -73.18
O3 GZL OM . -62.88 72.24 -75.60
C1 GZL OM . -61.23 71.38 -72.61
O2 GZL OM . -62.87 73.31 -72.73
O5 AHR OM . -66.57 74.43 -67.51
C5 AHR OM . -65.17 74.19 -67.33
C4 AHR OM . -64.35 75.31 -67.91
O4 AHR OM . -62.93 75.08 -67.71
C3 AHR OM . -64.61 76.71 -67.33
O3 AHR OM . -65.81 77.29 -67.82
C2 AHR OM . -63.34 77.43 -67.74
O2 AHR OM . -63.12 78.63 -67.02
C1 AHR OM . -62.26 76.35 -67.60
O5 FUB PM . -66.61 69.65 -80.03
C5 FUB PM . -65.30 69.62 -80.61
C4 FUB PM . -64.25 70.01 -79.62
O4 FUB PM . -64.45 71.36 -79.13
C3 FUB PM . -62.80 70.02 -80.13
O3 FUB PM . -62.27 68.72 -80.38
C2 FUB PM . -62.13 70.80 -79.01
O2 FUB PM . -60.82 71.23 -79.31
C1 FUB PM . -63.17 71.89 -78.71
O5 FUB PM . -60.23 66.57 -77.29
C5 FUB PM . -59.23 67.07 -78.19
C4 FUB PM . -59.03 68.55 -77.99
O4 FUB PM . -60.26 69.27 -78.17
C3 FUB PM . -58.05 69.22 -78.97
O3 FUB PM . -56.69 68.98 -78.65
C2 FUB PM . -58.49 70.67 -78.89
O2 FUB PM . -58.29 71.36 -80.11
C1 FUB PM . -59.93 70.65 -78.37
C6 GZL PM . -53.53 71.13 -80.26
C5 GZL PM . -54.80 71.23 -81.11
C4 GZL PM . -55.56 72.49 -80.76
C3 GZL PM . -56.73 72.81 -81.90
C2 GZL PM . -57.62 73.38 -81.28
O6 GZL PM . -53.07 72.44 -80.01
O5 GZL PM . -55.61 70.12 -80.87
O4 GZL PM . -56.16 72.32 -79.64
O3 GZL PM . -56.20 73.69 -82.95
C1 GZL PM . -57.62 72.58 -79.91
O2 GZL PM . -58.95 73.22 -81.97
O5 AHR PM . -60.66 62.40 -74.82
C5 AHR PM . -61.62 63.45 -74.87
C4 AHR PM . -61.85 63.93 -76.29
O4 AHR PM . -60.60 64.33 -76.90
C3 AHR PM . -62.77 65.14 -76.44
O3 AHR PM . -64.14 64.81 -76.32
C2 AHR PM . -62.36 65.63 -77.83
O2 AHR PM . -62.79 66.95 -78.09
C1 AHR PM . -60.84 65.41 -77.82
O5 AHR PM . -57.63 66.77 -83.42
C5 AHR PM . -58.23 67.20 -82.21
C4 AHR PM . -59.52 67.94 -82.46
O4 AHR PM . -60.09 68.43 -81.22
C3 AHR PM . -60.65 67.12 -83.09
O3 AHR PM . -60.49 66.94 -84.48
C2 AHR PM . -61.88 67.94 -82.69
O2 AHR PM . -63.02 67.16 -82.45
C1 AHR PM . -61.43 68.83 -81.52
O5 FUB QM . -55.12 77.43 -86.25
C5 FUB QM . -54.71 77.89 -84.97
C4 FUB QM . -55.34 77.09 -83.86
O4 FUB QM . -56.78 77.22 -83.88
C3 FUB QM . -54.95 77.52 -82.44
O3 FUB QM . -53.66 77.09 -82.05
C2 FUB QM . -56.09 76.92 -81.62
O2 FUB QM . -56.38 77.69 -80.47
C1 FUB QM . -57.26 76.78 -82.61
O5 FUB QM . -52.74 75.75 -79.37
C5 FUB QM . -53.45 75.29 -78.23
C4 FUB QM . -54.81 75.93 -78.10
O4 FUB QM . -55.57 75.83 -79.33
C3 FUB QM . -54.86 77.42 -77.78
O3 FUB QM . -54.49 77.71 -76.43
C2 FUB QM . -56.32 77.71 -78.09
O2 FUB QM . -56.64 79.08 -78.22
C1 FUB QM . -56.57 76.86 -79.34
C6 GZL QM . -56.45 80.70 -73.57
C5 GZL QM . -56.34 80.19 -75.02
C4 GZL QM . -57.70 80.19 -75.66
C3 GZL QM . -57.76 81.34 -76.87
C2 GZL QM . -58.36 80.81 -77.80
O6 GZL QM . -57.71 80.34 -73.07
O5 GZL QM . -55.85 78.88 -75.00
O4 GZL QM . -57.92 79.05 -76.18
O3 GZL QM . -58.48 82.54 -76.41
C1 GZL QM . -57.95 79.29 -77.69
O2 GZL QM . -57.92 81.40 -79.12
O5 AHR QM . -48.98 78.71 -78.69
C5 AHR QM . -48.63 77.62 -79.53
C4 AHR QM . -49.84 76.83 -79.94
O4 AHR QM . -50.54 76.29 -78.81
C3 AHR QM . -49.58 75.61 -80.84
O3 AHR QM . -49.28 75.96 -82.18
C2 AHR QM . -50.88 74.83 -80.65
O2 AHR QM . -50.71 73.44 -80.83
C1 AHR QM . -51.42 75.26 -79.29
O5 FUB RM . -65.76 83.84 -77.90
C5 FUB RM . -64.56 83.92 -78.65
C4 FUB RM . -63.43 84.50 -77.84
O4 FUB RM . -62.21 84.50 -78.59
C3 FUB RM . -63.11 83.69 -76.58
O3 FUB RM . -62.42 84.50 -75.64
C2 FUB RM . -62.25 82.59 -77.18
O2 FUB RM . -63.04 81.46 -77.49
C1 FUB RM . -61.60 83.21 -78.43
O5 FUB RM . -62.03 80.44 -72.71
C5 FUB RM . -61.39 80.78 -73.94
C4 FUB RM . -61.79 79.84 -75.06
O4 FUB RM . -61.33 80.36 -76.32
C3 FUB RM . -63.30 79.61 -75.24
O3 FUB RM . -63.84 78.64 -74.37
C2 FUB RM . -63.35 79.22 -76.71
O2 FUB RM . -64.66 79.28 -77.25
C1 FUB RM . -62.35 80.22 -77.30
C6 GZL RM . -66.33 75.63 -76.77
C5 GZL RM . -66.99 76.93 -77.25
C4 GZL RM . -66.40 77.33 -78.58
C3 GZL RM . -66.86 78.88 -78.97
C2 GZL RM . -65.85 79.45 -79.38
O6 GZL RM . -67.33 74.76 -76.30
O5 GZL RM . -66.78 77.93 -76.31
O4 GZL RM . -65.12 77.30 -78.51
O3 GZL RM . -67.89 78.85 -80.03
C1 GZL RM . -64.68 78.76 -78.56
O2 GZL RM . -65.92 80.93 -79.07
O5 AHR RM . -64.06 81.11 -68.40
C5 AHR RM . -63.05 82.08 -68.64
C4 AHR RM . -62.60 82.06 -70.08
O4 AHR RM . -62.05 80.77 -70.42
C3 AHR RM . -61.48 83.04 -70.44
O3 AHR RM . -61.92 84.39 -70.54
C2 AHR RM . -60.98 82.43 -71.75
O2 AHR RM . -59.64 82.77 -72.03
C1 AHR RM . -61.27 80.92 -71.61
O5 AHR RM . -67.04 84.08 -72.36
C5 AHR RM . -66.45 84.01 -73.64
C4 AHR RM . -65.32 85.00 -73.80
O4 AHR RM . -64.70 84.90 -75.09
C3 AHR RM . -64.15 84.86 -72.82
O3 AHR RM . -64.46 85.34 -71.51
C2 AHR RM . -63.07 85.64 -73.54
O2 AHR RM . -61.76 85.31 -73.12
C1 AHR RM . -63.37 85.42 -75.04
O5 FUB SM . -69.75 78.10 -86.52
C5 FUB SM . -69.30 79.21 -85.76
C4 FUB SM . -69.71 79.08 -84.32
O4 FUB SM . -69.23 80.21 -83.57
C3 FUB SM . -69.10 77.88 -83.61
O3 FUB SM . -69.84 77.61 -82.42
C2 FUB SM . -67.71 78.40 -83.27
O2 FUB SM . -66.73 78.02 -84.21
C1 FUB SM . -67.89 79.92 -83.14
O5 FUB SM . -66.34 73.35 -82.73
C5 FUB SM . -66.60 74.70 -82.37
C4 FUB SM . -65.44 75.60 -82.73
O4 FUB SM . -65.76 76.97 -82.40
C3 FUB SM . -65.06 75.60 -84.21
O3 FUB SM . -64.14 74.57 -84.55
C2 FUB SM . -64.52 77.02 -84.39
O2 FUB SM . -64.42 77.41 -85.74
C1 FUB SM . -65.50 77.81 -83.53
C6 GZL SM . -59.94 74.94 -86.18
C5 GZL SM . -61.34 75.34 -86.67
C4 GZL SM . -61.47 76.85 -86.66
C3 GZL SM . -62.45 77.34 -87.92
C2 GZL SM . -62.99 78.37 -87.52
O6 GZL SM . -58.99 75.79 -86.79
O5 GZL SM . -62.30 74.80 -85.83
O4 GZL SM . -62.03 77.20 -85.58
O3 GZL SM . -61.63 77.62 -89.11
C1 GZL SM . -63.20 78.10 -85.96
O2 GZL SM . -64.33 78.57 -88.18
O5 AHR SM . -71.15 71.72 -82.80
C5 AHR SM . -70.56 71.60 -81.51
C4 AHR SM . -69.32 72.46 -81.40
O4 AHR SM . -68.33 72.09 -82.37
C3 AHR SM . -68.59 72.39 -80.06
O3 AHR SM . -69.26 73.10 -79.02
C2 AHR SM . -67.23 72.97 -80.44
O2 AHR SM . -66.21 72.66 -79.52
C1 AHR SM . -67.03 72.43 -81.88
O5 FUB TM . -60.52 82.02 -93.96
C5 FUB TM . -61.71 82.06 -93.17
C4 FUB TM . -61.55 81.37 -91.84
O4 FUB TM . -62.74 81.54 -91.04
C3 FUB TM . -60.41 81.88 -90.95
O3 FUB TM . -59.15 81.34 -91.32
C2 FUB TM . -60.88 81.40 -89.58
O2 FUB TM . -60.34 82.15 -88.50
C1 FUB TM . -62.42 81.38 -89.66
O5 FUB TM . -55.54 80.16 -86.92
C5 FUB TM . -56.71 79.87 -87.66
C4 FUB TM . -57.96 80.34 -86.94
O4 FUB TM . -59.10 80.31 -87.83
C3 FUB TM . -57.91 81.78 -86.42
O3 FUB TM . -57.17 81.91 -85.22
C2 FUB TM . -59.40 82.09 -86.27
O2 FUB TM . -59.65 83.47 -86.28
C1 FUB TM . -60.06 81.28 -87.41
C6 GZL TM . -57.57 84.54 -81.46
C5 GZL TM . -57.74 85.26 -82.80
C4 GZL TM . -59.10 84.95 -83.37
C3 GZL TM . -59.51 86.02 -84.57
C2 GZL TM . -60.46 85.49 -85.13
O6 GZL TM . -57.82 85.44 -80.42
O5 GZL TM . -56.76 84.84 -83.69
O4 GZL TM . -59.08 83.81 -83.95
O3 GZL TM . -59.90 87.31 -84.00
C1 GZL TM . -60.16 83.92 -85.04
O2 GZL TM . -60.52 85.91 -86.59
O5 AHR TM . -54.32 83.72 -89.49
C5 AHR TM . -55.73 83.59 -89.38
C4 AHR TM . -56.35 83.23 -90.72
O4 AHR TM . -57.78 83.10 -90.62
C3 AHR TM . -55.90 81.89 -91.31
O3 AHR TM . -54.58 81.92 -91.84
C2 AHR TM . -57.00 81.66 -92.34
O2 AHR TM . -57.15 80.30 -92.68
C1 AHR TM . -58.24 82.34 -91.74
O5 AHR TM . -63.68 82.92 -97.57
C5 AHR TM . -62.41 83.46 -97.86
C4 AHR TM . -61.37 82.93 -96.90
O4 AHR TM . -61.69 83.27 -95.54
C3 AHR TM . -59.94 83.46 -97.09
O3 AHR TM . -59.98 84.87 -97.25
C2 AHR TM . -59.32 83.07 -95.76
O2 AHR TM . -58.74 81.79 -95.80
C1 AHR TM . -60.48 83.18 -94.76
O5 FUB UM . -60.34 92.52 -86.88
C5 FUB UM . -61.16 92.41 -85.74
C4 FUB UM . -61.60 90.99 -85.51
O4 FUB UM . -62.18 90.42 -86.70
C3 FUB UM . -62.67 90.75 -84.44
O3 FUB UM . -62.17 90.89 -83.11
C2 FUB UM . -63.11 89.34 -84.79
O2 FUB UM . -64.37 88.97 -84.27
C1 FUB UM . -62.97 89.28 -86.32
O5 FUB UM . -63.10 87.93 -80.34
C5 FUB UM . -63.51 86.61 -80.66
C4 FUB UM . -64.19 86.52 -82.01
O4 FUB UM . -63.46 87.24 -83.03
C3 FUB UM . -65.61 87.07 -82.10
O3 FUB UM . -66.56 86.24 -81.45
C2 FUB UM . -65.76 87.13 -83.62
O2 FUB UM . -66.84 87.92 -84.06
C1 FUB UM . -64.36 87.57 -84.09
C6 GZL UM . -69.20 84.40 -81.92
C5 GZL UM . -69.65 85.83 -82.23
C4 GZL UM . -69.40 86.12 -83.69
C3 GZL UM . -69.71 87.73 -84.03
C2 GZL UM . -69.08 87.93 -85.06
O6 GZL UM . -68.05 84.46 -81.12
O5 GZL UM . -68.90 86.73 -81.46
O4 GZL UM . -68.17 85.92 -83.96
O3 GZL UM . -71.15 87.96 -84.24
C1 GZL UM . -67.73 87.12 -84.81
O2 GZL UM . -68.78 89.40 -85.24
O5 AHR UM . -63.21 89.24 -75.57
C5 AHR UM . -61.91 89.40 -76.12
C4 AHR UM . -61.94 89.32 -77.62
O4 AHR UM . -62.47 88.05 -78.07
C3 AHR UM . -60.58 89.42 -78.32
O3 AHR UM . -60.07 90.75 -78.36
C2 AHR UM . -60.92 88.84 -79.70
O2 AHR UM . -59.79 88.35 -80.39
C1 AHR UM . -62.03 87.82 -79.42
O5 AHR UM . -60.58 96.08 -82.69
C5 AHR UM . -61.77 95.37 -83.03
C4 AHR UM . -61.69 93.93 -82.59
O4 AHR UM . -62.79 93.16 -83.10
C3 AHR UM . -61.72 93.66 -81.08
O3 AHR UM . -60.52 93.99 -80.42
C2 AHR UM . -62.06 92.17 -81.07
O2 AHR UM . -62.58 91.66 -79.85
C1 AHR UM . -62.84 91.92 -82.37
O5 AHR UM . -67.50 91.42 -81.85
C5 AHR UM . -67.43 91.97 -80.54
C4 AHR UM . -66.06 92.54 -80.27
O4 AHR UM . -65.03 91.52 -80.37
C3 AHR UM . -65.86 93.16 -78.87
O3 AHR UM . -66.48 94.43 -78.74
C2 AHR UM . -64.34 93.17 -78.78
O2 AHR UM . -63.86 93.35 -77.46
C1 AHR UM . -63.96 91.85 -79.45
O5 FUB VM . -59.99 92.45 -94.84
C5 FUB VM . -61.00 92.50 -95.83
C4 FUB VM . -62.26 91.84 -95.35
O4 FUB VM . -63.31 91.86 -96.34
C3 FUB VM . -62.92 92.46 -94.11
O3 FUB VM . -62.22 92.17 -92.91
C2 FUB VM . -64.33 91.86 -94.20
O2 FUB VM . -65.32 92.68 -93.62
C1 FUB VM . -64.52 91.49 -95.67
O5 FUB VM . -63.32 94.17 -89.57
C5 FUB VM . -63.41 92.85 -90.08
C4 FUB VM . -64.83 92.53 -90.45
O4 FUB VM . -64.87 91.64 -91.60
C3 FUB VM . -65.67 93.75 -90.87
O3 FUB VM . -66.18 94.47 -89.76
C2 FUB VM . -66.74 93.08 -91.72
O2 FUB VM . -67.45 94.01 -92.53
C1 FUB VM . -65.91 92.04 -92.50
C6 GZL VM . -70.62 95.98 -89.23
C5 GZL VM . -69.52 95.66 -90.26
C4 GZL VM . -70.11 94.83 -91.38
C3 GZL VM . -69.80 95.57 -92.84
C2 GZL VM . -69.52 94.66 -93.62
O6 GZL VM . -70.57 95.00 -88.23
O5 GZL VM . -68.51 94.94 -89.63
O4 GZL VM . -69.55 93.69 -91.39
O3 GZL VM . -70.99 96.31 -93.31
C1 GZL VM . -68.79 93.60 -92.70
O2 GZL VM . -68.57 95.16 -94.69
O5 AHR VM . -65.75 96.12 -85.77
C5 AHR VM . -64.34 96.20 -85.59
C4 AHR VM . -63.61 95.89 -86.88
O4 AHR VM . -63.93 94.57 -87.36
C3 AHR VM . -62.07 95.89 -86.79
O3 AHR VM . -61.53 97.20 -86.72
C2 AHR VM . -61.73 95.12 -88.06
O2 AHR VM . -60.43 94.56 -88.04
C1 AHR VM . -62.89 94.13 -88.24
O5 FUB WM . -64.16 94.33 -106.47
C5 FUB WM . -65.57 94.12 -106.51
C4 FUB WM . -66.12 93.81 -105.14
O4 FUB WM . -67.53 93.52 -105.21
C3 FUB WM . -65.99 94.92 -104.09
O3 FUB WM . -64.69 95.02 -103.53
C2 FUB WM . -67.07 94.49 -103.10
O2 FUB WM . -67.41 95.46 -102.14
C1 FUB WM . -68.20 94.09 -104.07
O5 FUB WM . -63.44 93.83 -99.25
C5 FUB WM . -64.50 93.46 -100.11
C4 FUB WM . -65.82 94.06 -99.70
O4 FUB WM . -66.85 93.73 -100.68
C3 FUB WM . -65.87 95.58 -99.59
O3 FUB WM . -65.32 96.06 -98.36
C2 FUB WM . -67.37 95.84 -99.75
O2 FUB WM . -67.71 97.19 -99.99
C1 FUB WM . -67.71 94.86 -100.88
C6 GZL WM . -69.11 99.20 -95.93
C5 GZL WM . -68.69 98.20 -97.03
C4 GZL WM . -69.83 98.05 -98.02
C3 GZL WM . -69.78 99.30 -99.13
C2 GZL WM . -69.57 98.82 -100.25
O6 GZL WM . -69.18 98.51 -94.70
O5 GZL WM . -68.41 96.96 -96.46
O4 GZL WM . -69.70 96.94 -98.64
O3 GZL WM . -71.06 100.02 -99.12
C1 GZL WM . -69.13 97.31 -100.00
O2 GZL WM . -68.48 99.57 -100.96
O5 AHR WM . -58.33 94.98 -99.73
C5 AHR WM . -58.67 93.68 -99.28
C4 AHR WM . -59.99 93.22 -99.88
O4 AHR WM . -61.08 94.09 -99.50
C3 AHR WM . -60.45 91.82 -99.47
O3 AHR WM . -59.84 90.79 -100.24
C2 AHR WM . -61.97 91.92 -99.66
O2 AHR WM . -62.68 91.34 -98.58
C1 AHR WM . -62.26 93.40 -99.91
O5 AHR WM . -59.54 95.39 -105.02
C5 AHR WM . -60.82 95.67 -105.56
C4 AHR WM . -61.88 95.65 -104.49
O4 AHR WM . -63.19 95.92 -105.04
C3 AHR WM . -61.73 96.71 -103.38
O3 AHR WM . -60.74 96.38 -102.43
C2 AHR WM . -63.16 96.76 -102.83
O2 AHR WM . -63.49 98.04 -102.33
C1 AHR WM . -64.06 96.23 -103.95
O5 FUB XM . -71.84 98.69 -113.81
C5 FUB XM . -72.89 99.32 -113.09
C4 FUB XM . -72.67 99.23 -111.60
O4 FUB XM . -73.81 99.74 -110.87
C3 FUB XM . -71.48 100.00 -111.03
O3 FUB XM . -70.23 99.42 -111.33
C2 FUB XM . -71.85 100.00 -109.55
O2 FUB XM . -71.15 100.96 -108.77
C1 FUB XM . -73.38 100.15 -109.56
O5 FUB XM . -67.25 98.88 -107.64
C5 FUB XM . -68.02 98.55 -106.49
C4 FUB XM . -69.22 99.45 -106.33
O4 FUB XM . -70.15 99.31 -107.43
C3 FUB XM . -68.95 100.95 -106.25
O3 FUB XM . -68.39 101.35 -105.01
C2 FUB XM . -70.34 101.51 -106.53
O2 FUB XM . -70.33 102.83 -107.02
C1 FUB XM . -71.01 100.47 -107.45
C6 GZL XM . -70.03 105.62 -103.06
C5 GZL XM . -70.00 104.77 -104.33
C4 GZL XM . -71.37 104.81 -105.00
C3 GZL XM . -71.26 105.66 -106.45
C2 GZL XM . -71.65 104.91 -107.34
O6 GZL XM . -68.78 106.23 -102.92
O5 GZL XM . -69.70 103.45 -104.00
O4 GZL XM . -71.76 103.63 -105.25
O3 GZL XM . -72.12 106.86 -106.38
C1 GZL XM . -71.59 103.44 -106.75
O2 GZL XM . -70.73 105.01 -108.55
O5 AHR XM . -70.62 95.09 -108.32
C5 AHR XM . -69.51 95.00 -109.22
C4 AHR XM . -68.34 95.82 -108.71
O4 AHR XM . -68.70 97.22 -108.57
C3 AHR XM . -67.09 95.84 -109.60
O3 AHR XM . -66.34 94.63 -109.55
C2 AHR XM . -66.37 97.06 -109.04
O2 AHR XM . -65.36 97.54 -109.90
C1 AHR XM . -67.53 98.03 -108.75
O5 AHR XM . -64.69 100.20 -111.98
C5 AHR XM . -65.84 100.41 -111.19
C4 AHR XM . -67.07 100.56 -112.05
O4 AHR XM . -68.27 100.70 -111.25
C3 AHR XM . -67.39 99.39 -112.98
O3 AHR XM . -66.53 99.32 -114.10
C2 AHR XM . -68.85 99.66 -113.30
O2 AHR XM . -69.55 98.52 -113.77
C1 AHR XM . -69.42 100.33 -112.05
O5 FUB YM . -77.06 103.74 -120.85
C5 FUB YM . -77.93 104.60 -120.13
C4 FUB YM . -77.73 104.46 -118.64
O4 FUB YM . -78.66 105.29 -117.91
C3 FUB YM . -76.37 104.87 -118.09
O3 FUB YM . -75.32 103.97 -118.43
C2 FUB YM . -76.69 104.98 -116.60
O2 FUB YM . -75.70 105.63 -115.85
C1 FUB YM . -78.05 105.68 -116.66
O5 FUB YM . -72.20 102.06 -114.85
C5 FUB YM . -72.10 103.46 -114.61
C4 FUB YM . -73.37 104.03 -114.02
O4 FUB YM . -74.47 103.89 -114.94
C3 FUB YM . -73.34 105.51 -113.67
O3 FUB YM . -72.62 105.80 -112.48
C2 FUB YM . -74.84 105.81 -113.59
O2 FUB YM . -75.13 107.19 -113.71
C1 FUB YM . -75.46 104.90 -114.66
C6 GZL YM . -75.76 108.55 -109.00
C5 GZL YM . -75.43 107.97 -110.38
C4 GZL YM . -76.58 108.21 -111.33
C3 GZL YM . -76.20 109.40 -112.43
C2 GZL YM . -76.71 109.03 -113.49
O6 GZL YM . -75.44 109.92 -109.00
O5 GZL YM . -75.21 106.60 -110.27
O4 GZL YM . -76.82 107.13 -111.98
O3 GZL YM . -76.76 110.70 -112.02
C1 GZL YM . -76.50 107.46 -113.43
O2 GZL YM . -75.97 109.61 -114.68
O5 AHR YM . -70.18 98.79 -118.30
C5 AHR YM . -71.36 98.56 -117.54
C4 AHR YM . -72.20 99.81 -117.43
O4 AHR YM . -71.49 100.86 -116.73
C3 AHR YM . -73.51 99.67 -116.65
O3 AHR YM . -74.52 98.97 -117.37
C2 AHR YM . -73.83 101.13 -116.37
O2 AHR YM . -74.72 101.30 -115.28
C1 AHR YM . -72.45 101.79 -116.23
O5 AHR YM . -70.22 106.65 -118.15
C5 AHR YM . -71.60 106.58 -117.80
C4 AHR YM . -72.39 105.81 -118.83
O4 AHR YM . -73.79 105.74 -118.48
C3 AHR YM . -71.98 104.34 -119.02
O3 AHR YM . -70.78 104.19 -119.75
C2 AHR YM . -73.23 103.78 -119.71
O2 AHR YM . -73.39 102.40 -119.52
C1 AHR YM . -74.38 104.68 -119.25
O5 FUB ZM . -85.74 108.06 -126.07
C5 FUB ZM . -86.31 108.73 -124.95
C4 FUB ZM . -85.77 108.20 -123.64
O4 FUB ZM . -86.42 108.85 -122.52
C3 FUB ZM . -84.28 108.43 -123.38
O3 FUB ZM . -83.44 107.52 -124.08
C2 FUB ZM . -84.21 108.27 -121.86
O2 FUB ZM . -83.19 109.05 -121.28
C1 FUB ZM . -85.64 108.56 -121.36
O5 FUB ZM . -81.17 104.34 -122.09
C5 FUB ZM . -80.53 105.56 -122.44
C4 FUB ZM . -80.75 106.61 -121.39
O4 FUB ZM . -82.15 106.95 -121.27
C3 FUB ZM . -80.07 107.97 -121.63
O3 FUB ZM . -78.67 107.94 -121.39
C2 FUB ZM . -80.86 108.86 -120.69
O2 FUB ZM . -80.83 110.22 -121.07
C1 FUB ZM . -82.25 108.22 -120.60
C6 GZL ZM . -76.92 110.91 -121.17
C5 GZL ZM . -77.68 112.24 -121.29
C4 GZL ZM . -78.71 112.33 -120.17
C3 GZL ZM . -80.10 113.09 -120.75
C2 GZL ZM . -81.04 112.52 -120.21
O6 GZL ZM . -76.44 110.79 -119.86
O5 GZL ZM . -78.33 112.30 -122.51
O4 GZL ZM . -79.03 111.16 -119.78
O3 GZL ZM . -80.07 114.52 -120.37
C1 GZL ZM . -80.54 111.03 -119.95
O2 GZL ZM . -82.24 112.51 -121.12
O5 AHR ZM . -78.41 110.12 -125.42
C5 AHR ZM . -79.60 110.07 -124.65
C4 AHR ZM . -80.68 109.26 -125.34
O4 AHR ZM . -81.89 109.23 -124.57
C3 AHR ZM . -80.35 107.79 -125.57
O3 AHR ZM . -79.44 107.58 -126.65
C2 AHR ZM . -81.75 107.22 -125.81
O2 AHR ZM . -81.86 105.85 -125.44
C1 AHR ZM . -82.72 108.19 -125.10
CA CA AN . 29.62 32.46 9.06
O5 AHR BN . 23.13 23.73 -17.44
C5 AHR BN . 23.30 24.25 -16.11
C4 AHR BN . 23.78 23.19 -15.16
O4 AHR BN . 23.76 21.92 -15.85
C3 AHR BN . 22.84 22.93 -13.98
O3 AHR BN . 23.54 22.21 -12.97
C2 AHR BN . 21.77 22.06 -14.63
O2 AHR BN . 20.59 22.80 -14.76
C1 AHR BN . 22.39 21.54 -15.96
O5 AHR CN . 8.02 20.04 -21.25
C5 AHR CN . 8.27 18.85 -20.52
C4 AHR CN . 7.24 18.87 -19.43
O4 AHR CN . 6.54 20.10 -19.59
C3 AHR CN . 7.77 18.92 -17.99
O3 AHR CN . 8.02 17.64 -17.44
C2 AHR CN . 6.66 19.72 -17.29
O2 AHR CN . 7.16 20.56 -16.27
C1 AHR CN . 5.82 20.40 -18.39
C1 GLA DN . 90.39 -78.42 94.67
C2 GLA DN . 90.51 -78.08 96.16
C3 GLA DN . 91.76 -78.58 96.78
C4 GLA DN . 91.98 -80.03 96.50
C5 GLA DN . 92.08 -80.30 95.00
C6 GLA DN . 92.08 -81.79 94.80
O2 GLA DN . 90.43 -76.67 96.34
O3 GLA DN . 91.66 -78.39 98.22
O4 GLA DN . 90.88 -80.78 97.02
O5 GLA DN . 90.98 -79.73 94.20
O6 GLA DN . 92.15 -82.06 93.43
C1 GLA EN . 97.57 -85.18 89.94
C2 GLA EN . 97.74 -86.59 89.41
C3 GLA EN . 98.17 -87.54 90.48
C4 GLA EN . 99.37 -87.05 91.23
C5 GLA EN . 99.18 -85.63 91.75
C6 GLA EN . 100.45 -85.15 92.38
O2 GLA EN . 96.48 -87.04 88.89
O3 GLA EN . 98.50 -88.82 89.86
O4 GLA EN . 100.50 -87.07 90.35
O5 GLA EN . 98.79 -84.71 90.68
O6 GLA EN . 100.31 -83.78 92.73
C1 GLA FN . 82.74 -62.60 78.18
C2 GLA FN . 83.36 -62.49 76.80
C3 GLA FN . 84.54 -63.38 76.65
C4 GLA FN . 84.13 -64.78 76.95
C5 GLA FN . 83.66 -64.90 78.40
C6 GLA FN . 84.68 -65.68 79.16
O2 GLA FN . 82.38 -62.93 75.85
O3 GLA FN . 85.56 -62.96 77.58
O4 GLA FN . 85.25 -65.65 76.75
O5 GLA FN . 83.49 -63.58 79.05
O6 GLA FN . 84.79 -66.96 78.57
C1 GLA GN . 72.88 -50.86 75.44
C2 GLA GN . 71.89 -50.31 76.45
C3 GLA GN . 71.72 -51.25 77.57
C4 GLA GN . 71.24 -52.58 77.07
C5 GLA GN . 72.19 -53.17 76.03
C6 GLA GN . 71.57 -54.41 75.42
O2 GLA GN . 72.39 -49.06 76.97
O3 GLA GN . 70.75 -50.72 78.51
O4 GLA GN . 69.95 -52.41 76.48
O5 GLA GN . 72.48 -52.22 74.94
O6 GLA GN . 70.52 -54.86 76.24
C1 GLA HN . 70.17 -42.98 61.90
C2 GLA HN . 71.13 -42.47 60.84
C3 GLA HN . 72.36 -41.82 61.36
C4 GLA HN . 72.08 -40.88 62.48
C5 GLA HN . 71.33 -41.60 63.60
C6 GLA HN . 71.09 -40.63 64.73
O2 GLA HN . 71.54 -43.60 60.03
O3 GLA HN . 72.98 -41.07 60.28
O4 GLA HN . 71.25 -39.82 62.00
O5 GLA HN . 70.05 -42.11 63.13
O6 GLA HN . 69.73 -40.67 65.10
C1 GLA IN . 57.27 -32.15 55.96
C2 GLA IN . 56.17 -32.27 57.02
C3 GLA IN . 56.62 -32.96 58.25
C4 GLA IN . 57.54 -34.11 57.99
C5 GLA IN . 58.76 -33.70 57.16
C6 GLA IN . 58.94 -34.69 56.04
O2 GLA IN . 55.75 -30.94 57.39
O3 GLA IN . 55.45 -33.46 58.95
O4 GLA IN . 56.82 -35.13 57.30
O5 GLA IN . 58.63 -32.35 56.58
O6 GLA IN . 59.71 -34.10 55.01
C1 GLA JN . 57.02 -20.65 45.00
C2 GLA JN . 58.25 -19.99 44.42
C3 GLA JN . 59.18 -21.02 43.92
C4 GLA JN . 59.61 -21.92 45.02
C5 GLA JN . 58.42 -22.50 45.79
C6 GLA JN . 58.96 -23.11 47.05
O2 GLA JN . 57.87 -19.12 43.34
O3 GLA JN . 60.36 -20.36 43.36
O4 GLA JN . 60.42 -21.18 45.93
O5 GLA JN . 57.41 -21.50 46.17
O6 GLA JN . 59.43 -24.41 46.77
C1 GLA KN . 49.13 -6.59 29.77
C2 GLA KN . 50.47 -6.27 30.39
C3 GLA KN . 50.81 -7.25 31.44
C4 GLA KN . 49.75 -7.32 32.51
C5 GLA KN . 48.33 -7.48 31.95
C6 GLA KN . 47.36 -7.19 33.04
O2 GLA KN . 51.49 -6.33 29.37
O3 GLA KN . 52.06 -6.86 32.05
O4 GLA KN . 49.80 -6.12 33.29
O5 GLA KN . 48.04 -6.58 30.82
O6 GLA KN . 46.71 -5.97 32.78
C1 GLA LN . 41.07 -2.07 22.22
C2 GLA LN . 41.24 -1.74 23.69
C3 GLA LN . 42.01 -2.77 24.42
C4 GLA LN . 41.44 -4.14 24.23
C5 GLA LN . 41.28 -4.47 22.75
C6 GLA LN . 40.61 -5.80 22.61
O2 GLA LN . 41.95 -0.48 23.81
O3 GLA LN . 42.00 -2.45 25.84
O4 GLA LN . 40.15 -4.20 24.85
O5 GLA LN . 40.49 -3.45 22.04
O6 GLA LN . 41.27 -6.54 21.61
C1 GLA MN . 33.97 -1.73 12.16
C2 GLA MN . 33.58 -2.60 13.35
C3 GLA MN . 34.69 -2.67 14.33
C4 GLA MN . 35.94 -3.19 13.69
C5 GLA MN . 36.34 -2.38 12.46
C6 GLA MN . 37.49 -3.04 11.77
O2 GLA MN . 32.43 -2.02 14.00
O3 GLA MN . 34.30 -3.54 15.42
O4 GLA MN . 35.72 -4.54 13.29
O5 GLA MN . 35.22 -2.27 11.51
O6 GLA MN . 37.84 -2.25 10.66
C1 GLA NN . 15.55 27.90 -16.59
C2 GLA NN . 16.97 28.09 -16.09
C3 GLA NN . 17.52 26.83 -15.54
C4 GLA NN . 16.65 26.24 -14.48
C5 GLA NN . 15.22 26.04 -14.98
C6 GLA NN . 14.37 25.58 -13.84
O2 GLA NN . 17.79 28.49 -17.19
O3 GLA NN . 18.82 27.13 -14.95
O4 GLA NN . 16.60 27.13 -13.37
O5 GLA NN . 14.67 27.30 -15.51
O6 GLA NN . 13.03 25.89 -14.12
C1 GLA ON . 2.88 43.64 -26.21
C2 GLA ON . 3.15 43.83 -24.72
C3 GLA ON . 3.75 42.62 -24.12
C4 GLA ON . 2.88 41.42 -24.34
C5 GLA ON . 2.57 41.20 -25.82
C6 GLA ON . 1.56 40.11 -25.95
O2 GLA ON . 4.08 44.91 -24.55
O3 GLA ON . 3.90 42.84 -22.70
O4 GLA ON . 1.66 41.60 -23.63
O5 GLA ON . 2.03 42.42 -26.46
O6 GLA ON . 1.91 39.28 -27.03
C1 GLA PN . 104.09 -94.45 102.79
C2 GLA PN . 103.52 -95.66 103.54
C3 GLA PN . 102.94 -95.29 104.86
C4 GLA PN . 103.88 -94.48 105.68
C5 GLA PN . 104.35 -93.24 104.94
C6 GLA PN . 105.34 -92.50 105.78
O2 GLA PN . 102.49 -96.30 102.75
O3 GLA PN . 102.63 -96.52 105.58
O4 GLA PN . 105.02 -95.29 106.00
O5 GLA PN . 104.98 -93.59 103.64
O6 GLA PN . 104.87 -92.42 107.11
C1 NAG QN . -31.67 23.39 -60.01
C2 NAG QN . -32.55 24.46 -60.65
C3 NAG QN . -33.79 24.73 -59.80
C4 NAG QN . -34.51 23.43 -59.49
C5 NAG QN . -33.55 22.47 -58.82
C6 NAG QN . -34.23 21.15 -58.51
C7 NAG QN . -31.40 26.15 -61.97
C8 NAG QN . -30.68 27.46 -61.95
N2 NAG QN . -31.82 25.70 -60.79
O3 NAG QN . -34.68 25.60 -60.51
O4 NAG QN . -35.61 23.70 -58.62
O5 NAG QN . -32.43 22.23 -59.66
O6 NAG QN . -33.95 20.24 -59.58
O7 NAG QN . -31.60 25.54 -63.00
O5 AHR RN . -26.16 12.05 -36.54
C5 AHR RN . -26.01 13.32 -37.16
C4 AHR RN . -24.59 13.81 -37.09
O4 AHR RN . -24.14 13.92 -35.71
C3 AHR RN . -24.34 15.20 -37.68
O3 AHR RN . -24.28 15.20 -39.09
C2 AHR RN . -23.02 15.57 -36.99
O2 AHR RN . -22.85 16.97 -36.83
C1 AHR RN . -22.97 14.74 -35.70
O5 AHR SN . 70.37 -75.44 79.08
C5 AHR SN . 69.60 -75.73 77.91
C4 AHR SN . 68.88 -74.50 77.41
O4 AHR SN . 68.01 -73.99 78.44
C3 AHR SN . 67.93 -74.78 76.24
O3 AHR SN . 67.56 -73.55 75.63
C2 AHR SN . 66.74 -75.39 77.00
O2 AHR SN . 66.81 -76.80 77.03
C1 AHR SN . 66.78 -74.72 78.39
CA CA TN . -38.56 -15.49 7.66
O5 AHR UN . -62.19 59.18 -65.57
C5 AHR UN . -62.27 58.44 -64.36
C4 AHR UN . -63.35 57.39 -64.45
O4 AHR UN . -64.64 57.99 -64.67
C3 AHR UN . -63.56 56.54 -63.19
O3 AHR UN . -62.57 55.54 -63.02
C2 AHR UN . -64.98 56.00 -63.43
O2 AHR UN . -65.69 55.76 -62.24
C1 AHR UN . -65.62 56.98 -64.42
O5 AHR VN . -16.98 -32.16 -0.68
C5 AHR VN . -18.11 -31.37 -0.32
C4 AHR VN . -17.66 -29.99 -0.69
O4 AHR VN . -16.24 -29.96 -0.47
C3 AHR VN . -18.17 -28.76 0.08
O3 AHR VN . -19.27 -28.18 -0.60
C2 AHR VN . -16.92 -27.88 0.13
O2 AHR VN . -16.46 -27.74 1.46
C1 AHR VN . -15.94 -28.64 -0.81
O5 AHR WN . -1.37 -26.59 5.49
C5 AHR WN . -1.79 -25.81 4.38
C4 AHR WN . -2.31 -24.55 5.00
O4 AHR WN . -2.96 -24.93 6.22
C3 AHR WN . -3.35 -23.68 4.29
O3 AHR WN . -2.74 -22.69 3.47
C2 AHR WN . -4.12 -23.09 5.47
O2 AHR WN . -5.52 -23.34 5.40
C1 AHR WN . -3.41 -23.68 6.72
C1 GLA XN . -87.83 76.90 -103.03
C2 GLA XN . -88.90 77.97 -102.78
C3 GLA XN . -89.84 78.14 -103.91
C4 GLA XN . -89.12 78.29 -105.21
C5 GLA XN . -88.26 77.07 -105.51
C6 GLA XN . -87.45 77.35 -106.75
O2 GLA XN . -89.65 77.63 -101.61
O3 GLA XN . -90.63 79.34 -103.67
O4 GLA XN . -88.27 79.44 -105.15
O5 GLA XN . -87.33 76.72 -104.43
O6 GLA XN . -86.78 76.17 -107.13
C1 GLA YN . -87.93 72.47 -113.15
C2 GLA YN . -87.32 72.55 -114.53
C3 GLA YN . -87.87 73.70 -115.29
C4 GLA YN . -89.38 73.62 -115.39
C5 GLA YN . -90.04 73.43 -114.02
C6 GLA YN . -91.49 73.11 -114.22
O2 GLA YN . -85.89 72.72 -114.43
O3 GLA YN . -87.31 73.70 -116.62
O4 GLA YN . -89.73 72.51 -116.22
O5 GLA YN . -89.42 72.34 -113.23
O6 GLA YN . -92.11 72.96 -112.96
C1 GLA ZN . -78.45 60.45 -88.45
C2 GLA ZN . -78.30 59.00 -88.91
C3 GLA ZN . -79.19 58.72 -90.06
C4 GLA ZN . -78.82 59.56 -91.24
C5 GLA ZN . -78.68 61.04 -90.85
C6 GLA ZN . -79.52 61.85 -91.79
O2 GLA ZN . -76.93 58.80 -89.34
O3 GLA ZN . -80.55 59.02 -89.68
O4 GLA ZN . -79.83 59.42 -92.23
O5 GLA ZN . -79.12 61.31 -89.48
O6 GLA ZN . -78.79 62.11 -92.96
C1 GLA AO . -73.26 57.23 -73.24
C2 GLA AO . -73.41 58.52 -72.46
C3 GLA AO . -73.84 59.62 -73.35
C4 GLA AO . -72.92 59.80 -74.52
C5 GLA AO . -72.69 58.48 -75.27
C6 GLA AO . -71.61 58.69 -76.30
O2 GLA AO . -74.38 58.36 -71.41
O3 GLA AO . -73.85 60.86 -72.57
O4 GLA AO . -71.66 60.28 -74.07
O5 GLA AO . -72.28 57.40 -74.37
O6 GLA AO . -72.04 58.15 -77.53
C1 GLA BO . -69.60 43.33 -67.64
C2 GLA BO . -69.71 41.96 -68.29
C3 GLA BO . -71.00 41.26 -68.14
C4 GLA BO . -71.59 41.39 -66.77
C5 GLA BO . -71.68 42.86 -66.35
C6 GLA BO . -72.29 42.93 -64.98
O2 GLA BO . -69.44 42.12 -69.70
O3 GLA BO . -70.81 39.84 -68.40
O4 GLA BO . -70.76 40.69 -65.84
O5 GLA BO . -70.34 43.48 -66.34
O6 GLA BO . -73.67 43.12 -65.10
C1 GLA CO . -59.68 39.02 -52.85
C2 GLA CO . -59.48 40.40 -52.25
C3 GLA CO . -60.27 41.43 -52.98
C4 GLA CO . -60.16 41.28 -54.47
C5 GLA CO . -60.69 39.91 -54.92
C6 GLA CO . -59.74 39.31 -55.91
O2 GLA CO . -59.90 40.39 -50.88
O3 GLA CO . -59.76 42.75 -52.62
O4 GLA CO . -58.79 41.40 -54.86
O5 GLA CO . -60.87 38.99 -53.79
O6 GLA CO . -59.83 37.90 -55.88
C1 GLA DO . -58.67 25.27 -45.15
C2 GLA DO . -59.64 24.10 -45.20
C3 GLA DO . -59.71 23.56 -46.57
C4 GLA DO . -60.14 24.62 -47.56
C5 GLA DO . -59.41 25.97 -47.39
C6 GLA DO . -60.22 27.03 -48.07
O2 GLA DO . -59.22 23.06 -44.30
O3 GLA DO . -60.68 22.48 -46.59
O4 GLA DO . -61.55 24.83 -47.41
O5 GLA DO . -59.22 26.38 -45.99
O6 GLA DO . -60.77 26.50 -49.26
C1 GLA EO . -50.34 9.36 -32.30
C2 GLA EO . -51.75 9.41 -32.86
C3 GLA EO . -52.08 10.76 -33.38
C4 GLA EO . -51.89 11.81 -32.31
C5 GLA EO . -50.48 11.77 -31.74
C6 GLA EO . -50.40 12.72 -30.58
O2 GLA EO . -51.86 8.47 -33.95
O3 GLA EO . -53.46 10.78 -33.82
O4 GLA EO . -52.83 11.56 -31.27
O5 GLA EO . -50.12 10.42 -31.25
O6 GLA EO . -49.04 13.08 -30.39
C1 GLA FO . -41.29 4.56 -25.00
C2 GLA FO . -42.23 5.59 -24.42
C3 GLA FO . -43.00 6.32 -25.47
C4 GLA FO . -42.10 6.88 -26.53
C5 GLA FO . -41.17 5.82 -27.10
C6 GLA FO . -40.22 6.47 -28.07
O2 GLA FO . -43.18 4.93 -23.56
O3 GLA FO . -43.71 7.43 -24.85
O4 GLA FO . -41.32 7.93 -25.98
O5 GLA FO . -40.39 5.17 -26.03
O6 GLA FO . -39.11 5.62 -28.25
C1 GLA GO . -31.68 -1.29 -22.42
C2 GLA GO . -31.21 0.13 -22.69
C3 GLA GO . -32.14 0.82 -23.60
C4 GLA GO . -32.39 0.04 -24.86
C5 GLA GO . -32.78 -1.41 -24.57
C6 GLA GO . -32.88 -2.18 -25.85
O2 GLA GO . -31.15 0.85 -21.44
O3 GLA GO . -31.59 2.12 -23.95
O4 GLA GO . -31.18 0.03 -25.63
O5 GLA GO . -31.79 -2.05 -23.71
O6 GLA GO . -32.99 -3.55 -25.55
C1 GLA HO . -13.77 -29.43 8.38
C2 GLA HO . -15.13 -29.74 7.78
C3 GLA HO . -15.25 -29.15 6.43
C4 GLA HO . -14.97 -27.67 6.43
C5 GLA HO . -13.64 -27.35 7.09
C6 GLA HO . -13.53 -25.85 7.23
O2 GLA HO . -15.28 -31.17 7.67
O3 GLA HO . -16.62 -29.35 5.96
O4 GLA HO . -16.01 -27.01 7.14
O5 GLA HO . -13.53 -27.95 8.42
O6 GLA HO . -12.81 -25.55 8.40
C1 GLA IO . -6.09 -38.65 27.17
C2 GLA IO . -7.14 -37.56 27.23
C3 GLA IO . -7.19 -36.82 25.95
C4 GLA IO . -5.88 -36.20 25.63
C5 GLA IO . -4.75 -37.24 25.60
C6 GLA IO . -3.44 -36.54 25.49
O2 GLA IO . -8.43 -38.15 27.45
O3 GLA IO . -8.19 -35.77 26.06
O4 GLA IO . -5.57 -35.23 26.62
O5 GLA IO . -4.74 -38.11 26.80
O6 GLA IO . -2.87 -36.82 24.23
C1 GLA JO . -96.32 84.13 -122.95
C2 GLA JO . -95.79 85.06 -124.04
C3 GLA JO . -95.94 86.51 -123.72
C4 GLA JO . -97.25 86.85 -123.08
C5 GLA JO . -97.51 85.95 -121.88
C6 GLA JO . -98.78 86.35 -121.18
O2 GLA JO . -94.38 84.80 -124.22
O3 GLA JO . -95.83 87.25 -124.97
O4 GLA JO . -98.29 86.67 -124.04
O5 GLA JO . -97.61 84.55 -122.33
O6 GLA JO . -98.64 86.11 -119.81
C1 NAG KO . -44.38 14.98 -11.18
C2 NAG KO . -44.90 16.35 -10.75
C3 NAG KO . -44.25 17.43 -11.60
C4 NAG KO . -42.73 17.24 -11.72
C5 NAG KO . -42.33 15.80 -11.96
C6 NAG KO . -40.82 15.63 -11.83
C7 NAG KO . -47.06 17.47 -11.08
C8 NAG KO . -47.87 17.47 -12.35
N2 NAG KO . -46.35 16.36 -10.86
O3 NAG KO . -44.48 18.72 -11.03
O4 NAG KO . -42.24 18.05 -12.79
O5 NAG KO . -42.97 14.95 -11.01
O6 NAG KO . -40.52 14.23 -11.70
O7 NAG KO . -47.05 18.42 -10.32
C1 NAG LO . 45.87 -42.65 26.14
C2 NAG LO . 46.41 -43.29 27.42
C3 NAG LO . 46.79 -42.23 28.45
C4 NAG LO . 47.73 -41.22 27.82
C5 NAG LO . 47.02 -40.59 26.65
C6 NAG LO . 47.92 -39.55 25.99
C7 NAG LO . 45.62 -45.49 28.06
C8 NAG LO . 44.44 -46.29 28.51
N2 NAG LO . 45.43 -44.17 28.01
O3 NAG LO . 47.43 -42.85 29.58
O4 NAG LO . 48.10 -40.23 28.77
O5 NAG LO . 46.68 -41.57 25.68
O6 NAG LO . 48.59 -40.17 24.88
O7 NAG LO . 46.68 -46.00 27.76
O5 AHR MO . 1.88 -2.38 42.21
C5 AHR MO . 0.68 -1.63 42.24
C4 AHR MO . -0.27 -2.04 41.14
O4 AHR MO . -0.17 -3.45 40.89
C3 AHR MO . 0.05 -1.40 39.78
O3 AHR MO . -1.06 -1.58 38.90
C2 AHR MO . 1.22 -2.28 39.34
O2 AHR MO . 2.47 -1.72 39.69
C1 AHR MO . 0.95 -3.66 39.97
O5 AHR NO . -97.94 80.68 -107.61
C5 AHR NO . -97.79 81.12 -108.95
C4 AHR NO . -96.36 81.56 -109.22
O4 AHR NO . -95.48 80.82 -108.35
C3 AHR NO . -96.09 83.04 -108.91
O3 AHR NO . -95.65 83.77 -110.04
C2 AHR NO . -95.04 82.97 -107.80
O2 AHR NO . -95.04 84.09 -106.94
C1 AHR NO . -95.43 81.63 -107.15
CA CA OO . -80.52 90.12 -157.70
O5 AHR PO . -59.88 100.30 -141.14
C5 AHR PO . -60.96 99.72 -141.84
C4 AHR PO . -61.85 100.91 -142.09
O4 AHR PO . -61.34 101.91 -141.20
C3 AHR PO . -63.33 100.79 -141.73
O3 AHR PO . -64.13 100.43 -142.85
C2 AHR PO . -63.63 102.18 -141.18
O2 AHR PO . -64.28 102.13 -139.92
C1 AHR PO . -62.30 102.96 -141.20
C1 GLA QO . -94.96 130.15 -183.11
C2 GLA QO . -94.85 129.86 -184.59
C3 GLA QO . -95.89 130.55 -185.37
C4 GLA QO . -97.27 130.22 -184.86
C5 GLA QO . -97.40 130.47 -183.35
C6 GLA QO . -98.74 129.92 -182.88
O2 GLA QO . -93.55 130.28 -185.05
O3 GLA QO . -95.81 130.15 -186.76
O4 GLA QO . -97.56 128.85 -185.13
O5 GLA QO . -96.33 129.81 -182.57
O6 GLA QO . -98.53 129.02 -181.82
C1 GLA RO . -91.46 125.32 -172.36
C2 GLA RO . -92.72 124.73 -172.99
C3 GLA RO . -93.37 125.65 -173.97
C4 GLA RO . -93.57 127.02 -173.41
C5 GLA RO . -92.27 127.59 -172.84
C6 GLA RO . -92.52 128.95 -172.25
O2 GLA RO . -92.36 123.51 -173.65
O3 GLA RO . -94.66 125.10 -174.34
O4 GLA RO . -94.54 126.98 -172.38
O5 GLA RO . -91.72 126.70 -171.81
O6 GLA RO . -91.64 129.88 -172.81
C1 GLA SO . -84.31 125.41 -162.06
C2 GLA SO . -85.49 126.38 -161.92
C3 GLA SO . -86.14 126.62 -163.23
C4 GLA SO . -85.16 127.07 -164.29
C5 GLA SO . -83.92 126.17 -164.35
C6 GLA SO . -82.90 126.81 -165.26
O2 GLA SO . -86.45 125.81 -161.00
O3 GLA SO . -87.14 127.66 -163.05
O4 GLA SO . -84.75 128.40 -164.00
O5 GLA SO . -83.31 125.97 -163.03
O6 GLA SO . -81.78 125.95 -165.37
C1 GLA TO . -63.37 95.52 -135.75
C2 GLA TO . -63.12 95.84 -137.22
C3 GLA TO . -63.62 97.19 -137.56
C4 GLA TO . -65.06 97.38 -137.19
C5 GLA TO . -65.32 97.03 -135.72
C6 GLA TO . -66.80 97.08 -135.47
O2 GLA TO . -61.71 95.79 -137.49
O3 GLA TO . -63.46 97.37 -139.00
O4 GLA TO . -65.87 96.55 -138.01
O5 GLA TO . -64.81 95.70 -135.38
O6 GLA TO . -67.25 95.81 -135.06
C1 GLA UO . -59.24 78.80 -120.81
C2 GLA UO . -60.53 78.54 -121.55
C3 GLA UO . -61.13 79.79 -122.07
C4 GLA UO . -61.36 80.80 -120.98
C5 GLA UO . -60.08 81.07 -120.18
C6 GLA UO . -60.46 81.86 -118.96
O2 GLA UO . -60.24 77.68 -122.68
O3 GLA UO . -62.42 79.47 -122.66
O4 GLA UO . -62.37 80.31 -120.11
O5 GLA UO . -59.39 79.84 -119.73
O6 GLA UO . -60.10 83.21 -119.16
C1 NAG VO . -105.46 115.47 -169.55
C2 NAG VO . -106.69 115.19 -170.42
C3 NAG VO . -107.95 115.90 -169.95
C4 NAG VO . -108.10 115.86 -168.44
C5 NAG VO . -106.81 116.33 -167.78
C6 NAG VO . -106.96 116.35 -166.26
C7 NAG VO . -107.28 115.92 -172.69
C8 NAG VO . -107.25 117.34 -173.18
N2 NAG VO . -106.37 115.59 -171.79
O3 NAG VO . -109.10 115.26 -170.51
O4 NAG VO . -109.17 116.73 -168.04
O5 NAG VO . -105.76 115.43 -168.15
O6 NAG VO . -108.08 117.16 -165.90
O7 NAG VO . -108.11 115.12 -173.11
C1 NAG WO . -46.78 97.20 -74.05
C2 NAG WO . -46.50 96.02 -73.12
C3 NAG WO . -47.80 95.51 -72.53
C4 NAG WO . -48.49 96.64 -71.80
C5 NAG WO . -48.75 97.77 -72.77
C6 NAG WO . -49.39 98.96 -72.06
C7 NAG WO . -44.53 94.73 -73.66
C8 NAG WO . -44.05 93.36 -74.02
N2 NAG WO . -45.83 94.95 -73.81
O3 NAG WO . -47.53 94.43 -71.63
O4 NAG WO . -49.72 96.19 -71.22
O5 NAG WO . -47.54 98.22 -73.38
O6 NAG WO . -48.37 99.91 -71.74
O7 NAG WO . -43.77 95.59 -73.24
O5 AHR XO . 99.46 -81.41 101.12
C5 AHR XO . 99.87 -81.55 102.48
C4 AHR XO . 98.70 -81.87 103.36
O4 AHR XO . 97.88 -82.86 102.70
C3 AHR XO . 97.76 -80.69 103.67
O3 AHR XO . 97.60 -80.47 105.05
C2 AHR XO . 96.45 -81.11 102.99
O2 AHR XO . 95.63 -80.04 102.56
C1 AHR XO . 96.89 -82.16 101.95
CA CA YO . 110.18 -132.52 95.58
O5 AHR ZO . 80.99 -130.58 92.73
C5 AHR ZO . 82.42 -130.62 92.81
C4 AHR ZO . 82.65 -130.91 94.26
O4 AHR ZO . 81.47 -130.44 94.92
C3 AHR ZO . 83.80 -130.20 94.98
O3 AHR ZO . 84.93 -131.05 95.12
C2 AHR ZO . 83.16 -129.83 96.33
O2 AHR ZO . 83.12 -128.43 96.48
C1 AHR ZO . 81.78 -130.53 96.29
O5 AHR AP . 74.67 -115.58 100.79
C5 AHR AP . 74.48 -116.91 101.26
C4 AHR AP . 75.16 -117.12 102.59
O4 AHR AP . 75.33 -115.83 103.20
C3 AHR AP . 76.56 -117.74 102.53
O3 AHR AP . 76.70 -118.87 103.39
C2 AHR AP . 77.47 -116.58 102.96
O2 AHR AP . 78.77 -116.58 102.42
C1 AHR AP . 76.59 -115.33 102.72
C1 GLA BP . 117.62 -163.53 131.46
C2 GLA BP . 118.39 -164.67 130.82
C3 GLA BP . 119.27 -165.36 131.81
C4 GLA BP . 120.18 -164.40 132.50
C5 GLA BP . 119.44 -163.21 133.13
C6 GLA BP . 120.45 -162.20 133.58
O2 GLA BP . 117.45 -165.64 130.30
O3 GLA BP . 120.06 -166.36 131.12
O4 GLA BP . 121.11 -163.89 131.54
O5 GLA BP . 118.51 -162.56 132.18
O6 GLA BP . 119.87 -160.91 133.54
C1 GLA CP . 111.45 -154.47 126.77
C2 GLA CP . 112.95 -154.30 126.96
C3 GLA CP . 113.50 -155.09 128.09
C4 GLA CP . 112.72 -154.89 129.36
C5 GLA CP . 111.22 -155.11 129.15
C6 GLA CP . 110.50 -154.76 130.42
O2 GLA CP . 113.62 -154.73 125.74
O3 GLA CP . 114.86 -154.67 128.33
O4 GLA CP . 112.93 -153.57 129.84
O5 GLA CP . 110.70 -154.26 128.06
O6 GLA CP . 109.17 -155.25 130.35
C1 GLA DP . 101.18 -148.04 124.47
C2 GLA DP . 101.83 -147.92 125.84
C3 GLA DP . 103.00 -148.81 125.97
C4 GLA DP . 102.69 -150.25 125.61
C5 GLA DP . 101.93 -150.37 124.29
C6 GLA DP . 101.44 -151.79 124.14
O2 GLA DP . 102.27 -146.56 126.03
O3 GLA DP . 103.47 -148.77 127.35
O4 GLA DP . 101.91 -150.81 126.67
O5 GLA DP . 100.77 -149.47 124.21
O6 GLA DP . 100.20 -151.79 123.47
C1 GLA EP . 82.94 -122.06 92.14
C2 GLA EP . 83.49 -123.47 92.04
C3 GLA EP . 83.32 -124.15 93.34
C4 GLA EP . 84.08 -123.42 94.42
C5 GLA EP . 83.74 -121.92 94.47
C6 GLA EP . 84.75 -121.22 95.35
O2 GLA EP . 82.77 -124.19 91.02
O3 GLA EP . 83.81 -125.51 93.23
O4 GLA EP . 85.48 -123.56 94.18
O5 GLA EP . 83.76 -121.29 93.14
O6 GLA EP . 84.12 -120.14 95.99
C1 GLA FP . 77.90 -105.10 78.16
C2 GLA FP . 79.41 -105.06 78.34
C3 GLA FP . 79.83 -106.00 79.40
C4 GLA FP . 79.16 -105.70 80.70
C5 GLA FP . 77.63 -105.65 80.57
C6 GLA FP . 77.06 -105.08 81.84
O2 GLA FP . 80.04 -105.44 77.10
O3 GLA FP . 81.27 -105.91 79.58
O4 GLA FP . 79.62 -104.43 81.17
O5 GLA FP . 77.18 -104.81 79.45
O6 GLA FP . 76.69 -103.75 81.64
C1 NAG GP . 34.31 -80.12 92.29
C2 NAG GP . 34.12 -79.02 91.25
C3 NAG GP . 34.82 -77.74 91.65
C4 NAG GP . 34.38 -77.33 93.04
C5 NAG GP . 34.64 -78.47 94.02
C6 NAG GP . 34.17 -78.11 95.42
C7 NAG GP . 33.88 -79.34 88.87
C8 NAG GP . 34.53 -79.83 87.60
N2 NAG GP . 34.62 -79.45 89.96
O3 NAG GP . 34.50 -76.69 90.73
O4 NAG GP . 35.12 -76.17 93.46
O5 NAG GP . 33.95 -79.65 93.59
O6 NAG GP . 34.35 -79.23 96.28
O7 NAG GP . 32.75 -78.88 88.88
CA CA HP . 81.10 -82.35 154.90
O5 AHR IP . 72.38 -109.76 160.03
C5 AHR IP . 73.13 -108.60 160.36
C4 AHR IP . 73.29 -107.95 159.01
O4 AHR IP . 72.53 -108.78 158.14
C3 AHR IP . 74.70 -107.97 158.42
O3 AHR IP . 75.49 -106.86 158.80
C2 AHR IP . 74.40 -108.06 156.92
O2 AHR IP . 75.40 -108.78 156.22
C1 AHR IP . 72.96 -108.60 156.79
O5 AHR JP . 82.06 -121.16 152.42
C5 AHR JP . 80.83 -120.64 151.92
C4 AHR JP . 80.97 -120.26 150.46
O4 AHR JP . 82.07 -121.02 149.90
C3 AHR JP . 81.32 -118.78 150.18
O3 AHR JP . 80.43 -118.18 149.27
C2 AHR JP . 82.75 -118.87 149.63
O2 AHR JP . 83.56 -117.74 149.87
C1 AHR JP . 83.24 -120.24 150.13
C1 GLA KP . 5.93 -11.30 43.64
C2 GLA KP . 6.49 -9.96 43.23
C3 GLA KP . 5.47 -8.90 43.05
C4 GLA KP . 4.34 -9.38 42.19
C5 GLA KP . 3.65 -10.62 42.76
C6 GLA KP . 2.72 -11.13 41.70
O2 GLA KP . 7.41 -9.49 44.22
O3 GLA KP . 6.13 -7.79 42.40
O4 GLA KP . 4.87 -9.72 40.90
O5 GLA KP . 4.57 -11.70 43.12
O6 GLA KP . 2.29 -12.41 42.07
C1 GLA LP . -4.85 -12.57 44.04
C2 GLA LP . -6.08 -13.30 43.52
C3 GLA LP . -6.54 -12.69 42.25
C4 GLA LP . -6.84 -11.23 42.40
C5 GLA LP . -5.73 -10.46 43.12
C6 GLA LP . -6.28 -9.12 43.54
O2 GLA LP . -5.75 -14.68 43.27
O3 GLA LP . -7.74 -13.37 41.83
O4 GLA LP . -8.05 -11.08 43.13
O5 GLA LP . -5.21 -11.13 44.32
O6 GLA LP . -5.72 -8.76 44.78
C1 GLA MP . 14.22 -26.02 61.85
C2 GLA MP . 12.90 -26.47 61.24
C3 GLA MP . 11.95 -25.35 61.10
C4 GLA MP . 12.56 -24.18 60.38
C5 GLA MP . 13.83 -23.70 61.09
C6 GLA MP . 13.63 -22.30 61.58
O2 GLA MP . 13.15 -27.00 59.92
O3 GLA MP . 11.55 -24.91 62.43
O4 GLA MP . 11.62 -23.11 60.36
O5 GLA MP . 14.18 -24.56 62.23
O6 GLA MP . 14.82 -21.57 61.39
C1 GLA NP . 27.97 -31.61 68.18
C2 GLA NP . 26.72 -31.59 67.32
C3 GLA NP . 26.57 -30.36 66.52
C4 GLA NP . 27.80 -30.03 65.73
C5 GLA NP . 29.12 -30.14 66.49
C6 GLA NP . 29.37 -28.86 67.25
O2 GLA NP . 26.75 -32.72 66.41
O3 GLA NP . 26.27 -29.26 67.44
O4 GLA NP . 27.66 -28.68 65.26
O5 GLA NP . 29.23 -31.28 67.40
O6 GLA NP . 30.02 -29.14 68.46
C1 GLA OP . 28.94 -38.70 82.13
C2 GLA OP . 27.78 -38.90 83.09
C3 GLA OP . 27.38 -37.64 83.77
C4 GLA OP . 28.53 -36.91 84.39
C5 GLA OP . 29.67 -36.70 83.39
C6 GLA OP . 30.84 -36.11 84.12
O2 GLA OP . 26.64 -39.42 82.36
O3 GLA OP . 26.42 -37.95 84.83
O4 GLA OP . 29.03 -37.65 85.50
O5 GLA OP . 30.09 -37.96 82.75
O6 GLA OP . 30.75 -34.70 84.09
C1 GLA PP . 42.66 -48.40 88.77
C2 GLA PP . 43.79 -47.92 87.88
C3 GLA PP . 43.34 -46.99 86.81
C4 GLA PP . 41.96 -47.28 86.30
C5 GLA PP . 40.91 -47.30 87.42
C6 GLA PP . 39.96 -48.44 87.19
O2 GLA PP . 44.76 -47.22 88.70
O3 GLA PP . 44.27 -47.08 85.69
O4 GLA PP . 41.96 -48.54 85.63
O5 GLA PP . 41.50 -47.43 88.75
O6 GLA PP . 39.16 -48.63 88.34
C1 GLA QP . 44.34 -54.16 103.46
C2 GLA QP . 43.91 -53.57 104.80
C3 GLA QP . 42.49 -53.14 104.86
C4 GLA QP . 42.04 -52.40 103.65
C5 GLA QP . 42.40 -53.15 102.36
C6 GLA QP . 41.92 -52.37 101.18
O2 GLA QP . 44.12 -54.54 105.85
O3 GLA QP . 42.33 -52.26 106.01
O4 GLA QP . 42.69 -51.12 103.64
O5 GLA QP . 43.85 -53.36 102.28
O6 GLA QP . 40.52 -52.48 101.09
C1 GLA RP . 52.36 -65.92 120.77
C2 GLA RP . 51.57 -64.70 121.23
C3 GLA RP . 51.09 -63.92 120.07
C4 GLA RP . 52.20 -63.53 119.13
C5 GLA RP . 53.13 -64.69 118.77
C6 GLA RP . 54.37 -64.14 118.13
O2 GLA RP . 50.44 -65.13 122.00
O3 GLA RP . 50.44 -62.72 120.56
O4 GLA RP . 52.97 -62.49 119.73
O5 GLA RP . 53.54 -65.50 119.95
O6 GLA RP . 54.73 -64.95 117.04
C1 GLA SP . 58.03 -75.57 125.62
C2 GLA SP . 58.77 -74.27 125.32
C3 GLA SP . 58.10 -73.41 124.29
C4 GLA SP . 57.59 -74.17 123.10
C5 GLA SP . 56.76 -75.38 123.54
C6 GLA SP . 56.27 -76.13 122.33
O2 GLA SP . 58.88 -73.52 126.53
O3 GLA SP . 59.07 -72.43 123.81
O4 GLA SP . 58.70 -74.62 122.32
O5 GLA SP . 57.58 -76.27 124.37
O6 GLA SP . 55.12 -76.85 122.69
C1 GLA TP . 59.97 -87.45 128.22
C2 GLA TP . 60.41 -86.81 126.92
C3 GLA TP . 59.78 -85.48 126.73
C4 GLA TP . 58.28 -85.58 126.80
C5 GLA TP . 57.84 -86.19 128.13
C6 GLA TP . 56.35 -86.36 128.11
O2 GLA TP . 61.84 -86.62 126.94
O3 GLA TP . 60.15 -84.96 125.43
O4 GLA TP . 57.84 -86.43 125.74
O5 GLA TP . 58.47 -87.50 128.35
O6 GLA TP . 55.99 -87.38 129.01
C1 GLA UP . 80.30 -111.08 160.41
C2 GLA UP . 79.25 -110.01 160.65
C3 GLA UP . 78.50 -109.68 159.42
C4 GLA UP . 79.41 -109.34 158.26
C5 GLA UP . 80.50 -110.39 158.05
C6 GLA UP . 81.49 -109.85 157.04
O2 GLA UP . 78.32 -110.50 161.65
O3 GLA UP . 77.66 -108.52 159.70
O4 GLA UP . 80.01 -108.07 158.51
O5 GLA UP . 81.23 -110.70 159.28
O6 GLA UP . 82.72 -109.63 157.66
C1 GLA VP . 96.21 -121.32 173.05
C2 GLA VP . 96.71 -119.90 172.77
C3 GLA VP . 96.17 -119.30 171.53
C4 GLA VP . 96.15 -120.24 170.36
C5 GLA VP . 95.50 -121.57 170.72
C6 GLA VP . 95.54 -122.49 169.52
O2 GLA VP . 96.36 -119.06 173.89
O3 GLA VP . 97.00 -118.16 171.19
O4 GLA VP . 97.50 -120.48 169.93
O5 GLA VP . 96.19 -122.21 171.84
O6 GLA VP . 94.61 -123.54 169.71
C1 GLA WP . -10.30 -1.26 32.95
C2 GLA WP . -10.85 0.05 32.41
C3 GLA WP . -11.93 -0.21 31.44
C4 GLA WP . -11.42 -1.01 30.27
C5 GLA WP . -10.76 -2.31 30.73
C6 GLA WP . -10.03 -2.91 29.56
O2 GLA WP . -11.40 0.79 33.52
O3 GLA WP . -12.45 1.04 30.95
O4 GLA WP . -10.45 -0.24 29.57
O5 GLA WP . -9.80 -2.14 31.83
O6 GLA WP . -10.43 -4.26 29.41
C1 NAG XP . 74.88 -68.18 122.30
C2 NAG XP . 74.44 -69.42 121.52
C3 NAG XP . 74.54 -69.25 120.00
C4 NAG XP . 73.89 -67.94 119.60
C5 NAG XP . 74.61 -66.82 120.32
C6 NAG XP . 74.13 -65.46 119.83
C7 NAG XP . 74.79 -71.81 121.81
C8 NAG XP . 73.54 -72.13 122.57
N2 NAG XP . 75.23 -70.56 121.94
O3 NAG XP . 73.88 -70.34 119.34
O4 NAG XP . 73.97 -67.77 118.18
O5 NAG XP . 74.40 -66.95 121.72
O6 NAG XP . 72.80 -65.59 119.30
O7 NAG XP . 75.37 -72.63 121.12
O5 AHR YP . -65.86 102.71 -124.77
C5 AHR YP . -65.50 103.67 -125.76
C4 AHR YP . -66.65 104.59 -126.06
O4 AHR YP . -67.55 104.57 -124.93
C3 AHR YP . -67.51 104.21 -127.28
O3 AHR YP . -67.67 105.28 -128.18
C2 AHR YP . -68.84 103.78 -126.64
O2 AHR YP . -69.57 102.80 -127.35
C1 AHR YP . -68.46 103.48 -125.18
CA CA ZP . -115.04 129.53 -93.59
O5 AHR AQ . -23.49 38.55 3.43
C5 AHR AQ . -22.09 38.29 3.33
C4 AHR AQ . -21.76 37.65 2.01
O4 AHR AQ . -22.49 38.32 0.97
C3 AHR AQ . -22.18 36.17 1.90
O3 AHR AQ . -21.09 35.28 1.77
C2 AHR AQ . -23.13 36.17 0.71
O2 AHR AQ . -24.05 35.11 0.72
C1 AHR AQ . -23.72 37.59 0.85
O5 AHR BQ . -100.32 148.38 -110.48
C5 AHR BQ . -101.50 147.78 -109.95
C4 AHR BQ . -101.16 146.46 -109.31
O4 AHR BQ . -99.80 146.54 -108.83
C3 AHR BQ . -101.18 145.25 -110.27
O3 AHR BQ . -102.18 144.30 -109.93
C2 AHR BQ . -99.74 144.73 -110.18
O2 AHR BQ . -99.31 143.96 -111.28
C1 AHR BQ . -98.95 146.01 -109.85
O5 AHR CQ . -98.92 143.32 -126.66
C5 AHR CQ . -98.05 143.74 -125.62
C4 AHR CQ . -97.27 142.58 -125.05
O4 AHR CQ . -97.19 141.56 -126.08
C3 AHR CQ . -97.90 141.88 -123.84
O3 AHR CQ . -97.03 141.82 -122.73
C2 AHR CQ . -98.26 140.49 -124.38
O2 AHR CQ . -99.36 139.85 -123.76
C1 AHR CQ . -98.34 140.74 -125.91
C1 GLA DQ . -25.26 42.01 -6.82
C2 GLA DQ . -25.91 40.94 -5.95
C3 GLA DQ . -25.23 40.76 -4.66
C4 GLA DQ . -23.75 40.63 -4.79
C5 GLA DQ . -23.11 41.82 -5.50
C6 GLA DQ . -21.72 41.43 -5.88
O2 GLA DQ . -27.28 41.29 -5.70
O3 GLA DQ . -25.76 39.54 -4.05
O4 GLA DQ . -23.46 39.45 -5.54
O5 GLA DQ . -23.78 42.25 -6.74
O6 GLA DQ . -21.20 42.41 -6.73
C1 GLA EQ . -16.51 46.50 -2.96
C2 GLA EQ . -15.03 46.78 -3.13
C3 GLA EQ . -14.21 45.65 -2.63
C4 GLA EQ . -14.55 45.23 -1.23
C5 GLA EQ . -16.06 45.13 -0.97
C6 GLA EQ . -16.29 45.06 0.51
O2 GLA EQ . -14.75 46.97 -4.53
O3 GLA EQ . -12.81 46.07 -2.64
O4 GLA EQ . -13.98 46.18 -0.32
O5 GLA EQ . -16.81 46.28 -1.50
O6 GLA EQ . -17.48 45.73 0.83
C1 GLA FQ . -36.24 59.08 -20.15
C2 GLA FQ . -35.76 60.52 -20.13
C3 GLA FQ . -34.48 60.68 -19.40
C4 GLA FQ . -33.50 59.64 -19.82
C5 GLA FQ . -34.03 58.24 -19.48
C6 GLA FQ . -33.28 57.75 -18.28
O2 GLA FQ . -35.51 60.94 -21.49
O3 GLA FQ . -34.74 60.56 -17.97
O4 GLA FQ . -32.27 59.84 -19.13
O5 GLA FQ . -35.47 58.24 -19.18
O6 GLA FQ . -31.92 57.61 -18.62
C1 GLA GQ . -48.54 61.66 -29.85
C2 GLA GQ . -49.52 60.51 -29.86
C3 GLA GQ . -48.89 59.31 -29.25
C4 GLA GQ . -47.60 58.93 -29.92
C5 GLA GQ . -46.65 60.13 -30.18
C6 GLA GQ . -45.62 59.73 -31.20
O2 GLA GQ . -50.70 60.87 -29.10
O3 GLA GQ . -49.81 58.19 -29.35
O4 GLA GQ . -47.88 58.28 -31.15
O5 GLA GQ . -47.34 61.32 -30.70
O6 GLA GQ . -45.65 58.34 -31.42
C1 GLA HQ . -52.69 75.30 -37.61
C2 GLA HQ . -53.28 76.64 -37.20
C3 GLA HQ . -53.56 76.69 -35.75
C4 GLA HQ . -54.48 75.58 -35.34
C5 GLA HQ . -53.94 74.22 -35.74
C6 GLA HQ . -55.01 73.19 -35.51
O2 GLA HQ . -52.34 77.69 -37.53
O3 GLA HQ . -54.18 77.96 -35.42
O4 GLA HQ . -55.74 75.80 -35.99
O5 GLA HQ . -53.54 74.14 -37.16
O6 GLA HQ . -55.26 72.50 -36.72
C1 GLA IQ . -63.02 78.77 -51.42
C2 GLA IQ . -63.66 77.40 -51.58
C3 GLA IQ . -63.35 76.50 -50.45
C4 GLA IQ . -61.89 76.54 -50.08
C5 GLA IQ . -61.45 77.95 -49.69
C6 GLA IQ . -60.16 78.27 -50.41
O2 GLA IQ . -65.09 77.54 -51.67
O3 GLA IQ . -63.69 75.14 -50.82
O4 GLA IQ . -61.12 76.08 -51.20
O5 GLA IQ . -62.45 78.97 -50.03
O6 GLA IQ . -59.95 79.67 -50.35
C1 GLA JQ . -70.69 92.37 -55.64
C2 GLA JQ . -70.55 93.70 -54.93
C3 GLA JQ . -69.18 93.88 -54.39
C4 GLA JQ . -68.80 92.76 -53.48
C5 GLA JQ . -69.02 91.39 -54.13
C6 GLA JQ . -68.81 90.33 -53.08
O2 GLA JQ . -70.83 94.78 -55.84
O3 GLA JQ . -69.13 95.13 -53.65
O4 GLA JQ . -69.60 92.85 -52.30
O5 GLA JQ . -70.37 91.24 -54.69
O6 GLA JQ . -67.44 90.12 -52.90
C1 GLA KQ . -80.82 107.49 -68.56
C2 GLA KQ . -81.08 107.67 -67.07
C3 GLA KQ . -80.73 106.47 -66.28
C4 GLA KQ . -81.34 105.21 -66.84
C5 GLA KQ . -81.02 105.04 -68.32
C6 GLA KQ . -81.77 103.84 -68.85
O2 GLA KQ . -80.29 108.77 -66.58
O3 GLA KQ . -81.21 106.64 -64.92
O4 GLA KQ . -82.76 105.26 -66.67
O5 GLA KQ . -81.42 106.23 -69.10
O6 GLA KQ . -83.16 104.06 -68.72
C1 GLA LQ . -84.79 111.86 -78.99
C2 GLA LQ . -85.58 110.75 -78.31
C3 GLA LQ . -84.80 110.12 -77.22
C4 GLA LQ . -83.48 109.61 -77.69
C5 GLA LQ . -82.68 110.69 -78.43
C6 GLA LQ . -81.47 110.05 -79.05
O2 GLA LQ . -86.78 111.31 -77.74
O3 GLA LQ . -85.57 109.00 -76.69
O4 GLA LQ . -83.70 108.51 -78.59
O5 GLA LQ . -83.47 111.35 -79.49
O6 GLA LQ . -81.38 110.43 -80.40
C1 GLA MQ . -83.32 118.07 -89.31
C2 GLA MQ . -83.00 116.61 -89.03
C3 GLA MQ . -82.95 116.37 -87.57
C4 GLA MQ . -81.93 117.24 -86.90
C5 GLA MQ . -82.17 118.72 -87.20
C6 GLA MQ . -80.99 119.51 -86.70
O2 GLA MQ . -84.03 115.78 -89.62
O3 GLA MQ . -82.62 114.96 -87.33
O4 GLA MQ . -80.63 116.88 -87.36
O5 GLA MQ . -82.31 118.98 -88.65
O6 GLA MQ . -81.25 120.89 -86.86
C1 GLA NQ . -106.02 146.19 -116.13
C2 GLA NQ . -106.02 146.18 -114.61
C3 GLA NQ . -104.92 145.35 -114.04
C4 GLA NQ . -104.86 143.98 -114.64
C5 GLA NQ . -104.85 144.04 -116.16
C6 GLA NQ . -104.84 142.66 -116.74
O2 GLA NQ . -105.88 147.54 -114.13
O3 GLA NQ . -105.12 145.24 -112.60
O4 GLA NQ . -105.99 143.24 -114.22
O5 GLA NQ . -106.03 144.77 -116.65
O6 GLA NQ . -104.16 142.68 -117.99
C1 GLA OQ . -120.46 154.24 -131.53
C2 GLA OQ . -120.80 153.13 -130.54
C3 GLA OQ . -119.61 152.37 -130.09
C4 GLA OQ . -118.73 151.93 -131.23
C5 GLA OQ . -118.34 153.12 -132.12
C6 GLA OQ . -117.53 152.60 -133.28
O2 GLA OQ . -121.44 153.72 -129.39
O3 GLA OQ . -120.07 151.19 -129.37
O4 GLA OQ . -119.43 150.98 -132.02
O5 GLA OQ . -119.52 153.82 -132.63
O6 GLA OQ . -116.63 153.61 -133.69
C1 GLA PQ . -11.11 34.17 6.82
C2 GLA PQ . -11.13 33.30 8.06
C3 GLA PQ . -9.75 32.96 8.49
C4 GLA PQ . -9.00 32.26 7.40
C5 GLA PQ . -8.98 33.11 6.14
C6 GLA PQ . -8.33 32.33 5.03
O2 GLA PQ . -11.79 34.02 9.12
O3 GLA PQ . -9.82 32.10 9.66
O4 GLA PQ . -9.65 31.03 7.12
O5 GLA PQ . -10.34 33.49 5.71
O6 GLA PQ . -7.28 33.12 4.49
O5 AHR QQ . -25.44 50.10 -33.22
C5 AHR QQ . -25.94 51.42 -33.15
C4 AHR QQ . -27.12 51.67 -34.07
O4 AHR QQ . -28.15 50.68 -33.84
C3 AHR QQ . -26.81 51.58 -35.56
O3 AHR QQ . -27.79 52.32 -36.29
C2 AHR QQ . -26.98 50.10 -35.82
O2 AHR QQ . -25.78 49.39 -35.58
C1 AHR QQ . -28.12 49.70 -34.88
#